data_4V4E
#
_entry.id   4V4E
#
_cell.length_a   172.575
_cell.length_b   178.437
_cell.length_c   179.665
_cell.angle_alpha   63.83
_cell.angle_beta   64.40
_cell.angle_gamma   65.04
#
_symmetry.space_group_name_H-M   'P 1'
#
loop_
_entity.id
_entity.type
_entity.pdbx_description
1 polymer 'Pyrogallol hydroxytransferase large subunit'
2 polymer 'Pyrogallol hydroxytransferase small subunit'
3 non-polymer 'CALCIUM ION'
4 non-polymer '2-AMINO-5,6-DIMERCAPTO-7-METHYL-3,7,8A,9-TETRAHYDRO-8-OXA-1,3,9,10-TETRAAZA-ANTHRACEN-4-ONE GUANOSINE DINUCLEOTIDE'
5 non-polymer 'MOLYBDENUM(IV) ION'
6 non-polymer BENZENE-1,2,4,5-TETROL
7 non-polymer 'IRON/SULFUR CLUSTER'
8 water water
#
loop_
_entity_poly.entity_id
_entity_poly.type
_entity_poly.pdbx_seq_one_letter_code
_entity_poly.pdbx_strand_id
1 'polypeptide(L)'
;MGEVVRLTNSSTGGPVFVYVKDGKIIRMTPMDFDDAVDAPSWKIEARGKTFTPPRKTSIAPYTAGFKSMIYSDLRIPYPM
KRKSFDPNGERNPQLRGAGLSKQDPWSDYERISWDEATDIVVAEINRIKHAYGPSAILSTPSSHHMWGNVGYRHSTYFRF
MNMMGFTYADHNPDSWEGWHWGGMHMWGFSWRLGNPEQYDLLEDGLKHAEMIVFWSSDPETNSGIYAGFESNIRRQWLKD
LGVDFVFIDPHMNHTARLVADKWFSPKIGTDHALSFAIAYTWLKEDSYDKEYVAANAHGFEEWADYVLGKTDGTPKTCEW
AEEESGVPACEIRALARQWAKKNTYLAAGGLGGWGGACRASHGIEWARGMIALATMQGMGKPGSNMWSTTQGVPLDYEFY
FPGYAEGGISGDCENSAAGFKFAWRMFDGKTTFPSPSNLNTSAGQHIPRLKIPECIMGGKFQWSGKGFAGGDISHQLHQY
EYPAPGYSKIKMFWKYGGPHLGTMTATNRYAKMYTHDSLEFVVSQSIWFEGEVPFADIILPACTNFERWDISEFANCSGY
IPDNYQLCNHRVISLQAKCIEPVGESMSDYEIYRLFAKKLNIEEMFSEGKDELAWCEQYFNATDMPKYMTWDEFFKKGYF
VVPDNPNRKKTVALRWFAEGREKDTPDWGPRLNNQVCRKGLQTTTGKVEFIATSLKNFEEQGYIDEHRPSMHTYVPAWES
QKHSPLAVKYPLGMLSPHPRFSMHTMGDGKNSYMNYIKDHRVEVDGYKYWIMRVNSIDAEARGIKNGDLIRAYNDRGSVI
LAAQVTECLQPGTVHSYESCAVYDPLGTAGKSADRGGCINILTPDRYISKYACGMANNTALVEIEKWDGDKYEIY
;
A,C,E,G,I,K,M,O,Q,S,U,W
2 'polypeptide(L)'
;MEQYYMVIDVAKCQDCNNCFMGCMDEHELNEWPGYTASMQRGHRWMNIERRERGTYPRNDINYRPTPCMHCENAPCVAKG
NGAVYQREDGIVLIDPEKAKGKKELLDTCPYGVMYWNEEENVAQKCTMCAHLLDDESWAPKMPRCAHNCGSFVYEFLKTT
PEAMAKKVEEEGLEVIKPELGTKPRVYYKNLYRFEKNYVTAGILVQGDCFEGAKVVLKSGGKEVASAETNFFGEFKFDAL
DNGEYTVEIDADGKSYSDTVVIDDKSVDLGFIKL
;
B,D,F,H,J,L,N,P,R,T,V,X
#
loop_
_chem_comp.id
_chem_comp.type
_chem_comp.name
_chem_comp.formula
4MO non-polymer 'MOLYBDENUM(IV) ION' 'Mo 4'
BTT non-polymer BENZENE-1,2,4,5-TETROL 'C6 H6 O4'
CA non-polymer 'CALCIUM ION' 'Ca 2'
MGD non-polymer '2-AMINO-5,6-DIMERCAPTO-7-METHYL-3,7,8A,9-TETRAHYDRO-8-OXA-1,3,9,10-TETRAAZA-ANTHRACEN-4-ONE GUANOSINE DINUCLEOTIDE' 'C20 H26 N10 O13 P2 S2'
SF4 non-polymer 'IRON/SULFUR CLUSTER' 'Fe4 S4'
#
# COMPACT_ATOMS: atom_id res chain seq x y z
N MET A 1 -19.18 72.43 -31.94
CA MET A 1 -19.18 73.62 -32.84
C MET A 1 -17.83 74.35 -32.84
N GLY A 2 -16.97 74.03 -31.87
CA GLY A 2 -15.68 74.68 -31.79
C GLY A 2 -14.59 73.91 -31.06
N GLU A 3 -13.51 74.59 -30.73
CA GLU A 3 -12.39 73.99 -30.03
C GLU A 3 -12.38 74.33 -28.55
N VAL A 4 -11.52 73.68 -27.79
CA VAL A 4 -11.40 73.94 -26.36
C VAL A 4 -10.60 75.21 -26.13
N VAL A 5 -11.11 76.08 -25.27
CA VAL A 5 -10.41 77.33 -24.96
C VAL A 5 -10.08 77.33 -23.47
N ARG A 6 -8.87 77.73 -23.12
CA ARG A 6 -8.48 77.78 -21.71
C ARG A 6 -8.76 79.17 -21.18
N LEU A 7 -9.65 79.27 -20.20
CA LEU A 7 -9.97 80.56 -19.60
C LEU A 7 -9.54 80.58 -18.15
N THR A 8 -9.73 81.72 -17.50
CA THR A 8 -9.36 81.86 -16.10
C THR A 8 -10.53 82.27 -15.25
N ASN A 9 -10.50 81.82 -14.00
CA ASN A 9 -11.50 82.19 -13.03
C ASN A 9 -10.91 81.84 -11.68
N SER A 10 -11.67 81.99 -10.62
CA SER A 10 -11.14 81.67 -9.30
C SER A 10 -12.26 81.22 -8.37
N SER A 11 -11.93 81.06 -7.09
CA SER A 11 -12.92 80.61 -6.12
C SER A 11 -12.40 80.75 -4.70
N THR A 12 -13.23 80.35 -3.73
CA THR A 12 -12.86 80.42 -2.33
C THR A 12 -11.86 79.30 -2.05
N GLY A 13 -11.56 78.51 -3.07
CA GLY A 13 -10.60 77.43 -2.93
C GLY A 13 -9.38 77.64 -3.81
N GLY A 14 -9.24 78.84 -4.37
CA GLY A 14 -8.10 79.13 -5.23
C GLY A 14 -8.42 79.39 -6.69
N PRO A 15 -7.51 80.03 -7.44
CA PRO A 15 -7.68 80.36 -8.86
C PRO A 15 -7.60 79.08 -9.70
N VAL A 16 -8.26 79.09 -10.85
CA VAL A 16 -8.24 77.92 -11.72
C VAL A 16 -8.22 78.28 -13.19
N PHE A 17 -7.77 77.33 -14.00
CA PHE A 17 -7.78 77.48 -15.44
C PHE A 17 -9.04 76.70 -15.78
N VAL A 18 -9.91 77.28 -16.59
CA VAL A 18 -11.16 76.63 -16.96
C VAL A 18 -11.17 76.31 -18.45
N TYR A 19 -11.22 75.03 -18.79
CA TYR A 19 -11.25 74.65 -20.19
C TYR A 19 -12.71 74.55 -20.62
N VAL A 20 -13.05 75.34 -21.63
CA VAL A 20 -14.42 75.38 -22.14
C VAL A 20 -14.50 74.99 -23.61
N LYS A 21 -15.60 74.34 -23.97
CA LYS A 21 -15.82 73.93 -25.34
C LYS A 21 -17.32 73.97 -25.63
N ASP A 22 -17.70 74.59 -26.75
CA ASP A 22 -19.10 74.69 -27.14
C ASP A 22 -20.00 75.13 -25.98
N GLY A 23 -19.57 76.16 -25.25
CA GLY A 23 -20.36 76.65 -24.14
C GLY A 23 -20.48 75.75 -22.93
N LYS A 24 -19.60 74.76 -22.81
CA LYS A 24 -19.62 73.84 -21.68
C LYS A 24 -18.26 73.72 -21.00
N ILE A 25 -18.26 73.67 -19.67
CA ILE A 25 -17.01 73.53 -18.92
C ILE A 25 -16.56 72.07 -18.96
N ILE A 26 -15.36 71.84 -19.46
CA ILE A 26 -14.83 70.48 -19.53
C ILE A 26 -14.09 70.10 -18.25
N ARG A 27 -13.27 71.01 -17.75
CA ARG A 27 -12.52 70.77 -16.52
C ARG A 27 -12.05 72.07 -15.89
N MET A 28 -11.62 71.99 -14.63
CA MET A 28 -11.09 73.14 -13.90
C MET A 28 -9.84 72.62 -13.21
N THR A 29 -8.72 73.30 -13.40
CA THR A 29 -7.46 72.84 -12.82
C THR A 29 -6.67 73.94 -12.10
N PRO A 30 -5.65 73.53 -11.33
CA PRO A 30 -4.81 74.49 -10.61
C PRO A 30 -4.06 75.21 -11.72
N MET A 31 -3.36 76.29 -11.40
CA MET A 31 -2.64 77.05 -12.43
C MET A 31 -1.14 76.85 -12.49
N ASP A 32 -0.66 76.62 -13.70
CA ASP A 32 0.74 76.52 -13.99
C ASP A 32 1.30 77.85 -14.45
N PHE A 33 2.41 78.28 -13.94
CA PHE A 33 2.96 79.57 -14.38
C PHE A 33 3.79 79.36 -15.63
N ASP A 34 3.83 80.38 -16.48
CA ASP A 34 4.61 80.33 -17.71
C ASP A 34 5.79 81.26 -17.46
N ASP A 35 6.94 80.69 -17.11
CA ASP A 35 8.13 81.47 -16.79
C ASP A 35 8.56 82.49 -17.85
N ALA A 36 7.97 82.41 -19.04
CA ALA A 36 8.31 83.35 -20.11
C ALA A 36 7.58 84.68 -19.94
N VAL A 37 6.42 84.65 -19.29
CA VAL A 37 5.63 85.85 -19.09
C VAL A 37 5.27 86.13 -17.62
N ASP A 38 5.51 85.16 -16.74
CA ASP A 38 5.20 85.35 -15.33
C ASP A 38 6.45 85.59 -14.49
N ALA A 39 6.42 86.67 -13.71
CA ALA A 39 7.55 87.05 -12.86
C ALA A 39 8.08 85.95 -11.95
N PRO A 40 9.40 85.95 -11.71
CA PRO A 40 10.06 84.96 -10.84
C PRO A 40 9.54 85.03 -9.40
N SER A 41 9.65 83.91 -8.70
CA SER A 41 9.19 83.82 -7.31
C SER A 41 10.25 84.34 -6.34
N TRP A 42 9.87 84.46 -5.07
CA TRP A 42 10.76 84.90 -4.03
C TRP A 42 11.63 83.72 -3.62
N LYS A 43 12.70 84.00 -2.89
CA LYS A 43 13.61 82.98 -2.39
C LYS A 43 13.99 83.33 -0.96
N ILE A 44 14.16 82.31 -0.13
CA ILE A 44 14.55 82.51 1.25
C ILE A 44 15.76 81.63 1.54
N GLU A 45 16.84 82.23 2.01
CA GLU A 45 18.02 81.48 2.37
C GLU A 45 17.98 81.32 3.89
N ALA A 46 17.99 80.08 4.36
CA ALA A 46 17.93 79.85 5.79
C ALA A 46 18.59 78.53 6.12
N ARG A 47 19.31 78.54 7.23
CA ARG A 47 20.01 77.36 7.73
C ARG A 47 20.65 76.50 6.65
N GLY A 48 21.47 77.12 5.82
CA GLY A 48 22.18 76.41 4.77
C GLY A 48 21.42 75.96 3.55
N LYS A 49 20.15 76.34 3.43
CA LYS A 49 19.34 75.95 2.29
C LYS A 49 18.67 77.15 1.62
N THR A 50 18.21 76.94 0.39
CA THR A 50 17.52 77.97 -0.35
C THR A 50 16.09 77.50 -0.59
N PHE A 51 15.13 78.26 -0.08
CA PHE A 51 13.72 77.88 -0.24
C PHE A 51 12.99 78.76 -1.24
N THR A 52 12.34 78.12 -2.21
CA THR A 52 11.57 78.84 -3.21
C THR A 52 10.32 78.00 -3.51
N PRO A 53 9.15 78.64 -3.65
CA PRO A 53 7.89 77.94 -3.92
C PRO A 53 7.75 77.32 -5.29
N PRO A 54 6.80 76.39 -5.44
CA PRO A 54 6.58 75.75 -6.73
C PRO A 54 6.01 76.83 -7.67
N ARG A 55 6.29 76.70 -8.97
CA ARG A 55 5.80 77.64 -9.97
C ARG A 55 4.37 77.25 -10.34
N LYS A 56 3.49 77.22 -9.34
CA LYS A 56 2.12 76.79 -9.58
C LYS A 56 1.23 77.18 -8.40
N THR A 57 -0.09 77.18 -8.61
CA THR A 57 -1.01 77.48 -7.52
C THR A 57 -1.58 76.13 -7.09
N SER A 58 -2.42 76.14 -6.07
CA SER A 58 -3.05 74.92 -5.57
C SER A 58 -4.51 75.22 -5.27
N ILE A 59 -5.33 74.18 -5.22
CA ILE A 59 -6.76 74.36 -4.96
C ILE A 59 -7.26 73.45 -3.86
N ALA A 60 -8.42 73.79 -3.32
CA ALA A 60 -9.03 73.00 -2.25
C ALA A 60 -9.92 71.93 -2.91
N PRO A 61 -10.27 70.87 -2.16
CA PRO A 61 -11.12 69.79 -2.67
C PRO A 61 -12.44 70.29 -3.25
N TYR A 62 -13.11 71.18 -2.53
CA TYR A 62 -14.39 71.71 -2.97
C TYR A 62 -14.28 72.52 -4.26
N THR A 63 -13.09 73.00 -4.57
CA THR A 63 -12.89 73.75 -5.81
C THR A 63 -12.61 72.72 -6.92
N ALA A 64 -11.89 71.66 -6.57
CA ALA A 64 -11.57 70.62 -7.54
C ALA A 64 -12.86 70.00 -8.10
N GLY A 65 -13.88 69.89 -7.27
CA GLY A 65 -15.14 69.32 -7.73
C GLY A 65 -16.24 70.35 -7.92
N PHE A 66 -15.86 71.61 -8.04
CA PHE A 66 -16.84 72.69 -8.19
C PHE A 66 -17.73 72.61 -9.43
N LYS A 67 -17.27 71.94 -10.48
CA LYS A 67 -18.09 71.84 -11.68
C LYS A 67 -19.44 71.17 -11.38
N SER A 68 -19.42 70.22 -10.44
CA SER A 68 -20.64 69.50 -10.07
C SER A 68 -21.62 70.40 -9.30
N MET A 69 -21.15 71.55 -8.84
CA MET A 69 -22.02 72.49 -8.14
C MET A 69 -22.67 73.42 -9.16
N ILE A 70 -21.90 73.80 -10.17
CA ILE A 70 -22.41 74.68 -11.23
C ILE A 70 -23.54 73.97 -11.97
N TYR A 71 -23.31 72.70 -12.31
CA TYR A 71 -24.29 71.93 -13.04
C TYR A 71 -25.17 71.04 -12.17
N SER A 72 -25.28 71.41 -10.89
CA SER A 72 -26.09 70.68 -9.92
C SER A 72 -27.58 70.67 -10.28
N ASP A 73 -28.23 69.54 -10.04
CA ASP A 73 -29.66 69.44 -10.30
C ASP A 73 -30.48 70.09 -9.18
N LEU A 74 -29.78 70.58 -8.15
CA LEU A 74 -30.45 71.28 -7.05
C LEU A 74 -30.28 72.78 -7.23
N ARG A 75 -29.75 73.14 -8.39
CA ARG A 75 -29.56 74.53 -8.77
C ARG A 75 -30.99 75.10 -8.91
N ILE A 76 -31.25 76.31 -8.41
CA ILE A 76 -32.60 76.88 -8.58
C ILE A 76 -32.71 77.13 -10.09
N PRO A 77 -33.67 76.46 -10.76
CA PRO A 77 -33.91 76.55 -12.21
C PRO A 77 -34.53 77.83 -12.76
N TYR A 78 -35.40 78.46 -11.98
CA TYR A 78 -36.08 79.67 -12.42
C TYR A 78 -36.78 80.30 -11.23
N PRO A 79 -37.31 81.53 -11.39
CA PRO A 79 -37.99 82.15 -10.25
C PRO A 79 -39.11 81.23 -9.78
N MET A 80 -39.28 81.15 -8.47
CA MET A 80 -40.31 80.29 -7.90
C MET A 80 -41.18 81.03 -6.89
N LYS A 81 -42.43 80.60 -6.77
CA LYS A 81 -43.37 81.19 -5.84
C LYS A 81 -44.05 80.12 -5.02
N ARG A 82 -44.20 80.37 -3.72
CA ARG A 82 -44.87 79.42 -2.84
C ARG A 82 -46.35 79.41 -3.22
N LYS A 83 -46.86 78.24 -3.57
CA LYS A 83 -48.26 78.08 -3.98
C LYS A 83 -49.26 78.61 -2.95
N SER A 84 -49.02 78.29 -1.68
CA SER A 84 -49.90 78.72 -0.60
C SER A 84 -49.79 80.21 -0.24
N PHE A 85 -48.96 80.94 -0.96
CA PHE A 85 -48.78 82.38 -0.68
C PHE A 85 -49.49 83.29 -1.67
N ASP A 86 -50.48 84.04 -1.20
CA ASP A 86 -51.23 84.97 -2.03
C ASP A 86 -51.00 86.41 -1.56
N PRO A 87 -50.24 87.20 -2.33
CA PRO A 87 -49.93 88.59 -2.00
C PRO A 87 -51.18 89.43 -1.69
N ASN A 88 -52.25 89.21 -2.46
CA ASN A 88 -53.48 89.97 -2.25
C ASN A 88 -54.57 89.19 -1.53
N GLY A 89 -54.21 88.09 -0.89
CA GLY A 89 -55.18 87.30 -0.17
C GLY A 89 -54.57 86.62 1.04
N GLU A 90 -54.76 85.31 1.15
CA GLU A 90 -54.22 84.54 2.25
C GLU A 90 -52.71 84.35 2.06
N ARG A 91 -51.91 84.89 2.97
CA ARG A 91 -50.46 84.76 2.88
C ARG A 91 -49.98 83.45 3.52
N ASN A 92 -50.84 82.84 4.32
CA ASN A 92 -50.53 81.59 4.98
C ASN A 92 -49.09 81.46 5.49
N PRO A 93 -48.67 82.40 6.35
CA PRO A 93 -47.31 82.36 6.90
C PRO A 93 -47.00 81.02 7.54
N GLN A 94 -48.01 80.43 8.17
CA GLN A 94 -47.85 79.16 8.85
C GLN A 94 -47.56 77.99 7.91
N LEU A 95 -47.68 78.20 6.61
CA LEU A 95 -47.43 77.12 5.66
C LEU A 95 -46.04 77.18 5.03
N ARG A 96 -45.22 78.11 5.48
CA ARG A 96 -43.86 78.19 4.96
C ARG A 96 -43.11 76.95 5.42
N GLY A 97 -42.53 76.23 4.47
CA GLY A 97 -41.79 75.03 4.82
C GLY A 97 -42.67 73.81 5.00
N ALA A 98 -43.95 73.93 4.63
CA ALA A 98 -44.87 72.80 4.76
C ALA A 98 -44.35 71.62 3.95
N GLY A 99 -43.79 71.92 2.77
CA GLY A 99 -43.25 70.86 1.92
C GLY A 99 -42.16 70.11 2.66
N LEU A 100 -41.29 70.88 3.31
CA LEU A 100 -40.18 70.33 4.09
C LEU A 100 -40.71 69.42 5.19
N SER A 101 -41.77 69.86 5.85
CA SER A 101 -42.38 69.10 6.93
C SER A 101 -42.99 67.78 6.46
N LYS A 102 -43.17 67.63 5.16
CA LYS A 102 -43.71 66.39 4.60
C LYS A 102 -42.70 65.77 3.65
N GLN A 103 -41.43 66.12 3.85
CA GLN A 103 -40.33 65.61 3.06
C GLN A 103 -40.48 65.77 1.54
N ASP A 104 -41.04 66.90 1.12
CA ASP A 104 -41.23 67.18 -0.30
C ASP A 104 -41.14 68.69 -0.54
N PRO A 105 -39.95 69.28 -0.34
CA PRO A 105 -39.67 70.71 -0.50
C PRO A 105 -40.14 71.34 -1.82
N TRP A 106 -39.77 70.73 -2.94
CA TRP A 106 -40.13 71.28 -4.24
C TRP A 106 -41.63 71.41 -4.51
N SER A 107 -42.43 70.50 -3.95
CA SER A 107 -43.88 70.54 -4.16
C SER A 107 -44.54 71.82 -3.66
N ASP A 108 -43.84 72.55 -2.81
CA ASP A 108 -44.38 73.80 -2.26
C ASP A 108 -44.35 74.95 -3.27
N TYR A 109 -43.54 74.80 -4.32
CA TYR A 109 -43.41 75.88 -5.29
C TYR A 109 -43.87 75.67 -6.73
N GLU A 110 -44.09 76.79 -7.40
CA GLU A 110 -44.53 76.82 -8.78
C GLU A 110 -43.64 77.82 -9.53
N ARG A 111 -43.43 77.58 -10.82
CA ARG A 111 -42.61 78.45 -11.63
C ARG A 111 -43.33 79.75 -12.00
N ILE A 112 -42.58 80.85 -11.99
CA ILE A 112 -43.12 82.16 -12.37
C ILE A 112 -42.02 82.88 -13.16
N SER A 113 -42.40 83.90 -13.90
CA SER A 113 -41.44 84.66 -14.70
C SER A 113 -40.64 85.63 -13.84
N TRP A 114 -39.52 86.10 -14.38
CA TRP A 114 -38.69 87.07 -13.67
C TRP A 114 -39.50 88.35 -13.51
N ASP A 115 -40.23 88.71 -14.56
CA ASP A 115 -41.05 89.91 -14.53
C ASP A 115 -42.08 89.86 -13.41
N GLU A 116 -42.75 88.72 -13.27
CA GLU A 116 -43.76 88.60 -12.23
C GLU A 116 -43.17 88.49 -10.82
N ALA A 117 -42.04 87.79 -10.71
CA ALA A 117 -41.38 87.64 -9.41
C ALA A 117 -40.93 89.01 -8.89
N THR A 118 -40.28 89.78 -9.76
CA THR A 118 -39.80 91.09 -9.36
C THR A 118 -40.94 92.06 -9.09
N ASP A 119 -42.04 91.95 -9.82
CA ASP A 119 -43.19 92.82 -9.59
C ASP A 119 -43.77 92.56 -8.20
N ILE A 120 -43.84 91.29 -7.82
CA ILE A 120 -44.37 90.92 -6.53
C ILE A 120 -43.47 91.45 -5.41
N VAL A 121 -42.16 91.30 -5.56
CA VAL A 121 -41.23 91.80 -4.56
C VAL A 121 -41.29 93.33 -4.46
N VAL A 122 -41.33 94.02 -5.60
CA VAL A 122 -41.39 95.48 -5.61
C VAL A 122 -42.66 95.99 -4.92
N ALA A 123 -43.79 95.34 -5.18
CA ALA A 123 -45.05 95.73 -4.57
C ALA A 123 -44.95 95.60 -3.04
N GLU A 124 -44.26 94.57 -2.56
CA GLU A 124 -44.08 94.38 -1.14
C GLU A 124 -43.16 95.45 -0.55
N ILE A 125 -42.05 95.70 -1.25
CA ILE A 125 -41.08 96.70 -0.82
C ILE A 125 -41.75 98.06 -0.69
N ASN A 126 -42.46 98.47 -1.73
CA ASN A 126 -43.09 99.77 -1.72
C ASN A 126 -44.20 99.91 -0.68
N ARG A 127 -45.00 98.85 -0.49
CA ARG A 127 -46.07 98.90 0.48
C ARG A 127 -45.50 99.05 1.89
N ILE A 128 -44.51 98.23 2.21
CA ILE A 128 -43.90 98.27 3.52
C ILE A 128 -43.16 99.58 3.79
N LYS A 129 -42.45 100.09 2.80
CA LYS A 129 -41.72 101.34 2.99
C LYS A 129 -42.66 102.50 3.31
N HIS A 130 -43.79 102.57 2.62
CA HIS A 130 -44.75 103.65 2.86
C HIS A 130 -45.60 103.47 4.11
N ALA A 131 -45.69 102.24 4.61
CA ALA A 131 -46.49 101.99 5.80
C ALA A 131 -45.66 101.96 7.08
N TYR A 132 -44.46 101.39 6.99
CA TYR A 132 -43.60 101.24 8.16
C TYR A 132 -42.21 101.88 8.00
N GLY A 133 -41.75 102.00 6.77
CA GLY A 133 -40.45 102.58 6.54
C GLY A 133 -39.44 101.52 6.10
N PRO A 134 -38.29 101.93 5.54
CA PRO A 134 -37.30 100.94 5.10
C PRO A 134 -36.75 100.03 6.19
N SER A 135 -36.77 100.49 7.44
CA SER A 135 -36.25 99.67 8.55
C SER A 135 -37.06 98.39 8.73
N ALA A 136 -38.29 98.37 8.23
CA ALA A 136 -39.14 97.19 8.35
C ALA A 136 -38.70 96.08 7.39
N ILE A 137 -37.75 96.40 6.52
CA ILE A 137 -37.25 95.43 5.57
C ILE A 137 -35.93 94.84 6.06
N LEU A 138 -35.99 93.62 6.58
CA LEU A 138 -34.80 92.94 7.07
C LEU A 138 -34.09 92.23 5.94
N SER A 139 -32.76 92.23 5.98
CA SER A 139 -32.00 91.56 4.96
C SER A 139 -30.64 91.15 5.48
N THR A 140 -30.15 90.03 4.96
CA THR A 140 -28.84 89.56 5.34
C THR A 140 -28.35 88.42 4.47
N PRO A 141 -27.10 88.50 4.03
CA PRO A 141 -26.57 87.42 3.20
C PRO A 141 -25.98 86.59 4.33
N SER A 142 -24.78 86.11 4.15
CA SER A 142 -24.15 85.39 5.23
C SER A 142 -22.66 85.62 5.10
N SER A 143 -21.85 85.01 5.96
CA SER A 143 -20.42 85.24 5.95
C SER A 143 -19.67 85.05 4.65
N HIS A 144 -19.86 83.90 3.99
CA HIS A 144 -19.11 83.72 2.77
C HIS A 144 -19.89 83.82 1.48
N HIS A 145 -19.17 83.84 0.38
CA HIS A 145 -19.82 84.12 -0.89
C HIS A 145 -18.95 83.65 -2.04
N MET A 146 -19.56 83.49 -3.21
CA MET A 146 -18.82 83.08 -4.41
C MET A 146 -17.71 84.10 -4.59
N TRP A 147 -16.55 83.65 -5.04
CA TRP A 147 -15.41 84.54 -5.24
C TRP A 147 -15.62 85.55 -6.36
N GLY A 148 -15.07 86.75 -6.18
CA GLY A 148 -15.22 87.83 -7.14
C GLY A 148 -15.42 89.12 -6.37
N ASN A 149 -14.49 90.05 -6.50
CA ASN A 149 -14.56 91.32 -5.76
C ASN A 149 -15.75 92.22 -6.09
N VAL A 150 -16.02 92.42 -7.38
CA VAL A 150 -17.13 93.30 -7.77
C VAL A 150 -18.49 92.77 -7.36
N GLY A 151 -18.71 91.46 -7.52
CA GLY A 151 -19.99 90.89 -7.16
C GLY A 151 -20.11 90.42 -5.73
N TYR A 152 -19.04 90.57 -4.94
CA TYR A 152 -19.05 90.12 -3.56
C TYR A 152 -20.10 90.90 -2.75
N ARG A 153 -20.61 90.29 -1.68
CA ARG A 153 -21.62 90.93 -0.87
C ARG A 153 -21.31 92.34 -0.34
N HIS A 154 -20.03 92.63 -0.05
CA HIS A 154 -19.66 93.95 0.45
C HIS A 154 -19.75 94.98 -0.67
N SER A 155 -19.85 94.49 -1.90
CA SER A 155 -19.88 95.36 -3.07
C SER A 155 -21.26 95.53 -3.72
N THR A 156 -21.66 94.55 -4.52
CA THR A 156 -22.95 94.62 -5.21
C THR A 156 -24.14 94.63 -4.25
N TYR A 157 -24.20 93.69 -3.32
CA TYR A 157 -25.30 93.60 -2.36
C TYR A 157 -25.50 94.94 -1.61
N PHE A 158 -24.45 95.46 -1.02
CA PHE A 158 -24.54 96.72 -0.28
C PHE A 158 -24.88 97.92 -1.18
N ARG A 159 -24.30 97.97 -2.38
CA ARG A 159 -24.60 99.11 -3.25
C ARG A 159 -26.09 99.20 -3.53
N PHE A 160 -26.74 98.05 -3.77
CA PHE A 160 -28.17 98.06 -4.03
C PHE A 160 -29.01 98.22 -2.77
N MET A 161 -28.77 97.38 -1.77
CA MET A 161 -29.54 97.44 -0.54
C MET A 161 -29.53 98.81 0.12
N ASN A 162 -28.37 99.47 0.11
CA ASN A 162 -28.26 100.79 0.72
C ASN A 162 -29.17 101.81 0.04
N MET A 163 -29.53 101.54 -1.20
CA MET A 163 -30.40 102.43 -1.98
C MET A 163 -31.87 102.03 -1.87
N MET A 164 -32.12 100.88 -1.25
CA MET A 164 -33.47 100.35 -1.12
C MET A 164 -34.05 100.36 0.30
N GLY A 165 -33.35 99.75 1.25
CA GLY A 165 -33.83 99.69 2.63
C GLY A 165 -32.88 100.32 3.62
N PHE A 166 -32.56 99.67 4.74
CA PHE A 166 -33.06 98.35 5.13
C PHE A 166 -32.46 98.07 6.50
N THR A 167 -32.94 97.05 7.19
CA THR A 167 -32.37 96.69 8.48
C THR A 167 -31.46 95.50 8.23
N TYR A 168 -30.18 95.67 8.55
CA TYR A 168 -29.20 94.62 8.35
C TYR A 168 -29.08 93.74 9.57
N ALA A 169 -29.03 92.44 9.35
CA ALA A 169 -28.82 91.51 10.46
C ALA A 169 -27.29 91.39 10.43
N ASP A 170 -26.61 92.39 11.01
CA ASP A 170 -25.15 92.42 11.03
C ASP A 170 -24.56 91.14 11.59
N HIS A 171 -23.48 90.68 10.96
CA HIS A 171 -22.83 89.44 11.38
C HIS A 171 -21.97 89.52 12.63
N ASN A 172 -22.09 88.50 13.48
CA ASN A 172 -21.26 88.42 14.67
C ASN A 172 -19.88 88.04 14.14
N PRO A 173 -18.81 88.41 14.85
CA PRO A 173 -17.46 88.05 14.37
C PRO A 173 -17.18 86.56 14.58
N ASP A 174 -17.98 85.73 13.92
CA ASP A 174 -17.90 84.27 14.03
C ASP A 174 -16.49 83.70 14.04
N SER A 175 -15.75 84.00 12.99
CA SER A 175 -14.37 83.53 12.82
C SER A 175 -13.47 83.91 14.02
N TRP A 176 -13.67 85.12 14.55
CA TRP A 176 -12.86 85.69 15.63
C TRP A 176 -13.39 85.67 17.07
N GLU A 177 -14.63 85.26 17.28
CA GLU A 177 -15.25 85.32 18.61
C GLU A 177 -14.35 85.56 19.83
N GLY A 178 -13.66 84.52 20.31
CA GLY A 178 -12.79 84.68 21.47
C GLY A 178 -11.80 85.83 21.40
N TRP A 179 -11.14 85.98 20.25
CA TRP A 179 -10.15 87.04 20.07
C TRP A 179 -10.81 88.42 20.03
N HIS A 180 -11.99 88.48 19.43
CA HIS A 180 -12.75 89.72 19.31
C HIS A 180 -13.33 90.21 20.63
N TRP A 181 -14.10 89.36 21.30
CA TRP A 181 -14.73 89.76 22.56
C TRP A 181 -13.81 89.59 23.76
N GLY A 182 -12.67 88.92 23.59
CA GLY A 182 -11.77 88.72 24.70
C GLY A 182 -10.36 89.24 24.50
N GLY A 183 -9.62 88.65 23.57
CA GLY A 183 -8.25 89.07 23.31
C GLY A 183 -8.07 90.55 23.04
N MET A 184 -9.02 91.15 22.34
CA MET A 184 -8.95 92.56 21.98
C MET A 184 -8.70 93.45 23.20
N HIS A 185 -9.32 93.10 24.33
CA HIS A 185 -9.18 93.87 25.56
C HIS A 185 -7.80 93.71 26.16
N MET A 186 -7.15 92.61 25.81
CA MET A 186 -5.82 92.29 26.32
C MET A 186 -4.68 92.89 25.49
N TRP A 187 -4.79 92.87 24.16
CA TRP A 187 -3.70 93.41 23.36
C TRP A 187 -4.10 94.31 22.20
N GLY A 188 -5.38 94.65 22.11
CA GLY A 188 -5.82 95.52 21.03
C GLY A 188 -6.08 94.80 19.71
N PHE A 189 -5.47 95.29 18.64
CA PHE A 189 -5.66 94.71 17.30
C PHE A 189 -7.14 94.72 16.89
N SER A 190 -7.86 95.76 17.30
CA SER A 190 -9.28 95.85 16.97
C SER A 190 -9.51 95.79 15.46
N TRP A 191 -8.63 96.41 14.69
CA TRP A 191 -8.77 96.43 13.23
C TRP A 191 -8.63 95.02 12.61
N ARG A 192 -8.10 94.09 13.38
CA ARG A 192 -7.96 92.70 12.95
C ARG A 192 -8.92 91.86 13.79
N LEU A 193 -9.83 92.54 14.49
CA LEU A 193 -10.80 91.87 15.35
C LEU A 193 -10.15 90.94 16.36
N GLY A 194 -8.99 91.36 16.89
CA GLY A 194 -8.32 90.55 17.89
C GLY A 194 -7.15 89.70 17.42
N ASN A 195 -7.06 89.39 16.12
CA ASN A 195 -5.96 88.58 15.60
C ASN A 195 -4.69 89.42 15.45
N PRO A 196 -3.51 88.79 15.50
CA PRO A 196 -2.24 89.51 15.37
C PRO A 196 -1.79 89.62 13.91
N GLU A 197 -0.89 90.57 13.64
CA GLU A 197 -0.35 90.73 12.31
C GLU A 197 0.59 89.55 12.12
N GLN A 198 0.97 89.24 10.88
CA GLN A 198 1.85 88.10 10.63
C GLN A 198 2.97 88.39 9.63
N TYR A 199 3.11 89.66 9.23
CA TYR A 199 4.12 90.04 8.25
C TYR A 199 5.51 89.44 8.41
N ASP A 200 6.06 88.98 7.30
CA ASP A 200 7.41 88.43 7.22
C ASP A 200 7.82 87.34 8.21
N LEU A 201 6.87 86.54 8.68
CA LEU A 201 7.20 85.49 9.64
C LEU A 201 7.75 84.21 9.02
N LEU A 202 7.52 83.97 7.73
CA LEU A 202 8.03 82.74 7.11
C LEU A 202 9.56 82.70 7.17
N GLU A 203 10.21 83.76 6.69
CA GLU A 203 11.67 83.77 6.75
C GLU A 203 12.15 83.69 8.19
N ASP A 204 11.47 84.38 9.11
CA ASP A 204 11.86 84.36 10.52
C ASP A 204 11.80 82.93 11.04
N GLY A 205 10.71 82.23 10.71
CA GLY A 205 10.54 80.87 11.17
C GLY A 205 11.52 79.89 10.55
N LEU A 206 11.77 80.01 9.24
CA LEU A 206 12.70 79.10 8.57
C LEU A 206 14.11 79.23 9.13
N LYS A 207 14.46 80.43 9.60
CA LYS A 207 15.77 80.67 10.17
C LYS A 207 15.88 80.32 11.65
N HIS A 208 14.80 80.52 12.41
CA HIS A 208 14.87 80.31 13.85
C HIS A 208 14.00 79.25 14.53
N ALA A 209 12.95 78.78 13.87
CA ALA A 209 12.08 77.81 14.52
C ALA A 209 12.74 76.49 14.89
N GLU A 210 12.43 76.02 16.09
CA GLU A 210 12.92 74.74 16.60
C GLU A 210 11.68 73.94 16.97
N MET A 211 10.59 74.64 17.28
CA MET A 211 9.35 73.98 17.64
C MET A 211 8.13 74.84 17.34
N ILE A 212 7.03 74.19 16.96
CA ILE A 212 5.79 74.88 16.68
C ILE A 212 4.67 74.15 17.40
N VAL A 213 3.90 74.90 18.20
CA VAL A 213 2.78 74.33 18.93
C VAL A 213 1.50 74.74 18.20
N PHE A 214 0.90 73.77 17.50
CA PHE A 214 -0.35 74.00 16.77
C PHE A 214 -1.48 73.78 17.77
N TRP A 215 -2.05 74.86 18.26
CA TRP A 215 -3.12 74.80 19.24
C TRP A 215 -4.43 75.17 18.55
N SER A 216 -5.36 74.24 18.46
CA SER A 216 -6.63 74.47 17.79
C SER A 216 -6.31 74.96 16.38
N SER A 217 -5.37 74.30 15.74
CA SER A 217 -4.92 74.69 14.41
C SER A 217 -4.78 73.50 13.46
N ASP A 218 -5.46 73.58 12.32
CA ASP A 218 -5.41 72.54 11.30
C ASP A 218 -5.17 73.25 9.97
N PRO A 219 -3.95 73.76 9.77
CA PRO A 219 -3.55 74.49 8.55
C PRO A 219 -3.91 73.78 7.24
N GLU A 220 -3.69 72.47 7.19
CA GLU A 220 -4.00 71.71 5.98
C GLU A 220 -5.48 71.80 5.61
N THR A 221 -6.35 71.64 6.60
CA THR A 221 -7.78 71.70 6.36
C THR A 221 -8.27 73.11 6.02
N ASN A 222 -7.92 74.07 6.87
CA ASN A 222 -8.39 75.44 6.69
C ASN A 222 -7.56 76.33 5.76
N SER A 223 -6.26 76.05 5.66
CA SER A 223 -5.33 76.81 4.82
C SER A 223 -5.30 78.27 5.28
N GLY A 224 -5.82 78.53 6.46
CA GLY A 224 -5.92 79.89 6.93
C GLY A 224 -7.32 80.16 6.39
N ILE A 225 -7.38 80.55 5.12
CA ILE A 225 -8.63 80.76 4.41
C ILE A 225 -8.40 81.11 2.94
N TYR A 226 -9.19 80.50 2.05
CA TYR A 226 -9.11 80.75 0.61
C TYR A 226 -7.78 80.39 -0.05
N ALA A 227 -6.85 79.77 0.68
CA ALA A 227 -5.54 79.49 0.10
C ALA A 227 -5.20 78.06 -0.34
N GLY A 228 -6.21 77.26 -0.67
CA GLY A 228 -5.96 75.90 -1.11
C GLY A 228 -4.97 75.14 -0.24
N PHE A 229 -3.84 74.75 -0.82
CA PHE A 229 -2.81 74.02 -0.06
C PHE A 229 -1.45 74.70 -0.22
N GLU A 230 -1.46 76.02 -0.33
CA GLU A 230 -0.25 76.80 -0.52
C GLU A 230 0.83 76.62 0.55
N SER A 231 0.42 76.42 1.80
CA SER A 231 1.37 76.28 2.90
C SER A 231 1.92 74.89 3.16
N ASN A 232 1.43 73.88 2.45
CA ASN A 232 1.90 72.51 2.66
C ASN A 232 3.42 72.36 2.55
N ILE A 233 4.00 72.90 1.48
CA ILE A 233 5.43 72.79 1.27
C ILE A 233 6.25 73.50 2.37
N ARG A 234 5.68 74.55 2.95
CA ARG A 234 6.38 75.28 4.00
C ARG A 234 6.56 74.45 5.27
N ARG A 235 5.53 73.73 5.67
CA ARG A 235 5.65 72.90 6.86
C ARG A 235 6.57 71.72 6.53
N GLN A 236 6.66 71.39 5.25
CA GLN A 236 7.54 70.32 4.81
C GLN A 236 8.97 70.80 5.00
N TRP A 237 9.23 72.06 4.65
CA TRP A 237 10.56 72.66 4.82
C TRP A 237 10.96 72.65 6.29
N LEU A 238 10.04 73.11 7.14
CA LEU A 238 10.29 73.16 8.58
C LEU A 238 10.61 71.77 9.12
N LYS A 239 9.76 70.81 8.75
CA LYS A 239 9.91 69.43 9.18
C LYS A 239 11.30 68.89 8.80
N ASP A 240 11.71 69.14 7.57
CA ASP A 240 13.02 68.65 7.13
C ASP A 240 14.17 69.41 7.79
N LEU A 241 13.87 70.56 8.41
CA LEU A 241 14.89 71.32 9.12
C LEU A 241 15.01 70.78 10.54
N GLY A 242 14.13 69.86 10.90
CA GLY A 242 14.17 69.26 12.23
C GLY A 242 13.25 69.91 13.24
N VAL A 243 12.37 70.79 12.79
CA VAL A 243 11.43 71.47 13.67
C VAL A 243 10.37 70.49 14.18
N ASP A 244 10.16 70.46 15.50
CA ASP A 244 9.16 69.58 16.09
C ASP A 244 7.75 70.19 16.00
N PHE A 245 6.76 69.35 15.74
CA PHE A 245 5.37 69.79 15.62
C PHE A 245 4.50 69.14 16.69
N VAL A 246 3.93 69.95 17.57
CA VAL A 246 3.05 69.45 18.63
C VAL A 246 1.63 69.97 18.37
N PHE A 247 0.65 69.08 18.45
CA PHE A 247 -0.74 69.46 18.21
C PHE A 247 -1.62 69.29 19.44
N ILE A 248 -2.38 70.33 19.75
CA ILE A 248 -3.31 70.30 20.88
C ILE A 248 -4.67 70.54 20.25
N ASP A 249 -5.48 69.48 20.22
CA ASP A 249 -6.79 69.51 19.58
C ASP A 249 -7.56 68.27 20.03
N PRO A 250 -8.83 68.44 20.44
CA PRO A 250 -9.62 67.28 20.88
C PRO A 250 -9.60 66.19 19.81
N HIS A 251 -9.60 66.63 18.55
CA HIS A 251 -9.57 65.71 17.42
C HIS A 251 -8.19 65.73 16.78
N MET A 252 -7.67 64.56 16.45
CA MET A 252 -6.36 64.48 15.78
C MET A 252 -6.66 64.96 14.37
N ASN A 253 -6.58 66.26 14.16
CA ASN A 253 -6.90 66.86 12.88
C ASN A 253 -6.01 66.41 11.72
N HIS A 254 -6.38 66.83 10.52
CA HIS A 254 -5.67 66.43 9.31
C HIS A 254 -4.21 66.85 9.19
N THR A 255 -3.83 67.97 9.77
CA THR A 255 -2.44 68.39 9.72
C THR A 255 -1.68 67.48 10.69
N ALA A 256 -2.26 67.25 11.86
CA ALA A 256 -1.64 66.39 12.87
C ALA A 256 -1.45 64.96 12.33
N ARG A 257 -2.46 64.45 11.62
CA ARG A 257 -2.39 63.10 11.07
C ARG A 257 -1.24 63.00 10.07
N LEU A 258 -0.89 64.13 9.46
CA LEU A 258 0.18 64.16 8.47
C LEU A 258 1.59 64.38 9.02
N VAL A 259 1.76 65.31 9.95
CA VAL A 259 3.10 65.61 10.46
C VAL A 259 3.29 65.78 11.96
N ALA A 260 2.35 65.31 12.78
CA ALA A 260 2.50 65.48 14.22
C ALA A 260 3.61 64.66 14.84
N ASP A 261 4.32 65.26 15.79
CA ASP A 261 5.38 64.57 16.52
C ASP A 261 4.74 64.16 17.85
N LYS A 262 3.69 64.88 18.23
CA LYS A 262 2.96 64.59 19.46
C LYS A 262 1.60 65.24 19.38
N TRP A 263 0.57 64.55 19.88
CA TRP A 263 -0.78 65.07 19.86
C TRP A 263 -1.46 64.97 21.22
N PHE A 264 -2.05 66.08 21.68
CA PHE A 264 -2.77 66.15 22.95
C PHE A 264 -4.25 66.32 22.60
N SER A 265 -5.12 65.62 23.31
CA SER A 265 -6.57 65.73 23.06
C SER A 265 -7.30 66.18 24.32
N PRO A 266 -7.33 67.50 24.57
CA PRO A 266 -8.02 67.99 25.76
C PRO A 266 -9.54 67.86 25.63
N LYS A 267 -10.22 67.70 26.75
CA LYS A 267 -11.68 67.60 26.73
C LYS A 267 -12.20 68.97 26.25
N ILE A 268 -13.38 69.00 25.65
CA ILE A 268 -13.92 70.26 25.16
C ILE A 268 -14.02 71.32 26.25
N GLY A 269 -13.69 72.55 25.89
CA GLY A 269 -13.73 73.66 26.83
C GLY A 269 -12.71 73.65 27.95
N THR A 270 -11.60 72.92 27.80
CA THR A 270 -10.60 72.89 28.88
C THR A 270 -9.19 73.33 28.50
N ASP A 271 -9.03 73.88 27.29
CA ASP A 271 -7.71 74.32 26.84
C ASP A 271 -7.03 75.31 27.77
N HIS A 272 -7.80 76.22 28.37
CA HIS A 272 -7.19 77.21 29.24
C HIS A 272 -6.63 76.62 30.53
N ALA A 273 -6.98 75.37 30.82
CA ALA A 273 -6.43 74.71 31.99
C ALA A 273 -4.98 74.40 31.61
N LEU A 274 -4.77 74.02 30.36
CA LEU A 274 -3.42 73.69 29.87
C LEU A 274 -2.55 74.94 29.81
N SER A 275 -3.09 76.05 29.33
CA SER A 275 -2.29 77.28 29.25
C SER A 275 -1.93 77.78 30.65
N PHE A 276 -2.84 77.64 31.62
CA PHE A 276 -2.53 78.08 32.97
C PHE A 276 -1.45 77.21 33.64
N ALA A 277 -1.46 75.92 33.36
CA ALA A 277 -0.47 75.01 33.94
C ALA A 277 0.90 75.24 33.30
N ILE A 278 0.92 75.60 32.01
CA ILE A 278 2.18 75.87 31.33
C ILE A 278 2.78 77.14 31.93
N ALA A 279 1.93 78.15 32.12
CA ALA A 279 2.40 79.42 32.69
C ALA A 279 2.89 79.17 34.12
N TYR A 280 2.16 78.36 34.86
CA TYR A 280 2.51 78.01 36.23
C TYR A 280 3.91 77.39 36.28
N THR A 281 4.18 76.48 35.35
CA THR A 281 5.48 75.82 35.28
C THR A 281 6.58 76.84 35.01
N TRP A 282 6.32 77.77 34.10
CA TRP A 282 7.30 78.80 33.76
C TRP A 282 7.60 79.73 34.95
N LEU A 283 6.57 80.03 35.73
CA LEU A 283 6.72 80.91 36.89
C LEU A 283 7.51 80.21 38.00
N LYS A 284 7.20 78.93 38.21
CA LYS A 284 7.88 78.13 39.25
C LYS A 284 9.33 77.83 38.90
N GLU A 285 9.62 77.73 37.61
CA GLU A 285 10.97 77.41 37.16
C GLU A 285 11.72 78.61 36.58
N ASP A 286 11.11 79.80 36.70
CA ASP A 286 11.70 81.03 36.19
C ASP A 286 12.13 80.88 34.73
N SER A 287 11.33 80.17 33.95
CA SER A 287 11.67 79.94 32.56
C SER A 287 10.85 80.72 31.53
N TYR A 288 10.88 82.04 31.63
CA TYR A 288 10.20 82.89 30.69
C TYR A 288 11.01 84.18 30.55
N ASP A 289 10.59 85.07 29.66
CA ASP A 289 11.32 86.31 29.41
C ASP A 289 10.91 87.43 30.39
N LYS A 290 11.51 87.43 31.57
CA LYS A 290 11.19 88.43 32.58
C LYS A 290 11.41 89.87 32.13
N GLU A 291 12.52 90.11 31.42
CA GLU A 291 12.83 91.44 30.93
C GLU A 291 11.72 91.93 30.02
N TYR A 292 11.33 91.08 29.07
CA TYR A 292 10.28 91.40 28.12
C TYR A 292 8.98 91.70 28.85
N VAL A 293 8.60 90.81 29.76
CA VAL A 293 7.37 90.97 30.53
C VAL A 293 7.38 92.23 31.38
N ALA A 294 8.51 92.52 32.02
CA ALA A 294 8.60 93.71 32.86
C ALA A 294 8.35 94.98 32.06
N ALA A 295 8.74 94.98 30.79
CA ALA A 295 8.57 96.16 29.96
C ALA A 295 7.30 96.19 29.13
N ASN A 296 6.78 95.01 28.78
CA ASN A 296 5.61 94.98 27.91
C ASN A 296 4.28 94.45 28.46
N ALA A 297 4.21 94.21 29.76
CA ALA A 297 2.98 93.69 30.34
C ALA A 297 2.44 94.58 31.45
N HIS A 298 1.12 94.49 31.65
CA HIS A 298 0.43 95.28 32.67
C HIS A 298 -0.40 94.34 33.53
N GLY A 299 -0.29 94.47 34.85
CA GLY A 299 -1.03 93.63 35.77
C GLY A 299 -0.51 92.21 35.86
N PHE A 300 0.71 91.99 35.40
CA PHE A 300 1.31 90.66 35.43
C PHE A 300 1.55 90.12 36.83
N GLU A 301 1.97 90.98 37.75
CA GLU A 301 2.22 90.55 39.12
C GLU A 301 0.97 89.96 39.76
N GLU A 302 -0.16 90.65 39.59
CA GLU A 302 -1.42 90.19 40.16
C GLU A 302 -1.82 88.88 39.50
N TRP A 303 -1.67 88.81 38.18
CA TRP A 303 -2.03 87.61 37.42
C TRP A 303 -1.18 86.43 37.90
N ALA A 304 0.12 86.65 38.04
CA ALA A 304 1.03 85.59 38.50
C ALA A 304 0.57 85.03 39.83
N ASP A 305 0.11 85.90 40.74
CA ASP A 305 -0.36 85.45 42.05
C ASP A 305 -1.59 84.54 41.89
N TYR A 306 -2.39 84.81 40.87
CA TYR A 306 -3.57 83.99 40.62
C TYR A 306 -3.12 82.64 40.09
N VAL A 307 -2.23 82.65 39.11
CA VAL A 307 -1.73 81.41 38.53
C VAL A 307 -1.10 80.53 39.60
N LEU A 308 -0.38 81.15 40.53
CA LEU A 308 0.27 80.41 41.60
C LEU A 308 -0.72 79.97 42.67
N GLY A 309 -1.97 80.37 42.52
CA GLY A 309 -3.01 79.98 43.47
C GLY A 309 -3.04 80.72 44.79
N LYS A 310 -2.29 81.82 44.89
CA LYS A 310 -2.27 82.57 46.14
C LYS A 310 -3.62 83.23 46.46
N THR A 311 -4.26 83.77 45.43
CA THR A 311 -5.53 84.46 45.64
C THR A 311 -6.79 83.60 45.67
N ASP A 312 -6.83 82.52 44.89
CA ASP A 312 -8.03 81.67 44.90
C ASP A 312 -7.81 80.36 45.66
N GLY A 313 -6.57 80.11 46.07
CA GLY A 313 -6.27 78.91 46.82
C GLY A 313 -6.01 77.65 46.00
N THR A 314 -5.97 77.78 44.68
CA THR A 314 -5.73 76.62 43.83
C THR A 314 -4.58 76.81 42.85
N PRO A 315 -3.38 76.31 43.19
CA PRO A 315 -2.23 76.44 42.29
C PRO A 315 -2.58 75.75 40.97
N LYS A 316 -2.32 76.42 39.85
CA LYS A 316 -2.65 75.84 38.54
C LYS A 316 -1.57 74.87 38.05
N THR A 317 -1.41 73.77 38.77
CA THR A 317 -0.41 72.75 38.44
C THR A 317 -0.79 71.92 37.22
N CYS A 318 0.17 71.17 36.68
CA CYS A 318 -0.10 70.30 35.54
C CYS A 318 -1.05 69.19 35.98
N GLU A 319 -0.99 68.78 37.24
CA GLU A 319 -1.87 67.74 37.76
C GLU A 319 -3.31 68.27 37.81
N TRP A 320 -3.45 69.52 38.24
CA TRP A 320 -4.76 70.16 38.30
C TRP A 320 -5.31 70.23 36.88
N ALA A 321 -4.43 70.54 35.93
CA ALA A 321 -4.81 70.64 34.52
C ALA A 321 -5.18 69.28 33.91
N GLU A 322 -4.52 68.23 34.38
CA GLU A 322 -4.81 66.89 33.89
C GLU A 322 -6.21 66.48 34.30
N GLU A 323 -6.55 66.75 35.56
CA GLU A 323 -7.87 66.40 36.07
C GLU A 323 -8.95 67.16 35.32
N GLU A 324 -8.63 68.36 34.84
CA GLU A 324 -9.61 69.16 34.10
C GLU A 324 -9.75 68.74 32.63
N SER A 325 -8.61 68.51 31.99
CA SER A 325 -8.57 68.19 30.55
C SER A 325 -8.36 66.74 30.12
N GLY A 326 -7.84 65.90 31.02
CA GLY A 326 -7.58 64.53 30.64
C GLY A 326 -6.22 64.34 29.99
N VAL A 327 -5.49 65.44 29.77
CA VAL A 327 -4.16 65.36 29.17
C VAL A 327 -3.16 65.10 30.31
N PRO A 328 -2.33 64.05 30.19
CA PRO A 328 -1.32 63.69 31.21
C PRO A 328 -0.49 64.85 31.71
N ALA A 329 -0.43 64.99 33.04
CA ALA A 329 0.34 66.05 33.69
C ALA A 329 1.79 66.07 33.21
N CYS A 330 2.42 64.90 33.14
CA CYS A 330 3.81 64.82 32.72
C CYS A 330 4.04 65.39 31.32
N GLU A 331 3.11 65.13 30.40
CA GLU A 331 3.26 65.64 29.04
C GLU A 331 3.10 67.15 29.00
N ILE A 332 2.16 67.68 29.78
CA ILE A 332 1.94 69.12 29.83
C ILE A 332 3.22 69.80 30.32
N ARG A 333 3.81 69.26 31.38
CA ARG A 333 5.02 69.83 31.94
C ARG A 333 6.19 69.69 30.97
N ALA A 334 6.25 68.57 30.24
CA ALA A 334 7.31 68.34 29.27
C ALA A 334 7.23 69.38 28.17
N LEU A 335 6.01 69.64 27.69
CA LEU A 335 5.83 70.63 26.65
C LEU A 335 6.23 72.00 27.17
N ALA A 336 5.81 72.29 28.40
CA ALA A 336 6.14 73.57 29.03
C ALA A 336 7.63 73.82 29.06
N ARG A 337 8.38 72.83 29.53
CA ARG A 337 9.83 72.96 29.62
C ARG A 337 10.51 73.07 28.26
N GLN A 338 10.06 72.28 27.29
CA GLN A 338 10.64 72.34 25.95
C GLN A 338 10.35 73.69 25.32
N TRP A 339 9.12 74.15 25.47
CA TRP A 339 8.66 75.43 24.93
C TRP A 339 9.54 76.57 25.45
N ALA A 340 9.83 76.53 26.74
CA ALA A 340 10.67 77.57 27.36
C ALA A 340 12.10 77.61 26.82
N LYS A 341 12.73 76.46 26.66
CA LYS A 341 14.11 76.47 26.19
C LYS A 341 14.36 76.46 24.69
N LYS A 342 13.34 76.19 23.88
CA LYS A 342 13.52 76.19 22.43
C LYS A 342 12.84 77.39 21.77
N ASN A 343 13.29 77.73 20.56
CA ASN A 343 12.67 78.83 19.82
C ASN A 343 11.33 78.26 19.37
N THR A 344 10.27 78.61 20.08
CA THR A 344 8.94 78.07 19.81
C THR A 344 7.91 79.08 19.29
N TYR A 345 7.26 78.73 18.19
CA TYR A 345 6.22 79.59 17.66
C TYR A 345 4.88 79.00 18.07
N LEU A 346 3.98 79.85 18.51
CA LEU A 346 2.66 79.39 18.92
C LEU A 346 1.69 79.58 17.77
N ALA A 347 1.29 78.48 17.16
CA ALA A 347 0.34 78.52 16.06
C ALA A 347 -1.06 78.38 16.64
N ALA A 348 -1.58 79.48 17.18
CA ALA A 348 -2.93 79.46 17.74
C ALA A 348 -3.87 79.72 16.57
N GLY A 349 -4.69 78.72 16.23
CA GLY A 349 -5.61 78.86 15.11
C GLY A 349 -4.90 78.58 13.80
N GLY A 350 -5.66 78.43 12.72
CA GLY A 350 -5.05 78.16 11.43
C GLY A 350 -4.56 79.39 10.68
N LEU A 351 -5.00 80.55 11.10
CA LEU A 351 -4.63 81.79 10.44
C LEU A 351 -3.50 82.56 11.10
N GLY A 352 -3.44 82.46 12.42
CA GLY A 352 -2.51 83.23 13.22
C GLY A 352 -3.64 84.01 13.88
N GLY A 353 -4.30 83.30 14.78
CA GLY A 353 -5.48 83.84 15.42
C GLY A 353 -6.55 82.86 14.96
N TRP A 354 -7.82 83.14 15.24
CA TRP A 354 -8.91 82.25 14.89
C TRP A 354 -8.75 80.94 15.66
N GLY A 355 -9.20 79.84 15.09
CA GLY A 355 -9.12 78.57 15.80
C GLY A 355 -10.51 78.25 16.34
N GLY A 356 -10.97 77.03 16.11
CA GLY A 356 -12.28 76.61 16.59
C GLY A 356 -12.47 76.86 18.07
N ALA A 357 -11.39 76.71 18.82
CA ALA A 357 -11.41 76.94 20.26
C ALA A 357 -11.90 78.33 20.64
N CYS A 358 -11.73 79.30 19.74
CA CYS A 358 -12.14 80.66 20.06
C CYS A 358 -13.65 80.88 20.02
N ARG A 359 -14.38 80.02 19.32
CA ARG A 359 -15.84 80.16 19.30
C ARG A 359 -16.44 78.96 20.02
N ALA A 360 -16.26 79.00 21.35
CA ALA A 360 -16.71 77.97 22.27
C ALA A 360 -17.01 78.67 23.60
N SER A 361 -17.57 77.96 24.57
CA SER A 361 -17.88 78.60 25.83
C SER A 361 -16.65 79.08 26.61
N HIS A 362 -15.47 78.58 26.25
CA HIS A 362 -14.22 78.98 26.91
C HIS A 362 -13.38 79.82 25.95
N GLY A 363 -14.00 80.23 24.84
CA GLY A 363 -13.32 81.01 23.83
C GLY A 363 -12.55 82.25 24.27
N ILE A 364 -13.11 83.01 25.20
CA ILE A 364 -12.45 84.22 25.69
C ILE A 364 -11.17 83.91 26.46
N GLU A 365 -11.23 82.96 27.38
CA GLU A 365 -10.04 82.62 28.14
C GLU A 365 -9.00 81.85 27.31
N TRP A 366 -9.45 81.14 26.28
CA TRP A 366 -8.49 80.44 25.44
C TRP A 366 -7.67 81.48 24.69
N ALA A 367 -8.35 82.44 24.08
CA ALA A 367 -7.65 83.47 23.32
C ALA A 367 -6.69 84.26 24.21
N ARG A 368 -7.14 84.63 25.42
CA ARG A 368 -6.28 85.38 26.32
C ARG A 368 -5.15 84.49 26.83
N GLY A 369 -5.42 83.19 26.91
CA GLY A 369 -4.41 82.25 27.35
C GLY A 369 -3.30 82.14 26.32
N MET A 370 -3.68 82.19 25.04
CA MET A 370 -2.71 82.12 23.95
C MET A 370 -1.83 83.37 23.95
N ILE A 371 -2.46 84.51 24.17
CA ILE A 371 -1.75 85.79 24.23
C ILE A 371 -0.79 85.78 25.43
N ALA A 372 -1.27 85.26 26.55
CA ALA A 372 -0.47 85.20 27.76
C ALA A 372 0.82 84.39 27.57
N LEU A 373 0.69 83.22 26.95
CA LEU A 373 1.86 82.35 26.73
C LEU A 373 2.84 82.96 25.74
N ALA A 374 2.32 83.51 24.63
CA ALA A 374 3.16 84.13 23.63
C ALA A 374 3.91 85.32 24.24
N THR A 375 3.21 86.07 25.08
CA THR A 375 3.78 87.22 25.75
C THR A 375 4.91 86.82 26.70
N MET A 376 4.64 85.85 27.57
CA MET A 376 5.64 85.38 28.52
C MET A 376 6.94 84.90 27.87
N GLN A 377 6.84 84.44 26.62
CA GLN A 377 8.02 83.95 25.91
C GLN A 377 8.61 85.01 24.98
N GLY A 378 8.14 86.25 25.11
CA GLY A 378 8.66 87.35 24.32
C GLY A 378 8.32 87.41 22.84
N MET A 379 7.05 87.30 22.50
CA MET A 379 6.66 87.35 21.10
C MET A 379 7.21 88.58 20.39
N GLY A 380 7.69 88.40 19.17
CA GLY A 380 8.24 89.51 18.42
C GLY A 380 9.75 89.38 18.27
N LYS A 381 10.40 88.79 19.26
CA LYS A 381 11.85 88.61 19.17
C LYS A 381 12.12 87.44 18.22
N PRO A 382 13.34 87.37 17.67
CA PRO A 382 13.70 86.29 16.74
C PRO A 382 13.48 84.91 17.37
N GLY A 383 12.76 84.05 16.66
CA GLY A 383 12.52 82.70 17.18
C GLY A 383 11.38 82.55 18.17
N SER A 384 10.66 83.62 18.45
CA SER A 384 9.54 83.56 19.38
C SER A 384 8.41 84.47 18.91
N ASN A 385 7.27 83.87 18.60
CA ASN A 385 6.14 84.65 18.12
C ASN A 385 4.91 83.77 18.00
N MET A 386 3.81 84.39 17.60
CA MET A 386 2.57 83.66 17.37
C MET A 386 2.60 83.59 15.84
N TRP A 387 2.65 82.38 15.31
CA TRP A 387 2.70 82.15 13.87
C TRP A 387 2.10 80.78 13.60
N SER A 388 1.12 80.71 12.70
CA SER A 388 0.49 79.44 12.40
C SER A 388 0.98 78.76 11.13
N THR A 389 2.08 79.28 10.59
CA THR A 389 2.73 78.79 9.37
C THR A 389 1.98 79.00 8.07
N THR A 390 0.81 79.64 8.13
CA THR A 390 0.03 79.89 6.93
C THR A 390 0.28 81.29 6.34
N GLN A 391 0.59 82.27 7.19
CA GLN A 391 0.87 83.61 6.70
C GLN A 391 2.36 83.91 6.83
N GLY A 392 2.76 85.15 6.51
CA GLY A 392 4.16 85.51 6.64
C GLY A 392 5.03 85.39 5.39
N VAL A 393 4.43 85.02 4.26
CA VAL A 393 5.16 84.89 3.01
C VAL A 393 5.66 86.28 2.60
N PRO A 394 6.93 86.38 2.18
CA PRO A 394 7.61 87.61 1.76
C PRO A 394 7.11 88.22 0.45
N LEU A 395 5.81 88.35 0.29
CA LEU A 395 5.23 88.93 -0.92
C LEU A 395 5.40 90.45 -0.87
N ASP A 396 5.24 91.11 -2.00
CA ASP A 396 5.39 92.57 -2.06
C ASP A 396 4.21 93.30 -1.41
N TYR A 397 4.34 93.57 -0.11
CA TYR A 397 3.31 94.25 0.65
C TYR A 397 3.08 95.67 0.15
N GLU A 398 4.03 96.20 -0.60
CA GLU A 398 3.94 97.57 -1.13
C GLU A 398 3.07 97.70 -2.36
N PHE A 399 2.80 96.58 -3.04
CA PHE A 399 1.94 96.61 -4.23
C PHE A 399 0.50 96.62 -3.73
N TYR A 400 -0.33 97.51 -4.28
CA TYR A 400 -1.71 97.58 -3.82
C TYR A 400 -2.78 97.03 -4.73
N PHE A 401 -3.53 96.08 -4.20
CA PHE A 401 -4.68 95.50 -4.89
C PHE A 401 -5.70 95.20 -3.79
N PRO A 402 -6.91 95.74 -3.94
CA PRO A 402 -8.03 95.59 -3.00
C PRO A 402 -8.54 94.18 -2.77
N GLY A 403 -8.86 93.87 -1.52
CA GLY A 403 -9.43 92.58 -1.18
C GLY A 403 -10.93 92.82 -1.27
N TYR A 404 -11.75 91.78 -1.27
CA TYR A 404 -13.20 91.98 -1.38
C TYR A 404 -13.78 92.81 -0.23
N ALA A 405 -13.15 92.74 0.94
CA ALA A 405 -13.64 93.47 2.11
C ALA A 405 -13.56 94.99 2.00
N GLU A 406 -12.82 95.48 1.00
CA GLU A 406 -12.69 96.92 0.83
C GLU A 406 -13.88 97.60 0.11
N GLY A 407 -14.98 96.86 -0.05
CA GLY A 407 -16.17 97.45 -0.64
C GLY A 407 -16.50 97.41 -2.11
N GLY A 408 -15.51 97.23 -2.98
CA GLY A 408 -15.81 97.18 -4.39
C GLY A 408 -16.56 98.39 -4.90
N ILE A 409 -17.73 98.16 -5.50
CA ILE A 409 -18.52 99.27 -6.06
C ILE A 409 -19.47 99.96 -5.09
N SER A 410 -19.52 99.52 -3.83
CA SER A 410 -20.44 100.14 -2.87
C SER A 410 -19.84 101.41 -2.26
N GLY A 411 -18.54 101.39 -1.97
CA GLY A 411 -17.92 102.54 -1.36
C GLY A 411 -18.48 102.80 0.04
N ASP A 412 -19.09 101.76 0.61
CA ASP A 412 -19.67 101.85 1.96
C ASP A 412 -18.55 101.89 2.99
N CYS A 413 -18.26 103.08 3.50
CA CYS A 413 -17.18 103.24 4.47
C CYS A 413 -17.47 102.75 5.89
N GLU A 414 -18.72 102.46 6.20
CA GLU A 414 -19.05 101.98 7.54
C GLU A 414 -19.25 100.48 7.62
N ASN A 415 -19.57 99.84 6.50
CA ASN A 415 -19.79 98.40 6.50
C ASN A 415 -18.79 97.60 5.68
N SER A 416 -17.74 98.27 5.24
CA SER A 416 -16.65 97.66 4.48
C SER A 416 -15.42 98.50 4.79
N ALA A 417 -14.24 98.01 4.43
CA ALA A 417 -13.00 98.73 4.71
C ALA A 417 -12.64 99.70 3.58
N ALA A 418 -13.64 100.13 2.84
CA ALA A 418 -13.43 101.05 1.73
C ALA A 418 -12.77 102.36 2.15
N GLY A 419 -13.04 102.79 3.39
CA GLY A 419 -12.51 104.03 3.88
C GLY A 419 -11.01 104.10 4.06
N PHE A 420 -10.37 102.96 4.28
CA PHE A 420 -8.92 102.95 4.48
C PHE A 420 -8.18 103.48 3.27
N LYS A 421 -8.54 103.00 2.08
CA LYS A 421 -7.84 103.43 0.88
C LYS A 421 -8.61 103.29 -0.43
N PHE A 422 -9.30 102.17 -0.62
CA PHE A 422 -10.00 101.96 -1.88
C PHE A 422 -11.04 102.97 -2.30
N ALA A 423 -11.91 103.37 -1.37
CA ALA A 423 -12.96 104.33 -1.70
C ALA A 423 -12.39 105.56 -2.38
N TRP A 424 -11.27 106.06 -1.84
CA TRP A 424 -10.63 107.26 -2.38
C TRP A 424 -10.05 107.03 -3.77
N ARG A 425 -9.67 105.79 -4.07
CA ARG A 425 -9.12 105.46 -5.38
C ARG A 425 -10.21 105.16 -6.40
N MET A 426 -11.29 104.54 -5.94
CA MET A 426 -12.40 104.15 -6.80
C MET A 426 -13.39 105.26 -7.18
N PHE A 427 -13.66 106.17 -6.27
CA PHE A 427 -14.60 107.25 -6.56
C PHE A 427 -13.93 108.61 -6.64
N ASP A 428 -14.45 109.47 -7.51
CA ASP A 428 -13.87 110.78 -7.73
C ASP A 428 -14.75 111.98 -7.35
N GLY A 429 -15.96 111.71 -6.85
CA GLY A 429 -16.84 112.81 -6.48
C GLY A 429 -17.23 113.66 -7.68
N LYS A 430 -17.11 113.09 -8.87
CA LYS A 430 -17.44 113.80 -10.11
C LYS A 430 -18.27 113.00 -11.10
N THR A 431 -17.78 111.80 -11.44
CA THR A 431 -18.45 110.96 -12.43
C THR A 431 -18.97 109.62 -11.92
N THR A 432 -18.48 109.18 -10.77
CA THR A 432 -18.91 107.91 -10.19
C THR A 432 -19.08 108.12 -8.69
N PHE A 433 -20.13 107.57 -8.12
CA PHE A 433 -20.42 107.78 -6.70
C PHE A 433 -20.74 106.53 -5.86
N PRO A 434 -20.39 106.57 -4.57
CA PRO A 434 -20.60 105.49 -3.60
C PRO A 434 -22.07 105.40 -3.23
N SER A 435 -22.41 104.33 -2.51
CA SER A 435 -23.80 104.10 -2.07
C SER A 435 -23.79 103.90 -0.55
N PRO A 436 -23.86 104.99 0.22
CA PRO A 436 -23.86 104.92 1.68
C PRO A 436 -25.23 104.55 2.26
N SER A 437 -25.23 104.06 3.50
CA SER A 437 -26.47 103.70 4.17
C SER A 437 -26.66 104.51 5.45
N ASN A 438 -27.84 105.11 5.60
CA ASN A 438 -28.12 105.88 6.79
C ASN A 438 -28.92 105.04 7.79
N LEU A 439 -29.06 103.75 7.49
CA LEU A 439 -29.77 102.85 8.38
C LEU A 439 -28.84 101.80 8.99
N ASN A 440 -27.92 101.27 8.18
CA ASN A 440 -26.98 100.28 8.67
C ASN A 440 -25.81 101.04 9.30
N THR A 441 -26.09 101.66 10.44
CA THR A 441 -25.11 102.44 11.18
C THR A 441 -25.52 102.37 12.65
N SER A 442 -24.60 102.63 13.56
CA SER A 442 -24.93 102.55 14.99
C SER A 442 -26.18 103.30 15.42
N ALA A 443 -26.38 104.51 14.90
CA ALA A 443 -27.54 105.32 15.26
C ALA A 443 -28.80 104.94 14.49
N GLY A 444 -28.70 103.93 13.62
CA GLY A 444 -29.86 103.50 12.86
C GLY A 444 -30.44 102.24 13.49
N GLN A 445 -30.68 101.21 12.68
CA GLN A 445 -31.19 99.96 13.22
C GLN A 445 -30.61 98.72 12.54
N HIS A 446 -30.16 97.78 13.36
CA HIS A 446 -29.64 96.51 12.87
C HIS A 446 -30.02 95.51 13.96
N ILE A 447 -29.93 94.23 13.66
CA ILE A 447 -30.20 93.20 14.65
C ILE A 447 -29.08 92.18 14.52
N PRO A 448 -28.79 91.42 15.60
CA PRO A 448 -27.72 90.42 15.54
C PRO A 448 -28.10 89.18 14.73
N ARG A 449 -27.24 88.76 13.82
CA ARG A 449 -27.52 87.57 13.02
C ARG A 449 -27.84 86.39 13.94
N LEU A 450 -27.11 86.28 15.05
CA LEU A 450 -27.33 85.19 16.01
C LEU A 450 -28.68 85.21 16.72
N LYS A 451 -29.36 86.35 16.68
CA LYS A 451 -30.65 86.46 17.36
C LYS A 451 -31.81 86.88 16.48
N ILE A 452 -31.69 86.63 15.19
CA ILE A 452 -32.78 86.97 14.26
C ILE A 452 -34.07 86.29 14.73
N PRO A 453 -34.00 84.99 15.09
CA PRO A 453 -35.21 84.27 15.53
C PRO A 453 -35.91 84.92 16.71
N GLU A 454 -35.14 85.42 17.68
CA GLU A 454 -35.70 86.08 18.86
C GLU A 454 -36.33 87.43 18.52
N CYS A 455 -35.70 88.17 17.62
CA CYS A 455 -36.22 89.47 17.21
C CYS A 455 -37.53 89.29 16.44
N ILE A 456 -37.56 88.30 15.56
CA ILE A 456 -38.77 88.04 14.78
C ILE A 456 -39.91 87.48 15.62
N MET A 457 -39.60 86.46 16.41
CA MET A 457 -40.63 85.83 17.24
C MET A 457 -40.95 86.53 18.56
N GLY A 458 -39.97 87.21 19.13
CA GLY A 458 -40.20 87.89 20.40
C GLY A 458 -40.52 89.37 20.21
N GLY A 459 -40.08 89.92 19.09
CA GLY A 459 -40.33 91.32 18.78
C GLY A 459 -39.49 92.30 19.59
N LYS A 460 -38.52 91.79 20.34
CA LYS A 460 -37.69 92.65 21.15
C LYS A 460 -36.38 91.98 21.58
N PHE A 461 -35.32 92.78 21.68
CA PHE A 461 -34.03 92.26 22.11
C PHE A 461 -33.09 93.40 22.46
N GLN A 462 -32.06 93.09 23.26
CA GLN A 462 -31.08 94.08 23.70
C GLN A 462 -29.74 93.36 23.74
N TRP A 463 -28.70 93.99 23.19
CA TRP A 463 -27.39 93.33 23.13
C TRP A 463 -26.24 94.33 23.11
N SER A 464 -25.02 93.80 23.01
CA SER A 464 -23.83 94.64 22.98
C SER A 464 -23.12 94.56 21.63
N GLY A 465 -22.66 95.70 21.15
CA GLY A 465 -21.93 95.77 19.89
C GLY A 465 -22.72 95.61 18.60
N LYS A 466 -22.16 96.13 17.53
CA LYS A 466 -22.78 96.04 16.21
C LYS A 466 -21.84 95.30 15.26
N GLY A 467 -22.22 94.07 14.91
CA GLY A 467 -21.42 93.27 13.99
C GLY A 467 -19.96 93.16 14.36
N PHE A 468 -19.09 93.49 13.41
CA PHE A 468 -17.64 93.47 13.63
C PHE A 468 -17.31 94.83 14.24
N ALA A 469 -17.05 94.86 15.54
CA ALA A 469 -16.75 96.12 16.20
C ALA A 469 -15.24 96.39 16.22
N GLY A 470 -14.66 96.51 15.03
CA GLY A 470 -13.23 96.72 14.92
C GLY A 470 -12.69 98.14 14.99
N GLY A 471 -13.58 99.12 15.14
CA GLY A 471 -13.13 100.50 15.21
C GLY A 471 -12.19 100.78 16.37
N ASP A 472 -12.57 100.29 17.55
CA ASP A 472 -11.76 100.47 18.75
C ASP A 472 -12.13 99.37 19.73
N ILE A 473 -11.27 99.16 20.72
CA ILE A 473 -11.48 98.13 21.72
C ILE A 473 -12.85 98.16 22.40
N SER A 474 -13.34 99.35 22.73
CA SER A 474 -14.62 99.46 23.41
C SER A 474 -15.89 99.60 22.57
N HIS A 475 -15.77 99.57 21.25
CA HIS A 475 -16.97 99.70 20.41
C HIS A 475 -17.95 98.56 20.63
N GLN A 476 -17.43 97.37 20.90
CA GLN A 476 -18.24 96.18 21.14
C GLN A 476 -19.04 96.27 22.43
N LEU A 477 -18.71 97.25 23.27
CA LEU A 477 -19.37 97.42 24.56
C LEU A 477 -20.60 98.31 24.46
N HIS A 478 -20.76 98.99 23.34
CA HIS A 478 -21.91 99.88 23.14
C HIS A 478 -23.20 99.07 23.18
N GLN A 479 -24.23 99.64 23.79
CA GLN A 479 -25.52 98.95 23.94
C GLN A 479 -26.55 99.29 22.86
N TYR A 480 -27.18 98.26 22.32
CA TYR A 480 -28.18 98.43 21.27
C TYR A 480 -29.49 97.72 21.65
N GLU A 481 -30.57 98.10 20.97
CA GLU A 481 -31.87 97.51 21.24
C GLU A 481 -32.68 97.35 19.95
N TYR A 482 -33.62 96.42 19.97
CA TYR A 482 -34.51 96.18 18.84
C TYR A 482 -35.93 96.08 19.40
N PRO A 483 -36.87 96.84 18.81
CA PRO A 483 -36.62 97.75 17.69
C PRO A 483 -35.84 98.97 18.18
N ALA A 484 -35.01 99.55 17.31
CA ALA A 484 -34.23 100.73 17.68
C ALA A 484 -35.17 101.92 17.83
N PRO A 485 -34.85 102.85 18.73
CA PRO A 485 -35.68 104.04 18.96
C PRO A 485 -36.18 104.71 17.68
N GLY A 486 -37.50 104.80 17.56
CA GLY A 486 -38.10 105.43 16.40
C GLY A 486 -38.24 104.55 15.17
N TYR A 487 -37.58 103.39 15.18
CA TYR A 487 -37.65 102.50 14.02
C TYR A 487 -38.73 101.42 14.14
N SER A 488 -39.03 100.78 13.02
CA SER A 488 -40.07 99.77 12.95
C SER A 488 -39.58 98.33 13.07
N LYS A 489 -40.46 97.47 13.59
CA LYS A 489 -40.14 96.06 13.71
C LYS A 489 -40.16 95.50 12.28
N ILE A 490 -39.52 94.36 12.10
CA ILE A 490 -39.43 93.72 10.77
C ILE A 490 -40.76 93.16 10.26
N LYS A 491 -41.04 93.41 8.99
CA LYS A 491 -42.27 92.95 8.33
C LYS A 491 -41.92 92.05 7.15
N MET A 492 -40.75 92.29 6.57
CA MET A 492 -40.28 91.55 5.41
C MET A 492 -38.84 91.09 5.62
N PHE A 493 -38.49 89.95 5.02
CA PHE A 493 -37.15 89.39 5.14
C PHE A 493 -36.59 89.01 3.76
N TRP A 494 -35.56 89.72 3.34
CA TRP A 494 -34.91 89.44 2.06
C TRP A 494 -33.65 88.63 2.33
N LYS A 495 -33.72 87.32 2.14
CA LYS A 495 -32.57 86.45 2.37
C LYS A 495 -31.70 86.29 1.15
N TYR A 496 -30.39 86.33 1.38
CA TYR A 496 -29.39 86.17 0.35
C TYR A 496 -28.70 84.88 0.80
N GLY A 497 -29.01 83.77 0.12
CA GLY A 497 -28.48 82.48 0.51
C GLY A 497 -29.37 81.96 1.63
N GLY A 498 -29.09 80.75 2.13
CA GLY A 498 -29.90 80.19 3.22
C GLY A 498 -29.16 79.06 3.94
N PRO A 499 -28.01 79.36 4.55
CA PRO A 499 -27.18 78.38 5.27
C PRO A 499 -27.34 78.29 6.78
N HIS A 500 -28.08 79.21 7.39
CA HIS A 500 -28.20 79.25 8.84
C HIS A 500 -28.59 78.01 9.63
N LEU A 501 -29.40 77.12 9.05
CA LEU A 501 -29.77 75.93 9.78
C LEU A 501 -28.54 75.09 10.06
N GLY A 502 -27.52 75.23 9.21
CA GLY A 502 -26.31 74.45 9.42
C GLY A 502 -25.12 75.23 9.96
N THR A 503 -25.23 76.56 9.99
CA THR A 503 -24.11 77.37 10.44
C THR A 503 -24.26 78.19 11.71
N MET A 504 -25.48 78.42 12.19
CA MET A 504 -25.66 79.21 13.41
C MET A 504 -25.74 78.33 14.67
N THR A 505 -26.46 78.78 15.69
CA THR A 505 -26.56 78.03 16.94
C THR A 505 -27.98 77.53 17.26
N ALA A 506 -28.07 76.36 17.90
CA ALA A 506 -29.37 75.75 18.27
C ALA A 506 -30.36 76.13 17.16
N THR A 507 -29.96 75.80 15.94
CA THR A 507 -30.71 76.20 14.75
C THR A 507 -32.17 75.84 14.50
N ASN A 508 -32.77 74.95 15.30
CA ASN A 508 -34.18 74.64 15.04
C ASN A 508 -34.98 75.94 15.16
N ARG A 509 -34.47 76.91 15.91
CA ARG A 509 -35.16 78.18 16.07
C ARG A 509 -35.22 78.98 14.76
N TYR A 510 -34.25 78.78 13.88
CA TYR A 510 -34.28 79.51 12.61
C TYR A 510 -35.39 78.96 11.71
N ALA A 511 -35.70 77.68 11.89
CA ALA A 511 -36.76 77.06 11.09
C ALA A 511 -38.12 77.52 11.64
N LYS A 512 -38.21 77.63 12.96
CA LYS A 512 -39.46 78.05 13.60
C LYS A 512 -39.88 79.48 13.29
N MET A 513 -38.91 80.38 13.13
CA MET A 513 -39.22 81.78 12.87
C MET A 513 -39.96 82.09 11.57
N TYR A 514 -39.74 81.29 10.53
CA TYR A 514 -40.38 81.53 9.25
C TYR A 514 -41.90 81.49 9.25
N THR A 515 -42.47 80.74 10.17
CA THR A 515 -43.92 80.61 10.23
C THR A 515 -44.60 81.61 11.18
N HIS A 516 -43.83 82.53 11.75
CA HIS A 516 -44.39 83.53 12.65
C HIS A 516 -45.27 84.47 11.84
N ASP A 517 -46.44 84.81 12.37
CA ASP A 517 -47.37 85.69 11.66
C ASP A 517 -46.91 87.12 11.42
N SER A 518 -45.88 87.57 12.14
CA SER A 518 -45.38 88.93 11.97
C SER A 518 -44.62 89.07 10.66
N LEU A 519 -44.11 87.96 10.14
CA LEU A 519 -43.36 87.96 8.89
C LEU A 519 -44.34 87.94 7.72
N GLU A 520 -44.56 89.11 7.12
CA GLU A 520 -45.49 89.23 6.00
C GLU A 520 -44.95 88.75 4.66
N PHE A 521 -43.64 88.78 4.48
CA PHE A 521 -43.05 88.38 3.22
C PHE A 521 -41.59 87.95 3.34
N VAL A 522 -41.25 86.86 2.67
CA VAL A 522 -39.90 86.33 2.68
C VAL A 522 -39.43 86.05 1.26
N VAL A 523 -38.32 86.69 0.86
CA VAL A 523 -37.75 86.49 -0.45
C VAL A 523 -36.37 85.87 -0.29
N SER A 524 -36.07 84.89 -1.12
CA SER A 524 -34.76 84.25 -1.05
C SER A 524 -34.06 84.41 -2.40
N GLN A 525 -32.91 85.06 -2.38
CA GLN A 525 -32.12 85.28 -3.59
C GLN A 525 -30.91 84.36 -3.42
N SER A 526 -31.02 83.15 -3.96
CA SER A 526 -29.97 82.14 -3.81
C SER A 526 -29.58 81.40 -5.09
N ILE A 527 -28.58 80.54 -4.96
CA ILE A 527 -28.09 79.76 -6.08
C ILE A 527 -28.65 78.33 -6.07
N TRP A 528 -28.65 77.69 -4.91
CA TRP A 528 -29.16 76.32 -4.80
C TRP A 528 -30.40 76.22 -3.93
N PHE A 529 -31.26 75.24 -4.25
CA PHE A 529 -32.48 75.00 -3.50
C PHE A 529 -32.11 74.05 -2.37
N GLU A 530 -31.75 74.62 -1.22
CA GLU A 530 -31.31 73.86 -0.06
C GLU A 530 -31.44 74.72 1.20
N GLY A 531 -31.11 74.13 2.34
CA GLY A 531 -31.17 74.85 3.60
C GLY A 531 -32.47 75.57 3.90
N GLU A 532 -32.38 76.89 4.06
CA GLU A 532 -33.53 77.74 4.36
C GLU A 532 -34.35 78.15 3.15
N VAL A 533 -33.81 77.95 1.95
CA VAL A 533 -34.53 78.36 0.75
C VAL A 533 -35.98 77.90 0.66
N PRO A 534 -36.27 76.63 1.02
CA PRO A 534 -37.65 76.13 0.96
C PRO A 534 -38.66 76.73 1.96
N PHE A 535 -38.31 77.85 2.60
CA PHE A 535 -39.23 78.51 3.53
C PHE A 535 -39.69 79.83 2.95
N ALA A 536 -39.08 80.25 1.83
CA ALA A 536 -39.40 81.51 1.19
C ALA A 536 -40.72 81.55 0.43
N ASP A 537 -41.22 82.76 0.17
CA ASP A 537 -42.46 82.95 -0.58
C ASP A 537 -42.11 83.13 -2.05
N ILE A 538 -40.99 83.80 -2.30
CA ILE A 538 -40.49 84.05 -3.65
C ILE A 538 -39.01 83.68 -3.66
N ILE A 539 -38.59 82.93 -4.67
CA ILE A 539 -37.19 82.52 -4.77
C ILE A 539 -36.61 83.04 -6.09
N LEU A 540 -35.49 83.75 -6.00
CA LEU A 540 -34.83 84.31 -7.18
C LEU A 540 -33.50 83.60 -7.41
N PRO A 541 -33.33 82.99 -8.60
CA PRO A 541 -32.13 82.24 -9.00
C PRO A 541 -30.92 83.10 -9.37
N ALA A 542 -29.87 82.99 -8.56
CA ALA A 542 -28.63 83.71 -8.81
C ALA A 542 -27.65 82.70 -9.43
N CYS A 543 -26.61 83.18 -10.09
CA CYS A 543 -25.63 82.28 -10.71
C CYS A 543 -24.29 82.29 -9.99
N THR A 544 -23.44 81.31 -10.30
CA THR A 544 -22.11 81.22 -9.69
C THR A 544 -21.17 82.20 -10.38
N ASN A 545 -19.95 82.35 -9.87
CA ASN A 545 -19.00 83.27 -10.47
C ASN A 545 -18.46 82.79 -11.82
N PHE A 546 -18.76 81.56 -12.19
CA PHE A 546 -18.30 81.05 -13.48
C PHE A 546 -19.26 81.43 -14.60
N GLU A 547 -20.36 82.09 -14.24
CA GLU A 547 -21.36 82.50 -15.19
C GLU A 547 -21.49 84.01 -15.34
N ARG A 548 -20.50 84.74 -14.80
CA ARG A 548 -20.50 86.20 -14.88
C ARG A 548 -19.07 86.74 -14.89
N TRP A 549 -18.91 88.04 -15.15
CA TRP A 549 -17.59 88.66 -15.19
C TRP A 549 -17.22 89.28 -13.85
N ASP A 550 -15.96 89.08 -13.45
CA ASP A 550 -15.49 89.68 -12.20
C ASP A 550 -13.96 89.72 -12.19
N ILE A 551 -13.39 90.18 -11.09
CA ILE A 551 -11.94 90.27 -10.95
C ILE A 551 -11.60 90.05 -9.48
N SER A 552 -10.43 89.48 -9.20
CA SER A 552 -10.05 89.21 -7.82
C SER A 552 -8.60 88.80 -7.68
N GLU A 553 -8.17 88.65 -6.43
CA GLU A 553 -6.81 88.23 -6.14
C GLU A 553 -6.89 87.01 -5.21
N PHE A 554 -6.02 86.04 -5.48
CA PHE A 554 -5.93 84.81 -4.72
C PHE A 554 -5.98 85.07 -3.20
N ALA A 555 -7.03 84.58 -2.54
CA ALA A 555 -7.22 84.71 -1.10
C ALA A 555 -7.28 86.12 -0.51
N ASN A 556 -7.33 87.14 -1.36
CA ASN A 556 -7.34 88.51 -0.86
C ASN A 556 -8.67 89.01 -0.30
N CYS A 557 -8.74 89.06 1.03
CA CYS A 557 -9.91 89.55 1.76
C CYS A 557 -9.64 90.99 2.17
N SER A 558 -8.46 91.22 2.74
CA SER A 558 -8.04 92.53 3.21
C SER A 558 -9.01 93.02 4.29
N GLY A 559 -9.09 94.33 4.49
CA GLY A 559 -9.99 94.85 5.51
C GLY A 559 -9.60 94.42 6.91
N TYR A 560 -10.45 93.61 7.54
CA TYR A 560 -10.19 93.12 8.89
C TYR A 560 -9.11 92.02 8.92
N ILE A 561 -8.53 91.75 7.75
CA ILE A 561 -7.41 90.81 7.65
C ILE A 561 -6.50 91.47 6.61
N PRO A 562 -5.90 92.61 6.97
CA PRO A 562 -5.02 93.34 6.05
C PRO A 562 -3.93 92.46 5.45
N ASP A 563 -3.74 92.60 4.15
CA ASP A 563 -2.71 91.87 3.41
C ASP A 563 -2.69 90.36 3.64
N ASN A 564 -3.86 89.74 3.75
CA ASN A 564 -3.89 88.29 3.98
C ASN A 564 -3.54 87.48 2.74
N TYR A 565 -3.21 88.16 1.64
CA TYR A 565 -2.80 87.44 0.42
C TYR A 565 -1.47 86.75 0.73
N GLN A 566 -0.87 87.12 1.86
CA GLN A 566 0.42 86.54 2.27
C GLN A 566 0.22 85.09 2.73
N LEU A 567 -0.98 84.58 2.50
CA LEU A 567 -1.32 83.19 2.82
C LEU A 567 -0.83 82.33 1.65
N CYS A 568 -0.67 82.98 0.51
CA CYS A 568 -0.26 82.31 -0.72
C CYS A 568 1.22 82.42 -1.05
N ASN A 569 1.69 81.55 -1.94
CA ASN A 569 3.09 81.56 -2.33
C ASN A 569 3.37 82.64 -3.36
N HIS A 570 2.32 83.16 -3.99
CA HIS A 570 2.43 84.23 -4.98
C HIS A 570 1.16 85.06 -4.94
N ARG A 571 1.27 86.33 -5.26
CA ARG A 571 0.10 87.19 -5.33
C ARG A 571 -0.37 86.99 -6.77
N VAL A 572 -1.57 86.42 -6.91
CA VAL A 572 -2.10 86.18 -8.25
C VAL A 572 -3.39 86.96 -8.46
N ILE A 573 -3.37 87.85 -9.44
CA ILE A 573 -4.53 88.66 -9.76
C ILE A 573 -5.15 88.07 -11.02
N SER A 574 -6.42 87.70 -10.96
CA SER A 574 -7.03 87.12 -12.13
C SER A 574 -8.39 87.68 -12.55
N LEU A 575 -8.60 87.64 -13.85
CA LEU A 575 -9.85 88.08 -14.44
C LEU A 575 -10.74 86.85 -14.31
N GLN A 576 -11.94 87.02 -13.75
CA GLN A 576 -12.85 85.89 -13.64
C GLN A 576 -13.73 85.97 -14.87
N ALA A 577 -13.33 85.22 -15.89
CA ALA A 577 -14.04 85.22 -17.14
C ALA A 577 -15.40 84.56 -17.03
N LYS A 578 -16.36 85.07 -17.79
CA LYS A 578 -17.68 84.48 -17.82
C LYS A 578 -17.45 83.26 -18.72
N CYS A 579 -17.18 82.12 -18.10
CA CYS A 579 -16.90 80.89 -18.84
C CYS A 579 -18.09 80.30 -19.60
N ILE A 580 -19.28 80.46 -19.06
CA ILE A 580 -20.49 79.93 -19.70
C ILE A 580 -21.66 80.85 -19.41
N GLU A 581 -22.74 80.66 -20.15
CA GLU A 581 -23.94 81.46 -19.94
C GLU A 581 -24.60 80.94 -18.67
N PRO A 582 -25.33 81.82 -17.95
CA PRO A 582 -26.00 81.40 -16.71
C PRO A 582 -26.81 80.12 -16.90
N VAL A 583 -26.72 79.22 -15.92
CA VAL A 583 -27.44 77.95 -15.96
C VAL A 583 -28.93 78.16 -15.68
N GLY A 584 -29.78 77.51 -16.47
CA GLY A 584 -31.22 77.66 -16.27
C GLY A 584 -31.59 79.11 -16.52
N GLU A 585 -32.51 79.63 -15.71
CA GLU A 585 -32.93 81.03 -15.86
C GLU A 585 -32.31 81.94 -14.80
N SER A 586 -31.18 81.54 -14.25
CA SER A 586 -30.53 82.35 -13.23
C SER A 586 -29.84 83.56 -13.87
N MET A 587 -29.43 84.50 -13.03
CA MET A 587 -28.70 85.67 -13.50
C MET A 587 -27.84 86.20 -12.34
N SER A 588 -26.81 86.95 -12.68
CA SER A 588 -25.90 87.48 -11.67
C SER A 588 -26.66 88.36 -10.68
N ASP A 589 -26.18 88.40 -9.44
CA ASP A 589 -26.82 89.22 -8.43
C ASP A 589 -26.89 90.66 -8.92
N TYR A 590 -25.84 91.12 -9.60
CA TYR A 590 -25.81 92.49 -10.11
C TYR A 590 -26.94 92.75 -11.10
N GLU A 591 -27.17 91.80 -12.01
CA GLU A 591 -28.24 91.96 -12.99
C GLU A 591 -29.61 91.89 -12.33
N ILE A 592 -29.73 91.10 -11.27
CA ILE A 592 -30.99 91.01 -10.54
C ILE A 592 -31.28 92.37 -9.91
N TYR A 593 -30.26 92.93 -9.26
CA TYR A 593 -30.40 94.24 -8.61
C TYR A 593 -30.62 95.34 -9.64
N ARG A 594 -30.04 95.17 -10.83
CA ARG A 594 -30.21 96.17 -11.88
C ARG A 594 -31.68 96.15 -12.33
N LEU A 595 -32.26 94.96 -12.37
CA LEU A 595 -33.65 94.80 -12.78
C LEU A 595 -34.57 95.44 -11.74
N PHE A 596 -34.27 95.22 -10.46
CA PHE A 596 -35.06 95.82 -9.37
C PHE A 596 -34.90 97.34 -9.41
N ALA A 597 -33.66 97.79 -9.58
CA ALA A 597 -33.37 99.22 -9.63
C ALA A 597 -34.26 99.91 -10.67
N LYS A 598 -34.40 99.27 -11.82
CA LYS A 598 -35.22 99.82 -12.90
C LYS A 598 -36.68 99.95 -12.46
N LYS A 599 -37.19 98.94 -11.77
CA LYS A 599 -38.57 98.95 -11.31
C LYS A 599 -38.78 99.84 -10.10
N LEU A 600 -37.70 100.19 -9.41
CA LEU A 600 -37.78 101.06 -8.25
C LEU A 600 -37.45 102.50 -8.65
N ASN A 601 -37.24 102.69 -9.95
CA ASN A 601 -36.94 104.00 -10.54
C ASN A 601 -35.59 104.59 -10.10
N ILE A 602 -34.62 103.74 -9.80
CA ILE A 602 -33.30 104.20 -9.38
C ILE A 602 -32.19 103.55 -10.20
N GLU A 603 -32.50 103.13 -11.42
CA GLU A 603 -31.53 102.46 -12.26
C GLU A 603 -30.25 103.25 -12.54
N GLU A 604 -30.40 104.50 -12.95
CA GLU A 604 -29.25 105.35 -13.24
C GLU A 604 -28.31 105.48 -12.04
N MET A 605 -28.87 105.73 -10.87
CA MET A 605 -28.07 105.88 -9.65
C MET A 605 -27.33 104.61 -9.27
N PHE A 606 -28.03 103.48 -9.36
CA PHE A 606 -27.42 102.19 -9.03
C PHE A 606 -26.35 101.73 -10.02
N SER A 607 -26.73 101.61 -11.28
CA SER A 607 -25.81 101.12 -12.31
C SER A 607 -24.85 102.14 -12.93
N GLU A 608 -25.22 103.41 -12.90
CA GLU A 608 -24.41 104.46 -13.52
C GLU A 608 -24.19 104.07 -14.98
N GLY A 609 -25.12 103.28 -15.52
CA GLY A 609 -25.04 102.84 -16.90
C GLY A 609 -23.98 101.80 -17.20
N LYS A 610 -23.46 101.16 -16.15
CA LYS A 610 -22.40 100.17 -16.32
C LYS A 610 -22.84 98.73 -16.07
N ASP A 611 -22.33 97.81 -16.88
CA ASP A 611 -22.61 96.40 -16.68
C ASP A 611 -21.43 95.90 -15.84
N GLU A 612 -21.47 94.65 -15.41
CA GLU A 612 -20.41 94.09 -14.58
C GLU A 612 -19.00 94.30 -15.12
N LEU A 613 -18.82 94.11 -16.43
CA LEU A 613 -17.51 94.25 -17.04
C LEU A 613 -17.02 95.71 -17.04
N ALA A 614 -17.94 96.67 -17.13
CA ALA A 614 -17.56 98.07 -17.12
C ALA A 614 -17.08 98.44 -15.71
N TRP A 615 -17.74 97.89 -14.70
CA TRP A 615 -17.33 98.15 -13.32
C TRP A 615 -15.97 97.53 -13.05
N CYS A 616 -15.72 96.35 -13.63
CA CYS A 616 -14.43 95.66 -13.47
C CYS A 616 -13.28 96.51 -13.98
N GLU A 617 -13.47 97.16 -15.11
CA GLU A 617 -12.43 98.01 -15.68
C GLU A 617 -12.18 99.22 -14.81
N GLN A 618 -13.24 99.81 -14.27
CA GLN A 618 -13.10 100.98 -13.39
C GLN A 618 -12.36 100.51 -12.14
N TYR A 619 -12.77 99.36 -11.62
CA TYR A 619 -12.15 98.75 -10.44
C TYR A 619 -10.67 98.57 -10.71
N PHE A 620 -10.36 97.94 -11.85
CA PHE A 620 -8.98 97.68 -12.25
C PHE A 620 -8.13 98.94 -12.23
N ASN A 621 -8.64 100.03 -12.80
CA ASN A 621 -7.91 101.29 -12.86
C ASN A 621 -7.71 101.98 -11.49
N ALA A 622 -8.40 101.49 -10.46
CA ALA A 622 -8.29 102.06 -9.13
C ALA A 622 -7.23 101.32 -8.29
N THR A 623 -6.59 100.34 -8.91
CA THR A 623 -5.56 99.56 -8.22
C THR A 623 -4.19 99.95 -8.77
N ASP A 624 -3.15 99.23 -8.36
CA ASP A 624 -1.81 99.50 -8.85
C ASP A 624 -1.54 98.74 -10.15
N MET A 625 -2.50 97.95 -10.62
CA MET A 625 -2.31 97.17 -11.84
C MET A 625 -1.90 97.98 -13.06
N PRO A 626 -2.48 99.18 -13.25
CA PRO A 626 -2.09 99.98 -14.42
C PRO A 626 -0.59 100.21 -14.51
N LYS A 627 0.10 100.10 -13.38
CA LYS A 627 1.54 100.31 -13.37
C LYS A 627 2.24 99.22 -14.17
N TYR A 628 1.61 98.05 -14.29
CA TYR A 628 2.20 96.95 -15.03
C TYR A 628 1.54 96.64 -16.37
N MET A 629 0.22 96.77 -16.44
CA MET A 629 -0.46 96.51 -17.69
C MET A 629 -1.81 97.21 -17.80
N THR A 630 -2.23 97.47 -19.04
CA THR A 630 -3.50 98.13 -19.29
C THR A 630 -4.62 97.13 -19.11
N TRP A 631 -5.85 97.61 -19.04
CA TRP A 631 -7.00 96.75 -18.89
C TRP A 631 -7.05 95.76 -20.05
N ASP A 632 -6.94 96.28 -21.27
CA ASP A 632 -6.96 95.43 -22.46
C ASP A 632 -5.94 94.30 -22.37
N GLU A 633 -4.72 94.63 -21.98
CA GLU A 633 -3.66 93.63 -21.85
C GLU A 633 -4.00 92.60 -20.76
N PHE A 634 -4.52 93.07 -19.63
CA PHE A 634 -4.87 92.19 -18.54
C PHE A 634 -6.02 91.27 -18.94
N PHE A 635 -7.02 91.84 -19.58
CA PHE A 635 -8.18 91.08 -20.01
C PHE A 635 -7.75 89.92 -20.92
N LYS A 636 -6.81 90.20 -21.81
CA LYS A 636 -6.30 89.20 -22.74
C LYS A 636 -5.48 88.12 -22.03
N LYS A 637 -4.57 88.51 -21.13
CA LYS A 637 -3.75 87.53 -20.43
C LYS A 637 -4.59 86.69 -19.48
N GLY A 638 -5.52 87.32 -18.77
CA GLY A 638 -6.38 86.59 -17.85
C GLY A 638 -5.92 86.54 -16.39
N TYR A 639 -4.62 86.62 -16.17
CA TYR A 639 -4.08 86.57 -14.81
C TYR A 639 -2.71 87.23 -14.79
N PHE A 640 -2.31 87.70 -13.62
CA PHE A 640 -1.02 88.37 -13.47
C PHE A 640 -0.36 87.94 -12.16
N VAL A 641 0.91 87.56 -12.24
CA VAL A 641 1.67 87.17 -11.06
C VAL A 641 2.47 88.40 -10.65
N VAL A 642 2.15 88.97 -9.50
CA VAL A 642 2.85 90.16 -9.03
C VAL A 642 4.33 89.86 -8.79
N PRO A 643 5.21 90.73 -9.32
CA PRO A 643 6.65 90.53 -9.14
C PRO A 643 7.07 90.56 -7.68
N ASP A 644 8.21 89.93 -7.40
CA ASP A 644 8.77 89.90 -6.06
C ASP A 644 9.42 91.26 -5.82
N ASN A 645 9.49 91.68 -4.56
CA ASN A 645 10.13 92.94 -4.20
C ASN A 645 11.30 92.54 -3.29
N PRO A 646 12.38 92.01 -3.89
CA PRO A 646 13.59 91.54 -3.22
C PRO A 646 14.24 92.50 -2.23
N ASN A 647 14.27 93.78 -2.57
CA ASN A 647 14.93 94.75 -1.71
C ASN A 647 14.16 95.44 -0.58
N ARG A 648 12.89 95.13 -0.38
CA ARG A 648 12.19 95.82 0.70
C ARG A 648 12.71 95.33 2.05
N LYS A 649 12.78 96.23 3.02
CA LYS A 649 13.26 95.87 4.35
C LYS A 649 12.20 95.01 5.01
N LYS A 650 12.62 93.97 5.71
CA LYS A 650 11.68 93.09 6.37
C LYS A 650 11.21 93.70 7.69
N THR A 651 9.92 93.58 7.96
CA THR A 651 9.34 94.08 9.20
C THR A 651 8.54 92.96 9.80
N VAL A 652 9.17 92.20 10.69
CA VAL A 652 8.52 91.05 11.33
C VAL A 652 7.42 91.45 12.31
N ALA A 653 6.32 90.73 12.22
CA ALA A 653 5.16 90.94 13.08
C ALA A 653 5.55 91.09 14.53
N LEU A 654 5.10 92.19 15.14
CA LEU A 654 5.34 92.51 16.54
C LEU A 654 6.77 92.75 17.02
N ARG A 655 7.74 92.71 16.12
CA ARG A 655 9.10 92.96 16.57
C ARG A 655 9.22 94.38 17.12
N TRP A 656 8.54 95.32 16.47
CA TRP A 656 8.57 96.71 16.92
C TRP A 656 8.04 96.82 18.35
N PHE A 657 7.06 95.99 18.68
CA PHE A 657 6.48 96.01 20.02
C PHE A 657 7.44 95.37 21.02
N ALA A 658 8.01 94.25 20.63
CA ALA A 658 8.96 93.54 21.48
C ALA A 658 10.12 94.46 21.83
N GLU A 659 10.54 95.26 20.86
CA GLU A 659 11.68 96.16 21.06
C GLU A 659 11.33 97.57 21.53
N GLY A 660 10.05 97.78 21.86
CA GLY A 660 9.60 99.08 22.35
C GLY A 660 9.88 100.27 21.46
N ARG A 661 9.70 100.10 20.15
CA ARG A 661 9.94 101.20 19.21
C ARG A 661 8.70 101.45 18.36
N GLU A 662 8.76 102.44 17.48
CA GLU A 662 7.62 102.79 16.64
C GLU A 662 7.19 101.66 15.70
N LYS A 663 5.88 101.50 15.57
CA LYS A 663 5.30 100.49 14.69
C LYS A 663 5.89 100.73 13.30
N ASP A 664 6.38 99.66 12.67
CA ASP A 664 7.01 99.79 11.35
C ASP A 664 6.50 98.86 10.26
N THR A 665 5.47 98.07 10.56
CA THR A 665 4.91 97.13 9.59
C THR A 665 3.85 97.80 8.74
N PRO A 666 3.31 97.08 7.74
CA PRO A 666 2.27 97.64 6.88
C PRO A 666 0.87 97.50 7.51
N ASP A 667 0.80 97.09 8.77
CA ASP A 667 -0.50 96.91 9.42
C ASP A 667 -1.36 98.17 9.42
N TRP A 668 -2.67 97.97 9.48
CA TRP A 668 -3.63 99.07 9.46
C TRP A 668 -3.89 99.69 10.82
N GLY A 669 -3.10 99.30 11.81
CA GLY A 669 -3.27 99.86 13.14
C GLY A 669 -2.00 99.57 13.93
N PRO A 670 -1.89 100.07 15.17
CA PRO A 670 -2.96 100.87 15.80
C PRO A 670 -3.06 102.27 15.23
N ARG A 671 -4.22 102.89 15.40
CA ARG A 671 -4.41 104.25 14.92
C ARG A 671 -3.55 105.16 15.79
N LEU A 672 -3.08 106.26 15.19
CA LEU A 672 -2.20 107.18 15.90
C LEU A 672 -2.71 107.67 17.25
N ASN A 673 -4.02 107.87 17.37
CA ASN A 673 -4.58 108.35 18.64
C ASN A 673 -4.60 107.27 19.73
N ASN A 674 -4.41 106.02 19.35
CA ASN A 674 -4.38 104.92 20.31
C ASN A 674 -2.95 104.57 20.71
N GLN A 675 -2.02 105.45 20.40
CA GLN A 675 -0.63 105.24 20.76
C GLN A 675 -0.03 106.53 21.29
N VAL A 676 1.08 106.40 22.02
CA VAL A 676 1.79 107.56 22.50
C VAL A 676 3.06 107.54 21.66
N CYS A 677 3.22 108.53 20.78
CA CYS A 677 4.39 108.66 19.92
C CYS A 677 4.61 107.49 18.95
N ARG A 678 3.51 106.91 18.49
CA ARG A 678 3.49 105.78 17.57
C ARG A 678 4.14 104.51 18.11
N LYS A 679 4.16 104.38 19.43
CA LYS A 679 4.73 103.20 20.06
C LYS A 679 3.66 102.51 20.89
N GLY A 680 3.84 101.20 21.10
CA GLY A 680 2.92 100.44 21.92
C GLY A 680 1.66 99.89 21.26
N LEU A 681 0.99 98.99 21.98
CA LEU A 681 -0.25 98.40 21.48
C LEU A 681 -1.37 99.41 21.57
N GLN A 682 -2.51 99.09 20.96
CA GLN A 682 -3.68 99.94 20.97
C GLN A 682 -4.28 100.11 22.36
N THR A 683 -3.93 99.21 23.28
CA THR A 683 -4.44 99.27 24.64
C THR A 683 -4.03 100.60 25.31
N THR A 684 -4.79 100.98 26.32
CA THR A 684 -4.53 102.22 27.06
C THR A 684 -3.08 102.34 27.51
N THR A 685 -2.54 101.30 28.14
CA THR A 685 -1.16 101.33 28.61
C THR A 685 -0.16 101.07 27.51
N GLY A 686 -0.65 100.59 26.37
CA GLY A 686 0.24 100.28 25.26
C GLY A 686 0.93 98.93 25.47
N LYS A 687 0.53 98.23 26.52
CA LYS A 687 1.11 96.93 26.85
C LYS A 687 0.07 95.83 26.79
N VAL A 688 0.52 94.59 27.01
CA VAL A 688 -0.39 93.46 27.04
C VAL A 688 -1.01 93.54 28.42
N GLU A 689 -2.33 93.71 28.48
CA GLU A 689 -3.01 93.87 29.75
C GLU A 689 -3.66 92.59 30.29
N PHE A 690 -2.99 91.98 31.26
CA PHE A 690 -3.47 90.76 31.90
C PHE A 690 -4.71 91.06 32.72
N ILE A 691 -4.83 92.32 33.11
CA ILE A 691 -6.00 92.85 33.81
C ILE A 691 -6.38 93.95 32.82
N ALA A 692 -7.37 93.66 31.98
CA ALA A 692 -7.80 94.59 30.94
C ALA A 692 -8.41 95.88 31.49
N THR A 693 -7.84 97.02 31.10
CA THR A 693 -8.34 98.29 31.58
C THR A 693 -9.73 98.62 31.00
N SER A 694 -9.96 98.26 29.75
CA SER A 694 -11.28 98.52 29.15
C SER A 694 -12.37 97.77 29.92
N LEU A 695 -12.13 96.50 30.22
CA LEU A 695 -13.10 95.69 30.95
C LEU A 695 -13.24 96.15 32.40
N LYS A 696 -12.14 96.59 33.00
CA LYS A 696 -12.24 97.06 34.38
C LYS A 696 -13.15 98.29 34.41
N ASN A 697 -13.01 99.16 33.41
CA ASN A 697 -13.85 100.34 33.29
C ASN A 697 -15.31 99.90 33.15
N PHE A 698 -15.52 98.95 32.24
CA PHE A 698 -16.85 98.41 31.94
C PHE A 698 -17.53 97.84 33.19
N GLU A 699 -16.81 97.01 33.93
CA GLU A 699 -17.39 96.42 35.15
C GLU A 699 -17.60 97.46 36.25
N GLU A 700 -16.75 98.49 36.28
CA GLU A 700 -16.90 99.53 37.29
C GLU A 700 -18.06 100.44 36.94
N GLN A 701 -18.46 100.43 35.66
CA GLN A 701 -19.58 101.24 35.22
C GLN A 701 -20.89 100.52 35.55
N GLY A 702 -20.77 99.30 36.07
CA GLY A 702 -21.95 98.53 36.43
C GLY A 702 -22.27 97.34 35.56
N TYR A 703 -21.51 97.09 34.50
CA TYR A 703 -21.80 95.96 33.65
C TYR A 703 -21.07 94.72 34.15
N ILE A 704 -21.65 94.10 35.17
CA ILE A 704 -21.10 92.92 35.81
C ILE A 704 -21.28 91.70 34.90
N ASP A 705 -20.19 90.98 34.65
CA ASP A 705 -20.20 89.82 33.77
C ASP A 705 -19.20 88.78 34.26
N GLU A 706 -19.72 87.81 35.02
CA GLU A 706 -18.91 86.74 35.59
C GLU A 706 -18.08 85.95 34.58
N HIS A 707 -18.61 85.74 33.37
CA HIS A 707 -17.87 84.98 32.37
C HIS A 707 -16.96 85.77 31.46
N ARG A 708 -16.62 86.99 31.87
CA ARG A 708 -15.70 87.84 31.12
C ARG A 708 -15.06 88.79 32.12
N PRO A 709 -14.30 88.24 33.08
CA PRO A 709 -13.63 89.07 34.10
C PRO A 709 -12.54 89.92 33.45
N SER A 710 -12.21 91.04 34.07
CA SER A 710 -11.18 91.93 33.53
C SER A 710 -9.82 91.21 33.54
N MET A 711 -9.63 90.33 34.51
CA MET A 711 -8.38 89.58 34.60
C MET A 711 -8.54 88.20 34.00
N HIS A 712 -7.59 87.81 33.17
CA HIS A 712 -7.60 86.50 32.53
C HIS A 712 -7.48 85.44 33.63
N THR A 713 -8.55 84.67 33.83
CA THR A 713 -8.56 83.64 34.86
C THR A 713 -9.18 82.36 34.35
N TYR A 714 -9.14 81.30 35.16
CA TYR A 714 -9.74 80.05 34.75
C TYR A 714 -11.24 80.05 35.01
N VAL A 715 -12.00 80.59 34.06
CA VAL A 715 -13.45 80.60 34.17
C VAL A 715 -13.90 79.25 33.60
N PRO A 716 -14.54 78.40 34.42
CA PRO A 716 -14.99 77.10 33.89
C PRO A 716 -15.94 77.29 32.74
N ALA A 717 -15.71 76.60 31.62
CA ALA A 717 -16.58 76.72 30.45
C ALA A 717 -18.00 76.34 30.87
N TRP A 718 -18.98 77.20 30.58
CA TRP A 718 -20.35 76.90 30.99
C TRP A 718 -20.98 75.69 30.31
N GLU A 719 -20.40 75.21 29.20
CA GLU A 719 -20.91 73.98 28.59
C GLU A 719 -19.74 73.03 28.41
N SER A 720 -19.33 72.42 29.53
CA SER A 720 -18.23 71.46 29.55
C SER A 720 -18.73 70.24 30.30
N GLN A 721 -18.01 69.13 30.21
CA GLN A 721 -18.44 67.91 30.87
C GLN A 721 -18.43 67.89 32.39
N LYS A 722 -17.54 68.64 33.04
CA LYS A 722 -17.53 68.62 34.49
C LYS A 722 -18.07 69.87 35.17
N HIS A 723 -18.50 70.87 34.39
CA HIS A 723 -19.01 72.09 34.99
C HIS A 723 -20.45 72.41 34.62
N SER A 724 -21.04 71.59 33.76
CA SER A 724 -22.42 71.81 33.34
C SER A 724 -23.38 70.72 33.84
N PRO A 725 -24.50 71.13 34.44
CA PRO A 725 -25.50 70.18 34.97
C PRO A 725 -26.02 69.29 33.83
N LEU A 726 -25.93 69.80 32.61
CA LEU A 726 -26.38 69.08 31.42
C LEU A 726 -25.58 67.81 31.15
N ALA A 727 -24.38 67.74 31.71
CA ALA A 727 -23.49 66.58 31.51
C ALA A 727 -24.07 65.27 32.04
N VAL A 728 -25.05 65.36 32.94
CA VAL A 728 -25.63 64.15 33.49
C VAL A 728 -26.41 63.42 32.39
N LYS A 729 -27.22 64.17 31.65
CA LYS A 729 -28.03 63.60 30.56
C LYS A 729 -27.24 63.44 29.27
N TYR A 730 -26.35 64.40 29.01
CA TYR A 730 -25.54 64.41 27.79
C TYR A 730 -24.07 64.46 28.17
N PRO A 731 -23.50 63.30 28.51
CA PRO A 731 -22.09 63.11 28.92
C PRO A 731 -20.99 63.30 27.88
N LEU A 732 -21.33 63.26 26.60
CA LEU A 732 -20.34 63.40 25.54
C LEU A 732 -20.08 64.84 25.11
N GLY A 733 -18.80 65.19 25.00
CA GLY A 733 -18.43 66.52 24.58
C GLY A 733 -18.22 66.57 23.08
N MET A 734 -18.98 67.43 22.41
CA MET A 734 -18.88 67.56 20.97
C MET A 734 -18.28 68.88 20.50
N LEU A 735 -17.38 68.79 19.53
CA LEU A 735 -16.78 69.96 18.92
C LEU A 735 -17.20 69.80 17.46
N SER A 736 -17.49 70.92 16.79
CA SER A 736 -17.94 70.86 15.41
C SER A 736 -17.28 71.93 14.54
N PRO A 737 -16.00 71.71 14.18
CA PRO A 737 -15.15 72.58 13.36
C PRO A 737 -15.62 72.70 11.92
N HIS A 738 -14.87 73.45 11.12
CA HIS A 738 -15.23 73.67 9.72
C HIS A 738 -15.04 72.41 8.88
N PRO A 739 -15.96 72.17 7.92
CA PRO A 739 -15.90 70.99 7.05
C PRO A 739 -14.62 70.85 6.24
N ARG A 740 -14.05 69.66 6.29
CA ARG A 740 -12.82 69.34 5.58
C ARG A 740 -12.97 69.45 4.07
N PHE A 741 -14.07 68.91 3.54
CA PHE A 741 -14.28 68.91 2.09
C PHE A 741 -15.28 69.89 1.51
N SER A 742 -15.51 71.01 2.20
CA SER A 742 -16.46 72.01 1.73
C SER A 742 -16.14 73.37 2.34
N MET A 743 -16.41 74.44 1.59
CA MET A 743 -16.20 75.79 2.11
C MET A 743 -17.54 76.07 2.77
N HIS A 744 -17.66 75.67 4.03
CA HIS A 744 -18.90 75.78 4.77
C HIS A 744 -19.98 75.07 3.98
N THR A 745 -21.10 75.73 3.67
CA THR A 745 -22.15 75.03 2.93
C THR A 745 -21.87 74.87 1.44
N MET A 746 -20.88 75.60 0.93
CA MET A 746 -20.54 75.57 -0.48
C MET A 746 -19.62 74.40 -0.86
N GLY A 747 -20.23 73.26 -1.12
CA GLY A 747 -19.50 72.05 -1.48
C GLY A 747 -20.33 70.84 -1.11
N ASP A 748 -20.88 70.85 0.09
CA ASP A 748 -21.71 69.75 0.57
C ASP A 748 -23.06 69.73 -0.14
N GLY A 749 -23.74 68.59 -0.12
CA GLY A 749 -25.04 68.45 -0.77
C GLY A 749 -24.99 68.82 -2.24
N LYS A 750 -26.11 69.36 -2.74
CA LYS A 750 -26.22 69.79 -4.13
C LYS A 750 -25.92 68.67 -5.13
N ASN A 751 -25.89 67.43 -4.66
CA ASN A 751 -25.57 66.30 -5.52
C ASN A 751 -24.16 66.49 -6.12
N SER A 752 -23.30 67.17 -5.38
CA SER A 752 -21.93 67.44 -5.82
C SER A 752 -21.06 66.18 -5.68
N TYR A 753 -19.89 66.19 -6.32
CA TYR A 753 -18.98 65.05 -6.25
C TYR A 753 -18.40 64.86 -4.87
N MET A 754 -18.33 65.93 -4.10
CA MET A 754 -17.78 65.86 -2.76
C MET A 754 -18.52 64.87 -1.86
N ASN A 755 -19.78 64.62 -2.19
CA ASN A 755 -20.59 63.69 -1.40
C ASN A 755 -20.11 62.25 -1.52
N TYR A 756 -19.26 61.96 -2.50
CA TYR A 756 -18.75 60.61 -2.69
C TYR A 756 -17.44 60.37 -1.94
N ILE A 757 -16.92 61.41 -1.30
CA ILE A 757 -15.68 61.30 -0.54
C ILE A 757 -15.95 60.47 0.72
N LYS A 758 -15.12 59.45 0.92
CA LYS A 758 -15.28 58.55 2.07
C LYS A 758 -15.45 59.22 3.43
N ASP A 759 -14.65 60.25 3.68
CA ASP A 759 -14.70 60.91 4.97
C ASP A 759 -15.57 62.18 4.99
N HIS A 760 -16.52 62.27 4.07
CA HIS A 760 -17.43 63.42 4.05
C HIS A 760 -18.84 62.95 4.40
N ARG A 761 -19.37 62.03 3.60
CA ARG A 761 -20.69 61.47 3.86
C ARG A 761 -20.65 59.96 3.64
N VAL A 762 -21.48 59.23 4.37
CA VAL A 762 -21.54 57.77 4.26
C VAL A 762 -22.91 57.32 3.76
N GLU A 763 -22.92 56.64 2.62
CA GLU A 763 -24.17 56.18 2.04
C GLU A 763 -24.70 54.94 2.76
N VAL A 764 -25.94 55.03 3.23
CA VAL A 764 -26.59 53.93 3.93
C VAL A 764 -28.01 53.82 3.39
N ASP A 765 -28.27 52.70 2.71
CA ASP A 765 -29.59 52.46 2.12
C ASP A 765 -30.03 53.55 1.15
N GLY A 766 -29.09 53.99 0.31
CA GLY A 766 -29.39 55.01 -0.68
C GLY A 766 -29.29 56.45 -0.24
N TYR A 767 -29.09 56.70 1.05
CA TYR A 767 -28.99 58.07 1.54
C TYR A 767 -27.57 58.33 2.09
N LYS A 768 -26.99 59.47 1.72
CA LYS A 768 -25.65 59.81 2.18
C LYS A 768 -25.75 60.63 3.47
N TYR A 769 -25.44 59.99 4.58
CA TYR A 769 -25.51 60.63 5.89
C TYR A 769 -24.23 61.34 6.32
N TRP A 770 -24.41 62.41 7.09
CA TRP A 770 -23.30 63.19 7.61
C TRP A 770 -22.58 62.31 8.63
N ILE A 771 -21.29 62.55 8.82
CA ILE A 771 -20.48 61.75 9.72
C ILE A 771 -20.23 62.31 11.12
N MET A 772 -20.25 61.41 12.10
CA MET A 772 -19.91 61.77 13.47
C MET A 772 -18.83 60.78 13.89
N ARG A 773 -17.73 61.30 14.41
CA ARG A 773 -16.62 60.48 14.85
C ARG A 773 -16.72 60.20 16.33
N VAL A 774 -16.55 58.93 16.68
CA VAL A 774 -16.66 58.47 18.05
C VAL A 774 -15.49 57.56 18.43
N ASN A 775 -14.99 57.71 19.64
CA ASN A 775 -13.89 56.89 20.09
C ASN A 775 -14.42 55.46 20.28
N SER A 776 -13.65 54.48 19.83
CA SER A 776 -14.04 53.08 19.94
C SER A 776 -14.61 52.71 21.30
N ILE A 777 -14.06 53.28 22.37
CA ILE A 777 -14.54 53.00 23.73
C ILE A 777 -15.98 53.44 23.96
N ASP A 778 -16.31 54.65 23.52
CA ASP A 778 -17.66 55.17 23.70
C ASP A 778 -18.63 54.46 22.77
N ALA A 779 -18.15 54.10 21.58
CA ALA A 779 -18.99 53.39 20.63
C ALA A 779 -19.33 52.00 21.18
N GLU A 780 -18.31 51.32 21.68
CA GLU A 780 -18.47 49.98 22.23
C GLU A 780 -19.49 49.99 23.38
N ALA A 781 -19.41 51.00 24.24
CA ALA A 781 -20.32 51.10 25.37
C ALA A 781 -21.78 51.29 24.95
N ARG A 782 -21.98 51.71 23.71
CA ARG A 782 -23.33 51.95 23.21
C ARG A 782 -23.73 50.96 22.11
N GLY A 783 -22.93 49.92 21.92
CA GLY A 783 -23.22 48.91 20.90
C GLY A 783 -23.19 49.49 19.50
N ILE A 784 -22.47 50.58 19.34
CA ILE A 784 -22.34 51.24 18.04
C ILE A 784 -21.14 50.74 17.26
N LYS A 785 -21.36 50.42 15.99
CA LYS A 785 -20.28 49.94 15.13
C LYS A 785 -20.08 50.89 13.98
N ASN A 786 -18.90 50.82 13.38
CA ASN A 786 -18.55 51.68 12.26
C ASN A 786 -19.60 51.59 11.17
N GLY A 787 -20.09 52.73 10.70
CA GLY A 787 -21.10 52.74 9.65
C GLY A 787 -22.54 52.73 10.13
N ASP A 788 -22.77 52.50 11.43
CA ASP A 788 -24.12 52.47 11.97
C ASP A 788 -24.76 53.86 11.97
N LEU A 789 -26.08 53.89 11.81
CA LEU A 789 -26.80 55.16 11.86
C LEU A 789 -27.06 55.42 13.33
N ILE A 790 -26.65 56.60 13.80
CA ILE A 790 -26.86 56.94 15.19
C ILE A 790 -27.67 58.23 15.30
N ARG A 791 -28.14 58.49 16.51
CA ARG A 791 -28.91 59.68 16.78
C ARG A 791 -28.15 60.48 17.83
N ALA A 792 -27.77 61.71 17.48
CA ALA A 792 -27.06 62.58 18.41
C ALA A 792 -28.12 63.55 18.90
N TYR A 793 -28.22 63.72 20.22
CA TYR A 793 -29.26 64.58 20.75
C TYR A 793 -28.97 65.24 22.10
N ASN A 794 -29.76 66.26 22.41
CA ASN A 794 -29.72 66.97 23.68
C ASN A 794 -31.06 67.72 23.76
N ASP A 795 -31.19 68.70 24.63
CA ASP A 795 -32.46 69.42 24.76
C ASP A 795 -32.87 70.23 23.53
N ARG A 796 -31.91 70.52 22.66
CA ARG A 796 -32.14 71.34 21.47
C ARG A 796 -32.65 70.63 20.23
N GLY A 797 -32.42 69.32 20.13
CA GLY A 797 -32.88 68.59 18.97
C GLY A 797 -32.22 67.24 18.81
N SER A 798 -32.45 66.62 17.65
CA SER A 798 -31.89 65.32 17.30
C SER A 798 -31.35 65.39 15.88
N VAL A 799 -30.24 64.70 15.64
CA VAL A 799 -29.64 64.67 14.32
C VAL A 799 -29.23 63.23 14.02
N ILE A 800 -29.60 62.72 12.86
CA ILE A 800 -29.24 61.36 12.48
C ILE A 800 -27.92 61.42 11.72
N LEU A 801 -26.98 60.58 12.14
CA LEU A 801 -25.66 60.56 11.54
C LEU A 801 -25.10 59.15 11.37
N ALA A 802 -24.09 59.04 10.52
CA ALA A 802 -23.41 57.78 10.28
C ALA A 802 -22.20 57.80 11.20
N ALA A 803 -22.01 56.74 11.97
CA ALA A 803 -20.89 56.71 12.90
C ALA A 803 -19.56 56.29 12.26
N GLN A 804 -18.49 56.95 12.69
CA GLN A 804 -17.15 56.60 12.25
C GLN A 804 -16.39 56.35 13.54
N VAL A 805 -16.10 55.08 13.82
CA VAL A 805 -15.38 54.73 15.03
C VAL A 805 -13.91 55.02 14.78
N THR A 806 -13.27 55.73 15.71
CA THR A 806 -11.88 56.14 15.52
C THR A 806 -11.09 56.20 16.84
N GLU A 807 -9.79 56.40 16.72
CA GLU A 807 -8.91 56.52 17.89
C GLU A 807 -8.46 57.98 17.97
N CYS A 808 -8.89 58.77 17.00
CA CYS A 808 -8.53 60.17 16.91
C CYS A 808 -9.27 61.13 17.85
N LEU A 809 -9.79 60.59 18.95
CA LEU A 809 -10.51 61.40 19.94
C LEU A 809 -10.33 60.77 21.31
N GLN A 810 -10.17 61.60 22.34
CA GLN A 810 -10.04 61.06 23.69
C GLN A 810 -11.42 60.49 24.01
N PRO A 811 -11.49 59.33 24.69
CA PRO A 811 -12.81 58.78 25.02
C PRO A 811 -13.66 59.83 25.71
N GLY A 812 -14.92 59.95 25.30
CA GLY A 812 -15.81 60.93 25.91
C GLY A 812 -16.01 62.15 25.02
N THR A 813 -15.22 62.23 23.96
CA THR A 813 -15.30 63.35 23.02
C THR A 813 -15.79 62.86 21.66
N VAL A 814 -16.72 63.61 21.06
CA VAL A 814 -17.24 63.25 19.75
C VAL A 814 -16.99 64.43 18.82
N HIS A 815 -16.87 64.14 17.53
CA HIS A 815 -16.57 65.15 16.54
C HIS A 815 -17.43 65.06 15.28
N SER A 816 -17.91 66.20 14.81
CA SER A 816 -18.73 66.25 13.60
C SER A 816 -18.69 67.67 13.04
N TYR A 817 -18.18 67.81 11.81
CA TYR A 817 -18.09 69.12 11.20
C TYR A 817 -19.43 69.84 11.12
N GLU A 818 -19.37 71.17 11.11
CA GLU A 818 -20.56 71.99 11.01
C GLU A 818 -20.73 72.32 9.53
N SER A 819 -21.64 73.24 9.25
CA SER A 819 -21.89 73.72 7.89
C SER A 819 -22.58 72.80 6.90
N CYS A 820 -23.30 71.80 7.40
CA CYS A 820 -24.03 70.89 6.52
C CYS A 820 -24.96 71.77 5.67
N ALA A 821 -25.03 71.53 4.36
CA ALA A 821 -25.87 72.33 3.47
C ALA A 821 -27.27 71.76 3.33
N VAL A 822 -27.47 70.56 3.85
CA VAL A 822 -28.76 69.90 3.74
C VAL A 822 -29.60 69.90 5.00
N TYR A 823 -30.82 70.41 4.89
CA TYR A 823 -31.73 70.39 6.01
C TYR A 823 -32.85 69.46 5.56
N ASP A 824 -32.92 68.30 6.18
CA ASP A 824 -33.90 67.30 5.80
C ASP A 824 -34.57 66.67 7.03
N PRO A 825 -35.57 67.37 7.60
CA PRO A 825 -36.33 66.95 8.78
C PRO A 825 -37.12 65.68 8.51
N LEU A 826 -37.18 64.80 9.51
CA LEU A 826 -37.91 63.55 9.38
C LEU A 826 -39.39 63.80 9.66
N GLY A 827 -39.68 64.92 10.31
CA GLY A 827 -41.04 65.28 10.64
C GLY A 827 -41.26 66.76 10.35
N THR A 828 -41.99 67.43 11.23
CA THR A 828 -42.27 68.85 11.06
C THR A 828 -40.96 69.66 11.13
N ALA A 829 -40.80 70.60 10.22
CA ALA A 829 -39.61 71.44 10.19
C ALA A 829 -39.43 72.16 11.52
N GLY A 830 -38.22 72.12 12.04
CA GLY A 830 -37.91 72.77 13.31
C GLY A 830 -38.41 72.06 14.55
N LYS A 831 -39.13 70.96 14.39
CA LYS A 831 -39.67 70.22 15.53
C LYS A 831 -39.33 68.74 15.56
N SER A 832 -38.53 68.29 14.59
CA SER A 832 -38.18 66.87 14.52
C SER A 832 -36.70 66.64 14.22
N ALA A 833 -36.30 65.37 14.27
CA ALA A 833 -34.92 64.99 14.00
C ALA A 833 -34.57 65.29 12.54
N ASP A 834 -33.35 65.72 12.32
CA ASP A 834 -32.88 66.01 10.98
C ASP A 834 -31.90 64.93 10.57
N ARG A 835 -31.97 64.50 9.31
CA ARG A 835 -31.04 63.49 8.84
C ARG A 835 -30.11 64.10 7.80
N GLY A 836 -30.27 65.39 7.56
CA GLY A 836 -29.42 66.09 6.61
C GLY A 836 -28.01 66.16 7.17
N GLY A 837 -27.91 66.36 8.48
CA GLY A 837 -26.63 66.43 9.14
C GLY A 837 -26.32 67.78 9.79
N CYS A 838 -27.35 68.57 10.07
CA CYS A 838 -27.17 69.89 10.68
C CYS A 838 -26.84 69.83 12.16
N ILE A 839 -25.58 69.53 12.45
CA ILE A 839 -25.07 69.44 13.81
C ILE A 839 -25.34 70.70 14.64
N ASN A 840 -25.42 71.86 13.99
CA ASN A 840 -25.66 73.10 14.73
C ASN A 840 -27.05 73.18 15.35
N ILE A 841 -27.83 72.13 15.15
CA ILE A 841 -29.15 72.05 15.75
C ILE A 841 -28.89 71.77 17.23
N LEU A 842 -27.75 71.14 17.51
CA LEU A 842 -27.38 70.76 18.87
C LEU A 842 -26.48 71.71 19.64
N THR A 843 -25.96 72.74 18.99
CA THR A 843 -25.05 73.66 19.67
C THR A 843 -25.76 74.73 20.49
N PRO A 844 -25.14 75.18 21.59
CA PRO A 844 -25.74 76.19 22.46
C PRO A 844 -25.89 77.59 21.84
N ASP A 845 -27.06 78.18 22.00
CA ASP A 845 -27.30 79.52 21.48
C ASP A 845 -27.00 80.59 22.54
N ARG A 846 -26.69 80.15 23.75
CA ARG A 846 -26.33 81.08 24.81
C ARG A 846 -25.06 81.82 24.36
N TYR A 847 -25.00 83.13 24.61
CA TYR A 847 -23.84 83.94 24.25
C TYR A 847 -22.60 83.52 25.05
N ILE A 848 -21.41 83.72 24.48
CA ILE A 848 -20.18 83.34 25.18
C ILE A 848 -20.22 83.89 26.61
N SER A 849 -20.60 85.16 26.76
CA SER A 849 -20.75 85.75 28.09
C SER A 849 -21.97 86.68 28.03
N LYS A 850 -22.31 87.29 29.17
CA LYS A 850 -23.47 88.19 29.20
C LYS A 850 -23.36 89.33 28.19
N TYR A 851 -22.17 89.92 28.06
CA TYR A 851 -21.98 91.02 27.11
C TYR A 851 -21.12 90.67 25.90
N ALA A 852 -20.45 89.52 25.94
CA ALA A 852 -19.66 89.07 24.81
C ALA A 852 -20.68 88.32 23.98
N CYS A 853 -21.32 89.04 23.07
CA CYS A 853 -22.38 88.47 22.23
C CYS A 853 -21.92 87.71 21.00
N GLY A 854 -21.10 86.68 21.22
CA GLY A 854 -20.59 85.85 20.14
C GLY A 854 -21.06 84.41 20.31
N MET A 855 -20.84 83.59 19.28
CA MET A 855 -21.26 82.19 19.32
C MET A 855 -20.27 81.28 20.06
N ALA A 856 -20.80 80.32 20.82
CA ALA A 856 -20.00 79.39 21.61
C ALA A 856 -20.20 77.94 21.15
N ASN A 857 -20.40 77.77 19.85
CA ASN A 857 -20.64 76.46 19.24
C ASN A 857 -19.77 75.26 19.59
N ASN A 858 -18.45 75.44 19.54
CA ASN A 858 -17.55 74.31 19.76
C ASN A 858 -17.47 73.62 21.12
N THR A 859 -18.40 73.95 22.01
CA THR A 859 -18.52 73.27 23.30
C THR A 859 -20.00 72.96 23.39
N ALA A 860 -20.36 71.72 23.09
CA ALA A 860 -21.74 71.28 23.15
C ALA A 860 -21.79 69.89 23.76
N LEU A 861 -22.71 69.68 24.69
CA LEU A 861 -22.86 68.38 25.33
C LEU A 861 -23.96 67.62 24.62
N VAL A 862 -23.71 66.35 24.31
CA VAL A 862 -24.70 65.53 23.64
C VAL A 862 -24.63 64.10 24.15
N GLU A 863 -25.58 63.29 23.70
CA GLU A 863 -25.62 61.88 24.02
C GLU A 863 -25.90 61.28 22.66
N ILE A 864 -25.42 60.06 22.42
CA ILE A 864 -25.67 59.42 21.12
C ILE A 864 -26.09 57.98 21.39
N GLU A 865 -26.78 57.39 20.42
CA GLU A 865 -27.27 56.02 20.52
C GLU A 865 -27.60 55.53 19.10
N LYS A 866 -27.76 54.22 18.95
CA LYS A 866 -28.12 53.68 17.65
C LYS A 866 -29.51 54.19 17.36
N TRP A 867 -29.74 54.67 16.16
CA TRP A 867 -31.05 55.19 15.81
C TRP A 867 -32.09 54.10 15.66
N ASP A 868 -33.21 54.26 16.35
CA ASP A 868 -34.29 53.29 16.31
C ASP A 868 -35.27 53.55 15.18
N GLY A 869 -35.01 54.58 14.38
CA GLY A 869 -35.87 54.88 13.25
C GLY A 869 -36.95 55.92 13.48
N ASP A 870 -37.16 56.34 14.73
CA ASP A 870 -38.18 57.33 15.04
C ASP A 870 -37.80 58.71 14.50
N LYS A 871 -38.79 59.58 14.31
CA LYS A 871 -38.56 60.93 13.79
C LYS A 871 -38.37 61.95 14.90
N TYR A 872 -38.66 61.54 16.13
CA TYR A 872 -38.52 62.39 17.29
C TYR A 872 -39.11 63.80 17.13
N GLU A 873 -40.44 63.86 16.97
CA GLU A 873 -41.12 65.14 16.83
C GLU A 873 -41.46 65.59 18.24
N ILE A 874 -40.46 66.13 18.93
CA ILE A 874 -40.61 66.57 20.31
C ILE A 874 -40.00 67.94 20.58
N TYR A 875 -39.50 68.60 19.53
CA TYR A 875 -38.87 69.91 19.71
C TYR A 875 -39.76 71.05 19.23
N MET B 1 11.64 52.50 -26.56
CA MET B 1 10.20 52.35 -26.21
C MET B 1 10.01 52.76 -24.74
N GLU B 2 9.93 54.07 -24.53
CA GLU B 2 9.76 54.64 -23.21
C GLU B 2 8.37 54.36 -22.63
N GLN B 3 8.30 54.09 -21.33
CA GLN B 3 7.03 53.79 -20.68
C GLN B 3 6.67 54.76 -19.56
N TYR B 4 5.40 54.76 -19.18
CA TYR B 4 4.91 55.62 -18.10
C TYR B 4 5.01 54.89 -16.76
N TYR B 5 5.28 55.65 -15.70
CA TYR B 5 5.36 55.10 -14.36
C TYR B 5 4.87 56.17 -13.39
N MET B 6 4.35 55.73 -12.25
CA MET B 6 3.86 56.65 -11.25
C MET B 6 4.38 56.23 -9.89
N VAL B 7 4.85 57.19 -9.10
CA VAL B 7 5.35 56.91 -7.77
C VAL B 7 4.51 57.70 -6.77
N ILE B 8 3.94 56.99 -5.80
CA ILE B 8 3.08 57.60 -4.80
C ILE B 8 3.69 57.52 -3.40
N ASP B 9 3.89 58.67 -2.77
CA ASP B 9 4.47 58.69 -1.42
C ASP B 9 3.38 58.68 -0.36
N VAL B 10 3.21 57.53 0.27
CA VAL B 10 2.18 57.35 1.31
C VAL B 10 2.34 58.31 2.48
N ALA B 11 3.58 58.56 2.89
CA ALA B 11 3.85 59.45 4.01
C ALA B 11 3.37 60.87 3.75
N LYS B 12 3.10 61.20 2.50
CA LYS B 12 2.65 62.53 2.16
C LYS B 12 1.14 62.67 1.88
N CYS B 13 0.39 61.56 1.89
CA CYS B 13 -1.06 61.65 1.62
C CYS B 13 -1.76 62.24 2.82
N GLN B 14 -2.67 63.17 2.58
CA GLN B 14 -3.44 63.74 3.68
C GLN B 14 -4.93 63.45 3.45
N ASP B 15 -5.24 62.76 2.35
CA ASP B 15 -6.64 62.40 2.06
C ASP B 15 -7.56 63.61 1.81
N CYS B 16 -7.07 64.66 1.15
CA CYS B 16 -7.90 65.84 0.84
C CYS B 16 -8.84 65.48 -0.29
N ASN B 17 -8.52 64.39 -0.99
CA ASN B 17 -9.31 63.92 -2.12
C ASN B 17 -9.27 64.80 -3.37
N ASN B 18 -8.23 65.62 -3.51
CA ASN B 18 -8.09 66.46 -4.71
C ASN B 18 -8.00 65.57 -5.97
N CYS B 19 -7.41 64.37 -5.85
CA CYS B 19 -7.27 63.39 -6.98
C CYS B 19 -8.62 63.02 -7.49
N PHE B 20 -9.27 62.31 -6.58
CA PHE B 20 -10.58 61.76 -6.77
C PHE B 20 -11.47 62.79 -7.40
N MET B 21 -11.47 63.99 -6.84
CA MET B 21 -12.31 65.05 -7.38
C MET B 21 -11.82 65.37 -8.80
N GLY B 22 -10.53 65.22 -9.02
CA GLY B 22 -9.98 65.44 -10.35
C GLY B 22 -10.49 64.42 -11.36
N CYS B 23 -10.59 63.12 -11.01
CA CYS B 23 -11.11 62.13 -12.01
C CYS B 23 -12.48 62.49 -12.40
N MET B 24 -13.31 62.62 -11.36
CA MET B 24 -14.71 62.92 -11.53
C MET B 24 -14.86 64.15 -12.39
N ASP B 25 -14.04 65.17 -12.11
CA ASP B 25 -14.08 66.40 -12.90
C ASP B 25 -13.79 66.06 -14.36
N GLU B 26 -12.85 65.16 -14.58
CA GLU B 26 -12.44 64.79 -15.92
C GLU B 26 -13.35 63.78 -16.62
N HIS B 27 -13.94 62.87 -15.84
CA HIS B 27 -14.73 61.78 -16.41
C HIS B 27 -16.23 61.67 -16.14
N GLU B 28 -16.74 62.27 -15.08
CA GLU B 28 -18.16 62.13 -14.76
C GLU B 28 -19.11 62.77 -15.78
N LEU B 29 -18.79 63.98 -16.23
CA LEU B 29 -19.64 64.69 -17.20
C LEU B 29 -19.10 64.70 -18.62
N ASN B 30 -17.93 64.10 -18.83
CA ASN B 30 -17.34 64.06 -20.16
C ASN B 30 -17.23 62.63 -20.67
N GLU B 31 -17.28 62.50 -21.99
CA GLU B 31 -17.13 61.21 -22.65
C GLU B 31 -15.89 61.35 -23.52
N TRP B 32 -15.02 60.34 -23.51
CA TRP B 32 -13.81 60.41 -24.30
C TRP B 32 -13.76 59.26 -25.31
N PRO B 33 -14.30 59.48 -26.51
CA PRO B 33 -14.33 58.46 -27.58
C PRO B 33 -12.99 57.76 -27.76
N GLY B 34 -13.02 56.43 -27.67
CA GLY B 34 -11.81 55.65 -27.83
C GLY B 34 -11.16 55.27 -26.52
N TYR B 35 -11.52 55.96 -25.44
CA TYR B 35 -10.94 55.68 -24.14
C TYR B 35 -11.94 55.22 -23.09
N THR B 36 -13.00 56.00 -22.88
CA THR B 36 -13.99 55.62 -21.87
C THR B 36 -15.25 56.45 -21.99
N ALA B 37 -16.37 55.88 -21.56
CA ALA B 37 -17.64 56.58 -21.55
C ALA B 37 -17.57 57.38 -20.25
N SER B 38 -18.62 58.12 -19.92
CA SER B 38 -18.60 58.90 -18.69
C SER B 38 -18.58 57.98 -17.47
N MET B 39 -17.94 58.45 -16.42
CA MET B 39 -17.82 57.70 -15.16
C MET B 39 -19.16 57.67 -14.43
N GLN B 40 -19.36 56.61 -13.64
CA GLN B 40 -20.58 56.48 -12.85
C GLN B 40 -20.34 57.04 -11.46
N ARG B 41 -21.25 57.90 -10.99
CA ARG B 41 -21.13 58.48 -9.67
C ARG B 41 -21.04 57.35 -8.64
N GLY B 42 -20.02 57.41 -7.79
CA GLY B 42 -19.85 56.37 -6.79
C GLY B 42 -18.67 55.46 -7.08
N HIS B 43 -18.24 55.43 -8.34
CA HIS B 43 -17.10 54.60 -8.71
C HIS B 43 -15.84 55.21 -8.11
N ARG B 44 -14.82 54.39 -7.92
CA ARG B 44 -13.57 54.89 -7.37
C ARG B 44 -12.38 54.44 -8.22
N TRP B 45 -12.28 54.98 -9.43
CA TRP B 45 -11.16 54.64 -10.32
C TRP B 45 -9.91 54.94 -9.51
N MET B 46 -9.99 56.03 -8.74
CA MET B 46 -8.93 56.43 -7.83
C MET B 46 -9.57 56.13 -6.48
N ASN B 47 -9.06 55.13 -5.78
CA ASN B 47 -9.62 54.72 -4.50
C ASN B 47 -8.60 54.98 -3.39
N ILE B 48 -8.84 56.01 -2.59
CA ILE B 48 -7.92 56.36 -1.50
C ILE B 48 -8.22 55.54 -0.25
N GLU B 49 -7.40 54.51 -0.02
CA GLU B 49 -7.57 53.64 1.13
C GLU B 49 -7.11 54.32 2.41
N ARG B 50 -7.86 54.12 3.48
CA ARG B 50 -7.58 54.72 4.78
C ARG B 50 -7.30 53.64 5.80
N ARG B 51 -6.26 53.82 6.61
CA ARG B 51 -5.96 52.83 7.63
C ARG B 51 -5.45 53.41 8.93
N GLU B 52 -6.24 53.26 10.00
CA GLU B 52 -5.82 53.74 11.31
C GLU B 52 -4.99 52.64 11.97
N ARG B 53 -4.04 53.03 12.80
CA ARG B 53 -3.20 52.06 13.49
C ARG B 53 -3.08 52.46 14.96
N GLY B 54 -2.90 51.47 15.82
CA GLY B 54 -2.75 51.74 17.23
C GLY B 54 -4.01 52.14 17.96
N THR B 55 -3.83 52.60 19.19
CA THR B 55 -4.94 53.02 20.04
C THR B 55 -4.65 54.36 20.72
N TYR B 56 -5.70 55.12 20.97
CA TYR B 56 -5.57 56.41 21.63
C TYR B 56 -4.73 56.15 22.88
N PRO B 57 -3.79 57.06 23.22
CA PRO B 57 -3.45 58.32 22.53
C PRO B 57 -2.23 58.24 21.62
N ARG B 58 -1.71 57.04 21.38
CA ARG B 58 -0.53 56.89 20.52
C ARG B 58 -0.83 56.21 19.19
N ASN B 59 -1.96 56.58 18.61
CA ASN B 59 -2.44 56.05 17.35
C ASN B 59 -2.00 56.94 16.21
N ASP B 60 -2.24 56.49 14.99
CA ASP B 60 -1.93 57.29 13.81
C ASP B 60 -2.78 56.77 12.66
N ILE B 61 -2.64 57.37 11.50
CA ILE B 61 -3.42 56.95 10.34
C ILE B 61 -2.67 57.33 9.07
N ASN B 62 -2.75 56.45 8.07
CA ASN B 62 -2.09 56.71 6.80
C ASN B 62 -3.01 56.36 5.65
N TYR B 63 -2.76 56.96 4.50
CA TYR B 63 -3.61 56.75 3.34
C TYR B 63 -2.84 56.23 2.14
N ARG B 64 -3.54 55.51 1.28
CA ARG B 64 -2.91 54.95 0.09
C ARG B 64 -3.73 55.19 -1.16
N PRO B 65 -3.41 56.24 -1.93
CA PRO B 65 -4.18 56.48 -3.15
C PRO B 65 -3.98 55.22 -3.99
N THR B 66 -5.06 54.65 -4.52
CA THR B 66 -4.97 53.43 -5.31
C THR B 66 -5.70 53.48 -6.65
N PRO B 67 -4.96 53.76 -7.73
CA PRO B 67 -5.55 53.82 -9.08
C PRO B 67 -5.31 52.46 -9.73
N CYS B 68 -5.38 52.42 -11.05
CA CYS B 68 -5.11 51.17 -11.77
C CYS B 68 -3.61 50.97 -11.64
N MET B 69 -3.16 49.72 -11.46
CA MET B 69 -1.73 49.45 -11.38
C MET B 69 -1.09 49.38 -12.77
N HIS B 70 -1.93 49.29 -13.81
CA HIS B 70 -1.47 49.18 -15.19
C HIS B 70 -0.27 48.24 -15.21
N CYS B 71 -0.39 47.11 -14.53
CA CYS B 71 0.71 46.17 -14.43
C CYS B 71 1.22 45.63 -15.78
N GLU B 72 2.52 45.36 -15.82
CA GLU B 72 3.19 44.89 -17.04
C GLU B 72 2.73 43.50 -17.47
N ASN B 73 2.33 42.70 -16.49
CA ASN B 73 1.87 41.33 -16.74
C ASN B 73 0.41 41.30 -16.28
N ALA B 74 -0.41 42.10 -16.94
CA ALA B 74 -1.84 42.25 -16.62
C ALA B 74 -2.76 41.07 -16.84
N PRO B 75 -3.48 40.65 -15.78
CA PRO B 75 -4.43 39.54 -15.85
C PRO B 75 -5.66 39.85 -16.71
N CYS B 76 -6.08 41.11 -16.79
CA CYS B 76 -7.26 41.45 -17.61
C CYS B 76 -7.00 41.16 -19.04
N VAL B 77 -5.85 41.64 -19.51
CA VAL B 77 -5.48 41.45 -20.90
C VAL B 77 -5.45 39.97 -21.17
N ALA B 78 -4.78 39.22 -20.30
CA ALA B 78 -4.66 37.79 -20.45
C ALA B 78 -6.02 37.09 -20.52
N LYS B 79 -6.92 37.45 -19.63
CA LYS B 79 -8.23 36.82 -19.61
C LYS B 79 -9.38 37.72 -20.01
N GLY B 80 -9.08 38.79 -20.73
CA GLY B 80 -10.12 39.71 -21.16
C GLY B 80 -10.70 39.41 -22.53
N ASN B 81 -10.16 38.39 -23.18
CA ASN B 81 -10.63 37.97 -24.49
C ASN B 81 -10.61 39.12 -25.49
N GLY B 82 -9.62 40.00 -25.36
CA GLY B 82 -9.49 41.12 -26.28
C GLY B 82 -10.26 42.38 -25.90
N ALA B 83 -11.00 42.34 -24.80
CA ALA B 83 -11.79 43.48 -24.36
C ALA B 83 -10.91 44.48 -23.60
N VAL B 84 -9.69 44.05 -23.30
CA VAL B 84 -8.72 44.86 -22.59
C VAL B 84 -7.38 44.71 -23.32
N TYR B 85 -6.68 45.81 -23.56
CA TYR B 85 -5.40 45.75 -24.25
C TYR B 85 -4.31 46.57 -23.55
N GLN B 86 -3.07 46.27 -23.90
CA GLN B 86 -1.92 46.94 -23.32
C GLN B 86 -1.17 47.73 -24.39
N ARG B 87 -0.94 49.02 -24.14
CA ARG B 87 -0.24 49.85 -25.09
C ARG B 87 1.27 49.72 -24.89
N GLU B 88 2.04 50.14 -25.88
CA GLU B 88 3.49 50.07 -25.80
C GLU B 88 4.06 50.93 -24.67
N ASP B 89 3.39 52.03 -24.37
CA ASP B 89 3.85 52.93 -23.32
C ASP B 89 3.47 52.41 -21.93
N GLY B 90 2.90 51.20 -21.88
CA GLY B 90 2.55 50.59 -20.62
C GLY B 90 1.11 50.76 -20.13
N ILE B 91 0.40 51.73 -20.68
CA ILE B 91 -0.97 51.96 -20.25
C ILE B 91 -1.88 50.79 -20.63
N VAL B 92 -2.66 50.32 -19.66
CA VAL B 92 -3.59 49.22 -19.87
C VAL B 92 -4.98 49.85 -19.97
N LEU B 93 -5.66 49.62 -21.10
CA LEU B 93 -6.98 50.19 -21.32
C LEU B 93 -8.07 49.18 -21.67
N ILE B 94 -9.27 49.43 -21.15
CA ILE B 94 -10.42 48.60 -21.44
C ILE B 94 -10.99 49.15 -22.75
N ASP B 95 -11.38 48.29 -23.68
CA ASP B 95 -11.98 48.76 -24.93
C ASP B 95 -13.42 49.10 -24.56
N PRO B 96 -13.76 50.40 -24.53
CA PRO B 96 -15.09 50.90 -24.18
C PRO B 96 -16.26 50.20 -24.88
N GLU B 97 -16.06 49.76 -26.12
CA GLU B 97 -17.13 49.10 -26.85
C GLU B 97 -17.09 47.58 -26.74
N LYS B 98 -15.92 46.98 -26.93
CA LYS B 98 -15.82 45.52 -26.82
C LYS B 98 -16.15 45.02 -25.42
N ALA B 99 -15.95 45.86 -24.41
CA ALA B 99 -16.21 45.44 -23.04
C ALA B 99 -17.68 45.46 -22.63
N LYS B 100 -18.52 46.18 -23.39
CA LYS B 100 -19.94 46.27 -23.06
C LYS B 100 -20.61 44.92 -22.84
N GLY B 101 -21.41 44.84 -21.79
CA GLY B 101 -22.12 43.62 -21.46
C GLY B 101 -21.32 42.52 -20.79
N LYS B 102 -20.09 42.82 -20.37
CA LYS B 102 -19.26 41.80 -19.74
C LYS B 102 -18.83 42.09 -18.30
N LYS B 103 -19.71 41.80 -17.36
CA LYS B 103 -19.43 42.03 -15.94
C LYS B 103 -18.30 41.14 -15.44
N GLU B 104 -18.08 40.03 -16.14
CA GLU B 104 -17.03 39.07 -15.78
C GLU B 104 -15.65 39.72 -15.71
N LEU B 105 -15.45 40.77 -16.51
CA LEU B 105 -14.17 41.46 -16.54
C LEU B 105 -13.71 41.92 -15.16
N LEU B 106 -14.65 42.36 -14.33
CA LEU B 106 -14.32 42.84 -13.00
C LEU B 106 -13.53 41.81 -12.19
N ASP B 107 -13.87 40.54 -12.37
CA ASP B 107 -13.22 39.46 -11.63
C ASP B 107 -11.82 39.05 -12.11
N THR B 108 -11.39 39.60 -13.24
CA THR B 108 -10.07 39.27 -13.74
C THR B 108 -9.05 40.16 -13.03
N CYS B 109 -9.52 40.99 -12.11
CA CYS B 109 -8.65 41.91 -11.38
C CYS B 109 -8.28 41.49 -9.99
N PRO B 110 -7.00 41.23 -9.74
CA PRO B 110 -6.61 40.83 -8.39
C PRO B 110 -6.72 42.07 -7.47
N TYR B 111 -6.59 43.24 -8.06
CA TYR B 111 -6.65 44.49 -7.29
C TYR B 111 -8.04 45.09 -7.11
N GLY B 112 -9.00 44.63 -7.91
CA GLY B 112 -10.36 45.13 -7.82
C GLY B 112 -10.49 46.62 -8.12
N VAL B 113 -9.77 47.08 -9.14
CA VAL B 113 -9.82 48.49 -9.50
C VAL B 113 -10.89 48.84 -10.52
N MET B 114 -11.53 47.85 -11.13
CA MET B 114 -12.57 48.18 -12.09
C MET B 114 -13.96 48.14 -11.48
N TYR B 115 -14.82 49.01 -11.99
CA TYR B 115 -16.19 49.13 -11.51
C TYR B 115 -17.19 48.98 -12.64
N TRP B 116 -18.35 48.43 -12.33
CA TRP B 116 -19.39 48.24 -13.32
C TRP B 116 -20.28 49.47 -13.43
N ASN B 117 -20.37 50.01 -14.64
CA ASN B 117 -21.21 51.17 -14.90
C ASN B 117 -22.56 50.66 -15.37
N GLU B 118 -23.59 50.85 -14.54
CA GLU B 118 -24.95 50.40 -14.84
C GLU B 118 -25.56 51.00 -16.09
N GLU B 119 -25.43 52.32 -16.25
CA GLU B 119 -25.99 53.01 -17.40
C GLU B 119 -25.35 52.58 -18.72
N GLU B 120 -24.03 52.42 -18.72
CA GLU B 120 -23.30 52.03 -19.92
C GLU B 120 -23.15 50.51 -20.04
N ASN B 121 -23.47 49.78 -18.98
CA ASN B 121 -23.35 48.33 -18.97
C ASN B 121 -21.94 47.94 -19.44
N VAL B 122 -20.93 48.42 -18.72
CA VAL B 122 -19.56 48.12 -19.08
C VAL B 122 -18.63 48.34 -17.89
N ALA B 123 -17.53 47.59 -17.86
CA ALA B 123 -16.57 47.76 -16.79
C ALA B 123 -15.78 49.03 -17.07
N GLN B 124 -15.41 49.75 -16.03
CA GLN B 124 -14.63 50.98 -16.18
C GLN B 124 -13.58 51.05 -15.09
N LYS B 125 -12.52 51.80 -15.37
CA LYS B 125 -11.46 51.97 -14.41
C LYS B 125 -10.42 52.94 -14.91
N CYS B 126 -9.36 53.07 -14.13
CA CYS B 126 -8.24 53.94 -14.48
C CYS B 126 -7.79 53.87 -15.93
N THR B 127 -7.65 55.01 -16.57
CA THR B 127 -7.16 55.04 -17.94
C THR B 127 -5.82 55.78 -17.95
N MET B 128 -5.44 56.27 -16.77
CA MET B 128 -4.22 57.06 -16.56
C MET B 128 -4.37 58.28 -17.47
N CYS B 129 -5.62 58.80 -17.57
CA CYS B 129 -5.99 59.91 -18.48
C CYS B 129 -5.19 59.86 -19.76
N ALA B 130 -5.22 58.69 -20.38
CA ALA B 130 -4.51 58.48 -21.63
C ALA B 130 -4.96 59.51 -22.66
N HIS B 131 -6.22 59.92 -22.59
CA HIS B 131 -6.71 60.90 -23.55
C HIS B 131 -5.97 62.22 -23.37
N LEU B 132 -5.53 62.50 -22.16
CA LEU B 132 -4.79 63.74 -21.90
C LEU B 132 -3.32 63.56 -22.27
N LEU B 133 -2.77 62.39 -21.93
CA LEU B 133 -1.38 62.09 -22.24
C LEU B 133 -1.14 62.03 -23.75
N ASP B 134 -2.18 61.67 -24.50
CA ASP B 134 -2.05 61.58 -25.95
C ASP B 134 -2.31 62.91 -26.65
N ASP B 135 -2.50 63.97 -25.89
CA ASP B 135 -2.75 65.29 -26.49
C ASP B 135 -1.69 66.30 -26.06
N GLU B 136 -0.90 66.77 -27.02
CA GLU B 136 0.14 67.76 -26.74
C GLU B 136 -0.41 69.02 -26.10
N SER B 137 -1.66 69.35 -26.41
CA SER B 137 -2.31 70.54 -25.88
C SER B 137 -2.40 70.54 -24.35
N TRP B 138 -2.41 69.34 -23.75
CA TRP B 138 -2.47 69.21 -22.30
C TRP B 138 -1.05 69.48 -21.79
N ALA B 139 -0.75 70.76 -21.56
CA ALA B 139 0.57 71.19 -21.10
C ALA B 139 1.18 70.47 -19.90
N PRO B 140 0.38 70.18 -18.87
CA PRO B 140 0.92 69.49 -17.70
C PRO B 140 1.56 68.12 -17.99
N LYS B 141 1.16 67.49 -19.08
CA LYS B 141 1.69 66.18 -19.46
C LYS B 141 1.65 65.15 -18.33
N MET B 142 0.62 65.21 -17.51
CA MET B 142 0.45 64.27 -16.42
C MET B 142 -1.04 64.11 -16.16
N PRO B 143 -1.43 63.02 -15.47
CA PRO B 143 -2.85 62.74 -15.16
C PRO B 143 -3.46 63.79 -14.21
N ARG B 144 -4.79 63.79 -14.09
CA ARG B 144 -5.45 64.75 -13.21
C ARG B 144 -5.08 64.57 -11.72
N CYS B 145 -4.87 63.32 -11.26
CA CYS B 145 -4.47 63.06 -9.85
C CYS B 145 -3.29 63.91 -9.50
N ALA B 146 -2.21 63.53 -10.18
CA ALA B 146 -0.90 64.11 -10.04
C ALA B 146 -0.94 65.61 -10.15
N HIS B 147 -1.74 66.11 -11.09
CA HIS B 147 -1.83 67.55 -11.28
C HIS B 147 -2.63 68.25 -10.19
N ASN B 148 -3.68 67.61 -9.70
CA ASN B 148 -4.52 68.20 -8.66
C ASN B 148 -3.90 68.11 -7.25
N CYS B 149 -2.91 67.23 -7.04
CA CYS B 149 -2.28 67.14 -5.70
C CYS B 149 -1.74 68.46 -5.26
N GLY B 150 -1.95 68.78 -3.99
CA GLY B 150 -1.38 69.99 -3.44
C GLY B 150 -0.38 69.54 -2.39
N SER B 151 -0.19 68.22 -2.28
CA SER B 151 0.71 67.64 -1.28
C SER B 151 1.97 66.94 -1.75
N PHE B 152 2.32 67.10 -3.02
CA PHE B 152 3.53 66.50 -3.57
C PHE B 152 3.63 65.00 -3.38
N VAL B 153 2.49 64.32 -3.48
CA VAL B 153 2.44 62.88 -3.31
C VAL B 153 2.87 62.13 -4.58
N TYR B 154 2.49 62.67 -5.73
CA TYR B 154 2.78 62.04 -7.01
C TYR B 154 4.03 62.43 -7.77
N GLU B 155 4.64 61.42 -8.38
CA GLU B 155 5.82 61.60 -9.21
C GLU B 155 5.46 60.84 -10.49
N PHE B 156 5.07 61.57 -11.53
CA PHE B 156 4.69 60.95 -12.78
C PHE B 156 5.84 61.05 -13.78
N LEU B 157 6.24 59.93 -14.34
CA LEU B 157 7.34 59.95 -15.29
C LEU B 157 7.21 59.01 -16.47
N LYS B 158 7.96 59.32 -17.51
CA LYS B 158 8.00 58.51 -18.71
C LYS B 158 9.48 58.27 -18.94
N THR B 159 9.91 57.04 -18.73
CA THR B 159 11.32 56.70 -18.88
C THR B 159 11.50 55.24 -19.30
N THR B 160 12.76 54.80 -19.30
CA THR B 160 13.06 53.43 -19.68
C THR B 160 12.95 52.52 -18.46
N PRO B 161 12.70 51.22 -18.69
CA PRO B 161 12.58 50.25 -17.60
C PRO B 161 13.82 50.26 -16.72
N GLU B 162 14.99 50.39 -17.36
CA GLU B 162 16.26 50.42 -16.65
C GLU B 162 16.31 51.60 -15.70
N ALA B 163 15.94 52.77 -16.19
CA ALA B 163 15.95 53.98 -15.37
C ALA B 163 15.00 53.83 -14.19
N MET B 164 13.82 53.27 -14.44
CA MET B 164 12.84 53.07 -13.39
C MET B 164 13.35 52.04 -12.37
N ALA B 165 13.95 50.96 -12.88
CA ALA B 165 14.50 49.93 -12.02
C ALA B 165 15.52 50.54 -11.06
N LYS B 166 16.37 51.42 -11.59
CA LYS B 166 17.39 52.08 -10.78
C LYS B 166 16.74 52.92 -9.68
N LYS B 167 15.68 53.64 -10.04
CA LYS B 167 14.97 54.50 -9.11
C LYS B 167 14.35 53.65 -7.99
N VAL B 168 13.80 52.50 -8.36
CA VAL B 168 13.18 51.61 -7.39
C VAL B 168 14.14 51.21 -6.28
N GLU B 169 15.34 50.81 -6.67
CA GLU B 169 16.35 50.38 -5.71
C GLU B 169 16.88 51.50 -4.81
N GLU B 170 17.09 52.68 -5.38
CA GLU B 170 17.60 53.82 -4.62
C GLU B 170 16.59 54.34 -3.61
N GLU B 171 15.33 54.38 -4.00
CA GLU B 171 14.28 54.89 -3.12
C GLU B 171 13.54 53.82 -2.33
N GLY B 172 13.83 52.56 -2.62
CA GLY B 172 13.18 51.47 -1.93
C GLY B 172 11.69 51.45 -2.21
N LEU B 173 11.33 51.70 -3.46
CA LEU B 173 9.93 51.70 -3.87
C LEU B 173 9.35 50.30 -3.86
N GLU B 174 8.07 50.19 -3.55
CA GLU B 174 7.40 48.90 -3.49
C GLU B 174 6.06 48.93 -4.22
N VAL B 175 5.53 47.75 -4.53
CA VAL B 175 4.24 47.64 -5.19
C VAL B 175 3.31 46.86 -4.28
N ILE B 176 2.02 46.91 -4.58
CA ILE B 176 1.03 46.18 -3.82
C ILE B 176 0.97 44.76 -4.35
N LYS B 177 0.84 43.78 -3.46
CA LYS B 177 0.76 42.37 -3.82
C LYS B 177 1.80 41.91 -4.83
N PRO B 178 3.09 42.04 -4.47
CA PRO B 178 4.18 41.64 -5.36
C PRO B 178 4.11 40.15 -5.71
N GLU B 179 3.75 39.34 -4.72
CA GLU B 179 3.66 37.89 -4.87
C GLU B 179 2.80 37.42 -6.05
N LEU B 180 1.93 38.28 -6.56
CA LEU B 180 1.06 37.89 -7.67
C LEU B 180 1.78 37.93 -9.02
N GLY B 181 2.86 38.71 -9.10
CA GLY B 181 3.63 38.79 -10.33
C GLY B 181 3.05 39.59 -11.48
N THR B 182 2.08 40.47 -11.21
CA THR B 182 1.48 41.26 -12.27
C THR B 182 2.39 42.42 -12.65
N LYS B 183 3.36 42.71 -11.78
CA LYS B 183 4.32 43.79 -12.01
C LYS B 183 3.71 45.17 -12.26
N PRO B 184 3.14 45.77 -11.21
CA PRO B 184 2.53 47.11 -11.31
C PRO B 184 3.56 48.13 -11.78
N ARG B 185 3.10 49.20 -12.42
CA ARG B 185 4.00 50.26 -12.84
C ARG B 185 3.71 51.47 -11.95
N VAL B 186 2.87 51.25 -10.95
CA VAL B 186 2.53 52.29 -9.98
C VAL B 186 3.26 51.83 -8.73
N TYR B 187 4.23 52.64 -8.28
CA TYR B 187 5.01 52.29 -7.09
C TYR B 187 4.69 53.16 -5.89
N TYR B 188 4.98 52.63 -4.71
CA TYR B 188 4.71 53.34 -3.47
C TYR B 188 5.97 53.55 -2.64
N LYS B 189 6.10 54.76 -2.12
CA LYS B 189 7.21 55.15 -1.29
C LYS B 189 6.67 55.19 0.13
N ASN B 190 7.44 54.68 1.09
CA ASN B 190 7.02 54.64 2.49
C ASN B 190 5.75 53.82 2.69
N LEU B 191 5.62 52.75 1.91
CA LEU B 191 4.46 51.88 1.98
C LEU B 191 4.29 51.21 3.35
N TYR B 192 5.37 51.10 4.11
CA TYR B 192 5.30 50.48 5.43
C TYR B 192 4.29 51.17 6.35
N ARG B 193 4.06 52.46 6.09
CA ARG B 193 3.11 53.25 6.88
C ARG B 193 1.71 52.64 6.79
N PHE B 194 1.41 52.07 5.63
CA PHE B 194 0.10 51.47 5.38
C PHE B 194 0.03 49.96 5.59
N GLU B 195 1.07 49.25 5.17
CA GLU B 195 1.07 47.79 5.28
C GLU B 195 1.68 47.18 6.54
N LYS B 196 2.50 47.95 7.25
CA LYS B 196 3.14 47.41 8.45
C LYS B 196 2.64 47.99 9.75
N ASN B 197 3.30 47.64 10.85
CA ASN B 197 2.90 48.10 12.17
C ASN B 197 4.06 48.58 13.03
N TYR B 198 3.72 49.15 14.20
CA TYR B 198 4.72 49.67 15.10
C TYR B 198 4.40 49.39 16.55
N VAL B 199 5.36 49.69 17.42
CA VAL B 199 5.22 49.56 18.85
C VAL B 199 5.74 50.90 19.39
N THR B 200 5.07 51.45 20.39
CA THR B 200 5.47 52.74 20.92
C THR B 200 5.18 52.79 22.42
N ALA B 201 5.71 53.81 23.09
CA ALA B 201 5.51 53.96 24.52
C ALA B 201 6.09 55.28 25.01
N GLY B 202 5.79 55.60 26.27
CA GLY B 202 6.29 56.81 26.88
C GLY B 202 7.01 56.43 28.16
N ILE B 203 8.27 56.82 28.28
CA ILE B 203 9.07 56.49 29.46
C ILE B 203 9.07 57.63 30.48
N LEU B 204 8.77 57.28 31.73
CA LEU B 204 8.75 58.25 32.82
C LEU B 204 9.78 57.88 33.88
N VAL B 205 10.48 58.88 34.39
CA VAL B 205 11.46 58.71 35.44
C VAL B 205 11.10 59.71 36.53
N GLN B 206 10.79 59.21 37.71
CA GLN B 206 10.40 60.05 38.83
C GLN B 206 9.22 60.96 38.48
N GLY B 207 8.28 60.43 37.71
CA GLY B 207 7.11 61.20 37.34
C GLY B 207 7.17 62.10 36.13
N ASP B 208 8.36 62.32 35.57
CA ASP B 208 8.47 63.18 34.40
C ASP B 208 8.97 62.44 33.16
N CYS B 209 8.56 62.94 31.99
CA CYS B 209 8.97 62.33 30.72
C CYS B 209 10.49 62.34 30.66
N PHE B 210 11.07 61.19 30.36
CA PHE B 210 12.53 61.07 30.30
C PHE B 210 13.08 61.08 28.88
N GLU B 211 13.91 62.08 28.58
CA GLU B 211 14.52 62.22 27.27
C GLU B 211 15.90 61.54 27.26
N GLY B 212 16.25 60.89 26.15
CA GLY B 212 17.54 60.26 26.05
C GLY B 212 17.68 58.83 26.55
N ALA B 213 16.58 58.19 26.91
CA ALA B 213 16.65 56.81 27.36
C ALA B 213 16.97 55.97 26.13
N LYS B 214 17.81 54.95 26.29
CA LYS B 214 18.18 54.10 25.18
C LYS B 214 17.19 52.95 25.06
N VAL B 215 16.59 52.82 23.88
CA VAL B 215 15.60 51.77 23.64
C VAL B 215 16.05 50.86 22.51
N VAL B 216 15.90 49.56 22.73
CA VAL B 216 16.29 48.58 21.72
C VAL B 216 15.14 47.61 21.46
N LEU B 217 14.98 47.23 20.19
CA LEU B 217 13.95 46.29 19.80
C LEU B 217 14.66 45.04 19.31
N LYS B 218 14.31 43.89 19.89
CA LYS B 218 14.92 42.62 19.52
C LYS B 218 13.89 41.60 19.05
N SER B 219 14.27 40.81 18.06
CA SER B 219 13.42 39.75 17.54
C SER B 219 14.30 38.50 17.56
N GLY B 220 13.89 37.51 18.34
CA GLY B 220 14.65 36.28 18.42
C GLY B 220 16.00 36.48 19.12
N GLY B 221 16.14 37.59 19.84
CA GLY B 221 17.38 37.84 20.54
C GLY B 221 18.33 38.84 19.90
N LYS B 222 18.12 39.14 18.62
CA LYS B 222 18.99 40.09 17.93
C LYS B 222 18.32 41.43 17.64
N GLU B 223 19.09 42.50 17.83
CA GLU B 223 18.59 43.86 17.61
C GLU B 223 18.03 44.07 16.21
N VAL B 224 16.83 44.66 16.15
CA VAL B 224 16.16 44.93 14.89
C VAL B 224 16.02 46.44 14.69
N ALA B 225 16.19 47.18 15.78
CA ALA B 225 16.08 48.64 15.74
C ALA B 225 16.47 49.23 17.09
N SER B 226 16.76 50.52 17.11
CA SER B 226 17.14 51.19 18.33
C SER B 226 16.92 52.69 18.20
N ALA B 227 16.75 53.37 19.33
CA ALA B 227 16.52 54.81 19.30
C ALA B 227 16.61 55.34 20.72
N GLU B 228 16.57 56.67 20.84
CA GLU B 228 16.60 57.31 22.15
C GLU B 228 15.26 58.04 22.27
N THR B 229 14.70 58.07 23.48
CA THR B 229 13.40 58.73 23.68
C THR B 229 13.47 60.24 23.48
N ASN B 230 12.42 60.84 22.91
CA ASN B 230 12.39 62.29 22.69
C ASN B 230 12.00 63.00 23.99
N PHE B 231 11.76 64.30 23.93
CA PHE B 231 11.43 65.02 25.16
C PHE B 231 10.10 64.66 25.80
N PHE B 232 9.31 63.83 25.11
CA PHE B 232 8.05 63.37 25.68
C PHE B 232 8.28 61.96 26.21
N GLY B 233 9.55 61.54 26.19
CA GLY B 233 9.93 60.22 26.65
C GLY B 233 9.42 59.11 25.74
N GLU B 234 9.06 59.48 24.53
CA GLU B 234 8.53 58.50 23.59
C GLU B 234 9.49 57.99 22.55
N PHE B 235 9.17 56.81 22.03
CA PHE B 235 9.93 56.16 20.97
C PHE B 235 8.89 55.45 20.12
N LYS B 236 9.20 55.20 18.86
CA LYS B 236 8.28 54.52 17.97
C LYS B 236 9.04 53.69 16.94
N PHE B 237 8.88 52.38 16.99
CA PHE B 237 9.53 51.47 16.04
C PHE B 237 8.48 51.04 15.03
N ASP B 238 8.59 51.55 13.81
CA ASP B 238 7.65 51.25 12.72
C ASP B 238 8.20 50.21 11.74
N ALA B 239 7.42 49.93 10.69
CA ALA B 239 7.79 48.97 9.65
C ALA B 239 8.08 47.57 10.19
N LEU B 240 7.29 47.13 11.16
CA LEU B 240 7.50 45.81 11.75
C LEU B 240 6.58 44.75 11.13
N ASP B 241 7.16 43.58 10.82
CA ASP B 241 6.38 42.47 10.28
C ASP B 241 5.72 41.83 11.49
N ASN B 242 4.72 40.99 11.27
CA ASN B 242 4.06 40.34 12.39
C ASN B 242 5.03 39.37 13.07
N GLY B 243 4.84 39.18 14.37
CA GLY B 243 5.70 38.29 15.11
C GLY B 243 5.84 38.77 16.54
N GLU B 244 6.75 38.18 17.28
CA GLU B 244 6.97 38.57 18.68
C GLU B 244 8.29 39.33 18.78
N TYR B 245 8.30 40.36 19.63
CA TYR B 245 9.51 41.15 19.82
C TYR B 245 9.72 41.43 21.30
N THR B 246 10.92 41.90 21.62
CA THR B 246 11.24 42.25 22.98
C THR B 246 11.75 43.69 22.94
N VAL B 247 11.28 44.51 23.87
CA VAL B 247 11.70 45.90 23.96
C VAL B 247 12.54 46.01 25.22
N GLU B 248 13.73 46.58 25.09
CA GLU B 248 14.62 46.76 26.24
C GLU B 248 14.90 48.24 26.41
N ILE B 249 14.68 48.74 27.62
CA ILE B 249 14.88 50.15 27.91
C ILE B 249 15.88 50.38 29.03
N ASP B 250 16.76 51.36 28.82
CA ASP B 250 17.75 51.71 29.82
C ASP B 250 17.79 53.22 30.00
N ALA B 251 17.37 53.68 31.17
CA ALA B 251 17.34 55.10 31.49
C ALA B 251 17.97 55.32 32.86
N ASP B 252 18.99 56.18 32.92
CA ASP B 252 19.66 56.46 34.19
C ASP B 252 20.17 55.17 34.84
N GLY B 253 20.59 54.22 34.01
CA GLY B 253 21.09 52.97 34.55
C GLY B 253 19.98 52.03 34.96
N LYS B 254 18.74 52.51 34.88
CA LYS B 254 17.58 51.68 35.23
C LYS B 254 17.10 50.95 34.00
N SER B 255 16.86 49.65 34.14
CA SER B 255 16.43 48.84 33.02
C SER B 255 14.98 48.34 33.06
N TYR B 256 14.44 48.05 31.89
CA TYR B 256 13.08 47.57 31.73
C TYR B 256 13.00 46.80 30.42
N SER B 257 12.26 45.71 30.41
CA SER B 257 12.10 44.92 29.20
C SER B 257 10.76 44.22 29.21
N ASP B 258 10.18 44.06 28.04
CA ASP B 258 8.89 43.39 27.94
C ASP B 258 8.71 42.90 26.51
N THR B 259 7.82 41.93 26.34
CA THR B 259 7.56 41.36 25.03
C THR B 259 6.36 42.02 24.40
N VAL B 260 6.28 41.94 23.08
CA VAL B 260 5.17 42.53 22.37
C VAL B 260 4.85 41.67 21.15
N VAL B 261 3.57 41.42 20.94
CA VAL B 261 3.13 40.64 19.80
C VAL B 261 2.48 41.54 18.78
N ILE B 262 3.04 41.56 17.58
CA ILE B 262 2.50 42.36 16.49
C ILE B 262 1.72 41.40 15.58
N ASP B 263 0.42 41.60 15.48
CA ASP B 263 -0.43 40.75 14.65
C ASP B 263 -1.35 41.63 13.82
N ASP B 264 -0.78 42.23 12.78
CA ASP B 264 -1.51 43.14 11.90
C ASP B 264 -2.11 44.30 12.69
N LYS B 265 -1.50 44.58 13.84
CA LYS B 265 -1.91 45.68 14.69
C LYS B 265 -0.68 46.34 15.31
N SER B 266 -0.78 47.63 15.60
CA SER B 266 0.31 48.36 16.20
C SER B 266 0.01 48.43 17.69
N VAL B 267 1.05 48.42 18.52
CA VAL B 267 0.88 48.40 19.96
C VAL B 267 1.45 49.58 20.74
N ASP B 268 0.66 50.05 21.71
CA ASP B 268 1.06 51.14 22.59
C ASP B 268 1.22 50.52 23.96
N LEU B 269 2.45 50.51 24.47
CA LEU B 269 2.73 49.94 25.76
C LEU B 269 2.33 50.87 26.90
N GLY B 270 1.95 52.10 26.56
CA GLY B 270 1.55 53.07 27.56
C GLY B 270 2.73 53.70 28.27
N PHE B 271 2.48 54.26 29.45
CA PHE B 271 3.56 54.87 30.22
C PHE B 271 4.35 53.80 30.96
N ILE B 272 5.66 53.85 30.80
CA ILE B 272 6.56 52.92 31.46
C ILE B 272 7.23 53.72 32.57
N LYS B 273 6.81 53.46 33.80
CA LYS B 273 7.31 54.18 34.96
C LYS B 273 8.57 53.58 35.60
N LEU B 274 9.69 54.24 35.38
CA LEU B 274 10.97 53.78 35.93
C LEU B 274 11.41 54.72 37.05
N MET C 1 -60.18 -67.67 4.72
CA MET C 1 -60.87 -66.87 5.77
C MET C 1 -61.98 -67.68 6.47
N GLY C 2 -62.57 -68.65 5.77
CA GLY C 2 -63.63 -69.43 6.37
C GLY C 2 -63.69 -70.90 6.02
N GLU C 3 -64.87 -71.49 6.19
CA GLU C 3 -65.08 -72.91 5.91
C GLU C 3 -65.60 -73.15 4.50
N VAL C 4 -65.59 -74.42 4.10
CA VAL C 4 -66.07 -74.82 2.78
C VAL C 4 -67.58 -74.96 2.83
N VAL C 5 -68.27 -74.30 1.91
CA VAL C 5 -69.73 -74.38 1.85
C VAL C 5 -70.16 -75.13 0.60
N ARG C 6 -71.13 -76.03 0.75
CA ARG C 6 -71.62 -76.79 -0.39
C ARG C 6 -72.87 -76.11 -0.94
N LEU C 7 -72.74 -75.56 -2.15
CA LEU C 7 -73.86 -74.88 -2.79
C LEU C 7 -74.30 -75.71 -4.00
N THR C 8 -75.36 -75.25 -4.66
CA THR C 8 -75.88 -75.95 -5.81
C THR C 8 -75.89 -75.03 -7.02
N ASN C 9 -75.80 -75.63 -8.19
CA ASN C 9 -75.88 -74.90 -9.45
C ASN C 9 -76.06 -75.99 -10.50
N SER C 10 -76.16 -75.62 -11.76
CA SER C 10 -76.37 -76.62 -12.78
C SER C 10 -75.67 -76.25 -14.08
N SER C 11 -75.90 -77.04 -15.12
CA SER C 11 -75.25 -76.78 -16.40
C SER C 11 -75.90 -77.60 -17.52
N THR C 12 -75.40 -77.38 -18.73
CA THR C 12 -75.91 -78.12 -19.88
C THR C 12 -75.42 -79.56 -19.79
N GLY C 13 -74.66 -79.84 -18.74
CA GLY C 13 -74.14 -81.18 -18.54
C GLY C 13 -74.69 -81.83 -17.28
N GLY C 14 -75.68 -81.19 -16.66
CA GLY C 14 -76.28 -81.73 -15.46
C GLY C 14 -76.05 -80.90 -14.21
N PRO C 15 -76.87 -81.11 -13.15
CA PRO C 15 -76.76 -80.38 -11.88
C PRO C 15 -75.46 -80.74 -11.17
N VAL C 16 -75.02 -79.87 -10.27
CA VAL C 16 -73.78 -80.12 -9.54
C VAL C 16 -73.77 -79.51 -8.15
N PHE C 17 -72.95 -80.10 -7.28
CA PHE C 17 -72.77 -79.59 -5.93
C PHE C 17 -71.48 -78.80 -6.10
N VAL C 18 -71.50 -77.54 -5.66
CA VAL C 18 -70.33 -76.69 -5.78
C VAL C 18 -69.78 -76.32 -4.42
N TYR C 19 -68.56 -76.78 -4.12
CA TYR C 19 -67.94 -76.48 -2.84
C TYR C 19 -67.15 -75.19 -2.98
N VAL C 20 -67.50 -74.20 -2.16
CA VAL C 20 -66.83 -72.91 -2.22
C VAL C 20 -66.18 -72.53 -0.89
N LYS C 21 -65.02 -71.88 -0.97
CA LYS C 21 -64.29 -71.44 0.20
C LYS C 21 -63.62 -70.11 -0.08
N ASP C 22 -63.87 -69.12 0.78
CA ASP C 22 -63.30 -67.79 0.62
C ASP C 22 -63.53 -67.23 -0.77
N GLY C 23 -64.78 -67.35 -1.23
CA GLY C 23 -65.15 -66.83 -2.53
C GLY C 23 -64.56 -67.53 -3.74
N LYS C 24 -63.97 -68.71 -3.52
CA LYS C 24 -63.36 -69.46 -4.62
C LYS C 24 -63.96 -70.85 -4.75
N ILE C 25 -64.14 -71.30 -5.99
CA ILE C 25 -64.69 -72.62 -6.24
C ILE C 25 -63.60 -73.68 -6.09
N ILE C 26 -63.82 -74.62 -5.18
CA ILE C 26 -62.85 -75.68 -4.92
C ILE C 26 -63.09 -76.88 -5.83
N ARG C 27 -64.35 -77.26 -5.99
CA ARG C 27 -64.69 -78.40 -6.86
C ARG C 27 -66.17 -78.39 -7.22
N MET C 28 -66.52 -79.20 -8.22
CA MET C 28 -67.90 -79.36 -8.68
C MET C 28 -68.07 -80.86 -8.88
N THR C 29 -69.15 -81.42 -8.34
CA THR C 29 -69.39 -82.85 -8.43
C THR C 29 -70.84 -83.21 -8.72
N PRO C 30 -71.10 -84.48 -9.10
CA PRO C 30 -72.45 -84.94 -9.39
C PRO C 30 -73.20 -84.87 -8.05
N MET C 31 -74.52 -85.02 -8.08
CA MET C 31 -75.32 -84.94 -6.85
C MET C 31 -75.82 -86.27 -6.32
N ASP C 32 -75.53 -86.55 -5.07
CA ASP C 32 -76.05 -87.70 -4.40
C ASP C 32 -77.23 -87.36 -3.52
N PHE C 33 -78.32 -88.07 -3.65
CA PHE C 33 -79.51 -87.77 -2.90
C PHE C 33 -79.41 -88.15 -1.43
N ASP C 34 -80.18 -87.44 -0.60
CA ASP C 34 -80.23 -87.69 0.84
C ASP C 34 -81.60 -88.33 1.05
N ASP C 35 -81.62 -89.65 1.21
CA ASP C 35 -82.87 -90.36 1.39
C ASP C 35 -83.72 -89.88 2.55
N ALA C 36 -83.13 -89.12 3.46
CA ALA C 36 -83.87 -88.60 4.60
C ALA C 36 -84.71 -87.39 4.21
N VAL C 37 -84.32 -86.72 3.13
CA VAL C 37 -85.05 -85.54 2.69
C VAL C 37 -85.46 -85.54 1.21
N ASP C 38 -84.95 -86.50 0.43
CA ASP C 38 -85.29 -86.57 -0.98
C ASP C 38 -86.22 -87.76 -1.28
N ALA C 39 -87.34 -87.48 -1.94
CA ALA C 39 -88.34 -88.50 -2.28
C ALA C 39 -87.74 -89.73 -2.96
N PRO C 40 -88.38 -90.90 -2.75
CA PRO C 40 -87.95 -92.18 -3.32
C PRO C 40 -88.04 -92.19 -4.85
N SER C 41 -87.25 -93.04 -5.48
CA SER C 41 -87.23 -93.14 -6.94
C SER C 41 -88.34 -94.05 -7.45
N TRP C 42 -88.57 -94.04 -8.77
CA TRP C 42 -89.58 -94.88 -9.38
C TRP C 42 -89.04 -96.30 -9.47
N LYS C 43 -89.93 -97.24 -9.78
CA LYS C 43 -89.58 -98.65 -9.94
C LYS C 43 -90.30 -99.21 -11.15
N ILE C 44 -89.67 -100.17 -11.82
CA ILE C 44 -90.27 -100.81 -12.99
C ILE C 44 -90.12 -102.32 -12.88
N GLU C 45 -91.25 -103.03 -12.87
CA GLU C 45 -91.23 -104.49 -12.83
C GLU C 45 -91.36 -105.00 -14.25
N ALA C 46 -90.40 -105.79 -14.69
CA ALA C 46 -90.43 -106.33 -16.04
C ALA C 46 -89.65 -107.62 -16.17
N ARG C 47 -90.27 -108.61 -16.79
CA ARG C 47 -89.66 -109.93 -16.99
C ARG C 47 -89.03 -110.50 -15.73
N GLY C 48 -89.81 -110.54 -14.66
CA GLY C 48 -89.34 -111.09 -13.39
C GLY C 48 -88.27 -110.29 -12.67
N LYS C 49 -87.96 -109.10 -13.17
CA LYS C 49 -86.95 -108.27 -12.53
C LYS C 49 -87.54 -106.93 -12.10
N THR C 50 -86.86 -106.28 -11.16
CA THR C 50 -87.28 -104.98 -10.67
C THR C 50 -86.16 -104.00 -10.99
N PHE C 51 -86.50 -102.92 -11.69
CA PHE C 51 -85.50 -101.93 -12.06
C PHE C 51 -85.74 -100.59 -11.39
N THR C 52 -84.69 -100.06 -10.78
CA THR C 52 -84.77 -98.77 -10.10
C THR C 52 -83.44 -98.03 -10.33
N PRO C 53 -83.50 -96.73 -10.65
CA PRO C 53 -82.31 -95.92 -10.90
C PRO C 53 -81.46 -95.60 -9.67
N PRO C 54 -80.19 -95.26 -9.90
CA PRO C 54 -79.25 -94.92 -8.82
C PRO C 54 -79.72 -93.64 -8.12
N ARG C 55 -79.51 -93.56 -6.81
CA ARG C 55 -79.90 -92.39 -6.04
C ARG C 55 -78.84 -91.31 -6.24
N LYS C 56 -78.59 -90.96 -7.50
CA LYS C 56 -77.56 -89.98 -7.83
C LYS C 56 -77.76 -89.44 -9.25
N THR C 57 -77.25 -88.25 -9.50
CA THR C 57 -77.33 -87.67 -10.84
C THR C 57 -75.99 -87.94 -11.51
N SER C 58 -75.87 -87.60 -12.78
CA SER C 58 -74.63 -87.80 -13.51
C SER C 58 -74.30 -86.51 -14.26
N ILE C 59 -73.03 -86.35 -14.61
CA ILE C 59 -72.62 -85.16 -15.34
C ILE C 59 -71.79 -85.53 -16.56
N ALA C 60 -71.72 -84.61 -17.51
CA ALA C 60 -70.98 -84.81 -18.73
C ALA C 60 -69.54 -84.34 -18.50
N PRO C 61 -68.60 -84.77 -19.35
CA PRO C 61 -67.18 -84.40 -19.25
C PRO C 61 -66.94 -82.89 -19.16
N TYR C 62 -67.61 -82.14 -20.05
CA TYR C 62 -67.45 -80.68 -20.09
C TYR C 62 -67.96 -79.96 -18.85
N THR C 63 -68.81 -80.63 -18.07
CA THR C 63 -69.30 -80.04 -16.83
C THR C 63 -68.32 -80.38 -15.71
N ALA C 64 -67.76 -81.59 -15.77
CA ALA C 64 -66.80 -82.04 -14.76
C ALA C 64 -65.58 -81.10 -14.73
N GLY C 65 -65.20 -80.58 -15.89
CA GLY C 65 -64.06 -79.67 -15.93
C GLY C 65 -64.45 -78.24 -16.18
N PHE C 66 -65.71 -77.91 -15.93
CA PHE C 66 -66.23 -76.56 -16.16
C PHE C 66 -65.49 -75.47 -15.38
N LYS C 67 -64.95 -75.81 -14.22
CA LYS C 67 -64.24 -74.81 -13.42
C LYS C 67 -63.12 -74.15 -14.22
N SER C 68 -62.48 -74.92 -15.11
CA SER C 68 -61.39 -74.37 -15.92
C SER C 68 -61.91 -73.40 -16.98
N MET C 69 -63.22 -73.35 -17.17
CA MET C 69 -63.80 -72.44 -18.13
C MET C 69 -64.13 -71.13 -17.43
N ILE C 70 -64.63 -71.24 -16.19
CA ILE C 70 -64.99 -70.08 -15.39
C ILE C 70 -63.75 -69.20 -15.17
N TYR C 71 -62.68 -69.83 -14.69
CA TYR C 71 -61.42 -69.12 -14.41
C TYR C 71 -60.47 -69.11 -15.60
N SER C 72 -61.02 -69.26 -16.80
CA SER C 72 -60.22 -69.28 -18.02
C SER C 72 -59.49 -67.96 -18.24
N ASP C 73 -58.28 -68.03 -18.79
CA ASP C 73 -57.52 -66.82 -19.06
C ASP C 73 -57.96 -66.20 -20.39
N LEU C 74 -58.87 -66.87 -21.10
CA LEU C 74 -59.39 -66.36 -22.36
C LEU C 74 -60.73 -65.71 -22.09
N ARG C 75 -61.05 -65.62 -20.81
CA ARG C 75 -62.27 -65.01 -20.32
C ARG C 75 -62.13 -63.52 -20.67
N ILE C 76 -63.17 -62.89 -21.22
CA ILE C 76 -63.07 -61.47 -21.54
C ILE C 76 -62.95 -60.74 -20.19
N PRO C 77 -61.81 -60.07 -19.94
CA PRO C 77 -61.48 -59.32 -18.72
C PRO C 77 -62.32 -58.10 -18.37
N TYR C 78 -62.65 -57.31 -19.40
CA TYR C 78 -63.40 -56.09 -19.21
C TYR C 78 -63.86 -55.57 -20.56
N PRO C 79 -64.63 -54.48 -20.58
CA PRO C 79 -65.09 -53.92 -21.85
C PRO C 79 -63.90 -53.57 -22.75
N MET C 80 -64.00 -53.92 -24.03
CA MET C 80 -62.94 -53.65 -24.97
C MET C 80 -63.44 -52.92 -26.21
N LYS C 81 -62.57 -52.12 -26.80
CA LYS C 81 -62.89 -51.36 -28.00
C LYS C 81 -61.81 -51.54 -29.06
N ARG C 82 -62.23 -51.74 -30.32
CA ARG C 82 -61.27 -51.89 -31.40
C ARG C 82 -60.57 -50.54 -31.58
N LYS C 83 -59.26 -50.53 -31.40
CA LYS C 83 -58.48 -49.31 -31.51
C LYS C 83 -58.73 -48.52 -32.80
N SER C 84 -58.76 -49.23 -33.93
CA SER C 84 -58.97 -48.60 -35.23
C SER C 84 -60.40 -48.15 -35.51
N PHE C 85 -61.28 -48.27 -34.52
CA PHE C 85 -62.68 -47.87 -34.67
C PHE C 85 -62.98 -46.55 -33.98
N ASP C 86 -63.32 -45.52 -34.78
CA ASP C 86 -63.65 -44.21 -34.24
C ASP C 86 -65.09 -43.86 -34.66
N PRO C 87 -66.04 -43.97 -33.73
CA PRO C 87 -67.45 -43.66 -33.98
C PRO C 87 -67.68 -42.33 -34.66
N ASN C 88 -66.92 -41.32 -34.28
CA ASN C 88 -67.06 -39.98 -34.87
C ASN C 88 -65.97 -39.66 -35.87
N GLY C 89 -65.42 -40.69 -36.50
CA GLY C 89 -64.38 -40.49 -37.48
C GLY C 89 -64.33 -41.68 -38.42
N GLU C 90 -63.13 -42.18 -38.69
CA GLU C 90 -62.98 -43.34 -39.57
C GLU C 90 -63.29 -44.61 -38.78
N ARG C 91 -64.32 -45.31 -39.21
CA ARG C 91 -64.73 -46.54 -38.54
C ARG C 91 -63.92 -47.73 -39.02
N ASN C 92 -63.26 -47.57 -40.16
CA ASN C 92 -62.43 -48.62 -40.73
C ASN C 92 -63.04 -50.01 -40.62
N PRO C 93 -64.17 -50.25 -41.30
CA PRO C 93 -64.82 -51.57 -41.27
C PRO C 93 -63.89 -52.65 -41.80
N GLN C 94 -63.03 -52.28 -42.73
CA GLN C 94 -62.11 -53.24 -43.33
C GLN C 94 -61.00 -53.71 -42.39
N LEU C 95 -60.89 -53.09 -41.22
CA LEU C 95 -59.86 -53.48 -40.26
C LEU C 95 -60.39 -54.41 -39.16
N ARG C 96 -61.67 -54.77 -39.24
CA ARG C 96 -62.23 -55.69 -38.26
C ARG C 96 -61.56 -57.03 -38.48
N GLY C 97 -61.02 -57.61 -37.41
CA GLY C 97 -60.36 -58.90 -37.54
C GLY C 97 -58.93 -58.78 -38.03
N ALA C 98 -58.43 -57.55 -38.15
CA ALA C 98 -57.06 -57.34 -38.61
C ALA C 98 -56.07 -58.04 -37.70
N GLY C 99 -56.33 -58.02 -36.39
CA GLY C 99 -55.44 -58.67 -35.44
C GLY C 99 -55.41 -60.17 -35.70
N LEU C 100 -56.60 -60.73 -35.90
CA LEU C 100 -56.74 -62.17 -36.17
C LEU C 100 -55.96 -62.52 -37.43
N SER C 101 -55.97 -61.61 -38.40
CA SER C 101 -55.28 -61.83 -39.67
C SER C 101 -53.75 -61.78 -39.56
N LYS C 102 -53.25 -61.30 -38.43
CA LYS C 102 -51.80 -61.25 -38.22
C LYS C 102 -51.46 -62.11 -37.02
N GLN C 103 -52.37 -63.02 -36.70
CA GLN C 103 -52.22 -63.96 -35.59
C GLN C 103 -52.02 -63.33 -34.21
N ASP C 104 -52.65 -62.17 -34.00
CA ASP C 104 -52.55 -61.47 -32.72
C ASP C 104 -53.87 -60.73 -32.44
N PRO C 105 -54.94 -61.49 -32.12
CA PRO C 105 -56.28 -60.97 -31.83
C PRO C 105 -56.38 -59.86 -30.79
N TRP C 106 -55.79 -60.09 -29.63
CA TRP C 106 -55.86 -59.12 -28.54
C TRP C 106 -55.27 -57.74 -28.85
N SER C 107 -54.30 -57.69 -29.76
CA SER C 107 -53.64 -56.43 -30.12
C SER C 107 -54.55 -55.42 -30.82
N ASP C 108 -55.73 -55.87 -31.24
CA ASP C 108 -56.69 -55.01 -31.94
C ASP C 108 -57.51 -54.19 -30.95
N TYR C 109 -57.47 -54.56 -29.68
CA TYR C 109 -58.29 -53.91 -28.68
C TYR C 109 -57.61 -53.18 -27.52
N GLU C 110 -58.35 -52.21 -26.99
CA GLU C 110 -57.91 -51.43 -25.84
C GLU C 110 -59.03 -51.50 -24.82
N ARG C 111 -58.67 -51.32 -23.54
CA ARG C 111 -59.65 -51.37 -22.47
C ARG C 111 -60.43 -50.07 -22.35
N ILE C 112 -61.71 -50.19 -22.00
CA ILE C 112 -62.58 -49.05 -21.80
C ILE C 112 -63.53 -49.38 -20.66
N SER C 113 -64.12 -48.35 -20.05
CA SER C 113 -65.03 -48.57 -18.93
C SER C 113 -66.39 -49.05 -19.43
N TRP C 114 -67.21 -49.55 -18.51
CA TRP C 114 -68.54 -50.00 -18.85
C TRP C 114 -69.36 -48.78 -19.26
N ASP C 115 -69.09 -47.66 -18.60
CA ASP C 115 -69.81 -46.42 -18.87
C ASP C 115 -69.54 -45.93 -20.29
N GLU C 116 -68.28 -45.94 -20.71
CA GLU C 116 -67.93 -45.49 -22.04
C GLU C 116 -68.42 -46.47 -23.12
N ALA C 117 -68.27 -47.77 -22.84
CA ALA C 117 -68.70 -48.80 -23.76
C ALA C 117 -70.20 -48.70 -24.02
N THR C 118 -70.99 -48.63 -22.96
CA THR C 118 -72.44 -48.53 -23.09
C THR C 118 -72.87 -47.22 -23.74
N ASP C 119 -72.10 -46.16 -23.49
CA ASP C 119 -72.40 -44.86 -24.09
C ASP C 119 -72.23 -44.93 -25.60
N ILE C 120 -71.17 -45.57 -26.05
CA ILE C 120 -70.90 -45.72 -27.48
C ILE C 120 -72.00 -46.56 -28.16
N VAL C 121 -72.39 -47.66 -27.51
CA VAL C 121 -73.43 -48.52 -28.08
C VAL C 121 -74.76 -47.77 -28.16
N VAL C 122 -75.14 -47.08 -27.08
CA VAL C 122 -76.39 -46.32 -27.04
C VAL C 122 -76.43 -45.25 -28.13
N ALA C 123 -75.31 -44.56 -28.34
CA ALA C 123 -75.25 -43.52 -29.36
C ALA C 123 -75.51 -44.11 -30.74
N GLU C 124 -74.97 -45.30 -30.99
CA GLU C 124 -75.16 -45.97 -32.27
C GLU C 124 -76.61 -46.41 -32.45
N ILE C 125 -77.15 -47.06 -31.43
CA ILE C 125 -78.53 -47.52 -31.45
C ILE C 125 -79.49 -46.38 -31.80
N ASN C 126 -79.41 -45.30 -31.04
CA ASN C 126 -80.28 -44.16 -31.27
C ASN C 126 -80.09 -43.49 -32.61
N ARG C 127 -78.83 -43.35 -33.07
CA ARG C 127 -78.58 -42.74 -34.36
C ARG C 127 -79.21 -43.58 -35.46
N ILE C 128 -79.01 -44.89 -35.37
CA ILE C 128 -79.53 -45.82 -36.37
C ILE C 128 -81.05 -45.92 -36.33
N LYS C 129 -81.64 -45.89 -35.13
CA LYS C 129 -83.09 -45.98 -35.02
C LYS C 129 -83.79 -44.76 -35.61
N HIS C 130 -83.23 -43.57 -35.42
CA HIS C 130 -83.85 -42.36 -35.97
C HIS C 130 -83.52 -42.14 -37.45
N ALA C 131 -82.49 -42.81 -37.95
CA ALA C 131 -82.12 -42.66 -39.35
C ALA C 131 -82.68 -43.77 -40.25
N TYR C 132 -82.72 -44.99 -39.72
CA TYR C 132 -83.19 -46.13 -40.50
C TYR C 132 -84.30 -46.95 -39.84
N GLY C 133 -84.44 -46.83 -38.53
CA GLY C 133 -85.46 -47.59 -37.83
C GLY C 133 -84.86 -48.78 -37.09
N PRO C 134 -85.61 -49.38 -36.15
CA PRO C 134 -85.17 -50.53 -35.35
C PRO C 134 -84.73 -51.74 -36.18
N SER C 135 -85.35 -51.93 -37.34
CA SER C 135 -85.03 -53.06 -38.19
C SER C 135 -83.59 -53.04 -38.70
N ALA C 136 -82.96 -51.86 -38.67
CA ALA C 136 -81.58 -51.75 -39.14
C ALA C 136 -80.61 -52.34 -38.12
N ILE C 137 -81.12 -52.71 -36.95
CA ILE C 137 -80.28 -53.29 -35.92
C ILE C 137 -80.41 -54.80 -35.91
N LEU C 138 -79.42 -55.49 -36.46
CA LEU C 138 -79.44 -56.94 -36.50
C LEU C 138 -78.88 -57.50 -35.19
N SER C 139 -79.40 -58.64 -34.78
CA SER C 139 -78.92 -59.26 -33.56
C SER C 139 -79.28 -60.73 -33.54
N THR C 140 -78.43 -61.52 -32.90
CA THR C 140 -78.67 -62.93 -32.81
C THR C 140 -77.74 -63.59 -31.82
N PRO C 141 -78.29 -64.42 -30.92
CA PRO C 141 -77.44 -65.10 -29.96
C PRO C 141 -77.13 -66.34 -30.77
N SER C 142 -77.16 -67.50 -30.13
CA SER C 142 -76.93 -68.72 -30.87
C SER C 142 -77.81 -69.80 -30.26
N SER C 143 -77.77 -71.00 -30.81
CA SER C 143 -78.62 -72.07 -30.30
C SER C 143 -78.49 -72.39 -28.83
N HIS C 144 -77.27 -72.52 -28.33
CA HIS C 144 -77.16 -72.86 -26.93
C HIS C 144 -76.67 -71.78 -25.99
N HIS C 145 -76.76 -72.06 -24.70
CA HIS C 145 -76.48 -71.02 -23.73
C HIS C 145 -76.16 -71.61 -22.35
N MET C 146 -75.62 -70.78 -21.47
CA MET C 146 -75.33 -71.21 -20.11
C MET C 146 -76.68 -71.59 -19.52
N TRP C 147 -76.70 -72.64 -18.69
CA TRP C 147 -77.93 -73.10 -18.07
C TRP C 147 -78.48 -72.09 -17.06
N GLY C 148 -79.80 -71.98 -16.99
CA GLY C 148 -80.46 -71.04 -16.10
C GLY C 148 -81.66 -70.49 -16.85
N ASN C 149 -82.87 -70.85 -16.41
CA ASN C 149 -84.09 -70.42 -17.09
C ASN C 149 -84.32 -68.92 -17.19
N VAL C 150 -84.09 -68.19 -16.10
CA VAL C 150 -84.30 -66.74 -16.12
C VAL C 150 -83.33 -65.99 -17.04
N GLY C 151 -82.05 -66.35 -16.98
CA GLY C 151 -81.07 -65.68 -17.82
C GLY C 151 -80.91 -66.25 -19.21
N TYR C 152 -81.66 -67.30 -19.53
CA TYR C 152 -81.56 -67.94 -20.84
C TYR C 152 -81.95 -66.97 -21.95
N ARG C 153 -81.42 -67.19 -23.15
CA ARG C 153 -81.70 -66.30 -24.26
C ARG C 153 -83.19 -66.10 -24.58
N HIS C 154 -84.02 -67.12 -24.36
CA HIS C 154 -85.46 -66.98 -24.62
C HIS C 154 -86.10 -66.06 -23.59
N SER C 155 -85.40 -65.84 -22.49
CA SER C 155 -85.91 -65.02 -21.39
C SER C 155 -85.32 -63.61 -21.33
N THR C 156 -84.13 -63.48 -20.77
CA THR C 156 -83.49 -62.17 -20.64
C THR C 156 -83.21 -61.47 -21.96
N TYR C 157 -82.54 -62.17 -22.88
CA TYR C 157 -82.20 -61.62 -24.19
C TYR C 157 -83.44 -61.02 -24.88
N PHE C 158 -84.47 -61.84 -25.06
CA PHE C 158 -85.68 -61.35 -25.72
C PHE C 158 -86.38 -60.21 -24.98
N ARG C 159 -86.51 -60.32 -23.66
CA ARG C 159 -87.19 -59.25 -22.92
C ARG C 159 -86.59 -57.89 -23.24
N PHE C 160 -85.27 -57.82 -23.28
CA PHE C 160 -84.59 -56.57 -23.60
C PHE C 160 -84.65 -56.20 -25.07
N MET C 161 -84.16 -57.09 -25.92
CA MET C 161 -84.12 -56.83 -27.36
C MET C 161 -85.47 -56.44 -27.94
N ASN C 162 -86.54 -57.05 -27.41
CA ASN C 162 -87.89 -56.75 -27.88
C ASN C 162 -88.28 -55.30 -27.60
N MET C 163 -87.66 -54.72 -26.58
CA MET C 163 -87.92 -53.33 -26.20
C MET C 163 -86.92 -52.37 -26.84
N MET C 164 -85.93 -52.91 -27.54
CA MET C 164 -84.90 -52.09 -28.14
C MET C 164 -84.96 -51.99 -29.66
N GLY C 165 -84.87 -53.13 -30.34
CA GLY C 165 -84.91 -53.16 -31.79
C GLY C 165 -86.11 -53.92 -32.31
N PHE C 166 -85.93 -54.86 -33.25
CA PHE C 166 -84.65 -55.22 -33.85
C PHE C 166 -84.94 -56.27 -34.94
N THR C 167 -83.95 -56.54 -35.78
CA THR C 167 -84.13 -57.59 -36.79
C THR C 167 -83.43 -58.82 -36.27
N TYR C 168 -84.19 -59.86 -35.98
CA TYR C 168 -83.64 -61.11 -35.46
C TYR C 168 -83.15 -62.02 -36.58
N ALA C 169 -81.99 -62.64 -36.39
CA ALA C 169 -81.49 -63.60 -37.37
C ALA C 169 -82.00 -64.91 -36.82
N ASP C 170 -83.27 -65.20 -37.12
CA ASP C 170 -83.92 -66.41 -36.62
C ASP C 170 -83.15 -67.68 -36.95
N HIS C 171 -83.05 -68.57 -35.97
CA HIS C 171 -82.32 -69.82 -36.13
C HIS C 171 -83.04 -70.88 -36.95
N ASN C 172 -82.28 -71.54 -37.81
CA ASN C 172 -82.79 -72.63 -38.62
C ASN C 172 -82.91 -73.76 -37.61
N PRO C 173 -83.83 -74.72 -37.84
CA PRO C 173 -84.00 -75.83 -36.90
C PRO C 173 -82.86 -76.85 -37.03
N ASP C 174 -81.64 -76.40 -36.78
CA ASP C 174 -80.43 -77.22 -36.88
C ASP C 174 -80.55 -78.65 -36.35
N SER C 175 -80.95 -78.77 -35.10
CA SER C 175 -81.09 -80.06 -34.43
C SER C 175 -82.07 -81.02 -35.18
N TRP C 176 -83.14 -80.44 -35.72
CA TRP C 176 -84.21 -81.18 -36.42
C TRP C 176 -84.24 -81.21 -37.95
N GLU C 177 -83.41 -80.40 -38.62
CA GLU C 177 -83.46 -80.28 -40.09
C GLU C 177 -84.30 -81.30 -40.88
N GLY C 178 -83.77 -82.52 -41.07
CA GLY C 178 -84.50 -83.52 -41.84
C GLY C 178 -85.92 -83.78 -41.38
N TRP C 179 -86.11 -83.87 -40.07
CA TRP C 179 -87.44 -84.13 -39.52
C TRP C 179 -88.36 -82.92 -39.68
N HIS C 180 -87.78 -81.73 -39.59
CA HIS C 180 -88.53 -80.49 -39.71
C HIS C 180 -88.97 -80.19 -41.15
N TRP C 181 -88.04 -80.18 -42.09
CA TRP C 181 -88.38 -79.89 -43.48
C TRP C 181 -88.89 -81.10 -44.25
N GLY C 182 -88.71 -82.30 -43.68
CA GLY C 182 -89.16 -83.50 -44.37
C GLY C 182 -90.14 -84.39 -43.61
N GLY C 183 -89.72 -84.91 -42.47
CA GLY C 183 -90.59 -85.78 -41.70
C GLY C 183 -91.95 -85.17 -41.35
N MET C 184 -91.96 -83.88 -41.05
CA MET C 184 -93.17 -83.16 -40.68
C MET C 184 -94.29 -83.33 -41.69
N HIS C 185 -93.93 -83.35 -42.98
CA HIS C 185 -94.91 -83.50 -44.04
C HIS C 185 -95.45 -84.92 -44.11
N MET C 186 -94.71 -85.86 -43.52
CA MET C 186 -95.10 -87.25 -43.53
C MET C 186 -95.99 -87.66 -42.34
N TRP C 187 -95.66 -87.22 -41.13
CA TRP C 187 -96.48 -87.60 -39.97
C TRP C 187 -96.84 -86.47 -39.00
N GLY C 188 -96.58 -85.23 -39.39
CA GLY C 188 -96.91 -84.10 -38.52
C GLY C 188 -95.92 -83.82 -37.41
N PHE C 189 -96.40 -83.74 -36.18
CA PHE C 189 -95.56 -83.44 -35.03
C PHE C 189 -94.82 -82.11 -35.25
N SER C 190 -95.51 -81.14 -35.84
CA SER C 190 -94.88 -79.86 -36.09
C SER C 190 -94.45 -79.20 -34.78
N TRP C 191 -95.24 -79.37 -33.72
CA TRP C 191 -94.91 -78.78 -32.43
C TRP C 191 -93.61 -79.34 -31.84
N ARG C 192 -93.16 -80.47 -32.39
CA ARG C 192 -91.91 -81.10 -31.96
C ARG C 192 -90.92 -80.98 -33.11
N LEU C 193 -91.27 -80.10 -34.06
CA LEU C 193 -90.45 -79.85 -35.25
C LEU C 193 -90.10 -81.15 -35.99
N GLY C 194 -91.03 -82.10 -35.98
CA GLY C 194 -90.80 -83.34 -36.69
C GLY C 194 -90.46 -84.58 -35.86
N ASN C 195 -89.98 -84.38 -34.63
CA ASN C 195 -89.63 -85.51 -33.76
C ASN C 195 -90.89 -86.12 -33.16
N PRO C 196 -90.84 -87.42 -32.80
CA PRO C 196 -91.99 -88.11 -32.21
C PRO C 196 -92.03 -87.95 -30.69
N GLU C 197 -93.21 -88.08 -30.11
CA GLU C 197 -93.35 -88.00 -28.66
C GLU C 197 -92.65 -89.29 -28.18
N GLN C 198 -92.33 -89.39 -26.89
CA GLN C 198 -91.62 -90.56 -26.37
C GLN C 198 -92.09 -91.06 -25.00
N TYR C 199 -93.21 -90.52 -24.52
CA TYR C 199 -93.74 -90.87 -23.21
C TYR C 199 -93.82 -92.35 -22.84
N ASP C 200 -93.49 -92.64 -21.58
CA ASP C 200 -93.55 -93.98 -21.00
C ASP C 200 -92.99 -95.16 -21.81
N LEU C 201 -91.99 -94.90 -22.65
CA LEU C 201 -91.42 -95.98 -23.46
C LEU C 201 -90.42 -96.87 -22.73
N LEU C 202 -89.84 -96.39 -21.63
CA LEU C 202 -88.87 -97.19 -20.90
C LEU C 202 -89.46 -98.51 -20.41
N GLU C 203 -90.58 -98.44 -19.69
CA GLU C 203 -91.21 -99.66 -19.19
C GLU C 203 -91.63 -100.56 -20.34
N ASP C 204 -92.07 -99.94 -21.43
CA ASP C 204 -92.50 -100.70 -22.60
C ASP C 204 -91.33 -101.48 -23.17
N GLY C 205 -90.18 -100.81 -23.32
CA GLY C 205 -88.99 -101.45 -23.83
C GLY C 205 -88.45 -102.55 -22.93
N LEU C 206 -88.46 -102.30 -21.63
CA LEU C 206 -87.96 -103.29 -20.67
C LEU C 206 -88.83 -104.55 -20.66
N LYS C 207 -90.12 -104.38 -20.96
CA LYS C 207 -91.03 -105.51 -20.99
C LYS C 207 -91.10 -106.27 -22.31
N HIS C 208 -90.89 -105.58 -23.43
CA HIS C 208 -91.02 -106.23 -24.73
C HIS C 208 -89.87 -106.20 -25.72
N ALA C 209 -88.88 -105.35 -25.50
CA ALA C 209 -87.77 -105.24 -26.44
C ALA C 209 -86.92 -106.50 -26.62
N GLU C 210 -86.69 -106.86 -27.89
CA GLU C 210 -85.86 -108.00 -28.23
C GLU C 210 -84.65 -107.48 -29.00
N MET C 211 -84.84 -106.35 -29.68
CA MET C 211 -83.76 -105.76 -30.45
C MET C 211 -83.95 -104.26 -30.60
N ILE C 212 -82.84 -103.54 -30.65
CA ILE C 212 -82.87 -102.10 -30.83
C ILE C 212 -81.89 -101.73 -31.93
N VAL C 213 -82.38 -100.94 -32.87
CA VAL C 213 -81.53 -100.50 -33.97
C VAL C 213 -81.20 -99.04 -33.78
N PHE C 214 -79.94 -98.78 -33.44
CA PHE C 214 -79.46 -97.42 -33.21
C PHE C 214 -78.97 -96.88 -34.56
N TRP C 215 -79.79 -96.03 -35.18
CA TRP C 215 -79.48 -95.46 -36.47
C TRP C 215 -79.09 -93.99 -36.27
N SER C 216 -77.85 -93.64 -36.59
CA SER C 216 -77.38 -92.26 -36.43
C SER C 216 -77.64 -91.85 -34.98
N SER C 217 -77.42 -92.80 -34.08
CA SER C 217 -77.66 -92.58 -32.65
C SER C 217 -76.50 -92.97 -31.75
N ASP C 218 -76.04 -92.01 -30.96
CA ASP C 218 -74.93 -92.22 -30.02
C ASP C 218 -75.38 -91.67 -28.66
N PRO C 219 -76.31 -92.37 -27.99
CA PRO C 219 -76.86 -92.00 -26.68
C PRO C 219 -75.83 -91.59 -25.63
N GLU C 220 -74.74 -92.35 -25.53
CA GLU C 220 -73.69 -92.04 -24.56
C GLU C 220 -73.12 -90.63 -24.78
N THR C 221 -72.75 -90.33 -26.02
CA THR C 221 -72.18 -89.02 -26.33
C THR C 221 -73.15 -87.86 -26.14
N ASN C 222 -74.30 -87.94 -26.81
CA ASN C 222 -75.30 -86.88 -26.78
C ASN C 222 -76.28 -86.90 -25.61
N SER C 223 -76.60 -88.09 -25.11
CA SER C 223 -77.53 -88.27 -23.99
C SER C 223 -78.89 -87.67 -24.33
N GLY C 224 -79.15 -87.48 -25.63
CA GLY C 224 -80.38 -86.84 -26.04
C GLY C 224 -79.90 -85.39 -26.04
N ILE C 225 -79.84 -84.82 -24.83
CA ILE C 225 -79.34 -83.46 -24.64
C ILE C 225 -79.45 -83.05 -23.18
N TYR C 226 -78.38 -82.44 -22.66
CA TYR C 226 -78.34 -81.96 -21.28
C TYR C 226 -78.48 -83.01 -20.18
N ALA C 227 -78.50 -84.30 -20.52
CA ALA C 227 -78.70 -85.32 -19.49
C ALA C 227 -77.51 -86.14 -19.00
N GLY C 228 -76.31 -85.60 -19.13
CA GLY C 228 -75.12 -86.31 -18.66
C GLY C 228 -75.04 -87.76 -19.14
N PHE C 229 -75.11 -88.70 -18.21
CA PHE C 229 -75.07 -90.13 -18.53
C PHE C 229 -76.21 -90.85 -17.81
N GLU C 230 -77.35 -90.19 -17.74
CA GLU C 230 -78.52 -90.74 -17.07
C GLU C 230 -79.03 -92.06 -17.64
N SER C 231 -78.96 -92.23 -18.96
CA SER C 231 -79.47 -93.45 -19.57
C SER C 231 -78.52 -94.64 -19.62
N ASN C 232 -77.27 -94.46 -19.21
CA ASN C 232 -76.30 -95.55 -19.25
C ASN C 232 -76.79 -96.85 -18.59
N ILE C 233 -77.28 -96.75 -17.36
CA ILE C 233 -77.76 -97.93 -16.65
C ILE C 233 -78.95 -98.58 -17.34
N ARG C 234 -79.74 -97.79 -18.07
CA ARG C 234 -80.91 -98.31 -18.76
C ARG C 234 -80.53 -99.25 -19.90
N ARG C 235 -79.49 -98.90 -20.64
CA ARG C 235 -79.05 -99.77 -21.72
C ARG C 235 -78.35 -100.99 -21.13
N GLN C 236 -77.88 -100.86 -19.91
CA GLN C 236 -77.21 -101.97 -19.24
C GLN C 236 -78.30 -103.00 -18.92
N TRP C 237 -79.46 -102.52 -18.47
CA TRP C 237 -80.58 -103.38 -18.14
C TRP C 237 -81.06 -104.15 -19.37
N LEU C 238 -81.21 -103.44 -20.49
CA LEU C 238 -81.66 -104.04 -21.73
C LEU C 238 -80.66 -105.09 -22.19
N LYS C 239 -79.38 -104.74 -22.15
CA LYS C 239 -78.32 -105.64 -22.56
C LYS C 239 -78.38 -106.92 -21.74
N ASP C 240 -78.57 -106.78 -20.43
CA ASP C 240 -78.61 -107.94 -19.55
C ASP C 240 -79.91 -108.74 -19.68
N LEU C 241 -80.88 -108.19 -20.41
CA LEU C 241 -82.15 -108.88 -20.62
C LEU C 241 -82.06 -109.69 -21.90
N GLY C 242 -80.92 -109.55 -22.59
CA GLY C 242 -80.70 -110.28 -23.83
C GLY C 242 -81.09 -109.52 -25.08
N VAL C 243 -81.28 -108.21 -24.97
CA VAL C 243 -81.65 -107.39 -26.11
C VAL C 243 -80.43 -107.16 -27.00
N ASP C 244 -80.59 -107.33 -28.31
CA ASP C 244 -79.48 -107.11 -29.23
C ASP C 244 -79.43 -105.65 -29.66
N PHE C 245 -78.21 -105.11 -29.75
CA PHE C 245 -78.00 -103.72 -30.14
C PHE C 245 -77.28 -103.65 -31.47
N VAL C 246 -77.93 -103.06 -32.48
CA VAL C 246 -77.32 -102.93 -33.80
C VAL C 246 -77.11 -101.44 -34.07
N PHE C 247 -75.91 -101.09 -34.52
CA PHE C 247 -75.60 -99.69 -34.80
C PHE C 247 -75.31 -99.40 -36.25
N ILE C 248 -75.99 -98.41 -36.81
CA ILE C 248 -75.77 -98.00 -38.20
C ILE C 248 -75.27 -96.56 -38.11
N ASP C 249 -73.98 -96.38 -38.37
CA ASP C 249 -73.33 -95.09 -38.24
C ASP C 249 -71.99 -95.16 -38.99
N PRO C 250 -71.70 -94.18 -39.86
CA PRO C 250 -70.43 -94.21 -40.59
C PRO C 250 -69.26 -94.42 -39.63
N HIS C 251 -69.35 -93.76 -38.47
CA HIS C 251 -68.32 -93.86 -37.44
C HIS C 251 -68.80 -94.78 -36.33
N MET C 252 -67.94 -95.68 -35.87
CA MET C 252 -68.33 -96.57 -34.78
C MET C 252 -68.32 -95.69 -33.53
N ASN C 253 -69.45 -95.01 -33.29
CA ASN C 253 -69.59 -94.09 -32.16
C ASN C 253 -69.33 -94.68 -30.78
N HIS C 254 -69.28 -93.81 -29.78
CA HIS C 254 -68.98 -94.23 -28.42
C HIS C 254 -69.96 -95.19 -27.77
N THR C 255 -71.22 -95.14 -28.18
CA THR C 255 -72.20 -96.07 -27.62
C THR C 255 -71.91 -97.43 -28.25
N ALA C 256 -71.65 -97.44 -29.55
CA ALA C 256 -71.35 -98.68 -30.27
C ALA C 256 -70.07 -99.33 -29.77
N ARG C 257 -69.05 -98.53 -29.46
CA ARG C 257 -67.80 -99.06 -28.96
C ARG C 257 -68.01 -99.76 -27.64
N LEU C 258 -69.04 -99.32 -26.91
CA LEU C 258 -69.37 -99.88 -25.61
C LEU C 258 -70.28 -101.10 -25.61
N VAL C 259 -71.41 -101.02 -26.32
CA VAL C 259 -72.37 -102.13 -26.30
C VAL C 259 -72.87 -102.70 -27.63
N ALA C 260 -72.23 -102.35 -28.73
CA ALA C 260 -72.66 -102.84 -30.04
C ALA C 260 -72.53 -104.36 -30.23
N ASP C 261 -73.54 -104.97 -30.84
CA ASP C 261 -73.51 -106.39 -31.13
C ASP C 261 -73.14 -106.53 -32.60
N LYS C 262 -73.40 -105.47 -33.35
CA LYS C 262 -73.08 -105.40 -34.77
C LYS C 262 -73.08 -103.93 -35.17
N TRP C 263 -72.13 -103.56 -36.03
CA TRP C 263 -72.00 -102.17 -36.48
C TRP C 263 -71.91 -102.07 -37.99
N PHE C 264 -72.77 -101.23 -38.58
CA PHE C 264 -72.79 -100.97 -40.02
C PHE C 264 -72.22 -99.58 -40.25
N SER C 265 -71.35 -99.44 -41.25
CA SER C 265 -70.76 -98.15 -41.54
C SER C 265 -71.10 -97.70 -42.96
N PRO C 266 -72.28 -97.08 -43.15
CA PRO C 266 -72.65 -96.63 -44.50
C PRO C 266 -71.88 -95.39 -44.91
N LYS C 267 -71.67 -95.23 -46.21
CA LYS C 267 -70.97 -94.05 -46.72
C LYS C 267 -71.83 -92.84 -46.42
N ILE C 268 -71.23 -91.65 -46.42
CA ILE C 268 -72.01 -90.46 -46.13
C ILE C 268 -73.13 -90.28 -47.13
N GLY C 269 -74.28 -89.83 -46.63
CA GLY C 269 -75.45 -89.59 -47.47
C GLY C 269 -76.09 -90.79 -48.15
N THR C 270 -75.92 -91.99 -47.60
CA THR C 270 -76.49 -93.18 -48.23
C THR C 270 -77.42 -93.99 -47.32
N ASP C 271 -77.76 -93.46 -46.16
CA ASP C 271 -78.62 -94.21 -45.25
C ASP C 271 -79.96 -94.65 -45.82
N HIS C 272 -80.64 -93.75 -46.54
CA HIS C 272 -81.95 -94.11 -47.08
C HIS C 272 -81.88 -95.27 -48.08
N ALA C 273 -80.68 -95.58 -48.57
CA ALA C 273 -80.56 -96.71 -49.49
C ALA C 273 -80.83 -97.96 -48.65
N LEU C 274 -80.30 -97.97 -47.43
CA LEU C 274 -80.50 -99.10 -46.53
C LEU C 274 -81.96 -99.22 -46.12
N SER C 275 -82.58 -98.10 -45.77
CA SER C 275 -83.98 -98.13 -45.35
C SER C 275 -84.87 -98.63 -46.50
N PHE C 276 -84.56 -98.23 -47.73
CA PHE C 276 -85.36 -98.70 -48.87
C PHE C 276 -85.16 -100.19 -49.10
N ALA C 277 -83.93 -100.67 -48.93
CA ALA C 277 -83.64 -102.10 -49.11
C ALA C 277 -84.32 -102.92 -48.01
N ILE C 278 -84.37 -102.38 -46.81
CA ILE C 278 -85.03 -103.07 -45.70
C ILE C 278 -86.52 -103.15 -45.99
N ALA C 279 -87.08 -102.06 -46.51
CA ALA C 279 -88.50 -102.01 -46.85
C ALA C 279 -88.77 -102.96 -48.01
N TYR C 280 -87.85 -102.99 -48.96
CA TYR C 280 -87.95 -103.88 -50.13
C TYR C 280 -88.03 -105.35 -49.67
N THR C 281 -87.18 -105.70 -48.70
CA THR C 281 -87.16 -107.06 -48.19
C THR C 281 -88.48 -107.42 -47.51
N TRP C 282 -89.03 -106.48 -46.74
CA TRP C 282 -90.30 -106.71 -46.05
C TRP C 282 -91.45 -106.86 -47.04
N LEU C 283 -91.44 -106.03 -48.09
CA LEU C 283 -92.49 -106.11 -49.10
C LEU C 283 -92.42 -107.42 -49.87
N LYS C 284 -91.20 -107.84 -50.21
CA LYS C 284 -90.99 -109.08 -50.94
C LYS C 284 -91.33 -110.32 -50.14
N GLU C 285 -91.15 -110.24 -48.82
CA GLU C 285 -91.42 -111.36 -47.93
C GLU C 285 -92.69 -111.22 -47.09
N ASP C 286 -93.46 -110.17 -47.35
CA ASP C 286 -94.70 -109.92 -46.60
C ASP C 286 -94.46 -109.90 -45.09
N SER C 287 -93.29 -109.41 -44.69
CA SER C 287 -92.97 -109.38 -43.27
C SER C 287 -93.11 -108.04 -42.58
N TYR C 288 -94.33 -107.50 -42.58
CA TYR C 288 -94.62 -106.25 -41.92
C TYR C 288 -96.07 -106.26 -41.44
N ASP C 289 -96.48 -105.23 -40.72
CA ASP C 289 -97.84 -105.15 -40.19
C ASP C 289 -98.81 -104.61 -41.23
N LYS C 290 -99.32 -105.51 -42.08
CA LYS C 290 -100.24 -105.11 -43.14
C LYS C 290 -101.51 -104.44 -42.65
N GLU C 291 -102.09 -104.94 -41.56
CA GLU C 291 -103.31 -104.35 -41.01
C GLU C 291 -103.06 -102.92 -40.57
N TYR C 292 -101.96 -102.71 -39.85
CA TYR C 292 -101.60 -101.38 -39.36
C TYR C 292 -101.43 -100.42 -40.53
N VAL C 293 -100.69 -100.84 -41.55
CA VAL C 293 -100.44 -100.01 -42.71
C VAL C 293 -101.72 -99.71 -43.48
N ALA C 294 -102.56 -100.71 -43.65
CA ALA C 294 -103.82 -100.53 -44.38
C ALA C 294 -104.67 -99.46 -43.69
N ALA C 295 -104.60 -99.41 -42.37
CA ALA C 295 -105.40 -98.44 -41.63
C ALA C 295 -104.72 -97.09 -41.36
N ASN C 296 -103.41 -97.09 -41.21
CA ASN C 296 -102.73 -95.85 -40.86
C ASN C 296 -101.76 -95.18 -41.84
N ALA C 297 -101.70 -95.65 -43.08
CA ALA C 297 -100.81 -95.04 -44.05
C ALA C 297 -101.56 -94.53 -45.28
N HIS C 298 -101.03 -93.47 -45.89
CA HIS C 298 -101.63 -92.88 -47.08
C HIS C 298 -100.61 -92.88 -48.22
N GLY C 299 -101.04 -93.31 -49.40
CA GLY C 299 -100.15 -93.36 -50.55
C GLY C 299 -99.19 -94.53 -50.51
N PHE C 300 -99.42 -95.47 -49.60
CA PHE C 300 -98.56 -96.63 -49.45
C PHE C 300 -98.49 -97.52 -50.71
N GLU C 301 -99.64 -97.75 -51.35
CA GLU C 301 -99.66 -98.58 -52.55
C GLU C 301 -98.68 -98.06 -53.58
N GLU C 302 -98.74 -96.76 -53.86
CA GLU C 302 -97.88 -96.13 -54.85
C GLU C 302 -96.41 -96.16 -54.40
N TRP C 303 -96.20 -96.02 -53.10
CA TRP C 303 -94.85 -96.04 -52.54
C TRP C 303 -94.24 -97.44 -52.68
N ALA C 304 -95.04 -98.45 -52.39
CA ALA C 304 -94.60 -99.83 -52.49
C ALA C 304 -94.16 -100.12 -53.92
N ASP C 305 -94.92 -99.63 -54.89
CA ASP C 305 -94.57 -99.82 -56.29
C ASP C 305 -93.23 -99.17 -56.60
N TYR C 306 -92.97 -98.02 -55.98
CA TYR C 306 -91.71 -97.33 -56.21
C TYR C 306 -90.54 -98.16 -55.66
N VAL C 307 -90.69 -98.63 -54.43
CA VAL C 307 -89.66 -99.44 -53.79
C VAL C 307 -89.36 -100.71 -54.59
N LEU C 308 -90.43 -101.31 -55.14
CA LEU C 308 -90.27 -102.53 -55.92
C LEU C 308 -89.65 -102.29 -57.29
N GLY C 309 -89.42 -101.02 -57.63
CA GLY C 309 -88.82 -100.67 -58.90
C GLY C 309 -89.73 -100.54 -60.10
N LYS C 310 -91.03 -100.61 -59.88
CA LYS C 310 -92.00 -100.52 -60.98
C LYS C 310 -92.10 -99.15 -61.66
N THR C 311 -91.68 -98.09 -60.98
CA THR C 311 -91.79 -96.77 -61.58
C THR C 311 -90.48 -96.17 -62.10
N ASP C 312 -89.35 -96.59 -61.54
CA ASP C 312 -88.08 -96.05 -62.00
C ASP C 312 -87.17 -97.12 -62.60
N GLY C 313 -87.64 -98.36 -62.63
CA GLY C 313 -86.86 -99.44 -63.19
C GLY C 313 -85.70 -99.90 -62.33
N THR C 314 -85.70 -99.49 -61.06
CA THR C 314 -84.63 -99.86 -60.14
C THR C 314 -85.13 -100.46 -58.82
N PRO C 315 -85.29 -101.79 -58.77
CA PRO C 315 -85.75 -102.42 -57.53
C PRO C 315 -84.75 -102.05 -56.43
N LYS C 316 -85.25 -101.61 -55.28
CA LYS C 316 -84.37 -101.22 -54.18
C LYS C 316 -83.88 -102.41 -53.36
N THR C 317 -83.12 -103.29 -54.02
CA THR C 317 -82.59 -104.50 -53.38
C THR C 317 -81.43 -104.23 -52.43
N CYS C 318 -81.07 -105.24 -51.66
CA CYS C 318 -79.96 -105.12 -50.72
C CYS C 318 -78.64 -105.00 -51.49
N GLU C 319 -78.58 -105.58 -52.69
CA GLU C 319 -77.37 -105.50 -53.50
C GLU C 319 -77.26 -104.08 -54.03
N TRP C 320 -78.40 -103.48 -54.36
CA TRP C 320 -78.43 -102.11 -54.85
C TRP C 320 -77.97 -101.20 -53.71
N ALA C 321 -78.47 -101.46 -52.51
CA ALA C 321 -78.11 -100.66 -51.33
C ALA C 321 -76.62 -100.80 -50.98
N GLU C 322 -76.07 -101.98 -51.21
CA GLU C 322 -74.65 -102.20 -50.93
C GLU C 322 -73.81 -101.36 -51.88
N GLU C 323 -74.24 -101.30 -53.14
CA GLU C 323 -73.55 -100.53 -54.17
C GLU C 323 -73.55 -99.04 -53.79
N GLU C 324 -74.62 -98.59 -53.14
CA GLU C 324 -74.72 -97.20 -52.74
C GLU C 324 -73.95 -96.88 -51.46
N SER C 325 -74.13 -97.72 -50.45
CA SER C 325 -73.54 -97.51 -49.12
C SER C 325 -72.27 -98.23 -48.73
N GLY C 326 -71.95 -99.33 -49.41
CA GLY C 326 -70.74 -100.06 -49.05
C GLY C 326 -71.01 -101.08 -47.95
N VAL C 327 -72.25 -101.12 -47.46
CA VAL C 327 -72.63 -102.08 -46.42
C VAL C 327 -73.05 -103.38 -47.14
N PRO C 328 -72.46 -104.52 -46.73
CA PRO C 328 -72.76 -105.84 -47.32
C PRO C 328 -74.25 -106.18 -47.46
N ALA C 329 -74.64 -106.54 -48.67
CA ALA C 329 -76.03 -106.90 -48.95
C ALA C 329 -76.58 -107.96 -48.00
N CYS C 330 -75.78 -108.97 -47.70
CA CYS C 330 -76.21 -110.03 -46.80
C CYS C 330 -76.52 -109.54 -45.39
N GLU C 331 -75.71 -108.60 -44.89
CA GLU C 331 -75.95 -108.07 -43.54
C GLU C 331 -77.20 -107.19 -43.53
N ILE C 332 -77.45 -106.48 -44.63
CA ILE C 332 -78.63 -105.62 -44.71
C ILE C 332 -79.88 -106.51 -44.65
N ARG C 333 -79.85 -107.60 -45.43
CA ARG C 333 -80.97 -108.53 -45.48
C ARG C 333 -81.18 -109.27 -44.16
N ALA C 334 -80.08 -109.64 -43.51
CA ALA C 334 -80.15 -110.34 -42.23
C ALA C 334 -80.85 -109.46 -41.20
N LEU C 335 -80.50 -108.18 -41.18
CA LEU C 335 -81.10 -107.24 -40.25
C LEU C 335 -82.59 -107.07 -40.54
N ALA C 336 -82.93 -106.92 -41.82
CA ALA C 336 -84.31 -106.75 -42.22
C ALA C 336 -85.18 -107.90 -41.73
N ARG C 337 -84.71 -109.12 -41.93
CA ARG C 337 -85.45 -110.30 -41.51
C ARG C 337 -85.59 -110.40 -40.00
N GLN C 338 -84.49 -110.16 -39.29
CA GLN C 338 -84.51 -110.20 -37.83
C GLN C 338 -85.45 -109.11 -37.32
N TRP C 339 -85.30 -107.91 -37.88
CA TRP C 339 -86.12 -106.77 -37.51
C TRP C 339 -87.61 -107.11 -37.61
N ALA C 340 -87.99 -107.78 -38.69
CA ALA C 340 -89.38 -108.17 -38.90
C ALA C 340 -89.92 -109.16 -37.86
N LYS C 341 -89.15 -110.19 -37.55
CA LYS C 341 -89.64 -111.19 -36.60
C LYS C 341 -89.45 -110.91 -35.11
N LYS C 342 -88.64 -109.93 -34.76
CA LYS C 342 -88.40 -109.61 -33.35
C LYS C 342 -89.07 -108.30 -32.93
N ASN C 343 -89.34 -108.15 -31.63
CA ASN C 343 -89.92 -106.90 -31.13
C ASN C 343 -88.76 -105.93 -31.24
N THR C 344 -88.79 -105.10 -32.27
CA THR C 344 -87.70 -104.17 -32.51
C THR C 344 -88.08 -102.70 -32.36
N TYR C 345 -87.22 -101.97 -31.67
CA TYR C 345 -87.42 -100.54 -31.49
C TYR C 345 -86.39 -99.84 -32.35
N LEU C 346 -86.81 -98.81 -33.07
CA LEU C 346 -85.92 -98.05 -33.92
C LEU C 346 -85.42 -96.82 -33.20
N ALA C 347 -84.14 -96.83 -32.85
CA ALA C 347 -83.53 -95.70 -32.16
C ALA C 347 -82.94 -94.75 -33.20
N ALA C 348 -83.80 -93.94 -33.81
CA ALA C 348 -83.35 -92.98 -34.81
C ALA C 348 -82.92 -91.73 -34.05
N GLY C 349 -81.66 -91.35 -34.20
CA GLY C 349 -81.16 -90.18 -33.50
C GLY C 349 -80.94 -90.50 -32.03
N GLY C 350 -80.25 -89.61 -31.31
CA GLY C 350 -79.98 -89.88 -29.91
C GLY C 350 -81.11 -89.51 -28.96
N LEU C 351 -82.05 -88.70 -29.44
CA LEU C 351 -83.16 -88.25 -28.60
C LEU C 351 -84.47 -88.99 -28.81
N GLY C 352 -84.64 -89.51 -30.02
CA GLY C 352 -85.89 -90.14 -30.40
C GLY C 352 -86.22 -89.02 -31.36
N GLY C 353 -85.58 -89.09 -32.51
CA GLY C 353 -85.71 -88.04 -33.50
C GLY C 353 -84.30 -87.47 -33.48
N TRP C 354 -84.06 -86.38 -34.22
CA TRP C 354 -82.72 -85.80 -34.30
C TRP C 354 -81.83 -86.83 -34.98
N GLY C 355 -80.52 -86.72 -34.77
CA GLY C 355 -79.60 -87.62 -35.43
C GLY C 355 -78.81 -86.79 -36.44
N GLY C 356 -77.48 -86.94 -36.47
CA GLY C 356 -76.63 -86.20 -37.38
C GLY C 356 -77.04 -86.42 -38.82
N ALA C 357 -77.62 -87.59 -39.10
CA ALA C 357 -78.06 -87.93 -40.44
C ALA C 357 -79.15 -86.98 -40.93
N CYS C 358 -79.89 -86.39 -40.01
CA CYS C 358 -80.97 -85.49 -40.42
C CYS C 358 -80.49 -84.12 -40.89
N ARG C 359 -79.25 -83.74 -40.56
CA ARG C 359 -78.74 -82.45 -41.04
C ARG C 359 -77.58 -82.74 -41.99
N ALA C 360 -77.96 -83.29 -43.14
CA ALA C 360 -77.04 -83.68 -44.19
C ALA C 360 -77.84 -83.57 -45.49
N SER C 361 -77.16 -83.64 -46.63
CA SER C 361 -77.87 -83.49 -47.90
C SER C 361 -78.98 -84.52 -48.14
N HIS C 362 -78.98 -85.62 -47.40
CA HIS C 362 -80.01 -86.64 -47.57
C HIS C 362 -80.90 -86.70 -46.33
N GLY C 363 -80.78 -85.68 -45.48
CA GLY C 363 -81.54 -85.63 -44.24
C GLY C 363 -83.04 -85.82 -44.35
N ILE C 364 -83.64 -85.23 -45.37
CA ILE C 364 -85.08 -85.34 -45.56
C ILE C 364 -85.53 -86.77 -45.81
N GLU C 365 -84.82 -87.49 -46.68
CA GLU C 365 -85.17 -88.87 -46.98
C GLU C 365 -84.76 -89.84 -45.87
N TRP C 366 -83.74 -89.50 -45.09
CA TRP C 366 -83.35 -90.39 -44.01
C TRP C 366 -84.48 -90.39 -42.98
N ALA C 367 -84.92 -89.18 -42.61
CA ALA C 367 -85.99 -89.03 -41.63
C ALA C 367 -87.28 -89.71 -42.11
N ARG C 368 -87.66 -89.46 -43.35
CA ARG C 368 -88.89 -90.08 -43.88
C ARG C 368 -88.69 -91.58 -43.97
N GLY C 369 -87.45 -92.01 -44.17
CA GLY C 369 -87.15 -93.42 -44.23
C GLY C 369 -87.33 -94.06 -42.86
N MET C 370 -86.93 -93.34 -41.81
CA MET C 370 -87.06 -93.87 -40.46
C MET C 370 -88.55 -93.99 -40.12
N ILE C 371 -89.33 -93.01 -40.58
CA ILE C 371 -90.77 -93.02 -40.35
C ILE C 371 -91.41 -94.16 -41.14
N ALA C 372 -90.91 -94.39 -42.35
CA ALA C 372 -91.43 -95.45 -43.21
C ALA C 372 -91.26 -96.81 -42.54
N LEU C 373 -90.05 -97.10 -42.08
CA LEU C 373 -89.76 -98.36 -41.41
C LEU C 373 -90.54 -98.57 -40.12
N ALA C 374 -90.53 -97.56 -39.24
CA ALA C 374 -91.25 -97.68 -37.97
C ALA C 374 -92.74 -97.91 -38.23
N THR C 375 -93.26 -97.25 -39.27
CA THR C 375 -94.67 -97.36 -39.64
C THR C 375 -95.02 -98.77 -40.13
N MET C 376 -94.17 -99.32 -41.00
CA MET C 376 -94.41 -100.67 -41.52
C MET C 376 -94.43 -101.74 -40.45
N GLN C 377 -93.72 -101.51 -39.35
CA GLN C 377 -93.69 -102.48 -38.25
C GLN C 377 -94.74 -102.17 -37.19
N GLY C 378 -95.62 -101.22 -37.50
CA GLY C 378 -96.69 -100.85 -36.57
C GLY C 378 -96.28 -100.17 -35.30
N MET C 379 -95.64 -99.01 -35.41
CA MET C 379 -95.18 -98.27 -34.24
C MET C 379 -96.33 -97.88 -33.31
N GLY C 380 -96.11 -98.03 -32.01
CA GLY C 380 -97.12 -97.69 -31.03
C GLY C 380 -97.63 -98.92 -30.30
N LYS C 381 -97.54 -100.08 -30.93
CA LYS C 381 -97.98 -101.32 -30.30
C LYS C 381 -96.84 -101.85 -29.45
N PRO C 382 -97.16 -102.68 -28.44
CA PRO C 382 -96.15 -103.25 -27.56
C PRO C 382 -95.03 -103.95 -28.32
N GLY C 383 -93.78 -103.58 -28.04
CA GLY C 383 -92.65 -104.20 -28.69
C GLY C 383 -92.24 -103.64 -30.04
N SER C 384 -92.89 -102.57 -30.48
CA SER C 384 -92.56 -101.96 -31.76
C SER C 384 -92.80 -100.46 -31.70
N ASN C 385 -91.74 -99.68 -31.85
CA ASN C 385 -91.86 -98.23 -31.78
C ASN C 385 -90.53 -97.59 -32.10
N MET C 386 -90.54 -96.27 -32.17
CA MET C 386 -89.32 -95.52 -32.41
C MET C 386 -88.94 -95.09 -31.00
N TRP C 387 -87.81 -95.60 -30.50
CA TRP C 387 -87.35 -95.26 -29.16
C TRP C 387 -85.81 -95.32 -29.17
N SER C 388 -85.18 -94.25 -28.72
CA SER C 388 -83.72 -94.20 -28.71
C SER C 388 -83.09 -94.51 -27.35
N THR C 389 -83.92 -95.04 -26.45
CA THR C 389 -83.53 -95.43 -25.10
C THR C 389 -83.15 -94.29 -24.16
N THR C 390 -83.22 -93.05 -24.64
CA THR C 390 -82.88 -91.90 -23.79
C THR C 390 -84.10 -91.30 -23.07
N GLN C 391 -85.25 -91.28 -23.72
CA GLN C 391 -86.46 -90.74 -23.09
C GLN C 391 -87.36 -91.89 -22.65
N GLY C 392 -88.60 -91.57 -22.27
CA GLY C 392 -89.52 -92.61 -21.86
C GLY C 392 -89.53 -92.95 -20.37
N VAL C 393 -88.70 -92.28 -19.58
CA VAL C 393 -88.64 -92.54 -18.14
C VAL C 393 -89.99 -92.18 -17.50
N PRO C 394 -90.52 -93.05 -16.61
CA PRO C 394 -91.80 -92.89 -15.90
C PRO C 394 -91.89 -91.78 -14.85
N LEU C 395 -91.38 -90.59 -15.17
CA LEU C 395 -91.44 -89.49 -14.22
C LEU C 395 -92.86 -88.93 -14.13
N ASP C 396 -93.09 -88.04 -13.18
CA ASP C 396 -94.42 -87.46 -13.02
C ASP C 396 -94.71 -86.38 -14.06
N TYR C 397 -95.24 -86.81 -15.21
CA TYR C 397 -95.58 -85.90 -16.32
C TYR C 397 -96.64 -84.89 -15.88
N GLU C 398 -97.34 -85.19 -14.79
CA GLU C 398 -98.39 -84.30 -14.28
C GLU C 398 -97.89 -83.11 -13.48
N PHE C 399 -96.66 -83.19 -12.99
CA PHE C 399 -96.08 -82.09 -12.22
C PHE C 399 -95.58 -81.06 -13.22
N TYR C 400 -95.89 -79.79 -12.97
CA TYR C 400 -95.45 -78.75 -13.91
C TYR C 400 -94.33 -77.83 -13.44
N PHE C 401 -93.30 -77.76 -14.27
CA PHE C 401 -92.16 -76.87 -14.06
C PHE C 401 -91.65 -76.54 -15.45
N PRO C 402 -91.61 -75.24 -15.79
CA PRO C 402 -91.18 -74.71 -17.09
C PRO C 402 -89.77 -75.06 -17.52
N GLY C 403 -89.60 -75.27 -18.82
CA GLY C 403 -88.30 -75.54 -19.39
C GLY C 403 -87.87 -74.16 -19.87
N TYR C 404 -86.59 -73.97 -20.18
CA TYR C 404 -86.13 -72.65 -20.60
C TYR C 404 -86.83 -72.14 -21.86
N ALA C 405 -87.24 -73.05 -22.73
CA ALA C 405 -87.88 -72.68 -23.99
C ALA C 405 -89.24 -72.02 -23.83
N GLU C 406 -89.77 -72.01 -22.61
CA GLU C 406 -91.08 -71.41 -22.39
C GLU C 406 -91.05 -69.90 -22.14
N GLY C 407 -89.92 -69.28 -22.44
CA GLY C 407 -89.80 -67.82 -22.33
C GLY C 407 -89.38 -67.13 -21.06
N GLY C 408 -89.42 -67.82 -19.92
CA GLY C 408 -89.01 -67.18 -18.68
C GLY C 408 -89.67 -65.83 -18.44
N ILE C 409 -88.84 -64.77 -18.33
CA ILE C 409 -89.35 -63.44 -18.06
C ILE C 409 -89.74 -62.60 -19.28
N SER C 410 -89.62 -63.17 -20.49
CA SER C 410 -89.97 -62.40 -21.68
C SER C 410 -91.45 -62.47 -22.02
N GLY C 411 -92.05 -63.64 -21.81
CA GLY C 411 -93.46 -63.80 -22.12
C GLY C 411 -93.70 -63.65 -23.61
N ASP C 412 -92.65 -63.79 -24.40
CA ASP C 412 -92.74 -63.67 -25.86
C ASP C 412 -93.48 -64.90 -26.42
N CYS C 413 -94.76 -64.73 -26.71
CA CYS C 413 -95.57 -65.85 -27.20
C CYS C 413 -95.35 -66.30 -28.64
N GLU C 414 -94.44 -65.65 -29.36
CA GLU C 414 -94.19 -66.05 -30.74
C GLU C 414 -92.78 -66.59 -30.95
N ASN C 415 -91.86 -66.18 -30.09
CA ASN C 415 -90.48 -66.63 -30.23
C ASN C 415 -90.03 -67.58 -29.12
N SER C 416 -90.99 -68.00 -28.30
CA SER C 416 -90.76 -68.95 -27.22
C SER C 416 -92.07 -69.72 -27.06
N ALA C 417 -92.09 -70.72 -26.21
CA ALA C 417 -93.29 -71.53 -26.00
C ALA C 417 -94.12 -71.04 -24.82
N ALA C 418 -93.91 -69.79 -24.41
CA ALA C 418 -94.64 -69.21 -23.29
C ALA C 418 -96.15 -69.23 -23.50
N GLY C 419 -96.57 -69.22 -24.75
CA GLY C 419 -97.99 -69.21 -25.05
C GLY C 419 -98.76 -70.45 -24.68
N PHE C 420 -98.05 -71.55 -24.45
CA PHE C 420 -98.73 -72.80 -24.10
C PHE C 420 -99.28 -72.80 -22.68
N LYS C 421 -98.47 -72.36 -21.73
CA LYS C 421 -98.92 -72.37 -20.35
C LYS C 421 -98.22 -71.38 -19.41
N PHE C 422 -96.90 -71.29 -19.50
CA PHE C 422 -96.14 -70.41 -18.61
C PHE C 422 -96.50 -68.94 -18.61
N ALA C 423 -96.69 -68.36 -19.78
CA ALA C 423 -97.03 -66.94 -19.86
C ALA C 423 -98.28 -66.63 -19.03
N TRP C 424 -99.24 -67.55 -19.06
CA TRP C 424 -100.50 -67.39 -18.35
C TRP C 424 -100.33 -67.56 -16.84
N ARG C 425 -99.26 -68.22 -16.44
CA ARG C 425 -98.98 -68.41 -15.03
C ARG C 425 -98.07 -67.32 -14.50
N MET C 426 -97.10 -66.93 -15.33
CA MET C 426 -96.11 -65.92 -14.96
C MET C 426 -96.60 -64.47 -14.91
N PHE C 427 -97.48 -64.09 -15.83
CA PHE C 427 -97.96 -62.72 -15.85
C PHE C 427 -99.43 -62.63 -15.50
N ASP C 428 -99.79 -61.54 -14.81
CA ASP C 428 -101.16 -61.32 -14.34
C ASP C 428 -101.90 -60.19 -15.03
N GLY C 429 -101.20 -59.39 -15.82
CA GLY C 429 -101.84 -58.28 -16.50
C GLY C 429 -102.23 -57.19 -15.51
N LYS C 430 -101.48 -57.12 -14.41
CA LYS C 430 -101.72 -56.12 -13.37
C LYS C 430 -100.44 -55.51 -12.83
N THR C 431 -99.56 -56.36 -12.28
CA THR C 431 -98.31 -55.92 -11.68
C THR C 431 -97.04 -56.27 -12.46
N THR C 432 -97.12 -57.27 -13.32
CA THR C 432 -95.96 -57.69 -14.10
C THR C 432 -96.39 -57.96 -15.54
N PHE C 433 -95.63 -57.44 -16.51
CA PHE C 433 -95.99 -57.60 -17.91
C PHE C 433 -94.93 -58.19 -18.84
N PRO C 434 -95.38 -58.83 -19.94
CA PRO C 434 -94.50 -59.46 -20.94
C PRO C 434 -93.85 -58.40 -21.83
N SER C 435 -92.92 -58.83 -22.67
CA SER C 435 -92.23 -57.94 -23.59
C SER C 435 -92.35 -58.51 -25.00
N PRO C 436 -93.38 -58.08 -25.76
CA PRO C 436 -93.63 -58.54 -27.12
C PRO C 436 -92.80 -57.80 -28.15
N SER C 437 -92.65 -58.40 -29.32
CA SER C 437 -91.90 -57.79 -30.41
C SER C 437 -92.77 -57.69 -31.65
N ASN C 438 -92.92 -56.47 -32.17
CA ASN C 438 -93.72 -56.26 -33.38
C ASN C 438 -92.81 -56.33 -34.61
N LEU C 439 -91.56 -56.71 -34.42
CA LEU C 439 -90.62 -56.84 -35.54
C LEU C 439 -90.21 -58.29 -35.77
N ASN C 440 -90.00 -59.04 -34.69
CA ASN C 440 -89.61 -60.44 -34.80
C ASN C 440 -90.88 -61.27 -34.98
N THR C 441 -91.56 -61.03 -36.10
CA THR C 441 -92.79 -61.71 -36.44
C THR C 441 -92.82 -61.88 -37.96
N SER C 442 -93.64 -62.79 -38.47
CA SER C 442 -93.72 -63.03 -39.90
C SER C 442 -93.96 -61.78 -40.75
N ALA C 443 -94.80 -60.88 -40.24
CA ALA C 443 -95.11 -59.64 -40.97
C ALA C 443 -94.06 -58.55 -40.77
N GLY C 444 -93.08 -58.83 -39.92
CA GLY C 444 -92.01 -57.87 -39.68
C GLY C 444 -90.81 -58.22 -40.53
N GLN C 445 -89.63 -58.21 -39.92
CA GLN C 445 -88.41 -58.55 -40.64
C GLN C 445 -87.49 -59.43 -39.82
N HIS C 446 -86.97 -60.47 -40.47
CA HIS C 446 -86.01 -61.37 -39.85
C HIS C 446 -85.19 -61.88 -41.02
N ILE C 447 -84.02 -62.45 -40.75
CA ILE C 447 -83.20 -63.03 -41.80
C ILE C 447 -82.76 -64.39 -41.31
N PRO C 448 -82.44 -65.31 -42.23
CA PRO C 448 -82.01 -66.65 -41.81
C PRO C 448 -80.59 -66.61 -41.23
N ARG C 449 -80.40 -67.29 -40.11
CA ARG C 449 -79.08 -67.35 -39.48
C ARG C 449 -78.06 -67.91 -40.48
N LEU C 450 -78.46 -68.92 -41.23
CA LEU C 450 -77.58 -69.55 -42.22
C LEU C 450 -77.20 -68.64 -43.39
N LYS C 451 -77.93 -67.54 -43.56
CA LYS C 451 -77.64 -66.65 -44.67
C LYS C 451 -77.31 -65.21 -44.28
N ILE C 452 -76.90 -65.00 -43.03
CA ILE C 452 -76.54 -63.66 -42.59
C ILE C 452 -75.46 -63.05 -43.51
N PRO C 453 -74.42 -63.81 -43.87
CA PRO C 453 -73.39 -63.26 -44.74
C PRO C 453 -73.91 -62.72 -46.07
N GLU C 454 -74.80 -63.48 -46.71
CA GLU C 454 -75.37 -63.08 -47.99
C GLU C 454 -76.22 -61.81 -47.84
N CYS C 455 -76.96 -61.72 -46.73
CA CYS C 455 -77.79 -60.55 -46.50
C CYS C 455 -76.93 -59.31 -46.31
N ILE C 456 -75.83 -59.46 -45.56
CA ILE C 456 -74.94 -58.32 -45.31
C ILE C 456 -74.15 -57.90 -46.54
N MET C 457 -73.48 -58.86 -47.18
CA MET C 457 -72.68 -58.54 -48.34
C MET C 457 -73.48 -58.35 -49.62
N GLY C 458 -74.54 -59.13 -49.78
CA GLY C 458 -75.36 -59.03 -50.98
C GLY C 458 -76.47 -58.01 -50.90
N GLY C 459 -76.93 -57.72 -49.69
CA GLY C 459 -77.99 -56.74 -49.50
C GLY C 459 -79.39 -57.23 -49.85
N LYS C 460 -79.53 -58.53 -50.08
CA LYS C 460 -80.83 -59.08 -50.45
C LYS C 460 -80.85 -60.60 -50.37
N PHE C 461 -82.02 -61.16 -50.09
CA PHE C 461 -82.19 -62.60 -50.03
C PHE C 461 -83.67 -62.95 -50.03
N GLN C 462 -83.99 -64.19 -50.37
CA GLN C 462 -85.37 -64.64 -50.41
C GLN C 462 -85.33 -66.11 -49.99
N TRP C 463 -86.23 -66.51 -49.11
CA TRP C 463 -86.22 -67.88 -48.61
C TRP C 463 -87.59 -68.35 -48.13
N SER C 464 -87.64 -69.59 -47.64
CA SER C 464 -88.88 -70.18 -47.14
C SER C 464 -88.85 -70.38 -45.62
N GLY C 465 -89.97 -70.08 -44.98
CA GLY C 465 -90.08 -70.26 -43.53
C GLY C 465 -89.37 -69.30 -42.61
N LYS C 466 -89.87 -69.20 -41.39
CA LYS C 466 -89.26 -68.33 -40.38
C LYS C 466 -88.78 -69.15 -39.18
N GLY C 467 -87.46 -69.25 -39.03
CA GLY C 467 -86.88 -69.97 -37.92
C GLY C 467 -87.48 -71.35 -37.70
N PHE C 468 -87.92 -71.60 -36.47
CA PHE C 468 -88.54 -72.89 -36.12
C PHE C 468 -90.01 -72.75 -36.50
N ALA C 469 -90.42 -73.34 -37.61
CA ALA C 469 -91.82 -73.23 -38.05
C ALA C 469 -92.67 -74.37 -37.52
N GLY C 470 -92.85 -74.42 -36.21
CA GLY C 470 -93.63 -75.49 -35.61
C GLY C 470 -95.12 -75.29 -35.44
N GLY C 471 -95.62 -74.14 -35.85
CA GLY C 471 -97.05 -73.87 -35.71
C GLY C 471 -97.92 -74.89 -36.42
N ASP C 472 -97.59 -75.17 -37.67
CA ASP C 472 -98.33 -76.13 -38.48
C ASP C 472 -97.40 -76.66 -39.55
N ILE C 473 -97.78 -77.76 -40.19
CA ILE C 473 -96.94 -78.38 -41.22
C ILE C 473 -96.50 -77.43 -42.33
N SER C 474 -97.43 -76.64 -42.86
CA SER C 474 -97.12 -75.73 -43.96
C SER C 474 -96.52 -74.35 -43.63
N HIS C 475 -96.33 -74.03 -42.36
CA HIS C 475 -95.77 -72.73 -42.02
C HIS C 475 -94.38 -72.51 -42.65
N GLN C 476 -93.60 -73.58 -42.72
CA GLN C 476 -92.26 -73.53 -43.27
C GLN C 476 -92.25 -73.22 -44.77
N LEU C 477 -93.42 -73.30 -45.41
CA LEU C 477 -93.52 -73.05 -46.84
C LEU C 477 -93.76 -71.57 -47.17
N HIS C 478 -94.07 -70.78 -46.16
CA HIS C 478 -94.33 -69.36 -46.37
C HIS C 478 -93.06 -68.71 -46.91
N GLN C 479 -93.22 -67.77 -47.84
CA GLN C 479 -92.11 -67.09 -48.48
C GLN C 479 -91.77 -65.73 -47.85
N TYR C 480 -90.48 -65.50 -47.66
CA TYR C 480 -89.98 -64.26 -47.06
C TYR C 480 -88.87 -63.63 -47.91
N GLU C 481 -88.64 -62.34 -47.71
CA GLU C 481 -87.62 -61.61 -48.45
C GLU C 481 -86.89 -60.63 -47.55
N TYR C 482 -85.66 -60.29 -47.92
CA TYR C 482 -84.84 -59.33 -47.20
C TYR C 482 -84.24 -58.37 -48.21
N PRO C 483 -84.38 -57.06 -47.97
CA PRO C 483 -85.07 -56.49 -46.82
C PRO C 483 -86.58 -56.71 -46.95
N ALA C 484 -87.26 -56.88 -45.83
CA ALA C 484 -88.71 -57.09 -45.86
C ALA C 484 -89.37 -55.78 -46.32
N PRO C 485 -90.50 -55.89 -47.04
CA PRO C 485 -91.21 -54.70 -47.54
C PRO C 485 -91.35 -53.57 -46.53
N GLY C 486 -90.81 -52.40 -46.88
CA GLY C 486 -90.89 -51.24 -46.01
C GLY C 486 -89.80 -51.14 -44.96
N TYR C 487 -89.13 -52.24 -44.67
CA TYR C 487 -88.07 -52.24 -43.66
C TYR C 487 -86.69 -51.87 -44.21
N SER C 488 -85.76 -51.62 -43.31
CA SER C 488 -84.41 -51.22 -43.67
C SER C 488 -83.38 -52.34 -43.64
N LYS C 489 -82.34 -52.19 -44.45
CA LYS C 489 -81.25 -53.15 -44.49
C LYS C 489 -80.47 -52.96 -43.19
N ILE C 490 -79.70 -53.97 -42.82
CA ILE C 490 -78.90 -53.95 -41.60
C ILE C 490 -77.77 -52.92 -41.63
N LYS C 491 -77.59 -52.22 -40.52
CA LYS C 491 -76.53 -51.22 -40.38
C LYS C 491 -75.66 -51.54 -39.17
N MET C 492 -76.25 -52.26 -38.22
CA MET C 492 -75.59 -52.62 -36.98
C MET C 492 -75.82 -54.10 -36.63
N PHE C 493 -74.81 -54.74 -36.06
CA PHE C 493 -74.93 -56.14 -35.67
C PHE C 493 -74.58 -56.33 -34.19
N TRP C 494 -75.57 -56.69 -33.39
CA TRP C 494 -75.35 -56.92 -31.97
C TRP C 494 -75.27 -58.43 -31.78
N LYS C 495 -74.05 -58.94 -31.66
CA LYS C 495 -73.86 -60.37 -31.47
C LYS C 495 -73.84 -60.78 -30.01
N TYR C 496 -74.43 -61.94 -29.75
CA TYR C 496 -74.50 -62.49 -28.41
C TYR C 496 -73.75 -63.81 -28.59
N GLY C 497 -72.50 -63.83 -28.16
CA GLY C 497 -71.66 -65.00 -28.34
C GLY C 497 -71.04 -64.90 -29.72
N GLY C 498 -70.14 -65.81 -30.09
CA GLY C 498 -69.53 -65.76 -31.41
C GLY C 498 -69.00 -67.11 -31.88
N PRO C 499 -69.86 -68.14 -31.92
CA PRO C 499 -69.52 -69.51 -32.34
C PRO C 499 -69.70 -69.87 -33.80
N HIS C 500 -70.29 -68.99 -34.59
CA HIS C 500 -70.58 -69.34 -35.98
C HIS C 500 -69.48 -69.85 -36.88
N LEU C 501 -68.25 -69.42 -36.70
CA LEU C 501 -67.17 -69.92 -37.55
C LEU C 501 -67.00 -71.43 -37.34
N GLY C 502 -67.44 -71.92 -36.19
CA GLY C 502 -67.30 -73.34 -35.92
C GLY C 502 -68.61 -74.13 -35.92
N THR C 503 -69.74 -73.45 -36.03
CA THR C 503 -71.02 -74.16 -35.99
C THR C 503 -71.95 -74.04 -37.22
N MET C 504 -71.70 -73.07 -38.10
CA MET C 504 -72.57 -72.91 -39.27
C MET C 504 -72.01 -73.65 -40.50
N THR C 505 -72.29 -73.15 -41.70
CA THR C 505 -71.80 -73.83 -42.92
C THR C 505 -70.83 -72.99 -43.75
N ALA C 506 -69.90 -73.66 -44.44
CA ALA C 506 -68.88 -72.98 -45.28
C ALA C 506 -68.61 -71.65 -44.60
N THR C 507 -68.16 -71.73 -43.35
CA THR C 507 -67.97 -70.56 -42.51
C THR C 507 -66.97 -69.46 -42.83
N ASN C 508 -66.13 -69.61 -43.85
CA ASN C 508 -65.21 -68.52 -44.16
C ASN C 508 -66.05 -67.27 -44.47
N ARG C 509 -67.24 -67.49 -45.05
CA ARG C 509 -68.12 -66.38 -45.41
C ARG C 509 -68.57 -65.54 -44.20
N TYR C 510 -68.60 -66.15 -43.01
CA TYR C 510 -68.99 -65.40 -41.83
C TYR C 510 -67.85 -64.49 -41.41
N ALA C 511 -66.62 -64.91 -41.69
CA ALA C 511 -65.44 -64.12 -41.38
C ALA C 511 -65.37 -62.93 -42.34
N LYS C 512 -65.66 -63.18 -43.61
CA LYS C 512 -65.62 -62.14 -44.63
C LYS C 512 -66.67 -61.03 -44.49
N MET C 513 -67.83 -61.38 -43.95
CA MET C 513 -68.91 -60.40 -43.81
C MET C 513 -68.62 -59.25 -42.86
N TYR C 514 -67.76 -59.49 -41.87
CA TYR C 514 -67.46 -58.46 -40.89
C TYR C 514 -66.79 -57.20 -41.42
N THR C 515 -66.06 -57.34 -42.52
CA THR C 515 -65.37 -56.19 -43.08
C THR C 515 -66.16 -55.45 -44.16
N HIS C 516 -67.40 -55.88 -44.40
CA HIS C 516 -68.22 -55.22 -45.41
C HIS C 516 -68.51 -53.78 -44.95
N ASP C 517 -68.42 -52.83 -45.86
CA ASP C 517 -68.63 -51.43 -45.50
C ASP C 517 -70.06 -51.04 -45.15
N SER C 518 -71.01 -51.96 -45.33
CA SER C 518 -72.39 -51.66 -45.00
C SER C 518 -72.60 -51.75 -43.49
N LEU C 519 -71.75 -52.54 -42.82
CA LEU C 519 -71.82 -52.71 -41.37
C LEU C 519 -71.12 -51.54 -40.69
N GLU C 520 -71.91 -50.60 -40.18
CA GLU C 520 -71.37 -49.42 -39.52
C GLU C 520 -70.95 -49.67 -38.08
N PHE C 521 -71.47 -50.74 -37.48
CA PHE C 521 -71.14 -51.02 -36.09
C PHE C 521 -71.38 -52.48 -35.70
N VAL C 522 -70.46 -53.04 -34.91
CA VAL C 522 -70.58 -54.41 -34.46
C VAL C 522 -70.26 -54.52 -32.97
N VAL C 523 -71.21 -55.04 -32.20
CA VAL C 523 -71.05 -55.22 -30.77
C VAL C 523 -71.14 -56.70 -30.42
N SER C 524 -70.25 -57.16 -29.55
CA SER C 524 -70.25 -58.54 -29.13
C SER C 524 -70.41 -58.62 -27.62
N GLN C 525 -71.47 -59.29 -27.18
CA GLN C 525 -71.75 -59.46 -25.77
C GLN C 525 -71.48 -60.94 -25.53
N SER C 526 -70.28 -61.23 -25.06
CA SER C 526 -69.88 -62.62 -24.85
C SER C 526 -69.13 -62.86 -23.56
N ILE C 527 -68.82 -64.12 -23.30
CA ILE C 527 -68.11 -64.53 -22.09
C ILE C 527 -66.62 -64.72 -22.33
N TRP C 528 -66.28 -65.45 -23.40
CA TRP C 528 -64.88 -65.73 -23.73
C TRP C 528 -64.42 -65.03 -25.00
N PHE C 529 -63.14 -64.66 -25.04
CA PHE C 529 -62.56 -64.00 -26.21
C PHE C 529 -62.14 -65.10 -27.18
N GLU C 530 -63.04 -65.44 -28.09
CA GLU C 530 -62.80 -66.51 -29.06
C GLU C 530 -63.74 -66.40 -30.26
N GLY C 531 -63.59 -67.30 -31.22
CA GLY C 531 -64.45 -67.31 -32.38
C GLY C 531 -64.57 -66.01 -33.16
N GLU C 532 -65.79 -65.47 -33.19
CA GLU C 532 -66.08 -64.23 -33.90
C GLU C 532 -65.86 -62.97 -33.05
N VAL C 533 -65.63 -63.15 -31.76
CA VAL C 533 -65.45 -62.01 -30.88
C VAL C 533 -64.40 -61.00 -31.38
N PRO C 534 -63.24 -61.49 -31.86
CA PRO C 534 -62.19 -60.60 -32.36
C PRO C 534 -62.49 -59.80 -33.62
N PHE C 535 -63.75 -59.74 -34.04
CA PHE C 535 -64.13 -58.96 -35.22
C PHE C 535 -64.98 -57.76 -34.78
N ALA C 536 -65.39 -57.76 -33.52
CA ALA C 536 -66.24 -56.70 -32.98
C ALA C 536 -65.56 -55.35 -32.76
N ASP C 537 -66.35 -54.29 -32.74
CA ASP C 537 -65.85 -52.93 -32.51
C ASP C 537 -65.86 -52.65 -31.01
N ILE C 538 -66.86 -53.22 -30.33
CA ILE C 538 -67.02 -53.08 -28.90
C ILE C 538 -67.39 -54.46 -28.33
N ILE C 539 -66.69 -54.88 -27.27
CA ILE C 539 -66.94 -56.17 -26.65
C ILE C 539 -67.39 -55.98 -25.20
N LEU C 540 -68.46 -56.65 -24.80
CA LEU C 540 -68.99 -56.55 -23.45
C LEU C 540 -68.86 -57.92 -22.76
N PRO C 541 -68.18 -57.96 -21.59
CA PRO C 541 -67.96 -59.17 -20.78
C PRO C 541 -69.16 -59.69 -20.01
N ALA C 542 -69.66 -60.86 -20.39
CA ALA C 542 -70.78 -61.47 -19.69
C ALA C 542 -70.18 -62.54 -18.78
N CYS C 543 -70.92 -62.96 -17.75
CA CYS C 543 -70.40 -63.98 -16.83
C CYS C 543 -71.11 -65.32 -17.01
N THR C 544 -70.59 -66.36 -16.35
CA THR C 544 -71.19 -67.68 -16.43
C THR C 544 -72.34 -67.76 -15.43
N ASN C 545 -73.09 -68.85 -15.47
CA ASN C 545 -74.20 -69.02 -14.54
C ASN C 545 -73.73 -69.29 -13.11
N PHE C 546 -72.43 -69.51 -12.94
CA PHE C 546 -71.90 -69.76 -11.60
C PHE C 546 -71.62 -68.44 -10.88
N GLU C 547 -71.79 -67.34 -11.61
CA GLU C 547 -71.55 -66.01 -11.07
C GLU C 547 -72.81 -65.16 -10.99
N ARG C 548 -73.97 -65.82 -10.97
CA ARG C 548 -75.25 -65.11 -10.90
C ARG C 548 -76.33 -66.04 -10.38
N TRP C 549 -77.49 -65.46 -10.03
CA TRP C 549 -78.60 -66.25 -9.51
C TRP C 549 -79.56 -66.70 -10.60
N ASP C 550 -80.06 -67.92 -10.48
CA ASP C 550 -81.03 -68.44 -11.44
C ASP C 550 -81.68 -69.71 -10.88
N ILE C 551 -82.57 -70.29 -11.66
CA ILE C 551 -83.28 -71.50 -11.26
C ILE C 551 -83.50 -72.32 -12.54
N SER C 552 -83.47 -73.65 -12.41
CA SER C 552 -83.66 -74.49 -13.58
C SER C 552 -83.95 -75.94 -13.18
N GLU C 553 -84.29 -76.75 -14.18
CA GLU C 553 -84.56 -78.16 -13.95
C GLU C 553 -83.60 -78.97 -14.82
N PHE C 554 -83.16 -80.10 -14.28
CA PHE C 554 -82.24 -81.00 -14.97
C PHE C 554 -82.73 -81.35 -16.37
N ALA C 555 -82.04 -80.81 -17.39
CA ALA C 555 -82.34 -81.07 -18.80
C ALA C 555 -83.69 -80.60 -19.32
N ASN C 556 -84.39 -79.77 -18.56
CA ASN C 556 -85.72 -79.32 -18.99
C ASN C 556 -85.72 -78.18 -20.01
N CYS C 557 -85.97 -78.53 -21.27
CA CYS C 557 -86.05 -77.55 -22.36
C CYS C 557 -87.52 -77.23 -22.60
N SER C 558 -88.33 -78.29 -22.76
CA SER C 558 -89.76 -78.15 -23.00
C SER C 558 -89.96 -77.39 -24.32
N GLY C 559 -91.13 -76.78 -24.48
CA GLY C 559 -91.39 -76.03 -25.71
C GLY C 559 -91.49 -76.97 -26.90
N TYR C 560 -90.50 -76.94 -27.78
CA TYR C 560 -90.48 -77.81 -28.97
C TYR C 560 -90.02 -79.21 -28.63
N ILE C 561 -89.72 -79.47 -27.37
CA ILE C 561 -89.35 -80.80 -26.90
C ILE C 561 -90.12 -80.95 -25.59
N PRO C 562 -91.46 -80.99 -25.68
CA PRO C 562 -92.31 -81.14 -24.49
C PRO C 562 -91.90 -82.25 -23.56
N ASP C 563 -91.82 -81.92 -22.27
CA ASP C 563 -91.50 -82.88 -21.22
C ASP C 563 -90.21 -83.68 -21.46
N ASN C 564 -89.16 -83.04 -21.95
CA ASN C 564 -87.91 -83.76 -22.21
C ASN C 564 -87.10 -84.03 -20.94
N TYR C 565 -87.62 -83.62 -19.79
CA TYR C 565 -86.91 -83.90 -18.54
C TYR C 565 -86.95 -85.42 -18.33
N GLN C 566 -87.77 -86.10 -19.13
CA GLN C 566 -87.89 -87.55 -19.04
C GLN C 566 -86.63 -88.23 -19.57
N LEU C 567 -85.62 -87.43 -19.87
CA LEU C 567 -84.34 -87.93 -20.34
C LEU C 567 -83.52 -88.37 -19.12
N CYS C 568 -83.93 -87.88 -17.95
CA CYS C 568 -83.23 -88.17 -16.71
C CYS C 568 -83.92 -89.20 -15.83
N ASN C 569 -83.16 -89.76 -14.88
CA ASN C 569 -83.70 -90.76 -13.98
C ASN C 569 -84.59 -90.11 -12.92
N HIS C 570 -84.39 -88.82 -12.68
CA HIS C 570 -85.20 -88.09 -11.70
C HIS C 570 -85.41 -86.66 -12.17
N ARG C 571 -86.51 -86.05 -11.71
CA ARG C 571 -86.78 -84.66 -12.04
C ARG C 571 -86.14 -83.87 -10.91
N VAL C 572 -85.06 -83.16 -11.22
CA VAL C 572 -84.36 -82.38 -10.21
C VAL C 572 -84.43 -80.89 -10.53
N ILE C 573 -85.03 -80.13 -9.62
CA ILE C 573 -85.17 -78.70 -9.77
C ILE C 573 -84.17 -78.08 -8.81
N SER C 574 -83.27 -77.26 -9.34
CA SER C 574 -82.27 -76.66 -8.47
C SER C 574 -82.12 -75.16 -8.57
N LEU C 575 -81.69 -74.59 -7.46
CA LEU C 575 -81.42 -73.17 -7.37
C LEU C 575 -79.99 -73.04 -7.85
N GLN C 576 -79.75 -72.14 -8.80
CA GLN C 576 -78.39 -71.93 -9.27
C GLN C 576 -77.85 -70.76 -8.47
N ALA C 577 -77.20 -71.10 -7.36
CA ALA C 577 -76.65 -70.10 -6.45
C ALA C 577 -75.47 -69.34 -7.03
N LYS C 578 -75.39 -68.06 -6.69
CA LYS C 578 -74.27 -67.25 -7.14
C LYS C 578 -73.12 -67.72 -6.26
N CYS C 579 -72.38 -68.70 -6.76
CA CYS C 579 -71.26 -69.30 -6.03
C CYS C 579 -70.09 -68.36 -5.79
N ILE C 580 -69.84 -67.47 -6.75
CA ILE C 580 -68.73 -66.52 -6.63
C ILE C 580 -69.09 -65.21 -7.31
N GLU C 581 -68.32 -64.16 -7.02
CA GLU C 581 -68.55 -62.86 -7.64
C GLU C 581 -68.08 -62.94 -9.09
N PRO C 582 -68.71 -62.18 -9.99
CA PRO C 582 -68.30 -62.20 -11.40
C PRO C 582 -66.79 -62.05 -11.55
N VAL C 583 -66.21 -62.85 -12.46
CA VAL C 583 -64.77 -62.80 -12.72
C VAL C 583 -64.42 -61.56 -13.52
N GLY C 584 -63.31 -60.91 -13.13
CA GLY C 584 -62.89 -59.71 -13.82
C GLY C 584 -63.95 -58.64 -13.70
N GLU C 585 -64.21 -57.93 -14.80
CA GLU C 585 -65.20 -56.87 -14.81
C GLU C 585 -66.48 -57.31 -15.55
N SER C 586 -66.69 -58.61 -15.63
CA SER C 586 -67.89 -59.13 -16.31
C SER C 586 -69.10 -58.98 -15.42
N MET C 587 -70.28 -59.13 -16.02
CA MET C 587 -71.53 -59.05 -15.26
C MET C 587 -72.62 -59.83 -15.98
N SER C 588 -73.66 -60.20 -15.24
CA SER C 588 -74.75 -60.96 -15.82
C SER C 588 -75.35 -60.24 -17.02
N ASP C 589 -75.83 -61.00 -17.99
CA ASP C 589 -76.44 -60.40 -19.16
C ASP C 589 -77.61 -59.55 -18.72
N TYR C 590 -78.30 -60.00 -17.68
CA TYR C 590 -79.44 -59.24 -17.17
C TYR C 590 -79.01 -57.86 -16.68
N GLU C 591 -77.91 -57.81 -15.94
CA GLU C 591 -77.41 -56.53 -15.43
C GLU C 591 -76.87 -55.66 -16.56
N ILE C 592 -76.36 -56.29 -17.61
CA ILE C 592 -75.86 -55.54 -18.75
C ILE C 592 -77.05 -54.83 -19.39
N TYR C 593 -78.12 -55.59 -19.63
CA TYR C 593 -79.33 -55.04 -20.23
C TYR C 593 -80.01 -54.01 -19.33
N ARG C 594 -79.88 -54.20 -18.02
CA ARG C 594 -80.49 -53.27 -17.07
C ARG C 594 -79.75 -51.94 -17.17
N LEU C 595 -78.43 -52.02 -17.38
CA LEU C 595 -77.61 -50.83 -17.52
C LEU C 595 -78.00 -50.12 -18.81
N PHE C 596 -78.22 -50.90 -19.87
CA PHE C 596 -78.63 -50.33 -21.16
C PHE C 596 -80.03 -49.74 -21.04
N ALA C 597 -80.93 -50.47 -20.38
CA ALA C 597 -82.30 -50.00 -20.22
C ALA C 597 -82.32 -48.63 -19.54
N LYS C 598 -81.46 -48.45 -18.54
CA LYS C 598 -81.39 -47.17 -17.85
C LYS C 598 -80.97 -46.08 -18.81
N LYS C 599 -79.97 -46.35 -19.65
CA LYS C 599 -79.48 -45.36 -20.60
C LYS C 599 -80.42 -45.16 -21.80
N LEU C 600 -81.31 -46.10 -22.03
CA LEU C 600 -82.27 -46.00 -23.13
C LEU C 600 -83.58 -45.46 -22.60
N ASN C 601 -83.58 -45.14 -21.31
CA ASN C 601 -84.76 -44.59 -20.64
C ASN C 601 -85.96 -45.53 -20.57
N ILE C 602 -85.69 -46.82 -20.40
CA ILE C 602 -86.76 -47.82 -20.30
C ILE C 602 -86.47 -48.79 -19.16
N GLU C 603 -85.69 -48.34 -18.18
CA GLU C 603 -85.34 -49.19 -17.04
C GLU C 603 -86.52 -49.78 -16.30
N GLU C 604 -87.51 -48.95 -15.98
CA GLU C 604 -88.68 -49.41 -15.26
C GLU C 604 -89.42 -50.51 -16.01
N MET C 605 -89.72 -50.28 -17.28
CA MET C 605 -90.43 -51.25 -18.09
C MET C 605 -89.71 -52.59 -18.21
N PHE C 606 -88.38 -52.55 -18.36
CA PHE C 606 -87.58 -53.76 -18.49
C PHE C 606 -87.37 -54.55 -17.19
N SER C 607 -86.87 -53.88 -16.16
CA SER C 607 -86.58 -54.56 -14.90
C SER C 607 -87.75 -54.67 -13.93
N GLU C 608 -88.74 -53.81 -14.08
CA GLU C 608 -89.89 -53.79 -13.17
C GLU C 608 -89.34 -53.67 -11.74
N GLY C 609 -88.19 -53.01 -11.62
CA GLY C 609 -87.56 -52.81 -10.33
C GLY C 609 -87.07 -54.06 -9.63
N LYS C 610 -86.78 -55.11 -10.41
CA LYS C 610 -86.32 -56.37 -9.84
C LYS C 610 -84.95 -56.79 -10.33
N ASP C 611 -84.20 -57.48 -9.47
CA ASP C 611 -82.90 -58.00 -9.87
C ASP C 611 -83.19 -59.45 -10.27
N GLU C 612 -82.14 -60.18 -10.64
CA GLU C 612 -82.32 -61.57 -11.05
C GLU C 612 -82.98 -62.46 -10.02
N LEU C 613 -82.56 -62.33 -8.76
CA LEU C 613 -83.13 -63.14 -7.70
C LEU C 613 -84.61 -62.84 -7.49
N ALA C 614 -85.01 -61.59 -7.71
CA ALA C 614 -86.40 -61.20 -7.55
C ALA C 614 -87.24 -61.85 -8.65
N TRP C 615 -86.65 -61.97 -9.84
CA TRP C 615 -87.38 -62.61 -10.94
C TRP C 615 -87.49 -64.11 -10.68
N CYS C 616 -86.45 -64.68 -10.08
CA CYS C 616 -86.44 -66.12 -9.79
C CYS C 616 -87.58 -66.48 -8.85
N GLU C 617 -87.81 -65.64 -7.84
CA GLU C 617 -88.88 -65.90 -6.89
C GLU C 617 -90.23 -65.83 -7.57
N GLN C 618 -90.41 -64.85 -8.45
CA GLN C 618 -91.66 -64.71 -9.18
C GLN C 618 -91.81 -65.93 -10.10
N TYR C 619 -90.71 -66.34 -10.72
CA TYR C 619 -90.69 -67.49 -11.62
C TYR C 619 -91.12 -68.73 -10.83
N PHE C 620 -90.45 -68.95 -9.70
CA PHE C 620 -90.72 -70.09 -8.82
C PHE C 620 -92.20 -70.22 -8.51
N ASN C 621 -92.82 -69.13 -8.07
CA ASN C 621 -94.23 -69.12 -7.71
C ASN C 621 -95.18 -69.32 -8.89
N ALA C 622 -94.65 -69.34 -10.09
CA ALA C 622 -95.48 -69.52 -11.28
C ALA C 622 -95.47 -70.98 -11.71
N THR C 623 -94.76 -71.81 -10.96
CA THR C 623 -94.66 -73.23 -11.27
C THR C 623 -95.47 -74.01 -10.23
N ASP C 624 -95.34 -75.33 -10.23
CA ASP C 624 -96.07 -76.17 -9.28
C ASP C 624 -95.25 -76.38 -8.00
N MET C 625 -94.01 -75.92 -8.00
CA MET C 625 -93.15 -76.07 -6.83
C MET C 625 -93.81 -75.67 -5.51
N PRO C 626 -94.58 -74.57 -5.48
CA PRO C 626 -95.22 -74.16 -4.23
C PRO C 626 -96.04 -75.27 -3.56
N LYS C 627 -96.43 -76.27 -4.33
CA LYS C 627 -97.21 -77.38 -3.79
C LYS C 627 -96.40 -78.20 -2.79
N TYR C 628 -95.09 -78.17 -2.93
CA TYR C 628 -94.22 -78.92 -2.04
C TYR C 628 -93.42 -78.05 -1.07
N MET C 629 -93.06 -76.85 -1.49
CA MET C 629 -92.30 -75.97 -0.62
C MET C 629 -92.32 -74.51 -1.06
N THR C 630 -92.11 -73.62 -0.11
CA THR C 630 -92.11 -72.19 -0.38
C THR C 630 -90.75 -71.79 -0.96
N TRP C 631 -90.69 -70.58 -1.51
CA TRP C 631 -89.46 -70.09 -2.10
C TRP C 631 -88.29 -70.11 -1.09
N ASP C 632 -88.54 -69.67 0.13
CA ASP C 632 -87.50 -69.64 1.15
C ASP C 632 -86.95 -71.04 1.47
N GLU C 633 -87.86 -72.01 1.62
CA GLU C 633 -87.44 -73.37 1.91
C GLU C 633 -86.59 -73.92 0.76
N PHE C 634 -87.04 -73.68 -0.46
CA PHE C 634 -86.32 -74.13 -1.65
C PHE C 634 -84.96 -73.47 -1.75
N PHE C 635 -84.94 -72.15 -1.54
CA PHE C 635 -83.69 -71.39 -1.58
C PHE C 635 -82.70 -71.95 -0.57
N LYS C 636 -83.21 -72.34 0.59
CA LYS C 636 -82.39 -72.88 1.67
C LYS C 636 -81.85 -74.28 1.34
N LYS C 637 -82.73 -75.15 0.83
CA LYS C 637 -82.33 -76.50 0.49
C LYS C 637 -81.42 -76.52 -0.74
N GLY C 638 -81.73 -75.70 -1.73
CA GLY C 638 -80.92 -75.62 -2.93
C GLY C 638 -81.37 -76.49 -4.09
N TYR C 639 -81.95 -77.64 -3.80
CA TYR C 639 -82.42 -78.54 -4.84
C TYR C 639 -83.60 -79.38 -4.36
N PHE C 640 -84.44 -79.81 -5.29
CA PHE C 640 -85.61 -80.61 -4.96
C PHE C 640 -85.82 -81.76 -5.95
N VAL C 641 -85.97 -82.97 -5.43
CA VAL C 641 -86.22 -84.14 -6.27
C VAL C 641 -87.72 -84.35 -6.30
N VAL C 642 -88.33 -84.21 -7.47
CA VAL C 642 -89.76 -84.37 -7.60
C VAL C 642 -90.17 -85.79 -7.23
N PRO C 643 -91.25 -85.93 -6.44
CA PRO C 643 -91.72 -87.25 -6.04
C PRO C 643 -92.22 -88.06 -7.22
N ASP C 644 -92.24 -89.38 -7.06
CA ASP C 644 -92.73 -90.27 -8.10
C ASP C 644 -94.26 -90.26 -8.03
N ASN C 645 -94.91 -90.49 -9.17
CA ASN C 645 -96.37 -90.55 -9.23
C ASN C 645 -96.65 -91.96 -9.78
N PRO C 646 -96.37 -92.98 -8.96
CA PRO C 646 -96.54 -94.41 -9.26
C PRO C 646 -97.83 -94.87 -9.90
N ASN C 647 -98.96 -94.31 -9.47
CA ASN C 647 -100.26 -94.73 -9.97
C ASN C 647 -100.84 -94.00 -11.18
N ARG C 648 -100.15 -93.00 -11.72
CA ARG C 648 -100.72 -92.29 -12.87
C ARG C 648 -100.84 -93.25 -14.05
N LYS C 649 -101.81 -93.00 -14.92
CA LYS C 649 -102.01 -93.85 -16.08
C LYS C 649 -100.81 -93.77 -17.01
N LYS C 650 -100.36 -94.92 -17.51
CA LYS C 650 -99.22 -94.94 -18.42
C LYS C 650 -99.74 -94.82 -19.84
N THR C 651 -99.24 -93.82 -20.57
CA THR C 651 -99.65 -93.61 -21.94
C THR C 651 -98.44 -93.66 -22.86
N VAL C 652 -98.17 -94.82 -23.41
CA VAL C 652 -97.02 -95.01 -24.30
C VAL C 652 -97.14 -94.22 -25.60
N ALA C 653 -96.03 -93.62 -26.01
CA ALA C 653 -95.96 -92.83 -27.22
C ALA C 653 -96.61 -93.50 -28.43
N LEU C 654 -97.54 -92.78 -29.06
CA LEU C 654 -98.26 -93.27 -30.25
C LEU C 654 -99.10 -94.53 -30.11
N ARG C 655 -99.31 -95.02 -28.89
CA ARG C 655 -100.14 -96.22 -28.76
C ARG C 655 -101.58 -95.87 -29.12
N TRP C 656 -101.99 -94.65 -28.79
CA TRP C 656 -103.34 -94.19 -29.11
C TRP C 656 -103.55 -94.23 -30.61
N PHE C 657 -102.51 -93.83 -31.36
CA PHE C 657 -102.59 -93.82 -32.81
C PHE C 657 -102.64 -95.24 -33.38
N ALA C 658 -101.80 -96.11 -32.84
CA ALA C 658 -101.76 -97.50 -33.29
C ALA C 658 -103.08 -98.22 -33.00
N GLU C 659 -103.80 -97.77 -31.98
CA GLU C 659 -105.05 -98.40 -31.61
C GLU C 659 -106.26 -97.66 -32.15
N GLY C 660 -106.00 -96.67 -33.01
CA GLY C 660 -107.07 -95.89 -33.62
C GLY C 660 -108.01 -95.18 -32.65
N ARG C 661 -107.47 -94.63 -31.57
CA ARG C 661 -108.30 -93.91 -30.61
C ARG C 661 -107.80 -92.50 -30.36
N GLU C 662 -108.49 -91.78 -29.49
CA GLU C 662 -108.11 -90.39 -29.18
C GLU C 662 -106.75 -90.25 -28.54
N LYS C 663 -106.03 -89.19 -28.91
CA LYS C 663 -104.72 -88.91 -28.35
C LYS C 663 -104.89 -88.84 -26.83
N ASP C 664 -104.03 -89.54 -26.09
CA ASP C 664 -104.16 -89.57 -24.64
C ASP C 664 -102.86 -89.30 -23.88
N THR C 665 -101.82 -88.86 -24.57
CA THR C 665 -100.54 -88.57 -23.93
C THR C 665 -100.51 -87.10 -23.51
N PRO C 666 -99.45 -86.68 -22.79
CA PRO C 666 -99.35 -85.28 -22.36
C PRO C 666 -98.78 -84.38 -23.47
N ASP C 667 -98.59 -84.94 -24.66
CA ASP C 667 -98.02 -84.17 -25.76
C ASP C 667 -98.77 -82.89 -26.07
N TRP C 668 -98.04 -81.91 -26.61
CA TRP C 668 -98.59 -80.60 -26.93
C TRP C 668 -99.27 -80.52 -28.29
N GLY C 669 -99.53 -81.69 -28.87
CA GLY C 669 -100.20 -81.73 -30.16
C GLY C 669 -100.68 -83.13 -30.45
N PRO C 670 -101.42 -83.33 -31.54
CA PRO C 670 -101.80 -82.25 -32.45
C PRO C 670 -102.93 -81.38 -31.94
N ARG C 671 -103.05 -80.18 -32.50
CA ARG C 671 -104.11 -79.27 -32.09
C ARG C 671 -105.42 -79.82 -32.61
N LEU C 672 -106.49 -79.59 -31.85
CA LEU C 672 -107.80 -80.09 -32.20
C LEU C 672 -108.24 -79.82 -33.63
N ASN C 673 -107.88 -78.66 -34.17
CA ASN C 673 -108.28 -78.32 -35.53
C ASN C 673 -107.53 -79.13 -36.58
N ASN C 674 -106.47 -79.82 -36.18
CA ASN C 674 -105.69 -80.63 -37.11
C ASN C 674 -106.03 -82.11 -36.95
N GLN C 675 -107.22 -82.38 -36.42
CA GLN C 675 -107.69 -83.75 -36.22
C GLN C 675 -109.19 -83.81 -36.41
N VAL C 676 -109.69 -85.02 -36.57
CA VAL C 676 -111.13 -85.25 -36.69
C VAL C 676 -111.46 -86.06 -35.44
N CYS C 677 -112.25 -85.47 -34.54
CA CYS C 677 -112.65 -86.12 -33.29
C CYS C 677 -111.43 -86.51 -32.48
N ARG C 678 -110.40 -85.66 -32.58
CA ARG C 678 -109.11 -85.82 -31.93
C ARG C 678 -108.48 -87.21 -32.02
N LYS C 679 -108.51 -87.74 -33.24
CA LYS C 679 -107.92 -89.03 -33.56
C LYS C 679 -107.03 -88.76 -34.78
N GLY C 680 -106.04 -89.62 -35.01
CA GLY C 680 -105.16 -89.45 -36.14
C GLY C 680 -104.06 -88.43 -35.95
N LEU C 681 -103.13 -88.41 -36.89
CA LEU C 681 -102.00 -87.48 -36.86
C LEU C 681 -102.42 -86.09 -37.33
N GLN C 682 -101.51 -85.14 -37.20
CA GLN C 682 -101.75 -83.75 -37.61
C GLN C 682 -101.90 -83.59 -39.13
N THR C 683 -101.43 -84.57 -39.89
CA THR C 683 -101.51 -84.53 -41.34
C THR C 683 -102.97 -84.44 -41.79
N THR C 684 -103.19 -83.97 -43.02
CA THR C 684 -104.53 -83.85 -43.56
C THR C 684 -105.35 -85.13 -43.39
N THR C 685 -104.80 -86.26 -43.84
CA THR C 685 -105.51 -87.53 -43.74
C THR C 685 -105.50 -88.13 -42.33
N GLY C 686 -104.60 -87.63 -41.48
CA GLY C 686 -104.50 -88.14 -40.13
C GLY C 686 -103.67 -89.41 -40.10
N LYS C 687 -103.14 -89.77 -41.28
CA LYS C 687 -102.31 -90.96 -41.45
C LYS C 687 -100.86 -90.59 -41.80
N VAL C 688 -100.00 -91.60 -41.85
CA VAL C 688 -98.60 -91.40 -42.24
C VAL C 688 -98.68 -91.26 -43.74
N GLU C 689 -98.29 -90.08 -44.25
CA GLU C 689 -98.40 -89.84 -45.68
C GLU C 689 -97.10 -90.05 -46.46
N PHE C 690 -97.00 -91.22 -47.09
CA PHE C 690 -95.83 -91.57 -47.89
C PHE C 690 -95.75 -90.63 -49.08
N ILE C 691 -96.90 -90.06 -49.42
CA ILE C 691 -97.01 -89.05 -50.47
C ILE C 691 -97.62 -87.91 -49.66
N ALA C 692 -96.79 -86.94 -49.30
CA ALA C 692 -97.24 -85.81 -48.47
C ALA C 692 -98.23 -84.90 -49.17
N THR C 693 -99.41 -84.75 -48.58
CA THR C 693 -100.43 -83.89 -49.15
C THR C 693 -100.00 -82.43 -49.17
N SER C 694 -99.35 -81.99 -48.09
CA SER C 694 -98.88 -80.61 -48.01
C SER C 694 -97.88 -80.32 -49.15
N LEU C 695 -96.92 -81.21 -49.35
CA LEU C 695 -95.93 -81.02 -50.41
C LEU C 695 -96.56 -81.15 -51.79
N LYS C 696 -97.60 -81.96 -51.89
CA LYS C 696 -98.26 -82.11 -53.17
C LYS C 696 -98.95 -80.80 -53.53
N ASN C 697 -99.58 -80.15 -52.56
CA ASN C 697 -100.23 -78.87 -52.81
C ASN C 697 -99.15 -77.87 -53.24
N PHE C 698 -98.05 -77.89 -52.49
CA PHE C 698 -96.91 -76.99 -52.73
C PHE C 698 -96.40 -77.11 -54.17
N GLU C 699 -96.15 -78.34 -54.61
CA GLU C 699 -95.66 -78.52 -55.98
C GLU C 699 -96.72 -78.20 -57.03
N GLU C 700 -97.98 -78.48 -56.73
CA GLU C 700 -99.04 -78.17 -57.70
C GLU C 700 -99.23 -76.65 -57.77
N GLN C 701 -98.77 -75.95 -56.75
CA GLN C 701 -98.86 -74.50 -56.72
C GLN C 701 -97.71 -73.88 -57.51
N GLY C 702 -96.83 -74.74 -58.04
CA GLY C 702 -95.71 -74.26 -58.84
C GLY C 702 -94.33 -74.27 -58.21
N TYR C 703 -94.25 -74.69 -56.95
CA TYR C 703 -92.95 -74.73 -56.29
C TYR C 703 -92.29 -76.09 -56.50
N ILE C 704 -91.66 -76.26 -57.65
CA ILE C 704 -90.99 -77.50 -58.02
C ILE C 704 -89.64 -77.62 -57.31
N ASP C 705 -89.44 -78.73 -56.61
CA ASP C 705 -88.21 -78.94 -55.86
C ASP C 705 -87.74 -80.41 -55.94
N GLU C 706 -86.85 -80.67 -56.88
CA GLU C 706 -86.30 -82.00 -57.10
C GLU C 706 -85.77 -82.72 -55.86
N HIS C 707 -85.12 -81.99 -54.95
CA HIS C 707 -84.58 -82.62 -53.76
C HIS C 707 -85.53 -82.72 -52.56
N ARG C 708 -86.82 -82.52 -52.82
CA ARG C 708 -87.83 -82.63 -51.78
C ARG C 708 -89.15 -83.02 -52.44
N PRO C 709 -89.23 -84.24 -52.97
CA PRO C 709 -90.45 -84.71 -53.63
C PRO C 709 -91.57 -85.01 -52.64
N SER C 710 -92.81 -84.85 -53.09
CA SER C 710 -93.96 -85.13 -52.22
C SER C 710 -93.91 -86.60 -51.77
N MET C 711 -93.44 -87.48 -52.64
CA MET C 711 -93.33 -88.89 -52.27
C MET C 711 -91.92 -89.20 -51.78
N HIS C 712 -91.84 -89.94 -50.67
CA HIS C 712 -90.57 -90.34 -50.11
C HIS C 712 -89.89 -91.27 -51.10
N THR C 713 -88.81 -90.80 -51.71
CA THR C 713 -88.08 -91.58 -52.71
C THR C 713 -86.58 -91.53 -52.49
N TYR C 714 -85.83 -92.28 -53.29
CA TYR C 714 -84.38 -92.26 -53.14
C TYR C 714 -83.80 -91.11 -53.94
N VAL C 715 -83.73 -89.94 -53.30
CA VAL C 715 -83.16 -88.77 -53.91
C VAL C 715 -81.67 -88.87 -53.61
N PRO C 716 -80.83 -89.01 -54.64
CA PRO C 716 -79.39 -89.12 -54.40
C PRO C 716 -78.89 -87.86 -53.69
N ALA C 717 -78.19 -88.05 -52.56
CA ALA C 717 -77.66 -86.92 -51.80
C ALA C 717 -76.80 -86.06 -52.74
N TRP C 718 -77.06 -84.76 -52.78
CA TRP C 718 -76.29 -83.88 -53.67
C TRP C 718 -74.83 -83.69 -53.29
N GLU C 719 -74.43 -84.18 -52.12
CA GLU C 719 -73.04 -84.12 -51.70
C GLU C 719 -72.68 -85.51 -51.17
N SER C 720 -72.64 -86.47 -52.09
CA SER C 720 -72.30 -87.85 -51.77
C SER C 720 -71.20 -88.28 -52.72
N GLN C 721 -70.47 -89.33 -52.37
CA GLN C 721 -69.35 -89.78 -53.19
C GLN C 721 -69.68 -90.30 -54.58
N LYS C 722 -70.82 -90.94 -54.78
CA LYS C 722 -71.08 -91.46 -56.12
C LYS C 722 -72.00 -90.64 -57.00
N HIS C 723 -72.62 -89.61 -56.43
CA HIS C 723 -73.55 -88.79 -57.21
C HIS C 723 -73.13 -87.34 -57.42
N SER C 724 -72.24 -86.86 -56.56
CA SER C 724 -71.80 -85.46 -56.66
C SER C 724 -70.62 -85.23 -57.60
N PRO C 725 -70.70 -84.18 -58.42
CA PRO C 725 -69.62 -83.85 -59.36
C PRO C 725 -68.32 -83.52 -58.61
N LEU C 726 -68.45 -83.09 -57.35
CA LEU C 726 -67.29 -82.75 -56.53
C LEU C 726 -66.48 -83.97 -56.10
N ALA C 727 -67.13 -85.13 -56.05
CA ALA C 727 -66.49 -86.37 -55.62
C ALA C 727 -65.25 -86.75 -56.42
N VAL C 728 -65.20 -86.33 -57.68
CA VAL C 728 -64.06 -86.64 -58.53
C VAL C 728 -62.79 -85.94 -58.02
N LYS C 729 -62.95 -84.76 -57.44
CA LYS C 729 -61.81 -84.01 -56.91
C LYS C 729 -61.61 -84.24 -55.41
N TYR C 730 -62.71 -84.40 -54.69
CA TYR C 730 -62.68 -84.62 -53.24
C TYR C 730 -63.41 -85.93 -52.97
N PRO C 731 -62.67 -87.05 -53.03
CA PRO C 731 -63.14 -88.42 -52.82
C PRO C 731 -63.52 -88.90 -51.42
N LEU C 732 -63.08 -88.19 -50.39
CA LEU C 732 -63.39 -88.62 -49.03
C LEU C 732 -64.68 -88.02 -48.49
N GLY C 733 -65.51 -88.85 -47.88
CA GLY C 733 -66.76 -88.39 -47.32
C GLY C 733 -66.57 -88.04 -45.87
N MET C 734 -66.86 -86.80 -45.50
CA MET C 734 -66.71 -86.38 -44.12
C MET C 734 -68.03 -86.11 -43.41
N LEU C 735 -68.14 -86.59 -42.17
CA LEU C 735 -69.31 -86.33 -41.34
C LEU C 735 -68.69 -85.59 -40.16
N SER C 736 -69.43 -84.65 -39.59
CA SER C 736 -68.90 -83.85 -38.48
C SER C 736 -69.94 -83.62 -37.40
N PRO C 737 -70.26 -84.68 -36.62
CA PRO C 737 -71.24 -84.70 -35.52
C PRO C 737 -70.82 -83.81 -34.36
N HIS C 738 -71.65 -83.82 -33.31
CA HIS C 738 -71.39 -83.00 -32.14
C HIS C 738 -70.21 -83.51 -31.32
N PRO C 739 -69.38 -82.59 -30.82
CA PRO C 739 -68.20 -82.91 -30.03
C PRO C 739 -68.48 -83.76 -28.80
N ARG C 740 -67.68 -84.79 -28.62
CA ARG C 740 -67.78 -85.72 -27.52
C ARG C 740 -67.51 -85.08 -26.15
N PHE C 741 -66.46 -84.27 -26.06
CA PHE C 741 -66.08 -83.66 -24.79
C PHE C 741 -66.40 -82.18 -24.63
N SER C 742 -67.46 -81.70 -25.28
CA SER C 742 -67.84 -80.31 -25.18
C SER C 742 -69.28 -80.10 -25.62
N MET C 743 -69.97 -79.16 -25.00
CA MET C 743 -71.35 -78.84 -25.40
C MET C 743 -71.13 -77.78 -26.46
N HIS C 744 -70.98 -78.25 -27.69
CA HIS C 744 -70.69 -77.41 -28.83
C HIS C 744 -69.41 -76.63 -28.53
N THR C 745 -69.41 -75.30 -28.63
CA THR C 745 -68.17 -74.58 -28.36
C THR C 745 -67.90 -74.39 -26.86
N MET C 746 -68.91 -74.63 -26.04
CA MET C 746 -68.76 -74.47 -24.60
C MET C 746 -68.06 -75.66 -23.95
N GLY C 747 -66.73 -75.61 -23.96
CA GLY C 747 -65.93 -76.66 -23.39
C GLY C 747 -64.56 -76.70 -24.07
N ASP C 748 -64.56 -76.58 -25.39
CA ASP C 748 -63.33 -76.58 -26.17
C ASP C 748 -62.58 -75.26 -26.02
N GLY C 749 -61.28 -75.28 -26.32
CA GLY C 749 -60.47 -74.07 -26.21
C GLY C 749 -60.52 -73.44 -24.84
N LYS C 750 -60.40 -72.11 -24.79
CA LYS C 750 -60.45 -71.39 -23.51
C LYS C 750 -59.39 -71.89 -22.52
N ASN C 751 -58.44 -72.68 -23.01
CA ASN C 751 -57.40 -73.24 -22.16
C ASN C 751 -58.03 -74.06 -21.04
N SER C 752 -59.17 -74.68 -21.32
CA SER C 752 -59.87 -75.50 -20.35
C SER C 752 -59.17 -76.85 -20.21
N TYR C 753 -59.56 -77.61 -19.19
CA TYR C 753 -58.98 -78.93 -18.95
C TYR C 753 -59.31 -79.93 -20.05
N MET C 754 -60.49 -79.79 -20.66
CA MET C 754 -60.91 -80.71 -21.70
C MET C 754 -59.92 -80.79 -22.87
N ASN C 755 -59.09 -79.76 -23.04
CA ASN C 755 -58.12 -79.77 -24.12
C ASN C 755 -57.01 -80.79 -23.91
N TYR C 756 -56.94 -81.37 -22.71
CA TYR C 756 -55.91 -82.36 -22.40
C TYR C 756 -56.40 -83.79 -22.62
N ILE C 757 -57.70 -83.94 -22.86
CA ILE C 757 -58.28 -85.25 -23.12
C ILE C 757 -57.68 -85.77 -24.42
N LYS C 758 -57.14 -86.98 -24.37
CA LYS C 758 -56.48 -87.60 -25.53
C LYS C 758 -57.29 -87.60 -26.83
N ASP C 759 -58.58 -87.88 -26.74
CA ASP C 759 -59.40 -87.95 -27.95
C ASP C 759 -60.16 -86.65 -28.25
N HIS C 760 -59.70 -85.54 -27.67
CA HIS C 760 -60.33 -84.24 -27.94
C HIS C 760 -59.43 -83.42 -28.85
N ARG C 761 -58.20 -83.19 -28.40
CA ARG C 761 -57.19 -82.45 -29.15
C ARG C 761 -55.84 -83.14 -28.93
N VAL C 762 -54.94 -83.02 -29.90
CA VAL C 762 -53.63 -83.65 -29.80
C VAL C 762 -52.55 -82.58 -29.89
N GLU C 763 -51.70 -82.51 -28.87
CA GLU C 763 -50.64 -81.52 -28.87
C GLU C 763 -49.51 -81.93 -29.81
N VAL C 764 -49.19 -81.04 -30.74
CA VAL C 764 -48.14 -81.27 -31.72
C VAL C 764 -47.33 -79.99 -31.89
N ASP C 765 -46.05 -80.04 -31.53
CA ASP C 765 -45.17 -78.88 -31.64
C ASP C 765 -45.66 -77.69 -30.82
N GLY C 766 -46.17 -77.95 -29.63
CA GLY C 766 -46.65 -76.88 -28.77
C GLY C 766 -48.05 -76.37 -29.02
N TYR C 767 -48.76 -76.96 -29.98
CA TYR C 767 -50.13 -76.55 -30.28
C TYR C 767 -51.08 -77.73 -30.18
N LYS C 768 -52.24 -77.52 -29.54
CA LYS C 768 -53.23 -78.57 -29.39
C LYS C 768 -54.16 -78.55 -30.60
N TYR C 769 -53.91 -79.45 -31.55
CA TYR C 769 -54.70 -79.53 -32.78
C TYR C 769 -55.97 -80.36 -32.66
N TRP C 770 -56.98 -79.95 -33.42
CA TRP C 770 -58.28 -80.63 -33.47
C TRP C 770 -58.03 -81.97 -34.19
N ILE C 771 -58.83 -82.98 -33.85
CA ILE C 771 -58.65 -84.31 -34.41
C ILE C 771 -59.54 -84.70 -35.60
N MET C 772 -58.94 -85.37 -36.57
CA MET C 772 -59.70 -85.90 -37.69
C MET C 772 -59.37 -87.39 -37.74
N ARG C 773 -60.40 -88.22 -37.74
CA ARG C 773 -60.23 -89.67 -37.77
C ARG C 773 -60.23 -90.18 -39.21
N VAL C 774 -59.25 -91.02 -39.51
CA VAL C 774 -59.12 -91.57 -40.85
C VAL C 774 -58.89 -93.08 -40.79
N ASN C 775 -59.44 -93.81 -41.74
CA ASN C 775 -59.27 -95.26 -41.78
C ASN C 775 -57.84 -95.54 -42.22
N SER C 776 -57.23 -96.57 -41.62
CA SER C 776 -55.85 -96.94 -41.93
C SER C 776 -55.55 -97.05 -43.43
N ILE C 777 -56.48 -97.60 -44.21
CA ILE C 777 -56.25 -97.74 -45.64
C ILE C 777 -56.12 -96.41 -46.36
N ASP C 778 -56.98 -95.45 -46.02
CA ASP C 778 -56.91 -94.14 -46.66
C ASP C 778 -55.69 -93.38 -46.16
N ALA C 779 -55.36 -93.57 -44.89
CA ALA C 779 -54.20 -92.92 -44.28
C ALA C 779 -52.92 -93.43 -44.93
N GLU C 780 -52.76 -94.75 -44.95
CA GLU C 780 -51.61 -95.41 -45.54
C GLU C 780 -51.41 -94.97 -46.99
N ALA C 781 -52.52 -94.86 -47.72
CA ALA C 781 -52.47 -94.45 -49.13
C ALA C 781 -51.94 -93.02 -49.31
N ARG C 782 -51.96 -92.24 -48.25
CA ARG C 782 -51.49 -90.86 -48.32
C ARG C 782 -50.23 -90.63 -47.49
N GLY C 783 -49.61 -91.72 -47.04
CA GLY C 783 -48.41 -91.61 -46.24
C GLY C 783 -48.69 -91.01 -44.89
N ILE C 784 -49.96 -90.98 -44.50
CA ILE C 784 -50.38 -90.42 -43.22
C ILE C 784 -50.33 -91.44 -42.10
N LYS C 785 -49.84 -90.99 -40.94
CA LYS C 785 -49.74 -91.86 -39.77
C LYS C 785 -50.26 -91.17 -38.52
N ASN C 786 -50.61 -91.98 -37.52
CA ASN C 786 -51.15 -91.46 -36.27
C ASN C 786 -50.37 -90.27 -35.72
N GLY C 787 -51.05 -89.15 -35.51
CA GLY C 787 -50.40 -87.98 -34.97
C GLY C 787 -49.91 -86.94 -35.96
N ASP C 788 -49.85 -87.28 -37.25
CA ASP C 788 -49.38 -86.31 -38.25
C ASP C 788 -50.34 -85.14 -38.42
N LEU C 789 -49.77 -84.00 -38.82
CA LEU C 789 -50.59 -82.82 -39.08
C LEU C 789 -51.02 -82.96 -40.52
N ILE C 790 -52.32 -82.84 -40.76
CA ILE C 790 -52.84 -82.95 -42.11
C ILE C 790 -53.68 -81.75 -42.48
N ARG C 791 -53.86 -81.56 -43.78
CA ARG C 791 -54.66 -80.46 -44.29
C ARG C 791 -55.89 -81.06 -44.98
N ALA C 792 -57.07 -80.77 -44.45
CA ALA C 792 -58.33 -81.26 -45.05
C ALA C 792 -58.85 -80.08 -45.83
N TYR C 793 -59.28 -80.31 -47.07
CA TYR C 793 -59.74 -79.19 -47.88
C TYR C 793 -60.69 -79.54 -49.03
N ASN C 794 -61.26 -78.49 -49.61
CA ASN C 794 -62.14 -78.57 -50.76
C ASN C 794 -62.23 -77.15 -51.29
N ASP C 795 -63.25 -76.83 -52.09
CA ASP C 795 -63.34 -75.47 -52.64
C ASP C 795 -63.55 -74.39 -51.60
N ARG C 796 -64.16 -74.76 -50.48
CA ARG C 796 -64.51 -73.82 -49.42
C ARG C 796 -63.40 -73.35 -48.48
N GLY C 797 -62.37 -74.16 -48.30
CA GLY C 797 -61.28 -73.75 -47.41
C GLY C 797 -60.31 -74.87 -47.06
N SER C 798 -59.46 -74.63 -46.07
CA SER C 798 -58.51 -75.61 -45.58
C SER C 798 -58.48 -75.55 -44.06
N VAL C 799 -58.34 -76.71 -43.43
CA VAL C 799 -58.30 -76.79 -41.99
C VAL C 799 -57.15 -77.73 -41.65
N ILE C 800 -56.31 -77.34 -40.70
CA ILE C 800 -55.17 -78.17 -40.30
C ILE C 800 -55.61 -78.94 -39.06
N LEU C 801 -55.41 -80.26 -39.09
CA LEU C 801 -55.81 -81.11 -37.98
C LEU C 801 -54.77 -82.18 -37.68
N ALA C 802 -54.91 -82.84 -36.53
CA ALA C 802 -54.00 -83.93 -36.16
C ALA C 802 -54.75 -85.22 -36.52
N ALA C 803 -54.12 -86.07 -37.31
CA ALA C 803 -54.76 -87.31 -37.73
C ALA C 803 -54.75 -88.44 -36.69
N GLN C 804 -55.88 -89.13 -36.60
CA GLN C 804 -56.02 -90.27 -35.71
C GLN C 804 -56.39 -91.42 -36.62
N VAL C 805 -55.43 -92.29 -36.90
CA VAL C 805 -55.69 -93.44 -37.76
C VAL C 805 -56.46 -94.46 -36.95
N THR C 806 -57.62 -94.86 -37.47
CA THR C 806 -58.50 -95.79 -36.78
C THR C 806 -59.11 -96.83 -37.71
N GLU C 807 -59.86 -97.77 -37.14
CA GLU C 807 -60.53 -98.80 -37.93
C GLU C 807 -62.03 -98.55 -37.83
N CYS C 808 -62.40 -97.56 -37.02
CA CYS C 808 -63.79 -97.21 -36.76
C CYS C 808 -64.50 -96.43 -37.87
N LEU C 809 -64.06 -96.60 -39.11
CA LEU C 809 -64.65 -95.91 -40.25
C LEU C 809 -64.43 -96.76 -41.50
N GLN C 810 -65.44 -96.82 -42.37
CA GLN C 810 -65.29 -97.57 -43.61
C GLN C 810 -64.26 -96.80 -44.44
N PRO C 811 -63.38 -97.53 -45.16
CA PRO C 811 -62.38 -96.84 -45.98
C PRO C 811 -63.07 -95.84 -46.90
N GLY C 812 -62.53 -94.62 -46.98
CA GLY C 812 -63.13 -93.60 -47.82
C GLY C 812 -63.95 -92.58 -47.03
N THR C 813 -64.11 -92.85 -45.74
CA THR C 813 -64.88 -91.97 -44.87
C THR C 813 -64.01 -91.38 -43.76
N VAL C 814 -64.09 -90.06 -43.55
CA VAL C 814 -63.34 -89.42 -42.49
C VAL C 814 -64.30 -88.80 -41.49
N HIS C 815 -63.84 -88.62 -40.27
CA HIS C 815 -64.68 -88.07 -39.21
C HIS C 815 -63.95 -87.01 -38.38
N SER C 816 -64.63 -85.89 -38.14
CA SER C 816 -64.07 -84.81 -37.35
C SER C 816 -65.24 -84.06 -36.75
N TYR C 817 -65.27 -83.95 -35.43
CA TYR C 817 -66.37 -83.28 -34.75
C TYR C 817 -66.46 -81.79 -35.10
N GLU C 818 -67.68 -81.26 -35.06
CA GLU C 818 -67.90 -79.85 -35.36
C GLU C 818 -67.83 -79.09 -34.04
N SER C 819 -68.19 -77.81 -34.09
CA SER C 819 -68.23 -76.96 -32.90
C SER C 819 -66.92 -76.49 -32.29
N CYS C 820 -65.84 -76.57 -33.04
CA CYS C 820 -64.56 -76.09 -32.56
C CYS C 820 -64.77 -74.63 -32.12
N ALA C 821 -64.28 -74.28 -30.93
CA ALA C 821 -64.44 -72.94 -30.39
C ALA C 821 -63.31 -71.99 -30.80
N VAL C 822 -62.25 -72.55 -31.36
CA VAL C 822 -61.09 -71.76 -31.75
C VAL C 822 -60.97 -71.48 -33.24
N TYR C 823 -60.95 -70.20 -33.61
CA TYR C 823 -60.76 -69.83 -35.01
C TYR C 823 -59.39 -69.16 -35.04
N ASP C 824 -58.42 -69.86 -35.62
CA ASP C 824 -57.06 -69.36 -35.69
C ASP C 824 -56.48 -69.48 -37.09
N PRO C 825 -56.79 -68.50 -37.97
CA PRO C 825 -56.32 -68.48 -39.36
C PRO C 825 -54.82 -68.29 -39.41
N LEU C 826 -54.17 -68.96 -40.37
CA LEU C 826 -52.73 -68.84 -40.52
C LEU C 826 -52.39 -67.59 -41.32
N GLY C 827 -53.39 -67.06 -42.02
CA GLY C 827 -53.20 -65.86 -42.81
C GLY C 827 -54.36 -64.90 -42.59
N THR C 828 -54.81 -64.27 -43.66
CA THR C 828 -55.92 -63.33 -43.57
C THR C 828 -57.20 -64.05 -43.16
N ALA C 829 -57.94 -63.47 -42.22
CA ALA C 829 -59.18 -64.07 -41.75
C ALA C 829 -60.18 -64.26 -42.89
N GLY C 830 -60.80 -65.44 -42.92
CA GLY C 830 -61.77 -65.76 -43.95
C GLY C 830 -61.18 -66.09 -45.31
N LYS C 831 -59.86 -65.98 -45.46
CA LYS C 831 -59.24 -66.25 -46.75
C LYS C 831 -58.11 -67.27 -46.74
N SER C 832 -57.77 -67.77 -45.56
CA SER C 832 -56.67 -68.73 -45.44
C SER C 832 -57.05 -69.94 -44.62
N ALA C 833 -56.10 -70.85 -44.46
CA ALA C 833 -56.33 -72.05 -43.68
C ALA C 833 -56.46 -71.72 -42.20
N ASP C 834 -57.24 -72.53 -41.49
CA ASP C 834 -57.43 -72.34 -40.06
C ASP C 834 -56.82 -73.54 -39.34
N ARG C 835 -56.21 -73.30 -38.18
CA ARG C 835 -55.64 -74.42 -37.44
C ARG C 835 -56.36 -74.58 -36.11
N GLY C 836 -57.39 -73.78 -35.89
CA GLY C 836 -58.16 -73.88 -34.67
C GLY C 836 -58.90 -75.21 -34.68
N GLY C 837 -59.39 -75.59 -35.87
CA GLY C 837 -60.12 -76.83 -36.02
C GLY C 837 -61.56 -76.65 -36.49
N CYS C 838 -61.85 -75.51 -37.12
CA CYS C 838 -63.21 -75.24 -37.60
C CYS C 838 -63.57 -76.03 -38.85
N ILE C 839 -63.89 -77.30 -38.66
CA ILE C 839 -64.27 -78.19 -39.76
C ILE C 839 -65.44 -77.67 -40.59
N ASN C 840 -66.32 -76.88 -39.98
CA ASN C 840 -67.46 -76.34 -40.70
C ASN C 840 -67.05 -75.36 -41.79
N ILE C 841 -65.75 -75.12 -41.90
CA ILE C 841 -65.23 -74.26 -42.95
C ILE C 841 -65.41 -75.05 -44.25
N LEU C 842 -65.41 -76.37 -44.14
CA LEU C 842 -65.51 -77.27 -45.29
C LEU C 842 -66.92 -77.76 -45.66
N THR C 843 -67.88 -77.59 -44.76
CA THR C 843 -69.24 -78.06 -45.00
C THR C 843 -70.04 -77.19 -45.97
N PRO C 844 -70.91 -77.82 -46.78
CA PRO C 844 -71.73 -77.10 -47.76
C PRO C 844 -72.74 -76.14 -47.14
N ASP C 845 -72.81 -74.94 -47.70
CA ASP C 845 -73.76 -73.94 -47.23
C ASP C 845 -75.01 -73.97 -48.10
N ARG C 846 -75.02 -74.88 -49.07
CA ARG C 846 -76.18 -75.03 -49.94
C ARG C 846 -77.30 -75.64 -49.09
N TYR C 847 -78.51 -75.10 -49.24
CA TYR C 847 -79.68 -75.59 -48.50
C TYR C 847 -80.00 -77.05 -48.84
N ILE C 848 -80.53 -77.79 -47.87
CA ILE C 848 -80.88 -79.19 -48.08
C ILE C 848 -81.64 -79.36 -49.40
N SER C 849 -82.50 -78.40 -49.72
CA SER C 849 -83.24 -78.42 -50.99
C SER C 849 -83.55 -76.97 -51.36
N LYS C 850 -84.19 -76.78 -52.51
CA LYS C 850 -84.50 -75.42 -52.95
C LYS C 850 -85.36 -74.67 -51.93
N TYR C 851 -86.34 -75.35 -51.33
CA TYR C 851 -87.23 -74.71 -50.37
C TYR C 851 -87.07 -75.20 -48.92
N ALA C 852 -86.34 -76.29 -48.74
CA ALA C 852 -86.08 -76.81 -47.39
C ALA C 852 -84.82 -76.06 -46.97
N CYS C 853 -85.03 -74.87 -46.42
CA CYS C 853 -83.93 -74.01 -46.02
C CYS C 853 -83.22 -74.38 -44.73
N GLY C 854 -82.67 -75.61 -44.72
CA GLY C 854 -81.95 -76.10 -43.55
C GLY C 854 -80.51 -76.44 -43.90
N MET C 855 -79.70 -76.72 -42.88
CA MET C 855 -78.28 -77.03 -43.09
C MET C 855 -78.06 -78.51 -43.39
N ALA C 856 -77.13 -78.78 -44.31
CA ALA C 856 -76.81 -80.16 -44.71
C ALA C 856 -75.34 -80.51 -44.42
N ASN C 857 -74.84 -80.02 -43.29
CA ASN C 857 -73.45 -80.21 -42.87
C ASN C 857 -72.84 -81.60 -42.86
N ASN C 858 -73.55 -82.58 -42.33
CA ASN C 858 -72.97 -83.90 -42.22
C ASN C 858 -72.69 -84.73 -43.47
N THR C 859 -72.76 -84.08 -44.62
CA THR C 859 -72.38 -84.71 -45.88
C THR C 859 -71.49 -83.65 -46.53
N ALA C 860 -70.18 -83.88 -46.47
CA ALA C 860 -69.23 -82.94 -47.04
C ALA C 860 -68.08 -83.72 -47.67
N LEU C 861 -67.76 -83.37 -48.91
CA LEU C 861 -66.68 -84.04 -49.63
C LEU C 861 -65.37 -83.30 -49.49
N VAL C 862 -64.32 -84.01 -49.11
CA VAL C 862 -63.02 -83.40 -48.94
C VAL C 862 -61.88 -84.30 -49.43
N GLU C 863 -60.68 -83.75 -49.36
CA GLU C 863 -59.47 -84.47 -49.72
C GLU C 863 -58.53 -84.11 -48.56
N ILE C 864 -57.65 -85.02 -48.18
CA ILE C 864 -56.72 -84.73 -47.10
C ILE C 864 -55.32 -85.08 -47.54
N GLU C 865 -54.34 -84.46 -46.92
CA GLU C 865 -52.94 -84.70 -47.24
C GLU C 865 -52.09 -84.22 -46.09
N LYS C 866 -50.84 -84.69 -46.03
CA LYS C 866 -49.95 -84.23 -44.98
C LYS C 866 -49.76 -82.74 -45.22
N TRP C 867 -49.75 -81.96 -44.15
CA TRP C 867 -49.59 -80.51 -44.26
C TRP C 867 -48.15 -80.08 -44.54
N ASP C 868 -47.95 -79.29 -45.59
CA ASP C 868 -46.62 -78.82 -45.96
C ASP C 868 -46.21 -77.55 -45.23
N GLY C 869 -47.03 -77.11 -44.27
CA GLY C 869 -46.71 -75.91 -43.51
C GLY C 869 -47.10 -74.60 -44.17
N ASP C 870 -47.76 -74.67 -45.32
CA ASP C 870 -48.18 -73.47 -46.05
C ASP C 870 -49.48 -72.91 -45.46
N LYS C 871 -49.75 -71.62 -45.68
CA LYS C 871 -50.96 -70.99 -45.14
C LYS C 871 -52.20 -71.03 -46.03
N TYR C 872 -52.00 -71.36 -47.30
CA TYR C 872 -53.10 -71.45 -48.26
C TYR C 872 -54.10 -70.29 -48.23
N GLU C 873 -53.62 -69.10 -48.54
CA GLU C 873 -54.48 -67.93 -48.57
C GLU C 873 -55.05 -67.83 -49.96
N ILE C 874 -55.98 -68.72 -50.29
CA ILE C 874 -56.58 -68.76 -51.61
C ILE C 874 -58.11 -68.77 -51.57
N TYR C 875 -58.69 -68.44 -50.43
CA TYR C 875 -60.14 -68.45 -50.32
C TYR C 875 -60.76 -67.06 -50.22
N MET D 1 -56.74 -103.99 10.62
CA MET D 1 -56.19 -102.95 9.71
C MET D 1 -56.85 -103.04 8.34
N GLU D 2 -58.02 -102.42 8.24
CA GLU D 2 -58.79 -102.41 6.99
C GLU D 2 -58.05 -101.57 5.95
N GLN D 3 -57.97 -102.09 4.72
CA GLN D 3 -57.27 -101.38 3.64
C GLN D 3 -58.18 -100.97 2.50
N TYR D 4 -57.72 -100.02 1.70
CA TYR D 4 -58.46 -99.53 0.55
C TYR D 4 -58.11 -100.32 -0.70
N TYR D 5 -59.11 -100.56 -1.55
CA TYR D 5 -58.91 -101.26 -2.81
C TYR D 5 -59.84 -100.65 -3.85
N MET D 6 -59.47 -100.79 -5.12
CA MET D 6 -60.28 -100.26 -6.20
C MET D 6 -60.42 -101.29 -7.31
N VAL D 7 -61.65 -101.48 -7.79
CA VAL D 7 -61.89 -102.42 -8.87
C VAL D 7 -62.43 -101.64 -10.06
N ILE D 8 -61.75 -101.77 -11.20
CA ILE D 8 -62.13 -101.07 -12.42
C ILE D 8 -62.59 -102.06 -13.49
N ASP D 9 -63.83 -101.92 -13.93
CA ASP D 9 -64.39 -102.80 -14.95
C ASP D 9 -64.11 -102.26 -16.35
N VAL D 10 -63.12 -102.85 -17.01
CA VAL D 10 -62.73 -102.43 -18.35
C VAL D 10 -63.88 -102.50 -19.36
N ALA D 11 -64.70 -103.53 -19.25
CA ALA D 11 -65.83 -103.71 -20.17
C ALA D 11 -66.80 -102.54 -20.10
N LYS D 12 -66.67 -101.72 -19.06
CA LYS D 12 -67.56 -100.58 -18.91
C LYS D 12 -66.98 -99.21 -19.21
N CYS D 13 -65.69 -99.12 -19.55
CA CYS D 13 -65.12 -97.80 -19.85
C CYS D 13 -65.56 -97.33 -21.21
N GLN D 14 -65.98 -96.07 -21.29
CA GLN D 14 -66.37 -95.48 -22.57
C GLN D 14 -65.47 -94.29 -22.91
N ASP D 15 -64.49 -94.05 -22.04
CA ASP D 15 -63.52 -92.98 -22.26
C ASP D 15 -64.11 -91.56 -22.32
N CYS D 16 -65.10 -91.25 -21.49
CA CYS D 16 -65.70 -89.92 -21.48
C CYS D 16 -64.82 -88.96 -20.72
N ASN D 17 -63.85 -89.52 -19.99
CA ASN D 17 -62.90 -88.74 -19.21
C ASN D 17 -63.43 -87.96 -18.01
N ASN D 18 -64.55 -88.41 -17.44
CA ASN D 18 -65.09 -87.74 -16.26
C ASN D 18 -64.10 -87.85 -15.08
N CYS D 19 -63.30 -88.93 -15.02
CA CYS D 19 -62.29 -89.15 -13.95
C CYS D 19 -61.26 -88.07 -13.99
N PHE D 20 -60.57 -88.09 -15.13
CA PHE D 20 -59.49 -87.20 -15.46
C PHE D 20 -59.90 -85.78 -15.18
N MET D 21 -61.06 -85.39 -15.70
CA MET D 21 -61.58 -84.04 -15.45
C MET D 21 -61.75 -83.90 -13.95
N GLY D 22 -61.96 -85.04 -13.29
CA GLY D 22 -62.12 -85.07 -11.84
C GLY D 22 -60.86 -84.68 -11.07
N CYS D 23 -59.68 -85.24 -11.40
CA CYS D 23 -58.45 -84.84 -10.67
C CYS D 23 -58.20 -83.39 -10.87
N MET D 24 -58.05 -83.04 -12.13
CA MET D 24 -57.76 -81.67 -12.50
C MET D 24 -58.64 -80.74 -11.71
N ASP D 25 -59.93 -81.05 -11.66
CA ASP D 25 -60.88 -80.23 -10.90
C ASP D 25 -60.45 -80.21 -9.42
N GLU D 26 -59.94 -81.34 -8.95
CA GLU D 26 -59.52 -81.47 -7.56
C GLU D 26 -58.08 -81.05 -7.26
N HIS D 27 -57.19 -81.19 -8.23
CA HIS D 27 -55.76 -80.88 -8.00
C HIS D 27 -55.09 -79.79 -8.81
N GLU D 28 -55.66 -79.40 -9.95
CA GLU D 28 -55.03 -78.38 -10.79
C GLU D 28 -54.99 -76.97 -10.18
N LEU D 29 -56.08 -76.55 -9.55
CA LEU D 29 -56.13 -75.21 -8.93
C LEU D 29 -56.10 -75.24 -7.42
N ASN D 30 -55.99 -76.42 -6.83
CA ASN D 30 -55.97 -76.55 -5.37
C ASN D 30 -54.66 -77.15 -4.89
N GLU D 31 -54.31 -76.85 -3.65
CA GLU D 31 -53.11 -77.39 -3.03
C GLU D 31 -53.59 -78.01 -1.74
N TRP D 32 -53.10 -79.20 -1.44
CA TRP D 32 -53.51 -79.87 -0.22
C TRP D 32 -52.30 -80.15 0.67
N PRO D 33 -52.02 -79.23 1.61
CA PRO D 33 -50.89 -79.33 2.53
C PRO D 33 -50.75 -80.72 3.13
N GLY D 34 -49.55 -81.29 3.03
CA GLY D 34 -49.31 -82.61 3.56
C GLY D 34 -49.51 -83.72 2.55
N TYR D 35 -50.31 -83.45 1.52
CA TYR D 35 -50.58 -84.45 0.50
C TYR D 35 -49.90 -84.15 -0.83
N THR D 36 -50.26 -83.02 -1.44
CA THR D 36 -49.66 -82.66 -2.73
C THR D 36 -49.83 -81.19 -3.06
N ALA D 37 -48.94 -80.68 -3.90
CA ALA D 37 -49.01 -79.29 -4.34
C ALA D 37 -49.99 -79.37 -5.52
N SER D 38 -50.24 -78.26 -6.20
CA SER D 38 -51.18 -78.30 -7.31
C SER D 38 -50.61 -79.14 -8.45
N MET D 39 -51.52 -79.75 -9.20
CA MET D 39 -51.17 -80.58 -10.34
C MET D 39 -50.72 -79.71 -11.51
N GLN D 40 -49.84 -80.23 -12.34
CA GLN D 40 -49.37 -79.49 -13.51
C GLN D 40 -50.16 -79.92 -14.74
N ARG D 41 -50.73 -78.94 -15.44
CA ARG D 41 -51.49 -79.22 -16.66
C ARG D 41 -50.64 -80.09 -17.57
N GLY D 42 -51.25 -81.12 -18.14
CA GLY D 42 -50.53 -82.02 -19.03
C GLY D 42 -50.26 -83.36 -18.39
N HIS D 43 -50.08 -83.36 -17.07
CA HIS D 43 -49.83 -84.60 -16.35
C HIS D 43 -51.08 -85.46 -16.32
N ARG D 44 -50.89 -86.76 -16.18
CA ARG D 44 -52.01 -87.70 -16.16
C ARG D 44 -51.95 -88.67 -14.97
N TRP D 45 -52.20 -88.17 -13.77
CA TRP D 45 -52.19 -89.01 -12.58
C TRP D 45 -53.17 -90.15 -12.86
N MET D 46 -54.22 -89.82 -13.60
CA MET D 46 -55.23 -90.78 -14.04
C MET D 46 -54.98 -90.86 -15.55
N ASN D 47 -54.42 -91.98 -15.98
CA ASN D 47 -54.10 -92.17 -17.40
C ASN D 47 -55.02 -93.21 -18.03
N ILE D 48 -55.93 -92.75 -18.88
CA ILE D 48 -56.88 -93.63 -19.55
C ILE D 48 -56.29 -94.17 -20.84
N GLU D 49 -55.79 -95.40 -20.80
CA GLU D 49 -55.20 -96.02 -21.97
C GLU D 49 -56.29 -96.46 -22.94
N ARG D 50 -55.99 -96.36 -24.23
CA ARG D 50 -56.95 -96.71 -25.27
C ARG D 50 -56.30 -97.72 -26.22
N ARG D 51 -57.03 -98.79 -26.53
CA ARG D 51 -56.50 -99.79 -27.46
C ARG D 51 -57.54 -100.35 -28.43
N GLU D 52 -57.30 -100.16 -29.71
CA GLU D 52 -58.19 -100.68 -30.75
C GLU D 52 -57.73 -102.09 -31.11
N ARG D 53 -58.67 -102.94 -31.46
CA ARG D 53 -58.35 -104.32 -31.83
C ARG D 53 -59.03 -104.69 -33.14
N GLY D 54 -58.37 -105.57 -33.90
CA GLY D 54 -58.93 -106.02 -35.16
C GLY D 54 -58.82 -105.04 -36.30
N THR D 55 -59.60 -105.31 -37.35
CA THR D 55 -59.62 -104.46 -38.53
C THR D 55 -61.06 -104.31 -39.03
N TYR D 56 -61.36 -103.16 -39.62
CA TYR D 56 -62.69 -102.90 -40.15
C TYR D 56 -63.07 -104.08 -41.04
N PRO D 57 -64.34 -104.53 -40.99
CA PRO D 57 -65.44 -104.01 -40.17
C PRO D 57 -65.71 -104.77 -38.86
N ARG D 58 -64.80 -105.67 -38.47
CA ARG D 58 -65.01 -106.42 -37.23
C ARG D 58 -63.98 -106.07 -36.17
N ASN D 59 -63.79 -104.77 -36.00
CA ASN D 59 -62.84 -104.21 -35.05
C ASN D 59 -63.57 -103.80 -33.79
N ASP D 60 -62.81 -103.43 -32.76
CA ASP D 60 -63.39 -102.96 -31.52
C ASP D 60 -62.36 -102.15 -30.76
N ILE D 61 -62.77 -101.59 -29.63
CA ILE D 61 -61.87 -100.79 -28.83
C ILE D 61 -62.27 -100.83 -27.37
N ASN D 62 -61.27 -100.84 -26.49
CA ASN D 62 -61.51 -100.88 -25.06
C ASN D 62 -60.55 -99.93 -24.36
N TYR D 63 -60.94 -99.46 -23.19
CA TYR D 63 -60.12 -98.51 -22.45
C TYR D 63 -59.76 -99.04 -21.07
N ARG D 64 -58.60 -98.61 -20.57
CA ARG D 64 -58.15 -99.03 -19.26
C ARG D 64 -57.77 -97.86 -18.36
N PRO D 65 -58.70 -97.42 -17.50
CA PRO D 65 -58.36 -96.29 -16.63
C PRO D 65 -57.19 -96.73 -15.77
N THR D 66 -56.09 -95.97 -15.79
CA THR D 66 -54.92 -96.34 -15.03
C THR D 66 -54.41 -95.28 -14.05
N PRO D 67 -54.79 -95.40 -12.77
CA PRO D 67 -54.33 -94.43 -11.78
C PRO D 67 -53.06 -95.02 -11.18
N CYS D 68 -52.76 -94.68 -9.95
CA CYS D 68 -51.60 -95.26 -9.29
C CYS D 68 -52.05 -96.63 -8.82
N MET D 69 -51.15 -97.60 -8.81
CA MET D 69 -51.52 -98.95 -8.36
C MET D 69 -51.46 -99.07 -6.83
N HIS D 70 -50.75 -98.15 -6.19
CA HIS D 70 -50.59 -98.18 -4.73
C HIS D 70 -50.30 -99.62 -4.35
N CYS D 71 -49.41 -100.25 -5.09
CA CYS D 71 -49.06 -101.65 -4.85
C CYS D 71 -48.48 -101.91 -3.46
N GLU D 72 -48.79 -103.10 -2.93
CA GLU D 72 -48.36 -103.53 -1.61
C GLU D 72 -46.84 -103.65 -1.48
N ASN D 73 -46.19 -103.93 -2.60
CA ASN D 73 -44.74 -104.07 -2.63
C ASN D 73 -44.22 -102.94 -3.52
N ALA D 74 -44.50 -101.71 -3.11
CA ALA D 74 -44.13 -100.51 -3.85
C ALA D 74 -42.63 -100.30 -4.06
N PRO D 75 -42.20 -100.37 -5.33
CA PRO D 75 -40.81 -100.19 -5.73
C PRO D 75 -40.26 -98.83 -5.32
N CYS D 76 -41.10 -97.79 -5.40
CA CYS D 76 -40.60 -96.46 -5.04
C CYS D 76 -40.54 -96.14 -3.54
N VAL D 77 -41.17 -96.97 -2.72
CA VAL D 77 -41.10 -96.76 -1.27
C VAL D 77 -39.75 -97.39 -0.93
N ALA D 78 -39.43 -98.47 -1.62
CA ALA D 78 -38.18 -99.19 -1.44
C ALA D 78 -36.97 -98.43 -1.97
N LYS D 79 -37.16 -97.72 -3.08
CA LYS D 79 -36.08 -96.95 -3.68
C LYS D 79 -36.24 -95.45 -3.46
N GLY D 80 -37.24 -95.06 -2.66
CA GLY D 80 -37.49 -93.66 -2.43
C GLY D 80 -36.66 -93.02 -1.32
N ASN D 81 -35.95 -93.85 -0.56
CA ASN D 81 -35.12 -93.37 0.54
C ASN D 81 -35.90 -92.42 1.44
N GLY D 82 -37.15 -92.77 1.72
CA GLY D 82 -37.98 -91.95 2.58
C GLY D 82 -38.81 -90.89 1.90
N ALA D 83 -38.56 -90.65 0.61
CA ALA D 83 -39.32 -89.64 -0.13
C ALA D 83 -40.75 -90.10 -0.40
N VAL D 84 -40.97 -91.41 -0.35
CA VAL D 84 -42.30 -91.97 -0.58
C VAL D 84 -42.59 -92.96 0.56
N TYR D 85 -43.82 -92.95 1.05
CA TYR D 85 -44.18 -93.86 2.13
C TYR D 85 -45.50 -94.57 1.90
N GLN D 86 -45.73 -95.61 2.69
CA GLN D 86 -46.94 -96.41 2.60
C GLN D 86 -47.73 -96.30 3.91
N ARG D 87 -49.00 -95.93 3.81
CA ARG D 87 -49.83 -95.79 5.00
C ARG D 87 -50.39 -97.15 5.38
N GLU D 88 -50.93 -97.25 6.59
CA GLU D 88 -51.49 -98.51 7.07
C GLU D 88 -52.70 -98.95 6.26
N ASP D 89 -53.40 -97.99 5.66
CA ASP D 89 -54.58 -98.31 4.87
C ASP D 89 -54.21 -98.71 3.43
N GLY D 90 -52.92 -98.78 3.15
CA GLY D 90 -52.48 -99.18 1.82
C GLY D 90 -52.11 -98.07 0.86
N ILE D 91 -52.61 -96.87 1.10
CA ILE D 91 -52.32 -95.74 0.23
C ILE D 91 -50.84 -95.37 0.22
N VAL D 92 -50.24 -95.35 -0.97
CA VAL D 92 -48.84 -95.01 -1.12
C VAL D 92 -48.77 -93.52 -1.48
N LEU D 93 -48.07 -92.74 -0.68
CA LEU D 93 -47.98 -91.31 -0.94
C LEU D 93 -46.57 -90.74 -0.99
N ILE D 94 -46.38 -89.76 -1.87
CA ILE D 94 -45.10 -89.10 -2.01
C ILE D 94 -45.10 -87.99 -0.96
N ASP D 95 -43.98 -87.78 -0.28
CA ASP D 95 -43.90 -86.73 0.71
C ASP D 95 -43.59 -85.45 -0.06
N PRO D 96 -44.57 -84.54 -0.17
CA PRO D 96 -44.46 -83.27 -0.88
C PRO D 96 -43.20 -82.45 -0.59
N GLU D 97 -42.63 -82.64 0.60
CA GLU D 97 -41.45 -81.90 0.99
C GLU D 97 -40.14 -82.67 0.81
N LYS D 98 -40.09 -83.88 1.37
CA LYS D 98 -38.91 -84.71 1.29
C LYS D 98 -38.55 -85.13 -0.14
N ALA D 99 -39.51 -85.03 -1.04
CA ALA D 99 -39.29 -85.43 -2.43
C ALA D 99 -38.79 -84.31 -3.33
N LYS D 100 -38.88 -83.07 -2.85
CA LYS D 100 -38.45 -81.92 -3.65
C LYS D 100 -37.05 -82.03 -4.23
N GLY D 101 -36.95 -81.78 -5.53
CA GLY D 101 -35.67 -81.82 -6.21
C GLY D 101 -35.22 -83.20 -6.68
N LYS D 102 -36.03 -84.22 -6.40
CA LYS D 102 -35.68 -85.58 -6.79
C LYS D 102 -36.41 -86.12 -8.02
N LYS D 103 -35.88 -85.80 -9.20
CA LYS D 103 -36.47 -86.26 -10.45
C LYS D 103 -36.30 -87.77 -10.62
N GLU D 104 -35.28 -88.32 -9.97
CA GLU D 104 -34.98 -89.75 -10.06
C GLU D 104 -36.11 -90.65 -9.55
N LEU D 105 -37.00 -90.10 -8.73
CA LEU D 105 -38.11 -90.88 -8.20
C LEU D 105 -38.95 -91.47 -9.33
N LEU D 106 -39.15 -90.67 -10.39
CA LEU D 106 -39.95 -91.12 -11.52
C LEU D 106 -39.46 -92.44 -12.08
N ASP D 107 -38.15 -92.66 -12.02
CA ASP D 107 -37.56 -93.89 -12.53
C ASP D 107 -37.79 -95.13 -11.68
N THR D 108 -38.16 -94.94 -10.41
CA THR D 108 -38.40 -96.07 -9.52
C THR D 108 -39.78 -96.69 -9.78
N CYS D 109 -40.46 -96.20 -10.81
CA CYS D 109 -41.78 -96.72 -11.14
C CYS D 109 -41.88 -97.60 -12.38
N PRO D 110 -42.29 -98.86 -12.21
CA PRO D 110 -42.42 -99.79 -13.34
C PRO D 110 -43.62 -99.44 -14.22
N TYR D 111 -44.62 -98.81 -13.61
CA TYR D 111 -45.83 -98.42 -14.35
C TYR D 111 -45.77 -97.01 -14.94
N GLY D 112 -44.85 -96.19 -14.43
CA GLY D 112 -44.71 -94.83 -14.93
C GLY D 112 -45.91 -93.94 -14.65
N VAL D 113 -46.46 -94.02 -13.44
CA VAL D 113 -47.62 -93.22 -13.08
C VAL D 113 -47.29 -91.87 -12.44
N MET D 114 -46.02 -91.61 -12.14
CA MET D 114 -45.67 -90.34 -11.54
C MET D 114 -45.05 -89.38 -12.55
N TYR D 115 -45.32 -88.08 -12.34
CA TYR D 115 -44.80 -87.05 -13.24
C TYR D 115 -43.99 -86.01 -12.49
N TRP D 116 -43.11 -85.32 -13.23
CA TRP D 116 -42.28 -84.29 -12.64
C TRP D 116 -42.91 -82.92 -12.82
N ASN D 117 -43.29 -82.28 -11.71
CA ASN D 117 -43.91 -80.97 -11.79
C ASN D 117 -42.81 -79.91 -11.79
N GLU D 118 -42.62 -79.29 -12.96
CA GLU D 118 -41.61 -78.25 -13.14
C GLU D 118 -41.76 -77.07 -12.19
N GLU D 119 -42.99 -76.57 -12.07
CA GLU D 119 -43.29 -75.42 -11.22
C GLU D 119 -43.18 -75.66 -9.72
N GLU D 120 -43.17 -76.92 -9.31
CA GLU D 120 -43.07 -77.23 -7.88
C GLU D 120 -41.81 -78.03 -7.61
N ASN D 121 -41.07 -78.35 -8.68
CA ASN D 121 -39.85 -79.14 -8.60
C ASN D 121 -39.94 -80.29 -7.63
N VAL D 122 -40.87 -81.19 -7.91
CA VAL D 122 -41.10 -82.38 -7.10
C VAL D 122 -41.89 -83.36 -7.93
N ALA D 123 -41.68 -84.65 -7.69
CA ALA D 123 -42.42 -85.67 -8.41
C ALA D 123 -43.84 -85.67 -7.86
N GLN D 124 -44.81 -85.86 -8.74
CA GLN D 124 -46.20 -85.89 -8.32
C GLN D 124 -46.91 -87.07 -8.98
N LYS D 125 -48.01 -87.47 -8.36
CA LYS D 125 -48.80 -88.56 -8.89
C LYS D 125 -50.01 -88.84 -8.05
N CYS D 126 -50.72 -89.87 -8.44
CA CYS D 126 -51.92 -90.30 -7.75
C CYS D 126 -51.81 -90.37 -6.24
N THR D 127 -52.81 -89.84 -5.55
CA THR D 127 -52.83 -89.86 -4.08
C THR D 127 -54.08 -90.59 -3.59
N MET D 128 -54.95 -90.98 -4.52
CA MET D 128 -56.21 -91.65 -4.21
C MET D 128 -57.00 -90.68 -3.32
N CYS D 129 -56.88 -89.38 -3.62
CA CYS D 129 -57.48 -88.27 -2.86
C CYS D 129 -57.58 -88.63 -1.39
N ALA D 130 -56.42 -88.97 -0.83
CA ALA D 130 -56.34 -89.32 0.57
C ALA D 130 -56.85 -88.14 1.40
N HIS D 131 -56.66 -86.93 0.89
CA HIS D 131 -57.11 -85.75 1.62
C HIS D 131 -58.65 -85.78 1.75
N LEU D 132 -59.30 -86.35 0.75
CA LEU D 132 -60.76 -86.47 0.76
C LEU D 132 -61.16 -87.64 1.63
N LEU D 133 -60.41 -88.74 1.53
CA LEU D 133 -60.68 -89.93 2.30
C LEU D 133 -60.46 -89.71 3.80
N ASP D 134 -59.52 -88.83 4.14
CA ASP D 134 -59.22 -88.54 5.54
C ASP D 134 -60.15 -87.49 6.13
N ASP D 135 -61.11 -87.02 5.34
CA ASP D 135 -62.05 -86.01 5.81
C ASP D 135 -63.48 -86.53 5.76
N GLU D 136 -64.10 -86.68 6.93
CA GLU D 136 -65.47 -87.19 7.01
C GLU D 136 -66.50 -86.29 6.34
N SER D 137 -66.17 -85.01 6.19
CA SER D 137 -67.09 -84.06 5.55
C SER D 137 -67.40 -84.53 4.12
N TRP D 138 -66.42 -85.15 3.48
CA TRP D 138 -66.59 -85.66 2.12
C TRP D 138 -67.49 -86.90 2.21
N ALA D 139 -68.80 -86.65 2.14
CA ALA D 139 -69.80 -87.71 2.24
C ALA D 139 -69.56 -88.92 1.34
N PRO D 140 -69.25 -88.70 0.05
CA PRO D 140 -69.01 -89.82 -0.87
C PRO D 140 -68.04 -90.86 -0.34
N LYS D 141 -67.02 -90.42 0.37
CA LYS D 141 -66.01 -91.33 0.93
C LYS D 141 -65.33 -92.17 -0.16
N MET D 142 -65.09 -91.55 -1.31
CA MET D 142 -64.44 -92.24 -2.41
C MET D 142 -63.68 -91.22 -3.26
N PRO D 143 -62.73 -91.68 -4.07
CA PRO D 143 -61.92 -90.81 -4.93
C PRO D 143 -62.77 -90.05 -5.94
N ARG D 144 -62.23 -88.96 -6.48
CA ARG D 144 -62.95 -88.17 -7.47
C ARG D 144 -63.35 -88.95 -8.74
N CYS D 145 -62.45 -89.75 -9.32
CA CYS D 145 -62.84 -90.49 -10.53
C CYS D 145 -64.04 -91.37 -10.25
N ALA D 146 -63.88 -92.23 -9.25
CA ALA D 146 -64.92 -93.17 -8.86
C ALA D 146 -66.23 -92.46 -8.64
N HIS D 147 -66.18 -91.26 -8.06
CA HIS D 147 -67.39 -90.50 -7.80
C HIS D 147 -67.91 -89.77 -9.05
N ASN D 148 -67.02 -89.47 -9.98
CA ASN D 148 -67.42 -88.80 -11.20
C ASN D 148 -67.97 -89.76 -12.26
N CYS D 149 -67.68 -91.06 -12.15
CA CYS D 149 -68.22 -92.02 -13.14
C CYS D 149 -69.70 -91.96 -13.29
N GLY D 150 -70.14 -92.09 -14.53
CA GLY D 150 -71.55 -92.14 -14.85
C GLY D 150 -71.74 -93.48 -15.56
N SER D 151 -70.65 -94.25 -15.65
CA SER D 151 -70.69 -95.54 -16.35
C SER D 151 -70.54 -96.79 -15.46
N PHE D 152 -70.55 -96.58 -14.14
CA PHE D 152 -70.44 -97.67 -13.17
C PHE D 152 -69.21 -98.55 -13.36
N VAL D 153 -68.08 -97.90 -13.65
CA VAL D 153 -66.82 -98.60 -13.86
C VAL D 153 -66.09 -98.92 -12.56
N TYR D 154 -66.14 -97.99 -11.60
CA TYR D 154 -65.44 -98.15 -10.33
C TYR D 154 -66.18 -98.80 -9.20
N GLU D 155 -65.42 -99.57 -8.42
CA GLU D 155 -65.92 -100.27 -7.26
C GLU D 155 -64.85 -99.98 -6.19
N PHE D 156 -65.09 -98.94 -5.39
CA PHE D 156 -64.15 -98.53 -4.35
C PHE D 156 -64.59 -99.10 -3.01
N LEU D 157 -63.66 -99.73 -2.30
CA LEU D 157 -63.99 -100.32 -1.02
C LEU D 157 -62.83 -100.36 -0.03
N LYS D 158 -63.19 -100.58 1.24
CA LYS D 158 -62.20 -100.67 2.30
C LYS D 158 -62.59 -101.88 3.13
N THR D 159 -61.79 -102.93 3.05
CA THR D 159 -62.06 -104.15 3.78
C THR D 159 -60.76 -104.87 4.13
N THR D 160 -60.88 -106.09 4.62
CA THR D 160 -59.70 -106.88 4.99
C THR D 160 -59.11 -107.54 3.75
N PRO D 161 -57.82 -107.91 3.81
CA PRO D 161 -57.18 -108.56 2.67
C PRO D 161 -57.90 -109.85 2.27
N GLU D 162 -58.50 -110.52 3.27
CA GLU D 162 -59.24 -111.75 3.03
C GLU D 162 -60.44 -111.50 2.12
N ALA D 163 -61.27 -110.54 2.52
CA ALA D 163 -62.45 -110.19 1.74
C ALA D 163 -62.10 -109.83 0.31
N MET D 164 -60.97 -109.13 0.14
CA MET D 164 -60.52 -108.74 -1.18
C MET D 164 -60.05 -109.96 -1.96
N ALA D 165 -59.23 -110.79 -1.32
CA ALA D 165 -58.70 -111.99 -1.94
C ALA D 165 -59.84 -112.88 -2.46
N LYS D 166 -60.91 -112.99 -1.67
CA LYS D 166 -62.04 -113.81 -2.07
C LYS D 166 -62.76 -113.19 -3.27
N LYS D 167 -62.95 -111.87 -3.22
CA LYS D 167 -63.61 -111.15 -4.30
C LYS D 167 -62.81 -111.33 -5.58
N VAL D 168 -61.49 -111.31 -5.44
CA VAL D 168 -60.59 -111.46 -6.57
C VAL D 168 -60.77 -112.81 -7.26
N GLU D 169 -61.00 -113.85 -6.46
CA GLU D 169 -61.17 -115.19 -7.01
C GLU D 169 -62.54 -115.39 -7.66
N GLU D 170 -63.58 -114.95 -6.98
CA GLU D 170 -64.94 -115.09 -7.48
C GLU D 170 -65.19 -114.30 -8.76
N GLU D 171 -64.61 -113.11 -8.84
CA GLU D 171 -64.79 -112.24 -10.00
C GLU D 171 -63.63 -112.29 -10.99
N GLY D 172 -62.67 -113.19 -10.74
CA GLY D 172 -61.52 -113.31 -11.62
C GLY D 172 -60.83 -111.98 -11.88
N LEU D 173 -60.64 -111.19 -10.83
CA LEU D 173 -59.99 -109.90 -10.97
C LEU D 173 -58.51 -110.09 -11.27
N GLU D 174 -57.95 -109.16 -12.04
CA GLU D 174 -56.53 -109.23 -12.42
C GLU D 174 -55.85 -107.89 -12.21
N VAL D 175 -54.52 -107.93 -12.18
CA VAL D 175 -53.72 -106.72 -12.00
C VAL D 175 -52.82 -106.53 -13.21
N ILE D 176 -52.36 -105.31 -13.41
CA ILE D 176 -51.47 -104.99 -14.52
C ILE D 176 -50.06 -105.44 -14.18
N LYS D 177 -49.41 -106.09 -15.14
CA LYS D 177 -48.04 -106.57 -14.97
C LYS D 177 -47.87 -107.35 -13.66
N PRO D 178 -48.55 -108.50 -13.55
CA PRO D 178 -48.47 -109.33 -12.35
C PRO D 178 -47.06 -109.85 -12.09
N GLU D 179 -46.35 -110.17 -13.16
CA GLU D 179 -44.99 -110.70 -13.07
C GLU D 179 -43.96 -109.77 -12.42
N LEU D 180 -44.40 -108.61 -11.97
CA LEU D 180 -43.48 -107.67 -11.31
C LEU D 180 -43.55 -107.87 -9.81
N GLY D 181 -44.61 -108.53 -9.36
CA GLY D 181 -44.78 -108.80 -7.95
C GLY D 181 -44.95 -107.61 -7.03
N THR D 182 -45.41 -106.46 -7.55
CA THR D 182 -45.60 -105.29 -6.73
C THR D 182 -46.93 -105.36 -5.97
N LYS D 183 -47.79 -106.26 -6.43
CA LYS D 183 -49.11 -106.48 -5.82
C LYS D 183 -49.99 -105.24 -5.69
N PRO D 184 -50.47 -104.71 -6.83
CA PRO D 184 -51.32 -103.52 -6.84
C PRO D 184 -52.63 -103.74 -6.08
N ARG D 185 -53.18 -102.67 -5.50
CA ARG D 185 -54.44 -102.79 -4.79
C ARG D 185 -55.55 -102.26 -5.71
N VAL D 186 -55.19 -102.07 -6.98
CA VAL D 186 -56.13 -101.61 -7.99
C VAL D 186 -56.32 -102.79 -8.93
N TYR D 187 -57.51 -103.39 -8.89
CA TYR D 187 -57.80 -104.54 -9.72
C TYR D 187 -58.65 -104.21 -10.94
N TYR D 188 -58.51 -105.04 -11.97
CA TYR D 188 -59.24 -104.87 -13.20
C TYR D 188 -60.13 -106.06 -13.51
N LYS D 189 -61.37 -105.76 -13.89
CA LYS D 189 -62.35 -106.78 -14.22
C LYS D 189 -62.45 -106.77 -15.75
N ASN D 190 -62.51 -107.95 -16.35
CA ASN D 190 -62.60 -108.08 -17.81
C ASN D 190 -61.37 -107.47 -18.49
N LEU D 191 -60.22 -107.57 -17.83
CA LEU D 191 -58.98 -107.03 -18.38
C LEU D 191 -58.58 -107.64 -19.72
N TYR D 192 -59.11 -108.82 -20.02
CA TYR D 192 -58.80 -109.49 -21.29
C TYR D 192 -59.19 -108.61 -22.49
N ARG D 193 -60.21 -107.76 -22.29
CA ARG D 193 -60.66 -106.86 -23.34
C ARG D 193 -59.51 -105.99 -23.82
N PHE D 194 -58.69 -105.56 -22.87
CA PHE D 194 -57.56 -104.69 -23.16
C PHE D 194 -56.25 -105.42 -23.44
N GLU D 195 -55.99 -106.51 -22.70
CA GLU D 195 -54.75 -107.25 -22.86
C GLU D 195 -54.73 -108.43 -23.82
N LYS D 196 -55.87 -109.09 -24.01
CA LYS D 196 -55.91 -110.25 -24.89
C LYS D 196 -56.43 -109.93 -26.28
N ASN D 197 -56.61 -110.98 -27.08
CA ASN D 197 -57.08 -110.82 -28.45
C ASN D 197 -58.19 -111.80 -28.79
N TYR D 198 -58.75 -111.65 -29.99
CA TYR D 198 -59.84 -112.51 -30.41
C TYR D 198 -59.76 -112.81 -31.90
N VAL D 199 -60.58 -113.76 -32.34
CA VAL D 199 -60.68 -114.10 -33.74
C VAL D 199 -62.17 -114.10 -34.02
N THR D 200 -62.56 -113.55 -35.17
CA THR D 200 -63.98 -113.48 -35.51
C THR D 200 -64.18 -113.67 -37.01
N ALA D 201 -65.41 -113.93 -37.40
CA ALA D 201 -65.73 -114.13 -38.81
C ALA D 201 -67.23 -114.09 -39.05
N GLY D 202 -67.61 -114.03 -40.33
CA GLY D 202 -69.00 -114.00 -40.70
C GLY D 202 -69.27 -115.20 -41.60
N ILE D 203 -70.13 -116.11 -41.14
CA ILE D 203 -70.45 -117.31 -41.91
C ILE D 203 -71.63 -117.11 -42.84
N LEU D 204 -71.42 -117.38 -44.12
CA LEU D 204 -72.47 -117.24 -45.11
C LEU D 204 -72.77 -118.58 -45.78
N VAL D 205 -74.05 -118.89 -45.93
CA VAL D 205 -74.48 -120.12 -46.59
C VAL D 205 -75.33 -119.70 -47.78
N GLN D 206 -74.78 -119.88 -48.97
CA GLN D 206 -75.46 -119.50 -50.20
C GLN D 206 -75.71 -118.00 -50.27
N GLY D 207 -74.70 -117.22 -49.88
CA GLY D 207 -74.82 -115.78 -49.95
C GLY D 207 -75.50 -115.06 -48.78
N ASP D 208 -76.12 -115.81 -47.88
CA ASP D 208 -76.79 -115.18 -46.74
C ASP D 208 -76.21 -115.58 -45.38
N CYS D 209 -76.25 -114.64 -44.43
CA CYS D 209 -75.75 -114.87 -43.08
C CYS D 209 -76.43 -116.09 -42.49
N PHE D 210 -75.64 -117.06 -42.05
CA PHE D 210 -76.19 -118.29 -41.48
C PHE D 210 -76.18 -118.32 -39.96
N GLU D 211 -77.36 -118.49 -39.37
CA GLU D 211 -77.50 -118.54 -37.92
C GLU D 211 -77.54 -119.99 -37.43
N GLY D 212 -76.88 -120.24 -36.30
CA GLY D 212 -76.88 -121.60 -35.74
C GLY D 212 -75.71 -122.46 -36.11
N ALA D 213 -74.82 -121.97 -36.95
CA ALA D 213 -73.65 -122.76 -37.34
C ALA D 213 -72.81 -123.04 -36.10
N LYS D 214 -72.35 -124.26 -35.95
CA LYS D 214 -71.53 -124.63 -34.81
C LYS D 214 -70.06 -124.35 -35.08
N VAL D 215 -69.46 -123.52 -34.24
CA VAL D 215 -68.06 -123.15 -34.40
C VAL D 215 -67.27 -123.62 -33.19
N VAL D 216 -66.07 -124.14 -33.45
CA VAL D 216 -65.20 -124.63 -32.38
C VAL D 216 -63.77 -124.17 -32.58
N LEU D 217 -63.16 -123.67 -31.50
CA LEU D 217 -61.77 -123.21 -31.55
C LEU D 217 -60.89 -124.24 -30.87
N LYS D 218 -59.83 -124.67 -31.55
CA LYS D 218 -58.93 -125.67 -31.00
C LYS D 218 -57.48 -125.19 -30.99
N SER D 219 -56.71 -125.68 -30.03
CA SER D 219 -55.30 -125.35 -29.89
C SER D 219 -54.57 -126.63 -29.57
N GLY D 220 -53.66 -127.03 -30.44
CA GLY D 220 -52.91 -128.26 -30.22
C GLY D 220 -53.81 -129.47 -30.44
N GLY D 221 -55.01 -129.23 -30.96
CA GLY D 221 -55.93 -130.31 -31.23
C GLY D 221 -57.06 -130.45 -30.22
N LYS D 222 -57.02 -129.66 -29.16
CA LYS D 222 -58.06 -129.71 -28.14
C LYS D 222 -58.91 -128.45 -28.15
N GLU D 223 -60.21 -128.63 -27.94
CA GLU D 223 -61.16 -127.53 -27.94
C GLU D 223 -60.85 -126.48 -26.88
N VAL D 224 -60.77 -125.23 -27.31
CA VAL D 224 -60.49 -124.11 -26.43
C VAL D 224 -61.79 -123.35 -26.15
N ALA D 225 -62.69 -123.39 -27.13
CA ALA D 225 -63.98 -122.71 -27.01
C ALA D 225 -64.88 -123.10 -28.17
N SER D 226 -66.18 -122.88 -27.99
CA SER D 226 -67.16 -123.19 -29.02
C SER D 226 -68.31 -122.21 -28.94
N ALA D 227 -69.05 -122.08 -30.03
CA ALA D 227 -70.20 -121.18 -30.07
C ALA D 227 -70.97 -121.37 -31.35
N GLU D 228 -72.15 -120.76 -31.41
CA GLU D 228 -73.00 -120.83 -32.59
C GLU D 228 -73.19 -119.42 -33.11
N THR D 229 -73.16 -119.28 -34.43
CA THR D 229 -73.31 -117.99 -35.08
C THR D 229 -74.66 -117.31 -34.82
N ASN D 230 -74.65 -115.98 -34.69
CA ASN D 230 -75.87 -115.22 -34.46
C ASN D 230 -76.55 -114.97 -35.81
N PHE D 231 -77.64 -114.20 -35.83
CA PHE D 231 -78.32 -113.97 -37.10
C PHE D 231 -77.50 -113.26 -38.17
N PHE D 232 -76.37 -112.68 -37.78
CA PHE D 232 -75.49 -112.03 -38.75
C PHE D 232 -74.45 -113.07 -39.16
N GLY D 233 -74.62 -114.29 -38.66
CA GLY D 233 -73.72 -115.38 -38.97
C GLY D 233 -72.32 -115.20 -38.40
N GLU D 234 -72.20 -114.41 -37.34
CA GLU D 234 -70.88 -114.17 -36.76
C GLU D 234 -70.63 -114.86 -35.44
N PHE D 235 -69.35 -115.02 -35.13
CA PHE D 235 -68.90 -115.61 -33.88
C PHE D 235 -67.67 -114.82 -33.48
N LYS D 236 -67.35 -114.81 -32.20
CA LYS D 236 -66.19 -114.08 -31.70
C LYS D 236 -65.61 -114.75 -30.47
N PHE D 237 -64.37 -115.23 -30.59
CA PHE D 237 -63.68 -115.88 -29.49
C PHE D 237 -62.67 -114.89 -28.91
N ASP D 238 -63.01 -114.31 -27.77
CA ASP D 238 -62.13 -113.33 -27.12
C ASP D 238 -61.28 -113.97 -26.03
N ALA D 239 -60.48 -113.15 -25.35
CA ALA D 239 -59.59 -113.60 -24.29
C ALA D 239 -58.62 -114.68 -24.73
N LEU D 240 -58.11 -114.56 -25.96
CA LEU D 240 -57.17 -115.54 -26.49
C LEU D 240 -55.72 -115.10 -26.30
N ASP D 241 -54.90 -116.02 -25.77
CA ASP D 241 -53.48 -115.74 -25.57
C ASP D 241 -52.82 -115.91 -26.92
N ASN D 242 -51.59 -115.43 -27.07
CA ASN D 242 -50.90 -115.57 -28.34
C ASN D 242 -50.63 -117.04 -28.62
N GLY D 243 -50.64 -117.41 -29.90
CA GLY D 243 -50.41 -118.79 -30.28
C GLY D 243 -51.15 -119.15 -31.56
N GLU D 244 -51.10 -120.42 -31.94
CA GLU D 244 -51.77 -120.86 -33.15
C GLU D 244 -52.98 -121.73 -32.81
N TYR D 245 -54.10 -121.42 -33.43
CA TYR D 245 -55.34 -122.17 -33.20
C TYR D 245 -55.91 -122.72 -34.50
N THR D 246 -57.00 -123.47 -34.39
CA THR D 246 -57.68 -124.03 -35.54
C THR D 246 -59.17 -123.83 -35.33
N VAL D 247 -59.82 -123.19 -36.30
CA VAL D 247 -61.24 -122.94 -36.21
C VAL D 247 -61.98 -123.96 -37.07
N GLU D 248 -62.98 -124.62 -36.49
CA GLU D 248 -63.77 -125.61 -37.22
C GLU D 248 -65.22 -125.18 -37.25
N ILE D 249 -65.79 -125.13 -38.45
CA ILE D 249 -67.17 -124.72 -38.63
C ILE D 249 -68.04 -125.79 -39.29
N ASP D 250 -69.26 -125.94 -38.79
CA ASP D 250 -70.20 -126.92 -39.34
C ASP D 250 -71.59 -126.32 -39.49
N ALA D 251 -72.05 -126.21 -40.73
CA ALA D 251 -73.36 -125.65 -41.03
C ALA D 251 -73.97 -126.39 -42.23
N ASP D 252 -75.18 -126.91 -42.05
CA ASP D 252 -75.87 -127.65 -43.11
C ASP D 252 -75.00 -128.80 -43.63
N GLY D 253 -74.35 -129.50 -42.71
CA GLY D 253 -73.50 -130.61 -43.11
C GLY D 253 -72.19 -130.13 -43.71
N LYS D 254 -72.22 -128.92 -44.27
CA LYS D 254 -71.03 -128.32 -44.88
C LYS D 254 -70.06 -127.88 -43.79
N SER D 255 -68.82 -128.37 -43.88
CA SER D 255 -67.81 -128.02 -42.89
C SER D 255 -66.69 -127.18 -43.47
N TYR D 256 -66.01 -126.44 -42.60
CA TYR D 256 -64.90 -125.57 -42.99
C TYR D 256 -63.91 -125.54 -41.83
N SER D 257 -62.64 -125.40 -42.16
CA SER D 257 -61.61 -125.35 -41.13
C SER D 257 -60.42 -124.53 -41.62
N ASP D 258 -59.68 -123.98 -40.68
CA ASP D 258 -58.52 -123.17 -41.01
C ASP D 258 -57.71 -122.86 -39.76
N THR D 259 -56.46 -122.48 -39.95
CA THR D 259 -55.58 -122.16 -38.85
C THR D 259 -55.41 -120.65 -38.75
N VAL D 260 -55.39 -120.14 -37.52
CA VAL D 260 -55.22 -118.71 -37.31
C VAL D 260 -54.18 -118.47 -36.22
N VAL D 261 -53.29 -117.51 -36.45
CA VAL D 261 -52.26 -117.19 -35.48
C VAL D 261 -52.55 -115.90 -34.75
N ILE D 262 -52.54 -115.97 -33.42
CA ILE D 262 -52.79 -114.80 -32.59
C ILE D 262 -51.44 -114.28 -32.12
N ASP D 263 -51.05 -113.10 -32.58
CA ASP D 263 -49.79 -112.51 -32.19
C ASP D 263 -49.96 -111.05 -31.79
N ASP D 264 -50.48 -110.83 -30.59
CA ASP D 264 -50.71 -109.49 -30.08
C ASP D 264 -51.71 -108.73 -30.93
N LYS D 265 -52.43 -109.45 -31.78
CA LYS D 265 -53.43 -108.85 -32.67
C LYS D 265 -54.66 -109.73 -32.75
N SER D 266 -55.82 -109.11 -33.00
CA SER D 266 -57.06 -109.84 -33.15
C SER D 266 -57.28 -110.02 -34.64
N VAL D 267 -57.81 -111.18 -35.03
CA VAL D 267 -58.01 -111.49 -36.44
C VAL D 267 -59.45 -111.62 -36.92
N ASP D 268 -59.74 -110.97 -38.04
CA ASP D 268 -61.05 -111.05 -38.65
C ASP D 268 -60.85 -111.92 -39.88
N LEU D 269 -61.47 -113.10 -39.89
CA LEU D 269 -61.34 -114.03 -41.01
C LEU D 269 -62.22 -113.61 -42.17
N GLY D 270 -63.01 -112.56 -41.99
CA GLY D 270 -63.88 -112.07 -43.04
C GLY D 270 -65.06 -113.00 -43.27
N PHE D 271 -65.65 -112.91 -44.47
CA PHE D 271 -66.78 -113.77 -44.82
C PHE D 271 -66.32 -115.15 -45.20
N ILE D 272 -66.93 -116.16 -44.60
CA ILE D 272 -66.61 -117.56 -44.88
C ILE D 272 -67.79 -118.12 -45.65
N LYS D 273 -67.64 -118.21 -46.96
CA LYS D 273 -68.70 -118.69 -47.84
C LYS D 273 -68.80 -120.20 -47.95
N LEU D 274 -69.97 -120.73 -47.62
CA LEU D 274 -70.23 -122.17 -47.67
C LEU D 274 -71.49 -122.46 -48.49
N MET E 1 78.38 75.18 -11.46
CA MET E 1 78.87 75.81 -12.71
C MET E 1 78.80 74.86 -13.91
N GLY E 2 78.44 73.59 -13.65
CA GLY E 2 78.35 72.62 -14.73
C GLY E 2 77.46 71.41 -14.49
N GLU E 3 77.64 70.39 -15.32
CA GLU E 3 76.86 69.16 -15.23
C GLU E 3 77.64 68.02 -14.57
N VAL E 4 76.91 66.98 -14.19
CA VAL E 4 77.52 65.81 -13.57
C VAL E 4 78.19 64.93 -14.63
N VAL E 5 79.44 64.58 -14.39
CA VAL E 5 80.20 63.73 -15.30
C VAL E 5 80.58 62.44 -14.61
N ARG E 6 80.45 61.31 -15.32
CA ARG E 6 80.81 60.01 -14.75
C ARG E 6 82.25 59.71 -15.13
N LEU E 7 83.11 59.54 -14.13
CA LEU E 7 84.51 59.23 -14.37
C LEU E 7 84.87 57.87 -13.79
N THR E 8 86.12 57.43 -14.00
CA THR E 8 86.57 56.16 -13.48
C THR E 8 87.78 56.29 -12.60
N ASN E 9 87.87 55.40 -11.62
CA ASN E 9 89.02 55.34 -10.73
C ASN E 9 88.93 53.97 -10.06
N SER E 10 89.81 53.71 -9.10
CA SER E 10 89.78 52.41 -8.45
C SER E 10 90.29 52.51 -7.03
N SER E 11 90.47 51.37 -6.38
CA SER E 11 90.91 51.35 -5.00
C SER E 11 91.26 49.94 -4.56
N THR E 12 91.68 49.82 -3.31
CA THR E 12 92.04 48.54 -2.73
C THR E 12 90.76 47.76 -2.46
N GLY E 13 89.62 48.41 -2.68
CA GLY E 13 88.34 47.75 -2.46
C GLY E 13 87.59 47.54 -3.77
N GLY E 14 88.25 47.77 -4.89
CA GLY E 14 87.59 47.57 -6.18
C GLY E 14 87.47 48.81 -7.03
N PRO E 15 87.22 48.66 -8.35
CA PRO E 15 87.07 49.77 -9.28
C PRO E 15 85.75 50.49 -9.04
N VAL E 16 85.68 51.76 -9.40
CA VAL E 16 84.44 52.50 -9.20
C VAL E 16 84.18 53.52 -10.29
N PHE E 17 82.91 53.88 -10.42
CA PHE E 17 82.50 54.93 -11.33
C PHE E 17 82.41 56.10 -10.37
N VAL E 18 83.01 57.23 -10.73
CA VAL E 18 82.99 58.40 -9.87
C VAL E 18 82.22 59.52 -10.54
N TYR E 19 81.12 59.94 -9.91
CA TYR E 19 80.32 61.01 -10.46
C TYR E 19 80.80 62.31 -9.85
N VAL E 20 81.20 63.24 -10.71
CA VAL E 20 81.72 64.53 -10.29
C VAL E 20 80.94 65.69 -10.88
N LYS E 21 80.76 66.74 -10.09
CA LYS E 21 80.06 67.95 -10.53
C LYS E 21 80.72 69.17 -9.91
N ASP E 22 81.09 70.13 -10.75
CA ASP E 22 81.73 71.35 -10.30
C ASP E 22 82.93 71.11 -9.37
N GLY E 23 83.81 70.19 -9.78
CA GLY E 23 84.99 69.89 -8.99
C GLY E 23 84.77 69.16 -7.68
N LYS E 24 83.56 68.63 -7.47
CA LYS E 24 83.26 67.91 -6.23
C LYS E 24 82.73 66.50 -6.50
N ILE E 25 83.19 65.53 -5.73
CA ILE E 25 82.73 64.16 -5.89
C ILE E 25 81.33 64.05 -5.29
N ILE E 26 80.39 63.54 -6.07
CA ILE E 26 79.00 63.38 -5.63
C ILE E 26 78.78 61.98 -5.04
N ARG E 27 79.29 60.96 -5.74
CA ARG E 27 79.15 59.59 -5.28
C ARG E 27 80.14 58.68 -6.00
N MET E 28 80.32 57.47 -5.46
CA MET E 28 81.22 56.46 -6.02
C MET E 28 80.43 55.14 -5.99
N THR E 29 80.38 54.45 -7.12
CA THR E 29 79.61 53.20 -7.19
C THR E 29 80.34 52.08 -7.90
N PRO E 30 79.83 50.85 -7.73
CA PRO E 30 80.43 49.68 -8.39
C PRO E 30 80.19 49.93 -9.88
N MET E 31 80.81 49.14 -10.74
CA MET E 31 80.66 49.34 -12.18
C MET E 31 79.81 48.30 -12.89
N ASP E 32 78.78 48.76 -13.60
CA ASP E 32 78.04 47.88 -14.46
C ASP E 32 78.60 47.86 -15.86
N PHE E 33 78.69 46.76 -16.51
CA PHE E 33 79.28 46.73 -17.85
C PHE E 33 78.23 47.12 -18.88
N ASP E 34 78.71 47.56 -20.04
CA ASP E 34 77.86 47.97 -21.16
C ASP E 34 78.11 46.91 -22.24
N ASP E 35 77.17 45.99 -22.41
CA ASP E 35 77.31 44.91 -23.37
C ASP E 35 77.53 45.31 -24.82
N ALA E 36 77.37 46.59 -25.13
CA ALA E 36 77.58 47.07 -26.49
C ALA E 36 79.06 47.31 -26.74
N VAL E 37 79.81 47.59 -25.68
CA VAL E 37 81.24 47.88 -25.80
C VAL E 37 82.15 46.99 -24.95
N ASP E 38 81.58 46.32 -23.95
CA ASP E 38 82.39 45.46 -23.08
C ASP E 38 82.25 43.99 -23.46
N ALA E 39 83.39 43.34 -23.67
CA ALA E 39 83.43 41.92 -24.07
C ALA E 39 82.63 40.98 -23.18
N PRO E 40 82.14 39.86 -23.75
CA PRO E 40 81.35 38.86 -23.02
C PRO E 40 82.18 38.18 -21.93
N SER E 41 81.49 37.66 -20.92
CA SER E 41 82.15 36.99 -19.79
C SER E 41 82.45 35.54 -20.13
N TRP E 42 83.22 34.89 -19.24
CA TRP E 42 83.54 33.48 -19.42
C TRP E 42 82.32 32.70 -18.97
N LYS E 43 82.32 31.40 -19.27
CA LYS E 43 81.22 30.53 -18.88
C LYS E 43 81.82 29.18 -18.52
N ILE E 44 81.26 28.54 -17.50
CA ILE E 44 81.73 27.22 -17.08
C ILE E 44 80.57 26.24 -17.10
N GLU E 45 80.76 25.13 -17.81
CA GLU E 45 79.74 24.10 -17.85
C GLU E 45 80.17 23.04 -16.83
N ALA E 46 79.29 22.76 -15.88
CA ALA E 46 79.61 21.77 -14.85
C ALA E 46 78.33 21.15 -14.30
N ARG E 47 78.37 19.83 -14.13
CA ARG E 47 77.24 19.08 -13.62
C ARG E 47 75.91 19.50 -14.25
N GLY E 48 75.90 19.58 -15.58
CA GLY E 48 74.68 19.95 -16.28
C GLY E 48 74.29 21.41 -16.22
N LYS E 49 74.93 22.18 -15.34
CA LYS E 49 74.63 23.59 -15.20
C LYS E 49 75.64 24.49 -15.91
N THR E 50 75.21 25.71 -16.19
CA THR E 50 76.09 26.69 -16.84
C THR E 50 76.30 27.83 -15.86
N PHE E 51 77.56 28.13 -15.56
CA PHE E 51 77.87 29.19 -14.63
C PHE E 51 78.59 30.34 -15.32
N THR E 52 78.05 31.54 -15.13
CA THR E 52 78.62 32.75 -15.72
C THR E 52 78.45 33.85 -14.66
N PRO E 53 79.44 34.72 -14.53
CA PRO E 53 79.39 35.82 -13.55
C PRO E 53 78.49 36.98 -13.92
N PRO E 54 78.15 37.83 -12.94
CA PRO E 54 77.30 39.00 -13.17
C PRO E 54 78.06 39.99 -14.05
N ARG E 55 77.33 40.77 -14.83
CA ARG E 55 77.93 41.78 -15.71
C ARG E 55 78.22 43.02 -14.88
N LYS E 56 78.99 42.86 -13.82
CA LYS E 56 79.26 43.98 -12.93
C LYS E 56 80.43 43.67 -12.00
N THR E 57 81.02 44.70 -11.40
CA THR E 57 82.10 44.49 -10.44
C THR E 57 81.45 44.73 -9.08
N SER E 58 82.21 44.56 -8.00
CA SER E 58 81.71 44.77 -6.66
C SER E 58 82.76 45.50 -5.85
N ILE E 59 82.34 46.14 -4.76
CA ILE E 59 83.27 46.90 -3.92
C ILE E 59 83.22 46.49 -2.45
N ALA E 60 84.29 46.81 -1.73
CA ALA E 60 84.38 46.51 -0.30
C ALA E 60 83.72 47.68 0.44
N PRO E 61 83.32 47.46 1.70
CA PRO E 61 82.69 48.50 2.52
C PRO E 61 83.48 49.80 2.61
N TYR E 62 84.80 49.67 2.80
CA TYR E 62 85.67 50.84 2.94
C TYR E 62 85.81 51.64 1.65
N THR E 63 85.47 51.04 0.51
CA THR E 63 85.55 51.75 -0.75
C THR E 63 84.22 52.48 -0.94
N ALA E 64 83.13 51.82 -0.53
CA ALA E 64 81.81 52.41 -0.62
C ALA E 64 81.75 53.75 0.12
N GLY E 65 82.44 53.83 1.25
CA GLY E 65 82.44 55.07 2.02
C GLY E 65 83.74 55.85 1.93
N PHE E 66 84.54 55.56 0.91
CA PHE E 66 85.85 56.21 0.72
C PHE E 66 85.79 57.73 0.55
N LYS E 67 84.66 58.25 0.07
CA LYS E 67 84.55 59.69 -0.12
C LYS E 67 84.76 60.45 1.19
N SER E 68 84.35 59.84 2.31
CA SER E 68 84.51 60.48 3.62
C SER E 68 85.98 60.51 4.05
N MET E 69 86.83 59.73 3.37
CA MET E 69 88.25 59.70 3.68
C MET E 69 88.95 60.80 2.87
N ILE E 70 88.46 61.02 1.66
CA ILE E 70 89.02 62.05 0.78
C ILE E 70 88.78 63.41 1.41
N TYR E 71 87.55 63.62 1.88
CA TYR E 71 87.17 64.89 2.48
C TYR E 71 87.22 64.89 4.00
N SER E 72 88.02 64.00 4.57
CA SER E 72 88.18 63.91 6.01
C SER E 72 88.75 65.19 6.61
N ASP E 73 88.29 65.55 7.79
CA ASP E 73 88.79 66.74 8.46
C ASP E 73 90.10 66.42 9.19
N LEU E 74 90.53 65.16 9.09
CA LEU E 74 91.78 64.72 9.70
C LEU E 74 92.83 64.62 8.60
N ARG E 75 92.44 65.07 7.42
CA ARG E 75 93.30 65.10 6.26
C ARG E 75 94.41 66.10 6.62
N ILE E 76 95.66 65.83 6.26
CA ILE E 76 96.72 66.80 6.56
C ILE E 76 96.43 67.98 5.63
N PRO E 77 96.14 69.15 6.20
CA PRO E 77 95.81 70.41 5.49
C PRO E 77 96.90 71.11 4.70
N TYR E 78 98.11 71.10 5.23
CA TYR E 78 99.24 71.78 4.60
C TYR E 78 100.53 71.35 5.29
N PRO E 79 101.70 71.75 4.76
CA PRO E 79 102.94 71.34 5.42
C PRO E 79 102.92 71.82 6.86
N MET E 80 103.38 70.98 7.78
CA MET E 80 103.38 71.32 9.20
C MET E 80 104.76 71.11 9.81
N LYS E 81 105.06 71.89 10.84
CA LYS E 81 106.34 71.78 11.53
C LYS E 81 106.14 71.75 13.03
N ARG E 82 106.88 70.87 13.70
CA ARG E 82 106.80 70.76 15.15
C ARG E 82 107.38 72.06 15.73
N LYS E 83 106.57 72.78 16.49
CA LYS E 83 106.99 74.03 17.10
C LYS E 83 108.28 73.92 17.90
N SER E 84 108.38 72.88 18.71
CA SER E 84 109.54 72.65 19.57
C SER E 84 110.80 72.17 18.84
N PHE E 85 110.72 72.06 17.52
CA PHE E 85 111.86 71.61 16.71
C PHE E 85 112.54 72.75 15.97
N ASP E 86 113.82 72.96 16.25
CA ASP E 86 114.59 74.00 15.57
C ASP E 86 115.84 73.41 14.95
N PRO E 87 115.89 73.33 13.61
CA PRO E 87 117.02 72.78 12.86
C PRO E 87 118.38 73.36 13.28
N ASN E 88 118.44 74.68 13.46
CA ASN E 88 119.68 75.34 13.84
C ASN E 88 119.84 75.59 15.33
N GLY E 89 119.04 74.92 16.15
CA GLY E 89 119.14 75.11 17.59
C GLY E 89 118.73 73.86 18.34
N GLU E 90 117.86 74.03 19.33
CA GLU E 90 117.37 72.92 20.13
C GLU E 90 116.38 72.10 19.31
N ARG E 91 116.69 70.82 19.11
CA ARG E 91 115.81 69.94 18.34
C ARG E 91 114.78 69.25 19.21
N ASN E 92 115.02 69.29 20.52
CA ASN E 92 114.11 68.69 21.49
C ASN E 92 113.49 67.37 21.06
N PRO E 93 114.33 66.35 20.81
CA PRO E 93 113.82 65.04 20.38
C PRO E 93 112.83 64.48 21.41
N GLN E 94 113.09 64.78 22.68
CA GLN E 94 112.25 64.30 23.77
C GLN E 94 110.84 64.87 23.73
N LEU E 95 110.63 65.89 22.90
CA LEU E 95 109.32 66.51 22.81
C LEU E 95 108.46 66.02 21.65
N ARG E 96 108.96 65.02 20.91
CA ARG E 96 108.18 64.47 19.81
C ARG E 96 106.98 63.74 20.43
N GLY E 97 105.78 64.05 19.96
CA GLY E 97 104.60 63.40 20.49
C GLY E 97 104.14 63.97 21.82
N ALA E 98 104.74 65.07 22.24
CA ALA E 98 104.34 65.69 23.51
C ALA E 98 102.85 66.05 23.44
N GLY E 99 102.43 66.54 22.28
CA GLY E 99 101.03 66.89 22.10
C GLY E 99 100.13 65.70 22.37
N LEU E 100 100.52 64.55 21.82
CA LEU E 100 99.78 63.31 21.99
C LEU E 100 99.73 62.95 23.48
N SER E 101 100.85 63.19 24.18
CA SER E 101 100.94 62.89 25.61
C SER E 101 100.02 63.76 26.45
N LYS E 102 99.57 64.89 25.89
CA LYS E 102 98.65 65.75 26.63
C LYS E 102 97.30 65.76 25.94
N GLN E 103 97.07 64.73 25.12
CA GLN E 103 95.82 64.54 24.40
C GLN E 103 95.44 65.71 23.49
N ASP E 104 96.44 66.32 22.86
CA ASP E 104 96.21 67.45 21.97
C ASP E 104 97.32 67.44 20.91
N PRO E 105 97.28 66.47 19.99
CA PRO E 105 98.25 66.28 18.90
C PRO E 105 98.49 67.51 18.02
N TRP E 106 97.41 68.12 17.53
CA TRP E 106 97.55 69.27 16.66
C TRP E 106 98.29 70.46 17.26
N SER E 107 98.18 70.67 18.56
CA SER E 107 98.84 71.81 19.21
C SER E 107 100.36 71.80 19.06
N ASP E 108 100.93 70.63 18.80
CA ASP E 108 102.38 70.50 18.62
C ASP E 108 102.89 71.10 17.31
N TYR E 109 101.97 71.38 16.38
CA TYR E 109 102.38 71.87 15.07
C TYR E 109 101.92 73.24 14.60
N GLU E 110 102.74 73.82 13.73
CA GLU E 110 102.48 75.12 13.14
C GLU E 110 102.55 74.95 11.62
N ARG E 111 101.84 75.80 10.91
CA ARG E 111 101.80 75.75 9.46
C ARG E 111 103.04 76.39 8.83
N ILE E 112 103.51 75.79 7.73
CA ILE E 112 104.65 76.31 6.99
C ILE E 112 104.38 76.08 5.51
N SER E 113 105.14 76.74 4.65
CA SER E 113 104.94 76.59 3.20
C SER E 113 105.69 75.38 2.66
N TRP E 114 105.29 74.97 1.46
CA TRP E 114 105.95 73.84 0.80
C TRP E 114 107.42 74.20 0.57
N ASP E 115 107.66 75.44 0.16
CA ASP E 115 109.02 75.87 -0.11
C ASP E 115 109.91 75.78 1.13
N GLU E 116 109.38 76.16 2.29
CA GLU E 116 110.18 76.10 3.51
C GLU E 116 110.32 74.67 4.04
N ALA E 117 109.23 73.90 3.99
CA ALA E 117 109.25 72.53 4.49
C ALA E 117 110.29 71.71 3.73
N THR E 118 110.28 71.81 2.41
CA THR E 118 111.23 71.06 1.58
C THR E 118 112.65 71.58 1.76
N ASP E 119 112.81 72.89 1.93
CA ASP E 119 114.14 73.46 2.14
C ASP E 119 114.73 72.88 3.42
N ILE E 120 113.89 72.72 4.44
CA ILE E 120 114.33 72.18 5.71
C ILE E 120 114.71 70.71 5.57
N VAL E 121 113.90 69.95 4.85
CA VAL E 121 114.17 68.54 4.65
C VAL E 121 115.44 68.33 3.83
N VAL E 122 115.59 69.10 2.76
CA VAL E 122 116.77 69.00 1.91
C VAL E 122 118.03 69.31 2.73
N ALA E 123 117.97 70.36 3.54
CA ALA E 123 119.11 70.74 4.38
C ALA E 123 119.56 69.58 5.26
N GLU E 124 118.60 68.86 5.82
CA GLU E 124 118.91 67.72 6.68
C GLU E 124 119.51 66.57 5.87
N ILE E 125 118.91 66.30 4.72
CA ILE E 125 119.39 65.22 3.85
C ILE E 125 120.85 65.41 3.45
N ASN E 126 121.17 66.60 2.95
CA ASN E 126 122.52 66.89 2.51
C ASN E 126 123.54 66.94 3.65
N ARG E 127 123.11 67.39 4.83
CA ARG E 127 124.01 67.44 5.97
C ARG E 127 124.37 66.03 6.39
N ILE E 128 123.35 65.20 6.54
CA ILE E 128 123.54 63.81 6.95
C ILE E 128 124.32 62.99 5.91
N LYS E 129 124.02 63.17 4.63
CA LYS E 129 124.74 62.43 3.59
C LYS E 129 126.23 62.73 3.56
N HIS E 130 126.58 64.01 3.71
CA HIS E 130 127.99 64.39 3.70
C HIS E 130 128.73 64.05 4.99
N ALA E 131 127.99 63.90 6.07
CA ALA E 131 128.62 63.57 7.34
C ALA E 131 128.60 62.08 7.63
N TYR E 132 127.50 61.43 7.26
CA TYR E 132 127.33 59.99 7.53
C TYR E 132 127.09 59.13 6.31
N GLY E 133 126.60 59.72 5.23
CA GLY E 133 126.34 58.96 4.04
C GLY E 133 124.87 58.60 3.93
N PRO E 134 124.42 58.19 2.73
CA PRO E 134 123.03 57.80 2.43
C PRO E 134 122.42 56.78 3.39
N SER E 135 123.23 55.88 3.93
CA SER E 135 122.71 54.85 4.82
C SER E 135 122.16 55.40 6.13
N ALA E 136 122.58 56.61 6.51
CA ALA E 136 122.10 57.21 7.76
C ALA E 136 120.66 57.69 7.65
N ILE E 137 120.13 57.68 6.43
CA ILE E 137 118.75 58.10 6.20
C ILE E 137 117.84 56.89 6.10
N LEU E 138 117.10 56.63 7.17
CA LEU E 138 116.17 55.51 7.23
C LEU E 138 114.85 55.92 6.62
N SER E 139 114.20 54.99 5.92
CA SER E 139 112.91 55.27 5.34
C SER E 139 112.12 54.00 5.14
N THR E 140 110.79 54.12 5.21
CA THR E 140 109.94 52.99 5.02
C THR E 140 108.48 53.38 4.90
N PRO E 141 107.81 52.86 3.87
CA PRO E 141 106.39 53.21 3.73
C PRO E 141 105.79 52.10 4.58
N SER E 142 104.80 51.41 4.04
CA SER E 142 104.26 50.29 4.78
C SER E 142 103.72 49.31 3.76
N SER E 143 103.14 48.22 4.22
CA SER E 143 102.64 47.20 3.31
C SER E 143 101.66 47.67 2.26
N HIS E 144 100.62 48.39 2.64
CA HIS E 144 99.66 48.80 1.64
C HIS E 144 99.65 50.26 1.25
N HIS E 145 98.90 50.57 0.21
CA HIS E 145 98.96 51.90 -0.34
C HIS E 145 97.73 52.22 -1.19
N MET E 146 97.52 53.50 -1.48
CA MET E 146 96.40 53.92 -2.33
C MET E 146 96.60 53.22 -3.66
N TRP E 147 95.52 52.68 -4.23
CA TRP E 147 95.59 51.98 -5.50
C TRP E 147 96.11 52.87 -6.63
N GLY E 148 96.84 52.27 -7.57
CA GLY E 148 97.40 53.02 -8.69
C GLY E 148 98.81 52.52 -8.92
N ASN E 149 99.03 51.84 -10.05
CA ASN E 149 100.33 51.27 -10.37
C ASN E 149 101.51 52.22 -10.47
N VAL E 150 101.35 53.33 -11.16
CA VAL E 150 102.46 54.29 -11.31
C VAL E 150 102.81 55.01 -10.01
N GLY E 151 101.80 55.34 -9.21
CA GLY E 151 102.06 56.03 -7.96
C GLY E 151 102.31 55.12 -6.77
N TYR E 152 102.21 53.80 -6.98
CA TYR E 152 102.41 52.85 -5.89
C TYR E 152 103.82 52.95 -5.32
N ARG E 153 104.01 52.50 -4.08
CA ARG E 153 105.32 52.57 -3.44
C ARG E 153 106.44 51.82 -4.18
N HIS E 154 106.11 50.71 -4.84
CA HIS E 154 107.12 49.95 -5.59
C HIS E 154 107.58 50.73 -6.82
N SER E 155 106.83 51.78 -7.16
CA SER E 155 107.12 52.58 -8.34
C SER E 155 107.69 53.97 -8.06
N THR E 156 106.81 54.90 -7.70
CA THR E 156 107.25 56.27 -7.42
C THR E 156 108.18 56.41 -6.20
N TYR E 157 107.79 55.82 -5.07
CA TYR E 157 108.60 55.88 -3.86
C TYR E 157 110.02 55.37 -4.13
N PHE E 158 110.14 54.16 -4.66
CA PHE E 158 111.45 53.59 -4.96
C PHE E 158 112.24 54.36 -6.02
N ARG E 159 111.59 54.86 -7.05
CA ARG E 159 112.32 55.59 -8.08
C ARG E 159 113.05 56.78 -7.47
N PHE E 160 112.37 57.53 -6.62
CA PHE E 160 112.96 58.68 -5.97
C PHE E 160 113.95 58.30 -4.86
N MET E 161 113.49 57.46 -3.93
CA MET E 161 114.35 57.07 -2.81
C MET E 161 115.68 56.46 -3.25
N ASN E 162 115.64 55.64 -4.30
CA ASN E 162 116.87 55.01 -4.79
C ASN E 162 117.91 56.01 -5.28
N MET E 163 117.44 57.20 -5.67
CA MET E 163 118.34 58.25 -6.17
C MET E 163 118.75 59.21 -5.08
N MET E 164 118.19 59.04 -3.89
CA MET E 164 118.46 59.93 -2.76
C MET E 164 119.27 59.31 -1.61
N GLY E 165 118.76 58.21 -1.05
CA GLY E 165 119.44 57.55 0.05
C GLY E 165 119.84 56.13 -0.29
N PHE E 166 119.57 55.14 0.56
CA PHE E 166 118.91 55.28 1.85
C PHE E 166 118.89 53.89 2.49
N THR E 167 118.56 53.82 3.78
CA THR E 167 118.47 52.54 4.46
C THR E 167 116.99 52.20 4.56
N TYR E 168 116.58 51.14 3.88
CA TYR E 168 115.18 50.72 3.86
C TYR E 168 114.86 49.80 5.02
N ALA E 169 113.71 50.01 5.64
CA ALA E 169 113.28 49.12 6.72
C ALA E 169 112.46 48.12 5.94
N ASP E 170 113.13 47.09 5.42
CA ASP E 170 112.45 46.08 4.60
C ASP E 170 111.33 45.37 5.37
N HIS E 171 110.23 45.15 4.68
CA HIS E 171 109.07 44.51 5.29
C HIS E 171 109.16 43.01 5.43
N ASN E 172 108.74 42.54 6.60
CA ASN E 172 108.70 41.11 6.89
C ASN E 172 107.51 40.62 6.06
N PRO E 173 107.52 39.36 5.62
CA PRO E 173 106.42 38.81 4.82
C PRO E 173 105.19 38.59 5.72
N ASP E 174 104.70 39.68 6.29
CA ASP E 174 103.56 39.67 7.20
C ASP E 174 102.41 38.77 6.79
N SER E 175 101.91 39.00 5.59
CA SER E 175 100.80 38.24 5.04
C SER E 175 101.09 36.73 5.00
N TRP E 176 102.34 36.40 4.69
CA TRP E 176 102.79 35.01 4.52
C TRP E 176 103.49 34.26 5.66
N GLU E 177 103.98 34.99 6.67
CA GLU E 177 104.76 34.41 7.76
C GLU E 177 104.90 32.88 7.82
N GLY E 178 103.88 32.19 8.33
CA GLY E 178 103.95 30.74 8.43
C GLY E 178 104.35 30.01 7.16
N TRP E 179 103.78 30.41 6.03
CA TRP E 179 104.08 29.81 4.74
C TRP E 179 105.49 30.14 4.26
N HIS E 180 105.92 31.35 4.58
CA HIS E 180 107.23 31.84 4.16
C HIS E 180 108.40 31.24 4.94
N TRP E 181 108.33 31.29 6.27
CA TRP E 181 109.40 30.77 7.09
C TRP E 181 109.27 29.28 7.38
N GLY E 182 108.11 28.71 7.06
CA GLY E 182 107.90 27.29 7.32
C GLY E 182 107.54 26.44 6.12
N GLY E 183 106.40 26.72 5.49
CA GLY E 183 105.96 25.94 4.35
C GLY E 183 106.91 25.89 3.17
N MET E 184 107.62 26.99 2.94
CA MET E 184 108.56 27.07 1.84
C MET E 184 109.59 25.95 1.89
N HIS E 185 109.99 25.57 3.10
CA HIS E 185 110.99 24.52 3.29
C HIS E 185 110.40 23.13 3.02
N MET E 186 109.08 23.06 3.07
CA MET E 186 108.38 21.80 2.86
C MET E 186 107.99 21.56 1.40
N TRP E 187 107.58 22.60 0.68
CA TRP E 187 107.18 22.41 -0.73
C TRP E 187 107.68 23.47 -1.70
N GLY E 188 108.49 24.41 -1.21
CA GLY E 188 109.01 25.43 -2.10
C GLY E 188 108.08 26.61 -2.30
N PHE E 189 107.80 26.93 -3.57
CA PHE E 189 106.94 28.06 -3.90
C PHE E 189 107.52 29.33 -3.30
N SER E 190 108.84 29.48 -3.39
CA SER E 190 109.49 30.67 -2.82
C SER E 190 109.03 31.94 -3.51
N TRP E 191 108.82 31.87 -4.82
CA TRP E 191 108.38 33.02 -5.59
C TRP E 191 106.99 33.51 -5.19
N ARG E 192 106.27 32.67 -4.45
CA ARG E 192 104.93 33.02 -3.95
C ARG E 192 105.02 33.11 -2.42
N LEU E 193 106.25 33.18 -1.94
CA LEU E 193 106.55 33.26 -0.51
C LEU E 193 105.90 32.13 0.29
N GLY E 194 105.86 30.94 -0.31
CA GLY E 194 105.29 29.80 0.37
C GLY E 194 103.85 29.45 0.04
N ASN E 195 103.12 30.36 -0.61
CA ASN E 195 101.72 30.11 -0.99
C ASN E 195 101.64 29.24 -2.24
N PRO E 196 100.53 28.52 -2.41
CA PRO E 196 100.36 27.67 -3.58
C PRO E 196 99.77 28.39 -4.79
N GLU E 197 100.04 27.81 -5.94
CA GLU E 197 99.54 28.26 -7.23
C GLU E 197 98.04 27.92 -7.20
N GLN E 198 97.21 28.67 -7.91
CA GLN E 198 95.75 28.43 -7.88
C GLN E 198 95.03 28.41 -9.24
N TYR E 199 95.79 28.44 -10.33
CA TYR E 199 95.21 28.46 -11.67
C TYR E 199 94.11 27.45 -11.96
N ASP E 200 93.10 27.93 -12.68
CA ASP E 200 91.97 27.13 -13.12
C ASP E 200 91.25 26.22 -12.13
N LEU E 201 91.28 26.57 -10.84
CA LEU E 201 90.62 25.75 -9.84
C LEU E 201 89.09 25.90 -9.77
N LEU E 202 88.56 27.06 -10.17
CA LEU E 202 87.12 27.27 -10.12
C LEU E 202 86.36 26.19 -10.88
N GLU E 203 86.71 25.99 -12.15
CA GLU E 203 86.02 24.96 -12.92
C GLU E 203 86.27 23.59 -12.30
N ASP E 204 87.47 23.35 -11.80
CA ASP E 204 87.77 22.05 -11.18
C ASP E 204 86.85 21.81 -9.99
N GLY E 205 86.67 22.85 -9.17
CA GLY E 205 85.82 22.72 -8.00
C GLY E 205 84.34 22.60 -8.32
N LEU E 206 83.86 23.34 -9.31
CA LEU E 206 82.45 23.27 -9.68
C LEU E 206 82.11 21.88 -10.20
N LYS E 207 83.07 21.23 -10.85
CA LYS E 207 82.85 19.89 -11.39
C LYS E 207 83.01 18.76 -10.39
N HIS E 208 83.99 18.89 -9.49
CA HIS E 208 84.29 17.82 -8.54
C HIS E 208 84.13 18.03 -7.05
N ALA E 209 83.96 19.27 -6.60
CA ALA E 209 83.85 19.53 -5.17
C ALA E 209 82.64 18.91 -4.48
N GLU E 210 82.88 18.29 -3.32
CA GLU E 210 81.82 17.70 -2.51
C GLU E 210 81.88 18.34 -1.12
N MET E 211 83.07 18.80 -0.74
CA MET E 211 83.26 19.45 0.56
C MET E 211 84.42 20.43 0.52
N ILE E 212 84.28 21.51 1.27
CA ILE E 212 85.35 22.49 1.36
C ILE E 212 85.60 22.79 2.83
N VAL E 213 86.85 22.71 3.24
CA VAL E 213 87.23 22.98 4.62
C VAL E 213 87.92 24.32 4.69
N PHE E 214 87.22 25.33 5.21
CA PHE E 214 87.76 26.67 5.36
C PHE E 214 88.50 26.70 6.70
N TRP E 215 89.82 26.70 6.63
CA TRP E 215 90.66 26.70 7.83
C TRP E 215 91.37 28.06 7.92
N SER E 216 91.01 28.86 8.92
CA SER E 216 91.62 30.18 9.09
C SER E 216 91.33 30.93 7.80
N SER E 217 90.08 30.84 7.34
CA SER E 217 89.68 31.43 6.08
C SER E 217 88.32 32.12 6.14
N ASP E 218 88.32 33.42 5.81
CA ASP E 218 87.10 34.22 5.80
C ASP E 218 87.05 34.96 4.47
N PRO E 219 86.76 34.23 3.38
CA PRO E 219 86.69 34.78 2.02
C PRO E 219 85.85 36.05 1.89
N GLU E 220 84.66 36.06 2.51
CA GLU E 220 83.81 37.24 2.42
C GLU E 220 84.52 38.48 2.93
N THR E 221 85.09 38.39 4.13
CA THR E 221 85.80 39.51 4.74
C THR E 221 87.05 39.94 3.98
N ASN E 222 87.95 38.99 3.74
CA ASN E 222 89.22 39.30 3.08
C ASN E 222 89.21 39.30 1.55
N SER E 223 88.30 38.54 0.95
CA SER E 223 88.17 38.44 -0.52
C SER E 223 89.49 38.03 -1.16
N GLY E 224 90.38 37.44 -0.37
CA GLY E 224 91.69 37.10 -0.89
C GLY E 224 92.37 38.42 -0.59
N ILE E 225 92.26 39.36 -1.53
CA ILE E 225 92.78 40.71 -1.37
C ILE E 225 92.37 41.57 -2.56
N TYR E 226 91.99 42.81 -2.28
CA TYR E 226 91.56 43.79 -3.28
C TYR E 226 90.41 43.38 -4.19
N ALA E 227 89.65 42.34 -3.86
CA ALA E 227 88.59 41.91 -4.77
C ALA E 227 87.14 42.09 -4.33
N GLY E 228 86.87 43.08 -3.47
CA GLY E 228 85.51 43.35 -3.03
C GLY E 228 84.71 42.13 -2.59
N PHE E 229 83.66 41.80 -3.36
CA PHE E 229 82.83 40.63 -3.07
C PHE E 229 82.64 39.78 -4.32
N GLU E 230 83.68 39.73 -5.13
CA GLU E 230 83.67 38.98 -6.37
C GLU E 230 83.36 37.48 -6.21
N SER E 231 83.88 36.86 -5.17
CA SER E 231 83.69 35.42 -4.99
C SER E 231 82.40 34.97 -4.32
N ASN E 232 81.61 35.90 -3.81
CA ASN E 232 80.38 35.53 -3.14
C ASN E 232 79.46 34.64 -3.99
N ILE E 233 79.27 34.99 -5.25
CA ILE E 233 78.39 34.20 -6.12
C ILE E 233 78.94 32.80 -6.41
N ARG E 234 80.25 32.65 -6.33
CA ARG E 234 80.88 31.36 -6.60
C ARG E 234 80.59 30.37 -5.47
N ARG E 235 80.61 30.85 -4.23
CA ARG E 235 80.31 29.96 -3.11
C ARG E 235 78.82 29.66 -3.12
N GLN E 236 78.03 30.59 -3.67
CA GLN E 236 76.59 30.36 -3.75
C GLN E 236 76.37 29.18 -4.68
N TRP E 237 77.12 29.14 -5.78
CA TRP E 237 77.01 28.05 -6.75
C TRP E 237 77.36 26.72 -6.09
N LEU E 238 78.49 26.68 -5.39
CA LEU E 238 78.94 25.46 -4.72
C LEU E 238 77.87 25.00 -3.73
N LYS E 239 77.42 25.94 -2.91
CA LYS E 239 76.41 25.65 -1.90
C LYS E 239 75.17 25.01 -2.53
N ASP E 240 74.72 25.55 -3.65
CA ASP E 240 73.54 25.02 -4.33
C ASP E 240 73.81 23.70 -5.05
N LEU E 241 75.08 23.36 -5.22
CA LEU E 241 75.46 22.10 -5.85
C LEU E 241 75.50 21.03 -4.76
N GLY E 242 75.30 21.46 -3.52
CA GLY E 242 75.31 20.52 -2.41
C GLY E 242 76.66 20.36 -1.73
N VAL E 243 77.59 21.26 -2.02
CA VAL E 243 78.92 21.18 -1.42
C VAL E 243 78.83 21.60 0.05
N ASP E 244 79.36 20.76 0.95
CA ASP E 244 79.34 21.10 2.37
C ASP E 244 80.48 22.07 2.74
N PHE E 245 80.21 22.99 3.66
CA PHE E 245 81.20 23.97 4.09
C PHE E 245 81.52 23.83 5.58
N VAL E 246 82.77 23.51 5.90
CA VAL E 246 83.19 23.37 7.29
C VAL E 246 84.20 24.47 7.59
N PHE E 247 84.02 25.17 8.70
CA PHE E 247 84.93 26.26 9.08
C PHE E 247 85.66 25.99 10.40
N ILE E 248 86.97 26.16 10.39
CA ILE E 248 87.81 25.97 11.57
C ILE E 248 88.43 27.35 11.84
N ASP E 249 87.94 28.00 12.89
CA ASP E 249 88.36 29.37 13.20
C ASP E 249 87.93 29.69 14.63
N PRO E 250 88.84 30.19 15.47
CA PRO E 250 88.47 30.51 16.86
C PRO E 250 87.23 31.40 16.87
N HIS E 251 87.12 32.26 15.86
CA HIS E 251 85.98 33.16 15.72
C HIS E 251 85.08 32.68 14.59
N MET E 252 83.77 32.69 14.83
CA MET E 252 82.83 32.30 13.80
C MET E 252 82.86 33.50 12.85
N ASN E 253 83.76 33.45 11.88
CA ASN E 253 83.94 34.54 10.95
C ASN E 253 82.73 34.85 10.08
N HIS E 254 82.80 35.95 9.34
CA HIS E 254 81.69 36.38 8.53
C HIS E 254 81.26 35.44 7.41
N THR E 255 82.21 34.69 6.86
CA THR E 255 81.84 33.73 5.82
C THR E 255 81.09 32.60 6.51
N ALA E 256 81.57 32.20 7.68
CA ALA E 256 80.94 31.13 8.43
C ALA E 256 79.53 31.51 8.88
N ARG E 257 79.38 32.76 9.31
CA ARG E 257 78.07 33.23 9.77
C ARG E 257 77.05 33.17 8.64
N LEU E 258 77.53 33.24 7.41
CA LEU E 258 76.67 33.24 6.24
C LEU E 258 76.37 31.85 5.65
N VAL E 259 77.40 31.03 5.45
CA VAL E 259 77.20 29.72 4.82
C VAL E 259 77.79 28.47 5.48
N ALA E 260 78.16 28.53 6.76
CA ALA E 260 78.74 27.37 7.42
C ALA E 260 77.78 26.22 7.70
N ASP E 261 78.22 25.00 7.41
CA ASP E 261 77.42 23.81 7.70
C ASP E 261 77.85 23.35 9.09
N LYS E 262 79.06 23.74 9.47
CA LYS E 262 79.61 23.39 10.78
C LYS E 262 80.79 24.29 11.08
N TRP E 263 80.96 24.63 12.35
CA TRP E 263 82.04 25.50 12.78
C TRP E 263 82.79 24.97 14.00
N PHE E 264 84.12 24.90 13.88
CA PHE E 264 85.01 24.45 14.95
C PHE E 264 85.72 25.70 15.49
N SER E 265 85.83 25.80 16.80
CA SER E 265 86.49 26.95 17.42
C SER E 265 87.69 26.50 18.28
N PRO E 266 88.85 26.25 17.64
CA PRO E 266 90.03 25.81 18.38
C PRO E 266 90.63 26.95 19.20
N LYS E 267 91.20 26.64 20.36
CA LYS E 267 91.83 27.66 21.19
C LYS E 267 93.00 28.24 20.38
N ILE E 268 93.40 29.46 20.68
CA ILE E 268 94.50 30.07 19.92
C ILE E 268 95.77 29.22 19.98
N GLY E 269 96.46 29.15 18.86
CA GLY E 269 97.70 28.39 18.77
C GLY E 269 97.60 26.87 18.83
N THR E 270 96.42 26.31 18.58
CA THR E 270 96.26 24.86 18.64
C THR E 270 95.77 24.17 17.36
N ASP E 271 95.71 24.89 16.25
CA ASP E 271 95.25 24.30 15.00
C ASP E 271 96.02 23.06 14.57
N HIS E 272 97.34 23.05 14.77
CA HIS E 272 98.12 21.91 14.35
C HIS E 272 97.84 20.65 15.16
N ALA E 273 97.15 20.80 16.27
CA ALA E 273 96.80 19.62 17.06
C ALA E 273 95.73 18.90 16.25
N LEU E 274 94.86 19.68 15.60
CA LEU E 274 93.78 19.13 14.78
C LEU E 274 94.32 18.48 13.50
N SER E 275 95.27 19.14 12.83
CA SER E 275 95.82 18.57 11.62
C SER E 275 96.54 17.26 11.91
N PHE E 276 97.22 17.18 13.06
CA PHE E 276 97.90 15.94 13.43
C PHE E 276 96.89 14.83 13.75
N ALA E 277 95.78 15.17 14.39
CA ALA E 277 94.75 14.18 14.72
C ALA E 277 94.06 13.68 13.46
N ILE E 278 93.89 14.57 12.50
CA ILE E 278 93.25 14.21 11.23
C ILE E 278 94.18 13.23 10.50
N ALA E 279 95.46 13.57 10.45
CA ALA E 279 96.45 12.70 9.79
C ALA E 279 96.52 11.35 10.51
N TYR E 280 96.44 11.40 11.83
CA TYR E 280 96.48 10.18 12.64
C TYR E 280 95.32 9.27 12.23
N THR E 281 94.14 9.85 12.10
CA THR E 281 92.96 9.09 11.72
C THR E 281 93.15 8.44 10.35
N TRP E 282 93.71 9.19 9.41
CA TRP E 282 93.93 8.65 8.07
C TRP E 282 94.95 7.52 8.07
N LEU E 283 96.00 7.65 8.90
CA LEU E 283 97.02 6.63 8.98
C LEU E 283 96.46 5.34 9.58
N LYS E 284 95.72 5.48 10.68
CA LYS E 284 95.11 4.33 11.34
C LYS E 284 94.08 3.62 10.46
N GLU E 285 93.32 4.40 9.70
CA GLU E 285 92.28 3.85 8.85
C GLU E 285 92.68 3.70 7.38
N ASP E 286 93.97 3.88 7.11
CA ASP E 286 94.50 3.77 5.74
C ASP E 286 93.62 4.52 4.75
N SER E 287 93.15 5.69 5.14
CA SER E 287 92.28 6.47 4.27
C SER E 287 92.92 7.69 3.64
N TYR E 288 93.97 7.48 2.84
CA TYR E 288 94.62 8.57 2.14
C TYR E 288 95.22 8.03 0.85
N ASP E 289 95.77 8.92 0.02
CA ASP E 289 96.35 8.49 -1.25
C ASP E 289 97.76 7.96 -1.10
N LYS E 290 97.88 6.67 -0.76
CA LYS E 290 99.19 6.05 -0.56
C LYS E 290 100.12 6.06 -1.76
N GLU E 291 99.59 5.89 -2.96
CA GLU E 291 100.40 5.91 -4.17
C GLU E 291 100.98 7.30 -4.40
N TYR E 292 100.14 8.32 -4.19
CA TYR E 292 100.58 9.70 -4.36
C TYR E 292 101.69 10.00 -3.36
N VAL E 293 101.45 9.65 -2.10
CA VAL E 293 102.45 9.90 -1.06
C VAL E 293 103.75 9.15 -1.27
N ALA E 294 103.66 7.92 -1.78
CA ALA E 294 104.86 7.13 -2.03
C ALA E 294 105.73 7.76 -3.12
N ALA E 295 105.09 8.45 -4.06
CA ALA E 295 105.84 9.07 -5.16
C ALA E 295 106.17 10.54 -4.98
N ASN E 296 105.37 11.26 -4.19
CA ASN E 296 105.59 12.69 -4.03
C ASN E 296 106.00 13.23 -2.67
N ALA E 297 106.22 12.35 -1.70
CA ALA E 297 106.60 12.80 -0.37
C ALA E 297 107.98 12.30 0.04
N HIS E 298 108.65 13.08 0.89
CA HIS E 298 109.98 12.74 1.38
C HIS E 298 109.97 12.75 2.91
N GLY E 299 110.50 11.68 3.52
CA GLY E 299 110.53 11.58 4.96
C GLY E 299 109.18 11.25 5.58
N PHE E 300 108.25 10.77 4.76
CA PHE E 300 106.91 10.46 5.25
C PHE E 300 106.87 9.32 6.28
N GLU E 301 107.67 8.28 6.05
CA GLU E 301 107.71 7.14 6.98
C GLU E 301 108.08 7.59 8.40
N GLU E 302 109.10 8.44 8.52
CA GLU E 302 109.52 8.92 9.83
C GLU E 302 108.44 9.80 10.44
N TRP E 303 107.80 10.62 9.60
CA TRP E 303 106.75 11.50 10.08
C TRP E 303 105.57 10.69 10.60
N ALA E 304 105.19 9.66 9.86
CA ALA E 304 104.08 8.80 10.26
C ALA E 304 104.34 8.18 11.63
N ASP E 305 105.58 7.74 11.87
CA ASP E 305 105.94 7.14 13.15
C ASP E 305 105.73 8.15 14.27
N TYR E 306 105.97 9.42 13.97
CA TYR E 306 105.79 10.48 14.95
C TYR E 306 104.31 10.72 15.23
N VAL E 307 103.53 10.79 14.15
CA VAL E 307 102.09 11.00 14.27
C VAL E 307 101.46 9.88 15.09
N LEU E 308 101.96 8.66 14.86
CA LEU E 308 101.45 7.48 15.57
C LEU E 308 101.95 7.41 17.01
N GLY E 309 102.82 8.33 17.38
CA GLY E 309 103.34 8.37 18.74
C GLY E 309 104.42 7.35 19.08
N LYS E 310 104.96 6.69 18.07
CA LYS E 310 106.00 5.69 18.30
C LYS E 310 107.29 6.34 18.82
N THR E 311 107.70 7.42 18.18
CA THR E 311 108.94 8.09 18.56
C THR E 311 108.91 9.04 19.76
N ASP E 312 107.75 9.61 20.08
CA ASP E 312 107.67 10.52 21.22
C ASP E 312 106.77 9.98 22.33
N GLY E 313 106.14 8.83 22.09
CA GLY E 313 105.29 8.21 23.08
C GLY E 313 103.88 8.78 23.21
N THR E 314 103.51 9.69 22.32
CA THR E 314 102.17 10.28 22.40
C THR E 314 101.41 10.22 21.08
N PRO E 315 100.57 9.19 20.89
CA PRO E 315 99.80 9.08 19.64
C PRO E 315 98.95 10.35 19.51
N LYS E 316 98.93 10.94 18.32
CA LYS E 316 98.18 12.17 18.09
C LYS E 316 96.71 11.90 17.78
N THR E 317 96.00 11.38 18.77
CA THR E 317 94.58 11.04 18.65
C THR E 317 93.65 12.25 18.70
N CYS E 318 92.41 12.05 18.29
CA CYS E 318 91.41 13.11 18.30
C CYS E 318 91.13 13.53 19.74
N GLU E 319 91.28 12.61 20.69
CA GLU E 319 91.05 12.92 22.10
C GLU E 319 92.22 13.77 22.62
N TRP E 320 93.42 13.47 22.15
CA TRP E 320 94.60 14.24 22.52
C TRP E 320 94.42 15.63 21.94
N ALA E 321 93.95 15.71 20.70
CA ALA E 321 93.72 16.99 20.03
C ALA E 321 92.62 17.79 20.72
N GLU E 322 91.65 17.09 21.31
CA GLU E 322 90.57 17.78 21.99
C GLU E 322 91.09 18.48 23.24
N GLU E 323 91.92 17.78 24.00
CA GLU E 323 92.48 18.35 25.22
C GLU E 323 93.34 19.58 24.93
N GLU E 324 93.95 19.62 23.75
CA GLU E 324 94.76 20.76 23.35
C GLU E 324 93.92 21.93 22.85
N SER E 325 93.00 21.63 21.94
CA SER E 325 92.17 22.64 21.28
C SER E 325 90.79 22.93 21.85
N GLY E 326 90.18 21.96 22.51
CA GLY E 326 88.85 22.18 23.03
C GLY E 326 87.78 21.79 22.01
N VAL E 327 88.22 21.36 20.83
CA VAL E 327 87.28 20.91 19.79
C VAL E 327 86.98 19.43 20.07
N PRO E 328 85.70 19.07 20.22
CA PRO E 328 85.28 17.68 20.49
C PRO E 328 85.95 16.63 19.60
N ALA E 329 86.49 15.59 20.23
CA ALA E 329 87.17 14.52 19.54
C ALA E 329 86.32 13.85 18.46
N CYS E 330 85.04 13.63 18.78
CA CYS E 330 84.13 12.99 17.84
C CYS E 330 83.97 13.81 16.56
N GLU E 331 83.93 15.14 16.70
CA GLU E 331 83.77 15.99 15.53
C GLU E 331 85.03 16.02 14.69
N ILE E 332 86.19 15.99 15.33
CA ILE E 332 87.45 15.99 14.59
C ILE E 332 87.50 14.72 13.76
N ARG E 333 87.18 13.59 14.38
CA ARG E 333 87.20 12.31 13.69
C ARG E 333 86.16 12.22 12.56
N ALA E 334 84.98 12.82 12.76
CA ALA E 334 83.95 12.81 11.74
C ALA E 334 84.45 13.55 10.51
N LEU E 335 85.09 14.69 10.75
CA LEU E 335 85.64 15.50 9.66
C LEU E 335 86.73 14.75 8.93
N ALA E 336 87.63 14.12 9.69
CA ALA E 336 88.72 13.36 9.10
C ALA E 336 88.16 12.30 8.17
N ARG E 337 87.18 11.55 8.66
CA ARG E 337 86.58 10.48 7.88
C ARG E 337 85.83 10.98 6.64
N GLN E 338 85.12 12.09 6.77
CA GLN E 338 84.38 12.63 5.64
C GLN E 338 85.37 13.21 4.64
N TRP E 339 86.40 13.86 5.15
CA TRP E 339 87.45 14.47 4.34
C TRP E 339 88.09 13.39 3.45
N ALA E 340 88.38 12.25 4.05
CA ALA E 340 89.01 11.15 3.32
C ALA E 340 88.13 10.56 2.21
N LYS E 341 86.84 10.38 2.48
CA LYS E 341 85.98 9.78 1.46
C LYS E 341 85.32 10.71 0.45
N LYS E 342 85.35 12.02 0.69
CA LYS E 342 84.74 12.96 -0.24
C LYS E 342 85.78 13.78 -1.01
N ASN E 343 85.39 14.34 -2.15
CA ASN E 343 86.29 15.18 -2.92
C ASN E 343 86.34 16.47 -2.10
N THR E 344 87.40 16.62 -1.31
CA THR E 344 87.53 17.78 -0.43
C THR E 344 88.65 18.76 -0.79
N TYR E 345 88.29 20.03 -0.88
CA TYR E 345 89.28 21.06 -1.16
C TYR E 345 89.62 21.71 0.17
N LEU E 346 90.90 21.98 0.38
CA LEU E 346 91.33 22.61 1.61
C LEU E 346 91.51 24.11 1.38
N ALA E 347 90.60 24.89 1.95
CA ALA E 347 90.66 26.34 1.83
C ALA E 347 91.46 26.88 3.02
N ALA E 348 92.77 26.80 2.93
CA ALA E 348 93.64 27.27 4.00
C ALA E 348 93.92 28.75 3.71
N GLY E 349 93.42 29.63 4.57
CA GLY E 349 93.63 31.05 4.34
C GLY E 349 92.60 31.56 3.34
N GLY E 350 92.39 32.88 3.30
CA GLY E 350 91.41 33.42 2.37
C GLY E 350 91.85 33.51 0.91
N LEU E 351 93.16 33.44 0.67
CA LEU E 351 93.69 33.56 -0.69
C LEU E 351 94.02 32.24 -1.37
N GLY E 352 94.35 31.25 -0.57
CA GLY E 352 94.79 29.96 -1.07
C GLY E 352 96.18 30.18 -0.55
N GLY E 353 96.30 30.05 0.76
CA GLY E 353 97.55 30.33 1.43
C GLY E 353 97.14 31.51 2.30
N TRP E 354 98.08 32.08 3.04
CA TRP E 354 97.78 33.18 3.96
C TRP E 354 96.93 32.61 5.09
N GLY E 355 96.14 33.45 5.76
CA GLY E 355 95.34 32.98 6.87
C GLY E 355 95.93 33.48 8.17
N GLY E 356 95.11 34.14 8.98
CA GLY E 356 95.57 34.67 10.26
C GLY E 356 96.41 33.68 11.07
N ALA E 357 96.09 32.40 10.93
CA ALA E 357 96.84 31.36 11.64
C ALA E 357 98.31 31.28 11.26
N CYS E 358 98.67 31.77 10.09
CA CYS E 358 100.07 31.70 9.68
C CYS E 358 100.97 32.75 10.32
N ARG E 359 100.38 33.80 10.89
CA ARG E 359 101.19 34.81 11.57
C ARG E 359 100.79 34.78 13.04
N ALA E 360 101.17 33.67 13.67
CA ALA E 360 100.89 33.39 15.08
C ALA E 360 102.08 32.54 15.57
N SER E 361 102.18 32.32 16.87
CA SER E 361 103.30 31.54 17.38
C SER E 361 103.33 30.09 16.87
N HIS E 362 102.21 29.61 16.32
CA HIS E 362 102.17 28.24 15.80
C HIS E 362 102.09 28.26 14.27
N GLY E 363 102.22 29.47 13.71
CA GLY E 363 102.14 29.67 12.28
C GLY E 363 102.91 28.72 11.37
N ILE E 364 104.13 28.38 11.75
CA ILE E 364 104.97 27.49 10.97
C ILE E 364 104.39 26.07 10.91
N GLU E 365 103.96 25.54 12.04
CA GLU E 365 103.38 24.20 12.06
C GLU E 365 101.97 24.17 11.48
N TRP E 366 101.24 25.27 11.56
CA TRP E 366 99.91 25.28 10.98
C TRP E 366 100.05 25.16 9.46
N ALA E 367 100.93 25.97 8.89
CA ALA E 367 101.17 25.97 7.46
C ALA E 367 101.66 24.60 6.99
N ARG E 368 102.64 24.03 7.69
CA ARG E 368 103.15 22.72 7.33
C ARG E 368 102.08 21.65 7.49
N GLY E 369 101.20 21.84 8.48
CA GLY E 369 100.12 20.90 8.70
C GLY E 369 99.13 20.93 7.56
N MET E 370 98.87 22.12 7.01
CA MET E 370 97.93 22.26 5.90
C MET E 370 98.50 21.56 4.67
N ILE E 371 99.79 21.75 4.43
CA ILE E 371 100.45 21.12 3.29
C ILE E 371 100.42 19.60 3.49
N ALA E 372 100.67 19.17 4.72
CA ALA E 372 100.68 17.74 5.04
C ALA E 372 99.35 17.07 4.70
N LEU E 373 98.26 17.69 5.11
CA LEU E 373 96.93 17.13 4.84
C LEU E 373 96.60 17.14 3.36
N ALA E 374 96.87 18.26 2.68
CA ALA E 374 96.58 18.37 1.26
C ALA E 374 97.39 17.32 0.49
N THR E 375 98.61 17.08 0.96
CA THR E 375 99.48 16.10 0.32
C THR E 375 98.98 14.67 0.49
N MET E 376 98.57 14.32 1.71
CA MET E 376 98.07 12.98 1.97
C MET E 376 96.83 12.65 1.15
N GLN E 377 96.05 13.67 0.79
CA GLN E 377 94.85 13.45 0.00
C GLN E 377 95.10 13.61 -1.50
N GLY E 378 96.37 13.76 -1.88
CA GLY E 378 96.75 13.88 -3.27
C GLY E 378 96.40 15.18 -3.99
N MET E 379 96.81 16.31 -3.43
CA MET E 379 96.51 17.60 -4.04
C MET E 379 96.98 17.69 -5.48
N GLY E 380 96.11 18.22 -6.34
CA GLY E 380 96.44 18.34 -7.75
C GLY E 380 95.52 17.49 -8.61
N LYS E 381 95.13 16.34 -8.09
CA LYS E 381 94.23 15.46 -8.84
C LYS E 381 92.81 16.04 -8.75
N PRO E 382 91.96 15.73 -9.75
CA PRO E 382 90.58 16.23 -9.76
C PRO E 382 89.84 15.96 -8.45
N GLY E 383 89.22 17.00 -7.91
CA GLY E 383 88.48 16.83 -6.67
C GLY E 383 89.29 16.89 -5.40
N SER E 384 90.59 17.13 -5.50
CA SER E 384 91.42 17.20 -4.32
C SER E 384 92.53 18.23 -4.50
N ASN E 385 92.50 19.28 -3.70
CA ASN E 385 93.51 20.33 -3.82
C ASN E 385 93.35 21.36 -2.71
N MET E 386 94.27 22.31 -2.70
CA MET E 386 94.20 23.39 -1.74
C MET E 386 93.56 24.50 -2.58
N TRP E 387 92.38 24.95 -2.17
CA TRP E 387 91.65 25.98 -2.89
C TRP E 387 90.75 26.70 -1.89
N SER E 388 90.84 28.03 -1.87
CA SER E 388 90.04 28.81 -0.93
C SER E 388 88.78 29.43 -1.55
N THR E 389 88.51 29.09 -2.80
CA THR E 389 87.35 29.56 -3.57
C THR E 389 87.44 31.01 -4.05
N THR E 390 88.53 31.69 -3.74
CA THR E 390 88.70 33.08 -4.16
C THR E 390 89.45 33.21 -5.50
N GLN E 391 90.41 32.33 -5.74
CA GLN E 391 91.15 32.38 -7.01
C GLN E 391 90.72 31.23 -7.91
N GLY E 392 91.42 31.06 -9.02
CA GLY E 392 91.09 29.98 -9.93
C GLY E 392 90.09 30.31 -11.03
N VAL E 393 89.68 31.58 -11.12
CA VAL E 393 88.73 32.00 -12.16
C VAL E 393 89.42 31.85 -13.53
N PRO E 394 88.69 31.31 -14.54
CA PRO E 394 89.21 31.09 -15.89
C PRO E 394 89.42 32.34 -16.73
N LEU E 395 90.15 33.32 -16.21
CA LEU E 395 90.41 34.54 -16.97
C LEU E 395 91.53 34.24 -17.96
N ASP E 396 91.81 35.17 -18.87
CA ASP E 396 92.86 34.95 -19.86
C ASP E 396 94.24 35.20 -19.27
N TYR E 397 94.88 34.14 -18.80
CA TYR E 397 96.20 34.24 -18.19
C TYR E 397 97.26 34.66 -19.21
N GLU E 398 96.94 34.50 -20.49
CA GLU E 398 97.86 34.85 -21.58
C GLU E 398 97.98 36.35 -21.85
N PHE E 399 96.94 37.12 -21.54
CA PHE E 399 96.98 38.56 -21.75
C PHE E 399 97.87 39.16 -20.67
N TYR E 400 98.77 40.06 -21.06
CA TYR E 400 99.68 40.64 -20.07
C TYR E 400 99.43 42.09 -19.67
N PHE E 401 99.27 42.29 -18.36
CA PHE E 401 99.13 43.62 -17.79
C PHE E 401 99.79 43.50 -16.42
N PRO E 402 100.78 44.35 -16.16
CA PRO E 402 101.53 44.38 -14.90
C PRO E 402 100.73 44.68 -13.64
N GLY E 403 101.13 44.05 -12.55
CA GLY E 403 100.51 44.30 -11.25
C GLY E 403 101.37 45.39 -10.63
N TYR E 404 100.92 46.02 -9.56
CA TYR E 404 101.72 47.07 -8.96
C TYR E 404 103.08 46.59 -8.46
N ALA E 405 103.14 45.33 -8.03
CA ALA E 405 104.38 44.77 -7.51
C ALA E 405 105.48 44.64 -8.56
N GLU E 406 105.15 44.90 -9.82
CA GLU E 406 106.16 44.78 -10.86
C GLU E 406 107.04 46.01 -11.09
N GLY E 407 107.01 46.96 -10.15
CA GLY E 407 107.88 48.12 -10.25
C GLY E 407 107.46 49.44 -10.88
N GLY E 408 106.51 49.42 -11.80
CA GLY E 408 106.10 50.66 -12.42
C GLY E 408 107.27 51.43 -13.01
N ILE E 409 107.41 52.69 -12.63
CA ILE E 409 108.47 53.54 -13.16
C ILE E 409 109.83 53.42 -12.46
N SER E 410 109.95 52.55 -11.47
CA SER E 410 111.23 52.40 -10.77
C SER E 410 112.15 51.43 -11.49
N GLY E 411 111.59 50.31 -11.98
CA GLY E 411 112.41 49.33 -12.66
C GLY E 411 113.40 48.68 -11.71
N ASP E 412 113.10 48.76 -10.41
CA ASP E 412 113.97 48.18 -9.37
C ASP E 412 113.81 46.67 -9.40
N CYS E 413 114.77 45.98 -10.02
CA CYS E 413 114.72 44.52 -10.15
C CYS E 413 115.00 43.74 -8.87
N GLU E 414 115.50 44.41 -7.83
CA GLU E 414 115.78 43.71 -6.59
C GLU E 414 114.72 43.90 -5.52
N ASN E 415 113.99 45.00 -5.58
CA ASN E 415 112.97 45.28 -4.58
C ASN E 415 111.54 45.28 -5.13
N SER E 416 111.40 44.87 -6.38
CA SER E 416 110.09 44.76 -7.03
C SER E 416 110.25 43.59 -8.01
N ALA E 417 109.15 43.12 -8.58
CA ALA E 417 109.20 41.99 -9.49
C ALA E 417 109.34 42.43 -10.95
N ALA E 418 109.88 43.63 -11.14
CA ALA E 418 110.06 44.18 -12.49
C ALA E 418 110.99 43.31 -13.33
N GLY E 419 111.91 42.62 -12.68
CA GLY E 419 112.87 41.78 -13.40
C GLY E 419 112.25 40.63 -14.16
N PHE E 420 111.07 40.20 -13.77
CA PHE E 420 110.43 39.08 -14.45
C PHE E 420 110.04 39.38 -15.89
N LYS E 421 109.45 40.54 -16.11
CA LYS E 421 109.02 40.90 -17.46
C LYS E 421 108.82 42.38 -17.73
N PHE E 422 108.10 43.05 -16.84
CA PHE E 422 107.79 44.47 -17.05
C PHE E 422 108.98 45.39 -17.32
N ALA E 423 110.05 45.26 -16.55
CA ALA E 423 111.21 46.11 -16.73
C ALA E 423 111.71 46.08 -18.18
N TRP E 424 111.77 44.90 -18.74
CA TRP E 424 112.23 44.71 -20.12
C TRP E 424 111.29 45.36 -21.13
N ARG E 425 110.03 45.51 -20.76
CA ARG E 425 109.04 46.12 -21.63
C ARG E 425 108.98 47.62 -21.44
N MET E 426 109.16 48.06 -20.20
CA MET E 426 109.09 49.47 -19.86
C MET E 426 110.32 50.29 -20.23
N PHE E 427 111.50 49.71 -20.07
CA PHE E 427 112.73 50.44 -20.37
C PHE E 427 113.44 49.92 -21.61
N ASP E 428 114.03 50.85 -22.37
CA ASP E 428 114.70 50.51 -23.62
C ASP E 428 116.21 50.74 -23.67
N GLY E 429 116.81 51.19 -22.57
CA GLY E 429 118.24 51.43 -22.55
C GLY E 429 118.65 52.53 -23.52
N LYS E 430 117.69 53.34 -23.94
CA LYS E 430 117.97 54.42 -24.89
C LYS E 430 117.38 55.77 -24.52
N THR E 431 116.09 55.79 -24.18
CA THR E 431 115.43 57.04 -23.85
C THR E 431 114.86 57.14 -22.44
N THR E 432 114.54 56.00 -21.84
CA THR E 432 113.99 55.98 -20.49
C THR E 432 114.80 54.98 -19.66
N PHE E 433 115.12 55.33 -18.42
CA PHE E 433 115.93 54.45 -17.59
C PHE E 433 115.40 54.16 -16.18
N PRO E 434 115.74 52.98 -15.64
CA PRO E 434 115.33 52.52 -14.32
C PRO E 434 116.08 53.28 -13.22
N SER E 435 115.70 53.04 -11.97
CA SER E 435 116.32 53.71 -10.84
C SER E 435 116.71 52.63 -9.82
N PRO E 436 117.92 52.07 -9.94
CA PRO E 436 118.43 51.02 -9.06
C PRO E 436 118.98 51.56 -7.74
N SER E 437 119.02 50.71 -6.72
CA SER E 437 119.55 51.09 -5.43
C SER E 437 120.75 50.21 -5.08
N ASN E 438 121.88 50.84 -4.78
CA ASN E 438 123.05 50.08 -4.40
C ASN E 438 123.14 49.97 -2.88
N LEU E 439 122.06 50.32 -2.20
CA LEU E 439 122.00 50.23 -0.74
C LEU E 439 120.93 49.25 -0.28
N ASN E 440 119.77 49.27 -0.93
CA ASN E 440 118.68 48.36 -0.59
C ASN E 440 118.96 47.05 -1.34
N THR E 441 119.98 46.35 -0.87
CA THR E 441 120.43 45.09 -1.46
C THR E 441 121.10 44.31 -0.31
N SER E 442 121.28 43.00 -0.48
CA SER E 442 121.87 42.21 0.58
C SER E 442 123.25 42.66 1.07
N ALA E 443 124.11 43.10 0.15
CA ALA E 443 125.44 43.55 0.52
C ALA E 443 125.44 45.01 0.99
N GLY E 444 124.25 45.61 1.01
CA GLY E 444 124.13 46.99 1.46
C GLY E 444 123.65 47.00 2.89
N GLN E 445 122.69 47.87 3.21
CA GLN E 445 122.15 47.93 4.56
C GLN E 445 120.64 48.12 4.56
N HIS E 446 119.97 47.35 5.41
CA HIS E 446 118.53 47.44 5.58
C HIS E 446 118.30 47.00 7.01
N ILE E 447 117.10 47.26 7.53
CA ILE E 447 116.79 46.79 8.88
C ILE E 447 115.39 46.21 8.79
N PRO E 448 115.06 45.28 9.71
CA PRO E 448 113.73 44.65 9.71
C PRO E 448 112.66 45.64 10.18
N ARG E 449 111.56 45.71 9.46
CA ARG E 449 110.49 46.62 9.87
C ARG E 449 110.06 46.29 11.30
N LEU E 450 109.99 44.99 11.62
CA LEU E 450 109.57 44.54 12.94
C LEU E 450 110.51 44.93 14.08
N LYS E 451 111.74 45.34 13.75
CA LYS E 451 112.69 45.70 14.80
C LYS E 451 113.29 47.09 14.65
N ILE E 452 112.56 47.99 14.00
CA ILE E 452 113.02 49.36 13.85
C ILE E 452 113.29 49.99 15.23
N PRO E 453 112.38 49.79 16.20
CA PRO E 453 112.59 50.36 17.53
C PRO E 453 113.88 49.92 18.20
N GLU E 454 114.22 48.65 18.06
CA GLU E 454 115.44 48.12 18.66
C GLU E 454 116.69 48.68 18.02
N CYS E 455 116.64 48.86 16.69
CA CYS E 455 117.80 49.41 15.97
C CYS E 455 118.03 50.87 16.38
N ILE E 456 116.95 51.64 16.45
CA ILE E 456 117.06 53.04 16.83
C ILE E 456 117.47 53.23 18.29
N MET E 457 116.80 52.53 19.19
CA MET E 457 117.08 52.67 20.62
C MET E 457 118.28 51.85 21.11
N GLY E 458 118.49 50.68 20.52
CA GLY E 458 119.61 49.84 20.95
C GLY E 458 120.86 50.10 20.14
N GLY E 459 120.68 50.55 18.90
CA GLY E 459 121.82 50.85 18.05
C GLY E 459 122.46 49.62 17.43
N LYS E 460 121.84 48.46 17.60
CA LYS E 460 122.41 47.24 17.05
C LYS E 460 121.39 46.10 16.98
N PHE E 461 121.59 45.19 16.03
CA PHE E 461 120.68 44.06 15.90
C PHE E 461 121.24 43.06 14.90
N GLN E 462 120.77 41.82 14.99
CA GLN E 462 121.22 40.74 14.12
C GLN E 462 120.02 39.85 13.83
N TRP E 463 119.82 39.49 12.57
CA TRP E 463 118.66 38.68 12.22
C TRP E 463 118.87 37.82 10.97
N SER E 464 117.83 37.11 10.57
CA SER E 464 117.87 36.25 9.39
C SER E 464 116.98 36.76 8.26
N GLY E 465 117.50 36.69 7.04
CA GLY E 465 116.75 37.11 5.85
C GLY E 465 116.52 38.59 5.64
N LYS E 466 116.33 38.97 4.38
CA LYS E 466 116.07 40.36 4.03
C LYS E 466 114.66 40.50 3.44
N GLY E 467 113.75 41.09 4.22
CA GLY E 467 112.38 41.28 3.77
C GLY E 467 111.72 40.04 3.21
N PHE E 468 111.16 40.15 2.00
CA PHE E 468 110.52 39.02 1.32
C PHE E 468 111.66 38.23 0.68
N ALA E 469 111.98 37.07 1.25
CA ALA E 469 113.07 36.26 0.72
C ALA E 469 112.55 35.22 -0.27
N GLY E 470 111.97 35.70 -1.37
CA GLY E 470 111.39 34.80 -2.37
C GLY E 470 112.26 34.24 -3.48
N GLY E 471 113.53 34.64 -3.54
CA GLY E 471 114.40 34.14 -4.59
C GLY E 471 114.58 32.63 -4.59
N ASP E 472 114.85 32.06 -3.42
CA ASP E 472 115.05 30.62 -3.28
C ASP E 472 114.73 30.24 -1.84
N ILE E 473 114.46 28.96 -1.61
CA ILE E 473 114.12 28.48 -0.27
C ILE E 473 115.06 28.93 0.85
N SER E 474 116.37 28.88 0.61
CA SER E 474 117.33 29.24 1.65
C SER E 474 117.74 30.71 1.78
N HIS E 475 117.21 31.59 0.93
CA HIS E 475 117.57 33.00 1.03
C HIS E 475 117.26 33.60 2.40
N GLN E 476 116.15 33.15 3.00
CA GLN E 476 115.72 33.64 4.30
C GLN E 476 116.65 33.24 5.43
N LEU E 477 117.56 32.31 5.16
CA LEU E 477 118.49 31.83 6.17
C LEU E 477 119.78 32.66 6.26
N HIS E 478 119.97 33.54 5.29
CA HIS E 478 121.16 34.38 5.26
C HIS E 478 121.17 35.30 6.47
N GLN E 479 122.35 35.47 7.08
CA GLN E 479 122.48 36.30 8.27
C GLN E 479 122.85 37.75 7.98
N TYR E 480 122.16 38.68 8.64
CA TYR E 480 122.41 40.11 8.46
C TYR E 480 122.60 40.79 9.81
N GLU E 481 123.19 41.99 9.78
CA GLU E 481 123.44 42.75 11.00
C GLU E 481 123.23 44.23 10.76
N TYR E 482 123.02 44.96 11.86
CA TYR E 482 122.85 46.41 11.86
C TYR E 482 123.65 46.96 13.04
N PRO E 483 124.50 47.97 12.79
CA PRO E 483 124.69 48.55 11.45
C PRO E 483 125.41 47.55 10.56
N ALA E 484 125.14 47.60 9.25
CA ALA E 484 125.80 46.68 8.34
C ALA E 484 127.27 47.09 8.22
N PRO E 485 128.17 46.12 8.02
CA PRO E 485 129.61 46.41 7.90
C PRO E 485 129.93 47.61 7.03
N GLY E 486 130.59 48.60 7.62
CA GLY E 486 130.97 49.80 6.88
C GLY E 486 129.91 50.88 6.79
N TYR E 487 128.66 50.54 7.08
CA TYR E 487 127.60 51.54 6.99
C TYR E 487 127.35 52.27 8.29
N SER E 488 126.57 53.34 8.20
CA SER E 488 126.25 54.18 9.35
C SER E 488 124.92 53.89 10.02
N LYS E 489 124.86 54.17 11.32
CA LYS E 489 123.62 54.00 12.07
C LYS E 489 122.66 55.10 11.61
N ILE E 490 121.38 54.91 11.88
CA ILE E 490 120.34 55.86 11.49
C ILE E 490 120.39 57.19 12.26
N LYS E 491 120.24 58.28 11.52
CA LYS E 491 120.26 59.63 12.09
C LYS E 491 118.96 60.35 11.73
N MET E 492 118.35 59.93 10.63
CA MET E 492 117.12 60.53 10.12
C MET E 492 116.10 59.46 9.72
N PHE E 493 114.82 59.77 9.89
CA PHE E 493 113.75 58.83 9.56
C PHE E 493 112.70 59.48 8.67
N TRP E 494 112.61 59.02 7.42
CA TRP E 494 111.62 59.55 6.49
C TRP E 494 110.45 58.58 6.41
N LYS E 495 109.39 58.86 7.16
CA LYS E 495 108.24 57.97 7.13
C LYS E 495 107.26 58.30 6.03
N TYR E 496 106.70 57.25 5.45
CA TYR E 496 105.71 57.35 4.39
C TYR E 496 104.54 56.67 5.07
N GLY E 497 103.59 57.47 5.55
CA GLY E 497 102.45 56.92 6.28
C GLY E 497 102.90 56.74 7.73
N GLY E 498 102.01 56.32 8.61
CA GLY E 498 102.38 56.11 10.01
C GLY E 498 101.41 55.17 10.72
N PRO E 499 101.25 53.94 10.23
CA PRO E 499 100.34 52.93 10.78
C PRO E 499 100.88 51.94 11.81
N HIS E 500 102.19 51.88 11.96
CA HIS E 500 102.80 50.89 12.85
C HIS E 500 102.28 50.68 14.27
N LEU E 501 101.79 51.73 14.91
CA LEU E 501 101.26 51.57 16.27
C LEU E 501 100.07 50.61 16.26
N GLY E 502 99.38 50.54 15.13
CA GLY E 502 98.23 49.66 15.04
C GLY E 502 98.47 48.39 14.23
N THR E 503 99.57 48.32 13.49
CA THR E 503 99.83 47.15 12.66
C THR E 503 101.03 46.25 12.98
N MET E 504 101.96 46.70 13.82
CA MET E 504 103.11 45.87 14.12
C MET E 504 102.93 45.05 15.41
N THR E 505 104.02 44.80 16.14
CA THR E 505 103.92 44.01 17.38
C THR E 505 104.36 44.79 18.64
N ALA E 506 103.73 44.47 19.78
CA ALA E 506 104.01 45.12 21.08
C ALA E 506 104.40 46.56 20.77
N THR E 507 103.53 47.22 20.03
CA THR E 507 103.75 48.57 19.52
C THR E 507 104.02 49.78 20.41
N ASN E 508 103.94 49.64 21.73
CA ASN E 508 104.27 50.80 22.56
C ASN E 508 105.74 51.17 22.29
N ARG E 509 106.51 50.20 21.81
CA ARG E 509 107.92 50.44 21.52
C ARG E 509 108.11 51.36 20.32
N TYR E 510 107.15 51.39 19.40
CA TYR E 510 107.27 52.27 18.24
C TYR E 510 107.06 53.72 18.68
N ALA E 511 106.20 53.93 19.68
CA ALA E 511 105.97 55.29 20.18
C ALA E 511 107.23 55.75 20.93
N LYS E 512 107.80 54.84 21.73
CA LYS E 512 109.00 55.15 22.51
C LYS E 512 110.25 55.52 21.71
N MET E 513 110.42 54.91 20.54
CA MET E 513 111.59 55.17 19.73
C MET E 513 111.73 56.61 19.20
N TYR E 514 110.59 57.28 18.99
CA TYR E 514 110.63 58.64 18.46
C TYR E 514 111.33 59.68 19.31
N THR E 515 111.36 59.48 20.62
CA THR E 515 112.01 60.45 21.49
C THR E 515 113.48 60.15 21.77
N HIS E 516 114.02 59.09 21.16
CA HIS E 516 115.42 58.74 21.37
C HIS E 516 116.30 59.84 20.77
N ASP E 517 117.33 60.24 21.50
CA ASP E 517 118.21 61.31 21.03
C ASP E 517 119.07 61.00 19.81
N SER E 518 119.12 59.74 19.38
CA SER E 518 119.92 59.40 18.22
C SER E 518 119.20 59.85 16.95
N LEU E 519 117.88 60.03 17.05
CA LEU E 519 117.08 60.48 15.91
C LEU E 519 117.13 62.00 15.82
N GLU E 520 117.95 62.50 14.90
CA GLU E 520 118.11 63.93 14.72
C GLU E 520 116.97 64.57 13.92
N PHE E 521 116.32 63.78 13.08
CA PHE E 521 115.24 64.32 12.25
C PHE E 521 114.21 63.28 11.82
N VAL E 522 112.94 63.67 11.85
CA VAL E 522 111.84 62.79 11.46
C VAL E 522 110.86 63.51 10.55
N VAL E 523 110.69 62.98 9.34
CA VAL E 523 109.76 63.54 8.36
C VAL E 523 108.68 62.52 8.10
N SER E 524 107.44 62.99 7.99
CA SER E 524 106.31 62.11 7.71
C SER E 524 105.59 62.62 6.47
N GLN E 525 105.55 61.79 5.44
CA GLN E 525 104.87 62.13 4.19
C GLN E 525 103.61 61.27 4.18
N SER E 526 102.51 61.85 4.63
CA SER E 526 101.26 61.11 4.75
C SER E 526 100.03 61.85 4.22
N ILE E 527 98.90 61.16 4.27
CA ILE E 527 97.65 61.73 3.81
C ILE E 527 96.82 62.23 4.99
N TRP E 528 96.68 61.41 6.03
CA TRP E 528 95.89 61.78 7.21
C TRP E 528 96.73 61.98 8.47
N PHE E 529 96.29 62.89 9.32
CA PHE E 529 96.98 63.17 10.58
C PHE E 529 96.47 62.17 11.60
N GLU E 530 97.17 61.05 11.72
CA GLU E 530 96.77 59.97 12.61
C GLU E 530 97.97 59.07 12.92
N GLY E 531 97.73 58.07 13.78
CA GLY E 531 98.78 57.13 14.14
C GLY E 531 100.10 57.74 14.54
N GLU E 532 101.14 57.45 13.77
CA GLU E 532 102.50 57.94 14.05
C GLU E 532 102.82 59.34 13.56
N VAL E 533 101.98 59.90 12.70
CA VAL E 533 102.24 61.23 12.15
C VAL E 533 102.54 62.32 13.19
N PRO E 534 101.82 62.33 14.32
CA PRO E 534 102.06 63.35 15.35
C PRO E 534 103.40 63.27 16.10
N PHE E 535 104.33 62.44 15.65
CA PHE E 535 105.65 62.33 16.29
C PHE E 535 106.71 62.97 15.39
N ALA E 536 106.31 63.38 14.19
CA ALA E 536 107.24 63.95 13.22
C ALA E 536 107.64 65.40 13.46
N ASP E 537 108.77 65.79 12.88
CA ASP E 537 109.29 67.15 13.00
C ASP E 537 108.70 67.97 11.84
N ILE E 538 108.57 67.34 10.68
CA ILE E 538 108.02 67.97 9.49
C ILE E 538 107.00 67.01 8.88
N ILE E 539 105.82 67.53 8.53
CA ILE E 539 104.78 66.71 7.94
C ILE E 539 104.44 67.26 6.54
N LEU E 540 104.44 66.36 5.55
CA LEU E 540 104.15 66.75 4.18
C LEU E 540 102.86 66.06 3.73
N PRO E 541 101.86 66.85 3.30
CA PRO E 541 100.55 66.32 2.85
C PRO E 541 100.51 65.72 1.45
N ALA E 542 100.25 64.42 1.37
CA ALA E 542 100.14 63.73 0.08
C ALA E 542 98.63 63.61 -0.16
N CYS E 543 98.24 63.32 -1.39
CA CYS E 543 96.81 63.20 -1.72
C CYS E 543 96.41 61.76 -2.04
N THR E 544 95.11 61.49 -2.11
CA THR E 544 94.60 60.15 -2.43
C THR E 544 94.65 59.94 -3.95
N ASN E 545 94.44 58.71 -4.38
CA ASN E 545 94.46 58.41 -5.81
C ASN E 545 93.33 59.08 -6.60
N PHE E 546 92.36 59.67 -5.91
CA PHE E 546 91.26 60.34 -6.60
C PHE E 546 91.62 61.78 -6.95
N GLU E 547 92.82 62.19 -6.53
CA GLU E 547 93.28 63.55 -6.78
C GLU E 547 94.50 63.60 -7.68
N ARG E 548 94.76 62.50 -8.39
CA ARG E 548 95.89 62.41 -9.31
C ARG E 548 95.60 61.38 -10.40
N TRP E 549 96.43 61.37 -11.44
CA TRP E 549 96.26 60.44 -12.55
C TRP E 549 97.03 59.14 -12.35
N ASP E 550 96.44 58.03 -12.77
CA ASP E 550 97.12 56.74 -12.66
C ASP E 550 96.39 55.70 -13.52
N ILE E 551 96.86 54.47 -13.46
CA ILE E 551 96.29 53.38 -14.23
C ILE E 551 96.49 52.10 -13.43
N SER E 552 95.54 51.17 -13.52
CA SER E 552 95.67 49.92 -12.77
C SER E 552 94.68 48.86 -13.21
N GLU E 553 94.84 47.67 -12.65
CA GLU E 553 93.94 46.56 -12.92
C GLU E 553 93.35 46.05 -11.62
N PHE E 554 92.05 45.77 -11.65
CA PHE E 554 91.31 45.27 -10.51
C PHE E 554 92.07 44.16 -9.78
N ALA E 555 92.44 44.43 -8.52
CA ALA E 555 93.15 43.48 -7.67
C ALA E 555 94.49 42.94 -8.16
N ASN E 556 95.03 43.52 -9.23
CA ASN E 556 96.29 43.02 -9.77
C ASN E 556 97.55 43.46 -9.01
N CYS E 557 98.10 42.54 -8.24
CA CYS E 557 99.32 42.78 -7.47
C CYS E 557 100.46 42.16 -8.28
N SER E 558 100.31 40.88 -8.61
CA SER E 558 101.32 40.15 -9.36
C SER E 558 102.58 40.01 -8.52
N GLY E 559 103.73 39.83 -9.16
CA GLY E 559 104.97 39.69 -8.41
C GLY E 559 104.96 38.44 -7.55
N TYR E 560 104.84 38.61 -6.24
CA TYR E 560 104.82 37.47 -5.33
C TYR E 560 103.48 36.77 -5.29
N ILE E 561 102.54 37.25 -6.10
CA ILE E 561 101.23 36.62 -6.22
C ILE E 561 100.92 36.70 -7.71
N PRO E 562 101.69 35.94 -8.51
CA PRO E 562 101.51 35.93 -9.97
C PRO E 562 100.06 35.75 -10.41
N ASP E 563 99.63 36.59 -11.33
CA ASP E 563 98.27 36.52 -11.88
C ASP E 563 97.16 36.47 -10.83
N ASN E 564 97.27 37.25 -9.76
CA ASN E 564 96.21 37.21 -8.75
C ASN E 564 94.95 37.95 -9.18
N TYR E 565 94.92 38.45 -10.41
CA TYR E 565 93.72 39.11 -10.90
C TYR E 565 92.64 38.03 -11.02
N GLN E 566 93.06 36.76 -10.94
CA GLN E 566 92.12 35.65 -11.04
C GLN E 566 91.22 35.58 -9.82
N LEU E 567 91.35 36.57 -8.95
CA LEU E 567 90.51 36.68 -7.76
C LEU E 567 89.18 37.32 -8.19
N CYS E 568 89.19 37.96 -9.35
CA CYS E 568 88.01 38.66 -9.87
C CYS E 568 87.24 37.87 -10.92
N ASN E 569 85.98 38.27 -11.17
CA ASN E 569 85.14 37.60 -12.16
C ASN E 569 85.48 38.07 -13.56
N HIS E 570 86.15 39.22 -13.65
CA HIS E 570 86.58 39.79 -14.92
C HIS E 570 87.87 40.55 -14.72
N ARG E 571 88.71 40.62 -15.75
CA ARG E 571 89.93 41.40 -15.64
C ARG E 571 89.49 42.79 -16.08
N VAL E 572 89.59 43.76 -15.17
CA VAL E 572 89.19 45.12 -15.49
C VAL E 572 90.36 46.08 -15.38
N ILE E 573 90.73 46.66 -16.51
CA ILE E 573 91.81 47.63 -16.55
C ILE E 573 91.17 49.00 -16.59
N SER E 574 91.54 49.87 -15.65
CA SER E 574 90.94 51.18 -15.65
C SER E 574 91.89 52.36 -15.50
N LEU E 575 91.44 53.48 -16.02
CA LEU E 575 92.18 54.71 -15.94
C LEU E 575 91.73 55.33 -14.63
N GLN E 576 92.67 55.70 -13.77
CA GLN E 576 92.29 56.33 -12.52
C GLN E 576 92.39 57.82 -12.82
N ALA E 577 91.24 58.38 -13.19
CA ALA E 577 91.17 59.79 -13.54
C ALA E 577 91.31 60.70 -12.33
N LYS E 578 91.94 61.85 -12.55
CA LYS E 578 92.11 62.85 -11.51
C LYS E 578 90.69 63.44 -11.45
N CYS E 579 89.89 62.95 -10.51
CA CYS E 579 88.51 63.39 -10.37
C CYS E 579 88.36 64.80 -9.82
N ILE E 580 89.22 65.16 -8.87
CA ILE E 580 89.18 66.48 -8.27
C ILE E 580 90.58 67.01 -8.03
N GLU E 581 90.68 68.30 -7.72
CA GLU E 581 91.97 68.91 -7.43
C GLU E 581 92.37 68.44 -6.03
N PRO E 582 93.69 68.35 -5.75
CA PRO E 582 94.13 67.90 -4.43
C PRO E 582 93.49 68.74 -3.31
N VAL E 583 93.01 68.07 -2.27
CA VAL E 583 92.37 68.75 -1.14
C VAL E 583 93.38 69.51 -0.28
N GLY E 584 93.04 70.73 0.09
CA GLY E 584 93.92 71.54 0.90
C GLY E 584 95.19 71.82 0.10
N GLU E 585 96.33 71.83 0.77
CA GLU E 585 97.60 72.07 0.08
C GLU E 585 98.37 70.77 -0.18
N SER E 586 97.64 69.66 -0.30
CA SER E 586 98.29 68.39 -0.53
C SER E 586 98.68 68.23 -2.00
N MET E 587 99.54 67.27 -2.28
CA MET E 587 99.94 66.99 -3.65
C MET E 587 100.35 65.55 -3.78
N SER E 588 100.36 65.05 -5.02
CA SER E 588 100.71 63.66 -5.26
C SER E 588 102.13 63.39 -4.78
N ASP E 589 102.38 62.17 -4.32
CA ASP E 589 103.71 61.80 -3.86
C ASP E 589 104.69 62.05 -5.00
N TYR E 590 104.26 61.77 -6.23
CA TYR E 590 105.14 61.98 -7.38
C TYR E 590 105.54 63.45 -7.50
N GLU E 591 104.58 64.35 -7.33
CA GLU E 591 104.91 65.78 -7.44
C GLU E 591 105.73 66.24 -6.24
N ILE E 592 105.59 65.57 -5.11
CA ILE E 592 106.37 65.93 -3.93
C ILE E 592 107.83 65.57 -4.20
N TYR E 593 108.04 64.38 -4.74
CA TYR E 593 109.39 63.92 -5.06
C TYR E 593 109.99 64.74 -6.19
N ARG E 594 109.15 65.17 -7.13
CA ARG E 594 109.62 65.98 -8.25
C ARG E 594 110.14 67.31 -7.73
N LEU E 595 109.47 67.83 -6.69
CA LEU E 595 109.89 69.09 -6.09
C LEU E 595 111.22 68.88 -5.38
N PHE E 596 111.34 67.76 -4.66
CA PHE E 596 112.58 67.45 -3.96
C PHE E 596 113.70 67.21 -4.97
N ALA E 597 113.38 66.49 -6.05
CA ALA E 597 114.35 66.20 -7.09
C ALA E 597 114.96 67.49 -7.62
N LYS E 598 114.10 68.48 -7.84
CA LYS E 598 114.54 69.78 -8.34
C LYS E 598 115.53 70.41 -7.37
N LYS E 599 115.20 70.40 -6.08
CA LYS E 599 116.06 71.00 -5.06
C LYS E 599 117.30 70.16 -4.74
N LEU E 600 117.29 68.89 -5.14
CA LEU E 600 118.43 68.00 -4.90
C LEU E 600 119.29 67.94 -6.17
N ASN E 601 118.89 68.72 -7.17
CA ASN E 601 119.58 68.83 -8.45
C ASN E 601 119.56 67.55 -9.29
N ILE E 602 118.48 66.78 -9.18
CA ILE E 602 118.35 65.54 -9.94
C ILE E 602 116.98 65.40 -10.62
N GLU E 603 116.33 66.53 -10.89
CA GLU E 603 115.00 66.49 -11.51
C GLU E 603 114.96 65.78 -12.86
N GLU E 604 115.93 66.09 -13.72
CA GLU E 604 115.99 65.48 -15.05
C GLU E 604 116.02 63.95 -14.95
N MET E 605 116.94 63.44 -14.13
CA MET E 605 117.09 62.00 -13.94
C MET E 605 115.83 61.35 -13.36
N PHE E 606 115.24 61.99 -12.37
CA PHE E 606 114.04 61.46 -11.73
C PHE E 606 112.80 61.50 -12.61
N SER E 607 112.44 62.69 -13.08
CA SER E 607 111.23 62.87 -13.88
C SER E 607 111.35 62.57 -15.36
N GLU E 608 112.56 62.68 -15.90
CA GLU E 608 112.76 62.48 -17.33
C GLU E 608 111.80 63.42 -18.07
N GLY E 609 111.49 64.54 -17.42
CA GLY E 609 110.59 65.53 -18.00
C GLY E 609 109.15 65.07 -18.16
N LYS E 610 108.71 64.13 -17.35
CA LYS E 610 107.36 63.61 -17.45
C LYS E 610 106.51 63.85 -16.20
N ASP E 611 105.22 64.11 -16.40
CA ASP E 611 104.32 64.28 -15.28
C ASP E 611 103.65 62.91 -15.16
N GLU E 612 102.86 62.71 -14.12
CA GLU E 612 102.19 61.43 -13.91
C GLU E 612 101.48 60.87 -15.14
N LEU E 613 100.77 61.73 -15.86
CA LEU E 613 100.02 61.29 -17.03
C LEU E 613 100.93 60.79 -18.15
N ALA E 614 102.08 61.45 -18.33
CA ALA E 614 103.03 61.04 -19.35
C ALA E 614 103.57 59.65 -19.01
N TRP E 615 103.85 59.40 -17.72
CA TRP E 615 104.35 58.11 -17.29
C TRP E 615 103.29 57.03 -17.52
N CYS E 616 102.02 57.39 -17.29
CA CYS E 616 100.92 56.46 -17.50
C CYS E 616 100.87 55.99 -18.95
N GLU E 617 101.08 56.91 -19.88
CA GLU E 617 101.03 56.55 -21.30
C GLU E 617 102.18 55.61 -21.66
N GLN E 618 103.37 55.91 -21.16
CA GLN E 618 104.52 55.06 -21.44
C GLN E 618 104.22 53.68 -20.84
N TYR E 619 103.68 53.70 -19.62
CA TYR E 619 103.32 52.47 -18.90
C TYR E 619 102.34 51.67 -19.75
N PHE E 620 101.27 52.32 -20.16
CA PHE E 620 100.23 51.71 -20.99
C PHE E 620 100.85 51.00 -22.20
N ASN E 621 101.73 51.71 -22.91
CA ASN E 621 102.36 51.15 -24.10
C ASN E 621 103.28 49.95 -23.85
N ALA E 622 103.63 49.71 -22.60
CA ALA E 622 104.51 48.59 -22.26
C ALA E 622 103.72 47.33 -21.92
N THR E 623 102.39 47.44 -21.94
CA THR E 623 101.54 46.29 -21.63
C THR E 623 100.98 45.73 -22.94
N ASP E 624 100.05 44.79 -22.85
CA ASP E 624 99.44 44.20 -24.04
C ASP E 624 98.22 45.02 -24.51
N MET E 625 97.85 46.05 -23.73
CA MET E 625 96.70 46.88 -24.08
C MET E 625 96.69 47.42 -25.51
N PRO E 626 97.84 47.87 -26.04
CA PRO E 626 97.88 48.39 -27.41
C PRO E 626 97.35 47.41 -28.47
N LYS E 627 97.22 46.15 -28.12
CA LYS E 627 96.72 45.16 -29.06
C LYS E 627 95.21 45.30 -29.20
N TYR E 628 94.59 46.03 -28.28
CA TYR E 628 93.14 46.24 -28.30
C TYR E 628 92.74 47.69 -28.54
N MET E 629 93.51 48.63 -28.02
CA MET E 629 93.21 50.04 -28.21
C MET E 629 94.38 50.96 -27.91
N THR E 630 94.37 52.14 -28.53
CA THR E 630 95.43 53.11 -28.32
C THR E 630 95.24 53.80 -26.98
N TRP E 631 96.26 54.52 -26.54
CA TRP E 631 96.19 55.24 -25.28
C TRP E 631 95.02 56.21 -25.28
N ASP E 632 94.89 56.99 -26.36
CA ASP E 632 93.80 57.96 -26.48
C ASP E 632 92.44 57.31 -26.35
N GLU E 633 92.24 56.18 -27.02
CA GLU E 633 90.97 55.47 -26.97
C GLU E 633 90.68 54.99 -25.55
N PHE E 634 91.71 54.46 -24.89
CA PHE E 634 91.56 53.97 -23.53
C PHE E 634 91.26 55.13 -22.58
N PHE E 635 91.95 56.25 -22.81
CA PHE E 635 91.77 57.44 -21.98
C PHE E 635 90.32 57.92 -22.04
N LYS E 636 89.76 57.90 -23.25
CA LYS E 636 88.38 58.34 -23.44
C LYS E 636 87.38 57.37 -22.81
N LYS E 637 87.61 56.07 -22.98
CA LYS E 637 86.71 55.07 -22.44
C LYS E 637 86.80 55.00 -20.91
N GLY E 638 88.02 55.07 -20.38
CA GLY E 638 88.19 55.02 -18.94
C GLY E 638 88.41 53.65 -18.34
N TYR E 639 87.91 52.61 -18.99
CA TYR E 639 88.09 51.26 -18.48
C TYR E 639 87.93 50.25 -19.61
N PHE E 640 88.56 49.08 -19.44
CA PHE E 640 88.51 48.04 -20.45
C PHE E 640 88.34 46.67 -19.81
N VAL E 641 87.35 45.92 -20.28
CA VAL E 641 87.10 44.58 -19.77
C VAL E 641 87.81 43.61 -20.73
N VAL E 642 88.84 42.94 -20.24
CA VAL E 642 89.60 42.01 -21.08
C VAL E 642 88.72 40.85 -21.55
N PRO E 643 88.77 40.56 -22.87
CA PRO E 643 87.98 39.47 -23.46
C PRO E 643 88.33 38.10 -22.89
N ASP E 644 87.36 37.20 -22.95
CA ASP E 644 87.56 35.84 -22.47
C ASP E 644 88.42 35.12 -23.51
N ASN E 645 89.16 34.10 -23.08
CA ASN E 645 90.00 33.31 -23.99
C ASN E 645 89.43 31.89 -23.88
N PRO E 646 88.29 31.66 -24.54
CA PRO E 646 87.58 30.37 -24.54
C PRO E 646 88.41 29.13 -24.86
N ASN E 647 89.44 29.30 -25.68
CA ASN E 647 90.25 28.16 -26.11
C ASN E 647 91.54 27.82 -25.39
N ARG E 648 92.12 28.74 -24.62
CA ARG E 648 93.38 28.43 -23.96
C ARG E 648 93.28 27.14 -23.14
N LYS E 649 94.38 26.40 -23.08
CA LYS E 649 94.38 25.16 -22.34
C LYS E 649 94.29 25.43 -20.85
N LYS E 650 93.50 24.63 -20.16
CA LYS E 650 93.33 24.77 -18.72
C LYS E 650 94.39 23.93 -18.04
N THR E 651 95.08 24.53 -17.08
CA THR E 651 96.12 23.84 -16.35
C THR E 651 95.84 24.05 -14.87
N VAL E 652 95.21 23.06 -14.26
CA VAL E 652 94.87 23.15 -12.85
C VAL E 652 96.10 23.15 -11.97
N ALA E 653 96.06 24.00 -10.94
CA ALA E 653 97.15 24.13 -10.00
C ALA E 653 97.65 22.79 -9.48
N LEU E 654 98.96 22.59 -9.56
CA LEU E 654 99.62 21.39 -9.08
C LEU E 654 99.27 20.05 -9.74
N ARG E 655 98.44 20.06 -10.78
CA ARG E 655 98.09 18.80 -11.43
C ARG E 655 99.33 18.16 -12.05
N TRP E 656 100.20 18.99 -12.62
CA TRP E 656 101.42 18.50 -13.23
C TRP E 656 102.24 17.75 -12.18
N PHE E 657 102.23 18.27 -10.95
CA PHE E 657 102.97 17.66 -9.85
C PHE E 657 102.33 16.35 -9.44
N ALA E 658 101.01 16.36 -9.30
CA ALA E 658 100.28 15.15 -8.92
C ALA E 658 100.50 14.04 -9.95
N GLU E 659 100.64 14.42 -11.22
CA GLU E 659 100.85 13.45 -12.30
C GLU E 659 102.32 13.19 -12.62
N GLY E 660 103.21 13.78 -11.86
CA GLY E 660 104.64 13.57 -12.08
C GLY E 660 105.15 13.97 -13.45
N ARG E 661 104.69 15.08 -14.00
CA ARG E 661 105.16 15.53 -15.30
C ARG E 661 105.63 16.98 -15.24
N GLU E 662 106.06 17.50 -16.39
CA GLU E 662 106.57 18.87 -16.44
C GLU E 662 105.57 19.94 -16.04
N LYS E 663 106.06 20.92 -15.28
CA LYS E 663 105.23 22.04 -14.84
C LYS E 663 104.65 22.65 -16.12
N ASP E 664 103.34 22.82 -16.17
CA ASP E 664 102.69 23.35 -17.37
C ASP E 664 101.81 24.57 -17.14
N THR E 665 101.86 25.14 -15.94
CA THR E 665 101.03 26.31 -15.62
C THR E 665 101.76 27.62 -15.91
N PRO E 666 101.05 28.75 -15.81
CA PRO E 666 101.68 30.05 -16.07
C PRO E 666 102.52 30.54 -14.87
N ASP E 667 102.61 29.74 -13.81
CA ASP E 667 103.34 30.16 -12.62
C ASP E 667 104.77 30.61 -12.90
N TRP E 668 105.28 31.47 -12.01
CA TRP E 668 106.62 32.04 -12.16
C TRP E 668 107.73 31.15 -11.63
N GLY E 669 107.38 29.93 -11.27
CA GLY E 669 108.36 29.00 -10.77
C GLY E 669 107.81 27.59 -10.82
N PRO E 670 108.60 26.58 -10.44
CA PRO E 670 109.99 26.79 -10.00
C PRO E 670 110.94 27.11 -11.14
N ARG E 671 112.04 27.78 -10.83
CA ARG E 671 113.02 28.10 -11.86
C ARG E 671 113.64 26.79 -12.32
N LEU E 672 114.05 26.75 -13.58
CA LEU E 672 114.63 25.55 -14.17
C LEU E 672 115.74 24.88 -13.34
N ASN E 673 116.63 25.68 -12.76
CA ASN E 673 117.72 25.13 -11.96
C ASN E 673 117.28 24.46 -10.67
N ASN E 674 116.04 24.70 -10.25
CA ASN E 674 115.53 24.08 -9.02
C ASN E 674 114.71 22.83 -9.32
N GLN E 675 114.84 22.33 -10.55
CA GLN E 675 114.13 21.13 -10.98
C GLN E 675 115.04 20.23 -11.80
N VAL E 676 114.66 18.98 -11.90
CA VAL E 676 115.39 18.03 -12.73
C VAL E 676 114.43 17.79 -13.89
N CYS E 677 114.84 18.17 -15.10
CA CYS E 677 114.02 18.02 -16.31
C CYS E 677 112.66 18.68 -16.12
N ARG E 678 112.68 19.83 -15.47
CA ARG E 678 111.52 20.64 -15.14
C ARG E 678 110.30 19.92 -14.55
N LYS E 679 110.59 18.91 -13.73
CA LYS E 679 109.57 18.16 -13.03
C LYS E 679 109.85 18.31 -11.54
N GLY E 680 108.80 18.19 -10.73
CA GLY E 680 108.97 18.29 -9.29
C GLY E 680 108.89 19.68 -8.71
N LEU E 681 108.81 19.73 -7.38
CA LEU E 681 108.74 21.00 -6.67
C LEU E 681 110.14 21.60 -6.58
N GLN E 682 110.21 22.85 -6.14
CA GLN E 682 111.46 23.58 -6.01
C GLN E 682 112.42 22.95 -4.98
N THR E 683 111.87 22.16 -4.07
CA THR E 683 112.67 21.51 -3.03
C THR E 683 113.78 20.64 -3.64
N THR E 684 114.81 20.36 -2.85
CA THR E 684 115.92 19.53 -3.32
C THR E 684 115.45 18.22 -3.95
N THR E 685 114.61 17.48 -3.22
CA THR E 685 114.11 16.20 -3.73
C THR E 685 113.00 16.37 -4.77
N GLY E 686 112.47 17.58 -4.88
CA GLY E 686 111.39 17.83 -5.83
C GLY E 686 110.09 17.30 -5.28
N LYS E 687 110.12 16.86 -4.02
CA LYS E 687 108.94 16.31 -3.35
C LYS E 687 108.55 17.15 -2.14
N VAL E 688 107.41 16.82 -1.56
CA VAL E 688 106.95 17.52 -0.36
C VAL E 688 107.80 16.91 0.76
N GLU E 689 108.63 17.74 1.38
CA GLU E 689 109.52 17.26 2.43
C GLU E 689 109.02 17.41 3.86
N PHE E 690 108.51 16.32 4.42
CA PHE E 690 108.00 16.32 5.78
C PHE E 690 109.17 16.55 6.73
N ILE E 691 110.36 16.21 6.24
CA ILE E 691 111.61 16.44 6.94
C ILE E 691 112.33 17.34 5.91
N ALA E 692 112.28 18.64 6.14
CA ALA E 692 112.87 19.62 5.22
C ALA E 692 114.39 19.50 5.10
N THR E 693 114.88 19.30 3.88
CA THR E 693 116.31 19.18 3.65
C THR E 693 117.06 20.49 3.86
N SER E 694 116.41 21.62 3.54
CA SER E 694 117.04 22.92 3.73
C SER E 694 117.22 23.20 5.22
N LEU E 695 116.21 22.87 6.03
CA LEU E 695 116.31 23.10 7.46
C LEU E 695 117.27 22.11 8.11
N LYS E 696 117.36 20.90 7.55
CA LYS E 696 118.27 19.91 8.12
C LYS E 696 119.71 20.39 7.91
N ASN E 697 119.98 20.99 6.75
CA ASN E 697 121.31 21.52 6.47
C ASN E 697 121.59 22.63 7.46
N PHE E 698 120.62 23.54 7.57
CA PHE E 698 120.70 24.69 8.46
C PHE E 698 121.02 24.26 9.90
N GLU E 699 120.27 23.30 10.43
CA GLU E 699 120.52 22.86 11.79
C GLU E 699 121.85 22.13 11.96
N GLU E 700 122.29 21.42 10.92
CA GLU E 700 123.57 20.71 11.01
C GLU E 700 124.74 21.66 10.84
N GLN E 701 124.46 22.87 10.38
CA GLN E 701 125.50 23.89 10.21
C GLN E 701 125.66 24.66 11.52
N GLY E 702 124.86 24.29 12.52
CA GLY E 702 124.97 24.94 13.82
C GLY E 702 123.84 25.87 14.20
N TYR E 703 122.88 26.08 13.30
CA TYR E 703 121.78 26.97 13.62
C TYR E 703 120.60 26.21 14.23
N ILE E 704 120.72 25.97 15.54
CA ILE E 704 119.72 25.23 16.32
C ILE E 704 118.49 26.10 16.60
N ASP E 705 117.30 25.60 16.30
CA ASP E 705 116.07 26.35 16.51
C ASP E 705 114.93 25.41 16.89
N GLU E 706 114.70 25.28 18.19
CA GLU E 706 113.66 24.39 18.70
C GLU E 706 112.25 24.66 18.15
N HIS E 707 111.92 25.92 17.88
CA HIS E 707 110.59 26.23 17.38
C HIS E 707 110.45 26.20 15.87
N ARG E 708 111.41 25.55 15.22
CA ARG E 708 111.37 25.40 13.78
C ARG E 708 112.18 24.17 13.43
N PRO E 709 111.74 23.00 13.89
CA PRO E 709 112.43 21.75 13.62
C PRO E 709 112.34 21.38 12.15
N SER E 710 113.35 20.65 11.67
CA SER E 710 113.37 20.25 10.27
C SER E 710 112.16 19.37 9.95
N MET E 711 111.71 18.59 10.94
CA MET E 711 110.53 17.76 10.72
C MET E 711 109.28 18.44 11.27
N HIS E 712 108.20 18.38 10.50
CA HIS E 712 106.94 18.98 10.93
C HIS E 712 106.44 18.18 12.13
N THR E 713 106.36 18.82 13.30
CA THR E 713 105.91 18.15 14.51
C THR E 713 105.04 19.05 15.37
N TYR E 714 104.51 18.52 16.47
CA TYR E 714 103.67 19.33 17.33
C TYR E 714 104.48 20.18 18.29
N VAL E 715 104.93 21.33 17.81
CA VAL E 715 105.69 22.27 18.62
C VAL E 715 104.62 23.11 19.33
N PRO E 716 104.51 22.97 20.66
CA PRO E 716 103.51 23.75 21.38
C PRO E 716 103.72 25.25 21.12
N ALA E 717 102.65 25.99 20.86
CA ALA E 717 102.78 27.42 20.59
C ALA E 717 103.33 28.13 21.82
N TRP E 718 104.38 28.93 21.66
CA TRP E 718 104.98 29.60 22.81
C TRP E 718 104.09 30.64 23.48
N GLU E 719 103.02 31.06 22.81
CA GLU E 719 102.08 31.98 23.44
C GLU E 719 100.68 31.40 23.29
N SER E 720 100.41 30.36 24.08
CA SER E 720 99.11 29.69 24.08
C SER E 720 98.72 29.53 25.55
N GLN E 721 97.44 29.28 25.79
CA GLN E 721 96.92 29.16 27.15
C GLN E 721 97.47 28.02 28.01
N LYS E 722 97.79 26.88 27.43
CA LYS E 722 98.30 25.81 28.27
C LYS E 722 99.81 25.59 28.19
N HIS E 723 100.51 26.38 27.39
CA HIS E 723 101.95 26.19 27.27
C HIS E 723 102.79 27.41 27.65
N SER E 724 102.12 28.51 27.98
CA SER E 724 102.83 29.73 28.38
C SER E 724 102.63 30.05 29.86
N PRO E 725 103.72 30.37 30.58
CA PRO E 725 103.66 30.72 32.00
C PRO E 725 102.81 31.97 32.18
N LEU E 726 102.77 32.79 31.14
CA LEU E 726 102.00 34.03 31.13
C LEU E 726 100.50 33.80 31.31
N ALA E 727 100.03 32.62 30.94
CA ALA E 727 98.61 32.29 31.02
C ALA E 727 98.05 32.38 32.43
N VAL E 728 98.92 32.32 33.42
CA VAL E 728 98.48 32.42 34.81
C VAL E 728 97.88 33.79 35.07
N LYS E 729 98.58 34.83 34.61
CA LYS E 729 98.12 36.20 34.78
C LYS E 729 97.11 36.61 33.71
N TYR E 730 97.37 36.18 32.48
CA TYR E 730 96.53 36.52 31.33
C TYR E 730 96.02 35.22 30.71
N PRO E 731 94.91 34.70 31.23
CA PRO E 731 94.26 33.46 30.80
C PRO E 731 93.47 33.48 29.49
N LEU E 732 93.13 34.66 29.00
CA LEU E 732 92.35 34.76 27.77
C LEU E 732 93.23 34.78 26.52
N GLY E 733 92.87 33.94 25.55
CA GLY E 733 93.62 33.87 24.31
C GLY E 733 93.00 34.82 23.31
N MET E 734 93.80 35.75 22.80
CA MET E 734 93.30 36.72 21.84
C MET E 734 93.86 36.56 20.44
N LEU E 735 92.98 36.67 19.45
CA LEU E 735 93.39 36.62 18.05
C LEU E 735 92.95 37.99 17.52
N SER E 736 93.74 38.58 16.63
CA SER E 736 93.42 39.90 16.11
C SER E 736 93.64 40.00 14.60
N PRO E 737 92.73 39.40 13.82
CA PRO E 737 92.73 39.36 12.34
C PRO E 737 92.51 40.71 11.68
N HIS E 738 92.42 40.71 10.35
CA HIS E 738 92.23 41.95 9.60
C HIS E 738 90.84 42.53 9.75
N PRO E 739 90.75 43.87 9.88
CA PRO E 739 89.46 44.55 10.04
C PRO E 739 88.46 44.32 8.92
N ARG E 740 87.25 43.97 9.33
CA ARG E 740 86.13 43.70 8.44
C ARG E 740 85.73 44.91 7.60
N PHE E 741 85.70 46.09 8.22
CA PHE E 741 85.28 47.29 7.51
C PHE E 741 86.35 48.30 7.13
N SER E 742 87.60 47.86 7.05
CA SER E 742 88.68 48.77 6.68
C SER E 742 89.81 47.98 6.01
N MET E 743 90.55 48.63 5.13
CA MET E 743 91.68 47.98 4.48
C MET E 743 92.80 48.38 5.42
N HIS E 744 92.99 47.60 6.47
CA HIS E 744 93.97 47.90 7.50
C HIS E 744 93.62 49.28 8.05
N THR E 745 94.57 50.21 8.13
CA THR E 745 94.23 51.52 8.70
C THR E 745 93.44 52.42 7.75
N MET E 746 93.41 52.07 6.47
CA MET E 746 92.71 52.86 5.47
C MET E 746 91.20 52.62 5.45
N GLY E 747 90.52 53.30 6.37
CA GLY E 747 89.08 53.18 6.47
C GLY E 747 88.65 53.61 7.86
N ASP E 748 89.38 53.13 8.87
CA ASP E 748 89.10 53.45 10.26
C ASP E 748 89.50 54.89 10.57
N GLY E 749 88.94 55.44 11.64
CA GLY E 749 89.27 56.81 12.02
C GLY E 749 89.00 57.81 10.91
N LYS E 750 89.77 58.90 10.89
CA LYS E 750 89.63 59.94 9.87
C LYS E 750 88.21 60.51 9.79
N ASN E 751 87.41 60.27 10.83
CA ASN E 751 86.03 60.75 10.86
C ASN E 751 85.27 60.22 9.64
N SER E 752 85.68 59.04 9.18
CA SER E 752 85.06 58.40 8.01
C SER E 752 83.69 57.81 8.37
N TYR E 753 82.91 57.47 7.35
CA TYR E 753 81.57 56.91 7.58
C TYR E 753 81.61 55.51 8.19
N MET E 754 82.70 54.79 7.96
CA MET E 754 82.83 53.44 8.49
C MET E 754 82.77 53.40 10.01
N ASN E 755 83.06 54.51 10.66
CA ASN E 755 83.04 54.55 12.11
C ASN E 755 81.62 54.45 12.68
N TYR E 756 80.61 54.63 11.85
CA TYR E 756 79.22 54.54 12.31
C TYR E 756 78.66 53.13 12.15
N ILE E 757 79.43 52.25 11.53
CA ILE E 757 79.01 50.86 11.35
C ILE E 757 78.94 50.19 12.72
N LYS E 758 77.81 49.56 13.01
CA LYS E 758 77.59 48.92 14.31
C LYS E 758 78.70 47.99 14.77
N ASP E 759 79.17 47.13 13.89
CA ASP E 759 80.21 46.16 14.24
C ASP E 759 81.63 46.65 13.99
N HIS E 760 81.83 47.96 13.91
CA HIS E 760 83.17 48.51 13.71
C HIS E 760 83.65 49.23 14.97
N ARG E 761 82.90 50.23 15.40
CA ARG E 761 83.22 50.97 16.62
C ARG E 761 81.91 51.22 17.36
N VAL E 762 81.99 51.35 18.68
CA VAL E 762 80.81 51.58 19.50
C VAL E 762 80.95 52.91 20.22
N GLU E 763 80.02 53.82 19.97
CA GLU E 763 80.09 55.13 20.62
C GLU E 763 79.62 55.05 22.06
N VAL E 764 80.44 55.56 22.97
CA VAL E 764 80.12 55.58 24.39
C VAL E 764 80.48 56.97 24.90
N ASP E 765 79.47 57.70 25.36
CA ASP E 765 79.67 59.06 25.88
C ASP E 765 80.44 59.96 24.91
N GLY E 766 80.06 59.95 23.64
CA GLY E 766 80.70 60.81 22.66
C GLY E 766 81.99 60.34 22.02
N TYR E 767 82.47 59.16 22.39
CA TYR E 767 83.70 58.63 21.81
C TYR E 767 83.41 57.27 21.18
N LYS E 768 83.97 57.01 20.00
CA LYS E 768 83.72 55.73 19.34
C LYS E 768 84.86 54.77 19.63
N TYR E 769 84.61 53.82 20.51
CA TYR E 769 85.62 52.84 20.90
C TYR E 769 85.72 51.63 19.98
N TRP E 770 86.93 51.07 19.91
CA TRP E 770 87.20 49.89 19.11
C TRP E 770 86.52 48.73 19.85
N ILE E 771 86.17 47.68 19.11
CA ILE E 771 85.47 46.54 19.70
C ILE E 771 86.29 45.30 20.02
N MET E 772 85.94 44.65 21.13
CA MET E 772 86.55 43.39 21.50
C MET E 772 85.38 42.44 21.77
N ARG E 773 85.38 41.31 21.08
CA ARG E 773 84.33 40.32 21.23
C ARG E 773 84.71 39.34 22.33
N VAL E 774 83.73 39.05 23.19
CA VAL E 774 83.93 38.18 24.33
C VAL E 774 82.78 37.20 24.51
N ASN E 775 83.10 35.94 24.80
CA ASN E 775 82.07 34.93 25.00
C ASN E 775 81.28 35.25 26.27
N SER E 776 79.96 35.08 26.19
CA SER E 776 79.09 35.36 27.32
C SER E 776 79.55 34.80 28.66
N ILE E 777 80.16 33.62 28.63
CA ILE E 777 80.64 32.99 29.86
C ILE E 777 81.79 33.79 30.50
N ASP E 778 82.73 34.23 29.68
CA ASP E 778 83.86 35.01 30.19
C ASP E 778 83.44 36.41 30.60
N ALA E 779 82.47 36.97 29.88
CA ALA E 779 81.97 38.30 30.19
C ALA E 779 81.26 38.29 31.54
N GLU E 780 80.41 37.28 31.74
CA GLU E 780 79.65 37.15 32.97
C GLU E 780 80.58 36.96 34.18
N ALA E 781 81.64 36.18 34.01
CA ALA E 781 82.58 35.93 35.09
C ALA E 781 83.29 37.19 35.57
N ARG E 782 83.30 38.22 34.72
CA ARG E 782 83.96 39.47 35.05
C ARG E 782 82.97 40.64 35.24
N GLY E 783 81.68 40.32 35.23
CA GLY E 783 80.67 41.36 35.41
C GLY E 783 80.64 42.33 34.24
N ILE E 784 81.00 41.84 33.05
CA ILE E 784 81.03 42.67 31.85
C ILE E 784 79.76 42.47 31.02
N LYS E 785 79.13 43.57 30.65
CA LYS E 785 77.92 43.52 29.86
C LYS E 785 78.18 44.12 28.49
N ASN E 786 77.33 43.76 27.54
CA ASN E 786 77.43 44.24 26.17
C ASN E 786 77.50 45.78 26.18
N GLY E 787 78.50 46.34 25.50
CA GLY E 787 78.64 47.78 25.45
C GLY E 787 79.51 48.40 26.52
N ASP E 788 79.85 47.63 27.56
CA ASP E 788 80.70 48.16 28.63
C ASP E 788 82.10 48.48 28.10
N LEU E 789 82.73 49.47 28.70
CA LEU E 789 84.08 49.82 28.32
C LEU E 789 84.98 48.92 29.16
N ILE E 790 85.88 48.21 28.52
CA ILE E 790 86.77 47.30 29.23
C ILE E 790 88.22 47.66 28.97
N ARG E 791 89.09 47.11 29.80
CA ARG E 791 90.52 47.32 29.68
C ARG E 791 91.15 45.96 29.36
N ALA E 792 91.76 45.84 28.19
CA ALA E 792 92.44 44.60 27.82
C ALA E 792 93.90 44.86 28.10
N TYR E 793 94.57 43.95 28.79
CA TYR E 793 95.97 44.19 29.14
C TYR E 793 96.83 42.96 29.37
N ASN E 794 98.13 43.20 29.41
CA ASN E 794 99.14 42.17 29.72
C ASN E 794 100.41 42.96 30.02
N ASP E 795 101.57 42.31 30.02
CA ASP E 795 102.80 43.02 30.35
C ASP E 795 103.20 44.10 29.34
N ARG E 796 102.66 44.03 28.14
CA ARG E 796 103.02 44.99 27.08
C ARG E 796 102.26 46.31 27.07
N GLY E 797 101.08 46.34 27.69
CA GLY E 797 100.33 47.57 27.73
C GLY E 797 98.87 47.37 28.07
N SER E 798 98.08 48.43 27.88
CA SER E 798 96.64 48.42 28.14
C SER E 798 95.94 49.09 26.97
N VAL E 799 94.73 48.62 26.67
CA VAL E 799 93.92 49.18 25.60
C VAL E 799 92.47 49.23 26.08
N ILE E 800 91.82 50.38 25.92
CA ILE E 800 90.43 50.53 26.33
C ILE E 800 89.54 50.21 25.13
N LEU E 801 88.59 49.31 25.35
CA LEU E 801 87.70 48.87 24.28
C LEU E 801 86.24 48.73 24.70
N ALA E 802 85.36 48.65 23.71
CA ALA E 802 83.93 48.47 23.96
C ALA E 802 83.68 46.97 23.81
N ALA E 803 83.08 46.36 24.82
CA ALA E 803 82.82 44.93 24.77
C ALA E 803 81.58 44.53 23.99
N GLN E 804 81.71 43.45 23.23
CA GLN E 804 80.60 42.90 22.47
C GLN E 804 80.49 41.44 22.95
N VAL E 805 79.45 41.15 23.73
CA VAL E 805 79.27 39.81 24.25
C VAL E 805 78.65 38.96 23.15
N THR E 806 79.27 37.82 22.88
CA THR E 806 78.81 36.97 21.78
C THR E 806 78.94 35.48 22.09
N GLU E 807 78.47 34.66 21.16
CA GLU E 807 78.58 33.20 21.29
C GLU E 807 79.53 32.72 20.21
N CYS E 808 79.99 33.64 19.37
CA CYS E 808 80.88 33.34 18.25
C CYS E 808 82.33 33.05 18.62
N LEU E 809 82.58 32.66 19.85
CA LEU E 809 83.93 32.34 20.33
C LEU E 809 83.85 31.30 21.43
N GLN E 810 84.76 30.34 21.43
CA GLN E 810 84.78 29.32 22.49
C GLN E 810 85.14 30.06 23.78
N PRO E 811 84.52 29.69 24.91
CA PRO E 811 84.84 30.37 26.17
C PRO E 811 86.35 30.40 26.39
N GLY E 812 86.87 31.53 26.82
CA GLY E 812 88.30 31.64 27.06
C GLY E 812 89.04 32.31 25.92
N THR E 813 88.33 32.56 24.82
CA THR E 813 88.92 33.21 23.65
C THR E 813 88.27 34.56 23.42
N VAL E 814 89.09 35.58 23.15
CA VAL E 814 88.57 36.90 22.86
C VAL E 814 89.06 37.31 21.48
N HIS E 815 88.32 38.22 20.86
CA HIS E 815 88.66 38.65 19.51
C HIS E 815 88.53 40.15 19.31
N SER E 816 89.51 40.74 18.62
CA SER E 816 89.49 42.16 18.31
C SER E 816 90.38 42.37 17.10
N TYR E 817 89.81 42.97 16.04
CA TYR E 817 90.58 43.20 14.82
C TYR E 817 91.81 44.10 15.02
N GLU E 818 92.82 43.90 14.18
CA GLU E 818 94.02 44.71 14.24
C GLU E 818 93.85 45.90 13.30
N SER E 819 94.93 46.63 13.08
CA SER E 819 94.94 47.77 12.16
C SER E 819 94.20 49.04 12.55
N CYS E 820 93.96 49.25 13.84
CA CYS E 820 93.29 50.48 14.27
C CYS E 820 94.14 51.65 13.76
N ALA E 821 93.49 52.66 13.19
CA ALA E 821 94.22 53.82 12.66
C ALA E 821 94.41 54.93 13.68
N VAL E 822 93.69 54.83 14.78
CA VAL E 822 93.73 55.84 15.83
C VAL E 822 94.56 55.50 17.06
N TYR E 823 95.59 56.30 17.32
CA TYR E 823 96.41 56.10 18.50
C TYR E 823 96.07 57.29 19.40
N ASP E 824 95.38 57.01 20.49
CA ASP E 824 94.95 58.05 21.42
C ASP E 824 95.30 57.67 22.86
N PRO E 825 96.55 57.92 23.26
CA PRO E 825 97.08 57.62 24.60
C PRO E 825 96.33 58.43 25.66
N LEU E 826 96.00 57.79 26.77
CA LEU E 826 95.29 58.47 27.84
C LEU E 826 96.31 59.21 28.72
N GLY E 827 97.57 58.85 28.57
CA GLY E 827 98.63 59.48 29.32
C GLY E 827 99.81 59.75 28.40
N THR E 828 101.01 59.54 28.92
CA THR E 828 102.21 59.76 28.13
C THR E 828 102.25 58.76 26.97
N ALA E 829 102.61 59.24 25.79
CA ALA E 829 102.70 58.38 24.62
C ALA E 829 103.62 57.18 24.89
N GLY E 830 103.16 55.99 24.50
CA GLY E 830 103.95 54.78 24.69
C GLY E 830 104.11 54.28 26.10
N LYS E 831 103.54 54.98 27.08
CA LYS E 831 103.67 54.58 28.47
C LYS E 831 102.32 54.43 29.18
N SER E 832 101.23 54.67 28.47
CA SER E 832 99.92 54.57 29.08
C SER E 832 98.90 53.81 28.24
N ALA E 833 97.72 53.59 28.82
CA ALA E 833 96.66 52.89 28.14
C ALA E 833 96.21 53.69 26.91
N ASP E 834 95.85 52.97 25.85
CA ASP E 834 95.37 53.61 24.62
C ASP E 834 93.87 53.37 24.50
N ARG E 835 93.12 54.40 24.10
CA ARG E 835 91.68 54.21 23.93
C ARG E 835 91.32 54.33 22.45
N GLY E 836 92.33 54.45 21.59
CA GLY E 836 92.09 54.53 20.16
C GLY E 836 91.66 53.14 19.68
N GLY E 837 92.29 52.11 20.23
CA GLY E 837 91.94 50.76 19.86
C GLY E 837 93.08 49.96 19.24
N CYS E 838 94.32 50.34 19.56
CA CYS E 838 95.48 49.66 19.01
C CYS E 838 95.79 48.35 19.72
N ILE E 839 95.05 47.32 19.34
CA ILE E 839 95.19 45.98 19.89
C ILE E 839 96.62 45.43 19.78
N ASN E 840 97.36 45.88 18.76
CA ASN E 840 98.72 45.39 18.60
C ASN E 840 99.69 45.88 19.66
N ILE E 841 99.19 46.66 20.61
CA ILE E 841 100.00 47.12 21.73
C ILE E 841 100.21 45.86 22.59
N LEU E 842 99.22 44.97 22.56
CA LEU E 842 99.22 43.75 23.35
C LEU E 842 99.83 42.50 22.74
N THR E 843 100.09 42.49 21.44
CA THR E 843 100.64 41.31 20.79
C THR E 843 102.15 41.12 21.02
N PRO E 844 102.63 39.87 20.97
CA PRO E 844 104.05 39.58 21.18
C PRO E 844 104.99 40.02 20.07
N ASP E 845 106.14 40.59 20.44
CA ASP E 845 107.12 41.03 19.46
C ASP E 845 108.20 39.97 19.27
N ARG E 846 108.13 38.90 20.06
CA ARG E 846 109.09 37.81 19.91
C ARG E 846 108.86 37.18 18.54
N TYR E 847 109.94 36.94 17.81
CA TYR E 847 109.88 36.31 16.50
C TYR E 847 109.24 34.92 16.61
N ILE E 848 108.59 34.46 15.55
CA ILE E 848 107.95 33.15 15.52
C ILE E 848 108.92 32.05 16.01
N SER E 849 110.17 32.12 15.58
CA SER E 849 111.19 31.17 16.05
C SER E 849 112.49 31.95 16.12
N LYS E 850 113.55 31.32 16.60
CA LYS E 850 114.83 32.02 16.72
C LYS E 850 115.29 32.61 15.40
N TYR E 851 115.13 31.86 14.31
CA TYR E 851 115.57 32.33 13.00
C TYR E 851 114.43 32.68 12.05
N ALA E 852 113.21 32.29 12.41
CA ALA E 852 112.04 32.62 11.58
C ALA E 852 111.67 34.02 12.06
N CYS E 853 112.25 35.02 11.42
CA CYS E 853 112.03 36.40 11.81
C CYS E 853 110.74 37.03 11.32
N GLY E 854 109.61 36.40 11.67
CA GLY E 854 108.31 36.90 11.28
C GLY E 854 107.45 37.22 12.50
N MET E 855 106.32 37.90 12.26
CA MET E 855 105.43 38.30 13.34
C MET E 855 104.48 37.18 13.77
N ALA E 856 104.26 37.07 15.08
CA ALA E 856 103.42 36.02 15.66
C ALA E 856 102.18 36.58 16.36
N ASN E 857 101.70 37.71 15.85
CA ASN E 857 100.54 38.43 16.41
C ASN E 857 99.28 37.69 16.84
N ASN E 858 98.78 36.79 16.00
CA ASN E 858 97.52 36.13 16.30
C ASN E 858 97.41 35.12 17.44
N THR E 859 98.44 35.07 18.28
CA THR E 859 98.44 34.27 19.50
C THR E 859 98.96 35.24 20.54
N ALA E 860 98.06 35.80 21.33
CA ALA E 860 98.44 36.76 22.37
C ALA E 860 97.58 36.52 23.60
N LEU E 861 98.23 36.45 24.76
CA LEU E 861 97.51 36.22 26.01
C LEU E 861 97.17 37.54 26.68
N VAL E 862 95.94 37.67 27.16
CA VAL E 862 95.52 38.89 27.83
C VAL E 862 94.52 38.60 28.94
N GLU E 863 94.21 39.65 29.69
CA GLU E 863 93.21 39.57 30.74
C GLU E 863 92.37 40.81 30.46
N ILE E 864 91.09 40.75 30.75
CA ILE E 864 90.22 41.91 30.53
C ILE E 864 89.43 42.14 31.79
N GLU E 865 88.99 43.39 31.96
CA GLU E 865 88.20 43.79 33.12
C GLU E 865 87.48 45.08 32.77
N LYS E 866 86.42 45.38 33.52
CA LYS E 866 85.68 46.62 33.28
C LYS E 866 86.69 47.72 33.57
N TRP E 867 86.69 48.75 32.74
CA TRP E 867 87.62 49.85 32.92
C TRP E 867 87.20 50.75 34.07
N ASP E 868 88.14 51.04 34.98
CA ASP E 868 87.85 51.90 36.12
C ASP E 868 88.09 53.38 35.83
N GLY E 869 88.49 53.68 34.60
CA GLY E 869 88.72 55.07 34.23
C GLY E 869 90.14 55.57 34.39
N ASP E 870 91.04 54.75 34.93
CA ASP E 870 92.43 55.17 35.12
C ASP E 870 93.20 55.17 33.79
N LYS E 871 94.30 55.91 33.73
CA LYS E 871 95.09 56.00 32.51
C LYS E 871 96.21 54.96 32.43
N TYR E 872 96.49 54.29 33.55
CA TYR E 872 97.52 53.26 33.63
C TYR E 872 98.86 53.63 33.01
N GLU E 873 99.51 54.66 33.53
CA GLU E 873 100.81 55.06 33.01
C GLU E 873 101.86 54.22 33.74
N ILE E 874 101.98 52.96 33.32
CA ILE E 874 102.91 52.03 33.94
C ILE E 874 103.79 51.28 32.94
N TYR E 875 103.71 51.65 31.67
CA TYR E 875 104.51 50.96 30.67
C TYR E 875 105.72 51.77 30.19
N MET F 1 48.83 52.71 -12.63
CA MET F 1 50.14 53.21 -12.12
C MET F 1 50.99 52.11 -11.51
N GLU F 2 52.21 51.97 -12.04
CA GLU F 2 53.16 50.96 -11.57
C GLU F 2 53.81 51.46 -10.29
N GLN F 3 54.03 50.57 -9.33
CA GLN F 3 54.63 50.93 -8.04
C GLN F 3 55.95 50.23 -7.80
N TYR F 4 56.77 50.82 -6.94
CA TYR F 4 58.06 50.24 -6.59
C TYR F 4 57.90 49.28 -5.41
N TYR F 5 58.74 48.25 -5.39
CA TYR F 5 58.74 47.27 -4.30
C TYR F 5 60.17 46.79 -4.10
N MET F 6 60.50 46.39 -2.88
CA MET F 6 61.83 45.89 -2.58
C MET F 6 61.71 44.58 -1.83
N VAL F 7 62.55 43.61 -2.19
CA VAL F 7 62.55 42.30 -1.53
C VAL F 7 63.94 42.08 -0.97
N ILE F 8 64.02 41.79 0.33
CA ILE F 8 65.30 41.57 0.99
C ILE F 8 65.42 40.13 1.49
N ASP F 9 66.49 39.46 1.07
CA ASP F 9 66.71 38.06 1.47
C ASP F 9 67.63 38.01 2.68
N VAL F 10 67.03 37.85 3.85
CA VAL F 10 67.73 37.77 5.12
C VAL F 10 68.83 36.71 5.11
N ALA F 11 68.57 35.58 4.45
CA ALA F 11 69.54 34.48 4.41
C ALA F 11 70.81 34.86 3.66
N LYS F 12 70.77 35.95 2.90
CA LYS F 12 71.96 36.37 2.16
C LYS F 12 72.72 37.54 2.76
N CYS F 13 72.17 38.19 3.81
CA CYS F 13 72.87 39.33 4.42
C CYS F 13 74.09 38.87 5.18
N GLN F 14 75.21 39.55 4.98
CA GLN F 14 76.43 39.23 5.72
C GLN F 14 76.86 40.46 6.54
N ASP F 15 76.03 41.49 6.52
CA ASP F 15 76.31 42.72 7.27
C ASP F 15 77.64 43.42 6.90
N CYS F 16 77.97 43.51 5.61
CA CYS F 16 79.22 44.19 5.20
C CYS F 16 78.99 45.68 5.27
N ASN F 17 77.72 46.07 5.32
CA ASN F 17 77.35 47.47 5.38
C ASN F 17 77.59 48.29 4.11
N ASN F 18 77.66 47.62 2.96
CA ASN F 18 77.85 48.33 1.70
C ASN F 18 76.62 49.25 1.48
N CYS F 19 75.45 48.81 1.96
CA CYS F 19 74.18 49.57 1.87
C CYS F 19 74.36 50.94 2.43
N PHE F 20 74.44 50.86 3.76
CA PHE F 20 74.56 51.97 4.67
C PHE F 20 75.60 52.95 4.20
N MET F 21 76.75 52.43 3.82
CA MET F 21 77.81 53.30 3.33
C MET F 21 77.30 53.95 2.05
N GLY F 22 76.42 53.24 1.35
CA GLY F 22 75.83 53.77 0.14
C GLY F 22 74.95 54.98 0.43
N CYS F 23 74.11 54.95 1.48
CA CYS F 23 73.28 56.14 1.79
C CYS F 23 74.11 57.31 2.10
N MET F 24 75.05 57.07 3.02
CA MET F 24 75.92 58.12 3.48
C MET F 24 76.61 58.75 2.29
N ASP F 25 77.16 57.91 1.42
CA ASP F 25 77.83 58.40 0.23
C ASP F 25 76.88 59.30 -0.57
N GLU F 26 75.62 58.90 -0.63
CA GLU F 26 74.62 59.65 -1.38
C GLU F 26 74.03 60.86 -0.65
N HIS F 27 73.87 60.75 0.65
CA HIS F 27 73.21 61.79 1.44
C HIS F 27 73.97 62.62 2.47
N GLU F 28 75.05 62.12 3.03
CA GLU F 28 75.77 62.88 4.05
C GLU F 28 76.40 64.19 3.58
N LEU F 29 77.01 64.19 2.41
CA LEU F 29 77.65 65.38 1.87
C LEU F 29 76.88 66.06 0.74
N ASN F 30 75.77 65.47 0.31
CA ASN F 30 74.97 66.05 -0.75
C ASN F 30 73.60 66.48 -0.26
N GLU F 31 73.06 67.50 -0.90
CA GLU F 31 71.73 68.00 -0.58
C GLU F 31 70.93 67.79 -1.85
N TRP F 32 69.71 67.29 -1.71
CA TRP F 32 68.86 67.05 -2.88
C TRP F 32 67.56 67.85 -2.78
N PRO F 33 67.58 69.09 -3.29
CA PRO F 33 66.42 69.98 -3.27
C PRO F 33 65.13 69.28 -3.67
N GLY F 34 64.13 69.39 -2.80
CA GLY F 34 62.85 68.76 -3.07
C GLY F 34 62.69 67.41 -2.41
N TYR F 35 63.81 66.75 -2.12
CA TYR F 35 63.77 65.42 -1.52
C TYR F 35 64.27 65.37 -0.09
N THR F 36 65.44 65.95 0.16
CA THR F 36 65.99 65.93 1.51
C THR F 36 67.27 66.75 1.62
N ALA F 37 67.52 67.24 2.83
CA ALA F 37 68.73 68.00 3.10
C ALA F 37 69.77 66.93 3.37
N SER F 38 71.01 67.33 3.66
CA SER F 38 72.05 66.35 3.91
C SER F 38 71.73 65.56 5.17
N MET F 39 72.14 64.29 5.17
CA MET F 39 71.93 63.38 6.27
C MET F 39 72.85 63.73 7.46
N GLN F 40 72.38 63.45 8.68
CA GLN F 40 73.18 63.70 9.86
C GLN F 40 74.00 62.47 10.21
N ARG F 41 75.29 62.67 10.49
CA ARG F 41 76.16 61.56 10.86
C ARG F 41 75.59 60.84 12.08
N GLY F 42 75.47 59.51 11.98
CA GLY F 42 74.92 58.75 13.08
C GLY F 42 73.54 58.20 12.79
N HIS F 43 72.82 58.84 11.88
CA HIS F 43 71.48 58.39 11.50
C HIS F 43 71.58 57.06 10.76
N ARG F 44 70.50 56.28 10.81
CA ARG F 44 70.48 55.00 10.14
C ARG F 44 69.22 54.85 9.28
N TRP F 45 69.13 55.61 8.20
CA TRP F 45 67.98 55.52 7.31
C TRP F 45 67.88 54.06 6.90
N MET F 46 69.06 53.47 6.71
CA MET F 46 69.18 52.05 6.39
C MET F 46 69.75 51.49 7.68
N ASN F 47 68.92 50.76 8.42
CA ASN F 47 69.33 50.20 9.70
C ASN F 47 69.47 48.68 9.62
N ILE F 48 70.69 48.19 9.70
CA ILE F 48 70.94 46.75 9.63
C ILE F 48 70.90 46.13 11.02
N GLU F 49 69.79 45.47 11.32
CA GLU F 49 69.60 44.82 12.60
C GLU F 49 70.39 43.52 12.65
N ARG F 50 70.95 43.23 13.82
CA ARG F 50 71.77 42.04 14.01
C ARG F 50 71.19 41.19 15.13
N ARG F 51 71.07 39.89 14.90
CA ARG F 51 70.52 39.03 15.94
C ARG F 51 71.19 37.66 16.03
N GLU F 52 71.85 37.42 17.16
CA GLU F 52 72.51 36.14 17.42
C GLU F 52 71.48 35.21 18.05
N ARG F 53 71.56 33.92 17.73
CA ARG F 53 70.64 32.95 18.30
C ARG F 53 71.41 31.75 18.83
N GLY F 54 70.84 31.08 19.82
CA GLY F 54 71.47 29.91 20.39
C GLY F 54 72.67 30.18 21.27
N THR F 55 73.41 29.11 21.57
CA THR F 55 74.59 29.21 22.43
C THR F 55 75.75 28.41 21.86
N TYR F 56 76.97 28.87 22.11
CA TYR F 56 78.16 28.18 21.65
C TYR F 56 78.04 26.72 22.08
N PRO F 57 78.42 25.77 21.21
CA PRO F 57 78.98 25.93 19.87
C PRO F 57 77.98 25.79 18.72
N ARG F 58 76.70 25.71 19.02
CA ARG F 58 75.68 25.56 17.97
C ARG F 58 74.80 26.79 17.85
N ASN F 59 75.45 27.95 17.82
CA ASN F 59 74.80 29.24 17.72
C ASN F 59 74.90 29.73 16.28
N ASP F 60 74.21 30.83 15.99
CA ASP F 60 74.27 31.42 14.67
C ASP F 60 73.87 32.89 14.77
N ILE F 61 73.86 33.58 13.64
CA ILE F 61 73.50 34.99 13.62
C ILE F 61 72.96 35.34 12.25
N ASN F 62 71.98 36.23 12.23
CA ASN F 62 71.37 36.68 10.99
C ASN F 62 71.15 38.18 11.05
N TYR F 63 71.01 38.81 9.88
CA TYR F 63 70.85 40.24 9.80
C TYR F 63 69.62 40.66 9.01
N ARG F 64 69.05 41.81 9.36
CA ARG F 64 67.87 42.31 8.66
C ARG F 64 68.02 43.76 8.23
N PRO F 65 68.45 44.00 6.97
CA PRO F 65 68.60 45.37 6.50
C PRO F 65 67.21 45.99 6.65
N THR F 66 67.12 47.19 7.24
CA THR F 66 65.83 47.82 7.46
C THR F 66 65.75 49.29 7.05
N PRO F 67 65.22 49.56 5.86
CA PRO F 67 65.08 50.94 5.38
C PRO F 67 63.66 51.37 5.72
N CYS F 68 63.15 52.37 5.02
CA CYS F 68 61.77 52.82 5.22
C CYS F 68 60.94 51.71 4.63
N MET F 69 59.77 51.45 5.21
CA MET F 69 58.89 50.42 4.66
C MET F 69 58.01 51.02 3.55
N HIS F 70 57.99 52.35 3.46
CA HIS F 70 57.17 53.07 2.48
C HIS F 70 55.82 52.35 2.37
N CYS F 71 55.24 52.05 3.51
CA CYS F 71 54.00 51.30 3.53
C CYS F 71 52.82 51.97 2.80
N GLU F 72 51.95 51.12 2.26
CA GLU F 72 50.80 51.55 1.47
C GLU F 72 49.76 52.30 2.31
N ASN F 73 49.72 51.99 3.59
CA ASN F 73 48.79 52.65 4.52
C ASN F 73 49.65 53.30 5.59
N ALA F 74 50.42 54.30 5.16
CA ALA F 74 51.36 55.00 6.05
C ALA F 74 50.80 55.89 7.15
N PRO F 75 51.12 55.55 8.42
CA PRO F 75 50.68 56.29 9.59
C PRO F 75 51.23 57.72 9.65
N CYS F 76 52.45 57.96 9.18
CA CYS F 76 52.92 59.34 9.26
C CYS F 76 52.35 60.24 8.19
N VAL F 77 51.81 59.66 7.12
CA VAL F 77 51.18 60.50 6.11
C VAL F 77 49.85 60.88 6.76
N ALA F 78 49.21 59.88 7.38
CA ALA F 78 47.92 60.07 8.03
C ALA F 78 47.97 61.04 9.21
N LYS F 79 49.08 61.06 9.93
CA LYS F 79 49.20 61.96 11.07
C LYS F 79 50.32 62.97 10.93
N GLY F 80 50.85 63.13 9.73
CA GLY F 80 51.93 64.07 9.50
C GLY F 80 51.44 65.48 9.19
N ASN F 81 50.12 65.65 9.16
CA ASN F 81 49.50 66.94 8.90
C ASN F 81 50.04 67.64 7.66
N GLY F 82 50.34 66.87 6.62
CA GLY F 82 50.84 67.45 5.39
C GLY F 82 52.36 67.54 5.28
N ALA F 83 53.07 67.17 6.34
CA ALA F 83 54.54 67.23 6.32
C ALA F 83 55.12 66.01 5.63
N VAL F 84 54.28 64.99 5.42
CA VAL F 84 54.67 63.75 4.77
C VAL F 84 53.61 63.41 3.73
N TYR F 85 54.03 62.99 2.54
CA TYR F 85 53.08 62.63 1.49
C TYR F 85 53.47 61.32 0.81
N GLN F 86 52.50 60.76 0.09
CA GLN F 86 52.70 59.49 -0.60
C GLN F 86 52.54 59.69 -2.11
N ARG F 87 53.53 59.25 -2.88
CA ARG F 87 53.48 59.40 -4.33
C ARG F 87 52.73 58.26 -4.98
N GLU F 88 52.31 58.47 -6.22
CA GLU F 88 51.58 57.47 -6.98
C GLU F 88 52.37 56.17 -7.11
N ASP F 89 53.69 56.28 -7.21
CA ASP F 89 54.55 55.10 -7.34
C ASP F 89 54.82 54.40 -6.01
N GLY F 90 54.15 54.84 -4.95
CA GLY F 90 54.31 54.22 -3.65
C GLY F 90 55.36 54.80 -2.71
N ILE F 91 56.25 55.63 -3.22
CA ILE F 91 57.28 56.21 -2.36
C ILE F 91 56.68 57.23 -1.40
N VAL F 92 57.02 57.09 -0.13
CA VAL F 92 56.54 58.00 0.92
C VAL F 92 57.68 58.94 1.22
N LEU F 93 57.44 60.25 1.06
CA LEU F 93 58.48 61.24 1.31
C LEU F 93 58.09 62.33 2.30
N ILE F 94 59.06 62.72 3.12
CA ILE F 94 58.88 63.81 4.07
C ILE F 94 59.13 65.09 3.26
N ASP F 95 58.32 66.12 3.46
CA ASP F 95 58.55 67.39 2.77
C ASP F 95 59.65 68.03 3.61
N PRO F 96 60.85 68.18 3.03
CA PRO F 96 62.03 68.78 3.67
C PRO F 96 61.84 70.13 4.36
N GLU F 97 60.95 70.95 3.82
CA GLU F 97 60.72 72.27 4.39
C GLU F 97 59.52 72.31 5.33
N LYS F 98 58.42 71.68 4.94
CA LYS F 98 57.23 71.66 5.77
C LYS F 98 57.48 70.95 7.09
N ALA F 99 58.35 69.94 7.07
CA ALA F 99 58.63 69.17 8.27
C ALA F 99 59.55 69.88 9.27
N LYS F 100 60.25 70.91 8.83
CA LYS F 100 61.16 71.63 9.72
C LYS F 100 60.52 72.05 11.03
N GLY F 101 61.21 71.79 12.13
CA GLY F 101 60.72 72.15 13.44
C GLY F 101 59.72 71.23 14.11
N LYS F 102 59.46 70.06 13.51
CA LYS F 102 58.50 69.13 14.09
C LYS F 102 59.04 67.77 14.53
N LYS F 103 59.59 67.70 15.73
CA LYS F 103 60.14 66.47 16.28
C LYS F 103 59.08 65.39 16.46
N GLU F 104 57.82 65.82 16.57
CA GLU F 104 56.71 64.90 16.78
C GLU F 104 56.53 63.88 15.65
N LEU F 105 57.00 64.22 14.45
CA LEU F 105 56.87 63.30 13.32
C LEU F 105 57.49 61.93 13.58
N LEU F 106 58.60 61.91 14.32
CA LEU F 106 59.29 60.67 14.63
C LEU F 106 58.35 59.65 15.29
N ASP F 107 57.48 60.14 16.15
CA ASP F 107 56.54 59.29 16.89
C ASP F 107 55.41 58.70 16.05
N THR F 108 55.16 59.25 14.87
CA THR F 108 54.09 58.74 14.03
C THR F 108 54.54 57.44 13.36
N CYS F 109 55.78 57.05 13.62
CA CYS F 109 56.34 55.83 13.02
C CYS F 109 56.36 54.59 13.86
N PRO F 110 55.54 53.59 13.52
CA PRO F 110 55.54 52.36 14.32
C PRO F 110 56.88 51.63 14.14
N TYR F 111 57.54 51.87 13.02
CA TYR F 111 58.82 51.21 12.75
C TYR F 111 60.04 51.98 13.24
N GLY F 112 59.84 53.24 13.60
CA GLY F 112 60.93 54.06 14.09
C GLY F 112 62.07 54.20 13.11
N VAL F 113 61.75 54.47 11.85
CA VAL F 113 62.77 54.62 10.83
C VAL F 113 63.12 56.09 10.58
N MET F 114 62.48 56.98 11.32
CA MET F 114 62.74 58.41 11.19
C MET F 114 63.77 58.87 12.20
N TYR F 115 64.66 59.76 11.76
CA TYR F 115 65.71 60.30 12.62
C TYR F 115 65.70 61.83 12.60
N TRP F 116 65.94 62.42 13.76
CA TRP F 116 65.94 63.87 13.89
C TRP F 116 67.31 64.48 13.57
N ASN F 117 67.33 65.37 12.59
CA ASN F 117 68.56 66.05 12.20
C ASN F 117 68.65 67.33 13.02
N GLU F 118 69.63 67.39 13.91
CA GLU F 118 69.84 68.54 14.80
C GLU F 118 70.14 69.84 14.07
N GLU F 119 71.05 69.79 13.10
CA GLU F 119 71.43 70.99 12.35
C GLU F 119 70.34 71.55 11.47
N GLU F 120 69.59 70.67 10.82
CA GLU F 120 68.51 71.09 9.94
C GLU F 120 67.19 71.21 10.70
N ASN F 121 67.17 70.72 11.94
CA ASN F 121 65.96 70.76 12.76
C ASN F 121 64.79 70.19 11.98
N VAL F 122 64.96 68.95 11.50
CA VAL F 122 63.91 68.30 10.74
C VAL F 122 64.05 66.79 10.79
N ALA F 123 62.93 66.10 10.65
CA ALA F 123 62.94 64.65 10.64
C ALA F 123 63.44 64.20 9.27
N GLN F 124 64.21 63.12 9.25
CA GLN F 124 64.73 62.61 7.99
C GLN F 124 64.64 61.09 8.01
N LYS F 125 64.60 60.50 6.82
CA LYS F 125 64.55 59.06 6.70
C LYS F 125 64.69 58.60 5.27
N CYS F 126 64.59 57.29 5.10
CA CYS F 126 64.65 56.64 3.79
C CYS F 126 63.81 57.39 2.77
N THR F 127 64.38 57.71 1.61
CA THR F 127 63.61 58.37 0.56
C THR F 127 63.55 57.43 -0.65
N MET F 128 64.15 56.25 -0.49
CA MET F 128 64.26 55.24 -1.56
C MET F 128 64.95 55.91 -2.75
N CYS F 129 65.94 56.77 -2.45
CA CYS F 129 66.65 57.60 -3.45
C CYS F 129 65.75 57.95 -4.61
N ALA F 130 64.62 58.58 -4.27
CA ALA F 130 63.65 59.00 -5.26
C ALA F 130 64.30 59.95 -6.26
N HIS F 131 65.25 60.74 -5.78
CA HIS F 131 65.94 61.68 -6.65
C HIS F 131 66.68 60.94 -7.75
N LEU F 132 67.16 59.74 -7.44
CA LEU F 132 67.87 58.92 -8.42
C LEU F 132 66.86 58.19 -9.31
N LEU F 133 65.79 57.68 -8.71
CA LEU F 133 64.77 56.96 -9.47
C LEU F 133 64.06 57.92 -10.42
N ASP F 134 64.01 59.19 -10.05
CA ASP F 134 63.37 60.22 -10.88
C ASP F 134 64.27 60.75 -11.97
N ASP F 135 65.53 60.34 -11.97
CA ASP F 135 66.47 60.80 -12.98
C ASP F 135 66.82 59.66 -13.96
N GLU F 136 66.57 59.91 -15.24
CA GLU F 136 66.86 58.94 -16.28
C GLU F 136 68.34 58.66 -16.40
N SER F 137 69.17 59.66 -16.14
CA SER F 137 70.62 59.52 -16.21
C SER F 137 71.17 58.43 -15.30
N TRP F 138 70.48 58.16 -14.20
CA TRP F 138 70.92 57.11 -13.27
C TRP F 138 70.60 55.77 -13.92
N ALA F 139 71.58 55.24 -14.66
CA ALA F 139 71.43 53.99 -15.38
C ALA F 139 70.97 52.79 -14.57
N PRO F 140 71.48 52.60 -13.35
CA PRO F 140 71.07 51.47 -12.53
C PRO F 140 69.57 51.37 -12.28
N LYS F 141 68.91 52.51 -12.22
CA LYS F 141 67.46 52.55 -11.97
C LYS F 141 67.07 51.81 -10.70
N MET F 142 67.91 51.90 -9.67
CA MET F 142 67.63 51.26 -8.39
C MET F 142 68.34 52.08 -7.30
N PRO F 143 67.88 51.98 -6.05
CA PRO F 143 68.49 52.73 -4.95
C PRO F 143 69.94 52.36 -4.71
N ARG F 144 70.66 53.20 -3.96
CA ARG F 144 72.07 52.93 -3.66
C ARG F 144 72.30 51.61 -2.86
N CYS F 145 71.36 51.23 -1.98
CA CYS F 145 71.49 49.97 -1.20
C CYS F 145 71.71 48.84 -2.16
N ALA F 146 70.62 48.63 -2.89
CA ALA F 146 70.48 47.58 -3.88
C ALA F 146 71.65 47.55 -4.82
N HIS F 147 72.08 48.72 -5.28
CA HIS F 147 73.20 48.78 -6.20
C HIS F 147 74.56 48.49 -5.57
N ASN F 148 74.71 48.84 -4.29
CA ASN F 148 75.98 48.59 -3.61
C ASN F 148 76.13 47.16 -3.10
N CYS F 149 75.03 46.40 -2.95
CA CYS F 149 75.15 45.00 -2.48
C CYS F 149 76.09 44.21 -3.33
N GLY F 150 76.93 43.42 -2.66
CA GLY F 150 77.82 42.52 -3.38
C GLY F 150 77.36 41.11 -3.02
N SER F 151 76.25 41.03 -2.26
CA SER F 151 75.73 39.73 -1.81
C SER F 151 74.39 39.24 -2.35
N PHE F 152 73.86 39.95 -3.34
CA PHE F 152 72.60 39.56 -3.97
C PHE F 152 71.42 39.46 -3.02
N VAL F 153 71.39 40.36 -2.04
CA VAL F 153 70.32 40.39 -1.07
C VAL F 153 69.05 41.08 -1.59
N TYR F 154 69.25 42.16 -2.35
CA TYR F 154 68.13 42.96 -2.86
C TYR F 154 67.57 42.62 -4.23
N GLU F 155 66.26 42.84 -4.33
CA GLU F 155 65.53 42.67 -5.57
C GLU F 155 64.61 43.89 -5.58
N PHE F 156 64.94 44.86 -6.45
CA PHE F 156 64.18 46.08 -6.56
C PHE F 156 63.38 46.04 -7.85
N LEU F 157 62.07 46.21 -7.75
CA LEU F 157 61.24 46.16 -8.94
C LEU F 157 60.14 47.20 -8.98
N LYS F 158 59.63 47.44 -10.18
CA LYS F 158 58.54 48.37 -10.40
C LYS F 158 57.54 47.57 -11.20
N THR F 159 56.39 47.31 -10.60
CA THR F 159 55.36 46.52 -11.27
C THR F 159 53.99 46.81 -10.68
N THR F 160 53.02 45.98 -11.06
CA THR F 160 51.65 46.13 -10.59
C THR F 160 51.46 45.40 -9.27
N PRO F 161 50.42 45.77 -8.51
CA PRO F 161 50.15 45.12 -7.22
C PRO F 161 49.86 43.64 -7.42
N GLU F 162 49.21 43.32 -8.54
CA GLU F 162 48.86 41.94 -8.88
C GLU F 162 50.12 41.10 -9.00
N ALA F 163 51.08 41.59 -9.78
CA ALA F 163 52.34 40.87 -9.99
C ALA F 163 53.09 40.70 -8.67
N MET F 164 53.16 41.77 -7.88
CA MET F 164 53.85 41.70 -6.60
C MET F 164 53.17 40.68 -5.70
N ALA F 165 51.83 40.72 -5.69
CA ALA F 165 51.04 39.81 -4.87
C ALA F 165 51.34 38.35 -5.23
N LYS F 166 51.47 38.09 -6.52
CA LYS F 166 51.78 36.74 -6.99
C LYS F 166 53.14 36.31 -6.45
N LYS F 167 54.12 37.21 -6.60
CA LYS F 167 55.47 36.95 -6.14
C LYS F 167 55.49 36.69 -4.65
N VAL F 168 54.76 37.50 -3.90
CA VAL F 168 54.69 37.36 -2.45
C VAL F 168 54.23 35.96 -2.08
N GLU F 169 53.19 35.50 -2.75
CA GLU F 169 52.66 34.16 -2.50
C GLU F 169 53.65 33.07 -2.88
N GLU F 170 54.16 33.13 -4.10
CA GLU F 170 55.10 32.13 -4.60
C GLU F 170 56.34 31.97 -3.73
N GLU F 171 56.92 33.09 -3.31
CA GLU F 171 58.14 33.07 -2.52
C GLU F 171 57.97 33.12 -1.01
N GLY F 172 56.72 33.17 -0.54
CA GLY F 172 56.47 33.23 0.88
C GLY F 172 57.04 34.46 1.54
N LEU F 173 57.06 35.57 0.81
CA LEU F 173 57.58 36.82 1.33
C LEU F 173 56.74 37.31 2.50
N GLU F 174 57.37 38.00 3.43
CA GLU F 174 56.68 38.52 4.61
C GLU F 174 57.11 39.95 4.90
N VAL F 175 56.40 40.61 5.80
CA VAL F 175 56.73 41.97 6.18
C VAL F 175 56.90 42.03 7.69
N ILE F 176 57.48 43.12 8.17
CA ILE F 176 57.69 43.30 9.60
C ILE F 176 56.39 43.85 10.19
N LYS F 177 56.02 43.34 11.37
CA LYS F 177 54.80 43.79 12.06
C LYS F 177 53.57 43.89 11.17
N PRO F 178 53.20 42.77 10.49
CA PRO F 178 52.03 42.77 9.61
C PRO F 178 50.76 43.17 10.34
N GLU F 179 50.66 42.77 11.61
CA GLU F 179 49.49 43.07 12.44
C GLU F 179 49.09 44.53 12.50
N LEU F 180 50.03 45.44 12.28
CA LEU F 180 49.73 46.86 12.33
C LEU F 180 48.93 47.33 11.11
N GLY F 181 48.92 46.50 10.07
CA GLY F 181 48.19 46.82 8.85
C GLY F 181 48.67 48.02 8.07
N THR F 182 49.94 48.38 8.19
CA THR F 182 50.47 49.52 7.45
C THR F 182 50.77 49.13 6.01
N LYS F 183 50.93 47.82 5.77
CA LYS F 183 51.22 47.28 4.45
C LYS F 183 52.51 47.76 3.79
N PRO F 184 53.65 47.35 4.35
CA PRO F 184 54.97 47.73 3.80
C PRO F 184 55.11 47.25 2.36
N ARG F 185 55.92 47.96 1.57
CA ARG F 185 56.16 47.54 0.20
C ARG F 185 57.58 46.97 0.16
N VAL F 186 58.16 46.84 1.34
CA VAL F 186 59.49 46.25 1.50
C VAL F 186 59.24 44.87 2.09
N TYR F 187 59.53 43.84 1.31
CA TYR F 187 59.31 42.47 1.73
C TYR F 187 60.59 41.75 2.09
N TYR F 188 60.45 40.68 2.88
CA TYR F 188 61.58 39.89 3.33
C TYR F 188 61.43 38.42 2.98
N LYS F 189 62.53 37.84 2.52
CA LYS F 189 62.58 36.43 2.16
C LYS F 189 63.37 35.79 3.30
N ASN F 190 62.97 34.59 3.72
CA ASN F 190 63.64 33.88 4.80
C ASN F 190 63.66 34.68 6.10
N LEU F 191 62.60 35.45 6.35
CA LEU F 191 62.52 36.27 7.56
C LEU F 191 62.59 35.44 8.85
N TYR F 192 62.23 34.16 8.77
CA TYR F 192 62.25 33.30 9.95
C TYR F 192 63.63 33.24 10.60
N ARG F 193 64.68 33.46 9.79
CA ARG F 193 66.06 33.43 10.29
C ARG F 193 66.27 34.48 11.38
N PHE F 194 65.61 35.62 11.22
CA PHE F 194 65.72 36.73 12.14
C PHE F 194 64.65 36.74 13.23
N GLU F 195 63.41 36.41 12.85
CA GLU F 195 62.30 36.45 13.80
C GLU F 195 61.96 35.18 14.56
N LYS F 196 62.36 34.02 14.04
CA LYS F 196 62.03 32.77 14.72
C LYS F 196 63.22 32.11 15.42
N ASN F 197 63.02 30.89 15.88
CA ASN F 197 64.07 30.17 16.60
C ASN F 197 64.20 28.71 16.21
N TYR F 198 65.23 28.05 16.74
CA TYR F 198 65.46 26.67 16.40
C TYR F 198 65.87 25.80 17.57
N VAL F 199 65.93 24.50 17.31
CA VAL F 199 66.37 23.52 18.29
C VAL F 199 67.40 22.68 17.51
N THR F 200 68.51 22.36 18.16
CA THR F 200 69.55 21.60 17.50
C THR F 200 70.29 20.71 18.49
N ALA F 201 71.03 19.74 17.97
CA ALA F 201 71.79 18.83 18.81
C ALA F 201 72.70 17.95 17.96
N GLY F 202 73.55 17.19 18.63
CA GLY F 202 74.46 16.30 17.94
C GLY F 202 74.28 14.90 18.50
N ILE F 203 74.02 13.93 17.63
CA ILE F 203 73.81 12.55 18.08
C ILE F 203 75.07 11.70 17.98
N LEU F 204 75.37 10.99 19.06
CA LEU F 204 76.53 10.11 19.13
C LEU F 204 76.09 8.68 19.43
N VAL F 205 76.70 7.74 18.74
CA VAL F 205 76.43 6.34 18.97
C VAL F 205 77.80 5.73 19.22
N GLN F 206 77.97 5.18 20.42
CA GLN F 206 79.24 4.59 20.82
C GLN F 206 80.43 5.52 20.64
N GLY F 207 80.25 6.78 21.02
CA GLY F 207 81.33 7.75 20.93
C GLY F 207 81.59 8.48 19.64
N ASP F 208 80.92 8.10 18.55
CA ASP F 208 81.13 8.78 17.28
C ASP F 208 79.86 9.41 16.72
N CYS F 209 80.03 10.50 15.98
CA CYS F 209 78.90 11.20 15.37
C CYS F 209 78.12 10.22 14.50
N PHE F 210 76.81 10.14 14.73
CA PHE F 210 75.99 9.22 13.96
C PHE F 210 75.19 9.91 12.86
N GLU F 211 75.44 9.47 11.63
CA GLU F 211 74.77 10.01 10.46
C GLU F 211 73.58 9.14 10.07
N GLY F 212 72.51 9.77 9.62
CA GLY F 212 71.32 9.03 9.22
C GLY F 212 70.32 8.68 10.31
N ALA F 213 70.47 9.28 11.50
CA ALA F 213 69.53 9.01 12.57
C ALA F 213 68.27 9.79 12.22
N LYS F 214 67.11 9.18 12.43
CA LYS F 214 65.85 9.85 12.12
C LYS F 214 65.39 10.68 13.30
N VAL F 215 65.13 11.96 13.04
CA VAL F 215 64.71 12.88 14.08
C VAL F 215 63.36 13.49 13.71
N VAL F 216 62.45 13.52 14.68
CA VAL F 216 61.12 14.07 14.46
C VAL F 216 60.81 15.11 15.53
N LEU F 217 60.27 16.24 15.10
CA LEU F 217 59.90 17.30 16.04
C LEU F 217 58.39 17.28 16.16
N LYS F 218 57.89 17.24 17.39
CA LYS F 218 56.45 17.22 17.63
C LYS F 218 55.98 18.33 18.57
N SER F 219 54.74 18.76 18.36
CA SER F 219 54.14 19.78 19.21
C SER F 219 52.69 19.34 19.45
N GLY F 220 52.34 19.17 20.72
CA GLY F 220 51.00 18.74 21.06
C GLY F 220 50.75 17.31 20.63
N GLY F 221 51.81 16.63 20.20
CA GLY F 221 51.67 15.25 19.78
C GLY F 221 51.74 15.02 18.28
N LYS F 222 51.68 16.09 17.49
CA LYS F 222 51.73 15.98 16.04
C LYS F 222 53.08 16.38 15.47
N GLU F 223 53.51 15.69 14.41
CA GLU F 223 54.79 15.98 13.78
C GLU F 223 54.77 17.35 13.11
N VAL F 224 55.79 18.16 13.40
CA VAL F 224 55.89 19.51 12.85
C VAL F 224 57.07 19.57 11.89
N ALA F 225 57.98 18.61 11.99
CA ALA F 225 59.15 18.57 11.14
C ALA F 225 59.93 17.30 11.38
N SER F 226 60.72 16.90 10.38
CA SER F 226 61.52 15.70 10.52
C SER F 226 62.81 15.86 9.72
N ALA F 227 63.84 15.11 10.10
CA ALA F 227 65.10 15.19 9.40
C ALA F 227 66.03 14.08 9.82
N GLU F 228 67.10 13.89 9.05
CA GLU F 228 68.10 12.88 9.35
C GLU F 228 69.39 13.62 9.64
N THR F 229 70.13 13.17 10.64
CA THR F 229 71.38 13.80 11.01
C THR F 229 72.44 13.72 9.93
N ASN F 230 73.27 14.76 9.82
CA ASN F 230 74.35 14.78 8.84
C ASN F 230 75.54 14.00 9.40
N PHE F 231 76.70 14.08 8.75
CA PHE F 231 77.85 13.32 9.23
C PHE F 231 78.46 13.82 10.53
N PHE F 232 77.95 14.93 11.06
CA PHE F 232 78.43 15.44 12.33
C PHE F 232 77.38 15.03 13.37
N GLY F 233 76.40 14.24 12.92
CA GLY F 233 75.33 13.77 13.79
C GLY F 233 74.36 14.86 14.20
N GLU F 234 74.39 15.99 13.50
CA GLU F 234 73.53 17.11 13.83
C GLU F 234 72.26 17.27 13.00
N PHE F 235 71.29 17.93 13.61
CA PHE F 235 70.01 18.23 12.97
C PHE F 235 69.66 19.61 13.49
N LYS F 236 68.82 20.33 12.77
CA LYS F 236 68.42 21.67 13.19
C LYS F 236 67.05 22.01 12.62
N PHE F 237 66.07 22.19 13.49
CA PHE F 237 64.72 22.54 13.09
C PHE F 237 64.55 24.05 13.35
N ASP F 238 64.48 24.84 12.27
CA ASP F 238 64.35 26.29 12.38
C ASP F 238 62.91 26.74 12.16
N ALA F 239 62.69 28.05 12.13
CA ALA F 239 61.38 28.63 11.92
C ALA F 239 60.33 28.16 12.93
N LEU F 240 60.75 28.00 14.19
CA LEU F 240 59.84 27.56 15.23
C LEU F 240 59.24 28.73 16.01
N ASP F 241 57.94 28.63 16.32
CA ASP F 241 57.26 29.67 17.10
C ASP F 241 57.46 29.30 18.56
N ASN F 242 57.23 30.25 19.45
CA ASN F 242 57.40 29.97 20.86
C ASN F 242 56.41 28.89 21.31
N GLY F 243 56.83 28.11 22.30
CA GLY F 243 55.98 27.04 22.80
C GLY F 243 56.82 25.86 23.19
N GLU F 244 56.17 24.76 23.55
CA GLU F 244 56.88 23.54 23.92
C GLU F 244 56.85 22.52 22.80
N TYR F 245 57.93 21.76 22.68
CA TYR F 245 58.05 20.73 21.65
C TYR F 245 58.71 19.49 22.24
N THR F 246 58.61 18.39 21.50
CA THR F 246 59.24 17.15 21.91
C THR F 246 60.08 16.67 20.73
N VAL F 247 61.32 16.30 21.01
CA VAL F 247 62.21 15.81 19.98
C VAL F 247 62.34 14.31 20.16
N GLU F 248 62.09 13.56 19.09
CA GLU F 248 62.19 12.11 19.14
C GLU F 248 63.28 11.68 18.18
N ILE F 249 64.19 10.85 18.68
CA ILE F 249 65.31 10.38 17.89
C ILE F 249 65.39 8.87 17.83
N ASP F 250 65.70 8.34 16.65
CA ASP F 250 65.83 6.91 16.46
C ASP F 250 67.10 6.61 15.66
N ALA F 251 68.07 5.98 16.32
CA ALA F 251 69.34 5.63 15.69
C ALA F 251 69.72 4.21 16.07
N ASP F 252 70.09 3.40 15.08
CA ASP F 252 70.47 2.00 15.33
C ASP F 252 69.38 1.27 16.11
N GLY F 253 68.14 1.71 15.96
CA GLY F 253 67.06 1.06 16.68
C GLY F 253 66.96 1.61 18.09
N LYS F 254 67.97 2.39 18.49
CA LYS F 254 68.00 2.99 19.81
C LYS F 254 67.23 4.31 19.75
N SER F 255 66.35 4.53 20.72
CA SER F 255 65.54 5.74 20.75
C SER F 255 65.86 6.69 21.90
N TYR F 256 65.47 7.93 21.72
CA TYR F 256 65.70 8.98 22.69
C TYR F 256 64.66 10.08 22.44
N SER F 257 64.16 10.68 23.51
CA SER F 257 63.19 11.74 23.38
C SER F 257 63.29 12.69 24.56
N ASP F 258 62.95 13.94 24.33
CA ASP F 258 62.99 14.94 25.39
C ASP F 258 62.17 16.15 24.95
N THR F 259 61.83 17.00 25.90
CA THR F 259 61.05 18.18 25.62
C THR F 259 61.96 19.38 25.49
N VAL F 260 61.42 20.46 24.92
CA VAL F 260 62.19 21.68 24.75
C VAL F 260 61.22 22.84 24.71
N VAL F 261 61.59 23.91 25.42
CA VAL F 261 60.76 25.10 25.46
C VAL F 261 61.43 26.21 24.66
N ILE F 262 60.71 26.73 23.68
CA ILE F 262 61.21 27.81 22.83
C ILE F 262 60.55 29.10 23.30
N ASP F 263 61.33 30.01 23.86
CA ASP F 263 60.80 31.29 24.33
C ASP F 263 61.65 32.44 23.83
N ASP F 264 61.50 32.74 22.54
CA ASP F 264 62.25 33.81 21.88
C ASP F 264 63.75 33.54 21.96
N LYS F 265 64.09 32.25 22.07
CA LYS F 265 65.47 31.82 22.13
C LYS F 265 65.59 30.48 21.41
N SER F 266 66.76 30.22 20.85
CA SER F 266 66.98 28.95 20.17
C SER F 266 67.71 28.05 21.17
N VAL F 267 67.48 26.74 21.06
CA VAL F 267 68.06 25.80 22.01
C VAL F 267 69.00 24.73 21.45
N ASP F 268 70.09 24.50 22.17
CA ASP F 268 71.07 23.48 21.79
C ASP F 268 70.99 22.39 22.85
N LEU F 269 70.58 21.20 22.45
CA LEU F 269 70.45 20.10 23.39
C LEU F 269 71.80 19.44 23.68
N GLY F 270 72.85 19.95 23.04
CA GLY F 270 74.19 19.40 23.25
C GLY F 270 74.34 18.02 22.62
N PHE F 271 75.30 17.25 23.13
CA PHE F 271 75.53 15.91 22.62
C PHE F 271 74.56 14.92 23.27
N ILE F 272 73.87 14.17 22.42
CA ILE F 272 72.93 13.16 22.89
C ILE F 272 73.67 11.84 22.67
N LYS F 273 74.17 11.28 23.77
CA LYS F 273 74.95 10.06 23.71
C LYS F 273 74.13 8.78 23.74
N LEU F 274 73.98 8.17 22.58
CA LEU F 274 73.23 6.92 22.45
C LEU F 274 74.18 5.74 22.28
N MET G 1 68.89 27.90 71.79
CA MET G 1 68.69 27.79 73.26
C MET G 1 67.20 27.63 73.62
N GLY G 2 66.31 27.96 72.68
CA GLY G 2 64.89 27.84 72.96
C GLY G 2 63.96 27.86 71.76
N GLU G 3 62.67 28.04 72.03
CA GLU G 3 61.64 28.08 70.99
C GLU G 3 61.33 29.50 70.53
N VAL G 4 60.52 29.61 69.49
CA VAL G 4 60.12 30.91 68.96
C VAL G 4 59.00 31.48 69.82
N VAL G 5 59.13 32.76 70.18
CA VAL G 5 58.10 33.42 70.98
C VAL G 5 57.57 34.63 70.21
N ARG G 6 56.24 34.80 70.21
CA ARG G 6 55.64 35.93 69.53
C ARG G 6 55.43 37.07 70.50
N LEU G 7 56.09 38.20 70.25
CA LEU G 7 55.96 39.36 71.11
C LEU G 7 55.30 40.49 70.34
N THR G 8 55.08 41.60 71.03
CA THR G 8 54.44 42.74 70.39
C THR G 8 55.30 43.98 70.54
N ASN G 9 55.21 44.86 69.54
CA ASN G 9 55.90 46.13 69.57
C ASN G 9 55.19 46.96 68.51
N SER G 10 55.70 48.16 68.23
CA SER G 10 55.05 49.01 67.25
C SER G 10 56.07 49.91 66.56
N SER G 11 55.59 50.83 65.74
CA SER G 11 56.47 51.72 65.01
C SER G 11 55.70 52.84 64.35
N THR G 12 56.45 53.74 63.71
CA THR G 12 55.87 54.86 63.01
C THR G 12 55.17 54.36 61.75
N GLY G 13 55.25 53.06 61.54
CA GLY G 13 54.63 52.44 60.39
C GLY G 13 53.53 51.46 60.79
N GLY G 14 53.21 51.41 62.07
CA GLY G 14 52.17 50.51 62.55
C GLY G 14 52.62 49.46 63.53
N PRO G 15 51.68 48.86 64.28
CA PRO G 15 51.97 47.82 65.29
C PRO G 15 52.43 46.53 64.59
N VAL G 16 53.19 45.72 65.32
CA VAL G 16 53.68 44.47 64.75
C VAL G 16 53.80 43.36 65.77
N PHE G 17 53.75 42.13 65.26
CA PHE G 17 53.95 40.94 66.08
C PHE G 17 55.42 40.66 65.77
N VAL G 18 56.23 40.42 66.80
CA VAL G 18 57.64 40.17 66.58
C VAL G 18 58.00 38.77 67.05
N TYR G 19 58.45 37.93 66.13
CA TYR G 19 58.84 36.57 66.48
C TYR G 19 60.30 36.57 66.87
N VAL G 20 60.58 36.08 68.08
CA VAL G 20 61.93 36.05 68.61
C VAL G 20 62.36 34.64 69.01
N LYS G 21 63.64 34.34 68.79
CA LYS G 21 64.20 33.04 69.15
C LYS G 21 65.65 33.23 69.57
N ASP G 22 66.00 32.73 70.75
CA ASP G 22 67.35 32.84 71.26
C ASP G 22 67.87 34.28 71.21
N GLY G 23 67.04 35.22 71.66
CA GLY G 23 67.42 36.61 71.68
C GLY G 23 67.63 37.27 70.33
N LYS G 24 67.07 36.69 69.27
CA LYS G 24 67.20 37.26 67.94
C LYS G 24 65.84 37.42 67.27
N ILE G 25 65.65 38.54 66.58
CA ILE G 25 64.39 38.79 65.89
C ILE G 25 64.40 37.98 64.60
N ILE G 26 63.38 37.16 64.41
CA ILE G 26 63.28 36.32 63.23
C ILE G 26 62.47 37.03 62.14
N ARG G 27 61.37 37.65 62.54
CA ARG G 27 60.52 38.39 61.60
C ARG G 27 59.61 39.38 62.33
N MET G 28 59.01 40.27 61.57
CA MET G 28 58.07 41.28 62.10
C MET G 28 56.91 41.29 61.12
N THR G 29 55.69 41.15 61.62
CA THR G 29 54.52 41.09 60.75
C THR G 29 53.36 41.94 61.25
N PRO G 30 52.38 42.19 60.37
CA PRO G 30 51.20 42.98 60.74
C PRO G 30 50.45 42.09 61.74
N MET G 31 49.47 42.63 62.44
CA MET G 31 48.73 41.84 63.43
C MET G 31 47.34 41.39 63.04
N ASP G 32 47.07 40.10 63.15
CA ASP G 32 45.75 39.59 62.97
C ASP G 32 45.00 39.49 64.29
N PHE G 33 43.78 39.88 64.37
CA PHE G 33 43.07 39.85 65.63
C PHE G 33 42.55 38.43 65.91
N ASP G 34 42.30 38.15 67.18
CA ASP G 34 41.79 36.85 67.61
C ASP G 34 40.37 37.16 68.08
N ASP G 35 39.39 36.75 67.29
CA ASP G 35 37.99 37.03 67.62
C ASP G 35 37.50 36.45 68.94
N ALA G 36 38.28 35.55 69.54
CA ALA G 36 37.88 34.97 70.82
C ALA G 36 38.23 35.89 71.99
N VAL G 37 39.17 36.81 71.76
CA VAL G 37 39.58 37.72 72.82
C VAL G 37 39.59 39.20 72.43
N ASP G 38 39.52 39.48 71.14
CA ASP G 38 39.53 40.85 70.66
C ASP G 38 38.14 41.35 70.25
N ALA G 39 37.72 42.47 70.83
CA ALA G 39 36.41 43.05 70.56
C ALA G 39 36.07 43.22 69.08
N PRO G 40 34.78 43.10 68.74
CA PRO G 40 34.27 43.23 67.37
C PRO G 40 34.52 44.62 66.81
N SER G 41 34.60 44.71 65.48
CA SER G 41 34.84 45.99 64.81
C SER G 41 33.55 46.78 64.63
N TRP G 42 33.69 48.03 64.23
CA TRP G 42 32.54 48.88 63.98
C TRP G 42 31.96 48.45 62.63
N LYS G 43 30.75 48.90 62.36
CA LYS G 43 30.08 48.60 61.10
C LYS G 43 29.40 49.87 60.62
N ILE G 44 29.47 50.14 59.33
CA ILE G 44 28.80 51.30 58.76
C ILE G 44 27.87 50.83 57.65
N GLU G 45 26.61 51.21 57.75
CA GLU G 45 25.63 50.85 56.75
C GLU G 45 25.37 52.10 55.92
N ALA G 46 25.61 52.00 54.62
CA ALA G 46 25.41 53.13 53.72
C ALA G 46 25.09 52.68 52.32
N ARG G 47 24.28 53.48 51.63
CA ARG G 47 23.85 53.22 50.26
C ARG G 47 23.64 51.77 49.85
N GLY G 48 22.87 51.03 50.65
CA GLY G 48 22.58 49.64 50.34
C GLY G 48 23.65 48.62 50.67
N LYS G 49 24.69 49.03 51.36
CA LYS G 49 25.77 48.11 51.73
C LYS G 49 26.19 48.23 53.18
N THR G 50 26.92 47.23 53.65
CA THR G 50 27.42 47.21 55.01
C THR G 50 28.94 47.21 54.95
N PHE G 51 29.56 48.21 55.55
CA PHE G 51 31.01 48.32 55.53
C PHE G 51 31.63 48.05 56.88
N THR G 52 32.59 47.13 56.91
CA THR G 52 33.29 46.78 58.13
C THR G 52 34.74 46.49 57.75
N PRO G 53 35.70 46.99 58.54
CA PRO G 53 37.13 46.81 58.29
C PRO G 53 37.66 45.39 58.49
N PRO G 54 38.85 45.10 57.93
CA PRO G 54 39.45 43.78 58.08
C PRO G 54 39.83 43.59 59.55
N ARG G 55 39.84 42.34 60.01
CA ARG G 55 40.19 42.01 61.39
C ARG G 55 41.72 41.90 61.48
N LYS G 56 42.39 42.95 61.04
CA LYS G 56 43.84 42.95 61.01
C LYS G 56 44.37 44.38 60.87
N THR G 57 45.64 44.59 61.19
CA THR G 57 46.24 45.90 61.05
C THR G 57 47.12 45.84 59.80
N SER G 58 47.73 46.97 59.45
CA SER G 58 48.61 47.02 58.29
C SER G 58 49.86 47.80 58.65
N ILE G 59 50.92 47.63 57.86
CA ILE G 59 52.17 48.33 58.13
C ILE G 59 52.70 49.03 56.90
N ALA G 60 53.59 49.99 57.12
CA ALA G 60 54.20 50.72 56.02
C ALA G 60 55.44 49.92 55.58
N PRO G 61 55.94 50.17 54.38
CA PRO G 61 57.12 49.48 53.84
C PRO G 61 58.36 49.56 54.73
N TYR G 62 58.59 50.74 55.30
CA TYR G 62 59.76 50.96 56.16
C TYR G 62 59.65 50.20 57.48
N THR G 63 58.46 49.74 57.81
CA THR G 63 58.27 48.96 59.02
C THR G 63 58.47 47.50 58.63
N ALA G 64 57.99 47.13 57.45
CA ALA G 64 58.14 45.77 56.97
C ALA G 64 59.62 45.35 56.97
N GLY G 65 60.50 46.26 56.58
CA GLY G 65 61.91 45.94 56.55
C GLY G 65 62.72 46.55 57.68
N PHE G 66 62.04 46.94 58.76
CA PHE G 66 62.69 47.57 59.89
C PHE G 66 63.77 46.74 60.59
N LYS G 67 63.71 45.42 60.44
CA LYS G 67 64.71 44.57 61.08
C LYS G 67 66.11 44.88 60.56
N SER G 68 66.20 45.31 59.30
CA SER G 68 67.50 45.64 58.71
C SER G 68 68.08 46.92 59.28
N MET G 69 67.24 47.74 59.90
CA MET G 69 67.72 48.99 60.51
C MET G 69 68.19 48.70 61.93
N ILE G 70 67.53 47.77 62.60
CA ILE G 70 67.89 47.39 63.96
C ILE G 70 69.30 46.77 63.91
N TYR G 71 69.48 45.84 62.98
CA TYR G 71 70.76 45.15 62.83
C TYR G 71 71.68 45.77 61.78
N SER G 72 71.50 47.06 61.53
CA SER G 72 72.30 47.78 60.54
C SER G 72 73.77 47.86 60.95
N ASP G 73 74.66 47.79 59.97
CA ASP G 73 76.08 47.89 60.25
C ASP G 73 76.48 49.37 60.38
N LEU G 74 75.52 50.27 60.16
CA LEU G 74 75.78 51.71 60.30
C LEU G 74 75.26 52.17 61.66
N ARG G 75 74.83 51.18 62.43
CA ARG G 75 74.34 51.38 63.78
C ARG G 75 75.54 51.89 64.60
N ILE G 76 75.36 52.92 65.43
CA ILE G 76 76.49 53.40 66.23
C ILE G 76 76.80 52.27 67.21
N PRO G 77 78.01 51.68 67.10
CA PRO G 77 78.54 50.56 67.89
C PRO G 77 78.79 50.78 69.37
N TYR G 78 79.35 51.94 69.72
CA TYR G 78 79.70 52.26 71.09
C TYR G 78 80.00 53.76 71.17
N PRO G 79 80.22 54.29 72.39
CA PRO G 79 80.51 55.71 72.49
C PRO G 79 81.75 56.04 71.66
N MET G 80 81.73 57.17 70.97
CA MET G 80 82.84 57.55 70.12
C MET G 80 83.30 58.98 70.39
N LYS G 81 84.58 59.22 70.16
CA LYS G 81 85.14 60.55 70.37
C LYS G 81 85.95 60.97 69.15
N ARG G 82 85.80 62.24 68.75
CA ARG G 82 86.54 62.76 67.60
C ARG G 82 88.01 62.83 68.01
N LYS G 83 88.87 62.14 67.26
CA LYS G 83 90.30 62.11 67.55
C LYS G 83 90.93 63.50 67.69
N SER G 84 90.57 64.41 66.78
CA SER G 84 91.12 65.77 66.78
C SER G 84 90.55 66.68 67.86
N PHE G 85 89.64 66.17 68.68
CA PHE G 85 89.04 66.97 69.74
C PHE G 85 89.66 66.66 71.11
N ASP G 86 90.19 67.69 71.75
CA ASP G 86 90.79 67.54 73.08
C ASP G 86 90.18 68.55 74.04
N PRO G 87 89.33 68.08 74.97
CA PRO G 87 88.64 68.92 75.97
C PRO G 87 89.58 69.88 76.71
N ASN G 88 90.75 69.39 77.10
CA ASN G 88 91.70 70.21 77.83
C ASN G 88 92.82 70.81 76.98
N GLY G 89 92.62 70.84 75.67
CA GLY G 89 93.64 71.40 74.79
C GLY G 89 93.06 71.99 73.53
N GLU G 90 93.60 71.59 72.38
CA GLU G 90 93.12 72.07 71.09
C GLU G 90 91.81 71.37 70.76
N ARG G 91 90.74 72.14 70.67
CA ARG G 91 89.44 71.56 70.36
C ARG G 91 89.26 71.41 68.86
N ASN G 92 90.10 72.12 68.10
CA ASN G 92 90.06 72.07 66.64
C ASN G 92 88.63 72.06 66.09
N PRO G 93 87.89 73.16 66.25
CA PRO G 93 86.51 73.27 65.78
C PRO G 93 86.46 73.09 64.26
N GLN G 94 87.46 73.63 63.58
CA GLN G 94 87.52 73.57 62.12
C GLN G 94 87.71 72.18 61.53
N LEU G 95 87.97 71.18 62.39
CA LEU G 95 88.16 69.83 61.90
C LEU G 95 86.93 68.94 62.03
N ARG G 96 85.82 69.51 62.49
CA ARG G 96 84.59 68.73 62.59
C ARG G 96 84.15 68.40 61.18
N GLY G 97 83.92 67.11 60.92
CA GLY G 97 83.50 66.70 59.60
C GLY G 97 84.67 66.55 58.64
N ALA G 98 85.89 66.58 59.18
CA ALA G 98 87.08 66.44 58.34
C ALA G 98 87.04 65.09 57.63
N GLY G 99 86.59 64.06 58.34
CA GLY G 99 86.50 62.74 57.76
C GLY G 99 85.54 62.73 56.57
N LEU G 100 84.42 63.43 56.74
CA LEU G 100 83.42 63.51 55.68
C LEU G 100 84.05 64.20 54.47
N SER G 101 84.77 65.29 54.72
CA SER G 101 85.43 66.03 53.66
C SER G 101 86.42 65.19 52.87
N LYS G 102 86.88 64.10 53.47
CA LYS G 102 87.81 63.23 52.76
C LYS G 102 87.16 61.88 52.49
N GLN G 103 85.83 61.87 52.44
CA GLN G 103 85.05 60.66 52.15
C GLN G 103 85.38 59.45 53.03
N ASP G 104 85.77 59.70 54.27
CA ASP G 104 86.10 58.64 55.21
C ASP G 104 85.64 59.08 56.61
N PRO G 105 84.32 59.15 56.82
CA PRO G 105 83.65 59.54 58.07
C PRO G 105 84.15 58.87 59.34
N TRP G 106 84.15 57.54 59.34
CA TRP G 106 84.56 56.78 60.52
C TRP G 106 85.99 57.02 61.00
N SER G 107 86.88 57.40 60.08
CA SER G 107 88.27 57.63 60.44
C SER G 107 88.47 58.77 61.43
N ASP G 108 87.48 59.67 61.52
CA ASP G 108 87.54 60.79 62.44
C ASP G 108 87.37 60.39 63.89
N TYR G 109 86.85 59.18 64.12
CA TYR G 109 86.58 58.76 65.49
C TYR G 109 87.29 57.55 66.06
N GLU G 110 87.35 57.54 67.38
CA GLU G 110 87.96 56.46 68.13
C GLU G 110 86.97 56.07 69.22
N ARG G 111 87.04 54.81 69.62
CA ARG G 111 86.17 54.27 70.65
C ARG G 111 86.54 54.71 72.07
N ILE G 112 85.51 55.00 72.88
CA ILE G 112 85.71 55.38 74.28
C ILE G 112 84.60 54.70 75.07
N SER G 113 84.76 54.64 76.39
CA SER G 113 83.76 54.00 77.23
C SER G 113 82.63 54.95 77.58
N TRP G 114 81.52 54.38 78.04
CA TRP G 114 80.37 55.18 78.45
C TRP G 114 80.76 56.08 79.61
N ASP G 115 81.56 55.54 80.52
CA ASP G 115 81.99 56.28 81.69
C ASP G 115 82.80 57.53 81.32
N GLU G 116 83.70 57.39 80.37
CA GLU G 116 84.51 58.53 79.95
C GLU G 116 83.74 59.50 79.06
N ALA G 117 82.88 58.96 78.19
CA ALA G 117 82.09 59.81 77.31
C ALA G 117 81.21 60.73 78.13
N THR G 118 80.50 60.16 79.11
CA THR G 118 79.63 60.94 79.97
C THR G 118 80.41 61.89 80.88
N ASP G 119 81.59 61.48 81.33
CA ASP G 119 82.41 62.35 82.18
C ASP G 119 82.79 63.59 81.38
N ILE G 120 83.17 63.38 80.12
CA ILE G 120 83.57 64.47 79.24
C ILE G 120 82.39 65.42 78.99
N VAL G 121 81.21 64.85 78.76
CA VAL G 121 80.04 65.67 78.51
C VAL G 121 79.66 66.42 79.78
N VAL G 122 79.68 65.74 80.91
CA VAL G 122 79.34 66.37 82.18
C VAL G 122 80.27 67.53 82.50
N ALA G 123 81.57 67.35 82.27
CA ALA G 123 82.55 68.39 82.51
C ALA G 123 82.24 69.64 81.69
N GLU G 124 81.84 69.43 80.44
CA GLU G 124 81.51 70.55 79.56
C GLU G 124 80.21 71.23 80.01
N ILE G 125 79.24 70.44 80.43
CA ILE G 125 77.97 70.97 80.89
C ILE G 125 78.16 71.89 82.09
N ASN G 126 78.88 71.41 83.10
CA ASN G 126 79.09 72.20 84.29
C ASN G 126 79.95 73.44 84.08
N ARG G 127 80.93 73.35 83.20
CA ARG G 127 81.79 74.49 82.93
C ARG G 127 80.97 75.60 82.30
N ILE G 128 80.23 75.25 81.25
CA ILE G 128 79.40 76.22 80.54
C ILE G 128 78.32 76.81 81.44
N LYS G 129 77.68 75.99 82.27
CA LYS G 129 76.64 76.49 83.15
C LYS G 129 77.16 77.53 84.14
N HIS G 130 78.31 77.26 84.76
CA HIS G 130 78.88 78.20 85.73
C HIS G 130 79.55 79.43 85.10
N ALA G 131 79.86 79.36 83.82
CA ALA G 131 80.50 80.49 83.16
C ALA G 131 79.51 81.30 82.33
N TYR G 132 78.55 80.62 81.71
CA TYR G 132 77.59 81.32 80.84
C TYR G 132 76.13 81.11 81.22
N GLY G 133 75.83 80.00 81.88
CA GLY G 133 74.46 79.70 82.25
C GLY G 133 73.85 78.63 81.38
N PRO G 134 72.76 77.99 81.83
CA PRO G 134 72.06 76.93 81.11
C PRO G 134 71.70 77.30 79.68
N SER G 135 71.41 78.58 79.45
CA SER G 135 71.01 79.03 78.12
C SER G 135 72.12 78.86 77.07
N ALA G 136 73.35 78.70 77.52
CA ALA G 136 74.46 78.53 76.58
C ALA G 136 74.51 77.10 76.02
N ILE G 137 73.64 76.24 76.52
CA ILE G 137 73.60 74.86 76.05
C ILE G 137 72.44 74.68 75.06
N LEU G 138 72.76 74.63 73.78
CA LEU G 138 71.74 74.44 72.75
C LEU G 138 71.43 72.97 72.56
N SER G 139 70.18 72.65 72.36
CA SER G 139 69.81 71.26 72.12
C SER G 139 68.57 71.14 71.28
N THR G 140 68.52 70.09 70.49
CA THR G 140 67.36 69.85 69.67
C THR G 140 67.34 68.46 69.07
N PRO G 141 66.19 67.80 69.16
CA PRO G 141 66.06 66.46 68.58
C PRO G 141 65.49 66.91 67.25
N SER G 142 64.57 66.14 66.70
CA SER G 142 63.96 66.61 65.48
C SER G 142 62.50 66.20 65.51
N SER G 143 61.77 66.51 64.45
CA SER G 143 60.34 66.21 64.40
C SER G 143 59.89 64.82 64.74
N HIS G 144 60.50 63.81 64.14
CA HIS G 144 60.04 62.46 64.42
C HIS G 144 60.95 61.59 65.25
N HIS G 145 60.45 60.43 65.64
CA HIS G 145 61.18 59.62 66.59
C HIS G 145 60.69 58.16 66.60
N MET G 146 61.51 57.28 67.17
CA MET G 146 61.14 55.87 67.30
C MET G 146 59.83 55.85 68.09
N TRP G 147 58.90 55.00 67.69
CA TRP G 147 57.61 54.90 68.35
C TRP G 147 57.76 54.45 69.82
N GLY G 148 56.87 54.95 70.67
CA GLY G 148 56.92 54.61 72.09
C GLY G 148 56.63 55.87 72.89
N ASN G 149 55.51 55.89 73.59
CA ASN G 149 55.10 57.08 74.35
C ASN G 149 56.02 57.53 75.48
N VAL G 150 56.49 56.60 76.31
CA VAL G 150 57.35 56.98 77.42
C VAL G 150 58.72 57.46 76.98
N GLY G 151 59.28 56.81 75.95
CA GLY G 151 60.60 57.20 75.47
C GLY G 151 60.61 58.30 74.42
N TYR G 152 59.43 58.76 74.01
CA TYR G 152 59.34 59.80 72.98
C TYR G 152 59.98 61.10 73.45
N ARG G 153 60.41 61.92 72.50
CA ARG G 153 61.07 63.18 72.84
C ARG G 153 60.24 64.13 73.71
N HIS G 154 58.93 64.18 73.52
CA HIS G 154 58.10 65.06 74.33
C HIS G 154 58.08 64.56 75.77
N SER G 155 58.57 63.34 75.96
CA SER G 155 58.58 62.70 77.26
C SER G 155 59.93 62.57 77.96
N THR G 156 60.73 61.59 77.57
CA THR G 156 62.03 61.36 78.17
C THR G 156 63.02 62.49 77.95
N TYR G 157 63.16 62.93 76.70
CA TYR G 157 64.07 64.03 76.34
C TYR G 157 63.77 65.29 77.16
N PHE G 158 62.52 65.73 77.16
CA PHE G 158 62.15 66.93 77.90
C PHE G 158 62.30 66.79 79.42
N ARG G 159 61.91 65.64 79.97
CA ARG G 159 62.03 65.48 81.43
C ARG G 159 63.47 65.72 81.89
N PHE G 160 64.42 65.21 81.12
CA PHE G 160 65.82 65.38 81.46
C PHE G 160 66.37 66.78 81.15
N MET G 161 66.24 67.19 79.89
CA MET G 161 66.76 68.50 79.47
C MET G 161 66.25 69.67 80.31
N ASN G 162 64.96 69.63 80.68
CA ASN G 162 64.37 70.71 81.47
C ASN G 162 65.05 70.82 82.84
N MET G 163 65.65 69.72 83.27
CA MET G 163 66.33 69.61 84.56
C MET G 163 67.82 69.94 84.45
N MET G 164 68.32 69.99 83.22
CA MET G 164 69.74 70.24 82.96
C MET G 164 70.09 71.60 82.35
N GLY G 165 69.42 71.97 81.25
CA GLY G 165 69.68 73.24 80.58
C GLY G 165 68.45 74.13 80.52
N PHE G 166 68.14 74.74 79.37
CA PHE G 166 68.89 74.65 78.12
C PHE G 166 68.18 75.56 77.13
N THR G 167 68.80 75.81 75.98
CA THR G 167 68.16 76.63 74.96
C THR G 167 67.67 75.64 73.90
N TYR G 168 66.36 75.64 73.67
CA TYR G 168 65.76 74.73 72.70
C TYR G 168 65.67 75.36 71.32
N ALA G 169 66.02 74.59 70.29
CA ALA G 169 65.88 75.08 68.93
C ALA G 169 64.46 74.61 68.61
N ASP G 170 63.46 75.38 69.03
CA ASP G 170 62.07 75.01 68.83
C ASP G 170 61.74 74.77 67.36
N HIS G 171 60.95 73.73 67.12
CA HIS G 171 60.57 73.35 65.77
C HIS G 171 59.54 74.23 65.11
N ASN G 172 59.80 74.57 63.85
CA ASN G 172 58.85 75.35 63.05
C ASN G 172 57.75 74.32 62.77
N PRO G 173 56.50 74.77 62.55
CA PRO G 173 55.42 73.81 62.28
C PRO G 173 55.50 73.29 60.84
N ASP G 174 56.60 72.61 60.54
CA ASP G 174 56.89 72.06 59.22
C ASP G 174 55.72 71.41 58.49
N SER G 175 55.08 70.47 59.18
CA SER G 175 53.97 69.73 58.64
C SER G 175 52.80 70.67 58.25
N TRP G 176 52.57 71.70 59.06
CA TRP G 176 51.46 72.63 58.88
C TRP G 176 51.70 74.01 58.24
N GLU G 177 52.96 74.37 58.00
CA GLU G 177 53.31 75.69 57.47
C GLU G 177 52.17 76.59 56.94
N GLY G 178 51.71 76.34 55.73
CA GLY G 178 50.66 77.18 55.16
C GLY G 178 49.41 77.35 56.03
N TRP G 179 48.94 76.25 56.60
CA TRP G 179 47.75 76.28 57.47
C TRP G 179 48.03 77.03 58.76
N HIS G 180 49.24 76.87 59.28
CA HIS G 180 49.64 77.51 60.52
C HIS G 180 49.85 79.02 60.39
N TRP G 181 50.71 79.44 59.45
CA TRP G 181 50.99 80.86 59.27
C TRP G 181 49.98 81.58 58.40
N GLY G 182 49.12 80.83 57.72
CA GLY G 182 48.13 81.45 56.85
C GLY G 182 46.69 81.09 57.18
N GLY G 183 46.37 79.80 57.04
CA GLY G 183 45.01 79.34 57.30
C GLY G 183 44.43 79.71 58.65
N MET G 184 45.26 79.65 59.69
CA MET G 184 44.85 79.97 61.04
C MET G 184 44.18 81.34 61.17
N HIS G 185 44.64 82.31 60.40
CA HIS G 185 44.08 83.66 60.45
C HIS G 185 42.72 83.74 59.79
N MET G 186 42.44 82.78 58.91
CA MET G 186 41.18 82.75 58.19
C MET G 186 40.06 81.99 58.92
N TRP G 187 40.39 80.87 59.56
CA TRP G 187 39.35 80.12 60.25
C TRP G 187 39.69 79.61 61.65
N GLY G 188 40.85 80.01 62.17
CA GLY G 188 41.22 79.58 63.51
C GLY G 188 41.86 78.21 63.59
N PHE G 189 41.32 77.33 64.43
CA PHE G 189 41.89 75.99 64.61
C PHE G 189 43.35 76.06 65.04
N SER G 190 43.69 77.02 65.89
CA SER G 190 45.08 77.16 66.33
C SER G 190 45.58 75.92 67.05
N TRP G 191 44.70 75.27 67.82
CA TRP G 191 45.07 74.08 68.57
C TRP G 191 45.44 72.91 67.64
N ARG G 192 45.06 73.02 66.38
CA ARG G 192 45.40 72.00 65.38
C ARG G 192 46.37 72.62 64.39
N LEU G 193 46.92 73.77 64.78
CA LEU G 193 47.87 74.52 63.97
C LEU G 193 47.33 74.84 62.57
N GLY G 194 46.03 75.12 62.50
CA GLY G 194 45.43 75.46 61.23
C GLY G 194 44.67 74.38 60.48
N ASN G 195 44.83 73.12 60.90
CA ASN G 195 44.13 72.00 60.26
C ASN G 195 42.72 71.85 60.83
N PRO G 196 41.79 71.32 60.03
CA PRO G 196 40.41 71.12 60.49
C PRO G 196 40.20 69.81 61.25
N GLU G 197 39.15 69.79 62.08
CA GLU G 197 38.80 68.58 62.81
C GLU G 197 38.24 67.65 61.72
N GLN G 198 38.17 66.35 62.00
CA GLN G 198 37.69 65.38 61.00
C GLN G 198 36.75 64.32 61.55
N TYR G 199 36.30 64.49 62.78
CA TYR G 199 35.42 63.50 63.43
C TYR G 199 34.24 63.00 62.60
N ASP G 200 33.99 61.71 62.70
CA ASP G 200 32.87 61.02 62.04
C ASP G 200 32.62 61.31 60.56
N LEU G 201 33.66 61.62 59.80
CA LEU G 201 33.47 61.91 58.38
C LEU G 201 33.36 60.67 57.48
N LEU G 202 33.92 59.55 57.91
CA LEU G 202 33.86 58.33 57.10
C LEU G 202 32.43 57.92 56.78
N GLU G 203 31.57 57.85 57.80
CA GLU G 203 30.19 57.48 57.54
C GLU G 203 29.52 58.56 56.68
N ASP G 204 29.79 59.82 56.99
CA ASP G 204 29.23 60.93 56.21
C ASP G 204 29.59 60.74 54.73
N GLY G 205 30.86 60.45 54.48
CA GLY G 205 31.32 60.26 53.11
C GLY G 205 30.73 59.04 52.42
N LEU G 206 30.70 57.91 53.11
CA LEU G 206 30.14 56.70 52.51
C LEU G 206 28.66 56.89 52.16
N LYS G 207 27.97 57.72 52.93
CA LYS G 207 26.56 57.97 52.68
C LYS G 207 26.28 59.04 51.63
N HIS G 208 27.11 60.08 51.58
CA HIS G 208 26.87 61.20 50.67
C HIS G 208 27.85 61.48 49.52
N ALA G 209 29.11 61.07 49.68
CA ALA G 209 30.13 61.36 48.66
C ALA G 209 29.80 60.97 47.21
N GLU G 210 30.08 61.89 46.29
CA GLU G 210 29.89 61.67 44.87
C GLU G 210 31.22 61.95 44.17
N MET G 211 32.02 62.83 44.77
CA MET G 211 33.32 63.17 44.22
C MET G 211 34.28 63.62 45.31
N ILE G 212 35.55 63.29 45.15
CA ILE G 212 36.55 63.71 46.11
C ILE G 212 37.69 64.32 45.30
N VAL G 213 38.10 65.51 45.71
CA VAL G 213 39.18 66.21 45.03
C VAL G 213 40.42 66.13 45.91
N PHE G 214 41.37 65.30 45.49
CA PHE G 214 42.63 65.12 46.22
C PHE G 214 43.59 66.18 45.72
N TRP G 215 43.78 67.22 46.52
CA TRP G 215 44.65 68.34 46.17
C TRP G 215 45.89 68.26 47.07
N SER G 216 47.05 68.04 46.47
CA SER G 216 48.29 67.91 47.23
C SER G 216 48.08 66.81 48.27
N SER G 217 47.46 65.72 47.84
CA SER G 217 47.13 64.62 48.73
C SER G 217 47.47 63.25 48.14
N ASP G 218 48.25 62.46 48.87
CA ASP G 218 48.64 61.12 48.46
C ASP G 218 48.48 60.23 49.70
N PRO G 219 47.22 59.89 50.03
CA PRO G 219 46.84 59.06 51.18
C PRO G 219 47.60 57.73 51.28
N GLU G 220 47.78 57.06 50.14
CA GLU G 220 48.49 55.79 50.13
C GLU G 220 49.92 55.93 50.63
N THR G 221 50.62 56.95 50.17
CA THR G 221 52.01 57.17 50.57
C THR G 221 52.13 57.65 52.01
N ASN G 222 51.43 58.72 52.32
CA ASN G 222 51.50 59.32 53.66
C ASN G 222 50.61 58.69 54.74
N SER G 223 49.48 58.13 54.33
CA SER G 223 48.53 57.50 55.25
C SER G 223 48.06 58.49 56.31
N GLY G 224 48.18 59.78 56.03
CA GLY G 224 47.85 60.76 57.04
C GLY G 224 49.20 60.79 57.74
N ILE G 225 49.39 59.88 58.69
CA ILE G 225 50.65 59.71 59.40
C ILE G 225 50.56 58.52 60.37
N TYR G 226 51.63 57.72 60.42
CA TYR G 226 51.70 56.56 61.31
C TYR G 226 50.64 55.48 61.10
N ALA G 227 49.80 55.60 60.07
CA ALA G 227 48.73 54.62 59.89
C ALA G 227 48.87 53.54 58.80
N GLY G 228 50.10 53.25 58.37
CA GLY G 228 50.33 52.22 57.37
C GLY G 228 49.43 52.31 56.14
N PHE G 229 48.60 51.30 55.93
CA PHE G 229 47.68 51.31 54.79
C PHE G 229 46.25 51.08 55.26
N GLU G 230 45.93 51.61 56.43
CA GLU G 230 44.62 51.46 57.01
C GLU G 230 43.46 51.98 56.16
N SER G 231 43.69 53.07 55.43
CA SER G 231 42.61 53.67 54.65
C SER G 231 42.40 53.15 53.23
N ASN G 232 43.30 52.28 52.77
CA ASN G 232 43.18 51.76 51.42
C ASN G 232 41.81 51.14 51.12
N ILE G 233 41.30 50.33 52.05
CA ILE G 233 40.01 49.68 51.83
C ILE G 233 38.85 50.67 51.76
N ARG G 234 38.98 51.79 52.49
CA ARG G 234 37.94 52.82 52.51
C ARG G 234 37.80 53.50 51.16
N ARG G 235 38.92 53.76 50.48
CA ARG G 235 38.81 54.39 49.17
C ARG G 235 38.30 53.35 48.17
N GLN G 236 38.53 52.07 48.48
CA GLN G 236 38.04 51.00 47.61
C GLN G 236 36.51 51.02 47.67
N TRP G 237 35.98 51.17 48.88
CA TRP G 237 34.53 51.23 49.07
C TRP G 237 33.93 52.39 48.30
N LEU G 238 34.51 53.58 48.48
CA LEU G 238 34.03 54.78 47.79
C LEU G 238 34.09 54.57 46.27
N LYS G 239 35.21 54.03 45.81
CA LYS G 239 35.39 53.77 44.39
C LYS G 239 34.28 52.85 43.89
N ASP G 240 34.04 51.78 44.64
CA ASP G 240 33.02 50.81 44.26
C ASP G 240 31.61 51.37 44.41
N LEU G 241 31.47 52.50 45.10
CA LEU G 241 30.17 53.14 45.26
C LEU G 241 29.97 54.12 44.13
N GLY G 242 30.97 54.25 43.26
CA GLY G 242 30.88 55.14 42.13
C GLY G 242 31.40 56.55 42.35
N VAL G 243 32.13 56.79 43.44
CA VAL G 243 32.67 58.11 43.73
C VAL G 243 33.84 58.45 42.80
N ASP G 244 33.81 59.62 42.16
CA ASP G 244 34.91 60.03 41.28
C ASP G 244 36.08 60.60 42.07
N PHE G 245 37.30 60.26 41.65
CA PHE G 245 38.51 60.73 42.32
C PHE G 245 39.33 61.63 41.40
N VAL G 246 39.48 62.91 41.77
CA VAL G 246 40.27 63.83 40.96
C VAL G 246 41.53 64.20 41.75
N PHE G 247 42.69 64.17 41.10
CA PHE G 247 43.96 64.49 41.76
C PHE G 247 44.65 65.70 41.16
N ILE G 248 45.01 66.64 42.02
CA ILE G 248 45.70 67.86 41.60
C ILE G 248 47.04 67.79 42.32
N ASP G 249 48.08 67.47 41.55
CA ASP G 249 49.42 67.28 42.09
C ASP G 249 50.41 67.35 40.93
N PRO G 250 51.46 68.17 41.05
CA PRO G 250 52.44 68.26 39.96
C PRO G 250 52.92 66.86 39.58
N HIS G 251 53.01 65.99 40.57
CA HIS G 251 53.44 64.62 40.36
C HIS G 251 52.23 63.68 40.45
N MET G 252 52.12 62.75 39.50
CA MET G 252 51.03 61.78 39.53
C MET G 252 51.40 60.85 40.68
N ASN G 253 50.99 61.22 41.89
CA ASN G 253 51.33 60.45 43.08
C ASN G 253 50.80 59.03 43.12
N HIS G 254 51.25 58.28 44.11
CA HIS G 254 50.90 56.87 44.25
C HIS G 254 49.41 56.54 44.42
N THR G 255 48.67 57.41 45.07
CA THR G 255 47.24 57.19 45.21
C THR G 255 46.60 57.42 43.85
N ALA G 256 47.10 58.43 43.13
CA ALA G 256 46.58 58.75 41.80
C ALA G 256 46.88 57.66 40.79
N ARG G 257 48.07 57.08 40.90
CA ARG G 257 48.49 56.00 40.01
C ARG G 257 47.57 54.80 40.19
N LEU G 258 47.01 54.67 41.39
CA LEU G 258 46.13 53.56 41.72
C LEU G 258 44.63 53.75 41.42
N VAL G 259 44.08 54.90 41.81
CA VAL G 259 42.64 55.11 41.65
C VAL G 259 42.14 56.40 40.99
N ALA G 260 43.03 57.19 40.39
CA ALA G 260 42.59 58.44 39.77
C ALA G 260 41.67 58.31 38.56
N ASP G 261 40.66 59.19 38.50
CA ASP G 261 39.75 59.23 37.38
C ASP G 261 40.27 60.32 36.46
N LYS G 262 41.02 61.24 37.05
CA LYS G 262 41.61 62.36 36.31
C LYS G 262 42.72 62.97 37.14
N TRP G 263 43.79 63.39 36.46
CA TRP G 263 44.94 63.99 37.14
C TRP G 263 45.35 65.33 36.53
N PHE G 264 45.51 66.34 37.39
CA PHE G 264 45.95 67.69 37.00
C PHE G 264 47.38 67.86 37.53
N SER G 265 48.28 68.38 36.70
CA SER G 265 49.66 68.62 37.11
C SER G 265 50.02 70.11 36.98
N PRO G 266 49.69 70.92 38.00
CA PRO G 266 50.01 72.35 37.93
C PRO G 266 51.50 72.59 38.16
N LYS G 267 52.03 73.66 37.57
CA LYS G 267 53.44 74.00 37.74
C LYS G 267 53.67 74.33 39.22
N ILE G 268 54.88 74.14 39.73
CA ILE G 268 55.12 74.43 41.14
C ILE G 268 54.73 75.86 41.50
N GLY G 269 54.16 76.01 42.70
CA GLY G 269 53.75 77.31 43.18
C GLY G 269 52.58 77.98 42.48
N THR G 270 51.74 77.21 41.77
CA THR G 270 50.61 77.83 41.07
C THR G 270 49.22 77.32 41.43
N ASP G 271 49.14 76.45 42.43
CA ASP G 271 47.84 75.90 42.85
C ASP G 271 46.75 76.94 43.13
N HIS G 272 47.10 78.04 43.79
CA HIS G 272 46.09 79.03 44.09
C HIS G 272 45.53 79.72 42.87
N ALA G 273 46.18 79.57 41.71
CA ALA G 273 45.65 80.16 40.50
C ALA G 273 44.40 79.33 40.16
N LEU G 274 44.49 78.02 40.39
CA LEU G 274 43.37 77.13 40.13
C LEU G 274 42.22 77.40 41.09
N SER G 275 42.52 77.53 42.37
CA SER G 275 41.47 77.78 43.34
C SER G 275 40.76 79.09 43.04
N PHE G 276 41.50 80.11 42.59
CA PHE G 276 40.86 81.38 42.26
C PHE G 276 39.98 81.24 41.03
N ALA G 277 40.43 80.48 40.03
CA ALA G 277 39.64 80.29 38.82
C ALA G 277 38.38 79.49 39.11
N ILE G 278 38.48 78.53 40.03
CA ILE G 278 37.32 77.73 40.40
C ILE G 278 36.31 78.63 41.10
N ALA G 279 36.80 79.46 42.01
CA ALA G 279 35.93 80.38 42.74
C ALA G 279 35.28 81.34 41.75
N TYR G 280 36.07 81.81 40.78
CA TYR G 280 35.58 82.72 39.76
C TYR G 280 34.41 82.11 38.99
N THR G 281 34.57 80.84 38.61
CA THR G 281 33.52 80.16 37.87
C THR G 281 32.24 80.08 38.72
N TRP G 282 32.40 79.78 40.00
CA TRP G 282 31.25 79.69 40.90
C TRP G 282 30.54 81.03 41.09
N LEU G 283 31.32 82.11 41.14
CA LEU G 283 30.76 83.45 41.32
C LEU G 283 30.02 83.89 40.06
N LYS G 284 30.61 83.59 38.91
CA LYS G 284 30.00 83.96 37.63
C LYS G 284 28.74 83.14 37.35
N GLU G 285 28.74 81.89 37.78
CA GLU G 285 27.60 81.01 37.54
C GLU G 285 26.67 80.86 38.75
N ASP G 286 26.95 81.61 39.81
CA ASP G 286 26.14 81.57 41.03
C ASP G 286 26.02 80.13 41.52
N SER G 287 27.07 79.35 41.36
CA SER G 287 27.03 77.96 41.76
C SER G 287 27.76 77.64 43.07
N TYR G 288 27.34 78.29 44.15
CA TYR G 288 27.91 78.03 45.46
C TYR G 288 26.82 78.25 46.51
N ASP G 289 27.13 77.95 47.76
CA ASP G 289 26.14 78.08 48.84
C ASP G 289 26.07 79.52 49.35
N LYS G 290 25.30 80.36 48.65
CA LYS G 290 25.16 81.76 49.03
C LYS G 290 24.65 81.99 50.45
N GLU G 291 23.68 81.20 50.88
CA GLU G 291 23.13 81.34 52.23
C GLU G 291 24.19 81.06 53.28
N TYR G 292 24.92 79.98 53.08
CA TYR G 292 25.99 79.58 54.00
C TYR G 292 27.02 80.69 54.10
N VAL G 293 27.45 81.19 52.94
CA VAL G 293 28.45 82.25 52.89
C VAL G 293 27.97 83.53 53.56
N ALA G 294 26.71 83.89 53.34
CA ALA G 294 26.16 85.10 53.94
C ALA G 294 26.20 85.03 55.47
N ALA G 295 26.02 83.82 55.99
CA ALA G 295 26.01 83.63 57.44
C ALA G 295 27.36 83.28 58.08
N ASN G 296 28.21 82.59 57.34
CA ASN G 296 29.48 82.16 57.92
C ASN G 296 30.78 82.76 57.40
N ALA G 297 30.70 83.77 56.54
CA ALA G 297 31.92 84.38 56.01
C ALA G 297 32.02 85.87 56.32
N HIS G 298 33.25 86.35 56.40
CA HIS G 298 33.52 87.75 56.69
C HIS G 298 34.41 88.34 55.59
N GLY G 299 34.05 89.53 55.11
CA GLY G 299 34.83 90.18 54.07
C GLY G 299 34.70 89.52 52.70
N PHE G 300 33.69 88.68 52.54
CA PHE G 300 33.50 87.97 51.27
C PHE G 300 33.22 88.87 50.08
N GLU G 301 32.37 89.88 50.27
CA GLU G 301 32.01 90.80 49.20
C GLU G 301 33.27 91.45 48.59
N GLU G 302 34.16 91.94 49.43
CA GLU G 302 35.38 92.56 48.95
C GLU G 302 36.22 91.52 48.21
N TRP G 303 36.31 90.33 48.77
CA TRP G 303 37.09 89.26 48.17
C TRP G 303 36.55 88.89 46.79
N ALA G 304 35.23 88.82 46.67
CA ALA G 304 34.60 88.49 45.39
C ALA G 304 34.92 89.54 44.33
N ASP G 305 35.02 90.81 44.73
CA ASP G 305 35.35 91.88 43.79
C ASP G 305 36.76 91.68 43.24
N TYR G 306 37.64 91.14 44.09
CA TYR G 306 39.02 90.88 43.70
C TYR G 306 39.06 89.70 42.74
N VAL G 307 38.35 88.63 43.09
CA VAL G 307 38.31 87.43 42.25
C VAL G 307 37.77 87.80 40.86
N LEU G 308 36.74 88.66 40.83
CA LEU G 308 36.15 89.10 39.58
C LEU G 308 37.03 90.11 38.84
N GLY G 309 38.13 90.50 39.47
CA GLY G 309 39.06 91.43 38.86
C GLY G 309 38.67 92.90 38.83
N LYS G 310 37.64 93.28 39.58
CA LYS G 310 37.21 94.67 39.60
C LYS G 310 38.25 95.60 40.22
N THR G 311 38.86 95.15 41.31
CA THR G 311 39.84 95.95 42.01
C THR G 311 41.28 95.93 41.49
N ASP G 312 41.72 94.82 40.90
CA ASP G 312 43.08 94.76 40.38
C ASP G 312 43.10 94.78 38.86
N GLY G 313 41.91 94.68 38.26
CA GLY G 313 41.82 94.70 36.82
C GLY G 313 42.08 93.38 36.12
N THR G 314 42.27 92.31 36.88
CA THR G 314 42.54 91.00 36.28
C THR G 314 41.56 89.91 36.72
N PRO G 315 40.50 89.67 35.92
CA PRO G 315 39.53 88.63 36.27
C PRO G 315 40.29 87.30 36.37
N LYS G 316 40.06 86.55 37.44
CA LYS G 316 40.75 85.27 37.64
C LYS G 316 40.06 84.14 36.88
N THR G 317 40.07 84.22 35.55
CA THR G 317 39.43 83.21 34.70
C THR G 317 40.21 81.90 34.62
N CYS G 318 39.57 80.86 34.08
CA CYS G 318 40.25 79.57 33.94
C CYS G 318 41.40 79.71 32.92
N GLU G 319 41.25 80.62 31.96
CA GLU G 319 42.28 80.85 30.96
C GLU G 319 43.47 81.55 31.62
N TRP G 320 43.18 82.48 32.52
CA TRP G 320 44.24 83.16 33.26
C TRP G 320 44.95 82.09 34.07
N ALA G 321 44.17 81.21 34.69
CA ALA G 321 44.72 80.12 35.51
C ALA G 321 45.56 79.15 34.68
N GLU G 322 45.15 78.93 33.43
CA GLU G 322 45.90 78.01 32.56
C GLU G 322 47.27 78.61 32.22
N GLU G 323 47.30 79.90 31.93
CA GLU G 323 48.57 80.55 31.60
C GLU G 323 49.55 80.51 32.77
N GLU G 324 49.01 80.48 33.99
CA GLU G 324 49.86 80.42 35.19
C GLU G 324 50.30 78.99 35.54
N SER G 325 49.35 78.06 35.51
CA SER G 325 49.60 76.68 35.91
C SER G 325 49.94 75.64 34.85
N GLY G 326 49.50 75.87 33.62
CA GLY G 326 49.74 74.87 32.59
C GLY G 326 48.59 73.87 32.52
N VAL G 327 47.65 73.98 33.45
CA VAL G 327 46.49 73.09 33.47
C VAL G 327 45.45 73.68 32.52
N PRO G 328 44.95 72.88 31.56
CA PRO G 328 43.96 73.34 30.58
C PRO G 328 42.74 74.02 31.19
N ALA G 329 42.38 75.18 30.64
CA ALA G 329 41.25 75.96 31.12
C ALA G 329 39.93 75.18 31.14
N CYS G 330 39.65 74.45 30.06
CA CYS G 330 38.42 73.68 29.98
C CYS G 330 38.30 72.64 31.09
N GLU G 331 39.41 72.04 31.48
CA GLU G 331 39.38 71.03 32.55
C GLU G 331 39.17 71.69 33.90
N ILE G 332 39.75 72.87 34.07
CA ILE G 332 39.59 73.61 35.32
C ILE G 332 38.10 73.95 35.47
N ARG G 333 37.52 74.47 34.40
CA ARG G 333 36.11 74.86 34.42
C ARG G 333 35.21 73.64 34.62
N ALA G 334 35.54 72.53 33.95
CA ALA G 334 34.76 71.31 34.07
C ALA G 334 34.77 70.82 35.52
N LEU G 335 35.93 70.89 36.16
CA LEU G 335 36.03 70.47 37.55
C LEU G 335 35.20 71.41 38.41
N ALA G 336 35.31 72.71 38.17
CA ALA G 336 34.57 73.70 38.95
C ALA G 336 33.07 73.43 38.90
N ARG G 337 32.55 73.18 37.69
CA ARG G 337 31.13 72.91 37.52
C ARG G 337 30.69 71.62 38.18
N GLN G 338 31.48 70.56 38.02
CA GLN G 338 31.13 69.28 38.62
C GLN G 338 31.15 69.41 40.14
N TRP G 339 32.19 70.06 40.65
CA TRP G 339 32.36 70.29 42.08
C TRP G 339 31.11 70.97 42.65
N ALA G 340 30.60 71.96 41.94
CA ALA G 340 29.42 72.69 42.39
C ALA G 340 28.16 71.82 42.43
N LYS G 341 27.86 71.09 41.36
CA LYS G 341 26.65 70.29 41.37
C LYS G 341 26.65 68.95 42.11
N LYS G 342 27.82 68.37 42.37
CA LYS G 342 27.90 67.09 43.08
C LYS G 342 28.33 67.24 44.54
N ASN G 343 28.00 66.25 45.37
CA ASN G 343 28.42 66.26 46.77
C ASN G 343 29.91 65.99 46.71
N THR G 344 30.69 67.04 46.88
CA THR G 344 32.14 66.94 46.79
C THR G 344 32.91 67.20 48.07
N TYR G 345 33.83 66.29 48.38
CA TYR G 345 34.68 66.47 49.54
C TYR G 345 36.03 66.94 49.05
N LEU G 346 36.59 67.92 49.75
CA LEU G 346 37.90 68.45 49.39
C LEU G 346 38.95 67.78 50.25
N ALA G 347 39.77 66.93 49.62
CA ALA G 347 40.84 66.24 50.31
C ALA G 347 42.12 67.05 50.16
N ALA G 348 42.23 68.14 50.93
CA ALA G 348 43.40 69.00 50.89
C ALA G 348 44.44 68.38 51.83
N GLY G 349 45.52 67.87 51.26
CA GLY G 349 46.55 67.25 52.07
C GLY G 349 46.17 65.81 52.35
N GLY G 350 47.12 65.01 52.82
CA GLY G 350 46.83 63.62 53.10
C GLY G 350 46.16 63.34 54.43
N LEU G 351 46.19 64.32 55.33
CA LEU G 351 45.60 64.16 56.65
C LEU G 351 44.20 64.77 56.84
N GLY G 352 43.94 65.83 56.07
CA GLY G 352 42.71 66.58 56.22
C GLY G 352 43.45 67.78 56.77
N GLY G 353 44.16 68.44 55.87
CA GLY G 353 45.02 69.55 56.25
C GLY G 353 46.38 69.00 55.84
N TRP G 354 47.43 69.79 56.02
CA TRP G 354 48.78 69.40 55.61
C TRP G 354 48.84 69.51 54.09
N GLY G 355 49.66 68.70 53.44
CA GLY G 355 49.77 68.82 52.00
C GLY G 355 51.12 69.47 51.73
N GLY G 356 51.90 68.91 50.79
CA GLY G 356 53.20 69.45 50.46
C GLY G 356 53.08 70.88 49.98
N ALA G 357 51.94 71.19 49.37
CA ALA G 357 51.68 72.53 48.88
C ALA G 357 51.71 73.56 49.99
N CYS G 358 51.42 73.14 51.22
CA CYS G 358 51.41 74.08 52.34
C CYS G 358 52.79 74.53 52.80
N ARG G 359 53.83 73.77 52.45
CA ARG G 359 55.18 74.18 52.82
C ARG G 359 55.94 74.45 51.52
N ALA G 360 55.53 75.54 50.89
CA ALA G 360 56.08 76.00 49.62
C ALA G 360 55.94 77.53 49.65
N SER G 361 56.51 78.23 48.67
CA SER G 361 56.43 79.69 48.68
C SER G 361 55.01 80.24 48.50
N HIS G 362 54.09 79.41 48.02
CA HIS G 362 52.70 79.84 47.84
C HIS G 362 51.83 79.14 48.89
N GLY G 363 52.48 78.53 49.86
CA GLY G 363 51.78 77.79 50.90
C GLY G 363 50.63 78.47 51.62
N ILE G 364 50.80 79.75 51.94
CA ILE G 364 49.76 80.49 52.64
C ILE G 364 48.53 80.69 51.77
N GLU G 365 48.72 81.07 50.52
CA GLU G 365 47.57 81.27 49.65
C GLU G 365 46.94 79.95 49.25
N TRP G 366 47.71 78.86 49.24
CA TRP G 366 47.13 77.57 48.89
C TRP G 366 46.18 77.14 50.00
N ALA G 367 46.65 77.19 51.25
CA ALA G 367 45.83 76.81 52.39
C ALA G 367 44.57 77.66 52.45
N ARG G 368 44.72 78.98 52.32
CA ARG G 368 43.56 79.87 52.36
C ARG G 368 42.63 79.63 51.18
N GLY G 369 43.21 79.20 50.05
CA GLY G 369 42.42 78.90 48.88
C GLY G 369 41.57 77.66 49.12
N MET G 370 42.13 76.67 49.80
CA MET G 370 41.41 75.44 50.10
C MET G 370 40.24 75.74 51.03
N ILE G 371 40.48 76.61 52.01
CA ILE G 371 39.47 77.02 52.96
C ILE G 371 38.37 77.81 52.22
N ALA G 372 38.77 78.71 51.33
CA ALA G 372 37.82 79.50 50.57
C ALA G 372 36.86 78.62 49.79
N LEU G 373 37.40 77.64 49.07
CA LEU G 373 36.59 76.72 48.27
C LEU G 373 35.65 75.88 49.12
N ALA G 374 36.19 75.27 50.19
CA ALA G 374 35.38 74.44 51.06
C ALA G 374 34.26 75.26 51.68
N THR G 375 34.57 76.51 52.00
CA THR G 375 33.59 77.41 52.61
C THR G 375 32.48 77.78 51.62
N MET G 376 32.86 78.10 50.39
CA MET G 376 31.88 78.47 49.37
C MET G 376 30.89 77.35 49.06
N GLN G 377 31.30 76.10 49.30
CA GLN G 377 30.42 74.97 49.05
C GLN G 377 29.72 74.47 50.32
N GLY G 378 29.81 75.25 51.38
CA GLY G 378 29.16 74.90 52.63
C GLY G 378 29.72 73.74 53.43
N MET G 379 31.02 73.77 53.71
CA MET G 379 31.64 72.69 54.48
C MET G 379 30.90 72.47 55.80
N GLY G 380 30.67 71.20 56.14
CA GLY G 380 29.96 70.90 57.37
C GLY G 380 28.60 70.30 57.10
N LYS G 381 28.00 70.67 55.97
CA LYS G 381 26.70 70.11 55.62
C LYS G 381 26.92 68.73 54.99
N PRO G 382 25.90 67.87 55.03
CA PRO G 382 26.00 66.51 54.47
C PRO G 382 26.49 66.49 53.02
N GLY G 383 27.56 65.74 52.77
CA GLY G 383 28.09 65.63 51.43
C GLY G 383 29.00 66.74 50.96
N SER G 384 29.36 67.64 51.88
CA SER G 384 30.22 68.76 51.54
C SER G 384 31.12 69.10 52.71
N ASN G 385 32.42 68.85 52.55
CA ASN G 385 33.35 69.12 53.64
C ASN G 385 34.77 68.93 53.16
N MET G 386 35.71 69.20 54.06
CA MET G 386 37.12 69.00 53.77
C MET G 386 37.37 67.64 54.43
N TRP G 387 37.75 66.66 53.63
CA TRP G 387 38.01 65.31 54.13
C TRP G 387 38.97 64.62 53.17
N SER G 388 40.06 64.09 53.69
CA SER G 388 41.05 63.43 52.85
C SER G 388 40.95 61.91 52.82
N THR G 389 39.86 61.39 53.37
CA THR G 389 39.57 59.95 53.45
C THR G 389 40.48 59.17 54.39
N THR G 390 41.36 59.86 55.12
CA THR G 390 42.24 59.16 56.05
C THR G 390 41.70 59.14 57.47
N GLN G 391 41.04 60.23 57.88
CA GLN G 391 40.47 60.28 59.22
C GLN G 391 38.97 60.09 59.17
N GLY G 392 38.30 60.27 60.30
CA GLY G 392 36.85 60.14 60.34
C GLY G 392 36.27 58.78 60.71
N VAL G 393 37.13 57.80 61.00
CA VAL G 393 36.66 56.45 61.37
C VAL G 393 35.85 56.53 62.67
N PRO G 394 34.70 55.85 62.73
CA PRO G 394 33.79 55.81 63.88
C PRO G 394 34.31 55.09 65.12
N LEU G 395 35.52 55.43 65.55
CA LEU G 395 36.10 54.81 66.73
C LEU G 395 35.54 55.48 67.99
N ASP G 396 35.77 54.88 69.15
CA ASP G 396 35.26 55.43 70.40
C ASP G 396 36.05 56.63 70.88
N TYR G 397 35.62 57.81 70.46
CA TYR G 397 36.29 59.05 70.86
C TYR G 397 36.21 59.27 72.36
N GLU G 398 35.27 58.59 73.03
CA GLU G 398 35.08 58.72 74.47
C GLU G 398 36.14 58.00 75.31
N PHE G 399 36.73 56.94 74.76
CA PHE G 399 37.76 56.19 75.47
C PHE G 399 39.02 57.05 75.50
N TYR G 400 39.65 57.19 76.66
CA TYR G 400 40.85 58.01 76.74
C TYR G 400 42.18 57.29 76.89
N PHE G 401 43.07 57.56 75.95
CA PHE G 401 44.43 57.03 75.98
C PHE G 401 45.26 58.14 75.37
N PRO G 402 46.29 58.59 76.08
CA PRO G 402 47.18 59.67 75.62
C PRO G 402 48.01 59.33 74.38
N GLY G 403 48.24 60.36 73.57
CA GLY G 403 49.08 60.21 72.39
C GLY G 403 50.46 60.66 72.85
N TYR G 404 51.51 60.41 72.08
CA TYR G 404 52.84 60.81 72.52
C TYR G 404 52.98 62.31 72.78
N ALA G 405 52.27 63.13 72.02
CA ALA G 405 52.35 64.58 72.17
C ALA G 405 51.86 65.11 73.51
N GLU G 406 51.22 64.26 74.31
CA GLU G 406 50.72 64.71 75.60
C GLU G 406 51.78 64.72 76.72
N GLY G 407 53.05 64.64 76.32
CA GLY G 407 54.13 64.74 77.29
C GLY G 407 54.68 63.53 78.02
N GLY G 408 53.91 62.45 78.10
CA GLY G 408 54.41 61.27 78.79
C GLY G 408 54.89 61.55 80.21
N ILE G 409 56.15 61.25 80.49
CA ILE G 409 56.70 61.44 81.83
C ILE G 409 57.28 62.82 82.15
N SER G 410 57.21 63.76 81.21
CA SER G 410 57.76 65.09 81.47
C SER G 410 56.75 66.01 82.17
N GLY G 411 55.49 65.91 81.80
CA GLY G 411 54.49 66.77 82.41
C GLY G 411 54.75 68.22 82.03
N ASP G 412 55.46 68.44 80.93
CA ASP G 412 55.79 69.77 80.45
C ASP G 412 54.56 70.41 79.80
N CYS G 413 53.87 71.27 80.55
CA CYS G 413 52.65 71.90 80.04
C CYS G 413 52.83 72.97 78.98
N GLU G 414 54.06 73.41 78.71
CA GLU G 414 54.24 74.43 77.70
C GLU G 414 54.81 73.89 76.39
N ASN G 415 55.55 72.78 76.46
CA ASN G 415 56.13 72.21 75.25
C ASN G 415 55.53 70.88 74.83
N SER G 416 54.38 70.54 75.41
CA SER G 416 53.66 69.32 75.09
C SER G 416 52.21 69.61 75.48
N ALA G 417 51.29 68.75 75.05
CA ALA G 417 49.87 68.94 75.34
C ALA G 417 49.45 68.31 76.66
N ALA G 418 50.43 68.06 77.54
CA ALA G 418 50.16 67.46 78.83
C ALA G 418 49.11 68.24 79.62
N GLY G 419 49.12 69.55 79.47
CA GLY G 419 48.19 70.41 80.19
C GLY G 419 46.71 70.20 79.94
N PHE G 420 46.36 69.67 78.78
CA PHE G 420 44.95 69.45 78.45
C PHE G 420 44.28 68.44 79.37
N LYS G 421 44.95 67.31 79.61
CA LYS G 421 44.35 66.29 80.46
C LYS G 421 45.32 65.30 81.11
N PHE G 422 46.27 64.79 80.33
CA PHE G 422 47.18 63.79 80.87
C PHE G 422 47.98 64.19 82.10
N ALA G 423 48.53 65.41 82.10
CA ALA G 423 49.31 65.86 83.24
C ALA G 423 48.54 65.69 84.55
N TRP G 424 47.27 66.04 84.52
CA TRP G 424 46.42 65.94 85.72
C TRP G 424 46.18 64.49 86.14
N ARG G 425 46.25 63.57 85.19
CA ARG G 425 46.05 62.16 85.48
C ARG G 425 47.34 61.49 85.93
N MET G 426 48.45 61.88 85.30
CA MET G 426 49.74 61.29 85.59
C MET G 426 50.41 61.74 86.89
N PHE G 427 50.28 63.01 87.24
CA PHE G 427 50.92 63.51 88.44
C PHE G 427 49.94 63.83 89.55
N ASP G 428 50.33 63.53 90.78
CA ASP G 428 49.47 63.73 91.94
C ASP G 428 49.95 64.76 92.95
N GLY G 429 51.04 65.45 92.65
CA GLY G 429 51.56 66.45 93.57
C GLY G 429 51.91 65.87 94.93
N LYS G 430 52.12 64.56 94.98
CA LYS G 430 52.46 63.89 96.23
C LYS G 430 53.65 62.92 96.15
N THR G 431 53.61 62.02 95.18
CA THR G 431 54.65 61.02 95.04
C THR G 431 55.40 61.03 93.71
N THR G 432 54.81 61.67 92.70
CA THR G 432 55.44 61.74 91.38
C THR G 432 55.28 63.17 90.88
N PHE G 433 56.34 63.73 90.29
CA PHE G 433 56.29 65.12 89.84
C PHE G 433 56.76 65.38 88.41
N PRO G 434 56.22 66.45 87.80
CA PRO G 434 56.55 66.87 86.43
C PRO G 434 57.93 67.52 86.40
N SER G 435 58.40 67.83 85.19
CA SER G 435 59.70 68.46 85.02
C SER G 435 59.53 69.67 84.11
N PRO G 436 59.18 70.83 84.69
CA PRO G 436 58.96 72.10 83.98
C PRO G 436 60.27 72.73 83.53
N SER G 437 60.18 73.65 82.56
CA SER G 437 61.37 74.35 82.09
C SER G 437 61.12 75.85 82.16
N ASN G 438 62.03 76.57 82.81
CA ASN G 438 61.89 78.01 82.92
C ASN G 438 62.72 78.72 81.85
N LEU G 439 63.27 77.95 80.92
CA LEU G 439 64.05 78.53 79.83
C LEU G 439 63.34 78.34 78.50
N ASN G 440 62.74 77.16 78.30
CA ASN G 440 62.01 76.87 77.07
C ASN G 440 60.60 77.42 77.26
N THR G 441 60.51 78.75 77.26
CA THR G 441 59.25 79.46 77.43
C THR G 441 59.41 80.78 76.68
N SER G 442 58.32 81.49 76.42
CA SER G 442 58.41 82.74 75.69
C SER G 442 59.29 83.83 76.31
N ALA G 443 59.31 83.92 77.63
CA ALA G 443 60.13 84.92 78.32
C ALA G 443 61.55 84.42 78.57
N GLY G 444 61.84 83.21 78.11
CA GLY G 444 63.19 82.67 78.29
C GLY G 444 63.94 82.80 76.97
N GLN G 445 64.61 81.73 76.56
CA GLN G 445 65.34 81.77 75.29
C GLN G 445 65.21 80.49 74.50
N HIS G 446 64.99 80.66 73.20
CA HIS G 446 64.89 79.55 72.25
C HIS G 446 65.32 80.17 70.92
N ILE G 447 65.64 79.32 69.95
CA ILE G 447 66.00 79.81 68.62
C ILE G 447 65.24 78.93 67.63
N PRO G 448 64.97 79.45 66.42
CA PRO G 448 64.24 78.67 65.42
C PRO G 448 65.10 77.57 64.82
N ARG G 449 64.56 76.36 64.73
CA ARG G 449 65.30 75.24 64.13
C ARG G 449 65.74 75.61 62.71
N LEU G 450 64.90 76.35 61.99
CA LEU G 450 65.22 76.73 60.62
C LEU G 450 66.37 77.72 60.51
N LYS G 451 66.75 78.34 61.63
CA LYS G 451 67.81 79.33 61.58
C LYS G 451 68.97 79.09 62.54
N ILE G 452 69.15 77.85 62.95
CA ILE G 452 70.25 77.48 63.84
C ILE G 452 71.59 77.95 63.25
N PRO G 453 71.81 77.72 61.94
CA PRO G 453 73.07 78.13 61.32
C PRO G 453 73.34 79.63 61.43
N GLU G 454 72.31 80.45 61.21
CA GLU G 454 72.47 81.90 61.30
C GLU G 454 72.78 82.34 62.73
N CYS G 455 72.13 81.71 63.70
CA CYS G 455 72.34 82.04 65.11
C CYS G 455 73.76 81.67 65.54
N ILE G 456 74.19 80.46 65.18
CA ILE G 456 75.53 80.00 65.53
C ILE G 456 76.62 80.80 64.81
N MET G 457 76.46 81.00 63.50
CA MET G 457 77.46 81.71 62.73
C MET G 457 77.37 83.22 62.75
N GLY G 458 76.15 83.77 62.82
CA GLY G 458 75.98 85.21 62.85
C GLY G 458 75.96 85.75 64.26
N GLY G 459 75.57 84.90 65.21
CA GLY G 459 75.52 85.31 66.60
C GLY G 459 74.32 86.17 66.94
N LYS G 460 73.39 86.32 66.01
CA LYS G 460 72.20 87.13 66.26
C LYS G 460 71.07 86.83 65.26
N PHE G 461 69.84 87.03 65.71
CA PHE G 461 68.68 86.81 64.84
C PHE G 461 67.42 87.35 65.49
N GLN G 462 66.43 87.66 64.66
CA GLN G 462 65.16 88.19 65.12
C GLN G 462 64.07 87.55 64.27
N TRP G 463 63.00 87.08 64.90
CA TRP G 463 61.95 86.39 64.17
C TRP G 463 60.58 86.49 64.85
N SER G 464 59.58 85.88 64.22
CA SER G 464 58.23 85.88 64.75
C SER G 464 57.81 84.48 65.22
N GLY G 465 57.11 84.44 66.35
CA GLY G 465 56.61 83.19 66.89
C GLY G 465 57.59 82.21 67.52
N LYS G 466 57.09 81.40 68.44
CA LYS G 466 57.93 80.39 69.09
C LYS G 466 57.41 78.99 68.76
N GLY G 467 58.16 78.28 67.91
CA GLY G 467 57.78 76.92 67.53
C GLY G 467 56.35 76.81 67.02
N PHE G 468 55.62 75.84 67.57
CA PHE G 468 54.21 75.60 67.22
C PHE G 468 53.44 76.61 68.06
N ALA G 469 52.94 77.66 67.43
CA ALA G 469 52.19 78.69 68.17
C ALA G 469 50.69 78.38 68.12
N GLY G 470 50.29 77.31 68.79
CA GLY G 470 48.89 76.92 68.76
C GLY G 470 47.97 77.41 69.87
N GLY G 471 48.48 78.23 70.77
CA GLY G 471 47.65 78.73 71.85
C GLY G 471 46.52 79.63 71.38
N ASP G 472 46.84 80.53 70.44
CA ASP G 472 45.85 81.44 69.89
C ASP G 472 46.34 81.90 68.53
N ILE G 473 45.42 82.41 67.72
CA ILE G 473 45.74 82.87 66.38
C ILE G 473 46.94 83.83 66.31
N SER G 474 46.99 84.79 67.22
CA SER G 474 48.07 85.78 67.21
C SER G 474 49.37 85.46 67.95
N HIS G 475 49.45 84.29 68.57
CA HIS G 475 50.68 83.94 69.27
C HIS G 475 51.90 83.92 68.35
N GLN G 476 51.69 83.51 67.10
CA GLN G 476 52.76 83.41 66.10
C GLN G 476 53.31 84.78 65.68
N LEU G 477 52.57 85.83 66.02
CA LEU G 477 52.97 87.20 65.66
C LEU G 477 53.89 87.85 66.70
N HIS G 478 54.08 87.18 67.83
CA HIS G 478 54.94 87.72 68.87
C HIS G 478 56.39 87.78 68.38
N GLN G 479 57.09 88.86 68.72
CA GLN G 479 58.47 89.04 68.26
C GLN G 479 59.53 88.55 69.24
N TYR G 480 60.50 87.80 68.72
CA TYR G 480 61.58 87.24 69.55
C TYR G 480 62.94 87.59 68.97
N GLU G 481 63.97 87.51 69.80
CA GLU G 481 65.33 87.81 69.37
C GLU G 481 66.32 86.85 70.01
N TYR G 482 67.50 86.75 69.40
CA TYR G 482 68.58 85.90 69.90
C TYR G 482 69.88 86.70 69.77
N PRO G 483 70.67 86.77 70.84
CA PRO G 483 70.34 86.12 72.12
C PRO G 483 69.16 86.85 72.75
N ALA G 484 68.39 86.15 73.57
CA ALA G 484 67.25 86.77 74.22
C ALA G 484 67.79 87.68 75.33
N PRO G 485 67.04 88.74 75.68
CA PRO G 485 67.48 89.67 76.74
C PRO G 485 68.00 88.98 77.99
N GLY G 486 69.24 89.30 78.34
CA GLY G 486 69.86 88.74 79.53
C GLY G 486 70.46 87.36 79.38
N TYR G 487 70.09 86.66 78.31
CA TYR G 487 70.61 85.32 78.11
C TYR G 487 71.91 85.26 77.31
N SER G 488 72.55 84.10 77.32
CA SER G 488 73.82 83.93 76.65
C SER G 488 73.77 83.28 75.27
N LYS G 489 74.79 83.56 74.48
CA LYS G 489 74.88 82.97 73.15
C LYS G 489 75.23 81.50 73.35
N ILE G 490 74.96 80.69 72.33
CA ILE G 490 75.22 79.25 72.39
C ILE G 490 76.71 78.91 72.43
N LYS G 491 77.08 78.00 73.31
CA LYS G 491 78.48 77.57 73.45
C LYS G 491 78.60 76.07 73.20
N MET G 492 77.51 75.34 73.42
CA MET G 492 77.48 73.89 73.27
C MET G 492 76.23 73.46 72.50
N PHE G 493 76.34 72.38 71.74
CA PHE G 493 75.20 71.87 70.97
C PHE G 493 75.01 70.38 71.24
N TRP G 494 73.90 70.03 71.89
CA TRP G 494 73.60 68.65 72.19
C TRP G 494 72.55 68.18 71.19
N LYS G 495 72.99 67.47 70.16
CA LYS G 495 72.07 66.98 69.15
C LYS G 495 71.50 65.60 69.46
N TYR G 496 70.23 65.45 69.15
CA TYR G 496 69.49 64.22 69.35
C TYR G 496 69.14 63.86 67.90
N GLY G 497 69.88 62.90 67.33
CA GLY G 497 69.67 62.53 65.94
C GLY G 497 70.43 63.54 65.10
N GLY G 498 70.46 63.36 63.78
CA GLY G 498 71.17 64.30 62.91
C GLY G 498 70.67 64.23 61.48
N PRO G 499 69.38 64.54 61.26
CA PRO G 499 68.73 64.51 59.94
C PRO G 499 68.67 65.80 59.13
N HIS G 500 69.03 66.91 59.74
CA HIS G 500 68.89 68.21 59.08
C HIS G 500 69.45 68.47 57.68
N LEU G 501 70.56 67.83 57.32
CA LEU G 501 71.12 68.03 56.00
C LEU G 501 70.13 67.55 54.94
N GLY G 502 69.27 66.62 55.34
CA GLY G 502 68.28 66.10 54.40
C GLY G 502 66.87 66.60 54.64
N THR G 503 66.62 67.25 55.78
CA THR G 503 65.26 67.68 56.07
C THR G 503 64.96 69.18 56.19
N MET G 504 65.98 70.02 56.32
CA MET G 504 65.73 71.45 56.44
C MET G 504 65.84 72.18 55.09
N THR G 505 66.26 73.44 55.11
CA THR G 505 66.37 74.20 53.86
C THR G 505 67.80 74.63 53.52
N ALA G 506 68.11 74.71 52.23
CA ALA G 506 69.45 75.08 51.74
C ALA G 506 70.45 74.60 52.79
N THR G 507 70.39 73.29 53.03
CA THR G 507 71.17 72.64 54.07
C THR G 507 72.69 72.69 54.11
N ASN G 508 73.36 73.12 53.04
CA ASN G 508 74.81 73.18 53.13
C ASN G 508 75.19 74.06 54.32
N ARG G 509 74.33 75.01 54.67
CA ARG G 509 74.60 75.92 55.79
C ARG G 509 74.65 75.16 57.13
N TYR G 510 73.90 74.07 57.25
CA TYR G 510 73.91 73.29 58.49
C TYR G 510 75.26 72.58 58.63
N ALA G 511 75.88 72.26 57.49
CA ALA G 511 77.18 71.60 57.52
C ALA G 511 78.25 72.62 57.90
N LYS G 512 78.17 73.80 57.29
CA LYS G 512 79.14 74.87 57.57
C LYS G 512 79.18 75.33 59.02
N MET G 513 78.03 75.34 59.68
CA MET G 513 77.96 75.80 61.06
C MET G 513 78.77 75.01 62.08
N TYR G 514 78.98 73.72 61.84
CA TYR G 514 79.72 72.90 62.78
C TYR G 514 81.17 73.28 62.99
N THR G 515 81.76 73.93 61.98
CA THR G 515 83.16 74.32 62.09
C THR G 515 83.36 75.75 62.61
N HIS G 516 82.27 76.43 62.96
CA HIS G 516 82.37 77.79 63.48
C HIS G 516 83.03 77.72 64.85
N ASP G 517 84.00 78.60 65.09
CA ASP G 517 84.73 78.57 66.35
C ASP G 517 83.95 78.98 67.61
N SER G 518 82.71 79.43 67.46
CA SER G 518 81.91 79.80 68.63
C SER G 518 81.39 78.55 69.32
N LEU G 519 81.31 77.45 68.56
CA LEU G 519 80.84 76.17 69.07
C LEU G 519 81.98 75.43 69.77
N GLU G 520 82.01 75.48 71.08
CA GLU G 520 83.06 74.84 71.86
C GLU G 520 82.89 73.33 71.99
N PHE G 521 81.65 72.85 71.92
CA PHE G 521 81.41 71.42 72.09
C PHE G 521 80.12 70.94 71.39
N VAL G 522 80.21 69.77 70.77
CA VAL G 522 79.07 69.18 70.07
C VAL G 522 78.91 67.71 70.43
N VAL G 523 77.74 67.36 70.97
CA VAL G 523 77.44 65.98 71.34
C VAL G 523 76.29 65.48 70.47
N SER G 524 76.36 64.22 70.06
CA SER G 524 75.31 63.65 69.25
C SER G 524 74.83 62.36 69.91
N GLN G 525 73.55 62.36 70.30
CA GLN G 525 72.96 61.20 70.92
C GLN G 525 72.06 60.66 69.82
N SER G 526 72.55 59.65 69.12
CA SER G 526 71.82 59.08 67.98
C SER G 526 71.88 57.57 67.91
N ILE G 527 71.15 57.01 66.94
CA ILE G 527 71.11 55.57 66.74
C ILE G 527 72.04 55.12 65.61
N TRP G 528 71.98 55.78 64.47
CA TRP G 528 72.80 55.43 63.30
C TRP G 528 73.86 56.49 62.98
N PHE G 529 75.00 56.03 62.49
CA PHE G 529 76.10 56.91 62.11
C PHE G 529 75.81 57.37 60.69
N GLU G 530 75.10 58.49 60.56
CA GLU G 530 74.70 59.03 59.27
C GLU G 530 74.41 60.52 59.40
N GLY G 531 74.06 61.14 58.28
CA GLY G 531 73.73 62.56 58.27
C GLY G 531 74.71 63.48 58.99
N GLU G 532 74.23 64.15 60.04
CA GLU G 532 75.05 65.10 60.82
C GLU G 532 75.91 64.47 61.90
N VAL G 533 75.71 63.19 62.17
CA VAL G 533 76.46 62.54 63.24
C VAL G 533 77.99 62.68 63.15
N PRO G 534 78.57 62.54 61.94
CA PRO G 534 80.03 62.66 61.78
C PRO G 534 80.63 64.06 61.96
N PHE G 535 79.85 64.99 62.51
CA PHE G 535 80.38 66.35 62.74
C PHE G 535 80.56 66.54 64.25
N ALA G 536 80.08 65.59 65.04
CA ALA G 536 80.14 65.68 66.50
C ALA G 536 81.49 65.38 67.16
N ASP G 537 81.65 65.88 68.38
CA ASP G 537 82.87 65.66 69.14
C ASP G 537 82.73 64.38 69.95
N ILE G 538 81.54 64.16 70.49
CA ILE G 538 81.22 62.96 71.26
C ILE G 538 79.94 62.37 70.68
N ILE G 539 79.93 61.06 70.49
CA ILE G 539 78.75 60.39 69.94
C ILE G 539 78.29 59.34 70.94
N LEU G 540 77.00 59.36 71.28
CA LEU G 540 76.43 58.41 72.23
C LEU G 540 75.41 57.53 71.53
N PRO G 541 75.58 56.20 71.59
CA PRO G 541 74.71 55.20 70.97
C PRO G 541 73.36 54.96 71.67
N ALA G 542 72.28 55.34 71.00
CA ALA G 542 70.95 55.12 71.53
C ALA G 542 70.42 53.86 70.85
N CYS G 543 69.40 53.22 71.43
CA CYS G 543 68.84 52.01 70.82
C CYS G 543 67.44 52.25 70.24
N THR G 544 66.97 51.31 69.42
CA THR G 544 65.65 51.42 68.81
C THR G 544 64.60 51.01 69.84
N ASN G 545 63.32 51.20 69.51
CA ASN G 545 62.24 50.83 70.43
C ASN G 545 62.09 49.31 70.59
N PHE G 546 62.78 48.54 69.76
CA PHE G 546 62.68 47.09 69.89
C PHE G 546 63.67 46.56 70.93
N GLU G 547 64.49 47.45 71.46
CA GLU G 547 65.51 47.09 72.46
C GLU G 547 65.22 47.67 73.84
N ARG G 548 63.99 48.15 74.05
CA ARG G 548 63.61 48.73 75.34
C ARG G 548 62.10 48.57 75.53
N TRP G 549 61.63 48.82 76.75
CA TRP G 549 60.20 48.71 77.06
C TRP G 549 59.48 50.05 76.88
N ASP G 550 58.25 49.99 76.37
CA ASP G 550 57.46 51.19 76.20
C ASP G 550 55.99 50.80 75.99
N ILE G 551 55.14 51.80 75.83
CA ILE G 551 53.72 51.57 75.62
C ILE G 551 53.22 52.61 74.63
N SER G 552 52.25 52.25 73.79
CA SER G 552 51.74 53.19 72.80
C SER G 552 50.45 52.72 72.16
N GLU G 553 49.87 53.61 71.34
CA GLU G 553 48.65 53.31 70.61
C GLU G 553 48.87 53.59 69.14
N PHE G 554 48.36 52.70 68.30
CA PHE G 554 48.47 52.80 66.84
C PHE G 554 48.19 54.23 66.34
N ALA G 555 49.24 54.87 65.80
CA ALA G 555 49.17 56.22 65.24
C ALA G 555 48.71 57.36 66.15
N ASN G 556 48.63 57.12 67.45
CA ASN G 556 48.17 58.16 68.38
C ASN G 556 49.18 59.22 68.76
N CYS G 557 49.04 60.40 68.17
CA CYS G 557 49.90 61.54 68.44
C CYS G 557 49.19 62.45 69.45
N SER G 558 47.93 62.74 69.15
CA SER G 558 47.11 63.61 69.98
C SER G 558 47.71 65.01 70.01
N GLY G 559 47.42 65.77 71.06
CA GLY G 559 47.97 67.11 71.15
C GLY G 559 47.49 68.01 70.03
N TYR G 560 48.41 68.42 69.15
CA TYR G 560 48.04 69.28 68.03
C TYR G 560 47.28 68.56 66.93
N ILE G 561 47.00 67.28 67.14
CA ILE G 561 46.19 66.51 66.20
C ILE G 561 45.31 65.65 67.12
N PRO G 562 44.40 66.30 67.85
CA PRO G 562 43.51 65.58 68.78
C PRO G 562 42.83 64.36 68.14
N ASP G 563 42.80 63.26 68.89
CA ASP G 563 42.14 62.04 68.44
C ASP G 563 42.51 61.59 67.03
N ASN G 564 43.78 61.70 66.65
CA ASN G 564 44.15 61.29 65.31
C ASN G 564 44.27 59.77 65.17
N TYR G 565 43.92 59.03 66.23
CA TYR G 565 43.96 57.57 66.14
C TYR G 565 42.83 57.16 65.19
N GLN G 566 41.97 58.13 64.87
CA GLN G 566 40.84 57.86 63.97
C GLN G 566 41.34 57.66 62.55
N LEU G 567 42.65 57.59 62.40
CA LEU G 567 43.29 57.34 61.11
C LEU G 567 43.27 55.83 60.86
N CYS G 568 43.14 55.08 61.95
CA CYS G 568 43.15 53.62 61.89
C CYS G 568 41.77 52.99 61.89
N ASN G 569 41.71 51.73 61.47
CA ASN G 569 40.45 50.99 61.41
C ASN G 569 40.01 50.52 62.79
N HIS G 570 40.95 50.46 63.72
CA HIS G 570 40.68 50.06 65.10
C HIS G 570 41.65 50.80 66.00
N ARG G 571 41.27 50.99 67.26
CA ARG G 571 42.18 51.62 68.21
C ARG G 571 42.94 50.44 68.81
N VAL G 572 44.25 50.41 68.60
CA VAL G 572 45.06 49.32 69.13
C VAL G 572 46.12 49.84 70.08
N ILE G 573 46.00 49.42 71.33
CA ILE G 573 46.95 49.81 72.36
C ILE G 573 47.86 48.63 72.59
N SER G 574 49.16 48.84 72.48
CA SER G 574 50.06 47.72 72.68
C SER G 574 51.28 47.97 73.53
N LEU G 575 51.74 46.91 74.17
CA LEU G 575 52.92 46.97 75.00
C LEU G 575 54.08 46.78 74.02
N GLN G 576 55.04 47.69 74.06
CA GLN G 576 56.20 47.56 73.20
C GLN G 576 57.21 46.79 74.02
N ALA G 577 57.25 45.48 73.79
CA ALA G 577 58.14 44.62 74.55
C ALA G 577 59.59 44.73 74.12
N LYS G 578 60.49 44.63 75.09
CA LYS G 578 61.91 44.66 74.80
C LYS G 578 62.11 43.29 74.15
N CYS G 579 62.14 43.26 72.82
CA CYS G 579 62.29 42.02 72.09
C CYS G 579 63.69 41.42 72.15
N ILE G 580 64.71 42.28 72.16
CA ILE G 580 66.09 41.84 72.21
C ILE G 580 66.93 42.81 73.05
N GLU G 581 68.12 42.38 73.43
CA GLU G 581 69.03 43.22 74.21
C GLU G 581 69.55 44.30 73.26
N PRO G 582 69.86 45.50 73.80
CA PRO G 582 70.37 46.58 72.96
C PRO G 582 71.57 46.13 72.13
N VAL G 583 71.54 46.42 70.83
CA VAL G 583 72.62 46.04 69.93
C VAL G 583 73.90 46.79 70.25
N GLY G 584 75.01 46.07 70.27
CA GLY G 584 76.29 46.68 70.57
C GLY G 584 76.31 47.23 71.97
N GLU G 585 76.90 48.41 72.14
CA GLU G 585 76.96 49.05 73.45
C GLU G 585 75.94 50.18 73.57
N SER G 586 74.90 50.13 72.76
CA SER G 586 73.87 51.17 72.80
C SER G 586 72.97 50.98 74.01
N MET G 587 72.22 52.01 74.35
CA MET G 587 71.28 51.94 75.46
C MET G 587 70.14 52.91 75.22
N SER G 588 69.04 52.70 75.92
CA SER G 588 67.87 53.56 75.77
C SER G 588 68.20 55.00 76.17
N ASP G 589 67.54 55.95 75.52
CA ASP G 589 67.76 57.36 75.82
C ASP G 589 67.49 57.61 77.31
N TYR G 590 66.49 56.92 77.85
CA TYR G 590 66.15 57.08 79.26
C TYR G 590 67.30 56.64 80.17
N GLU G 591 67.95 55.54 79.82
CA GLU G 591 69.06 55.04 80.63
C GLU G 591 70.30 55.92 80.46
N ILE G 592 70.43 56.54 79.28
CA ILE G 592 71.54 57.43 79.03
C ILE G 592 71.34 58.65 79.94
N TYR G 593 70.13 59.20 79.92
CA TYR G 593 69.80 60.35 80.75
C TYR G 593 69.87 60.02 82.23
N ARG G 594 69.56 58.77 82.57
CA ARG G 594 69.60 58.33 83.96
C ARG G 594 71.05 58.31 84.41
N LEU G 595 71.95 57.91 83.51
CA LEU G 595 73.38 57.88 83.80
C LEU G 595 73.86 59.32 84.02
N PHE G 596 73.47 60.22 83.12
CA PHE G 596 73.86 61.62 83.23
C PHE G 596 73.31 62.24 84.52
N ALA G 597 72.05 61.93 84.84
CA ALA G 597 71.42 62.46 86.04
C ALA G 597 72.23 62.09 87.28
N LYS G 598 72.73 60.86 87.30
CA LYS G 598 73.53 60.39 88.42
C LYS G 598 74.78 61.24 88.55
N LYS G 599 75.47 61.45 87.44
CA LYS G 599 76.69 62.24 87.42
C LYS G 599 76.43 63.73 87.62
N LEU G 600 75.17 64.15 87.47
CA LEU G 600 74.82 65.55 87.64
C LEU G 600 74.17 65.76 89.02
N ASN G 601 74.12 64.69 89.79
CA ASN G 601 73.57 64.70 91.15
C ASN G 601 72.07 64.96 91.19
N ILE G 602 71.34 64.51 90.18
CA ILE G 602 69.90 64.69 90.11
C ILE G 602 69.15 63.42 89.71
N GLU G 603 69.78 62.28 89.91
CA GLU G 603 69.19 60.99 89.54
C GLU G 603 67.83 60.76 90.19
N GLU G 604 67.77 61.05 91.48
CA GLU G 604 66.56 60.90 92.26
C GLU G 604 65.37 61.66 91.67
N MET G 605 65.59 62.93 91.35
CA MET G 605 64.53 63.78 90.79
C MET G 605 64.12 63.35 89.39
N PHE G 606 65.10 62.94 88.59
CA PHE G 606 64.83 62.53 87.22
C PHE G 606 64.11 61.19 87.11
N SER G 607 64.65 60.17 87.75
CA SER G 607 64.08 58.82 87.67
C SER G 607 62.99 58.46 88.66
N GLU G 608 63.01 59.12 89.83
CA GLU G 608 62.06 58.81 90.90
C GLU G 608 62.16 57.32 91.22
N GLY G 609 63.36 56.77 91.01
CA GLY G 609 63.62 55.37 91.28
C GLY G 609 62.97 54.36 90.35
N LYS G 610 62.47 54.81 89.20
CA LYS G 610 61.80 53.91 88.27
C LYS G 610 62.57 53.66 86.97
N ASP G 611 62.49 52.43 86.47
CA ASP G 611 63.12 52.13 85.19
C ASP G 611 61.99 52.35 84.19
N GLU G 612 62.26 52.14 82.91
CA GLU G 612 61.24 52.35 81.89
C GLU G 612 59.96 51.55 82.11
N LEU G 613 60.09 50.29 82.48
CA LEU G 613 58.92 49.45 82.69
C LEU G 613 58.05 49.97 83.83
N ALA G 614 58.69 50.55 84.85
CA ALA G 614 57.96 51.09 85.99
C ALA G 614 57.16 52.34 85.56
N TRP G 615 57.75 53.16 84.71
CA TRP G 615 57.06 54.35 84.22
C TRP G 615 55.89 53.92 83.32
N CYS G 616 56.08 52.84 82.57
CA CYS G 616 55.02 52.37 81.69
C CYS G 616 53.79 51.97 82.50
N GLU G 617 54.01 51.35 83.65
CA GLU G 617 52.91 50.93 84.52
C GLU G 617 52.20 52.13 85.13
N GLN G 618 52.95 53.15 85.53
CA GLN G 618 52.34 54.35 86.08
C GLN G 618 51.55 55.04 84.95
N TYR G 619 52.16 55.09 83.78
CA TYR G 619 51.54 55.70 82.59
C TYR G 619 50.22 54.98 82.30
N PHE G 620 50.27 53.66 82.27
CA PHE G 620 49.11 52.82 82.03
C PHE G 620 47.95 53.14 82.98
N ASN G 621 48.25 53.25 84.27
CA ASN G 621 47.22 53.54 85.26
C ASN G 621 46.65 54.96 85.16
N ALA G 622 47.28 55.81 84.35
CA ALA G 622 46.81 57.18 84.19
C ALA G 622 45.89 57.29 82.98
N THR G 623 45.59 56.16 82.35
CA THR G 623 44.71 56.16 81.18
C THR G 623 43.42 55.44 81.55
N ASP G 624 42.56 55.21 80.56
CA ASP G 624 41.29 54.52 80.81
C ASP G 624 41.45 53.00 80.73
N MET G 625 42.65 52.54 80.38
CA MET G 625 42.91 51.10 80.27
C MET G 625 42.51 50.27 81.48
N PRO G 626 42.75 50.76 82.70
CA PRO G 626 42.39 50.01 83.90
C PRO G 626 40.89 49.67 83.98
N LYS G 627 40.08 50.35 83.17
CA LYS G 627 38.65 50.08 83.16
C LYS G 627 38.37 48.74 82.48
N TYR G 628 39.30 48.29 81.66
CA TYR G 628 39.14 47.02 80.94
C TYR G 628 40.05 45.91 81.44
N MET G 629 41.28 46.26 81.82
CA MET G 629 42.20 45.23 82.32
C MET G 629 43.33 45.80 83.16
N THR G 630 43.85 44.96 84.05
CA THR G 630 44.94 45.35 84.93
C THR G 630 46.25 45.39 84.14
N TRP G 631 47.25 46.02 84.74
CA TRP G 631 48.55 46.12 84.10
C TRP G 631 49.09 44.73 83.80
N ASP G 632 49.03 43.85 84.80
CA ASP G 632 49.51 42.48 84.62
C ASP G 632 48.83 41.77 83.46
N GLU G 633 47.50 41.87 83.38
CA GLU G 633 46.76 41.22 82.30
C GLU G 633 47.15 41.81 80.94
N PHE G 634 47.35 43.12 80.91
CA PHE G 634 47.74 43.80 79.68
C PHE G 634 49.15 43.41 79.28
N PHE G 635 50.06 43.44 80.25
CA PHE G 635 51.44 43.08 80.01
C PHE G 635 51.52 41.71 79.37
N LYS G 636 50.74 40.77 79.89
CA LYS G 636 50.72 39.40 79.39
C LYS G 636 50.12 39.28 77.99
N LYS G 637 49.00 39.95 77.74
CA LYS G 637 48.36 39.87 76.42
C LYS G 637 49.22 40.58 75.38
N GLY G 638 49.78 41.73 75.76
CA GLY G 638 50.64 42.47 74.85
C GLY G 638 49.96 43.54 74.02
N TYR G 639 48.67 43.39 73.77
CA TYR G 639 47.94 44.37 72.97
C TYR G 639 46.45 44.32 73.30
N PHE G 640 45.76 45.43 73.07
CA PHE G 640 44.33 45.52 73.34
C PHE G 640 43.60 46.24 72.22
N VAL G 641 42.50 45.68 71.77
CA VAL G 641 41.70 46.31 70.72
C VAL G 641 40.55 46.98 71.43
N VAL G 642 40.50 48.31 71.36
CA VAL G 642 39.44 49.06 72.02
C VAL G 642 38.08 48.71 71.41
N PRO G 643 37.11 48.37 72.27
CA PRO G 643 35.75 48.01 71.83
C PRO G 643 35.06 49.15 71.09
N ASP G 644 34.08 48.80 70.26
CA ASP G 644 33.32 49.79 69.52
C ASP G 644 32.34 50.43 70.49
N ASN G 645 31.89 51.65 70.19
CA ASN G 645 30.92 52.37 71.02
C ASN G 645 29.77 52.71 70.07
N PRO G 646 29.03 51.70 69.61
CA PRO G 646 27.90 51.82 68.67
C PRO G 646 26.88 52.89 68.98
N ASN G 647 26.62 53.14 70.26
CA ASN G 647 25.60 54.12 70.63
C ASN G 647 25.99 55.57 70.84
N ARG G 648 27.28 55.90 70.79
CA ARG G 648 27.66 57.29 70.98
C ARG G 648 27.06 58.11 69.85
N LYS G 649 26.71 59.37 70.13
CA LYS G 649 26.13 60.20 69.09
C LYS G 649 27.21 60.66 68.12
N LYS G 650 26.89 60.65 66.84
CA LYS G 650 27.82 61.08 65.81
C LYS G 650 27.85 62.59 65.72
N THR G 651 29.05 63.15 65.65
CA THR G 651 29.20 64.59 65.54
C THR G 651 30.18 64.85 64.39
N VAL G 652 29.62 65.08 63.21
CA VAL G 652 30.43 65.32 62.03
C VAL G 652 31.20 66.63 62.11
N ALA G 653 32.46 66.58 61.69
CA ALA G 653 33.35 67.72 61.70
C ALA G 653 32.72 68.96 61.07
N LEU G 654 32.74 70.06 61.82
CA LEU G 654 32.20 71.34 61.38
C LEU G 654 30.70 71.46 61.12
N ARG G 655 29.94 70.40 61.36
CA ARG G 655 28.50 70.51 61.11
C ARG G 655 27.91 71.55 62.06
N TRP G 656 28.39 71.58 63.31
CA TRP G 656 27.89 72.56 64.26
C TRP G 656 28.10 73.97 63.71
N PHE G 657 29.26 74.21 63.10
CA PHE G 657 29.55 75.52 62.54
C PHE G 657 28.63 75.86 61.36
N ALA G 658 28.48 74.90 60.45
CA ALA G 658 27.62 75.09 59.29
C ALA G 658 26.19 75.41 59.72
N GLU G 659 25.75 74.80 60.81
CA GLU G 659 24.40 75.01 61.32
C GLU G 659 24.31 76.13 62.35
N GLY G 660 25.38 76.89 62.50
CA GLY G 660 25.40 78.00 63.44
C GLY G 660 25.00 77.69 64.86
N ARG G 661 25.43 76.55 65.40
CA ARG G 661 25.09 76.20 66.77
C ARG G 661 26.35 75.95 67.60
N GLU G 662 26.16 75.58 68.86
CA GLU G 662 27.30 75.32 69.73
C GLU G 662 28.15 74.14 69.29
N LYS G 663 29.46 74.30 69.38
CA LYS G 663 30.40 73.24 69.02
C LYS G 663 30.01 72.00 69.82
N ASP G 664 29.92 70.86 69.16
CA ASP G 664 29.50 69.63 69.84
C ASP G 664 30.43 68.44 69.64
N THR G 665 31.56 68.65 68.98
CA THR G 665 32.52 67.57 68.75
C THR G 665 33.49 67.46 69.93
N PRO G 666 34.34 66.41 69.94
CA PRO G 666 35.31 66.24 71.03
C PRO G 666 36.58 67.07 70.79
N ASP G 667 36.55 67.94 69.79
CA ASP G 667 37.73 68.75 69.49
C ASP G 667 38.20 69.55 70.69
N TRP G 668 39.50 69.82 70.72
CA TRP G 668 40.13 70.55 71.82
C TRP G 668 39.97 72.07 71.75
N GLY G 669 39.13 72.52 70.83
CA GLY G 669 38.89 73.94 70.68
C GLY G 669 37.64 74.17 69.87
N PRO G 670 37.22 75.42 69.70
CA PRO G 670 37.94 76.58 70.25
C PRO G 670 37.72 76.75 71.75
N ARG G 671 38.61 77.50 72.39
CA ARG G 671 38.45 77.74 73.81
C ARG G 671 37.25 78.66 73.99
N LEU G 672 36.58 78.54 75.12
CA LEU G 672 35.39 79.32 75.40
C LEU G 672 35.58 80.83 75.24
N ASN G 673 36.73 81.35 75.69
CA ASN G 673 36.97 82.79 75.59
C ASN G 673 37.10 83.29 74.16
N ASN G 674 37.32 82.38 73.21
CA ASN G 674 37.43 82.74 71.80
C ASN G 674 36.11 82.58 71.05
N GLN G 675 35.04 82.41 71.81
CA GLN G 675 33.70 82.26 71.23
C GLN G 675 32.69 83.10 71.99
N VAL G 676 31.55 83.34 71.35
CA VAL G 676 30.46 84.05 71.99
C VAL G 676 29.41 82.96 72.15
N CYS G 677 29.07 82.65 73.40
CA CYS G 677 28.07 81.63 73.72
C CYS G 677 28.44 80.29 73.09
N ARG G 678 29.75 80.04 73.07
CA ARG G 678 30.39 78.86 72.48
C ARG G 678 29.91 78.42 71.10
N LYS G 679 29.71 79.41 70.25
CA LYS G 679 29.29 79.21 68.86
C LYS G 679 30.35 79.91 68.01
N GLY G 680 30.48 79.46 66.76
CA GLY G 680 31.43 80.07 65.85
C GLY G 680 32.88 79.67 65.98
N LEU G 681 33.66 80.04 64.97
CA LEU G 681 35.08 79.73 64.94
C LEU G 681 35.86 80.58 65.93
N GLN G 682 37.14 80.22 66.13
CA GLN G 682 38.02 80.91 67.04
C GLN G 682 38.31 82.37 66.62
N THR G 683 38.08 82.66 65.34
CA THR G 683 38.31 84.01 64.83
C THR G 683 37.47 85.05 65.57
N THR G 684 37.92 86.30 65.54
CA THR G 684 37.21 87.38 66.21
C THR G 684 35.72 87.42 65.85
N THR G 685 35.41 87.36 64.55
CA THR G 685 34.03 87.39 64.08
C THR G 685 33.33 86.06 64.27
N GLY G 686 34.10 85.00 64.46
CA GLY G 686 33.53 83.68 64.62
C GLY G 686 33.20 83.08 63.26
N LYS G 687 33.58 83.78 62.20
CA LYS G 687 33.33 83.35 60.82
C LYS G 687 34.64 83.11 60.06
N VAL G 688 34.52 82.62 58.83
CA VAL G 688 35.69 82.41 57.98
C VAL G 688 36.04 83.80 57.48
N GLU G 689 37.24 84.27 57.80
CA GLU G 689 37.65 85.62 57.42
C GLU G 689 38.51 85.74 56.17
N PHE G 690 37.87 86.10 55.06
CA PHE G 690 38.56 86.28 53.79
C PHE G 690 39.52 87.45 53.89
N ILE G 691 39.23 88.36 54.81
CA ILE G 691 40.08 89.49 55.12
C ILE G 691 40.30 89.23 56.60
N ALA G 692 41.47 88.69 56.93
CA ALA G 692 41.80 88.32 58.31
C ALA G 692 41.93 89.51 59.25
N THR G 693 41.11 89.52 60.31
CA THR G 693 41.14 90.62 61.28
C THR G 693 42.45 90.64 62.07
N SER G 694 43.01 89.46 62.33
CA SER G 694 44.26 89.37 63.06
C SER G 694 45.39 90.01 62.24
N LEU G 695 45.46 89.65 60.96
CA LEU G 695 46.50 90.19 60.10
C LEU G 695 46.26 91.66 59.81
N LYS G 696 45.00 92.06 59.76
CA LYS G 696 44.70 93.47 59.52
C LYS G 696 45.22 94.28 60.70
N ASN G 697 45.05 93.76 61.91
CA ASN G 697 45.55 94.43 63.11
C ASN G 697 47.07 94.51 63.01
N PHE G 698 47.68 93.38 62.69
CA PHE G 698 49.13 93.25 62.56
C PHE G 698 49.73 94.28 61.59
N GLU G 699 49.16 94.37 60.38
CA GLU G 699 49.68 95.33 59.41
C GLU G 699 49.43 96.78 59.80
N GLU G 700 48.31 97.06 60.47
CA GLU G 700 48.03 98.42 60.90
C GLU G 700 48.89 98.80 62.10
N GLN G 701 49.53 97.81 62.71
CA GLN G 701 50.42 98.04 63.83
C GLN G 701 51.81 98.35 63.28
N GLY G 702 51.93 98.34 61.95
CA GLY G 702 53.20 98.63 61.30
C GLY G 702 53.92 97.45 60.69
N TYR G 703 53.48 96.23 60.96
CA TYR G 703 54.16 95.08 60.40
C TYR G 703 53.69 94.78 58.98
N ILE G 704 54.28 95.47 58.02
CA ILE G 704 53.95 95.34 56.60
C ILE G 704 54.59 94.07 56.03
N ASP G 705 53.78 93.26 55.36
CA ASP G 705 54.27 92.00 54.78
C ASP G 705 53.53 91.69 53.48
N GLU G 706 54.19 92.01 52.36
CA GLU G 706 53.63 91.82 51.02
C GLU G 706 53.21 90.39 50.72
N HIS G 707 53.98 89.40 51.17
CA HIS G 707 53.65 88.02 50.90
C HIS G 707 52.70 87.34 51.89
N ARG G 708 52.08 88.15 52.74
CA ARG G 708 51.10 87.63 53.68
C ARG G 708 50.05 88.72 53.90
N PRO G 709 49.33 89.07 52.82
CA PRO G 709 48.29 90.11 52.89
C PRO G 709 47.11 89.66 53.76
N SER G 710 46.46 90.60 54.42
CA SER G 710 45.31 90.27 55.26
C SER G 710 44.22 89.61 54.44
N MET G 711 44.09 90.02 53.18
CA MET G 711 43.08 89.43 52.30
C MET G 711 43.69 88.35 51.40
N HIS G 712 43.04 87.19 51.35
CA HIS G 712 43.49 86.08 50.50
C HIS G 712 43.47 86.58 49.06
N THR G 713 44.64 86.68 48.46
CA THR G 713 44.76 87.15 47.07
C THR G 713 45.76 86.32 46.29
N TYR G 714 45.92 86.61 45.01
CA TYR G 714 46.88 85.84 44.22
C TYR G 714 48.28 86.43 44.32
N VAL G 715 48.98 86.06 45.38
CA VAL G 715 50.34 86.52 45.58
C VAL G 715 51.22 85.57 44.79
N PRO G 716 51.91 86.06 43.74
CA PRO G 716 52.77 85.20 42.94
C PRO G 716 53.83 84.54 43.83
N ALA G 717 54.01 83.23 43.68
CA ALA G 717 55.00 82.50 44.47
C ALA G 717 56.39 83.09 44.21
N TRP G 718 57.10 83.47 45.27
CA TRP G 718 58.40 84.07 45.06
C TRP G 718 59.46 83.16 44.45
N GLU G 719 59.22 81.85 44.44
CA GLU G 719 60.14 80.92 43.79
C GLU G 719 59.33 80.02 42.87
N SER G 720 58.89 80.58 41.75
CA SER G 720 58.12 79.86 40.76
C SER G 720 58.79 80.16 39.42
N GLN G 721 58.45 79.38 38.39
CA GLN G 721 59.07 79.56 37.08
C GLN G 721 58.81 80.87 36.34
N LYS G 722 57.64 81.47 36.51
CA LYS G 722 57.40 82.72 35.78
C LYS G 722 57.53 83.98 36.62
N HIS G 723 57.72 83.85 37.93
CA HIS G 723 57.84 85.02 38.78
C HIS G 723 59.20 85.24 39.43
N SER G 724 60.12 84.30 39.28
CA SER G 724 61.45 84.46 39.88
C SER G 724 62.54 84.67 38.83
N PRO G 725 63.43 85.66 39.07
CA PRO G 725 64.53 85.98 38.16
C PRO G 725 65.46 84.77 38.02
N LEU G 726 65.43 83.89 39.03
CA LEU G 726 66.24 82.68 39.04
C LEU G 726 65.86 81.68 37.95
N ALA G 727 64.61 81.76 37.49
CA ALA G 727 64.12 80.85 36.46
C ALA G 727 64.95 80.88 35.19
N VAL G 728 65.62 82.00 34.94
CA VAL G 728 66.45 82.12 33.74
C VAL G 728 67.56 81.09 33.79
N LYS G 729 68.28 81.02 34.90
CA LYS G 729 69.38 80.05 35.06
C LYS G 729 68.86 78.67 35.45
N TYR G 730 67.79 78.65 36.25
CA TYR G 730 67.23 77.39 36.74
C TYR G 730 65.76 77.34 36.36
N PRO G 731 65.47 76.91 35.11
CA PRO G 731 64.13 76.78 34.52
C PRO G 731 63.22 75.66 35.01
N LEU G 732 63.78 74.66 35.68
CA LEU G 732 62.97 73.54 36.14
C LEU G 732 62.40 73.72 37.55
N GLY G 733 61.10 73.47 37.68
CA GLY G 733 60.47 73.59 38.98
C GLY G 733 60.52 72.26 39.68
N MET G 734 61.10 72.24 40.88
CA MET G 734 61.20 71.01 41.65
C MET G 734 60.35 71.01 42.90
N LEU G 735 59.71 69.87 43.17
CA LEU G 735 58.94 69.70 44.39
C LEU G 735 59.62 68.50 45.03
N SER G 736 59.66 68.45 46.35
CA SER G 736 60.33 67.35 47.03
C SER G 736 59.58 66.89 48.28
N PRO G 737 58.47 66.17 48.08
CA PRO G 737 57.56 65.62 49.10
C PRO G 737 58.20 64.54 49.97
N HIS G 738 57.40 63.98 50.89
CA HIS G 738 57.91 62.96 51.80
C HIS G 738 58.20 61.65 51.10
N PRO G 739 59.28 60.97 51.51
CA PRO G 739 59.69 59.70 50.91
C PRO G 739 58.64 58.59 51.01
N ARG G 740 58.44 57.93 49.88
CA ARG G 740 57.49 56.84 49.76
C ARG G 740 57.87 55.60 50.59
N PHE G 741 59.15 55.25 50.60
CA PHE G 741 59.58 54.07 51.31
C PHE G 741 60.36 54.27 52.61
N SER G 742 60.16 55.42 53.25
CA SER G 742 60.85 55.71 54.50
C SER G 742 60.06 56.73 55.32
N MET G 743 60.22 56.70 56.64
CA MET G 743 59.55 57.67 57.50
C MET G 743 60.65 58.70 57.63
N HIS G 744 60.65 59.66 56.72
CA HIS G 744 61.70 60.67 56.65
C HIS G 744 63.04 59.94 56.58
N THR G 745 63.99 60.25 57.46
CA THR G 745 65.28 59.57 57.37
C THR G 745 65.29 58.13 57.91
N MET G 746 64.27 57.78 58.68
CA MET G 746 64.18 56.46 59.29
C MET G 746 63.65 55.41 58.32
N GLY G 747 64.58 54.85 57.54
CA GLY G 747 64.24 53.85 56.54
C GLY G 747 65.28 53.87 55.45
N ASP G 748 65.64 55.07 55.00
CA ASP G 748 66.65 55.25 53.95
C ASP G 748 68.04 55.02 54.52
N GLY G 749 69.00 54.68 53.66
CA GLY G 749 70.36 54.44 54.10
C GLY G 749 70.47 53.28 55.09
N LYS G 750 71.43 53.39 56.00
CA LYS G 750 71.66 52.38 57.03
C LYS G 750 71.84 50.97 56.46
N ASN G 751 72.11 50.88 55.16
CA ASN G 751 72.27 49.58 54.51
C ASN G 751 71.01 48.75 54.77
N SER G 752 69.86 49.42 54.80
CA SER G 752 68.57 48.76 55.04
C SER G 752 68.05 48.09 53.77
N TYR G 753 67.03 47.25 53.93
CA TYR G 753 66.43 46.54 52.80
C TYR G 753 65.73 47.47 51.83
N MET G 754 65.19 48.57 52.35
CA MET G 754 64.48 49.53 51.51
C MET G 754 65.33 50.07 50.38
N ASN G 755 66.66 50.02 50.53
CA ASN G 755 67.55 50.53 49.50
C ASN G 755 67.54 49.69 48.22
N TYR G 756 66.98 48.48 48.29
CA TYR G 756 66.91 47.62 47.11
C TYR G 756 65.58 47.81 46.37
N ILE G 757 64.73 48.67 46.90
CA ILE G 757 63.43 48.94 46.27
C ILE G 757 63.69 49.74 45.00
N LYS G 758 63.20 49.22 43.88
CA LYS G 758 63.39 49.83 42.57
C LYS G 758 63.15 51.33 42.51
N ASP G 759 62.06 51.80 43.10
CA ASP G 759 61.70 53.22 43.06
C ASP G 759 62.20 54.03 44.26
N HIS G 760 63.20 53.52 44.97
CA HIS G 760 63.75 54.23 46.12
C HIS G 760 65.13 54.77 45.78
N ARG G 761 66.03 53.87 45.38
CA ARG G 761 67.38 54.24 44.97
C ARG G 761 67.74 53.36 43.78
N VAL G 762 68.67 53.83 42.95
CA VAL G 762 69.11 53.09 41.77
C VAL G 762 70.60 52.83 41.89
N GLU G 763 71.01 51.57 41.86
CA GLU G 763 72.42 51.25 41.97
C GLU G 763 73.14 51.46 40.65
N VAL G 764 74.23 52.22 40.70
CA VAL G 764 75.04 52.51 39.51
C VAL G 764 76.51 52.35 39.90
N ASP G 765 77.15 51.35 39.30
CA ASP G 765 78.56 51.08 39.57
C ASP G 765 78.85 50.92 41.05
N GLY G 766 78.06 50.11 41.74
CA GLY G 766 78.28 49.87 43.15
C GLY G 766 77.69 50.85 44.14
N TYR G 767 77.19 52.00 43.68
CA TYR G 767 76.61 52.98 44.59
C TYR G 767 75.12 53.14 44.31
N LYS G 768 74.32 53.17 45.37
CA LYS G 768 72.87 53.33 45.20
C LYS G 768 72.52 54.81 45.29
N TYR G 769 72.15 55.40 44.16
CA TYR G 769 71.83 56.82 44.11
C TYR G 769 70.36 57.15 44.31
N TRP G 770 70.12 58.31 44.90
CA TRP G 770 68.77 58.81 45.16
C TRP G 770 68.18 59.15 43.79
N ILE G 771 66.85 59.07 43.68
CA ILE G 771 66.16 59.30 42.42
C ILE G 771 65.52 60.67 42.20
N MET G 772 65.61 61.13 40.96
CA MET G 772 64.95 62.37 40.56
C MET G 772 64.15 61.99 39.32
N ARG G 773 62.86 62.29 39.34
CA ARG G 773 61.98 61.98 38.23
C ARG G 773 61.91 63.17 37.29
N VAL G 774 62.08 62.91 36.00
CA VAL G 774 62.09 63.95 34.98
C VAL G 774 61.19 63.57 33.81
N ASN G 775 60.45 64.54 33.28
CA ASN G 775 59.57 64.27 32.15
C ASN G 775 60.43 63.98 30.92
N SER G 776 60.00 63.01 30.13
CA SER G 776 60.71 62.59 28.92
C SER G 776 61.15 63.75 28.02
N ILE G 777 60.29 64.74 27.86
CA ILE G 777 60.59 65.90 27.01
C ILE G 777 61.79 66.68 27.55
N ASP G 778 61.83 66.89 28.86
CA ASP G 778 62.93 67.62 29.48
C ASP G 778 64.21 66.79 29.47
N ALA G 779 64.08 65.48 29.68
CA ALA G 779 65.23 64.59 29.69
C ALA G 779 65.83 64.57 28.28
N GLU G 780 64.98 64.38 27.28
CA GLU G 780 65.40 64.33 25.89
C GLU G 780 66.20 65.59 25.51
N ALA G 781 65.70 66.76 25.93
CA ALA G 781 66.37 68.02 25.61
C ALA G 781 67.75 68.14 26.23
N ARG G 782 68.05 67.31 27.23
CA ARG G 782 69.35 67.36 27.89
C ARG G 782 70.18 66.10 27.65
N GLY G 783 69.70 65.23 26.76
CA GLY G 783 70.42 64.00 26.47
C GLY G 783 70.44 63.06 27.65
N ILE G 784 69.44 63.18 28.52
CA ILE G 784 69.36 62.33 29.70
C ILE G 784 68.47 61.12 29.47
N LYS G 785 69.01 59.94 29.76
CA LYS G 785 68.25 58.70 29.59
C LYS G 785 67.97 58.07 30.94
N ASN G 786 66.97 57.18 30.96
CA ASN G 786 66.58 56.50 32.18
C ASN G 786 67.81 55.85 32.80
N GLY G 787 68.04 56.11 34.09
CA GLY G 787 69.18 55.52 34.77
C GLY G 787 70.46 56.34 34.78
N ASP G 788 70.54 57.39 33.96
CA ASP G 788 71.73 58.23 33.92
C ASP G 788 71.97 58.96 35.23
N LEU G 789 73.24 59.23 35.53
CA LEU G 789 73.57 59.99 36.73
C LEU G 789 73.51 61.44 36.29
N ILE G 790 72.73 62.25 37.00
CA ILE G 790 72.61 63.64 36.64
C ILE G 790 72.98 64.51 37.83
N ARG G 791 73.20 65.79 37.54
CA ARG G 791 73.56 66.75 38.55
C ARG G 791 72.45 67.80 38.61
N ALA G 792 71.76 67.88 39.74
CA ALA G 792 70.70 68.88 39.93
C ALA G 792 71.38 70.00 40.70
N TYR G 793 71.20 71.24 40.27
CA TYR G 793 71.88 72.34 40.96
C TYR G 793 71.23 73.70 40.78
N ASN G 794 71.63 74.63 41.66
CA ASN G 794 71.23 76.03 41.62
C ASN G 794 72.24 76.80 42.45
N ASP G 795 71.94 78.03 42.85
CA ASP G 795 72.91 78.80 43.62
C ASP G 795 73.28 78.20 44.98
N ARG G 796 72.43 77.33 45.52
CA ARG G 796 72.67 76.75 46.84
C ARG G 796 73.55 75.50 46.93
N GLY G 797 73.70 74.78 45.81
CA GLY G 797 74.52 73.59 45.84
C GLY G 797 74.31 72.68 44.65
N SER G 798 74.87 71.47 44.76
CA SER G 798 74.76 70.45 43.72
C SER G 798 74.47 69.12 44.38
N VAL G 799 73.66 68.30 43.72
CA VAL G 799 73.31 66.98 44.21
C VAL G 799 73.36 66.03 43.02
N ILE G 800 73.98 64.87 43.21
CA ILE G 800 74.07 63.87 42.15
C ILE G 800 72.98 62.85 42.37
N LEU G 801 72.20 62.59 41.32
CA LEU G 801 71.07 61.67 41.40
C LEU G 801 70.95 60.77 40.17
N ALA G 802 70.16 59.71 40.31
CA ALA G 802 69.91 58.80 39.20
C ALA G 802 68.60 59.28 38.59
N ALA G 803 68.57 59.44 37.28
CA ALA G 803 67.38 59.91 36.62
C ALA G 803 66.37 58.83 36.31
N GLN G 804 65.10 59.14 36.53
CA GLN G 804 64.01 58.23 36.21
C GLN G 804 63.16 59.05 35.25
N VAL G 805 63.20 58.70 33.97
CA VAL G 805 62.42 59.40 32.95
C VAL G 805 60.98 58.91 33.07
N THR G 806 60.04 59.85 33.16
CA THR G 806 58.64 59.51 33.34
C THR G 806 57.67 60.46 32.64
N GLU G 807 56.39 60.09 32.66
CA GLU G 807 55.32 60.91 32.07
C GLU G 807 54.48 61.47 33.21
N CYS G 808 54.80 61.05 34.43
CA CYS G 808 54.07 61.46 35.63
C CYS G 808 54.34 62.88 36.12
N LEU G 809 54.75 63.75 35.20
CA LEU G 809 55.06 65.15 35.53
C LEU G 809 54.85 66.01 34.29
N GLN G 810 54.32 67.21 34.47
CA GLN G 810 54.16 68.10 33.33
C GLN G 810 55.58 68.53 32.93
N PRO G 811 55.84 68.65 31.62
CA PRO G 811 57.19 69.06 31.21
C PRO G 811 57.59 70.35 31.93
N GLY G 812 58.84 70.40 32.38
CA GLY G 812 59.32 71.58 33.07
C GLY G 812 59.35 71.39 34.58
N THR G 813 58.73 70.31 35.04
CA THR G 813 58.67 69.98 36.46
C THR G 813 59.47 68.72 36.78
N VAL G 814 60.26 68.77 37.85
CA VAL G 814 61.03 67.61 38.27
C VAL G 814 60.65 67.25 39.70
N HIS G 815 60.86 66.00 40.07
CA HIS G 815 60.47 65.52 41.39
C HIS G 815 61.51 64.59 42.02
N SER G 816 61.80 64.84 43.29
CA SER G 816 62.73 64.02 44.05
C SER G 816 62.33 64.14 45.53
N TYR G 817 62.10 63.00 46.18
CA TYR G 817 61.69 63.03 47.58
C TYR G 817 62.74 63.64 48.49
N GLU G 818 62.29 64.22 49.60
CA GLU G 818 63.20 64.82 50.57
C GLU G 818 63.49 63.74 51.60
N SER G 819 64.16 64.14 52.69
CA SER G 819 64.48 63.25 53.79
C SER G 819 65.56 62.20 53.58
N CYS G 820 66.44 62.40 52.61
CA CYS G 820 67.54 61.47 52.39
C CYS G 820 68.31 61.36 53.71
N ALA G 821 68.70 60.15 54.09
CA ALA G 821 69.42 59.94 55.34
C ALA G 821 70.94 60.01 55.19
N VAL G 822 71.40 59.87 53.96
CA VAL G 822 72.81 59.85 53.66
C VAL G 822 73.41 61.17 53.17
N TYR G 823 74.39 61.68 53.89
CA TYR G 823 75.09 62.89 53.47
C TYR G 823 76.48 62.42 53.08
N ASP G 824 76.76 62.46 51.78
CA ASP G 824 78.03 61.99 51.24
C ASP G 824 78.65 62.96 50.23
N PRO G 825 79.33 64.01 50.74
CA PRO G 825 79.98 65.06 49.94
C PRO G 825 81.13 64.50 49.11
N LEU G 826 81.20 64.90 47.85
CA LEU G 826 82.27 64.44 46.96
C LEU G 826 83.55 65.23 47.25
N GLY G 827 83.40 66.32 48.00
CA GLY G 827 84.53 67.15 48.36
C GLY G 827 84.37 67.61 49.80
N THR G 828 84.75 68.87 50.07
CA THR G 828 84.65 69.42 51.42
C THR G 828 83.18 69.49 51.86
N ALA G 829 82.92 69.13 53.11
CA ALA G 829 81.55 69.17 53.64
C ALA G 829 80.97 70.58 53.57
N GLY G 830 79.72 70.68 53.12
CA GLY G 830 79.06 71.96 53.01
C GLY G 830 79.52 72.84 51.86
N LYS G 831 80.52 72.39 51.12
CA LYS G 831 81.06 73.18 50.01
C LYS G 831 81.13 72.45 48.67
N SER G 832 80.67 71.20 48.63
CA SER G 832 80.74 70.44 47.38
C SER G 832 79.46 69.69 47.07
N ALA G 833 79.41 69.11 45.88
CA ALA G 833 78.25 68.34 45.46
C ALA G 833 78.07 67.13 46.35
N ASP G 834 76.81 66.82 46.66
CA ASP G 834 76.49 65.66 47.48
C ASP G 834 75.98 64.55 46.57
N ARG G 835 76.33 63.30 46.86
CA ARG G 835 75.84 62.20 46.05
C ARG G 835 74.97 61.29 46.90
N GLY G 836 74.78 61.66 48.17
CA GLY G 836 73.94 60.88 49.05
C GLY G 836 72.49 61.02 48.62
N GLY G 837 72.12 62.22 48.18
CA GLY G 837 70.77 62.47 47.72
C GLY G 837 70.01 63.50 48.54
N CYS G 838 70.73 64.40 49.20
CA CYS G 838 70.12 65.44 50.02
C CYS G 838 69.59 66.58 49.16
N ILE G 839 68.40 66.37 48.60
CA ILE G 839 67.76 67.36 47.75
C ILE G 839 67.54 68.69 48.47
N ASN G 840 67.37 68.66 49.79
CA ASN G 840 67.15 69.90 50.52
C ASN G 840 68.33 70.85 50.52
N ILE G 841 69.40 70.44 49.85
CA ILE G 841 70.57 71.30 49.71
C ILE G 841 70.14 72.39 48.74
N LEU G 842 69.22 72.04 47.86
CA LEU G 842 68.74 72.94 46.81
C LEU G 842 67.51 73.79 47.12
N THR G 843 66.77 73.47 48.17
CA THR G 843 65.57 74.23 48.50
C THR G 843 65.86 75.58 49.14
N PRO G 844 64.97 76.56 48.94
CA PRO G 844 65.13 77.91 49.48
C PRO G 844 65.02 78.02 51.00
N ASP G 845 65.92 78.79 51.61
CA ASP G 845 65.87 78.98 53.05
C ASP G 845 65.11 80.25 53.43
N ARG G 846 64.68 80.99 52.42
CA ARG G 846 63.92 82.20 52.64
C ARG G 846 62.59 81.79 53.29
N TYR G 847 62.16 82.51 54.32
CA TYR G 847 60.90 82.24 55.01
C TYR G 847 59.73 82.46 54.05
N ILE G 848 58.63 81.72 54.26
CA ILE G 848 57.45 81.86 53.41
C ILE G 848 57.11 83.33 53.18
N SER G 849 57.09 84.13 54.25
CA SER G 849 56.83 85.56 54.15
C SER G 849 57.74 86.25 55.17
N LYS G 850 57.77 87.58 55.17
CA LYS G 850 58.63 88.30 56.09
C LYS G 850 58.40 87.92 57.55
N TYR G 851 57.14 87.68 57.91
CA TYR G 851 56.81 87.31 59.28
C TYR G 851 56.31 85.88 59.43
N ALA G 852 55.96 85.25 58.32
CA ALA G 852 55.51 83.86 58.36
C ALA G 852 56.82 83.07 58.32
N CYS G 853 57.36 82.79 59.51
CA CYS G 853 58.63 82.11 59.63
C CYS G 853 58.59 80.58 59.50
N GLY G 854 58.15 80.13 58.34
CA GLY G 854 58.04 78.71 58.05
C GLY G 854 58.84 78.36 56.80
N MET G 855 59.05 77.06 56.58
CA MET G 855 59.82 76.58 55.44
C MET G 855 58.99 76.55 54.15
N ALA G 856 59.64 76.89 53.04
CA ALA G 856 58.98 76.93 51.73
C ALA G 856 59.64 75.98 50.73
N ASN G 857 60.13 74.85 51.23
CA ASN G 857 60.84 73.85 50.44
C ASN G 857 60.23 73.34 49.13
N ASN G 858 58.93 73.07 49.11
CA ASN G 858 58.34 72.50 47.91
C ASN G 858 58.22 73.32 46.62
N THR G 859 58.83 74.51 46.62
CA THR G 859 58.90 75.31 45.40
C THR G 859 60.38 75.66 45.32
N ALA G 860 61.09 74.97 44.43
CA ALA G 860 62.52 75.23 44.27
C ALA G 860 62.88 75.15 42.79
N LEU G 861 63.62 76.16 42.33
CA LEU G 861 64.03 76.19 40.94
C LEU G 861 65.42 75.59 40.82
N VAL G 862 65.58 74.69 39.85
CA VAL G 862 66.87 74.04 39.61
C VAL G 862 67.10 73.84 38.12
N GLU G 863 68.28 73.34 37.80
CA GLU G 863 68.64 72.99 36.43
C GLU G 863 69.29 71.63 36.59
N ILE G 864 69.20 70.78 35.57
CA ILE G 864 69.81 69.47 35.66
C ILE G 864 70.59 69.20 34.39
N GLU G 865 71.61 68.35 34.49
CA GLU G 865 72.45 68.00 33.35
C GLU G 865 73.10 66.66 33.67
N LYS G 866 73.56 65.96 32.63
CA LYS G 866 74.23 64.69 32.87
C LYS G 866 75.45 65.06 33.72
N TRP G 867 75.78 64.23 34.69
CA TRP G 867 76.92 64.51 35.54
C TRP G 867 78.23 64.20 34.83
N ASP G 868 79.15 65.15 34.85
CA ASP G 868 80.44 64.96 34.19
C ASP G 868 81.48 64.32 35.13
N GLY G 869 81.10 64.11 36.38
CA GLY G 869 82.01 63.49 37.33
C GLY G 869 82.73 64.46 38.27
N ASP G 870 82.59 65.76 38.03
CA ASP G 870 83.24 66.78 38.86
C ASP G 870 82.62 66.82 40.26
N LYS G 871 83.41 67.24 41.26
CA LYS G 871 82.92 67.32 42.63
C LYS G 871 82.26 68.65 42.94
N TYR G 872 82.44 69.60 42.03
CA TYR G 872 81.87 70.94 42.16
C TYR G 872 82.05 71.59 43.52
N GLU G 873 83.29 71.70 43.97
CA GLU G 873 83.55 72.35 45.25
C GLU G 873 83.54 73.84 44.97
N ILE G 874 82.36 74.43 44.97
CA ILE G 874 82.20 75.85 44.69
C ILE G 874 81.20 76.56 45.61
N TYR G 875 80.79 75.88 46.68
CA TYR G 875 79.82 76.49 47.59
C TYR G 875 80.39 76.85 48.96
N MET H 1 44.69 15.10 47.73
CA MET H 1 45.87 15.94 47.34
C MET H 1 45.42 17.34 46.95
N GLU H 2 45.41 18.24 47.92
CA GLU H 2 45.00 19.63 47.69
C GLU H 2 46.26 20.41 47.31
N GLN H 3 46.11 21.36 46.38
CA GLN H 3 47.25 22.16 45.92
C GLN H 3 47.12 23.64 46.21
N TYR H 4 48.26 24.32 46.29
CA TYR H 4 48.27 25.75 46.54
C TYR H 4 48.15 26.54 45.25
N TYR H 5 47.52 27.71 45.34
CA TYR H 5 47.36 28.59 44.21
C TYR H 5 47.43 30.01 44.74
N MET H 6 47.84 30.94 43.90
CA MET H 6 47.93 32.33 44.28
C MET H 6 47.36 33.18 43.16
N VAL H 7 46.51 34.15 43.53
CA VAL H 7 45.91 35.05 42.55
C VAL H 7 46.34 36.48 42.88
N ILE H 8 46.88 37.16 41.87
CA ILE H 8 47.36 38.53 42.04
C ILE H 8 46.57 39.53 41.20
N ASP H 9 45.94 40.50 41.87
CA ASP H 9 45.15 41.52 41.19
C ASP H 9 46.02 42.71 40.83
N VAL H 10 46.43 42.78 39.56
CA VAL H 10 47.26 43.87 39.08
C VAL H 10 46.63 45.25 39.30
N ALA H 11 45.32 45.34 39.15
CA ALA H 11 44.63 46.62 39.30
C ALA H 11 44.73 47.19 40.70
N LYS H 12 45.14 46.36 41.66
CA LYS H 12 45.28 46.81 43.03
C LYS H 12 46.71 47.00 43.52
N CYS H 13 47.72 46.70 42.68
CA CYS H 13 49.12 46.89 43.11
C CYS H 13 49.45 48.36 43.13
N GLN H 14 50.06 48.83 44.22
CA GLN H 14 50.47 50.22 44.29
C GLN H 14 52.00 50.32 44.42
N ASP H 15 52.67 49.17 44.37
CA ASP H 15 54.13 49.12 44.46
C ASP H 15 54.70 49.67 45.78
N CYS H 16 54.05 49.41 46.92
CA CYS H 16 54.58 49.90 48.20
C CYS H 16 55.75 49.03 48.61
N ASN H 17 55.86 47.86 47.97
CA ASN H 17 56.92 46.91 48.25
C ASN H 17 56.85 46.21 49.61
N ASN H 18 55.66 46.15 50.20
CA ASN H 18 55.52 45.45 51.48
C ASN H 18 55.89 43.97 51.26
N CYS H 19 55.60 43.42 50.07
CA CYS H 19 55.92 42.01 49.68
C CYS H 19 57.37 41.74 49.92
N PHE H 20 58.08 42.36 48.98
CA PHE H 20 59.51 42.31 48.82
C PHE H 20 60.18 42.46 50.16
N MET H 21 59.76 43.44 50.93
CA MET H 21 60.36 43.63 52.24
C MET H 21 60.02 42.42 53.09
N GLY H 22 58.88 41.81 52.81
CA GLY H 22 58.47 40.62 53.52
C GLY H 22 59.43 39.46 53.27
N CYS H 23 59.84 39.20 52.02
CA CYS H 23 60.80 38.10 51.78
C CYS H 23 62.06 38.35 52.48
N MET H 24 62.61 39.53 52.22
CA MET H 24 63.87 39.92 52.82
C MET H 24 63.80 39.69 54.32
N ASP H 25 62.72 40.17 54.93
CA ASP H 25 62.55 39.99 56.38
C ASP H 25 62.62 38.51 56.73
N GLU H 26 61.96 37.69 55.92
CA GLU H 26 61.93 36.25 56.18
C GLU H 26 63.20 35.49 55.80
N HIS H 27 63.84 35.89 54.70
CA HIS H 27 65.01 35.16 54.20
C HIS H 27 66.42 35.76 54.23
N GLU H 28 66.56 37.08 54.30
CA GLU H 28 67.91 37.67 54.27
C GLU H 28 68.81 37.34 55.46
N LEU H 29 68.25 37.33 56.66
CA LEU H 29 69.02 37.05 57.87
C LEU H 29 68.71 35.68 58.45
N ASN H 30 67.80 34.94 57.82
CA ASN H 30 67.44 33.63 58.33
C ASN H 30 67.79 32.54 57.33
N GLU H 31 68.07 31.36 57.85
CA GLU H 31 68.39 30.21 57.02
C GLU H 31 67.36 29.16 57.41
N TRP H 32 66.79 28.51 56.41
CA TRP H 32 65.76 27.50 56.70
C TRP H 32 66.18 26.14 56.17
N PRO H 33 66.85 25.34 57.02
CA PRO H 33 67.32 24.00 56.68
C PRO H 33 66.24 23.19 55.98
N GLY H 34 66.58 22.65 54.81
CA GLY H 34 65.64 21.85 54.06
C GLY H 34 64.90 22.65 53.00
N TYR H 35 64.97 23.96 53.08
CA TYR H 35 64.29 24.81 52.10
C TYR H 35 65.21 25.78 51.38
N THR H 36 66.03 26.51 52.13
CA THR H 36 66.92 27.48 51.51
C THR H 36 67.87 28.13 52.49
N ALA H 37 69.02 28.55 51.97
CA ALA H 37 70.01 29.25 52.77
C ALA H 37 69.49 30.68 52.76
N SER H 38 70.14 31.58 53.50
CA SER H 38 69.68 32.96 53.52
C SER H 38 69.80 33.59 52.14
N MET H 39 68.91 34.55 51.88
CA MET H 39 68.84 35.28 50.62
C MET H 39 69.99 36.28 50.46
N GLN H 40 70.40 36.51 49.23
CA GLN H 40 71.46 37.48 48.93
C GLN H 40 70.85 38.85 48.71
N ARG H 41 71.41 39.88 49.33
CA ARG H 41 70.92 41.24 49.15
C ARG H 41 70.94 41.61 47.67
N GLY H 42 69.82 42.10 47.16
CA GLY H 42 69.77 42.48 45.75
C GLY H 42 68.94 41.52 44.90
N HIS H 43 68.73 40.31 45.39
CA HIS H 43 67.93 39.35 44.65
C HIS H 43 66.47 39.78 44.71
N ARG H 44 65.68 39.31 43.76
CA ARG H 44 64.27 39.65 43.74
C ARG H 44 63.42 38.40 43.55
N TRP H 45 63.36 37.55 44.58
CA TRP H 45 62.54 36.33 44.50
C TRP H 45 61.14 36.81 44.18
N MET H 46 60.79 37.96 44.75
CA MET H 46 59.53 38.63 44.50
C MET H 46 59.98 39.85 43.71
N ASN H 47 59.69 39.84 42.42
CA ASN H 47 60.09 40.93 41.53
C ASN H 47 58.87 41.71 41.06
N ILE H 48 58.73 42.93 41.57
CA ILE H 48 57.59 43.77 41.21
C ILE H 48 57.91 44.58 39.95
N GLU H 49 57.36 44.13 38.83
CA GLU H 49 57.57 44.79 37.54
C GLU H 49 56.73 46.05 37.44
N ARG H 50 57.28 47.08 36.81
CA ARG H 50 56.60 48.36 36.67
C ARG H 50 56.48 48.73 35.19
N ARG H 51 55.32 49.21 34.78
CA ARG H 51 55.14 49.60 33.39
C ARG H 51 54.27 50.82 33.19
N GLU H 52 54.86 51.89 32.68
CA GLU H 52 54.15 53.12 32.40
C GLU H 52 53.59 52.99 30.99
N ARG H 53 52.42 53.58 30.76
CA ARG H 53 51.80 53.54 29.45
C ARG H 53 51.34 54.93 29.08
N GLY H 54 51.27 55.20 27.78
CA GLY H 54 50.82 56.50 27.32
C GLY H 54 51.79 57.65 27.50
N THR H 55 51.29 58.87 27.27
CA THR H 55 52.11 60.07 27.38
C THR H 55 51.37 61.17 28.16
N TYR H 56 52.13 62.03 28.82
CA TYR H 56 51.54 63.13 29.57
C TYR H 56 50.56 63.86 28.66
N PRO H 57 49.38 64.24 29.16
CA PRO H 57 48.82 64.08 30.51
C PRO H 57 47.85 62.91 30.70
N ARG H 58 47.73 62.04 29.70
CA ARG H 58 46.80 60.92 29.79
C ARG H 58 47.52 59.58 29.88
N ASN H 59 48.58 59.58 30.67
CA ASN H 59 49.42 58.41 30.89
C ASN H 59 48.94 57.68 32.14
N ASP H 60 49.44 56.47 32.34
CA ASP H 60 49.11 55.70 33.53
C ASP H 60 50.25 54.73 33.81
N ILE H 61 50.13 53.98 34.90
CA ILE H 61 51.18 53.03 35.24
C ILE H 61 50.57 51.89 36.05
N ASN H 62 51.08 50.69 35.83
CA ASN H 62 50.59 49.53 36.55
C ASN H 62 51.76 48.65 36.96
N TYR H 63 51.56 47.80 37.96
CA TYR H 63 52.62 46.96 38.44
C TYR H 63 52.24 45.49 38.43
N ARG H 64 53.24 44.62 38.31
CA ARG H 64 52.97 43.18 38.31
C ARG H 64 53.89 42.44 39.27
N PRO H 65 53.42 42.15 40.48
CA PRO H 65 54.25 41.42 41.45
C PRO H 65 54.55 40.06 40.81
N THR H 66 55.82 39.69 40.74
CA THR H 66 56.20 38.44 40.10
C THR H 66 57.09 37.51 40.92
N PRO H 67 56.51 36.48 41.54
CA PRO H 67 57.27 35.53 42.34
C PRO H 67 57.54 34.33 41.44
N CYS H 68 57.77 33.17 42.05
CA CYS H 68 57.97 31.96 41.27
C CYS H 68 56.59 31.59 40.77
N MET H 69 56.48 31.01 39.58
CA MET H 69 55.17 30.63 39.08
C MET H 69 54.78 29.24 39.62
N HIS H 70 55.77 28.50 40.13
CA HIS H 70 55.57 27.15 40.64
C HIS H 70 54.70 26.39 39.65
N CYS H 71 55.04 26.49 38.37
CA CYS H 71 54.24 25.85 37.34
C CYS H 71 54.11 24.32 37.45
N GLU H 72 52.97 23.81 37.02
CA GLU H 72 52.66 22.38 37.11
C GLU H 72 53.53 21.52 36.21
N ASN H 73 53.98 22.07 35.10
CA ASN H 73 54.82 21.37 34.15
C ASN H 73 56.12 22.17 34.14
N ALA H 74 56.81 22.14 35.27
CA ALA H 74 58.04 22.90 35.47
C ALA H 74 59.28 22.50 34.70
N PRO H 75 59.78 23.42 33.86
CA PRO H 75 60.98 23.18 33.05
C PRO H 75 62.21 22.90 33.90
N CYS H 76 62.40 23.60 35.02
CA CYS H 76 63.60 23.30 35.80
C CYS H 76 63.59 21.99 36.55
N VAL H 77 62.41 21.43 36.80
CA VAL H 77 62.37 20.14 37.45
C VAL H 77 62.76 19.18 36.33
N ALA H 78 62.18 19.41 35.15
CA ALA H 78 62.45 18.56 33.99
C ALA H 78 63.94 18.57 33.59
N LYS H 79 64.57 19.73 33.64
CA LYS H 79 65.98 19.81 33.27
C LYS H 79 66.90 20.14 34.43
N GLY H 80 66.43 19.91 35.65
CA GLY H 80 67.24 20.21 36.82
C GLY H 80 68.07 19.05 37.33
N ASN H 81 67.99 17.92 36.64
CA ASN H 81 68.73 16.72 37.01
C ASN H 81 68.63 16.39 38.49
N GLY H 82 67.42 16.54 39.04
CA GLY H 82 67.21 16.23 40.45
C GLY H 82 67.56 17.34 41.43
N ALA H 83 68.02 18.49 40.93
CA ALA H 83 68.37 19.60 41.80
C ALA H 83 67.14 20.41 42.18
N VAL H 84 66.04 20.17 41.46
CA VAL H 84 64.78 20.85 41.70
C VAL H 84 63.68 19.79 41.74
N TYR H 85 62.77 19.87 42.71
CA TYR H 85 61.70 18.90 42.78
C TYR H 85 60.33 19.55 42.94
N GLN H 86 59.29 18.77 42.69
CA GLN H 86 57.92 19.24 42.78
C GLN H 86 57.17 18.46 43.86
N ARG H 87 56.54 19.18 44.79
CA ARG H 87 55.81 18.54 45.87
C ARG H 87 54.36 18.27 45.45
N GLU H 88 53.72 17.34 46.16
CA GLU H 88 52.33 16.98 45.88
C GLU H 88 51.39 18.17 45.99
N ASP H 89 51.73 19.13 46.85
CA ASP H 89 50.88 20.30 47.03
C ASP H 89 51.14 21.36 45.95
N GLY H 90 52.03 21.06 45.01
CA GLY H 90 52.31 21.98 43.93
C GLY H 90 53.54 22.87 44.04
N ILE H 91 54.06 23.04 45.25
CA ILE H 91 55.22 23.89 45.43
C ILE H 91 56.48 23.29 44.79
N VAL H 92 57.14 24.09 43.96
CA VAL H 92 58.38 23.67 43.31
C VAL H 92 59.53 24.23 44.13
N LEU H 93 60.45 23.36 44.55
CA LEU H 93 61.57 23.80 45.36
C LEU H 93 62.92 23.34 44.87
N ILE H 94 63.90 24.21 45.00
CA ILE H 94 65.27 23.89 44.61
C ILE H 94 65.84 23.17 45.84
N ASP H 95 66.62 22.12 45.63
CA ASP H 95 67.23 21.41 46.75
C ASP H 95 68.46 22.25 47.10
N PRO H 96 68.45 22.90 48.27
CA PRO H 96 69.53 23.77 48.77
C PRO H 96 70.94 23.19 48.66
N GLU H 97 71.06 21.87 48.80
CA GLU H 97 72.37 21.23 48.76
C GLU H 97 72.72 20.62 47.41
N LYS H 98 71.77 19.96 46.76
CA LYS H 98 72.03 19.35 45.46
C LYS H 98 72.31 20.41 44.39
N ALA H 99 71.71 21.58 44.55
CA ALA H 99 71.87 22.66 43.58
C ALA H 99 73.19 23.43 43.66
N LYS H 100 73.91 23.29 44.77
CA LYS H 100 75.17 24.01 44.92
C LYS H 100 76.12 23.80 43.75
N GLY H 101 76.77 24.89 43.33
CA GLY H 101 77.72 24.83 42.23
C GLY H 101 77.13 24.71 40.84
N LYS H 102 75.82 24.88 40.70
CA LYS H 102 75.18 24.74 39.39
C LYS H 102 74.48 26.00 38.88
N LYS H 103 75.25 26.93 38.32
CA LYS H 103 74.71 28.16 37.78
C LYS H 103 73.80 27.90 36.58
N GLU H 104 73.96 26.73 35.98
CA GLU H 104 73.17 26.35 34.81
C GLU H 104 71.68 26.32 35.09
N LEU H 105 71.32 26.03 36.34
CA LEU H 105 69.92 25.98 36.73
C LEU H 105 69.15 27.24 36.38
N LEU H 106 69.80 28.40 36.49
CA LEU H 106 69.13 29.66 36.19
C LEU H 106 68.52 29.70 34.79
N ASP H 107 69.24 29.16 33.81
CA ASP H 107 68.78 29.17 32.42
C ASP H 107 67.64 28.23 32.09
N THR H 108 67.30 27.35 33.03
CA THR H 108 66.20 26.42 32.79
C THR H 108 64.87 27.15 33.00
N CYS H 109 64.95 28.42 33.42
CA CYS H 109 63.74 29.21 33.64
C CYS H 109 63.33 30.08 32.51
N PRO H 110 62.11 29.91 31.99
CA PRO H 110 61.73 30.79 30.89
C PRO H 110 61.29 32.12 31.53
N TYR H 111 60.95 32.08 32.82
CA TYR H 111 60.51 33.26 33.55
C TYR H 111 61.64 34.06 34.19
N GLY H 112 62.79 33.42 34.36
CA GLY H 112 63.94 34.09 34.96
C GLY H 112 63.73 34.52 36.40
N VAL H 113 63.05 33.70 37.18
CA VAL H 113 62.80 34.03 38.57
C VAL H 113 63.88 33.50 39.52
N MET H 114 64.87 32.81 38.96
CA MET H 114 65.96 32.27 39.78
C MET H 114 67.14 33.24 39.85
N TYR H 115 67.76 33.31 41.02
CA TYR H 115 68.91 34.20 41.22
C TYR H 115 70.10 33.46 41.80
N TRP H 116 71.29 33.80 41.33
CA TRP H 116 72.52 33.16 41.79
C TRP H 116 73.04 33.80 43.08
N ASN H 117 73.21 32.98 44.12
CA ASN H 117 73.73 33.45 45.39
C ASN H 117 75.24 33.23 45.40
N GLU H 118 76.00 34.32 45.32
CA GLU H 118 77.46 34.29 45.30
C GLU H 118 78.13 33.63 46.50
N GLU H 119 77.69 33.98 47.70
CA GLU H 119 78.27 33.44 48.92
C GLU H 119 77.93 31.96 49.13
N GLU H 120 76.72 31.56 48.77
CA GLU H 120 76.29 30.19 48.92
C GLU H 120 76.58 29.37 47.66
N ASN H 121 76.95 30.05 46.57
CA ASN H 121 77.22 29.38 45.31
C ASN H 121 76.08 28.43 44.96
N VAL H 122 74.87 28.99 44.87
CA VAL H 122 73.70 28.18 44.55
C VAL H 122 72.57 29.05 44.04
N ALA H 123 71.74 28.46 43.19
CA ALA H 123 70.59 29.17 42.66
C ALA H 123 69.57 29.26 43.78
N GLN H 124 68.84 30.37 43.82
CA GLN H 124 67.81 30.56 44.84
C GLN H 124 66.62 31.23 44.19
N LYS H 125 65.46 31.09 44.83
CA LYS H 125 64.25 31.72 44.35
C LYS H 125 63.08 31.42 45.24
N CYS H 126 61.91 31.89 44.80
CA CYS H 126 60.66 31.70 45.50
C CYS H 126 60.44 30.30 46.05
N THR H 127 60.21 30.16 47.35
CA THR H 127 59.92 28.84 47.92
C THR H 127 58.45 28.81 48.34
N MET H 128 57.75 29.92 48.10
CA MET H 128 56.34 30.09 48.49
C MET H 128 56.30 29.90 50.02
N CYS H 129 57.36 30.34 50.70
CA CYS H 129 57.56 30.14 52.17
C CYS H 129 56.97 28.83 52.61
N ALA H 130 57.43 27.77 51.95
CA ALA H 130 56.99 26.42 52.26
C ALA H 130 57.32 26.10 53.71
N HIS H 131 58.39 26.72 54.24
CA HIS H 131 58.76 26.46 55.63
C HIS H 131 57.67 26.98 56.55
N LEU H 132 56.99 28.04 56.12
CA LEU H 132 55.90 28.61 56.92
C LEU H 132 54.61 27.81 56.69
N LEU H 133 54.36 27.43 55.44
CA LEU H 133 53.17 26.66 55.12
C LEU H 133 53.21 25.28 55.78
N ASP H 134 54.41 24.75 56.00
CA ASP H 134 54.56 23.43 56.61
C ASP H 134 54.49 23.48 58.14
N ASP H 135 54.38 24.69 58.70
CA ASP H 135 54.31 24.82 60.15
C ASP H 135 52.95 25.32 60.65
N GLU H 136 52.27 24.49 61.42
CA GLU H 136 50.96 24.84 61.98
C GLU H 136 51.00 26.11 62.83
N SER H 137 52.13 26.33 63.50
CA SER H 137 52.30 27.50 64.36
C SER H 137 52.15 28.82 63.63
N TRP H 138 52.41 28.83 62.32
CA TRP H 138 52.26 30.04 61.53
C TRP H 138 50.76 30.19 61.28
N ALA H 139 50.09 30.91 62.16
CA ALA H 139 48.64 31.12 62.10
C ALA H 139 48.05 31.64 60.78
N PRO H 140 48.70 32.63 60.14
CA PRO H 140 48.18 33.18 58.88
C PRO H 140 47.99 32.14 57.78
N LYS H 141 48.81 31.09 57.82
CA LYS H 141 48.75 30.02 56.83
C LYS H 141 48.83 30.52 55.39
N MET H 142 49.69 31.51 55.17
CA MET H 142 49.89 32.08 53.84
C MET H 142 51.31 32.62 53.80
N PRO H 143 51.86 32.86 52.60
CA PRO H 143 53.22 33.38 52.47
C PRO H 143 53.36 34.82 52.99
N ARG H 144 54.59 35.28 53.16
CA ARG H 144 54.83 36.63 53.66
C ARG H 144 54.35 37.77 52.72
N CYS H 145 54.41 37.60 51.40
CA CYS H 145 53.93 38.65 50.46
C CYS H 145 52.50 38.96 50.79
N ALA H 146 51.72 37.91 50.61
CA ALA H 146 50.29 37.90 50.79
C ALA H 146 49.91 38.45 52.15
N HIS H 147 50.66 38.06 53.17
CA HIS H 147 50.35 38.54 54.51
C HIS H 147 50.76 39.99 54.73
N ASN H 148 51.86 40.41 54.11
CA ASN H 148 52.31 41.78 54.27
C ASN H 148 51.48 42.79 53.46
N CYS H 149 50.77 42.36 52.41
CA CYS H 149 49.95 43.31 51.63
C CYS H 149 48.99 44.08 52.48
N GLY H 150 48.85 45.36 52.15
CA GLY H 150 47.89 46.21 52.83
C GLY H 150 46.95 46.70 51.75
N SER H 151 47.12 46.18 50.53
CA SER H 151 46.29 46.61 49.40
C SER H 151 45.34 45.56 48.80
N PHE H 152 45.20 44.43 49.48
CA PHE H 152 44.30 43.36 49.06
C PHE H 152 44.58 42.83 47.66
N VAL H 153 45.86 42.74 47.32
CA VAL H 153 46.25 42.25 46.01
C VAL H 153 46.22 40.73 45.90
N TYR H 154 46.66 40.06 46.98
CA TYR H 154 46.75 38.60 47.00
C TYR H 154 45.58 37.78 47.52
N GLU H 155 45.40 36.64 46.89
CA GLU H 155 44.37 35.68 47.24
C GLU H 155 45.14 34.36 47.23
N PHE H 156 45.45 33.83 48.42
CA PHE H 156 46.19 32.58 48.55
C PHE H 156 45.24 31.44 48.87
N LEU H 157 45.23 30.42 48.02
CA LEU H 157 44.33 29.28 48.22
C LEU H 157 44.99 27.92 48.20
N LYS H 158 44.26 26.95 48.75
CA LYS H 158 44.68 25.55 48.76
C LYS H 158 43.37 24.83 48.49
N THR H 159 43.21 24.38 47.25
CA THR H 159 41.99 23.71 46.85
C THR H 159 42.28 22.67 45.78
N THR H 160 41.22 22.15 45.15
CA THR H 160 41.38 21.15 44.12
C THR H 160 41.55 21.82 42.76
N PRO H 161 42.14 21.11 41.79
CA PRO H 161 42.35 21.70 40.47
C PRO H 161 41.02 22.12 39.85
N GLU H 162 39.97 21.35 40.12
CA GLU H 162 38.64 21.65 39.60
C GLU H 162 38.14 22.99 40.11
N ALA H 163 38.26 23.21 41.42
CA ALA H 163 37.82 24.45 42.03
C ALA H 163 38.58 25.65 41.48
N MET H 164 39.89 25.50 41.31
CA MET H 164 40.70 26.59 40.78
C MET H 164 40.30 26.89 39.34
N ALA H 165 40.09 25.84 38.54
CA ALA H 165 39.70 26.01 37.15
C ALA H 165 38.42 26.82 37.05
N LYS H 166 37.46 26.51 37.91
CA LYS H 166 36.20 27.23 37.92
C LYS H 166 36.43 28.70 38.23
N LYS H 167 37.31 28.96 39.18
CA LYS H 167 37.64 30.33 39.57
C LYS H 167 38.29 31.06 38.38
N VAL H 168 39.21 30.38 37.72
CA VAL H 168 39.90 30.96 36.57
C VAL H 168 38.90 31.45 35.52
N GLU H 169 37.87 30.66 35.27
CA GLU H 169 36.86 31.02 34.29
C GLU H 169 35.96 32.15 34.78
N GLU H 170 35.48 32.04 36.01
CA GLU H 170 34.60 33.04 36.59
C GLU H 170 35.22 34.43 36.65
N GLU H 171 36.53 34.50 36.89
CA GLU H 171 37.21 35.78 37.00
C GLU H 171 38.12 36.14 35.82
N GLY H 172 38.13 35.28 34.80
CA GLY H 172 38.97 35.55 33.66
C GLY H 172 40.43 35.71 34.05
N LEU H 173 40.91 34.83 34.93
CA LEU H 173 42.29 34.88 35.38
C LEU H 173 43.23 34.37 34.28
N GLU H 174 44.41 34.97 34.21
CA GLU H 174 45.40 34.60 33.20
C GLU H 174 46.76 34.34 33.84
N VAL H 175 47.65 33.75 33.07
CA VAL H 175 49.01 33.48 33.55
C VAL H 175 49.96 34.21 32.60
N ILE H 176 51.22 34.29 33.00
CA ILE H 176 52.22 34.94 32.18
C ILE H 176 52.75 33.88 31.20
N LYS H 177 53.00 34.31 29.96
CA LYS H 177 53.51 33.42 28.92
C LYS H 177 52.80 32.06 28.85
N PRO H 178 51.50 32.06 28.57
CA PRO H 178 50.67 30.84 28.48
C PRO H 178 51.16 29.89 27.38
N GLU H 179 51.63 30.47 26.28
CA GLU H 179 52.11 29.71 25.13
C GLU H 179 53.20 28.68 25.43
N LEU H 180 53.95 28.87 26.51
CA LEU H 180 55.04 27.95 26.84
C LEU H 180 54.57 26.63 27.46
N GLY H 181 53.34 26.59 27.94
CA GLY H 181 52.79 25.37 28.51
C GLY H 181 53.30 24.90 29.88
N THR H 182 54.00 25.75 30.62
CA THR H 182 54.50 25.34 31.92
C THR H 182 53.39 25.27 32.97
N LYS H 183 52.25 25.89 32.66
CA LYS H 183 51.08 25.90 33.55
C LYS H 183 51.30 26.48 34.96
N PRO H 184 51.52 27.79 35.05
CA PRO H 184 51.74 28.45 36.35
C PRO H 184 50.55 28.26 37.29
N ARG H 185 50.81 28.27 38.59
CA ARG H 185 49.73 28.16 39.57
C ARG H 185 49.56 29.53 40.21
N VAL H 186 50.25 30.51 39.65
CA VAL H 186 50.15 31.89 40.11
C VAL H 186 49.37 32.58 39.00
N TYR H 187 48.16 33.02 39.32
CA TYR H 187 47.31 33.67 38.34
C TYR H 187 47.19 35.17 38.56
N TYR H 188 46.87 35.88 37.49
CA TYR H 188 46.71 37.31 37.52
C TYR H 188 45.32 37.77 37.10
N LYS H 189 44.79 38.73 37.84
CA LYS H 189 43.48 39.30 37.58
C LYS H 189 43.80 40.68 37.01
N ASN H 190 43.06 41.09 35.97
CA ASN H 190 43.26 42.39 35.34
C ASN H 190 44.66 42.55 34.74
N LEU H 191 45.20 41.45 34.22
CA LEU H 191 46.53 41.45 33.64
C LEU H 191 46.65 42.37 32.43
N TYR H 192 45.51 42.72 31.82
CA TYR H 192 45.52 43.60 30.66
C TYR H 192 46.15 44.95 30.99
N ARG H 193 46.04 45.37 32.25
CA ARG H 193 46.60 46.66 32.69
C ARG H 193 48.10 46.70 32.39
N PHE H 194 48.76 45.56 32.59
CA PHE H 194 50.19 45.43 32.39
C PHE H 194 50.59 44.99 30.98
N GLU H 195 49.88 44.02 30.43
CA GLU H 195 50.22 43.50 29.11
C GLU H 195 49.60 44.16 27.89
N LYS H 196 48.46 44.82 28.03
CA LYS H 196 47.83 45.45 26.87
C LYS H 196 47.94 46.95 26.86
N ASN H 197 47.26 47.57 25.91
CA ASN H 197 47.30 49.02 25.77
C ASN H 197 45.94 49.67 25.55
N TYR H 198 45.93 50.99 25.56
CA TYR H 198 44.69 51.73 25.41
C TYR H 198 44.80 52.92 24.48
N VAL H 199 43.65 53.49 24.15
CA VAL H 199 43.58 54.69 23.34
C VAL H 199 42.66 55.58 24.15
N THR H 200 42.98 56.87 24.20
CA THR H 200 42.19 57.81 24.97
C THR H 200 42.23 59.20 24.34
N ALA H 201 41.31 60.05 24.76
CA ALA H 201 41.22 61.42 24.25
C ALA H 201 40.22 62.23 25.06
N GLY H 202 40.20 63.53 24.82
CA GLY H 202 39.28 64.42 25.50
C GLY H 202 38.48 65.17 24.45
N ILE H 203 37.16 65.16 24.58
CA ILE H 203 36.31 65.83 23.59
C ILE H 203 35.82 67.19 24.06
N LEU H 204 35.98 68.18 23.19
CA LEU H 204 35.54 69.55 23.48
C LEU H 204 34.53 70.01 22.43
N VAL H 205 33.51 70.71 22.91
CA VAL H 205 32.49 71.27 22.02
C VAL H 205 32.41 72.74 22.44
N GLN H 206 32.72 73.63 21.50
CA GLN H 206 32.70 75.06 21.78
C GLN H 206 33.67 75.46 22.90
N GLY H 207 34.77 74.72 23.00
CA GLY H 207 35.77 75.04 24.02
C GLY H 207 35.60 74.45 25.40
N ASP H 208 34.53 73.71 25.63
CA ASP H 208 34.31 73.09 26.93
C ASP H 208 34.20 71.57 26.85
N CYS H 209 34.65 70.90 27.92
CA CYS H 209 34.60 69.45 27.98
C CYS H 209 33.17 69.00 27.73
N PHE H 210 32.99 68.04 26.82
CA PHE H 210 31.66 67.56 26.49
C PHE H 210 31.38 66.17 27.06
N GLU H 211 30.40 66.10 27.95
CA GLU H 211 30.00 64.86 28.60
C GLU H 211 28.82 64.24 27.84
N GLY H 212 28.83 62.92 27.70
CA GLY H 212 27.74 62.26 27.01
C GLY H 212 27.95 61.98 25.52
N ALA H 213 29.12 62.33 25.00
CA ALA H 213 29.40 62.07 23.60
C ALA H 213 29.56 60.55 23.43
N LYS H 214 28.98 60.00 22.37
CA LYS H 214 29.08 58.57 22.14
C LYS H 214 30.35 58.25 21.35
N VAL H 215 31.14 57.35 21.89
CA VAL H 215 32.40 56.96 21.26
C VAL H 215 32.40 55.46 20.96
N VAL H 216 32.77 55.13 19.73
CA VAL H 216 32.82 53.74 19.30
C VAL H 216 34.21 53.41 18.75
N LEU H 217 34.73 52.26 19.15
CA LEU H 217 36.03 51.82 18.70
C LEU H 217 35.81 50.65 17.74
N LYS H 218 36.42 50.72 16.56
CA LYS H 218 36.27 49.67 15.56
C LYS H 218 37.59 49.07 15.10
N SER H 219 37.55 47.80 14.72
CA SER H 219 38.73 47.10 14.21
C SER H 219 38.28 46.38 12.95
N GLY H 220 38.87 46.73 11.82
CA GLY H 220 38.51 46.11 10.56
C GLY H 220 37.24 46.73 10.02
N GLY H 221 36.29 46.99 10.93
CA GLY H 221 35.03 47.58 10.54
C GLY H 221 33.95 47.28 11.55
N LYS H 222 34.24 46.34 12.45
CA LYS H 222 33.29 45.95 13.47
C LYS H 222 33.61 46.56 14.83
N GLU H 223 32.56 46.92 15.57
CA GLU H 223 32.72 47.52 16.88
C GLU H 223 33.48 46.60 17.83
N VAL H 224 34.42 47.18 18.56
CA VAL H 224 35.24 46.44 19.50
C VAL H 224 34.93 46.91 20.92
N ALA H 225 34.41 48.13 21.03
CA ALA H 225 34.06 48.70 22.32
C ALA H 225 33.33 50.02 22.10
N SER H 226 32.62 50.48 23.12
CA SER H 226 31.90 51.74 23.04
C SER H 226 31.77 52.34 24.43
N ALA H 227 31.54 53.65 24.48
CA ALA H 227 31.40 54.33 25.75
C ALA H 227 30.92 55.75 25.52
N GLU H 228 30.58 56.43 26.61
CA GLU H 228 30.15 57.81 26.53
C GLU H 228 31.17 58.60 27.34
N THR H 229 31.56 59.77 26.85
CA THR H 229 32.55 60.58 27.55
C THR H 229 32.08 61.03 28.93
N ASN H 230 33.02 61.16 29.87
CA ASN H 230 32.70 61.62 31.23
C ASN H 230 32.64 63.14 31.25
N PHE H 231 32.55 63.74 32.44
CA PHE H 231 32.45 65.20 32.51
C PHE H 231 33.71 65.96 32.11
N PHE H 232 34.81 65.24 31.93
CA PHE H 232 36.04 65.88 31.47
C PHE H 232 36.11 65.64 29.97
N GLY H 233 35.04 65.05 29.42
CA GLY H 233 34.97 64.76 28.01
C GLY H 233 35.88 63.63 27.55
N GLU H 234 36.33 62.82 28.50
CA GLU H 234 37.24 61.73 28.16
C GLU H 234 36.64 60.34 28.10
N PHE H 235 37.32 59.49 27.33
CA PHE H 235 36.96 58.09 27.18
C PHE H 235 38.29 57.36 27.15
N LYS H 236 38.29 56.08 27.49
CA LYS H 236 39.51 55.28 27.49
C LYS H 236 39.17 53.83 27.18
N PHE H 237 39.65 53.32 26.05
CA PHE H 237 39.42 51.94 25.67
C PHE H 237 40.70 51.16 25.98
N ASP H 238 40.67 50.33 27.03
CA ASP H 238 41.84 49.54 27.44
C ASP H 238 41.76 48.10 26.94
N ALA H 239 42.76 47.30 27.31
CA ALA H 239 42.83 45.88 26.94
C ALA H 239 42.89 45.64 25.43
N LEU H 240 43.52 46.56 24.72
CA LEU H 240 43.62 46.45 23.27
C LEU H 240 44.88 45.69 22.83
N ASP H 241 44.71 44.80 21.86
CA ASP H 241 45.84 44.06 21.31
C ASP H 241 46.45 44.97 20.25
N ASN H 242 47.69 44.70 19.85
CA ASN H 242 48.31 45.53 18.82
C ASN H 242 47.53 45.44 17.52
N GLY H 243 47.52 46.54 16.77
CA GLY H 243 46.81 46.58 15.51
C GLY H 243 46.33 47.98 15.20
N GLU H 244 45.51 48.10 14.16
CA GLU H 244 44.96 49.38 13.76
C GLU H 244 43.47 49.44 14.12
N TYR H 245 43.04 50.58 14.62
CA TYR H 245 41.64 50.76 14.99
C TYR H 245 41.13 52.10 14.49
N THR H 246 39.82 52.26 14.56
CA THR H 246 39.19 53.50 14.16
C THR H 246 38.30 53.95 15.30
N VAL H 247 38.44 55.21 15.68
CA VAL H 247 37.64 55.77 16.75
C VAL H 247 36.60 56.69 16.12
N GLU H 248 35.33 56.44 16.41
CA GLU H 248 34.27 57.26 15.85
C GLU H 248 33.52 57.96 16.97
N ILE H 249 33.37 59.27 16.85
CA ILE H 249 32.70 60.07 17.88
C ILE H 249 31.49 60.83 17.37
N ASP H 250 30.44 60.85 18.19
CA ASP H 250 29.22 61.58 17.87
C ASP H 250 28.85 62.42 19.09
N ALA H 251 28.90 63.75 18.91
CA ALA H 251 28.58 64.68 19.99
C ALA H 251 27.73 65.83 19.48
N ASP H 252 26.58 66.05 20.12
CA ASP H 252 25.68 67.13 19.71
C ASP H 252 25.35 67.02 18.22
N GLY H 253 25.48 65.81 17.68
CA GLY H 253 25.20 65.60 16.27
C GLY H 253 26.45 65.70 15.42
N LYS H 254 27.48 66.36 15.97
CA LYS H 254 28.74 66.52 15.27
C LYS H 254 29.53 65.21 15.30
N SER H 255 30.12 64.85 14.16
CA SER H 255 30.86 63.61 14.08
C SER H 255 32.34 63.79 13.80
N TYR H 256 33.14 62.86 14.32
CA TYR H 256 34.59 62.89 14.16
C TYR H 256 35.07 61.44 14.11
N SER H 257 36.10 61.19 13.31
CA SER H 257 36.66 59.85 13.22
C SER H 257 38.12 59.93 12.84
N ASP H 258 38.92 59.06 13.42
CA ASP H 258 40.34 59.02 13.12
C ASP H 258 40.86 57.63 13.40
N THR H 259 42.01 57.29 12.83
CA THR H 259 42.59 55.98 13.04
C THR H 259 43.65 56.04 14.11
N VAL H 260 44.01 54.87 14.64
CA VAL H 260 45.03 54.80 15.67
C VAL H 260 45.73 53.45 15.56
N VAL H 261 47.05 53.47 15.64
CA VAL H 261 47.83 52.24 15.57
C VAL H 261 48.36 51.92 16.95
N ILE H 262 48.07 50.71 17.43
CA ILE H 262 48.53 50.27 18.73
C ILE H 262 49.70 49.31 18.52
N ASP H 263 50.90 49.73 18.88
CA ASP H 263 52.09 48.90 18.73
C ASP H 263 52.85 48.84 20.05
N ASP H 264 52.35 48.02 20.97
CA ASP H 264 52.95 47.87 22.29
C ASP H 264 53.03 49.21 23.03
N LYS H 265 52.18 50.14 22.62
CA LYS H 265 52.13 51.45 23.25
C LYS H 265 50.68 51.94 23.32
N SER H 266 50.38 52.77 24.31
CA SER H 266 49.03 53.30 24.44
C SER H 266 49.05 54.68 23.81
N VAL H 267 47.91 55.09 23.25
CA VAL H 267 47.84 56.37 22.56
C VAL H 267 46.88 57.41 23.10
N ASP H 268 47.35 58.65 23.16
CA ASP H 268 46.54 59.76 23.61
C ASP H 268 46.30 60.65 22.39
N LEU H 269 45.04 60.77 21.98
CA LEU H 269 44.69 61.56 20.82
C LEU H 269 44.62 63.06 21.11
N GLY H 270 44.84 63.43 22.37
CA GLY H 270 44.77 64.83 22.75
C GLY H 270 43.34 65.34 22.75
N PHE H 271 43.18 66.65 22.68
CA PHE H 271 41.85 67.25 22.65
C PHE H 271 41.27 67.21 21.24
N ILE H 272 40.03 66.74 21.14
CA ILE H 272 39.33 66.67 19.88
C ILE H 272 38.29 67.78 19.93
N LYS H 273 38.54 68.85 19.16
CA LYS H 273 37.65 70.00 19.16
C LYS H 273 36.53 69.89 18.13
N LEU H 274 35.30 69.81 18.62
CA LEU H 274 34.13 69.71 17.77
C LEU H 274 33.26 70.95 17.96
N MET I 1 36.21 -49.27 18.93
CA MET I 1 36.45 -50.13 20.13
C MET I 1 37.31 -49.41 21.18
N GLY I 2 37.73 -48.18 20.88
CA GLY I 2 38.56 -47.45 21.81
C GLY I 2 38.63 -45.95 21.61
N GLU I 3 39.48 -45.30 22.39
CA GLU I 3 39.66 -43.85 22.32
C GLU I 3 40.80 -43.47 21.39
N VAL I 4 40.88 -42.18 21.06
CA VAL I 4 41.94 -41.68 20.20
C VAL I 4 43.25 -41.62 20.98
N VAL I 5 44.34 -42.05 20.36
CA VAL I 5 45.64 -42.00 21.00
C VAL I 5 46.58 -41.16 20.15
N ARG I 6 47.33 -40.26 20.78
CA ARG I 6 48.28 -39.43 20.05
C ARG I 6 49.63 -40.14 20.01
N LEU I 7 50.07 -40.50 18.82
CA LEU I 7 51.35 -41.18 18.66
C LEU I 7 52.33 -40.29 17.91
N THR I 8 53.57 -40.73 17.83
CA THR I 8 54.59 -39.96 17.13
C THR I 8 55.17 -40.75 15.98
N ASN I 9 55.55 -40.02 14.93
CA ASN I 9 56.20 -40.62 13.78
C ASN I 9 56.84 -39.46 13.03
N SER I 10 57.46 -39.74 11.90
CA SER I 10 58.11 -38.68 11.15
C SER I 10 58.06 -38.94 9.66
N SER I 11 58.80 -38.14 8.89
CA SER I 11 58.80 -38.28 7.45
C SER I 11 59.86 -37.38 6.81
N THR I 12 59.95 -37.46 5.50
CA THR I 12 60.89 -36.65 4.74
C THR I 12 60.38 -35.21 4.71
N GLY I 13 59.20 -35.01 5.30
CA GLY I 13 58.60 -33.69 5.35
C GLY I 13 58.48 -33.16 6.77
N GLY I 14 59.14 -33.83 7.71
CA GLY I 14 59.10 -33.39 9.09
C GLY I 14 58.37 -34.32 10.04
N PRO I 15 58.62 -34.20 11.37
CA PRO I 15 58.02 -34.99 12.43
C PRO I 15 56.53 -34.69 12.56
N VAL I 16 55.76 -35.65 13.04
CA VAL I 16 54.34 -35.45 13.20
C VAL I 16 53.74 -36.20 14.37
N PHE I 17 52.61 -35.69 14.84
CA PHE I 17 51.85 -36.32 15.90
C PHE I 17 50.79 -37.06 15.10
N VAL I 18 50.62 -38.36 15.37
CA VAL I 18 49.63 -39.14 14.65
C VAL I 18 48.50 -39.56 15.59
N TYR I 19 47.28 -39.15 15.27
CA TYR I 19 46.13 -39.50 16.08
C TYR I 19 45.50 -40.76 15.51
N VAL I 20 45.45 -41.80 16.34
CA VAL I 20 44.91 -43.08 15.91
C VAL I 20 43.74 -43.54 16.78
N LYS I 21 42.78 -44.19 16.14
CA LYS I 21 41.62 -44.72 16.83
C LYS I 21 41.19 -46.02 16.16
N ASP I 22 41.03 -47.07 16.96
CA ASP I 22 40.63 -48.37 16.47
C ASP I 22 41.44 -48.82 15.25
N GLY I 23 42.76 -48.74 15.36
CA GLY I 23 43.64 -49.15 14.29
C GLY I 23 43.62 -48.31 13.02
N LYS I 24 42.99 -47.14 13.08
CA LYS I 24 42.90 -46.26 11.92
C LYS I 24 43.48 -44.88 12.21
N ILE I 25 44.29 -44.37 11.29
CA ILE I 25 44.89 -43.04 11.45
C ILE I 25 43.81 -42.00 11.19
N ILE I 26 43.58 -41.12 12.15
CA ILE I 26 42.58 -40.07 12.01
C ILE I 26 43.19 -38.82 11.35
N ARG I 27 44.34 -38.40 11.85
CA ARG I 27 45.01 -37.22 11.31
C ARG I 27 46.51 -37.23 11.64
N MET I 28 47.24 -36.32 11.00
CA MET I 28 48.67 -36.17 11.22
C MET I 28 48.90 -34.66 11.25
N THR I 29 49.57 -34.18 12.30
CA THR I 29 49.80 -32.75 12.45
C THR I 29 51.24 -32.42 12.86
N PRO I 30 51.62 -31.13 12.75
CA PRO I 30 52.97 -30.69 13.12
C PRO I 30 53.01 -30.88 14.64
N MET I 31 54.18 -30.70 15.25
CA MET I 31 54.29 -30.90 16.69
C MET I 31 54.45 -29.63 17.51
N ASP I 32 53.59 -29.49 18.50
CA ASP I 32 53.65 -28.43 19.47
C ASP I 32 54.47 -28.84 20.68
N PHE I 33 55.38 -28.05 21.13
CA PHE I 33 56.21 -28.44 22.27
C PHE I 33 55.48 -28.19 23.58
N ASP I 34 55.79 -29.02 24.58
CA ASP I 34 55.19 -28.90 25.91
C ASP I 34 56.27 -28.31 26.80
N ASP I 35 56.22 -27.00 27.01
CA ASP I 35 57.23 -26.31 27.80
C ASP I 35 57.46 -26.87 29.19
N ALA I 36 56.56 -27.75 29.64
CA ALA I 36 56.70 -28.35 30.95
C ALA I 36 57.72 -29.48 30.92
N VAL I 37 57.85 -30.15 29.77
CA VAL I 37 58.79 -31.25 29.65
C VAL I 37 59.83 -31.09 28.54
N ASP I 38 59.60 -30.16 27.61
CA ASP I 38 60.55 -29.95 26.52
C ASP I 38 61.49 -28.78 26.80
N ALA I 39 62.78 -29.03 26.62
CA ALA I 39 63.81 -28.02 26.87
C ALA I 39 63.62 -26.70 26.10
N PRO I 40 64.03 -25.58 26.72
CA PRO I 40 63.93 -24.24 26.13
C PRO I 40 64.73 -24.14 24.84
N SER I 41 64.33 -23.22 23.96
CA SER I 41 64.99 -23.01 22.68
C SER I 41 66.18 -22.08 22.79
N TRP I 42 66.97 -22.02 21.73
CA TRP I 42 68.13 -21.14 21.69
C TRP I 42 67.62 -19.72 21.48
N LYS I 43 68.50 -18.76 21.68
CA LYS I 43 68.18 -17.35 21.49
C LYS I 43 69.37 -16.69 20.82
N ILE I 44 69.10 -15.74 19.93
CA ILE I 44 70.18 -15.02 19.26
C ILE I 44 69.98 -13.53 19.47
N GLU I 45 71.01 -12.87 19.99
CA GLU I 45 70.97 -11.43 20.20
C GLU I 45 71.70 -10.76 19.06
N ALA I 46 70.99 -9.94 18.30
CA ALA I 46 71.58 -9.26 17.16
C ALA I 46 70.90 -7.93 16.91
N ARG I 47 71.71 -6.90 16.63
CA ARG I 47 71.22 -5.56 16.36
C ARG I 47 70.20 -5.07 17.38
N GLY I 48 70.45 -5.36 18.65
CA GLY I 48 69.56 -4.92 19.71
C GLY I 48 68.22 -5.65 19.78
N LYS I 49 68.10 -6.76 19.05
CA LYS I 49 66.87 -7.52 19.06
C LYS I 49 67.15 -8.95 19.52
N THR I 50 66.12 -9.62 20.01
CA THR I 50 66.26 -10.99 20.47
C THR I 50 65.48 -11.91 19.53
N PHE I 51 66.18 -12.90 18.98
CA PHE I 51 65.53 -13.83 18.06
C PHE I 51 65.47 -15.23 18.64
N THR I 52 64.25 -15.76 18.74
CA THR I 52 64.04 -17.10 19.27
C THR I 52 62.97 -17.74 18.39
N PRO I 53 63.14 -19.03 18.04
CA PRO I 53 62.19 -19.75 17.21
C PRO I 53 60.86 -20.12 17.87
N PRO I 54 59.85 -20.44 17.06
CA PRO I 54 58.53 -20.83 17.56
C PRO I 54 58.68 -22.17 18.30
N ARG I 55 57.90 -22.38 19.35
CA ARG I 55 57.95 -23.63 20.11
C ARG I 55 57.12 -24.67 19.38
N LYS I 56 57.48 -24.95 18.14
CA LYS I 56 56.73 -25.89 17.33
C LYS I 56 57.53 -26.32 16.10
N THR I 57 57.15 -27.46 15.51
CA THR I 57 57.82 -27.93 14.31
C THR I 57 56.91 -27.59 13.14
N SER I 58 57.38 -27.81 11.92
CA SER I 58 56.59 -27.53 10.72
C SER I 58 56.74 -28.70 9.76
N ILE I 59 55.77 -28.87 8.87
CA ILE I 59 55.80 -29.96 7.91
C ILE I 59 55.64 -29.46 6.47
N ALA I 60 56.03 -30.31 5.52
CA ALA I 60 55.90 -29.98 4.11
C ALA I 60 54.52 -30.40 3.63
N PRO I 61 54.08 -29.89 2.47
CA PRO I 61 52.76 -30.21 1.91
C PRO I 61 52.52 -31.72 1.77
N TYR I 62 53.51 -32.41 1.20
CA TYR I 62 53.40 -33.85 0.97
C TYR I 62 53.29 -34.66 2.26
N THR I 63 53.71 -34.08 3.38
CA THR I 63 53.59 -34.78 4.67
C THR I 63 52.19 -34.51 5.21
N ALA I 64 51.69 -33.30 4.99
CA ALA I 64 50.36 -32.92 5.45
C ALA I 64 49.31 -33.86 4.86
N GLY I 65 49.51 -34.29 3.62
CA GLY I 65 48.56 -35.18 2.97
C GLY I 65 49.04 -36.61 2.84
N PHE I 66 50.07 -36.96 3.62
CA PHE I 66 50.64 -38.30 3.57
C PHE I 66 49.68 -39.44 3.89
N LYS I 67 48.64 -39.17 4.66
CA LYS I 67 47.66 -40.21 4.99
C LYS I 67 47.03 -40.80 3.73
N SER I 68 46.86 -39.98 2.69
CA SER I 68 46.27 -40.43 1.43
C SER I 68 47.20 -41.37 0.65
N MET I 69 48.48 -41.41 1.04
CA MET I 69 49.43 -42.28 0.36
C MET I 69 49.46 -43.62 1.10
N ILE I 70 49.24 -43.57 2.41
CA ILE I 70 49.23 -44.78 3.22
C ILE I 70 48.03 -45.64 2.83
N TYR I 71 46.87 -45.01 2.74
CA TYR I 71 45.63 -45.69 2.38
C TYR I 71 45.30 -45.54 0.89
N SER I 72 46.32 -45.43 0.06
CA SER I 72 46.15 -45.27 -1.37
C SER I 72 45.66 -46.56 -2.05
N ASP I 73 44.79 -46.42 -3.04
CA ASP I 73 44.30 -47.59 -3.75
C ASP I 73 45.32 -48.09 -4.76
N LEU I 74 46.43 -47.37 -4.93
CA LEU I 74 47.49 -47.79 -5.84
C LEU I 74 48.59 -48.48 -5.04
N ARG I 75 48.28 -48.71 -3.78
CA ARG I 75 49.19 -49.39 -2.86
C ARG I 75 49.26 -50.84 -3.37
N ILE I 76 50.44 -51.47 -3.33
CA ILE I 76 50.53 -52.86 -3.78
C ILE I 76 49.84 -53.68 -2.68
N PRO I 77 48.73 -54.35 -3.01
CA PRO I 77 47.90 -55.17 -2.13
C PRO I 77 48.49 -56.47 -1.61
N TYR I 78 49.21 -57.17 -2.47
CA TYR I 78 49.79 -58.46 -2.10
C TYR I 78 50.86 -58.82 -3.13
N PRO I 79 51.60 -59.91 -2.89
CA PRO I 79 52.63 -60.29 -3.86
C PRO I 79 51.95 -60.53 -5.20
N MET I 80 52.61 -60.13 -6.28
CA MET I 80 52.04 -60.29 -7.61
C MET I 80 53.04 -60.94 -8.55
N LYS I 81 52.51 -61.65 -9.54
CA LYS I 81 53.34 -62.33 -10.53
C LYS I 81 52.85 -62.02 -11.94
N ARG I 82 53.79 -61.72 -12.84
CA ARG I 82 53.43 -61.43 -14.23
C ARG I 82 52.90 -62.73 -14.83
N LYS I 83 51.66 -62.69 -15.32
CA LYS I 83 51.02 -63.87 -15.89
C LYS I 83 51.85 -64.55 -16.97
N SER I 84 52.40 -63.76 -17.89
CA SER I 84 53.20 -64.29 -18.99
C SER I 84 54.59 -64.77 -18.60
N PHE I 85 54.91 -64.74 -17.31
CA PHE I 85 56.24 -65.18 -16.85
C PHE I 85 56.21 -66.56 -16.22
N ASP I 86 56.92 -67.51 -16.84
CA ASP I 86 57.01 -68.88 -16.34
C ASP I 86 58.46 -69.21 -16.02
N PRO I 87 58.81 -69.28 -14.72
CA PRO I 87 60.17 -69.59 -14.29
C PRO I 87 60.78 -70.81 -14.98
N ASN I 88 59.99 -71.89 -15.05
CA ASN I 88 60.47 -73.13 -15.67
C ASN I 88 60.01 -73.34 -17.10
N GLY I 89 59.68 -72.26 -17.80
CA GLY I 89 59.24 -72.39 -19.18
C GLY I 89 59.53 -71.12 -19.95
N GLU I 90 58.51 -70.60 -20.62
CA GLU I 90 58.66 -69.37 -21.39
C GLU I 90 58.63 -68.18 -20.43
N ARG I 91 59.74 -67.46 -20.35
CA ARG I 91 59.82 -66.30 -19.47
C ARG I 91 59.29 -65.05 -20.15
N ASN I 92 59.17 -65.10 -21.46
CA ASN I 92 58.66 -63.99 -22.26
C ASN I 92 59.14 -62.61 -21.81
N PRO I 93 60.45 -62.36 -21.92
CA PRO I 93 61.03 -61.07 -21.52
C PRO I 93 60.42 -59.92 -22.31
N GLN I 94 60.10 -60.19 -23.57
CA GLN I 94 59.52 -59.18 -24.44
C GLN I 94 58.14 -58.71 -24.01
N LEU I 95 57.53 -59.42 -23.06
CA LEU I 95 56.19 -59.05 -22.60
C LEU I 95 56.15 -58.26 -21.30
N ARG I 96 57.33 -57.87 -20.80
CA ARG I 96 57.38 -57.06 -19.58
C ARG I 96 56.83 -55.68 -19.94
N GLY I 97 55.79 -55.24 -19.23
CA GLY I 97 55.21 -53.95 -19.51
C GLY I 97 54.17 -53.99 -20.62
N ALA I 98 53.80 -55.19 -21.06
CA ALA I 98 52.80 -55.33 -22.12
C ALA I 98 51.49 -54.66 -21.70
N GLY I 99 51.13 -54.81 -20.43
CA GLY I 99 49.91 -54.20 -19.93
C GLY I 99 49.97 -52.70 -20.04
N LEU I 100 51.14 -52.15 -19.72
CA LEU I 100 51.38 -50.70 -19.78
C LEU I 100 51.24 -50.24 -21.24
N SER I 101 51.71 -51.07 -22.17
CA SER I 101 51.64 -50.76 -23.58
C SER I 101 50.22 -50.77 -24.12
N LYS I 102 49.29 -51.32 -23.36
CA LYS I 102 47.90 -51.35 -23.78
C LYS I 102 47.06 -50.62 -22.73
N GLN I 103 47.70 -49.69 -22.05
CA GLN I 103 47.06 -48.85 -21.04
C GLN I 103 46.25 -49.62 -20.00
N ASP I 104 46.79 -50.76 -19.56
CA ASP I 104 46.12 -51.61 -18.58
C ASP I 104 47.19 -52.40 -17.80
N PRO I 105 48.01 -51.70 -17.00
CA PRO I 105 49.08 -52.27 -16.18
C PRO I 105 48.68 -53.45 -15.29
N TRP I 106 47.62 -53.28 -14.52
CA TRP I 106 47.17 -54.33 -13.60
C TRP I 106 46.82 -55.66 -14.24
N SER I 107 46.33 -55.64 -15.47
CA SER I 107 45.92 -56.86 -16.16
C SER I 107 47.08 -57.82 -16.43
N ASP I 108 48.30 -57.32 -16.30
CA ASP I 108 49.49 -58.12 -16.53
C ASP I 108 49.79 -59.07 -15.38
N TYR I 109 49.24 -58.78 -14.20
CA TYR I 109 49.54 -59.58 -13.03
C TYR I 109 48.45 -60.42 -12.39
N GLU I 110 48.89 -61.36 -11.56
CA GLU I 110 48.01 -62.26 -10.83
C GLU I 110 48.50 -62.33 -9.40
N ARG I 111 47.59 -62.58 -8.47
CA ARG I 111 47.93 -62.66 -7.06
C ARG I 111 48.62 -63.97 -6.72
N ILE I 112 49.58 -63.90 -5.82
CA ILE I 112 50.31 -65.09 -5.36
C ILE I 112 50.64 -64.88 -3.89
N SER I 113 50.91 -65.96 -3.18
CA SER I 113 51.23 -65.88 -1.76
C SER I 113 52.67 -65.45 -1.54
N TRP I 114 52.95 -65.00 -0.31
CA TRP I 114 54.28 -64.57 0.06
C TRP I 114 55.23 -65.77 -0.01
N ASP I 115 54.74 -66.92 0.41
CA ASP I 115 55.55 -68.13 0.41
C ASP I 115 55.98 -68.50 -1.01
N GLU I 116 55.04 -68.43 -1.96
CA GLU I 116 55.36 -68.77 -3.34
C GLU I 116 56.23 -67.70 -3.99
N ALA I 117 55.90 -66.43 -3.76
CA ALA I 117 56.66 -65.33 -4.33
C ALA I 117 58.13 -65.44 -3.92
N THR I 118 58.37 -65.60 -2.63
CA THR I 118 59.73 -65.72 -2.13
C THR I 118 60.43 -66.99 -2.62
N ASP I 119 59.67 -68.08 -2.76
CA ASP I 119 60.25 -69.32 -3.27
C ASP I 119 60.76 -69.10 -4.68
N ILE I 120 59.97 -68.40 -5.49
CA ILE I 120 60.34 -68.11 -6.86
C ILE I 120 61.60 -67.25 -6.94
N VAL I 121 61.66 -66.22 -6.12
CA VAL I 121 62.83 -65.34 -6.12
C VAL I 121 64.07 -66.09 -5.67
N VAL I 122 63.95 -66.86 -4.58
CA VAL I 122 65.07 -67.64 -4.05
C VAL I 122 65.61 -68.64 -5.06
N ALA I 123 64.71 -69.29 -5.80
CA ALA I 123 65.15 -70.25 -6.81
C ALA I 123 66.01 -69.55 -7.86
N GLU I 124 65.61 -68.34 -8.24
CA GLU I 124 66.36 -67.57 -9.24
C GLU I 124 67.73 -67.17 -8.68
N ILE I 125 67.72 -66.63 -7.47
CA ILE I 125 68.95 -66.20 -6.81
C ILE I 125 69.99 -67.33 -6.76
N ASN I 126 69.58 -68.49 -6.27
CA ASN I 126 70.50 -69.61 -6.16
C ASN I 126 70.96 -70.16 -7.51
N ARG I 127 70.06 -70.19 -8.49
CA ARG I 127 70.43 -70.69 -9.82
C ARG I 127 71.50 -69.76 -10.40
N ILE I 128 71.21 -68.47 -10.39
CA ILE I 128 72.14 -67.48 -10.93
C ILE I 128 73.49 -67.43 -10.19
N LYS I 129 73.47 -67.54 -8.86
CA LYS I 129 74.72 -67.51 -8.11
C LYS I 129 75.63 -68.69 -8.44
N HIS I 130 75.05 -69.88 -8.59
CA HIS I 130 75.84 -71.07 -8.90
C HIS I 130 76.25 -71.17 -10.37
N ALA I 131 75.58 -70.42 -11.23
CA ALA I 131 75.92 -70.46 -12.65
C ALA I 131 76.76 -69.26 -13.08
N TYR I 132 76.49 -68.10 -12.50
CA TYR I 132 77.19 -66.88 -12.86
C TYR I 132 77.88 -66.18 -11.71
N GLY I 133 77.39 -66.38 -10.49
CA GLY I 133 77.99 -65.73 -9.34
C GLY I 133 77.13 -64.58 -8.84
N PRO I 134 77.38 -64.09 -7.61
CA PRO I 134 76.64 -62.99 -6.99
C PRO I 134 76.56 -61.73 -7.85
N SER I 135 77.64 -61.45 -8.58
CA SER I 135 77.70 -60.24 -9.41
C SER I 135 76.63 -60.18 -10.50
N ALA I 136 76.08 -61.34 -10.87
CA ALA I 136 75.05 -61.39 -11.91
C ALA I 136 73.71 -60.87 -11.40
N ILE I 137 73.63 -60.61 -10.10
CA ILE I 137 72.40 -60.09 -9.51
C ILE I 137 72.53 -58.59 -9.31
N LEU I 138 71.85 -57.83 -10.15
CA LEU I 138 71.87 -56.38 -10.08
C LEU I 138 70.76 -55.90 -9.15
N SER I 139 71.05 -54.85 -8.40
CA SER I 139 70.04 -54.29 -7.51
C SER I 139 70.32 -52.83 -7.24
N THR I 140 69.24 -52.09 -7.03
CA THR I 140 69.39 -50.68 -6.71
C THR I 140 68.09 -50.08 -6.22
N PRO I 141 68.18 -49.33 -5.12
CA PRO I 141 66.96 -48.71 -4.61
C PRO I 141 67.06 -47.40 -5.37
N SER I 142 66.78 -46.30 -4.70
CA SER I 142 66.95 -45.03 -5.37
C SER I 142 67.38 -44.05 -4.30
N SER I 143 67.61 -42.80 -4.68
CA SER I 143 68.09 -41.80 -3.74
C SER I 143 67.29 -41.63 -2.47
N HIS I 144 65.97 -41.50 -2.57
CA HIS I 144 65.23 -41.30 -1.34
C HIS I 144 64.38 -42.45 -0.84
N HIS I 145 63.93 -42.31 0.40
CA HIS I 145 63.26 -43.42 1.07
C HIS I 145 62.35 -42.92 2.20
N MET I 146 61.44 -43.78 2.65
CA MET I 146 60.56 -43.44 3.76
C MET I 146 61.47 -43.14 4.94
N TRP I 147 61.08 -42.18 5.78
CA TRP I 147 61.89 -41.79 6.93
C TRP I 147 61.99 -42.91 7.97
N GLY I 148 63.17 -43.04 8.58
CA GLY I 148 63.39 -44.07 9.59
C GLY I 148 64.82 -44.57 9.45
N ASN I 149 65.65 -44.34 10.46
CA ASN I 149 67.05 -44.74 10.40
C ASN I 149 67.34 -46.24 10.29
N VAL I 150 66.66 -47.05 11.07
CA VAL I 150 66.90 -48.50 11.03
C VAL I 150 66.43 -49.15 9.73
N GLY I 151 65.29 -48.72 9.20
CA GLY I 151 64.79 -49.30 7.98
C GLY I 151 65.23 -48.60 6.70
N TYR I 152 66.05 -47.56 6.82
CA TYR I 152 66.52 -46.82 5.67
C TYR I 152 67.41 -47.69 4.79
N ARG I 153 67.44 -47.41 3.49
CA ARG I 153 68.24 -48.21 2.56
C ARG I 153 69.71 -48.39 2.94
N HIS I 154 70.31 -47.39 3.57
CA HIS I 154 71.72 -47.50 3.98
C HIS I 154 71.85 -48.51 5.11
N SER I 155 70.73 -48.86 5.73
CA SER I 155 70.71 -49.76 6.87
C SER I 155 70.17 -51.16 6.60
N THR I 156 68.85 -51.29 6.49
CA THR I 156 68.22 -52.59 6.23
C THR I 156 68.58 -53.16 4.85
N TYR I 157 68.40 -52.37 3.80
CA TYR I 157 68.71 -52.83 2.43
C TYR I 157 70.14 -53.36 2.31
N PHE I 158 71.12 -52.55 2.68
CA PHE I 158 72.51 -52.99 2.60
C PHE I 158 72.84 -54.18 3.51
N ARG I 159 72.29 -54.22 4.73
CA ARG I 159 72.61 -55.34 5.59
C ARG I 159 72.23 -56.67 4.93
N PHE I 160 71.06 -56.71 4.31
CA PHE I 160 70.61 -57.92 3.64
C PHE I 160 71.33 -58.16 2.32
N MET I 161 71.32 -57.17 1.44
CA MET I 161 71.94 -57.32 0.13
C MET I 161 73.41 -57.72 0.19
N ASN I 162 74.14 -57.17 1.15
CA ASN I 162 75.56 -57.50 1.30
C ASN I 162 75.79 -58.99 1.59
N MET I 163 74.82 -59.63 2.22
CA MET I 163 74.92 -61.06 2.55
C MET I 163 74.33 -61.95 1.46
N MET I 164 73.77 -61.33 0.43
CA MET I 164 73.11 -62.07 -0.65
C MET I 164 73.83 -61.97 -2.00
N GLY I 165 73.98 -60.75 -2.52
CA GLY I 165 74.63 -60.56 -3.81
C GLY I 165 75.93 -59.78 -3.67
N PHE I 166 76.17 -58.80 -4.53
CA PHE I 166 75.30 -58.37 -5.62
C PHE I 166 76.03 -57.24 -6.35
N THR I 167 75.51 -56.85 -7.51
CA THR I 167 76.11 -55.75 -8.25
C THR I 167 75.21 -54.55 -8.01
N TYR I 168 75.76 -53.53 -7.38
CA TYR I 168 75.03 -52.32 -7.06
C TYR I 168 75.11 -51.31 -8.19
N ALA I 169 73.98 -50.71 -8.54
CA ALA I 169 73.97 -49.66 -9.55
C ALA I 169 74.16 -48.42 -8.67
N ASP I 170 75.41 -48.14 -8.31
CA ASP I 170 75.72 -47.01 -7.45
C ASP I 170 75.14 -45.70 -7.98
N HIS I 171 74.61 -44.90 -7.06
CA HIS I 171 73.98 -43.63 -7.42
C HIS I 171 74.97 -42.53 -7.75
N ASN I 172 74.68 -41.80 -8.82
CA ASN I 172 75.50 -40.66 -9.20
C ASN I 172 75.11 -39.60 -8.17
N PRO I 173 76.04 -38.67 -7.86
CA PRO I 173 75.72 -37.64 -6.86
C PRO I 173 74.77 -36.59 -7.45
N ASP I 174 73.57 -37.04 -7.81
CA ASP I 174 72.54 -36.20 -8.40
C ASP I 174 72.38 -34.82 -7.76
N SER I 175 72.17 -34.83 -6.46
CA SER I 175 71.98 -33.62 -5.69
C SER I 175 73.14 -32.61 -5.85
N TRP I 176 74.37 -33.13 -5.92
CA TRP I 176 75.61 -32.33 -5.99
C TRP I 176 76.35 -32.18 -7.33
N GLU I 177 75.91 -32.85 -8.39
CA GLU I 177 76.64 -32.85 -9.66
C GLU I 177 77.70 -31.75 -9.89
N GLY I 178 77.27 -30.53 -10.19
CA GLY I 178 78.22 -29.45 -10.43
C GLY I 178 79.28 -29.26 -9.34
N TRP I 179 78.86 -29.34 -8.09
CA TRP I 179 79.78 -29.19 -6.96
C TRP I 179 80.71 -30.38 -6.81
N HIS I 180 80.17 -31.57 -7.07
CA HIS I 180 80.94 -32.80 -6.96
C HIS I 180 81.99 -32.97 -8.06
N TRP I 181 81.56 -32.92 -9.32
CA TRP I 181 82.49 -33.09 -10.43
C TRP I 181 83.25 -31.82 -10.82
N GLY I 182 82.86 -30.68 -10.26
CA GLY I 182 83.54 -29.44 -10.60
C GLY I 182 84.11 -28.66 -9.42
N GLY I 183 83.22 -28.21 -8.53
CA GLY I 183 83.65 -27.44 -7.38
C GLY I 183 84.68 -28.11 -6.50
N MET I 184 84.57 -29.42 -6.32
CA MET I 184 85.48 -30.19 -5.49
C MET I 184 86.95 -29.96 -5.89
N HIS I 185 87.20 -29.83 -7.18
CA HIS I 185 88.56 -29.63 -7.67
C HIS I 185 89.06 -28.22 -7.38
N MET I 186 88.11 -27.32 -7.16
CA MET I 186 88.45 -25.93 -6.90
C MET I 186 88.68 -25.61 -5.42
N TRP I 187 87.89 -26.22 -4.54
CA TRP I 187 88.06 -25.95 -3.10
C TRP I 187 87.95 -27.16 -2.17
N GLY I 188 87.91 -28.36 -2.72
CA GLY I 188 87.83 -29.54 -1.89
C GLY I 188 86.44 -29.89 -1.39
N PHE I 189 86.31 -30.08 -0.08
CA PHE I 189 85.04 -30.44 0.54
C PHE I 189 84.52 -31.76 -0.01
N SER I 190 85.43 -32.70 -0.30
CA SER I 190 85.02 -33.98 -0.86
C SER I 190 84.00 -34.70 0.03
N TRP I 191 84.21 -34.66 1.34
CA TRP I 191 83.31 -35.31 2.29
C TRP I 191 81.90 -34.73 2.26
N ARG I 192 81.74 -33.59 1.60
CA ARG I 192 80.43 -32.95 1.46
C ARG I 192 80.09 -32.95 -0.02
N LEU I 193 80.84 -33.73 -0.78
CA LEU I 193 80.67 -33.85 -2.22
C LEU I 193 80.67 -32.48 -2.92
N GLY I 194 81.52 -31.58 -2.45
CA GLY I 194 81.61 -30.27 -3.07
C GLY I 194 80.90 -29.10 -2.38
N ASN I 195 79.97 -29.40 -1.50
CA ASN I 195 79.23 -28.35 -0.78
C ASN I 195 80.04 -27.82 0.42
N PRO I 196 79.80 -26.56 0.83
CA PRO I 196 80.52 -25.96 1.95
C PRO I 196 79.85 -26.23 3.31
N GLU I 197 80.62 -26.10 4.38
CA GLU I 197 80.08 -26.26 5.72
C GLU I 197 79.25 -25.00 5.97
N GLN I 198 78.31 -25.06 6.91
CA GLN I 198 77.44 -23.92 7.18
C GLN I 198 77.32 -23.58 8.66
N TYR I 199 78.13 -24.23 9.49
CA TYR I 199 78.08 -24.02 10.94
C TYR I 199 77.96 -22.59 11.42
N ASP I 200 77.04 -22.40 12.37
CA ASP I 200 76.81 -21.11 13.03
C ASP I 200 76.64 -19.87 12.15
N LEU I 201 76.09 -20.03 10.95
CA LEU I 201 75.91 -18.89 10.06
C LEU I 201 74.70 -18.01 10.36
N LEU I 202 73.67 -18.57 10.99
CA LEU I 202 72.48 -17.79 11.29
C LEU I 202 72.78 -16.54 12.12
N GLU I 203 73.50 -16.71 13.23
CA GLU I 203 73.83 -15.55 14.07
C GLU I 203 74.68 -14.55 13.31
N ASP I 204 75.61 -15.05 12.50
CA ASP I 204 76.49 -14.16 11.73
C ASP I 204 75.65 -13.32 10.77
N GLY I 205 74.70 -13.97 10.09
CA GLY I 205 73.85 -13.27 9.15
C GLY I 205 72.93 -12.25 9.80
N LEU I 206 72.35 -12.62 10.93
CA LEU I 206 71.44 -11.71 11.64
C LEU I 206 72.21 -10.48 12.12
N LYS I 207 73.49 -10.65 12.43
CA LYS I 207 74.30 -9.56 12.89
C LYS I 207 74.88 -8.68 11.80
N HIS I 208 75.25 -9.30 10.67
CA HIS I 208 75.91 -8.54 9.61
C HIS I 208 75.29 -8.44 8.22
N ALA I 209 74.33 -9.31 7.91
CA ALA I 209 73.75 -9.30 6.57
C ALA I 209 73.10 -7.98 6.14
N GLU I 210 73.38 -7.59 4.91
CA GLU I 210 72.80 -6.38 4.32
C GLU I 210 72.09 -6.81 3.03
N MET I 211 72.57 -7.89 2.44
CA MET I 211 71.96 -8.41 1.22
C MET I 211 72.26 -9.89 1.04
N ILE I 212 71.32 -10.60 0.45
CA ILE I 212 71.47 -12.03 0.18
C ILE I 212 71.10 -12.29 -1.28
N VAL I 213 72.00 -12.95 -2.00
CA VAL I 213 71.75 -13.26 -3.41
C VAL I 213 71.38 -14.74 -3.50
N PHE I 214 70.10 -15.01 -3.75
CA PHE I 214 69.61 -16.38 -3.89
C PHE I 214 69.80 -16.78 -5.34
N TRP I 215 70.83 -17.58 -5.60
CA TRP I 215 71.15 -18.03 -6.95
C TRP I 215 70.78 -19.50 -7.10
N SER I 216 69.79 -19.79 -7.95
CA SER I 216 69.32 -21.16 -8.15
C SER I 216 68.92 -21.69 -6.78
N SER I 217 68.27 -20.82 -6.01
CA SER I 217 67.85 -21.17 -4.65
C SER I 217 66.39 -20.85 -4.36
N ASP I 218 65.65 -21.86 -3.91
CA ASP I 218 64.24 -21.72 -3.56
C ASP I 218 64.06 -22.40 -2.20
N PRO I 219 64.58 -21.78 -1.14
CA PRO I 219 64.49 -22.31 0.24
C PRO I 219 63.10 -22.74 0.67
N GLU I 220 62.08 -21.95 0.36
CA GLU I 220 60.71 -22.29 0.74
C GLU I 220 60.28 -23.65 0.18
N THR I 221 60.57 -23.87 -1.11
CA THR I 221 60.20 -25.13 -1.76
C THR I 221 61.01 -26.32 -1.26
N ASN I 222 62.33 -26.21 -1.35
CA ASN I 222 63.23 -27.29 -0.98
C ASN I 222 63.58 -27.43 0.50
N SER I 223 63.54 -26.33 1.24
CA SER I 223 63.84 -26.30 2.67
C SER I 223 65.24 -26.83 2.95
N GLY I 224 66.09 -26.87 1.93
CA GLY I 224 67.39 -27.46 2.11
C GLY I 224 67.00 -28.88 1.77
N ILE I 225 66.48 -29.60 2.77
CA ILE I 225 65.98 -30.95 2.60
C ILE I 225 65.42 -31.51 3.92
N TYR I 226 64.26 -32.15 3.83
CA TYR I 226 63.61 -32.77 4.99
C TYR I 226 63.24 -31.81 6.12
N ALA I 227 63.26 -30.51 5.88
CA ALA I 227 62.99 -29.56 6.96
C ALA I 227 61.70 -28.75 6.91
N GLY I 228 60.68 -29.26 6.22
CA GLY I 228 59.40 -28.55 6.14
C GLY I 228 59.51 -27.06 5.85
N PHE I 229 59.11 -26.23 6.80
CA PHE I 229 59.18 -24.78 6.64
C PHE I 229 59.90 -24.12 7.82
N GLU I 230 60.87 -24.83 8.38
CA GLU I 230 61.63 -24.33 9.51
C GLU I 230 62.32 -22.98 9.31
N SER I 231 62.82 -22.71 8.10
CA SER I 231 63.54 -21.45 7.86
C SER I 231 62.70 -20.23 7.48
N ASN I 232 61.41 -20.42 7.26
CA ASN I 232 60.57 -19.29 6.89
C ASN I 232 60.69 -18.09 7.84
N ILE I 233 60.65 -18.34 9.15
CA ILE I 233 60.73 -17.25 10.11
C ILE I 233 62.09 -16.53 10.08
N ARG I 234 63.15 -17.25 9.72
CA ARG I 234 64.47 -16.65 9.67
C ARG I 234 64.59 -15.60 8.57
N ARG I 235 64.03 -15.90 7.39
CA ARG I 235 64.09 -14.93 6.31
C ARG I 235 63.20 -13.75 6.66
N GLN I 236 62.15 -14.01 7.45
CA GLN I 236 61.26 -12.95 7.88
C GLN I 236 62.06 -11.98 8.76
N TRP I 237 62.86 -12.54 9.68
CA TRP I 237 63.69 -11.72 10.55
C TRP I 237 64.63 -10.87 9.73
N LEU I 238 65.31 -11.49 8.75
CA LEU I 238 66.25 -10.77 7.89
C LEU I 238 65.53 -9.66 7.12
N LYS I 239 64.39 -9.99 6.56
CA LYS I 239 63.60 -9.03 5.79
C LYS I 239 63.28 -7.82 6.67
N ASP I 240 62.79 -8.09 7.89
CA ASP I 240 62.45 -7.03 8.82
C ASP I 240 63.66 -6.21 9.24
N LEU I 241 64.86 -6.80 9.15
CA LEU I 241 66.09 -6.11 9.49
C LEU I 241 66.57 -5.23 8.34
N GLY I 242 65.81 -5.23 7.25
CA GLY I 242 66.17 -4.43 6.10
C GLY I 242 67.09 -5.10 5.09
N VAL I 243 67.30 -6.41 5.24
CA VAL I 243 68.16 -7.14 4.31
C VAL I 243 67.49 -7.27 2.96
N ASP I 244 68.22 -6.94 1.89
CA ASP I 244 67.67 -7.04 0.53
C ASP I 244 67.83 -8.46 -0.04
N PHE I 245 66.80 -8.92 -0.73
CA PHE I 245 66.79 -10.26 -1.33
C PHE I 245 66.74 -10.22 -2.86
N VAL I 246 67.80 -10.70 -3.50
CA VAL I 246 67.86 -10.74 -4.97
C VAL I 246 67.84 -12.20 -5.42
N PHE I 247 66.98 -12.52 -6.37
CA PHE I 247 66.87 -13.89 -6.86
C PHE I 247 67.28 -14.05 -8.32
N ILE I 248 68.17 -15.00 -8.58
CA ILE I 248 68.62 -15.28 -9.93
C ILE I 248 68.14 -16.71 -10.22
N ASP I 249 67.11 -16.81 -11.07
CA ASP I 249 66.49 -18.08 -11.39
C ASP I 249 65.65 -17.92 -12.67
N PRO I 250 65.79 -18.84 -13.64
CA PRO I 250 64.99 -18.71 -14.86
C PRO I 250 63.50 -18.61 -14.51
N HIS I 251 63.11 -19.25 -13.41
CA HIS I 251 61.72 -19.24 -12.94
C HIS I 251 61.60 -18.42 -11.66
N MET I 252 60.61 -17.56 -11.58
CA MET I 252 60.41 -16.78 -10.37
C MET I 252 59.88 -17.80 -9.37
N ASN I 253 60.80 -18.43 -8.65
CA ASN I 253 60.45 -19.47 -7.70
C ASN I 253 59.57 -19.03 -6.53
N HIS I 254 59.15 -19.98 -5.73
CA HIS I 254 58.26 -19.69 -4.61
C HIS I 254 58.80 -18.77 -3.52
N THR I 255 60.10 -18.85 -3.24
CA THR I 255 60.68 -17.97 -2.24
C THR I 255 60.65 -16.55 -2.84
N ALA I 256 61.01 -16.45 -4.12
CA ALA I 256 61.03 -15.17 -4.82
C ALA I 256 59.65 -14.54 -4.88
N ARG I 257 58.63 -15.36 -5.13
CA ARG I 257 57.25 -14.88 -5.21
C ARG I 257 56.82 -14.29 -3.87
N LEU I 258 57.43 -14.79 -2.81
CA LEU I 258 57.10 -14.34 -1.46
C LEU I 258 57.88 -13.11 -0.97
N VAL I 259 59.20 -13.10 -1.14
CA VAL I 259 60.00 -12.00 -0.63
C VAL I 259 61.09 -11.36 -1.52
N ALA I 260 61.05 -11.59 -2.82
CA ALA I 260 62.07 -11.01 -3.69
C ALA I 260 62.00 -9.49 -3.80
N ASP I 261 63.16 -8.86 -3.76
CA ASP I 261 63.23 -7.40 -3.93
C ASP I 261 63.51 -7.19 -5.41
N LYS I 262 64.14 -8.19 -6.02
CA LYS I 262 64.46 -8.16 -7.44
C LYS I 262 64.66 -9.58 -7.93
N TRP I 263 64.22 -9.84 -9.16
CA TRP I 263 64.35 -11.16 -9.74
C TRP I 263 64.96 -11.10 -11.13
N PHE I 264 65.95 -11.97 -11.38
CA PHE I 264 66.60 -12.06 -12.69
C PHE I 264 66.24 -13.42 -13.27
N SER I 265 65.94 -13.48 -14.56
CA SER I 265 65.60 -14.75 -15.20
C SER I 265 66.56 -15.06 -16.37
N PRO I 266 67.73 -15.65 -16.07
CA PRO I 266 68.67 -15.97 -17.13
C PRO I 266 68.21 -17.17 -17.95
N LYS I 267 68.60 -17.19 -19.22
CA LYS I 267 68.26 -18.32 -20.09
C LYS I 267 68.93 -19.58 -19.54
N ILE I 268 68.38 -20.75 -19.82
CA ILE I 268 68.97 -22.00 -19.32
C ILE I 268 70.43 -22.12 -19.72
N GLY I 269 71.25 -22.59 -18.78
CA GLY I 269 72.67 -22.78 -19.04
C GLY I 269 73.53 -21.54 -19.26
N THR I 270 73.11 -20.39 -18.76
CA THR I 270 73.92 -19.17 -18.96
C THR I 270 74.29 -18.44 -17.68
N ASP I 271 74.05 -19.08 -16.54
CA ASP I 271 74.36 -18.47 -15.25
C ASP I 271 75.82 -18.03 -15.11
N HIS I 272 76.73 -18.85 -15.62
CA HIS I 272 78.14 -18.51 -15.48
C HIS I 272 78.55 -17.28 -16.27
N ALA I 273 77.69 -16.82 -17.18
CA ALA I 273 77.99 -15.61 -17.94
C ALA I 273 77.82 -14.44 -16.97
N LEU I 274 76.79 -14.53 -16.10
CA LEU I 274 76.55 -13.49 -15.11
C LEU I 274 77.66 -13.44 -14.08
N SER I 275 78.07 -14.62 -13.58
CA SER I 275 79.12 -14.65 -12.58
C SER I 275 80.42 -14.09 -13.15
N PHE I 276 80.67 -14.32 -14.44
CA PHE I 276 81.88 -13.80 -15.07
C PHE I 276 81.81 -12.28 -15.23
N ALA I 277 80.64 -11.75 -15.55
CA ALA I 277 80.49 -10.30 -15.72
C ALA I 277 80.56 -9.59 -14.37
N ILE I 278 80.13 -10.28 -13.31
CA ILE I 278 80.18 -9.70 -11.97
C ILE I 278 81.65 -9.64 -11.54
N ALA I 279 82.40 -10.70 -11.82
CA ALA I 279 83.82 -10.73 -11.47
C ALA I 279 84.57 -9.68 -12.29
N TYR I 280 84.19 -9.54 -13.56
CA TYR I 280 84.80 -8.55 -14.45
C TYR I 280 84.61 -7.15 -13.87
N THR I 281 83.39 -6.87 -13.42
CA THR I 281 83.08 -5.57 -12.83
C THR I 281 83.95 -5.31 -11.59
N TRP I 282 84.08 -6.33 -10.75
CA TRP I 282 84.89 -6.19 -9.53
C TRP I 282 86.36 -5.96 -9.87
N LEU I 283 86.86 -6.67 -10.87
CA LEU I 283 88.25 -6.53 -11.28
C LEU I 283 88.52 -5.13 -11.83
N LYS I 284 87.61 -4.65 -12.67
CA LYS I 284 87.75 -3.32 -13.27
C LYS I 284 87.61 -2.19 -12.27
N GLU I 285 86.81 -2.40 -11.23
CA GLU I 285 86.60 -1.36 -10.25
C GLU I 285 87.35 -1.59 -8.94
N ASP I 286 88.19 -2.63 -8.94
CA ASP I 286 88.98 -3.00 -7.76
C ASP I 286 88.09 -3.11 -6.53
N SER I 287 86.90 -3.67 -6.72
CA SER I 287 85.96 -3.81 -5.63
C SER I 287 85.84 -5.22 -5.07
N TYR I 288 86.95 -5.78 -4.61
CA TYR I 288 86.94 -7.10 -3.99
C TYR I 288 88.02 -7.14 -2.92
N ASP I 289 88.06 -8.24 -2.15
CA ASP I 289 89.03 -8.37 -1.06
C ASP I 289 90.37 -8.87 -1.57
N LYS I 290 91.18 -7.94 -2.08
CA LYS I 290 92.49 -8.27 -2.64
C LYS I 290 93.42 -9.03 -1.70
N GLU I 291 93.47 -8.62 -0.43
CA GLU I 291 94.33 -9.29 0.54
C GLU I 291 93.93 -10.75 0.70
N TYR I 292 92.62 -10.99 0.78
CA TYR I 292 92.10 -12.34 0.93
C TYR I 292 92.50 -13.21 -0.26
N VAL I 293 92.24 -12.72 -1.47
CA VAL I 293 92.56 -13.45 -2.68
C VAL I 293 94.07 -13.72 -2.77
N ALA I 294 94.88 -12.73 -2.45
CA ALA I 294 96.32 -12.88 -2.51
C ALA I 294 96.78 -14.02 -1.62
N ALA I 295 96.11 -14.19 -0.48
CA ALA I 295 96.49 -15.24 0.46
C ALA I 295 95.77 -16.58 0.33
N ASN I 296 94.55 -16.57 -0.18
CA ASN I 296 93.80 -17.82 -0.25
C ASN I 296 93.43 -18.37 -1.64
N ALA I 297 93.93 -17.73 -2.69
CA ALA I 297 93.63 -18.18 -4.05
C ALA I 297 94.87 -18.62 -4.81
N HIS I 298 94.68 -19.54 -5.74
CA HIS I 298 95.75 -20.08 -6.57
C HIS I 298 95.38 -19.95 -8.04
N GLY I 299 96.27 -19.38 -8.83
CA GLY I 299 96.02 -19.19 -10.25
C GLY I 299 95.08 -18.04 -10.56
N PHE I 300 94.88 -17.15 -9.59
CA PHE I 300 93.98 -16.02 -9.78
C PHE I 300 94.46 -15.04 -10.84
N GLU I 301 95.77 -14.81 -10.92
CA GLU I 301 96.32 -13.89 -11.90
C GLU I 301 95.96 -14.30 -13.33
N GLU I 302 96.16 -15.57 -13.64
CA GLU I 302 95.84 -16.08 -14.97
C GLU I 302 94.33 -16.02 -15.19
N TRP I 303 93.56 -16.38 -14.18
CA TRP I 303 92.12 -16.35 -14.30
C TRP I 303 91.63 -14.92 -14.59
N ALA I 304 92.21 -13.96 -13.90
CA ALA I 304 91.83 -12.56 -14.09
C ALA I 304 92.09 -12.11 -15.54
N ASP I 305 93.19 -12.57 -16.12
CA ASP I 305 93.52 -12.22 -17.50
C ASP I 305 92.46 -12.77 -18.45
N TYR I 306 91.88 -13.91 -18.08
CA TYR I 306 90.84 -14.52 -18.88
C TYR I 306 89.54 -13.73 -18.76
N VAL I 307 89.20 -13.37 -17.53
CA VAL I 307 87.99 -12.61 -17.29
C VAL I 307 88.06 -11.28 -18.02
N LEU I 308 89.25 -10.68 -18.05
CA LEU I 308 89.45 -9.41 -18.72
C LEU I 308 89.52 -9.56 -20.24
N GLY I 309 89.50 -10.81 -20.71
CA GLY I 309 89.53 -11.08 -22.13
C GLY I 309 90.87 -10.92 -22.82
N LYS I 310 91.95 -10.88 -22.06
CA LYS I 310 93.27 -10.73 -22.66
C LYS I 310 93.69 -11.97 -23.44
N THR I 311 93.47 -13.14 -22.85
CA THR I 311 93.88 -14.39 -23.46
C THR I 311 92.94 -15.01 -24.51
N ASP I 312 91.64 -14.69 -24.46
CA ASP I 312 90.71 -15.25 -25.44
C ASP I 312 90.12 -14.17 -26.33
N GLY I 313 90.46 -12.92 -26.05
CA GLY I 313 89.96 -11.82 -26.86
C GLY I 313 88.55 -11.34 -26.55
N THR I 314 87.90 -11.92 -25.55
CA THR I 314 86.54 -11.50 -25.22
C THR I 314 86.34 -11.03 -23.79
N PRO I 315 86.37 -9.71 -23.56
CA PRO I 315 86.18 -9.20 -22.20
C PRO I 315 84.79 -9.65 -21.72
N LYS I 316 84.72 -10.21 -20.53
CA LYS I 316 83.44 -10.69 -20.01
C LYS I 316 82.61 -9.57 -19.38
N THR I 317 82.21 -8.61 -20.22
CA THR I 317 81.42 -7.46 -19.76
C THR I 317 79.97 -7.82 -19.46
N CYS I 318 79.27 -6.91 -18.79
CA CYS I 318 77.87 -7.12 -18.44
C CYS I 318 77.02 -7.13 -19.71
N GLU I 319 77.47 -6.41 -20.74
CA GLU I 319 76.76 -6.38 -22.02
C GLU I 319 76.95 -7.73 -22.71
N TRP I 320 78.14 -8.30 -22.55
CA TRP I 320 78.44 -9.61 -23.12
C TRP I 320 77.54 -10.64 -22.43
N ALA I 321 77.42 -10.52 -21.11
CA ALA I 321 76.59 -11.44 -20.34
C ALA I 321 75.12 -11.29 -20.67
N GLU I 322 74.71 -10.08 -21.04
CA GLU I 322 73.31 -9.84 -21.40
C GLU I 322 72.97 -10.59 -22.68
N GLU I 323 73.87 -10.54 -23.67
CA GLU I 323 73.63 -11.20 -24.94
C GLU I 323 73.57 -12.72 -24.78
N GLU I 324 74.20 -13.23 -23.72
CA GLU I 324 74.19 -14.67 -23.45
C GLU I 324 72.95 -15.10 -22.66
N SER I 325 72.65 -14.36 -21.60
CA SER I 325 71.55 -14.67 -20.69
C SER I 325 70.21 -13.96 -20.88
N GLY I 326 70.23 -12.79 -21.50
CA GLY I 326 68.99 -12.05 -21.68
C GLY I 326 68.74 -11.15 -20.47
N VAL I 327 69.64 -11.19 -19.48
CA VAL I 327 69.50 -10.35 -18.29
C VAL I 327 70.12 -8.99 -18.59
N PRO I 328 69.36 -7.90 -18.43
CA PRO I 328 69.84 -6.54 -18.68
C PRO I 328 71.23 -6.25 -18.08
N ALA I 329 72.11 -5.71 -18.92
CA ALA I 329 73.47 -5.40 -18.50
C ALA I 329 73.50 -4.45 -17.30
N CYS I 330 72.67 -3.42 -17.32
CA CYS I 330 72.62 -2.45 -16.24
C CYS I 330 72.30 -3.08 -14.88
N GLU I 331 71.39 -4.05 -14.88
CA GLU I 331 71.01 -4.71 -13.63
C GLU I 331 72.14 -5.62 -13.14
N ILE I 332 72.82 -6.25 -14.08
CA ILE I 332 73.94 -7.12 -13.73
C ILE I 332 75.02 -6.27 -13.05
N ARG I 333 75.32 -5.11 -13.65
CA ARG I 333 76.33 -4.21 -13.09
C ARG I 333 75.88 -3.62 -11.75
N ALA I 334 74.61 -3.30 -11.64
CA ALA I 334 74.08 -2.72 -10.41
C ALA I 334 74.19 -3.74 -9.27
N LEU I 335 73.94 -5.01 -9.58
CA LEU I 335 74.06 -6.06 -8.57
C LEU I 335 75.52 -6.21 -8.14
N ALA I 336 76.40 -6.25 -9.12
CA ALA I 336 77.83 -6.40 -8.84
C ALA I 336 78.33 -5.29 -7.91
N ARG I 337 77.99 -4.05 -8.22
CA ARG I 337 78.41 -2.92 -7.40
C ARG I 337 77.84 -2.96 -5.98
N GLN I 338 76.57 -3.33 -5.85
CA GLN I 338 75.93 -3.40 -4.54
C GLN I 338 76.53 -4.56 -3.75
N TRP I 339 76.73 -5.68 -4.42
CA TRP I 339 77.29 -6.88 -3.82
C TRP I 339 78.67 -6.59 -3.21
N ALA I 340 79.48 -5.83 -3.93
CA ALA I 340 80.82 -5.48 -3.47
C ALA I 340 80.84 -4.55 -2.26
N LYS I 341 79.97 -3.55 -2.24
CA LYS I 341 79.99 -2.61 -1.12
C LYS I 341 79.13 -2.94 0.11
N LYS I 342 78.30 -3.96 0.02
CA LYS I 342 77.45 -4.36 1.16
C LYS I 342 77.85 -5.73 1.69
N ASN I 343 77.50 -6.04 2.94
CA ASN I 343 77.81 -7.36 3.50
C ASN I 343 76.83 -8.29 2.81
N THR I 344 77.33 -9.02 1.81
CA THR I 344 76.48 -9.90 1.02
C THR I 344 76.75 -11.39 1.18
N TYR I 345 75.70 -12.16 1.43
CA TYR I 345 75.83 -13.59 1.54
C TYR I 345 75.33 -14.21 0.24
N LEU I 346 76.07 -15.19 -0.27
CA LEU I 346 75.69 -15.85 -1.52
C LEU I 346 74.91 -17.13 -1.23
N ALA I 347 73.62 -17.09 -1.50
CA ALA I 347 72.78 -18.25 -1.28
C ALA I 347 72.73 -19.08 -2.57
N ALA I 348 73.80 -19.82 -2.83
CA ALA I 348 73.89 -20.65 -4.01
C ALA I 348 73.23 -21.99 -3.66
N GLY I 349 72.11 -22.28 -4.30
CA GLY I 349 71.41 -23.52 -4.01
C GLY I 349 70.57 -23.33 -2.76
N GLY I 350 69.60 -24.22 -2.53
CA GLY I 350 68.74 -24.08 -1.36
C GLY I 350 69.33 -24.60 -0.06
N LEU I 351 70.40 -25.37 -0.14
CA LEU I 351 71.02 -25.94 1.04
C LEU I 351 72.28 -25.24 1.52
N GLY I 352 72.97 -24.60 0.58
CA GLY I 352 74.25 -23.99 0.89
C GLY I 352 74.98 -25.03 0.08
N GLY I 353 74.92 -24.85 -1.24
CA GLY I 353 75.47 -25.83 -2.15
C GLY I 353 74.21 -26.35 -2.82
N TRP I 354 74.34 -27.34 -3.69
CA TRP I 354 73.20 -27.86 -4.44
C TRP I 354 72.71 -26.78 -5.38
N GLY I 355 71.42 -26.82 -5.73
CA GLY I 355 70.91 -25.84 -6.66
C GLY I 355 70.72 -26.56 -7.99
N GLY I 356 69.59 -26.33 -8.65
CA GLY I 356 69.24 -27.00 -9.88
C GLY I 356 70.25 -26.71 -10.95
N ALA I 357 70.83 -25.52 -10.89
CA ALA I 357 71.85 -25.13 -11.85
C ALA I 357 73.05 -26.04 -11.84
N CYS I 358 73.27 -26.75 -10.74
CA CYS I 358 74.44 -27.62 -10.65
C CYS I 358 74.27 -28.95 -11.39
N ARG I 359 73.04 -29.35 -11.70
CA ARG I 359 72.84 -30.57 -12.46
C ARG I 359 72.22 -30.20 -13.80
N ALA I 360 73.05 -29.54 -14.61
CA ALA I 360 72.70 -29.06 -15.94
C ALA I 360 74.00 -29.06 -16.75
N SER I 361 73.90 -28.84 -18.06
CA SER I 361 75.10 -28.86 -18.89
C SER I 361 76.16 -27.83 -18.51
N HIS I 362 75.77 -26.78 -17.78
CA HIS I 362 76.73 -25.76 -17.36
C HIS I 362 77.01 -25.84 -15.85
N GLY I 363 76.54 -26.92 -15.24
CA GLY I 363 76.69 -27.12 -13.80
C GLY I 363 78.07 -26.98 -13.16
N ILE I 364 79.09 -27.45 -13.85
CA ILE I 364 80.45 -27.37 -13.32
C ILE I 364 80.93 -25.91 -13.24
N GLU I 365 80.73 -25.17 -14.32
CA GLU I 365 81.14 -23.76 -14.34
C GLU I 365 80.26 -22.90 -13.45
N TRP I 366 79.01 -23.30 -13.24
CA TRP I 366 78.15 -22.52 -12.36
C TRP I 366 78.65 -22.63 -10.93
N ALA I 367 78.93 -23.87 -10.50
CA ALA I 367 79.42 -24.11 -9.16
C ALA I 367 80.78 -23.43 -8.94
N ARG I 368 81.66 -23.55 -9.92
CA ARG I 368 82.97 -22.92 -9.79
C ARG I 368 82.80 -21.41 -9.80
N GLY I 369 81.78 -20.94 -10.52
CA GLY I 369 81.49 -19.51 -10.57
C GLY I 369 81.03 -19.01 -9.22
N MET I 370 80.19 -19.79 -8.52
CA MET I 370 79.73 -19.38 -7.21
C MET I 370 80.90 -19.31 -6.23
N ILE I 371 81.80 -20.29 -6.34
CA ILE I 371 82.97 -20.33 -5.47
C ILE I 371 83.87 -19.14 -5.77
N ALA I 372 84.06 -18.83 -7.05
CA ALA I 372 84.89 -17.71 -7.46
C ALA I 372 84.39 -16.40 -6.87
N LEU I 373 83.08 -16.17 -6.94
CA LEU I 373 82.49 -14.93 -6.42
C LEU I 373 82.60 -14.84 -4.89
N ALA I 374 82.24 -15.92 -4.21
CA ALA I 374 82.29 -15.95 -2.75
C ALA I 374 83.72 -15.71 -2.28
N THR I 375 84.68 -16.27 -3.01
CA THR I 375 86.09 -16.12 -2.68
C THR I 375 86.59 -14.68 -2.88
N MET I 376 86.21 -14.07 -3.99
CA MET I 376 86.63 -12.70 -4.27
C MET I 376 86.14 -11.73 -3.20
N GLN I 377 85.00 -12.04 -2.58
CA GLN I 377 84.45 -11.17 -1.55
C GLN I 377 84.91 -11.57 -0.14
N GLY I 378 85.80 -12.56 -0.07
CA GLY I 378 86.35 -13.03 1.19
C GLY I 378 85.45 -13.84 2.11
N MET I 379 84.85 -14.89 1.58
CA MET I 379 83.97 -15.74 2.38
C MET I 379 84.65 -16.23 3.66
N GLY I 380 83.89 -16.23 4.75
CA GLY I 380 84.43 -16.67 6.03
C GLY I 380 84.54 -15.52 7.01
N LYS I 381 84.73 -14.31 6.50
CA LYS I 381 84.82 -13.14 7.36
C LYS I 381 83.41 -12.65 7.67
N PRO I 382 83.24 -11.94 8.80
CA PRO I 382 81.92 -11.44 9.17
C PRO I 382 81.24 -10.67 8.03
N GLY I 383 79.96 -10.96 7.79
CA GLY I 383 79.24 -10.26 6.75
C GLY I 383 79.51 -10.69 5.33
N SER I 384 80.30 -11.75 5.14
CA SER I 384 80.62 -12.24 3.81
C SER I 384 80.82 -13.74 3.81
N ASN I 385 79.93 -14.46 3.13
CA ASN I 385 80.05 -15.90 3.09
C ASN I 385 79.04 -16.50 2.12
N MET I 386 79.07 -17.82 2.01
CA MET I 386 78.13 -18.54 1.17
C MET I 386 77.15 -19.08 2.22
N TRP I 387 75.90 -18.63 2.15
CA TRP I 387 74.87 -19.04 3.10
C TRP I 387 73.52 -18.96 2.40
N SER I 388 72.76 -20.04 2.45
CA SER I 388 71.46 -20.07 1.78
C SER I 388 70.29 -19.80 2.72
N THR I 389 70.62 -19.47 3.97
CA THR I 389 69.66 -19.17 5.03
C THR I 389 68.89 -20.36 5.57
N THR I 390 69.22 -21.57 5.11
CA THR I 390 68.54 -22.77 5.58
C THR I 390 69.29 -23.47 6.71
N GLN I 391 70.62 -23.40 6.68
CA GLN I 391 71.43 -24.03 7.73
C GLN I 391 72.03 -22.96 8.63
N GLY I 392 72.91 -23.37 9.55
CA GLY I 392 73.55 -22.40 10.42
C GLY I 392 72.87 -22.15 11.76
N VAL I 393 71.78 -22.85 12.03
CA VAL I 393 71.08 -22.69 13.29
C VAL I 393 72.02 -23.12 14.42
N PRO I 394 72.06 -22.35 15.53
CA PRO I 394 72.90 -22.59 16.70
C PRO I 394 72.51 -23.78 17.59
N LEU I 395 72.31 -24.95 16.97
CA LEU I 395 71.93 -26.13 17.73
C LEU I 395 73.17 -26.73 18.39
N ASP I 396 72.96 -27.66 19.32
CA ASP I 396 74.09 -28.28 20.02
C ASP I 396 74.84 -29.28 19.12
N TYR I 397 75.85 -28.78 18.41
CA TYR I 397 76.66 -29.60 17.52
C TYR I 397 77.43 -30.67 18.29
N GLU I 398 77.51 -30.51 19.60
CA GLU I 398 78.24 -31.45 20.45
C GLU I 398 77.46 -32.73 20.76
N PHE I 399 76.13 -32.64 20.77
CA PHE I 399 75.30 -33.80 21.05
C PHE I 399 75.37 -34.72 19.83
N TYR I 400 75.52 -36.02 20.07
CA TYR I 400 75.61 -36.94 18.96
C TYR I 400 74.43 -37.88 18.75
N PHE I 401 73.81 -37.75 17.58
CA PHE I 401 72.73 -38.63 17.17
C PHE I 401 72.94 -38.84 15.68
N PRO I 402 73.12 -40.10 15.27
CA PRO I 402 73.35 -40.50 13.88
C PRO I 402 72.26 -40.15 12.88
N GLY I 403 72.68 -39.79 11.67
CA GLY I 403 71.74 -39.51 10.60
C GLY I 403 71.58 -40.83 9.88
N TYR I 404 70.59 -40.96 8.99
CA TYR I 404 70.40 -42.23 8.30
C TYR I 404 71.60 -42.66 7.44
N ALA I 405 72.35 -41.69 6.93
CA ALA I 405 73.49 -42.01 6.08
C ALA I 405 74.63 -42.70 6.82
N GLU I 406 74.54 -42.77 8.15
CA GLU I 406 75.60 -43.42 8.91
C GLU I 406 75.48 -44.95 9.02
N GLY I 407 74.67 -45.55 8.15
CA GLY I 407 74.56 -47.01 8.11
C GLY I 407 73.54 -47.79 8.92
N GLY I 408 73.13 -47.28 10.07
CA GLY I 408 72.17 -48.02 10.86
C GLY I 408 72.67 -49.41 11.23
N ILE I 409 71.93 -50.45 10.86
CA ILE I 409 72.33 -51.81 11.21
C ILE I 409 73.24 -52.55 10.22
N SER I 410 73.63 -51.90 9.13
CA SER I 410 74.49 -52.57 8.16
C SER I 410 75.96 -52.47 8.57
N GLY I 411 76.34 -51.32 9.10
CA GLY I 411 77.72 -51.13 9.49
C GLY I 411 78.63 -51.16 8.27
N ASP I 412 78.04 -50.91 7.10
CA ASP I 412 78.79 -50.89 5.84
C ASP I 412 79.65 -49.63 5.80
N CYS I 413 80.93 -49.76 6.13
CA CYS I 413 81.84 -48.62 6.16
C CYS I 413 82.27 -48.06 4.81
N GLU I 414 81.94 -48.75 3.72
CA GLU I 414 82.32 -48.25 2.40
C GLU I 414 81.16 -47.65 1.62
N ASN I 415 79.93 -48.06 1.95
CA ASN I 415 78.78 -47.54 1.23
C ASN I 415 77.85 -46.69 2.09
N SER I 416 78.33 -46.34 3.29
CA SER I 416 77.60 -45.50 4.23
C SER I 416 78.67 -44.79 5.05
N ALA I 417 78.27 -43.79 5.82
CA ALA I 417 79.22 -43.03 6.64
C ALA I 417 79.43 -43.66 8.02
N ALA I 418 79.08 -44.93 8.15
CA ALA I 418 79.22 -45.65 9.41
C ALA I 418 80.64 -45.61 9.95
N GLY I 419 81.62 -45.63 9.04
CA GLY I 419 83.00 -45.62 9.46
C GLY I 419 83.47 -44.39 10.23
N PHE I 420 82.75 -43.28 10.10
CA PHE I 420 83.17 -42.08 10.80
C PHE I 420 83.03 -42.19 12.32
N LYS I 421 81.87 -42.65 12.79
CA LYS I 421 81.66 -42.76 14.22
C LYS I 421 80.64 -43.81 14.66
N PHE I 422 79.49 -43.86 13.99
CA PHE I 422 78.45 -44.80 14.40
C PHE I 422 78.82 -46.27 14.45
N ALA I 423 79.49 -46.77 13.43
CA ALA I 423 79.87 -48.17 13.38
C ALA I 423 80.60 -48.59 14.67
N TRP I 424 81.48 -47.72 15.14
CA TRP I 424 82.26 -47.99 16.34
C TRP I 424 81.40 -48.00 17.59
N ARG I 425 80.23 -47.36 17.51
CA ARG I 425 79.34 -47.31 18.65
C ARG I 425 78.29 -48.43 18.62
N MET I 426 77.82 -48.74 17.42
CA MET I 426 76.79 -49.75 17.24
C MET I 426 77.27 -51.20 17.37
N PHE I 427 78.50 -51.48 16.92
CA PHE I 427 79.00 -52.84 17.00
C PHE I 427 80.13 -53.00 18.00
N ASP I 428 80.19 -54.16 18.65
CA ASP I 428 81.19 -54.43 19.66
C ASP I 428 82.18 -55.55 19.35
N GLY I 429 82.07 -56.14 18.17
CA GLY I 429 82.97 -57.23 17.83
C GLY I 429 82.84 -58.41 18.76
N LYS I 430 81.69 -58.53 19.43
CA LYS I 430 81.44 -59.63 20.36
C LYS I 430 80.06 -60.25 20.23
N THR I 431 79.01 -59.43 20.31
CA THR I 431 77.63 -59.93 20.26
C THR I 431 76.84 -59.51 19.01
N THR I 432 77.20 -58.37 18.44
CA THR I 432 76.51 -57.87 17.26
C THR I 432 77.56 -57.55 16.19
N PHE I 433 77.29 -57.94 14.95
CA PHE I 433 78.25 -57.71 13.86
C PHE I 433 77.69 -57.00 12.63
N PRO I 434 78.56 -56.27 11.92
CA PRO I 434 78.21 -55.51 10.71
C PRO I 434 78.05 -56.46 9.53
N SER I 435 77.62 -55.91 8.40
CA SER I 435 77.42 -56.70 7.19
C SER I 435 78.14 -56.06 6.02
N PRO I 436 79.45 -56.36 5.85
CA PRO I 436 80.29 -55.81 4.78
C PRO I 436 80.00 -56.44 3.43
N SER I 437 80.39 -55.76 2.35
CA SER I 437 80.20 -56.27 1.01
C SER I 437 81.53 -56.31 0.25
N ASN I 438 81.90 -57.49 -0.24
CA ASN I 438 83.13 -57.62 -0.97
C ASN I 438 82.92 -57.41 -2.48
N LEU I 439 81.72 -57.02 -2.86
CA LEU I 439 81.40 -56.77 -4.27
C LEU I 439 81.12 -55.28 -4.56
N ASN I 440 80.40 -54.62 -3.66
CA ASN I 440 80.10 -53.20 -3.85
C ASN I 440 81.30 -52.43 -3.33
N THR I 441 82.40 -52.54 -4.07
CA THR I 441 83.65 -51.89 -3.70
C THR I 441 84.37 -51.58 -5.01
N SER I 442 85.35 -50.68 -4.97
CA SER I 442 86.06 -50.31 -6.19
C SER I 442 86.67 -51.48 -6.95
N ALA I 443 87.22 -52.45 -6.21
CA ALA I 443 87.85 -53.62 -6.83
C ALA I 443 86.83 -54.69 -7.20
N GLY I 444 85.57 -54.45 -6.87
CA GLY I 444 84.52 -55.41 -7.19
C GLY I 444 83.79 -54.99 -8.46
N GLN I 445 82.46 -55.00 -8.41
CA GLN I 445 81.70 -54.59 -9.58
C GLN I 445 80.45 -53.80 -9.24
N HIS I 446 80.30 -52.67 -9.92
CA HIS I 446 79.13 -51.81 -9.79
C HIS I 446 78.93 -51.22 -11.17
N ILE I 447 77.77 -50.61 -11.39
CA ILE I 447 77.50 -49.94 -12.66
C ILE I 447 76.84 -48.62 -12.29
N PRO I 448 76.94 -47.62 -13.17
CA PRO I 448 76.33 -46.32 -12.88
C PRO I 448 74.82 -46.36 -13.04
N ARG I 449 74.10 -45.81 -12.06
CA ARG I 449 72.64 -45.77 -12.13
C ARG I 449 72.18 -45.07 -13.40
N LEU I 450 72.91 -44.03 -13.81
CA LEU I 450 72.56 -43.27 -15.01
C LEU I 450 72.73 -44.06 -16.30
N LYS I 451 73.45 -45.17 -16.23
CA LYS I 451 73.71 -45.97 -17.42
C LYS I 451 73.27 -47.43 -17.29
N ILE I 452 72.32 -47.70 -16.41
CA ILE I 452 71.83 -49.07 -16.25
C ILE I 452 71.34 -49.59 -17.60
N PRO I 453 70.57 -48.78 -18.36
CA PRO I 453 70.05 -49.21 -19.66
C PRO I 453 71.14 -49.65 -20.65
N GLU I 454 72.20 -48.86 -20.75
CA GLU I 454 73.30 -49.17 -21.66
C GLU I 454 73.99 -50.47 -21.26
N CYS I 455 74.21 -50.66 -19.97
CA CYS I 455 74.85 -51.88 -19.49
C CYS I 455 73.99 -53.11 -19.80
N ILE I 456 72.70 -53.02 -19.53
CA ILE I 456 71.81 -54.14 -19.79
C ILE I 456 71.63 -54.42 -21.28
N MET I 457 71.32 -53.39 -22.06
CA MET I 457 71.10 -53.56 -23.50
C MET I 457 72.37 -53.64 -24.34
N GLY I 458 73.43 -52.96 -23.91
CA GLY I 458 74.67 -52.98 -24.66
C GLY I 458 75.65 -54.03 -24.17
N GLY I 459 75.50 -54.44 -22.91
CA GLY I 459 76.37 -55.44 -22.33
C GLY I 459 77.78 -54.94 -22.03
N LYS I 460 77.99 -53.64 -22.13
CA LYS I 460 79.31 -53.07 -21.89
C LYS I 460 79.28 -51.56 -21.67
N PHE I 461 80.18 -51.08 -20.80
CA PHE I 461 80.28 -49.65 -20.56
C PHE I 461 81.58 -49.34 -19.82
N GLN I 462 82.01 -48.09 -19.88
CA GLN I 462 83.24 -47.67 -19.23
C GLN I 462 82.99 -46.24 -18.75
N TRP I 463 83.43 -45.94 -17.52
CA TRP I 463 83.17 -44.61 -16.98
C TRP I 463 84.15 -44.20 -15.89
N SER I 464 83.91 -43.02 -15.33
CA SER I 464 84.77 -42.46 -14.29
C SER I 464 84.06 -42.38 -12.93
N GLY I 465 84.76 -42.78 -11.89
CA GLY I 465 84.23 -42.72 -10.53
C GLY I 465 83.20 -43.76 -10.14
N LYS I 466 83.07 -43.95 -8.83
CA LYS I 466 82.09 -44.90 -8.28
C LYS I 466 81.13 -44.18 -7.35
N GLY I 467 79.89 -44.03 -7.80
CA GLY I 467 78.87 -43.38 -6.99
C GLY I 467 79.28 -42.03 -6.43
N PHE I 468 79.17 -41.90 -5.11
CA PHE I 468 79.54 -40.68 -4.41
C PHE I 468 81.02 -40.81 -4.11
N ALA I 469 81.86 -40.08 -4.84
CA ALA I 469 83.30 -40.17 -4.63
C ALA I 469 83.78 -39.09 -3.68
N GLY I 470 83.37 -39.17 -2.42
CA GLY I 470 83.76 -38.17 -1.44
C GLY I 470 85.00 -38.43 -0.61
N GLY I 471 85.68 -39.54 -0.86
CA GLY I 471 86.87 -39.86 -0.09
C GLY I 471 87.97 -38.83 -0.25
N ASP I 472 88.17 -38.38 -1.48
CA ASP I 472 89.20 -37.38 -1.78
C ASP I 472 88.86 -36.79 -3.13
N ILE I 473 89.43 -35.63 -3.43
CA ILE I 473 89.17 -34.94 -4.68
C ILE I 473 89.32 -35.80 -5.94
N SER I 474 90.39 -36.59 -6.01
CA SER I 474 90.63 -37.41 -7.20
C SER I 474 90.01 -38.81 -7.29
N HIS I 475 89.23 -39.23 -6.30
CA HIS I 475 88.63 -40.56 -6.38
C HIS I 475 87.65 -40.70 -7.55
N GLN I 476 87.01 -39.59 -7.91
CA GLN I 476 86.04 -39.55 -9.00
C GLN I 476 86.71 -39.74 -10.36
N LEU I 477 88.03 -39.62 -10.41
CA LEU I 477 88.78 -39.74 -11.66
C LEU I 477 89.19 -41.18 -11.96
N HIS I 478 89.03 -42.06 -10.99
CA HIS I 478 89.40 -43.46 -11.19
C HIS I 478 88.53 -44.05 -12.30
N GLN I 479 89.11 -44.92 -13.12
CA GLN I 479 88.40 -45.52 -14.25
C GLN I 479 87.83 -46.91 -13.97
N TYR I 480 86.57 -47.11 -14.34
CA TYR I 480 85.88 -48.40 -14.14
C TYR I 480 85.29 -48.93 -15.44
N GLU I 481 84.98 -50.22 -15.45
CA GLU I 481 84.41 -50.88 -16.63
C GLU I 481 83.37 -51.93 -16.25
N TYR I 482 82.47 -52.21 -17.18
CA TYR I 482 81.42 -53.22 -17.02
C TYR I 482 81.39 -54.06 -18.28
N PRO I 483 81.45 -55.40 -18.15
CA PRO I 483 81.54 -56.06 -16.85
C PRO I 483 82.93 -55.84 -16.24
N ALA I 484 83.02 -55.86 -14.92
CA ALA I 484 84.31 -55.66 -14.26
C ALA I 484 85.18 -56.89 -14.50
N PRO I 485 86.50 -56.71 -14.56
CA PRO I 485 87.42 -57.84 -14.78
C PRO I 485 87.10 -59.06 -13.92
N GLY I 486 86.82 -60.18 -14.59
CA GLY I 486 86.51 -61.41 -13.88
C GLY I 486 85.07 -61.59 -13.44
N TYR I 487 84.30 -60.51 -13.44
CA TYR I 487 82.90 -60.61 -13.02
C TYR I 487 81.94 -60.87 -14.16
N SER I 488 80.71 -61.22 -13.80
CA SER I 488 79.68 -61.55 -14.76
C SER I 488 78.71 -60.43 -15.10
N LYS I 489 78.16 -60.49 -16.30
CA LYS I 489 77.17 -59.52 -16.74
C LYS I 489 75.89 -59.82 -15.97
N ILE I 490 75.00 -58.84 -15.90
CA ILE I 490 73.74 -58.95 -15.19
C ILE I 490 72.75 -59.94 -15.79
N LYS I 491 72.12 -60.74 -14.92
CA LYS I 491 71.13 -61.75 -15.33
C LYS I 491 69.78 -61.44 -14.69
N MET I 492 69.79 -60.90 -13.49
CA MET I 492 68.53 -60.56 -12.83
C MET I 492 68.63 -59.18 -12.21
N PHE I 493 67.48 -58.54 -12.04
CA PHE I 493 67.44 -57.20 -11.49
C PHE I 493 66.46 -57.12 -10.32
N TRP I 494 66.98 -56.82 -9.14
CA TRP I 494 66.14 -56.69 -7.95
C TRP I 494 65.92 -55.20 -7.70
N LYS I 495 64.77 -54.69 -8.11
CA LYS I 495 64.47 -53.27 -7.91
C LYS I 495 63.78 -52.98 -6.59
N TYR I 496 64.18 -51.87 -5.99
CA TYR I 496 63.64 -51.40 -4.72
C TYR I 496 63.02 -50.06 -5.13
N GLY I 497 61.71 -50.06 -5.34
CA GLY I 497 61.03 -48.87 -5.80
C GLY I 497 61.14 -48.87 -7.31
N GLY I 498 60.58 -47.87 -7.98
CA GLY I 498 60.65 -47.79 -9.43
C GLY I 498 60.32 -46.38 -9.92
N PRO I 499 61.12 -45.38 -9.52
CA PRO I 499 60.93 -43.97 -9.89
C PRO I 499 61.71 -43.48 -11.09
N HIS I 500 62.62 -44.30 -11.60
CA HIS I 500 63.50 -43.88 -12.70
C HIS I 500 62.94 -43.26 -13.97
N LEU I 501 61.74 -43.66 -14.39
CA LEU I 501 61.17 -43.08 -15.59
C LEU I 501 60.89 -41.60 -15.38
N GLY I 502 60.76 -41.19 -14.12
CA GLY I 502 60.50 -39.79 -13.85
C GLY I 502 61.67 -39.03 -13.22
N THR I 503 62.70 -39.75 -12.77
CA THR I 503 63.82 -39.08 -12.12
C THR I 503 65.19 -39.10 -12.81
N MET I 504 65.39 -39.98 -13.79
CA MET I 504 66.68 -40.03 -14.47
C MET I 504 66.74 -39.18 -15.74
N THR I 505 67.50 -39.62 -16.74
CA THR I 505 67.65 -38.86 -17.99
C THR I 505 67.20 -39.62 -19.25
N ALA I 506 66.63 -38.90 -20.22
CA ALA I 506 66.14 -39.49 -21.48
C ALA I 506 65.59 -40.86 -21.13
N THR I 507 64.71 -40.87 -20.13
CA THR I 507 64.14 -42.08 -19.57
C THR I 507 63.41 -43.11 -20.41
N ASN I 508 63.10 -42.85 -21.67
CA ASN I 508 62.43 -43.88 -22.46
C ASN I 508 63.34 -45.11 -22.52
N ARG I 509 64.64 -44.88 -22.36
CA ARG I 509 65.61 -45.97 -22.39
C ARG I 509 65.44 -46.92 -21.20
N TYR I 510 64.94 -46.41 -20.07
CA TYR I 510 64.73 -47.26 -18.89
C TYR I 510 63.55 -48.19 -19.13
N ALA I 511 62.56 -47.70 -19.88
CA ALA I 511 61.40 -48.52 -20.20
C ALA I 511 61.85 -49.61 -21.18
N LYS I 512 62.66 -49.22 -22.16
CA LYS I 512 63.14 -50.16 -23.18
C LYS I 512 64.00 -51.31 -22.66
N MET I 513 64.81 -51.05 -21.64
CA MET I 513 65.68 -52.09 -21.12
C MET I 513 64.99 -53.31 -20.51
N TYR I 514 63.78 -53.14 -19.98
CA TYR I 514 63.09 -54.26 -19.35
C TYR I 514 62.72 -55.41 -20.27
N THR I 515 62.63 -55.14 -21.56
CA THR I 515 62.29 -56.18 -22.52
C THR I 515 63.51 -56.85 -23.15
N HIS I 516 64.69 -56.50 -22.69
CA HIS I 516 65.90 -57.10 -23.26
C HIS I 516 66.02 -58.55 -22.84
N ASP I 517 66.33 -59.42 -23.79
CA ASP I 517 66.44 -60.84 -23.55
C ASP I 517 67.51 -61.27 -22.54
N SER I 518 68.49 -60.39 -22.29
CA SER I 518 69.54 -60.73 -21.33
C SER I 518 69.00 -60.71 -19.90
N LEU I 519 67.88 -60.02 -19.69
CA LEU I 519 67.26 -59.93 -18.37
C LEU I 519 66.38 -61.15 -18.11
N GLU I 520 66.93 -62.11 -17.39
CA GLU I 520 66.24 -63.35 -17.07
C GLU I 520 65.16 -63.22 -16.00
N PHE I 521 65.34 -62.26 -15.10
CA PHE I 521 64.38 -62.11 -14.00
C PHE I 521 64.39 -60.69 -13.43
N VAL I 522 63.21 -60.17 -13.14
CA VAL I 522 63.07 -58.82 -12.58
C VAL I 522 62.13 -58.85 -11.39
N VAL I 523 62.65 -58.43 -10.23
CA VAL I 523 61.86 -58.40 -9.00
C VAL I 523 61.72 -56.95 -8.57
N SER I 524 60.52 -56.57 -8.16
CA SER I 524 60.29 -55.22 -7.68
C SER I 524 59.77 -55.27 -6.25
N GLN I 525 60.49 -54.63 -5.34
CA GLN I 525 60.10 -54.57 -3.94
C GLN I 525 59.73 -53.11 -3.75
N SER I 526 58.44 -52.82 -3.80
CA SER I 526 57.96 -51.45 -3.70
C SER I 526 56.69 -51.30 -2.86
N ILE I 527 56.28 -50.05 -2.68
CA ILE I 527 55.09 -49.76 -1.88
C ILE I 527 53.86 -49.49 -2.75
N TRP I 528 54.03 -48.68 -3.79
CA TRP I 528 52.94 -48.33 -4.69
C TRP I 528 53.12 -48.91 -6.10
N PHE I 529 52.01 -49.28 -6.74
CA PHE I 529 52.03 -49.83 -8.08
C PHE I 529 52.05 -48.65 -9.04
N GLU I 530 53.25 -48.22 -9.40
CA GLU I 530 53.44 -47.06 -10.28
C GLU I 530 54.84 -47.11 -10.88
N GLY I 531 55.14 -46.15 -11.74
CA GLY I 531 56.45 -46.07 -12.36
C GLY I 531 56.91 -47.32 -13.09
N GLU I 532 58.06 -47.84 -12.67
CA GLU I 532 58.65 -49.03 -13.28
C GLU I 532 58.11 -50.34 -12.72
N VAL I 533 57.31 -50.28 -11.67
CA VAL I 533 56.78 -51.48 -11.06
C VAL I 533 56.06 -52.44 -12.02
N PRO I 534 55.26 -51.91 -12.96
CA PRO I 534 54.53 -52.76 -13.93
C PRO I 534 55.39 -53.46 -15.00
N PHE I 535 56.71 -53.46 -14.81
CA PHE I 535 57.61 -54.15 -15.74
C PHE I 535 58.18 -55.40 -15.08
N ALA I 536 57.95 -55.54 -13.78
CA ALA I 536 58.51 -56.66 -13.02
C ALA I 536 57.84 -58.02 -13.22
N ASP I 537 58.58 -59.08 -12.89
CA ASP I 537 58.07 -60.45 -13.01
C ASP I 537 57.40 -60.84 -11.70
N ILE I 538 58.01 -60.39 -10.60
CA ILE I 538 57.50 -60.65 -9.26
C ILE I 538 57.50 -59.31 -8.52
N ILE I 539 56.39 -58.99 -7.86
CA ILE I 539 56.28 -57.75 -7.11
C ILE I 539 56.00 -58.07 -5.65
N LEU I 540 56.79 -57.47 -4.77
CA LEU I 540 56.66 -57.66 -3.34
C LEU I 540 56.22 -56.35 -2.69
N PRO I 541 55.11 -56.38 -1.93
CA PRO I 541 54.58 -55.17 -1.26
C PRO I 541 55.24 -54.82 0.06
N ALA I 542 55.87 -53.64 0.10
CA ALA I 542 56.51 -53.15 1.31
C ALA I 542 55.53 -52.13 1.90
N CYS I 543 55.71 -51.79 3.18
CA CYS I 543 54.82 -50.84 3.84
C CYS I 543 55.50 -49.51 4.14
N THR I 544 54.71 -48.50 4.50
CA THR I 544 55.24 -47.18 4.84
C THR I 544 55.82 -47.22 6.25
N ASN I 545 56.49 -46.14 6.65
CA ASN I 545 57.08 -46.06 7.99
C ASN I 545 56.03 -45.88 9.08
N PHE I 546 54.77 -45.74 8.69
CA PHE I 546 53.70 -45.59 9.67
C PHE I 546 53.15 -46.96 10.05
N GLU I 547 53.67 -47.99 9.39
CA GLU I 547 53.24 -49.36 9.61
C GLU I 547 54.34 -50.24 10.21
N ARG I 548 55.39 -49.60 10.73
CA ARG I 548 56.50 -50.33 11.34
C ARG I 548 57.20 -49.46 12.38
N TRP I 549 58.06 -50.09 13.18
CA TRP I 549 58.80 -49.37 14.22
C TRP I 549 60.16 -48.86 13.74
N ASP I 550 60.51 -47.64 14.15
CA ASP I 550 61.80 -47.07 13.79
C ASP I 550 62.12 -45.89 14.70
N ILE I 551 63.23 -45.23 14.42
CA ILE I 551 63.66 -44.08 15.21
C ILE I 551 64.45 -43.16 14.28
N SER I 552 64.37 -41.85 14.51
CA SER I 552 65.07 -40.90 13.67
C SER I 552 65.11 -39.50 14.25
N GLU I 553 65.82 -38.60 13.55
CA GLU I 553 65.91 -37.21 13.97
C GLU I 553 65.45 -36.32 12.82
N PHE I 554 64.75 -35.25 13.17
CA PHE I 554 64.23 -34.29 12.20
C PHE I 554 65.31 -33.86 11.19
N ALA I 555 65.10 -34.22 9.93
CA ALA I 555 66.01 -33.86 8.83
C ALA I 555 67.45 -34.34 8.94
N ASN I 556 67.75 -35.25 9.85
CA ASN I 556 69.12 -35.71 10.04
C ASN I 556 69.60 -36.78 9.06
N CYS I 557 70.41 -36.35 8.09
CA CYS I 557 70.99 -37.25 7.09
C CYS I 557 72.41 -37.60 7.54
N SER I 558 73.16 -36.57 7.88
CA SER I 558 74.55 -36.70 8.31
C SER I 558 75.36 -37.28 7.14
N GLY I 559 76.46 -37.96 7.43
CA GLY I 559 77.26 -38.54 6.36
C GLY I 559 77.86 -37.49 5.44
N TYR I 560 77.38 -37.44 4.20
CA TYR I 560 77.87 -36.46 3.22
C TYR I 560 77.31 -35.06 3.44
N ILE I 561 76.51 -34.89 4.48
CA ILE I 561 75.97 -33.59 4.85
C ILE I 561 76.04 -33.61 6.38
N PRO I 562 77.26 -33.54 6.92
CA PRO I 562 77.47 -33.56 8.37
C PRO I 562 76.66 -32.52 9.14
N ASP I 563 76.00 -32.96 10.20
CA ASP I 563 75.21 -32.10 11.07
C ASP I 563 74.17 -31.27 10.34
N ASN I 564 73.53 -31.84 9.32
CA ASN I 564 72.53 -31.08 8.56
C ASN I 564 71.22 -30.88 9.32
N TYR I 565 71.16 -31.37 10.55
CA TYR I 565 69.95 -31.19 11.36
C TYR I 565 69.87 -29.69 11.68
N GLN I 566 70.97 -28.97 11.46
CA GLN I 566 71.00 -27.53 11.71
C GLN I 566 70.08 -26.80 10.76
N LEU I 567 69.37 -27.56 9.94
CA LEU I 567 68.40 -27.01 9.00
C LEU I 567 67.12 -26.66 9.79
N CYS I 568 66.99 -27.29 10.95
CA CYS I 568 65.81 -27.11 11.79
C CYS I 568 66.01 -26.13 12.95
N ASN I 569 64.89 -25.65 13.50
CA ASN I 569 64.96 -24.71 14.61
C ASN I 569 65.23 -25.44 15.92
N HIS I 570 65.04 -26.75 15.92
CA HIS I 570 65.27 -27.58 17.11
C HIS I 570 65.66 -28.99 16.67
N ARG I 571 66.53 -29.63 17.44
CA ARG I 571 66.91 -30.99 17.14
C ARG I 571 65.82 -31.83 17.79
N VAL I 572 65.07 -32.55 16.97
CA VAL I 572 63.99 -33.36 17.50
C VAL I 572 64.21 -34.82 17.16
N ILE I 573 64.42 -35.63 18.19
CA ILE I 573 64.63 -37.05 18.01
C ILE I 573 63.31 -37.72 18.34
N SER I 574 62.82 -38.57 17.45
CA SER I 574 61.54 -39.21 17.74
C SER I 574 61.42 -40.69 17.43
N LEU I 575 60.51 -41.32 18.17
CA LEU I 575 60.21 -42.72 18.00
C LEU I 575 59.18 -42.78 16.88
N GLN I 576 59.42 -43.61 15.88
CA GLN I 576 58.46 -43.75 14.80
C GLN I 576 57.65 -44.97 15.19
N ALA I 577 56.56 -44.72 15.91
CA ALA I 577 55.70 -45.78 16.39
C ALA I 577 54.91 -46.44 15.28
N LYS I 578 54.76 -47.76 15.38
CA LYS I 578 53.96 -48.48 14.42
C LYS I 578 52.55 -48.03 14.74
N CYS I 579 52.04 -47.08 13.95
CA CYS I 579 50.71 -46.52 14.18
C CYS I 579 49.55 -47.44 13.81
N ILE I 580 49.74 -48.26 12.78
CA ILE I 580 48.70 -49.17 12.32
C ILE I 580 49.33 -50.44 11.76
N GLU I 581 48.51 -51.47 11.59
CA GLU I 581 49.00 -52.71 11.03
C GLU I 581 49.27 -52.47 9.54
N PRO I 582 50.23 -53.20 8.96
CA PRO I 582 50.53 -53.01 7.53
C PRO I 582 49.26 -53.11 6.69
N VAL I 583 49.11 -52.20 5.73
CA VAL I 583 47.94 -52.19 4.86
C VAL I 583 47.98 -53.37 3.89
N GLY I 584 46.86 -54.05 3.74
CA GLY I 584 46.80 -55.20 2.85
C GLY I 584 47.76 -56.29 3.29
N GLU I 585 48.45 -56.91 2.33
CA GLU I 585 49.40 -57.97 2.66
C GLU I 585 50.85 -57.48 2.60
N SER I 586 51.06 -56.21 2.87
CA SER I 586 52.41 -55.67 2.85
C SER I 586 53.13 -55.97 4.15
N MET I 587 54.45 -55.87 4.12
CA MET I 587 55.25 -56.07 5.32
C MET I 587 56.48 -55.17 5.21
N SER I 588 57.12 -54.89 6.35
CA SER I 588 58.27 -54.02 6.34
C SER I 588 59.41 -54.64 5.55
N ASP I 589 60.25 -53.80 4.96
CA ASP I 589 61.38 -54.29 4.20
C ASP I 589 62.22 -55.24 5.06
N TYR I 590 62.38 -54.90 6.33
CA TYR I 590 63.16 -55.74 7.24
C TYR I 590 62.54 -57.14 7.38
N GLU I 591 61.22 -57.22 7.50
CA GLU I 591 60.57 -58.52 7.64
C GLU I 591 60.62 -59.29 6.33
N ILE I 592 60.61 -58.57 5.21
CA ILE I 592 60.69 -59.21 3.91
C ILE I 592 62.07 -59.86 3.80
N TYR I 593 63.09 -59.14 4.25
CA TYR I 593 64.45 -59.65 4.20
C TYR I 593 64.67 -60.77 5.20
N ARG I 594 63.99 -60.70 6.35
CA ARG I 594 64.12 -61.71 7.36
C ARG I 594 63.52 -63.02 6.82
N LEU I 595 62.47 -62.90 6.02
CA LEU I 595 61.83 -64.06 5.41
C LEU I 595 62.78 -64.66 4.36
N PHE I 596 63.37 -63.80 3.53
CA PHE I 596 64.32 -64.28 2.51
C PHE I 596 65.53 -64.90 3.20
N ALA I 597 66.00 -64.26 4.27
CA ALA I 597 67.16 -64.74 5.00
C ALA I 597 66.92 -66.16 5.53
N LYS I 598 65.67 -66.44 5.91
CA LYS I 598 65.34 -67.76 6.41
C LYS I 598 65.45 -68.78 5.29
N LYS I 599 64.88 -68.44 4.13
CA LYS I 599 64.92 -69.34 2.98
C LYS I 599 66.29 -69.45 2.32
N LEU I 600 67.19 -68.53 2.63
CA LEU I 600 68.54 -68.54 2.06
C LEU I 600 69.51 -69.13 3.08
N ASN I 601 68.97 -69.52 4.23
CA ASN I 601 69.72 -70.13 5.32
C ASN I 601 70.78 -69.23 5.97
N ILE I 602 70.45 -67.94 6.11
CA ILE I 602 71.37 -66.98 6.72
C ILE I 602 70.59 -66.10 7.69
N GLU I 603 69.49 -66.63 8.20
CA GLU I 603 68.63 -65.88 9.12
C GLU I 603 69.31 -65.38 10.39
N GLU I 604 70.07 -66.24 11.05
CA GLU I 604 70.75 -65.84 12.28
C GLU I 604 71.76 -64.73 12.03
N MET I 605 72.53 -64.85 10.95
CA MET I 605 73.53 -63.86 10.63
C MET I 605 72.90 -62.50 10.32
N PHE I 606 71.80 -62.51 9.59
CA PHE I 606 71.11 -61.28 9.23
C PHE I 606 70.35 -60.60 10.36
N SER I 607 69.46 -61.33 11.01
CA SER I 607 68.63 -60.76 12.08
C SER I 607 69.24 -60.77 13.47
N GLU I 608 70.14 -61.72 13.73
CA GLU I 608 70.75 -61.84 15.05
C GLU I 608 69.61 -62.03 16.06
N GLY I 609 68.51 -62.62 15.58
CA GLY I 609 67.36 -62.88 16.42
C GLY I 609 66.64 -61.63 16.92
N LYS I 610 66.74 -60.54 16.18
CA LYS I 610 66.10 -59.30 16.61
C LYS I 610 65.07 -58.80 15.63
N ASP I 611 63.95 -58.31 16.15
CA ASP I 611 62.91 -57.73 15.31
C ASP I 611 63.28 -56.25 15.21
N GLU I 612 62.56 -55.51 14.38
CA GLU I 612 62.86 -54.09 14.20
C GLU I 612 62.97 -53.32 15.51
N LEU I 613 62.05 -53.56 16.43
CA LEU I 613 62.06 -52.87 17.71
C LEU I 613 63.31 -53.19 18.54
N ALA I 614 63.81 -54.40 18.42
CA ALA I 614 65.02 -54.79 19.15
C ALA I 614 66.22 -54.05 18.56
N TRP I 615 66.24 -53.87 17.25
CA TRP I 615 67.33 -53.15 16.60
C TRP I 615 67.29 -51.66 16.99
N CYS I 616 66.08 -51.12 17.12
CA CYS I 616 65.91 -49.72 17.49
C CYS I 616 66.46 -49.42 18.87
N GLU I 617 66.31 -50.35 19.81
CA GLU I 617 66.81 -50.16 21.16
C GLU I 617 68.33 -50.19 21.16
N GLN I 618 68.90 -51.16 20.45
CA GLN I 618 70.36 -51.27 20.37
C GLN I 618 70.89 -49.99 19.73
N TYR I 619 70.18 -49.52 18.72
CA TYR I 619 70.52 -48.30 18.00
C TYR I 619 70.53 -47.12 18.97
N PHE I 620 69.43 -46.97 19.68
CA PHE I 620 69.28 -45.91 20.67
C PHE I 620 70.45 -45.84 21.66
N ASN I 621 70.85 -47.01 22.17
CA ASN I 621 71.95 -47.06 23.14
C ASN I 621 73.32 -46.72 22.57
N ALA I 622 73.44 -46.69 21.24
CA ALA I 622 74.71 -46.37 20.61
C ALA I 622 74.80 -44.87 20.31
N THR I 623 73.78 -44.12 20.73
CA THR I 623 73.76 -42.67 20.52
C THR I 623 74.00 -41.99 21.86
N ASP I 624 73.87 -40.66 21.90
CA ASP I 624 74.06 -39.91 23.14
C ASP I 624 72.77 -39.80 23.96
N MET I 625 71.67 -40.32 23.40
CA MET I 625 70.39 -40.26 24.09
C MET I 625 70.39 -40.78 25.53
N PRO I 626 71.12 -41.89 25.78
CA PRO I 626 71.16 -42.44 27.15
C PRO I 626 71.60 -41.43 28.20
N LYS I 627 72.23 -40.34 27.77
CA LYS I 627 72.69 -39.31 28.68
C LYS I 627 71.50 -38.54 29.24
N TYR I 628 70.39 -38.53 28.51
CA TYR I 628 69.21 -37.81 28.95
C TYR I 628 68.05 -38.69 29.39
N MET I 629 67.91 -39.87 28.79
CA MET I 629 66.82 -40.76 29.17
C MET I 629 67.02 -42.19 28.67
N THR I 630 66.35 -43.12 29.34
CA THR I 630 66.46 -44.53 28.98
C THR I 630 65.53 -44.86 27.82
N TRP I 631 65.75 -46.03 27.23
CA TRP I 631 64.92 -46.47 26.11
C TRP I 631 63.46 -46.46 26.53
N ASP I 632 63.17 -47.02 27.70
CA ASP I 632 61.80 -47.07 28.21
C ASP I 632 61.18 -45.69 28.32
N GLU I 633 61.92 -44.75 28.90
CA GLU I 633 61.41 -43.38 29.05
C GLU I 633 61.18 -42.73 27.69
N PHE I 634 62.13 -42.91 26.78
CA PHE I 634 62.03 -42.35 25.43
C PHE I 634 60.86 -42.97 24.68
N PHE I 635 60.77 -44.30 24.74
CA PHE I 635 59.70 -45.04 24.07
C PHE I 635 58.34 -44.53 24.53
N LYS I 636 58.25 -44.27 25.82
CA LYS I 636 57.00 -43.78 26.42
C LYS I 636 56.68 -42.36 25.99
N LYS I 637 57.68 -41.49 25.96
CA LYS I 637 57.46 -40.09 25.58
C LYS I 637 57.21 -39.95 24.07
N GLY I 638 57.95 -40.71 23.28
CA GLY I 638 57.76 -40.64 21.84
C GLY I 638 58.71 -39.70 21.11
N TYR I 639 59.03 -38.57 21.74
CA TYR I 639 59.93 -37.60 21.12
C TYR I 639 60.74 -36.86 22.18
N PHE I 640 61.88 -36.34 21.78
CA PHE I 640 62.76 -35.60 22.68
C PHE I 640 63.35 -34.39 21.98
N VAL I 641 63.28 -33.23 22.63
CA VAL I 641 63.83 -32.01 22.08
C VAL I 641 65.19 -31.83 22.75
N VAL I 642 66.26 -31.87 21.96
CA VAL I 642 67.61 -31.72 22.50
C VAL I 642 67.81 -30.34 23.10
N PRO I 643 68.34 -30.28 24.33
CA PRO I 643 68.58 -29.00 25.01
C PRO I 643 69.57 -28.12 24.26
N ASP I 644 69.50 -26.82 24.51
CA ASP I 644 70.41 -25.86 23.89
C ASP I 644 71.75 -25.93 24.63
N ASN I 645 72.83 -25.64 23.93
CA ASN I 645 74.17 -25.65 24.54
C ASN I 645 74.70 -24.24 24.40
N PRO I 646 74.18 -23.31 25.23
CA PRO I 646 74.53 -21.89 25.27
C PRO I 646 76.01 -21.55 25.35
N ASN I 647 76.78 -22.37 26.05
CA ASN I 647 78.20 -22.10 26.23
C ASN I 647 79.16 -22.59 25.15
N ARG I 648 78.76 -23.53 24.32
CA ARG I 648 79.68 -24.02 23.29
C ARG I 648 80.16 -22.84 22.45
N LYS I 649 81.43 -22.84 22.11
CA LYS I 649 81.98 -21.75 21.31
C LYS I 649 81.47 -21.82 19.89
N LYS I 650 81.12 -20.66 19.34
CA LYS I 650 80.61 -20.58 17.98
C LYS I 650 81.78 -20.67 17.02
N THR I 651 81.59 -21.43 15.95
CA THR I 651 82.62 -21.59 14.93
C THR I 651 81.95 -21.43 13.58
N VAL I 652 82.00 -20.20 13.07
CA VAL I 652 81.38 -19.89 11.78
C VAL I 652 82.08 -20.58 10.63
N ALA I 653 81.27 -21.07 9.69
CA ALA I 653 81.77 -21.77 8.51
C ALA I 653 82.86 -21.01 7.78
N LEU I 654 83.97 -21.70 7.52
CA LEU I 654 85.09 -21.12 6.79
C LEU I 654 85.81 -19.92 7.42
N ARG I 655 85.43 -19.51 8.63
CA ARG I 655 86.12 -18.37 9.23
C ARG I 655 87.58 -18.72 9.50
N TRP I 656 87.83 -19.96 9.91
CA TRP I 656 89.18 -20.42 10.18
C TRP I 656 90.03 -20.26 8.93
N PHE I 657 89.44 -20.58 7.77
CA PHE I 657 90.12 -20.48 6.49
C PHE I 657 90.35 -19.03 6.12
N ALA I 658 89.34 -18.18 6.33
CA ALA I 658 89.45 -16.76 6.00
C ALA I 658 90.57 -16.10 6.81
N GLU I 659 90.77 -16.57 8.04
CA GLU I 659 91.79 -16.00 8.92
C GLU I 659 93.12 -16.77 8.92
N GLY I 660 93.23 -17.74 8.02
CA GLY I 660 94.45 -18.52 7.93
C GLY I 660 94.87 -19.29 9.16
N ARG I 661 93.93 -19.85 9.90
CA ARG I 661 94.28 -20.62 11.09
C ARG I 661 93.72 -22.04 11.02
N GLU I 662 94.03 -22.85 12.02
CA GLU I 662 93.58 -24.24 12.06
C GLU I 662 92.07 -24.39 12.00
N LYS I 663 91.62 -25.34 11.19
CA LYS I 663 90.20 -25.65 11.05
C LYS I 663 89.67 -25.90 12.45
N ASP I 664 88.59 -25.21 12.82
CA ASP I 664 88.04 -25.35 14.17
C ASP I 664 86.55 -25.72 14.25
N THR I 665 85.95 -26.05 13.12
CA THR I 665 84.54 -26.41 13.11
C THR I 665 84.35 -27.89 13.37
N PRO I 666 83.09 -28.35 13.50
CA PRO I 666 82.84 -29.77 13.75
C PRO I 666 82.84 -30.56 12.43
N ASP I 667 83.10 -29.87 11.31
CA ASP I 667 83.09 -30.52 10.00
C ASP I 667 83.93 -31.79 9.97
N TRP I 668 83.52 -32.76 9.14
CA TRP I 668 84.20 -34.05 9.02
C TRP I 668 85.45 -34.01 8.14
N GLY I 669 85.91 -32.81 7.82
CA GLY I 669 87.09 -32.67 7.00
C GLY I 669 87.58 -31.23 7.04
N PRO I 670 88.69 -30.93 6.36
CA PRO I 670 89.45 -31.93 5.60
C PRO I 670 90.21 -32.89 6.51
N ARG I 671 90.65 -34.02 5.95
CA ARG I 671 91.40 -34.96 6.74
C ARG I 671 92.79 -34.40 6.97
N LEU I 672 93.40 -34.76 8.08
CA LEU I 672 94.72 -34.26 8.44
C LEU I 672 95.76 -34.39 7.34
N ASN I 673 95.76 -35.52 6.62
CA ASN I 673 96.73 -35.73 5.56
C ASN I 673 96.53 -34.79 4.37
N ASN I 674 95.34 -34.20 4.26
CA ASN I 674 95.05 -33.27 3.16
C ASN I 674 95.31 -31.81 3.53
N GLN I 675 95.98 -31.60 4.66
CA GLN I 675 96.32 -30.27 5.12
C GLN I 675 97.75 -30.24 5.62
N VAL I 676 98.29 -29.03 5.76
CA VAL I 676 99.62 -28.85 6.30
C VAL I 676 99.35 -28.15 7.64
N CYS I 677 99.74 -28.80 8.74
CA CYS I 677 99.53 -28.26 10.08
C CYS I 677 98.06 -27.93 10.28
N ARG I 678 97.21 -28.76 9.66
CA ARG I 678 95.76 -28.64 9.66
C ARG I 678 95.18 -27.26 9.37
N LYS I 679 95.77 -26.60 8.38
CA LYS I 679 95.33 -25.30 7.92
C LYS I 679 95.07 -25.43 6.44
N GLY I 680 94.19 -24.60 5.90
CA GLY I 680 93.90 -24.62 4.49
C GLY I 680 92.88 -25.65 4.05
N LEU I 681 92.45 -25.51 2.80
CA LEU I 681 91.47 -26.40 2.19
C LEU I 681 92.10 -27.74 1.84
N GLN I 682 91.26 -28.71 1.49
CA GLN I 682 91.70 -30.04 1.11
C GLN I 682 92.54 -30.05 -0.19
N THR I 683 92.42 -28.99 -0.97
CA THR I 683 93.18 -28.90 -2.22
C THR I 683 94.68 -28.97 -1.93
N THR I 684 95.44 -29.39 -2.93
CA THR I 684 96.88 -29.49 -2.81
C THR I 684 97.52 -28.25 -2.19
N THR I 685 97.22 -27.08 -2.75
CA THR I 685 97.78 -25.81 -2.28
C THR I 685 97.14 -25.34 -0.98
N GLY I 686 95.98 -25.89 -0.65
CA GLY I 686 95.28 -25.48 0.55
C GLY I 686 94.49 -24.21 0.28
N LYS I 687 94.51 -23.78 -0.98
CA LYS I 687 93.83 -22.57 -1.40
C LYS I 687 92.70 -22.86 -2.40
N VAL I 688 91.94 -21.83 -2.75
CA VAL I 688 90.88 -21.96 -3.73
C VAL I 688 91.61 -21.95 -5.05
N GLU I 689 91.53 -23.05 -5.79
CA GLU I 689 92.24 -23.17 -7.06
C GLU I 689 91.46 -22.83 -8.34
N PHE I 690 91.66 -21.61 -8.84
CA PHE I 690 91.00 -21.17 -10.07
C PHE I 690 91.51 -21.98 -11.24
N ILE I 691 92.69 -22.56 -11.07
CA ILE I 691 93.30 -23.48 -12.03
C ILE I 691 93.49 -24.68 -11.12
N ALA I 692 92.61 -25.66 -11.24
CA ALA I 692 92.65 -26.84 -10.38
C ALA I 692 93.82 -27.76 -10.68
N THR I 693 94.63 -28.01 -9.66
CA THR I 693 95.81 -28.87 -9.79
C THR I 693 95.45 -30.32 -10.09
N SER I 694 94.39 -30.82 -9.45
CA SER I 694 93.96 -32.19 -9.69
C SER I 694 93.59 -32.38 -11.16
N LEU I 695 92.80 -31.45 -11.70
CA LEU I 695 92.38 -31.52 -13.09
C LEU I 695 93.54 -31.29 -14.04
N LYS I 696 94.51 -30.49 -13.62
CA LYS I 696 95.66 -30.23 -14.47
C LYS I 696 96.49 -31.52 -14.56
N ASN I 697 96.58 -32.24 -13.44
CA ASN I 697 97.31 -33.51 -13.43
C ASN I 697 96.58 -34.47 -14.37
N PHE I 698 95.25 -34.52 -14.21
CA PHE I 698 94.36 -35.37 -15.01
C PHE I 698 94.56 -35.14 -16.50
N GLU I 699 94.52 -33.88 -16.93
CA GLU I 699 94.68 -33.59 -18.35
C GLU I 699 96.09 -33.89 -18.85
N GLU I 700 97.11 -33.67 -18.02
CA GLU I 700 98.48 -33.93 -18.44
C GLU I 700 98.74 -35.43 -18.49
N GLN I 701 97.87 -36.20 -17.83
CA GLN I 701 98.00 -37.66 -17.83
C GLN I 701 97.35 -38.22 -19.09
N GLY I 702 96.78 -37.33 -19.90
CA GLY I 702 96.16 -37.76 -21.14
C GLY I 702 94.65 -37.75 -21.18
N TYR I 703 93.98 -37.39 -20.09
CA TYR I 703 92.53 -37.38 -20.07
C TYR I 703 91.97 -36.02 -20.47
N ILE I 704 91.94 -35.79 -21.78
CA ILE I 704 91.46 -34.54 -22.35
C ILE I 704 89.94 -34.43 -22.28
N ASP I 705 89.46 -33.31 -21.76
CA ASP I 705 88.01 -33.09 -21.59
C ASP I 705 87.68 -31.61 -21.76
N GLU I 706 87.27 -31.25 -22.97
CA GLU I 706 86.93 -29.88 -23.32
C GLU I 706 85.86 -29.24 -22.43
N HIS I 707 84.92 -30.03 -21.93
CA HIS I 707 83.87 -29.47 -21.09
C HIS I 707 84.13 -29.50 -19.60
N ARG I 708 85.39 -29.71 -19.23
CA ARG I 708 85.81 -29.70 -17.84
C ARG I 708 87.27 -29.27 -17.79
N PRO I 709 87.53 -28.02 -18.21
CA PRO I 709 88.90 -27.47 -18.22
C PRO I 709 89.45 -27.31 -16.80
N SER I 710 90.76 -27.36 -16.67
CA SER I 710 91.38 -27.22 -15.35
C SER I 710 91.11 -25.82 -14.80
N MET I 711 91.02 -24.82 -15.69
CA MET I 711 90.73 -23.46 -15.26
C MET I 711 89.26 -23.10 -15.47
N HIS I 712 88.65 -22.49 -14.45
CA HIS I 712 87.25 -22.08 -14.53
C HIS I 712 87.12 -21.05 -15.66
N THR I 713 86.41 -21.44 -16.72
CA THR I 713 86.23 -20.57 -17.88
C THR I 713 84.80 -20.60 -18.39
N TYR I 714 84.49 -19.78 -19.39
CA TYR I 714 83.14 -19.78 -19.93
C TYR I 714 82.97 -20.86 -20.99
N VAL I 715 82.69 -22.07 -20.54
CA VAL I 715 82.45 -23.17 -21.47
C VAL I 715 80.95 -23.05 -21.80
N PRO I 716 80.62 -22.78 -23.07
CA PRO I 716 79.19 -22.66 -23.41
C PRO I 716 78.48 -23.97 -23.10
N ALA I 717 77.31 -23.90 -22.48
CA ALA I 717 76.55 -25.09 -22.13
C ALA I 717 76.24 -25.87 -23.41
N TRP I 718 76.52 -27.18 -23.43
CA TRP I 718 76.27 -27.94 -24.66
C TRP I 718 74.81 -28.13 -25.02
N GLU I 719 73.89 -27.84 -24.09
CA GLU I 719 72.48 -27.90 -24.42
C GLU I 719 71.87 -26.58 -23.96
N SER I 720 72.11 -25.54 -24.75
CA SER I 720 71.60 -24.21 -24.48
C SER I 720 71.02 -23.72 -25.80
N GLN I 721 70.20 -22.68 -25.75
CA GLN I 721 69.56 -22.20 -26.97
C GLN I 721 70.47 -21.62 -28.05
N LYS I 722 71.58 -20.98 -27.68
CA LYS I 722 72.44 -20.42 -28.72
C LYS I 722 73.68 -21.24 -29.06
N HIS I 723 73.98 -22.26 -28.25
CA HIS I 723 75.18 -23.06 -28.51
C HIS I 723 74.92 -24.49 -28.98
N SER I 724 73.67 -24.89 -29.07
CA SER I 724 73.32 -26.24 -29.50
C SER I 724 72.58 -26.25 -30.84
N PRO I 725 73.01 -27.12 -31.77
CA PRO I 725 72.37 -27.20 -33.09
C PRO I 725 70.91 -27.63 -32.96
N LEU I 726 70.59 -28.26 -31.83
CA LEU I 726 69.24 -28.72 -31.54
C LEU I 726 68.24 -27.57 -31.36
N ALA I 727 68.75 -26.37 -31.11
CA ALA I 727 67.89 -25.21 -30.90
C ALA I 727 67.05 -24.83 -32.11
N VAL I 728 67.48 -25.24 -33.30
CA VAL I 728 66.73 -24.93 -34.51
C VAL I 728 65.35 -25.58 -34.45
N LYS I 729 65.31 -26.86 -34.10
CA LYS I 729 64.06 -27.60 -34.01
C LYS I 729 63.38 -27.40 -32.66
N TYR I 730 64.18 -27.29 -31.61
CA TYR I 730 63.68 -27.14 -30.26
C TYR I 730 64.23 -25.87 -29.62
N PRO I 731 63.62 -24.72 -29.96
CA PRO I 731 63.98 -23.38 -29.49
C PRO I 731 63.70 -23.03 -28.03
N LEU I 732 62.84 -23.80 -27.36
CA LEU I 732 62.51 -23.50 -25.97
C LEU I 732 63.43 -24.16 -24.94
N GLY I 733 63.93 -23.35 -24.01
CA GLY I 733 64.81 -23.86 -22.98
C GLY I 733 64.00 -24.32 -21.78
N MET I 734 64.15 -25.58 -21.42
CA MET I 734 63.41 -26.11 -20.29
C MET I 734 64.26 -26.47 -19.10
N LEU I 735 63.80 -26.08 -17.92
CA LEU I 735 64.48 -26.42 -16.67
C LEU I 735 63.44 -27.25 -15.94
N SER I 736 63.86 -28.26 -15.19
CA SER I 736 62.92 -29.12 -14.50
C SER I 736 63.35 -29.46 -13.08
N PRO I 737 63.24 -28.49 -12.16
CA PRO I 737 63.59 -28.57 -10.73
C PRO I 737 62.74 -29.56 -9.94
N HIS I 738 62.99 -29.63 -8.63
CA HIS I 738 62.25 -30.56 -7.79
C HIS I 738 60.80 -30.12 -7.55
N PRO I 739 59.87 -31.09 -7.51
CA PRO I 739 58.44 -30.84 -7.30
C PRO I 739 58.12 -30.09 -6.01
N ARG I 740 57.32 -29.05 -6.16
CA ARG I 740 56.90 -28.21 -5.05
C ARG I 740 56.05 -28.99 -4.04
N PHE I 741 55.10 -29.78 -4.53
CA PHE I 741 54.20 -30.51 -3.64
C PHE I 741 54.44 -32.01 -3.46
N SER I 742 55.67 -32.46 -3.67
CA SER I 742 55.98 -33.87 -3.50
C SER I 742 57.46 -34.01 -3.19
N MET I 743 57.84 -35.09 -2.50
CA MET I 743 59.26 -35.34 -2.19
C MET I 743 59.62 -36.29 -3.35
N HIS I 744 59.99 -35.70 -4.47
CA HIS I 744 60.28 -36.47 -5.67
C HIS I 744 59.04 -37.27 -6.02
N THR I 745 59.12 -38.58 -6.20
CA THR I 745 57.91 -39.33 -6.56
C THR I 745 56.96 -39.59 -5.39
N MET I 746 57.46 -39.45 -4.18
CA MET I 746 56.68 -39.69 -2.98
C MET I 746 55.74 -38.53 -2.64
N GLY I 747 54.56 -38.56 -3.25
CA GLY I 747 53.57 -37.52 -3.04
C GLY I 747 52.67 -37.42 -4.26
N ASP I 748 53.29 -37.43 -5.45
CA ASP I 748 52.55 -37.35 -6.69
C ASP I 748 51.86 -38.69 -6.96
N GLY I 749 50.84 -38.66 -7.81
CA GLY I 749 50.12 -39.89 -8.15
C GLY I 749 49.50 -40.56 -6.94
N LYS I 750 49.36 -41.88 -7.00
CA LYS I 750 48.81 -42.69 -5.93
C LYS I 750 47.42 -42.20 -5.46
N ASN I 751 46.75 -41.43 -6.30
CA ASN I 751 45.42 -40.91 -5.93
C ASN I 751 45.53 -40.16 -4.59
N SER I 752 46.68 -39.55 -4.34
CA SER I 752 46.90 -38.79 -3.11
C SER I 752 46.18 -37.45 -3.18
N TYR I 753 46.07 -36.77 -2.04
CA TYR I 753 45.40 -35.48 -1.99
C TYR I 753 46.19 -34.38 -2.68
N MET I 754 47.50 -34.56 -2.80
CA MET I 754 48.33 -33.54 -3.44
C MET I 754 47.92 -33.31 -4.88
N ASN I 755 47.29 -34.30 -5.50
CA ASN I 755 46.86 -34.20 -6.88
C ASN I 755 45.73 -33.20 -7.09
N TYR I 756 45.11 -32.75 -6.00
CA TYR I 756 44.02 -31.78 -6.12
C TYR I 756 44.51 -30.34 -5.94
N ILE I 757 45.81 -30.20 -5.70
CA ILE I 757 46.42 -28.88 -5.52
C ILE I 757 46.48 -28.19 -6.88
N LYS I 758 46.00 -26.94 -6.93
CA LYS I 758 45.94 -26.18 -8.18
C LYS I 758 47.23 -26.11 -9.00
N ASP I 759 48.36 -25.89 -8.32
CA ASP I 759 49.62 -25.78 -9.02
C ASP I 759 50.42 -27.07 -9.07
N HIS I 760 49.77 -28.21 -8.86
CA HIS I 760 50.45 -29.51 -8.94
C HIS I 760 50.04 -30.20 -10.24
N ARG I 761 48.75 -30.48 -10.38
CA ARG I 761 48.23 -31.11 -11.60
C ARG I 761 46.94 -30.41 -11.99
N VAL I 762 46.56 -30.49 -13.25
CA VAL I 762 45.34 -29.86 -13.75
C VAL I 762 44.45 -30.93 -14.37
N GLU I 763 43.23 -31.03 -13.87
CA GLU I 763 42.30 -32.02 -14.38
C GLU I 763 41.66 -31.54 -15.68
N VAL I 764 41.72 -32.39 -16.70
CA VAL I 764 41.14 -32.08 -18.00
C VAL I 764 40.44 -33.33 -18.53
N ASP I 765 39.11 -33.25 -18.61
CA ASP I 765 38.32 -34.39 -19.09
C ASP I 765 38.52 -35.65 -18.26
N GLY I 766 38.56 -35.49 -16.94
CA GLY I 766 38.72 -36.63 -16.07
C GLY I 766 40.13 -37.11 -15.78
N TYR I 767 41.14 -36.50 -16.39
CA TYR I 767 42.51 -36.90 -16.14
C TYR I 767 43.29 -35.70 -15.62
N LYS I 768 44.08 -35.91 -14.57
CA LYS I 768 44.87 -34.83 -13.98
C LYS I 768 46.25 -34.81 -14.63
N TYR I 769 46.49 -33.80 -15.46
CA TYR I 769 47.77 -33.71 -16.16
C TYR I 769 48.83 -32.91 -15.42
N TRP I 770 50.08 -33.27 -15.69
CA TRP I 770 51.22 -32.60 -15.09
C TRP I 770 51.28 -31.22 -15.74
N ILE I 771 51.86 -30.26 -15.03
CA ILE I 771 51.92 -28.89 -15.50
C ILE I 771 53.24 -28.45 -16.11
N MET I 772 53.12 -27.65 -17.17
CA MET I 772 54.29 -27.03 -17.79
C MET I 772 53.95 -25.55 -17.83
N ARG I 773 54.87 -24.74 -17.31
CA ARG I 773 54.69 -23.30 -17.28
C ARG I 773 55.31 -22.67 -18.50
N VAL I 774 54.56 -21.77 -19.13
CA VAL I 774 54.99 -21.09 -20.35
C VAL I 774 54.74 -19.60 -20.29
N ASN I 775 55.69 -18.81 -20.77
CA ASN I 775 55.54 -17.36 -20.79
C ASN I 775 54.46 -17.00 -21.79
N SER I 776 53.65 -16.00 -21.44
CA SER I 776 52.55 -15.54 -22.28
C SER I 776 52.92 -15.33 -23.75
N ILE I 777 54.08 -14.72 -23.99
CA ILE I 777 54.52 -14.46 -25.36
C ILE I 777 54.71 -15.73 -26.18
N ASP I 778 55.34 -16.74 -25.58
CA ASP I 778 55.58 -18.00 -26.28
C ASP I 778 54.28 -18.78 -26.48
N ALA I 779 53.37 -18.70 -25.51
CA ALA I 779 52.10 -19.39 -25.62
C ALA I 779 51.27 -18.77 -26.75
N GLU I 780 51.20 -17.45 -26.77
CA GLU I 780 50.45 -16.74 -27.79
C GLU I 780 50.93 -17.10 -29.19
N ALA I 781 52.24 -17.17 -29.37
CA ALA I 781 52.82 -17.49 -30.66
C ALA I 781 52.42 -18.88 -31.15
N ARG I 782 52.03 -19.74 -30.22
CA ARG I 782 51.63 -21.10 -30.57
C ARG I 782 50.13 -21.35 -30.37
N GLY I 783 49.36 -20.28 -30.19
CA GLY I 783 47.94 -20.42 -29.99
C GLY I 783 47.60 -21.24 -28.77
N ILE I 784 48.49 -21.21 -27.78
CA ILE I 784 48.29 -21.96 -26.54
C ILE I 784 47.66 -21.08 -25.46
N LYS I 785 46.61 -21.59 -24.83
CA LYS I 785 45.93 -20.86 -23.77
C LYS I 785 46.05 -21.61 -22.46
N ASN I 786 45.92 -20.88 -21.36
CA ASN I 786 46.01 -21.47 -20.03
C ASN I 786 45.02 -22.63 -19.96
N GLY I 787 45.49 -23.79 -19.54
CA GLY I 787 44.61 -24.95 -19.43
C GLY I 787 44.65 -25.93 -20.59
N ASP I 788 45.12 -25.50 -21.76
CA ASP I 788 45.19 -26.39 -22.91
C ASP I 788 46.14 -27.56 -22.69
N LEU I 789 45.88 -28.66 -23.38
CA LEU I 789 46.77 -29.81 -23.29
C LEU I 789 47.81 -29.57 -24.38
N ILE I 790 49.07 -29.68 -24.01
CA ILE I 790 50.13 -29.45 -24.97
C ILE I 790 51.06 -30.65 -25.04
N ARG I 791 51.86 -30.67 -26.09
CA ARG I 791 52.81 -31.75 -26.30
C ARG I 791 54.22 -31.15 -26.29
N ALA I 792 55.02 -31.55 -25.32
CA ALA I 792 56.41 -31.10 -25.22
C ALA I 792 57.23 -32.24 -25.81
N TYR I 793 58.13 -31.91 -26.74
CA TYR I 793 58.91 -32.96 -27.38
C TYR I 793 60.26 -32.50 -27.95
N ASN I 794 61.09 -33.50 -28.23
CA ASN I 794 62.39 -33.33 -28.87
C ASN I 794 62.75 -34.70 -29.41
N ASP I 795 64.03 -34.94 -29.71
CA ASP I 795 64.42 -36.24 -30.26
C ASP I 795 64.26 -37.42 -29.29
N ARG I 796 64.14 -37.12 -28.00
CA ARG I 796 64.05 -38.17 -26.98
C ARG I 796 62.66 -38.71 -26.69
N GLY I 797 61.62 -37.94 -27.00
CA GLY I 797 60.27 -38.40 -26.75
C GLY I 797 59.24 -37.29 -26.76
N SER I 798 58.04 -37.61 -26.28
CA SER I 798 56.94 -36.66 -26.19
C SER I 798 56.25 -36.84 -24.85
N VAL I 799 55.78 -35.73 -24.29
CA VAL I 799 55.08 -35.75 -23.00
C VAL I 799 53.87 -34.83 -23.13
N ILE I 800 52.70 -35.31 -22.71
CA ILE I 800 51.49 -34.49 -22.78
C ILE I 800 51.31 -33.80 -21.43
N LEU I 801 51.15 -32.48 -21.48
CA LEU I 801 51.03 -31.68 -20.26
C LEU I 801 49.91 -30.65 -20.33
N ALA I 802 49.58 -30.09 -19.17
CA ALA I 802 48.58 -29.04 -19.07
C ALA I 802 49.37 -27.75 -19.01
N ALA I 803 49.04 -26.80 -19.88
CA ALA I 803 49.76 -25.53 -19.92
C ALA I 803 49.29 -24.50 -18.89
N GLN I 804 50.27 -23.83 -18.29
CA GLN I 804 50.00 -22.76 -17.32
C GLN I 804 50.72 -21.54 -17.88
N VAL I 805 49.96 -20.59 -18.43
CA VAL I 805 50.56 -19.38 -18.99
C VAL I 805 50.90 -18.44 -17.84
N THR I 806 52.14 -17.95 -17.83
CA THR I 806 52.62 -17.11 -16.75
C THR I 806 53.61 -16.04 -17.19
N GLU I 807 54.00 -15.18 -16.25
CA GLU I 807 54.98 -14.12 -16.51
C GLU I 807 56.25 -14.44 -15.72
N CYS I 808 56.20 -15.55 -14.99
CA CYS I 808 57.30 -15.98 -14.14
C CYS I 808 58.46 -16.67 -14.85
N LEU I 809 58.61 -16.41 -16.15
CA LEU I 809 59.68 -17.00 -16.95
C LEU I 809 60.03 -16.02 -18.07
N GLN I 810 61.31 -15.88 -18.38
CA GLN I 810 61.69 -15.01 -19.49
C GLN I 810 61.15 -15.68 -20.75
N PRO I 811 60.66 -14.90 -21.72
CA PRO I 811 60.14 -15.51 -22.95
C PRO I 811 61.21 -16.41 -23.58
N GLY I 812 60.81 -17.61 -23.99
CA GLY I 812 61.75 -18.56 -24.57
C GLY I 812 62.13 -19.67 -23.62
N THR I 813 61.74 -19.52 -22.35
CA THR I 813 62.04 -20.49 -21.32
C THR I 813 60.75 -21.15 -20.81
N VAL I 814 60.77 -22.47 -20.63
CA VAL I 814 59.59 -23.18 -20.10
C VAL I 814 60.02 -23.92 -18.85
N HIS I 815 59.05 -24.22 -18.00
CA HIS I 815 59.34 -24.87 -16.73
C HIS I 815 58.34 -25.96 -16.36
N SER I 816 58.84 -27.10 -15.92
CA SER I 816 58.00 -28.22 -15.51
C SER I 816 58.80 -29.07 -14.54
N TYR I 817 58.28 -29.25 -13.34
CA TYR I 817 58.96 -30.03 -12.31
C TYR I 817 59.23 -31.48 -12.72
N GLU I 818 60.31 -32.04 -12.21
CA GLU I 818 60.66 -33.42 -12.50
C GLU I 818 60.03 -34.28 -11.41
N SER I 819 60.37 -35.56 -11.41
CA SER I 819 59.90 -36.53 -10.42
C SER I 819 58.46 -37.01 -10.50
N CYS I 820 57.80 -36.82 -11.65
CA CYS I 820 56.45 -37.30 -11.81
C CYS I 820 56.47 -38.79 -11.42
N ALA I 821 55.49 -39.23 -10.64
CA ALA I 821 55.43 -40.62 -10.19
C ALA I 821 54.64 -41.51 -11.13
N VAL I 822 53.94 -40.91 -12.08
CA VAL I 822 53.10 -41.65 -13.02
C VAL I 822 53.65 -41.83 -14.42
N TYR I 823 53.82 -43.08 -14.84
CA TYR I 823 54.26 -43.36 -16.19
C TYR I 823 53.05 -43.97 -16.87
N ASP I 824 52.46 -43.21 -17.79
CA ASP I 824 51.26 -43.64 -18.49
C ASP I 824 51.39 -43.41 -20.00
N PRO I 825 52.07 -44.35 -20.70
CA PRO I 825 52.31 -44.31 -22.16
C PRO I 825 50.99 -44.37 -22.91
N LEU I 826 50.88 -43.59 -23.99
CA LEU I 826 49.66 -43.57 -24.79
C LEU I 826 49.69 -44.73 -25.78
N GLY I 827 50.89 -45.27 -26.00
CA GLY I 827 51.07 -46.39 -26.90
C GLY I 827 52.04 -47.37 -26.26
N THR I 828 52.95 -47.92 -27.06
CA THR I 828 53.93 -48.88 -26.56
C THR I 828 54.85 -48.22 -25.54
N ALA I 829 55.10 -48.92 -24.44
CA ALA I 829 55.98 -48.41 -23.39
C ALA I 829 57.36 -48.13 -23.96
N GLY I 830 57.91 -46.96 -23.62
CA GLY I 830 59.23 -46.57 -24.09
C GLY I 830 59.31 -46.13 -25.53
N LYS I 831 58.19 -46.17 -26.24
CA LYS I 831 58.17 -45.79 -27.65
C LYS I 831 57.07 -44.80 -28.03
N SER I 832 56.30 -44.34 -27.06
CA SER I 832 55.22 -43.41 -27.36
C SER I 832 55.15 -42.24 -26.40
N ALA I 833 54.28 -41.27 -26.69
CA ALA I 833 54.13 -40.11 -25.83
C ALA I 833 53.57 -40.55 -24.47
N ASP I 834 54.01 -39.88 -23.42
CA ASP I 834 53.56 -40.17 -22.07
C ASP I 834 52.63 -39.05 -21.62
N ARG I 835 51.57 -39.39 -20.91
CA ARG I 835 50.67 -38.36 -20.41
C ARG I 835 50.67 -38.33 -18.89
N GLY I 836 51.55 -39.13 -18.29
CA GLY I 836 51.65 -39.14 -16.85
C GLY I 836 52.34 -37.88 -16.37
N GLY I 837 53.32 -37.42 -17.15
CA GLY I 837 54.05 -36.21 -16.80
C GLY I 837 55.54 -36.40 -16.58
N CYS I 838 56.10 -37.47 -17.14
CA CYS I 838 57.52 -37.75 -16.98
C CYS I 838 58.40 -36.89 -17.89
N ILE I 839 58.59 -35.65 -17.46
CA ILE I 839 59.39 -34.67 -18.18
C ILE I 839 60.83 -35.15 -18.42
N ASN I 840 61.35 -36.00 -17.54
CA ASN I 840 62.70 -36.49 -17.71
C ASN I 840 62.86 -37.39 -18.93
N ILE I 841 61.77 -37.59 -19.66
CA ILE I 841 61.80 -38.36 -20.90
C ILE I 841 62.54 -37.46 -21.89
N LEU I 842 62.43 -36.15 -21.68
CA LEU I 842 63.01 -35.14 -22.57
C LEU I 842 64.41 -34.62 -22.24
N THR I 843 64.89 -34.89 -21.03
CA THR I 843 66.19 -34.40 -20.62
C THR I 843 67.36 -35.18 -21.24
N PRO I 844 68.49 -34.50 -21.47
CA PRO I 844 69.67 -35.13 -22.06
C PRO I 844 70.36 -36.17 -21.18
N ASP I 845 70.69 -37.32 -21.76
CA ASP I 845 71.38 -38.37 -21.01
C ASP I 845 72.89 -38.27 -21.17
N ARG I 846 73.34 -37.32 -21.98
CA ARG I 846 74.77 -37.09 -22.16
C ARG I 846 75.34 -36.62 -20.81
N TYR I 847 76.49 -37.17 -20.42
CA TYR I 847 77.14 -36.79 -19.17
C TYR I 847 77.51 -35.30 -19.23
N ILE I 848 77.61 -34.66 -18.07
CA ILE I 848 77.97 -33.25 -18.01
C ILE I 848 79.24 -32.98 -18.81
N SER I 849 80.22 -33.88 -18.69
CA SER I 849 81.46 -33.75 -19.47
C SER I 849 81.92 -35.16 -19.83
N LYS I 850 83.03 -35.27 -20.56
CA LYS I 850 83.50 -36.60 -20.93
C LYS I 850 83.80 -37.46 -19.70
N TYR I 851 84.40 -36.86 -18.68
CA TYR I 851 84.74 -37.61 -17.47
C TYR I 851 83.93 -37.24 -16.23
N ALA I 852 83.15 -36.16 -16.32
CA ALA I 852 82.28 -35.75 -15.22
C ALA I 852 80.99 -36.51 -15.49
N CYS I 853 80.94 -37.74 -14.98
CA CYS I 853 79.79 -38.61 -15.20
C CYS I 853 78.56 -38.33 -14.34
N GLY I 854 78.07 -37.09 -14.43
CA GLY I 854 76.89 -36.69 -13.68
C GLY I 854 75.76 -36.30 -14.62
N MET I 855 74.56 -36.13 -14.08
CA MET I 855 73.38 -35.77 -14.89
C MET I 855 73.29 -34.26 -15.18
N ALA I 856 72.91 -33.93 -16.41
CA ALA I 856 72.79 -32.53 -16.86
C ALA I 856 71.35 -32.12 -17.17
N ASN I 857 70.41 -32.73 -16.47
CA ASN I 857 68.98 -32.51 -16.66
C ASN I 857 68.40 -31.12 -16.84
N ASN I 858 68.81 -30.17 -16.00
CA ASN I 858 68.22 -28.84 -16.05
C ASN I 858 68.50 -27.90 -17.23
N THR I 859 69.07 -28.46 -18.29
CA THR I 859 69.28 -27.70 -19.52
C THR I 859 68.79 -28.67 -20.60
N ALA I 860 67.55 -28.48 -21.02
CA ALA I 860 66.97 -29.34 -22.04
C ALA I 860 66.23 -28.49 -23.07
N LEU I 861 66.49 -28.75 -24.35
CA LEU I 861 65.83 -28.00 -25.42
C LEU I 861 64.60 -28.76 -25.88
N VAL I 862 63.49 -28.04 -26.00
CA VAL I 862 62.25 -28.65 -26.44
C VAL I 862 61.45 -27.70 -27.32
N GLU I 863 60.36 -28.22 -27.86
CA GLU I 863 59.43 -27.44 -28.66
C GLU I 863 58.10 -27.88 -28.06
N ILE I 864 57.09 -27.01 -28.09
CA ILE I 864 55.79 -27.38 -27.57
C ILE I 864 54.72 -26.95 -28.57
N GLU I 865 53.56 -27.58 -28.49
CA GLU I 865 52.45 -27.28 -29.38
C GLU I 865 51.19 -27.84 -28.78
N LYS I 866 50.04 -27.31 -29.20
CA LYS I 866 48.77 -27.84 -28.70
C LYS I 866 48.76 -29.29 -29.13
N TRP I 867 48.34 -30.18 -28.24
CA TRP I 867 48.30 -31.60 -28.54
C TRP I 867 47.13 -31.94 -29.46
N ASP I 868 47.42 -32.64 -30.56
CA ASP I 868 46.39 -33.00 -31.52
C ASP I 868 45.71 -34.32 -31.16
N GLY I 869 46.15 -34.95 -30.07
CA GLY I 869 45.55 -36.19 -29.65
C GLY I 869 46.26 -37.47 -30.05
N ASP I 870 47.27 -37.37 -30.91
CA ASP I 870 48.01 -38.56 -31.36
C ASP I 870 48.88 -39.15 -30.23
N LYS I 871 49.21 -40.43 -30.33
CA LYS I 871 50.02 -41.08 -29.31
C LYS I 871 51.52 -41.02 -29.61
N TYR I 872 51.85 -40.56 -30.81
CA TYR I 872 53.24 -40.42 -31.24
C TYR I 872 54.13 -41.63 -30.94
N GLU I 873 53.85 -42.73 -31.61
CA GLU I 873 54.66 -43.93 -31.42
C GLU I 873 55.78 -43.88 -32.44
N ILE I 874 56.76 -43.04 -32.16
CA ILE I 874 57.90 -42.85 -33.06
C ILE I 874 59.24 -42.92 -32.32
N TYR I 875 59.24 -43.41 -31.09
CA TYR I 875 60.47 -43.49 -30.32
C TYR I 875 60.94 -44.92 -30.09
N MET J 1 29.65 -13.97 25.76
CA MET J 1 29.34 -14.67 24.49
C MET J 1 30.42 -14.33 23.46
N GLU J 2 31.64 -14.75 23.75
CA GLU J 2 32.81 -14.52 22.91
C GLU J 2 32.66 -15.22 21.56
N GLN J 3 33.20 -14.61 20.50
CA GLN J 3 33.11 -15.17 19.16
C GLN J 3 34.46 -15.44 18.51
N TYR J 4 34.48 -16.35 17.54
CA TYR J 4 35.71 -16.70 16.83
C TYR J 4 35.92 -15.78 15.63
N TYR J 5 37.17 -15.46 15.35
CA TYR J 5 37.52 -14.63 14.20
C TYR J 5 38.84 -15.15 13.65
N MET J 6 39.06 -14.92 12.36
CA MET J 6 40.28 -15.35 11.72
C MET J 6 40.86 -14.22 10.88
N VAL J 7 42.17 -14.06 10.93
CA VAL J 7 42.83 -13.01 10.15
C VAL J 7 43.86 -13.69 9.26
N ILE J 8 43.82 -13.36 7.98
CA ILE J 8 44.73 -13.96 7.00
C ILE J 8 45.62 -12.91 6.36
N ASP J 9 46.93 -13.08 6.53
CA ASP J 9 47.89 -12.15 5.97
C ASP J 9 48.29 -12.57 4.56
N VAL J 10 47.68 -11.94 3.56
CA VAL J 10 47.94 -12.25 2.16
C VAL J 10 49.42 -12.13 1.80
N ALA J 11 50.09 -11.10 2.33
CA ALA J 11 51.50 -10.87 2.03
C ALA J 11 52.37 -12.03 2.49
N LYS J 12 51.81 -12.90 3.33
CA LYS J 12 52.57 -14.04 3.82
C LYS J 12 52.22 -15.39 3.19
N CYS J 13 51.23 -15.44 2.30
CA CYS J 13 50.87 -16.72 1.67
C CYS J 13 51.88 -17.10 0.62
N GLN J 14 52.32 -18.35 0.64
CA GLN J 14 53.25 -18.83 -0.37
C GLN J 14 52.62 -19.96 -1.20
N ASP J 15 51.35 -20.25 -0.91
CA ASP J 15 50.62 -21.29 -1.64
C ASP J 15 51.22 -22.71 -1.54
N CYS J 16 51.77 -23.08 -0.39
CA CYS J 16 52.34 -24.43 -0.21
C CYS J 16 51.21 -25.42 -0.07
N ASN J 17 50.01 -24.90 0.16
CA ASN J 17 48.83 -25.73 0.33
C ASN J 17 48.80 -26.61 1.57
N ASN J 18 49.51 -26.21 2.63
CA ASN J 18 49.49 -26.99 3.86
C ASN J 18 48.05 -27.01 4.43
N CYS J 19 47.31 -25.90 4.27
CA CYS J 19 45.89 -25.74 4.74
C CYS J 19 45.07 -26.85 4.20
N PHE J 20 44.91 -26.69 2.89
CA PHE J 20 44.13 -27.54 2.04
C PHE J 20 44.38 -28.98 2.39
N MET J 21 45.65 -29.37 2.45
CA MET J 21 45.96 -30.75 2.78
C MET J 21 45.48 -31.05 4.19
N GLY J 22 45.43 -30.00 5.00
CA GLY J 22 44.95 -30.14 6.36
C GLY J 22 43.46 -30.48 6.39
N CYS J 23 42.61 -29.79 5.61
CA CYS J 23 41.18 -30.16 5.63
C CYS J 23 40.99 -31.56 5.22
N MET J 24 41.58 -31.86 4.07
CA MET J 24 41.47 -33.18 3.46
C MET J 24 41.88 -34.23 4.45
N ASP J 25 42.98 -33.99 5.16
CA ASP J 25 43.44 -34.95 6.15
C ASP J 25 42.36 -35.08 7.23
N GLU J 26 41.72 -33.98 7.57
CA GLU J 26 40.72 -33.97 8.61
C GLU J 26 39.32 -34.43 8.17
N HIS J 27 38.96 -34.14 6.93
CA HIS J 27 37.60 -34.45 6.46
C HIS J 27 37.39 -35.48 5.35
N GLU J 28 38.41 -35.79 4.56
CA GLU J 28 38.23 -36.74 3.44
C GLU J 28 37.92 -38.18 3.86
N LEU J 29 38.69 -38.71 4.81
CA LEU J 29 38.48 -40.08 5.27
C LEU J 29 37.75 -40.19 6.59
N ASN J 30 37.37 -39.05 7.16
CA ASN J 30 36.67 -39.06 8.43
C ASN J 30 35.27 -38.48 8.31
N GLU J 31 34.38 -38.99 9.15
CA GLU J 31 33.00 -38.52 9.21
C GLU J 31 32.85 -37.96 10.61
N TRP J 32 32.24 -36.78 10.73
CA TRP J 32 32.07 -36.16 12.03
C TRP J 32 30.59 -35.92 12.34
N PRO J 33 29.93 -36.93 12.94
CA PRO J 33 28.51 -36.84 13.29
C PRO J 33 28.10 -35.53 13.93
N GLY J 34 27.11 -34.88 13.35
CA GLY J 34 26.64 -33.61 13.88
C GLY J 34 27.25 -32.41 13.20
N TYR J 35 28.42 -32.61 12.56
CA TYR J 35 29.08 -31.51 11.89
C TYR J 35 29.11 -31.68 10.38
N THR J 36 29.64 -32.80 9.91
CA THR J 36 29.71 -33.03 8.48
C THR J 36 30.06 -34.46 8.12
N ALA J 37 29.62 -34.89 6.95
CA ALA J 37 29.94 -36.23 6.46
C ALA J 37 31.32 -36.05 5.83
N SER J 38 31.93 -37.12 5.32
CA SER J 38 33.26 -37.00 4.74
C SER J 38 33.26 -36.08 3.51
N MET J 39 34.38 -35.40 3.32
CA MET J 39 34.57 -34.47 2.20
C MET J 39 34.72 -35.20 0.87
N GLN J 40 34.28 -34.55 -0.20
CA GLN J 40 34.40 -35.13 -1.53
C GLN J 40 35.71 -34.67 -2.17
N ARG J 41 36.47 -35.61 -2.74
CA ARG J 41 37.72 -35.28 -3.41
C ARG J 41 37.44 -34.24 -4.50
N GLY J 42 38.20 -33.16 -4.52
CA GLY J 42 37.99 -32.13 -5.51
C GLY J 42 37.39 -30.86 -4.92
N HIS J 43 36.69 -31.01 -3.80
CA HIS J 43 36.09 -29.85 -3.14
C HIS J 43 37.19 -28.94 -2.61
N ARG J 44 36.87 -27.67 -2.43
CA ARG J 44 37.84 -26.70 -1.91
C ARG J 44 37.23 -25.88 -0.79
N TRP J 45 36.94 -26.52 0.34
CA TRP J 45 36.36 -25.81 1.48
C TRP J 45 37.31 -24.67 1.75
N MET J 46 38.59 -24.96 1.62
CA MET J 46 39.66 -23.97 1.75
C MET J 46 40.10 -23.78 0.31
N ASN J 47 39.76 -22.64 -0.28
CA ASN J 47 40.11 -22.35 -1.66
C ASN J 47 41.19 -21.28 -1.72
N ILE J 48 42.40 -21.68 -2.10
CA ILE J 48 43.51 -20.74 -2.19
C ILE J 48 43.57 -20.11 -3.58
N GLU J 49 43.06 -18.88 -3.69
CA GLU J 49 43.04 -18.17 -4.97
C GLU J 49 44.44 -17.64 -5.31
N ARG J 50 44.77 -17.70 -6.59
CA ARG J 50 46.08 -17.28 -7.07
C ARG J 50 45.90 -16.17 -8.10
N ARG J 51 46.69 -15.11 -7.99
CA ARG J 51 46.59 -14.02 -8.94
C ARG J 51 47.92 -13.38 -9.32
N GLU J 52 48.28 -13.47 -10.59
CA GLU J 52 49.51 -12.87 -11.07
C GLU J 52 49.18 -11.45 -11.51
N ARG J 53 50.15 -10.54 -11.36
CA ARG J 53 49.96 -9.15 -11.74
C ARG J 53 51.16 -8.67 -12.56
N GLY J 54 50.94 -7.69 -13.42
CA GLY J 54 52.04 -7.18 -14.21
C GLY J 54 52.52 -8.09 -15.32
N THR J 55 53.66 -7.73 -15.91
CA THR J 55 54.23 -8.50 -17.00
C THR J 55 55.74 -8.65 -16.80
N TYR J 56 56.30 -9.74 -17.33
CA TYR J 56 57.73 -9.99 -17.23
C TYR J 56 58.44 -8.72 -17.69
N PRO J 57 59.53 -8.32 -17.01
CA PRO J 57 60.15 -8.94 -15.85
C PRO J 57 59.77 -8.31 -14.51
N ARG J 58 58.80 -7.41 -14.49
CA ARG J 58 58.40 -6.77 -13.24
C ARG J 58 57.01 -7.18 -12.77
N ASN J 59 56.75 -8.48 -12.89
CA ASN J 59 55.48 -9.07 -12.51
C ASN J 59 55.59 -9.59 -11.08
N ASP J 60 54.47 -10.01 -10.53
CA ASP J 60 54.45 -10.59 -9.19
C ASP J 60 53.21 -11.45 -9.06
N ILE J 61 53.07 -12.12 -7.94
CA ILE J 61 51.92 -12.98 -7.72
C ILE J 61 51.60 -13.01 -6.23
N ASN J 62 50.31 -13.05 -5.92
CA ASN J 62 49.87 -13.09 -4.53
C ASN J 62 48.72 -14.09 -4.40
N TYR J 63 48.59 -14.66 -3.21
CA TYR J 63 47.57 -15.67 -2.95
C TYR J 63 46.59 -15.27 -1.86
N ARG J 64 45.37 -15.80 -1.95
CA ARG J 64 44.37 -15.49 -0.95
C ARG J 64 43.64 -16.73 -0.46
N PRO J 65 44.06 -17.28 0.69
CA PRO J 65 43.37 -18.47 1.20
C PRO J 65 41.93 -18.03 1.46
N THR J 66 40.97 -18.80 0.97
CA THR J 66 39.56 -18.44 1.14
C THR J 66 38.67 -19.54 1.69
N PRO J 67 38.43 -19.54 3.00
CA PRO J 67 37.57 -20.56 3.60
C PRO J 67 36.16 -19.99 3.65
N CYS J 68 35.33 -20.51 4.54
CA CYS J 68 33.99 -19.97 4.70
C CYS J 68 34.17 -18.64 5.41
N MET J 69 33.41 -17.62 5.03
CA MET J 69 33.50 -16.33 5.70
C MET J 69 32.76 -16.34 7.05
N HIS J 70 31.90 -17.34 7.26
CA HIS J 70 31.12 -17.45 8.49
C HIS J 70 30.61 -16.07 8.87
N CYS J 71 30.08 -15.35 7.89
CA CYS J 71 29.61 -13.99 8.14
C CYS J 71 28.50 -13.85 9.20
N GLU J 72 28.50 -12.70 9.87
CA GLU J 72 27.55 -12.40 10.94
C GLU J 72 26.13 -12.25 10.46
N ASN J 73 25.97 -11.84 9.21
CA ASN J 73 24.67 -11.65 8.60
C ASN J 73 24.68 -12.57 7.38
N ALA J 74 24.72 -13.87 7.67
CA ALA J 74 24.80 -14.89 6.63
C ALA J 74 23.55 -15.14 5.77
N PRO J 75 23.72 -15.07 4.45
CA PRO J 75 22.64 -15.29 3.49
C PRO J 75 22.11 -16.73 3.53
N CYS J 76 22.99 -17.70 3.80
CA CYS J 76 22.55 -19.11 3.85
C CYS J 76 21.43 -19.23 4.82
N VAL J 77 21.81 -18.98 6.06
CA VAL J 77 20.92 -19.05 7.19
C VAL J 77 19.61 -18.39 6.84
N ALA J 78 19.68 -17.14 6.38
CA ALA J 78 18.48 -16.42 6.01
C ALA J 78 17.63 -17.16 4.99
N LYS J 79 18.26 -17.71 3.95
CA LYS J 79 17.51 -18.42 2.94
C LYS J 79 17.78 -19.93 2.88
N GLY J 80 18.21 -20.50 4.01
CA GLY J 80 18.50 -21.92 4.06
C GLY J 80 17.35 -22.76 4.56
N ASN J 81 16.25 -22.10 4.92
CA ASN J 81 15.06 -22.77 5.40
C ASN J 81 15.37 -23.71 6.57
N GLY J 82 16.36 -23.35 7.38
CA GLY J 82 16.72 -24.17 8.51
C GLY J 82 17.81 -25.19 8.27
N ALA J 83 18.24 -25.35 7.01
CA ALA J 83 19.28 -26.30 6.67
C ALA J 83 20.65 -25.79 7.11
N VAL J 84 20.73 -24.50 7.41
CA VAL J 84 21.97 -23.87 7.86
C VAL J 84 21.64 -23.04 9.09
N TYR J 85 22.47 -23.12 10.12
CA TYR J 85 22.24 -22.34 11.32
C TYR J 85 23.51 -21.62 11.77
N GLN J 86 23.34 -20.64 12.65
CA GLN J 86 24.44 -19.85 13.18
C GLN J 86 24.58 -20.08 14.67
N ARG J 87 25.79 -20.37 15.13
CA ARG J 87 26.01 -20.59 16.56
C ARG J 87 26.33 -19.27 17.24
N GLU J 88 26.20 -19.24 18.56
CA GLU J 88 26.47 -18.04 19.34
C GLU J 88 27.93 -17.60 19.24
N ASP J 89 28.83 -18.55 18.97
CA ASP J 89 30.25 -18.21 18.85
C ASP J 89 30.61 -17.73 17.46
N GLY J 90 29.60 -17.59 16.59
CA GLY J 90 29.83 -17.10 15.25
C GLY J 90 29.95 -18.12 14.12
N ILE J 91 30.28 -19.36 14.47
CA ILE J 91 30.43 -20.40 13.46
C ILE J 91 29.13 -20.72 12.73
N VAL J 92 29.16 -20.65 11.40
CA VAL J 92 28.00 -20.95 10.57
C VAL J 92 28.14 -22.39 10.08
N LEU J 93 27.16 -23.22 10.38
CA LEU J 93 27.21 -24.62 9.99
C LEU J 93 26.00 -25.12 9.22
N ILE J 94 26.25 -26.03 8.28
CA ILE J 94 25.20 -26.65 7.49
C ILE J 94 24.78 -27.89 8.28
N ASP J 95 23.48 -28.11 8.43
CA ASP J 95 23.02 -29.31 9.14
C ASP J 95 23.21 -30.44 8.13
N PRO J 96 24.15 -31.35 8.38
CA PRO J 96 24.49 -32.49 7.53
C PRO J 96 23.31 -33.35 7.08
N GLU J 97 22.26 -33.40 7.90
CA GLU J 97 21.09 -34.20 7.56
C GLU J 97 19.96 -33.42 6.91
N LYS J 98 19.64 -32.24 7.44
CA LYS J 98 18.56 -31.43 6.87
C LYS J 98 18.90 -30.92 5.48
N ALA J 99 20.18 -30.72 5.21
CA ALA J 99 20.61 -30.19 3.92
C ALA J 99 20.60 -31.22 2.78
N LYS J 100 20.53 -32.50 3.11
CA LYS J 100 20.53 -33.54 2.08
C LYS J 100 19.43 -33.35 1.03
N GLY J 101 19.82 -33.49 -0.23
CA GLY J 101 18.89 -33.35 -1.33
C GLY J 101 18.59 -31.93 -1.76
N LYS J 102 19.33 -30.96 -1.22
CA LYS J 102 19.10 -29.55 -1.56
C LYS J 102 20.30 -28.88 -2.23
N LYS J 103 20.39 -28.99 -3.55
CA LYS J 103 21.49 -28.38 -4.30
C LYS J 103 21.34 -26.87 -4.37
N GLU J 104 20.11 -26.39 -4.32
CA GLU J 104 19.81 -24.95 -4.40
C GLU J 104 20.51 -24.19 -3.28
N LEU J 105 20.90 -24.91 -2.23
CA LEU J 105 21.58 -24.30 -1.10
C LEU J 105 22.89 -23.64 -1.52
N LEU J 106 23.56 -24.23 -2.51
CA LEU J 106 24.83 -23.69 -2.98
C LEU J 106 24.71 -22.25 -3.48
N ASP J 107 23.58 -21.94 -4.08
CA ASP J 107 23.36 -20.61 -4.63
C ASP J 107 23.06 -19.51 -3.64
N THR J 108 22.82 -19.87 -2.38
CA THR J 108 22.54 -18.87 -1.37
C THR J 108 23.84 -18.20 -0.96
N CYS J 109 24.95 -18.66 -1.53
CA CYS J 109 26.27 -18.09 -1.23
C CYS J 109 26.80 -17.07 -2.19
N PRO J 110 27.01 -15.83 -1.74
CA PRO J 110 27.54 -14.83 -2.67
C PRO J 110 29.03 -15.13 -2.89
N TYR J 111 29.64 -15.81 -1.93
CA TYR J 111 31.05 -16.14 -2.00
C TYR J 111 31.36 -17.48 -2.67
N GLY J 112 30.32 -18.29 -2.86
CA GLY J 112 30.49 -19.58 -3.51
C GLY J 112 31.45 -20.52 -2.80
N VAL J 113 31.37 -20.59 -1.47
CA VAL J 113 32.26 -21.45 -0.70
C VAL J 113 31.74 -22.85 -0.43
N MET J 114 30.49 -23.15 -0.80
CA MET J 114 30.00 -24.49 -0.56
C MET J 114 30.03 -25.35 -1.82
N TYR J 115 30.25 -26.64 -1.62
CA TYR J 115 30.36 -27.59 -2.72
C TYR J 115 29.37 -28.72 -2.57
N TRP J 116 28.89 -29.23 -3.69
CA TRP J 116 27.95 -30.34 -3.69
C TRP J 116 28.68 -31.68 -3.64
N ASN J 117 28.36 -32.47 -2.62
CA ASN J 117 28.97 -33.79 -2.47
C ASN J 117 28.01 -34.76 -3.16
N GLU J 118 28.44 -35.32 -4.29
CA GLU J 118 27.63 -36.26 -5.06
C GLU J 118 27.24 -37.51 -4.29
N GLU J 119 28.23 -38.14 -3.65
CA GLU J 119 27.99 -39.37 -2.90
C GLU J 119 26.99 -39.18 -1.76
N GLU J 120 27.16 -38.10 -1.00
CA GLU J 120 26.28 -37.81 0.13
C GLU J 120 25.03 -37.01 -0.27
N ASN J 121 25.02 -36.51 -1.50
CA ASN J 121 23.89 -35.71 -1.98
C ASN J 121 23.58 -34.59 -0.99
N VAL J 122 24.60 -33.79 -0.67
CA VAL J 122 24.44 -32.69 0.27
C VAL J 122 25.50 -31.63 0.06
N ALA J 123 25.13 -30.38 0.30
CA ALA J 123 26.05 -29.27 0.16
C ALA J 123 27.00 -29.35 1.35
N GLN J 124 28.28 -29.07 1.11
CA GLN J 124 29.28 -29.11 2.18
C GLN J 124 30.17 -27.89 2.07
N LYS J 125 30.81 -27.55 3.18
CA LYS J 125 31.72 -26.43 3.20
C LYS J 125 32.44 -26.28 4.53
N CYS J 126 33.18 -25.18 4.63
CA CYS J 126 33.91 -24.85 5.83
C CYS J 126 33.10 -24.98 7.11
N THR J 127 33.63 -25.71 8.09
CA THR J 127 32.95 -25.84 9.37
C THR J 127 33.81 -25.18 10.45
N MET J 128 34.98 -24.68 10.04
CA MET J 128 35.95 -24.05 10.92
C MET J 128 36.34 -25.11 11.97
N CYS J 129 36.44 -26.38 11.51
CA CYS J 129 36.68 -27.55 12.38
C CYS J 129 36.10 -27.32 13.74
N ALA J 130 34.79 -27.05 13.74
CA ALA J 130 34.03 -26.81 14.96
C ALA J 130 34.13 -28.05 15.83
N HIS J 131 34.23 -29.21 15.20
CA HIS J 131 34.32 -30.46 15.97
C HIS J 131 35.61 -30.47 16.79
N LEU J 132 36.64 -29.80 16.29
CA LEU J 132 37.91 -29.72 17.02
C LEU J 132 37.82 -28.61 18.07
N LEU J 133 37.22 -27.49 17.69
CA LEU J 133 37.08 -26.36 18.60
C LEU J 133 36.17 -26.74 19.77
N ASP J 134 35.24 -27.67 19.52
CA ASP J 134 34.32 -28.11 20.55
C ASP J 134 34.93 -29.20 21.45
N ASP J 135 36.18 -29.58 21.19
CA ASP J 135 36.83 -30.61 22.00
C ASP J 135 38.08 -30.13 22.69
N GLU J 136 38.06 -30.17 24.03
CA GLU J 136 39.19 -29.74 24.84
C GLU J 136 40.45 -30.55 24.58
N SER J 137 40.28 -31.80 24.15
CA SER J 137 41.40 -32.68 23.87
C SER J 137 42.29 -32.11 22.76
N TRP J 138 41.69 -31.35 21.85
CA TRP J 138 42.42 -30.72 20.75
C TRP J 138 43.20 -29.56 21.35
N ALA J 139 44.41 -29.85 21.81
CA ALA J 139 45.27 -28.85 22.45
C ALA J 139 45.50 -27.54 21.68
N PRO J 140 45.75 -27.62 20.36
CA PRO J 140 45.99 -26.39 19.60
C PRO J 140 44.87 -25.35 19.65
N LYS J 141 43.64 -25.80 19.87
CA LYS J 141 42.49 -24.90 19.94
C LYS J 141 42.37 -23.95 18.75
N MET J 142 42.60 -24.50 17.56
CA MET J 142 42.50 -23.73 16.32
C MET J 142 42.24 -24.72 15.19
N PRO J 143 41.75 -24.22 14.04
CA PRO J 143 41.46 -25.07 12.89
C PRO J 143 42.69 -25.73 12.29
N ARG J 144 42.49 -26.76 11.47
CA ARG J 144 43.61 -27.44 10.85
C ARG J 144 44.48 -26.56 9.92
N CYS J 145 43.90 -25.65 9.14
CA CYS J 145 44.76 -24.81 8.28
C CYS J 145 45.67 -23.95 9.13
N ALA J 146 45.05 -23.19 10.04
CA ALA J 146 45.79 -22.30 10.93
C ALA J 146 46.89 -23.07 11.62
N HIS J 147 46.60 -24.30 12.00
CA HIS J 147 47.59 -25.11 12.69
C HIS J 147 48.63 -25.70 11.73
N ASN J 148 48.22 -25.96 10.49
CA ASN J 148 49.16 -26.52 9.53
C ASN J 148 50.08 -25.48 8.89
N CYS J 149 49.74 -24.17 8.94
CA CYS J 149 50.65 -23.17 8.34
C CYS J 149 52.03 -23.29 8.87
N GLY J 150 52.99 -22.97 8.01
CA GLY J 150 54.38 -22.94 8.41
C GLY J 150 54.86 -21.56 8.02
N SER J 151 53.92 -20.72 7.58
CA SER J 151 54.25 -19.36 7.13
C SER J 151 53.66 -18.20 7.92
N PHE J 152 53.05 -18.52 9.06
CA PHE J 152 52.47 -17.51 9.95
C PHE J 152 51.43 -16.61 9.29
N VAL J 153 50.63 -17.19 8.40
CA VAL J 153 49.59 -16.45 7.71
C VAL J 153 48.37 -16.21 8.59
N TYR J 154 48.02 -17.23 9.39
CA TYR J 154 46.85 -17.17 10.24
C TYR J 154 46.97 -16.65 11.66
N GLU J 155 45.90 -16.01 12.07
CA GLU J 155 45.76 -15.47 13.42
C GLU J 155 44.33 -15.88 13.76
N PHE J 156 44.20 -16.92 14.58
CA PHE J 156 42.88 -17.39 14.98
C PHE J 156 42.60 -16.94 16.40
N LEU J 157 41.45 -16.33 16.61
CA LEU J 157 41.14 -15.87 17.94
C LEU J 157 39.67 -15.93 18.33
N LYS J 158 39.44 -15.86 19.64
CA LYS J 158 38.09 -15.87 20.20
C LYS J 158 38.07 -14.71 21.16
N THR J 159 37.32 -13.68 20.82
CA THR J 159 37.25 -12.49 21.64
C THR J 159 35.90 -11.80 21.48
N THR J 160 35.80 -10.58 21.99
CA THR J 160 34.57 -9.81 21.90
C THR J 160 34.55 -9.04 20.60
N PRO J 161 33.35 -8.66 20.13
CA PRO J 161 33.23 -7.89 18.89
C PRO J 161 33.99 -6.57 19.00
N GLU J 162 34.02 -6.02 20.21
CA GLU J 162 34.71 -4.76 20.48
C GLU J 162 36.22 -4.91 20.28
N ALA J 163 36.78 -5.98 20.81
CA ALA J 163 38.21 -6.24 20.69
C ALA J 163 38.58 -6.41 19.22
N MET J 164 37.75 -7.14 18.48
CA MET J 164 38.01 -7.37 17.07
C MET J 164 37.92 -6.06 16.28
N ALA J 165 36.89 -5.26 16.56
CA ALA J 165 36.73 -3.98 15.86
C ALA J 165 37.97 -3.12 16.03
N LYS J 166 38.51 -3.11 17.24
CA LYS J 166 39.71 -2.34 17.53
C LYS J 166 40.87 -2.85 16.70
N LYS J 167 41.02 -4.18 16.62
CA LYS J 167 42.09 -4.80 15.86
C LYS J 167 41.98 -4.43 14.38
N VAL J 168 40.76 -4.51 13.86
CA VAL J 168 40.48 -4.18 12.46
C VAL J 168 41.01 -2.79 12.11
N GLU J 169 40.73 -1.82 12.98
CA GLU J 169 41.16 -0.44 12.76
C GLU J 169 42.67 -0.25 12.86
N GLU J 170 43.28 -0.84 13.88
CA GLU J 170 44.71 -0.71 14.09
C GLU J 170 45.55 -1.30 12.96
N GLU J 171 45.09 -2.43 12.41
CA GLU J 171 45.83 -3.10 11.34
C GLU J 171 45.24 -2.90 9.96
N GLY J 172 44.15 -2.12 9.87
CA GLY J 172 43.53 -1.89 8.58
C GLY J 172 43.06 -3.18 7.93
N LEU J 173 42.44 -4.05 8.71
CA LEU J 173 41.95 -5.32 8.18
C LEU J 173 40.75 -5.08 7.27
N GLU J 174 40.60 -5.93 6.25
CA GLU J 174 39.50 -5.79 5.30
C GLU J 174 38.82 -7.14 5.07
N VAL J 175 37.64 -7.09 4.46
CA VAL J 175 36.90 -8.31 4.15
C VAL J 175 36.64 -8.36 2.64
N ILE J 176 36.24 -9.53 2.16
CA ILE J 176 35.93 -9.70 0.75
C ILE J 176 34.48 -9.25 0.52
N LYS J 177 34.25 -8.53 -0.58
CA LYS J 177 32.91 -8.04 -0.92
C LYS J 177 32.18 -7.38 0.24
N PRO J 178 32.76 -6.32 0.83
CA PRO J 178 32.13 -5.63 1.96
C PRO J 178 30.76 -5.06 1.60
N GLU J 179 30.63 -4.62 0.36
CA GLU J 179 29.38 -4.02 -0.13
C GLU J 179 28.14 -4.89 0.03
N LEU J 180 28.32 -6.21 0.16
CA LEU J 180 27.18 -7.10 0.30
C LEU J 180 26.55 -7.11 1.70
N GLY J 181 27.27 -6.57 2.68
CA GLY J 181 26.77 -6.51 4.03
C GLY J 181 26.65 -7.81 4.81
N THR J 182 27.30 -8.88 4.35
CA THR J 182 27.21 -10.14 5.08
C THR J 182 28.06 -10.14 6.34
N LYS J 183 28.99 -9.18 6.42
CA LYS J 183 29.88 -9.03 7.57
C LYS J 183 30.70 -10.28 7.93
N PRO J 184 31.67 -10.64 7.09
CA PRO J 184 32.51 -11.81 7.35
C PRO J 184 33.28 -11.69 8.66
N ARG J 185 33.62 -12.84 9.27
CA ARG J 185 34.41 -12.81 10.49
C ARG J 185 35.81 -13.28 10.16
N VAL J 186 36.05 -13.45 8.86
CA VAL J 186 37.35 -13.84 8.35
C VAL J 186 37.89 -12.56 7.72
N TYR J 187 38.95 -12.02 8.32
CA TYR J 187 39.54 -10.77 7.83
C TYR J 187 40.86 -10.99 7.09
N TYR J 188 41.20 -10.03 6.25
CA TYR J 188 42.42 -10.09 5.47
C TYR J 188 43.33 -8.90 5.70
N LYS J 189 44.61 -9.21 5.88
CA LYS J 189 45.63 -8.20 6.10
C LYS J 189 46.40 -8.11 4.78
N ASN J 190 46.70 -6.88 4.36
CA ASN J 190 47.43 -6.65 3.11
C ASN J 190 46.67 -7.15 1.89
N LEU J 191 45.35 -7.00 1.93
CA LEU J 191 44.49 -7.46 0.84
C LEU J 191 44.74 -6.75 -0.49
N TYR J 192 45.32 -5.56 -0.44
CA TYR J 192 45.61 -4.82 -1.67
C TYR J 192 46.49 -5.64 -2.61
N ARG J 193 47.33 -6.49 -2.03
CA ARG J 193 48.24 -7.33 -2.82
C ARG J 193 47.45 -8.16 -3.83
N PHE J 194 46.29 -8.63 -3.39
CA PHE J 194 45.44 -9.47 -4.21
C PHE J 194 44.38 -8.70 -5.01
N GLU J 195 43.74 -7.72 -4.38
CA GLU J 195 42.67 -6.96 -5.03
C GLU J 195 43.06 -5.73 -5.83
N LYS J 196 44.19 -5.10 -5.51
CA LYS J 196 44.59 -3.88 -6.21
C LYS J 196 45.72 -4.07 -7.22
N ASN J 197 46.19 -2.96 -7.78
CA ASN J 197 47.25 -3.00 -8.77
C ASN J 197 48.37 -2.02 -8.50
N TYR J 198 49.41 -2.06 -9.34
CA TYR J 198 50.55 -1.19 -9.16
C TYR J 198 51.16 -0.70 -10.46
N VAL J 199 52.04 0.29 -10.35
CA VAL J 199 52.76 0.83 -11.49
C VAL J 199 54.22 0.77 -11.05
N THR J 200 55.10 0.32 -11.93
CA THR J 200 56.51 0.20 -11.60
C THR J 200 57.38 0.54 -12.81
N ALA J 201 58.68 0.71 -12.58
CA ALA J 201 59.61 1.01 -13.65
C ALA J 201 61.06 1.00 -13.15
N GLY J 202 62.00 1.12 -14.08
CA GLY J 202 63.41 1.16 -13.73
C GLY J 202 64.03 2.40 -14.34
N ILE J 203 64.65 3.25 -13.52
CA ILE J 203 65.25 4.47 -14.01
C ILE J 203 66.73 4.29 -14.34
N LEU J 204 67.14 4.80 -15.50
CA LEU J 204 68.52 4.73 -15.93
C LEU J 204 69.07 6.12 -16.23
N VAL J 205 70.33 6.33 -15.86
CA VAL J 205 71.01 7.60 -16.11
C VAL J 205 72.39 7.25 -16.65
N GLN J 206 72.69 7.75 -17.84
CA GLN J 206 73.98 7.48 -18.48
C GLN J 206 74.26 5.98 -18.58
N GLY J 207 73.22 5.20 -18.82
CA GLY J 207 73.38 3.76 -18.97
C GLY J 207 73.34 2.90 -17.72
N ASP J 208 73.28 3.51 -16.54
CA ASP J 208 73.25 2.72 -15.31
C ASP J 208 72.03 2.98 -14.42
N CYS J 209 71.62 1.95 -13.69
CA CYS J 209 70.49 2.04 -12.78
C CYS J 209 70.74 3.22 -11.84
N PHE J 210 69.77 4.12 -11.74
CA PHE J 210 69.92 5.29 -10.87
C PHE J 210 69.17 5.15 -9.56
N GLU J 211 69.92 5.20 -8.46
CA GLU J 211 69.37 5.08 -7.11
C GLU J 211 69.15 6.46 -6.51
N GLY J 212 68.05 6.63 -5.79
CA GLY J 212 67.77 7.92 -5.17
C GLY J 212 66.96 8.92 -5.98
N ALA J 213 66.53 8.53 -7.18
CA ALA J 213 65.73 9.43 -8.00
C ALA J 213 64.40 9.60 -7.28
N LYS J 214 63.87 10.82 -7.26
CA LYS J 214 62.60 11.08 -6.59
C LYS J 214 61.45 10.82 -7.56
N VAL J 215 60.51 9.98 -7.12
CA VAL J 215 59.35 9.65 -7.94
C VAL J 215 58.06 9.99 -7.22
N VAL J 216 57.15 10.63 -7.95
CA VAL J 216 55.87 11.03 -7.37
C VAL J 216 54.72 10.53 -8.24
N LEU J 217 53.69 9.99 -7.60
CA LEU J 217 52.51 9.51 -8.32
C LEU J 217 51.38 10.48 -8.04
N LYS J 218 50.73 10.94 -9.10
CA LYS J 218 49.63 11.88 -8.95
C LYS J 218 48.37 11.43 -9.68
N SER J 219 47.23 11.84 -9.15
CA SER J 219 45.94 11.53 -9.75
C SER J 219 45.10 12.80 -9.64
N GLY J 220 44.63 13.30 -10.77
CA GLY J 220 43.84 14.50 -10.76
C GLY J 220 44.69 15.71 -10.41
N GLY J 221 46.00 15.59 -10.59
CA GLY J 221 46.90 16.68 -10.30
C GLY J 221 47.54 16.66 -8.91
N LYS J 222 46.96 15.92 -7.97
CA LYS J 222 47.52 15.87 -6.63
C LYS J 222 48.26 14.57 -6.32
N GLU J 223 49.26 14.66 -5.45
CA GLU J 223 50.09 13.54 -5.06
C GLU J 223 49.34 12.42 -4.32
N VAL J 224 49.53 11.19 -4.79
CA VAL J 224 48.89 10.02 -4.21
C VAL J 224 49.96 9.17 -3.51
N ALA J 225 51.21 9.35 -3.92
CA ALA J 225 52.31 8.60 -3.35
C ALA J 225 53.65 9.12 -3.85
N SER J 226 54.72 8.75 -3.18
CA SER J 226 56.05 9.16 -3.59
C SER J 226 57.07 8.18 -3.02
N ALA J 227 58.22 8.11 -3.65
CA ALA J 227 59.28 7.21 -3.20
C ALA J 227 60.57 7.54 -3.92
N GLU J 228 61.65 6.89 -3.51
CA GLU J 228 62.95 7.08 -4.14
C GLU J 228 63.38 5.72 -4.70
N THR J 229 63.93 5.72 -5.91
CA THR J 229 64.35 4.48 -6.53
C THR J 229 65.43 3.76 -5.72
N ASN J 230 65.47 2.43 -5.80
CA ASN J 230 66.49 1.66 -5.07
C ASN J 230 67.73 1.51 -5.96
N PHE J 231 68.68 0.66 -5.58
CA PHE J 231 69.89 0.53 -6.37
C PHE J 231 69.70 -0.10 -7.76
N PHE J 232 68.50 -0.58 -8.04
CA PHE J 232 68.21 -1.15 -9.36
C PHE J 232 67.45 -0.08 -10.15
N GLY J 233 67.34 1.10 -9.54
CA GLY J 233 66.64 2.21 -10.17
C GLY J 233 65.13 2.00 -10.23
N GLU J 234 64.64 1.07 -9.44
CA GLU J 234 63.21 0.78 -9.46
C GLU J 234 62.39 1.37 -8.34
N PHE J 235 61.10 1.54 -8.61
CA PHE J 235 60.13 2.04 -7.65
C PHE J 235 58.86 1.25 -7.95
N LYS J 236 57.97 1.15 -6.97
CA LYS J 236 56.73 0.42 -7.16
C LYS J 236 55.61 1.01 -6.30
N PHE J 237 54.58 1.53 -6.94
CA PHE J 237 53.44 2.12 -6.26
C PHE J 237 52.28 1.13 -6.31
N ASP J 238 52.03 0.45 -5.19
CA ASP J 238 50.99 -0.57 -5.10
C ASP J 238 49.70 -0.03 -4.47
N ALA J 239 48.71 -0.90 -4.32
CA ALA J 239 47.43 -0.55 -3.72
C ALA J 239 46.71 0.56 -4.49
N LEU J 240 46.80 0.53 -5.82
CA LEU J 240 46.17 1.55 -6.63
C LEU J 240 44.79 1.13 -7.14
N ASP J 241 43.84 2.06 -7.13
CA ASP J 241 42.50 1.80 -7.64
C ASP J 241 42.54 2.05 -9.13
N ASN J 242 41.54 1.56 -9.86
CA ASN J 242 41.51 1.78 -11.30
C ASN J 242 41.32 3.27 -11.56
N GLY J 243 41.95 3.75 -12.63
CA GLY J 243 41.85 5.15 -12.98
C GLY J 243 43.12 5.58 -13.68
N GLU J 244 43.26 6.89 -13.93
CA GLU J 244 44.44 7.38 -14.59
C GLU J 244 45.36 8.07 -13.60
N TYR J 245 46.66 7.92 -13.80
CA TYR J 245 47.64 8.54 -12.93
C TYR J 245 48.77 9.14 -13.74
N THR J 246 49.56 9.98 -13.09
CA THR J 246 50.70 10.60 -13.74
C THR J 246 51.91 10.30 -12.87
N VAL J 247 52.99 9.87 -13.51
CA VAL J 247 54.21 9.56 -12.79
C VAL J 247 55.21 10.66 -13.16
N GLU J 248 55.78 11.30 -12.13
CA GLU J 248 56.76 12.36 -12.34
C GLU J 248 58.05 11.92 -11.68
N ILE J 249 59.13 11.97 -12.45
CA ILE J 249 60.44 11.55 -11.96
C ILE J 249 61.47 12.66 -12.07
N ASP J 250 62.29 12.80 -11.03
CA ASP J 250 63.35 13.80 -11.03
C ASP J 250 64.64 13.15 -10.54
N ALA J 251 65.63 13.07 -11.43
CA ALA J 251 66.91 12.48 -11.11
C ALA J 251 68.03 13.37 -11.66
N ASP J 252 68.97 13.77 -10.80
CA ASP J 252 70.07 14.62 -11.23
C ASP J 252 69.58 15.92 -11.88
N GLY J 253 68.45 16.44 -11.40
CA GLY J 253 67.93 17.67 -11.96
C GLY J 253 67.21 17.42 -13.29
N LYS J 254 67.21 16.17 -13.74
CA LYS J 254 66.54 15.81 -14.98
C LYS J 254 65.15 15.28 -14.63
N SER J 255 64.15 15.69 -15.40
CA SER J 255 62.79 15.25 -15.12
C SER J 255 62.15 14.43 -16.23
N TYR J 256 61.16 13.64 -15.84
CA TYR J 256 60.43 12.78 -16.77
C TYR J 256 59.02 12.62 -16.22
N SER J 257 58.03 12.57 -17.11
CA SER J 257 56.65 12.39 -16.69
C SER J 257 55.86 11.67 -17.75
N ASP J 258 54.90 10.86 -17.31
CA ASP J 258 54.06 10.12 -18.23
C ASP J 258 52.79 9.68 -17.51
N THR J 259 51.77 9.34 -18.28
CA THR J 259 50.50 8.90 -17.72
C THR J 259 50.41 7.38 -17.72
N VAL J 260 49.59 6.86 -16.82
CA VAL J 260 49.40 5.42 -16.73
C VAL J 260 47.94 5.12 -16.42
N VAL J 261 47.36 4.20 -17.17
CA VAL J 261 45.98 3.81 -16.96
C VAL J 261 45.93 2.46 -16.25
N ILE J 262 45.28 2.44 -15.09
CA ILE J 262 45.14 1.21 -14.32
C ILE J 262 43.72 0.70 -14.48
N ASP J 263 43.57 -0.47 -15.11
CA ASP J 263 42.25 -1.06 -15.31
C ASP J 263 42.28 -2.53 -14.93
N ASP J 264 42.32 -2.79 -13.64
CA ASP J 264 42.37 -4.15 -13.10
C ASP J 264 43.63 -4.87 -13.55
N LYS J 265 44.66 -4.09 -13.82
CA LYS J 265 45.94 -4.65 -14.25
C LYS J 265 47.06 -3.75 -13.74
N SER J 266 48.22 -4.35 -13.45
CA SER J 266 49.36 -3.59 -12.98
C SER J 266 50.23 -3.27 -14.19
N VAL J 267 50.90 -2.13 -14.16
CA VAL J 267 51.71 -1.69 -15.29
C VAL J 267 53.20 -1.51 -15.03
N ASP J 268 53.99 -1.93 -16.01
CA ASP J 268 55.44 -1.81 -15.97
C ASP J 268 55.84 -0.85 -17.10
N LEU J 269 56.36 0.31 -16.73
CA LEU J 269 56.75 1.32 -17.71
C LEU J 269 58.07 0.96 -18.40
N GLY J 270 58.72 -0.11 -17.92
CA GLY J 270 59.99 -0.51 -18.50
C GLY J 270 61.13 0.37 -18.04
N PHE J 271 62.19 0.43 -18.82
CA PHE J 271 63.34 1.27 -18.48
C PHE J 271 63.12 2.69 -18.98
N ILE J 272 63.28 3.64 -18.06
CA ILE J 272 63.13 5.05 -18.37
C ILE J 272 64.54 5.63 -18.37
N LYS J 273 65.05 5.94 -19.56
CA LYS J 273 66.40 6.45 -19.71
C LYS J 273 66.52 7.96 -19.61
N LEU J 274 67.19 8.41 -18.56
CA LEU J 274 67.42 9.83 -18.33
C LEU J 274 68.91 10.13 -18.45
N MET K 1 -78.84 8.37 77.68
CA MET K 1 -78.49 9.73 78.21
C MET K 1 -77.18 10.26 77.64
N GLY K 2 -76.52 9.45 76.81
CA GLY K 2 -75.26 9.88 76.22
C GLY K 2 -74.76 9.02 75.08
N GLU K 3 -73.51 9.25 74.67
CA GLU K 3 -72.91 8.50 73.58
C GLU K 3 -72.05 7.33 74.07
N VAL K 4 -71.64 6.47 73.15
CA VAL K 4 -70.81 5.33 73.50
C VAL K 4 -69.34 5.74 73.58
N VAL K 5 -68.67 5.28 74.62
CA VAL K 5 -67.26 5.59 74.81
C VAL K 5 -66.44 4.31 74.87
N ARG K 6 -65.29 4.30 74.22
CA ARG K 6 -64.42 3.13 74.24
C ARG K 6 -63.40 3.32 75.34
N LEU K 7 -63.41 2.43 76.32
CA LEU K 7 -62.49 2.49 77.43
C LEU K 7 -61.59 1.26 77.37
N THR K 8 -60.62 1.18 78.26
CA THR K 8 -59.71 0.06 78.31
C THR K 8 -59.73 -0.59 79.68
N ASN K 9 -59.46 -1.89 79.71
CA ASN K 9 -59.36 -2.64 80.95
C ASN K 9 -58.71 -3.96 80.61
N SER K 10 -58.57 -4.85 81.57
CA SER K 10 -57.94 -6.12 81.29
C SER K 10 -58.50 -7.25 82.11
N SER K 11 -57.92 -8.43 81.97
CA SER K 11 -58.40 -9.60 82.69
C SER K 11 -57.39 -10.73 82.66
N THR K 12 -57.75 -11.82 83.30
CA THR K 12 -56.90 -13.02 83.34
C THR K 12 -57.01 -13.71 81.99
N GLY K 13 -57.83 -13.15 81.10
CA GLY K 13 -57.99 -13.70 79.78
C GLY K 13 -57.52 -12.72 78.72
N GLY K 14 -56.81 -11.68 79.16
CA GLY K 14 -56.29 -10.69 78.24
C GLY K 14 -56.91 -9.30 78.33
N PRO K 15 -56.27 -8.29 77.72
CA PRO K 15 -56.74 -6.89 77.71
C PRO K 15 -57.95 -6.75 76.80
N VAL K 16 -58.78 -5.75 77.06
CA VAL K 16 -59.98 -5.54 76.25
C VAL K 16 -60.35 -4.07 76.10
N PHE K 17 -61.11 -3.79 75.05
CA PHE K 17 -61.64 -2.46 74.82
C PHE K 17 -63.05 -2.62 75.37
N VAL K 18 -63.46 -1.72 76.25
CA VAL K 18 -64.79 -1.79 76.84
C VAL K 18 -65.63 -0.63 76.35
N TYR K 19 -66.73 -0.93 75.67
CA TYR K 19 -67.62 0.11 75.16
C TYR K 19 -68.73 0.33 76.18
N VAL K 20 -68.81 1.56 76.67
CA VAL K 20 -69.79 1.92 77.69
C VAL K 20 -70.70 3.07 77.27
N LYS K 21 -71.97 2.97 77.68
CA LYS K 21 -72.94 4.00 77.37
C LYS K 21 -73.88 4.15 78.57
N ASP K 22 -74.10 5.38 78.99
CA ASP K 22 -74.99 5.66 80.11
C ASP K 22 -74.70 4.82 81.35
N GLY K 23 -73.42 4.63 81.66
CA GLY K 23 -73.04 3.86 82.83
C GLY K 23 -73.27 2.36 82.74
N LYS K 24 -73.42 1.86 81.52
CA LYS K 24 -73.64 0.43 81.33
C LYS K 24 -72.66 -0.14 80.31
N ILE K 25 -72.15 -1.34 80.55
CA ILE K 25 -71.23 -1.96 79.61
C ILE K 25 -72.02 -2.57 78.48
N ILE K 26 -71.68 -2.19 77.25
CA ILE K 26 -72.35 -2.69 76.06
C ILE K 26 -71.66 -3.93 75.53
N ARG K 27 -70.34 -3.88 75.44
CA ARG K 27 -69.56 -5.02 74.94
C ARG K 27 -68.09 -4.89 75.34
N MET K 28 -67.37 -6.00 75.28
CA MET K 28 -65.94 -6.05 75.58
C MET K 28 -65.31 -6.78 74.41
N THR K 29 -64.20 -6.27 73.89
CA THR K 29 -63.57 -6.89 72.73
C THR K 29 -62.05 -6.92 72.80
N PRO K 30 -61.41 -7.70 71.90
CA PRO K 30 -59.94 -7.78 71.88
C PRO K 30 -59.47 -6.42 71.37
N MET K 31 -58.18 -6.14 71.48
CA MET K 31 -57.68 -4.85 71.04
C MET K 31 -56.92 -4.89 69.72
N ASP K 32 -57.31 -4.04 68.80
CA ASP K 32 -56.58 -3.84 67.58
C ASP K 32 -55.68 -2.63 67.67
N PHE K 33 -54.47 -2.70 67.22
CA PHE K 33 -53.55 -1.58 67.36
C PHE K 33 -53.77 -0.50 66.30
N ASP K 34 -53.40 0.73 66.67
CA ASP K 34 -53.50 1.86 65.77
C ASP K 34 -52.06 2.10 65.33
N ASP K 35 -51.73 1.71 64.11
CA ASP K 35 -50.36 1.85 63.62
C ASP K 35 -49.84 3.29 63.57
N ALA K 36 -50.73 4.25 63.76
CA ALA K 36 -50.33 5.65 63.74
C ALA K 36 -49.77 6.06 65.10
N VAL K 37 -50.15 5.35 66.16
CA VAL K 37 -49.67 5.67 67.50
C VAL K 37 -49.05 4.49 68.27
N ASP K 38 -49.26 3.27 67.80
CA ASP K 38 -48.70 2.11 68.48
C ASP K 38 -47.46 1.58 67.75
N ALA K 39 -46.37 1.43 68.49
CA ALA K 39 -45.09 0.97 67.95
C ALA K 39 -45.18 -0.31 67.11
N PRO K 40 -44.29 -0.46 66.11
CA PRO K 40 -44.24 -1.63 65.22
C PRO K 40 -43.90 -2.90 65.98
N SER K 41 -44.22 -4.04 65.39
CA SER K 41 -43.97 -5.35 66.00
C SER K 41 -42.59 -5.91 65.67
N TRP K 42 -42.19 -6.94 66.41
CA TRP K 42 -40.91 -7.60 66.16
C TRP K 42 -41.05 -8.43 64.90
N LYS K 43 -39.92 -8.84 64.35
CA LYS K 43 -39.87 -9.67 63.16
C LYS K 43 -38.82 -10.74 63.40
N ILE K 44 -39.05 -11.93 62.86
CA ILE K 44 -38.10 -13.02 62.99
C ILE K 44 -37.79 -13.54 61.60
N GLU K 45 -36.51 -13.69 61.29
CA GLU K 45 -36.10 -14.21 59.99
C GLU K 45 -35.66 -15.66 60.20
N ALA K 46 -36.40 -16.60 59.63
CA ALA K 46 -36.05 -18.01 59.80
C ALA K 46 -36.42 -18.86 58.58
N ARG K 47 -35.48 -19.72 58.19
CA ARG K 47 -35.66 -20.62 57.06
C ARG K 47 -36.25 -19.97 55.81
N GLY K 48 -35.70 -18.82 55.42
CA GLY K 48 -36.16 -18.12 54.24
C GLY K 48 -37.52 -17.47 54.33
N LYS K 49 -38.03 -17.27 55.55
CA LYS K 49 -39.32 -16.62 55.73
C LYS K 49 -39.23 -15.54 56.80
N THR K 50 -40.14 -14.57 56.75
CA THR K 50 -40.17 -13.51 57.74
C THR K 50 -41.44 -13.68 58.55
N PHE K 51 -41.31 -13.80 59.86
CA PHE K 51 -42.46 -13.98 60.73
C PHE K 51 -42.69 -12.75 61.59
N THR K 52 -43.93 -12.26 61.59
CA THR K 52 -44.29 -11.09 62.37
C THR K 52 -45.70 -11.35 62.91
N PRO K 53 -45.96 -10.97 64.18
CA PRO K 53 -47.26 -11.16 64.82
C PRO K 53 -48.39 -10.27 64.31
N PRO K 54 -49.64 -10.66 64.59
CA PRO K 54 -50.81 -9.88 64.16
C PRO K 54 -50.82 -8.58 64.94
N ARG K 55 -51.34 -7.52 64.35
CA ARG K 55 -51.41 -6.21 65.02
C ARG K 55 -52.63 -6.18 65.92
N LYS K 56 -52.72 -7.15 66.83
CA LYS K 56 -53.88 -7.24 67.70
C LYS K 56 -53.64 -8.19 68.87
N THR K 57 -54.45 -8.07 69.92
CA THR K 57 -54.34 -8.95 71.07
C THR K 57 -55.45 -9.99 70.92
N SER K 58 -55.47 -10.97 71.81
CA SER K 58 -56.49 -12.01 71.78
C SER K 58 -56.99 -12.24 73.20
N ILE K 59 -58.21 -12.76 73.33
CA ILE K 59 -58.79 -13.00 74.65
C ILE K 59 -59.29 -14.43 74.79
N ALA K 60 -59.40 -14.89 76.02
CA ALA K 60 -59.89 -16.24 76.31
C ALA K 60 -61.41 -16.24 76.36
N PRO K 61 -62.04 -17.41 76.24
CA PRO K 61 -63.50 -17.57 76.27
C PRO K 61 -64.16 -16.88 77.47
N TYR K 62 -63.62 -17.11 78.65
CA TYR K 62 -64.19 -16.55 79.87
C TYR K 62 -64.11 -15.04 79.97
N THR K 63 -63.25 -14.43 79.17
CA THR K 63 -63.13 -12.97 79.15
C THR K 63 -64.14 -12.46 78.13
N ALA K 64 -64.32 -13.24 77.06
CA ALA K 64 -65.26 -12.88 76.01
C ALA K 64 -66.68 -12.76 76.58
N GLY K 65 -67.01 -13.59 77.57
CA GLY K 65 -68.33 -13.54 78.17
C GLY K 65 -68.32 -13.01 79.59
N PHE K 66 -67.27 -12.28 79.94
CA PHE K 66 -67.12 -11.75 81.30
C PHE K 66 -68.20 -10.78 81.74
N LYS K 67 -68.81 -10.07 80.79
CA LYS K 67 -69.86 -9.12 81.13
C LYS K 67 -70.99 -9.80 81.92
N SER K 68 -71.26 -11.06 81.58
CA SER K 68 -72.31 -11.82 82.26
C SER K 68 -71.92 -12.13 83.71
N MET K 69 -70.62 -12.00 84.02
CA MET K 69 -70.15 -12.24 85.38
C MET K 69 -70.31 -10.96 86.19
N ILE K 70 -70.04 -9.82 85.57
CA ILE K 70 -70.16 -8.53 86.23
C ILE K 70 -71.61 -8.31 86.68
N TYR K 71 -72.54 -8.50 85.74
CA TYR K 71 -73.97 -8.32 86.00
C TYR K 71 -74.67 -9.62 86.39
N SER K 72 -73.94 -10.54 87.03
CA SER K 72 -74.51 -11.81 87.45
C SER K 72 -75.51 -11.66 88.60
N ASP K 73 -76.59 -12.43 88.57
CA ASP K 73 -77.56 -12.36 89.65
C ASP K 73 -77.08 -13.14 90.88
N LEU K 74 -75.88 -13.72 90.78
CA LEU K 74 -75.32 -14.44 91.92
C LEU K 74 -74.26 -13.56 92.57
N ARG K 75 -74.24 -12.32 92.12
CA ARG K 75 -73.35 -11.30 92.62
C ARG K 75 -73.80 -11.00 94.07
N ILE K 76 -72.87 -10.96 95.02
CA ILE K 76 -73.28 -10.64 96.40
C ILE K 76 -73.78 -9.20 96.30
N PRO K 77 -75.09 -8.98 96.56
CA PRO K 77 -75.82 -7.71 96.51
C PRO K 77 -75.46 -6.65 97.53
N TYR K 78 -75.18 -7.07 98.74
CA TYR K 78 -74.88 -6.16 99.85
C TYR K 78 -74.34 -6.99 101.01
N PRO K 79 -73.86 -6.33 102.07
CA PRO K 79 -73.34 -7.07 103.23
C PRO K 79 -74.41 -7.98 103.79
N MET K 80 -74.03 -9.20 104.15
CA MET K 80 -75.01 -10.15 104.68
C MET K 80 -74.53 -10.78 105.99
N LYS K 81 -75.49 -11.24 106.79
CA LYS K 81 -75.20 -11.87 108.06
C LYS K 81 -76.00 -13.16 108.21
N ARG K 82 -75.37 -14.19 108.77
CA ARG K 82 -76.05 -15.47 108.98
C ARG K 82 -77.06 -15.24 110.11
N LYS K 83 -78.34 -15.46 109.82
CA LYS K 83 -79.40 -15.26 110.80
C LYS K 83 -79.19 -15.98 112.13
N SER K 84 -78.72 -17.21 112.07
CA SER K 84 -78.50 -18.00 113.29
C SER K 84 -77.23 -17.66 114.07
N PHE K 85 -76.48 -16.66 113.62
CA PHE K 85 -75.25 -16.23 114.28
C PHE K 85 -75.48 -14.99 115.15
N ASP K 86 -75.25 -15.12 116.45
CA ASP K 86 -75.41 -14.00 117.37
C ASP K 86 -74.08 -13.78 118.09
N PRO K 87 -73.35 -12.70 117.72
CA PRO K 87 -72.06 -12.37 118.30
C PRO K 87 -72.10 -12.31 119.83
N ASN K 88 -73.21 -11.82 120.37
CA ASN K 88 -73.35 -11.68 121.81
C ASN K 88 -74.20 -12.78 122.44
N GLY K 89 -74.52 -13.81 121.66
CA GLY K 89 -75.33 -14.90 122.18
C GLY K 89 -74.86 -16.22 121.63
N GLU K 90 -75.81 -17.04 121.19
CA GLU K 90 -75.49 -18.34 120.61
C GLU K 90 -74.95 -18.11 119.21
N ARG K 91 -73.72 -18.54 118.96
CA ARG K 91 -73.11 -18.37 117.66
C ARG K 91 -73.47 -19.50 116.71
N ASN K 92 -74.01 -20.59 117.27
CA ASN K 92 -74.44 -21.74 116.48
C ASN K 92 -73.50 -22.13 115.34
N PRO K 93 -72.27 -22.53 115.68
CA PRO K 93 -71.28 -22.91 114.66
C PRO K 93 -71.83 -24.07 113.83
N GLN K 94 -72.55 -24.96 114.49
CA GLN K 94 -73.09 -26.14 113.84
C GLN K 94 -74.10 -25.84 112.73
N LEU K 95 -74.59 -24.60 112.67
CA LEU K 95 -75.56 -24.22 111.65
C LEU K 95 -74.96 -23.52 110.43
N ARG K 96 -73.64 -23.41 110.37
CA ARG K 96 -73.03 -22.79 109.20
C ARG K 96 -73.26 -23.73 108.03
N GLY K 97 -73.78 -23.20 106.93
CA GLY K 97 -74.04 -24.04 105.76
C GLY K 97 -75.35 -24.81 105.88
N ALA K 98 -76.13 -24.52 106.91
CA ALA K 98 -77.40 -25.21 107.11
C ALA K 98 -78.33 -24.99 105.91
N GLY K 99 -78.31 -23.79 105.34
CA GLY K 99 -79.15 -23.50 104.20
C GLY K 99 -78.74 -24.34 103.01
N LEU K 100 -77.43 -24.49 102.83
CA LEU K 100 -76.88 -25.29 101.75
C LEU K 100 -77.36 -26.72 101.96
N SER K 101 -77.33 -27.18 103.21
CA SER K 101 -77.76 -28.53 103.53
C SER K 101 -79.23 -28.82 103.24
N LYS K 102 -80.01 -27.77 103.01
CA LYS K 102 -81.41 -27.94 102.66
C LYS K 102 -81.68 -27.31 101.31
N GLN K 103 -80.62 -27.23 100.52
CA GLN K 103 -80.70 -26.69 99.17
C GLN K 103 -81.30 -25.28 99.06
N ASP K 104 -80.96 -24.42 100.01
CA ASP K 104 -81.48 -23.04 100.01
C ASP K 104 -80.46 -22.15 100.71
N PRO K 105 -79.28 -21.93 100.09
CA PRO K 105 -78.21 -21.10 100.64
C PRO K 105 -78.59 -19.70 101.08
N TRP K 106 -79.27 -18.97 100.20
CA TRP K 106 -79.65 -17.60 100.50
C TRP K 106 -80.52 -17.44 101.76
N SER K 107 -81.38 -18.42 102.03
CA SER K 107 -82.27 -18.35 103.17
C SER K 107 -81.58 -18.29 104.53
N ASP K 108 -80.28 -18.54 104.56
CA ASP K 108 -79.54 -18.49 105.81
C ASP K 108 -79.14 -17.07 106.17
N TYR K 109 -79.20 -16.17 105.20
CA TYR K 109 -78.75 -14.80 105.42
C TYR K 109 -79.74 -13.66 105.38
N GLU K 110 -79.40 -12.59 106.08
CA GLU K 110 -80.22 -11.38 106.15
C GLU K 110 -79.31 -10.21 105.79
N ARG K 111 -79.91 -9.14 105.27
CA ARG K 111 -79.17 -7.95 104.88
C ARG K 111 -78.77 -7.09 106.09
N ILE K 112 -77.59 -6.48 106.01
CA ILE K 112 -77.11 -5.57 107.06
C ILE K 112 -76.30 -4.50 106.36
N SER K 113 -76.15 -3.35 107.00
CA SER K 113 -75.39 -2.25 106.42
C SER K 113 -73.89 -2.49 106.51
N TRP K 114 -73.14 -1.71 105.74
CA TRP K 114 -71.68 -1.80 105.76
C TRP K 114 -71.18 -1.40 107.14
N ASP K 115 -71.83 -0.41 107.73
CA ASP K 115 -71.42 0.06 109.05
C ASP K 115 -71.57 -1.02 110.11
N GLU K 116 -72.71 -1.72 110.12
CA GLU K 116 -72.90 -2.76 111.13
C GLU K 116 -72.03 -3.99 110.86
N ALA K 117 -71.88 -4.36 109.60
CA ALA K 117 -71.06 -5.52 109.25
C ALA K 117 -69.62 -5.30 109.69
N THR K 118 -69.06 -4.14 109.39
CA THR K 118 -67.68 -3.86 109.77
C THR K 118 -67.53 -3.70 111.29
N ASP K 119 -68.56 -3.22 111.95
CA ASP K 119 -68.50 -3.08 113.41
C ASP K 119 -68.46 -4.47 114.01
N ILE K 120 -69.23 -5.39 113.44
CA ILE K 120 -69.25 -6.76 113.94
C ILE K 120 -67.89 -7.42 113.76
N VAL K 121 -67.32 -7.29 112.57
CA VAL K 121 -66.01 -7.89 112.30
C VAL K 121 -64.93 -7.29 113.20
N VAL K 122 -64.92 -5.96 113.32
CA VAL K 122 -63.94 -5.27 114.16
C VAL K 122 -64.02 -5.70 115.63
N ALA K 123 -65.23 -5.85 116.14
CA ALA K 123 -65.40 -6.27 117.53
C ALA K 123 -64.78 -7.67 117.72
N GLU K 124 -64.95 -8.54 116.73
CA GLU K 124 -64.39 -9.89 116.80
C GLU K 124 -62.86 -9.81 116.77
N ILE K 125 -62.33 -9.08 115.80
CA ILE K 125 -60.90 -8.92 115.65
C ILE K 125 -60.24 -8.46 116.94
N ASN K 126 -60.71 -7.35 117.49
CA ASN K 126 -60.13 -6.82 118.71
C ASN K 126 -60.30 -7.75 119.91
N ARG K 127 -61.45 -8.41 120.02
CA ARG K 127 -61.66 -9.33 121.13
C ARG K 127 -60.64 -10.47 121.05
N ILE K 128 -60.49 -11.04 119.86
CA ILE K 128 -59.57 -12.14 119.65
C ILE K 128 -58.10 -11.75 119.82
N LYS K 129 -57.72 -10.57 119.32
CA LYS K 129 -56.35 -10.11 119.45
C LYS K 129 -55.94 -9.93 120.91
N HIS K 130 -56.84 -9.40 121.73
CA HIS K 130 -56.51 -9.18 123.13
C HIS K 130 -56.62 -10.43 123.99
N ALA K 131 -57.33 -11.44 123.51
CA ALA K 131 -57.49 -12.66 124.26
C ALA K 131 -56.54 -13.77 123.81
N TYR K 132 -56.24 -13.79 122.51
CA TYR K 132 -55.39 -14.84 121.96
C TYR K 132 -54.22 -14.34 121.14
N GLY K 133 -54.34 -13.13 120.60
CA GLY K 133 -53.26 -12.58 119.79
C GLY K 133 -53.62 -12.63 118.31
N PRO K 134 -52.90 -11.86 117.47
CA PRO K 134 -53.11 -11.79 116.01
C PRO K 134 -53.04 -13.16 115.33
N SER K 135 -52.24 -14.07 115.86
CA SER K 135 -52.08 -15.39 115.27
C SER K 135 -53.39 -16.19 115.28
N ALA K 136 -54.31 -15.84 116.17
CA ALA K 136 -55.59 -16.55 116.26
C ALA K 136 -56.54 -16.18 115.12
N ILE K 137 -56.17 -15.19 114.31
CA ILE K 137 -57.00 -14.80 113.17
C ILE K 137 -56.43 -15.41 111.89
N LEU K 138 -57.09 -16.45 111.40
CA LEU K 138 -56.64 -17.13 110.18
C LEU K 138 -57.21 -16.43 108.95
N SER K 139 -56.44 -16.40 107.89
CA SER K 139 -56.93 -15.78 106.67
C SER K 139 -56.24 -16.30 105.43
N THR K 140 -56.95 -16.28 104.33
CA THR K 140 -56.38 -16.73 103.08
C THR K 140 -57.27 -16.44 101.89
N PRO K 141 -56.70 -15.87 100.83
CA PRO K 141 -57.50 -15.59 99.63
C PRO K 141 -57.25 -16.89 98.90
N SER K 142 -57.08 -16.85 97.60
CA SER K 142 -56.75 -18.09 96.94
C SER K 142 -55.73 -17.77 95.84
N SER K 143 -55.30 -18.78 95.09
CA SER K 143 -54.28 -18.56 94.07
C SER K 143 -54.54 -17.49 93.04
N HIS K 144 -55.76 -17.43 92.49
CA HIS K 144 -55.99 -16.43 91.47
C HIS K 144 -56.92 -15.30 91.85
N HIS K 145 -56.91 -14.25 91.04
CA HIS K 145 -57.63 -13.04 91.41
C HIS K 145 -57.97 -12.16 90.21
N MET K 146 -58.91 -11.23 90.38
CA MET K 146 -59.29 -10.33 89.28
C MET K 146 -58.00 -9.61 88.87
N TRP K 147 -57.83 -9.38 87.58
CA TRP K 147 -56.62 -8.72 87.07
C TRP K 147 -56.53 -7.27 87.58
N GLY K 148 -55.30 -6.83 87.81
CA GLY K 148 -55.06 -5.48 88.31
C GLY K 148 -53.95 -5.58 89.35
N ASN K 149 -52.80 -4.98 89.06
CA ASN K 149 -51.65 -5.05 89.95
C ASN K 149 -51.81 -4.42 91.32
N VAL K 150 -52.39 -3.22 91.37
CA VAL K 150 -52.56 -2.54 92.64
C VAL K 150 -53.57 -3.22 93.56
N GLY K 151 -54.69 -3.67 92.99
CA GLY K 151 -55.70 -4.33 93.79
C GLY K 151 -55.48 -5.84 93.99
N TYR K 152 -54.44 -6.40 93.37
CA TYR K 152 -54.15 -7.82 93.47
C TYR K 152 -53.89 -8.23 94.91
N ARG K 153 -54.11 -9.51 95.22
CA ARG K 153 -53.91 -10.01 96.57
C ARG K 153 -52.49 -9.82 97.13
N HIS K 154 -51.48 -9.82 96.27
CA HIS K 154 -50.10 -9.63 96.74
C HIS K 154 -49.88 -8.18 97.14
N SER K 155 -50.79 -7.32 96.70
CA SER K 155 -50.71 -5.88 96.95
C SER K 155 -51.64 -5.36 98.05
N THR K 156 -52.91 -5.19 97.71
CA THR K 156 -53.90 -4.66 98.66
C THR K 156 -54.18 -5.57 99.85
N TYR K 157 -54.48 -6.84 99.58
CA TYR K 157 -54.75 -7.80 100.65
C TYR K 157 -53.60 -7.82 101.66
N PHE K 158 -52.38 -8.05 101.18
CA PHE K 158 -51.25 -8.10 102.09
C PHE K 158 -51.00 -6.79 102.83
N ARG K 159 -51.09 -5.65 102.15
CA ARG K 159 -50.84 -4.38 102.84
C ARG K 159 -51.73 -4.22 104.07
N PHE K 160 -53.01 -4.56 103.92
CA PHE K 160 -53.94 -4.45 105.05
C PHE K 160 -53.77 -5.56 106.09
N MET K 161 -53.81 -6.80 105.63
CA MET K 161 -53.71 -7.94 106.55
C MET K 161 -52.46 -7.90 107.43
N ASN K 162 -51.33 -7.50 106.84
CA ASN K 162 -50.07 -7.43 107.60
C ASN K 162 -50.17 -6.42 108.75
N MET K 163 -51.02 -5.42 108.57
CA MET K 163 -51.23 -4.37 109.56
C MET K 163 -52.32 -4.77 110.56
N MET K 164 -52.98 -5.88 110.30
CA MET K 164 -54.08 -6.33 111.15
C MET K 164 -53.81 -7.60 111.95
N GLY K 165 -53.48 -8.70 111.26
CA GLY K 165 -53.23 -9.97 111.94
C GLY K 165 -51.81 -10.48 111.79
N PHE K 166 -51.61 -11.75 111.45
CA PHE K 166 -52.65 -12.75 111.19
C PHE K 166 -51.92 -14.05 110.84
N THR K 167 -52.62 -15.17 110.89
CA THR K 167 -52.01 -16.45 110.51
C THR K 167 -52.43 -16.71 109.08
N TYR K 168 -51.44 -16.77 108.18
CA TYR K 168 -51.71 -16.99 106.78
C TYR K 168 -51.79 -18.48 106.46
N ALA K 169 -52.74 -18.85 105.61
CA ALA K 169 -52.83 -20.25 105.18
C ALA K 169 -52.03 -20.17 103.89
N ASP K 170 -50.71 -20.20 104.00
CA ASP K 170 -49.84 -20.09 102.83
C ASP K 170 -50.17 -21.13 101.78
N HIS K 171 -50.11 -20.73 100.51
CA HIS K 171 -50.44 -21.62 99.41
C HIS K 171 -49.36 -22.61 99.01
N ASN K 172 -49.78 -23.86 98.83
CA ASN K 172 -48.87 -24.90 98.37
C ASN K 172 -48.60 -24.47 96.93
N PRO K 173 -47.44 -24.85 96.37
CA PRO K 173 -47.12 -24.47 94.99
C PRO K 173 -47.89 -25.31 93.97
N ASP K 174 -49.22 -25.21 94.01
CA ASP K 174 -50.12 -25.97 93.15
C ASP K 174 -49.71 -26.13 91.69
N SER K 175 -49.53 -25.00 91.02
CA SER K 175 -49.15 -24.96 89.62
C SER K 175 -47.86 -25.74 89.32
N TRP K 176 -46.92 -25.69 90.27
CA TRP K 176 -45.59 -26.31 90.13
C TRP K 176 -45.30 -27.64 90.84
N GLU K 177 -46.18 -28.10 91.73
CA GLU K 177 -45.93 -29.29 92.55
C GLU K 177 -44.74 -30.18 92.19
N GLY K 178 -44.88 -31.01 91.16
CA GLY K 178 -43.80 -31.90 90.77
C GLY K 178 -42.45 -31.24 90.53
N TRP K 179 -42.47 -30.08 89.88
CA TRP K 179 -41.25 -29.34 89.61
C TRP K 179 -40.66 -28.74 90.89
N HIS K 180 -41.54 -28.33 91.78
CA HIS K 180 -41.13 -27.71 93.05
C HIS K 180 -40.55 -28.69 94.06
N TRP K 181 -41.29 -29.75 94.37
CA TRP K 181 -40.82 -30.72 95.35
C TRP K 181 -39.89 -31.77 94.77
N GLY K 182 -39.80 -31.84 93.45
CA GLY K 182 -38.95 -32.84 92.83
C GLY K 182 -37.90 -32.31 91.88
N GLY K 183 -38.33 -31.65 90.81
CA GLY K 183 -37.41 -31.11 89.83
C GLY K 183 -36.34 -30.19 90.39
N MET K 184 -36.71 -29.35 91.33
CA MET K 184 -35.80 -28.40 91.95
C MET K 184 -34.53 -29.06 92.48
N HIS K 185 -34.67 -30.26 93.06
CA HIS K 185 -33.54 -30.98 93.61
C HIS K 185 -32.62 -31.51 92.52
N MET K 186 -33.16 -31.63 91.31
CA MET K 186 -32.41 -32.15 90.18
C MET K 186 -31.69 -31.08 89.35
N TRP K 187 -32.29 -29.91 89.19
CA TRP K 187 -31.62 -28.87 88.40
C TRP K 187 -31.72 -27.44 88.94
N GLY K 188 -32.25 -27.30 90.15
CA GLY K 188 -32.37 -25.95 90.72
C GLY K 188 -33.58 -25.16 90.27
N PHE K 189 -33.34 -23.94 89.77
CA PHE K 189 -34.42 -23.06 89.35
C PHE K 189 -35.41 -22.83 90.48
N SER K 190 -34.91 -22.75 91.71
CA SER K 190 -35.79 -22.54 92.86
C SER K 190 -36.60 -21.24 92.72
N TRP K 191 -35.99 -20.22 92.13
CA TRP K 191 -36.67 -18.93 91.97
C TRP K 191 -37.83 -19.01 90.97
N ARG K 192 -37.89 -20.10 90.22
CA ARG K 192 -38.98 -20.32 89.27
C ARG K 192 -39.77 -21.53 89.79
N LEU K 193 -39.51 -21.88 91.04
CA LEU K 193 -40.17 -23.01 91.69
C LEU K 193 -40.00 -24.30 90.89
N GLY K 194 -38.84 -24.44 90.25
CA GLY K 194 -38.58 -25.66 89.49
C GLY K 194 -38.74 -25.60 87.98
N ASN K 195 -39.44 -24.59 87.46
CA ASN K 195 -39.64 -24.46 86.02
C ASN K 195 -38.39 -23.84 85.38
N PRO K 196 -38.14 -24.12 84.10
CA PRO K 196 -36.96 -23.55 83.44
C PRO K 196 -37.20 -22.17 82.83
N GLU K 197 -36.12 -21.45 82.56
CA GLU K 197 -36.22 -20.15 81.91
C GLU K 197 -36.59 -20.47 80.45
N GLN K 198 -37.11 -19.50 79.72
CA GLN K 198 -37.54 -19.72 78.34
C GLN K 198 -37.14 -18.63 77.35
N TYR K 199 -36.33 -17.68 77.80
CA TYR K 199 -35.92 -16.57 76.94
C TYR K 199 -35.48 -16.89 75.51
N ASP K 200 -35.97 -16.06 74.59
CA ASP K 200 -35.64 -16.12 73.16
C ASP K 200 -35.74 -17.47 72.45
N LEU K 201 -36.64 -18.35 72.89
CA LEU K 201 -36.78 -19.66 72.27
C LEU K 201 -37.57 -19.68 70.97
N LEU K 202 -38.45 -18.70 70.77
CA LEU K 202 -39.26 -18.67 69.56
C LEU K 202 -38.41 -18.67 68.31
N GLU K 203 -37.47 -17.73 68.22
CA GLU K 203 -36.61 -17.67 67.04
C GLU K 203 -35.78 -18.95 66.93
N ASP K 204 -35.30 -19.46 68.07
CA ASP K 204 -34.50 -20.67 68.05
C ASP K 204 -35.32 -21.82 67.46
N GLY K 205 -36.56 -21.94 67.90
CA GLY K 205 -37.44 -22.99 67.40
C GLY K 205 -37.81 -22.81 65.94
N LEU K 206 -38.11 -21.57 65.53
CA LEU K 206 -38.45 -21.32 64.14
C LEU K 206 -37.30 -21.69 63.20
N LYS K 207 -36.08 -21.49 63.66
CA LYS K 207 -34.91 -21.79 62.84
C LYS K 207 -34.43 -23.23 62.88
N HIS K 208 -34.63 -23.92 64.00
CA HIS K 208 -34.10 -25.27 64.15
C HIS K 208 -35.04 -26.43 64.45
N ALA K 209 -36.25 -26.15 64.92
CA ALA K 209 -37.19 -27.23 65.26
C ALA K 209 -37.62 -28.15 64.13
N GLU K 210 -37.62 -29.45 64.41
CA GLU K 210 -38.04 -30.46 63.43
C GLU K 210 -39.21 -31.24 64.04
N MET K 211 -39.28 -31.26 65.36
CA MET K 211 -40.36 -31.95 66.06
C MET K 211 -40.53 -31.39 67.46
N ILE K 212 -41.76 -31.45 67.96
CA ILE K 212 -42.04 -30.97 69.30
C ILE K 212 -42.90 -32.02 69.99
N VAL K 213 -42.48 -32.40 71.20
CA VAL K 213 -43.21 -33.39 71.97
C VAL K 213 -43.97 -32.67 73.09
N PHE K 214 -45.28 -32.53 72.89
CA PHE K 214 -46.15 -31.89 73.87
C PHE K 214 -46.55 -32.92 74.90
N TRP K 215 -45.91 -32.86 76.06
CA TRP K 215 -46.17 -33.82 77.12
C TRP K 215 -46.93 -33.14 78.26
N SER K 216 -48.16 -33.57 78.50
CA SER K 216 -48.99 -32.97 79.55
C SER K 216 -49.07 -31.48 79.23
N SER K 217 -49.21 -31.19 77.94
CA SER K 217 -49.24 -29.81 77.46
C SER K 217 -50.39 -29.53 76.49
N ASP K 218 -51.21 -28.54 76.85
CA ASP K 218 -52.35 -28.13 76.04
C ASP K 218 -52.27 -26.60 75.94
N PRO K 219 -51.30 -26.09 75.16
CA PRO K 219 -51.10 -24.64 74.96
C PRO K 219 -52.36 -23.84 74.63
N GLU K 220 -53.21 -24.38 73.76
CA GLU K 220 -54.44 -23.68 73.38
C GLU K 220 -55.33 -23.44 74.59
N THR K 221 -55.56 -24.47 75.39
CA THR K 221 -56.42 -24.32 76.56
C THR K 221 -55.83 -23.40 77.63
N ASN K 222 -54.62 -23.73 78.07
CA ASN K 222 -53.97 -22.98 79.14
C ASN K 222 -53.25 -21.69 78.74
N SER K 223 -52.77 -21.61 77.49
CA SER K 223 -52.05 -20.43 77.00
C SER K 223 -50.83 -20.10 77.84
N GLY K 224 -50.40 -21.06 78.65
CA GLY K 224 -49.31 -20.82 79.57
C GLY K 224 -50.13 -20.31 80.74
N ILE K 225 -50.49 -19.04 80.68
CA ILE K 225 -51.34 -18.42 81.69
C ILE K 225 -51.60 -16.95 81.34
N TYR K 226 -52.86 -16.53 81.45
CA TYR K 226 -53.28 -15.15 81.18
C TYR K 226 -53.06 -14.62 79.78
N ALA K 227 -52.68 -15.46 78.82
CA ALA K 227 -52.39 -14.96 77.48
C ALA K 227 -53.35 -15.28 76.34
N GLY K 228 -54.65 -15.36 76.63
CA GLY K 228 -55.64 -15.63 75.59
C GLY K 228 -55.22 -16.70 74.60
N PHE K 229 -55.06 -16.33 73.33
CA PHE K 229 -54.64 -17.27 72.29
C PHE K 229 -53.45 -16.69 71.50
N GLU K 230 -52.57 -15.99 72.20
CA GLU K 230 -51.41 -15.37 71.59
C GLU K 230 -50.49 -16.32 70.82
N SER K 231 -50.29 -17.53 71.35
CA SER K 231 -49.38 -18.48 70.71
C SER K 231 -49.94 -19.28 69.54
N ASN K 232 -51.23 -19.15 69.26
CA ASN K 232 -51.84 -19.91 68.18
C ASN K 232 -51.13 -19.77 66.83
N ILE K 233 -50.85 -18.53 66.42
CA ILE K 233 -50.17 -18.30 65.14
C ILE K 233 -48.75 -18.86 65.09
N ARG K 234 -48.10 -18.96 66.24
CA ARG K 234 -46.74 -19.47 66.30
C ARG K 234 -46.70 -20.97 65.99
N ARG K 235 -47.66 -21.72 66.54
CA ARG K 235 -47.67 -23.14 66.25
C ARG K 235 -48.08 -23.34 64.79
N GLN K 236 -48.86 -22.39 64.27
CA GLN K 236 -49.28 -22.46 62.87
C GLN K 236 -48.01 -22.32 62.02
N TRP K 237 -47.14 -21.40 62.40
CA TRP K 237 -45.90 -21.20 61.66
C TRP K 237 -45.04 -22.47 61.67
N LEU K 238 -44.88 -23.05 62.85
CA LEU K 238 -44.09 -24.28 62.99
C LEU K 238 -44.68 -25.39 62.12
N LYS K 239 -45.98 -25.56 62.21
CA LYS K 239 -46.68 -26.57 61.44
C LYS K 239 -46.44 -26.38 59.93
N ASP K 240 -46.48 -25.13 59.48
CA ASP K 240 -46.27 -24.84 58.08
C ASP K 240 -44.81 -24.99 57.65
N LEU K 241 -43.90 -25.03 58.62
CA LEU K 241 -42.49 -25.22 58.33
C LEU K 241 -42.20 -26.71 58.25
N GLY K 242 -43.19 -27.52 58.61
CA GLY K 242 -43.04 -28.96 58.57
C GLY K 242 -42.67 -29.63 59.89
N VAL K 243 -42.80 -28.91 61.00
CA VAL K 243 -42.48 -29.47 62.30
C VAL K 243 -43.55 -30.47 62.75
N ASP K 244 -43.12 -31.65 63.19
CA ASP K 244 -44.06 -32.68 63.65
C ASP K 244 -44.45 -32.46 65.10
N PHE K 245 -45.74 -32.63 65.40
CA PHE K 245 -46.28 -32.44 66.75
C PHE K 245 -46.76 -33.77 67.34
N VAL K 246 -46.17 -34.18 68.46
CA VAL K 246 -46.57 -35.42 69.13
C VAL K 246 -47.11 -35.06 70.51
N PHE K 247 -48.31 -35.54 70.82
CA PHE K 247 -48.93 -35.24 72.12
C PHE K 247 -49.05 -36.46 73.02
N ILE K 248 -48.60 -36.32 74.27
CA ILE K 248 -48.69 -37.39 75.25
C ILE K 248 -49.60 -36.82 76.34
N ASP K 249 -50.81 -37.35 76.43
CA ASP K 249 -51.83 -36.86 77.36
C ASP K 249 -52.94 -37.92 77.46
N PRO K 250 -53.35 -38.30 78.69
CA PRO K 250 -54.41 -39.31 78.81
C PRO K 250 -55.60 -38.88 77.96
N HIS K 251 -55.82 -37.57 77.89
CA HIS K 251 -56.92 -37.00 77.13
C HIS K 251 -56.41 -36.30 75.88
N MET K 252 -57.05 -36.55 74.74
CA MET K 252 -56.66 -35.90 73.51
C MET K 252 -57.09 -34.45 73.70
N ASN K 253 -56.20 -33.63 74.27
CA ASN K 253 -56.51 -32.25 74.58
C ASN K 253 -56.83 -31.36 73.38
N HIS K 254 -57.25 -30.13 73.65
CA HIS K 254 -57.64 -29.21 72.60
C HIS K 254 -56.57 -28.81 71.60
N THR K 255 -55.31 -28.77 72.03
CA THR K 255 -54.24 -28.46 71.09
C THR K 255 -54.06 -29.71 70.23
N ALA K 256 -54.12 -30.88 70.87
CA ALA K 256 -53.97 -32.13 70.14
C ALA K 256 -55.08 -32.29 69.09
N ARG K 257 -56.30 -31.95 69.46
CA ARG K 257 -57.44 -32.05 68.54
C ARG K 257 -57.24 -31.15 67.33
N LEU K 258 -56.53 -30.05 67.53
CA LEU K 258 -56.29 -29.09 66.47
C LEU K 258 -55.10 -29.41 65.56
N VAL K 259 -53.94 -29.74 66.14
CA VAL K 259 -52.75 -29.97 65.33
C VAL K 259 -51.88 -31.20 65.60
N ALA K 260 -52.40 -32.20 66.29
CA ALA K 260 -51.58 -33.37 66.58
C ALA K 260 -51.27 -34.24 65.36
N ASP K 261 -50.03 -34.70 65.26
CA ASP K 261 -49.64 -35.59 64.17
C ASP K 261 -49.77 -37.00 64.73
N LYS K 262 -49.66 -37.10 66.04
CA LYS K 262 -49.78 -38.37 66.76
C LYS K 262 -50.12 -38.08 68.22
N TRP K 263 -50.98 -38.92 68.79
CA TRP K 263 -51.42 -38.77 70.18
C TRP K 263 -51.27 -40.08 70.96
N PHE K 264 -50.66 -39.98 72.15
CA PHE K 264 -50.46 -41.13 73.04
C PHE K 264 -51.38 -40.87 74.24
N SER K 265 -52.04 -41.92 74.72
CA SER K 265 -52.92 -41.79 75.88
C SER K 265 -52.48 -42.72 77.00
N PRO K 266 -51.48 -42.30 77.79
CA PRO K 266 -51.03 -43.14 78.90
C PRO K 266 -52.04 -43.16 80.06
N LYS K 267 -52.08 -44.26 80.79
CA LYS K 267 -52.97 -44.39 81.94
C LYS K 267 -52.51 -43.40 83.00
N ILE K 268 -53.41 -42.97 83.88
CA ILE K 268 -53.01 -42.00 84.90
C ILE K 268 -51.83 -42.48 85.72
N GLY K 269 -50.95 -41.54 86.05
CA GLY K 269 -49.76 -41.84 86.85
C GLY K 269 -48.73 -42.77 86.25
N THR K 270 -48.68 -42.88 84.94
CA THR K 270 -47.71 -43.79 84.32
C THR K 270 -46.76 -43.12 83.35
N ASP K 271 -46.77 -41.79 83.30
CA ASP K 271 -45.89 -41.08 82.37
C ASP K 271 -44.41 -41.37 82.53
N HIS K 272 -43.93 -41.47 83.77
CA HIS K 272 -42.50 -41.72 83.95
C HIS K 272 -42.08 -43.08 83.44
N ALA K 273 -43.06 -43.95 83.17
CA ALA K 273 -42.73 -45.26 82.62
C ALA K 273 -42.26 -45.02 81.20
N LEU K 274 -42.96 -44.11 80.51
CA LEU K 274 -42.60 -43.77 79.13
C LEU K 274 -41.24 -43.10 79.04
N SER K 275 -40.97 -42.16 79.96
CA SER K 275 -39.70 -41.47 79.94
C SER K 275 -38.54 -42.42 80.22
N PHE K 276 -38.76 -43.41 81.11
CA PHE K 276 -37.70 -44.37 81.40
C PHE K 276 -37.44 -45.26 80.19
N ALA K 277 -38.51 -45.64 79.48
CA ALA K 277 -38.38 -46.48 78.30
C ALA K 277 -37.69 -45.72 77.16
N ILE K 278 -37.93 -44.43 77.06
CA ILE K 278 -37.30 -43.62 76.03
C ILE K 278 -35.80 -43.52 76.33
N ALA K 279 -35.47 -43.29 77.60
CA ALA K 279 -34.08 -43.20 78.01
C ALA K 279 -33.41 -44.55 77.81
N TYR K 280 -34.13 -45.63 78.11
CA TYR K 280 -33.61 -46.98 77.95
C TYR K 280 -33.23 -47.17 76.48
N THR K 281 -34.11 -46.73 75.59
CA THR K 281 -33.87 -46.84 74.17
C THR K 281 -32.60 -46.10 73.77
N TRP K 282 -32.45 -44.87 74.26
CA TRP K 282 -31.27 -44.07 73.94
C TRP K 282 -29.98 -44.68 74.49
N LEU K 283 -30.05 -45.24 75.69
CA LEU K 283 -28.88 -45.86 76.30
C LEU K 283 -28.47 -47.12 75.52
N LYS K 284 -29.45 -47.90 75.11
CA LYS K 284 -29.21 -49.13 74.36
C LYS K 284 -28.66 -48.88 72.97
N GLU K 285 -29.10 -47.79 72.36
CA GLU K 285 -28.67 -47.44 71.00
C GLU K 285 -27.63 -46.32 70.94
N ASP K 286 -27.16 -45.84 72.10
CA ASP K 286 -26.16 -44.77 72.15
C ASP K 286 -26.64 -43.53 71.41
N SER K 287 -27.94 -43.30 71.41
CA SER K 287 -28.49 -42.15 70.70
C SER K 287 -28.82 -40.95 71.59
N TYR K 288 -27.78 -40.34 72.15
CA TYR K 288 -27.94 -39.15 72.97
C TYR K 288 -26.64 -38.36 72.98
N ASP K 289 -26.66 -37.18 73.59
CA ASP K 289 -25.48 -36.32 73.64
C ASP K 289 -24.55 -36.71 74.79
N LYS K 290 -23.68 -37.67 74.53
CA LYS K 290 -22.73 -38.15 75.53
C LYS K 290 -21.79 -37.09 76.07
N GLU K 291 -21.26 -36.24 75.19
CA GLU K 291 -20.34 -35.19 75.63
C GLU K 291 -21.05 -34.28 76.63
N TYR K 292 -22.23 -33.81 76.24
CA TYR K 292 -23.02 -32.93 77.09
C TYR K 292 -23.28 -33.56 78.45
N VAL K 293 -23.71 -34.82 78.44
CA VAL K 293 -23.99 -35.52 79.69
C VAL K 293 -22.75 -35.70 80.56
N ALA K 294 -21.62 -36.02 79.94
CA ALA K 294 -20.39 -36.21 80.70
C ALA K 294 -19.99 -34.92 81.41
N ALA K 295 -20.28 -33.77 80.80
CA ALA K 295 -19.92 -32.49 81.41
C ALA K 295 -20.98 -31.86 82.31
N ASN K 296 -22.25 -32.04 81.96
CA ASN K 296 -23.33 -31.42 82.71
C ASN K 296 -24.23 -32.28 83.58
N ALA K 297 -23.88 -33.54 83.79
CA ALA K 297 -24.72 -34.42 84.60
C ALA K 297 -23.98 -35.02 85.78
N HIS K 298 -24.71 -35.25 86.87
CA HIS K 298 -24.14 -35.84 88.07
C HIS K 298 -24.91 -37.10 88.45
N GLY K 299 -24.18 -38.18 88.75
CA GLY K 299 -24.81 -39.45 89.11
C GLY K 299 -25.43 -40.18 87.94
N PHE K 300 -25.08 -39.78 86.72
CA PHE K 300 -25.64 -40.40 85.53
C PHE K 300 -25.28 -41.88 85.38
N GLU K 301 -24.04 -42.25 85.68
CA GLU K 301 -23.61 -43.64 85.55
C GLU K 301 -24.51 -44.57 86.36
N GLU K 302 -24.73 -44.22 87.62
CA GLU K 302 -25.57 -45.02 88.49
C GLU K 302 -27.00 -45.05 87.99
N TRP K 303 -27.50 -43.90 87.57
CA TRP K 303 -28.86 -43.80 87.05
C TRP K 303 -29.01 -44.68 85.83
N ALA K 304 -28.01 -44.64 84.95
CA ALA K 304 -28.03 -45.44 83.72
C ALA K 304 -28.14 -46.93 84.05
N ASP K 305 -27.44 -47.37 85.09
CA ASP K 305 -27.51 -48.77 85.49
C ASP K 305 -28.91 -49.11 85.99
N TYR K 306 -29.55 -48.14 86.63
CA TYR K 306 -30.90 -48.35 87.13
C TYR K 306 -31.87 -48.55 85.96
N VAL K 307 -31.78 -47.65 84.98
CA VAL K 307 -32.64 -47.72 83.80
C VAL K 307 -32.46 -49.05 83.05
N LEU K 308 -31.22 -49.52 82.99
CA LEU K 308 -30.92 -50.76 82.28
C LEU K 308 -31.35 -52.01 83.06
N GLY K 309 -31.79 -51.81 84.30
CA GLY K 309 -32.25 -52.92 85.10
C GLY K 309 -31.22 -53.63 85.96
N LYS K 310 -30.00 -53.09 85.99
CA LYS K 310 -28.93 -53.70 86.77
C LYS K 310 -29.14 -53.64 88.28
N THR K 311 -29.91 -52.68 88.77
CA THR K 311 -30.10 -52.58 90.21
C THR K 311 -31.39 -53.18 90.77
N ASP K 312 -32.48 -53.06 90.03
CA ASP K 312 -33.75 -53.62 90.52
C ASP K 312 -34.19 -54.86 89.75
N GLY K 313 -33.39 -55.29 88.79
CA GLY K 313 -33.71 -56.47 88.02
C GLY K 313 -34.84 -56.26 87.02
N THR K 314 -35.16 -55.00 86.74
CA THR K 314 -36.24 -54.68 85.82
C THR K 314 -35.82 -53.70 84.74
N PRO K 315 -35.39 -54.20 83.57
CA PRO K 315 -34.98 -53.31 82.48
C PRO K 315 -36.20 -52.46 82.12
N LYS K 316 -36.01 -51.17 81.94
CA LYS K 316 -37.13 -50.28 81.61
C LYS K 316 -37.39 -50.23 80.11
N THR K 317 -37.81 -51.37 79.57
CA THR K 317 -38.08 -51.51 78.14
C THR K 317 -39.41 -50.89 77.72
N CYS K 318 -39.58 -50.73 76.41
CA CYS K 318 -40.83 -50.17 75.90
C CYS K 318 -41.97 -51.15 76.17
N GLU K 319 -41.66 -52.44 76.22
CA GLU K 319 -42.67 -53.45 76.51
C GLU K 319 -43.11 -53.31 77.97
N TRP K 320 -42.13 -53.07 78.84
CA TRP K 320 -42.42 -52.87 80.26
C TRP K 320 -43.26 -51.60 80.39
N ALA K 321 -42.90 -50.57 79.63
CA ALA K 321 -43.63 -49.30 79.67
C ALA K 321 -45.06 -49.45 79.17
N GLU K 322 -45.28 -50.32 78.19
CA GLU K 322 -46.61 -50.56 77.66
C GLU K 322 -47.47 -51.28 78.70
N GLU K 323 -46.85 -52.18 79.46
CA GLU K 323 -47.58 -52.92 80.50
C GLU K 323 -48.05 -51.93 81.57
N GLU K 324 -47.25 -50.91 81.81
CA GLU K 324 -47.59 -49.89 82.80
C GLU K 324 -48.62 -48.88 82.30
N SER K 325 -48.34 -48.30 81.14
CA SER K 325 -49.14 -47.23 80.57
C SER K 325 -50.25 -47.53 79.57
N GLY K 326 -50.20 -48.69 78.94
CA GLY K 326 -51.21 -49.02 77.95
C GLY K 326 -50.83 -48.51 76.58
N VAL K 327 -49.76 -47.72 76.50
CA VAL K 327 -49.27 -47.19 75.21
C VAL K 327 -48.40 -48.26 74.53
N PRO K 328 -48.70 -48.60 73.27
CA PRO K 328 -47.96 -49.61 72.51
C PRO K 328 -46.44 -49.44 72.54
N ALA K 329 -45.74 -50.54 72.82
CA ALA K 329 -44.28 -50.52 72.89
C ALA K 329 -43.63 -50.04 71.60
N CYS K 330 -44.16 -50.48 70.46
CA CYS K 330 -43.61 -50.07 69.16
C CYS K 330 -43.65 -48.56 68.94
N GLU K 331 -44.74 -47.92 69.39
CA GLU K 331 -44.88 -46.47 69.23
C GLU K 331 -43.95 -45.71 70.18
N ILE K 332 -43.73 -46.26 71.37
CA ILE K 332 -42.84 -45.62 72.34
C ILE K 332 -41.43 -45.62 71.74
N ARG K 333 -41.03 -46.77 71.21
CA ARG K 333 -39.70 -46.91 70.61
C ARG K 333 -39.53 -46.04 69.38
N ALA K 334 -40.58 -45.93 68.56
CA ALA K 334 -40.51 -45.11 67.36
C ALA K 334 -40.29 -43.66 67.75
N LEU K 335 -41.00 -43.20 68.78
CA LEU K 335 -40.84 -41.82 69.22
C LEU K 335 -39.43 -41.59 69.72
N ALA K 336 -38.94 -42.51 70.56
CA ALA K 336 -37.59 -42.39 71.11
C ALA K 336 -36.56 -42.23 69.98
N ARG K 337 -36.63 -43.12 68.99
CA ARG K 337 -35.70 -43.06 67.88
C ARG K 337 -35.78 -41.76 67.09
N GLN K 338 -37.00 -41.28 66.85
CA GLN K 338 -37.20 -40.04 66.10
C GLN K 338 -36.69 -38.85 66.91
N TRP K 339 -36.99 -38.87 68.21
CA TRP K 339 -36.58 -37.81 69.13
C TRP K 339 -35.06 -37.65 69.08
N ALA K 340 -34.34 -38.76 69.16
CA ALA K 340 -32.89 -38.73 69.15
C ALA K 340 -32.29 -38.18 67.85
N LYS K 341 -32.85 -38.55 66.70
CA LYS K 341 -32.27 -38.07 65.45
C LYS K 341 -32.74 -36.73 64.91
N LYS K 342 -33.86 -36.21 65.44
CA LYS K 342 -34.36 -34.92 64.97
C LYS K 342 -34.15 -33.83 66.01
N ASN K 343 -34.10 -32.57 65.57
CA ASN K 343 -33.97 -31.46 66.51
C ASN K 343 -35.32 -31.44 67.19
N THR K 344 -35.38 -31.94 68.41
CA THR K 344 -36.64 -32.04 69.12
C THR K 344 -36.72 -31.18 70.38
N TYR K 345 -37.80 -30.42 70.50
CA TYR K 345 -38.03 -29.59 71.67
C TYR K 345 -39.04 -30.31 72.53
N LEU K 346 -38.81 -30.31 73.83
CA LEU K 346 -39.71 -30.97 74.76
C LEU K 346 -40.64 -29.93 75.37
N ALA K 347 -41.90 -30.03 75.00
CA ALA K 347 -42.90 -29.11 75.51
C ALA K 347 -43.57 -29.75 76.73
N ALA K 348 -42.88 -29.72 77.86
CA ALA K 348 -43.43 -30.28 79.10
C ALA K 348 -44.27 -29.20 79.75
N GLY K 349 -45.55 -29.48 79.96
CA GLY K 349 -46.42 -28.48 80.57
C GLY K 349 -46.80 -27.44 79.52
N GLY K 350 -47.82 -26.64 79.80
CA GLY K 350 -48.22 -25.64 78.83
C GLY K 350 -47.40 -24.36 78.87
N LEU K 351 -46.65 -24.16 79.95
CA LEU K 351 -45.85 -22.96 80.14
C LEU K 351 -44.37 -23.12 79.80
N GLY K 352 -43.89 -24.34 79.95
CA GLY K 352 -42.47 -24.63 79.78
C GLY K 352 -42.30 -24.90 81.25
N GLY K 353 -42.75 -26.07 81.65
CA GLY K 353 -42.76 -26.44 83.04
C GLY K 353 -44.27 -26.49 83.31
N TRP K 354 -44.67 -26.77 84.54
CA TRP K 354 -46.09 -26.91 84.88
C TRP K 354 -46.60 -28.18 84.20
N GLY K 355 -47.90 -28.25 83.95
CA GLY K 355 -48.46 -29.46 83.34
C GLY K 355 -49.23 -30.23 84.41
N GLY K 356 -50.45 -30.64 84.08
CA GLY K 356 -51.28 -31.40 85.02
C GLY K 356 -50.58 -32.59 85.62
N ALA K 357 -49.69 -33.21 84.84
CA ALA K 357 -48.94 -34.37 85.30
C ALA K 357 -48.09 -34.09 86.53
N CYS K 358 -47.68 -32.82 86.73
CA CYS K 358 -46.83 -32.50 87.87
C CYS K 358 -47.57 -32.44 89.20
N ARG K 359 -48.89 -32.28 89.17
CA ARG K 359 -49.63 -32.28 90.43
C ARG K 359 -50.51 -33.54 90.44
N ALA K 360 -49.84 -34.67 90.59
CA ALA K 360 -50.43 -36.01 90.62
C ALA K 360 -49.52 -36.85 91.51
N SER K 361 -49.93 -38.07 91.85
CA SER K 361 -49.09 -38.89 92.71
C SER K 361 -47.72 -39.22 92.11
N HIS K 362 -47.59 -39.14 90.78
CA HIS K 362 -46.31 -39.43 90.14
C HIS K 362 -45.63 -38.13 89.64
N GLY K 363 -46.16 -36.99 90.08
CA GLY K 363 -45.62 -35.70 89.66
C GLY K 363 -44.13 -35.48 89.82
N ILE K 364 -43.57 -35.92 90.93
CA ILE K 364 -42.14 -35.75 91.17
C ILE K 364 -41.33 -36.48 90.12
N GLU K 365 -41.64 -37.76 89.88
CA GLU K 365 -40.89 -38.51 88.90
C GLU K 365 -41.17 -38.05 87.47
N TRP K 366 -42.36 -37.53 87.21
CA TRP K 366 -42.64 -37.06 85.85
C TRP K 366 -41.73 -35.88 85.54
N ALA K 367 -41.69 -34.91 86.45
CA ALA K 367 -40.85 -33.72 86.26
C ALA K 367 -39.38 -34.10 86.11
N ARG K 368 -38.89 -34.97 86.98
CA ARG K 368 -37.50 -35.38 86.91
C ARG K 368 -37.23 -36.15 85.62
N GLY K 369 -38.23 -36.88 85.15
CA GLY K 369 -38.10 -37.61 83.91
C GLY K 369 -38.01 -36.66 82.72
N MET K 370 -38.79 -35.58 82.75
CA MET K 370 -38.76 -34.59 81.68
C MET K 370 -37.38 -33.96 81.64
N ILE K 371 -36.82 -33.70 82.81
CA ILE K 371 -35.50 -33.11 82.93
C ILE K 371 -34.45 -34.08 82.42
N ALA K 372 -34.59 -35.35 82.77
CA ALA K 372 -33.66 -36.39 82.34
C ALA K 372 -33.58 -36.44 80.82
N LEU K 373 -34.74 -36.50 80.18
CA LEU K 373 -34.85 -36.56 78.73
C LEU K 373 -34.24 -35.33 78.03
N ALA K 374 -34.62 -34.15 78.50
CA ALA K 374 -34.11 -32.92 77.91
C ALA K 374 -32.60 -32.84 78.10
N THR K 375 -32.12 -33.33 79.24
CA THR K 375 -30.69 -33.31 79.53
C THR K 375 -29.90 -34.26 78.63
N MET K 376 -30.42 -35.46 78.43
CA MET K 376 -29.75 -36.44 77.59
C MET K 376 -29.59 -35.97 76.14
N GLN K 377 -30.50 -35.11 75.69
CA GLN K 377 -30.44 -34.60 74.32
C GLN K 377 -29.70 -33.27 74.21
N GLY K 378 -29.10 -32.84 75.31
CA GLY K 378 -28.32 -31.60 75.32
C GLY K 378 -29.08 -30.29 75.25
N MET K 379 -30.04 -30.11 76.15
CA MET K 379 -30.84 -28.88 76.17
C MET K 379 -30.00 -27.61 76.26
N GLY K 380 -30.38 -26.62 75.47
CA GLY K 380 -29.65 -25.36 75.47
C GLY K 380 -28.94 -25.13 74.15
N LYS K 381 -28.56 -26.20 73.47
CA LYS K 381 -27.88 -26.07 72.20
C LYS K 381 -28.93 -25.85 71.12
N PRO K 382 -28.53 -25.25 69.98
CA PRO K 382 -29.48 -25.00 68.89
C PRO K 382 -30.21 -26.27 68.48
N GLY K 383 -31.54 -26.19 68.40
CA GLY K 383 -32.31 -27.35 68.00
C GLY K 383 -32.69 -28.34 69.09
N SER K 384 -32.29 -28.08 70.33
CA SER K 384 -32.62 -28.99 71.43
C SER K 384 -32.82 -28.23 72.73
N ASN K 385 -34.03 -28.31 73.28
CA ASN K 385 -34.32 -27.60 74.52
C ASN K 385 -35.70 -27.96 75.04
N MET K 386 -36.05 -27.42 76.20
CA MET K 386 -37.37 -27.62 76.76
C MET K 386 -38.08 -26.34 76.37
N TRP K 387 -39.12 -26.47 75.55
CA TRP K 387 -39.87 -25.31 75.07
C TRP K 387 -41.30 -25.75 74.77
N SER K 388 -42.27 -25.05 75.37
CA SER K 388 -43.68 -25.39 75.18
C SER K 388 -44.40 -24.55 74.12
N THR K 389 -43.64 -23.74 73.39
CA THR K 389 -44.14 -22.87 72.33
C THR K 389 -44.98 -21.68 72.77
N THR K 390 -45.16 -21.50 74.09
CA THR K 390 -45.95 -20.37 74.59
C THR K 390 -45.09 -19.18 74.99
N GLN K 391 -43.85 -19.45 75.41
CA GLN K 391 -42.93 -18.38 75.79
C GLN K 391 -41.80 -18.27 74.75
N GLY K 392 -40.82 -17.42 75.04
CA GLY K 392 -39.70 -17.26 74.13
C GLY K 392 -39.85 -16.16 73.10
N VAL K 393 -40.93 -15.37 73.17
CA VAL K 393 -41.14 -14.28 72.23
C VAL K 393 -40.03 -13.25 72.43
N PRO K 394 -39.45 -12.72 71.33
CA PRO K 394 -38.36 -11.73 71.40
C PRO K 394 -38.78 -10.31 71.77
N LEU K 395 -39.51 -10.16 72.86
CA LEU K 395 -39.94 -8.85 73.31
C LEU K 395 -38.76 -8.17 73.99
N ASP K 396 -38.90 -6.90 74.34
CA ASP K 396 -37.80 -6.18 75.00
C ASP K 396 -37.69 -6.52 76.48
N TYR K 397 -36.86 -7.50 76.79
CA TYR K 397 -36.63 -7.94 78.17
C TYR K 397 -35.97 -6.84 79.00
N GLU K 398 -35.37 -5.86 78.32
CA GLU K 398 -34.70 -4.75 79.00
C GLU K 398 -35.65 -3.72 79.62
N PHE K 399 -36.84 -3.58 79.03
CA PHE K 399 -37.83 -2.64 79.54
C PHE K 399 -38.45 -3.20 80.81
N TYR K 400 -38.55 -2.38 81.85
CA TYR K 400 -39.10 -2.84 83.11
C TYR K 400 -40.48 -2.35 83.49
N PHE K 401 -41.38 -3.31 83.74
CA PHE K 401 -42.73 -3.03 84.22
C PHE K 401 -43.00 -4.23 85.10
N PRO K 402 -43.35 -3.98 86.37
CA PRO K 402 -43.63 -5.02 87.37
C PRO K 402 -44.88 -5.85 87.09
N GLY K 403 -44.82 -7.12 87.50
CA GLY K 403 -45.95 -8.02 87.37
C GLY K 403 -46.64 -7.94 88.71
N TYR K 404 -47.86 -8.49 88.83
CA TYR K 404 -48.58 -8.43 90.10
C TYR K 404 -47.86 -9.12 91.25
N ALA K 405 -47.05 -10.12 90.94
CA ALA K 405 -46.34 -10.87 91.97
C ALA K 405 -45.26 -10.07 92.69
N GLU K 406 -44.97 -8.86 92.21
CA GLU K 406 -43.94 -8.06 92.84
C GLU K 406 -44.40 -7.18 94.00
N GLY K 407 -45.57 -7.50 94.54
CA GLY K 407 -46.08 -6.80 95.71
C GLY K 407 -46.92 -5.54 95.61
N GLY K 408 -46.92 -4.90 94.45
CA GLY K 408 -47.71 -3.69 94.31
C GLY K 408 -47.49 -2.71 95.45
N ILE K 409 -48.55 -2.38 96.18
CA ILE K 409 -48.45 -1.43 97.28
C ILE K 409 -48.11 -1.98 98.66
N SER K 410 -47.88 -3.29 98.76
CA SER K 410 -47.57 -3.89 100.06
C SER K 410 -46.09 -3.84 100.40
N GLY K 411 -45.24 -3.97 99.40
CA GLY K 411 -43.81 -3.96 99.65
C GLY K 411 -43.38 -5.12 100.52
N ASP K 412 -44.27 -6.11 100.68
CA ASP K 412 -43.98 -7.29 101.49
C ASP K 412 -42.88 -8.08 100.77
N CYS K 413 -41.65 -7.96 101.28
CA CYS K 413 -40.50 -8.62 100.65
C CYS K 413 -40.33 -10.11 100.93
N GLU K 414 -41.17 -10.67 101.78
CA GLU K 414 -41.08 -12.09 102.09
C GLU K 414 -42.22 -12.90 101.49
N ASN K 415 -43.33 -12.24 101.19
CA ASN K 415 -44.47 -12.93 100.64
C ASN K 415 -44.82 -12.52 99.21
N SER K 416 -43.92 -11.75 98.61
CA SER K 416 -44.07 -11.28 97.23
C SER K 416 -42.64 -11.14 96.71
N ALA K 417 -42.50 -10.85 95.42
CA ALA K 417 -41.17 -10.69 94.82
C ALA K 417 -40.76 -9.23 94.78
N ALA K 418 -41.31 -8.44 95.69
CA ALA K 418 -41.00 -7.01 95.76
C ALA K 418 -39.53 -6.74 96.05
N GLY K 419 -38.92 -7.62 96.83
CA GLY K 419 -37.52 -7.47 97.19
C GLY K 419 -36.53 -7.50 96.04
N PHE K 420 -36.90 -8.11 94.92
CA PHE K 420 -36.00 -8.18 93.78
C PHE K 420 -35.71 -6.82 93.17
N LYS K 421 -36.75 -6.05 92.89
CA LYS K 421 -36.55 -4.75 92.28
C LYS K 421 -37.62 -3.69 92.57
N PHE K 422 -38.89 -4.07 92.47
CA PHE K 422 -39.96 -3.11 92.66
C PHE K 422 -40.03 -2.35 93.99
N ALA K 423 -39.88 -3.05 95.11
CA ALA K 423 -39.93 -2.37 96.40
C ALA K 423 -38.96 -1.18 96.40
N TRP K 424 -37.76 -1.41 95.87
CA TRP K 424 -36.72 -0.39 95.82
C TRP K 424 -37.11 0.81 94.95
N ARG K 425 -38.03 0.60 94.02
CA ARG K 425 -38.47 1.69 93.16
C ARG K 425 -39.72 2.35 93.71
N MET K 426 -40.62 1.55 94.27
CA MET K 426 -41.89 2.05 94.79
C MET K 426 -41.81 2.83 96.09
N PHE K 427 -40.92 2.43 96.98
CA PHE K 427 -40.81 3.11 98.27
C PHE K 427 -39.50 3.87 98.40
N ASP K 428 -39.56 5.02 99.05
CA ASP K 428 -38.41 5.89 99.22
C ASP K 428 -37.91 6.06 100.64
N GLY K 429 -38.54 5.37 101.59
CA GLY K 429 -38.12 5.48 102.97
C GLY K 429 -38.24 6.91 103.48
N LYS K 430 -39.09 7.70 102.83
CA LYS K 430 -39.31 9.09 103.23
C LYS K 430 -40.77 9.50 103.32
N THR K 431 -41.52 9.28 102.24
CA THR K 431 -42.93 9.66 102.18
C THR K 431 -43.93 8.52 102.06
N THR K 432 -43.49 7.40 101.49
CA THR K 432 -44.36 6.24 101.31
C THR K 432 -43.65 5.01 101.88
N PHE K 433 -44.37 4.20 102.66
CA PHE K 433 -43.77 3.03 103.29
C PHE K 433 -44.49 1.69 103.09
N PRO K 434 -43.72 0.59 103.09
CA PRO K 434 -44.17 -0.80 102.92
C PRO K 434 -44.93 -1.31 104.15
N SER K 435 -45.64 -2.41 103.99
CA SER K 435 -46.39 -3.01 105.08
C SER K 435 -45.88 -4.44 105.32
N PRO K 436 -44.87 -4.58 106.21
CA PRO K 436 -44.27 -5.89 106.53
C PRO K 436 -45.11 -6.69 107.52
N SER K 437 -44.88 -7.99 107.56
CA SER K 437 -45.59 -8.86 108.50
C SER K 437 -44.57 -9.62 109.35
N ASN K 438 -44.72 -9.55 110.68
CA ASN K 438 -43.81 -10.27 111.54
C ASN K 438 -44.40 -11.64 111.94
N LEU K 439 -45.56 -11.98 111.38
CA LEU K 439 -46.19 -13.26 111.67
C LEU K 439 -46.16 -14.21 110.46
N ASN K 440 -46.34 -13.65 109.26
CA ASN K 440 -46.33 -14.48 108.06
C ASN K 440 -44.88 -14.62 107.62
N THR K 441 -44.11 -15.36 108.43
CA THR K 441 -42.71 -15.59 108.19
C THR K 441 -42.37 -16.94 108.83
N SER K 442 -41.25 -17.53 108.43
CA SER K 442 -40.86 -18.84 108.95
C SER K 442 -40.83 -18.97 110.47
N ALA K 443 -40.34 -17.95 111.15
CA ALA K 443 -40.27 -17.98 112.60
C ALA K 443 -41.60 -17.58 113.24
N GLY K 444 -42.59 -17.26 112.41
CA GLY K 444 -43.90 -16.91 112.94
C GLY K 444 -44.83 -18.10 112.88
N GLN K 445 -46.03 -17.89 112.37
CA GLN K 445 -46.98 -18.98 112.24
C GLN K 445 -47.78 -18.89 110.96
N HIS K 446 -47.93 -20.04 110.29
CA HIS K 446 -48.72 -20.14 109.08
C HIS K 446 -49.17 -21.59 109.08
N ILE K 447 -50.14 -21.93 108.23
CA ILE K 447 -50.58 -23.32 108.12
C ILE K 447 -50.71 -23.60 106.63
N PRO K 448 -50.59 -24.87 106.23
CA PRO K 448 -50.71 -25.21 104.80
C PRO K 448 -52.15 -25.08 104.31
N ARG K 449 -52.34 -24.45 103.15
CA ARG K 449 -53.68 -24.32 102.60
C ARG K 449 -54.33 -25.69 102.43
N LEU K 450 -53.54 -26.68 102.05
CA LEU K 450 -54.02 -28.04 101.84
C LEU K 450 -54.46 -28.75 103.12
N LYS K 451 -54.07 -28.23 104.27
CA LYS K 451 -54.42 -28.89 105.54
C LYS K 451 -55.17 -28.01 106.53
N ILE K 452 -55.85 -26.98 106.04
CA ILE K 452 -56.62 -26.11 106.91
C ILE K 452 -57.67 -26.92 107.69
N PRO K 453 -58.37 -27.86 107.02
CA PRO K 453 -59.39 -28.66 107.72
C PRO K 453 -58.83 -29.40 108.93
N GLU K 454 -57.67 -30.05 108.75
CA GLU K 454 -57.02 -30.79 109.82
C GLU K 454 -56.59 -29.87 110.95
N CYS K 455 -56.06 -28.70 110.62
CA CYS K 455 -55.63 -27.77 111.64
C CYS K 455 -56.81 -27.30 112.47
N ILE K 456 -57.92 -27.00 111.81
CA ILE K 456 -59.12 -26.53 112.51
C ILE K 456 -59.79 -27.63 113.33
N MET K 457 -60.06 -28.78 112.71
CA MET K 457 -60.73 -29.87 113.39
C MET K 457 -59.84 -30.69 114.31
N GLY K 458 -58.56 -30.84 113.95
CA GLY K 458 -57.65 -31.62 114.76
C GLY K 458 -56.90 -30.76 115.76
N GLY K 459 -56.71 -29.50 115.43
CA GLY K 459 -56.03 -28.59 116.33
C GLY K 459 -54.51 -28.75 116.36
N LYS K 460 -53.98 -29.52 115.40
CA LYS K 460 -52.55 -29.73 115.35
C LYS K 460 -52.11 -30.31 114.01
N PHE K 461 -50.88 -29.98 113.59
CA PHE K 461 -50.34 -30.51 112.36
C PHE K 461 -48.84 -30.24 112.29
N GLN K 462 -48.15 -31.00 111.47
CA GLN K 462 -46.70 -30.87 111.32
C GLN K 462 -46.41 -31.14 109.85
N TRP K 463 -45.57 -30.32 109.23
CA TRP K 463 -45.28 -30.47 107.81
C TRP K 463 -43.92 -29.92 107.40
N SER K 464 -43.64 -30.02 106.11
CA SER K 464 -42.38 -29.53 105.54
C SER K 464 -42.64 -28.32 104.64
N GLY K 465 -41.78 -27.31 104.75
CA GLY K 465 -41.89 -26.13 103.92
C GLY K 465 -42.97 -25.08 104.18
N LYS K 466 -42.69 -23.85 103.75
CA LYS K 466 -43.65 -22.77 103.90
C LYS K 466 -44.06 -22.22 102.53
N GLY K 467 -45.30 -22.48 102.14
CA GLY K 467 -45.81 -22.01 100.87
C GLY K 467 -44.88 -22.26 99.70
N PHE K 468 -44.61 -21.23 98.91
CA PHE K 468 -43.71 -21.34 97.76
C PHE K 468 -42.31 -21.18 98.35
N ALA K 469 -41.55 -22.27 98.42
CA ALA K 469 -40.21 -22.20 98.99
C ALA K 469 -39.18 -22.04 97.88
N GLY K 470 -39.21 -20.89 97.21
CA GLY K 470 -38.29 -20.64 96.11
C GLY K 470 -36.94 -19.99 96.40
N GLY K 471 -36.66 -19.71 97.67
CA GLY K 471 -35.39 -19.06 98.00
C GLY K 471 -34.17 -19.90 97.69
N ASP K 472 -34.25 -21.19 97.98
CA ASP K 472 -33.14 -22.11 97.74
C ASP K 472 -33.72 -23.51 97.66
N ILE K 473 -32.96 -24.43 97.09
CA ILE K 473 -33.41 -25.80 96.94
C ILE K 473 -33.91 -26.45 98.23
N SER K 474 -33.15 -26.31 99.32
CA SER K 474 -33.54 -26.95 100.58
C SER K 474 -34.51 -26.22 101.51
N HIS K 475 -35.00 -25.05 101.13
CA HIS K 475 -35.93 -24.34 101.99
C HIS K 475 -37.21 -25.15 102.25
N GLN K 476 -37.63 -25.91 101.24
CA GLN K 476 -38.84 -26.73 101.33
C GLN K 476 -38.70 -27.89 102.31
N LEU K 477 -37.49 -28.13 102.79
CA LEU K 477 -37.24 -29.23 103.72
C LEU K 477 -37.35 -28.79 105.18
N HIS K 478 -37.44 -27.48 105.41
CA HIS K 478 -37.55 -26.99 106.78
C HIS K 478 -38.86 -27.51 107.38
N GLN K 479 -38.80 -27.90 108.65
CA GLN K 479 -39.95 -28.46 109.36
C GLN K 479 -40.76 -27.42 110.14
N TYR K 480 -42.09 -27.49 110.00
CA TYR K 480 -42.99 -26.57 110.69
C TYR K 480 -44.08 -27.31 111.46
N GLU K 481 -44.66 -26.63 112.44
CA GLU K 481 -45.72 -27.21 113.26
C GLU K 481 -46.81 -26.19 113.55
N TYR K 482 -48.00 -26.71 113.84
CA TYR K 482 -49.16 -25.90 114.19
C TYR K 482 -49.82 -26.54 115.41
N PRO K 483 -50.07 -25.74 116.46
CA PRO K 483 -49.76 -24.30 116.49
C PRO K 483 -48.26 -24.11 116.60
N ALA K 484 -47.75 -23.04 116.00
CA ALA K 484 -46.30 -22.76 116.06
C ALA K 484 -45.95 -22.45 117.51
N PRO K 485 -44.72 -22.75 117.93
CA PRO K 485 -44.28 -22.50 119.32
C PRO K 485 -44.62 -21.10 119.83
N GLY K 486 -45.41 -21.06 120.91
CA GLY K 486 -45.79 -19.79 121.50
C GLY K 486 -47.02 -19.12 120.92
N TYR K 487 -47.43 -19.53 119.72
CA TYR K 487 -48.60 -18.92 119.09
C TYR K 487 -49.90 -19.62 119.45
N SER K 488 -51.01 -18.99 119.11
CA SER K 488 -52.34 -19.52 119.42
C SER K 488 -53.03 -20.24 118.28
N LYS K 489 -53.92 -21.16 118.64
CA LYS K 489 -54.70 -21.88 117.63
C LYS K 489 -55.67 -20.86 117.01
N ILE K 490 -56.24 -21.24 115.88
CA ILE K 490 -57.17 -20.38 115.15
C ILE K 490 -58.53 -20.26 115.83
N LYS K 491 -59.06 -19.04 115.89
CA LYS K 491 -60.37 -18.77 116.51
C LYS K 491 -61.29 -18.10 115.49
N MET K 492 -60.68 -17.42 114.53
CA MET K 492 -61.42 -16.71 113.49
C MET K 492 -60.84 -17.01 112.11
N PHE K 493 -61.70 -17.03 111.11
CA PHE K 493 -61.28 -17.29 109.73
C PHE K 493 -61.82 -16.19 108.82
N TRP K 494 -60.90 -15.43 108.21
CA TRP K 494 -61.28 -14.36 107.29
C TRP K 494 -60.97 -14.85 105.88
N LYS K 495 -62.01 -15.31 105.18
CA LYS K 495 -61.82 -15.80 103.82
C LYS K 495 -61.99 -14.71 102.78
N TYR K 496 -61.14 -14.78 101.76
CA TYR K 496 -61.16 -13.85 100.65
C TYR K 496 -61.49 -14.80 99.49
N GLY K 497 -62.72 -14.76 99.00
CA GLY K 497 -63.15 -15.67 97.95
C GLY K 497 -63.51 -16.98 98.65
N GLY K 498 -64.08 -17.94 97.92
CA GLY K 498 -64.42 -19.22 98.54
C GLY K 498 -64.54 -20.34 97.51
N PRO K 499 -63.43 -20.69 96.83
CA PRO K 499 -63.43 -21.73 95.80
C PRO K 499 -62.87 -23.10 96.18
N HIS K 500 -62.41 -23.26 97.42
CA HIS K 500 -61.77 -24.51 97.82
C HIS K 500 -62.53 -25.83 97.67
N LEU K 501 -63.85 -25.79 97.69
CA LEU K 501 -64.61 -27.02 97.52
C LEU K 501 -64.40 -27.52 96.09
N GLY K 502 -64.06 -26.61 95.18
CA GLY K 502 -63.84 -27.02 93.81
C GLY K 502 -62.38 -27.08 93.39
N THR K 503 -61.48 -26.49 94.19
CA THR K 503 -60.07 -26.48 93.80
C THR K 503 -59.04 -27.24 94.65
N MET K 504 -59.38 -27.60 95.89
CA MET K 504 -58.40 -28.31 96.71
C MET K 504 -58.52 -29.84 96.57
N THR K 505 -58.25 -30.59 97.64
CA THR K 505 -58.31 -32.06 97.54
C THR K 505 -59.29 -32.71 98.52
N ALA K 506 -59.90 -33.83 98.11
CA ALA K 506 -60.87 -34.56 98.94
C ALA K 506 -61.66 -33.52 99.70
N THR K 507 -62.18 -32.56 98.95
CA THR K 507 -62.88 -31.41 99.48
C THR K 507 -64.07 -31.44 100.44
N ASN K 508 -64.72 -32.58 100.63
CA ASN K 508 -65.83 -32.60 101.58
C ASN K 508 -65.32 -32.17 102.95
N ARG K 509 -64.02 -32.34 103.19
CA ARG K 509 -63.43 -31.96 104.47
C ARG K 509 -63.44 -30.45 104.69
N TYR K 510 -63.40 -29.68 103.61
CA TYR K 510 -63.44 -28.22 103.75
C TYR K 510 -64.84 -27.78 104.14
N ALA K 511 -65.84 -28.56 103.74
CA ALA K 511 -67.22 -28.25 104.09
C ALA K 511 -67.44 -28.57 105.57
N LYS K 512 -66.90 -29.70 106.01
CA LYS K 512 -67.06 -30.13 107.40
C LYS K 512 -66.39 -29.23 108.43
N MET K 513 -65.25 -28.63 108.07
CA MET K 513 -64.52 -27.79 109.01
C MET K 513 -65.26 -26.55 109.51
N TYR K 514 -66.14 -25.99 108.69
CA TYR K 514 -66.87 -24.78 109.08
C TYR K 514 -67.79 -24.90 110.28
N THR K 515 -68.26 -26.11 110.55
CA THR K 515 -69.16 -26.31 111.67
C THR K 515 -68.44 -26.68 112.95
N HIS K 516 -67.11 -26.73 112.93
CA HIS K 516 -66.36 -27.08 114.12
C HIS K 516 -66.51 -25.97 115.15
N ASP K 517 -66.79 -26.34 116.40
CA ASP K 517 -67.01 -25.34 117.43
C ASP K 517 -65.78 -24.52 117.83
N SER K 518 -64.61 -24.82 117.28
CA SER K 518 -63.43 -24.03 117.61
C SER K 518 -63.44 -22.73 116.81
N LEU K 519 -64.17 -22.74 115.68
CA LEU K 519 -64.27 -21.54 114.84
C LEU K 519 -65.36 -20.63 115.38
N GLU K 520 -64.94 -19.62 116.12
CA GLU K 520 -65.86 -18.67 116.72
C GLU K 520 -66.46 -17.69 115.72
N PHE K 521 -65.75 -17.42 114.63
CA PHE K 521 -66.22 -16.46 113.65
C PHE K 521 -65.63 -16.69 112.26
N VAL K 522 -66.47 -16.52 111.24
CA VAL K 522 -66.05 -16.69 109.85
C VAL K 522 -66.57 -15.53 109.01
N VAL K 523 -65.66 -14.85 108.32
CA VAL K 523 -66.04 -13.74 107.46
C VAL K 523 -65.60 -14.09 106.04
N SER K 524 -66.42 -13.74 105.06
CA SER K 524 -66.09 -14.00 103.67
C SER K 524 -66.17 -12.70 102.90
N GLN K 525 -65.05 -12.31 102.30
CA GLN K 525 -64.98 -11.10 101.50
C GLN K 525 -64.84 -11.62 100.08
N SER K 526 -65.97 -11.68 99.37
CA SER K 526 -65.99 -12.21 98.01
C SER K 526 -66.86 -11.40 97.07
N ILE K 527 -66.84 -11.80 95.80
CA ILE K 527 -67.62 -11.13 94.76
C ILE K 527 -68.94 -11.84 94.45
N TRP K 528 -68.90 -13.17 94.34
CA TRP K 528 -70.09 -13.95 94.03
C TRP K 528 -70.55 -14.88 95.16
N PHE K 529 -71.86 -15.06 95.28
CA PHE K 529 -72.41 -15.94 96.30
C PHE K 529 -72.38 -17.36 95.73
N GLU K 530 -71.28 -18.07 96.00
CA GLU K 530 -71.07 -19.42 95.50
C GLU K 530 -70.01 -20.12 96.34
N GLY K 531 -69.77 -21.39 96.05
CA GLY K 531 -68.77 -22.16 96.78
C GLY K 531 -68.91 -22.21 98.29
N GLU K 532 -67.85 -21.76 98.97
CA GLU K 532 -67.80 -21.74 100.43
C GLU K 532 -68.49 -20.53 101.05
N VAL K 533 -68.80 -19.54 100.23
CA VAL K 533 -69.42 -18.33 100.74
C VAL K 533 -70.62 -18.56 101.66
N PRO K 534 -71.51 -19.51 101.31
CA PRO K 534 -72.67 -19.77 102.16
C PRO K 534 -72.42 -20.45 103.51
N PHE K 535 -71.16 -20.50 103.94
CA PHE K 535 -70.83 -21.08 105.25
C PHE K 535 -70.44 -19.97 106.21
N ALA K 536 -70.30 -18.76 105.70
CA ALA K 536 -69.86 -17.61 106.50
C ALA K 536 -70.90 -17.01 107.44
N ASP K 537 -70.41 -16.32 108.47
CA ASP K 537 -71.26 -15.65 109.45
C ASP K 537 -71.55 -14.24 108.94
N ILE K 538 -70.54 -13.63 108.32
CA ILE K 538 -70.63 -12.29 107.77
C ILE K 538 -70.05 -12.30 106.35
N ILE K 539 -70.80 -11.75 105.39
CA ILE K 539 -70.36 -11.70 104.01
C ILE K 539 -70.24 -10.25 103.51
N LEU K 540 -69.07 -9.91 102.98
CA LEU K 540 -68.80 -8.56 102.47
C LEU K 540 -68.62 -8.61 100.96
N PRO K 541 -69.42 -7.84 100.21
CA PRO K 541 -69.38 -7.77 98.74
C PRO K 541 -68.26 -6.95 98.13
N ALA K 542 -67.39 -7.60 97.37
CA ALA K 542 -66.29 -6.91 96.69
C ALA K 542 -66.72 -6.78 95.22
N CYS K 543 -66.08 -5.88 94.48
CA CYS K 543 -66.43 -5.68 93.07
C CYS K 543 -65.36 -6.21 92.13
N THR K 544 -65.68 -6.30 90.84
CA THR K 544 -64.72 -6.78 89.85
C THR K 544 -63.79 -5.63 89.47
N ASN K 545 -62.77 -5.94 88.68
CA ASN K 545 -61.82 -4.92 88.25
C ASN K 545 -62.42 -3.92 87.26
N PHE K 546 -63.62 -4.20 86.75
CA PHE K 546 -64.25 -3.26 85.82
C PHE K 546 -65.01 -2.18 86.59
N GLU K 547 -65.01 -2.29 87.90
CA GLU K 547 -65.72 -1.34 88.76
C GLU K 547 -64.77 -0.54 89.64
N ARG K 548 -63.48 -0.58 89.33
CA ARG K 548 -62.48 0.15 90.10
C ARG K 548 -61.29 0.50 89.21
N TRP K 549 -60.39 1.35 89.71
CA TRP K 549 -59.22 1.77 88.96
C TRP K 549 -58.01 0.89 89.23
N ASP K 550 -57.22 0.62 88.21
CA ASP K 550 -56.01 -0.18 88.37
C ASP K 550 -55.12 -0.04 87.14
N ILE K 551 -54.00 -0.75 87.16
CA ILE K 551 -53.06 -0.73 86.07
C ILE K 551 -52.40 -2.10 86.01
N SER K 552 -52.00 -2.53 84.82
CA SER K 552 -51.38 -3.84 84.68
C SER K 552 -50.78 -4.03 83.30
N GLU K 553 -50.11 -5.16 83.12
CA GLU K 553 -49.52 -5.51 81.83
C GLU K 553 -50.06 -6.88 81.43
N PHE K 554 -50.34 -7.03 80.14
CA PHE K 554 -50.86 -8.26 79.57
C PHE K 554 -50.10 -9.51 80.06
N ALA K 555 -50.79 -10.35 80.82
CA ALA K 555 -50.23 -11.60 81.35
C ALA K 555 -48.99 -11.47 82.22
N ASN K 556 -48.63 -10.26 82.64
CA ASN K 556 -47.43 -10.10 83.45
C ASN K 556 -47.61 -10.45 84.93
N CYS K 557 -47.06 -11.60 85.31
CA CYS K 557 -47.08 -12.08 86.69
C CYS K 557 -45.74 -11.76 87.34
N SER K 558 -44.66 -12.11 86.66
CA SER K 558 -43.30 -11.89 87.14
C SER K 558 -43.10 -12.69 88.43
N GLY K 559 -42.18 -12.23 89.28
CA GLY K 559 -41.93 -12.95 90.52
C GLY K 559 -41.39 -14.34 90.29
N TYR K 560 -42.19 -15.36 90.59
CA TYR K 560 -41.76 -16.74 90.39
C TYR K 560 -41.84 -17.18 88.94
N ILE K 561 -42.26 -16.27 88.06
CA ILE K 561 -42.27 -16.53 86.62
C ILE K 561 -41.71 -15.26 85.99
N PRO K 562 -40.42 -14.98 86.23
CA PRO K 562 -39.75 -13.80 85.70
C PRO K 562 -39.97 -13.56 84.21
N ASP K 563 -40.36 -12.33 83.87
CA ASP K 563 -40.58 -11.93 82.49
C ASP K 563 -41.54 -12.85 81.73
N ASN K 564 -42.62 -13.28 82.37
CA ASN K 564 -43.54 -14.17 81.68
C ASN K 564 -44.40 -13.44 80.65
N TYR K 565 -44.25 -12.13 80.53
CA TYR K 565 -45.02 -11.39 79.54
C TYR K 565 -44.61 -11.90 78.16
N GLN K 566 -43.51 -12.64 78.12
CA GLN K 566 -43.02 -13.20 76.85
C GLN K 566 -43.97 -14.25 76.29
N LEU K 567 -45.09 -14.46 76.97
CA LEU K 567 -46.12 -15.38 76.54
C LEU K 567 -46.94 -14.70 75.44
N CYS K 568 -46.87 -13.38 75.41
CA CYS K 568 -47.62 -12.58 74.45
C CYS K 568 -46.84 -12.15 73.22
N ASN K 569 -47.57 -11.73 72.18
CA ASN K 569 -46.94 -11.27 70.95
C ASN K 569 -46.42 -9.82 71.09
N HIS K 570 -46.96 -9.10 72.08
CA HIS K 570 -46.55 -7.73 72.35
C HIS K 570 -46.70 -7.44 73.83
N ARG K 571 -45.87 -6.56 74.36
CA ARG K 571 -46.00 -6.19 75.76
C ARG K 571 -47.02 -5.06 75.72
N VAL K 572 -48.16 -5.27 76.37
CA VAL K 572 -49.21 -4.26 76.39
C VAL K 572 -49.50 -3.83 77.82
N ILE K 573 -49.30 -2.55 78.07
CA ILE K 573 -49.54 -1.99 79.40
C ILE K 573 -50.83 -1.21 79.29
N SER K 574 -51.80 -1.52 80.13
CA SER K 574 -53.05 -0.81 80.05
C SER K 574 -53.59 -0.28 81.35
N LEU K 575 -54.33 0.82 81.23
CA LEU K 575 -54.98 1.43 82.37
C LEU K 575 -56.28 0.66 82.49
N GLN K 576 -56.58 0.18 83.69
CA GLN K 576 -57.83 -0.53 83.88
C GLN K 576 -58.79 0.54 84.39
N ALA K 577 -59.48 1.16 83.44
CA ALA K 577 -60.42 2.23 83.75
C ALA K 577 -61.67 1.72 84.47
N LYS K 578 -62.14 2.53 85.42
CA LYS K 578 -63.35 2.18 86.14
C LYS K 578 -64.45 2.45 85.12
N CYS K 579 -64.89 1.38 84.45
CA CYS K 579 -65.90 1.47 83.41
C CYS K 579 -67.30 1.76 83.90
N ILE K 580 -67.64 1.26 85.09
CA ILE K 580 -68.97 1.46 85.67
C ILE K 580 -68.89 1.57 87.18
N GLU K 581 -69.98 2.01 87.79
CA GLU K 581 -70.05 2.12 89.24
C GLU K 581 -70.20 0.73 89.83
N PRO K 582 -69.69 0.50 91.04
CA PRO K 582 -69.82 -0.84 91.63
C PRO K 582 -71.27 -1.32 91.61
N VAL K 583 -71.46 -2.59 91.26
CA VAL K 583 -72.78 -3.20 91.19
C VAL K 583 -73.34 -3.44 92.59
N GLY K 584 -74.62 -3.10 92.78
CA GLY K 584 -75.25 -3.27 94.08
C GLY K 584 -74.50 -2.43 95.11
N GLU K 585 -74.28 -3.00 96.30
CA GLU K 585 -73.57 -2.29 97.35
C GLU K 585 -72.13 -2.78 97.49
N SER K 586 -71.59 -3.35 96.43
CA SER K 586 -70.23 -3.85 96.47
C SER K 586 -69.24 -2.69 96.43
N MET K 587 -68.02 -2.96 96.84
CA MET K 587 -66.96 -1.94 96.81
C MET K 587 -65.60 -2.61 96.64
N SER K 588 -64.63 -1.86 96.12
CA SER K 588 -63.30 -2.42 95.90
C SER K 588 -62.72 -2.96 97.19
N ASP K 589 -61.90 -3.98 97.10
CA ASP K 589 -61.28 -4.56 98.29
C ASP K 589 -60.46 -3.48 99.00
N TYR K 590 -59.90 -2.55 98.22
CA TYR K 590 -59.11 -1.46 98.79
C TYR K 590 -59.98 -0.57 99.67
N GLU K 591 -61.15 -0.17 99.17
CA GLU K 591 -62.05 0.66 99.96
C GLU K 591 -62.63 -0.09 101.16
N ILE K 592 -62.80 -1.41 101.01
CA ILE K 592 -63.29 -2.21 102.13
C ILE K 592 -62.23 -2.15 103.23
N TYR K 593 -60.98 -2.36 102.86
CA TYR K 593 -59.88 -2.32 103.81
C TYR K 593 -59.64 -0.91 104.37
N ARG K 594 -59.90 0.11 103.57
CA ARG K 594 -59.71 1.48 104.05
C ARG K 594 -60.75 1.77 105.12
N LEU K 595 -61.94 1.19 104.94
CA LEU K 595 -63.01 1.37 105.91
C LEU K 595 -62.64 0.67 107.21
N PHE K 596 -62.09 -0.55 107.09
CA PHE K 596 -61.67 -1.28 108.28
C PHE K 596 -60.51 -0.57 108.97
N ALA K 597 -59.57 -0.06 108.18
CA ALA K 597 -58.41 0.63 108.72
C ALA K 597 -58.87 1.80 109.58
N LYS K 598 -59.90 2.48 109.11
CA LYS K 598 -60.45 3.63 109.83
C LYS K 598 -60.96 3.18 111.20
N LYS K 599 -61.76 2.11 111.21
CA LYS K 599 -62.32 1.59 112.45
C LYS K 599 -61.30 0.89 113.33
N LEU K 600 -60.15 0.55 112.75
CA LEU K 600 -59.08 -0.11 113.52
C LEU K 600 -58.06 0.93 113.94
N ASN K 601 -58.32 2.18 113.59
CA ASN K 601 -57.46 3.33 113.93
C ASN K 601 -56.09 3.30 113.25
N ILE K 602 -56.03 2.79 112.03
CA ILE K 602 -54.78 2.70 111.28
C ILE K 602 -54.97 3.19 109.84
N GLU K 603 -56.00 4.01 109.62
CA GLU K 603 -56.28 4.51 108.28
C GLU K 603 -55.12 5.25 107.63
N GLU K 604 -54.48 6.15 108.38
CA GLU K 604 -53.38 6.92 107.84
C GLU K 604 -52.24 6.00 107.37
N MET K 605 -51.87 5.06 108.23
CA MET K 605 -50.79 4.13 107.93
C MET K 605 -51.10 3.25 106.71
N PHE K 606 -52.34 2.77 106.61
CA PHE K 606 -52.74 1.92 105.50
C PHE K 606 -52.90 2.66 104.18
N SER K 607 -53.71 3.71 104.19
CA SER K 607 -53.98 4.46 102.98
C SER K 607 -52.95 5.52 102.59
N GLU K 608 -52.26 6.08 103.57
CA GLU K 608 -51.30 7.14 103.33
C GLU K 608 -52.06 8.26 102.59
N GLY K 609 -53.36 8.33 102.88
CA GLY K 609 -54.23 9.33 102.28
C GLY K 609 -54.46 9.21 100.79
N LYS K 610 -54.29 8.02 100.24
CA LYS K 610 -54.46 7.82 98.80
C LYS K 610 -55.59 6.87 98.44
N ASP K 611 -56.31 7.19 97.36
CA ASP K 611 -57.35 6.30 96.89
C ASP K 611 -56.63 5.43 95.87
N GLU K 612 -57.34 4.49 95.25
CA GLU K 612 -56.74 3.60 94.28
C GLU K 612 -56.04 4.30 93.12
N LEU K 613 -56.63 5.37 92.60
CA LEU K 613 -56.03 6.08 91.48
C LEU K 613 -54.71 6.76 91.86
N ALA K 614 -54.61 7.22 93.11
CA ALA K 614 -53.39 7.87 93.58
C ALA K 614 -52.26 6.84 93.65
N TRP K 615 -52.58 5.64 94.12
CA TRP K 615 -51.58 4.58 94.21
C TRP K 615 -51.15 4.15 92.81
N CYS K 616 -52.11 4.10 91.88
CA CYS K 616 -51.81 3.74 90.50
C CYS K 616 -50.78 4.68 89.88
N GLU K 617 -50.91 5.98 90.16
CA GLU K 617 -49.99 6.96 89.62
C GLU K 617 -48.60 6.79 90.23
N GLN K 618 -48.53 6.55 91.53
CA GLN K 618 -47.25 6.34 92.18
C GLN K 618 -46.63 5.08 91.58
N TYR K 619 -47.46 4.05 91.39
CA TYR K 619 -47.05 2.78 90.82
C TYR K 619 -46.44 3.03 89.43
N PHE K 620 -47.19 3.73 88.58
CA PHE K 620 -46.75 4.07 87.22
C PHE K 620 -45.37 4.72 87.23
N ASN K 621 -45.19 5.70 88.13
CA ASN K 621 -43.92 6.40 88.22
C ASN K 621 -42.76 5.54 88.71
N ALA K 622 -43.05 4.38 89.28
CA ALA K 622 -42.00 3.50 89.77
C ALA K 622 -41.58 2.47 88.72
N THR K 623 -42.14 2.58 87.51
CA THR K 623 -41.81 1.67 86.42
C THR K 623 -41.01 2.43 85.38
N ASP K 624 -40.74 1.79 84.24
CA ASP K 624 -39.99 2.43 83.15
C ASP K 624 -40.90 3.23 82.22
N MET K 625 -42.21 3.18 82.46
CA MET K 625 -43.15 3.90 81.61
C MET K 625 -42.83 5.38 81.42
N PRO K 626 -42.43 6.09 82.49
CA PRO K 626 -42.12 7.52 82.36
C PRO K 626 -41.13 7.83 81.23
N LYS K 627 -40.36 6.83 80.82
CA LYS K 627 -39.40 7.02 79.75
C LYS K 627 -40.11 7.23 78.41
N TYR K 628 -41.33 6.72 78.29
CA TYR K 628 -42.07 6.88 77.04
C TYR K 628 -43.23 7.87 77.12
N MET K 629 -43.86 7.97 78.28
CA MET K 629 -44.96 8.92 78.43
C MET K 629 -45.29 9.23 79.89
N THR K 630 -45.91 10.37 80.11
CA THR K 630 -46.28 10.79 81.47
C THR K 630 -47.57 10.10 81.87
N TRP K 631 -47.85 10.14 83.18
CA TRP K 631 -49.05 9.53 83.72
C TRP K 631 -50.29 10.09 83.03
N ASP K 632 -50.38 11.42 82.92
CA ASP K 632 -51.52 12.05 82.28
C ASP K 632 -51.71 11.59 80.84
N GLU K 633 -50.63 11.43 80.10
CA GLU K 633 -50.71 10.99 78.71
C GLU K 633 -51.16 9.53 78.65
N PHE K 634 -50.59 8.70 79.53
CA PHE K 634 -50.95 7.28 79.58
C PHE K 634 -52.41 7.13 79.95
N PHE K 635 -52.83 7.86 80.98
CA PHE K 635 -54.21 7.82 81.46
C PHE K 635 -55.20 8.15 80.33
N LYS K 636 -54.82 9.09 79.46
CA LYS K 636 -55.68 9.49 78.36
C LYS K 636 -55.71 8.46 77.22
N LYS K 637 -54.55 7.87 76.91
CA LYS K 637 -54.48 6.87 75.85
C LYS K 637 -55.14 5.56 76.30
N GLY K 638 -54.89 5.19 77.54
CA GLY K 638 -55.49 3.97 78.07
C GLY K 638 -54.63 2.72 77.97
N TYR K 639 -53.76 2.67 76.97
CA TYR K 639 -52.90 1.50 76.79
C TYR K 639 -51.64 1.90 76.03
N PHE K 640 -50.57 1.15 76.22
CA PHE K 640 -49.30 1.42 75.56
C PHE K 640 -48.64 0.13 75.09
N VAL K 641 -48.28 0.10 73.81
CA VAL K 641 -47.60 -1.06 73.26
C VAL K 641 -46.11 -0.79 73.34
N VAL K 642 -45.39 -1.60 74.13
CA VAL K 642 -43.95 -1.41 74.29
C VAL K 642 -43.23 -1.63 72.96
N PRO K 643 -42.33 -0.71 72.59
CA PRO K 643 -41.58 -0.83 71.34
C PRO K 643 -40.68 -2.06 71.31
N ASP K 644 -40.33 -2.48 70.10
CA ASP K 644 -39.44 -3.63 69.90
C ASP K 644 -38.01 -3.14 70.18
N ASN K 645 -37.13 -4.06 70.55
CA ASN K 645 -35.72 -3.72 70.80
C ASN K 645 -34.93 -4.63 69.87
N PRO K 646 -34.97 -4.32 68.56
CA PRO K 646 -34.30 -5.05 67.48
C PRO K 646 -32.83 -5.43 67.67
N ASN K 647 -32.06 -4.54 68.31
CA ASN K 647 -30.63 -4.80 68.47
C ASN K 647 -30.13 -5.50 69.72
N ARG K 648 -30.98 -5.75 70.71
CA ARG K 648 -30.49 -6.41 71.91
C ARG K 648 -30.03 -7.81 71.53
N LYS K 649 -28.91 -8.27 72.11
CA LYS K 649 -28.42 -9.60 71.77
C LYS K 649 -29.38 -10.64 72.33
N LYS K 650 -29.58 -11.70 71.56
CA LYS K 650 -30.47 -12.77 71.99
C LYS K 650 -29.72 -13.73 72.90
N THR K 651 -30.38 -14.16 73.97
CA THR K 651 -29.79 -15.08 74.92
C THR K 651 -30.78 -16.21 75.14
N VAL K 652 -30.63 -17.28 74.37
CA VAL K 652 -31.52 -18.43 74.46
C VAL K 652 -31.41 -19.18 75.77
N ALA K 653 -32.56 -19.51 76.34
CA ALA K 653 -32.64 -20.23 77.61
C ALA K 653 -31.65 -21.40 77.68
N LEU K 654 -30.91 -21.44 78.78
CA LEU K 654 -29.93 -22.50 79.05
C LEU K 654 -28.78 -22.71 78.06
N ARG K 655 -28.63 -21.84 77.07
CA ARG K 655 -27.54 -22.04 76.14
C ARG K 655 -26.21 -21.78 76.85
N TRP K 656 -26.23 -20.88 77.83
CA TRP K 656 -25.02 -20.59 78.59
C TRP K 656 -24.57 -21.85 79.33
N PHE K 657 -25.55 -22.61 79.84
CA PHE K 657 -25.29 -23.84 80.56
C PHE K 657 -24.75 -24.89 79.61
N ALA K 658 -25.39 -24.99 78.45
CA ALA K 658 -25.00 -25.95 77.42
C ALA K 658 -23.57 -25.71 76.94
N GLU K 659 -23.14 -24.45 76.95
CA GLU K 659 -21.80 -24.10 76.48
C GLU K 659 -20.77 -23.93 77.60
N GLY K 660 -21.17 -24.25 78.83
CA GLY K 660 -20.28 -24.14 79.96
C GLY K 660 -19.72 -22.76 80.26
N ARG K 661 -20.52 -21.72 80.05
CA ARG K 661 -20.06 -20.37 80.34
C ARG K 661 -20.96 -19.67 81.34
N GLU K 662 -20.68 -18.40 81.63
CA GLU K 662 -21.46 -17.64 82.60
C GLU K 662 -22.90 -17.39 82.20
N LYS K 663 -23.80 -17.49 83.17
CA LYS K 663 -25.21 -17.25 82.93
C LYS K 663 -25.32 -15.86 82.30
N ASP K 664 -26.03 -15.76 81.19
CA ASP K 664 -26.14 -14.48 80.48
C ASP K 664 -27.56 -14.02 80.14
N THR K 665 -28.56 -14.74 80.63
CA THR K 665 -29.94 -14.38 80.37
C THR K 665 -30.46 -13.39 81.42
N PRO K 666 -31.68 -12.88 81.25
CA PRO K 666 -32.23 -11.93 82.23
C PRO K 666 -32.82 -12.64 83.46
N ASP K 667 -32.67 -13.95 83.52
CA ASP K 667 -33.24 -14.72 84.64
C ASP K 667 -32.83 -14.18 86.01
N TRP K 668 -33.69 -14.40 87.00
CA TRP K 668 -33.48 -13.93 88.37
C TRP K 668 -32.62 -14.88 89.17
N GLY K 669 -31.99 -15.83 88.50
CA GLY K 669 -31.15 -16.78 89.19
C GLY K 669 -30.29 -17.53 88.19
N PRO K 670 -29.38 -18.38 88.67
CA PRO K 670 -29.21 -18.61 90.11
C PRO K 670 -28.48 -17.48 90.82
N ARG K 671 -28.64 -17.40 92.13
CA ARG K 671 -27.96 -16.35 92.88
C ARG K 671 -26.47 -16.68 92.85
N LEU K 672 -25.65 -15.63 92.91
CA LEU K 672 -24.20 -15.78 92.85
C LEU K 672 -23.60 -16.80 93.81
N ASN K 673 -24.10 -16.86 95.04
CA ASN K 673 -23.58 -17.80 96.01
C ASN K 673 -23.91 -19.26 95.70
N ASN K 674 -24.81 -19.49 94.75
CA ASN K 674 -25.19 -20.85 94.39
C ASN K 674 -24.46 -21.31 93.12
N GLN K 675 -23.42 -20.56 92.75
CA GLN K 675 -22.60 -20.88 91.59
C GLN K 675 -21.13 -20.68 91.89
N VAL K 676 -20.29 -21.26 91.04
CA VAL K 676 -18.86 -21.08 91.16
C VAL K 676 -18.52 -20.27 89.91
N CYS K 677 -18.08 -19.03 90.12
CA CYS K 677 -17.71 -18.11 89.04
C CYS K 677 -18.88 -17.91 88.09
N ARG K 678 -20.08 -17.87 88.67
CA ARG K 678 -21.36 -17.72 87.97
C ARG K 678 -21.57 -18.59 86.75
N LYS K 679 -21.16 -19.84 86.89
CA LYS K 679 -21.33 -20.86 85.87
C LYS K 679 -22.07 -22.00 86.56
N GLY K 680 -22.81 -22.80 85.78
CA GLY K 680 -23.52 -23.92 86.35
C GLY K 680 -24.89 -23.61 86.93
N LEU K 681 -25.61 -24.68 87.27
CA LEU K 681 -26.94 -24.57 87.85
C LEU K 681 -26.84 -24.26 89.33
N GLN K 682 -27.98 -24.02 89.96
CA GLN K 682 -28.05 -23.71 91.39
C GLN K 682 -27.68 -24.91 92.27
N THR K 683 -27.75 -26.11 91.71
CA THR K 683 -27.43 -27.32 92.46
C THR K 683 -26.00 -27.25 93.00
N THR K 684 -25.71 -28.06 94.01
CA THR K 684 -24.37 -28.10 94.61
C THR K 684 -23.27 -28.31 93.57
N THR K 685 -23.44 -29.34 92.74
CA THR K 685 -22.45 -29.64 91.70
C THR K 685 -22.53 -28.69 90.52
N GLY K 686 -23.63 -27.97 90.39
CA GLY K 686 -23.81 -27.06 89.27
C GLY K 686 -24.27 -27.82 88.03
N LYS K 687 -24.52 -29.11 88.19
CA LYS K 687 -24.96 -29.97 87.09
C LYS K 687 -26.36 -30.53 87.34
N VAL K 688 -26.89 -31.26 86.36
CA VAL K 688 -28.20 -31.90 86.51
C VAL K 688 -27.93 -33.12 87.37
N GLU K 689 -28.48 -33.12 88.58
CA GLU K 689 -28.25 -34.21 89.53
C GLU K 689 -29.29 -35.32 89.50
N PHE K 690 -28.98 -36.40 88.78
CA PHE K 690 -29.87 -37.55 88.68
C PHE K 690 -29.99 -38.22 90.06
N ILE K 691 -29.00 -37.94 90.91
CA ILE K 691 -28.99 -38.40 92.29
C ILE K 691 -28.85 -37.06 93.00
N ALA K 692 -29.95 -36.53 93.49
CA ALA K 692 -29.97 -35.23 94.15
C ALA K 692 -29.17 -35.16 95.44
N THR K 693 -28.20 -34.24 95.48
CA THR K 693 -27.37 -34.08 96.67
C THR K 693 -28.19 -33.55 97.85
N SER K 694 -29.14 -32.66 97.56
CA SER K 694 -29.98 -32.12 98.61
C SER K 694 -30.80 -33.22 99.27
N LEU K 695 -31.43 -34.07 98.46
CA LEU K 695 -32.24 -35.16 98.99
C LEU K 695 -31.36 -36.20 99.67
N LYS K 696 -30.18 -36.44 99.14
CA LYS K 696 -29.28 -37.40 99.74
C LYS K 696 -28.94 -36.92 101.14
N ASN K 697 -28.67 -35.62 101.29
CA ASN K 697 -28.38 -35.04 102.60
C ASN K 697 -29.59 -35.26 103.51
N PHE K 698 -30.76 -34.93 102.98
CA PHE K 698 -32.02 -35.06 103.70
C PHE K 698 -32.23 -36.49 104.20
N GLU K 699 -32.05 -37.48 103.33
CA GLU K 699 -32.23 -38.86 103.79
C GLU K 699 -31.14 -39.31 104.78
N GLU K 700 -29.91 -38.81 104.61
CA GLU K 700 -28.84 -39.19 105.52
C GLU K 700 -29.09 -38.59 106.90
N GLN K 701 -29.89 -37.53 106.94
CA GLN K 701 -30.23 -36.87 108.19
C GLN K 701 -31.38 -37.62 108.87
N GLY K 702 -31.81 -38.72 108.25
CA GLY K 702 -32.86 -39.53 108.83
C GLY K 702 -34.26 -39.35 108.29
N TYR K 703 -34.44 -38.46 107.32
CA TYR K 703 -35.77 -38.23 106.75
C TYR K 703 -36.02 -39.15 105.56
N ILE K 704 -36.30 -40.42 105.85
CA ILE K 704 -36.56 -41.42 104.82
C ILE K 704 -37.93 -41.23 104.19
N ASP K 705 -37.96 -41.12 102.87
CA ASP K 705 -39.20 -40.91 102.12
C ASP K 705 -39.23 -41.80 100.89
N GLU K 706 -39.92 -42.93 101.00
CA GLU K 706 -40.05 -43.88 99.91
C GLU K 706 -40.55 -43.28 98.60
N HIS K 707 -41.50 -42.34 98.66
CA HIS K 707 -42.03 -41.75 97.45
C HIS K 707 -41.30 -40.52 96.92
N ARG K 708 -40.08 -40.32 97.40
CA ARG K 708 -39.25 -39.22 96.94
C ARG K 708 -37.79 -39.60 97.18
N PRO K 709 -37.29 -40.58 96.40
CA PRO K 709 -35.91 -41.03 96.54
C PRO K 709 -34.93 -39.99 95.98
N SER K 710 -33.70 -40.00 96.49
CA SER K 710 -32.70 -39.04 96.00
C SER K 710 -32.43 -39.30 94.53
N MET K 711 -32.48 -40.56 94.10
CA MET K 711 -32.25 -40.88 92.69
C MET K 711 -33.59 -40.97 91.95
N HIS K 712 -33.63 -40.37 90.76
CA HIS K 712 -34.85 -40.40 89.94
C HIS K 712 -35.06 -41.85 89.52
N THR K 713 -36.15 -42.44 90.01
CA THR K 713 -36.44 -43.83 89.71
C THR K 713 -37.92 -44.03 89.44
N TYR K 714 -38.30 -45.25 89.05
CA TYR K 714 -39.70 -45.52 88.78
C TYR K 714 -40.44 -45.84 90.07
N VAL K 715 -40.91 -44.80 90.75
CA VAL K 715 -41.67 -45.00 91.97
C VAL K 715 -43.10 -45.12 91.47
N PRO K 716 -43.72 -46.31 91.65
CA PRO K 716 -45.09 -46.49 91.18
C PRO K 716 -46.01 -45.45 91.84
N ALA K 717 -46.84 -44.77 91.04
CA ALA K 717 -47.75 -43.77 91.57
C ALA K 717 -48.64 -44.41 92.63
N TRP K 718 -48.71 -43.83 93.83
CA TRP K 718 -49.54 -44.44 94.87
C TRP K 718 -51.05 -44.41 94.61
N GLU K 719 -51.48 -43.70 93.57
CA GLU K 719 -52.90 -43.71 93.21
C GLU K 719 -52.96 -43.99 91.71
N SER K 720 -52.60 -45.22 91.34
CA SER K 720 -52.62 -45.64 89.94
C SER K 720 -53.42 -46.93 89.86
N GLN K 721 -53.86 -47.30 88.66
CA GLN K 721 -54.66 -48.49 88.50
C GLN K 721 -53.97 -49.82 88.78
N LYS K 722 -52.68 -49.94 88.47
CA LYS K 722 -52.04 -51.22 88.73
C LYS K 722 -51.26 -51.34 90.04
N HIS K 723 -51.00 -50.22 90.71
CA HIS K 723 -50.23 -50.27 91.96
C HIS K 723 -50.98 -49.87 93.22
N SER K 724 -52.19 -49.35 93.07
CA SER K 724 -52.97 -48.92 94.24
C SER K 724 -54.00 -49.96 94.70
N PRO K 725 -54.00 -50.27 96.00
CA PRO K 725 -54.94 -51.24 96.58
C PRO K 725 -56.39 -50.80 96.30
N LEU K 726 -56.56 -49.50 96.07
CA LEU K 726 -57.86 -48.89 95.82
C LEU K 726 -58.42 -49.27 94.43
N ALA K 727 -57.52 -49.60 93.52
CA ALA K 727 -57.89 -49.93 92.14
C ALA K 727 -58.85 -51.10 91.94
N VAL K 728 -58.83 -52.10 92.83
CA VAL K 728 -59.73 -53.23 92.67
C VAL K 728 -61.19 -52.83 92.89
N LYS K 729 -61.39 -51.79 93.69
CA LYS K 729 -62.72 -51.30 94.01
C LYS K 729 -63.11 -50.15 93.07
N TYR K 730 -62.14 -49.31 92.75
CA TYR K 730 -62.34 -48.16 91.87
C TYR K 730 -61.35 -48.30 90.71
N PRO K 731 -61.76 -49.00 89.65
CA PRO K 731 -60.99 -49.29 88.44
C PRO K 731 -60.71 -48.20 87.42
N LEU K 732 -61.46 -47.09 87.47
CA LEU K 732 -61.25 -46.02 86.50
C LEU K 732 -60.26 -44.96 86.97
N GLY K 733 -59.32 -44.63 86.09
CA GLY K 733 -58.34 -43.61 86.41
C GLY K 733 -58.86 -42.26 85.95
N MET K 734 -58.97 -41.31 86.87
CA MET K 734 -59.47 -39.98 86.51
C MET K 734 -58.42 -38.89 86.62
N LEU K 735 -58.37 -38.03 85.61
CA LEU K 735 -57.48 -36.86 85.63
C LEU K 735 -58.47 -35.70 85.62
N SER K 736 -58.15 -34.61 86.30
CA SER K 736 -59.04 -33.46 86.38
C SER K 736 -58.30 -32.14 86.23
N PRO K 737 -57.84 -31.83 85.00
CA PRO K 737 -57.09 -30.64 84.60
C PRO K 737 -57.88 -29.34 84.69
N HIS K 738 -57.24 -28.25 84.28
CA HIS K 738 -57.87 -26.93 84.33
C HIS K 738 -59.00 -26.75 83.34
N PRO K 739 -60.10 -26.09 83.78
CA PRO K 739 -61.26 -25.85 82.93
C PRO K 739 -60.97 -25.07 81.65
N ARG K 740 -61.44 -25.63 80.56
CA ARG K 740 -61.27 -25.06 79.23
C ARG K 740 -61.93 -23.69 79.06
N PHE K 741 -63.17 -23.56 79.55
CA PHE K 741 -63.90 -22.30 79.39
C PHE K 741 -64.03 -21.41 80.62
N SER K 742 -63.09 -21.53 81.55
CA SER K 742 -63.13 -20.72 82.77
C SER K 742 -61.73 -20.62 83.36
N MET K 743 -61.44 -19.51 84.02
CA MET K 743 -60.12 -19.36 84.66
C MET K 743 -60.45 -19.86 86.05
N HIS K 744 -60.27 -21.16 86.23
CA HIS K 744 -60.60 -21.82 87.48
C HIS K 744 -62.07 -21.55 87.80
N THR K 745 -62.41 -21.04 88.98
CA THR K 745 -63.83 -20.81 89.26
C THR K 745 -64.38 -19.52 88.65
N MET K 746 -63.49 -18.69 88.13
CA MET K 746 -63.91 -17.43 87.54
C MET K 746 -64.34 -17.58 86.08
N GLY K 747 -65.62 -17.89 85.91
CA GLY K 747 -66.18 -18.09 84.59
C GLY K 747 -67.35 -19.06 84.69
N ASP K 748 -67.16 -20.11 85.48
CA ASP K 748 -68.19 -21.12 85.67
C ASP K 748 -69.28 -20.63 86.62
N GLY K 749 -70.48 -21.17 86.44
CA GLY K 749 -71.61 -20.80 87.27
C GLY K 749 -71.97 -19.33 87.16
N LYS K 750 -72.40 -18.74 88.27
CA LYS K 750 -72.76 -17.33 88.31
C LYS K 750 -73.79 -16.97 87.24
N ASN K 751 -74.41 -18.00 86.66
CA ASN K 751 -75.40 -17.80 85.60
C ASN K 751 -74.74 -17.10 84.41
N SER K 752 -73.43 -17.28 84.28
CA SER K 752 -72.68 -16.66 83.19
C SER K 752 -73.02 -17.29 81.85
N TYR K 753 -72.58 -16.64 80.77
CA TYR K 753 -72.82 -17.13 79.42
C TYR K 753 -72.05 -18.41 79.12
N MET K 754 -70.91 -18.61 79.80
CA MET K 754 -70.09 -19.78 79.55
C MET K 754 -70.82 -21.09 79.85
N ASN K 755 -71.84 -21.03 80.70
CA ASN K 755 -72.60 -22.24 81.03
C ASN K 755 -73.41 -22.78 79.87
N TYR K 756 -73.55 -21.99 78.81
CA TYR K 756 -74.33 -22.43 77.65
C TYR K 756 -73.43 -23.09 76.61
N ILE K 757 -72.12 -23.13 76.88
CA ILE K 757 -71.18 -23.74 75.96
C ILE K 757 -71.36 -25.25 76.02
N LYS K 758 -71.54 -25.87 74.85
CA LYS K 758 -71.77 -27.31 74.77
C LYS K 758 -70.77 -28.18 75.53
N ASP K 759 -69.49 -27.85 75.43
CA ASP K 759 -68.47 -28.66 76.10
C ASP K 759 -68.08 -28.17 77.50
N HIS K 760 -68.92 -27.33 78.10
CA HIS K 760 -68.65 -26.85 79.44
C HIS K 760 -69.62 -27.52 80.43
N ARG K 761 -70.92 -27.31 80.20
CA ARG K 761 -71.96 -27.93 81.04
C ARG K 761 -73.06 -28.43 80.11
N VAL K 762 -73.78 -29.46 80.54
CA VAL K 762 -74.86 -30.02 79.73
C VAL K 762 -76.18 -29.87 80.46
N GLU K 763 -77.16 -29.27 79.80
CA GLU K 763 -78.45 -29.08 80.44
C GLU K 763 -79.25 -30.38 80.40
N VAL K 764 -79.56 -30.90 81.58
CA VAL K 764 -80.34 -32.12 81.69
C VAL K 764 -81.44 -31.87 82.69
N ASP K 765 -82.69 -32.04 82.25
CA ASP K 765 -83.85 -31.85 83.12
C ASP K 765 -83.82 -30.52 83.87
N GLY K 766 -83.60 -29.43 83.15
CA GLY K 766 -83.60 -28.12 83.77
C GLY K 766 -82.40 -27.67 84.59
N TYR K 767 -81.35 -28.49 84.64
CA TYR K 767 -80.15 -28.14 85.40
C TYR K 767 -78.92 -28.34 84.50
N LYS K 768 -77.95 -27.44 84.62
CA LYS K 768 -76.75 -27.54 83.81
C LYS K 768 -75.70 -28.30 84.59
N TYR K 769 -75.48 -29.54 84.19
CA TYR K 769 -74.53 -30.41 84.87
C TYR K 769 -73.10 -30.36 84.33
N TRP K 770 -72.16 -30.58 85.24
CA TRP K 770 -70.74 -30.59 84.91
C TRP K 770 -70.49 -31.84 84.07
N ILE K 771 -69.52 -31.78 83.17
CA ILE K 771 -69.23 -32.88 82.26
C ILE K 771 -68.12 -33.84 82.68
N MET K 772 -68.34 -35.14 82.45
CA MET K 772 -67.32 -36.16 82.68
C MET K 772 -67.23 -36.94 81.38
N ARG K 773 -66.03 -36.98 80.82
CA ARG K 773 -65.77 -37.68 79.57
C ARG K 773 -65.40 -39.13 79.84
N VAL K 774 -66.03 -40.03 79.10
CA VAL K 774 -65.84 -41.46 79.26
C VAL K 774 -65.66 -42.13 77.91
N ASN K 775 -64.74 -43.09 77.82
CA ASN K 775 -64.52 -43.81 76.57
C ASN K 775 -65.74 -44.71 76.30
N SER K 776 -66.15 -44.81 75.04
CA SER K 776 -67.31 -45.62 74.68
C SER K 776 -67.32 -47.04 75.25
N ILE K 777 -66.16 -47.68 75.30
CA ILE K 777 -66.08 -49.04 75.83
C ILE K 777 -66.50 -49.09 77.31
N ASP K 778 -65.96 -48.17 78.11
CA ASP K 778 -66.31 -48.14 79.52
C ASP K 778 -67.76 -47.70 79.74
N ALA K 779 -68.21 -46.78 78.91
CA ALA K 779 -69.58 -46.27 79.01
C ALA K 779 -70.55 -47.41 78.70
N GLU K 780 -70.31 -48.10 77.59
CA GLU K 780 -71.16 -49.20 77.17
C GLU K 780 -71.22 -50.30 78.24
N ALA K 781 -70.08 -50.63 78.83
CA ALA K 781 -70.04 -51.68 79.86
C ALA K 781 -70.92 -51.34 81.05
N ARG K 782 -71.26 -50.06 81.20
CA ARG K 782 -72.09 -49.61 82.31
C ARG K 782 -73.47 -49.12 81.86
N GLY K 783 -73.79 -49.33 80.60
CA GLY K 783 -75.08 -48.90 80.08
C GLY K 783 -75.21 -47.39 80.07
N ILE K 784 -74.08 -46.70 79.97
CA ILE K 784 -74.07 -45.24 79.95
C ILE K 784 -74.04 -44.70 78.52
N LYS K 785 -74.87 -43.70 78.26
CA LYS K 785 -74.95 -43.08 76.94
C LYS K 785 -74.71 -41.57 77.05
N ASN K 786 -74.43 -40.95 75.91
CA ASN K 786 -74.19 -39.51 75.87
C ASN K 786 -75.34 -38.76 76.52
N GLY K 787 -75.02 -37.91 77.48
CA GLY K 787 -76.05 -37.13 78.15
C GLY K 787 -76.65 -37.75 79.39
N ASP K 788 -76.35 -39.01 79.68
CA ASP K 788 -76.91 -39.65 80.87
C ASP K 788 -76.32 -39.03 82.12
N LEU K 789 -77.10 -38.99 83.18
CA LEU K 789 -76.61 -38.47 84.45
C LEU K 789 -75.96 -39.63 85.15
N ILE K 790 -74.70 -39.44 85.53
CA ILE K 790 -73.96 -40.49 86.20
C ILE K 790 -73.44 -40.07 87.55
N ARG K 791 -73.06 -41.05 88.35
CA ARG K 791 -72.52 -40.81 89.67
C ARG K 791 -71.07 -41.29 89.68
N ALA K 792 -70.13 -40.36 89.89
CA ALA K 792 -68.72 -40.71 89.97
C ALA K 792 -68.45 -40.78 91.46
N TYR K 793 -67.75 -41.82 91.91
CA TYR K 793 -67.52 -41.96 93.33
C TYR K 793 -66.36 -42.85 93.74
N ASN K 794 -65.98 -42.72 95.01
CA ASN K 794 -64.96 -43.53 95.66
C ASN K 794 -65.17 -43.32 97.16
N ASP K 795 -64.17 -43.60 98.00
CA ASP K 795 -64.36 -43.45 99.44
C ASP K 795 -64.60 -42.00 99.89
N ARG K 796 -64.07 -41.04 99.13
CA ARG K 796 -64.15 -39.62 99.48
C ARG K 796 -65.47 -38.90 99.24
N GLY K 797 -66.29 -39.41 98.32
CA GLY K 797 -67.55 -38.76 98.05
C GLY K 797 -68.20 -39.22 96.76
N SER K 798 -69.23 -38.48 96.35
CA SER K 798 -69.98 -38.76 95.13
C SER K 798 -70.27 -37.44 94.45
N VAL K 799 -70.21 -37.44 93.13
CA VAL K 799 -70.49 -36.24 92.35
C VAL K 799 -71.39 -36.66 91.21
N ILE K 800 -72.47 -35.92 90.97
CA ILE K 800 -73.40 -36.21 89.88
C ILE K 800 -72.98 -35.40 88.66
N LEU K 801 -72.80 -36.06 87.52
CA LEU K 801 -72.34 -35.41 86.31
C LEU K 801 -73.09 -35.88 85.06
N ALA K 802 -72.93 -35.13 83.97
CA ALA K 802 -73.54 -35.49 82.70
C ALA K 802 -72.41 -36.18 81.93
N ALA K 803 -72.68 -37.37 81.41
CA ALA K 803 -71.66 -38.10 80.67
C ALA K 803 -71.50 -37.67 79.22
N GLN K 804 -70.25 -37.59 78.77
CA GLN K 804 -69.94 -37.28 77.38
C GLN K 804 -69.13 -38.46 76.88
N VAL K 805 -69.75 -39.34 76.09
CA VAL K 805 -69.06 -40.49 75.56
C VAL K 805 -68.14 -40.02 74.44
N THR K 806 -66.88 -40.43 74.50
CA THR K 806 -65.89 -39.98 73.53
C THR K 806 -64.85 -41.04 73.21
N GLU K 807 -63.99 -40.75 72.25
CA GLU K 807 -62.91 -41.66 71.87
C GLU K 807 -61.60 -41.04 72.31
N CYS K 808 -61.69 -39.82 72.83
CA CYS K 808 -60.51 -39.06 73.26
C CYS K 808 -59.84 -39.49 74.57
N LEU K 809 -60.05 -40.75 74.96
CA LEU K 809 -59.47 -41.29 76.19
C LEU K 809 -59.26 -42.79 76.03
N GLN K 810 -58.13 -43.31 76.52
CA GLN K 810 -57.90 -44.74 76.45
C GLN K 810 -58.93 -45.39 77.37
N PRO K 811 -59.54 -46.52 76.94
CA PRO K 811 -60.54 -47.20 77.76
C PRO K 811 -59.98 -47.37 79.18
N GLY K 812 -60.79 -47.08 80.19
CA GLY K 812 -60.33 -47.22 81.57
C GLY K 812 -59.94 -45.89 82.19
N THR K 813 -59.93 -44.84 81.39
CA THR K 813 -59.57 -43.50 81.85
C THR K 813 -60.75 -42.54 81.69
N VAL K 814 -61.04 -41.76 82.71
CA VAL K 814 -62.12 -40.78 82.61
C VAL K 814 -61.55 -39.39 82.83
N HIS K 815 -62.25 -38.38 82.33
CA HIS K 815 -61.78 -37.01 82.43
C HIS K 815 -62.87 -36.02 82.80
N SER K 816 -62.55 -35.12 83.73
CA SER K 816 -63.48 -34.09 84.16
C SER K 816 -62.67 -32.93 84.73
N TYR K 817 -62.87 -31.74 84.17
CA TYR K 817 -62.13 -30.57 84.63
C TYR K 817 -62.39 -30.23 86.09
N GLU K 818 -61.40 -29.62 86.74
CA GLU K 818 -61.54 -29.21 88.13
C GLU K 818 -62.04 -27.77 88.12
N SER K 819 -62.03 -27.14 89.28
CA SER K 819 -62.43 -25.74 89.43
C SER K 819 -63.90 -25.36 89.32
N CYS K 820 -64.79 -26.35 89.44
CA CYS K 820 -66.21 -26.08 89.40
C CYS K 820 -66.49 -25.01 90.47
N ALA K 821 -67.21 -23.97 90.09
CA ALA K 821 -67.53 -22.87 91.02
C ALA K 821 -68.79 -23.12 91.86
N VAL K 822 -69.57 -24.10 91.46
CA VAL K 822 -70.83 -24.41 92.14
C VAL K 822 -70.79 -25.61 93.09
N TYR K 823 -71.08 -25.38 94.36
CA TYR K 823 -71.15 -26.48 95.32
C TYR K 823 -72.63 -26.57 95.67
N ASP K 824 -73.24 -27.68 95.25
CA ASP K 824 -74.68 -27.90 95.44
C ASP K 824 -74.94 -29.31 95.95
N PRO K 825 -74.79 -29.53 97.28
CA PRO K 825 -75.01 -30.84 97.90
C PRO K 825 -76.47 -31.25 97.77
N LEU K 826 -76.70 -32.54 97.52
CA LEU K 826 -78.06 -33.05 97.41
C LEU K 826 -78.62 -33.25 98.81
N GLY K 827 -77.71 -33.39 99.77
CA GLY K 827 -78.08 -33.57 101.16
C GLY K 827 -77.29 -32.65 102.06
N THR K 828 -76.90 -33.14 103.23
CA THR K 828 -76.12 -32.35 104.18
C THR K 828 -74.78 -31.96 103.56
N ALA K 829 -74.40 -30.70 103.69
CA ALA K 829 -73.13 -30.21 103.14
C ALA K 829 -71.97 -31.02 103.71
N GLY K 830 -71.05 -31.42 102.83
CA GLY K 830 -69.89 -32.19 103.25
C GLY K 830 -70.18 -33.66 103.55
N LYS K 831 -71.45 -34.05 103.51
CA LYS K 831 -71.83 -35.43 103.83
C LYS K 831 -72.67 -36.13 102.77
N SER K 832 -72.85 -35.50 101.61
CA SER K 832 -73.68 -36.10 100.56
C SER K 832 -73.14 -35.85 99.17
N ALA K 833 -73.79 -36.43 98.18
CA ALA K 833 -73.39 -36.25 96.79
C ALA K 833 -73.60 -34.79 96.39
N ASP K 834 -72.71 -34.29 95.53
CA ASP K 834 -72.79 -32.92 95.03
C ASP K 834 -73.19 -33.01 93.56
N ARG K 835 -74.03 -32.07 93.10
CA ARG K 835 -74.40 -32.07 91.69
C ARG K 835 -73.89 -30.79 91.02
N GLY K 836 -73.19 -29.96 91.80
CA GLY K 836 -72.62 -28.75 91.24
C GLY K 836 -71.52 -29.13 90.24
N GLY K 837 -70.76 -30.17 90.57
CA GLY K 837 -69.69 -30.62 89.70
C GLY K 837 -68.29 -30.55 90.30
N CYS K 838 -68.21 -30.49 91.62
CA CYS K 838 -66.91 -30.40 92.30
C CYS K 838 -66.17 -31.73 92.32
N ILE K 839 -65.53 -32.04 91.19
CA ILE K 839 -64.76 -33.26 91.03
C ILE K 839 -63.66 -33.42 92.08
N ASN K 840 -63.19 -32.31 92.65
CA ASN K 840 -62.15 -32.39 93.66
C ASN K 840 -62.58 -33.03 94.96
N ILE K 841 -63.87 -33.34 95.05
CA ILE K 841 -64.41 -34.03 96.21
C ILE K 841 -63.81 -35.45 96.18
N LEU K 842 -63.51 -35.93 94.98
CA LEU K 842 -62.99 -37.28 94.76
C LEU K 842 -61.47 -37.46 94.69
N THR K 843 -60.73 -36.37 94.62
CA THR K 843 -59.29 -36.46 94.52
C THR K 843 -58.60 -36.71 95.88
N PRO K 844 -57.46 -37.41 95.86
CA PRO K 844 -56.71 -37.73 97.08
C PRO K 844 -56.12 -36.51 97.79
N ASP K 845 -56.28 -36.44 99.11
CA ASP K 845 -55.72 -35.35 99.88
C ASP K 845 -54.37 -35.75 100.47
N ARG K 846 -53.96 -36.98 100.19
CA ARG K 846 -52.67 -37.47 100.65
C ARG K 846 -51.59 -36.68 99.92
N TYR K 847 -50.57 -36.24 100.66
CA TYR K 847 -49.47 -35.49 100.07
C TYR K 847 -48.73 -36.32 99.03
N ILE K 848 -48.11 -35.66 98.05
CA ILE K 848 -47.36 -36.36 96.99
C ILE K 848 -46.41 -37.38 97.60
N SER K 849 -45.74 -37.01 98.70
CA SER K 849 -44.85 -37.94 99.38
C SER K 849 -44.89 -37.58 100.86
N LYS K 850 -44.16 -38.31 101.69
CA LYS K 850 -44.17 -38.01 103.12
C LYS K 850 -43.75 -36.57 103.41
N TYR K 851 -42.71 -36.09 102.72
CA TYR K 851 -42.22 -34.73 102.95
C TYR K 851 -42.48 -33.75 101.82
N ALA K 852 -42.93 -34.25 100.67
CA ALA K 852 -43.25 -33.38 99.53
C ALA K 852 -44.71 -33.04 99.76
N CYS K 853 -44.93 -31.97 100.52
CA CYS K 853 -46.26 -31.55 100.91
C CYS K 853 -47.05 -30.78 99.86
N GLY K 854 -47.24 -31.43 98.71
CA GLY K 854 -47.98 -30.81 97.62
C GLY K 854 -49.18 -31.65 97.23
N MET K 855 -50.05 -31.11 96.38
CA MET K 855 -51.27 -31.80 95.96
C MET K 855 -51.04 -32.78 94.81
N ALA K 856 -51.68 -33.95 94.87
CA ALA K 856 -51.56 -34.99 93.85
C ALA K 856 -52.89 -35.29 93.16
N ASN K 857 -53.68 -34.25 92.95
CA ASN K 857 -55.00 -34.33 92.34
C ASN K 857 -55.20 -35.11 91.06
N ASN K 858 -54.33 -34.91 90.08
CA ASN K 858 -54.53 -35.56 88.79
C ASN K 858 -54.39 -37.06 88.63
N THR K 859 -54.31 -37.76 89.75
CA THR K 859 -54.30 -39.22 89.75
C THR K 859 -55.33 -39.57 90.82
N ALA K 860 -56.51 -39.98 90.39
CA ALA K 860 -57.57 -40.33 91.33
C ALA K 860 -58.35 -41.51 90.77
N LEU K 861 -58.55 -42.52 91.61
CA LEU K 861 -59.28 -43.71 91.21
C LEU K 861 -60.76 -43.58 91.58
N VAL K 862 -61.63 -43.88 90.63
CA VAL K 862 -63.06 -43.79 90.87
C VAL K 862 -63.81 -44.91 90.15
N GLU K 863 -65.12 -44.96 90.40
CA GLU K 863 -66.01 -45.90 89.74
C GLU K 863 -67.14 -44.99 89.33
N ILE K 864 -67.81 -45.30 88.23
CA ILE K 864 -68.93 -44.49 87.79
C ILE K 864 -70.08 -45.41 87.46
N GLU K 865 -71.29 -44.88 87.56
CA GLU K 865 -72.49 -45.63 87.28
C GLU K 865 -73.63 -44.65 86.99
N LYS K 866 -74.67 -45.12 86.32
CA LYS K 866 -75.80 -44.25 86.06
C LYS K 866 -76.32 -43.89 87.44
N TRP K 867 -76.78 -42.66 87.60
CA TRP K 867 -77.28 -42.20 88.90
C TRP K 867 -78.70 -42.70 89.15
N ASP K 868 -78.90 -43.34 90.31
CA ASP K 868 -80.21 -43.88 90.66
C ASP K 868 -81.14 -42.90 91.39
N GLY K 869 -80.69 -41.67 91.54
CA GLY K 869 -81.52 -40.67 92.21
C GLY K 869 -81.33 -40.55 93.72
N ASP K 870 -80.45 -41.36 94.30
CA ASP K 870 -80.22 -41.28 95.74
C ASP K 870 -79.28 -40.11 96.04
N LYS K 871 -79.35 -39.55 97.24
CA LYS K 871 -78.51 -38.41 97.61
C LYS K 871 -77.17 -38.81 98.21
N TYR K 872 -77.03 -40.10 98.52
CA TYR K 872 -75.81 -40.64 99.11
C TYR K 872 -75.26 -39.83 100.28
N GLU K 873 -76.06 -39.71 101.33
CA GLU K 873 -75.61 -38.99 102.51
C GLU K 873 -74.90 -40.02 103.38
N ILE K 874 -73.70 -40.38 102.97
CA ILE K 874 -72.93 -41.39 103.67
C ILE K 874 -71.49 -40.97 103.94
N TYR K 875 -71.19 -39.69 103.70
CA TYR K 875 -69.84 -39.20 103.91
C TYR K 875 -69.70 -38.34 105.17
N MET L 1 -73.37 -2.35 44.13
CA MET L 1 -73.94 -3.23 45.18
C MET L 1 -72.95 -4.32 45.57
N GLU L 2 -71.97 -3.96 46.39
CA GLU L 2 -70.96 -4.90 46.85
C GLU L 2 -71.58 -5.74 47.96
N GLN L 3 -71.32 -7.05 47.96
CA GLN L 3 -71.89 -7.95 48.95
C GLN L 3 -70.94 -8.47 50.02
N TYR L 4 -71.51 -8.89 51.13
CA TYR L 4 -70.74 -9.44 52.24
C TYR L 4 -70.64 -10.96 52.07
N TYR L 5 -69.51 -11.51 52.49
CA TYR L 5 -69.28 -12.96 52.43
C TYR L 5 -68.42 -13.31 53.63
N MET L 6 -68.56 -14.52 54.12
CA MET L 6 -67.77 -14.98 55.26
C MET L 6 -67.16 -16.34 54.94
N VAL L 7 -65.88 -16.51 55.24
CA VAL L 7 -65.21 -17.79 54.98
C VAL L 7 -64.71 -18.37 56.30
N ILE L 8 -65.13 -19.60 56.57
CA ILE L 8 -64.78 -20.30 57.79
C ILE L 8 -63.90 -21.51 57.50
N ASP L 9 -62.69 -21.52 58.07
CA ASP L 9 -61.76 -22.63 57.88
C ASP L 9 -61.94 -23.65 59.01
N VAL L 10 -62.64 -24.73 58.70
CA VAL L 10 -62.90 -25.77 59.68
C VAL L 10 -61.65 -26.35 60.30
N ALA L 11 -60.59 -26.46 59.51
CA ALA L 11 -59.32 -27.02 60.00
C ALA L 11 -58.73 -26.16 61.11
N LYS L 12 -59.19 -24.93 61.21
CA LYS L 12 -58.67 -24.04 62.24
C LYS L 12 -59.56 -23.88 63.48
N CYS L 13 -60.78 -24.44 63.47
CA CYS L 13 -61.67 -24.33 64.64
C CYS L 13 -61.17 -25.18 65.78
N GLN L 14 -61.09 -24.61 66.98
CA GLN L 14 -60.68 -25.38 68.14
C GLN L 14 -61.83 -25.41 69.15
N ASP L 15 -62.97 -24.80 68.80
CA ASP L 15 -64.14 -24.79 69.67
C ASP L 15 -63.92 -24.08 71.02
N CYS L 16 -63.19 -22.95 71.03
CA CYS L 16 -62.98 -22.21 72.30
C CYS L 16 -64.24 -21.46 72.64
N ASN L 17 -65.11 -21.31 71.64
CA ASN L 17 -66.38 -20.61 71.80
C ASN L 17 -66.27 -19.08 71.96
N ASN L 18 -65.18 -18.48 71.48
CA ASN L 18 -65.01 -17.02 71.54
C ASN L 18 -66.15 -16.34 70.73
N CYS L 19 -66.55 -16.96 69.61
CA CYS L 19 -67.64 -16.44 68.71
C CYS L 19 -68.89 -16.25 69.51
N PHE L 20 -69.35 -17.42 69.92
CA PHE L 20 -70.56 -17.62 70.69
C PHE L 20 -70.66 -16.62 71.82
N MET L 21 -69.60 -16.55 72.63
CA MET L 21 -69.57 -15.62 73.75
C MET L 21 -69.69 -14.21 73.17
N GLY L 22 -69.16 -14.05 71.96
CA GLY L 22 -69.24 -12.78 71.27
C GLY L 22 -70.68 -12.36 70.95
N CYS L 23 -71.53 -13.26 70.43
CA CYS L 23 -72.93 -12.88 70.15
C CYS L 23 -73.63 -12.50 71.38
N MET L 24 -73.52 -13.38 72.37
CA MET L 24 -74.21 -13.17 73.62
C MET L 24 -73.80 -11.85 74.23
N ASP L 25 -72.52 -11.52 74.11
CA ASP L 25 -71.99 -10.26 74.63
C ASP L 25 -72.69 -9.12 73.89
N GLU L 26 -72.85 -9.31 72.59
CA GLU L 26 -73.47 -8.29 71.74
C GLU L 26 -75.00 -8.26 71.77
N HIS L 27 -75.63 -9.42 71.97
CA HIS L 27 -77.09 -9.47 71.91
C HIS L 27 -77.93 -9.87 73.12
N GLU L 28 -77.35 -10.55 74.10
CA GLU L 28 -78.15 -11.00 75.24
C GLU L 28 -78.64 -9.89 76.18
N LEU L 29 -77.84 -8.86 76.37
CA LEU L 29 -78.23 -7.74 77.24
C LEU L 29 -78.51 -6.45 76.49
N ASN L 30 -78.31 -6.47 75.18
CA ASN L 30 -78.54 -5.28 74.37
C ASN L 30 -79.68 -5.49 73.37
N GLU L 31 -80.37 -4.41 73.04
CA GLU L 31 -81.45 -4.43 72.07
C GLU L 31 -81.01 -3.48 70.97
N TRP L 32 -81.21 -3.86 69.73
CA TRP L 32 -80.81 -3.00 68.62
C TRP L 32 -82.01 -2.65 67.75
N PRO L 33 -82.64 -1.50 68.02
CA PRO L 33 -83.82 -1.01 67.30
C PRO L 33 -83.71 -1.13 65.78
N GLY L 34 -84.67 -1.83 65.20
CA GLY L 34 -84.69 -2.02 63.76
C GLY L 34 -84.08 -3.34 63.33
N TYR L 35 -83.15 -3.86 64.14
CA TYR L 35 -82.47 -5.12 63.82
C TYR L 35 -82.95 -6.32 64.62
N THR L 36 -82.92 -6.22 65.94
CA THR L 36 -83.35 -7.33 66.78
C THR L 36 -83.52 -6.95 68.25
N ALA L 37 -84.38 -7.68 68.94
CA ALA L 37 -84.60 -7.46 70.36
C ALA L 37 -83.46 -8.27 70.99
N SER L 38 -83.36 -8.27 72.32
CA SER L 38 -82.29 -9.02 72.95
C SER L 38 -82.45 -10.52 72.72
N MET L 39 -81.31 -11.21 72.63
CA MET L 39 -81.27 -12.65 72.41
C MET L 39 -81.71 -13.38 73.68
N GLN L 40 -82.28 -14.57 73.52
CA GLN L 40 -82.72 -15.36 74.67
C GLN L 40 -81.63 -16.35 75.06
N ARG L 41 -81.36 -16.45 76.36
CA ARG L 41 -80.35 -17.38 76.85
C ARG L 41 -80.68 -18.79 76.38
N GLY L 42 -79.70 -19.47 75.81
CA GLY L 42 -79.94 -20.82 75.33
C GLY L 42 -79.94 -20.89 73.81
N HIS L 43 -80.23 -19.78 73.16
CA HIS L 43 -80.24 -19.74 71.70
C HIS L 43 -78.82 -19.87 71.19
N ARG L 44 -78.68 -20.32 69.95
CA ARG L 44 -77.37 -20.46 69.34
C ARG L 44 -77.38 -19.88 67.93
N TRP L 45 -77.48 -18.56 67.81
CA TRP L 45 -77.47 -17.90 66.51
C TRP L 45 -76.19 -18.38 65.82
N MET L 46 -75.15 -18.54 66.62
CA MET L 46 -73.88 -19.07 66.16
C MET L 46 -73.89 -20.46 66.81
N ASN L 47 -73.95 -21.50 65.98
CA ASN L 47 -74.01 -22.87 66.50
C ASN L 47 -72.75 -23.62 66.08
N ILE L 48 -71.88 -23.89 67.04
CA ILE L 48 -70.64 -24.61 66.75
C ILE L 48 -70.89 -26.12 66.83
N GLU L 49 -71.07 -26.75 65.67
CA GLU L 49 -71.31 -28.18 65.61
C GLU L 49 -70.01 -28.93 65.86
N ARG L 50 -70.10 -30.06 66.58
CA ARG L 50 -68.92 -30.85 66.92
C ARG L 50 -69.07 -32.26 66.38
N ARG L 51 -68.01 -32.80 65.80
CA ARG L 51 -68.07 -34.17 65.28
C ARG L 51 -66.80 -34.98 65.45
N GLU L 52 -66.92 -36.07 66.20
CA GLU L 52 -65.81 -36.99 66.42
C GLU L 52 -65.83 -38.02 65.31
N ARG L 53 -64.66 -38.46 64.87
CA ARG L 53 -64.57 -39.46 63.81
C ARG L 53 -63.63 -40.58 64.24
N GLY L 54 -63.87 -41.78 63.74
CA GLY L 54 -63.02 -42.91 64.08
C GLY L 54 -63.16 -43.44 65.49
N THR L 55 -62.20 -44.28 65.88
CA THR L 55 -62.21 -44.89 67.20
C THR L 55 -60.81 -44.85 67.80
N TYR L 56 -60.74 -44.84 69.13
CA TYR L 56 -59.46 -44.82 69.83
C TYR L 56 -58.63 -45.99 69.29
N PRO L 57 -57.32 -45.79 69.09
CA PRO L 57 -56.50 -44.58 69.30
C PRO L 57 -56.24 -43.72 68.06
N ARG L 58 -56.95 -43.98 66.96
CA ARG L 58 -56.74 -43.21 65.74
C ARG L 58 -57.97 -42.38 65.35
N ASN L 59 -58.56 -41.78 66.37
CA ASN L 59 -59.76 -40.95 66.24
C ASN L 59 -59.36 -39.49 66.07
N ASP L 60 -60.34 -38.65 65.78
CA ASP L 60 -60.10 -37.22 65.67
C ASP L 60 -61.43 -36.52 65.84
N ILE L 61 -61.42 -35.20 65.82
CA ILE L 61 -62.64 -34.43 65.96
C ILE L 61 -62.45 -33.10 65.26
N ASN L 62 -63.54 -32.57 64.70
CA ASN L 62 -63.48 -31.30 63.99
C ASN L 62 -64.74 -30.52 64.31
N TYR L 63 -64.69 -29.20 64.16
CA TYR L 63 -65.83 -28.36 64.47
C TYR L 63 -66.24 -27.48 63.31
N ARG L 64 -67.53 -27.17 63.24
CA ARG L 64 -68.04 -26.33 62.17
C ARG L 64 -68.89 -25.19 62.69
N PRO L 65 -68.30 -24.00 62.82
CA PRO L 65 -69.08 -22.85 63.31
C PRO L 65 -70.20 -22.65 62.31
N THR L 66 -71.45 -22.57 62.79
CA THR L 66 -72.58 -22.42 61.90
C THR L 66 -73.51 -21.26 62.25
N PRO L 67 -73.35 -20.13 61.56
CA PRO L 67 -74.20 -18.97 61.82
C PRO L 67 -75.30 -19.05 60.77
N CYS L 68 -75.91 -17.91 60.46
CA CYS L 68 -76.93 -17.89 59.42
C CYS L 68 -76.16 -18.00 58.12
N MET L 69 -76.74 -18.63 57.10
CA MET L 69 -76.05 -18.74 55.81
C MET L 69 -76.32 -17.50 54.96
N HIS L 70 -77.32 -16.71 55.36
CA HIS L 70 -77.72 -15.51 54.62
C HIS L 70 -77.71 -15.84 53.14
N CYS L 71 -78.37 -16.94 52.79
CA CYS L 71 -78.38 -17.37 51.41
C CYS L 71 -79.09 -16.43 50.42
N GLU L 72 -78.55 -16.36 49.21
CA GLU L 72 -79.08 -15.51 48.15
C GLU L 72 -80.50 -15.83 47.76
N ASN L 73 -80.84 -17.11 47.81
CA ASN L 73 -82.19 -17.57 47.48
C ASN L 73 -82.77 -18.13 48.76
N ALA L 74 -82.92 -17.25 49.74
CA ALA L 74 -83.42 -17.64 51.06
C ALA L 74 -84.86 -18.10 51.10
N PRO L 75 -85.07 -19.34 51.55
CA PRO L 75 -86.42 -19.90 51.65
C PRO L 75 -87.31 -19.11 52.61
N CYS L 76 -86.76 -18.57 53.70
CA CYS L 76 -87.65 -17.80 54.59
C CYS L 76 -88.12 -16.48 54.03
N VAL L 77 -87.29 -15.84 53.20
CA VAL L 77 -87.73 -14.59 52.60
C VAL L 77 -88.89 -15.00 51.70
N ALA L 78 -88.66 -16.03 50.89
CA ALA L 78 -89.64 -16.54 49.95
C ALA L 78 -90.94 -17.02 50.61
N LYS L 79 -90.83 -17.65 51.78
CA LYS L 79 -92.02 -18.14 52.46
C LYS L 79 -92.36 -17.34 53.71
N GLY L 80 -91.67 -16.22 53.90
CA GLY L 80 -91.88 -15.41 55.08
C GLY L 80 -93.02 -14.41 55.03
N ASN L 81 -93.66 -14.27 53.88
CA ASN L 81 -94.77 -13.34 53.73
C ASN L 81 -94.37 -11.93 54.16
N GLY L 82 -93.14 -11.55 53.88
CA GLY L 82 -92.66 -10.21 54.23
C GLY L 82 -92.05 -10.07 55.61
N ALA L 83 -92.09 -11.12 56.42
CA ALA L 83 -91.53 -11.07 57.76
C ALA L 83 -90.01 -11.11 57.73
N VAL L 84 -89.45 -11.53 56.59
CA VAL L 84 -88.01 -11.60 56.43
C VAL L 84 -87.65 -10.97 55.09
N TYR L 85 -86.58 -10.18 55.07
CA TYR L 85 -86.16 -9.53 53.83
C TYR L 85 -84.68 -9.67 53.57
N GLN L 86 -84.29 -9.38 52.33
CA GLN L 86 -82.90 -9.46 51.90
C GLN L 86 -82.40 -8.07 51.51
N ARG L 87 -81.25 -7.67 52.04
CA ARG L 87 -80.69 -6.37 51.73
C ARG L 87 -79.82 -6.50 50.48
N GLU L 88 -79.47 -5.37 49.89
CA GLU L 88 -78.64 -5.37 48.68
C GLU L 88 -77.23 -5.90 48.93
N ASP L 89 -76.71 -5.71 50.14
CA ASP L 89 -75.38 -6.19 50.46
C ASP L 89 -75.37 -7.69 50.79
N GLY L 90 -76.52 -8.32 50.63
CA GLY L 90 -76.63 -9.75 50.87
C GLY L 90 -77.15 -10.22 52.22
N ILE L 91 -77.08 -9.35 53.23
CA ILE L 91 -77.54 -9.73 54.55
C ILE L 91 -79.04 -10.00 54.59
N VAL L 92 -79.42 -11.13 55.19
CA VAL L 92 -80.83 -11.52 55.32
C VAL L 92 -81.26 -11.23 56.75
N LEU L 93 -82.33 -10.45 56.90
CA LEU L 93 -82.80 -10.09 58.23
C LEU L 93 -84.29 -10.30 58.47
N ILE L 94 -84.60 -10.74 59.69
CA ILE L 94 -85.98 -10.92 60.10
C ILE L 94 -86.42 -9.53 60.51
N ASP L 95 -87.63 -9.12 60.12
CA ASP L 95 -88.13 -7.81 60.53
C ASP L 95 -88.64 -8.04 61.96
N PRO L 96 -87.97 -7.43 62.96
CA PRO L 96 -88.31 -7.55 64.38
C PRO L 96 -89.77 -7.30 64.74
N GLU L 97 -90.49 -6.56 63.91
CA GLU L 97 -91.90 -6.26 64.18
C GLU L 97 -92.86 -7.10 63.35
N LYS L 98 -92.65 -7.13 62.04
CA LYS L 98 -93.51 -7.90 61.16
C LYS L 98 -93.52 -9.40 61.47
N ALA L 99 -92.43 -9.89 62.06
CA ALA L 99 -92.31 -11.31 62.38
C ALA L 99 -92.95 -11.73 63.71
N LYS L 100 -93.33 -10.77 64.53
CA LYS L 100 -93.93 -11.08 65.82
C LYS L 100 -95.12 -12.04 65.76
N GLY L 101 -95.09 -13.04 66.63
CA GLY L 101 -96.15 -14.03 66.68
C GLY L 101 -96.12 -15.09 65.59
N LYS L 102 -95.11 -15.07 64.73
CA LYS L 102 -95.03 -16.04 63.65
C LYS L 102 -94.01 -17.15 63.86
N LYS L 103 -94.39 -18.15 64.65
CA LYS L 103 -93.51 -19.29 64.94
C LYS L 103 -93.24 -20.15 63.71
N GLU L 104 -94.16 -20.09 62.74
CA GLU L 104 -94.05 -20.88 61.52
C GLU L 104 -92.73 -20.60 60.77
N LEU L 105 -92.19 -19.40 60.96
CA LEU L 105 -90.94 -19.03 60.30
C LEU L 105 -89.82 -20.02 60.57
N LEU L 106 -89.77 -20.55 61.79
CA LEU L 106 -88.72 -21.49 62.17
C LEU L 106 -88.63 -22.66 61.19
N ASP L 107 -89.79 -23.12 60.71
CA ASP L 107 -89.86 -24.25 59.78
C ASP L 107 -89.45 -23.93 58.35
N THR L 108 -89.33 -22.66 58.02
CA THR L 108 -88.95 -22.29 56.66
C THR L 108 -87.43 -22.40 56.49
N CYS L 109 -86.74 -22.84 57.54
CA CYS L 109 -85.27 -22.97 57.48
C CYS L 109 -84.73 -24.37 57.27
N PRO L 110 -84.10 -24.63 56.13
CA PRO L 110 -83.56 -25.95 55.89
C PRO L 110 -82.35 -26.18 56.81
N TYR L 111 -81.72 -25.09 57.23
CA TYR L 111 -80.55 -25.17 58.09
C TYR L 111 -80.86 -25.12 59.58
N GLY L 112 -82.09 -24.73 59.92
CA GLY L 112 -82.50 -24.65 61.31
C GLY L 112 -81.70 -23.66 62.14
N VAL L 113 -81.43 -22.48 61.58
CA VAL L 113 -80.65 -21.48 62.30
C VAL L 113 -81.44 -20.44 63.09
N MET L 114 -82.76 -20.44 62.98
CA MET L 114 -83.51 -19.48 63.76
C MET L 114 -84.12 -20.09 65.01
N TYR L 115 -84.24 -19.27 66.04
CA TYR L 115 -84.77 -19.71 67.32
C TYR L 115 -85.94 -18.86 67.76
N TRP L 116 -86.86 -19.49 68.48
CA TRP L 116 -88.04 -18.79 68.98
C TRP L 116 -87.76 -18.14 70.31
N ASN L 117 -87.95 -16.82 70.38
CA ASN L 117 -87.73 -16.10 71.62
C ASN L 117 -89.04 -16.02 72.38
N GLU L 118 -89.10 -16.77 73.48
CA GLU L 118 -90.27 -16.86 74.35
C GLU L 118 -90.71 -15.53 74.97
N GLU L 119 -89.75 -14.67 75.31
CA GLU L 119 -90.08 -13.39 75.93
C GLU L 119 -90.34 -12.24 74.96
N GLU L 120 -90.08 -12.47 73.68
CA GLU L 120 -90.30 -11.43 72.68
C GLU L 120 -91.36 -11.87 71.66
N ASN L 121 -91.80 -13.12 71.80
CA ASN L 121 -92.80 -13.70 70.90
C ASN L 121 -92.41 -13.47 69.44
N VAL L 122 -91.15 -13.79 69.11
CA VAL L 122 -90.68 -13.60 67.75
C VAL L 122 -89.49 -14.51 67.45
N ALA L 123 -89.30 -14.82 66.17
CA ALA L 123 -88.19 -15.65 65.75
C ALA L 123 -86.96 -14.76 65.65
N GLN L 124 -85.81 -15.30 66.04
CA GLN L 124 -84.56 -14.54 66.00
C GLN L 124 -83.46 -15.42 65.43
N LYS L 125 -82.39 -14.77 64.99
CA LYS L 125 -81.24 -15.49 64.46
C LYS L 125 -80.16 -14.54 64.00
N CYS L 126 -79.12 -15.12 63.37
CA CYS L 126 -78.01 -14.36 62.84
C CYS L 126 -78.39 -13.11 62.10
N THR L 127 -77.84 -11.97 62.48
CA THR L 127 -78.11 -10.72 61.76
C THR L 127 -76.81 -10.27 61.08
N MET L 128 -75.74 -11.02 61.33
CA MET L 128 -74.40 -10.72 60.84
C MET L 128 -74.04 -9.34 61.40
N CYS L 129 -74.39 -9.10 62.67
CA CYS L 129 -74.23 -7.79 63.35
C CYS L 129 -74.30 -6.67 62.34
N ALA L 130 -75.39 -6.67 61.60
CA ALA L 130 -75.65 -5.66 60.58
C ALA L 130 -75.66 -4.28 61.22
N HIS L 131 -76.03 -4.22 62.50
CA HIS L 131 -76.06 -2.94 63.21
C HIS L 131 -74.65 -2.41 63.38
N LEU L 132 -73.69 -3.31 63.52
CA LEU L 132 -72.29 -2.93 63.67
C LEU L 132 -71.74 -2.59 62.29
N LEU L 133 -72.06 -3.42 61.30
CA LEU L 133 -71.60 -3.20 59.95
C LEU L 133 -72.17 -1.89 59.38
N ASP L 134 -73.35 -1.50 59.85
CA ASP L 134 -73.97 -0.27 59.38
C ASP L 134 -73.45 0.96 60.13
N ASP L 135 -72.57 0.74 61.11
CA ASP L 135 -72.04 1.86 61.88
C ASP L 135 -70.55 2.07 61.62
N GLU L 136 -70.22 3.19 61.01
CA GLU L 136 -68.82 3.51 60.71
C GLU L 136 -67.93 3.58 61.95
N SER L 137 -68.53 3.85 63.10
CA SER L 137 -67.77 3.93 64.34
C SER L 137 -67.13 2.58 64.70
N TRP L 138 -67.81 1.49 64.35
CA TRP L 138 -67.29 0.15 64.62
C TRP L 138 -66.09 -0.06 63.69
N ALA L 139 -64.91 0.29 64.19
CA ALA L 139 -63.66 0.19 63.44
C ALA L 139 -63.33 -1.16 62.81
N PRO L 140 -63.57 -2.27 63.53
CA PRO L 140 -63.27 -3.59 62.97
C PRO L 140 -63.95 -3.89 61.64
N LYS L 141 -65.13 -3.31 61.43
CA LYS L 141 -65.88 -3.54 60.20
C LYS L 141 -66.09 -5.01 59.91
N MET L 142 -66.40 -5.77 60.95
CA MET L 142 -66.65 -7.21 60.83
C MET L 142 -67.49 -7.63 62.03
N PRO L 143 -68.21 -8.76 61.91
CA PRO L 143 -69.06 -9.25 62.99
C PRO L 143 -68.28 -9.62 64.25
N ARG L 144 -68.99 -9.80 65.36
CA ARG L 144 -68.32 -10.14 66.62
C ARG L 144 -67.61 -11.51 66.57
N CYS L 145 -68.16 -12.47 65.82
CA CYS L 145 -67.55 -13.80 65.67
C CYS L 145 -66.11 -13.64 65.29
N ALA L 146 -66.01 -13.26 64.02
CA ALA L 146 -64.77 -13.05 63.30
C ALA L 146 -63.80 -12.20 64.08
N HIS L 147 -64.32 -11.20 64.78
CA HIS L 147 -63.44 -10.33 65.53
C HIS L 147 -62.96 -10.99 66.82
N ASN L 148 -63.83 -11.76 67.46
CA ASN L 148 -63.45 -12.44 68.68
C ASN L 148 -62.51 -13.63 68.46
N CYS L 149 -62.45 -14.18 67.23
CA CYS L 149 -61.55 -15.33 66.96
C CYS L 149 -60.11 -15.07 67.27
N GLY L 150 -59.49 -16.04 67.95
CA GLY L 150 -58.07 -15.94 68.23
C GLY L 150 -57.39 -17.05 67.45
N SER L 151 -58.16 -17.77 66.64
CA SER L 151 -57.61 -18.89 65.88
C SER L 151 -57.56 -18.73 64.37
N PHE L 152 -57.83 -17.52 63.87
CA PHE L 152 -57.78 -17.23 62.44
C PHE L 152 -58.70 -18.09 61.58
N VAL L 153 -59.87 -18.41 62.12
CA VAL L 153 -60.83 -19.22 61.41
C VAL L 153 -61.63 -18.40 60.39
N TYR L 154 -61.95 -17.16 60.76
CA TYR L 154 -62.77 -16.31 59.90
C TYR L 154 -62.06 -15.38 58.95
N GLU L 155 -62.71 -15.16 57.81
CA GLU L 155 -62.23 -14.27 56.76
C GLU L 155 -63.53 -13.58 56.34
N PHE L 156 -63.72 -12.34 56.80
CA PHE L 156 -64.92 -11.58 56.47
C PHE L 156 -64.63 -10.54 55.41
N LEU L 157 -65.42 -10.52 54.35
CA LEU L 157 -65.19 -9.55 53.30
C LEU L 157 -66.42 -8.99 52.62
N LYS L 158 -66.23 -7.87 51.94
CA LYS L 158 -67.29 -7.21 51.20
C LYS L 158 -66.66 -7.00 49.84
N THR L 159 -67.11 -7.74 48.85
CA THR L 159 -66.54 -7.64 47.52
C THR L 159 -67.55 -7.98 46.44
N THR L 160 -67.08 -8.13 45.21
CA THR L 160 -67.95 -8.46 44.09
C THR L 160 -68.08 -9.97 43.94
N PRO L 161 -69.15 -10.44 43.30
CA PRO L 161 -69.35 -11.87 43.11
C PRO L 161 -68.19 -12.50 42.34
N GLU L 162 -67.61 -11.72 41.43
CA GLU L 162 -66.48 -12.16 40.63
C GLU L 162 -65.28 -12.43 41.52
N ALA L 163 -65.02 -11.54 42.46
CA ALA L 163 -63.90 -11.70 43.38
C ALA L 163 -64.10 -12.92 44.27
N MET L 164 -65.32 -13.10 44.77
CA MET L 164 -65.64 -14.24 45.63
C MET L 164 -65.54 -15.54 44.84
N ALA L 165 -65.99 -15.50 43.59
CA ALA L 165 -65.94 -16.68 42.74
C ALA L 165 -64.51 -17.16 42.57
N LYS L 166 -63.60 -16.23 42.36
CA LYS L 166 -62.19 -16.56 42.19
C LYS L 166 -61.62 -17.16 43.47
N LYS L 167 -62.00 -16.59 44.62
CA LYS L 167 -61.53 -17.08 45.90
C LYS L 167 -62.02 -18.51 46.15
N VAL L 168 -63.31 -18.73 45.89
CA VAL L 168 -63.91 -20.05 46.07
C VAL L 168 -63.15 -21.08 45.26
N GLU L 169 -62.83 -20.72 44.02
CA GLU L 169 -62.12 -21.62 43.12
C GLU L 169 -60.68 -21.91 43.54
N GLU L 170 -59.96 -20.88 43.99
CA GLU L 170 -58.57 -21.04 44.40
C GLU L 170 -58.42 -21.77 45.74
N GLU L 171 -59.42 -21.63 46.61
CA GLU L 171 -59.36 -22.27 47.92
C GLU L 171 -60.28 -23.47 48.09
N GLY L 172 -60.91 -23.91 47.00
CA GLY L 172 -61.80 -25.05 47.07
C GLY L 172 -62.85 -24.89 48.17
N LEU L 173 -63.40 -23.69 48.29
CA LEU L 173 -64.41 -23.43 49.30
C LEU L 173 -65.72 -24.12 48.95
N GLU L 174 -66.48 -24.49 49.97
CA GLU L 174 -67.74 -25.19 49.77
C GLU L 174 -68.80 -24.68 50.75
N VAL L 175 -70.06 -24.91 50.40
CA VAL L 175 -71.16 -24.50 51.27
C VAL L 175 -71.84 -25.74 51.83
N ILE L 176 -72.62 -25.54 52.89
CA ILE L 176 -73.36 -26.63 53.52
C ILE L 176 -74.60 -26.91 52.68
N LYS L 177 -74.91 -28.18 52.46
CA LYS L 177 -76.07 -28.60 51.68
C LYS L 177 -76.29 -27.82 50.38
N PRO L 178 -75.33 -27.90 49.45
CA PRO L 178 -75.46 -27.18 48.18
C PRO L 178 -76.72 -27.58 47.42
N GLU L 179 -77.09 -28.85 47.53
CA GLU L 179 -78.26 -29.40 46.86
C GLU L 179 -79.55 -28.63 47.14
N LEU L 180 -79.62 -27.96 48.27
CA LEU L 180 -80.82 -27.20 48.60
C LEU L 180 -80.98 -26.01 47.66
N GLY L 181 -79.87 -25.59 47.07
CA GLY L 181 -79.91 -24.47 46.14
C GLY L 181 -80.30 -23.13 46.74
N THR L 182 -79.97 -22.90 48.01
CA THR L 182 -80.29 -21.62 48.64
C THR L 182 -79.19 -20.59 48.39
N LYS L 183 -78.04 -21.07 47.91
CA LYS L 183 -76.88 -20.23 47.61
C LYS L 183 -76.37 -19.42 48.81
N PRO L 184 -75.84 -20.11 49.83
CA PRO L 184 -75.32 -19.44 51.03
C PRO L 184 -74.14 -18.52 50.68
N ARG L 185 -73.91 -17.49 51.48
CA ARG L 185 -72.79 -16.61 51.24
C ARG L 185 -71.75 -16.86 52.34
N VAL L 186 -71.99 -17.89 53.13
CA VAL L 186 -71.06 -18.30 54.16
C VAL L 186 -70.38 -19.54 53.58
N TYR L 187 -69.08 -19.45 53.36
CA TYR L 187 -68.32 -20.56 52.78
C TYR L 187 -67.40 -21.23 53.78
N TYR L 188 -67.12 -22.50 53.53
CA TYR L 188 -66.25 -23.29 54.40
C TYR L 188 -65.03 -23.81 53.68
N LYS L 189 -63.89 -23.73 54.35
CA LYS L 189 -62.62 -24.20 53.82
C LYS L 189 -62.31 -25.48 54.59
N ASN L 190 -61.83 -26.51 53.90
CA ASN L 190 -61.51 -27.79 54.53
C ASN L 190 -62.74 -28.43 55.18
N LEU L 191 -63.89 -28.28 54.53
CA LEU L 191 -65.14 -28.83 55.04
C LEU L 191 -65.14 -30.34 55.09
N TYR L 192 -64.22 -30.97 54.37
CA TYR L 192 -64.14 -32.43 54.36
C TYR L 192 -63.85 -32.98 55.76
N ARG L 193 -63.16 -32.18 56.57
CA ARG L 193 -62.83 -32.57 57.95
C ARG L 193 -64.09 -32.91 58.74
N PHE L 194 -65.16 -32.16 58.45
CA PHE L 194 -66.43 -32.32 59.13
C PHE L 194 -67.42 -33.23 58.40
N GLU L 195 -67.50 -33.09 57.08
CA GLU L 195 -68.46 -33.87 56.28
C GLU L 195 -68.01 -35.23 55.73
N LYS L 196 -66.72 -35.41 55.51
CA LYS L 196 -66.24 -36.67 54.96
C LYS L 196 -65.63 -37.60 55.99
N ASN L 197 -65.01 -38.67 55.51
CA ASN L 197 -64.40 -39.67 56.38
C ASN L 197 -63.03 -40.11 55.92
N TYR L 198 -62.35 -40.89 56.77
CA TYR L 198 -61.02 -41.37 56.47
C TYR L 198 -60.79 -42.82 56.85
N VAL L 199 -59.67 -43.36 56.38
CA VAL L 199 -59.24 -44.70 56.70
C VAL L 199 -57.80 -44.49 57.14
N THR L 200 -57.39 -45.19 58.20
CA THR L 200 -56.05 -45.05 58.72
C THR L 200 -55.59 -46.35 59.34
N ALA L 201 -54.28 -46.49 59.54
CA ALA L 201 -53.73 -47.70 60.14
C ALA L 201 -52.26 -47.50 60.51
N GLY L 202 -51.70 -48.47 61.20
CA GLY L 202 -50.29 -48.43 61.59
C GLY L 202 -49.62 -49.67 61.05
N ILE L 203 -48.61 -49.49 60.20
CA ILE L 203 -47.90 -50.61 59.62
C ILE L 203 -46.68 -51.00 60.45
N LEU L 204 -46.60 -52.28 60.79
CA LEU L 204 -45.48 -52.79 61.58
C LEU L 204 -44.73 -53.85 60.78
N VAL L 205 -43.40 -53.77 60.80
CA VAL L 205 -42.57 -54.76 60.14
C VAL L 205 -41.70 -55.32 61.24
N GLN L 206 -41.83 -56.62 61.49
CA GLN L 206 -41.07 -57.28 62.53
C GLN L 206 -41.28 -56.65 63.90
N GLY L 207 -42.52 -56.27 64.19
CA GLY L 207 -42.83 -55.68 65.47
C GLY L 207 -42.57 -54.20 65.68
N ASP L 208 -41.96 -53.53 64.70
CA ASP L 208 -41.68 -52.11 64.84
C ASP L 208 -42.33 -51.25 63.77
N CYS L 209 -42.70 -50.03 64.15
CA CYS L 209 -43.32 -49.10 63.24
C CYS L 209 -42.44 -48.97 62.00
N PHE L 210 -43.05 -49.12 60.83
CA PHE L 210 -42.30 -49.04 59.58
C PHE L 210 -42.56 -47.78 58.78
N GLU L 211 -41.53 -46.97 58.63
CA GLU L 211 -41.62 -45.73 57.89
C GLU L 211 -41.22 -45.97 56.43
N GLY L 212 -41.92 -45.32 55.51
CA GLY L 212 -41.60 -45.49 54.10
C GLY L 212 -42.41 -46.54 53.36
N ALA L 213 -43.38 -47.17 54.02
CA ALA L 213 -44.20 -48.16 53.35
C ALA L 213 -45.09 -47.43 52.36
N LYS L 214 -45.24 -47.98 51.15
CA LYS L 214 -46.07 -47.35 50.14
C LYS L 214 -47.48 -47.88 50.26
N VAL L 215 -48.43 -46.96 50.42
CA VAL L 215 -49.83 -47.34 50.57
C VAL L 215 -50.66 -46.73 49.45
N VAL L 216 -51.57 -47.51 48.91
CA VAL L 216 -52.44 -47.06 47.84
C VAL L 216 -53.91 -47.35 48.15
N LEU L 217 -54.76 -46.36 47.92
CA LEU L 217 -56.18 -46.52 48.15
C LEU L 217 -56.85 -46.53 46.78
N LYS L 218 -57.63 -47.59 46.52
CA LYS L 218 -58.30 -47.72 45.25
C LYS L 218 -59.80 -47.88 45.42
N SER L 219 -60.54 -47.52 44.37
CA SER L 219 -61.99 -47.64 44.35
C SER L 219 -62.35 -48.21 42.98
N GLY L 220 -62.99 -49.38 42.99
CA GLY L 220 -63.36 -50.02 41.74
C GLY L 220 -62.16 -50.70 41.11
N GLY L 221 -60.97 -50.14 41.33
CA GLY L 221 -59.76 -50.70 40.78
C GLY L 221 -58.74 -49.63 40.43
N LYS L 222 -59.18 -48.38 40.44
CA LYS L 222 -58.31 -47.25 40.13
C LYS L 222 -57.88 -46.52 41.40
N GLU L 223 -56.62 -46.11 41.44
CA GLU L 223 -56.08 -45.39 42.58
C GLU L 223 -56.86 -44.12 42.88
N VAL L 224 -57.14 -43.90 44.15
CA VAL L 224 -57.87 -42.71 44.59
C VAL L 224 -56.89 -41.82 45.36
N ALA L 225 -55.93 -42.45 46.03
CA ALA L 225 -54.93 -41.73 46.81
C ALA L 225 -53.75 -42.65 47.14
N SER L 226 -52.65 -42.04 47.57
CA SER L 226 -51.47 -42.81 47.93
C SER L 226 -50.62 -41.99 48.89
N ALA L 227 -49.73 -42.67 49.60
CA ALA L 227 -48.85 -42.00 50.54
C ALA L 227 -47.85 -43.00 51.09
N GLU L 228 -46.86 -42.48 51.80
CA GLU L 228 -45.85 -43.32 52.42
C GLU L 228 -45.99 -43.10 53.93
N THR L 229 -46.00 -44.19 54.68
CA THR L 229 -46.14 -44.12 56.12
C THR L 229 -45.10 -43.21 56.78
N ASN L 230 -45.49 -42.57 57.89
CA ASN L 230 -44.57 -41.70 58.62
C ASN L 230 -43.76 -42.54 59.58
N PHE L 231 -43.03 -41.90 60.51
CA PHE L 231 -42.21 -42.70 61.41
C PHE L 231 -42.99 -43.55 62.41
N PHE L 232 -44.30 -43.33 62.50
CA PHE L 232 -45.12 -44.14 63.39
C PHE L 232 -45.75 -45.26 62.57
N GLY L 233 -45.32 -45.36 61.31
CA GLY L 233 -45.85 -46.38 60.41
C GLY L 233 -47.27 -46.11 59.99
N GLU L 234 -47.75 -44.90 60.21
CA GLU L 234 -49.12 -44.57 59.89
C GLU L 234 -49.35 -43.79 58.60
N PHE L 235 -50.59 -43.89 58.12
CA PHE L 235 -51.05 -43.21 56.92
C PHE L 235 -52.52 -42.88 57.20
N LYS L 236 -53.04 -41.83 56.57
CA LYS L 236 -54.43 -41.44 56.76
C LYS L 236 -54.99 -40.83 55.49
N PHE L 237 -55.96 -41.51 54.89
CA PHE L 237 -56.60 -41.03 53.66
C PHE L 237 -57.91 -40.38 54.09
N ASP L 238 -57.98 -39.06 53.97
CA ASP L 238 -59.16 -38.31 54.39
C ASP L 238 -59.99 -37.85 53.19
N ALA L 239 -61.11 -37.18 53.48
CA ALA L 239 -62.02 -36.66 52.46
C ALA L 239 -62.59 -37.76 51.57
N LEU L 240 -62.90 -38.90 52.17
CA LEU L 240 -63.46 -40.02 51.41
C LEU L 240 -64.98 -40.00 51.41
N ASP L 241 -65.56 -40.20 50.22
CA ASP L 241 -67.02 -40.26 50.10
C ASP L 241 -67.34 -41.69 50.49
N ASN L 242 -68.60 -41.97 50.81
CA ASN L 242 -68.98 -43.31 51.19
C ASN L 242 -68.77 -44.26 50.01
N GLY L 243 -68.49 -45.52 50.32
CA GLY L 243 -68.26 -46.49 49.27
C GLY L 243 -67.33 -47.60 49.72
N GLU L 244 -67.03 -48.51 48.81
CA GLU L 244 -66.13 -49.62 49.13
C GLU L 244 -64.79 -49.34 48.48
N TYR L 245 -63.73 -49.41 49.28
CA TYR L 245 -62.39 -49.17 48.78
C TYR L 245 -61.49 -50.37 49.03
N THR L 246 -60.31 -50.31 48.45
CA THR L 246 -59.31 -51.35 48.62
C THR L 246 -58.01 -50.68 49.00
N VAL L 247 -57.36 -51.20 50.05
CA VAL L 247 -56.11 -50.65 50.50
C VAL L 247 -55.00 -51.64 50.19
N GLU L 248 -53.93 -51.16 49.56
CA GLU L 248 -52.81 -52.01 49.22
C GLU L 248 -51.55 -51.47 49.86
N ILE L 249 -50.85 -52.32 50.59
CA ILE L 249 -49.64 -51.90 51.28
C ILE L 249 -48.42 -52.71 50.84
N ASP L 250 -47.35 -51.98 50.52
CA ASP L 250 -46.10 -52.62 50.09
C ASP L 250 -45.00 -52.13 51.02
N ALA L 251 -44.31 -53.07 51.66
CA ALA L 251 -43.24 -52.71 52.58
C ALA L 251 -42.23 -53.84 52.79
N ASP L 252 -40.96 -53.49 52.67
CA ASP L 252 -39.85 -54.44 52.85
C ASP L 252 -40.09 -55.78 52.16
N GLY L 253 -40.32 -55.74 50.85
CA GLY L 253 -40.54 -56.95 50.10
C GLY L 253 -41.83 -57.69 50.40
N LYS L 254 -42.66 -57.13 51.26
CA LYS L 254 -43.93 -57.75 51.63
C LYS L 254 -45.11 -56.90 51.20
N SER L 255 -46.26 -57.54 51.03
CA SER L 255 -47.46 -56.81 50.62
C SER L 255 -48.67 -57.20 51.46
N TYR L 256 -49.65 -56.31 51.50
CA TYR L 256 -50.87 -56.51 52.26
C TYR L 256 -51.99 -55.78 51.53
N SER L 257 -53.18 -56.36 51.56
CA SER L 257 -54.32 -55.73 50.90
C SER L 257 -55.59 -56.17 51.61
N ASP L 258 -56.56 -55.27 51.66
CA ASP L 258 -57.82 -55.56 52.30
C ASP L 258 -58.85 -54.57 51.78
N THR L 259 -60.13 -54.90 51.95
CA THR L 259 -61.19 -54.02 51.49
C THR L 259 -61.73 -53.25 52.69
N VAL L 260 -62.10 -52.00 52.47
CA VAL L 260 -62.64 -51.18 53.54
C VAL L 260 -63.89 -50.45 53.08
N VAL L 261 -64.92 -50.47 53.92
CA VAL L 261 -66.17 -49.81 53.59
C VAL L 261 -66.33 -48.54 54.39
N ILE L 262 -66.60 -47.44 53.68
CA ILE L 262 -66.82 -46.16 54.32
C ILE L 262 -68.32 -45.90 54.23
N ASP L 263 -68.98 -45.86 55.38
CA ASP L 263 -70.42 -45.62 55.44
C ASP L 263 -70.72 -44.63 56.55
N ASP L 264 -70.42 -43.36 56.29
CA ASP L 264 -70.63 -42.27 57.23
C ASP L 264 -69.79 -42.41 58.50
N LYS L 265 -68.71 -43.17 58.41
CA LYS L 265 -67.80 -43.37 59.54
C LYS L 265 -66.37 -43.50 59.06
N SER L 266 -65.42 -43.16 59.92
CA SER L 266 -64.01 -43.27 59.57
C SER L 266 -63.53 -44.57 60.20
N VAL L 267 -62.57 -45.22 59.54
CA VAL L 267 -62.10 -46.52 60.00
C VAL L 267 -60.62 -46.64 60.36
N ASP L 268 -60.37 -47.24 61.52
CA ASP L 268 -59.00 -47.50 61.96
C ASP L 268 -58.78 -48.99 61.74
N LEU L 269 -57.91 -49.33 60.80
CA LEU L 269 -57.63 -50.73 60.50
C LEU L 269 -56.74 -51.36 61.57
N GLY L 270 -56.28 -50.55 62.52
CA GLY L 270 -55.42 -51.04 63.58
C GLY L 270 -54.00 -51.25 63.12
N PHE L 271 -53.27 -52.13 63.82
CA PHE L 271 -51.89 -52.45 63.46
C PHE L 271 -51.86 -53.51 62.37
N ILE L 272 -51.21 -53.19 61.25
CA ILE L 272 -51.10 -54.15 60.15
C ILE L 272 -49.68 -54.70 60.24
N LYS L 273 -49.56 -55.94 60.69
CA LYS L 273 -48.27 -56.58 60.87
C LYS L 273 -47.78 -57.30 59.63
N LEU L 274 -46.58 -56.93 59.19
CA LEU L 274 -45.98 -57.53 58.01
C LEU L 274 -44.63 -58.16 58.38
N MET M 1 39.62 0.95 -62.53
CA MET M 1 39.53 1.32 -63.98
C MET M 1 38.27 2.14 -64.25
N GLY M 2 37.44 2.33 -63.22
CA GLY M 2 36.22 3.08 -63.38
C GLY M 2 35.67 3.67 -62.09
N GLU M 3 34.54 4.36 -62.20
CA GLU M 3 33.91 4.98 -61.03
C GLU M 3 32.93 4.03 -60.35
N VAL M 4 32.60 4.34 -59.09
CA VAL M 4 31.65 3.53 -58.34
C VAL M 4 30.25 3.89 -58.85
N VAL M 5 29.43 2.88 -59.11
CA VAL M 5 28.07 3.10 -59.59
C VAL M 5 27.09 2.46 -58.62
N ARG M 6 25.99 3.15 -58.35
CA ARG M 6 24.99 2.62 -57.44
C ARG M 6 23.90 1.94 -58.24
N LEU M 7 23.73 0.64 -58.04
CA LEU M 7 22.71 -0.13 -58.74
C LEU M 7 21.69 -0.64 -57.74
N THR M 8 20.66 -1.31 -58.25
CA THR M 8 19.61 -1.85 -57.42
C THR M 8 19.46 -3.35 -57.62
N ASN M 9 19.02 -4.03 -56.58
CA ASN M 9 18.76 -5.46 -56.63
C ASN M 9 17.98 -5.78 -55.36
N SER M 10 17.67 -7.04 -55.13
CA SER M 10 16.89 -7.38 -53.95
C SER M 10 17.24 -8.78 -53.47
N SER M 11 16.52 -9.25 -52.46
CA SER M 11 16.77 -10.57 -51.90
C SER M 11 15.63 -11.00 -51.00
N THR M 12 15.72 -12.22 -50.49
CA THR M 12 14.72 -12.76 -49.58
C THR M 12 14.82 -12.00 -48.26
N GLY M 13 15.79 -11.08 -48.17
CA GLY M 13 15.96 -10.30 -46.96
C GLY M 13 15.72 -8.81 -47.19
N GLY M 14 15.13 -8.48 -48.34
CA GLY M 14 14.84 -7.09 -48.64
C GLY M 14 15.64 -6.48 -49.78
N PRO M 15 15.15 -5.36 -50.35
CA PRO M 15 15.80 -4.63 -51.45
C PRO M 15 17.10 -3.98 -50.99
N VAL M 16 18.04 -3.80 -51.90
CA VAL M 16 19.30 -3.17 -51.55
C VAL M 16 19.87 -2.32 -52.66
N PHE M 17 20.73 -1.39 -52.27
CA PHE M 17 21.45 -0.54 -53.20
C PHE M 17 22.79 -1.26 -53.24
N VAL M 18 23.27 -1.55 -54.44
CA VAL M 18 24.53 -2.26 -54.59
C VAL M 18 25.54 -1.36 -55.28
N TYR M 19 26.65 -1.11 -54.60
CA TYR M 19 27.71 -0.26 -55.15
C TYR M 19 28.73 -1.13 -55.86
N VAL M 20 28.94 -0.84 -57.13
CA VAL M 20 29.87 -1.62 -57.95
C VAL M 20 30.95 -0.76 -58.60
N LYS M 21 32.16 -1.32 -58.66
CA LYS M 21 33.29 -0.64 -59.28
C LYS M 21 34.16 -1.68 -59.98
N ASP M 22 34.47 -1.43 -61.24
CA ASP M 22 35.29 -2.35 -62.02
C ASP M 22 34.79 -3.79 -61.96
N GLY M 23 33.49 -3.96 -62.19
CA GLY M 23 32.90 -5.28 -62.17
C GLY M 23 32.93 -6.03 -60.85
N LYS M 24 33.14 -5.31 -59.76
CA LYS M 24 33.20 -5.93 -58.44
C LYS M 24 32.26 -5.22 -57.45
N ILE M 25 31.52 -6.00 -56.67
CA ILE M 25 30.60 -5.44 -55.69
C ILE M 25 31.38 -4.92 -54.49
N ILE M 26 31.17 -3.66 -54.16
CA ILE M 26 31.85 -3.04 -53.03
C ILE M 26 31.05 -3.21 -51.74
N ARG M 27 29.75 -2.91 -51.80
CA ARG M 27 28.89 -3.06 -50.63
C ARG M 27 27.42 -3.16 -51.04
N MET M 28 26.59 -3.62 -50.10
CA MET M 28 25.15 -3.75 -50.29
C MET M 28 24.55 -3.06 -49.08
N THR M 29 23.58 -2.17 -49.30
CA THR M 29 22.98 -1.44 -48.19
C THR M 29 21.47 -1.31 -48.29
N PRO M 30 20.80 -0.93 -47.20
CA PRO M 30 19.34 -0.76 -47.18
C PRO M 30 19.10 0.45 -48.10
N MET M 31 17.85 0.70 -48.47
CA MET M 31 17.58 1.82 -49.36
C MET M 31 16.95 3.05 -48.72
N ASP M 32 17.51 4.21 -49.04
CA ASP M 32 16.99 5.47 -48.63
C ASP M 32 16.12 6.09 -49.70
N PHE M 33 14.94 6.53 -49.39
CA PHE M 33 14.07 7.11 -50.41
C PHE M 33 14.51 8.54 -50.70
N ASP M 34 14.27 8.99 -51.93
CA ASP M 34 14.61 10.35 -52.35
C ASP M 34 13.27 11.07 -52.42
N ASP M 35 12.96 11.88 -51.41
CA ASP M 35 11.70 12.59 -51.35
C ASP M 35 11.38 13.49 -52.52
N ALA M 36 12.37 13.72 -53.38
CA ALA M 36 12.14 14.56 -54.55
C ALA M 36 11.50 13.75 -55.68
N VAL M 37 11.76 12.44 -55.68
CA VAL M 37 11.21 11.58 -56.72
C VAL M 37 10.38 10.39 -56.23
N ASP M 38 10.50 10.06 -54.94
CA ASP M 38 9.75 8.93 -54.40
C ASP M 38 8.50 9.42 -53.67
N ALA M 39 7.36 8.85 -54.03
CA ALA M 39 6.07 9.23 -53.45
C ALA M 39 5.99 9.18 -51.92
N PRO M 40 5.18 10.07 -51.32
CA PRO M 40 4.96 10.20 -49.89
C PRO M 40 4.41 8.92 -49.28
N SER M 41 4.71 8.70 -48.00
CA SER M 41 4.28 7.52 -47.28
C SER M 41 2.87 7.67 -46.72
N TRP M 42 2.28 6.56 -46.31
CA TRP M 42 0.95 6.58 -45.72
C TRP M 42 1.07 7.17 -44.32
N LYS M 43 -0.08 7.50 -43.74
CA LYS M 43 -0.12 8.05 -42.39
C LYS M 43 -1.35 7.46 -41.73
N ILE M 44 -1.24 7.16 -40.44
CA ILE M 44 -2.36 6.62 -39.68
C ILE M 44 -2.55 7.51 -38.46
N GLU M 45 -3.77 8.00 -38.27
CA GLU M 45 -4.08 8.83 -37.11
C GLU M 45 -4.80 7.94 -36.10
N ALA M 46 -4.20 7.76 -34.93
CA ALA M 46 -4.80 6.92 -33.90
C ALA M 46 -4.50 7.47 -32.52
N ARG M 47 -5.54 7.61 -31.71
CA ARG M 47 -5.42 8.13 -30.36
C ARG M 47 -4.72 9.49 -30.32
N GLY M 48 -5.15 10.40 -31.20
CA GLY M 48 -4.56 11.73 -31.25
C GLY M 48 -3.18 11.83 -31.85
N LYS M 49 -2.53 10.69 -32.05
CA LYS M 49 -1.18 10.67 -32.63
C LYS M 49 -1.20 10.36 -34.13
N THR M 50 -0.11 10.70 -34.79
CA THR M 50 0.03 10.45 -36.23
C THR M 50 1.22 9.53 -36.42
N PHE M 51 0.97 8.37 -37.03
CA PHE M 51 2.02 7.40 -37.26
C PHE M 51 2.35 7.28 -38.74
N THR M 52 3.62 7.44 -39.07
CA THR M 52 4.08 7.34 -40.44
C THR M 52 5.42 6.63 -40.39
N PRO M 53 5.67 5.74 -41.35
CA PRO M 53 6.92 4.96 -41.40
C PRO M 53 8.17 5.72 -41.84
N PRO M 54 9.36 5.14 -41.55
CA PRO M 54 10.63 5.76 -41.92
C PRO M 54 10.71 5.76 -43.45
N ARG M 55 11.33 6.79 -44.02
CA ARG M 55 11.49 6.89 -45.47
C ARG M 55 12.69 6.04 -45.90
N LYS M 56 12.63 4.75 -45.58
CA LYS M 56 13.76 3.86 -45.89
C LYS M 56 13.34 2.41 -45.75
N THR M 57 14.08 1.50 -46.37
CA THR M 57 13.77 0.08 -46.25
C THR M 57 14.71 -0.50 -45.19
N SER M 58 14.57 -1.79 -44.91
CA SER M 58 15.41 -2.46 -43.94
C SER M 58 15.76 -3.83 -44.50
N ILE M 59 16.82 -4.43 -43.97
CA ILE M 59 17.23 -5.74 -44.45
C ILE M 59 17.50 -6.72 -43.31
N ALA M 60 17.49 -8.01 -43.63
CA ALA M 60 17.76 -9.05 -42.65
C ALA M 60 19.28 -9.26 -42.61
N PRO M 61 19.78 -9.91 -41.55
CA PRO M 61 21.22 -10.17 -41.37
C PRO M 61 21.86 -10.92 -42.54
N TYR M 62 21.17 -11.95 -43.02
CA TYR M 62 21.68 -12.76 -44.12
C TYR M 62 21.78 -12.00 -45.44
N THR M 63 21.08 -10.87 -45.54
CA THR M 63 21.17 -10.07 -46.74
C THR M 63 22.32 -9.08 -46.56
N ALA M 64 22.53 -8.64 -45.31
CA ALA M 64 23.61 -7.70 -45.00
C ALA M 64 24.98 -8.29 -45.33
N GLY M 65 25.13 -9.60 -45.16
CA GLY M 65 26.40 -10.23 -45.47
C GLY M 65 26.33 -11.11 -46.69
N PHE M 66 25.32 -10.89 -47.52
CA PHE M 66 25.13 -11.71 -48.72
C PHE M 66 26.32 -11.69 -49.66
N LYS M 67 27.07 -10.59 -49.69
CA LYS M 67 28.22 -10.51 -50.58
C LYS M 67 29.16 -11.69 -50.38
N SER M 68 29.25 -12.19 -49.14
CA SER M 68 30.12 -13.31 -48.83
C SER M 68 29.62 -14.63 -49.40
N MET M 69 28.34 -14.68 -49.78
CA MET M 69 27.78 -15.90 -50.37
C MET M 69 28.01 -15.87 -51.88
N ILE M 70 27.97 -14.68 -52.45
CA ILE M 70 28.20 -14.49 -53.88
C ILE M 70 29.65 -14.88 -54.19
N TYR M 71 30.57 -14.37 -53.38
CA TYR M 71 31.99 -14.65 -53.59
C TYR M 71 32.51 -15.81 -52.74
N SER M 72 31.63 -16.72 -52.36
CA SER M 72 31.99 -17.87 -51.56
C SER M 72 32.94 -18.84 -52.28
N ASP M 73 33.86 -19.41 -51.54
CA ASP M 73 34.81 -20.37 -52.10
C ASP M 73 34.18 -21.76 -52.21
N LEU M 74 32.94 -21.89 -51.72
CA LEU M 74 32.20 -23.14 -51.80
C LEU M 74 31.23 -23.02 -52.97
N ARG M 75 31.42 -21.96 -53.72
CA ARG M 75 30.62 -21.69 -54.90
C ARG M 75 30.99 -22.80 -55.91
N ILE M 76 30.01 -23.39 -56.59
CA ILE M 76 30.33 -24.41 -57.58
C ILE M 76 31.04 -23.63 -58.70
N PRO M 77 32.33 -23.91 -58.90
CA PRO M 77 33.21 -23.27 -59.89
C PRO M 77 32.92 -23.52 -61.37
N TYR M 78 32.50 -24.73 -61.69
CA TYR M 78 32.26 -25.11 -63.08
C TYR M 78 31.53 -26.45 -63.11
N PRO M 79 31.08 -26.88 -64.30
CA PRO M 79 30.38 -28.17 -64.34
C PRO M 79 31.30 -29.25 -63.79
N MET M 80 30.73 -30.17 -63.01
CA MET M 80 31.52 -31.24 -62.42
C MET M 80 30.90 -32.60 -62.67
N LYS M 81 31.73 -33.63 -62.66
CA LYS M 81 31.27 -34.99 -62.89
C LYS M 81 31.90 -35.95 -61.88
N ARG M 82 31.10 -36.86 -61.34
CA ARG M 82 31.57 -37.84 -60.37
C ARG M 82 32.52 -38.79 -61.12
N LYS M 83 33.74 -38.92 -60.62
CA LYS M 83 34.75 -39.77 -61.26
C LYS M 83 34.31 -41.22 -61.41
N SER M 84 33.68 -41.76 -60.38
CA SER M 84 33.23 -43.15 -60.39
C SER M 84 31.98 -43.40 -61.23
N PHE M 85 31.49 -42.38 -61.92
CA PHE M 85 30.28 -42.52 -62.74
C PHE M 85 30.62 -42.57 -64.24
N ASP M 86 30.33 -43.69 -64.88
CA ASP M 86 30.57 -43.85 -66.31
C ASP M 86 29.23 -44.17 -66.98
N PRO M 87 28.68 -43.20 -67.73
CA PRO M 87 27.41 -43.32 -68.44
C PRO M 87 27.30 -44.58 -69.32
N ASN M 88 28.37 -44.90 -70.03
CA ASN M 88 28.37 -46.07 -70.91
C ASN M 88 29.08 -47.27 -70.31
N GLY M 89 29.27 -47.25 -69.00
CA GLY M 89 29.93 -48.36 -68.33
C GLY M 89 29.38 -48.55 -66.93
N GLU M 90 30.29 -48.70 -65.96
CA GLU M 90 29.87 -48.88 -64.57
C GLU M 90 29.44 -47.55 -63.99
N ARG M 91 28.18 -47.45 -63.60
CA ARG M 91 27.66 -46.20 -63.03
C ARG M 91 27.94 -46.10 -61.54
N ASN M 92 28.29 -47.22 -60.93
CA ASN M 92 28.60 -47.28 -59.50
C ASN M 92 27.69 -46.44 -58.61
N PRO M 93 26.39 -46.76 -58.60
CA PRO M 93 25.40 -46.05 -57.78
C PRO M 93 25.82 -46.02 -56.31
N GLN M 94 26.38 -47.14 -55.85
CA GLN M 94 26.79 -47.26 -54.47
C GLN M 94 27.94 -46.35 -54.04
N LEU M 95 28.54 -45.65 -55.01
CA LEU M 95 29.65 -44.76 -54.70
C LEU M 95 29.27 -43.29 -54.63
N ARG M 96 27.98 -42.99 -54.71
CA ARG M 96 27.55 -41.61 -54.60
C ARG M 96 27.77 -41.21 -53.14
N GLY M 97 28.42 -40.08 -52.92
CA GLY M 97 28.68 -39.63 -51.56
C GLY M 97 29.87 -40.33 -50.92
N ALA M 98 30.65 -41.05 -51.71
CA ALA M 98 31.82 -41.75 -51.18
C ALA M 98 32.80 -40.73 -50.60
N GLY M 99 33.00 -39.63 -51.32
CA GLY M 99 33.92 -38.60 -50.85
C GLY M 99 33.48 -38.07 -49.49
N LEU M 100 32.17 -37.86 -49.36
CA LEU M 100 31.56 -37.37 -48.14
C LEU M 100 31.82 -38.39 -47.02
N SER M 101 31.66 -39.66 -47.36
CA SER M 101 31.88 -40.74 -46.39
C SER M 101 33.32 -40.83 -45.91
N LYS M 102 34.23 -40.21 -46.65
CA LYS M 102 35.64 -40.22 -46.25
C LYS M 102 36.08 -38.79 -45.95
N GLN M 103 35.10 -37.95 -45.64
CA GLN M 103 35.33 -36.54 -45.30
C GLN M 103 36.14 -35.74 -46.31
N ASP M 104 35.89 -35.99 -47.59
CA ASP M 104 36.58 -35.29 -48.67
C ASP M 104 35.64 -35.23 -49.88
N PRO M 105 34.56 -34.43 -49.79
CA PRO M 105 33.56 -34.25 -50.83
C PRO M 105 34.09 -33.94 -52.23
N TRP M 106 34.91 -32.90 -52.34
CA TRP M 106 35.46 -32.50 -53.63
C TRP M 106 36.25 -33.58 -54.37
N SER M 107 36.89 -34.47 -53.63
CA SER M 107 37.70 -35.52 -54.24
C SER M 107 36.91 -36.48 -55.12
N ASP M 108 35.58 -36.47 -54.97
CA ASP M 108 34.71 -37.33 -55.76
C ASP M 108 34.47 -36.79 -57.16
N TYR M 109 34.80 -35.52 -57.39
CA TYR M 109 34.53 -34.91 -58.68
C TYR M 109 35.69 -34.41 -59.51
N GLU M 110 35.43 -34.29 -60.82
CA GLU M 110 36.40 -33.81 -61.79
C GLU M 110 35.69 -32.78 -62.65
N ARG M 111 36.46 -31.81 -63.14
CA ARG M 111 35.93 -30.75 -63.98
C ARG M 111 35.58 -31.20 -65.40
N ILE M 112 34.49 -30.66 -65.93
CA ILE M 112 34.06 -30.95 -67.30
C ILE M 112 33.46 -29.70 -67.89
N SER M 113 33.43 -29.63 -69.22
CA SER M 113 32.89 -28.47 -69.91
C SER M 113 31.37 -28.47 -69.88
N TRP M 114 30.79 -27.30 -70.11
CA TRP M 114 29.34 -27.17 -70.16
C TRP M 114 28.80 -28.02 -71.30
N ASP M 115 29.50 -27.97 -72.43
CA ASP M 115 29.06 -28.74 -73.60
C ASP M 115 28.97 -30.23 -73.28
N GLU M 116 29.99 -30.76 -72.62
CA GLU M 116 29.99 -32.18 -72.27
C GLU M 116 29.01 -32.53 -71.15
N ALA M 117 28.87 -31.65 -70.17
CA ALA M 117 27.96 -31.89 -69.07
C ALA M 117 26.52 -31.99 -69.60
N THR M 118 26.11 -31.00 -70.39
CA THR M 118 24.77 -31.00 -70.95
C THR M 118 24.56 -32.15 -71.93
N ASP M 119 25.59 -32.52 -72.67
CA ASP M 119 25.46 -33.63 -73.61
C ASP M 119 25.15 -34.91 -72.83
N ILE M 120 25.83 -35.09 -71.71
CA ILE M 120 25.63 -36.25 -70.86
C ILE M 120 24.22 -36.29 -70.29
N VAL M 121 23.74 -35.15 -69.81
CA VAL M 121 22.41 -35.05 -69.25
C VAL M 121 21.35 -35.29 -70.32
N VAL M 122 21.54 -34.70 -71.49
CA VAL M 122 20.60 -34.87 -72.59
C VAL M 122 20.51 -36.34 -73.02
N ALA M 123 21.64 -37.03 -73.00
CA ALA M 123 21.68 -38.44 -73.39
C ALA M 123 20.85 -39.29 -72.42
N GLU M 124 20.94 -38.97 -71.13
CA GLU M 124 20.17 -39.69 -70.12
C GLU M 124 18.68 -39.39 -70.24
N ILE M 125 18.37 -38.13 -70.45
CA ILE M 125 16.98 -37.69 -70.59
C ILE M 125 16.29 -38.44 -71.72
N ASN M 126 16.88 -38.37 -72.91
CA ASN M 126 16.31 -39.03 -74.07
C ASN M 126 16.21 -40.55 -73.96
N ARG M 127 17.23 -41.18 -73.39
CA ARG M 127 17.22 -42.63 -73.24
C ARG M 127 16.06 -43.04 -72.32
N ILE M 128 15.96 -42.36 -71.19
CA ILE M 128 14.91 -42.65 -70.22
C ILE M 128 13.50 -42.38 -70.73
N LYS M 129 13.32 -41.27 -71.45
CA LYS M 129 12.00 -40.95 -71.98
C LYS M 129 11.51 -41.98 -72.99
N HIS M 130 12.44 -42.50 -73.80
CA HIS M 130 12.07 -43.49 -74.81
C HIS M 130 11.93 -44.89 -74.24
N ALA M 131 12.51 -45.14 -73.07
CA ALA M 131 12.42 -46.46 -72.46
C ALA M 131 11.35 -46.55 -71.37
N TYR M 132 11.16 -45.46 -70.64
CA TYR M 132 10.22 -45.43 -69.54
C TYR M 132 9.20 -44.30 -69.60
N GLY M 133 9.53 -43.23 -70.31
CA GLY M 133 8.64 -42.10 -70.40
C GLY M 133 9.07 -40.95 -69.51
N PRO M 134 8.50 -39.75 -69.73
CA PRO M 134 8.79 -38.52 -68.97
C PRO M 134 8.62 -38.68 -67.46
N SER M 135 7.66 -39.51 -67.04
CA SER M 135 7.39 -39.70 -65.63
C SER M 135 8.55 -40.33 -64.88
N ALA M 136 9.46 -40.99 -65.60
CA ALA M 136 10.61 -41.63 -64.97
C ALA M 136 11.66 -40.61 -64.55
N ILE M 137 11.46 -39.36 -64.96
CA ILE M 137 12.40 -38.30 -64.61
C ILE M 137 11.85 -37.54 -63.42
N LEU M 138 12.44 -37.77 -62.25
CA LEU M 138 12.03 -37.09 -61.03
C LEU M 138 12.78 -35.77 -60.89
N SER M 139 12.09 -34.75 -60.38
CA SER M 139 12.74 -33.48 -60.17
C SER M 139 12.07 -32.67 -59.09
N THR M 140 12.84 -31.80 -58.45
CA THR M 140 12.28 -30.96 -57.42
C THR M 140 13.29 -29.95 -56.92
N PRO M 141 12.87 -28.68 -56.82
CA PRO M 141 13.79 -27.67 -56.31
C PRO M 141 13.45 -27.78 -54.84
N SER M 142 13.34 -26.64 -54.17
CA SER M 142 12.93 -26.70 -52.80
C SER M 142 12.05 -25.49 -52.55
N SER M 143 11.57 -25.33 -51.32
CA SER M 143 10.67 -24.24 -51.00
C SER M 143 11.16 -22.84 -51.35
N HIS M 144 12.38 -22.50 -50.97
CA HIS M 144 12.83 -21.15 -51.27
C HIS M 144 13.85 -20.98 -52.37
N HIS M 145 14.07 -19.74 -52.77
CA HIS M 145 14.90 -19.49 -53.92
C HIS M 145 15.44 -18.06 -53.92
N MET M 146 16.48 -17.82 -54.71
CA MET M 146 17.06 -16.49 -54.84
C MET M 146 15.92 -15.59 -55.29
N TRP M 147 15.87 -14.37 -54.78
CA TRP M 147 14.82 -13.41 -55.13
C TRP M 147 14.86 -13.03 -56.61
N GLY M 148 13.68 -12.81 -57.18
CA GLY M 148 13.59 -12.44 -58.59
C GLY M 148 12.42 -13.18 -59.21
N ASN M 149 11.39 -12.45 -59.62
CA ASN M 149 10.18 -13.07 -60.17
C ASN M 149 10.33 -13.91 -61.43
N VAL M 150 11.04 -13.40 -62.43
CA VAL M 150 11.21 -14.14 -63.68
C VAL M 150 12.08 -15.39 -63.54
N GLY M 151 13.10 -15.31 -62.68
CA GLY M 151 13.98 -16.45 -62.49
C GLY M 151 13.54 -17.42 -61.41
N TYR M 152 12.48 -17.07 -60.69
CA TYR M 152 11.99 -17.91 -59.60
C TYR M 152 11.56 -19.30 -60.10
N ARG M 153 11.60 -20.29 -59.22
CA ARG M 153 11.25 -21.66 -59.58
C ARG M 153 9.84 -21.82 -60.16
N HIS M 154 8.90 -21.00 -59.71
CA HIS M 154 7.53 -21.08 -60.22
C HIS M 154 7.48 -20.57 -61.65
N SER M 155 8.54 -19.89 -62.06
CA SER M 155 8.60 -19.29 -63.39
C SER M 155 9.52 -19.98 -64.39
N THR M 156 10.83 -19.78 -64.25
CA THR M 156 11.79 -20.38 -65.18
C THR M 156 11.88 -21.90 -65.07
N TYR M 157 11.98 -22.42 -63.84
CA TYR M 157 12.07 -23.85 -63.61
C TYR M 157 10.88 -24.61 -64.23
N PHE M 158 9.67 -24.19 -63.88
CA PHE M 158 8.47 -24.86 -64.42
C PHE M 158 8.34 -24.72 -65.94
N ARG M 159 8.62 -23.54 -66.49
CA ARG M 159 8.49 -23.38 -67.94
C ARG M 159 9.32 -24.41 -68.70
N PHE M 160 10.54 -24.68 -68.22
CA PHE M 160 11.40 -25.65 -68.88
C PHE M 160 11.04 -27.11 -68.55
N MET M 161 10.91 -27.42 -67.27
CA MET M 161 10.61 -28.79 -66.87
C MET M 161 9.30 -29.31 -67.47
N ASN M 162 8.32 -28.42 -67.60
CA ASN M 162 7.02 -28.78 -68.16
C ASN M 162 7.14 -29.18 -69.62
N MET M 163 8.17 -28.66 -70.29
CA MET M 163 8.42 -28.98 -71.69
C MET M 163 9.37 -30.18 -71.82
N MET M 164 9.91 -30.62 -70.69
CA MET M 164 10.87 -31.71 -70.69
C MET M 164 10.38 -33.05 -70.13
N GLY M 165 9.93 -33.04 -68.89
CA GLY M 165 9.45 -34.27 -68.25
C GLY M 165 8.00 -34.17 -67.81
N PHE M 166 7.68 -34.51 -66.56
CA PHE M 166 8.61 -35.00 -65.54
C PHE M 166 7.74 -35.32 -64.32
N THR M 167 8.29 -36.06 -63.36
CA THR M 167 7.54 -36.35 -62.13
C THR M 167 8.04 -35.38 -61.08
N TYR M 168 7.14 -34.55 -60.58
CA TYR M 168 7.48 -33.53 -59.58
C TYR M 168 7.32 -34.05 -58.16
N ALA M 169 8.30 -33.77 -57.31
CA ALA M 169 8.17 -34.17 -55.91
C ALA M 169 7.48 -32.95 -55.32
N ASP M 170 6.16 -32.92 -55.39
CA ASP M 170 5.40 -31.78 -54.89
C ASP M 170 5.65 -31.50 -53.42
N HIS M 171 5.78 -30.22 -53.08
CA HIS M 171 6.05 -29.80 -51.71
C HIS M 171 4.90 -29.87 -50.73
N ASN M 172 5.18 -30.42 -49.56
CA ASN M 172 4.17 -30.47 -48.51
C ASN M 172 4.08 -29.00 -48.08
N PRO M 173 2.92 -28.57 -47.55
CA PRO M 173 2.76 -27.18 -47.13
C PRO M 173 3.49 -26.95 -45.80
N ASP M 174 4.81 -27.12 -45.83
CA ASP M 174 5.66 -26.99 -44.65
C ASP M 174 5.33 -25.81 -43.74
N SER M 175 5.33 -24.62 -44.32
CA SER M 175 5.08 -23.39 -43.61
C SER M 175 3.72 -23.42 -42.88
N TRP M 176 2.71 -24.02 -43.52
CA TRP M 176 1.33 -24.08 -43.01
C TRP M 176 0.80 -25.35 -42.33
N GLU M 177 1.55 -26.44 -42.38
CA GLU M 177 1.09 -27.73 -41.85
C GLU M 177 -0.18 -27.78 -40.98
N GLY M 178 -0.09 -27.38 -39.71
CA GLY M 178 -1.25 -27.42 -38.84
C GLY M 178 -2.46 -26.65 -39.33
N TRP M 179 -2.22 -25.51 -39.98
CA TRP M 179 -3.31 -24.69 -40.50
C TRP M 179 -3.90 -25.32 -41.75
N HIS M 180 -3.04 -25.93 -42.55
CA HIS M 180 -3.44 -26.57 -43.78
C HIS M 180 -4.22 -27.87 -43.58
N TRP M 181 -3.62 -28.82 -42.86
CA TRP M 181 -4.27 -30.11 -42.64
C TRP M 181 -5.31 -30.10 -41.54
N GLY M 182 -5.31 -29.04 -40.71
CA GLY M 182 -6.26 -28.97 -39.62
C GLY M 182 -7.16 -27.74 -39.59
N GLY M 183 -6.55 -26.55 -39.56
CA GLY M 183 -7.32 -25.32 -39.52
C GLY M 183 -8.30 -25.14 -40.66
N MET M 184 -7.88 -25.53 -41.86
CA MET M 184 -8.71 -25.42 -43.05
C MET M 184 -10.11 -26.02 -42.86
N HIS M 185 -10.17 -27.16 -42.19
CA HIS M 185 -11.43 -27.85 -41.97
C HIS M 185 -12.34 -27.13 -40.99
N MET M 186 -11.72 -26.29 -40.15
CA MET M 186 -12.46 -25.55 -39.15
C MET M 186 -12.98 -24.19 -39.66
N TRP M 187 -12.20 -23.48 -40.46
CA TRP M 187 -12.66 -22.18 -40.95
C TRP M 187 -12.41 -21.85 -42.41
N GLY M 188 -11.96 -22.83 -43.18
CA GLY M 188 -11.72 -22.60 -44.60
C GLY M 188 -10.39 -21.95 -44.94
N PHE M 189 -10.43 -20.85 -45.68
CA PHE M 189 -9.21 -20.15 -46.12
C PHE M 189 -8.27 -21.09 -46.87
N SER M 190 -8.84 -22.02 -47.64
CA SER M 190 -8.00 -22.97 -48.38
C SER M 190 -7.01 -22.26 -49.30
N TRP M 191 -7.45 -21.19 -49.93
CA TRP M 191 -6.59 -20.43 -50.85
C TRP M 191 -5.39 -19.82 -50.12
N ARG M 192 -5.46 -19.77 -48.79
CA ARG M 192 -4.34 -19.25 -47.99
C ARG M 192 -3.73 -20.42 -47.22
N LEU M 193 -4.12 -21.63 -47.61
CA LEU M 193 -3.66 -22.86 -46.97
C LEU M 193 -3.96 -22.88 -45.47
N GLY M 194 -5.10 -22.28 -45.10
CA GLY M 194 -5.48 -22.28 -43.69
C GLY M 194 -5.21 -21.01 -42.90
N ASN M 195 -4.35 -20.12 -43.41
CA ASN M 195 -4.03 -18.88 -42.72
C ASN M 195 -5.14 -17.86 -42.94
N PRO M 196 -5.29 -16.90 -42.00
CA PRO M 196 -6.33 -15.88 -42.12
C PRO M 196 -5.85 -14.68 -42.93
N GLU M 197 -6.80 -13.89 -43.44
CA GLU M 197 -6.47 -12.68 -44.19
C GLU M 197 -6.03 -11.70 -43.10
N GLN M 198 -5.31 -10.65 -43.48
CA GLN M 198 -4.81 -9.69 -42.49
C GLN M 198 -4.97 -8.22 -42.88
N TYR M 199 -5.71 -7.97 -43.97
CA TYR M 199 -5.91 -6.62 -44.48
C TYR M 199 -6.27 -5.53 -43.47
N ASP M 200 -5.64 -4.37 -43.62
CA ASP M 200 -5.89 -3.19 -42.80
C ASP M 200 -5.91 -3.34 -41.28
N LEU M 201 -5.19 -4.31 -40.74
CA LEU M 201 -5.18 -4.51 -39.29
C LEU M 201 -4.28 -3.56 -38.51
N LEU M 202 -3.28 -2.95 -39.15
CA LEU M 202 -2.39 -2.04 -38.44
C LEU M 202 -3.15 -0.86 -37.83
N GLU M 203 -3.91 -0.14 -38.64
CA GLU M 203 -4.67 1.00 -38.11
C GLU M 203 -5.67 0.52 -37.04
N ASP M 204 -6.26 -0.65 -37.26
CA ASP M 204 -7.21 -1.19 -36.30
C ASP M 204 -6.50 -1.42 -34.98
N GLY M 205 -5.30 -2.00 -35.05
CA GLY M 205 -4.54 -2.28 -33.85
C GLY M 205 -4.05 -1.02 -33.16
N LEU M 206 -3.58 -0.05 -33.92
CA LEU M 206 -3.11 1.20 -33.33
C LEU M 206 -4.24 1.94 -32.62
N LYS M 207 -5.45 1.78 -33.14
CA LYS M 207 -6.61 2.43 -32.56
C LYS M 207 -7.22 1.72 -31.36
N HIS M 208 -7.24 0.40 -31.38
CA HIS M 208 -7.90 -0.36 -30.32
C HIS M 208 -7.11 -1.34 -29.45
N ALA M 209 -5.94 -1.77 -29.89
CA ALA M 209 -5.17 -2.75 -29.12
C ALA M 209 -4.81 -2.36 -27.68
N GLU M 210 -4.97 -3.32 -26.78
CA GLU M 210 -4.64 -3.13 -25.37
C GLU M 210 -3.65 -4.23 -24.98
N MET M 211 -3.73 -5.37 -25.67
CA MET M 211 -2.85 -6.49 -25.41
C MET M 211 -2.69 -7.35 -26.64
N ILE M 212 -1.51 -7.93 -26.79
CA ILE M 212 -1.23 -8.81 -27.92
C ILE M 212 -0.56 -10.05 -27.35
N VAL M 213 -1.09 -11.20 -27.71
CA VAL M 213 -0.56 -12.47 -27.27
C VAL M 213 0.18 -13.10 -28.43
N PHE M 214 1.51 -13.11 -28.34
CA PHE M 214 2.34 -13.70 -29.36
C PHE M 214 2.49 -15.18 -29.02
N TRP M 215 1.84 -16.03 -29.80
CA TRP M 215 1.87 -17.47 -29.56
C TRP M 215 2.63 -18.14 -30.70
N SER M 216 3.79 -18.72 -30.38
CA SER M 216 4.64 -19.37 -31.38
C SER M 216 4.92 -18.32 -32.45
N SER M 217 5.20 -17.11 -31.98
CA SER M 217 5.44 -15.97 -32.85
C SER M 217 6.68 -15.15 -32.49
N ASP M 218 7.60 -15.02 -33.44
CA ASP M 218 8.83 -14.25 -33.26
C ASP M 218 8.97 -13.32 -34.47
N PRO M 219 8.15 -12.26 -34.50
CA PRO M 219 8.12 -11.25 -35.57
C PRO M 219 9.50 -10.72 -35.97
N GLU M 220 10.32 -10.40 -34.97
CA GLU M 220 11.65 -9.88 -35.24
C GLU M 220 12.52 -10.85 -36.05
N THR M 221 12.51 -12.12 -35.66
CA THR M 221 13.30 -13.12 -36.35
C THR M 221 12.78 -13.45 -37.75
N ASN M 222 11.52 -13.83 -37.82
CA ASN M 222 10.91 -14.24 -39.07
C ASN M 222 10.37 -13.12 -39.98
N SER M 223 10.00 -11.99 -39.39
CA SER M 223 9.46 -10.84 -40.11
C SER M 223 8.25 -11.22 -40.95
N GLY M 224 7.60 -12.32 -40.61
CA GLY M 224 6.49 -12.79 -41.42
C GLY M 224 7.28 -13.60 -42.42
N ILE M 225 7.80 -12.92 -43.44
CA ILE M 225 8.66 -13.54 -44.45
C ILE M 225 9.14 -12.51 -45.47
N TYR M 226 10.45 -12.51 -45.73
CA TYR M 226 11.07 -11.61 -46.71
C TYR M 226 11.00 -10.11 -46.37
N ALA M 227 10.58 -9.76 -45.16
CA ALA M 227 10.42 -8.34 -44.85
C ALA M 227 11.44 -7.66 -43.92
N GLY M 228 12.67 -8.16 -43.89
CA GLY M 228 13.70 -7.56 -43.05
C GLY M 228 13.25 -7.22 -41.65
N PHE M 229 13.24 -5.93 -41.31
CA PHE M 229 12.79 -5.47 -39.99
C PHE M 229 11.77 -4.34 -40.12
N GLU M 230 10.95 -4.44 -41.16
CA GLU M 230 9.95 -3.43 -41.42
C GLU M 230 8.94 -3.21 -40.28
N SER M 231 8.59 -4.28 -39.57
CA SER M 231 7.59 -4.14 -38.50
C SER M 231 8.12 -3.73 -37.11
N ASN M 232 9.43 -3.60 -36.95
CA ASN M 232 9.98 -3.23 -35.66
C ASN M 232 9.40 -1.93 -35.07
N ILE M 233 9.31 -0.89 -35.89
CA ILE M 233 8.78 0.38 -35.41
C ILE M 233 7.30 0.29 -35.03
N ARG M 234 6.58 -0.63 -35.67
CA ARG M 234 5.16 -0.78 -35.39
C ARG M 234 4.92 -1.30 -33.96
N ARG M 235 5.73 -2.26 -33.54
CA ARG M 235 5.57 -2.79 -32.19
C ARG M 235 6.09 -1.74 -31.21
N GLN M 236 6.98 -0.87 -31.68
CA GLN M 236 7.50 0.21 -30.84
C GLN M 236 6.34 1.17 -30.58
N TRP M 237 5.58 1.48 -31.62
CA TRP M 237 4.43 2.36 -31.49
C TRP M 237 3.42 1.76 -30.51
N LEU M 238 3.11 0.48 -30.69
CA LEU M 238 2.15 -0.20 -29.83
C LEU M 238 2.64 -0.17 -28.39
N LYS M 239 3.91 -0.53 -28.19
CA LYS M 239 4.52 -0.55 -26.88
C LYS M 239 4.40 0.83 -26.22
N ASP M 240 4.69 1.88 -26.97
CA ASP M 240 4.61 3.24 -26.43
C ASP M 240 3.17 3.67 -26.17
N LEU M 241 2.21 2.96 -26.79
CA LEU M 241 0.80 3.27 -26.58
C LEU M 241 0.30 2.54 -25.33
N GLY M 242 1.19 1.78 -24.71
CA GLY M 242 0.83 1.04 -23.51
C GLY M 242 0.27 -0.35 -23.75
N VAL M 243 0.43 -0.87 -24.95
CA VAL M 243 -0.06 -2.20 -25.26
C VAL M 243 0.84 -3.24 -24.60
N ASP M 244 0.24 -4.20 -23.90
CA ASP M 244 1.00 -5.27 -23.25
C ASP M 244 1.31 -6.40 -24.23
N PHE M 245 2.50 -6.98 -24.11
CA PHE M 245 2.94 -8.06 -24.99
C PHE M 245 3.23 -9.33 -24.19
N VAL M 246 2.48 -10.40 -24.45
CA VAL M 246 2.68 -11.67 -23.76
C VAL M 246 3.20 -12.68 -24.79
N PHE M 247 4.23 -13.43 -24.42
CA PHE M 247 4.81 -14.42 -25.33
C PHE M 247 4.72 -15.86 -24.83
N ILE M 248 4.17 -16.73 -25.66
CA ILE M 248 4.04 -18.15 -25.32
C ILE M 248 4.91 -18.87 -26.35
N ASP M 249 6.04 -19.38 -25.88
CA ASP M 249 7.02 -20.03 -26.75
C ASP M 249 7.98 -20.80 -25.85
N PRO M 250 8.24 -22.09 -26.16
CA PRO M 250 9.15 -22.88 -25.34
C PRO M 250 10.47 -22.11 -25.16
N HIS M 251 10.84 -21.37 -26.19
CA HIS M 251 12.07 -20.59 -26.17
C HIS M 251 11.75 -19.10 -26.06
N MET M 252 12.48 -18.39 -25.20
CA MET M 252 12.24 -16.94 -25.08
C MET M 252 12.85 -16.39 -26.37
N ASN M 253 12.02 -16.29 -27.41
CA ASN M 253 12.48 -15.83 -28.72
C ASN M 253 13.00 -14.40 -28.77
N HIS M 254 13.60 -14.03 -29.90
CA HIS M 254 14.20 -12.72 -30.04
C HIS M 254 13.26 -11.53 -29.86
N THR M 255 12.01 -11.67 -30.29
CA THR M 255 11.06 -10.58 -30.10
C THR M 255 10.78 -10.47 -28.59
N ALA M 256 10.58 -11.62 -27.94
CA ALA M 256 10.31 -11.65 -26.51
C ALA M 256 11.46 -11.05 -25.72
N ARG M 257 12.70 -11.37 -26.13
CA ARG M 257 13.88 -10.86 -25.46
C ARG M 257 13.93 -9.33 -25.54
N LEU M 258 13.31 -8.78 -26.59
CA LEU M 258 13.29 -7.34 -26.79
C LEU M 258 12.14 -6.58 -26.14
N VAL M 259 10.92 -7.09 -26.26
CA VAL M 259 9.75 -6.38 -25.73
C VAL M 259 8.70 -7.13 -24.91
N ALA M 260 9.01 -8.32 -24.43
CA ALA M 260 8.02 -9.08 -23.66
C ALA M 260 7.69 -8.49 -22.31
N ASP M 261 6.42 -8.50 -21.95
CA ASP M 261 5.98 -8.04 -20.63
C ASP M 261 5.89 -9.30 -19.78
N LYS M 262 5.71 -10.43 -20.44
CA LYS M 262 5.62 -11.73 -19.79
C LYS M 262 5.88 -12.84 -20.80
N TRP M 263 6.54 -13.90 -20.35
CA TRP M 263 6.88 -15.03 -21.21
C TRP M 263 6.53 -16.36 -20.57
N PHE M 264 5.84 -17.22 -21.33
CA PHE M 264 5.44 -18.56 -20.92
C PHE M 264 6.25 -19.56 -21.75
N SER M 265 6.76 -20.61 -21.12
CA SER M 265 7.54 -21.63 -21.83
C SER M 265 6.92 -23.02 -21.72
N PRO M 266 5.93 -23.34 -22.56
CA PRO M 266 5.30 -24.65 -22.50
C PRO M 266 6.20 -25.77 -23.00
N LYS M 267 6.04 -26.97 -22.44
CA LYS M 267 6.81 -28.12 -22.90
C LYS M 267 6.39 -28.39 -24.35
N ILE M 268 7.30 -28.95 -25.14
CA ILE M 268 6.98 -29.24 -26.54
C ILE M 268 5.69 -30.04 -26.69
N GLY M 269 4.89 -29.66 -27.68
CA GLY M 269 3.64 -30.34 -27.97
C GLY M 269 2.52 -30.20 -26.94
N THR M 270 2.54 -29.15 -26.13
CA THR M 270 1.51 -28.98 -25.12
C THR M 270 0.74 -27.65 -25.18
N ASP M 271 0.94 -26.88 -26.25
CA ASP M 271 0.25 -25.60 -26.39
C ASP M 271 -1.26 -25.67 -26.31
N HIS M 272 -1.84 -26.70 -26.92
CA HIS M 272 -3.30 -26.81 -26.91
C HIS M 272 -3.87 -27.11 -25.54
N ALA M 273 -3.01 -27.50 -24.59
CA ALA M 273 -3.50 -27.73 -23.23
C ALA M 273 -3.80 -26.33 -22.69
N LEU M 274 -2.96 -25.37 -23.04
CA LEU M 274 -3.15 -23.99 -22.61
C LEU M 274 -4.39 -23.38 -23.27
N SER M 275 -4.55 -23.59 -24.58
CA SER M 275 -5.71 -23.04 -25.26
C SER M 275 -7.01 -23.61 -24.68
N PHE M 276 -7.01 -24.89 -24.31
CA PHE M 276 -8.22 -25.48 -23.72
C PHE M 276 -8.49 -24.93 -22.32
N ALA M 277 -7.43 -24.68 -21.55
CA ALA M 277 -7.60 -24.13 -20.20
C ALA M 277 -8.15 -22.70 -20.27
N ILE M 278 -7.71 -21.95 -21.27
CA ILE M 278 -8.18 -20.58 -21.44
C ILE M 278 -9.66 -20.60 -21.83
N ALA M 279 -10.03 -21.49 -22.75
CA ALA M 279 -11.44 -21.59 -23.17
C ALA M 279 -12.29 -22.02 -21.98
N TYR M 280 -11.77 -22.94 -21.18
CA TYR M 280 -12.46 -23.41 -19.98
C TYR M 280 -12.75 -22.23 -19.06
N THR M 281 -11.73 -21.42 -18.83
CA THR M 281 -11.86 -20.26 -17.96
C THR M 281 -12.96 -19.34 -18.48
N TRP M 282 -12.98 -19.10 -19.79
CA TRP M 282 -13.99 -18.22 -20.36
C TRP M 282 -15.39 -18.82 -20.26
N LEU M 283 -15.50 -20.14 -20.45
CA LEU M 283 -16.79 -20.81 -20.37
C LEU M 283 -17.33 -20.75 -18.94
N LYS M 284 -16.48 -21.05 -17.97
CA LYS M 284 -16.86 -21.03 -16.57
C LYS M 284 -17.20 -19.64 -16.06
N GLU M 285 -16.56 -18.62 -16.62
CA GLU M 285 -16.79 -17.26 -16.19
C GLU M 285 -17.64 -16.42 -17.15
N ASP M 286 -18.20 -17.06 -18.17
CA ASP M 286 -19.01 -16.38 -19.17
C ASP M 286 -18.30 -15.17 -19.74
N SER M 287 -16.98 -15.24 -19.86
CA SER M 287 -16.22 -14.12 -20.37
C SER M 287 -15.82 -14.23 -21.84
N TYR M 288 -16.82 -14.27 -22.73
CA TYR M 288 -16.56 -14.33 -24.17
C TYR M 288 -17.76 -13.76 -24.93
N ASP M 289 -17.62 -13.63 -26.25
CA ASP M 289 -18.68 -13.06 -27.08
C ASP M 289 -19.74 -14.09 -27.46
N LYS M 290 -20.67 -14.33 -26.54
CA LYS M 290 -21.74 -15.30 -26.77
C LYS M 290 -22.56 -15.04 -28.03
N GLU M 291 -22.91 -13.78 -28.27
CA GLU M 291 -23.69 -13.43 -29.45
C GLU M 291 -22.96 -13.85 -30.71
N TYR M 292 -21.69 -13.48 -30.81
CA TYR M 292 -20.85 -13.82 -31.96
C TYR M 292 -20.83 -15.34 -32.15
N VAL M 293 -20.53 -16.06 -31.06
CA VAL M 293 -20.46 -17.52 -31.12
C VAL M 293 -21.79 -18.13 -31.54
N ALA M 294 -22.89 -17.61 -31.02
CA ALA M 294 -24.21 -18.14 -31.36
C ALA M 294 -24.48 -18.04 -32.86
N ALA M 295 -24.00 -16.97 -33.48
CA ALA M 295 -24.24 -16.77 -34.90
C ALA M 295 -23.15 -17.27 -35.85
N ASN M 296 -21.91 -17.34 -35.38
CA ASN M 296 -20.82 -17.73 -36.26
C ASN M 296 -20.11 -19.05 -35.99
N ALA M 297 -20.60 -19.84 -35.04
CA ALA M 297 -19.96 -21.10 -34.71
C ALA M 297 -20.87 -22.30 -34.93
N HIS M 298 -20.27 -23.44 -35.26
CA HIS M 298 -21.02 -24.67 -35.49
C HIS M 298 -20.46 -25.78 -34.60
N GLY M 299 -21.36 -26.47 -33.89
CA GLY M 299 -20.96 -27.54 -33.01
C GLY M 299 -20.32 -27.06 -31.72
N PHE M 300 -20.51 -25.77 -31.40
CA PHE M 300 -19.92 -25.20 -30.20
C PHE M 300 -20.44 -25.81 -28.91
N GLU M 301 -21.75 -26.09 -28.85
CA GLU M 301 -22.33 -26.68 -27.64
C GLU M 301 -21.66 -28.00 -27.29
N GLU M 302 -21.50 -28.88 -28.28
CA GLU M 302 -20.85 -30.16 -28.03
C GLU M 302 -19.40 -29.97 -27.63
N TRP M 303 -18.75 -28.98 -28.24
CA TRP M 303 -17.35 -28.70 -27.94
C TRP M 303 -17.21 -28.20 -26.51
N ALA M 304 -18.09 -27.29 -26.10
CA ALA M 304 -18.06 -26.75 -24.75
C ALA M 304 -18.22 -27.85 -23.72
N ASP M 305 -19.04 -28.86 -24.01
CA ASP M 305 -19.22 -29.97 -23.08
C ASP M 305 -17.92 -30.76 -22.92
N TYR M 306 -17.14 -30.83 -23.98
CA TYR M 306 -15.87 -31.53 -23.94
C TYR M 306 -14.90 -30.73 -23.09
N VAL M 307 -14.80 -29.43 -23.36
CA VAL M 307 -13.89 -28.56 -22.62
C VAL M 307 -14.22 -28.62 -21.12
N LEU M 308 -15.50 -28.66 -20.80
CA LEU M 308 -15.93 -28.73 -19.41
C LEU M 308 -15.72 -30.10 -18.79
N GLY M 309 -15.32 -31.07 -19.63
CA GLY M 309 -15.06 -32.42 -19.15
C GLY M 309 -16.28 -33.30 -18.90
N LYS M 310 -17.44 -32.90 -19.37
CA LYS M 310 -18.65 -33.68 -19.15
C LYS M 310 -18.61 -34.99 -19.94
N THR M 311 -18.09 -34.95 -21.16
CA THR M 311 -18.05 -36.12 -22.02
C THR M 311 -16.83 -37.03 -21.90
N ASP M 312 -15.69 -36.51 -21.45
CA ASP M 312 -14.52 -37.36 -21.32
C ASP M 312 -14.13 -37.54 -19.86
N GLY M 313 -14.79 -36.80 -18.97
CA GLY M 313 -14.50 -36.91 -17.55
C GLY M 313 -13.35 -36.08 -17.03
N THR M 314 -12.73 -35.27 -17.90
CA THR M 314 -11.61 -34.45 -17.48
C THR M 314 -11.79 -32.97 -17.80
N PRO M 315 -12.22 -32.17 -16.82
CA PRO M 315 -12.40 -30.74 -17.07
C PRO M 315 -11.03 -30.16 -17.45
N LYS M 316 -10.98 -29.33 -18.47
CA LYS M 316 -9.70 -28.75 -18.90
C LYS M 316 -9.32 -27.52 -18.09
N THR M 317 -9.05 -27.73 -16.81
CA THR M 317 -8.69 -26.65 -15.90
C THR M 317 -7.27 -26.13 -16.12
N CYS M 318 -6.97 -24.98 -15.55
CA CYS M 318 -5.64 -24.40 -15.67
C CYS M 318 -4.64 -25.30 -14.95
N GLU M 319 -5.08 -25.96 -13.89
CA GLU M 319 -4.21 -26.87 -13.15
C GLU M 319 -3.91 -28.10 -13.99
N TRP M 320 -4.90 -28.52 -14.78
CA TRP M 320 -4.72 -29.67 -15.67
C TRP M 320 -3.69 -29.29 -16.72
N ALA M 321 -3.81 -28.07 -17.24
CA ALA M 321 -2.91 -27.55 -18.26
C ALA M 321 -1.49 -27.38 -17.73
N GLU M 322 -1.37 -27.00 -16.46
CA GLU M 322 -0.07 -26.83 -15.86
C GLU M 322 0.66 -28.17 -15.81
N GLU M 323 -0.07 -29.21 -15.41
CA GLU M 323 0.52 -30.54 -15.31
C GLU M 323 0.97 -31.05 -16.67
N GLU M 324 0.32 -30.59 -17.73
CA GLU M 324 0.69 -31.00 -19.08
C GLU M 324 1.86 -30.20 -19.64
N SER M 325 1.79 -28.88 -19.45
CA SER M 325 2.78 -27.95 -20.01
C SER M 325 3.88 -27.40 -19.11
N GLY M 326 3.67 -27.41 -17.80
CA GLY M 326 4.69 -26.87 -16.92
C GLY M 326 4.49 -25.37 -16.70
N VAL M 327 3.48 -24.80 -17.34
CA VAL M 327 3.19 -23.38 -17.19
C VAL M 327 2.24 -23.23 -15.99
N PRO M 328 2.61 -22.39 -15.01
CA PRO M 328 1.79 -22.17 -13.80
C PRO M 328 0.31 -21.90 -14.08
N ALA M 329 -0.55 -22.61 -13.36
CA ALA M 329 -2.00 -22.45 -13.50
C ALA M 329 -2.46 -21.02 -13.27
N CYS M 330 -1.93 -20.39 -12.22
CA CYS M 330 -2.31 -19.03 -11.89
C CYS M 330 -2.00 -18.08 -13.05
N GLU M 331 -0.88 -18.30 -13.73
CA GLU M 331 -0.51 -17.45 -14.85
C GLU M 331 -1.42 -17.72 -16.05
N ILE M 332 -1.76 -18.98 -16.27
CA ILE M 332 -2.66 -19.30 -17.38
C ILE M 332 -3.99 -18.60 -17.12
N ARG M 333 -4.49 -18.70 -15.90
CA ARG M 333 -5.76 -18.07 -15.55
C ARG M 333 -5.71 -16.55 -15.67
N ALA M 334 -4.61 -15.95 -15.19
CA ALA M 334 -4.46 -14.51 -15.27
C ALA M 334 -4.53 -14.04 -16.72
N LEU M 335 -3.87 -14.78 -17.61
CA LEU M 335 -3.89 -14.43 -19.03
C LEU M 335 -5.30 -14.52 -19.59
N ALA M 336 -5.99 -15.60 -19.26
CA ALA M 336 -7.36 -15.79 -19.75
C ALA M 336 -8.27 -14.64 -19.35
N ARG M 337 -8.22 -14.26 -18.08
CA ARG M 337 -9.05 -13.18 -17.58
C ARG M 337 -8.72 -11.83 -18.21
N GLN M 338 -7.43 -11.56 -18.41
CA GLN M 338 -7.01 -10.30 -19.00
C GLN M 338 -7.39 -10.26 -20.47
N TRP M 339 -7.21 -11.39 -21.14
CA TRP M 339 -7.52 -11.54 -22.55
C TRP M 339 -9.00 -11.24 -22.79
N ALA M 340 -9.85 -11.80 -21.94
CA ALA M 340 -11.29 -11.61 -22.05
C ALA M 340 -11.74 -10.17 -21.84
N LYS M 341 -11.19 -9.48 -20.85
CA LYS M 341 -11.63 -8.11 -20.61
C LYS M 341 -10.93 -6.98 -21.40
N LYS M 342 -9.84 -7.28 -22.08
CA LYS M 342 -9.13 -6.26 -22.85
C LYS M 342 -9.22 -6.53 -24.35
N ASN M 343 -9.06 -5.48 -25.16
CA ASN M 343 -9.07 -5.65 -26.61
C ASN M 343 -7.77 -6.38 -26.89
N THR M 344 -7.87 -7.69 -27.10
CA THR M 344 -6.69 -8.51 -27.34
C THR M 344 -6.59 -9.09 -28.74
N TYR M 345 -5.41 -8.98 -29.34
CA TYR M 345 -5.16 -9.53 -30.66
C TYR M 345 -4.31 -10.77 -30.48
N LEU M 346 -4.69 -11.84 -31.17
CA LEU M 346 -3.95 -13.09 -31.08
C LEU M 346 -2.93 -13.13 -32.20
N ALA M 347 -1.66 -13.08 -31.84
CA ALA M 347 -0.61 -13.13 -32.83
C ALA M 347 -0.12 -14.56 -32.90
N ALA M 348 -0.91 -15.42 -33.54
CA ALA M 348 -0.54 -16.82 -33.70
C ALA M 348 0.37 -16.87 -34.92
N GLY M 349 1.61 -17.31 -34.70
CA GLY M 349 2.57 -17.37 -35.78
C GLY M 349 3.14 -16.00 -36.07
N GLY M 350 4.23 -15.94 -36.82
CA GLY M 350 4.83 -14.66 -37.14
C GLY M 350 4.18 -13.90 -38.28
N LEU M 351 3.37 -14.61 -39.07
CA LEU M 351 2.72 -13.99 -40.21
C LEU M 351 1.25 -13.60 -40.00
N GLY M 352 0.59 -14.33 -39.12
CA GLY M 352 -0.83 -14.15 -38.91
C GLY M 352 -1.12 -15.50 -39.54
N GLY M 353 -0.85 -16.53 -38.76
CA GLY M 353 -0.96 -17.89 -39.24
C GLY M 353 0.50 -18.35 -39.19
N TRP M 354 0.78 -19.58 -39.59
CA TRP M 354 2.13 -20.15 -39.51
C TRP M 354 2.50 -20.32 -38.05
N GLY M 355 3.78 -20.23 -37.72
CA GLY M 355 4.18 -20.45 -36.35
C GLY M 355 4.77 -21.85 -36.28
N GLY M 356 5.91 -22.03 -35.59
CA GLY M 356 6.53 -23.33 -35.50
C GLY M 356 5.67 -24.42 -34.87
N ALA M 357 4.76 -24.00 -34.01
CA ALA M 357 3.86 -24.94 -33.34
C ALA M 357 2.97 -25.67 -34.34
N CYS M 358 2.77 -25.07 -35.51
CA CYS M 358 1.90 -25.66 -36.52
C CYS M 358 2.52 -26.85 -37.26
N ARG M 359 3.84 -26.96 -37.24
CA ARG M 359 4.48 -28.10 -37.90
C ARG M 359 5.19 -28.92 -36.82
N ALA M 360 4.36 -29.58 -36.01
CA ALA M 360 4.78 -30.40 -34.88
C ALA M 360 3.70 -31.46 -34.69
N SER M 361 3.94 -32.44 -33.82
CA SER M 361 2.94 -33.50 -33.65
C SER M 361 1.59 -33.03 -33.11
N HIS M 362 1.54 -31.83 -32.52
CA HIS M 362 0.29 -31.28 -32.01
C HIS M 362 -0.17 -30.10 -32.87
N GLY M 363 0.44 -29.96 -34.05
CA GLY M 363 0.14 -28.86 -34.95
C GLY M 363 -1.31 -28.61 -35.34
N ILE M 364 -2.03 -29.70 -35.59
CA ILE M 364 -3.43 -29.59 -35.98
C ILE M 364 -4.26 -29.01 -34.85
N GLU M 365 -4.11 -29.55 -33.65
CA GLU M 365 -4.87 -29.07 -32.51
C GLU M 365 -4.42 -27.68 -32.07
N TRP M 366 -3.16 -27.32 -32.32
CA TRP M 366 -2.73 -25.99 -31.93
C TRP M 366 -3.40 -24.97 -32.84
N ALA M 367 -3.40 -25.24 -34.14
CA ALA M 367 -4.02 -24.34 -35.11
C ALA M 367 -5.51 -24.17 -34.82
N ARG M 368 -6.20 -25.27 -34.58
CA ARG M 368 -7.64 -25.19 -34.29
C ARG M 368 -7.89 -24.52 -32.94
N GLY M 369 -6.91 -24.63 -32.04
CA GLY M 369 -7.02 -24.02 -30.74
C GLY M 369 -6.93 -22.51 -30.87
N MET M 370 -6.04 -22.03 -31.76
CA MET M 370 -5.88 -20.60 -31.98
C MET M 370 -7.16 -20.04 -32.58
N ILE M 371 -7.74 -20.78 -33.53
CA ILE M 371 -8.99 -20.36 -34.17
C ILE M 371 -10.13 -20.33 -33.15
N ALA M 372 -10.16 -21.33 -32.28
CA ALA M 372 -11.19 -21.43 -31.24
C ALA M 372 -11.19 -20.20 -30.33
N LEU M 373 -10.00 -19.81 -29.85
CA LEU M 373 -9.87 -18.66 -28.96
C LEU M 373 -10.22 -17.36 -29.66
N ALA M 374 -9.69 -17.16 -30.87
CA ALA M 374 -9.97 -15.94 -31.61
C ALA M 374 -11.47 -15.84 -31.89
N THR M 375 -12.09 -16.99 -32.14
CA THR M 375 -13.53 -17.05 -32.42
C THR M 375 -14.36 -16.68 -31.18
N MET M 376 -14.02 -17.29 -30.04
CA MET M 376 -14.74 -17.01 -28.80
C MET M 376 -14.70 -15.54 -28.41
N GLN M 377 -13.65 -14.83 -28.80
CA GLN M 377 -13.54 -13.41 -28.47
C GLN M 377 -14.08 -12.52 -29.59
N GLY M 378 -14.71 -13.14 -30.59
CA GLY M 378 -15.29 -12.40 -31.68
C GLY M 378 -14.35 -11.74 -32.67
N MET M 379 -13.46 -12.51 -33.29
CA MET M 379 -12.51 -11.95 -34.26
C MET M 379 -13.19 -11.22 -35.41
N GLY M 380 -12.62 -10.07 -35.78
CA GLY M 380 -13.18 -9.30 -36.86
C GLY M 380 -13.73 -7.97 -36.37
N LYS M 381 -14.22 -7.94 -35.13
CA LYS M 381 -14.75 -6.71 -34.58
C LYS M 381 -13.59 -5.85 -34.10
N PRO M 382 -13.80 -4.53 -33.99
CA PRO M 382 -12.73 -3.63 -33.54
C PRO M 382 -12.10 -4.06 -32.22
N GLY M 383 -10.78 -4.12 -32.19
CA GLY M 383 -10.09 -4.49 -30.96
C GLY M 383 -10.00 -5.98 -30.67
N SER M 384 -10.42 -6.82 -31.60
CA SER M 384 -10.37 -8.25 -31.41
C SER M 384 -10.17 -8.96 -32.73
N ASN M 385 -9.02 -9.62 -32.89
CA ASN M 385 -8.74 -10.32 -34.13
C ASN M 385 -7.46 -11.12 -34.01
N MET M 386 -7.15 -11.85 -35.07
CA MET M 386 -5.91 -12.61 -35.11
C MET M 386 -5.00 -11.67 -35.91
N TRP M 387 -3.95 -11.19 -35.27
CA TRP M 387 -3.01 -10.27 -35.90
C TRP M 387 -1.64 -10.45 -35.26
N SER M 388 -0.63 -10.67 -36.08
CA SER M 388 0.72 -10.88 -35.58
C SER M 388 1.63 -9.66 -35.66
N THR M 389 1.03 -8.51 -35.96
CA THR M 389 1.72 -7.23 -36.07
C THR M 389 2.67 -7.07 -37.26
N THR M 390 2.73 -8.08 -38.14
CA THR M 390 3.61 -7.99 -39.30
C THR M 390 2.88 -7.55 -40.58
N GLN M 391 1.63 -7.94 -40.73
CA GLN M 391 0.85 -7.54 -41.92
C GLN M 391 -0.16 -6.49 -41.52
N GLY M 392 -1.02 -6.10 -42.46
CA GLY M 392 -2.05 -5.11 -42.16
C GLY M 392 -1.71 -3.68 -42.51
N VAL M 393 -0.51 -3.43 -43.03
CA VAL M 393 -0.11 -2.07 -43.40
C VAL M 393 -1.07 -1.54 -44.47
N PRO M 394 -1.50 -0.26 -44.34
CA PRO M 394 -2.43 0.39 -45.27
C PRO M 394 -1.83 0.76 -46.63
N LEU M 395 -1.25 -0.21 -47.31
CA LEU M 395 -0.67 0.04 -48.63
C LEU M 395 -1.80 -0.01 -49.66
N ASP M 396 -1.51 0.43 -50.88
CA ASP M 396 -2.54 0.43 -51.92
C ASP M 396 -2.80 -0.99 -52.46
N TYR M 397 -3.81 -1.65 -51.90
CA TYR M 397 -4.16 -2.99 -52.31
C TYR M 397 -4.74 -3.03 -53.73
N GLU M 398 -5.16 -1.88 -54.25
CA GLU M 398 -5.73 -1.80 -55.60
C GLU M 398 -4.69 -1.82 -56.71
N PHE M 399 -3.46 -1.42 -56.39
CA PHE M 399 -2.39 -1.42 -57.39
C PHE M 399 -1.95 -2.86 -57.60
N TYR M 400 -1.83 -3.27 -58.86
CA TYR M 400 -1.45 -4.63 -59.14
C TYR M 400 -0.03 -4.89 -59.64
N PHE M 401 0.69 -5.72 -58.90
CA PHE M 401 2.02 -6.16 -59.27
C PHE M 401 2.12 -7.58 -58.75
N PRO M 402 2.39 -8.53 -59.65
CA PRO M 402 2.49 -9.97 -59.34
C PRO M 402 3.58 -10.37 -58.35
N GLY M 403 3.26 -11.35 -57.52
CA GLY M 403 4.23 -11.88 -56.58
C GLY M 403 4.90 -13.00 -57.35
N TYR M 404 5.96 -13.60 -56.81
CA TYR M 404 6.63 -14.67 -57.54
C TYR M 404 5.79 -15.92 -57.70
N ALA M 405 4.84 -16.13 -56.81
CA ALA M 405 4.01 -17.32 -56.85
C ALA M 405 2.99 -17.31 -58.00
N GLU M 406 2.84 -16.18 -58.67
CA GLU M 406 1.89 -16.09 -59.77
C GLU M 406 2.43 -16.64 -61.10
N GLY M 407 3.54 -17.37 -61.04
CA GLY M 407 4.08 -18.03 -62.23
C GLY M 407 5.05 -17.38 -63.20
N GLY M 408 5.18 -16.06 -63.19
CA GLY M 408 6.11 -15.43 -64.11
C GLY M 408 5.96 -15.88 -65.56
N ILE M 409 7.04 -16.36 -66.17
CA ILE M 409 6.98 -16.79 -67.57
C ILE M 409 6.47 -18.20 -67.85
N SER M 410 6.06 -18.94 -66.83
CA SER M 410 5.56 -20.28 -67.05
C SER M 410 4.08 -20.29 -67.43
N GLY M 411 3.30 -19.48 -66.73
CA GLY M 411 1.87 -19.45 -66.99
C GLY M 411 1.26 -20.77 -66.58
N ASP M 412 1.94 -21.48 -65.68
CA ASP M 412 1.47 -22.79 -65.21
C ASP M 412 0.30 -22.54 -64.26
N CYS M 413 -0.92 -22.71 -64.75
CA CYS M 413 -2.11 -22.46 -63.95
C CYS M 413 -2.46 -23.49 -62.88
N GLU M 414 -1.79 -24.63 -62.88
CA GLU M 414 -2.09 -25.64 -61.86
C GLU M 414 -1.03 -25.70 -60.76
N ASN M 415 0.17 -25.24 -61.05
CA ASN M 415 1.25 -25.30 -60.07
C ASN M 415 1.76 -23.95 -59.59
N SER M 416 1.08 -22.89 -60.01
CA SER M 416 1.40 -21.53 -59.60
C SER M 416 0.06 -20.83 -59.56
N ALA M 417 0.02 -19.61 -59.06
CA ALA M 417 -1.23 -18.86 -58.97
C ALA M 417 -1.46 -17.99 -60.20
N ALA M 418 -0.84 -18.37 -61.31
CA ALA M 418 -0.98 -17.61 -62.56
C ALA M 418 -2.42 -17.48 -63.02
N GLY M 419 -3.22 -18.50 -62.75
CA GLY M 419 -4.61 -18.50 -63.17
C GLY M 419 -5.51 -17.44 -62.55
N PHE M 420 -5.09 -16.86 -61.44
CA PHE M 420 -5.92 -15.85 -60.79
C PHE M 420 -5.99 -14.56 -61.61
N LYS M 421 -4.84 -14.07 -62.04
CA LYS M 421 -4.83 -12.83 -62.80
C LYS M 421 -3.65 -12.66 -63.76
N PHE M 422 -2.44 -12.92 -63.27
CA PHE M 422 -1.27 -12.70 -64.11
C PHE M 422 -1.22 -13.39 -65.46
N ALA M 423 -1.55 -14.68 -65.52
CA ALA M 423 -1.51 -15.39 -66.79
C ALA M 423 -2.31 -14.65 -67.86
N TRP M 424 -3.49 -14.17 -67.48
CA TRP M 424 -4.36 -13.45 -68.41
C TRP M 424 -3.71 -12.15 -68.89
N ARG M 425 -2.84 -11.58 -68.07
CA ARG M 425 -2.17 -10.34 -68.43
C ARG M 425 -0.87 -10.59 -69.19
N MET M 426 -0.17 -11.65 -68.81
CA MET M 426 1.11 -11.97 -69.41
C MET M 426 1.07 -12.61 -70.80
N PHE M 427 0.07 -13.45 -71.05
CA PHE M 427 0.00 -14.11 -72.34
C PHE M 427 -1.22 -13.65 -73.15
N ASP M 428 -1.05 -13.60 -74.47
CA ASP M 428 -2.10 -13.12 -75.36
C ASP M 428 -2.64 -14.15 -76.35
N GLY M 429 -2.16 -15.39 -76.25
CA GLY M 429 -2.63 -16.42 -77.16
C GLY M 429 -2.37 -16.05 -78.62
N LYS M 430 -1.38 -15.20 -78.85
CA LYS M 430 -1.04 -14.77 -80.21
C LYS M 430 0.45 -14.77 -80.48
N THR M 431 1.21 -14.11 -79.61
CA THR M 431 2.66 -14.00 -79.79
C THR M 431 3.50 -14.63 -78.69
N THR M 432 2.92 -14.87 -77.52
CA THR M 432 3.65 -15.46 -76.42
C THR M 432 2.77 -16.51 -75.74
N PHE M 433 3.34 -17.67 -75.42
CA PHE M 433 2.56 -18.75 -74.83
C PHE M 433 3.06 -19.39 -73.55
N PRO M 434 2.12 -19.90 -72.73
CA PRO M 434 2.40 -20.57 -71.45
C PRO M 434 3.03 -21.94 -71.69
N SER M 435 3.52 -22.55 -70.62
CA SER M 435 4.14 -23.87 -70.69
C SER M 435 3.44 -24.77 -69.65
N PRO M 436 2.34 -25.42 -70.04
CA PRO M 436 1.58 -26.30 -69.14
C PRO M 436 2.24 -27.68 -68.97
N SER M 437 1.82 -28.39 -67.93
CA SER M 437 2.33 -29.73 -67.67
C SER M 437 1.18 -30.73 -67.59
N ASN M 438 1.27 -31.82 -68.34
CA ASN M 438 0.22 -32.83 -68.32
C ASN M 438 0.61 -33.98 -67.40
N LEU M 439 1.71 -33.81 -66.66
CA LEU M 439 2.17 -34.82 -65.72
C LEU M 439 2.07 -34.32 -64.28
N ASN M 440 2.39 -33.05 -64.07
CA ASN M 440 2.33 -32.48 -62.74
C ASN M 440 0.89 -31.98 -62.53
N THR M 441 -0.02 -32.94 -62.40
CA THR M 441 -1.43 -32.68 -62.20
C THR M 441 -1.98 -33.89 -61.43
N SER M 442 -3.16 -33.78 -60.83
CA SER M 442 -3.70 -34.90 -60.05
C SER M 442 -3.85 -36.23 -60.77
N ALA M 443 -4.25 -36.19 -62.05
CA ALA M 443 -4.41 -37.41 -62.82
C ALA M 443 -3.10 -37.90 -63.44
N GLY M 444 -2.01 -37.17 -63.21
CA GLY M 444 -0.71 -37.56 -63.73
C GLY M 444 0.08 -38.26 -62.64
N GLN M 445 1.34 -37.90 -62.46
CA GLN M 445 2.14 -38.50 -61.40
C GLN M 445 3.03 -37.51 -60.66
N HIS M 446 3.04 -37.64 -59.34
CA HIS M 446 3.88 -36.81 -58.48
C HIS M 446 4.11 -37.66 -57.24
N ILE M 447 5.09 -37.26 -56.42
CA ILE M 447 5.36 -37.96 -55.18
C ILE M 447 5.57 -36.88 -54.12
N PRO M 448 5.32 -37.20 -52.84
CA PRO M 448 5.49 -36.22 -51.77
C PRO M 448 6.96 -35.96 -51.48
N ARG M 449 7.34 -34.70 -51.37
CA ARG M 449 8.73 -34.35 -51.08
C ARG M 449 9.19 -35.05 -49.80
N LEU M 450 8.30 -35.13 -48.81
CA LEU M 450 8.63 -35.76 -47.53
C LEU M 450 8.85 -37.26 -47.60
N LYS M 451 8.45 -37.87 -48.71
CA LYS M 451 8.60 -39.33 -48.85
C LYS M 451 9.39 -39.77 -50.08
N ILE M 452 10.18 -38.87 -50.64
CA ILE M 452 11.01 -39.20 -51.80
C ILE M 452 11.86 -40.45 -51.50
N PRO M 453 12.48 -40.52 -50.30
CA PRO M 453 13.31 -41.68 -49.93
C PRO M 453 12.57 -43.01 -50.00
N GLU M 454 11.36 -43.04 -49.44
CA GLU M 454 10.55 -44.26 -49.44
C GLU M 454 10.15 -44.67 -50.85
N CYS M 455 9.86 -43.70 -51.71
CA CYS M 455 9.48 -43.98 -53.09
C CYS M 455 10.67 -44.56 -53.86
N ILE M 456 11.84 -43.93 -53.69
CA ILE M 456 13.04 -44.39 -54.39
C ILE M 456 13.53 -45.75 -53.90
N MET M 457 13.67 -45.91 -52.58
CA MET M 457 14.16 -47.16 -52.03
C MET M 457 13.11 -48.26 -51.90
N GLY M 458 11.85 -47.86 -51.69
CA GLY M 458 10.79 -48.84 -51.54
C GLY M 458 10.07 -49.15 -52.84
N GLY M 459 10.06 -48.19 -53.75
CA GLY M 459 9.40 -48.39 -55.04
C GLY M 459 7.89 -48.32 -54.97
N LYS M 460 7.35 -47.84 -53.86
CA LYS M 460 5.90 -47.75 -53.72
C LYS M 460 5.48 -46.90 -52.52
N PHE M 461 4.34 -46.21 -52.65
CA PHE M 461 3.82 -45.40 -51.56
C PHE M 461 2.40 -44.99 -51.84
N GLN M 462 1.68 -44.63 -50.78
CA GLN M 462 0.28 -44.19 -50.89
C GLN M 462 0.09 -43.06 -49.90
N TRP M 463 -0.60 -41.98 -50.31
CA TRP M 463 -0.79 -40.85 -49.42
C TRP M 463 -2.02 -39.99 -49.73
N SER M 464 -2.20 -38.91 -48.95
CA SER M 464 -3.32 -38.00 -49.12
C SER M 464 -2.89 -36.62 -49.59
N GLY M 465 -3.61 -36.08 -50.58
CA GLY M 465 -3.34 -34.74 -51.10
C GLY M 465 -2.14 -34.58 -52.02
N LYS M 466 -2.19 -33.57 -52.87
CA LYS M 466 -1.10 -33.27 -53.79
C LYS M 466 -0.51 -31.90 -53.46
N GLY M 467 0.71 -31.89 -52.92
CA GLY M 467 1.37 -30.64 -52.57
C GLY M 467 0.50 -29.69 -51.76
N PHE M 468 0.43 -28.44 -52.20
CA PHE M 468 -0.41 -27.43 -51.54
C PHE M 468 -1.82 -27.67 -52.06
N ALA M 469 -2.72 -28.16 -51.20
CA ALA M 469 -4.09 -28.43 -51.64
C ALA M 469 -5.00 -27.27 -51.28
N GLY M 470 -4.75 -26.11 -51.90
CA GLY M 470 -5.55 -24.93 -51.59
C GLY M 470 -6.77 -24.66 -52.43
N GLY M 471 -7.11 -25.55 -53.36
CA GLY M 471 -8.28 -25.34 -54.20
C GLY M 471 -9.58 -25.34 -53.43
N ASP M 472 -9.72 -26.28 -52.51
CA ASP M 472 -10.91 -26.39 -51.67
C ASP M 472 -10.53 -27.14 -50.41
N ILE M 473 -11.40 -27.10 -49.41
CA ILE M 473 -11.13 -27.75 -48.15
C ILE M 473 -10.81 -29.24 -48.26
N SER M 474 -11.56 -29.96 -49.11
CA SER M 474 -11.36 -31.40 -49.24
C SER M 474 -10.37 -31.91 -50.29
N HIS M 475 -9.67 -31.03 -50.99
CA HIS M 475 -8.71 -31.49 -52.00
C HIS M 475 -7.58 -32.31 -51.37
N GLN M 476 -7.19 -31.93 -50.16
CA GLN M 476 -6.13 -32.62 -49.44
C GLN M 476 -6.51 -34.04 -49.05
N LEU M 477 -7.80 -34.36 -49.12
CA LEU M 477 -8.27 -35.68 -48.74
C LEU M 477 -8.24 -36.68 -49.89
N HIS M 478 -8.01 -36.21 -51.10
CA HIS M 478 -7.96 -37.08 -52.26
C HIS M 478 -6.79 -38.05 -52.09
N GLN M 479 -6.97 -39.29 -52.54
CA GLN M 479 -5.94 -40.32 -52.39
C GLN M 479 -5.06 -40.56 -53.62
N TYR M 480 -3.75 -40.63 -53.38
CA TYR M 480 -2.77 -40.84 -54.45
C TYR M 480 -1.85 -42.04 -54.21
N GLU M 481 -1.18 -42.48 -55.27
CA GLU M 481 -0.27 -43.61 -55.17
C GLU M 481 0.93 -43.44 -56.09
N TYR M 482 2.00 -44.14 -55.76
CA TYR M 482 3.24 -44.16 -56.53
C TYR M 482 3.66 -45.62 -56.62
N PRO M 483 3.92 -46.12 -57.84
CA PRO M 483 3.80 -45.31 -59.06
C PRO M 483 2.33 -45.05 -59.36
N ALA M 484 2.04 -43.97 -60.06
CA ALA M 484 0.66 -43.65 -60.40
C ALA M 484 0.22 -44.61 -61.49
N PRO M 485 -1.07 -44.97 -61.52
CA PRO M 485 -1.61 -45.90 -62.53
C PRO M 485 -1.12 -45.60 -63.93
N GLY M 486 -0.41 -46.57 -64.51
CA GLY M 486 0.11 -46.42 -65.86
C GLY M 486 1.45 -45.73 -66.01
N TYR M 487 1.92 -45.05 -64.97
CA TYR M 487 3.20 -44.36 -65.05
C TYR M 487 4.38 -45.21 -64.59
N SER M 488 5.59 -44.71 -64.82
CA SER M 488 6.80 -45.43 -64.46
C SER M 488 7.46 -44.99 -63.17
N LYS M 489 8.19 -45.91 -62.55
CA LYS M 489 8.92 -45.63 -61.33
C LYS M 489 10.07 -44.71 -61.74
N ILE M 490 10.64 -44.01 -60.76
CA ILE M 490 11.73 -43.07 -61.01
C ILE M 490 13.06 -43.73 -61.39
N LYS M 491 13.70 -43.23 -62.44
CA LYS M 491 14.98 -43.75 -62.90
C LYS M 491 16.06 -42.69 -62.81
N MET M 492 15.64 -41.43 -62.90
CA MET M 492 16.55 -40.29 -62.87
C MET M 492 16.06 -39.21 -61.90
N PHE M 493 17.00 -38.50 -61.29
CA PHE M 493 16.65 -37.45 -60.34
C PHE M 493 17.38 -36.16 -60.70
N TRP M 494 16.61 -35.13 -61.01
CA TRP M 494 17.19 -33.83 -61.37
C TRP M 494 16.93 -32.90 -60.18
N LYS M 495 17.94 -32.73 -59.33
CA LYS M 495 17.78 -31.84 -58.18
C LYS M 495 18.16 -30.40 -58.51
N TYR M 496 17.40 -29.49 -57.92
CA TYR M 496 17.59 -28.06 -58.08
C TYR M 496 17.86 -27.64 -56.63
N GLY M 497 19.14 -27.42 -56.32
CA GLY M 497 19.51 -27.10 -54.95
C GLY M 497 19.66 -28.44 -54.24
N GLY M 498 20.12 -28.44 -52.98
CA GLY M 498 20.27 -29.68 -52.23
C GLY M 498 20.24 -29.45 -50.72
N PRO M 499 19.14 -28.88 -50.19
CA PRO M 499 18.98 -28.58 -48.77
C PRO M 499 18.30 -29.61 -47.88
N HIS M 500 17.71 -30.63 -48.48
CA HIS M 500 16.94 -31.61 -47.71
C HIS M 500 17.54 -32.30 -46.49
N LEU M 501 18.85 -32.49 -46.43
CA LEU M 501 19.44 -33.11 -45.25
C LEU M 501 19.26 -32.22 -44.02
N GLY M 502 19.11 -30.92 -44.24
CA GLY M 502 18.94 -30.00 -43.13
C GLY M 502 17.53 -29.45 -42.97
N THR M 503 16.67 -29.67 -43.97
CA THR M 503 15.31 -29.13 -43.90
C THR M 503 14.13 -30.10 -43.80
N MET M 504 14.33 -31.38 -44.12
CA MET M 504 13.21 -32.31 -44.03
C MET M 504 13.14 -33.07 -42.71
N THR M 505 12.69 -34.32 -42.72
CA THR M 505 12.56 -35.10 -41.49
C THR M 505 13.42 -36.37 -41.44
N ALA M 506 13.89 -36.73 -40.24
CA ALA M 506 14.73 -37.93 -40.04
C ALA M 506 15.54 -38.09 -41.31
N THR M 507 16.26 -37.02 -41.63
CA THR M 507 17.01 -36.91 -42.87
C THR M 507 18.11 -37.89 -43.26
N ASN M 508 18.59 -38.73 -42.37
CA ASN M 508 19.62 -39.68 -42.79
C ASN M 508 19.07 -40.48 -43.97
N ARG M 509 17.75 -40.64 -44.00
CA ARG M 509 17.11 -41.39 -45.08
C ARG M 509 17.33 -40.72 -46.44
N TYR M 510 17.47 -39.40 -46.46
CA TYR M 510 17.71 -38.72 -47.73
C TYR M 510 19.12 -39.01 -48.22
N ALA M 511 20.03 -39.25 -47.29
CA ALA M 511 21.41 -39.56 -47.66
C ALA M 511 21.47 -40.98 -48.23
N LYS M 512 20.76 -41.90 -47.58
CA LYS M 512 20.73 -43.30 -47.99
C LYS M 512 20.13 -43.58 -49.36
N MET M 513 19.15 -42.79 -49.77
CA MET M 513 18.48 -43.00 -51.04
C MET M 513 19.35 -42.84 -52.28
N TYR M 514 20.38 -42.00 -52.20
CA TYR M 514 21.25 -41.76 -53.34
C TYR M 514 22.04 -42.95 -53.86
N THR M 515 22.32 -43.91 -52.97
CA THR M 515 23.08 -45.08 -53.37
C THR M 515 22.23 -46.27 -53.82
N HIS M 516 20.92 -46.09 -53.89
CA HIS M 516 20.03 -47.17 -54.31
C HIS M 516 20.24 -47.45 -55.79
N ASP M 517 20.39 -48.72 -56.15
CA ASP M 517 20.64 -49.08 -57.55
C ASP M 517 19.50 -48.76 -58.52
N SER M 518 18.35 -48.34 -58.02
CA SER M 518 17.23 -48.01 -58.91
C SER M 518 17.48 -46.63 -59.52
N LEU M 519 18.32 -45.82 -58.87
CA LEU M 519 18.64 -44.48 -59.37
C LEU M 519 19.80 -44.57 -60.36
N GLU M 520 19.46 -44.55 -61.65
CA GLU M 520 20.46 -44.65 -62.71
C GLU M 520 21.22 -43.36 -62.94
N PHE M 521 20.63 -42.23 -62.59
CA PHE M 521 21.28 -40.95 -62.84
C PHE M 521 20.81 -39.85 -61.88
N VAL M 522 21.75 -39.02 -61.45
CA VAL M 522 21.44 -37.91 -60.54
C VAL M 522 22.16 -36.65 -61.00
N VAL M 523 21.39 -35.61 -61.32
CA VAL M 523 21.96 -34.34 -61.74
C VAL M 523 21.61 -33.29 -60.69
N SER M 524 22.57 -32.43 -60.37
CA SER M 524 22.32 -31.37 -59.40
C SER M 524 22.63 -30.02 -60.01
N GLN M 525 21.61 -29.17 -60.08
CA GLN M 525 21.75 -27.82 -60.63
C GLN M 525 21.67 -26.93 -59.41
N SER M 526 22.82 -26.49 -58.92
CA SER M 526 22.87 -25.66 -57.72
C SER M 526 23.86 -24.51 -57.81
N ILE M 527 23.93 -23.74 -56.73
CA ILE M 527 24.83 -22.59 -56.66
C ILE M 527 26.07 -22.91 -55.83
N TRP M 528 25.86 -23.47 -54.64
CA TRP M 528 26.96 -23.81 -53.74
C TRP M 528 27.15 -25.33 -53.59
N PHE M 529 28.39 -25.75 -53.42
CA PHE M 529 28.74 -27.15 -53.24
C PHE M 529 28.54 -27.46 -51.76
N GLU M 530 27.35 -27.95 -51.40
CA GLU M 530 27.01 -28.24 -50.01
C GLU M 530 25.80 -29.17 -49.92
N GLY M 531 25.43 -29.54 -48.70
CA GLY M 531 24.28 -30.40 -48.48
C GLY M 531 24.25 -31.66 -49.34
N GLU M 532 23.21 -31.81 -50.14
CA GLU M 532 23.05 -33.00 -51.00
C GLU M 532 23.86 -32.97 -52.30
N VAL M 533 24.40 -31.81 -52.66
CA VAL M 533 25.14 -31.70 -53.90
C VAL M 533 26.22 -32.76 -54.13
N PRO M 534 27.01 -33.11 -53.08
CA PRO M 534 28.06 -34.12 -53.20
C PRO M 534 27.63 -35.58 -53.40
N PHE M 535 26.37 -35.81 -53.79
CA PHE M 535 25.87 -37.15 -54.05
C PHE M 535 25.52 -37.27 -55.55
N ALA M 536 25.61 -36.15 -56.26
CA ALA M 536 25.25 -36.12 -57.68
C ALA M 536 26.29 -36.72 -58.63
N ASP M 537 25.82 -37.10 -59.82
CA ASP M 537 26.69 -37.66 -60.85
C ASP M 537 27.23 -36.51 -61.70
N ILE M 538 26.38 -35.51 -61.93
CA ILE M 538 26.72 -34.33 -62.72
C ILE M 538 26.23 -33.11 -61.95
N ILE M 539 27.09 -32.10 -61.85
CA ILE M 539 26.73 -30.87 -61.14
C ILE M 539 26.82 -29.67 -62.09
N LEU M 540 25.75 -28.89 -62.12
CA LEU M 540 25.68 -27.72 -62.99
C LEU M 540 25.67 -26.45 -62.13
N PRO M 541 26.62 -25.53 -62.36
CA PRO M 541 26.75 -24.27 -61.62
C PRO M 541 25.77 -23.16 -62.02
N ALA M 542 24.89 -22.79 -61.11
CA ALA M 542 23.92 -21.72 -61.33
C ALA M 542 24.48 -20.50 -60.59
N CYS M 543 24.00 -19.30 -60.92
CA CYS M 543 24.48 -18.07 -60.28
C CYS M 543 23.41 -17.42 -59.38
N THR M 544 23.84 -16.46 -58.58
CA THR M 544 22.89 -15.75 -57.69
C THR M 544 22.16 -14.70 -58.51
N ASN M 545 21.14 -14.09 -57.91
CA ASN M 545 20.36 -13.06 -58.59
C ASN M 545 21.15 -11.77 -58.81
N PHE M 546 22.35 -11.67 -58.24
CA PHE M 546 23.16 -10.47 -58.42
C PHE M 546 23.99 -10.59 -59.68
N GLU M 547 23.90 -11.76 -60.32
CA GLU M 547 24.65 -12.04 -61.54
C GLU M 547 23.75 -12.17 -62.77
N ARG M 548 22.49 -11.77 -62.63
CA ARG M 548 21.54 -11.85 -63.74
C ARG M 548 20.48 -10.76 -63.60
N TRP M 549 19.71 -10.55 -64.66
CA TRP M 549 18.66 -9.54 -64.66
C TRP M 549 17.33 -10.12 -64.21
N ASP M 550 16.57 -9.33 -63.48
CA ASP M 550 15.26 -9.76 -63.01
C ASP M 550 14.47 -8.57 -62.50
N ILE M 551 13.27 -8.84 -62.00
CA ILE M 551 12.40 -7.80 -61.48
C ILE M 551 11.59 -8.41 -60.35
N SER M 552 11.26 -7.60 -59.35
CA SER M 552 10.50 -8.11 -58.22
C SER M 552 9.95 -6.99 -57.35
N GLU M 553 9.16 -7.37 -56.37
CA GLU M 553 8.60 -6.42 -55.42
C GLU M 553 8.99 -6.89 -54.03
N PHE M 554 9.27 -5.93 -53.15
CA PHE M 554 9.66 -6.19 -51.78
C PHE M 554 8.69 -7.16 -51.09
N ALA M 555 9.19 -8.35 -50.75
CA ALA M 555 8.41 -9.38 -50.04
C ALA M 555 7.16 -9.91 -50.74
N ASN M 556 6.95 -9.58 -52.01
CA ASN M 556 5.76 -10.02 -52.72
C ASN M 556 5.78 -11.47 -53.22
N CYS M 557 5.06 -12.32 -52.52
CA CYS M 557 4.92 -13.74 -52.87
C CYS M 557 3.60 -13.89 -53.61
N SER M 558 2.54 -13.38 -52.98
CA SER M 558 1.18 -13.45 -53.52
C SER M 558 0.76 -14.92 -53.60
N GLY M 559 -0.16 -15.24 -54.51
CA GLY M 559 -0.61 -16.62 -54.64
C GLY M 559 -1.30 -17.11 -53.38
N TYR M 560 -0.66 -18.02 -52.65
CA TYR M 560 -1.23 -18.55 -51.42
C TYR M 560 -1.07 -17.60 -50.24
N ILE M 561 -0.51 -16.43 -50.48
CA ILE M 561 -0.39 -15.40 -49.45
C ILE M 561 -0.72 -14.12 -50.22
N PRO M 562 -1.98 -13.99 -50.63
CA PRO M 562 -2.42 -12.80 -51.38
C PRO M 562 -2.06 -11.48 -50.72
N ASP M 563 -1.51 -10.57 -51.51
CA ASP M 563 -1.14 -9.23 -51.07
C ASP M 563 -0.24 -9.19 -49.83
N ASN M 564 0.67 -10.14 -49.70
CA ASN M 564 1.54 -10.17 -48.54
C ASN M 564 2.61 -9.06 -48.54
N TYR M 565 2.61 -8.22 -49.56
CA TYR M 565 3.57 -7.11 -49.59
C TYR M 565 3.20 -6.18 -48.45
N GLN M 566 2.03 -6.38 -47.87
CA GLN M 566 1.56 -5.56 -46.76
C GLN M 566 2.40 -5.81 -45.51
N LEU M 567 3.44 -6.63 -45.65
CA LEU M 567 4.36 -6.93 -44.55
C LEU M 567 5.34 -5.76 -44.42
N CYS M 568 5.47 -5.01 -45.50
CA CYS M 568 6.40 -3.88 -45.59
C CYS M 568 5.75 -2.53 -45.33
N ASN M 569 6.58 -1.53 -45.06
CA ASN M 569 6.07 -0.19 -44.81
C ASN M 569 5.77 0.55 -46.10
N HIS M 570 6.33 0.05 -47.20
CA HIS M 570 6.10 0.63 -48.52
C HIS M 570 6.14 -0.45 -49.58
N ARG M 571 5.41 -0.26 -50.66
CA ARG M 571 5.46 -1.21 -51.76
C ARG M 571 6.64 -0.72 -52.60
N VAL M 572 7.68 -1.52 -52.67
CA VAL M 572 8.85 -1.15 -53.45
C VAL M 572 9.08 -2.15 -54.57
N ILE M 573 8.96 -1.66 -55.79
CA ILE M 573 9.16 -2.48 -56.97
C ILE M 573 10.55 -2.15 -57.49
N SER M 574 11.39 -3.15 -57.70
CA SER M 574 12.72 -2.83 -58.19
C SER M 574 13.29 -3.71 -59.27
N LEU M 575 14.18 -3.11 -60.04
CA LEU M 575 14.86 -3.78 -61.11
C LEU M 575 16.05 -4.46 -60.47
N GLN M 576 16.19 -5.77 -60.67
CA GLN M 576 17.33 -6.47 -60.11
C GLN M 576 18.35 -6.42 -61.22
N ALA M 577 19.26 -5.46 -61.11
CA ALA M 577 20.29 -5.27 -62.12
C ALA M 577 21.37 -6.33 -62.06
N LYS M 578 21.87 -6.72 -63.23
CA LYS M 578 22.95 -7.69 -63.29
C LYS M 578 24.12 -6.83 -62.84
N CYS M 579 24.47 -6.93 -61.56
CA CYS M 579 25.54 -6.14 -60.97
C CYS M 579 26.94 -6.57 -61.39
N ILE M 580 27.14 -7.88 -61.53
CA ILE M 580 28.44 -8.42 -61.93
C ILE M 580 28.25 -9.59 -62.88
N GLU M 581 29.33 -9.98 -63.55
CA GLU M 581 29.28 -11.12 -64.45
C GLU M 581 29.24 -12.39 -63.59
N PRO M 582 28.59 -13.45 -64.07
CA PRO M 582 28.53 -14.69 -63.29
C PRO M 582 29.90 -15.11 -62.77
N VAL M 583 29.95 -15.52 -61.51
CA VAL M 583 31.20 -15.95 -60.88
C VAL M 583 31.61 -17.31 -61.43
N GLY M 584 32.90 -17.45 -61.77
CA GLY M 584 33.39 -18.71 -62.30
C GLY M 584 32.70 -19.03 -63.61
N GLU M 585 32.40 -20.31 -63.83
CA GLU M 585 31.73 -20.72 -65.06
C GLU M 585 30.24 -20.93 -64.84
N SER M 586 29.68 -20.22 -63.86
CA SER M 586 28.26 -20.39 -63.57
C SER M 586 27.42 -19.59 -64.55
N MET M 587 26.14 -19.92 -64.61
CA MET M 587 25.24 -19.19 -65.48
C MET M 587 23.85 -19.21 -64.86
N SER M 588 23.00 -18.28 -65.28
CA SER M 588 21.65 -18.20 -64.75
C SER M 588 20.90 -19.48 -65.09
N ASP M 589 19.96 -19.85 -64.23
CA ASP M 589 19.17 -21.05 -64.47
C ASP M 589 18.48 -20.92 -65.83
N TYR M 590 18.04 -19.71 -66.16
CA TYR M 590 17.37 -19.50 -67.45
C TYR M 590 18.29 -19.84 -68.61
N GLU M 591 19.54 -19.39 -68.55
CA GLU M 591 20.49 -19.67 -69.62
C GLU M 591 20.87 -21.16 -69.65
N ILE M 592 20.85 -21.80 -68.49
CA ILE M 592 21.15 -23.22 -68.43
C ILE M 592 20.05 -23.96 -69.20
N TYR M 593 18.80 -23.59 -68.91
CA TYR M 593 17.66 -24.20 -69.55
C TYR M 593 17.60 -23.88 -71.05
N ARG M 594 18.04 -22.68 -71.41
CA ARG M 594 18.06 -22.29 -72.81
C ARG M 594 19.06 -23.16 -73.56
N LEU M 595 20.13 -23.55 -72.88
CA LEU M 595 21.15 -24.42 -73.47
C LEU M 595 20.57 -25.82 -73.67
N PHE M 596 19.89 -26.34 -72.64
CA PHE M 596 19.28 -27.66 -72.76
C PHE M 596 18.19 -27.63 -73.82
N ALA M 597 17.43 -26.54 -73.85
CA ALA M 597 16.35 -26.42 -74.83
C ALA M 597 16.89 -26.57 -76.25
N LYS M 598 18.04 -25.96 -76.50
CA LYS M 598 18.66 -26.03 -77.81
C LYS M 598 19.03 -27.48 -78.13
N LYS M 599 19.64 -28.17 -77.17
CA LYS M 599 20.05 -29.55 -77.36
C LYS M 599 18.88 -30.53 -77.33
N LEU M 600 17.72 -30.07 -76.89
CA LEU M 600 16.53 -30.91 -76.84
C LEU M 600 15.61 -30.59 -78.02
N ASN M 601 16.07 -29.66 -78.87
CA ASN M 601 15.35 -29.23 -80.06
C ASN M 601 14.04 -28.47 -79.77
N ILE M 602 14.02 -27.72 -78.67
CA ILE M 602 12.82 -26.96 -78.31
C ILE M 602 13.16 -25.55 -77.85
N GLU M 603 14.28 -25.00 -78.35
CA GLU M 603 14.69 -23.67 -77.97
C GLU M 603 13.68 -22.57 -78.29
N GLU M 604 13.11 -22.60 -79.48
CA GLU M 604 12.14 -21.58 -79.87
C GLU M 604 10.92 -21.59 -78.96
N MET M 605 10.37 -22.77 -78.70
CA MET M 605 9.21 -22.90 -77.84
C MET M 605 9.49 -22.42 -76.43
N PHE M 606 10.68 -22.75 -75.91
CA PHE M 606 11.04 -22.36 -74.55
C PHE M 606 11.35 -20.87 -74.40
N SER M 607 12.33 -20.39 -75.16
CA SER M 607 12.76 -19.00 -75.07
C SER M 607 11.96 -17.97 -75.85
N GLU M 608 11.28 -18.41 -76.91
CA GLU M 608 10.52 -17.50 -77.75
C GLU M 608 11.47 -16.39 -78.24
N GLY M 609 12.75 -16.73 -78.33
CA GLY M 609 13.77 -15.80 -78.79
C GLY M 609 14.12 -14.68 -77.84
N LYS M 610 13.75 -14.82 -76.57
CA LYS M 610 14.03 -13.77 -75.60
C LYS M 610 15.07 -14.14 -74.56
N ASP M 611 15.86 -13.16 -74.13
CA ASP M 611 16.82 -13.40 -73.07
C ASP M 611 16.11 -12.92 -71.82
N GLU M 612 16.72 -13.11 -70.65
CA GLU M 612 16.12 -12.72 -69.39
C GLU M 612 15.60 -11.27 -69.33
N LEU M 613 16.33 -10.34 -69.91
CA LEU M 613 15.91 -8.94 -69.87
C LEU M 613 14.68 -8.71 -70.75
N ALA M 614 14.57 -9.46 -71.84
CA ALA M 614 13.42 -9.33 -72.74
C ALA M 614 12.16 -9.80 -72.04
N TRP M 615 12.27 -10.90 -71.29
CA TRP M 615 11.12 -11.42 -70.54
C TRP M 615 10.72 -10.41 -69.46
N CYS M 616 11.70 -9.80 -68.82
CA CYS M 616 11.43 -8.82 -67.76
C CYS M 616 10.61 -7.67 -68.30
N GLU M 617 10.95 -7.20 -69.50
CA GLU M 617 10.21 -6.09 -70.10
C GLU M 617 8.78 -6.50 -70.35
N GLN M 618 8.60 -7.71 -70.89
CA GLN M 618 7.26 -8.20 -71.16
C GLN M 618 6.52 -8.32 -69.83
N TYR M 619 7.21 -8.85 -68.82
CA TYR M 619 6.66 -9.02 -67.48
C TYR M 619 6.16 -7.67 -66.96
N PHE M 620 7.03 -6.67 -67.04
CA PHE M 620 6.74 -5.31 -66.60
C PHE M 620 5.45 -4.77 -67.23
N ASN M 621 5.32 -4.93 -68.54
CA ASN M 621 4.14 -4.43 -69.23
C ASN M 621 2.84 -5.14 -68.88
N ALA M 622 2.94 -6.29 -68.22
CA ALA M 622 1.76 -7.05 -67.82
C ALA M 622 1.30 -6.67 -66.41
N THR M 623 1.97 -5.69 -65.80
CA THR M 623 1.60 -5.24 -64.46
C THR M 623 0.94 -3.87 -64.57
N ASP M 624 0.73 -3.21 -63.44
CA ASP M 624 0.12 -1.88 -63.42
C ASP M 624 1.20 -0.78 -63.49
N MET M 625 2.47 -1.18 -63.51
CA MET M 625 3.56 -0.21 -63.57
C MET M 625 3.48 0.78 -64.74
N PRO M 626 3.02 0.34 -65.91
CA PRO M 626 2.93 1.25 -67.06
C PRO M 626 2.06 2.49 -66.81
N LYS M 627 1.25 2.46 -65.75
CA LYS M 627 0.40 3.61 -65.43
C LYS M 627 1.21 4.75 -64.82
N TYR M 628 2.41 4.42 -64.32
CA TYR M 628 3.27 5.41 -63.70
C TYR M 628 4.54 5.70 -64.48
N MET M 629 5.10 4.68 -65.12
CA MET M 629 6.32 4.89 -65.91
C MET M 629 6.56 3.82 -66.96
N THR M 630 7.29 4.19 -68.01
CA THR M 630 7.60 3.25 -69.08
C THR M 630 8.73 2.35 -68.64
N TRP M 631 8.94 1.26 -69.39
CA TRP M 631 9.99 0.31 -69.08
C TRP M 631 11.34 1.01 -69.02
N ASP M 632 11.62 1.86 -70.01
CA ASP M 632 12.88 2.59 -70.07
C ASP M 632 13.12 3.49 -68.85
N GLU M 633 12.07 4.19 -68.42
CA GLU M 633 12.18 5.08 -67.27
C GLU M 633 12.42 4.26 -66.01
N PHE M 634 11.73 3.14 -65.89
CA PHE M 634 11.89 2.28 -64.73
C PHE M 634 13.28 1.67 -64.70
N PHE M 635 13.73 1.22 -65.87
CA PHE M 635 15.04 0.61 -65.97
C PHE M 635 16.09 1.61 -65.50
N LYS M 636 15.94 2.86 -65.93
CA LYS M 636 16.88 3.91 -65.55
C LYS M 636 16.81 4.25 -64.07
N LYS M 637 15.59 4.33 -63.52
CA LYS M 637 15.44 4.66 -62.10
C LYS M 637 15.90 3.52 -61.20
N GLY M 638 15.57 2.28 -61.57
CA GLY M 638 15.98 1.14 -60.79
C GLY M 638 14.99 0.63 -59.75
N TYR M 639 14.20 1.55 -59.19
CA TYR M 639 13.21 1.15 -58.19
C TYR M 639 12.07 2.16 -58.19
N PHE M 640 10.93 1.74 -57.68
CA PHE M 640 9.76 2.61 -57.64
C PHE M 640 8.99 2.39 -56.35
N VAL M 641 8.63 3.49 -55.71
CA VAL M 641 7.84 3.43 -54.49
C VAL M 641 6.40 3.68 -54.91
N VAL M 642 5.54 2.69 -54.74
CA VAL M 642 4.14 2.83 -55.11
C VAL M 642 3.48 3.91 -54.24
N PRO M 643 2.74 4.83 -54.87
CA PRO M 643 2.07 5.91 -54.14
C PRO M 643 1.03 5.36 -53.18
N ASP M 644 0.69 6.16 -52.18
CA ASP M 644 -0.33 5.82 -51.18
C ASP M 644 -1.70 6.07 -51.80
N ASN M 645 -2.71 5.33 -51.35
CA ASN M 645 -4.08 5.48 -51.85
C ASN M 645 -4.94 5.79 -50.62
N PRO M 646 -4.95 7.05 -50.17
CA PRO M 646 -5.70 7.51 -49.00
C PRO M 646 -7.22 7.34 -49.08
N ASN M 647 -7.76 7.35 -50.30
CA ASN M 647 -9.21 7.25 -50.45
C ASN M 647 -9.84 5.85 -50.47
N ARG M 648 -9.07 4.82 -50.79
CA ARG M 648 -9.66 3.48 -50.82
C ARG M 648 -10.26 3.17 -49.45
N LYS M 649 -11.41 2.51 -49.43
CA LYS M 649 -12.02 2.20 -48.15
C LYS M 649 -11.24 1.09 -47.45
N LYS M 650 -11.12 1.21 -46.14
CA LYS M 650 -10.39 0.22 -45.36
C LYS M 650 -11.30 -0.95 -45.04
N THR M 651 -10.83 -2.15 -45.34
CA THR M 651 -11.59 -3.35 -45.10
C THR M 651 -10.77 -4.25 -44.16
N VAL M 652 -11.09 -4.17 -42.88
CA VAL M 652 -10.37 -4.96 -41.88
C VAL M 652 -10.66 -6.44 -41.98
N ALA M 653 -9.59 -7.24 -41.88
CA ALA M 653 -9.69 -8.69 -41.95
C ALA M 653 -10.84 -9.25 -41.12
N LEU M 654 -11.66 -10.08 -41.76
CA LEU M 654 -12.80 -10.74 -41.13
C LEU M 654 -13.90 -9.88 -40.51
N ARG M 655 -13.85 -8.56 -40.66
CA ARG M 655 -14.91 -7.74 -40.09
C ARG M 655 -16.23 -8.04 -40.78
N TRP M 656 -16.16 -8.31 -42.08
CA TRP M 656 -17.37 -8.63 -42.84
C TRP M 656 -18.02 -9.88 -42.25
N PHE M 657 -17.20 -10.84 -41.84
CA PHE M 657 -17.69 -12.09 -41.24
C PHE M 657 -18.26 -11.83 -39.86
N ALA M 658 -17.58 -10.99 -39.07
CA ALA M 658 -18.03 -10.68 -37.73
C ALA M 658 -19.39 -9.97 -37.76
N GLU M 659 -19.59 -9.15 -38.80
CA GLU M 659 -20.83 -8.40 -38.93
C GLU M 659 -21.87 -9.09 -39.79
N GLY M 660 -21.59 -10.34 -40.16
CA GLY M 660 -22.53 -11.11 -40.95
C GLY M 660 -22.96 -10.50 -42.28
N ARG M 661 -22.02 -9.92 -43.02
CA ARG M 661 -22.35 -9.33 -44.31
C ARG M 661 -21.41 -9.88 -45.38
N GLU M 662 -21.60 -9.43 -46.62
CA GLU M 662 -20.79 -9.92 -47.74
C GLU M 662 -19.30 -9.63 -47.60
N LYS M 663 -18.49 -10.61 -47.97
CA LYS M 663 -17.05 -10.48 -47.94
C LYS M 663 -16.71 -9.23 -48.75
N ASP M 664 -15.94 -8.33 -48.15
CA ASP M 664 -15.60 -7.06 -48.82
C ASP M 664 -14.11 -6.73 -48.97
N THR M 665 -13.25 -7.65 -48.56
CA THR M 665 -11.80 -7.44 -48.65
C THR M 665 -11.26 -7.84 -50.02
N PRO M 666 -9.96 -7.59 -50.27
CA PRO M 666 -9.38 -7.96 -51.56
C PRO M 666 -8.93 -9.42 -51.58
N ASP M 667 -9.26 -10.19 -50.55
CA ASP M 667 -8.83 -11.59 -50.50
C ASP M 667 -9.29 -12.39 -51.72
N TRP M 668 -8.55 -13.45 -52.03
CA TRP M 668 -8.83 -14.30 -53.19
C TRP M 668 -9.89 -15.35 -52.93
N GLY M 669 -10.57 -15.23 -51.80
CA GLY M 669 -11.61 -16.17 -51.47
C GLY M 669 -12.44 -15.65 -50.32
N PRO M 670 -13.49 -16.38 -49.90
CA PRO M 670 -13.85 -17.65 -50.55
C PRO M 670 -14.45 -17.50 -51.95
N ARG M 671 -14.45 -18.60 -52.70
CA ARG M 671 -15.03 -18.55 -54.02
C ARG M 671 -16.55 -18.47 -53.87
N LEU M 672 -17.20 -17.82 -54.82
CA LEU M 672 -18.64 -17.65 -54.78
C LEU M 672 -19.42 -18.94 -54.55
N ASN M 673 -18.94 -20.04 -55.12
CA ASN M 673 -19.66 -21.30 -54.97
C ASN M 673 -19.53 -21.89 -53.55
N ASN M 674 -18.59 -21.37 -52.76
CA ASN M 674 -18.39 -21.85 -51.39
C ASN M 674 -19.09 -20.98 -50.36
N GLN M 675 -19.96 -20.09 -50.82
CA GLN M 675 -20.72 -19.22 -49.94
C GLN M 675 -22.17 -19.15 -50.40
N VAL M 676 -23.03 -18.67 -49.50
CA VAL M 676 -24.42 -18.46 -49.82
C VAL M 676 -24.57 -16.94 -49.87
N CYS M 677 -24.89 -16.41 -51.05
CA CYS M 677 -25.07 -14.97 -51.24
C CYS M 677 -23.81 -14.23 -50.77
N ARG M 678 -22.66 -14.83 -51.08
CA ARG M 678 -21.33 -14.35 -50.71
C ARG M 678 -21.13 -13.88 -49.28
N LYS M 679 -21.75 -14.60 -48.36
CA LYS M 679 -21.63 -14.34 -46.94
C LYS M 679 -21.07 -15.61 -46.31
N GLY M 680 -20.38 -15.48 -45.19
CA GLY M 680 -19.86 -16.66 -44.51
C GLY M 680 -18.53 -17.20 -44.97
N LEU M 681 -17.97 -18.09 -44.15
CA LEU M 681 -16.69 -18.72 -44.45
C LEU M 681 -16.87 -19.79 -45.52
N GLN M 682 -15.75 -20.26 -46.05
CA GLN M 682 -15.75 -21.28 -47.09
C GLN M 682 -16.34 -22.63 -46.63
N THR M 683 -16.37 -22.84 -45.33
CA THR M 683 -16.91 -24.09 -44.77
C THR M 683 -18.37 -24.28 -45.21
N THR M 684 -18.83 -25.52 -45.18
CA THR M 684 -20.20 -25.84 -45.56
C THR M 684 -21.24 -24.97 -44.87
N THR M 685 -21.15 -24.85 -43.56
CA THR M 685 -22.10 -24.05 -42.79
C THR M 685 -21.85 -22.55 -42.91
N GLY M 686 -20.66 -22.19 -43.37
CA GLY M 686 -20.31 -20.78 -43.47
C GLY M 686 -19.83 -20.27 -42.13
N LYS M 687 -19.77 -21.16 -41.14
CA LYS M 687 -19.33 -20.79 -39.80
C LYS M 687 -18.03 -21.50 -39.41
N VAL M 688 -17.51 -21.13 -38.24
CA VAL M 688 -16.31 -21.76 -37.72
C VAL M 688 -16.82 -23.08 -37.18
N GLU M 689 -16.34 -24.18 -37.76
CA GLU M 689 -16.82 -25.50 -37.36
C GLU M 689 -15.93 -26.21 -36.33
N PHE M 690 -16.39 -26.22 -35.08
CA PHE M 690 -15.66 -26.88 -34.00
C PHE M 690 -15.70 -28.39 -34.22
N ILE M 691 -16.72 -28.83 -34.94
CA ILE M 691 -16.86 -30.22 -35.35
C ILE M 691 -16.86 -30.01 -36.86
N ALA M 692 -15.74 -30.29 -37.50
CA ALA M 692 -15.61 -30.10 -38.95
C ALA M 692 -16.48 -31.02 -39.77
N THR M 693 -17.33 -30.46 -40.61
CA THR M 693 -18.21 -31.27 -41.43
C THR M 693 -17.43 -32.05 -42.48
N SER M 694 -16.36 -31.45 -43.00
CA SER M 694 -15.53 -32.13 -44.00
C SER M 694 -14.89 -33.37 -43.40
N LEU M 695 -14.32 -33.23 -42.21
CA LEU M 695 -13.68 -34.36 -41.55
C LEU M 695 -14.70 -35.38 -41.08
N LYS M 696 -15.90 -34.91 -40.74
CA LYS M 696 -16.94 -35.84 -40.32
C LYS M 696 -17.32 -36.72 -41.51
N ASN M 697 -17.39 -36.10 -42.69
CA ASN M 697 -17.72 -36.83 -43.92
C ASN M 697 -16.61 -37.87 -44.18
N PHE M 698 -15.38 -37.40 -44.07
CA PHE M 698 -14.20 -38.24 -44.29
C PHE M 698 -14.21 -39.47 -43.39
N GLU M 699 -14.41 -39.29 -42.10
CA GLU M 699 -14.43 -40.42 -41.17
C GLU M 699 -15.61 -41.35 -41.39
N GLU M 700 -16.77 -40.81 -41.76
CA GLU M 700 -17.93 -41.66 -42.00
C GLU M 700 -17.77 -42.41 -43.32
N GLN M 701 -16.84 -41.96 -44.15
CA GLN M 701 -16.58 -42.62 -45.42
C GLN M 701 -15.61 -43.79 -45.18
N GLY M 702 -15.14 -43.92 -43.94
CA GLY M 702 -14.24 -45.00 -43.59
C GLY M 702 -12.80 -44.61 -43.31
N TYR M 703 -12.46 -43.33 -43.46
CA TYR M 703 -11.09 -42.90 -43.21
C TYR M 703 -10.87 -42.51 -41.75
N ILE M 704 -10.71 -43.52 -40.91
CA ILE M 704 -10.51 -43.34 -39.47
C ILE M 704 -9.10 -42.83 -39.18
N ASP M 705 -9.01 -41.76 -38.40
CA ASP M 705 -7.73 -41.15 -38.06
C ASP M 705 -7.79 -40.56 -36.66
N GLU M 706 -7.32 -41.32 -35.68
CA GLU M 706 -7.33 -40.91 -34.28
C GLU M 706 -6.63 -39.57 -33.98
N HIS M 707 -5.59 -39.24 -34.75
CA HIS M 707 -4.87 -38.00 -34.52
C HIS M 707 -5.38 -36.79 -35.30
N ARG M 708 -6.56 -36.92 -35.89
CA ARG M 708 -7.17 -35.82 -36.60
C ARG M 708 -8.68 -36.00 -36.50
N PRO M 709 -9.20 -35.93 -35.27
CA PRO M 709 -10.64 -36.08 -35.02
C PRO M 709 -11.42 -34.92 -35.65
N SER M 710 -12.68 -35.17 -36.02
CA SER M 710 -13.50 -34.13 -36.62
C SER M 710 -13.72 -33.00 -35.62
N MET M 711 -13.77 -33.33 -34.33
CA MET M 711 -13.93 -32.31 -33.31
C MET M 711 -12.59 -31.95 -32.69
N HIS M 712 -12.30 -30.65 -32.61
CA HIS M 712 -11.07 -30.15 -32.00
C HIS M 712 -11.06 -30.59 -30.54
N THR M 713 -10.12 -31.46 -30.20
CA THR M 713 -10.01 -31.98 -28.83
C THR M 713 -8.56 -32.04 -28.40
N TYR M 714 -8.33 -32.47 -27.16
CA TYR M 714 -6.96 -32.57 -26.68
C TYR M 714 -6.35 -33.91 -27.04
N VAL M 715 -5.83 -34.01 -28.25
CA VAL M 715 -5.17 -35.23 -28.70
C VAL M 715 -3.73 -35.10 -28.21
N PRO M 716 -3.30 -36.00 -27.31
CA PRO M 716 -1.92 -35.90 -26.82
C PRO M 716 -0.92 -35.99 -27.99
N ALA M 717 0.08 -35.11 -28.00
CA ALA M 717 1.08 -35.09 -29.06
C ALA M 717 1.81 -36.44 -29.08
N TRP M 718 1.88 -37.10 -30.24
CA TRP M 718 2.54 -38.40 -30.27
C TRP M 718 4.05 -38.37 -30.03
N GLU M 719 4.66 -37.19 -30.09
CA GLU M 719 6.08 -37.10 -29.75
C GLU M 719 6.23 -35.99 -28.70
N SER M 720 5.82 -36.30 -27.49
CA SER M 720 5.90 -35.35 -26.37
C SER M 720 6.52 -36.11 -25.21
N GLN M 721 6.98 -35.38 -24.20
CA GLN M 721 7.64 -36.01 -23.06
C GLN M 721 6.78 -36.89 -22.16
N LYS M 722 5.50 -36.61 -22.03
CA LYS M 722 4.71 -37.48 -21.16
C LYS M 722 3.79 -38.43 -21.90
N HIS M 723 3.77 -38.36 -23.23
CA HIS M 723 2.88 -39.23 -23.99
C HIS M 723 3.57 -40.18 -24.97
N SER M 724 4.90 -40.14 -25.04
CA SER M 724 5.63 -41.02 -25.93
C SER M 724 6.55 -41.98 -25.18
N PRO M 725 6.55 -43.28 -25.58
CA PRO M 725 7.39 -44.30 -24.94
C PRO M 725 8.88 -43.95 -25.11
N LEU M 726 9.16 -43.13 -26.12
CA LEU M 726 10.53 -42.70 -26.42
C LEU M 726 11.11 -41.79 -25.34
N ALA M 727 10.25 -41.16 -24.56
CA ALA M 727 10.70 -40.23 -23.52
C ALA M 727 11.58 -40.87 -22.46
N VAL M 728 11.50 -42.19 -22.32
CA VAL M 728 12.32 -42.89 -21.33
C VAL M 728 13.80 -42.79 -21.70
N LYS M 729 14.11 -43.08 -22.96
CA LYS M 729 15.50 -43.02 -23.44
C LYS M 729 15.87 -41.59 -23.85
N TYR M 730 14.89 -40.84 -24.34
CA TYR M 730 15.12 -39.48 -24.81
C TYR M 730 14.16 -38.54 -24.11
N PRO M 731 14.48 -38.15 -22.86
CA PRO M 731 13.68 -37.26 -22.02
C PRO M 731 13.62 -35.78 -22.38
N LEU M 732 14.55 -35.30 -23.21
CA LEU M 732 14.56 -33.89 -23.59
C LEU M 732 13.69 -33.55 -24.79
N GLY M 733 12.88 -32.52 -24.64
CA GLY M 733 12.01 -32.09 -25.71
C GLY M 733 12.69 -31.03 -26.56
N MET M 734 12.82 -31.29 -27.85
CA MET M 734 13.48 -30.34 -28.75
C MET M 734 12.58 -29.72 -29.80
N LEU M 735 12.70 -28.40 -29.94
CA LEU M 735 11.97 -27.66 -30.97
C LEU M 735 13.09 -27.12 -31.85
N SER M 736 12.86 -27.06 -33.17
CA SER M 736 13.88 -26.59 -34.08
C SER M 736 13.32 -25.63 -35.13
N PRO M 737 13.04 -24.38 -34.72
CA PRO M 737 12.49 -23.31 -35.57
C PRO M 737 13.45 -22.81 -36.64
N HIS M 738 13.03 -21.77 -37.35
CA HIS M 738 13.82 -21.21 -38.43
C HIS M 738 15.03 -20.42 -37.93
N PRO M 739 16.16 -20.57 -38.64
CA PRO M 739 17.40 -19.89 -38.29
C PRO M 739 17.30 -18.37 -38.27
N ARG M 740 17.75 -17.82 -37.16
CA ARG M 740 17.77 -16.39 -36.92
C ARG M 740 18.64 -15.62 -37.92
N PHE M 741 19.85 -16.12 -38.19
CA PHE M 741 20.76 -15.42 -39.09
C PHE M 741 20.90 -16.00 -40.51
N SER M 742 19.87 -16.69 -40.99
CA SER M 742 19.92 -17.26 -42.31
C SER M 742 18.51 -17.47 -42.85
N MET M 743 18.34 -17.42 -44.17
CA MET M 743 17.03 -17.67 -44.77
C MET M 743 17.15 -19.16 -45.08
N HIS M 744 16.80 -19.97 -44.10
CA HIS M 744 16.93 -21.41 -44.22
C HIS M 744 18.40 -21.73 -44.54
N THR M 745 18.70 -22.45 -45.60
CA THR M 745 20.10 -22.77 -45.88
C THR M 745 20.88 -21.64 -46.52
N MET M 746 20.19 -20.64 -47.04
CA MET M 746 20.84 -19.51 -47.71
C MET M 746 21.33 -18.46 -46.71
N GLY M 747 22.52 -18.71 -46.18
CA GLY M 747 23.10 -17.80 -45.20
C GLY M 747 24.14 -18.57 -44.40
N ASP M 748 23.79 -19.77 -43.97
CA ASP M 748 24.69 -20.61 -43.19
C ASP M 748 25.75 -21.24 -44.09
N GLY M 749 26.85 -21.69 -43.49
CA GLY M 749 27.93 -22.31 -44.25
C GLY M 749 28.46 -21.42 -45.35
N LYS M 750 28.94 -22.03 -46.43
CA LYS M 750 29.48 -21.31 -47.59
C LYS M 750 30.61 -20.36 -47.21
N ASN M 751 31.15 -20.53 -46.01
CA ASN M 751 32.20 -19.66 -45.52
C ASN M 751 31.72 -18.20 -45.54
N SER M 752 30.41 -18.01 -45.32
CA SER M 752 29.80 -16.68 -45.30
C SER M 752 30.14 -15.93 -44.01
N TYR M 753 29.94 -14.62 -44.00
CA TYR M 753 30.22 -13.82 -42.82
C TYR M 753 29.31 -14.17 -41.65
N MET M 754 28.09 -14.62 -41.95
CA MET M 754 27.14 -14.98 -40.91
C MET M 754 27.68 -16.05 -39.98
N ASN M 755 28.65 -16.82 -40.44
CA ASN M 755 29.23 -17.88 -39.61
C ASN M 755 30.02 -17.32 -38.42
N TYR M 756 30.35 -16.03 -38.47
CA TYR M 756 31.12 -15.41 -37.39
C TYR M 756 30.23 -14.78 -36.32
N ILE M 757 28.93 -14.83 -36.54
CA ILE M 757 27.97 -14.29 -35.59
C ILE M 757 27.98 -15.20 -34.35
N LYS M 758 28.09 -14.59 -33.18
CA LYS M 758 28.18 -15.33 -31.92
C LYS M 758 27.05 -16.33 -31.68
N ASP M 759 25.82 -15.92 -31.97
CA ASP M 759 24.69 -16.80 -31.73
C ASP M 759 24.28 -17.64 -32.94
N HIS M 760 25.21 -17.84 -33.88
CA HIS M 760 24.92 -18.66 -35.05
C HIS M 760 25.71 -19.96 -34.96
N ARG M 761 27.03 -19.86 -34.95
CA ARG M 761 27.90 -21.03 -34.84
C ARG M 761 29.01 -20.70 -33.84
N VAL M 762 29.54 -21.71 -33.17
CA VAL M 762 30.62 -21.52 -32.21
C VAL M 762 31.85 -22.28 -32.68
N GLU M 763 32.97 -21.57 -32.80
CA GLU M 763 34.19 -22.21 -33.25
C GLU M 763 34.90 -22.94 -32.12
N VAL M 764 35.21 -24.20 -32.36
CA VAL M 764 35.90 -25.04 -31.38
C VAL M 764 36.99 -25.81 -32.11
N ASP M 765 38.24 -25.47 -31.82
CA ASP M 765 39.40 -26.11 -32.45
C ASP M 765 39.36 -26.03 -33.96
N GLY M 766 39.10 -24.82 -34.48
CA GLY M 766 39.08 -24.61 -35.91
C GLY M 766 37.78 -24.90 -36.64
N TYR M 767 36.84 -25.55 -35.99
CA TYR M 767 35.57 -25.87 -36.64
C TYR M 767 34.42 -25.07 -36.02
N LYS M 768 33.55 -24.52 -36.87
CA LYS M 768 32.41 -23.74 -36.39
C LYS M 768 31.22 -24.67 -36.24
N TYR M 769 30.89 -25.02 -35.00
CA TYR M 769 29.78 -25.91 -34.73
C TYR M 769 28.43 -25.22 -34.57
N TRP M 770 27.37 -25.93 -34.94
CA TRP M 770 26.01 -25.44 -34.84
C TRP M 770 25.66 -25.39 -33.34
N ILE M 771 24.74 -24.51 -32.98
CA ILE M 771 24.37 -24.31 -31.59
C ILE M 771 23.10 -24.99 -31.10
N MET M 772 23.19 -25.56 -29.89
CA MET M 772 22.02 -26.13 -29.24
C MET M 772 21.95 -25.45 -27.88
N ARG M 773 20.79 -24.89 -27.58
CA ARG M 773 20.56 -24.19 -26.33
C ARG M 773 19.98 -25.15 -25.31
N VAL M 774 20.59 -25.16 -24.12
CA VAL M 774 20.20 -26.05 -23.04
C VAL M 774 19.99 -25.26 -21.75
N ASN M 775 18.95 -25.60 -20.99
CA ASN M 775 18.71 -24.91 -19.73
C ASN M 775 19.83 -25.29 -18.77
N SER M 776 20.28 -24.34 -17.96
CA SER M 776 21.36 -24.57 -17.01
C SER M 776 21.17 -25.82 -16.14
N ILE M 777 19.92 -26.08 -15.74
CA ILE M 777 19.63 -27.24 -14.90
C ILE M 777 19.90 -28.56 -15.60
N ASP M 778 19.49 -28.67 -16.86
CA ASP M 778 19.70 -29.90 -17.63
C ASP M 778 21.17 -30.05 -17.98
N ALA M 779 21.83 -28.93 -18.27
CA ALA M 779 23.25 -28.95 -18.61
C ALA M 779 24.04 -29.46 -17.40
N GLU M 780 23.78 -28.90 -16.24
CA GLU M 780 24.46 -29.28 -15.00
C GLU M 780 24.35 -30.77 -14.69
N ALA M 781 23.16 -31.32 -14.83
CA ALA M 781 22.94 -32.75 -14.56
C ALA M 781 23.70 -33.65 -15.53
N ARG M 782 24.22 -33.06 -16.61
CA ARG M 782 24.97 -33.83 -17.60
C ARG M 782 26.43 -33.42 -17.67
N GLY M 783 26.84 -32.54 -16.76
CA GLY M 783 28.23 -32.09 -16.74
C GLY M 783 28.59 -31.30 -17.98
N ILE M 784 27.62 -30.62 -18.55
CA ILE M 784 27.83 -29.82 -19.75
C ILE M 784 27.98 -28.34 -19.41
N LYS M 785 29.03 -27.72 -19.94
CA LYS M 785 29.27 -26.30 -19.71
C LYS M 785 29.14 -25.55 -21.02
N ASN M 786 28.97 -24.24 -20.93
CA ASN M 786 28.84 -23.38 -22.08
C ASN M 786 30.03 -23.57 -23.01
N GLY M 787 29.78 -23.83 -24.29
CA GLY M 787 30.87 -24.02 -25.24
C GLY M 787 31.30 -25.46 -25.46
N ASP M 788 30.88 -26.37 -24.58
CA ASP M 788 31.24 -27.78 -24.73
C ASP M 788 30.63 -28.41 -25.96
N LEU M 789 31.33 -29.38 -26.55
CA LEU M 789 30.81 -30.08 -27.70
C LEU M 789 29.93 -31.20 -27.16
N ILE M 790 28.68 -31.24 -27.62
CA ILE M 790 27.76 -32.27 -27.17
C ILE M 790 27.20 -33.06 -28.33
N ARG M 791 26.66 -34.23 -28.01
CA ARG M 791 26.07 -35.10 -29.01
C ARG M 791 24.57 -35.20 -28.69
N ALA M 792 23.74 -34.78 -29.64
CA ALA M 792 22.28 -34.85 -29.48
C ALA M 792 21.89 -36.08 -30.29
N TYR M 793 21.12 -36.98 -29.70
CA TYR M 793 20.75 -38.21 -30.40
C TYR M 793 19.43 -38.85 -29.97
N ASN M 794 19.01 -39.81 -30.79
CA ASN M 794 17.82 -40.62 -30.57
C ASN M 794 17.93 -41.78 -31.55
N ASP M 795 16.86 -42.52 -31.81
CA ASP M 795 16.96 -43.66 -32.72
C ASP M 795 17.24 -43.29 -34.18
N ARG M 796 17.03 -42.02 -34.53
CA ARG M 796 17.23 -41.57 -35.90
C ARG M 796 18.65 -41.19 -36.29
N GLY M 797 19.48 -40.86 -35.31
CA GLY M 797 20.84 -40.47 -35.60
C GLY M 797 21.51 -39.67 -34.49
N SER M 798 22.68 -39.12 -34.79
CA SER M 798 23.43 -38.30 -33.83
C SER M 798 23.92 -37.05 -34.54
N VAL M 799 23.98 -35.95 -33.81
CA VAL M 799 24.43 -34.66 -34.33
C VAL M 799 25.35 -34.03 -33.29
N ILE M 800 26.54 -33.59 -33.72
CA ILE M 800 27.49 -32.96 -32.80
C ILE M 800 27.25 -31.46 -32.82
N LEU M 801 27.11 -30.86 -31.65
CA LEU M 801 26.81 -29.43 -31.54
C LEU M 801 27.57 -28.75 -30.41
N ALA M 802 27.58 -27.43 -30.43
CA ALA M 802 28.23 -26.64 -29.39
C ALA M 802 27.11 -26.24 -28.44
N ALA M 803 27.29 -26.48 -27.15
CA ALA M 803 26.27 -26.14 -26.17
C ALA M 803 26.26 -24.68 -25.76
N GLN M 804 25.07 -24.11 -25.65
CA GLN M 804 24.89 -22.74 -25.19
C GLN M 804 23.95 -22.87 -24.00
N VAL M 805 24.50 -22.76 -22.80
CA VAL M 805 23.69 -22.86 -21.58
C VAL M 805 22.94 -21.55 -21.39
N THR M 806 21.62 -21.66 -21.22
CA THR M 806 20.77 -20.49 -21.08
C THR M 806 19.63 -20.69 -20.08
N GLU M 807 18.90 -19.62 -19.83
CA GLU M 807 17.74 -19.66 -18.93
C GLU M 807 16.50 -19.43 -19.79
N CYS M 808 16.73 -19.25 -21.10
CA CYS M 808 15.65 -18.98 -22.03
C CYS M 808 14.84 -20.19 -22.46
N LEU M 809 14.82 -21.22 -21.61
CA LEU M 809 14.08 -22.45 -21.88
C LEU M 809 13.68 -23.12 -20.57
N GLN M 810 12.48 -23.69 -20.51
CA GLN M 810 12.05 -24.38 -19.30
C GLN M 810 12.93 -25.63 -19.19
N PRO M 811 13.35 -26.00 -17.96
CA PRO M 811 14.18 -27.20 -17.81
C PRO M 811 13.51 -28.39 -18.49
N GLY M 812 14.29 -29.18 -19.22
CA GLY M 812 13.75 -30.33 -19.92
C GLY M 812 13.54 -30.08 -21.40
N THR M 813 13.69 -28.82 -21.81
CA THR M 813 13.50 -28.43 -23.20
C THR M 813 14.80 -27.89 -23.81
N VAL M 814 15.13 -28.34 -25.03
CA VAL M 814 16.33 -27.85 -25.71
C VAL M 814 15.91 -27.23 -27.03
N HIS M 815 16.74 -26.35 -27.56
CA HIS M 815 16.43 -25.63 -28.78
C HIS M 815 17.61 -25.55 -29.74
N SER M 816 17.35 -25.78 -31.01
CA SER M 816 18.39 -25.71 -32.03
C SER M 816 17.72 -25.45 -33.36
N TYR M 817 18.08 -24.36 -34.02
CA TYR M 817 17.49 -24.01 -35.30
C TYR M 817 17.72 -25.09 -36.35
N GLU M 818 16.80 -25.16 -37.30
CA GLU M 818 16.90 -26.12 -38.40
C GLU M 818 17.54 -25.39 -39.56
N SER M 819 17.53 -26.01 -40.73
CA SER M 819 18.07 -25.41 -41.95
C SER M 819 19.58 -25.31 -42.08
N CYS M 820 20.30 -26.11 -41.32
CA CYS M 820 21.76 -26.13 -41.41
C CYS M 820 22.12 -26.44 -42.86
N ALA M 821 23.01 -25.65 -43.45
CA ALA M 821 23.39 -25.85 -44.85
C ALA M 821 24.52 -26.86 -45.03
N VAL M 822 25.19 -27.21 -43.93
CA VAL M 822 26.32 -28.12 -43.99
C VAL M 822 26.05 -29.54 -43.53
N TYR M 823 26.33 -30.50 -44.41
CA TYR M 823 26.18 -31.90 -44.03
C TYR M 823 27.61 -32.42 -44.02
N ASP M 824 28.10 -32.75 -42.83
CA ASP M 824 29.47 -33.21 -42.67
C ASP M 824 29.53 -34.45 -41.78
N PRO M 825 29.27 -35.63 -42.36
CA PRO M 825 29.28 -36.93 -41.67
C PRO M 825 30.67 -37.24 -41.14
N LEU M 826 30.74 -37.77 -39.93
CA LEU M 826 32.02 -38.13 -39.35
C LEU M 826 32.40 -39.53 -39.82
N GLY M 827 31.40 -40.23 -40.36
CA GLY M 827 31.62 -41.58 -40.87
C GLY M 827 30.92 -41.70 -42.21
N THR M 828 30.40 -42.89 -42.48
CA THR M 828 29.70 -43.15 -43.74
C THR M 828 28.47 -42.26 -43.81
N ALA M 829 28.22 -41.70 -44.98
CA ALA M 829 27.07 -40.83 -45.18
C ALA M 829 25.77 -41.57 -44.84
N GLY M 830 24.88 -40.85 -44.15
CA GLY M 830 23.60 -41.42 -43.76
C GLY M 830 23.67 -42.48 -42.67
N LYS M 831 24.87 -42.83 -42.24
CA LYS M 831 25.04 -43.87 -41.23
C LYS M 831 25.85 -43.48 -40.00
N SER M 832 26.26 -42.22 -39.92
CA SER M 832 27.06 -41.79 -38.79
C SER M 832 26.65 -40.42 -38.27
N ALA M 833 27.24 -40.02 -37.15
CA ALA M 833 26.94 -38.72 -36.56
C ALA M 833 27.38 -37.62 -37.52
N ASP M 834 26.62 -36.53 -37.55
CA ASP M 834 26.94 -35.39 -38.40
C ASP M 834 27.41 -34.26 -37.50
N ARG M 835 28.44 -33.54 -37.91
CA ARG M 835 28.93 -32.42 -37.11
C ARG M 835 28.63 -31.11 -37.84
N GLY M 836 27.99 -31.24 -39.00
CA GLY M 836 27.64 -30.05 -39.76
C GLY M 836 26.60 -29.25 -38.97
N GLY M 837 25.65 -29.96 -38.38
CA GLY M 837 24.60 -29.31 -37.59
C GLY M 837 23.19 -29.57 -38.09
N CYS M 838 23.00 -30.65 -38.83
CA CYS M 838 21.68 -30.97 -39.37
C CYS M 838 20.74 -31.59 -38.35
N ILE M 839 20.16 -30.73 -37.52
CA ILE M 839 19.23 -31.14 -36.47
C ILE M 839 18.08 -31.98 -37.02
N ASN M 840 17.70 -31.74 -38.28
CA ASN M 840 16.60 -32.51 -38.84
C ASN M 840 16.89 -33.99 -39.02
N ILE M 841 18.10 -34.40 -38.65
CA ILE M 841 18.46 -35.81 -38.70
C ILE M 841 17.68 -36.47 -37.56
N LEU M 842 17.40 -35.69 -36.52
CA LEU M 842 16.73 -36.17 -35.32
C LEU M 842 15.20 -36.02 -35.25
N THR M 843 14.60 -35.26 -36.15
CA THR M 843 13.17 -35.05 -36.14
C THR M 843 12.38 -36.23 -36.71
N PRO M 844 11.16 -36.47 -36.19
CA PRO M 844 10.31 -37.58 -36.64
C PRO M 844 9.80 -37.46 -38.06
N ASP M 845 9.88 -38.55 -38.81
CA ASP M 845 9.39 -38.55 -40.19
C ASP M 845 7.94 -39.01 -40.27
N ARG M 846 7.39 -39.39 -39.12
CA ARG M 846 6.00 -39.81 -39.07
C ARG M 846 5.11 -38.61 -39.40
N TYR M 847 4.13 -38.81 -40.27
CA TYR M 847 3.21 -37.75 -40.67
C TYR M 847 2.45 -37.23 -39.43
N ILE M 848 1.97 -35.99 -39.48
CA ILE M 848 1.21 -35.42 -38.37
C ILE M 848 0.08 -36.35 -37.94
N SER M 849 -0.66 -36.89 -38.91
CA SER M 849 -1.74 -37.84 -38.61
C SER M 849 -1.73 -38.88 -39.73
N LYS M 850 -2.60 -39.87 -39.66
CA LYS M 850 -2.61 -40.91 -40.69
C LYS M 850 -2.84 -40.34 -42.08
N TYR M 851 -3.73 -39.36 -42.19
CA TYR M 851 -4.04 -38.75 -43.49
C TYR M 851 -3.57 -37.31 -43.62
N ALA M 852 -3.15 -36.71 -42.51
CA ALA M 852 -2.62 -35.35 -42.56
C ALA M 852 -1.15 -35.56 -42.88
N CYS M 853 -0.84 -35.56 -44.17
CA CYS M 853 0.51 -35.83 -44.63
C CYS M 853 1.47 -34.65 -44.61
N GLY M 854 1.66 -34.09 -43.41
CA GLY M 854 2.54 -32.95 -43.22
C GLY M 854 3.67 -33.28 -42.25
N MET M 855 4.65 -32.40 -42.16
CA MET M 855 5.80 -32.63 -41.28
C MET M 855 5.53 -32.20 -39.84
N ALA M 856 6.03 -32.97 -38.87
CA ALA M 856 5.82 -32.70 -37.45
C ALA M 856 7.14 -32.44 -36.71
N ASN M 857 8.08 -31.84 -37.41
CA ASN M 857 9.42 -31.56 -36.89
C ASN M 857 9.58 -30.95 -35.49
N ASN M 858 8.84 -29.88 -35.21
CA ASN M 858 9.03 -29.20 -33.93
C ASN M 858 8.66 -29.88 -32.61
N THR M 859 8.46 -31.19 -32.67
CA THR M 859 8.24 -31.99 -31.47
C THR M 859 9.16 -33.17 -31.71
N ALA M 860 10.31 -33.15 -31.06
CA ALA M 860 11.29 -34.23 -31.21
C ALA M 860 11.91 -34.55 -29.87
N LEU M 861 11.95 -35.83 -29.53
CA LEU M 861 12.53 -36.24 -28.26
C LEU M 861 13.98 -36.65 -28.52
N VAL M 862 14.88 -36.15 -27.68
CA VAL M 862 16.30 -36.45 -27.80
C VAL M 862 16.95 -36.55 -26.43
N GLU M 863 18.21 -36.97 -26.43
CA GLU M 863 19.02 -37.05 -25.22
C GLU M 863 20.31 -36.39 -25.67
N ILE M 864 21.00 -35.74 -24.76
CA ILE M 864 22.26 -35.09 -25.10
C ILE M 864 23.29 -35.48 -24.05
N GLU M 865 24.55 -35.46 -24.45
CA GLU M 865 25.65 -35.80 -23.56
C GLU M 865 26.90 -35.16 -24.12
N LYS M 866 27.93 -34.98 -23.30
CA LYS M 866 29.18 -34.42 -23.80
C LYS M 866 29.66 -35.41 -24.85
N TRP M 867 30.19 -34.91 -25.95
CA TRP M 867 30.68 -35.79 -27.02
C TRP M 867 32.01 -36.44 -26.66
N ASP M 868 32.04 -37.76 -26.73
CA ASP M 868 33.26 -38.51 -26.42
C ASP M 868 34.22 -38.57 -27.60
N GLY M 869 33.79 -38.05 -28.74
CA GLY M 869 34.64 -38.04 -29.92
C GLY M 869 34.42 -39.16 -30.92
N ASP M 870 33.53 -40.10 -30.61
CA ASP M 870 33.25 -41.20 -31.52
C ASP M 870 32.42 -40.72 -32.71
N LYS M 871 32.44 -41.47 -33.80
CA LYS M 871 31.68 -41.09 -34.98
C LYS M 871 30.28 -41.73 -35.04
N TYR M 872 30.04 -42.68 -34.14
CA TYR M 872 28.76 -43.35 -34.07
C TYR M 872 28.20 -43.86 -35.40
N GLU M 873 28.93 -44.76 -36.04
CA GLU M 873 28.45 -45.31 -37.30
C GLU M 873 27.55 -46.47 -36.92
N ILE M 874 26.33 -46.15 -36.51
CA ILE M 874 25.37 -47.14 -36.07
C ILE M 874 23.99 -46.96 -36.67
N TYR M 875 23.85 -46.06 -37.65
CA TYR M 875 22.53 -45.82 -38.24
C TYR M 875 22.38 -46.40 -39.64
N MET N 1 35.05 23.68 -34.63
CA MET N 1 35.54 22.27 -34.59
C MET N 1 34.40 21.32 -34.23
N GLU N 2 33.63 20.93 -35.23
CA GLU N 2 32.51 20.01 -35.04
C GLU N 2 33.08 18.61 -34.87
N GLN N 3 32.56 17.84 -33.91
CA GLN N 3 33.03 16.49 -33.67
C GLN N 3 31.94 15.45 -33.83
N TYR N 4 32.34 14.21 -34.10
CA TYR N 4 31.40 13.11 -34.27
C TYR N 4 31.10 12.43 -32.93
N TYR N 5 29.85 12.01 -32.75
CA TYR N 5 29.45 11.32 -31.53
C TYR N 5 28.46 10.22 -31.90
N MET N 6 28.41 9.16 -31.11
CA MET N 6 27.49 8.07 -31.36
C MET N 6 26.76 7.72 -30.07
N VAL N 7 25.45 7.50 -30.19
CA VAL N 7 24.62 7.13 -29.05
C VAL N 7 23.95 5.80 -29.37
N ILE N 8 24.15 4.84 -28.48
CA ILE N 8 23.60 3.50 -28.65
C ILE N 8 22.58 3.16 -27.56
N ASP N 9 21.36 2.84 -27.97
CA ASP N 9 20.31 2.50 -27.01
C ASP N 9 20.25 1.00 -26.76
N VAL N 10 20.81 0.59 -25.63
CA VAL N 10 20.85 -0.81 -25.24
C VAL N 10 19.48 -1.48 -25.21
N ALA N 11 18.48 -0.73 -24.75
CA ALA N 11 17.12 -1.26 -24.64
C ALA N 11 16.54 -1.66 -25.99
N LYS N 12 17.14 -1.16 -27.07
CA LYS N 12 16.66 -1.48 -28.41
C LYS N 12 17.44 -2.53 -29.18
N CYS N 13 18.58 -3.01 -28.64
CA CYS N 13 19.35 -4.05 -29.35
C CYS N 13 18.67 -5.40 -29.29
N GLN N 14 18.57 -6.06 -30.44
CA GLN N 14 17.99 -7.40 -30.50
C GLN N 14 19.04 -8.40 -30.98
N ASP N 15 20.27 -7.91 -31.20
CA ASP N 15 21.37 -8.78 -31.63
C ASP N 15 21.15 -9.47 -32.99
N CYS N 16 20.57 -8.77 -33.99
CA CYS N 16 20.38 -9.37 -35.32
C CYS N 16 21.71 -9.39 -36.04
N ASN N 17 22.66 -8.61 -35.54
CA ASN N 17 23.99 -8.53 -36.13
C ASN N 17 24.06 -7.83 -37.49
N ASN N 18 23.08 -6.99 -37.79
CA ASN N 18 23.09 -6.24 -39.04
C ASN N 18 24.35 -5.33 -39.11
N CYS N 19 24.82 -4.85 -37.94
CA CYS N 19 26.03 -3.98 -37.81
C CYS N 19 27.23 -4.68 -38.36
N PHE N 20 27.56 -5.68 -37.54
CA PHE N 20 28.68 -6.57 -37.72
C PHE N 20 28.74 -7.01 -39.16
N MET N 21 27.58 -7.39 -39.70
CA MET N 21 27.54 -7.83 -41.09
C MET N 21 27.85 -6.60 -41.93
N GLY N 22 27.46 -5.44 -41.43
CA GLY N 22 27.76 -4.20 -42.13
C GLY N 22 29.26 -3.94 -42.25
N CYS N 23 30.05 -4.09 -41.17
CA CYS N 23 31.52 -3.86 -41.29
C CYS N 23 32.12 -4.79 -42.27
N MET N 24 31.89 -6.06 -42.00
CA MET N 24 32.46 -7.12 -42.81
C MET N 24 32.20 -6.82 -44.26
N ASP N 25 30.97 -6.41 -44.57
CA ASP N 25 30.61 -6.08 -45.93
C ASP N 25 31.47 -4.92 -46.42
N GLU N 26 31.74 -3.98 -45.52
CA GLU N 26 32.53 -2.80 -45.88
C GLU N 26 34.03 -3.01 -45.84
N HIS N 27 34.50 -3.90 -44.96
CA HIS N 27 35.95 -4.09 -44.79
C HIS N 27 36.61 -5.44 -45.09
N GLU N 28 35.86 -6.53 -45.10
CA GLU N 28 36.48 -7.83 -45.31
C GLU N 28 37.07 -8.05 -46.71
N LEU N 29 36.36 -7.60 -47.73
CA LEU N 29 36.82 -7.77 -49.11
C LEU N 29 37.37 -6.50 -49.71
N ASN N 30 37.28 -5.39 -48.98
CA ASN N 30 37.75 -4.11 -49.49
C ASN N 30 38.95 -3.59 -48.70
N GLU N 31 39.79 -2.83 -49.38
CA GLU N 31 40.95 -2.21 -48.77
C GLU N 31 40.71 -0.72 -48.98
N TRP N 32 41.01 0.08 -47.96
CA TRP N 32 40.80 1.52 -48.08
C TRP N 32 42.10 2.26 -47.78
N PRO N 33 42.86 2.60 -48.84
CA PRO N 33 44.14 3.31 -48.73
C PRO N 33 44.04 4.55 -47.84
N GLY N 34 44.90 4.59 -46.83
CA GLY N 34 44.91 5.72 -45.91
C GLY N 34 44.06 5.49 -44.68
N TYR N 35 43.23 4.44 -44.70
CA TYR N 35 42.38 4.15 -43.55
C TYR N 35 42.60 2.77 -42.95
N THR N 36 42.58 1.73 -43.77
CA THR N 36 42.77 0.38 -43.27
C THR N 36 42.88 -0.63 -44.38
N ALA N 37 43.56 -1.74 -44.09
CA ALA N 37 43.67 -2.82 -45.06
C ALA N 37 42.42 -3.65 -44.83
N SER N 38 42.20 -4.68 -45.62
CA SER N 38 41.00 -5.50 -45.44
C SER N 38 40.98 -6.14 -44.05
N MET N 39 39.76 -6.32 -43.54
CA MET N 39 39.53 -6.92 -42.23
C MET N 39 39.77 -8.43 -42.25
N GLN N 40 40.22 -8.97 -41.12
CA GLN N 40 40.46 -10.40 -41.01
C GLN N 40 39.19 -11.09 -40.50
N ARG N 41 38.82 -12.20 -41.13
CA ARG N 41 37.65 -12.97 -40.73
C ARG N 41 37.77 -13.42 -39.27
N GLY N 42 36.77 -13.11 -38.47
CA GLY N 42 36.82 -13.49 -37.07
C GLY N 42 36.99 -12.30 -36.16
N HIS N 43 37.46 -11.18 -36.72
CA HIS N 43 37.65 -9.96 -35.95
C HIS N 43 36.29 -9.36 -35.62
N ARG N 44 36.24 -8.62 -34.53
CA ARG N 44 34.99 -7.98 -34.12
C ARG N 44 35.21 -6.49 -33.86
N TRP N 45 35.45 -5.73 -34.91
CA TRP N 45 35.66 -4.28 -34.77
C TRP N 45 34.40 -3.78 -34.07
N MET N 46 33.28 -4.37 -34.44
CA MET N 46 31.98 -4.07 -33.84
C MET N 46 31.72 -5.35 -33.05
N ASN N 47 31.82 -5.27 -31.73
CA ASN N 47 31.64 -6.43 -30.88
C ASN N 47 30.32 -6.32 -30.11
N ILE N 48 29.35 -7.14 -30.46
CA ILE N 48 28.05 -7.12 -29.78
C ILE N 48 28.09 -8.03 -28.55
N GLU N 49 28.23 -7.42 -27.38
CA GLU N 49 28.27 -8.18 -26.13
C GLU N 49 26.87 -8.64 -25.73
N ARG N 50 26.81 -9.86 -25.19
CA ARG N 50 25.53 -10.45 -24.79
C ARG N 50 25.54 -10.77 -23.30
N ARG N 51 24.46 -10.44 -22.60
CA ARG N 51 24.39 -10.72 -21.17
C ARG N 51 23.02 -11.13 -20.67
N GLU N 52 22.91 -12.37 -20.21
CA GLU N 52 21.67 -12.88 -19.67
C GLU N 52 21.63 -12.54 -18.19
N ARG N 53 20.44 -12.25 -17.67
CA ARG N 53 20.29 -11.93 -16.24
C ARG N 53 19.17 -12.75 -15.64
N GLY N 54 19.30 -13.07 -14.36
CA GLY N 54 18.28 -13.83 -13.68
C GLY N 54 18.23 -15.32 -13.96
N THR N 55 17.14 -15.94 -13.52
CA THR N 55 16.95 -17.38 -13.69
C THR N 55 15.53 -17.67 -14.18
N TYR N 56 15.39 -18.74 -14.95
CA TYR N 56 14.08 -19.15 -15.47
C TYR N 56 13.11 -19.21 -14.28
N PRO N 57 11.86 -18.73 -14.45
CA PRO N 57 11.27 -18.14 -15.66
C PRO N 57 11.26 -16.61 -15.71
N ARG N 58 11.93 -15.95 -14.76
CA ARG N 58 11.94 -14.49 -14.74
C ARG N 58 13.30 -13.92 -15.10
N ASN N 59 13.88 -14.48 -16.15
CA ASN N 59 15.18 -14.07 -16.64
C ASN N 59 14.99 -13.12 -17.80
N ASP N 60 16.10 -12.55 -18.27
CA ASP N 60 16.06 -11.67 -19.43
C ASP N 60 17.46 -11.59 -20.02
N ILE N 61 17.59 -10.84 -21.10
CA ILE N 61 18.89 -10.69 -21.74
C ILE N 61 18.94 -9.36 -22.45
N ASN N 62 20.14 -8.78 -22.48
CA ASN N 62 20.34 -7.51 -23.14
C ASN N 62 21.67 -7.53 -23.88
N TYR N 63 21.81 -6.68 -24.88
CA TYR N 63 23.02 -6.63 -25.68
C TYR N 63 23.63 -5.24 -25.72
N ARG N 64 24.94 -5.18 -25.91
CA ARG N 64 25.65 -3.91 -25.97
C ARG N 64 26.59 -3.87 -27.16
N PRO N 65 26.17 -3.24 -28.27
CA PRO N 65 27.02 -3.15 -29.44
C PRO N 65 28.25 -2.36 -28.98
N THR N 66 29.45 -2.84 -29.28
CA THR N 66 30.65 -2.16 -28.84
C THR N 66 31.72 -1.95 -29.90
N PRO N 67 31.77 -0.75 -30.50
CA PRO N 67 32.77 -0.45 -31.51
C PRO N 67 33.93 0.22 -30.80
N CYS N 68 34.68 1.04 -31.53
CA CYS N 68 35.78 1.78 -30.92
C CYS N 68 35.11 2.89 -30.15
N MET N 69 35.66 3.27 -29.00
CA MET N 69 35.08 4.36 -28.22
C MET N 69 35.57 5.72 -28.76
N HIS N 70 36.62 5.67 -29.58
CA HIS N 70 37.25 6.88 -30.14
C HIS N 70 37.32 7.95 -29.05
N CYS N 71 37.79 7.53 -27.87
CA CYS N 71 37.86 8.43 -26.74
C CYS N 71 38.71 9.69 -26.95
N GLU N 72 38.26 10.79 -26.36
CA GLU N 72 38.91 12.09 -26.50
C GLU N 72 40.30 12.14 -25.88
N ASN N 73 40.54 11.27 -24.91
CA ASN N 73 41.82 11.18 -24.21
C ASN N 73 42.24 9.73 -24.42
N ALA N 74 42.57 9.41 -25.68
CA ALA N 74 42.95 8.07 -26.09
C ALA N 74 44.32 7.55 -25.66
N PRO N 75 44.33 6.45 -24.89
CA PRO N 75 45.55 5.81 -24.40
C PRO N 75 46.45 5.32 -25.54
N CYS N 76 45.87 4.78 -26.62
CA CYS N 76 46.75 4.31 -27.69
C CYS N 76 47.35 5.39 -28.54
N VAL N 77 46.78 6.58 -28.52
CA VAL N 77 47.37 7.66 -29.29
C VAL N 77 48.58 8.06 -28.44
N ALA N 78 48.34 8.19 -27.14
CA ALA N 78 49.38 8.57 -26.20
C ALA N 78 50.55 7.58 -26.16
N LYS N 79 50.23 6.30 -26.24
CA LYS N 79 51.28 5.29 -26.19
C LYS N 79 51.49 4.57 -27.51
N GLY N 80 50.91 5.13 -28.58
CA GLY N 80 51.04 4.54 -29.90
C GLY N 80 52.33 4.85 -30.62
N ASN N 81 53.12 5.76 -30.07
CA ASN N 81 54.40 6.14 -30.66
C ASN N 81 54.26 6.63 -32.10
N GLY N 82 53.16 7.32 -32.39
CA GLY N 82 52.94 7.83 -33.72
C GLY N 82 52.21 6.88 -34.66
N ALA N 83 51.90 5.68 -34.20
CA ALA N 83 51.20 4.69 -35.02
C ALA N 83 49.68 4.89 -34.98
N VAL N 84 49.22 5.65 -33.99
CA VAL N 84 47.80 5.93 -33.84
C VAL N 84 47.66 7.45 -33.68
N TYR N 85 46.70 8.05 -34.37
CA TYR N 85 46.51 9.48 -34.26
C TYR N 85 45.03 9.85 -34.10
N GLN N 86 44.78 11.06 -33.61
CA GLN N 86 43.44 11.56 -33.39
C GLN N 86 43.17 12.73 -34.34
N ARG N 87 42.04 12.69 -35.03
CA ARG N 87 41.68 13.75 -35.96
C ARG N 87 40.90 14.84 -35.24
N GLU N 88 40.78 16.00 -35.87
CA GLU N 88 40.05 17.12 -35.26
C GLU N 88 38.58 16.82 -35.05
N ASP N 89 38.00 15.97 -35.89
CA ASP N 89 36.59 15.65 -35.74
C ASP N 89 36.34 14.57 -34.70
N GLY N 90 37.40 14.21 -33.96
CA GLY N 90 37.27 13.22 -32.90
C GLY N 90 37.62 11.78 -33.25
N ILE N 91 37.64 11.46 -34.53
CA ILE N 91 37.93 10.09 -34.95
C ILE N 91 39.37 9.68 -34.65
N VAL N 92 39.53 8.52 -34.02
CA VAL N 92 40.85 7.98 -33.68
C VAL N 92 41.15 6.89 -34.71
N LEU N 93 42.27 7.03 -35.42
CA LEU N 93 42.64 6.07 -36.44
C LEU N 93 44.05 5.52 -36.33
N ILE N 94 44.20 4.24 -36.65
CA ILE N 94 45.50 3.60 -36.64
C ILE N 94 46.08 3.89 -38.01
N ASP N 95 47.37 4.20 -38.07
CA ASP N 95 48.03 4.44 -39.35
C ASP N 95 48.31 3.03 -39.88
N PRO N 96 47.60 2.62 -40.95
CA PRO N 96 47.73 1.31 -41.59
C PRO N 96 49.16 0.84 -41.88
N GLU N 97 50.07 1.77 -42.16
CA GLU N 97 51.45 1.40 -42.45
C GLU N 97 52.38 1.49 -41.26
N LYS N 98 52.33 2.59 -40.52
CA LYS N 98 53.19 2.76 -39.35
C LYS N 98 52.95 1.68 -38.29
N ALA N 99 51.72 1.19 -38.20
CA ALA N 99 51.41 0.16 -37.20
C ALA N 99 51.86 -1.26 -37.55
N LYS N 100 52.24 -1.50 -38.79
CA LYS N 100 52.66 -2.83 -39.21
C LYS N 100 53.78 -3.42 -38.35
N GLY N 101 53.59 -4.66 -37.92
CA GLY N 101 54.59 -5.36 -37.12
C GLY N 101 54.58 -5.06 -35.64
N LYS N 102 53.64 -4.26 -35.17
CA LYS N 102 53.58 -3.90 -33.75
C LYS N 102 52.38 -4.47 -32.99
N LYS N 103 52.52 -5.70 -32.52
CA LYS N 103 51.44 -6.35 -31.77
C LYS N 103 51.20 -5.67 -30.42
N GLU N 104 52.20 -4.95 -29.94
CA GLU N 104 52.09 -4.27 -28.65
C GLU N 104 50.94 -3.28 -28.60
N LEU N 105 50.58 -2.72 -29.76
CA LEU N 105 49.50 -1.75 -29.83
C LEU N 105 48.20 -2.25 -29.19
N LEU N 106 47.89 -3.52 -29.36
CA LEU N 106 46.67 -4.08 -28.81
C LEU N 106 46.54 -3.86 -27.31
N ASP N 107 47.67 -3.95 -26.61
CA ASP N 107 47.70 -3.78 -25.16
C ASP N 107 47.47 -2.34 -24.68
N THR N 108 47.60 -1.37 -25.57
CA THR N 108 47.41 0.01 -25.18
C THR N 108 45.93 0.34 -25.04
N CYS N 109 45.07 -0.65 -25.28
CA CYS N 109 43.62 -0.47 -25.19
C CYS N 109 42.97 -0.95 -23.93
N PRO N 110 42.38 -0.04 -23.14
CA PRO N 110 41.74 -0.53 -21.92
C PRO N 110 40.45 -1.26 -22.31
N TYR N 111 39.93 -0.95 -23.50
CA TYR N 111 38.69 -1.56 -23.95
C TYR N 111 38.82 -2.83 -24.77
N GLY N 112 40.03 -3.09 -25.28
CA GLY N 112 40.26 -4.28 -26.07
C GLY N 112 39.49 -4.32 -27.38
N VAL N 113 39.42 -3.19 -28.06
CA VAL N 113 38.69 -3.13 -29.33
C VAL N 113 39.61 -3.34 -30.53
N MET N 114 40.89 -3.55 -30.28
CA MET N 114 41.86 -3.77 -31.35
C MET N 114 42.07 -5.25 -31.59
N TYR N 115 42.23 -5.62 -32.85
CA TYR N 115 42.46 -7.02 -33.22
C TYR N 115 43.68 -7.13 -34.13
N TRP N 116 44.41 -8.22 -33.98
CA TRP N 116 45.61 -8.44 -34.79
C TRP N 116 45.30 -9.18 -36.09
N ASN N 117 45.65 -8.57 -37.21
CA ASN N 117 45.45 -9.17 -38.52
C ASN N 117 46.72 -9.94 -38.86
N GLU N 118 46.61 -11.27 -38.90
CA GLU N 118 47.74 -12.14 -39.19
C GLU N 118 48.35 -11.95 -40.58
N GLU N 119 47.51 -11.80 -41.59
CA GLU N 119 48.01 -11.62 -42.96
C GLU N 119 48.68 -10.28 -43.21
N GLU N 120 48.13 -9.22 -42.64
CA GLU N 120 48.68 -7.88 -42.81
C GLU N 120 49.71 -7.55 -41.71
N ASN N 121 49.79 -8.39 -40.69
CA ASN N 121 50.72 -8.18 -39.58
C ASN N 121 50.52 -6.76 -39.01
N VAL N 122 49.30 -6.44 -38.63
CA VAL N 122 49.01 -5.11 -38.10
C VAL N 122 47.75 -5.11 -37.26
N ALA N 123 47.70 -4.19 -36.31
CA ALA N 123 46.53 -4.05 -35.46
C ALA N 123 45.47 -3.36 -36.28
N GLN N 124 44.22 -3.79 -36.12
CA GLN N 124 43.11 -3.19 -36.83
C GLN N 124 41.96 -2.97 -35.85
N LYS N 125 41.06 -2.08 -36.21
CA LYS N 125 39.91 -1.82 -35.38
C LYS N 125 38.99 -0.80 -36.01
N CYS N 126 37.96 -0.43 -35.25
CA CYS N 126 37.00 0.57 -35.65
C CYS N 126 37.61 1.82 -36.24
N THR N 127 37.14 2.23 -37.43
CA THR N 127 37.63 3.45 -38.05
C THR N 127 36.47 4.45 -38.13
N MET N 128 35.31 4.02 -37.63
CA MET N 128 34.08 4.80 -37.68
C MET N 128 33.83 5.13 -39.16
N CYS N 129 34.11 4.15 -40.03
CA CYS N 129 34.06 4.31 -41.52
C CYS N 129 34.37 5.72 -41.92
N ALA N 130 35.55 6.15 -41.50
CA ALA N 130 36.05 7.48 -41.80
C ALA N 130 36.12 7.67 -43.30
N HIS N 131 36.42 6.61 -44.04
CA HIS N 131 36.51 6.71 -45.49
C HIS N 131 35.15 7.08 -46.07
N LEU N 132 34.08 6.66 -45.41
CA LEU N 132 32.73 6.99 -45.87
C LEU N 132 32.37 8.39 -45.41
N LEU N 133 32.69 8.71 -44.16
CA LEU N 133 32.38 10.03 -43.63
C LEU N 133 33.14 11.13 -44.36
N ASP N 134 34.31 10.80 -44.91
CA ASP N 134 35.09 11.79 -45.65
C ASP N 134 34.68 11.90 -47.11
N ASP N 135 33.69 11.10 -47.52
CA ASP N 135 33.23 11.12 -48.90
C ASP N 135 31.81 11.65 -49.04
N GLU N 136 31.67 12.77 -49.74
CA GLU N 136 30.38 13.41 -49.95
C GLU N 136 29.39 12.52 -50.70
N SER N 137 29.92 11.64 -51.55
CA SER N 137 29.07 10.73 -52.32
C SER N 137 28.27 9.78 -51.45
N TRP N 138 28.77 9.46 -50.27
CA TRP N 138 28.07 8.57 -49.36
C TRP N 138 26.94 9.38 -48.72
N ALA N 139 25.78 9.38 -49.37
CA ALA N 139 24.59 10.11 -48.93
C ALA N 139 24.17 9.95 -47.48
N PRO N 140 24.15 8.72 -46.95
CA PRO N 140 23.74 8.51 -45.55
C PRO N 140 24.53 9.32 -44.51
N LYS N 141 25.77 9.63 -44.82
CA LYS N 141 26.63 10.40 -43.92
C LYS N 141 26.71 9.82 -42.51
N MET N 142 26.74 8.48 -42.44
CA MET N 142 26.84 7.79 -41.15
C MET N 142 27.55 6.46 -41.42
N PRO N 143 28.13 5.85 -40.38
CA PRO N 143 28.83 4.57 -40.53
C PRO N 143 27.90 3.43 -40.95
N ARG N 144 28.48 2.30 -41.38
CA ARG N 144 27.67 1.16 -41.80
C ARG N 144 26.78 0.55 -40.70
N CYS N 145 27.25 0.48 -39.44
CA CYS N 145 26.42 -0.07 -38.34
C CYS N 145 25.11 0.65 -38.31
N ALA N 146 25.27 1.93 -38.01
CA ALA N 146 24.19 2.87 -37.85
C ALA N 146 23.23 2.87 -39.02
N HIS N 147 23.77 2.70 -40.23
CA HIS N 147 22.91 2.69 -41.40
C HIS N 147 22.24 1.32 -41.60
N ASN N 148 22.92 0.26 -41.18
CA ASN N 148 22.36 -1.09 -41.31
C ASN N 148 21.30 -1.42 -40.26
N CYS N 149 21.24 -0.69 -39.13
CA CYS N 149 20.21 -0.99 -38.12
C CYS N 149 18.83 -0.91 -38.66
N GLY N 150 18.00 -1.84 -38.21
CA GLY N 150 16.60 -1.83 -38.57
C GLY N 150 15.85 -1.74 -37.24
N SER N 151 16.61 -1.53 -36.15
CA SER N 151 16.03 -1.44 -34.81
C SER N 151 16.14 -0.09 -34.10
N PHE N 152 16.59 0.93 -34.84
CA PHE N 152 16.71 2.29 -34.31
C PHE N 152 17.57 2.40 -33.05
N VAL N 153 18.62 1.60 -32.99
CA VAL N 153 19.52 1.61 -31.84
C VAL N 153 20.49 2.80 -31.87
N TYR N 154 20.94 3.16 -33.07
CA TYR N 154 21.92 4.22 -33.22
C TYR N 154 21.45 5.63 -33.53
N GLU N 155 22.19 6.57 -32.95
CA GLU N 155 21.96 7.99 -33.15
C GLU N 155 23.36 8.52 -33.46
N PHE N 156 23.65 8.78 -34.72
CA PHE N 156 24.97 9.28 -35.12
C PHE N 156 24.89 10.76 -35.41
N LEU N 157 25.77 11.54 -34.79
CA LEU N 157 25.74 12.97 -35.02
C LEU N 157 27.09 13.67 -35.00
N LYS N 158 27.11 14.86 -35.59
CA LYS N 158 28.30 15.71 -35.64
C LYS N 158 27.86 17.04 -35.08
N THR N 159 28.34 17.37 -33.87
CA THR N 159 27.97 18.62 -33.24
C THR N 159 29.08 19.15 -32.36
N THR N 160 28.79 20.20 -31.60
CA THR N 160 29.75 20.80 -30.70
C THR N 160 29.79 20.04 -29.39
N PRO N 161 30.91 20.15 -28.65
CA PRO N 161 31.02 19.44 -27.38
C PRO N 161 29.92 19.92 -26.42
N GLU N 162 29.55 21.19 -26.54
CA GLU N 162 28.52 21.78 -25.69
C GLU N 162 27.15 21.14 -25.93
N ALA N 163 26.78 20.99 -27.19
CA ALA N 163 25.51 20.38 -27.54
C ALA N 163 25.47 18.94 -27.06
N MET N 164 26.58 18.22 -27.24
CA MET N 164 26.65 16.82 -26.83
C MET N 164 26.51 16.72 -25.32
N ALA N 165 27.18 17.63 -24.61
CA ALA N 165 27.14 17.64 -23.15
C ALA N 165 25.71 17.77 -22.66
N LYS N 166 24.95 18.66 -23.29
CA LYS N 166 23.56 18.88 -22.92
C LYS N 166 22.74 17.62 -23.16
N LYS N 167 22.92 17.01 -24.32
CA LYS N 167 22.20 15.80 -24.68
C LYS N 167 22.50 14.71 -23.65
N VAL N 168 23.76 14.62 -23.25
CA VAL N 168 24.18 13.62 -22.27
C VAL N 168 23.40 13.77 -20.97
N GLU N 169 23.21 15.01 -20.52
CA GLU N 169 22.48 15.24 -19.27
C GLU N 169 20.97 15.04 -19.38
N GLU N 170 20.39 15.47 -20.49
CA GLU N 170 18.95 15.33 -20.69
C GLU N 170 18.53 13.87 -20.77
N GLU N 171 19.34 13.06 -21.44
CA GLU N 171 19.02 11.65 -21.63
C GLU N 171 19.76 10.71 -20.68
N GLY N 172 20.58 11.28 -19.82
CA GLY N 172 21.32 10.47 -18.87
C GLY N 172 22.20 9.44 -19.54
N LEU N 173 22.90 9.84 -20.59
CA LEU N 173 23.77 8.94 -21.34
C LEU N 173 25.01 8.60 -20.51
N GLU N 174 25.52 7.39 -20.69
CA GLU N 174 26.69 6.91 -19.96
C GLU N 174 27.71 6.29 -20.90
N VAL N 175 28.93 6.11 -20.40
CA VAL N 175 30.00 5.51 -21.19
C VAL N 175 30.51 4.29 -20.44
N ILE N 176 31.24 3.43 -21.14
CA ILE N 176 31.81 2.24 -20.53
C ILE N 176 33.08 2.63 -19.78
N LYS N 177 33.25 2.11 -18.58
CA LYS N 177 34.44 2.38 -17.77
C LYS N 177 34.81 3.87 -17.67
N PRO N 178 33.91 4.68 -17.11
CA PRO N 178 34.15 6.13 -16.96
C PRO N 178 35.38 6.43 -16.10
N GLU N 179 35.57 5.63 -15.06
CA GLU N 179 36.69 5.80 -14.12
C GLU N 179 38.08 5.84 -14.76
N LEU N 180 38.20 5.37 -15.99
CA LEU N 180 39.50 5.36 -16.66
C LEU N 180 39.89 6.71 -17.22
N GLY N 181 38.90 7.59 -17.40
CA GLY N 181 39.18 8.93 -17.91
C GLY N 181 39.54 9.07 -19.37
N THR N 182 39.20 8.07 -20.19
CA THR N 182 39.52 8.15 -21.62
C THR N 182 38.51 9.03 -22.36
N LYS N 183 37.35 9.24 -21.74
CA LYS N 183 36.30 10.07 -22.32
C LYS N 183 35.83 9.60 -23.69
N PRO N 184 35.11 8.47 -23.73
CA PRO N 184 34.60 7.93 -24.99
C PRO N 184 33.63 8.91 -25.65
N ARG N 185 33.53 8.87 -26.97
CA ARG N 185 32.58 9.73 -27.68
C ARG N 185 31.41 8.87 -28.13
N VAL N 186 31.43 7.62 -27.66
CA VAL N 186 30.38 6.65 -27.95
C VAL N 186 29.63 6.51 -26.63
N TYR N 187 28.38 6.97 -26.62
CA TYR N 187 27.56 6.92 -25.42
C TYR N 187 26.49 5.84 -25.47
N TYR N 188 26.05 5.42 -24.29
CA TYR N 188 25.03 4.39 -24.17
C TYR N 188 23.79 4.88 -23.42
N LYS N 189 22.63 4.54 -23.97
CA LYS N 189 21.35 4.90 -23.40
C LYS N 189 20.82 3.61 -22.77
N ASN N 190 20.28 3.69 -21.55
CA ASN N 190 19.74 2.52 -20.86
C ASN N 190 20.81 1.45 -20.59
N LEU N 191 22.03 1.90 -20.34
CA LEU N 191 23.14 0.99 -20.07
C LEU N 191 22.89 0.10 -18.85
N TYR N 192 22.02 0.54 -17.94
CA TYR N 192 21.71 -0.24 -16.75
C TYR N 192 21.22 -1.64 -17.11
N ARG N 193 20.57 -1.77 -18.26
CA ARG N 193 20.07 -3.06 -18.71
C ARG N 193 21.22 -4.06 -18.81
N PHE N 194 22.38 -3.56 -19.20
CA PHE N 194 23.55 -4.42 -19.38
C PHE N 194 24.46 -4.50 -18.15
N GLU N 195 24.68 -3.36 -17.50
CA GLU N 195 25.59 -3.30 -16.34
C GLU N 195 25.01 -3.51 -14.95
N LYS N 196 23.72 -3.26 -14.77
CA LYS N 196 23.14 -3.42 -13.44
C LYS N 196 22.27 -4.66 -13.30
N ASN N 197 21.62 -4.78 -12.15
CA ASN N 197 20.78 -5.94 -11.88
C ASN N 197 19.40 -5.59 -11.33
N TYR N 198 18.58 -6.62 -11.14
CA TYR N 198 17.22 -6.39 -10.66
C TYR N 198 16.75 -7.49 -9.74
N VAL N 199 15.61 -7.23 -9.09
CA VAL N 199 14.96 -8.19 -8.23
C VAL N 199 13.53 -8.25 -8.76
N THR N 200 12.96 -9.45 -8.81
CA THR N 200 11.61 -9.59 -9.33
C THR N 200 10.89 -10.74 -8.61
N ALA N 201 9.57 -10.80 -8.78
CA ALA N 201 8.76 -11.85 -8.16
C ALA N 201 7.31 -11.76 -8.63
N GLY N 202 6.52 -12.76 -8.24
CA GLY N 202 5.11 -12.79 -8.60
C GLY N 202 4.31 -12.95 -7.33
N ILE N 203 3.34 -12.08 -7.11
CA ILE N 203 2.54 -12.16 -5.88
C ILE N 203 1.19 -12.85 -6.08
N LEU N 204 0.91 -13.81 -5.21
CA LEU N 204 -0.33 -14.56 -5.25
C LEU N 204 -1.16 -14.35 -4.01
N VAL N 205 -2.45 -14.11 -4.20
CA VAL N 205 -3.38 -13.92 -3.09
C VAL N 205 -4.48 -14.94 -3.34
N GLN N 206 -4.67 -15.84 -2.38
CA GLN N 206 -5.68 -16.89 -2.51
C GLN N 206 -5.50 -17.70 -3.79
N GLY N 207 -4.25 -17.98 -4.14
CA GLY N 207 -3.97 -18.78 -5.31
C GLY N 207 -4.00 -18.14 -6.68
N ASP N 208 -4.28 -16.83 -6.75
CA ASP N 208 -4.32 -16.16 -8.05
C ASP N 208 -3.40 -14.94 -8.08
N CYS N 209 -2.88 -14.65 -9.28
CA CYS N 209 -2.00 -13.51 -9.47
C CYS N 209 -2.73 -12.27 -8.97
N PHE N 210 -2.09 -11.52 -8.08
CA PHE N 210 -2.70 -10.32 -7.51
C PHE N 210 -2.18 -9.03 -8.15
N GLU N 211 -3.10 -8.29 -8.77
CA GLU N 211 -2.77 -7.03 -9.43
C GLU N 211 -2.97 -5.86 -8.47
N GLY N 212 -2.04 -4.91 -8.50
CA GLY N 212 -2.17 -3.75 -7.63
C GLY N 212 -1.56 -3.85 -6.24
N ALA N 213 -0.79 -4.89 -5.97
CA ALA N 213 -0.15 -5.02 -4.67
C ALA N 213 0.90 -3.92 -4.61
N LYS N 214 1.09 -3.32 -3.43
CA LYS N 214 2.07 -2.26 -3.30
C LYS N 214 3.42 -2.84 -2.89
N VAL N 215 4.43 -2.59 -3.70
CA VAL N 215 5.76 -3.10 -3.44
C VAL N 215 6.77 -1.96 -3.28
N VAL N 216 7.60 -2.08 -2.25
CA VAL N 216 8.60 -1.06 -1.98
C VAL N 216 9.97 -1.71 -1.82
N LEU N 217 11.00 -1.09 -2.41
CA LEU N 217 12.36 -1.61 -2.32
C LEU N 217 13.16 -0.69 -1.41
N LYS N 218 13.77 -1.26 -0.36
CA LYS N 218 14.55 -0.45 0.56
C LYS N 218 15.99 -0.91 0.69
N SER N 219 16.86 0.04 1.01
CA SER N 219 18.27 -0.23 1.22
C SER N 219 18.71 0.69 2.35
N GLY N 220 19.23 0.09 3.43
CA GLY N 220 19.65 0.88 4.56
C GLY N 220 18.48 1.39 5.38
N GLY N 221 17.27 1.00 4.98
CA GLY N 221 16.08 1.43 5.71
C GLY N 221 15.23 2.45 4.97
N LYS N 222 15.77 3.06 3.93
CA LYS N 222 15.03 4.05 3.16
C LYS N 222 14.65 3.56 1.76
N GLU N 223 13.49 4.01 1.30
CA GLU N 223 12.96 3.60 0.00
C GLU N 223 13.85 3.98 -1.18
N VAL N 224 14.08 3.01 -2.06
CA VAL N 224 14.91 3.21 -3.24
C VAL N 224 14.03 3.16 -4.48
N ALA N 225 12.93 2.41 -4.38
CA ALA N 225 12.00 2.27 -5.49
C ALA N 225 10.65 1.74 -5.00
N SER N 226 9.63 1.92 -5.82
CA SER N 226 8.29 1.43 -5.48
C SER N 226 7.53 1.17 -6.77
N ALA N 227 6.50 0.35 -6.67
CA ALA N 227 5.68 0.01 -7.83
C ALA N 227 4.50 -0.85 -7.39
N GLU N 228 3.57 -1.05 -8.32
CA GLU N 228 2.39 -1.90 -8.07
C GLU N 228 2.46 -3.06 -9.05
N THR N 229 2.15 -4.25 -8.57
CA THR N 229 2.19 -5.44 -9.42
C THR N 229 1.21 -5.37 -10.59
N ASN N 230 1.58 -5.98 -11.72
CA ASN N 230 0.71 -5.98 -12.90
C ASN N 230 -0.31 -7.13 -12.76
N PHE N 231 -1.05 -7.42 -13.82
CA PHE N 231 -2.05 -8.49 -13.72
C PHE N 231 -1.48 -9.90 -13.56
N PHE N 232 -0.16 -10.03 -13.74
CA PHE N 232 0.48 -11.34 -13.53
C PHE N 232 1.02 -11.33 -12.10
N GLY N 233 0.71 -10.26 -11.38
CA GLY N 233 1.13 -10.12 -10.00
C GLY N 233 2.64 -9.90 -9.88
N GLU N 234 3.27 -9.45 -10.94
CA GLU N 234 4.71 -9.24 -10.91
C GLU N 234 5.17 -7.80 -10.83
N PHE N 235 6.38 -7.64 -10.30
CA PHE N 235 7.03 -6.34 -10.17
C PHE N 235 8.50 -6.60 -10.53
N LYS N 236 9.21 -5.56 -10.91
CA LYS N 236 10.61 -5.71 -11.26
C LYS N 236 11.37 -4.41 -11.03
N PHE N 237 12.30 -4.44 -10.08
CA PHE N 237 13.12 -3.27 -9.76
C PHE N 237 14.49 -3.47 -10.40
N ASP N 238 14.77 -2.69 -11.44
CA ASP N 238 16.02 -2.79 -12.19
C ASP N 238 17.00 -1.66 -11.82
N ALA N 239 18.14 -1.64 -12.50
CA ALA N 239 19.16 -0.63 -12.28
C ALA N 239 19.70 -0.60 -10.85
N LEU N 240 19.79 -1.78 -10.23
CA LEU N 240 20.29 -1.88 -8.87
C LEU N 240 21.79 -2.15 -8.78
N ASP N 241 22.48 -1.42 -7.91
CA ASP N 241 23.90 -1.61 -7.69
C ASP N 241 23.99 -2.80 -6.75
N ASN N 242 25.17 -3.40 -6.64
CA ASN N 242 25.32 -4.54 -5.75
C ASN N 242 25.13 -4.09 -4.31
N GLY N 243 24.68 -5.01 -3.45
CA GLY N 243 24.45 -4.67 -2.06
C GLY N 243 23.25 -5.43 -1.54
N GLU N 244 22.80 -5.09 -0.34
CA GLU N 244 21.66 -5.77 0.25
C GLU N 244 20.42 -4.88 0.26
N TYR N 245 19.28 -5.47 -0.07
CA TYR N 245 18.02 -4.72 -0.10
C TYR N 245 16.92 -5.48 0.61
N THR N 246 15.83 -4.77 0.90
CA THR N 246 14.67 -5.37 1.55
C THR N 246 13.48 -5.05 0.68
N VAL N 247 12.67 -6.07 0.40
CA VAL N 247 11.48 -5.88 -0.41
C VAL N 247 10.29 -6.00 0.55
N GLU N 248 9.41 -5.01 0.51
CA GLU N 248 8.23 -5.02 1.36
C GLU N 248 7.00 -5.01 0.47
N ILE N 249 6.09 -5.95 0.74
CA ILE N 249 4.89 -6.08 -0.06
C ILE N 249 3.64 -5.98 0.79
N ASP N 250 2.65 -5.27 0.27
CA ASP N 250 1.39 -5.09 0.96
C ASP N 250 0.26 -5.39 -0.03
N ALA N 251 -0.56 -6.39 0.30
CA ALA N 251 -1.65 -6.76 -0.59
C ALA N 251 -2.78 -7.50 0.13
N ASP N 252 -4.01 -7.10 -0.17
CA ASP N 252 -5.19 -7.73 0.42
C ASP N 252 -5.10 -7.77 1.95
N GLY N 253 -4.63 -6.67 2.54
CA GLY N 253 -4.53 -6.59 3.99
C GLY N 253 -3.41 -7.42 4.60
N LYS N 254 -2.63 -8.10 3.76
CA LYS N 254 -1.53 -8.92 4.25
C LYS N 254 -0.21 -8.25 3.90
N SER N 255 0.84 -8.57 4.66
CA SER N 255 2.15 -7.98 4.41
C SER N 255 3.22 -9.04 4.33
N TYR N 256 4.26 -8.75 3.57
CA TYR N 256 5.38 -9.67 3.39
C TYR N 256 6.66 -8.87 3.23
N SER N 257 7.75 -9.37 3.80
CA SER N 257 9.04 -8.71 3.67
C SER N 257 10.13 -9.76 3.66
N ASP N 258 11.20 -9.48 2.93
CA ASP N 258 12.32 -10.40 2.84
C ASP N 258 13.52 -9.64 2.32
N THR N 259 14.71 -10.17 2.58
CA THR N 259 15.93 -9.51 2.14
C THR N 259 16.45 -10.15 0.86
N VAL N 260 17.24 -9.38 0.11
CA VAL N 260 17.81 -9.88 -1.13
C VAL N 260 19.23 -9.35 -1.29
N VAL N 261 20.14 -10.23 -1.70
CA VAL N 261 21.52 -9.82 -1.91
C VAL N 261 21.80 -9.77 -3.40
N ILE N 262 22.21 -8.61 -3.87
CA ILE N 262 22.53 -8.41 -5.28
C ILE N 262 24.05 -8.37 -5.44
N ASP N 263 24.61 -9.41 -6.06
CA ASP N 263 26.06 -9.48 -6.29
C ASP N 263 26.34 -9.81 -7.75
N ASP N 264 26.25 -8.79 -8.61
CA ASP N 264 26.47 -8.94 -10.04
C ASP N 264 25.52 -9.96 -10.66
N LYS N 265 24.38 -10.15 -10.01
CA LYS N 265 23.37 -11.09 -10.48
C LYS N 265 21.99 -10.55 -10.16
N SER N 266 21.01 -10.93 -10.97
CA SER N 266 19.64 -10.50 -10.75
C SER N 266 18.92 -11.63 -10.01
N VAL N 267 17.93 -11.28 -9.20
CA VAL N 267 17.23 -12.28 -8.40
C VAL N 267 15.72 -12.36 -8.60
N ASP N 268 15.22 -13.59 -8.66
CA ASP N 268 13.79 -13.87 -8.80
C ASP N 268 13.38 -14.53 -7.50
N LEU N 269 12.53 -13.85 -6.72
CA LEU N 269 12.08 -14.39 -5.44
C LEU N 269 11.03 -15.49 -5.59
N GLY N 270 10.65 -15.77 -6.84
CA GLY N 270 9.66 -16.78 -7.10
C GLY N 270 8.24 -16.31 -6.81
N PHE N 271 7.35 -17.25 -6.54
CA PHE N 271 5.98 -16.91 -6.22
C PHE N 271 5.84 -16.61 -4.73
N ILE N 272 5.34 -15.43 -4.41
CA ILE N 272 5.13 -15.04 -3.02
C ILE N 272 3.64 -15.23 -2.79
N LYS N 273 3.30 -16.28 -2.04
CA LYS N 273 1.92 -16.63 -1.76
C LYS N 273 1.36 -15.97 -0.51
N LEU N 274 0.33 -15.14 -0.71
CA LEU N 274 -0.31 -14.44 0.39
C LEU N 274 -1.76 -14.91 0.52
N MET O 1 27.32 -110.45 12.42
CA MET O 1 28.32 -111.21 11.61
C MET O 1 27.74 -111.69 10.27
N GLY O 2 26.60 -111.13 9.87
CA GLY O 2 26.00 -111.55 8.60
C GLY O 2 24.71 -110.88 8.18
N GLU O 3 24.04 -111.47 7.19
CA GLU O 3 22.78 -110.96 6.66
C GLU O 3 21.57 -111.74 7.16
N VAL O 4 20.39 -111.19 6.93
CA VAL O 4 19.15 -111.85 7.35
C VAL O 4 18.76 -112.89 6.31
N VAL O 5 18.50 -114.11 6.75
CA VAL O 5 18.10 -115.19 5.86
C VAL O 5 16.71 -115.68 6.24
N ARG O 6 15.90 -116.01 5.25
CA ARG O 6 14.54 -116.48 5.50
C ARG O 6 14.54 -118.01 5.47
N LEU O 7 14.22 -118.62 6.60
CA LEU O 7 14.17 -120.07 6.72
C LEU O 7 12.74 -120.53 6.92
N THR O 8 12.54 -121.83 6.95
CA THR O 8 11.22 -122.39 7.15
C THR O 8 11.18 -123.33 8.34
N ASN O 9 10.01 -123.39 8.97
CA ASN O 9 9.77 -124.30 10.08
C ASN O 9 8.27 -124.34 10.27
N SER O 10 7.80 -125.00 11.32
CA SER O 10 6.38 -125.09 11.55
C SER O 10 6.10 -125.29 13.02
N SER O 11 4.84 -125.52 13.35
CA SER O 11 4.46 -125.68 14.73
C SER O 11 3.03 -126.18 14.84
N THR O 12 2.57 -126.36 16.07
CA THR O 12 1.21 -126.82 16.33
C THR O 12 0.22 -125.71 15.99
N GLY O 13 0.76 -124.55 15.60
CA GLY O 13 -0.08 -123.42 15.24
C GLY O 13 0.04 -123.03 13.78
N GLY O 14 0.72 -123.86 12.99
CA GLY O 14 0.89 -123.57 11.57
C GLY O 14 2.33 -123.33 11.15
N PRO O 15 2.62 -123.42 9.84
CA PRO O 15 3.95 -123.21 9.27
C PRO O 15 4.34 -121.74 9.32
N VAL O 16 5.64 -121.47 9.37
CA VAL O 16 6.11 -120.09 9.42
C VAL O 16 7.43 -119.89 8.69
N PHE O 17 7.67 -118.63 8.31
CA PHE O 17 8.91 -118.24 7.70
C PHE O 17 9.65 -117.68 8.92
N VAL O 18 10.90 -118.10 9.09
CA VAL O 18 11.71 -117.64 10.22
C VAL O 18 12.89 -116.84 9.70
N TYR O 19 12.95 -115.55 10.06
CA TYR O 19 14.05 -114.70 9.62
C TYR O 19 15.13 -114.74 10.66
N VAL O 20 16.32 -115.21 10.27
CA VAL O 20 17.43 -115.32 11.19
C VAL O 20 18.64 -114.48 10.76
N LYS O 21 19.33 -113.95 11.75
CA LYS O 21 20.52 -113.14 11.52
C LYS O 21 21.51 -113.37 12.64
N ASP O 22 22.76 -113.65 12.27
CA ASP O 22 23.81 -113.88 13.25
C ASP O 22 23.45 -114.93 14.30
N GLY O 23 22.78 -116.00 13.87
CA GLY O 23 22.39 -117.06 14.77
C GLY O 23 21.25 -116.74 15.72
N LYS O 24 20.51 -115.67 15.43
CA LYS O 24 19.40 -115.27 16.29
C LYS O 24 18.12 -115.13 15.47
N ILE O 25 17.00 -115.59 16.03
CA ILE O 25 15.71 -115.47 15.34
C ILE O 25 15.22 -114.03 15.49
N ILE O 26 14.97 -113.38 14.36
CA ILE O 26 14.50 -111.99 14.36
C ILE O 26 12.98 -111.92 14.42
N ARG O 27 12.32 -112.79 13.66
CA ARG O 27 10.85 -112.83 13.64
C ARG O 27 10.34 -114.12 12.99
N MET O 28 9.08 -114.43 13.24
CA MET O 28 8.41 -115.60 12.67
C MET O 28 7.09 -115.08 12.12
N THR O 29 6.79 -115.43 10.87
CA THR O 29 5.58 -114.93 10.22
C THR O 29 4.83 -116.01 9.45
N PRO O 30 3.58 -115.72 9.06
CA PRO O 30 2.78 -116.68 8.30
C PRO O 30 3.48 -116.74 6.93
N MET O 31 3.09 -117.69 6.09
CA MET O 31 3.70 -117.83 4.78
C MET O 31 2.84 -117.37 3.62
N ASP O 32 3.38 -116.48 2.82
CA ASP O 32 2.75 -116.09 1.59
C ASP O 32 3.31 -116.85 0.41
N PHE O 33 2.51 -117.38 -0.45
CA PHE O 33 3.00 -118.20 -1.55
C PHE O 33 3.60 -117.38 -2.70
N ASP O 34 4.47 -118.02 -3.46
CA ASP O 34 5.10 -117.39 -4.62
C ASP O 34 4.47 -118.05 -5.85
N ASP O 35 3.56 -117.33 -6.50
CA ASP O 35 2.86 -117.89 -7.66
C ASP O 35 3.76 -118.34 -8.81
N ALA O 36 5.03 -117.96 -8.77
CA ALA O 36 5.97 -118.35 -9.82
C ALA O 36 6.47 -119.77 -9.58
N VAL O 37 6.34 -120.26 -8.35
CA VAL O 37 6.81 -121.61 -8.02
C VAL O 37 5.85 -122.47 -7.22
N ASP O 38 4.78 -121.89 -6.69
CA ASP O 38 3.82 -122.68 -5.92
C ASP O 38 2.54 -122.94 -6.70
N ALA O 39 2.16 -124.21 -6.78
CA ALA O 39 0.98 -124.65 -7.51
C ALA O 39 -0.30 -123.88 -7.19
N PRO O 40 -1.17 -123.69 -8.20
CA PRO O 40 -2.44 -122.96 -8.04
C PRO O 40 -3.35 -123.68 -7.05
N SER O 41 -4.24 -122.92 -6.44
CA SER O 41 -5.18 -123.45 -5.46
C SER O 41 -6.41 -124.06 -6.12
N TRP O 42 -7.20 -124.77 -5.31
CA TRP O 42 -8.45 -125.36 -5.79
C TRP O 42 -9.46 -124.23 -5.94
N LYS O 43 -10.59 -124.54 -6.58
CA LYS O 43 -11.66 -123.57 -6.76
C LYS O 43 -12.98 -124.31 -6.61
N ILE O 44 -13.98 -123.64 -6.07
CA ILE O 44 -15.28 -124.26 -5.90
C ILE O 44 -16.39 -123.39 -6.47
N GLU O 45 -17.13 -123.93 -7.43
CA GLU O 45 -18.25 -123.21 -8.01
C GLU O 45 -19.48 -123.64 -7.23
N ALA O 46 -20.17 -122.66 -6.65
CA ALA O 46 -21.37 -122.94 -5.88
C ALA O 46 -22.30 -121.75 -5.87
N ARG O 47 -23.57 -122.00 -6.14
CA ARG O 47 -24.60 -120.98 -6.17
C ARG O 47 -24.20 -119.72 -6.93
N GLY O 48 -23.67 -119.91 -8.14
CA GLY O 48 -23.28 -118.79 -8.98
C GLY O 48 -22.01 -118.07 -8.60
N LYS O 49 -21.32 -118.54 -7.56
CA LYS O 49 -20.09 -117.89 -7.15
C LYS O 49 -18.91 -118.85 -7.26
N THR O 50 -17.70 -118.28 -7.30
CA THR O 50 -16.48 -119.08 -7.38
C THR O 50 -15.64 -118.79 -6.14
N PHE O 51 -15.38 -119.83 -5.36
CA PHE O 51 -14.60 -119.67 -4.15
C PHE O 51 -13.21 -120.28 -4.25
N THR O 52 -12.22 -119.47 -3.89
CA THR O 52 -10.84 -119.92 -3.92
C THR O 52 -10.17 -119.32 -2.69
N PRO O 53 -9.35 -120.11 -1.99
CA PRO O 53 -8.65 -119.67 -0.78
C PRO O 53 -7.57 -118.62 -1.01
N PRO O 54 -7.12 -117.96 0.06
CA PRO O 54 -6.08 -116.93 -0.03
C PRO O 54 -4.75 -117.62 -0.36
N ARG O 55 -3.88 -116.95 -1.11
CA ARG O 55 -2.58 -117.51 -1.46
C ARG O 55 -1.67 -117.33 -0.27
N LYS O 56 -2.10 -117.84 0.88
CA LYS O 56 -1.31 -117.67 2.10
C LYS O 56 -1.79 -118.60 3.21
N THR O 57 -0.93 -118.83 4.20
CA THR O 57 -1.29 -119.67 5.33
C THR O 57 -1.54 -118.73 6.51
N SER O 58 -2.01 -119.29 7.62
CA SER O 58 -2.28 -118.50 8.81
C SER O 58 -1.69 -119.20 10.02
N ILE O 59 -1.55 -118.45 11.12
CA ILE O 59 -0.97 -119.01 12.33
C ILE O 59 -1.82 -118.68 13.56
N ALA O 60 -1.68 -119.49 14.60
CA ALA O 60 -2.39 -119.29 15.85
C ALA O 60 -1.60 -118.28 16.68
N PRO O 61 -2.25 -117.69 17.70
CA PRO O 61 -1.62 -116.71 18.58
C PRO O 61 -0.35 -117.22 19.27
N TYR O 62 -0.39 -118.46 19.75
CA TYR O 62 0.77 -119.03 20.44
C TYR O 62 1.98 -119.23 19.54
N THR O 63 1.74 -119.33 18.24
CA THR O 63 2.84 -119.47 17.29
C THR O 63 3.38 -118.08 17.00
N ALA O 64 2.47 -117.11 16.90
CA ALA O 64 2.86 -115.73 16.64
C ALA O 64 3.88 -115.24 17.67
N GLY O 65 3.73 -115.67 18.92
CA GLY O 65 4.68 -115.25 19.93
C GLY O 65 5.58 -116.37 20.41
N PHE O 66 5.70 -117.43 19.61
CA PHE O 66 6.51 -118.58 20.00
C PHE O 66 7.97 -118.23 20.30
N LYS O 67 8.48 -117.16 19.70
CA LYS O 67 9.87 -116.76 19.93
C LYS O 67 10.13 -116.50 21.41
N SER O 68 9.12 -116.02 22.14
CA SER O 68 9.29 -115.74 23.57
C SER O 68 9.36 -117.04 24.38
N MET O 69 9.01 -118.15 23.74
CA MET O 69 9.07 -119.46 24.41
C MET O 69 10.44 -120.08 24.16
N ILE O 70 10.96 -119.88 22.95
CA ILE O 70 12.27 -120.41 22.58
C ILE O 70 13.33 -119.80 23.50
N TYR O 71 13.30 -118.47 23.63
CA TYR O 71 14.26 -117.75 24.45
C TYR O 71 13.75 -117.45 25.86
N SER O 72 12.86 -118.29 26.37
CA SER O 72 12.30 -118.10 27.71
C SER O 72 13.32 -118.26 28.82
N ASP O 73 13.18 -117.49 29.88
CA ASP O 73 14.08 -117.56 31.03
C ASP O 73 13.72 -118.75 31.91
N LEU O 74 12.62 -119.42 31.58
CA LEU O 74 12.19 -120.59 32.35
C LEU O 74 12.59 -121.84 31.62
N ARG O 75 13.32 -121.63 30.54
CA ARG O 75 13.85 -122.71 29.72
C ARG O 75 14.81 -123.47 30.64
N ILE O 76 14.78 -124.81 30.62
CA ILE O 76 15.71 -125.56 31.46
C ILE O 76 17.09 -125.27 30.85
N PRO O 77 18.00 -124.67 31.64
CA PRO O 77 19.36 -124.29 31.23
C PRO O 77 20.39 -125.39 30.97
N TYR O 78 20.35 -126.43 31.78
CA TYR O 78 21.30 -127.54 31.69
C TYR O 78 20.81 -128.67 32.57
N PRO O 79 21.46 -129.85 32.49
CA PRO O 79 21.02 -130.96 33.33
C PRO O 79 21.01 -130.54 34.80
N MET O 80 19.97 -130.94 35.51
CA MET O 80 19.82 -130.59 36.91
C MET O 80 19.58 -131.81 37.78
N LYS O 81 20.02 -131.74 39.03
CA LYS O 81 19.85 -132.83 39.97
C LYS O 81 19.30 -132.29 41.29
N ARG O 82 18.34 -133.01 41.87
CA ARG O 82 17.75 -132.61 43.14
C ARG O 82 18.82 -132.79 44.23
N LYS O 83 19.16 -131.69 44.90
CA LYS O 83 20.19 -131.72 45.94
C LYS O 83 20.00 -132.80 46.99
N SER O 84 18.78 -132.94 47.49
CA SER O 84 18.47 -133.92 48.54
C SER O 84 18.40 -135.38 48.05
N PHE O 85 18.71 -135.60 46.77
CA PHE O 85 18.67 -136.95 46.20
C PHE O 85 20.07 -137.55 46.04
N ASP O 86 20.32 -138.65 46.74
CA ASP O 86 21.61 -139.34 46.66
C ASP O 86 21.37 -140.79 46.24
N PRO O 87 21.66 -141.12 44.98
CA PRO O 87 21.47 -142.48 44.44
C PRO O 87 22.10 -143.56 45.32
N ASN O 88 23.26 -143.25 45.90
CA ASN O 88 23.96 -144.22 46.73
C ASN O 88 23.76 -144.01 48.22
N GLY O 89 22.80 -143.19 48.58
CA GLY O 89 22.53 -142.94 49.99
C GLY O 89 21.06 -142.70 50.23
N GLU O 90 20.74 -141.64 50.95
CA GLU O 90 19.35 -141.28 51.23
C GLU O 90 18.75 -140.64 49.99
N ARG O 91 17.69 -141.25 49.47
CA ARG O 91 17.05 -140.72 48.28
C ARG O 91 16.02 -139.65 48.62
N ASN O 92 15.58 -139.66 49.88
CA ASN O 92 14.59 -138.70 50.37
C ASN O 92 13.44 -138.44 49.40
N PRO O 93 12.61 -139.47 49.15
CA PRO O 93 11.48 -139.33 48.23
C PRO O 93 10.51 -138.27 48.75
N GLN O 94 10.39 -138.20 50.08
CA GLN O 94 9.47 -137.26 50.71
C GLN O 94 9.85 -135.81 50.49
N LEU O 95 11.05 -135.57 49.95
CA LEU O 95 11.49 -134.19 49.70
C LEU O 95 11.31 -133.75 48.26
N ARG O 96 10.72 -134.60 47.42
CA ARG O 96 10.49 -134.20 46.04
C ARG O 96 9.45 -133.09 46.08
N GLY O 97 9.71 -132.01 45.35
CA GLY O 97 8.76 -130.91 45.35
C GLY O 97 8.87 -130.01 46.58
N ALA O 98 9.86 -130.28 47.43
CA ALA O 98 10.04 -129.47 48.64
C ALA O 98 10.23 -127.99 48.32
N GLY O 99 10.96 -127.70 47.25
CA GLY O 99 11.19 -126.32 46.86
C GLY O 99 9.87 -125.66 46.52
N LEU O 100 9.03 -126.38 45.80
CA LEU O 100 7.71 -125.90 45.40
C LEU O 100 6.89 -125.59 46.66
N SER O 101 6.98 -126.47 47.65
CA SER O 101 6.24 -126.30 48.90
C SER O 101 6.65 -125.07 49.71
N LYS O 102 7.77 -124.44 49.32
CA LYS O 102 8.22 -123.24 50.02
C LYS O 102 8.35 -122.11 49.00
N GLN O 103 7.59 -122.23 47.91
CA GLN O 103 7.57 -121.24 46.86
C GLN O 103 8.94 -120.88 46.28
N ASP O 104 9.81 -121.88 46.10
CA ASP O 104 11.14 -121.66 45.54
C ASP O 104 11.63 -122.93 44.83
N PRO O 105 11.00 -123.29 43.70
CA PRO O 105 11.34 -124.48 42.91
C PRO O 105 12.82 -124.66 42.55
N TRP O 106 13.43 -123.62 41.99
CA TRP O 106 14.83 -123.72 41.57
C TRP O 106 15.82 -124.03 42.69
N SER O 107 15.48 -123.65 43.92
CA SER O 107 16.37 -123.89 45.07
C SER O 107 16.63 -125.36 45.37
N ASP O 108 15.77 -126.23 44.85
CA ASP O 108 15.90 -127.67 45.07
C ASP O 108 16.98 -128.32 44.22
N TYR O 109 17.42 -127.63 43.17
CA TYR O 109 18.36 -128.22 42.24
C TYR O 109 19.75 -127.61 42.09
N GLU O 110 20.67 -128.46 41.66
CA GLU O 110 22.06 -128.08 41.43
C GLU O 110 22.41 -128.52 40.01
N ARG O 111 23.34 -127.81 39.38
CA ARG O 111 23.75 -128.12 38.02
C ARG O 111 24.69 -129.32 37.96
N ILE O 112 24.54 -130.13 36.91
CA ILE O 112 25.41 -131.29 36.70
C ILE O 112 25.63 -131.43 35.20
N SER O 113 26.67 -132.15 34.80
CA SER O 113 27.00 -132.33 33.39
C SER O 113 26.10 -133.38 32.75
N TRP O 114 26.04 -133.37 31.42
CA TRP O 114 25.25 -134.36 30.70
C TRP O 114 25.81 -135.74 31.01
N ASP O 115 27.13 -135.83 31.04
CA ASP O 115 27.79 -137.09 31.31
C ASP O 115 27.39 -137.71 32.65
N GLU O 116 27.37 -136.90 33.71
CA GLU O 116 26.98 -137.42 35.02
C GLU O 116 25.49 -137.68 35.11
N ALA O 117 24.68 -136.79 34.53
CA ALA O 117 23.22 -136.96 34.58
C ALA O 117 22.83 -138.26 33.90
N THR O 118 23.41 -138.54 32.74
CA THR O 118 23.08 -139.77 32.03
C THR O 118 23.63 -141.01 32.73
N ASP O 119 24.78 -140.88 33.39
CA ASP O 119 25.33 -142.03 34.11
C ASP O 119 24.41 -142.41 35.26
N ILE O 120 23.90 -141.41 35.96
CA ILE O 120 22.98 -141.65 37.07
C ILE O 120 21.71 -142.35 36.57
N VAL O 121 21.13 -141.84 35.49
CA VAL O 121 19.92 -142.44 34.95
C VAL O 121 20.21 -143.87 34.47
N VAL O 122 21.31 -144.06 33.76
CA VAL O 122 21.67 -145.40 33.27
C VAL O 122 21.87 -146.39 34.42
N ALA O 123 22.53 -145.95 35.50
CA ALA O 123 22.76 -146.81 36.65
C ALA O 123 21.45 -147.27 37.28
N GLU O 124 20.45 -146.38 37.26
CA GLU O 124 19.15 -146.71 37.80
C GLU O 124 18.42 -147.67 36.88
N ILE O 125 18.43 -147.37 35.58
CA ILE O 125 17.77 -148.23 34.60
C ILE O 125 18.24 -149.68 34.72
N ASN O 126 19.56 -149.88 34.71
CA ASN O 126 20.11 -151.22 34.79
C ASN O 126 19.92 -151.92 36.13
N ARG O 127 20.01 -151.18 37.23
CA ARG O 127 19.80 -151.80 38.53
C ARG O 127 18.37 -152.31 38.62
N ILE O 128 17.42 -151.49 38.17
CA ILE O 128 16.01 -151.86 38.22
C ILE O 128 15.66 -152.99 37.26
N LYS O 129 16.24 -152.98 36.07
CA LYS O 129 15.96 -154.04 35.11
C LYS O 129 16.42 -155.40 35.62
N HIS O 130 17.58 -155.45 36.26
CA HIS O 130 18.08 -156.72 36.77
C HIS O 130 17.44 -157.18 38.07
N ALA O 131 16.82 -156.26 38.80
CA ALA O 131 16.18 -156.63 40.06
C ALA O 131 14.68 -156.83 39.91
N TYR O 132 14.04 -156.05 39.05
CA TYR O 132 12.59 -156.13 38.87
C TYR O 132 12.11 -156.33 37.43
N GLY O 133 12.95 -155.97 36.46
CA GLY O 133 12.57 -156.13 35.07
C GLY O 133 12.18 -154.81 34.43
N PRO O 134 12.15 -154.77 33.08
CA PRO O 134 11.80 -153.57 32.31
C PRO O 134 10.45 -152.95 32.69
N SER O 135 9.51 -153.80 33.10
CA SER O 135 8.18 -153.30 33.44
C SER O 135 8.17 -152.39 34.65
N ALA O 136 9.22 -152.47 35.47
CA ALA O 136 9.33 -151.65 36.66
C ALA O 136 9.66 -150.19 36.34
N ILE O 137 9.96 -149.91 35.07
CA ILE O 137 10.27 -148.56 34.64
C ILE O 137 9.06 -147.94 33.94
N LEU O 138 8.41 -147.00 34.62
CA LEU O 138 7.23 -146.35 34.08
C LEU O 138 7.63 -145.13 33.27
N SER O 139 6.94 -144.90 32.16
CA SER O 139 7.25 -143.75 31.34
C SER O 139 6.03 -143.26 30.57
N THR O 140 5.99 -141.95 30.34
CA THR O 140 4.90 -141.36 29.60
C THR O 140 5.17 -139.92 29.22
N PRO O 141 4.94 -139.59 27.94
CA PRO O 141 5.15 -138.20 27.51
C PRO O 141 3.74 -137.66 27.75
N SER O 142 3.25 -136.82 26.87
CA SER O 142 1.91 -136.35 27.03
C SER O 142 1.24 -136.34 25.67
N SER O 143 -0.01 -135.91 25.59
CA SER O 143 -0.72 -135.91 24.32
C SER O 143 -0.09 -135.09 23.21
N HIS O 144 0.31 -133.86 23.52
CA HIS O 144 0.88 -133.05 22.48
C HIS O 144 2.36 -132.84 22.51
N HIS O 145 2.89 -132.27 21.43
CA HIS O 145 4.33 -132.19 21.31
C HIS O 145 4.75 -131.12 20.31
N MET O 146 6.02 -130.73 20.36
CA MET O 146 6.55 -129.75 19.42
C MET O 146 6.32 -130.38 18.05
N TRP O 147 5.97 -129.57 17.05
CA TRP O 147 5.72 -130.06 15.70
C TRP O 147 7.00 -130.64 15.09
N GLY O 148 6.85 -131.67 14.26
CA GLY O 148 7.98 -132.31 13.62
C GLY O 148 7.74 -133.82 13.66
N ASN O 149 7.51 -134.43 12.51
CA ASN O 149 7.20 -135.86 12.43
C ASN O 149 8.26 -136.83 12.94
N VAL O 150 9.52 -136.62 12.60
CA VAL O 150 10.57 -137.52 13.05
C VAL O 150 10.85 -137.43 14.55
N GLY O 151 10.87 -136.21 15.07
CA GLY O 151 11.13 -136.03 16.49
C GLY O 151 9.89 -136.17 17.37
N TYR O 152 8.74 -136.43 16.75
CA TYR O 152 7.49 -136.55 17.51
C TYR O 152 7.52 -137.77 18.43
N ARG O 153 6.77 -137.71 19.52
CA ARG O 153 6.73 -138.80 20.49
C ARG O 153 6.37 -140.18 19.93
N HIS O 154 5.57 -140.24 18.86
CA HIS O 154 5.21 -141.53 18.27
C HIS O 154 6.38 -142.09 17.47
N SER O 155 7.38 -141.24 17.24
CA SER O 155 8.54 -141.60 16.43
C SER O 155 9.81 -141.81 17.25
N THR O 156 10.45 -140.72 17.65
CA THR O 156 11.69 -140.80 18.42
C THR O 156 11.53 -141.42 19.81
N TYR O 157 10.57 -140.92 20.58
CA TYR O 157 10.31 -141.44 21.93
C TYR O 157 10.05 -142.95 21.95
N PHE O 158 9.16 -143.41 21.07
CA PHE O 158 8.86 -144.85 21.03
C PHE O 158 10.03 -145.69 20.54
N ARG O 159 10.72 -145.23 19.50
CA ARG O 159 11.84 -146.02 19.00
C ARG O 159 12.84 -146.32 20.10
N PHE O 160 13.13 -145.32 20.95
CA PHE O 160 14.07 -145.53 22.05
C PHE O 160 13.48 -146.33 23.20
N MET O 161 12.37 -145.86 23.75
CA MET O 161 11.74 -146.54 24.89
C MET O 161 11.46 -148.03 24.66
N ASN O 162 11.04 -148.38 23.45
CA ASN O 162 10.76 -149.77 23.12
C ASN O 162 12.00 -150.65 23.22
N MET O 163 13.18 -150.04 23.11
CA MET O 163 14.43 -150.77 23.19
C MET O 163 15.02 -150.75 24.59
N MET O 164 14.41 -149.96 25.48
CA MET O 164 14.91 -149.82 26.84
C MET O 164 14.04 -150.51 27.89
N GLY O 165 12.78 -150.09 27.99
CA GLY O 165 11.89 -150.68 28.99
C GLY O 165 10.73 -151.43 28.38
N PHE O 166 9.50 -151.19 28.81
CA PHE O 166 9.14 -150.21 29.85
C PHE O 166 7.63 -150.33 30.00
N THR O 167 7.09 -149.84 31.12
CA THR O 167 5.64 -149.85 31.29
C THR O 167 5.14 -148.50 30.83
N TYR O 168 4.28 -148.50 29.82
CA TYR O 168 3.74 -147.26 29.29
C TYR O 168 2.48 -146.82 30.03
N ALA O 169 2.36 -145.54 30.31
CA ALA O 169 1.16 -145.03 30.95
C ALA O 169 0.37 -144.60 29.72
N ASP O 170 -0.31 -145.55 29.11
CA ASP O 170 -1.06 -145.28 27.88
C ASP O 170 -2.11 -144.19 28.09
N HIS O 171 -2.26 -143.34 27.08
CA HIS O 171 -3.19 -142.22 27.17
C HIS O 171 -4.65 -142.58 26.92
N ASN O 172 -5.52 -141.98 27.72
CA ASN O 172 -6.95 -142.15 27.54
C ASN O 172 -7.24 -141.30 26.31
N PRO O 173 -8.31 -141.62 25.57
CA PRO O 173 -8.64 -140.84 24.38
C PRO O 173 -9.28 -139.51 24.77
N ASP O 174 -8.50 -138.68 25.46
CA ASP O 174 -8.96 -137.38 25.94
C ASP O 174 -9.81 -136.59 24.96
N SER O 175 -9.24 -136.31 23.80
CA SER O 175 -9.90 -135.54 22.75
C SER O 175 -11.27 -136.11 22.35
N TRP O 176 -11.38 -137.44 22.32
CA TRP O 176 -12.59 -138.16 21.89
C TRP O 176 -13.51 -138.77 22.95
N GLU O 177 -13.12 -138.75 24.22
CA GLU O 177 -13.88 -139.43 25.27
C GLU O 177 -15.30 -139.90 24.94
N GLY O 178 -16.27 -138.99 24.88
CA GLY O 178 -17.63 -139.37 24.58
C GLY O 178 -17.86 -140.17 23.30
N TRP O 179 -17.18 -139.79 22.23
CA TRP O 179 -17.33 -140.48 20.95
C TRP O 179 -16.67 -141.85 20.99
N HIS O 180 -15.57 -141.95 21.73
CA HIS O 180 -14.83 -143.20 21.86
C HIS O 180 -15.53 -144.24 22.73
N TRP O 181 -15.86 -143.89 23.96
CA TRP O 181 -16.53 -144.84 24.86
C TRP O 181 -18.04 -144.91 24.66
N GLY O 182 -18.60 -143.98 23.89
CA GLY O 182 -20.03 -143.98 23.66
C GLY O 182 -20.49 -144.08 22.22
N GLY O 183 -20.16 -143.07 21.43
CA GLY O 183 -20.56 -143.05 20.03
C GLY O 183 -20.12 -144.25 19.22
N MET O 184 -18.95 -144.78 19.53
CA MET O 184 -18.40 -145.93 18.81
C MET O 184 -19.36 -147.11 18.80
N HIS O 185 -20.02 -147.35 19.92
CA HIS O 185 -20.96 -148.45 20.02
C HIS O 185 -22.22 -148.22 19.20
N MET O 186 -22.46 -146.95 18.85
CA MET O 186 -23.64 -146.57 18.10
C MET O 186 -23.47 -146.56 16.58
N TRP O 187 -22.32 -146.08 16.08
CA TRP O 187 -22.12 -146.05 14.64
C TRP O 187 -20.74 -146.52 14.16
N GLY O 188 -19.94 -147.06 15.08
CA GLY O 188 -18.63 -147.55 14.71
C GLY O 188 -17.53 -146.50 14.65
N PHE O 189 -16.86 -146.39 13.50
CA PHE O 189 -15.77 -145.44 13.32
C PHE O 189 -14.69 -145.64 14.38
N SER O 190 -14.46 -146.88 14.80
CA SER O 190 -13.45 -147.14 15.81
C SER O 190 -12.08 -146.60 15.41
N TRP O 191 -11.76 -146.67 14.12
CA TRP O 191 -10.47 -146.20 13.63
C TRP O 191 -10.32 -144.67 13.72
N ARG O 192 -11.42 -143.98 14.01
CA ARG O 192 -11.41 -142.53 14.18
C ARG O 192 -11.81 -142.25 15.62
N LEU O 193 -11.76 -143.31 16.43
CA LEU O 193 -12.11 -143.26 17.85
C LEU O 193 -13.51 -142.70 18.08
N GLY O 194 -14.40 -142.95 17.12
CA GLY O 194 -15.77 -142.47 17.26
C GLY O 194 -16.17 -141.26 16.44
N ASN O 195 -15.19 -140.52 15.92
CA ASN O 195 -15.48 -139.33 15.11
C ASN O 195 -15.84 -139.76 13.68
N PRO O 196 -16.63 -138.94 12.97
CA PRO O 196 -17.03 -139.26 11.60
C PRO O 196 -16.01 -138.77 10.57
N GLU O 197 -16.03 -139.36 9.37
CA GLU O 197 -15.15 -138.92 8.30
C GLU O 197 -15.75 -137.60 7.82
N GLN O 198 -14.95 -136.78 7.14
CA GLN O 198 -15.44 -135.47 6.70
C GLN O 198 -15.12 -135.12 5.24
N TYR O 199 -14.64 -136.08 4.48
CA TYR O 199 -14.27 -135.84 3.09
C TYR O 199 -15.24 -135.03 2.23
N ASP O 200 -14.67 -134.14 1.43
CA ASP O 200 -15.40 -133.30 0.46
C ASP O 200 -16.65 -132.57 0.93
N LEU O 201 -16.74 -132.22 2.21
CA LEU O 201 -17.93 -131.52 2.70
C LEU O 201 -18.00 -130.03 2.43
N LEU O 202 -16.85 -129.37 2.25
CA LEU O 202 -16.87 -127.93 2.00
C LEU O 202 -17.73 -127.58 0.78
N GLU O 203 -17.45 -128.21 -0.34
CA GLU O 203 -18.22 -127.94 -1.56
C GLU O 203 -19.69 -128.28 -1.35
N ASP O 204 -19.93 -129.36 -0.60
CA ASP O 204 -21.30 -129.77 -0.35
C ASP O 204 -22.02 -128.68 0.44
N GLY O 205 -21.36 -128.14 1.45
CA GLY O 205 -21.94 -127.10 2.27
C GLY O 205 -22.17 -125.80 1.53
N LEU O 206 -21.19 -125.37 0.74
CA LEU O 206 -21.33 -124.14 -0.02
C LEU O 206 -22.49 -124.22 -1.02
N LYS O 207 -22.75 -125.42 -1.53
CA LYS O 207 -23.83 -125.61 -2.49
C LYS O 207 -25.21 -125.82 -1.87
N HIS O 208 -25.25 -126.44 -0.68
CA HIS O 208 -26.54 -126.75 -0.06
C HIS O 208 -26.88 -126.22 1.33
N ALA O 209 -25.88 -125.82 2.11
CA ALA O 209 -26.16 -125.36 3.47
C ALA O 209 -27.11 -124.17 3.56
N GLU O 210 -28.02 -124.24 4.52
CA GLU O 210 -28.98 -123.16 4.78
C GLU O 210 -28.79 -122.77 6.25
N MET O 211 -28.41 -123.75 7.06
CA MET O 211 -28.17 -123.52 8.48
C MET O 211 -27.11 -124.47 9.04
N ILE O 212 -26.33 -123.97 9.98
CA ILE O 212 -25.32 -124.78 10.63
C ILE O 212 -25.48 -124.63 12.13
N VAL O 213 -25.56 -125.76 12.83
CA VAL O 213 -25.71 -125.75 14.27
C VAL O 213 -24.39 -126.13 14.93
N PHE O 214 -23.70 -125.13 15.46
CA PHE O 214 -22.42 -125.35 16.14
C PHE O 214 -22.72 -125.76 17.58
N TRP O 215 -22.57 -127.04 17.86
CA TRP O 215 -22.83 -127.57 19.19
C TRP O 215 -21.50 -127.93 19.87
N SER O 216 -21.17 -127.23 20.94
CA SER O 216 -19.91 -127.46 21.66
C SER O 216 -18.78 -127.32 20.64
N SER O 217 -18.91 -126.33 19.77
CA SER O 217 -17.97 -126.09 18.70
C SER O 217 -17.51 -124.63 18.61
N ASP O 218 -16.20 -124.43 18.68
CA ASP O 218 -15.61 -123.09 18.58
C ASP O 218 -14.46 -123.15 17.58
N PRO O 219 -14.78 -123.25 16.27
CA PRO O 219 -13.82 -123.34 15.17
C PRO O 219 -12.70 -122.31 15.20
N GLU O 220 -13.02 -121.06 15.50
CA GLU O 220 -12.00 -120.02 15.55
C GLU O 220 -10.96 -120.30 16.62
N THR O 221 -11.39 -120.78 17.78
CA THR O 221 -10.44 -121.07 18.86
C THR O 221 -9.62 -122.32 18.60
N ASN O 222 -10.30 -123.44 18.38
CA ASN O 222 -9.64 -124.74 18.19
C ASN O 222 -9.11 -125.05 16.79
N SER O 223 -9.70 -124.43 15.76
CA SER O 223 -9.32 -124.65 14.36
C SER O 223 -9.41 -126.13 13.99
N GLY O 224 -10.07 -126.91 14.82
CA GLY O 224 -10.12 -128.34 14.60
C GLY O 224 -8.90 -128.69 15.44
N ILE O 225 -7.72 -128.53 14.84
CA ILE O 225 -6.45 -128.74 15.52
C ILE O 225 -5.28 -128.45 14.57
N TYR O 226 -4.31 -127.68 15.07
CA TYR O 226 -3.12 -127.36 14.30
C TYR O 226 -3.33 -126.54 13.03
N ALA O 227 -4.53 -126.01 12.81
CA ALA O 227 -4.79 -125.29 11.58
C ALA O 227 -4.90 -123.76 11.61
N GLY O 228 -4.26 -123.12 12.58
CA GLY O 228 -4.32 -121.68 12.67
C GLY O 228 -5.70 -121.11 12.46
N PHE O 229 -5.88 -120.27 11.45
CA PHE O 229 -7.18 -119.67 11.15
C PHE O 229 -7.58 -119.96 9.71
N GLU O 230 -7.19 -121.13 9.21
CA GLU O 230 -7.49 -121.53 7.85
C GLU O 230 -8.96 -121.50 7.46
N SER O 231 -9.86 -121.86 8.38
CA SER O 231 -11.29 -121.89 8.05
C SER O 231 -12.09 -120.59 8.20
N ASN O 232 -11.48 -119.54 8.73
CA ASN O 232 -12.18 -118.27 8.91
C ASN O 232 -12.86 -117.79 7.63
N ILE O 233 -12.15 -117.83 6.51
CA ILE O 233 -12.72 -117.38 5.25
C ILE O 233 -13.90 -118.22 4.77
N ARG O 234 -13.89 -119.51 5.13
CA ARG O 234 -14.95 -120.43 4.74
C ARG O 234 -16.27 -120.07 5.39
N ARG O 235 -16.23 -119.72 6.67
CA ARG O 235 -17.46 -119.35 7.38
C ARG O 235 -17.90 -117.98 6.88
N GLN O 236 -16.96 -117.20 6.36
CA GLN O 236 -17.29 -115.88 5.84
C GLN O 236 -18.13 -116.09 4.57
N TRP O 237 -17.70 -117.06 3.75
CA TRP O 237 -18.42 -117.37 2.51
C TRP O 237 -19.83 -117.85 2.80
N LEU O 238 -19.95 -118.76 3.77
CA LEU O 238 -21.25 -119.31 4.14
C LEU O 238 -22.15 -118.17 4.64
N LYS O 239 -21.60 -117.32 5.49
CA LYS O 239 -22.34 -116.20 6.04
C LYS O 239 -22.87 -115.30 4.92
N ASP O 240 -22.02 -115.00 3.93
CA ASP O 240 -22.45 -114.15 2.84
C ASP O 240 -23.44 -114.85 1.90
N LEU O 241 -23.54 -116.17 2.01
CA LEU O 241 -24.48 -116.90 1.18
C LEU O 241 -25.84 -116.95 1.89
N GLY O 242 -25.88 -116.38 3.09
CA GLY O 242 -27.11 -116.35 3.85
C GLY O 242 -27.33 -117.50 4.81
N VAL O 243 -26.29 -118.27 5.08
CA VAL O 243 -26.41 -119.40 5.99
C VAL O 243 -26.51 -118.94 7.44
N ASP O 244 -27.49 -119.48 8.18
CA ASP O 244 -27.67 -119.11 9.58
C ASP O 244 -26.78 -119.93 10.50
N PHE O 245 -26.18 -119.27 11.48
CA PHE O 245 -25.29 -119.93 12.44
C PHE O 245 -25.89 -119.90 13.85
N VAL O 246 -26.18 -121.07 14.39
CA VAL O 246 -26.72 -121.17 15.74
C VAL O 246 -25.65 -121.84 16.61
N PHE O 247 -25.40 -121.27 17.78
CA PHE O 247 -24.41 -121.81 18.70
C PHE O 247 -25.00 -122.28 20.01
N ILE O 248 -24.61 -123.49 20.43
CA ILE O 248 -25.07 -124.06 21.68
C ILE O 248 -23.80 -124.36 22.45
N ASP O 249 -23.56 -123.57 23.50
CA ASP O 249 -22.35 -123.64 24.30
C ASP O 249 -22.62 -122.88 25.60
N PRO O 250 -22.28 -123.47 26.76
CA PRO O 250 -22.52 -122.73 28.01
C PRO O 250 -21.86 -121.36 27.93
N HIS O 251 -20.73 -121.31 27.24
CA HIS O 251 -20.00 -120.05 27.07
C HIS O 251 -20.15 -119.51 25.67
N MET O 252 -20.44 -118.21 25.55
CA MET O 252 -20.56 -117.61 24.23
C MET O 252 -19.11 -117.60 23.72
N ASN O 253 -18.71 -118.67 23.04
CA ASN O 253 -17.35 -118.78 22.55
C ASN O 253 -16.91 -117.75 21.51
N HIS O 254 -15.63 -117.80 21.15
CA HIS O 254 -15.07 -116.83 20.22
C HIS O 254 -15.65 -116.85 18.82
N THR O 255 -16.08 -118.01 18.36
CA THR O 255 -16.68 -118.09 17.03
C THR O 255 -18.07 -117.46 17.16
N ALA O 256 -18.76 -117.78 18.25
CA ALA O 256 -20.09 -117.23 18.50
C ALA O 256 -20.05 -115.71 18.60
N ARG O 257 -19.03 -115.19 19.28
CA ARG O 257 -18.89 -113.74 19.44
C ARG O 257 -18.66 -113.05 18.10
N LEU O 258 -18.14 -113.79 17.14
CA LEU O 258 -17.86 -113.23 15.83
C LEU O 258 -19.00 -113.35 14.81
N VAL O 259 -19.65 -114.52 14.76
CA VAL O 259 -20.70 -114.73 13.76
C VAL O 259 -22.01 -115.40 14.18
N ALA O 260 -22.27 -115.51 15.47
CA ALA O 260 -23.50 -116.15 15.91
C ALA O 260 -24.74 -115.36 15.51
N ASP O 261 -25.78 -116.09 15.11
CA ASP O 261 -27.05 -115.47 14.75
C ASP O 261 -27.95 -115.66 15.96
N LYS O 262 -27.62 -116.68 16.76
CA LYS O 262 -28.32 -117.00 17.99
C LYS O 262 -27.41 -117.88 18.85
N TRP O 263 -27.44 -117.64 20.16
CA TRP O 263 -26.61 -118.40 21.08
C TRP O 263 -27.41 -118.97 22.25
N PHE O 264 -27.30 -120.28 22.47
CA PHE O 264 -27.97 -120.99 23.57
C PHE O 264 -26.89 -121.29 24.60
N SER O 265 -27.20 -121.09 25.89
CA SER O 265 -26.24 -121.37 26.95
C SER O 265 -26.79 -122.41 27.92
N PRO O 266 -26.65 -123.70 27.60
CA PRO O 266 -27.15 -124.75 28.48
C PRO O 266 -26.28 -124.91 29.73
N LYS O 267 -26.91 -125.32 30.83
CA LYS O 267 -26.17 -125.54 32.07
C LYS O 267 -25.22 -126.70 31.81
N ILE O 268 -24.14 -126.80 32.59
CA ILE O 268 -23.18 -127.89 32.39
C ILE O 268 -23.84 -129.26 32.49
N GLY O 269 -23.43 -130.18 31.62
CA GLY O 269 -23.95 -131.53 31.64
C GLY O 269 -25.43 -131.71 31.29
N THR O 270 -26.02 -130.76 30.56
CA THR O 270 -27.43 -130.88 30.20
C THR O 270 -27.72 -130.88 28.70
N ASP O 271 -26.68 -130.91 27.89
CA ASP O 271 -26.86 -130.90 26.43
C ASP O 271 -27.78 -131.99 25.88
N HIS O 272 -27.68 -133.21 26.40
CA HIS O 272 -28.52 -134.28 25.87
C HIS O 272 -30.01 -134.07 26.12
N ALA O 273 -30.34 -133.15 27.03
CA ALA O 273 -31.74 -132.85 27.30
C ALA O 273 -32.26 -132.13 26.05
N LEU O 274 -31.44 -131.24 25.50
CA LEU O 274 -31.84 -130.51 24.31
C LEU O 274 -31.95 -131.44 23.10
N SER O 275 -31.00 -132.36 22.97
CA SER O 275 -31.03 -133.28 21.83
C SER O 275 -32.26 -134.18 21.89
N PHE O 276 -32.63 -134.61 23.09
CA PHE O 276 -33.82 -135.44 23.24
C PHE O 276 -35.10 -134.65 22.95
N ALA O 277 -35.14 -133.39 23.38
CA ALA O 277 -36.30 -132.55 23.15
C ALA O 277 -36.44 -132.21 21.67
N ILE O 278 -35.32 -132.08 20.97
CA ILE O 278 -35.35 -131.80 19.54
C ILE O 278 -35.89 -133.02 18.82
N ALA O 279 -35.42 -134.20 19.23
CA ALA O 279 -35.89 -135.45 18.64
C ALA O 279 -37.37 -135.64 18.96
N TYR O 280 -37.76 -135.27 20.18
CA TYR O 280 -39.15 -135.38 20.61
C TYR O 280 -40.04 -134.56 19.69
N THR O 281 -39.59 -133.36 19.36
CA THR O 281 -40.33 -132.46 18.49
C THR O 281 -40.49 -133.08 17.09
N TRP O 282 -39.40 -133.65 16.57
CA TRP O 282 -39.43 -134.26 15.24
C TRP O 282 -40.36 -135.47 15.19
N LEU O 283 -40.34 -136.27 16.25
CA LEU O 283 -41.19 -137.45 16.31
C LEU O 283 -42.66 -137.05 16.38
N LYS O 284 -42.96 -136.05 17.20
CA LYS O 284 -44.33 -135.57 17.35
C LYS O 284 -44.89 -134.93 16.10
N GLU O 285 -44.01 -134.29 15.32
CA GLU O 285 -44.44 -133.61 14.11
C GLU O 285 -44.07 -134.34 12.82
N ASP O 286 -43.50 -135.53 12.96
CA ASP O 286 -43.09 -136.34 11.81
C ASP O 286 -42.14 -135.57 10.90
N SER O 287 -41.32 -134.70 11.49
CA SER O 287 -40.40 -133.90 10.70
C SER O 287 -38.97 -134.42 10.62
N TYR O 288 -38.80 -135.63 10.09
CA TYR O 288 -37.47 -136.20 9.91
C TYR O 288 -37.48 -137.18 8.74
N ASP O 289 -36.31 -137.66 8.36
CA ASP O 289 -36.18 -138.59 7.22
C ASP O 289 -36.56 -140.02 7.61
N LYS O 290 -37.84 -140.35 7.52
CA LYS O 290 -38.32 -141.68 7.89
C LYS O 290 -37.76 -142.82 7.04
N GLU O 291 -37.66 -142.60 5.73
CA GLU O 291 -37.14 -143.64 4.84
C GLU O 291 -35.71 -143.97 5.23
N TYR O 292 -34.92 -142.94 5.51
CA TYR O 292 -33.53 -143.13 5.89
C TYR O 292 -33.43 -143.93 7.19
N VAL O 293 -34.17 -143.50 8.21
CA VAL O 293 -34.17 -144.17 9.49
C VAL O 293 -34.63 -145.62 9.40
N ALA O 294 -35.66 -145.87 8.60
CA ALA O 294 -36.18 -147.21 8.43
C ALA O 294 -35.13 -148.17 7.88
N ALA O 295 -34.26 -147.65 7.01
CA ALA O 295 -33.24 -148.49 6.41
C ALA O 295 -31.88 -148.45 7.10
N ASN O 296 -31.56 -147.35 7.76
CA ASN O 296 -30.25 -147.20 8.38
C ASN O 296 -30.13 -147.18 9.91
N ALA O 297 -31.23 -147.38 10.62
CA ALA O 297 -31.17 -147.38 12.08
C ALA O 297 -31.66 -148.69 12.67
N HIS O 298 -31.09 -149.04 13.82
CA HIS O 298 -31.44 -150.27 14.52
C HIS O 298 -31.92 -149.92 15.93
N GLY O 299 -33.05 -150.52 16.32
CA GLY O 299 -33.62 -150.27 17.64
C GLY O 299 -34.30 -148.92 17.76
N PHE O 300 -34.55 -148.27 16.63
CA PHE O 300 -35.17 -146.95 16.64
C PHE O 300 -36.58 -146.96 17.23
N GLU O 301 -37.34 -148.00 16.94
CA GLU O 301 -38.71 -148.10 17.44
C GLU O 301 -38.72 -148.00 18.97
N GLU O 302 -37.93 -148.84 19.61
CA GLU O 302 -37.87 -148.84 21.08
C GLU O 302 -37.37 -147.49 21.59
N TRP O 303 -36.42 -146.90 20.87
CA TRP O 303 -35.86 -145.61 21.25
C TRP O 303 -36.88 -144.49 21.16
N ALA O 304 -37.69 -144.51 20.11
CA ALA O 304 -38.72 -143.49 19.92
C ALA O 304 -39.71 -143.55 21.08
N ASP O 305 -40.01 -144.77 21.54
CA ASP O 305 -40.93 -144.95 22.67
C ASP O 305 -40.32 -144.36 23.93
N TYR O 306 -39.00 -144.45 24.06
CA TYR O 306 -38.34 -143.90 25.22
C TYR O 306 -38.43 -142.37 25.18
N VAL O 307 -38.12 -141.79 24.03
CA VAL O 307 -38.17 -140.33 23.87
C VAL O 307 -39.57 -139.79 24.12
N LEU O 308 -40.58 -140.54 23.69
CA LEU O 308 -41.97 -140.13 23.85
C LEU O 308 -42.46 -140.28 25.30
N GLY O 309 -41.64 -140.89 26.15
CA GLY O 309 -41.99 -141.06 27.55
C GLY O 309 -42.76 -142.31 27.93
N LYS O 310 -42.95 -143.20 26.96
CA LYS O 310 -43.69 -144.43 27.22
C LYS O 310 -43.02 -145.43 28.15
N THR O 311 -41.69 -145.34 28.29
CA THR O 311 -40.98 -146.30 29.13
C THR O 311 -40.63 -145.82 30.53
N ASP O 312 -40.41 -144.51 30.70
CA ASP O 312 -40.05 -143.98 32.01
C ASP O 312 -41.05 -142.94 32.53
N GLY O 313 -42.15 -142.76 31.82
CA GLY O 313 -43.16 -141.80 32.24
C GLY O 313 -42.75 -140.35 32.11
N THR O 314 -41.65 -140.08 31.41
CA THR O 314 -41.20 -138.71 31.24
C THR O 314 -40.99 -138.33 29.79
N PRO O 315 -42.01 -137.71 29.17
CA PRO O 315 -41.89 -137.29 27.76
C PRO O 315 -40.74 -136.28 27.72
N LYS O 316 -39.86 -136.39 26.73
CA LYS O 316 -38.73 -135.47 26.63
C LYS O 316 -39.10 -134.19 25.88
N THR O 317 -40.01 -133.42 26.47
CA THR O 317 -40.49 -132.18 25.87
C THR O 317 -39.50 -131.03 25.98
N CYS O 318 -39.78 -129.94 25.27
CA CYS O 318 -38.93 -128.77 25.31
C CYS O 318 -39.03 -128.11 26.70
N GLU O 319 -40.19 -128.25 27.34
CA GLU O 319 -40.39 -127.69 28.67
C GLU O 319 -39.53 -128.48 29.67
N TRP O 320 -39.49 -129.78 29.49
CA TRP O 320 -38.70 -130.66 30.35
C TRP O 320 -37.21 -130.31 30.16
N ALA O 321 -36.82 -130.06 28.91
CA ALA O 321 -35.43 -129.72 28.57
C ALA O 321 -35.04 -128.36 29.14
N GLU O 322 -36.00 -127.44 29.20
CA GLU O 322 -35.74 -126.12 29.74
C GLU O 322 -35.47 -126.25 31.23
N GLU O 323 -36.24 -127.12 31.89
CA GLU O 323 -36.09 -127.33 33.32
C GLU O 323 -34.71 -127.90 33.62
N GLU O 324 -34.21 -128.72 32.70
CA GLU O 324 -32.90 -129.34 32.86
C GLU O 324 -31.74 -128.38 32.53
N SER O 325 -31.83 -127.74 31.37
CA SER O 325 -30.77 -126.87 30.87
C SER O 325 -30.84 -125.37 31.09
N GLY O 326 -32.04 -124.84 31.35
CA GLY O 326 -32.16 -123.40 31.53
C GLY O 326 -32.37 -122.68 30.21
N VAL O 327 -32.40 -123.43 29.11
CA VAL O 327 -32.61 -122.85 27.78
C VAL O 327 -34.12 -122.77 27.55
N PRO O 328 -34.62 -121.59 27.15
CA PRO O 328 -36.06 -121.39 26.89
C PRO O 328 -36.67 -122.47 25.99
N ALA O 329 -37.74 -123.10 26.46
CA ALA O 329 -38.42 -124.14 25.72
C ALA O 329 -38.81 -123.67 24.31
N CYS O 330 -39.31 -122.44 24.20
CA CYS O 330 -39.72 -121.90 22.91
C CYS O 330 -38.57 -121.86 21.91
N GLU O 331 -37.38 -121.49 22.36
CA GLU O 331 -36.23 -121.42 21.46
C GLU O 331 -35.76 -122.81 21.04
N ILE O 332 -35.87 -123.78 21.94
CA ILE O 332 -35.47 -125.15 21.63
C ILE O 332 -36.40 -125.66 20.52
N ARG O 333 -37.70 -125.47 20.72
CA ARG O 333 -38.68 -125.91 19.74
C ARG O 333 -38.52 -125.19 18.41
N ALA O 334 -38.19 -123.90 18.44
CA ALA O 334 -38.01 -123.14 17.21
C ALA O 334 -36.81 -123.69 16.43
N LEU O 335 -35.74 -124.02 17.12
CA LEU O 335 -34.55 -124.57 16.47
C LEU O 335 -34.88 -125.93 15.83
N ALA O 336 -35.57 -126.78 16.59
CA ALA O 336 -35.96 -128.10 16.13
C ALA O 336 -36.73 -128.02 14.82
N ARG O 337 -37.72 -127.12 14.76
CA ARG O 337 -38.54 -126.96 13.56
C ARG O 337 -37.76 -126.40 12.38
N GLN O 338 -36.87 -125.44 12.63
CA GLN O 338 -36.08 -124.85 11.55
C GLN O 338 -35.10 -125.90 11.05
N TRP O 339 -34.52 -126.64 11.98
CA TRP O 339 -33.56 -127.70 11.68
C TRP O 339 -34.20 -128.70 10.71
N ALA O 340 -35.42 -129.09 11.02
CA ALA O 340 -36.13 -130.06 10.21
C ALA O 340 -36.41 -129.60 8.77
N LYS O 341 -36.88 -128.37 8.61
CA LYS O 341 -37.20 -127.90 7.27
C LYS O 341 -36.07 -127.30 6.42
N LYS O 342 -34.94 -126.99 7.03
CA LYS O 342 -33.82 -126.42 6.27
C LYS O 342 -32.67 -127.41 6.09
N ASN O 343 -31.83 -127.17 5.09
CA ASN O 343 -30.67 -128.02 4.87
C ASN O 343 -29.75 -127.63 6.02
N THR O 344 -29.71 -128.48 7.04
CA THR O 344 -28.92 -128.19 8.22
C THR O 344 -27.78 -129.16 8.48
N TYR O 345 -26.59 -128.61 8.71
CA TYR O 345 -25.42 -129.42 9.02
C TYR O 345 -25.17 -129.28 10.52
N LEU O 346 -24.89 -130.40 11.17
CA LEU O 346 -24.62 -130.37 12.59
C LEU O 346 -23.12 -130.28 12.82
N ALA O 347 -22.68 -129.15 13.37
CA ALA O 347 -21.27 -128.94 13.66
C ALA O 347 -21.04 -129.34 15.11
N ALA O 348 -20.97 -130.64 15.36
CA ALA O 348 -20.73 -131.14 16.71
C ALA O 348 -19.23 -131.16 16.92
N GLY O 349 -18.75 -130.34 17.85
CA GLY O 349 -17.32 -130.28 18.09
C GLY O 349 -16.64 -129.39 17.08
N GLY O 350 -15.40 -129.00 17.36
CA GLY O 350 -14.70 -128.12 16.44
C GLY O 350 -14.09 -128.81 15.22
N LEU O 351 -13.91 -130.13 15.32
CA LEU O 351 -13.29 -130.91 14.24
C LEU O 351 -14.25 -131.67 13.32
N GLY O 352 -15.45 -131.92 13.83
CA GLY O 352 -16.40 -132.74 13.10
C GLY O 352 -16.18 -133.93 14.01
N GLY O 353 -16.75 -133.81 15.20
CA GLY O 353 -16.56 -134.80 16.24
C GLY O 353 -15.80 -133.98 17.29
N TRP O 354 -15.38 -134.62 18.38
CA TRP O 354 -14.69 -133.91 19.46
C TRP O 354 -15.73 -132.98 20.12
N GLY O 355 -15.26 -131.91 20.76
CA GLY O 355 -16.17 -131.01 21.43
C GLY O 355 -15.98 -131.16 22.93
N GLY O 356 -15.81 -130.05 23.64
CA GLY O 356 -15.60 -130.09 25.08
C GLY O 356 -16.66 -130.92 25.77
N ALA O 357 -17.86 -130.91 25.19
CA ALA O 357 -18.98 -131.66 25.72
C ALA O 357 -18.74 -133.15 25.79
N CYS O 358 -17.87 -133.68 24.92
CA CYS O 358 -17.65 -135.12 24.95
C CYS O 358 -16.81 -135.60 26.13
N ARG O 359 -16.02 -134.71 26.71
CA ARG O 359 -15.23 -135.12 27.88
C ARG O 359 -15.79 -134.45 29.12
N ALA O 360 -16.96 -134.95 29.51
CA ALA O 360 -17.72 -134.48 30.65
C ALA O 360 -18.54 -135.66 31.16
N SER O 361 -19.15 -135.52 32.33
CA SER O 361 -19.93 -136.64 32.87
C SER O 361 -21.09 -137.07 31.98
N HIS O 362 -21.52 -136.20 31.07
CA HIS O 362 -22.62 -136.53 30.16
C HIS O 362 -22.11 -136.72 28.73
N GLY O 363 -20.79 -136.81 28.59
CA GLY O 363 -20.17 -136.97 27.28
C GLY O 363 -20.66 -138.11 26.41
N ILE O 364 -20.92 -139.27 27.00
CA ILE O 364 -21.39 -140.41 26.21
C ILE O 364 -22.74 -140.15 25.57
N GLU O 365 -23.67 -139.60 26.36
CA GLU O 365 -25.00 -139.31 25.83
C GLU O 365 -25.01 -138.11 24.89
N TRP O 366 -24.10 -137.16 25.10
CA TRP O 366 -24.08 -136.02 24.21
C TRP O 366 -23.67 -136.50 22.82
N ALA O 367 -22.61 -137.29 22.74
CA ALA O 367 -22.13 -137.81 21.45
C ALA O 367 -23.20 -138.66 20.77
N ARG O 368 -23.81 -139.57 21.52
CA ARG O 368 -24.86 -140.40 20.95
C ARG O 368 -26.06 -139.55 20.53
N GLY O 369 -26.27 -138.45 21.24
CA GLY O 369 -27.37 -137.55 20.92
C GLY O 369 -27.07 -136.82 19.62
N MET O 370 -25.81 -136.47 19.41
CA MET O 370 -25.42 -135.78 18.18
C MET O 370 -25.62 -136.75 17.02
N ILE O 371 -25.23 -137.99 17.24
CA ILE O 371 -25.38 -139.02 16.22
C ILE O 371 -26.86 -139.29 15.94
N ALA O 372 -27.68 -139.31 17.00
CA ALA O 372 -29.12 -139.56 16.84
C ALA O 372 -29.76 -138.49 15.95
N LEU O 373 -29.47 -137.23 16.24
CA LEU O 373 -30.02 -136.11 15.48
C LEU O 373 -29.56 -136.09 14.02
N ALA O 374 -28.28 -136.34 13.78
CA ALA O 374 -27.75 -136.33 12.41
C ALA O 374 -28.39 -137.47 11.61
N THR O 375 -28.57 -138.59 12.29
CA THR O 375 -29.18 -139.78 11.68
C THR O 375 -30.64 -139.55 11.29
N MET O 376 -31.42 -138.97 12.20
CA MET O 376 -32.83 -138.71 11.91
C MET O 376 -33.01 -137.77 10.73
N GLN O 377 -32.05 -136.87 10.50
CA GLN O 377 -32.16 -135.94 9.38
C GLN O 377 -31.47 -136.46 8.12
N GLY O 378 -31.09 -137.73 8.14
CA GLY O 378 -30.46 -138.38 7.00
C GLY O 378 -29.06 -137.93 6.60
N MET O 379 -28.11 -138.01 7.52
CA MET O 379 -26.74 -137.58 7.23
C MET O 379 -26.11 -138.31 6.04
N GLY O 380 -25.41 -137.56 5.20
CA GLY O 380 -24.78 -138.17 4.04
C GLY O 380 -25.42 -137.70 2.74
N LYS O 381 -26.71 -137.38 2.79
CA LYS O 381 -27.40 -136.90 1.60
C LYS O 381 -27.10 -135.41 1.44
N PRO O 382 -27.28 -134.87 0.23
CA PRO O 382 -27.00 -133.44 -0.02
C PRO O 382 -27.74 -132.51 0.94
N GLY O 383 -27.02 -131.59 1.55
CA GLY O 383 -27.63 -130.64 2.46
C GLY O 383 -27.91 -131.13 3.87
N SER O 384 -27.46 -132.34 4.20
CA SER O 384 -27.69 -132.88 5.53
C SER O 384 -26.51 -133.77 5.95
N ASN O 385 -25.78 -133.34 6.98
CA ASN O 385 -24.64 -134.11 7.44
C ASN O 385 -24.06 -133.52 8.71
N MET O 386 -23.06 -134.20 9.24
CA MET O 386 -22.37 -133.71 10.42
C MET O 386 -21.12 -133.06 9.83
N TRP O 387 -21.03 -131.74 9.99
CA TRP O 387 -19.89 -130.98 9.46
C TRP O 387 -19.65 -129.77 10.35
N SER O 388 -18.41 -129.57 10.77
CA SER O 388 -18.09 -128.45 11.65
C SER O 388 -17.45 -127.25 10.93
N THR O 389 -17.41 -127.32 9.61
CA THR O 389 -16.85 -126.28 8.74
C THR O 389 -15.32 -126.18 8.73
N THR O 390 -14.65 -127.02 9.51
CA THR O 390 -13.18 -126.99 9.55
C THR O 390 -12.53 -127.97 8.58
N GLN O 391 -13.17 -129.11 8.35
CA GLN O 391 -12.64 -130.11 7.42
C GLN O 391 -13.49 -130.11 6.15
N GLY O 392 -13.20 -131.04 5.24
CA GLY O 392 -13.97 -131.12 4.00
C GLY O 392 -13.38 -130.39 2.81
N VAL O 393 -12.21 -129.79 2.97
CA VAL O 393 -11.56 -129.07 1.88
C VAL O 393 -11.16 -130.06 0.77
N PRO O 394 -11.43 -129.70 -0.51
CA PRO O 394 -11.13 -130.51 -1.70
C PRO O 394 -9.65 -130.67 -2.04
N LEU O 395 -8.83 -131.02 -1.06
CA LEU O 395 -7.40 -131.20 -1.32
C LEU O 395 -7.19 -132.55 -1.99
N ASP O 396 -5.99 -132.78 -2.52
CA ASP O 396 -5.72 -134.06 -3.19
C ASP O 396 -5.54 -135.21 -2.21
N TYR O 397 -6.64 -135.89 -1.92
CA TYR O 397 -6.64 -137.03 -0.99
C TYR O 397 -5.78 -138.18 -1.51
N GLU O 398 -5.51 -138.18 -2.81
CA GLU O 398 -4.72 -139.23 -3.43
C GLU O 398 -3.22 -139.13 -3.18
N PHE O 399 -2.73 -137.91 -2.97
CA PHE O 399 -1.32 -137.70 -2.70
C PHE O 399 -1.04 -138.19 -1.29
N TYR O 400 0.02 -138.98 -1.11
CA TYR O 400 0.34 -139.50 0.21
C TYR O 400 1.54 -138.88 0.91
N PHE O 401 1.29 -138.39 2.13
CA PHE O 401 2.34 -137.86 3.00
C PHE O 401 1.84 -138.18 4.39
N PRO O 402 2.65 -138.90 5.17
CA PRO O 402 2.37 -139.33 6.55
C PRO O 402 2.19 -138.22 7.58
N GLY O 403 1.30 -138.48 8.53
CA GLY O 403 1.07 -137.55 9.62
C GLY O 403 1.98 -138.05 10.73
N TYR O 404 2.15 -137.30 11.81
CA TYR O 404 3.03 -137.75 12.89
C TYR O 404 2.55 -139.03 13.57
N ALA O 405 1.24 -139.25 13.57
CA ALA O 405 0.68 -140.43 14.22
C ALA O 405 1.01 -141.75 13.52
N GLU O 406 1.59 -141.66 12.32
CA GLU O 406 1.93 -142.88 11.60
C GLU O 406 3.26 -143.53 12.02
N GLY O 407 3.82 -143.07 13.13
CA GLY O 407 5.05 -143.68 13.65
C GLY O 407 6.44 -143.18 13.31
N GLY O 408 6.60 -142.44 12.21
CA GLY O 408 7.92 -141.95 11.86
C GLY O 408 8.98 -143.04 11.85
N ILE O 409 10.01 -142.89 12.68
CA ILE O 409 11.11 -143.86 12.71
C ILE O 409 10.95 -145.03 13.68
N SER O 410 9.81 -145.13 14.36
CA SER O 410 9.62 -146.25 15.29
C SER O 410 9.04 -147.48 14.62
N GLY O 411 8.12 -147.25 13.67
CA GLY O 411 7.50 -148.37 12.99
C GLY O 411 6.72 -149.24 13.96
N ASP O 412 6.36 -148.67 15.11
CA ASP O 412 5.60 -149.37 16.14
C ASP O 412 4.16 -149.52 15.64
N CYS O 413 3.82 -150.69 15.14
CA CYS O 413 2.50 -150.93 14.59
C CYS O 413 1.35 -151.12 15.58
N GLU O 414 1.66 -151.08 16.88
CA GLU O 414 0.63 -151.25 17.89
C GLU O 414 0.35 -149.97 18.66
N ASN O 415 1.33 -149.07 18.71
CA ASN O 415 1.16 -147.82 19.45
C ASN O 415 1.19 -146.60 18.56
N SER O 416 1.11 -146.84 17.24
CA SER O 416 1.07 -145.77 16.25
C SER O 416 0.30 -146.36 15.07
N ALA O 417 -0.04 -145.53 14.10
CA ALA O 417 -0.78 -146.00 12.93
C ALA O 417 0.15 -146.40 11.79
N ALA O 418 1.39 -146.73 12.14
CA ALA O 418 2.39 -147.11 11.13
C ALA O 418 1.96 -148.34 10.33
N GLY O 419 1.16 -149.19 10.96
CA GLY O 419 0.70 -150.41 10.31
C GLY O 419 -0.20 -150.24 9.10
N PHE O 420 -0.85 -149.08 8.98
CA PHE O 420 -1.73 -148.85 7.84
C PHE O 420 -0.98 -148.81 6.53
N LYS O 421 0.02 -147.94 6.44
CA LYS O 421 0.76 -147.82 5.19
C LYS O 421 2.22 -147.38 5.33
N PHE O 422 2.48 -146.43 6.21
CA PHE O 422 3.85 -145.92 6.34
C PHE O 422 4.96 -146.91 6.67
N ALA O 423 4.74 -147.78 7.64
CA ALA O 423 5.77 -148.76 8.02
C ALA O 423 6.24 -149.55 6.80
N TRP O 424 5.30 -149.89 5.92
CA TRP O 424 5.60 -150.67 4.73
C TRP O 424 6.45 -149.88 3.74
N ARG O 425 6.36 -148.56 3.82
CA ARG O 425 7.13 -147.71 2.91
C ARG O 425 8.46 -147.34 3.55
N MET O 426 8.44 -147.11 4.87
CA MET O 426 9.63 -146.70 5.59
C MET O 426 10.69 -147.77 5.81
N PHE O 427 10.26 -148.99 6.10
CA PHE O 427 11.20 -150.06 6.35
C PHE O 427 11.22 -151.10 5.24
N ASP O 428 12.40 -151.65 4.98
CA ASP O 428 12.59 -152.63 3.91
C ASP O 428 13.01 -154.02 4.36
N GLY O 429 13.11 -154.25 5.67
CA GLY O 429 13.51 -155.56 6.17
C GLY O 429 14.89 -155.97 5.67
N LYS O 430 15.70 -154.98 5.31
CA LYS O 430 17.05 -155.24 4.82
C LYS O 430 18.11 -154.36 5.46
N THR O 431 17.93 -153.05 5.34
CA THR O 431 18.89 -152.08 5.86
C THR O 431 18.40 -151.24 7.03
N THR O 432 17.09 -151.08 7.16
CA THR O 432 16.53 -150.30 8.25
C THR O 432 15.37 -151.07 8.87
N PHE O 433 15.32 -151.09 10.19
CA PHE O 433 14.29 -151.84 10.90
C PHE O 433 13.51 -151.06 11.95
N PRO O 434 12.27 -151.49 12.21
CA PRO O 434 11.35 -150.89 13.18
C PRO O 434 11.79 -151.25 14.60
N SER O 435 11.19 -150.60 15.59
CA SER O 435 11.52 -150.86 16.99
C SER O 435 10.23 -151.23 17.72
N PRO O 436 9.89 -152.53 17.75
CA PRO O 436 8.67 -153.02 18.42
C PRO O 436 8.83 -153.14 19.92
N SER O 437 7.72 -153.12 20.63
CA SER O 437 7.71 -153.25 22.09
C SER O 437 6.92 -154.49 22.50
N ASN O 438 7.55 -155.40 23.23
CA ASN O 438 6.85 -156.59 23.68
C ASN O 438 6.23 -156.37 25.07
N LEU O 439 6.28 -155.15 25.57
CA LEU O 439 5.71 -154.82 26.87
C LEU O 439 4.51 -153.88 26.72
N ASN O 440 4.63 -152.89 25.84
CA ASN O 440 3.53 -151.95 25.62
C ASN O 440 2.56 -152.61 24.67
N THR O 441 1.85 -153.62 25.18
CA THR O 441 0.89 -154.37 24.40
C THR O 441 -0.14 -154.93 25.38
N SER O 442 -1.29 -155.36 24.88
CA SER O 442 -2.35 -155.89 25.74
C SER O 442 -1.92 -157.04 26.66
N ALA O 443 -1.07 -157.93 26.16
CA ALA O 443 -0.61 -159.06 26.96
C ALA O 443 0.57 -158.70 27.85
N GLY O 444 1.05 -157.46 27.72
CA GLY O 444 2.16 -157.02 28.54
C GLY O 444 1.64 -156.24 29.73
N GLN O 445 2.17 -155.05 29.96
CA GLN O 445 1.73 -154.21 31.06
C GLN O 445 1.75 -152.73 30.72
N HIS O 446 0.69 -152.04 31.11
CA HIS O 446 0.57 -150.60 30.91
C HIS O 446 -0.37 -150.16 32.00
N ILE O 447 -0.43 -148.86 32.25
CA ILE O 447 -1.37 -148.36 33.23
C ILE O 447 -2.05 -147.14 32.63
N PRO O 448 -3.24 -146.80 33.11
CA PRO O 448 -3.95 -145.64 32.56
C PRO O 448 -3.32 -144.34 33.03
N ARG O 449 -3.10 -143.42 32.09
CA ARG O 449 -2.52 -142.12 32.42
C ARG O 449 -3.35 -141.43 33.51
N LEU O 450 -4.67 -141.57 33.41
CA LEU O 450 -5.58 -140.97 34.38
C LEU O 450 -5.50 -141.54 35.79
N LYS O 451 -4.90 -142.72 35.93
CA LYS O 451 -4.82 -143.36 37.23
C LYS O 451 -3.41 -143.68 37.69
N ILE O 452 -2.43 -142.95 37.17
CA ILE O 452 -1.04 -143.15 37.57
C ILE O 452 -0.89 -142.96 39.08
N PRO O 453 -1.50 -141.90 39.66
CA PRO O 453 -1.38 -141.68 41.10
C PRO O 453 -1.84 -142.86 41.94
N GLU O 454 -2.98 -143.45 41.57
CA GLU O 454 -3.51 -144.59 42.30
C GLU O 454 -2.62 -145.82 42.15
N CYS O 455 -2.02 -145.99 40.97
CA CYS O 455 -1.14 -147.13 40.77
C CYS O 455 0.12 -147.00 41.63
N ILE O 456 0.70 -145.81 41.66
CA ILE O 456 1.90 -145.59 42.46
C ILE O 456 1.63 -145.65 43.96
N MET O 457 0.60 -144.93 44.41
CA MET O 457 0.28 -144.88 45.83
C MET O 457 -0.50 -146.06 46.37
N GLY O 458 -1.32 -146.68 45.54
CA GLY O 458 -2.11 -147.82 45.99
C GLY O 458 -1.50 -149.15 45.65
N GLY O 459 -0.62 -149.15 44.64
CA GLY O 459 0.04 -150.38 44.22
C GLY O 459 -0.85 -151.37 43.49
N LYS O 460 -2.04 -150.93 43.09
CA LYS O 460 -2.95 -151.84 42.39
C LYS O 460 -4.10 -151.09 41.73
N PHE O 461 -4.56 -151.60 40.59
CA PHE O 461 -5.68 -150.99 39.89
C PHE O 461 -6.26 -151.97 38.86
N GLN O 462 -7.50 -151.74 38.47
CA GLN O 462 -8.17 -152.62 37.50
C GLN O 462 -9.03 -151.72 36.63
N TRP O 463 -9.00 -151.93 35.31
CA TRP O 463 -9.77 -151.07 34.42
C TRP O 463 -10.16 -151.71 33.10
N SER O 464 -10.79 -150.92 32.24
CA SER O 464 -11.25 -151.37 30.93
C SER O 464 -10.52 -150.62 29.81
N GLY O 465 -10.10 -151.38 28.79
CA GLY O 465 -9.44 -150.78 27.64
C GLY O 465 -7.99 -150.38 27.77
N LYS O 466 -7.29 -150.35 26.64
CA LYS O 466 -5.89 -149.95 26.63
C LYS O 466 -5.72 -148.71 25.74
N GLY O 467 -5.43 -147.58 26.36
CA GLY O 467 -5.23 -146.34 25.61
C GLY O 467 -6.33 -146.07 24.59
N PHE O 468 -5.92 -145.75 23.36
CA PHE O 468 -6.87 -145.49 22.27
C PHE O 468 -7.24 -146.85 21.72
N ALA O 469 -8.45 -147.32 21.99
CA ALA O 469 -8.86 -148.65 21.51
C ALA O 469 -9.64 -148.56 20.20
N GLY O 470 -8.98 -148.13 19.13
CA GLY O 470 -9.64 -148.00 17.86
C GLY O 470 -9.63 -149.20 16.93
N GLY O 471 -9.06 -150.31 17.39
CA GLY O 471 -9.00 -151.50 16.56
C GLY O 471 -10.38 -152.01 16.16
N ASP O 472 -11.26 -152.07 17.14
CA ASP O 472 -12.63 -152.54 16.91
C ASP O 472 -13.48 -151.95 18.01
N ILE O 473 -14.79 -151.94 17.80
CA ILE O 473 -15.72 -151.40 18.78
C ILE O 473 -15.55 -151.97 20.19
N SER O 474 -15.43 -153.28 20.31
CA SER O 474 -15.33 -153.88 21.63
C SER O 474 -13.96 -153.98 22.29
N HIS O 475 -12.90 -153.49 21.64
CA HIS O 475 -11.57 -153.56 22.25
C HIS O 475 -11.49 -152.84 23.60
N GLN O 476 -12.18 -151.71 23.69
CA GLN O 476 -12.21 -150.91 24.91
C GLN O 476 -12.84 -151.64 26.09
N LEU O 477 -13.52 -152.76 25.81
CA LEU O 477 -14.18 -153.51 26.87
C LEU O 477 -13.29 -154.57 27.52
N HIS O 478 -12.13 -154.80 26.93
CA HIS O 478 -11.20 -155.79 27.45
C HIS O 478 -10.75 -155.32 28.84
N GLN O 479 -10.66 -156.25 29.79
CA GLN O 479 -10.29 -155.94 31.17
C GLN O 479 -8.78 -156.07 31.43
N TYR O 480 -8.24 -155.12 32.17
CA TYR O 480 -6.81 -155.11 32.51
C TYR O 480 -6.58 -154.89 34.00
N GLU O 481 -5.39 -155.24 34.46
CA GLU O 481 -5.06 -155.10 35.87
C GLU O 481 -3.62 -154.65 36.04
N TYR O 482 -3.34 -154.03 37.19
CA TYR O 482 -2.01 -153.58 37.56
C TYR O 482 -1.78 -154.03 39.00
N PRO O 483 -0.65 -154.69 39.28
CA PRO O 483 0.38 -155.02 38.28
C PRO O 483 -0.17 -156.13 37.38
N ALA O 484 0.22 -156.13 36.12
CA ALA O 484 -0.25 -157.15 35.19
C ALA O 484 0.36 -158.49 35.61
N PRO O 485 -0.36 -159.59 35.37
CA PRO O 485 0.14 -160.92 35.75
C PRO O 485 1.61 -161.18 35.39
N GLY O 486 2.41 -161.50 36.39
CA GLY O 486 3.82 -161.78 36.17
C GLY O 486 4.75 -160.58 36.12
N TYR O 487 4.20 -159.39 35.91
CA TYR O 487 5.03 -158.19 35.85
C TYR O 487 5.25 -157.51 37.20
N SER O 488 6.16 -156.56 37.22
CA SER O 488 6.52 -155.86 38.45
C SER O 488 5.87 -154.51 38.61
N LYS O 489 5.73 -154.07 39.86
CA LYS O 489 5.16 -152.76 40.17
C LYS O 489 6.22 -151.72 39.78
N ILE O 490 5.77 -150.48 39.61
CA ILE O 490 6.64 -149.37 39.23
C ILE O 490 7.66 -149.00 40.30
N LYS O 491 8.91 -148.79 39.89
CA LYS O 491 9.98 -148.40 40.80
C LYS O 491 10.60 -147.09 40.32
N MET O 492 10.48 -146.85 39.02
CA MET O 492 11.04 -145.66 38.40
C MET O 492 10.06 -144.99 37.45
N PHE O 493 10.14 -143.67 37.36
CA PHE O 493 9.25 -142.90 36.49
C PHE O 493 10.06 -141.95 35.59
N TRP O 494 10.05 -142.22 34.30
CA TRP O 494 10.75 -141.39 33.33
C TRP O 494 9.70 -140.52 32.65
N LYS O 495 9.59 -139.27 33.09
CA LYS O 495 8.63 -138.35 32.50
C LYS O 495 9.18 -137.54 31.34
N TYR O 496 8.34 -137.37 30.33
CA TYR O 496 8.69 -136.60 29.14
C TYR O 496 7.70 -135.43 29.22
N GLY O 497 8.19 -134.26 29.62
CA GLY O 497 7.33 -133.11 29.80
C GLY O 497 6.72 -133.24 31.20
N GLY O 498 5.91 -132.27 31.62
CA GLY O 498 5.29 -132.36 32.95
C GLY O 498 4.10 -131.43 33.09
N PRO O 499 3.06 -131.59 32.26
CA PRO O 499 1.84 -130.77 32.25
C PRO O 499 0.65 -131.29 33.02
N HIS O 500 0.74 -132.51 33.53
CA HIS O 500 -0.41 -133.12 34.20
C HIS O 500 -1.15 -132.36 35.29
N LEU O 501 -0.47 -131.50 36.05
CA LEU O 501 -1.15 -130.76 37.10
C LEU O 501 -2.20 -129.82 36.49
N GLY O 502 -2.01 -129.47 35.23
CA GLY O 502 -2.96 -128.58 34.57
C GLY O 502 -3.81 -129.24 33.49
N THR O 503 -3.50 -130.49 33.14
CA THR O 503 -4.24 -131.16 32.08
C THR O 503 -5.04 -132.42 32.46
N MET O 504 -4.77 -133.02 33.62
CA MET O 504 -5.52 -134.22 34.00
C MET O 504 -6.72 -133.91 34.90
N THR O 505 -7.08 -134.83 35.81
CA THR O 505 -8.25 -134.62 36.69
C THR O 505 -7.93 -134.61 38.19
N ALA O 506 -8.65 -133.80 38.96
CA ALA O 506 -8.44 -133.67 40.41
C ALA O 506 -6.95 -133.85 40.63
N THR O 507 -6.20 -133.01 39.94
CA THR O 507 -4.74 -133.08 39.91
C THR O 507 -3.87 -132.94 41.15
N ASN O 508 -4.42 -132.60 42.31
CA ASN O 508 -3.56 -132.53 43.48
C ASN O 508 -2.97 -133.92 43.74
N ARG O 509 -3.67 -134.95 43.29
CA ARG O 509 -3.21 -136.33 43.47
C ARG O 509 -1.92 -136.61 42.69
N TYR O 510 -1.71 -135.88 41.60
CA TYR O 510 -0.48 -136.05 40.81
C TYR O 510 0.70 -135.45 41.54
N ALA O 511 0.44 -134.40 42.31
CA ALA O 511 1.50 -133.77 43.08
C ALA O 511 1.84 -134.67 44.25
N LYS O 512 0.82 -135.28 44.86
CA LYS O 512 1.01 -136.16 46.00
C LYS O 512 1.78 -137.44 45.70
N MET O 513 1.59 -137.99 44.50
CA MET O 513 2.25 -139.25 44.15
C MET O 513 3.77 -139.23 44.12
N TYR O 514 4.36 -138.09 43.78
CA TYR O 514 5.81 -137.98 43.69
C TYR O 514 6.62 -138.27 44.94
N THR O 515 6.01 -138.07 46.11
CA THR O 515 6.72 -138.30 47.36
C THR O 515 6.49 -139.67 47.97
N HIS O 516 5.80 -140.55 47.25
CA HIS O 516 5.55 -141.90 47.74
C HIS O 516 6.88 -142.65 47.80
N ASP O 517 7.14 -143.37 48.90
CA ASP O 517 8.41 -144.06 49.03
C ASP O 517 8.63 -145.24 48.10
N SER O 518 7.60 -145.64 47.35
CA SER O 518 7.75 -146.76 46.42
C SER O 518 8.47 -146.28 45.16
N LEU O 519 8.41 -144.97 44.91
CA LEU O 519 9.07 -144.38 43.75
C LEU O 519 10.54 -144.13 44.07
N GLU O 520 11.40 -145.02 43.60
CA GLU O 520 12.83 -144.91 43.87
C GLU O 520 13.57 -143.87 43.02
N PHE O 521 13.05 -143.58 41.83
CA PHE O 521 13.74 -142.64 40.95
C PHE O 521 12.80 -141.95 39.96
N VAL O 522 12.98 -140.64 39.79
CA VAL O 522 12.17 -139.86 38.86
C VAL O 522 13.03 -138.98 37.96
N VAL O 523 12.89 -139.17 36.65
CA VAL O 523 13.63 -138.37 35.69
C VAL O 523 12.64 -137.60 34.85
N SER O 524 12.98 -136.34 34.54
CA SER O 524 12.13 -135.51 33.72
C SER O 524 12.92 -134.99 32.52
N GLN O 525 12.45 -135.32 31.32
CA GLN O 525 13.08 -134.89 30.08
C GLN O 525 12.09 -133.87 29.52
N SER O 526 12.37 -132.59 29.78
CA SER O 526 11.48 -131.51 29.36
C SER O 526 12.21 -130.30 28.78
N ILE O 527 11.42 -129.37 28.25
CA ILE O 527 11.95 -128.14 27.66
C ILE O 527 11.96 -126.97 28.64
N TRP O 528 10.86 -126.78 29.35
CA TRP O 528 10.74 -125.68 30.31
C TRP O 528 10.62 -126.17 31.75
N PHE O 529 11.15 -125.38 32.68
CA PHE O 529 11.11 -125.69 34.11
C PHE O 529 9.76 -125.17 34.61
N GLU O 530 8.75 -126.04 34.59
CA GLU O 530 7.40 -125.66 34.99
C GLU O 530 6.60 -126.93 35.32
N GLY O 531 5.35 -126.73 35.73
CA GLY O 531 4.47 -127.85 36.04
C GLY O 531 5.02 -128.90 36.99
N GLU O 532 5.11 -130.14 36.51
CA GLU O 532 5.61 -131.27 37.29
C GLU O 532 7.13 -131.38 37.34
N VAL O 533 7.82 -130.64 36.48
CA VAL O 533 9.28 -130.73 36.43
C VAL O 533 9.99 -130.58 37.78
N PRO O 534 9.55 -129.64 38.63
CA PRO O 534 10.21 -129.46 39.94
C PRO O 534 10.03 -130.58 40.98
N PHE O 535 9.52 -131.73 40.56
CA PHE O 535 9.36 -132.87 41.48
C PHE O 535 10.38 -133.95 41.13
N ALA O 536 11.10 -133.77 40.03
CA ALA O 536 12.07 -134.77 39.57
C ALA O 536 13.38 -134.82 40.34
N ASP O 537 14.08 -135.95 40.24
CA ASP O 537 15.37 -136.13 40.90
C ASP O 537 16.47 -135.70 39.93
N ILE O 538 16.22 -135.95 38.65
CA ILE O 538 17.14 -135.60 37.58
C ILE O 538 16.33 -134.96 36.46
N ILE O 539 16.79 -133.81 35.96
CA ILE O 539 16.10 -133.13 34.88
C ILE O 539 17.01 -132.98 33.67
N LEU O 540 16.51 -133.39 32.50
CA LEU O 540 17.27 -133.33 31.24
C LEU O 540 16.63 -132.32 30.30
N PRO O 541 17.38 -131.28 29.87
CA PRO O 541 16.92 -130.22 28.97
C PRO O 541 16.80 -130.59 27.49
N ALA O 542 15.57 -130.62 26.98
CA ALA O 542 15.33 -130.91 25.57
C ALA O 542 15.18 -129.54 24.89
N CYS O 543 15.24 -129.51 23.56
CA CYS O 543 15.10 -128.23 22.85
C CYS O 543 13.82 -128.19 22.02
N THR O 544 13.48 -127.01 21.51
CA THR O 544 12.29 -126.85 20.69
C THR O 544 12.58 -127.31 19.26
N ASN O 545 11.56 -127.38 18.43
CA ASN O 545 11.74 -127.82 17.04
C ASN O 545 12.50 -126.79 16.20
N PHE O 546 12.69 -125.58 16.72
CA PHE O 546 13.42 -124.55 15.98
C PHE O 546 14.93 -124.70 16.17
N GLU O 547 15.32 -125.64 17.01
CA GLU O 547 16.73 -125.87 17.30
C GLU O 547 17.23 -127.22 16.78
N ARG O 548 16.45 -127.84 15.90
CA ARG O 548 16.80 -129.13 15.32
C ARG O 548 16.16 -129.30 13.96
N TRP O 549 16.53 -130.37 13.26
CA TRP O 549 16.01 -130.65 11.93
C TRP O 549 14.82 -131.60 11.95
N ASP O 550 13.82 -131.32 11.13
CA ASP O 550 12.66 -132.20 11.03
C ASP O 550 11.89 -131.90 9.76
N ILE O 551 10.80 -132.63 9.56
CA ILE O 551 9.97 -132.45 8.37
C ILE O 551 8.53 -132.71 8.80
N SER O 552 7.58 -132.04 8.14
CA SER O 552 6.18 -132.21 8.49
C SER O 552 5.23 -131.57 7.47
N GLU O 553 3.95 -131.82 7.68
CA GLU O 553 2.91 -131.24 6.83
C GLU O 553 1.95 -130.46 7.71
N PHE O 554 1.50 -129.33 7.18
CA PHE O 554 0.57 -128.44 7.87
C PHE O 554 -0.60 -129.22 8.47
N ALA O 555 -0.65 -129.27 9.80
CA ALA O 555 -1.73 -129.94 10.54
C ALA O 555 -1.92 -131.44 10.28
N ASN O 556 -0.94 -132.09 9.65
CA ASN O 556 -1.09 -133.52 9.37
C ASN O 556 -0.80 -134.47 10.52
N CYS O 557 -1.86 -134.99 11.13
CA CYS O 557 -1.74 -135.95 12.23
C CYS O 557 -1.96 -137.35 11.67
N SER O 558 -2.97 -137.49 10.83
CA SER O 558 -3.32 -138.76 10.22
C SER O 558 -3.59 -139.78 11.33
N GLY O 559 -3.37 -141.06 11.04
CA GLY O 559 -3.61 -142.09 12.04
C GLY O 559 -5.06 -142.17 12.47
N TYR O 560 -5.34 -141.82 13.72
CA TYR O 560 -6.71 -141.85 14.22
C TYR O 560 -7.57 -140.71 13.67
N ILE O 561 -6.95 -139.83 12.88
CA ILE O 561 -7.68 -138.76 12.22
C ILE O 561 -7.22 -138.79 10.78
N PRO O 562 -7.58 -139.85 10.04
CA PRO O 562 -7.18 -140.00 8.64
C PRO O 562 -7.40 -138.75 7.77
N ASP O 563 -6.35 -138.34 7.09
CA ASP O 563 -6.39 -137.20 6.18
C ASP O 563 -6.91 -135.90 6.80
N ASN O 564 -6.47 -135.58 8.02
CA ASN O 564 -6.94 -134.36 8.65
C ASN O 564 -6.25 -133.10 8.12
N TYR O 565 -5.37 -133.26 7.14
CA TYR O 565 -4.73 -132.09 6.55
C TYR O 565 -5.80 -131.31 5.80
N GLN O 566 -6.98 -131.91 5.63
CA GLN O 566 -8.09 -131.25 4.94
C GLN O 566 -8.67 -130.11 5.77
N LEU O 567 -8.03 -129.82 6.90
CA LEU O 567 -8.44 -128.72 7.78
C LEU O 567 -7.87 -127.42 7.21
N CYS O 568 -6.85 -127.55 6.38
CA CYS O 568 -6.16 -126.39 5.79
C CYS O 568 -6.63 -126.06 4.38
N ASN O 569 -6.33 -124.85 3.93
CA ASN O 569 -6.71 -124.42 2.59
C ASN O 569 -5.79 -125.00 1.54
N HIS O 570 -4.60 -125.43 1.97
CA HIS O 570 -3.62 -126.03 1.07
C HIS O 570 -2.81 -127.06 1.83
N ARG O 571 -2.34 -128.08 1.13
CA ARG O 571 -1.50 -129.07 1.77
C ARG O 571 -0.11 -128.46 1.63
N VAL O 572 0.52 -128.18 2.76
CA VAL O 572 1.85 -127.59 2.75
C VAL O 572 2.83 -128.48 3.48
N ILE O 573 3.83 -128.94 2.74
CA ILE O 573 4.86 -129.80 3.28
C ILE O 573 6.10 -128.95 3.41
N SER O 574 6.65 -128.85 4.61
CA SER O 574 7.84 -128.04 4.77
C SER O 574 8.97 -128.66 5.55
N LEU O 575 10.16 -128.14 5.30
CA LEU O 575 11.35 -128.58 5.98
C LEU O 575 11.43 -127.72 7.24
N GLN O 576 11.59 -128.35 8.39
CA GLN O 576 11.73 -127.60 9.63
C GLN O 576 13.22 -127.45 9.81
N ALA O 577 13.74 -126.33 9.32
CA ALA O 577 15.15 -126.04 9.39
C ALA O 577 15.66 -125.73 10.78
N LYS O 578 16.84 -126.24 11.11
CA LYS O 578 17.44 -125.95 12.40
C LYS O 578 17.79 -124.49 12.23
N CYS O 579 16.95 -123.61 12.80
CA CYS O 579 17.15 -122.18 12.68
C CYS O 579 18.27 -121.62 13.55
N ILE O 580 18.44 -122.19 14.73
CA ILE O 580 19.47 -121.73 15.66
C ILE O 580 20.04 -122.91 16.43
N GLU O 581 21.18 -122.68 17.09
CA GLU O 581 21.79 -123.75 17.89
C GLU O 581 20.94 -123.91 19.15
N PRO O 582 20.91 -125.13 19.72
CA PRO O 582 20.11 -125.33 20.94
C PRO O 582 20.43 -124.27 21.99
N VAL O 583 19.38 -123.79 22.66
CA VAL O 583 19.53 -122.79 23.70
C VAL O 583 20.14 -123.41 24.95
N GLY O 584 21.10 -122.73 25.54
CA GLY O 584 21.75 -123.25 26.73
C GLY O 584 22.40 -124.59 26.43
N GLU O 585 22.30 -125.52 27.37
CA GLU O 585 22.89 -126.85 27.20
C GLU O 585 21.84 -127.88 26.80
N SER O 586 20.76 -127.44 26.16
CA SER O 586 19.71 -128.35 25.75
C SER O 586 20.10 -129.07 24.47
N MET O 587 19.45 -130.19 24.21
CA MET O 587 19.70 -130.94 22.99
C MET O 587 18.41 -131.63 22.56
N SER O 588 18.32 -132.00 21.29
CA SER O 588 17.11 -132.65 20.80
C SER O 588 16.86 -133.95 21.53
N ASP O 589 15.59 -134.33 21.65
CA ASP O 589 15.25 -135.57 22.30
C ASP O 589 15.97 -136.73 21.61
N TYR O 590 16.11 -136.66 20.28
CA TYR O 590 16.78 -137.70 19.52
C TYR O 590 18.24 -137.84 19.93
N GLU O 591 18.93 -136.71 20.10
CA GLU O 591 20.33 -136.74 20.51
C GLU O 591 20.46 -137.21 21.95
N ILE O 592 19.46 -136.91 22.78
CA ILE O 592 19.50 -137.36 24.17
C ILE O 592 19.44 -138.88 24.16
N TYR O 593 18.52 -139.43 23.36
CA TYR O 593 18.34 -140.86 23.27
C TYR O 593 19.55 -141.55 22.63
N ARG O 594 20.19 -140.89 21.68
CA ARG O 594 21.36 -141.49 21.05
C ARG O 594 22.45 -141.61 22.09
N LEU O 595 22.56 -140.60 22.95
CA LEU O 595 23.54 -140.60 24.01
C LEU O 595 23.23 -141.73 24.99
N PHE O 596 21.96 -141.92 25.31
CA PHE O 596 21.58 -143.00 26.21
C PHE O 596 21.82 -144.34 25.54
N ALA O 597 21.49 -144.43 24.25
CA ALA O 597 21.67 -145.68 23.50
C ALA O 597 23.14 -146.11 23.53
N LYS O 598 24.04 -145.15 23.40
CA LYS O 598 25.47 -145.44 23.44
C LYS O 598 25.84 -146.04 24.80
N LYS O 599 25.39 -145.40 25.87
CA LYS O 599 25.69 -145.88 27.22
C LYS O 599 24.96 -147.16 27.59
N LEU O 600 23.92 -147.49 26.84
CA LEU O 600 23.15 -148.70 27.08
C LEU O 600 23.59 -149.81 26.14
N ASN O 601 24.61 -149.50 25.33
CA ASN O 601 25.20 -150.44 24.38
C ASN O 601 24.27 -150.87 23.25
N ILE O 602 23.40 -149.96 22.82
CA ILE O 602 22.46 -150.25 21.75
C ILE O 602 22.40 -149.11 20.73
N GLU O 603 23.42 -148.27 20.71
CA GLU O 603 23.44 -147.15 19.79
C GLU O 603 23.25 -147.55 18.33
N GLU O 604 23.92 -148.60 17.90
CA GLU O 604 23.80 -149.06 16.53
C GLU O 604 22.37 -149.43 16.15
N MET O 605 21.70 -150.16 17.04
CA MET O 605 20.32 -150.57 16.78
C MET O 605 19.37 -149.39 16.77
N PHE O 606 19.55 -148.48 17.73
CA PHE O 606 18.68 -147.31 17.83
C PHE O 606 18.84 -146.30 16.71
N SER O 607 20.06 -145.80 16.54
CA SER O 607 20.33 -144.78 15.53
C SER O 607 20.49 -145.25 14.09
N GLU O 608 21.00 -146.47 13.91
CA GLU O 608 21.25 -147.02 12.58
C GLU O 608 22.26 -146.11 11.86
N GLY O 609 23.11 -145.45 12.65
CA GLY O 609 24.12 -144.57 12.12
C GLY O 609 23.60 -143.30 11.47
N LYS O 610 22.44 -142.85 11.89
CA LYS O 610 21.84 -141.66 11.31
C LYS O 610 21.56 -140.57 12.33
N ASP O 611 21.71 -139.32 11.91
CA ASP O 611 21.37 -138.20 12.77
C ASP O 611 19.96 -137.82 12.31
N GLU O 612 19.37 -136.81 12.93
CA GLU O 612 18.02 -136.41 12.59
C GLU O 612 17.78 -136.12 11.10
N LEU O 613 18.69 -135.37 10.49
CA LEU O 613 18.55 -135.02 9.08
C LEU O 613 18.61 -136.25 8.17
N ALA O 614 19.40 -137.24 8.54
CA ALA O 614 19.51 -138.47 7.74
C ALA O 614 18.17 -139.23 7.79
N TRP O 615 17.54 -139.26 8.96
CA TRP O 615 16.25 -139.93 9.08
C TRP O 615 15.20 -139.17 8.26
N CYS O 616 15.32 -137.84 8.25
CA CYS O 616 14.40 -136.99 7.50
C CYS O 616 14.39 -137.34 6.02
N GLU O 617 15.59 -137.52 5.46
CA GLU O 617 15.72 -137.85 4.05
C GLU O 617 15.12 -139.22 3.76
N GLN O 618 15.36 -140.17 4.64
CA GLN O 618 14.82 -141.52 4.46
C GLN O 618 13.30 -141.39 4.54
N TYR O 619 12.83 -140.59 5.50
CA TYR O 619 11.40 -140.35 5.70
C TYR O 619 10.80 -139.78 4.41
N PHE O 620 11.44 -138.73 3.89
CA PHE O 620 11.02 -138.06 2.67
C PHE O 620 10.86 -139.04 1.51
N ASN O 621 11.85 -139.92 1.33
CA ASN O 621 11.81 -140.88 0.25
C ASN O 621 10.74 -141.97 0.41
N ALA O 622 10.17 -142.08 1.61
CA ALA O 622 9.13 -143.07 1.86
C ALA O 622 7.73 -142.47 1.66
N THR O 623 7.67 -141.25 1.12
CA THR O 623 6.40 -140.59 0.88
C THR O 623 6.22 -140.42 -0.63
N ASP O 624 5.19 -139.68 -1.04
CA ASP O 624 4.95 -139.44 -2.45
C ASP O 624 5.70 -138.21 -2.96
N MET O 625 6.40 -137.51 -2.06
CA MET O 625 7.14 -136.31 -2.45
C MET O 625 8.10 -136.49 -3.62
N PRO O 626 8.82 -137.63 -3.69
CA PRO O 626 9.76 -137.87 -4.80
C PRO O 626 9.13 -137.72 -6.18
N LYS O 627 7.82 -137.88 -6.26
CA LYS O 627 7.12 -137.76 -7.54
C LYS O 627 7.13 -136.31 -8.03
N TYR O 628 7.29 -135.38 -7.10
CA TYR O 628 7.32 -133.97 -7.46
C TYR O 628 8.71 -133.34 -7.40
N MET O 629 9.50 -133.73 -6.41
CA MET O 629 10.85 -133.18 -6.30
C MET O 629 11.79 -134.05 -5.48
N THR O 630 13.08 -133.92 -5.73
CA THR O 630 14.09 -134.68 -5.02
C THR O 630 14.31 -134.10 -3.62
N TRP O 631 14.99 -134.84 -2.77
CA TRP O 631 15.27 -134.37 -1.42
C TRP O 631 16.08 -133.09 -1.46
N ASP O 632 17.08 -133.04 -2.32
CA ASP O 632 17.94 -131.86 -2.46
C ASP O 632 17.16 -130.62 -2.88
N GLU O 633 16.25 -130.79 -3.84
CA GLU O 633 15.44 -129.66 -4.30
C GLU O 633 14.51 -129.18 -3.19
N PHE O 634 13.91 -130.14 -2.49
CA PHE O 634 13.00 -129.81 -1.39
C PHE O 634 13.74 -129.13 -0.26
N PHE O 635 14.89 -129.67 0.09
CA PHE O 635 15.71 -129.12 1.16
C PHE O 635 16.03 -127.66 0.87
N LYS O 636 16.34 -127.37 -0.39
CA LYS O 636 16.69 -126.03 -0.79
C LYS O 636 15.48 -125.09 -0.78
N LYS O 637 14.34 -125.56 -1.28
CA LYS O 637 13.13 -124.74 -1.33
C LYS O 637 12.55 -124.50 0.06
N GLY O 638 12.62 -125.50 0.93
CA GLY O 638 12.12 -125.34 2.29
C GLY O 638 10.66 -125.71 2.50
N TYR O 639 9.83 -125.56 1.47
CA TYR O 639 8.42 -125.90 1.58
C TYR O 639 7.85 -126.19 0.20
N PHE O 640 6.77 -126.97 0.18
CA PHE O 640 6.13 -127.34 -1.07
C PHE O 640 4.61 -127.35 -0.94
N VAL O 641 3.94 -126.64 -1.85
CA VAL O 641 2.48 -126.60 -1.85
C VAL O 641 2.00 -127.70 -2.79
N VAL O 642 1.30 -128.69 -2.24
CA VAL O 642 0.82 -129.80 -3.07
C VAL O 642 -0.18 -129.32 -4.11
N PRO O 643 -0.01 -129.77 -5.37
CA PRO O 643 -0.92 -129.36 -6.44
C PRO O 643 -2.35 -129.82 -6.23
N ASP O 644 -3.28 -129.11 -6.87
CA ASP O 644 -4.69 -129.44 -6.80
C ASP O 644 -4.93 -130.65 -7.72
N ASN O 645 -6.00 -131.39 -7.47
CA ASN O 645 -6.36 -132.55 -8.29
C ASN O 645 -7.84 -132.39 -8.65
N PRO O 646 -8.14 -131.46 -9.57
CA PRO O 646 -9.47 -131.11 -10.07
C PRO O 646 -10.34 -132.26 -10.57
N ASN O 647 -9.74 -133.19 -11.29
CA ASN O 647 -10.49 -134.31 -11.87
C ASN O 647 -10.84 -135.49 -10.97
N ARG O 648 -10.24 -135.60 -9.78
CA ARG O 648 -10.58 -136.75 -8.93
C ARG O 648 -12.06 -136.63 -8.58
N LYS O 649 -12.76 -137.76 -8.58
CA LYS O 649 -14.18 -137.72 -8.25
C LYS O 649 -14.37 -137.40 -6.77
N LYS O 650 -15.37 -136.58 -6.48
CA LYS O 650 -15.64 -136.18 -5.11
C LYS O 650 -16.46 -137.25 -4.40
N THR O 651 -16.09 -137.56 -3.17
CA THR O 651 -16.81 -138.57 -2.38
C THR O 651 -17.15 -137.97 -1.02
N VAL O 652 -18.35 -137.40 -0.93
CA VAL O 652 -18.80 -136.78 0.31
C VAL O 652 -18.93 -137.79 1.46
N ALA O 653 -18.55 -137.34 2.65
CA ALA O 653 -18.60 -138.16 3.85
C ALA O 653 -19.97 -138.79 4.04
N LEU O 654 -19.97 -140.09 4.31
CA LEU O 654 -21.19 -140.88 4.54
C LEU O 654 -22.26 -140.93 3.43
N ARG O 655 -21.99 -140.36 2.27
CA ARG O 655 -23.01 -140.43 1.22
C ARG O 655 -23.19 -141.88 0.78
N TRP O 656 -22.12 -142.66 0.79
CA TRP O 656 -22.21 -144.07 0.40
C TRP O 656 -23.16 -144.79 1.36
N PHE O 657 -23.10 -144.43 2.63
CA PHE O 657 -23.96 -145.02 3.64
C PHE O 657 -25.41 -144.57 3.41
N ALA O 658 -25.58 -143.27 3.20
CA ALA O 658 -26.90 -142.70 2.97
C ALA O 658 -27.58 -143.31 1.74
N GLU O 659 -26.78 -143.62 0.73
CA GLU O 659 -27.31 -144.20 -0.51
C GLU O 659 -27.28 -145.72 -0.52
N GLY O 660 -26.90 -146.31 0.61
CA GLY O 660 -26.86 -147.76 0.73
C GLY O 660 -25.98 -148.52 -0.23
N ARG O 661 -24.81 -147.97 -0.56
CA ARG O 661 -23.88 -148.64 -1.48
C ARG O 661 -22.52 -148.85 -0.81
N GLU O 662 -21.56 -149.36 -1.56
CA GLU O 662 -20.22 -149.61 -1.02
C GLU O 662 -19.48 -148.35 -0.61
N LYS O 663 -18.76 -148.43 0.51
CA LYS O 663 -17.97 -147.32 1.00
C LYS O 663 -17.01 -146.92 -0.13
N ASP O 664 -17.00 -145.63 -0.47
CA ASP O 664 -16.17 -145.15 -1.56
C ASP O 664 -15.23 -144.00 -1.24
N THR O 665 -15.14 -143.64 0.04
CA THR O 665 -14.25 -142.55 0.45
C THR O 665 -12.86 -143.09 0.79
N PRO O 666 -11.88 -142.19 1.01
CA PRO O 666 -10.52 -142.62 1.34
C PRO O 666 -10.37 -143.05 2.80
N ASP O 667 -11.48 -143.09 3.54
CA ASP O 667 -11.41 -143.44 4.96
C ASP O 667 -10.69 -144.76 5.21
N TRP O 668 -10.07 -144.86 6.38
CA TRP O 668 -9.31 -146.06 6.77
C TRP O 668 -10.19 -147.15 7.36
N GLY O 669 -11.49 -147.06 7.10
CA GLY O 669 -12.41 -148.06 7.61
C GLY O 669 -13.80 -147.84 7.07
N PRO O 670 -14.74 -148.73 7.37
CA PRO O 670 -14.51 -149.92 8.22
C PRO O 670 -13.73 -151.02 7.50
N ARG O 671 -13.10 -151.88 8.29
CA ARG O 671 -12.37 -153.00 7.69
C ARG O 671 -13.37 -153.94 7.06
N LEU O 672 -12.95 -154.61 5.98
CA LEU O 672 -13.81 -155.54 5.26
C LEU O 672 -14.55 -156.55 6.14
N ASN O 673 -13.87 -157.08 7.15
CA ASN O 673 -14.51 -158.06 8.01
C ASN O 673 -15.63 -157.51 8.89
N ASN O 674 -15.71 -156.18 9.02
CA ASN O 674 -16.75 -155.56 9.82
C ASN O 674 -17.92 -155.09 8.95
N GLN O 675 -17.95 -155.54 7.70
CA GLN O 675 -19.02 -155.19 6.77
C GLN O 675 -19.49 -156.42 6.02
N VAL O 676 -20.65 -156.30 5.39
CA VAL O 676 -21.18 -157.38 4.57
C VAL O 676 -21.18 -156.78 3.17
N CYS O 677 -20.43 -157.40 2.26
CA CYS O 677 -20.30 -156.91 0.88
C CYS O 677 -19.85 -155.45 0.88
N ARG O 678 -19.04 -155.13 1.89
CA ARG O 678 -18.50 -153.79 2.13
C ARG O 678 -19.49 -152.63 2.06
N LYS O 679 -20.64 -152.85 2.67
CA LYS O 679 -21.70 -151.86 2.78
C LYS O 679 -22.00 -151.76 4.26
N GLY O 680 -22.58 -150.63 4.67
CA GLY O 680 -22.93 -150.45 6.06
C GLY O 680 -21.81 -149.99 6.97
N LEU O 681 -22.17 -149.66 8.21
CA LEU O 681 -21.21 -149.21 9.21
C LEU O 681 -20.48 -150.40 9.82
N GLN O 682 -19.51 -150.11 10.67
CA GLN O 682 -18.72 -151.12 11.35
C GLN O 682 -19.53 -151.93 12.38
N THR O 683 -20.65 -151.37 12.83
CA THR O 683 -21.50 -152.04 13.79
C THR O 683 -21.97 -153.40 13.26
N THR O 684 -22.37 -154.28 14.16
CA THR O 684 -22.86 -155.60 13.78
C THR O 684 -23.94 -155.57 12.70
N THR O 685 -24.97 -154.75 12.90
CA THR O 685 -26.07 -154.64 11.94
C THR O 685 -25.69 -153.79 10.72
N GLY O 686 -24.65 -153.00 10.85
CA GLY O 686 -24.22 -152.13 9.76
C GLY O 686 -25.02 -150.85 9.75
N LYS O 687 -25.87 -150.68 10.76
CA LYS O 687 -26.72 -149.50 10.91
C LYS O 687 -26.37 -148.71 12.16
N VAL O 688 -26.99 -147.54 12.32
CA VAL O 688 -26.80 -146.73 13.50
C VAL O 688 -27.60 -147.45 14.57
N GLU O 689 -26.92 -147.88 15.63
CA GLU O 689 -27.59 -148.65 16.68
C GLU O 689 -27.96 -147.85 17.93
N PHE O 690 -29.24 -147.47 17.99
CA PHE O 690 -29.78 -146.71 19.12
C PHE O 690 -29.75 -147.57 20.39
N ILE O 691 -29.72 -148.88 20.18
CA ILE O 691 -29.58 -149.86 21.25
C ILE O 691 -28.34 -150.59 20.75
N ALA O 692 -27.18 -150.25 21.30
CA ALA O 692 -25.91 -150.83 20.87
C ALA O 692 -25.78 -152.32 21.17
N THR O 693 -25.60 -153.11 20.12
CA THR O 693 -25.46 -154.55 20.26
C THR O 693 -24.21 -154.91 21.06
N SER O 694 -23.13 -154.18 20.87
CA SER O 694 -21.90 -154.46 21.62
C SER O 694 -22.14 -154.26 23.12
N LEU O 695 -22.76 -153.14 23.48
CA LEU O 695 -23.03 -152.86 24.89
C LEU O 695 -24.06 -153.83 25.44
N LYS O 696 -25.00 -154.25 24.60
CA LYS O 696 -26.01 -155.19 25.06
C LYS O 696 -25.32 -156.51 25.41
N ASN O 697 -24.35 -156.92 24.60
CA ASN O 697 -23.61 -158.15 24.87
C ASN O 697 -22.84 -158.00 26.19
N PHE O 698 -22.21 -156.84 26.33
CA PHE O 698 -21.42 -156.51 27.52
C PHE O 698 -22.26 -156.63 28.80
N GLU O 699 -23.45 -156.03 28.79
CA GLU O 699 -24.30 -156.11 29.98
C GLU O 699 -24.84 -157.52 30.20
N GLU O 700 -25.15 -158.24 29.13
CA GLU O 700 -25.65 -159.60 29.27
C GLU O 700 -24.54 -160.50 29.80
N GLN O 701 -23.30 -160.06 29.63
CA GLN O 701 -22.16 -160.81 30.12
C GLN O 701 -21.90 -160.52 31.60
N GLY O 702 -22.73 -159.66 32.18
CA GLY O 702 -22.59 -159.33 33.60
C GLY O 702 -22.02 -157.97 33.94
N TYR O 703 -21.57 -157.22 32.94
CA TYR O 703 -21.00 -155.90 33.21
C TYR O 703 -22.07 -154.82 33.21
N ILE O 704 -22.74 -154.66 34.35
CA ILE O 704 -23.79 -153.66 34.49
C ILE O 704 -23.19 -152.30 34.80
N ASP O 705 -23.55 -151.31 34.00
CA ASP O 705 -23.03 -149.95 34.14
C ASP O 705 -24.16 -148.94 33.92
N GLU O 706 -24.73 -148.45 35.00
CA GLU O 706 -25.83 -147.50 34.93
C GLU O 706 -25.55 -146.24 34.10
N HIS O 707 -24.31 -145.75 34.11
CA HIS O 707 -24.01 -144.54 33.35
C HIS O 707 -23.55 -144.77 31.91
N ARG O 708 -23.81 -145.98 31.40
CA ARG O 708 -23.49 -146.30 30.03
C ARG O 708 -24.43 -147.41 29.58
N PRO O 709 -25.73 -147.09 29.48
CA PRO O 709 -26.74 -148.05 29.06
C PRO O 709 -26.59 -148.44 27.59
N SER O 710 -26.99 -149.66 27.25
CA SER O 710 -26.91 -150.09 25.86
C SER O 710 -27.76 -149.18 24.98
N MET O 711 -28.88 -148.69 25.52
CA MET O 711 -29.73 -147.78 24.76
C MET O 711 -29.41 -146.33 25.12
N HIS O 712 -29.33 -145.48 24.10
CA HIS O 712 -29.06 -144.06 24.31
C HIS O 712 -30.24 -143.45 25.06
N THR O 713 -30.02 -143.04 26.30
CA THR O 713 -31.09 -142.47 27.11
C THR O 713 -30.62 -141.23 27.86
N TYR O 714 -31.53 -140.60 28.59
CA TYR O 714 -31.14 -139.42 29.34
C TYR O 714 -30.60 -139.85 30.69
N VAL O 715 -29.29 -140.11 30.73
CA VAL O 715 -28.66 -140.49 31.99
C VAL O 715 -28.27 -139.15 32.61
N PRO O 716 -28.82 -138.82 33.78
CA PRO O 716 -28.48 -137.55 34.41
C PRO O 716 -26.97 -137.49 34.63
N ALA O 717 -26.34 -136.37 34.26
CA ALA O 717 -24.89 -136.24 34.44
C ALA O 717 -24.57 -136.35 35.93
N TRP O 718 -23.63 -137.21 36.30
CA TRP O 718 -23.32 -137.37 37.72
C TRP O 718 -22.64 -136.19 38.39
N GLU O 719 -22.25 -135.19 37.61
CA GLU O 719 -21.66 -133.97 38.17
C GLU O 719 -22.37 -132.81 37.49
N SER O 720 -23.65 -132.63 37.82
CA SER O 720 -24.48 -131.57 37.26
C SER O 720 -25.16 -130.85 38.42
N GLN O 721 -25.69 -129.66 38.14
CA GLN O 721 -26.32 -128.86 39.18
C GLN O 721 -27.61 -129.39 39.79
N LYS O 722 -28.46 -130.06 39.03
CA LYS O 722 -29.70 -130.53 39.64
C LYS O 722 -29.74 -131.99 40.08
N HIS O 723 -28.78 -132.80 39.62
CA HIS O 723 -28.78 -134.21 39.97
C HIS O 723 -27.66 -134.68 40.91
N SER O 724 -26.62 -133.86 41.07
CA SER O 724 -25.50 -134.25 41.92
C SER O 724 -25.60 -133.80 43.38
N PRO O 725 -25.36 -134.73 44.31
CA PRO O 725 -25.41 -134.41 45.76
C PRO O 725 -24.45 -133.27 46.09
N LEU O 726 -23.39 -133.14 45.30
CA LEU O 726 -22.37 -132.12 45.48
C LEU O 726 -22.88 -130.70 45.22
N ALA O 727 -23.88 -130.60 44.35
CA ALA O 727 -24.46 -129.30 43.98
C ALA O 727 -24.97 -128.49 45.17
N VAL O 728 -25.35 -129.18 46.24
CA VAL O 728 -25.86 -128.51 47.44
C VAL O 728 -24.78 -127.61 48.04
N LYS O 729 -23.55 -128.12 48.08
CA LYS O 729 -22.41 -127.39 48.62
C LYS O 729 -21.75 -126.48 47.59
N TYR O 730 -21.66 -126.98 46.35
CA TYR O 730 -21.03 -126.25 45.26
C TYR O 730 -22.03 -126.07 44.12
N PRO O 731 -22.79 -124.97 44.14
CA PRO O 731 -23.83 -124.61 43.16
C PRO O 731 -23.43 -124.13 41.77
N LEU O 732 -22.19 -123.69 41.60
CA LEU O 732 -21.78 -123.21 40.28
C LEU O 732 -21.26 -124.31 39.38
N GLY O 733 -21.68 -124.28 38.13
CA GLY O 733 -21.24 -125.28 37.17
C GLY O 733 -20.09 -124.73 36.36
N MET O 734 -18.94 -125.39 36.46
CA MET O 734 -17.77 -124.94 35.72
C MET O 734 -17.43 -125.85 34.55
N LEU O 735 -17.12 -125.23 33.42
CA LEU O 735 -16.67 -125.96 32.23
C LEU O 735 -15.28 -125.36 32.03
N SER O 736 -14.33 -126.17 31.59
CA SER O 736 -12.95 -125.71 31.41
C SER O 736 -12.33 -126.24 30.12
N PRO O 737 -12.72 -125.66 28.98
CA PRO O 737 -12.26 -126.02 27.64
C PRO O 737 -10.79 -125.66 27.37
N HIS O 738 -10.36 -125.87 26.13
CA HIS O 738 -8.99 -125.60 25.73
C HIS O 738 -8.64 -124.11 25.66
N PRO O 739 -7.45 -123.74 26.17
CA PRO O 739 -6.99 -122.35 26.17
C PRO O 739 -7.01 -121.70 24.81
N ARG O 740 -7.55 -120.49 24.76
CA ARG O 740 -7.64 -119.70 23.54
C ARG O 740 -6.29 -119.23 23.03
N PHE O 741 -5.41 -118.81 23.93
CA PHE O 741 -4.12 -118.28 23.53
C PHE O 741 -2.91 -119.18 23.78
N SER O 742 -3.14 -120.48 23.84
CA SER O 742 -2.03 -121.42 24.07
C SER O 742 -2.43 -122.79 23.55
N MET O 743 -1.43 -123.57 23.11
CA MET O 743 -1.71 -124.93 22.64
C MET O 743 -1.50 -125.72 23.92
N HIS O 744 -2.57 -125.83 24.71
CA HIS O 744 -2.51 -126.49 26.00
C HIS O 744 -1.43 -125.78 26.83
N THR O 745 -0.49 -126.49 27.45
CA THR O 745 0.51 -125.77 28.26
C THR O 745 1.56 -125.04 27.42
N MET O 746 1.64 -125.36 26.13
CA MET O 746 2.63 -124.74 25.25
C MET O 746 2.24 -123.36 24.75
N GLY O 747 2.49 -122.37 25.59
CA GLY O 747 2.16 -120.99 25.26
C GLY O 747 2.03 -120.20 26.54
N ASP O 748 1.35 -120.78 27.51
CA ASP O 748 1.14 -120.16 28.82
C ASP O 748 2.43 -120.16 29.62
N GLY O 749 2.52 -119.24 30.58
CA GLY O 749 3.69 -119.13 31.44
C GLY O 749 4.99 -118.93 30.69
N LYS O 750 6.07 -119.51 31.22
CA LYS O 750 7.38 -119.41 30.59
C LYS O 750 7.78 -117.97 30.33
N ASN O 751 7.07 -117.04 30.97
CA ASN O 751 7.35 -115.63 30.77
C ASN O 751 7.19 -115.29 29.28
N SER O 752 6.29 -116.00 28.61
CA SER O 752 6.05 -115.77 27.18
C SER O 752 5.25 -114.49 26.95
N TYR O 753 5.18 -114.06 25.69
CA TYR O 753 4.45 -112.85 25.34
C TYR O 753 2.94 -113.01 25.52
N MET O 754 2.45 -114.25 25.38
CA MET O 754 1.01 -114.48 25.50
C MET O 754 0.46 -114.10 26.87
N ASN O 755 1.32 -114.05 27.88
CA ASN O 755 0.88 -113.69 29.22
C ASN O 755 0.45 -112.22 29.34
N TYR O 756 0.73 -111.43 28.31
CA TYR O 756 0.33 -110.02 28.34
C TYR O 756 -1.00 -109.79 27.63
N ILE O 757 -1.54 -110.84 27.03
CA ILE O 757 -2.83 -110.76 26.34
C ILE O 757 -3.91 -110.55 27.40
N LYS O 758 -4.73 -109.51 27.23
CA LYS O 758 -5.76 -109.17 28.19
C LYS O 758 -6.69 -110.30 28.62
N ASP O 759 -7.16 -111.10 27.68
CA ASP O 759 -8.08 -112.18 28.02
C ASP O 759 -7.38 -113.50 28.31
N HIS O 760 -6.07 -113.46 28.59
CA HIS O 760 -5.33 -114.68 28.93
C HIS O 760 -5.02 -114.70 30.43
N ARG O 761 -4.34 -113.66 30.91
CA ARG O 761 -4.01 -113.53 32.32
C ARG O 761 -4.20 -112.07 32.74
N VAL O 762 -4.48 -111.85 34.01
CA VAL O 762 -4.69 -110.49 34.53
C VAL O 762 -3.68 -110.20 35.63
N GLU O 763 -2.87 -109.17 35.43
CA GLU O 763 -1.86 -108.81 36.41
C GLU O 763 -2.44 -108.05 37.60
N VAL O 764 -2.24 -108.59 38.79
CA VAL O 764 -2.73 -107.99 40.02
C VAL O 764 -1.58 -107.99 41.03
N ASP O 765 -1.12 -106.80 41.38
CA ASP O 765 -0.01 -106.65 42.33
C ASP O 765 1.25 -107.40 41.88
N GLY O 766 1.61 -107.24 40.61
CA GLY O 766 2.80 -107.87 40.10
C GLY O 766 2.73 -109.33 39.69
N TYR O 767 1.61 -110.00 39.95
CA TYR O 767 1.47 -111.40 39.58
C TYR O 767 0.38 -111.54 38.51
N LYS O 768 0.65 -112.30 37.47
CA LYS O 768 -0.33 -112.50 36.41
C LYS O 768 -1.19 -113.72 36.70
N TYR O 769 -2.44 -113.48 37.08
CA TYR O 769 -3.38 -114.54 37.41
C TYR O 769 -4.20 -115.09 36.25
N TRP O 770 -4.57 -116.35 36.38
CA TRP O 770 -5.38 -117.05 35.38
C TRP O 770 -6.79 -116.47 35.51
N ILE O 771 -7.55 -116.49 34.42
CA ILE O 771 -8.89 -115.91 34.43
C ILE O 771 -10.06 -116.89 34.59
N MET O 772 -11.06 -116.46 35.37
CA MET O 772 -12.28 -117.22 35.52
C MET O 772 -13.40 -116.24 35.17
N ARG O 773 -14.23 -116.62 34.22
CA ARG O 773 -15.33 -115.80 33.77
C ARG O 773 -16.57 -116.12 34.60
N VAL O 774 -17.23 -115.06 35.08
CA VAL O 774 -18.41 -115.18 35.93
C VAL O 774 -19.53 -114.27 35.45
N ASN O 775 -20.77 -114.76 35.49
CA ASN O 775 -21.90 -113.93 35.07
C ASN O 775 -22.12 -112.82 36.10
N SER O 776 -22.39 -111.61 35.62
CA SER O 776 -22.60 -110.46 36.48
C SER O 776 -23.51 -110.74 37.68
N ILE O 777 -24.58 -111.49 37.47
CA ILE O 777 -25.50 -111.81 38.56
C ILE O 777 -24.85 -112.61 39.68
N ASP O 778 -24.03 -113.59 39.33
CA ASP O 778 -23.35 -114.42 40.33
C ASP O 778 -22.23 -113.66 41.04
N ALA O 779 -21.55 -112.80 40.29
CA ALA O 779 -20.46 -112.00 40.85
C ALA O 779 -21.03 -111.02 41.87
N GLU O 780 -22.12 -110.37 41.51
CA GLU O 780 -22.77 -109.39 42.37
C GLU O 780 -23.24 -110.00 43.70
N ALA O 781 -23.80 -111.20 43.64
CA ALA O 781 -24.29 -111.86 44.85
C ALA O 781 -23.16 -112.23 45.79
N ARG O 782 -21.93 -112.21 45.28
CA ARG O 782 -20.76 -112.56 46.09
C ARG O 782 -19.86 -111.35 46.31
N GLY O 783 -20.28 -110.19 45.81
CA GLY O 783 -19.49 -108.98 45.97
C GLY O 783 -18.22 -109.01 45.13
N ILE O 784 -18.26 -109.77 44.05
CA ILE O 784 -17.11 -109.89 43.17
C ILE O 784 -17.18 -108.89 42.02
N LYS O 785 -16.08 -108.18 41.79
CA LYS O 785 -16.01 -107.20 40.72
C LYS O 785 -14.90 -107.57 39.74
N ASN O 786 -14.96 -107.02 38.53
CA ASN O 786 -13.94 -107.29 37.52
C ASN O 786 -12.53 -107.07 38.05
N GLY O 787 -11.66 -108.05 37.84
CA GLY O 787 -10.28 -107.93 38.28
C GLY O 787 -10.00 -108.42 39.70
N ASP O 788 -11.05 -108.68 40.48
CA ASP O 788 -10.85 -109.16 41.85
C ASP O 788 -10.24 -110.56 41.86
N LEU O 789 -9.42 -110.84 42.87
CA LEU O 789 -8.83 -112.16 43.00
C LEU O 789 -9.89 -112.98 43.73
N ILE O 790 -10.18 -114.16 43.21
CA ILE O 790 -11.19 -115.01 43.83
C ILE O 790 -10.63 -116.41 44.06
N ARG O 791 -11.34 -117.16 44.88
CA ARG O 791 -10.95 -118.52 45.21
C ARG O 791 -12.05 -119.45 44.69
N ALA O 792 -11.70 -120.31 43.74
CA ALA O 792 -12.66 -121.27 43.22
C ALA O 792 -12.31 -122.56 43.94
N TYR O 793 -13.32 -123.26 44.47
CA TYR O 793 -13.02 -124.47 45.22
C TYR O 793 -14.16 -125.47 45.35
N ASN O 794 -13.79 -126.68 45.79
CA ASN O 794 -14.70 -127.78 46.06
C ASN O 794 -13.92 -128.75 46.95
N ASP O 795 -14.32 -130.02 47.02
CA ASP O 795 -13.59 -130.96 47.89
C ASP O 795 -12.19 -131.31 47.40
N ARG O 796 -11.94 -131.11 46.11
CA ARG O 796 -10.66 -131.45 45.51
C ARG O 796 -9.51 -130.46 45.70
N GLY O 797 -9.84 -129.19 45.94
CA GLY O 797 -8.80 -128.19 46.14
C GLY O 797 -9.30 -126.77 45.99
N SER O 798 -8.35 -125.82 45.93
CA SER O 798 -8.65 -124.41 45.74
C SER O 798 -7.70 -123.82 44.70
N VAL O 799 -8.22 -122.92 43.89
CA VAL O 799 -7.40 -122.26 42.87
C VAL O 799 -7.70 -120.76 42.92
N ILE O 800 -6.65 -119.95 43.00
CA ILE O 800 -6.78 -118.50 43.03
C ILE O 800 -6.79 -117.96 41.61
N LEU O 801 -7.80 -117.16 41.29
CA LEU O 801 -7.95 -116.62 39.94
C LEU O 801 -8.38 -115.15 39.92
N ALA O 802 -8.25 -114.53 38.75
CA ALA O 802 -8.68 -113.15 38.56
C ALA O 802 -10.06 -113.25 37.91
N ALA O 803 -11.04 -112.58 38.50
CA ALA O 803 -12.39 -112.62 37.98
C ALA O 803 -12.67 -111.68 36.81
N GLN O 804 -13.37 -112.20 35.80
CA GLN O 804 -13.78 -111.42 34.63
C GLN O 804 -15.30 -111.49 34.61
N VAL O 805 -15.95 -110.39 34.97
CA VAL O 805 -17.41 -110.35 35.01
C VAL O 805 -17.91 -110.19 33.59
N THR O 806 -18.76 -111.12 33.15
CA THR O 806 -19.26 -111.12 31.78
C THR O 806 -20.73 -111.50 31.68
N GLU O 807 -21.27 -111.35 30.47
CA GLU O 807 -22.66 -111.70 30.19
C GLU O 807 -22.64 -112.94 29.29
N CYS O 808 -21.44 -113.39 28.95
CA CYS O 808 -21.25 -114.54 28.07
C CYS O 808 -21.43 -115.91 28.73
N LEU O 809 -22.26 -115.97 29.78
CA LEU O 809 -22.51 -117.22 30.48
C LEU O 809 -23.87 -117.14 31.16
N GLN O 810 -24.62 -118.23 31.16
CA GLN O 810 -25.91 -118.24 31.85
C GLN O 810 -25.60 -118.13 33.34
N PRO O 811 -26.39 -117.32 34.08
CA PRO O 811 -26.15 -117.18 35.52
C PRO O 811 -26.08 -118.57 36.16
N GLY O 812 -25.10 -118.77 37.02
CA GLY O 812 -24.93 -120.06 37.68
C GLY O 812 -23.84 -120.89 37.04
N THR O 813 -23.29 -120.41 35.93
CA THR O 813 -22.24 -121.10 35.20
C THR O 813 -20.95 -120.28 35.18
N VAL O 814 -19.82 -120.91 35.49
CA VAL O 814 -18.53 -120.22 35.43
C VAL O 814 -17.65 -120.90 34.40
N HIS O 815 -16.68 -120.16 33.89
CA HIS O 815 -15.79 -120.67 32.87
C HIS O 815 -14.34 -120.28 33.11
N SER O 816 -13.44 -121.23 32.91
CA SER O 816 -12.01 -121.00 33.06
C SER O 816 -11.31 -122.07 32.25
N TYR O 817 -10.45 -121.64 31.33
CA TYR O 817 -9.73 -122.58 30.47
C TYR O 817 -8.81 -123.53 31.24
N GLU O 818 -8.62 -124.73 30.69
CA GLU O 818 -7.75 -125.71 31.32
C GLU O 818 -6.36 -125.51 30.72
N SER O 819 -5.45 -126.43 31.04
CA SER O 819 -4.09 -126.43 30.50
C SER O 819 -3.11 -125.38 31.02
N CYS O 820 -3.42 -124.79 32.17
CA CYS O 820 -2.51 -123.80 32.77
C CYS O 820 -1.16 -124.49 32.89
N ALA O 821 -0.09 -123.82 32.46
CA ALA O 821 1.25 -124.41 32.51
C ALA O 821 1.97 -124.14 33.82
N VAL O 822 1.37 -123.28 34.65
CA VAL O 822 1.99 -122.91 35.91
C VAL O 822 1.37 -123.50 37.16
N TYR O 823 2.17 -124.26 37.91
CA TYR O 823 1.70 -124.83 39.16
C TYR O 823 2.48 -124.06 40.23
N ASP O 824 1.75 -123.27 41.01
CA ASP O 824 2.34 -122.44 42.05
C ASP O 824 1.55 -122.51 43.35
N PRO O 825 1.77 -123.57 44.15
CA PRO O 825 1.08 -123.80 45.42
C PRO O 825 1.50 -122.73 46.44
N LEU O 826 0.53 -122.26 47.21
CA LEU O 826 0.78 -121.24 48.22
C LEU O 826 1.27 -121.89 49.51
N GLY O 827 1.10 -123.19 49.59
CA GLY O 827 1.54 -123.94 50.76
C GLY O 827 2.23 -125.20 50.26
N THR O 828 2.05 -126.29 51.00
CA THR O 828 2.67 -127.56 50.60
C THR O 828 2.09 -128.06 49.28
N ALA O 829 2.95 -128.54 48.40
CA ALA O 829 2.52 -129.04 47.10
C ALA O 829 1.47 -130.13 47.26
N GLY O 830 0.44 -130.09 46.42
CA GLY O 830 -0.62 -131.08 46.48
C GLY O 830 -1.54 -130.98 47.68
N LYS O 831 -1.30 -130.02 48.57
CA LYS O 831 -2.12 -129.87 49.76
C LYS O 831 -2.68 -128.47 50.00
N SER O 832 -2.31 -127.53 49.15
CA SER O 832 -2.77 -126.17 49.34
C SER O 832 -3.38 -125.57 48.09
N ALA O 833 -3.80 -124.31 48.21
CA ALA O 833 -4.38 -123.61 47.09
C ALA O 833 -3.28 -123.28 46.08
N ASP O 834 -3.63 -123.29 44.81
CA ASP O 834 -2.68 -122.97 43.75
C ASP O 834 -3.05 -121.61 43.16
N ARG O 835 -2.06 -120.79 42.87
CA ARG O 835 -2.36 -119.50 42.26
C ARG O 835 -1.82 -119.45 40.84
N GLY O 836 -1.28 -120.58 40.37
CA GLY O 836 -0.77 -120.65 39.02
C GLY O 836 -1.94 -120.60 38.06
N GLY O 837 -3.03 -121.28 38.43
CA GLY O 837 -4.23 -121.30 37.61
C GLY O 837 -4.62 -122.67 37.10
N CYS O 838 -4.21 -123.72 37.81
CA CYS O 838 -4.52 -125.09 37.42
C CYS O 838 -5.94 -125.50 37.80
N ILE O 839 -6.90 -125.05 37.00
CA ILE O 839 -8.31 -125.35 37.21
C ILE O 839 -8.60 -126.84 37.31
N ASN O 840 -7.78 -127.67 36.67
CA ASN O 840 -8.01 -129.11 36.70
C ASN O 840 -7.80 -129.72 38.08
N ILE O 841 -7.43 -128.89 39.04
CA ILE O 841 -7.26 -129.32 40.42
C ILE O 841 -8.68 -129.59 40.92
N LEU O 842 -9.64 -128.89 40.33
CA LEU O 842 -11.05 -128.97 40.73
C LEU O 842 -11.96 -129.92 39.95
N THR O 843 -11.49 -130.42 38.82
CA THR O 843 -12.32 -131.32 38.02
C THR O 843 -12.37 -132.73 38.59
N PRO O 844 -13.49 -133.43 38.37
CA PRO O 844 -13.67 -134.79 38.88
C PRO O 844 -12.77 -135.85 38.25
N ASP O 845 -12.15 -136.69 39.07
CA ASP O 845 -11.28 -137.74 38.55
C ASP O 845 -12.05 -139.04 38.39
N ARG O 846 -13.33 -139.02 38.74
CA ARG O 846 -14.19 -140.20 38.58
C ARG O 846 -14.36 -140.43 37.07
N TYR O 847 -14.26 -141.69 36.66
CA TYR O 847 -14.42 -142.06 35.25
C TYR O 847 -15.82 -141.73 34.75
N ILE O 848 -15.95 -141.45 33.44
CA ILE O 848 -17.24 -141.12 32.86
C ILE O 848 -18.30 -142.12 33.30
N SER O 849 -17.95 -143.40 33.34
CA SER O 849 -18.88 -144.43 33.81
C SER O 849 -18.05 -145.53 34.45
N LYS O 850 -18.70 -146.57 34.96
CA LYS O 850 -17.96 -147.65 35.60
C LYS O 850 -16.93 -148.30 34.68
N TYR O 851 -17.30 -148.50 33.41
CA TYR O 851 -16.39 -149.13 32.46
C TYR O 851 -15.87 -148.21 31.37
N ALA O 852 -16.45 -147.01 31.28
CA ALA O 852 -16.01 -146.03 30.29
C ALA O 852 -14.92 -145.24 31.01
N CYS O 853 -13.70 -145.76 30.93
CA CYS O 853 -12.57 -145.17 31.63
C CYS O 853 -11.96 -143.93 30.97
N GLY O 854 -12.80 -142.90 30.80
CA GLY O 854 -12.34 -141.66 30.21
C GLY O 854 -12.53 -140.50 31.17
N MET O 855 -11.98 -139.33 30.83
CA MET O 855 -12.09 -138.16 31.69
C MET O 855 -13.40 -137.38 31.52
N ALA O 856 -13.96 -136.90 32.63
CA ALA O 856 -15.22 -136.16 32.63
C ALA O 856 -15.06 -134.72 33.10
N ASN O 857 -13.90 -134.13 32.79
CA ASN O 857 -13.52 -132.79 33.19
C ASN O 857 -14.48 -131.62 33.00
N ASN O 858 -15.08 -131.51 31.82
CA ASN O 858 -15.94 -130.37 31.56
C ASN O 858 -17.26 -130.21 32.30
N THR O 859 -17.46 -131.01 33.34
CA THR O 859 -18.62 -130.86 34.22
C THR O 859 -18.02 -130.93 35.63
N ALA O 860 -17.89 -129.77 36.26
CA ALA O 860 -17.33 -129.72 37.61
C ALA O 860 -18.10 -128.70 38.44
N LEU O 861 -18.51 -129.10 39.63
CA LEU O 861 -19.24 -128.22 40.53
C LEU O 861 -18.29 -127.51 41.49
N VAL O 862 -18.41 -126.20 41.56
CA VAL O 862 -17.55 -125.40 42.44
C VAL O 862 -18.34 -124.29 43.12
N GLU O 863 -17.64 -123.57 43.98
CA GLU O 863 -18.21 -122.41 44.67
C GLU O 863 -17.05 -121.43 44.57
N ILE O 864 -17.36 -120.14 44.43
CA ILE O 864 -16.32 -119.14 44.34
C ILE O 864 -16.61 -118.05 45.37
N GLU O 865 -15.57 -117.33 45.74
CA GLU O 865 -15.68 -116.25 46.71
C GLU O 865 -14.45 -115.37 46.57
N LYS O 866 -14.55 -114.12 47.01
CA LYS O 866 -13.40 -113.23 46.94
C LYS O 866 -12.36 -113.85 47.86
N TRP O 867 -11.11 -113.88 47.41
CA TRP O 867 -10.03 -114.47 48.18
C TRP O 867 -9.59 -113.58 49.34
N ASP O 868 -9.44 -114.18 50.52
CA ASP O 868 -9.04 -113.45 51.72
C ASP O 868 -7.54 -113.55 51.96
N GLY O 869 -6.84 -114.31 51.11
CA GLY O 869 -5.40 -114.45 51.26
C GLY O 869 -4.90 -115.74 51.89
N ASP O 870 -5.80 -116.56 52.39
CA ASP O 870 -5.41 -117.83 53.03
C ASP O 870 -4.82 -118.81 52.02
N LYS O 871 -3.85 -119.62 52.43
CA LYS O 871 -3.23 -120.58 51.52
C LYS O 871 -4.02 -121.88 51.46
N TYR O 872 -4.99 -122.02 52.35
CA TYR O 872 -5.84 -123.20 52.43
C TYR O 872 -5.11 -124.53 52.30
N GLU O 873 -4.25 -124.82 53.26
CA GLU O 873 -3.55 -126.09 53.25
C GLU O 873 -4.45 -127.09 53.96
N ILE O 874 -5.47 -127.53 53.25
CA ILE O 874 -6.45 -128.46 53.81
C ILE O 874 -6.76 -129.62 52.87
N TYR O 875 -5.90 -129.85 51.87
CA TYR O 875 -6.15 -130.95 50.95
C TYR O 875 -5.08 -132.04 51.03
N MET P 1 3.88 -87.51 -3.45
CA MET P 1 3.96 -87.81 -1.99
C MET P 1 2.82 -88.72 -1.57
N GLU P 2 2.91 -90.00 -1.93
CA GLU P 2 1.89 -90.97 -1.57
C GLU P 2 2.00 -91.25 -0.06
N GLN P 3 0.85 -91.41 0.60
CA GLN P 3 0.82 -91.64 2.04
C GLN P 3 0.17 -92.94 2.44
N TYR P 4 0.53 -93.44 3.61
CA TYR P 4 -0.03 -94.68 4.13
C TYR P 4 -1.34 -94.48 4.87
N TYR P 5 -2.22 -95.47 4.78
CA TYR P 5 -3.50 -95.46 5.45
C TYR P 5 -3.80 -96.89 5.86
N MET P 6 -4.55 -97.05 6.94
CA MET P 6 -4.92 -98.37 7.40
C MET P 6 -6.41 -98.40 7.71
N VAL P 7 -7.07 -99.48 7.31
CA VAL P 7 -8.50 -99.62 7.56
C VAL P 7 -8.74 -100.89 8.36
N ILE P 8 -9.41 -100.73 9.50
CA ILE P 8 -9.70 -101.85 10.40
C ILE P 8 -11.19 -102.15 10.48
N ASP P 9 -11.57 -103.38 10.15
CA ASP P 9 -12.97 -103.79 10.19
C ASP P 9 -13.29 -104.41 11.55
N VAL P 10 -13.91 -103.62 12.41
CA VAL P 10 -14.29 -104.07 13.75
C VAL P 10 -15.16 -105.31 13.75
N ALA P 11 -16.04 -105.41 12.76
CA ALA P 11 -16.94 -106.55 12.65
C ALA P 11 -16.18 -107.85 12.45
N LYS P 12 -14.93 -107.75 12.02
CA LYS P 12 -14.14 -108.94 11.80
C LYS P 12 -13.13 -109.28 12.89
N CYS P 13 -12.95 -108.40 13.88
CA CYS P 13 -12.02 -108.69 14.98
C CYS P 13 -12.55 -109.80 15.85
N GLN P 14 -11.69 -110.76 16.18
CA GLN P 14 -12.08 -111.84 17.07
C GLN P 14 -11.17 -111.83 18.30
N ASP P 15 -10.31 -110.83 18.39
CA ASP P 15 -9.41 -110.69 19.53
C ASP P 15 -8.44 -111.88 19.73
N CYS P 16 -7.96 -112.52 18.65
CA CYS P 16 -7.01 -113.65 18.82
C CYS P 16 -5.66 -113.13 19.26
N ASN P 17 -5.45 -111.82 19.10
CA ASN P 17 -4.19 -111.17 19.46
C ASN P 17 -2.98 -111.49 18.60
N ASN P 18 -3.20 -111.94 17.37
CA ASN P 18 -2.09 -112.23 16.46
C ASN P 18 -1.27 -110.95 16.21
N CYS P 19 -1.94 -109.78 16.15
CA CYS P 19 -1.29 -108.45 15.94
C CYS P 19 -0.24 -108.20 16.97
N PHE P 20 -0.79 -108.10 18.17
CA PHE P 20 -0.06 -107.81 19.39
C PHE P 20 1.14 -108.74 19.51
N MET P 21 0.92 -110.04 19.31
CA MET P 21 2.02 -110.98 19.38
C MET P 21 3.02 -110.57 18.30
N GLY P 22 2.48 -110.03 17.22
CA GLY P 22 3.30 -109.56 16.12
C GLY P 22 4.23 -108.41 16.48
N CYS P 23 3.77 -107.37 17.20
CA CYS P 23 4.70 -106.29 17.56
C CYS P 23 5.78 -106.79 18.42
N MET P 24 5.34 -107.47 19.48
CA MET P 24 6.27 -107.99 20.46
C MET P 24 7.31 -108.85 19.79
N ASP P 25 6.87 -109.64 18.80
CA ASP P 25 7.79 -110.50 18.07
C ASP P 25 8.78 -109.60 17.32
N GLU P 26 8.26 -108.51 16.77
CA GLU P 26 9.07 -107.59 16.01
C GLU P 26 9.89 -106.60 16.84
N HIS P 27 9.36 -106.19 18.00
CA HIS P 27 10.05 -105.17 18.79
C HIS P 27 10.56 -105.48 20.20
N GLU P 28 10.03 -106.51 20.86
CA GLU P 28 10.48 -106.80 22.23
C GLU P 28 11.94 -107.24 22.35
N LEU P 29 12.40 -108.07 21.43
CA LEU P 29 13.79 -108.55 21.47
C LEU P 29 14.68 -107.87 20.43
N ASN P 30 14.10 -107.08 19.55
CA ASN P 30 14.89 -106.42 18.52
C ASN P 30 15.00 -104.92 18.73
N GLU P 31 16.09 -104.36 18.21
CA GLU P 31 16.35 -102.92 18.25
C GLU P 31 16.46 -102.47 16.80
N TRP P 32 15.77 -101.39 16.45
CA TRP P 32 15.84 -100.91 15.08
C TRP P 32 16.38 -99.48 15.05
N PRO P 33 17.71 -99.35 14.86
CA PRO P 33 18.41 -98.06 14.81
C PRO P 33 17.71 -97.02 13.94
N GLY P 34 17.47 -95.85 14.54
CA GLY P 34 16.81 -94.78 13.80
C GLY P 34 15.31 -94.78 14.00
N TYR P 35 14.74 -95.93 14.36
CA TYR P 35 13.30 -96.02 14.54
C TYR P 35 12.87 -96.21 15.99
N THR P 36 13.40 -97.23 16.65
CA THR P 36 13.02 -97.47 18.03
C THR P 36 13.90 -98.49 18.73
N ALA P 37 14.06 -98.32 20.03
CA ALA P 37 14.84 -99.26 20.85
C ALA P 37 13.84 -100.39 21.10
N SER P 38 14.27 -101.43 21.81
CA SER P 38 13.38 -102.55 22.08
C SER P 38 12.19 -102.15 22.94
N MET P 39 11.05 -102.79 22.68
CA MET P 39 9.80 -102.55 23.40
C MET P 39 9.85 -103.08 24.84
N GLN P 40 9.16 -102.38 25.75
CA GLN P 40 9.11 -102.80 27.13
C GLN P 40 7.94 -103.76 27.33
N ARG P 41 8.20 -104.89 28.00
CA ARG P 41 7.15 -105.87 28.26
C ARG P 41 6.00 -105.22 29.03
N GLY P 42 4.78 -105.41 28.53
CA GLY P 42 3.64 -104.83 29.19
C GLY P 42 3.05 -103.67 28.40
N HIS P 43 3.86 -103.06 27.55
CA HIS P 43 3.38 -101.97 26.73
C HIS P 43 2.40 -102.51 25.71
N ARG P 44 1.53 -101.65 25.20
CA ARG P 44 0.55 -102.06 24.22
C ARG P 44 0.51 -101.09 23.04
N TRP P 45 1.59 -101.04 22.26
CA TRP P 45 1.64 -100.15 21.10
C TRP P 45 0.39 -100.44 20.28
N MET P 46 0.02 -101.72 20.27
CA MET P 46 -1.19 -102.19 19.61
C MET P 46 -2.05 -102.55 20.82
N ASN P 47 -3.16 -101.83 20.98
CA ASN P 47 -4.06 -102.03 22.11
C ASN P 47 -5.42 -102.47 21.58
N ILE P 48 -5.77 -103.72 21.83
CA ILE P 48 -7.04 -104.24 21.37
C ILE P 48 -8.08 -104.02 22.46
N GLU P 49 -8.92 -103.01 22.27
CA GLU P 49 -9.95 -102.69 23.24
C GLU P 49 -11.10 -103.68 23.11
N ARG P 50 -11.75 -103.96 24.23
CA ARG P 50 -12.85 -104.91 24.25
C ARG P 50 -14.07 -104.26 24.87
N ARG P 51 -15.24 -104.52 24.28
CA ARG P 51 -16.47 -103.96 24.83
C ARG P 51 -17.66 -104.89 24.71
N GLU P 52 -18.20 -105.31 25.86
CA GLU P 52 -19.37 -106.18 25.87
C GLU P 52 -20.57 -105.24 25.86
N ARG P 53 -21.66 -105.68 25.24
CA ARG P 53 -22.88 -104.88 25.19
C ARG P 53 -24.10 -105.73 25.55
N GLY P 54 -25.13 -105.09 26.08
CA GLY P 54 -26.34 -105.79 26.44
C GLY P 54 -26.22 -106.68 27.65
N THR P 55 -27.22 -107.52 27.86
CA THR P 55 -27.24 -108.43 28.99
C THR P 55 -27.65 -109.82 28.55
N TYR P 56 -27.17 -110.84 29.25
CA TYR P 56 -27.51 -112.22 28.94
C TYR P 56 -29.04 -112.32 28.89
N PRO P 57 -29.60 -113.06 27.92
CA PRO P 57 -28.95 -113.84 26.86
C PRO P 57 -28.80 -113.14 25.50
N ARG P 58 -29.19 -111.87 25.41
CA ARG P 58 -29.09 -111.17 24.14
C ARG P 58 -27.96 -110.15 24.12
N ASN P 59 -26.83 -110.54 24.68
CA ASN P 59 -25.63 -109.71 24.77
C ASN P 59 -24.71 -110.00 23.61
N ASP P 60 -23.71 -109.14 23.44
CA ASP P 60 -22.71 -109.37 22.40
C ASP P 60 -21.42 -108.68 22.81
N ILE P 61 -20.39 -108.82 21.98
CA ILE P 61 -19.11 -108.21 22.28
C ILE P 61 -18.36 -107.94 20.98
N ASN P 62 -17.62 -106.83 20.96
CA ASN P 62 -16.86 -106.46 19.78
C ASN P 62 -15.52 -105.89 20.22
N TYR P 63 -14.54 -105.95 19.33
CA TYR P 63 -13.20 -105.47 19.66
C TYR P 63 -12.70 -104.41 18.70
N ARG P 64 -11.82 -103.55 19.20
CA ARG P 64 -11.26 -102.49 18.38
C ARG P 64 -9.74 -102.42 18.48
N PRO P 65 -9.04 -102.98 17.48
CA PRO P 65 -7.57 -102.94 17.51
C PRO P 65 -7.19 -101.46 17.46
N THR P 66 -6.32 -101.01 18.36
CA THR P 66 -5.94 -99.62 18.39
C THR P 66 -4.43 -99.36 18.40
N PRO P 67 -3.86 -99.10 17.21
CA PRO P 67 -2.42 -98.83 17.15
C PRO P 67 -2.28 -97.32 17.25
N CYS P 68 -1.19 -96.78 16.73
CA CYS P 68 -1.01 -95.34 16.74
C CYS P 68 -1.93 -94.84 15.63
N MET P 69 -2.51 -93.66 15.79
CA MET P 69 -3.39 -93.12 14.76
C MET P 69 -2.63 -92.44 13.63
N HIS P 70 -1.35 -92.11 13.89
CA HIS P 70 -0.50 -91.43 12.91
C HIS P 70 -1.30 -90.32 12.23
N CYS P 71 -2.04 -89.57 13.05
CA CYS P 71 -2.89 -88.51 12.53
C CYS P 71 -2.18 -87.39 11.74
N GLU P 72 -2.89 -86.85 10.75
CA GLU P 72 -2.36 -85.81 9.87
C GLU P 72 -1.80 -84.58 10.60
N ASN P 73 -2.46 -84.14 11.66
CA ASN P 73 -1.94 -83.03 12.44
C ASN P 73 -1.76 -83.53 13.87
N ALA P 74 -0.79 -84.42 14.03
CA ALA P 74 -0.49 -85.03 15.31
C ALA P 74 -0.11 -84.02 16.38
N PRO P 75 -0.84 -84.03 17.50
CA PRO P 75 -0.55 -83.12 18.61
C PRO P 75 0.86 -83.30 19.17
N CYS P 76 1.37 -84.53 19.20
CA CYS P 76 2.71 -84.68 19.75
C CYS P 76 3.82 -84.17 18.85
N VAL P 77 3.52 -83.93 17.58
CA VAL P 77 4.55 -83.37 16.71
C VAL P 77 4.49 -81.88 16.98
N ALA P 78 3.26 -81.37 17.13
CA ALA P 78 3.03 -79.95 17.39
C ALA P 78 3.55 -79.54 18.76
N LYS P 79 3.35 -80.40 19.76
CA LYS P 79 3.80 -80.10 21.12
C LYS P 79 5.07 -80.83 21.50
N GLY P 80 5.63 -81.59 20.56
CA GLY P 80 6.83 -82.36 20.84
C GLY P 80 8.15 -81.61 20.90
N ASN P 81 8.17 -80.37 20.40
CA ASN P 81 9.37 -79.55 20.40
C ASN P 81 10.49 -80.24 19.61
N GLY P 82 10.10 -80.99 18.58
CA GLY P 82 11.08 -81.67 17.75
C GLY P 82 11.38 -83.11 18.13
N ALA P 83 10.89 -83.54 19.30
CA ALA P 83 11.12 -84.91 19.76
C ALA P 83 10.32 -85.91 18.94
N VAL P 84 9.30 -85.42 18.25
CA VAL P 84 8.44 -86.26 17.42
C VAL P 84 8.33 -85.60 16.04
N TYR P 85 8.35 -86.40 14.97
CA TYR P 85 8.24 -85.83 13.63
C TYR P 85 7.30 -86.60 12.72
N GLN P 86 6.87 -85.92 11.66
CA GLN P 86 5.94 -86.49 10.69
C GLN P 86 6.64 -86.64 9.34
N ARG P 87 6.61 -87.84 8.78
CA ARG P 87 7.24 -88.11 7.50
C ARG P 87 6.31 -87.76 6.35
N GLU P 88 6.86 -87.68 5.15
CA GLU P 88 6.09 -87.34 3.96
C GLU P 88 5.04 -88.40 3.63
N ASP P 89 5.27 -89.63 4.04
CA ASP P 89 4.32 -90.70 3.76
C ASP P 89 3.24 -90.79 4.85
N GLY P 90 3.25 -89.83 5.77
CA GLY P 90 2.26 -89.80 6.83
C GLY P 90 2.64 -90.45 8.15
N ILE P 91 3.62 -91.35 8.12
CA ILE P 91 4.05 -92.01 9.35
C ILE P 91 4.60 -91.01 10.37
N VAL P 92 4.05 -91.05 11.59
CA VAL P 92 4.49 -90.18 12.67
C VAL P 92 5.46 -90.98 13.53
N LEU P 93 6.69 -90.48 13.69
CA LEU P 93 7.69 -91.20 14.47
C LEU P 93 8.36 -90.41 15.59
N ILE P 94 8.51 -91.04 16.73
CA ILE P 94 9.20 -90.43 17.87
C ILE P 94 10.68 -90.59 17.55
N ASP P 95 11.47 -89.54 17.75
CA ASP P 95 12.89 -89.65 17.50
C ASP P 95 13.48 -90.33 18.74
N PRO P 96 13.95 -91.59 18.58
CA PRO P 96 14.55 -92.39 19.65
C PRO P 96 15.61 -91.69 20.49
N GLU P 97 16.31 -90.72 19.90
CA GLU P 97 17.35 -90.01 20.61
C GLU P 97 16.91 -88.65 21.17
N LYS P 98 16.32 -87.82 20.33
CA LYS P 98 15.88 -86.50 20.77
C LYS P 98 14.82 -86.57 21.86
N ALA P 99 14.06 -87.67 21.88
CA ALA P 99 12.99 -87.84 22.87
C ALA P 99 13.47 -88.34 24.23
N LYS P 100 14.73 -88.78 24.29
CA LYS P 100 15.31 -89.28 25.54
C LYS P 100 15.01 -88.40 26.75
N GLY P 101 14.65 -89.06 27.86
CA GLY P 101 14.36 -88.37 29.10
C GLY P 101 13.22 -87.37 29.09
N LYS P 102 12.19 -87.59 28.28
CA LYS P 102 11.07 -86.67 28.24
C LYS P 102 9.72 -87.34 28.42
N LYS P 103 9.36 -87.62 29.66
CA LYS P 103 8.08 -88.26 29.98
C LYS P 103 6.90 -87.43 29.51
N GLU P 104 7.04 -86.11 29.58
CA GLU P 104 5.98 -85.17 29.19
C GLU P 104 5.34 -85.49 27.84
N LEU P 105 6.09 -86.17 26.97
CA LEU P 105 5.56 -86.51 25.65
C LEU P 105 4.27 -87.31 25.72
N LEU P 106 4.20 -88.24 26.67
CA LEU P 106 3.02 -89.07 26.82
C LEU P 106 1.73 -88.28 26.94
N ASP P 107 1.79 -87.15 27.64
CA ASP P 107 0.62 -86.31 27.84
C ASP P 107 0.13 -85.56 26.61
N THR P 108 0.97 -85.47 25.58
CA THR P 108 0.58 -84.76 24.37
C THR P 108 -0.35 -85.62 23.52
N CYS P 109 -0.61 -86.84 23.97
CA CYS P 109 -1.47 -87.76 23.22
C CYS P 109 -2.91 -87.84 23.66
N PRO P 110 -3.85 -87.42 22.80
CA PRO P 110 -5.27 -87.48 23.14
C PRO P 110 -5.75 -88.95 23.15
N TYR P 111 -5.03 -89.81 22.43
CA TYR P 111 -5.41 -91.22 22.36
C TYR P 111 -4.69 -92.12 23.36
N GLY P 112 -3.63 -91.59 23.97
CA GLY P 112 -2.87 -92.37 24.94
C GLY P 112 -2.20 -93.62 24.38
N VAL P 113 -1.71 -93.54 23.15
CA VAL P 113 -1.07 -94.70 22.54
C VAL P 113 0.42 -94.83 22.81
N MET P 114 1.02 -93.85 23.48
CA MET P 114 2.45 -93.97 23.76
C MET P 114 2.75 -94.39 25.19
N TYR P 115 3.83 -95.15 25.35
CA TYR P 115 4.22 -95.67 26.64
C TYR P 115 5.64 -95.28 27.03
N TRP P 116 5.89 -95.22 28.33
CA TRP P 116 7.20 -94.86 28.82
C TRP P 116 8.06 -96.10 29.05
N ASN P 117 9.23 -96.13 28.42
CA ASN P 117 10.14 -97.25 28.59
C ASN P 117 11.11 -96.82 29.68
N GLU P 118 10.97 -97.43 30.86
CA GLU P 118 11.80 -97.13 32.01
C GLU P 118 13.29 -97.27 31.68
N GLU P 119 13.67 -98.48 31.30
CA GLU P 119 15.05 -98.80 30.98
C GLU P 119 15.65 -97.93 29.88
N GLU P 120 14.89 -97.72 28.81
CA GLU P 120 15.38 -96.91 27.70
C GLU P 120 15.20 -95.41 27.96
N ASN P 121 14.51 -95.07 29.04
CA ASN P 121 14.25 -93.68 29.39
C ASN P 121 13.81 -92.85 28.18
N VAL P 122 12.70 -93.27 27.58
CA VAL P 122 12.18 -92.58 26.42
C VAL P 122 10.77 -93.10 26.14
N ALA P 123 9.94 -92.26 25.53
CA ALA P 123 8.59 -92.66 25.20
C ALA P 123 8.68 -93.54 23.96
N GLN P 124 7.79 -94.53 23.86
CA GLN P 124 7.78 -95.41 22.72
C GLN P 124 6.34 -95.63 22.29
N LYS P 125 6.18 -96.02 21.04
CA LYS P 125 4.85 -96.28 20.52
C LYS P 125 4.92 -96.80 19.11
N CYS P 126 3.74 -97.00 18.56
CA CYS P 126 3.56 -97.44 17.19
C CYS P 126 4.46 -96.73 16.20
N THR P 127 5.15 -97.49 15.36
CA THR P 127 6.00 -96.91 14.33
C THR P 127 5.44 -97.29 12.97
N MET P 128 4.39 -98.12 12.99
CA MET P 128 3.76 -98.67 11.78
C MET P 128 4.88 -99.43 11.06
N CYS P 129 5.72 -100.14 11.83
CA CYS P 129 6.92 -100.84 11.33
C CYS P 129 7.47 -100.17 10.11
N ALA P 130 7.82 -98.89 10.30
CA ALA P 130 8.38 -98.08 9.23
C ALA P 130 9.70 -98.70 8.78
N HIS P 131 10.40 -99.37 9.70
CA HIS P 131 11.66 -100.00 9.35
C HIS P 131 11.41 -101.12 8.33
N LEU P 132 10.25 -101.75 8.40
CA LEU P 132 9.89 -102.81 7.47
C LEU P 132 9.40 -102.22 6.15
N LEU P 133 8.58 -101.17 6.26
CA LEU P 133 8.06 -100.51 5.08
C LEU P 133 9.21 -99.86 4.30
N ASP P 134 10.22 -99.38 5.01
CA ASP P 134 11.37 -98.75 4.37
C ASP P 134 12.34 -99.77 3.77
N ASP P 135 12.02 -101.06 3.87
CA ASP P 135 12.91 -102.09 3.33
C ASP P 135 12.21 -102.92 2.25
N GLU P 136 12.77 -102.87 1.05
CA GLU P 136 12.24 -103.61 -0.09
C GLU P 136 12.27 -105.12 0.11
N SER P 137 13.19 -105.60 0.95
CA SER P 137 13.33 -107.03 1.21
C SER P 137 12.10 -107.60 1.90
N TRP P 138 11.38 -106.76 2.64
CA TRP P 138 10.16 -107.19 3.33
C TRP P 138 9.08 -107.29 2.26
N ALA P 139 8.93 -108.48 1.69
CA ALA P 139 7.97 -108.75 0.63
C ALA P 139 6.53 -108.37 0.92
N PRO P 140 6.03 -108.63 2.15
CA PRO P 140 4.65 -108.29 2.48
C PRO P 140 4.32 -106.82 2.26
N LYS P 141 5.28 -105.94 2.53
CA LYS P 141 5.08 -104.50 2.37
C LYS P 141 3.89 -103.97 3.18
N MET P 142 3.72 -104.51 4.38
CA MET P 142 2.64 -104.07 5.29
C MET P 142 3.13 -104.33 6.71
N PRO P 143 2.52 -103.67 7.70
CA PRO P 143 2.93 -103.86 9.10
C PRO P 143 2.75 -105.29 9.57
N ARG P 144 3.36 -105.61 10.70
CA ARG P 144 3.26 -106.95 11.26
C ARG P 144 1.84 -107.34 11.72
N CYS P 145 1.05 -106.42 12.29
CA CYS P 145 -0.30 -106.84 12.71
C CYS P 145 -1.11 -107.24 11.50
N ALA P 146 -1.16 -106.33 10.53
CA ALA P 146 -1.92 -106.55 9.30
C ALA P 146 -1.51 -107.88 8.67
N HIS P 147 -0.21 -108.15 8.63
CA HIS P 147 0.26 -109.39 8.03
C HIS P 147 -0.02 -110.62 8.88
N ASN P 148 0.00 -110.45 10.20
CA ASN P 148 -0.28 -111.56 11.10
C ASN P 148 -1.77 -111.91 11.22
N CYS P 149 -2.66 -111.01 10.79
CA CYS P 149 -4.11 -111.30 10.85
C CYS P 149 -4.48 -112.52 10.07
N GLY P 150 -5.38 -113.31 10.64
CA GLY P 150 -5.89 -114.48 9.96
C GLY P 150 -7.39 -114.26 9.81
N SER P 151 -7.85 -113.08 10.20
CA SER P 151 -9.27 -112.73 10.15
C SER P 151 -9.71 -111.69 9.12
N PHE P 152 -8.77 -111.24 8.28
CA PHE P 152 -9.06 -110.26 7.24
C PHE P 152 -9.60 -108.93 7.76
N VAL P 153 -9.09 -108.52 8.92
CA VAL P 153 -9.50 -107.26 9.53
C VAL P 153 -8.85 -106.04 8.88
N TYR P 154 -7.58 -106.18 8.51
CA TYR P 154 -6.84 -105.08 7.93
C TYR P 154 -6.80 -104.90 6.42
N GLU P 155 -6.65 -103.65 6.04
CA GLU P 155 -6.55 -103.22 4.66
C GLU P 155 -5.49 -102.12 4.71
N PHE P 156 -4.28 -102.44 4.28
CA PHE P 156 -3.18 -101.49 4.31
C PHE P 156 -2.92 -100.97 2.91
N LEU P 157 -2.82 -99.65 2.76
CA LEU P 157 -2.58 -99.08 1.46
C LEU P 157 -1.81 -97.77 1.46
N LYS P 158 -1.29 -97.42 0.30
CA LYS P 158 -0.54 -96.19 0.13
C LYS P 158 -1.17 -95.45 -1.04
N THR P 159 -1.80 -94.32 -0.76
CA THR P 159 -2.45 -93.56 -1.80
C THR P 159 -2.43 -92.07 -1.49
N THR P 160 -3.38 -91.32 -2.06
CA THR P 160 -3.46 -89.89 -1.84
C THR P 160 -4.71 -89.54 -1.03
N PRO P 161 -4.79 -88.30 -0.51
CA PRO P 161 -5.94 -87.86 0.28
C PRO P 161 -7.27 -87.98 -0.49
N GLU P 162 -7.23 -87.81 -1.81
CA GLU P 162 -8.44 -87.90 -2.63
C GLU P 162 -8.97 -89.32 -2.59
N ALA P 163 -8.13 -90.26 -3.03
CA ALA P 163 -8.49 -91.67 -3.06
C ALA P 163 -9.01 -92.12 -1.70
N MET P 164 -8.36 -91.67 -0.63
CA MET P 164 -8.78 -92.04 0.71
C MET P 164 -10.11 -91.36 1.05
N ALA P 165 -10.18 -90.06 0.79
CA ALA P 165 -11.39 -89.30 1.06
C ALA P 165 -12.58 -89.94 0.37
N LYS P 166 -12.38 -90.39 -0.87
CA LYS P 166 -13.46 -91.03 -1.61
C LYS P 166 -13.78 -92.39 -0.99
N LYS P 167 -12.75 -93.16 -0.69
CA LYS P 167 -12.92 -94.48 -0.10
C LYS P 167 -13.67 -94.39 1.21
N VAL P 168 -13.31 -93.40 2.03
CA VAL P 168 -13.96 -93.19 3.32
C VAL P 168 -15.45 -92.93 3.11
N GLU P 169 -15.77 -92.11 2.12
CA GLU P 169 -17.16 -91.78 1.82
C GLU P 169 -17.94 -92.97 1.28
N GLU P 170 -17.27 -93.81 0.48
CA GLU P 170 -17.92 -94.98 -0.11
C GLU P 170 -18.25 -96.05 0.93
N GLU P 171 -17.22 -96.51 1.63
CA GLU P 171 -17.37 -97.56 2.64
C GLU P 171 -17.86 -97.09 4.01
N GLY P 172 -18.11 -95.80 4.14
CA GLY P 172 -18.59 -95.29 5.41
C GLY P 172 -17.62 -95.52 6.56
N LEU P 173 -16.35 -95.20 6.34
CA LEU P 173 -15.33 -95.38 7.37
C LEU P 173 -15.39 -94.24 8.38
N GLU P 174 -14.91 -94.50 9.59
CA GLU P 174 -14.90 -93.50 10.66
C GLU P 174 -13.60 -93.56 11.43
N VAL P 175 -13.33 -92.51 12.20
CA VAL P 175 -12.14 -92.44 13.03
C VAL P 175 -12.57 -92.33 14.49
N ILE P 176 -11.65 -92.62 15.39
CA ILE P 176 -11.91 -92.53 16.81
C ILE P 176 -11.79 -91.05 17.22
N LYS P 177 -12.73 -90.59 18.05
CA LYS P 177 -12.74 -89.20 18.50
C LYS P 177 -12.52 -88.20 17.37
N PRO P 178 -13.46 -88.13 16.42
CA PRO P 178 -13.35 -87.20 15.29
C PRO P 178 -13.25 -85.76 15.77
N GLU P 179 -14.02 -85.43 16.81
CA GLU P 179 -14.05 -84.09 17.38
C GLU P 179 -12.68 -83.49 17.67
N LEU P 180 -11.72 -84.33 18.04
CA LEU P 180 -10.38 -83.85 18.34
C LEU P 180 -9.74 -83.20 17.13
N GLY P 181 -10.20 -83.58 15.94
CA GLY P 181 -9.69 -83.01 14.71
C GLY P 181 -8.25 -83.33 14.36
N THR P 182 -7.71 -84.44 14.86
CA THR P 182 -6.33 -84.80 14.57
C THR P 182 -6.21 -85.49 13.20
N LYS P 183 -7.35 -85.93 12.67
CA LYS P 183 -7.41 -86.62 11.38
C LYS P 183 -6.50 -87.85 11.29
N PRO P 184 -6.85 -88.91 12.03
CA PRO P 184 -6.07 -90.15 12.02
C PRO P 184 -6.03 -90.75 10.61
N ARG P 185 -4.97 -91.49 10.28
CA ARG P 185 -4.89 -92.11 8.98
C ARG P 185 -5.25 -93.59 9.15
N VAL P 186 -5.76 -93.91 10.33
CA VAL P 186 -6.20 -95.25 10.65
C VAL P 186 -7.71 -95.16 10.78
N TYR P 187 -8.42 -95.77 9.83
CA TYR P 187 -9.88 -95.75 9.81
C TYR P 187 -10.48 -97.08 10.25
N TYR P 188 -11.75 -97.03 10.62
CA TYR P 188 -12.47 -98.22 11.07
C TYR P 188 -13.74 -98.42 10.28
N LYS P 189 -14.05 -99.69 10.00
CA LYS P 189 -15.24 -100.07 9.29
C LYS P 189 -16.14 -100.70 10.34
N ASN P 190 -17.44 -100.44 10.27
CA ASN P 190 -18.40 -100.99 11.23
C ASN P 190 -18.05 -100.61 12.68
N LEU P 191 -17.57 -99.38 12.86
CA LEU P 191 -17.20 -98.90 14.18
C LEU P 191 -18.41 -98.79 15.12
N TYR P 192 -19.61 -98.77 14.55
CA TYR P 192 -20.82 -98.67 15.36
C TYR P 192 -20.92 -99.84 16.34
N ARG P 193 -20.30 -100.97 15.98
CA ARG P 193 -20.31 -102.16 16.82
C ARG P 193 -19.66 -101.85 18.16
N PHE P 194 -18.64 -101.01 18.13
CA PHE P 194 -17.90 -100.66 19.33
C PHE P 194 -18.38 -99.40 20.03
N GLU P 195 -18.72 -98.38 19.27
CA GLU P 195 -19.15 -97.10 19.85
C GLU P 195 -20.65 -96.87 20.04
N LYS P 196 -21.48 -97.57 19.27
CA LYS P 196 -22.93 -97.38 19.39
C LYS P 196 -23.62 -98.48 20.18
N ASN P 197 -24.95 -98.44 20.22
CA ASN P 197 -25.73 -99.42 20.96
C ASN P 197 -26.93 -99.95 20.19
N TYR P 198 -27.62 -100.91 20.79
CA TYR P 198 -28.77 -101.54 20.16
C TYR P 198 -29.90 -101.89 21.11
N VAL P 199 -31.03 -102.27 20.53
CA VAL P 199 -32.19 -102.71 21.28
C VAL P 199 -32.62 -104.00 20.59
N THR P 200 -32.92 -105.02 21.40
CA THR P 200 -33.32 -106.32 20.85
C THR P 200 -34.37 -106.98 21.73
N ALA P 201 -34.99 -108.03 21.20
CA ALA P 201 -36.03 -108.76 21.94
C ALA P 201 -36.47 -110.00 21.15
N GLY P 202 -37.32 -110.80 21.78
CA GLY P 202 -37.85 -111.99 21.15
C GLY P 202 -39.37 -111.98 21.23
N ILE P 203 -40.03 -111.96 20.08
CA ILE P 203 -41.49 -111.94 20.04
C ILE P 203 -42.08 -113.34 20.07
N LEU P 204 -42.99 -113.57 21.01
CA LEU P 204 -43.67 -114.84 21.14
C LEU P 204 -45.16 -114.69 20.88
N VAL P 205 -45.74 -115.66 20.18
CA VAL P 205 -47.17 -115.66 19.91
C VAL P 205 -47.67 -116.99 20.45
N GLN P 206 -48.47 -116.94 21.50
CA GLN P 206 -49.00 -118.13 22.13
C GLN P 206 -47.89 -119.08 22.58
N GLY P 207 -46.87 -118.53 23.23
CA GLY P 207 -45.78 -119.34 23.74
C GLY P 207 -44.69 -119.74 22.77
N ASP P 208 -44.86 -119.48 21.48
CA ASP P 208 -43.85 -119.85 20.51
C ASP P 208 -43.24 -118.67 19.76
N CYS P 209 -41.95 -118.81 19.42
CA CYS P 209 -41.23 -117.77 18.71
C CYS P 209 -41.97 -117.48 17.40
N PHE P 210 -42.25 -116.20 17.15
CA PHE P 210 -42.97 -115.81 15.95
C PHE P 210 -42.09 -115.16 14.90
N GLU P 211 -42.08 -115.76 13.72
CA GLU P 211 -41.30 -115.28 12.59
C GLU P 211 -42.19 -114.44 11.68
N GLY P 212 -41.64 -113.35 11.14
CA GLY P 212 -42.42 -112.51 10.24
C GLY P 212 -43.15 -111.34 10.87
N ALA P 213 -42.91 -111.07 12.15
CA ALA P 213 -43.57 -109.95 12.81
C ALA P 213 -42.89 -108.67 12.36
N LYS P 214 -43.69 -107.67 11.98
CA LYS P 214 -43.14 -106.39 11.55
C LYS P 214 -42.78 -105.54 12.76
N VAL P 215 -41.52 -105.09 12.80
CA VAL P 215 -41.05 -104.27 13.90
C VAL P 215 -40.49 -102.95 13.35
N VAL P 216 -40.90 -101.85 13.95
CA VAL P 216 -40.44 -100.53 13.52
C VAL P 216 -39.92 -99.75 14.72
N LEU P 217 -38.80 -99.07 14.52
CA LEU P 217 -38.20 -98.27 15.59
C LEU P 217 -38.42 -96.80 15.28
N LYS P 218 -38.91 -96.05 16.27
CA LYS P 218 -39.16 -94.62 16.07
C LYS P 218 -38.48 -93.73 17.09
N SER P 219 -38.12 -92.53 16.64
CA SER P 219 -37.46 -91.54 17.50
C SER P 219 -38.18 -90.21 17.28
N GLY P 220 -38.84 -89.74 18.33
CA GLY P 220 -39.57 -88.48 18.22
C GLY P 220 -40.92 -88.70 17.57
N GLY P 221 -41.06 -89.83 16.88
CA GLY P 221 -42.32 -90.14 16.23
C GLY P 221 -42.17 -90.59 14.79
N LYS P 222 -40.93 -90.72 14.32
CA LYS P 222 -40.67 -91.14 12.95
C LYS P 222 -39.83 -92.41 12.88
N GLU P 223 -40.02 -93.19 11.83
CA GLU P 223 -39.30 -94.44 11.64
C GLU P 223 -37.80 -94.24 11.47
N VAL P 224 -37.03 -94.89 12.32
CA VAL P 224 -35.57 -94.80 12.27
C VAL P 224 -35.03 -96.06 11.61
N ALA P 225 -35.76 -97.16 11.77
CA ALA P 225 -35.39 -98.44 11.19
C ALA P 225 -36.56 -99.41 11.28
N SER P 226 -36.51 -100.47 10.49
CA SER P 226 -37.56 -101.48 10.50
C SER P 226 -36.96 -102.85 10.22
N ALA P 227 -37.66 -103.89 10.61
CA ALA P 227 -37.18 -105.25 10.40
C ALA P 227 -38.25 -106.27 10.72
N GLU P 228 -38.09 -107.47 10.20
CA GLU P 228 -39.03 -108.56 10.46
C GLU P 228 -38.28 -109.58 11.31
N THR P 229 -38.96 -110.09 12.33
CA THR P 229 -38.39 -111.07 13.23
C THR P 229 -37.98 -112.35 12.52
N ASN P 230 -36.92 -113.01 13.01
CA ASN P 230 -36.45 -114.25 12.40
C ASN P 230 -37.17 -115.45 13.02
N PHE P 231 -36.73 -116.67 12.72
CA PHE P 231 -37.42 -117.83 13.27
C PHE P 231 -37.32 -118.01 14.77
N PHE P 232 -36.51 -117.18 15.42
CA PHE P 232 -36.40 -117.23 16.88
C PHE P 232 -37.24 -116.06 17.40
N GLY P 233 -37.93 -115.40 16.47
CA GLY P 233 -38.79 -114.28 16.80
C GLY P 233 -38.02 -113.05 17.25
N GLU P 234 -36.74 -112.97 16.88
CA GLU P 234 -35.91 -111.85 17.30
C GLU P 234 -35.66 -110.79 16.24
N PHE P 235 -35.29 -109.61 16.73
CA PHE P 235 -34.96 -108.48 15.89
C PHE P 235 -33.90 -107.72 16.68
N LYS P 236 -33.06 -106.97 15.98
CA LYS P 236 -32.02 -106.21 16.64
C LYS P 236 -31.72 -104.95 15.84
N PHE P 237 -31.86 -103.79 16.50
CA PHE P 237 -31.60 -102.51 15.87
C PHE P 237 -30.30 -101.98 16.46
N ASP P 238 -29.23 -102.03 15.68
CA ASP P 238 -27.91 -101.57 16.13
C ASP P 238 -27.60 -100.18 15.59
N ALA P 239 -26.41 -99.69 15.92
CA ALA P 239 -25.96 -98.38 15.46
C ALA P 239 -26.85 -97.25 15.96
N LEU P 240 -27.37 -97.38 17.18
CA LEU P 240 -28.24 -96.36 17.76
C LEU P 240 -27.49 -95.37 18.65
N ASP P 241 -27.71 -94.08 18.41
CA ASP P 241 -27.10 -93.03 19.23
C ASP P 241 -27.94 -92.96 20.50
N ASN P 242 -27.43 -92.31 21.54
CA ASN P 242 -28.18 -92.20 22.78
C ASN P 242 -29.49 -91.45 22.55
N GLY P 243 -30.50 -91.75 23.35
CA GLY P 243 -31.78 -91.09 23.21
C GLY P 243 -32.96 -91.98 23.55
N GLU P 244 -34.17 -91.45 23.38
CA GLU P 244 -35.37 -92.21 23.68
C GLU P 244 -36.04 -92.62 22.38
N TYR P 245 -36.36 -93.91 22.27
CA TYR P 245 -37.00 -94.43 21.06
C TYR P 245 -38.33 -95.11 21.38
N THR P 246 -39.05 -95.46 20.32
CA THR P 246 -40.33 -96.14 20.43
C THR P 246 -40.28 -97.39 19.59
N VAL P 247 -40.56 -98.54 20.21
CA VAL P 247 -40.56 -99.80 19.46
C VAL P 247 -42.02 -100.18 19.21
N GLU P 248 -42.33 -100.49 17.96
CA GLU P 248 -43.68 -100.88 17.57
C GLU P 248 -43.64 -102.23 16.87
N ILE P 249 -44.49 -103.16 17.32
CA ILE P 249 -44.52 -104.49 16.77
C ILE P 249 -45.93 -104.90 16.31
N ASP P 250 -46.00 -105.63 15.21
CA ASP P 250 -47.27 -106.11 14.70
C ASP P 250 -47.13 -107.53 14.16
N ALA P 251 -47.78 -108.47 14.82
CA ALA P 251 -47.75 -109.88 14.43
C ALA P 251 -49.14 -110.50 14.59
N ASP P 252 -49.62 -111.18 13.56
CA ASP P 252 -50.93 -111.81 13.60
C ASP P 252 -52.01 -110.76 13.88
N GLY P 253 -51.78 -109.53 13.46
CA GLY P 253 -52.74 -108.47 13.69
C GLY P 253 -52.70 -107.98 15.13
N LYS P 254 -51.81 -108.55 15.93
CA LYS P 254 -51.67 -108.17 17.32
C LYS P 254 -50.54 -107.14 17.41
N SER P 255 -50.80 -106.01 18.07
CA SER P 255 -49.81 -104.96 18.18
C SER P 255 -49.19 -104.80 19.56
N TYR P 256 -48.01 -104.20 19.58
CA TYR P 256 -47.28 -103.96 20.82
C TYR P 256 -46.40 -102.74 20.63
N SER P 257 -46.32 -101.91 21.66
CA SER P 257 -45.50 -100.72 21.59
C SER P 257 -44.89 -100.44 22.95
N ASP P 258 -43.73 -99.81 22.94
CA ASP P 258 -43.04 -99.48 24.18
C ASP P 258 -41.93 -98.51 23.89
N THR P 259 -41.53 -97.76 24.92
CA THR P 259 -40.46 -96.79 24.79
C THR P 259 -39.19 -97.39 25.35
N VAL P 260 -38.06 -97.06 24.75
CA VAL P 260 -36.78 -97.58 25.21
C VAL P 260 -35.74 -96.47 25.17
N VAL P 261 -34.99 -96.34 26.25
CA VAL P 261 -33.96 -95.31 26.34
C VAL P 261 -32.56 -95.91 26.17
N ILE P 262 -31.81 -95.35 25.23
CA ILE P 262 -30.45 -95.78 24.99
C ILE P 262 -29.53 -94.76 25.64
N ASP P 263 -28.84 -95.17 26.70
CA ASP P 263 -27.91 -94.30 27.41
C ASP P 263 -26.57 -95.02 27.58
N ASP P 264 -25.80 -95.05 26.50
CA ASP P 264 -24.50 -95.70 26.49
C ASP P 264 -24.58 -97.18 26.85
N LYS P 265 -25.75 -97.77 26.65
CA LYS P 265 -25.98 -99.18 26.94
C LYS P 265 -26.94 -99.76 25.91
N SER P 266 -26.80 -101.06 25.64
CA SER P 266 -27.69 -101.73 24.70
C SER P 266 -28.77 -102.38 25.56
N VAL P 267 -29.98 -102.44 25.05
CA VAL P 267 -31.11 -102.97 25.81
C VAL P 267 -31.78 -104.21 25.25
N ASP P 268 -32.07 -105.15 26.14
CA ASP P 268 -32.77 -106.39 25.79
C ASP P 268 -34.13 -106.30 26.44
N LEU P 269 -35.18 -106.21 25.61
CA LEU P 269 -36.55 -106.10 26.12
C LEU P 269 -37.11 -107.43 26.63
N GLY P 270 -36.34 -108.50 26.46
CA GLY P 270 -36.79 -109.81 26.91
C GLY P 270 -37.79 -110.42 25.95
N PHE P 271 -38.61 -111.35 26.44
CA PHE P 271 -39.63 -111.99 25.62
C PHE P 271 -40.89 -111.13 25.63
N ILE P 272 -41.33 -110.72 24.45
CA ILE P 272 -42.54 -109.93 24.33
C ILE P 272 -43.65 -110.91 23.94
N LYS P 273 -44.48 -111.26 24.92
CA LYS P 273 -45.56 -112.21 24.68
C LYS P 273 -46.83 -111.59 24.11
N LEU P 274 -47.22 -112.08 22.93
CA LEU P 274 -48.40 -111.60 22.25
C LEU P 274 -49.33 -112.76 21.90
N MET Q 1 -27.29 19.00 47.44
CA MET Q 1 -27.73 18.15 48.58
C MET Q 1 -27.43 16.68 48.31
N GLY Q 2 -26.62 16.41 47.29
CA GLY Q 2 -26.28 15.04 46.95
C GLY Q 2 -25.16 14.91 45.94
N GLU Q 3 -24.96 13.70 45.43
CA GLU Q 3 -23.91 13.43 44.47
C GLU Q 3 -24.47 13.33 43.05
N VAL Q 4 -23.58 13.34 42.07
CA VAL Q 4 -23.99 13.24 40.67
C VAL Q 4 -24.27 11.78 40.34
N VAL Q 5 -25.37 11.52 39.64
CA VAL Q 5 -25.73 10.17 39.26
C VAL Q 5 -25.85 10.07 37.73
N ARG Q 6 -25.36 8.97 37.17
CA ARG Q 6 -25.44 8.79 35.72
C ARG Q 6 -26.66 7.96 35.39
N LEU Q 7 -27.59 8.53 34.65
CA LEU Q 7 -28.81 7.84 34.26
C LEU Q 7 -28.82 7.66 32.75
N THR Q 8 -29.85 6.99 32.25
CA THR Q 8 -29.99 6.76 30.82
C THR Q 8 -31.31 7.30 30.31
N ASN Q 9 -31.31 7.69 29.05
CA ASN Q 9 -32.52 8.14 28.36
C ASN Q 9 -32.17 8.16 26.88
N SER Q 10 -33.09 8.62 26.05
CA SER Q 10 -32.82 8.64 24.63
C SER Q 10 -33.57 9.77 23.95
N SER Q 11 -33.49 9.81 22.62
CA SER Q 11 -34.15 10.87 21.86
C SER Q 11 -34.18 10.54 20.38
N THR Q 12 -34.79 11.45 19.62
CA THR Q 12 -34.90 11.31 18.18
C THR Q 12 -33.52 11.57 17.57
N GLY Q 13 -32.55 11.86 18.44
CA GLY Q 13 -31.20 12.12 17.99
C GLY Q 13 -30.24 11.08 18.54
N GLY Q 14 -30.75 10.05 19.18
CA GLY Q 14 -29.89 9.01 19.72
C GLY Q 14 -29.92 8.88 21.24
N PRO Q 15 -29.43 7.74 21.78
CA PRO Q 15 -29.39 7.45 23.22
C PRO Q 15 -28.38 8.35 23.94
N VAL Q 16 -28.60 8.58 25.23
CA VAL Q 16 -27.69 9.43 26.00
C VAL Q 16 -27.56 9.05 27.46
N PHE Q 17 -26.42 9.41 28.04
CA PHE Q 17 -26.16 9.22 29.46
C PHE Q 17 -26.51 10.60 30.00
N VAL Q 18 -27.30 10.66 31.06
CA VAL Q 18 -27.69 11.93 31.64
C VAL Q 18 -27.17 12.02 33.05
N TYR Q 19 -26.30 13.01 33.30
CA TYR Q 19 -25.73 13.22 34.62
C TYR Q 19 -26.68 14.14 35.37
N VAL Q 20 -27.15 13.66 36.51
CA VAL Q 20 -28.09 14.40 37.33
C VAL Q 20 -27.61 14.61 38.76
N LYS Q 21 -27.87 15.80 39.28
CA LYS Q 21 -27.49 16.13 40.65
C LYS Q 21 -28.56 17.01 41.29
N ASP Q 22 -28.99 16.64 42.49
CA ASP Q 22 -30.01 17.40 43.22
C ASP Q 22 -31.21 17.76 42.35
N GLY Q 23 -31.71 16.79 41.58
CA GLY Q 23 -32.87 17.01 40.74
C GLY Q 23 -32.67 17.87 39.52
N LYS Q 24 -31.43 18.13 39.16
CA LYS Q 24 -31.13 18.97 38.00
C LYS Q 24 -30.20 18.27 37.02
N ILE Q 25 -30.51 18.41 35.72
CA ILE Q 25 -29.69 17.81 34.68
C ILE Q 25 -28.45 18.67 34.48
N ILE Q 26 -27.29 18.05 34.64
CA ILE Q 26 -26.02 18.75 34.47
C ILE Q 26 -25.54 18.69 33.02
N ARG Q 27 -25.68 17.52 32.39
CA ARG Q 27 -25.26 17.35 31.01
C ARG Q 27 -25.82 16.07 30.41
N MET Q 28 -25.75 15.97 29.08
CA MET Q 28 -26.21 14.79 28.34
C MET Q 28 -25.10 14.48 27.34
N THR Q 29 -24.68 13.22 27.27
CA THR Q 29 -23.58 12.84 26.37
C THR Q 29 -23.83 11.56 25.59
N PRO Q 30 -23.04 11.31 24.54
CA PRO Q 30 -23.22 10.08 23.77
C PRO Q 30 -22.87 8.96 24.74
N MET Q 31 -23.11 7.71 24.36
CA MET Q 31 -22.83 6.60 25.26
C MET Q 31 -21.59 5.78 24.93
N ASP Q 32 -20.78 5.54 25.94
CA ASP Q 32 -19.63 4.70 25.84
C ASP Q 32 -19.94 3.28 26.30
N PHE Q 33 -19.59 2.29 25.55
CA PHE Q 33 -19.88 0.92 25.95
C PHE Q 33 -18.81 0.46 26.95
N ASP Q 34 -19.19 -0.46 27.83
CA ASP Q 34 -18.30 -1.01 28.84
C ASP Q 34 -18.06 -2.45 28.38
N ASP Q 35 -16.86 -2.72 27.86
CA ASP Q 35 -16.56 -4.05 27.35
C ASP Q 35 -16.69 -5.19 28.36
N ALA Q 36 -16.76 -4.84 29.65
CA ALA Q 36 -16.88 -5.86 30.68
C ALA Q 36 -18.32 -6.38 30.79
N VAL Q 37 -19.28 -5.59 30.33
CA VAL Q 37 -20.68 -5.98 30.41
C VAL Q 37 -21.47 -5.88 29.11
N ASP Q 38 -20.94 -5.14 28.14
CA ASP Q 38 -21.64 -4.98 26.86
C ASP Q 38 -21.05 -5.90 25.80
N ALA Q 39 -21.91 -6.71 25.19
CA ALA Q 39 -21.49 -7.67 24.16
C ALA Q 39 -20.66 -7.07 23.01
N PRO Q 40 -19.75 -7.89 22.45
CA PRO Q 40 -18.86 -7.51 21.34
C PRO Q 40 -19.62 -7.06 20.09
N SER Q 41 -18.99 -6.21 19.29
CA SER Q 41 -19.60 -5.70 18.08
C SER Q 41 -19.46 -6.72 16.95
N TRP Q 42 -20.09 -6.41 15.82
CA TRP Q 42 -20.00 -7.28 14.65
C TRP Q 42 -18.70 -6.93 13.94
N LYS Q 43 -18.28 -7.78 13.02
CA LYS Q 43 -17.07 -7.56 12.24
C LYS Q 43 -17.39 -7.94 10.80
N ILE Q 44 -16.83 -7.18 9.86
CA ILE Q 44 -17.03 -7.47 8.45
C ILE Q 44 -15.66 -7.57 7.78
N GLU Q 45 -15.41 -8.70 7.12
CA GLU Q 45 -14.16 -8.89 6.41
C GLU Q 45 -14.44 -8.60 4.95
N ALA Q 46 -13.70 -7.64 4.39
CA ALA Q 46 -13.89 -7.27 3.01
C ALA Q 46 -12.61 -6.71 2.43
N ARG Q 47 -12.23 -7.23 1.27
CA ARG Q 47 -11.02 -6.81 0.57
C ARG Q 47 -9.80 -6.85 1.48
N GLY Q 48 -9.67 -7.94 2.24
CA GLY Q 48 -8.53 -8.10 3.13
C GLY Q 48 -8.56 -7.32 4.43
N LYS Q 49 -9.41 -6.30 4.52
CA LYS Q 49 -9.51 -5.50 5.73
C LYS Q 49 -10.63 -5.99 6.64
N THR Q 50 -10.54 -5.64 7.92
CA THR Q 50 -11.55 -6.01 8.89
C THR Q 50 -12.20 -4.73 9.37
N PHE Q 51 -13.52 -4.63 9.19
CA PHE Q 51 -14.26 -3.45 9.59
C PHE Q 51 -15.12 -3.73 10.80
N THR Q 52 -15.00 -2.88 11.82
CA THR Q 52 -15.78 -3.01 13.03
C THR Q 52 -16.08 -1.60 13.54
N PRO Q 53 -17.28 -1.38 14.06
CA PRO Q 53 -17.71 -0.07 14.58
C PRO Q 53 -17.08 0.36 15.89
N PRO Q 54 -17.12 1.67 16.18
CA PRO Q 54 -16.55 2.18 17.43
C PRO Q 54 -17.44 1.65 18.55
N ARG Q 55 -16.88 1.47 19.73
CA ARG Q 55 -17.62 0.97 20.89
C ARG Q 55 -18.35 2.13 21.56
N LYS Q 56 -19.19 2.82 20.80
CA LYS Q 56 -19.89 3.99 21.32
C LYS Q 56 -21.03 4.39 20.40
N THR Q 57 -21.98 5.15 20.92
CA THR Q 57 -23.09 5.63 20.11
C THR Q 57 -22.74 7.07 19.74
N SER Q 58 -23.58 7.69 18.91
CA SER Q 58 -23.36 9.07 18.50
C SER Q 58 -24.69 9.80 18.61
N ILE Q 59 -24.65 11.13 18.67
CA ILE Q 59 -25.88 11.89 18.79
C ILE Q 59 -25.99 12.99 17.76
N ALA Q 60 -27.19 13.50 17.57
CA ALA Q 60 -27.44 14.58 16.62
C ALA Q 60 -27.28 15.90 17.37
N PRO Q 61 -27.03 17.01 16.65
CA PRO Q 61 -26.85 18.33 17.25
C PRO Q 61 -28.01 18.75 18.15
N TYR Q 62 -29.23 18.51 17.68
CA TYR Q 62 -30.41 18.90 18.46
C TYR Q 62 -30.52 18.11 19.76
N THR Q 63 -29.87 16.96 19.83
CA THR Q 63 -29.90 16.17 21.05
C THR Q 63 -28.77 16.67 21.97
N ALA Q 64 -27.66 17.07 21.38
CA ALA Q 64 -26.52 17.59 22.15
C ALA Q 64 -26.92 18.83 22.95
N GLY Q 65 -27.81 19.65 22.38
CA GLY Q 65 -28.25 20.84 23.10
C GLY Q 65 -29.67 20.75 23.61
N PHE Q 66 -30.20 19.52 23.69
CA PHE Q 66 -31.57 19.30 24.12
C PHE Q 66 -31.89 19.80 25.53
N LYS Q 67 -30.88 19.91 26.39
CA LYS Q 67 -31.13 20.38 27.74
C LYS Q 67 -31.77 21.77 27.72
N SER Q 68 -31.41 22.58 26.73
CA SER Q 68 -31.94 23.93 26.61
C SER Q 68 -33.40 23.94 26.21
N MET Q 69 -33.90 22.80 25.74
CA MET Q 69 -35.30 22.67 25.34
C MET Q 69 -36.11 22.26 26.56
N ILE Q 70 -35.52 21.44 27.41
CA ILE Q 70 -36.17 20.97 28.62
C ILE Q 70 -36.43 22.15 29.54
N TYR Q 71 -35.39 22.97 29.74
CA TYR Q 71 -35.49 24.12 30.63
C TYR Q 71 -35.79 25.43 29.89
N SER Q 72 -36.42 25.32 28.73
CA SER Q 72 -36.78 26.49 27.93
C SER Q 72 -37.78 27.42 28.60
N ASP Q 73 -37.56 28.72 28.43
CA ASP Q 73 -38.47 29.70 29.01
C ASP Q 73 -39.74 29.83 28.16
N LEU Q 74 -39.81 29.08 27.05
CA LEU Q 74 -40.99 29.11 26.19
C LEU Q 74 -41.78 27.82 26.47
N ARG Q 75 -41.34 27.13 27.50
CA ARG Q 75 -41.97 25.91 27.95
C ARG Q 75 -43.34 26.35 28.49
N ILE Q 76 -44.40 25.59 28.19
CA ILE Q 76 -45.72 25.97 28.71
C ILE Q 76 -45.59 25.69 30.21
N PRO Q 77 -45.72 26.74 31.04
CA PRO Q 77 -45.61 26.67 32.49
C PRO Q 77 -46.75 26.06 33.29
N TYR Q 78 -47.97 26.17 32.78
CA TYR Q 78 -49.13 25.64 33.48
C TYR Q 78 -50.34 25.74 32.55
N PRO Q 79 -51.46 25.10 32.91
CA PRO Q 79 -52.65 25.18 32.04
C PRO Q 79 -53.00 26.64 31.78
N MET Q 80 -53.37 26.94 30.54
CA MET Q 80 -53.72 28.31 30.18
C MET Q 80 -55.06 28.39 29.46
N LYS Q 81 -55.71 29.54 29.58
CA LYS Q 81 -57.01 29.76 28.95
C LYS Q 81 -57.05 31.09 28.24
N ARG Q 82 -57.56 31.09 27.00
CA ARG Q 82 -57.68 32.31 26.23
C ARG Q 82 -58.67 33.20 26.99
N LYS Q 83 -58.23 34.40 27.33
CA LYS Q 83 -59.07 35.34 28.08
C LYS Q 83 -60.40 35.66 27.41
N SER Q 84 -60.36 35.89 26.10
CA SER Q 84 -61.57 36.23 25.33
C SER Q 84 -62.50 35.05 25.07
N PHE Q 85 -62.17 33.88 25.61
CA PHE Q 85 -62.99 32.69 25.41
C PHE Q 85 -63.84 32.36 26.63
N ASP Q 86 -65.15 32.39 26.48
CA ASP Q 86 -66.06 32.05 27.58
C ASP Q 86 -66.96 30.89 27.16
N PRO Q 87 -66.74 29.72 27.78
CA PRO Q 87 -67.52 28.50 27.49
C PRO Q 87 -69.03 28.72 27.54
N ASN Q 88 -69.50 29.42 28.56
CA ASN Q 88 -70.94 29.66 28.71
C ASN Q 88 -71.41 31.03 28.26
N GLY Q 89 -70.62 31.69 27.42
CA GLY Q 89 -70.98 33.00 26.92
C GLY Q 89 -70.42 33.21 25.52
N GLU Q 90 -69.82 34.37 25.29
CA GLU Q 90 -69.23 34.68 24.00
C GLU Q 90 -67.92 33.90 23.86
N ARG Q 91 -67.84 33.02 22.86
CA ARG Q 91 -66.63 32.24 22.65
C ARG Q 91 -65.61 33.02 21.82
N ASN Q 92 -66.08 34.08 21.15
CA ASN Q 92 -65.20 34.91 20.33
C ASN Q 92 -64.19 34.12 19.50
N PRO Q 93 -64.67 33.29 18.57
CA PRO Q 93 -63.78 32.47 17.73
C PRO Q 93 -62.85 33.37 16.93
N GLN Q 94 -63.39 34.51 16.48
CA GLN Q 94 -62.63 35.45 15.67
C GLN Q 94 -61.46 36.08 16.41
N LEU Q 95 -61.35 35.83 17.71
CA LEU Q 95 -60.25 36.40 18.49
C LEU Q 95 -59.12 35.42 18.76
N ARG Q 96 -59.18 34.22 18.17
CA ARG Q 96 -58.10 33.26 18.35
C ARG Q 96 -56.90 33.80 17.59
N GLY Q 97 -55.77 33.90 18.28
CA GLY Q 97 -54.57 34.41 17.64
C GLY Q 97 -54.51 35.92 17.65
N ALA Q 98 -55.43 36.57 18.37
CA ALA Q 98 -55.44 38.03 18.43
C ALA Q 98 -54.10 38.51 18.98
N GLY Q 99 -53.55 37.78 19.95
CA GLY Q 99 -52.27 38.13 20.53
C GLY Q 99 -51.17 38.14 19.48
N LEU Q 100 -51.12 37.08 18.68
CA LEU Q 100 -50.14 36.94 17.61
C LEU Q 100 -50.27 38.12 16.67
N SER Q 101 -51.51 38.46 16.33
CA SER Q 101 -51.78 39.55 15.41
C SER Q 101 -51.27 40.90 15.90
N LYS Q 102 -51.02 41.02 17.20
CA LYS Q 102 -50.50 42.26 17.75
C LYS Q 102 -49.12 42.03 18.35
N GLN Q 103 -48.47 40.97 17.87
CA GLN Q 103 -47.13 40.60 18.30
C GLN Q 103 -46.96 40.43 19.80
N ASP Q 104 -47.99 39.91 20.46
CA ASP Q 104 -47.96 39.68 21.90
C ASP Q 104 -48.79 38.44 22.22
N PRO Q 105 -48.29 37.25 21.85
CA PRO Q 105 -48.93 35.95 22.07
C PRO Q 105 -49.40 35.66 23.50
N TRP Q 106 -48.49 35.79 24.46
CA TRP Q 106 -48.81 35.50 25.84
C TRP Q 106 -49.95 36.32 26.46
N SER Q 107 -50.14 37.56 25.98
CA SER Q 107 -51.19 38.43 26.53
C SER Q 107 -52.60 37.88 26.36
N ASP Q 108 -52.78 36.95 25.42
CA ASP Q 108 -54.08 36.36 25.16
C ASP Q 108 -54.52 35.37 26.23
N TYR Q 109 -53.58 34.90 27.04
CA TYR Q 109 -53.88 33.89 28.02
C TYR Q 109 -53.73 34.21 29.49
N GLU Q 110 -54.46 33.46 30.30
CA GLU Q 110 -54.44 33.60 31.75
C GLU Q 110 -54.26 32.19 32.34
N ARG Q 111 -53.69 32.13 33.53
CA ARG Q 111 -53.44 30.87 34.21
C ARG Q 111 -54.69 30.27 34.83
N ILE Q 112 -54.81 28.94 34.75
CA ILE Q 112 -55.93 28.22 35.35
C ILE Q 112 -55.36 26.92 35.93
N SER Q 113 -56.12 26.29 36.80
CA SER Q 113 -55.68 25.04 37.43
C SER Q 113 -55.92 23.86 36.49
N TRP Q 114 -55.28 22.73 36.80
CA TRP Q 114 -55.46 21.53 36.01
C TRP Q 114 -56.91 21.07 36.14
N ASP Q 115 -57.44 21.18 37.35
CA ASP Q 115 -58.81 20.77 37.59
C ASP Q 115 -59.81 21.56 36.75
N GLU Q 116 -59.65 22.87 36.68
CA GLU Q 116 -60.56 23.68 35.89
C GLU Q 116 -60.35 23.51 34.38
N ALA Q 117 -59.10 23.37 33.95
CA ALA Q 117 -58.82 23.18 32.53
C ALA Q 117 -59.46 21.88 32.04
N THR Q 118 -59.26 20.80 32.79
CA THR Q 118 -59.83 19.51 32.40
C THR Q 118 -61.35 19.50 32.50
N ASP Q 119 -61.92 20.24 33.46
CA ASP Q 119 -63.37 20.31 33.59
C ASP Q 119 -63.96 20.99 32.35
N ILE Q 120 -63.31 22.08 31.93
CA ILE Q 120 -63.75 22.82 30.76
C ILE Q 120 -63.71 21.95 29.50
N VAL Q 121 -62.63 21.18 29.35
CA VAL Q 121 -62.49 20.31 28.18
C VAL Q 121 -63.51 19.16 28.21
N VAL Q 122 -63.65 18.53 29.37
CA VAL Q 122 -64.60 17.43 29.50
C VAL Q 122 -66.02 17.91 29.16
N ALA Q 123 -66.39 19.07 29.68
CA ALA Q 123 -67.71 19.63 29.43
C ALA Q 123 -67.94 19.80 27.94
N GLU Q 124 -66.91 20.27 27.22
CA GLU Q 124 -67.02 20.46 25.78
C GLU Q 124 -67.15 19.11 25.07
N ILE Q 125 -66.34 18.14 25.50
CA ILE Q 125 -66.37 16.82 24.92
C ILE Q 125 -67.75 16.17 25.06
N ASN Q 126 -68.27 16.16 26.28
CA ASN Q 126 -69.57 15.55 26.52
C ASN Q 126 -70.71 16.26 25.82
N ARG Q 127 -70.67 17.58 25.76
CA ARG Q 127 -71.73 18.33 25.09
C ARG Q 127 -71.73 17.95 23.61
N ILE Q 128 -70.57 18.02 22.99
CA ILE Q 128 -70.42 17.70 21.58
C ILE Q 128 -70.77 16.26 21.22
N LYS Q 129 -70.35 15.30 22.04
CA LYS Q 129 -70.66 13.90 21.75
C LYS Q 129 -72.16 13.62 21.81
N HIS Q 130 -72.86 14.25 22.76
CA HIS Q 130 -74.31 14.02 22.86
C HIS Q 130 -75.11 14.81 21.83
N ALA Q 131 -74.51 15.86 21.28
CA ALA Q 131 -75.21 16.68 20.30
C ALA Q 131 -74.85 16.27 18.87
N TYR Q 132 -73.58 15.99 18.62
CA TYR Q 132 -73.12 15.64 17.29
C TYR Q 132 -72.46 14.27 17.16
N GLY Q 133 -71.99 13.73 18.28
CA GLY Q 133 -71.33 12.43 18.23
C GLY Q 133 -69.82 12.59 18.26
N PRO Q 134 -69.09 11.49 18.51
CA PRO Q 134 -67.62 11.44 18.58
C PRO Q 134 -66.91 12.00 17.35
N SER Q 135 -67.51 11.80 16.18
CA SER Q 135 -66.90 12.27 14.93
C SER Q 135 -66.74 13.79 14.89
N ALA Q 136 -67.53 14.50 15.69
CA ALA Q 136 -67.45 15.95 15.72
C ALA Q 136 -66.17 16.44 16.42
N ILE Q 137 -65.45 15.53 17.07
CA ILE Q 137 -64.22 15.89 17.75
C ILE Q 137 -63.01 15.54 16.89
N LEU Q 138 -62.40 16.56 16.30
CA LEU Q 138 -61.23 16.37 15.46
C LEU Q 138 -59.97 16.41 16.31
N SER Q 139 -59.01 15.57 15.96
CA SER Q 139 -57.75 15.57 16.70
C SER Q 139 -56.63 15.06 15.83
N THR Q 140 -55.43 15.55 16.10
CA THR Q 140 -54.28 15.10 15.36
C THR Q 140 -53.00 15.56 16.02
N PRO Q 141 -52.04 14.64 16.19
CA PRO Q 141 -50.78 15.03 16.79
C PRO Q 141 -50.06 15.39 15.50
N SER Q 142 -48.80 15.01 15.39
CA SER Q 142 -48.12 15.26 14.14
C SER Q 142 -47.18 14.10 13.88
N SER Q 143 -46.46 14.16 12.76
CA SER Q 143 -45.57 13.07 12.39
C SER Q 143 -44.58 12.64 13.45
N HIS Q 144 -43.86 13.58 14.05
CA HIS Q 144 -42.89 13.15 15.04
C HIS Q 144 -43.19 13.44 16.49
N HIS Q 145 -42.40 12.82 17.37
CA HIS Q 145 -42.71 12.90 18.78
C HIS Q 145 -41.48 12.65 19.64
N MET Q 146 -41.58 13.03 20.91
CA MET Q 146 -40.49 12.82 21.86
C MET Q 146 -40.29 11.30 21.91
N TRP Q 147 -39.04 10.88 21.95
CA TRP Q 147 -38.69 9.46 21.97
C TRP Q 147 -39.23 8.74 23.20
N GLY Q 148 -39.59 7.47 23.01
CA GLY Q 148 -40.14 6.65 24.09
C GLY Q 148 -41.31 5.87 23.53
N ASN Q 149 -41.18 4.55 23.50
CA ASN Q 149 -42.22 3.69 22.93
C ASN Q 149 -43.59 3.70 23.59
N VAL Q 150 -43.64 3.62 24.92
CA VAL Q 150 -44.93 3.61 25.61
C VAL Q 150 -45.65 4.96 25.52
N GLY Q 151 -44.92 6.05 25.63
CA GLY Q 151 -45.53 7.37 25.55
C GLY Q 151 -45.70 7.93 24.15
N TYR Q 152 -45.28 7.18 23.14
CA TYR Q 152 -45.38 7.65 21.77
C TYR Q 152 -46.84 7.78 21.29
N ARG Q 153 -47.07 8.65 20.32
CA ARG Q 153 -48.42 8.87 19.81
C ARG Q 153 -49.16 7.62 19.32
N HIS Q 154 -48.44 6.65 18.78
CA HIS Q 154 -49.09 5.41 18.29
C HIS Q 154 -49.52 4.58 19.48
N SER Q 155 -48.98 4.91 20.65
CA SER Q 155 -49.25 4.18 21.88
C SER Q 155 -50.24 4.86 22.85
N THR Q 156 -49.74 5.81 23.63
CA THR Q 156 -50.56 6.53 24.59
C THR Q 156 -51.69 7.36 23.96
N TYR Q 157 -51.34 8.20 22.99
CA TYR Q 157 -52.33 9.04 22.31
C TYR Q 157 -53.49 8.20 21.78
N PHE Q 158 -53.20 7.19 20.99
CA PHE Q 158 -54.24 6.33 20.42
C PHE Q 158 -55.05 5.58 21.47
N ARG Q 159 -54.41 5.02 22.48
CA ARG Q 159 -55.16 4.27 23.49
C ARG Q 159 -56.25 5.11 24.12
N PHE Q 160 -55.93 6.37 24.42
CA PHE Q 160 -56.92 7.26 25.02
C PHE Q 160 -57.95 7.76 24.01
N MET Q 161 -57.48 8.40 22.94
CA MET Q 161 -58.39 8.94 21.92
C MET Q 161 -59.39 7.92 21.38
N ASN Q 162 -58.94 6.69 21.15
CA ASN Q 162 -59.83 5.63 20.65
C ASN Q 162 -60.98 5.36 21.61
N MET Q 163 -60.76 5.66 22.89
CA MET Q 163 -61.79 5.45 23.92
C MET Q 163 -62.64 6.70 24.13
N MET Q 164 -62.27 7.80 23.50
CA MET Q 164 -62.98 9.06 23.67
C MET Q 164 -63.73 9.57 22.44
N GLY Q 165 -63.05 9.72 21.32
CA GLY Q 165 -63.67 10.23 20.11
C GLY Q 165 -63.63 9.20 19.00
N PHE Q 166 -63.28 9.58 17.77
CA PHE Q 166 -62.91 10.94 17.37
C PHE Q 166 -62.66 10.90 15.86
N THR Q 167 -62.48 12.06 15.25
CA THR Q 167 -62.16 12.09 13.82
C THR Q 167 -60.68 12.41 13.75
N TYR Q 168 -59.92 11.51 13.16
CA TYR Q 168 -58.48 11.67 13.04
C TYR Q 168 -58.09 12.36 11.75
N ALA Q 169 -57.21 13.35 11.84
CA ALA Q 169 -56.72 14.02 10.64
C ALA Q 169 -55.54 13.12 10.28
N ASP Q 170 -55.82 12.00 9.60
CA ASP Q 170 -54.77 11.05 9.24
C ASP Q 170 -53.62 11.70 8.47
N HIS Q 171 -52.40 11.27 8.77
CA HIS Q 171 -51.22 11.82 8.14
C HIS Q 171 -50.94 11.36 6.73
N ASN Q 172 -50.64 12.31 5.86
CA ASN Q 172 -50.26 11.99 4.49
C ASN Q 172 -48.86 11.38 4.66
N PRO Q 173 -48.46 10.49 3.76
CA PRO Q 173 -47.13 9.87 3.88
C PRO Q 173 -46.04 10.84 3.45
N ASP Q 174 -45.92 11.93 4.20
CA ASP Q 174 -44.96 12.99 3.93
C ASP Q 174 -43.56 12.53 3.51
N SER Q 175 -42.96 11.73 4.38
CA SER Q 175 -41.63 11.20 4.18
C SER Q 175 -41.49 10.43 2.85
N TRP Q 176 -42.51 9.69 2.47
CA TRP Q 176 -42.50 8.83 1.26
C TRP Q 176 -43.25 9.28 0.00
N GLU Q 177 -43.93 10.42 0.02
CA GLU Q 177 -44.76 10.86 -1.11
C GLU Q 177 -44.53 10.22 -2.49
N GLY Q 178 -43.48 10.62 -3.19
CA GLY Q 178 -43.21 10.06 -4.52
C GLY Q 178 -43.16 8.54 -4.58
N TRP Q 179 -42.55 7.93 -3.58
CA TRP Q 179 -42.44 6.47 -3.51
C TRP Q 179 -43.78 5.82 -3.19
N HIS Q 180 -44.56 6.49 -2.34
CA HIS Q 180 -45.86 5.97 -1.93
C HIS Q 180 -46.93 6.07 -3.03
N TRP Q 181 -47.12 7.27 -3.58
CA TRP Q 181 -48.13 7.45 -4.61
C TRP Q 181 -47.66 7.08 -6.02
N GLY Q 182 -46.35 6.85 -6.19
CA GLY Q 182 -45.84 6.53 -7.50
C GLY Q 182 -45.01 5.25 -7.61
N GLY Q 183 -43.91 5.18 -6.89
CA GLY Q 183 -43.07 3.99 -6.94
C GLY Q 183 -43.80 2.71 -6.58
N MET Q 184 -44.74 2.80 -5.65
CA MET Q 184 -45.50 1.64 -5.21
C MET Q 184 -46.20 0.91 -6.37
N HIS Q 185 -46.68 1.67 -7.34
CA HIS Q 185 -47.37 1.10 -8.49
C HIS Q 185 -46.39 0.42 -9.43
N MET Q 186 -45.13 0.83 -9.34
CA MET Q 186 -44.09 0.29 -10.20
C MET Q 186 -43.40 -0.95 -9.65
N TRP Q 187 -43.13 -1.01 -8.35
CA TRP Q 187 -42.47 -2.19 -7.80
C TRP Q 187 -43.05 -2.72 -6.48
N GLY Q 188 -44.20 -2.21 -6.06
CA GLY Q 188 -44.81 -2.68 -4.83
C GLY Q 188 -44.23 -2.08 -3.56
N PHE Q 189 -43.84 -2.94 -2.62
CA PHE Q 189 -43.30 -2.50 -1.33
C PHE Q 189 -44.29 -1.62 -0.57
N SER Q 190 -45.59 -1.92 -0.69
CA SER Q 190 -46.60 -1.13 -0.02
C SER Q 190 -46.36 -1.06 1.49
N TRP Q 191 -45.98 -2.17 2.09
CA TRP Q 191 -45.72 -2.23 3.53
C TRP Q 191 -44.59 -1.30 3.98
N ARG Q 192 -43.81 -0.81 3.02
CA ARG Q 192 -42.72 0.12 3.31
C ARG Q 192 -43.08 1.46 2.66
N LEU Q 193 -44.34 1.58 2.24
CA LEU Q 193 -44.85 2.77 1.59
C LEU Q 193 -44.04 3.15 0.36
N GLY Q 194 -43.59 2.14 -0.39
CA GLY Q 194 -42.82 2.41 -1.59
C GLY Q 194 -41.31 2.30 -1.50
N ASN Q 195 -40.74 2.36 -0.30
CA ASN Q 195 -39.29 2.26 -0.14
C ASN Q 195 -38.83 0.80 -0.24
N PRO Q 196 -37.57 0.57 -0.63
CA PRO Q 196 -37.05 -0.79 -0.74
C PRO Q 196 -36.48 -1.32 0.57
N GLU Q 197 -36.33 -2.64 0.67
CA GLU Q 197 -35.73 -3.25 1.87
C GLU Q 197 -34.24 -2.95 1.72
N GLN Q 198 -33.49 -3.06 2.81
CA GLN Q 198 -32.06 -2.76 2.75
C GLN Q 198 -31.18 -3.75 3.51
N TYR Q 199 -31.76 -4.86 3.94
CA TYR Q 199 -31.04 -5.87 4.70
C TYR Q 199 -29.67 -6.28 4.17
N ASP Q 200 -28.71 -6.39 5.08
CA ASP Q 200 -27.35 -6.83 4.79
C ASP Q 200 -26.58 -6.17 3.65
N LEU Q 201 -26.91 -4.93 3.31
CA LEU Q 201 -26.21 -4.24 2.22
C LEU Q 201 -24.84 -3.68 2.55
N LEU Q 202 -24.55 -3.42 3.84
CA LEU Q 202 -23.25 -2.87 4.22
C LEU Q 202 -22.07 -3.76 3.82
N GLU Q 203 -22.16 -5.05 4.13
CA GLU Q 203 -21.08 -5.97 3.77
C GLU Q 203 -21.02 -6.10 2.26
N ASP Q 204 -22.18 -6.11 1.61
CA ASP Q 204 -22.24 -6.22 0.16
C ASP Q 204 -21.49 -5.04 -0.46
N GLY Q 205 -21.75 -3.85 0.05
CA GLY Q 205 -21.11 -2.65 -0.46
C GLY Q 205 -19.63 -2.57 -0.17
N LEU Q 206 -19.23 -2.96 1.04
CA LEU Q 206 -17.83 -2.93 1.40
C LEU Q 206 -17.02 -3.89 0.53
N LYS Q 207 -17.65 -4.99 0.12
CA LYS Q 207 -16.99 -5.97 -0.73
C LYS Q 207 -17.02 -5.62 -2.21
N HIS Q 208 -18.12 -5.04 -2.68
CA HIS Q 208 -18.27 -4.78 -4.11
C HIS Q 208 -18.39 -3.36 -4.65
N ALA Q 209 -18.65 -2.38 -3.80
CA ALA Q 209 -18.82 -1.01 -4.27
C ALA Q 209 -17.61 -0.35 -4.94
N GLU Q 210 -17.87 0.30 -6.07
CA GLU Q 210 -16.84 1.02 -6.80
C GLU Q 210 -17.29 2.49 -6.91
N MET Q 211 -18.60 2.70 -6.87
CA MET Q 211 -19.16 4.05 -6.93
C MET Q 211 -20.54 4.11 -6.32
N ILE Q 212 -20.85 5.24 -5.69
CA ILE Q 212 -22.15 5.45 -5.08
C ILE Q 212 -22.71 6.79 -5.55
N VAL Q 213 -23.93 6.77 -6.07
CA VAL Q 213 -24.57 7.98 -6.55
C VAL Q 213 -25.60 8.40 -5.51
N PHE Q 214 -25.31 9.49 -4.80
CA PHE Q 214 -26.21 10.01 -3.78
C PHE Q 214 -27.14 10.99 -4.50
N TRP Q 215 -28.39 10.56 -4.70
CA TRP Q 215 -29.37 11.37 -5.42
C TRP Q 215 -30.40 11.86 -4.41
N SER Q 216 -30.45 13.17 -4.18
CA SER Q 216 -31.37 13.74 -3.21
C SER Q 216 -31.09 13.04 -1.89
N SER Q 217 -29.81 12.83 -1.60
CA SER Q 217 -29.37 12.13 -0.40
C SER Q 217 -28.30 12.88 0.39
N ASP Q 218 -28.58 13.14 1.67
CA ASP Q 218 -27.63 13.84 2.55
C ASP Q 218 -27.60 13.04 3.86
N PRO Q 219 -26.96 11.87 3.83
CA PRO Q 219 -26.83 10.97 4.98
C PRO Q 219 -26.34 11.64 6.27
N GLU Q 220 -25.35 12.51 6.17
CA GLU Q 220 -24.82 13.18 7.35
C GLU Q 220 -25.89 13.99 8.08
N THR Q 221 -26.67 14.77 7.32
CA THR Q 221 -27.72 15.58 7.91
C THR Q 221 -28.90 14.77 8.45
N ASN Q 222 -29.48 13.93 7.59
CA ASN Q 222 -30.64 13.13 7.95
C ASN Q 222 -30.40 11.84 8.71
N SER Q 223 -29.23 11.22 8.51
CA SER Q 223 -28.87 9.96 9.16
C SER Q 223 -29.88 8.86 8.87
N GLY Q 224 -30.70 9.06 7.84
CA GLY Q 224 -31.74 8.10 7.55
C GLY Q 224 -32.80 8.74 8.43
N ILE Q 225 -32.79 8.38 9.71
CA ILE Q 225 -33.68 8.95 10.71
C ILE Q 225 -33.38 8.40 12.10
N TYR Q 226 -33.30 9.30 13.09
CA TYR Q 226 -33.04 8.93 14.48
C TYR Q 226 -31.69 8.30 14.78
N ALA Q 227 -30.76 8.32 13.82
CA ALA Q 227 -29.49 7.64 14.03
C ALA Q 227 -28.23 8.46 14.25
N GLY Q 228 -28.36 9.69 14.75
CA GLY Q 228 -27.20 10.53 15.00
C GLY Q 228 -26.22 10.60 13.84
N PHE Q 229 -25.00 10.14 14.08
CA PHE Q 229 -23.97 10.11 13.02
C PHE Q 229 -23.36 8.72 12.94
N GLU Q 230 -24.21 7.71 13.14
CA GLU Q 230 -23.78 6.32 13.12
C GLU Q 230 -23.10 5.85 11.83
N SER Q 231 -23.57 6.34 10.69
CA SER Q 231 -23.02 5.91 9.40
C SER Q 231 -21.78 6.65 8.90
N ASN Q 232 -21.37 7.72 9.59
CA ASN Q 232 -20.22 8.48 9.16
C ASN Q 232 -18.97 7.62 8.91
N ILE Q 233 -18.70 6.69 9.83
CA ILE Q 233 -17.52 5.84 9.70
C ILE Q 233 -17.60 4.88 8.52
N ARG Q 234 -18.82 4.50 8.12
CA ARG Q 234 -19.00 3.58 7.01
C ARG Q 234 -18.63 4.23 5.67
N ARG Q 235 -19.01 5.48 5.49
CA ARG Q 235 -18.67 6.17 4.24
C ARG Q 235 -17.17 6.44 4.22
N GLN Q 236 -16.57 6.56 5.41
CA GLN Q 236 -15.13 6.79 5.53
C GLN Q 236 -14.42 5.51 5.05
N TRP Q 237 -14.98 4.36 5.42
CA TRP Q 237 -14.40 3.08 5.00
C TRP Q 237 -14.48 2.96 3.49
N LEU Q 238 -15.67 3.24 2.95
CA LEU Q 238 -15.89 3.17 1.51
C LEU Q 238 -14.93 4.11 0.79
N LYS Q 239 -14.82 5.32 1.32
CA LYS Q 239 -13.96 6.34 0.74
C LYS Q 239 -12.51 5.86 0.71
N ASP Q 240 -12.05 5.27 1.80
CA ASP Q 240 -10.68 4.78 1.86
C ASP Q 240 -10.48 3.54 1.00
N LEU Q 241 -11.58 2.90 0.61
CA LEU Q 241 -11.51 1.71 -0.25
C LEU Q 241 -11.45 2.15 -1.72
N GLY Q 242 -11.55 3.46 -1.94
CA GLY Q 242 -11.49 3.98 -3.30
C GLY Q 242 -12.82 4.16 -4.00
N VAL Q 243 -13.91 4.05 -3.25
CA VAL Q 243 -15.23 4.21 -3.84
C VAL Q 243 -15.51 5.68 -4.15
N ASP Q 244 -15.93 5.97 -5.37
CA ASP Q 244 -16.23 7.35 -5.77
C ASP Q 244 -17.62 7.77 -5.33
N PHE Q 245 -17.75 9.00 -4.86
CA PHE Q 245 -19.02 9.54 -4.39
C PHE Q 245 -19.50 10.67 -5.30
N VAL Q 246 -20.68 10.50 -5.91
CA VAL Q 246 -21.24 11.53 -6.77
C VAL Q 246 -22.54 12.01 -6.14
N PHE Q 247 -22.72 13.32 -6.09
CA PHE Q 247 -23.92 13.91 -5.49
C PHE Q 247 -24.77 14.71 -6.47
N ILE Q 248 -26.06 14.40 -6.51
CA ILE Q 248 -27.00 15.10 -7.37
C ILE Q 248 -28.00 15.74 -6.42
N ASP Q 249 -27.91 17.05 -6.28
CA ASP Q 249 -28.74 17.79 -5.33
C ASP Q 249 -28.65 19.29 -5.68
N PRO Q 250 -29.80 19.98 -5.81
CA PRO Q 250 -29.78 21.41 -6.13
C PRO Q 250 -28.83 22.14 -5.19
N HIS Q 251 -28.77 21.66 -3.95
CA HIS Q 251 -27.90 22.25 -2.93
C HIS Q 251 -26.73 21.32 -2.65
N MET Q 252 -25.53 21.89 -2.52
CA MET Q 252 -24.37 21.08 -2.20
C MET Q 252 -24.56 20.80 -0.71
N ASN Q 253 -25.27 19.70 -0.42
CA ASN Q 253 -25.60 19.31 0.94
C ASN Q 253 -24.38 19.00 1.80
N HIS Q 254 -24.61 18.80 3.09
CA HIS Q 254 -23.53 18.56 4.04
C HIS Q 254 -22.70 17.31 3.82
N THR Q 255 -23.29 16.26 3.27
CA THR Q 255 -22.53 15.05 3.01
C THR Q 255 -21.62 15.37 1.82
N ALA Q 256 -22.16 16.06 0.83
CA ALA Q 256 -21.40 16.44 -0.36
C ALA Q 256 -20.25 17.38 0.00
N ARG Q 257 -20.49 18.32 0.91
CA ARG Q 257 -19.44 19.25 1.32
C ARG Q 257 -18.29 18.50 1.98
N LEU Q 258 -18.60 17.36 2.60
CA LEU Q 258 -17.61 16.56 3.30
C LEU Q 258 -16.84 15.55 2.43
N VAL Q 259 -17.55 14.78 1.60
CA VAL Q 259 -16.87 13.75 0.81
C VAL Q 259 -17.20 13.64 -0.68
N ALA Q 260 -17.82 14.66 -1.26
CA ALA Q 260 -18.18 14.58 -2.69
C ALA Q 260 -16.98 14.54 -3.64
N ASP Q 261 -17.06 13.67 -4.64
CA ASP Q 261 -16.03 13.59 -5.66
C ASP Q 261 -16.52 14.46 -6.81
N LYS Q 262 -17.83 14.62 -6.89
CA LYS Q 262 -18.46 15.43 -7.92
C LYS Q 262 -19.88 15.78 -7.47
N TRP Q 263 -20.29 17.00 -7.79
CA TRP Q 263 -21.62 17.47 -7.42
C TRP Q 263 -22.37 18.06 -8.60
N PHE Q 264 -23.65 17.68 -8.75
CA PHE Q 264 -24.51 18.17 -9.81
C PHE Q 264 -25.63 18.95 -9.13
N SER Q 265 -25.95 20.13 -9.65
CA SER Q 265 -27.02 20.95 -9.10
C SER Q 265 -28.15 21.13 -10.11
N PRO Q 266 -29.07 20.16 -10.19
CA PRO Q 266 -30.19 20.29 -11.14
C PRO Q 266 -31.21 21.33 -10.67
N LYS Q 267 -31.81 22.03 -11.61
CA LYS Q 267 -32.83 23.03 -11.25
C LYS Q 267 -33.97 22.28 -10.56
N ILE Q 268 -34.73 22.96 -9.71
CA ILE Q 268 -35.82 22.30 -9.00
C ILE Q 268 -36.81 21.63 -9.95
N GLY Q 269 -37.26 20.43 -9.57
CA GLY Q 269 -38.22 19.67 -10.36
C GLY Q 269 -37.74 19.15 -11.71
N THR Q 270 -36.43 18.96 -11.89
CA THR Q 270 -35.93 18.46 -13.16
C THR Q 270 -35.09 17.17 -13.08
N ASP Q 271 -35.02 16.56 -11.90
CA ASP Q 271 -34.24 15.34 -11.73
C ASP Q 271 -34.56 14.23 -12.73
N HIS Q 272 -35.84 13.98 -12.99
CA HIS Q 272 -36.20 12.91 -13.91
C HIS Q 272 -35.70 13.16 -15.34
N ALA Q 273 -35.27 14.38 -15.63
CA ALA Q 273 -34.73 14.65 -16.96
C ALA Q 273 -33.37 13.94 -17.00
N LEU Q 274 -32.66 13.98 -15.88
CA LEU Q 274 -31.35 13.31 -15.78
C LEU Q 274 -31.51 11.78 -15.83
N SER Q 275 -32.48 11.25 -15.09
CA SER Q 275 -32.67 9.80 -15.09
C SER Q 275 -33.05 9.31 -16.49
N PHE Q 276 -33.83 10.10 -17.22
CA PHE Q 276 -34.20 9.70 -18.58
C PHE Q 276 -33.00 9.73 -19.53
N ALA Q 277 -32.13 10.72 -19.36
CA ALA Q 277 -30.95 10.83 -20.22
C ALA Q 277 -29.94 9.71 -19.93
N ILE Q 278 -29.85 9.30 -18.67
CA ILE Q 278 -28.93 8.23 -18.30
C ILE Q 278 -29.45 6.92 -18.90
N ALA Q 279 -30.76 6.70 -18.81
CA ALA Q 279 -31.36 5.50 -19.36
C ALA Q 279 -31.20 5.52 -20.87
N TYR Q 280 -31.36 6.70 -21.47
CA TYR Q 280 -31.22 6.85 -22.92
C TYR Q 280 -29.81 6.43 -23.35
N THR Q 281 -28.82 6.82 -22.56
CA THR Q 281 -27.43 6.50 -22.86
C THR Q 281 -27.20 4.99 -22.80
N TRP Q 282 -27.77 4.33 -21.78
CA TRP Q 282 -27.62 2.90 -21.62
C TRP Q 282 -28.29 2.12 -22.76
N LEU Q 283 -29.44 2.62 -23.20
CA LEU Q 283 -30.16 1.99 -24.30
C LEU Q 283 -29.38 2.12 -25.59
N LYS Q 284 -28.88 3.32 -25.87
CA LYS Q 284 -28.11 3.57 -27.08
C LYS Q 284 -26.79 2.81 -27.11
N GLU Q 285 -26.20 2.60 -25.94
CA GLU Q 285 -24.91 1.91 -25.86
C GLU Q 285 -24.99 0.47 -25.33
N ASP Q 286 -26.21 -0.05 -25.19
CA ASP Q 286 -26.42 -1.42 -24.69
C ASP Q 286 -25.66 -1.67 -23.40
N SER Q 287 -25.51 -0.63 -22.58
CA SER Q 287 -24.80 -0.77 -21.32
C SER Q 287 -25.69 -0.97 -20.11
N TYR Q 288 -26.44 -2.08 -20.09
CA TYR Q 288 -27.30 -2.41 -18.97
C TYR Q 288 -27.53 -3.92 -18.95
N ASP Q 289 -28.09 -4.42 -17.85
CA ASP Q 289 -28.33 -5.85 -17.70
C ASP Q 289 -29.57 -6.30 -18.46
N LYS Q 290 -29.40 -6.60 -19.74
CA LYS Q 290 -30.51 -7.03 -20.59
C LYS Q 290 -31.20 -8.29 -20.10
N GLU Q 291 -30.41 -9.26 -19.63
CA GLU Q 291 -30.95 -10.53 -19.13
C GLU Q 291 -31.89 -10.27 -17.95
N TYR Q 292 -31.43 -9.43 -17.03
CA TYR Q 292 -32.21 -9.09 -15.84
C TYR Q 292 -33.52 -8.40 -16.24
N VAL Q 293 -33.43 -7.42 -17.12
CA VAL Q 293 -34.60 -6.67 -17.57
C VAL Q 293 -35.61 -7.56 -18.29
N ALA Q 294 -35.10 -8.45 -19.14
CA ALA Q 294 -35.98 -9.35 -19.89
C ALA Q 294 -36.78 -10.24 -18.95
N ALA Q 295 -36.20 -10.59 -17.81
CA ALA Q 295 -36.87 -11.46 -16.86
C ALA Q 295 -37.65 -10.76 -15.75
N ASN Q 296 -37.20 -9.58 -15.34
CA ASN Q 296 -37.87 -8.91 -14.23
C ASN Q 296 -38.61 -7.59 -14.49
N ALA Q 297 -38.70 -7.18 -15.75
CA ALA Q 297 -39.41 -5.95 -16.08
C ALA Q 297 -40.63 -6.21 -16.93
N HIS Q 298 -41.62 -5.33 -16.81
CA HIS Q 298 -42.86 -5.43 -17.57
C HIS Q 298 -43.11 -4.10 -18.29
N GLY Q 299 -43.42 -4.17 -19.57
CA GLY Q 299 -43.67 -2.96 -20.35
C GLY Q 299 -42.40 -2.20 -20.69
N PHE Q 300 -41.25 -2.84 -20.55
CA PHE Q 300 -39.97 -2.18 -20.84
C PHE Q 300 -39.81 -1.81 -22.31
N GLU Q 301 -40.28 -2.65 -23.22
CA GLU Q 301 -40.15 -2.36 -24.65
C GLU Q 301 -40.82 -1.05 -25.01
N GLU Q 302 -42.04 -0.85 -24.53
CA GLU Q 302 -42.76 0.38 -24.81
C GLU Q 302 -42.08 1.59 -24.17
N TRP Q 303 -41.58 1.41 -22.95
CA TRP Q 303 -40.91 2.49 -22.23
C TRP Q 303 -39.64 2.91 -22.97
N ALA Q 304 -38.89 1.92 -23.45
CA ALA Q 304 -37.66 2.17 -24.18
C ALA Q 304 -37.94 3.00 -25.43
N ASP Q 305 -39.07 2.74 -26.08
CA ASP Q 305 -39.45 3.49 -27.27
C ASP Q 305 -39.72 4.94 -26.94
N TYR Q 306 -40.26 5.17 -25.74
CA TYR Q 306 -40.54 6.53 -25.27
C TYR Q 306 -39.22 7.24 -24.95
N VAL Q 307 -38.35 6.54 -24.24
CA VAL Q 307 -37.05 7.12 -23.89
C VAL Q 307 -36.27 7.49 -25.15
N LEU Q 308 -36.34 6.64 -26.16
CA LEU Q 308 -35.64 6.88 -27.43
C LEU Q 308 -36.33 7.95 -28.25
N GLY Q 309 -37.50 8.40 -27.80
CA GLY Q 309 -38.22 9.45 -28.49
C GLY Q 309 -39.01 9.05 -29.72
N LYS Q 310 -39.25 7.75 -29.90
CA LYS Q 310 -40.00 7.29 -31.06
C LYS Q 310 -41.48 7.65 -30.99
N THR Q 311 -42.06 7.52 -29.80
CA THR Q 311 -43.48 7.80 -29.63
C THR Q 311 -43.89 9.24 -29.38
N ASP Q 312 -43.01 10.05 -28.81
CA ASP Q 312 -43.33 11.46 -28.56
C ASP Q 312 -42.51 12.39 -29.43
N GLY Q 313 -41.57 11.83 -30.19
CA GLY Q 313 -40.74 12.62 -31.07
C GLY Q 313 -39.58 13.36 -30.41
N THR Q 314 -39.29 13.06 -29.15
CA THR Q 314 -38.21 13.73 -28.45
C THR Q 314 -37.24 12.78 -27.77
N PRO Q 315 -36.10 12.49 -28.44
CA PRO Q 315 -35.11 11.59 -27.83
C PRO Q 315 -34.65 12.23 -26.53
N LYS Q 316 -34.61 11.45 -25.45
CA LYS Q 316 -34.19 11.98 -24.16
C LYS Q 316 -32.67 11.99 -23.99
N THR Q 317 -32.01 12.81 -24.81
CA THR Q 317 -30.56 12.93 -24.80
C THR Q 317 -30.04 13.72 -23.61
N CYS Q 318 -28.73 13.64 -23.39
CA CYS Q 318 -28.10 14.38 -22.29
C CYS Q 318 -28.18 15.87 -22.59
N GLU Q 319 -28.19 16.22 -23.88
CA GLU Q 319 -28.30 17.63 -24.27
C GLU Q 319 -29.71 18.12 -23.92
N TRP Q 320 -30.70 17.27 -24.16
CA TRP Q 320 -32.09 17.60 -23.84
C TRP Q 320 -32.20 17.78 -22.31
N ALA Q 321 -31.55 16.89 -21.56
CA ALA Q 321 -31.57 16.95 -20.11
C ALA Q 321 -30.87 18.19 -19.57
N GLU Q 322 -29.81 18.63 -20.27
CA GLU Q 322 -29.10 19.82 -19.86
C GLU Q 322 -30.00 21.04 -19.97
N GLU Q 323 -30.67 21.18 -21.11
CA GLU Q 323 -31.55 22.32 -21.33
C GLU Q 323 -32.68 22.36 -20.29
N GLU Q 324 -33.06 21.19 -19.79
CA GLU Q 324 -34.11 21.10 -18.77
C GLU Q 324 -33.59 21.40 -17.36
N SER Q 325 -32.46 20.77 -17.00
CA SER Q 325 -31.88 20.89 -15.66
C SER Q 325 -30.74 21.87 -15.45
N GLY Q 326 -29.98 22.17 -16.50
CA GLY Q 326 -28.86 23.07 -16.36
C GLY Q 326 -27.57 22.32 -16.04
N VAL Q 327 -27.64 21.00 -15.91
CA VAL Q 327 -26.47 20.17 -15.64
C VAL Q 327 -25.82 19.85 -16.99
N PRO Q 328 -24.51 20.13 -17.13
CA PRO Q 328 -23.78 19.87 -18.39
C PRO Q 328 -24.03 18.48 -18.98
N ALA Q 329 -24.41 18.44 -20.25
CA ALA Q 329 -24.67 17.18 -20.94
C ALA Q 329 -23.50 16.21 -20.86
N CYS Q 330 -22.29 16.72 -21.07
CA CYS Q 330 -21.09 15.89 -21.03
C CYS Q 330 -20.94 15.17 -19.69
N GLU Q 331 -21.27 15.86 -18.60
CA GLU Q 331 -21.15 15.26 -17.27
C GLU Q 331 -22.23 14.21 -17.05
N ILE Q 332 -23.44 14.47 -17.56
CA ILE Q 332 -24.52 13.51 -17.41
C ILE Q 332 -24.12 12.20 -18.10
N ARG Q 333 -23.58 12.33 -19.31
CA ARG Q 333 -23.15 11.17 -20.09
C ARG Q 333 -21.98 10.46 -19.43
N ALA Q 334 -21.06 11.22 -18.85
CA ALA Q 334 -19.91 10.63 -18.18
C ALA Q 334 -20.38 9.81 -16.99
N LEU Q 335 -21.37 10.34 -16.26
CA LEU Q 335 -21.90 9.60 -15.12
C LEU Q 335 -22.59 8.32 -15.60
N ALA Q 336 -23.39 8.43 -16.65
CA ALA Q 336 -24.10 7.28 -17.21
C ALA Q 336 -23.14 6.15 -17.61
N ARG Q 337 -22.06 6.52 -18.29
CA ARG Q 337 -21.08 5.54 -18.74
C ARG Q 337 -20.32 4.89 -17.58
N GLN Q 338 -19.97 5.68 -16.56
CA GLN Q 338 -19.24 5.14 -15.43
C GLN Q 338 -20.16 4.24 -14.60
N TRP Q 339 -21.41 4.67 -14.46
CA TRP Q 339 -22.42 3.94 -13.70
C TRP Q 339 -22.61 2.55 -14.30
N ALA Q 340 -22.71 2.48 -15.62
CA ALA Q 340 -22.90 1.20 -16.30
C ALA Q 340 -21.72 0.24 -16.14
N LYS Q 341 -20.49 0.73 -16.28
CA LYS Q 341 -19.35 -0.17 -16.17
C LYS Q 341 -18.77 -0.46 -14.78
N LYS Q 342 -19.25 0.23 -13.75
CA LYS Q 342 -18.74 0.00 -12.40
C LYS Q 342 -19.84 -0.51 -11.48
N ASN Q 343 -19.45 -1.20 -10.40
CA ASN Q 343 -20.42 -1.70 -9.45
C ASN Q 343 -20.92 -0.44 -8.75
N THR Q 344 -22.09 0.03 -9.17
CA THR Q 344 -22.66 1.25 -8.63
C THR Q 344 -23.92 1.06 -7.79
N TYR Q 345 -23.94 1.71 -6.63
CA TYR Q 345 -25.11 1.66 -5.76
C TYR Q 345 -25.81 3.00 -5.87
N LEU Q 346 -27.13 2.95 -6.01
CA LEU Q 346 -27.91 4.16 -6.12
C LEU Q 346 -28.40 4.54 -4.74
N ALA Q 347 -27.87 5.64 -4.21
CA ALA Q 347 -28.28 6.11 -2.91
C ALA Q 347 -29.38 7.14 -3.10
N ALA Q 348 -30.58 6.67 -3.43
CA ALA Q 348 -31.73 7.54 -3.64
C ALA Q 348 -32.34 7.83 -2.28
N GLY Q 349 -32.29 9.08 -1.86
CA GLY Q 349 -32.82 9.43 -0.55
C GLY Q 349 -31.79 9.11 0.51
N GLY Q 350 -31.96 9.63 1.73
CA GLY Q 350 -30.98 9.36 2.77
C GLY Q 350 -31.19 8.04 3.48
N LEU Q 351 -32.37 7.46 3.34
CA LEU Q 351 -32.70 6.21 4.00
C LEU Q 351 -32.52 4.98 3.13
N GLY Q 352 -32.75 5.16 1.84
CA GLY Q 352 -32.75 4.06 0.89
C GLY Q 352 -34.25 4.22 0.65
N GLY Q 353 -34.57 5.22 -0.15
CA GLY Q 353 -35.95 5.58 -0.39
C GLY Q 353 -36.00 6.96 0.28
N TRP Q 354 -37.16 7.60 0.27
CA TRP Q 354 -37.30 8.95 0.83
C TRP Q 354 -36.52 9.90 -0.09
N GLY Q 355 -36.05 11.01 0.45
CA GLY Q 355 -35.35 11.96 -0.40
C GLY Q 355 -36.27 13.16 -0.62
N GLY Q 356 -35.76 14.37 -0.40
CA GLY Q 356 -36.58 15.57 -0.58
C GLY Q 356 -37.24 15.64 -1.94
N ALA Q 357 -36.56 15.09 -2.95
CA ALA Q 357 -37.08 15.07 -4.31
C ALA Q 357 -38.40 14.33 -4.43
N CYS Q 358 -38.68 13.41 -3.51
CA CYS Q 358 -39.91 12.65 -3.60
C CYS Q 358 -41.15 13.43 -3.16
N ARG Q 359 -40.96 14.51 -2.41
CA ARG Q 359 -42.11 15.32 -2.00
C ARG Q 359 -41.96 16.69 -2.64
N ALA Q 360 -42.18 16.69 -3.96
CA ALA Q 360 -42.07 17.85 -4.83
C ALA Q 360 -43.02 17.57 -5.98
N SER Q 361 -43.25 18.56 -6.85
CA SER Q 361 -44.20 18.33 -7.94
C SER Q 361 -43.74 17.26 -8.94
N HIS Q 362 -42.47 16.88 -8.93
CA HIS Q 362 -41.99 15.85 -9.85
C HIS Q 362 -41.64 14.57 -9.06
N GLY Q 363 -42.08 14.52 -7.81
CA GLY Q 363 -41.79 13.38 -6.94
C GLY Q 363 -42.12 11.99 -7.43
N ILE Q 364 -43.24 11.86 -8.14
CA ILE Q 364 -43.66 10.57 -8.67
C ILE Q 364 -42.69 10.08 -9.73
N GLU Q 365 -42.36 10.94 -10.69
CA GLU Q 365 -41.45 10.53 -11.75
C GLU Q 365 -40.01 10.39 -11.26
N TRP Q 366 -39.64 11.13 -10.21
CA TRP Q 366 -38.30 10.99 -9.69
C TRP Q 366 -38.13 9.60 -9.08
N ALA Q 367 -39.09 9.21 -8.25
CA ALA Q 367 -39.07 7.90 -7.60
C ALA Q 367 -39.08 6.77 -8.64
N ARG Q 368 -39.98 6.86 -9.61
CA ARG Q 368 -40.04 5.82 -10.63
C ARG Q 368 -38.77 5.84 -11.47
N GLY Q 369 -38.18 7.02 -11.60
CA GLY Q 369 -36.94 7.15 -12.36
C GLY Q 369 -35.80 6.45 -11.63
N MET Q 370 -35.80 6.51 -10.31
CA MET Q 370 -34.76 5.87 -9.52
C MET Q 370 -34.91 4.36 -9.61
N ILE Q 371 -36.15 3.89 -9.57
CA ILE Q 371 -36.43 2.47 -9.68
C ILE Q 371 -36.01 1.97 -11.07
N ALA Q 372 -36.31 2.76 -12.09
CA ALA Q 372 -35.97 2.39 -13.47
C ALA Q 372 -34.47 2.19 -13.65
N LEU Q 373 -33.68 3.13 -13.16
CA LEU Q 373 -32.23 3.05 -13.29
C LEU Q 373 -31.66 1.85 -12.52
N ALA Q 374 -32.06 1.69 -11.26
CA ALA Q 374 -31.56 0.59 -10.45
C ALA Q 374 -31.96 -0.74 -11.07
N THR Q 375 -33.13 -0.78 -11.69
CA THR Q 375 -33.62 -1.98 -12.35
C THR Q 375 -32.79 -2.30 -13.58
N MET Q 376 -32.55 -1.29 -14.42
CA MET Q 376 -31.76 -1.51 -15.63
C MET Q 376 -30.36 -2.04 -15.33
N GLN Q 377 -29.83 -1.72 -14.15
CA GLN Q 377 -28.51 -2.18 -13.77
C GLN Q 377 -28.53 -3.49 -12.97
N GLY Q 378 -29.71 -4.07 -12.79
CA GLY Q 378 -29.85 -5.33 -12.08
C GLY Q 378 -29.75 -5.31 -10.57
N MET Q 379 -30.51 -4.43 -9.92
CA MET Q 379 -30.48 -4.34 -8.46
C MET Q 379 -30.73 -5.69 -7.81
N GLY Q 380 -29.97 -5.98 -6.75
CA GLY Q 380 -30.10 -7.24 -6.06
C GLY Q 380 -28.87 -8.11 -6.24
N LYS Q 381 -28.20 -7.97 -7.37
CA LYS Q 381 -26.99 -8.76 -7.62
C LYS Q 381 -25.81 -8.07 -6.93
N PRO Q 382 -24.76 -8.83 -6.61
CA PRO Q 382 -23.57 -8.26 -5.95
C PRO Q 382 -23.04 -7.04 -6.69
N GLY Q 383 -22.78 -5.97 -5.95
CA GLY Q 383 -22.24 -4.77 -6.57
C GLY Q 383 -23.23 -3.87 -7.31
N SER Q 384 -24.51 -4.18 -7.22
CA SER Q 384 -25.52 -3.39 -7.91
C SER Q 384 -26.83 -3.41 -7.12
N ASN Q 385 -27.21 -2.26 -6.58
CA ASN Q 385 -28.43 -2.19 -5.79
C ASN Q 385 -28.74 -0.75 -5.43
N MET Q 386 -29.86 -0.57 -4.74
CA MET Q 386 -30.26 0.75 -4.27
C MET Q 386 -29.82 0.68 -2.80
N TRP Q 387 -28.90 1.55 -2.41
CA TRP Q 387 -28.39 1.60 -1.04
C TRP Q 387 -27.89 3.01 -0.78
N SER Q 388 -28.36 3.62 0.31
CA SER Q 388 -27.96 4.98 0.64
C SER Q 388 -26.87 5.05 1.71
N THR Q 389 -26.29 3.90 2.03
CA THR Q 389 -25.21 3.75 3.03
C THR Q 389 -25.60 3.97 4.50
N THR Q 390 -26.89 4.14 4.79
CA THR Q 390 -27.33 4.33 6.17
C THR Q 390 -27.85 3.03 6.79
N GLN Q 391 -28.45 2.16 5.99
CA GLN Q 391 -28.96 0.90 6.50
C GLN Q 391 -28.07 -0.25 6.00
N GLY Q 392 -28.50 -1.48 6.25
CA GLY Q 392 -27.71 -2.62 5.80
C GLY Q 392 -26.70 -3.17 6.79
N VAL Q 393 -26.64 -2.59 7.98
CA VAL Q 393 -25.73 -3.03 9.02
C VAL Q 393 -26.11 -4.44 9.46
N PRO Q 394 -25.10 -5.34 9.61
CA PRO Q 394 -25.21 -6.75 10.01
C PRO Q 394 -25.70 -7.03 11.44
N LEU Q 395 -26.74 -6.34 11.89
CA LEU Q 395 -27.24 -6.57 13.24
C LEU Q 395 -28.08 -7.85 13.26
N ASP Q 396 -28.46 -8.30 14.46
CA ASP Q 396 -29.25 -9.51 14.59
C ASP Q 396 -30.72 -9.26 14.31
N TYR Q 397 -31.11 -9.46 13.06
CA TYR Q 397 -32.48 -9.25 12.63
C TYR Q 397 -33.42 -10.26 13.31
N GLU Q 398 -32.84 -11.32 13.86
CA GLU Q 398 -33.64 -12.36 14.53
C GLU Q 398 -34.15 -11.96 15.92
N PHE Q 399 -33.39 -11.13 16.62
CA PHE Q 399 -33.80 -10.68 17.95
C PHE Q 399 -35.00 -9.74 17.79
N TYR Q 400 -36.04 -9.94 18.59
CA TYR Q 400 -37.21 -9.10 18.47
C TYR Q 400 -37.46 -8.08 19.58
N PHE Q 401 -37.51 -6.81 19.18
CA PHE Q 401 -37.82 -5.71 20.08
C PHE Q 401 -38.61 -4.73 19.22
N PRO Q 402 -39.82 -4.38 19.67
CA PRO Q 402 -40.76 -3.47 19.01
C PRO Q 402 -40.29 -2.05 18.75
N GLY Q 403 -40.67 -1.53 17.59
CA GLY Q 403 -40.36 -0.15 17.25
C GLY Q 403 -41.56 0.62 17.78
N TYR Q 404 -41.50 1.94 17.85
CA TYR Q 404 -42.64 2.71 18.38
C TYR Q 404 -43.88 2.60 17.51
N ALA Q 405 -43.67 2.39 16.21
CA ALA Q 405 -44.80 2.30 15.28
C ALA Q 405 -45.63 1.03 15.49
N GLU Q 406 -45.16 0.11 16.32
CA GLU Q 406 -45.91 -1.11 16.55
C GLU Q 406 -47.06 -0.96 17.54
N GLY Q 407 -47.36 0.29 17.93
CA GLY Q 407 -48.51 0.53 18.81
C GLY Q 407 -48.40 0.59 20.31
N GLY Q 408 -47.32 0.07 20.88
CA GLY Q 408 -47.18 0.11 22.32
C GLY Q 408 -48.40 -0.38 23.08
N ILE Q 409 -48.94 0.45 23.97
CA ILE Q 409 -50.09 0.04 24.78
C ILE Q 409 -51.47 0.22 24.14
N SER Q 410 -51.53 0.67 22.90
CA SER Q 410 -52.83 0.87 22.25
C SER Q 410 -53.34 -0.42 21.64
N GLY Q 411 -52.44 -1.16 20.99
CA GLY Q 411 -52.84 -2.40 20.35
C GLY Q 411 -53.75 -2.07 19.17
N ASP Q 412 -53.66 -0.85 18.66
CA ASP Q 412 -54.47 -0.40 17.53
C ASP Q 412 -53.94 -1.05 16.26
N CYS Q 413 -54.56 -2.17 15.87
CA CYS Q 413 -54.12 -2.92 14.69
C CYS Q 413 -54.35 -2.28 13.32
N GLU Q 414 -55.07 -1.17 13.26
CA GLU Q 414 -55.31 -0.52 11.99
C GLU Q 414 -54.51 0.77 11.82
N ASN Q 415 -54.23 1.46 12.92
CA ASN Q 415 -53.49 2.71 12.85
C ASN Q 415 -52.04 2.59 13.32
N SER Q 416 -51.64 1.38 13.67
CA SER Q 416 -50.27 1.10 14.09
C SER Q 416 -49.93 -0.25 13.47
N ALA Q 417 -48.69 -0.68 13.63
CA ALA Q 417 -48.25 -1.96 13.07
C ALA Q 417 -48.31 -3.05 14.13
N ALA Q 418 -49.16 -2.86 15.14
CA ALA Q 418 -49.30 -3.83 16.21
C ALA Q 418 -49.75 -5.20 15.71
N GLY Q 419 -50.55 -5.19 14.65
CA GLY Q 419 -51.07 -6.44 14.11
C GLY Q 419 -50.04 -7.42 13.55
N PHE Q 420 -48.84 -6.94 13.28
CA PHE Q 420 -47.82 -7.83 12.73
C PHE Q 420 -47.28 -8.84 13.75
N LYS Q 421 -46.98 -8.38 14.94
CA LYS Q 421 -46.43 -9.27 15.96
C LYS Q 421 -46.59 -8.80 17.41
N PHE Q 422 -46.39 -7.51 17.67
CA PHE Q 422 -46.46 -7.01 19.04
C PHE Q 422 -47.79 -7.16 19.76
N ALA Q 423 -48.89 -6.90 19.07
CA ALA Q 423 -50.20 -7.02 19.71
C ALA Q 423 -50.38 -8.41 20.29
N TRP Q 424 -50.01 -9.42 19.52
CA TRP Q 424 -50.15 -10.81 19.94
C TRP Q 424 -49.27 -11.12 21.15
N ARG Q 425 -48.18 -10.37 21.32
CA ARG Q 425 -47.29 -10.58 22.45
C ARG Q 425 -47.69 -9.76 23.66
N MET Q 426 -48.16 -8.55 23.42
CA MET Q 426 -48.53 -7.64 24.49
C MET Q 426 -49.85 -7.94 25.21
N PHE Q 427 -50.87 -8.35 24.46
CA PHE Q 427 -52.16 -8.63 25.08
C PHE Q 427 -52.47 -10.12 25.13
N ASP Q 428 -53.22 -10.52 26.14
CA ASP Q 428 -53.53 -11.93 26.35
C ASP Q 428 -55.01 -12.29 26.29
N GLY Q 429 -55.86 -11.31 26.04
CA GLY Q 429 -57.29 -11.58 25.98
C GLY Q 429 -57.82 -12.11 27.30
N LYS Q 430 -57.19 -11.73 28.40
CA LYS Q 430 -57.60 -12.19 29.72
C LYS Q 430 -57.46 -11.13 30.81
N THR Q 431 -56.28 -10.52 30.91
CA THR Q 431 -56.01 -9.52 31.94
C THR Q 431 -55.68 -8.12 31.44
N THR Q 432 -55.24 -8.00 30.20
CA THR Q 432 -54.88 -6.71 29.63
C THR Q 432 -55.48 -6.65 28.23
N PHE Q 433 -56.07 -5.51 27.87
CA PHE Q 433 -56.71 -5.39 26.56
C PHE Q 433 -56.35 -4.17 25.73
N PRO Q 434 -56.45 -4.31 24.38
CA PRO Q 434 -56.17 -3.27 23.40
C PRO Q 434 -57.24 -2.19 23.41
N SER Q 435 -57.01 -1.13 22.65
CA SER Q 435 -57.96 -0.03 22.55
C SER Q 435 -58.16 0.29 21.07
N PRO Q 436 -59.10 -0.41 20.41
CA PRO Q 436 -59.39 -0.20 18.99
C PRO Q 436 -60.29 1.00 18.75
N SER Q 437 -60.30 1.50 17.52
CA SER Q 437 -61.15 2.62 17.16
C SER Q 437 -62.13 2.23 16.05
N ASN Q 438 -63.41 2.44 16.29
CA ASN Q 438 -64.40 2.12 15.27
C ASN Q 438 -64.70 3.36 14.42
N LEU Q 439 -63.94 4.43 14.63
CA LEU Q 439 -64.11 5.67 13.85
C LEU Q 439 -62.92 5.92 12.92
N ASN Q 440 -61.72 5.66 13.44
CA ASN Q 440 -60.49 5.88 12.66
C ASN Q 440 -60.25 4.64 11.82
N THR Q 441 -61.14 4.43 10.86
CA THR Q 441 -61.08 3.29 9.95
C THR Q 441 -61.67 3.76 8.64
N SER Q 442 -61.45 3.02 7.55
CA SER Q 442 -61.97 3.42 6.25
C SER Q 442 -63.49 3.65 6.18
N ALA Q 443 -64.26 2.82 6.90
CA ALA Q 443 -65.71 2.96 6.89
C ALA Q 443 -66.18 3.98 7.92
N GLY Q 444 -65.24 4.61 8.61
CA GLY Q 444 -65.58 5.61 9.61
C GLY Q 444 -65.35 6.98 9.00
N GLN Q 445 -64.72 7.87 9.76
CA GLN Q 445 -64.42 9.20 9.24
C GLN Q 445 -63.05 9.70 9.66
N HIS Q 446 -62.34 10.27 8.70
CA HIS Q 446 -61.03 10.86 8.93
C HIS Q 446 -60.96 11.96 7.88
N ILE Q 447 -59.99 12.87 8.02
CA ILE Q 447 -59.78 13.92 7.03
C ILE Q 447 -58.27 13.97 6.81
N PRO Q 448 -57.83 14.46 5.64
CA PRO Q 448 -56.39 14.53 5.37
C PRO Q 448 -55.74 15.68 6.14
N ARG Q 449 -54.61 15.41 6.77
CA ARG Q 449 -53.91 16.45 7.50
C ARG Q 449 -53.61 17.65 6.58
N LEU Q 450 -53.29 17.37 5.32
CA LEU Q 450 -52.97 18.42 4.35
C LEU Q 450 -54.15 19.30 3.98
N LYS Q 451 -55.36 18.85 4.26
CA LYS Q 451 -56.54 19.63 3.90
C LYS Q 451 -57.45 19.95 5.08
N ILE Q 452 -56.88 19.98 6.28
CA ILE Q 452 -57.65 20.31 7.47
C ILE Q 452 -58.31 21.69 7.29
N PRO Q 453 -57.55 22.68 6.78
CA PRO Q 453 -58.11 24.02 6.58
C PRO Q 453 -59.33 24.06 5.68
N GLU Q 454 -59.30 23.30 4.59
CA GLU Q 454 -60.43 23.26 3.66
C GLU Q 454 -61.65 22.60 4.28
N CYS Q 455 -61.42 21.55 5.07
CA CYS Q 455 -62.53 20.86 5.71
C CYS Q 455 -63.20 21.76 6.74
N ILE Q 456 -62.40 22.46 7.54
CA ILE Q 456 -62.95 23.35 8.55
C ILE Q 456 -63.62 24.58 7.95
N MET Q 457 -62.93 25.25 7.04
CA MET Q 457 -63.46 26.46 6.43
C MET Q 457 -64.45 26.22 5.30
N GLY Q 458 -64.31 25.09 4.61
CA GLY Q 458 -65.20 24.79 3.50
C GLY Q 458 -66.36 23.88 3.87
N GLY Q 459 -66.15 23.06 4.89
CA GLY Q 459 -67.20 22.14 5.32
C GLY Q 459 -67.35 20.91 4.45
N LYS Q 460 -66.46 20.74 3.49
CA LYS Q 460 -66.54 19.58 2.60
C LYS Q 460 -65.25 19.33 1.83
N PHE Q 461 -64.99 18.07 1.52
CA PHE Q 461 -63.80 17.72 0.74
C PHE Q 461 -63.90 16.27 0.27
N GLN Q 462 -63.15 15.96 -0.78
CA GLN Q 462 -63.16 14.61 -1.34
C GLN Q 462 -61.73 14.33 -1.78
N TRP Q 463 -61.24 13.12 -1.48
CA TRP Q 463 -59.86 12.79 -1.81
C TRP Q 463 -59.64 11.30 -2.00
N SER Q 464 -58.40 10.93 -2.27
CA SER Q 464 -58.02 9.53 -2.48
C SER Q 464 -57.14 9.02 -1.37
N GLY Q 465 -57.44 7.82 -0.87
CA GLY Q 465 -56.64 7.19 0.17
C GLY Q 465 -56.78 7.67 1.60
N LYS Q 466 -56.42 6.80 2.54
CA LYS Q 466 -56.47 7.14 3.96
C LYS Q 466 -55.10 7.05 4.61
N GLY Q 467 -54.55 8.20 4.98
CA GLY Q 467 -53.25 8.24 5.63
C GLY Q 467 -52.17 7.44 4.90
N PHE Q 468 -51.47 6.58 5.65
CA PHE Q 468 -50.44 5.72 5.08
C PHE Q 468 -51.18 4.52 4.51
N ALA Q 469 -51.29 4.41 3.19
CA ALA Q 469 -52.01 3.28 2.60
C ALA Q 469 -51.06 2.15 2.24
N GLY Q 470 -50.46 1.52 3.25
CA GLY Q 470 -49.51 0.46 2.97
C GLY Q 470 -49.99 -0.98 2.92
N GLY Q 471 -51.30 -1.20 3.07
CA GLY Q 471 -51.82 -2.56 3.03
C GLY Q 471 -51.65 -3.25 1.68
N ASP Q 472 -51.89 -2.50 0.62
CA ASP Q 472 -51.76 -3.03 -0.74
C ASP Q 472 -51.58 -1.85 -1.69
N ILE Q 473 -51.07 -2.14 -2.89
CA ILE Q 473 -50.82 -1.12 -3.90
C ILE Q 473 -52.02 -0.21 -4.19
N SER Q 474 -53.20 -0.79 -4.33
CA SER Q 474 -54.39 0.00 -4.67
C SER Q 474 -55.20 0.62 -3.53
N HIS Q 475 -54.79 0.41 -2.29
CA HIS Q 475 -55.55 1.01 -1.18
C HIS Q 475 -55.60 2.53 -1.25
N GLN Q 476 -54.51 3.14 -1.72
CA GLN Q 476 -54.43 4.59 -1.83
C GLN Q 476 -55.39 5.14 -2.87
N LEU Q 477 -55.93 4.26 -3.70
CA LEU Q 477 -56.85 4.66 -4.76
C LEU Q 477 -58.30 4.74 -4.30
N HIS Q 478 -58.58 4.24 -3.10
CA HIS Q 478 -59.95 4.26 -2.58
C HIS Q 478 -60.40 5.70 -2.39
N GLN Q 479 -61.68 5.97 -2.71
CA GLN Q 479 -62.22 7.32 -2.60
C GLN Q 479 -62.92 7.63 -1.29
N TYR Q 480 -62.59 8.79 -0.71
CA TYR Q 480 -63.16 9.22 0.56
C TYR Q 480 -63.77 10.62 0.46
N GLU Q 481 -64.66 10.93 1.39
CA GLU Q 481 -65.32 12.22 1.41
C GLU Q 481 -65.51 12.73 2.84
N TYR Q 482 -65.67 14.04 2.97
CA TYR Q 482 -65.91 14.68 4.27
C TYR Q 482 -67.03 15.70 4.09
N PRO Q 483 -68.05 15.67 4.98
CA PRO Q 483 -68.13 14.70 6.08
C PRO Q 483 -68.39 13.31 5.51
N ALA Q 484 -67.96 12.28 6.24
CA ALA Q 484 -68.18 10.92 5.79
C ALA Q 484 -69.67 10.63 5.94
N PRO Q 485 -70.23 9.77 5.08
CA PRO Q 485 -71.65 9.44 5.15
C PRO Q 485 -72.16 9.14 6.56
N GLY Q 486 -73.17 9.90 6.98
CA GLY Q 486 -73.74 9.70 8.30
C GLY Q 486 -73.02 10.33 9.47
N TYR Q 487 -71.78 10.75 9.26
CA TYR Q 487 -71.01 11.36 10.34
C TYR Q 487 -71.16 12.88 10.37
N SER Q 488 -70.69 13.48 11.46
CA SER Q 488 -70.81 14.92 11.64
C SER Q 488 -69.58 15.73 11.27
N LYS Q 489 -69.80 16.99 10.91
CA LYS Q 489 -68.72 17.90 10.58
C LYS Q 489 -68.02 18.22 11.91
N ILE Q 490 -66.80 18.72 11.82
CA ILE Q 490 -66.01 19.05 13.01
C ILE Q 490 -66.51 20.26 13.81
N LYS Q 491 -66.58 20.10 15.12
CA LYS Q 491 -67.04 21.16 16.02
C LYS Q 491 -65.94 21.52 17.02
N MET Q 492 -65.06 20.56 17.28
CA MET Q 492 -63.98 20.74 18.25
C MET Q 492 -62.65 20.23 17.68
N PHE Q 493 -61.55 20.85 18.07
CA PHE Q 493 -60.24 20.46 17.59
C PHE Q 493 -59.27 20.27 18.76
N TRP Q 494 -58.84 19.03 18.98
CA TRP Q 494 -57.90 18.72 20.05
C TRP Q 494 -56.52 18.55 19.42
N LYS Q 495 -55.71 19.58 19.49
CA LYS Q 495 -54.37 19.52 18.91
C LYS Q 495 -53.33 19.00 19.89
N TYR Q 496 -52.43 18.19 19.35
CA TYR Q 496 -51.33 17.59 20.10
C TYR Q 496 -50.13 18.17 19.37
N GLY Q 497 -49.51 19.19 19.97
CA GLY Q 497 -48.41 19.87 19.33
C GLY Q 497 -49.03 20.92 18.43
N GLY Q 498 -48.22 21.75 17.78
CA GLY Q 498 -48.74 22.76 16.87
C GLY Q 498 -47.65 23.23 15.91
N PRO Q 499 -47.13 22.33 15.06
CA PRO Q 499 -46.05 22.64 14.11
C PRO Q 499 -46.47 22.93 12.67
N HIS Q 500 -47.75 22.82 12.37
CA HIS Q 500 -48.21 22.96 11.00
C HIS Q 500 -47.90 24.23 10.20
N LEU Q 501 -47.77 25.37 10.87
CA LEU Q 501 -47.46 26.59 10.15
C LEU Q 501 -46.07 26.47 9.52
N GLY Q 502 -45.22 25.65 10.13
CA GLY Q 502 -43.88 25.48 9.60
C GLY Q 502 -43.64 24.18 8.85
N THR Q 503 -44.57 23.24 8.93
CA THR Q 503 -44.36 21.95 8.28
C THR Q 503 -45.29 21.50 7.16
N MET Q 504 -46.44 22.15 6.99
CA MET Q 504 -47.34 21.74 5.92
C MET Q 504 -47.16 22.56 4.64
N THR Q 505 -48.23 22.79 3.90
CA THR Q 505 -48.13 23.54 2.65
C THR Q 505 -48.95 24.84 2.64
N ALA Q 506 -48.45 25.86 1.94
CA ALA Q 506 -49.12 27.17 1.85
C ALA Q 506 -49.83 27.41 3.18
N THR Q 507 -49.04 27.33 4.25
CA THR Q 507 -49.54 27.39 5.61
C THR Q 507 -50.32 28.57 6.18
N ASN Q 508 -50.39 29.70 5.49
CA ASN Q 508 -51.18 30.80 6.04
C ASN Q 508 -52.62 30.30 6.23
N ARG Q 509 -53.00 29.31 5.43
CA ARG Q 509 -54.36 28.75 5.52
C ARG Q 509 -54.59 28.07 6.87
N TYR Q 510 -53.54 27.52 7.47
CA TYR Q 510 -53.70 26.88 8.77
C TYR Q 510 -53.94 27.95 9.85
N ALA Q 511 -53.41 29.14 9.66
CA ALA Q 511 -53.61 30.22 10.62
C ALA Q 511 -55.04 30.75 10.49
N LYS Q 512 -55.50 30.89 9.25
CA LYS Q 512 -56.84 31.39 8.97
C LYS Q 512 -57.97 30.51 9.49
N MET Q 513 -57.79 29.19 9.46
CA MET Q 513 -58.84 28.28 9.90
C MET Q 513 -59.24 28.38 11.36
N TYR Q 514 -58.34 28.81 12.22
CA TYR Q 514 -58.66 28.89 13.65
C TYR Q 514 -59.74 29.89 14.03
N THR Q 515 -59.91 30.93 13.22
CA THR Q 515 -60.91 31.94 13.53
C THR Q 515 -62.28 31.67 12.88
N HIS Q 516 -62.43 30.53 12.21
CA HIS Q 516 -63.70 30.18 11.58
C HIS Q 516 -64.74 29.91 12.66
N ASP Q 517 -65.95 30.43 12.49
CA ASP Q 517 -67.00 30.26 13.49
C ASP Q 517 -67.53 28.84 13.69
N SER Q 518 -67.17 27.93 12.78
CA SER Q 518 -67.63 26.55 12.91
C SER Q 518 -66.86 25.84 14.02
N LEU Q 519 -65.68 26.36 14.34
CA LEU Q 519 -64.84 25.78 15.39
C LEU Q 519 -65.25 26.32 16.75
N GLU Q 520 -66.06 25.55 17.47
CA GLU Q 520 -66.55 25.95 18.78
C GLU Q 520 -65.53 25.86 19.91
N PHE Q 521 -64.55 25.00 19.75
CA PHE Q 521 -63.56 24.81 20.81
C PHE Q 521 -62.25 24.23 20.27
N VAL Q 522 -61.13 24.72 20.80
CA VAL Q 522 -59.81 24.28 20.40
C VAL Q 522 -58.93 24.05 21.62
N VAL Q 523 -58.41 22.84 21.75
CA VAL Q 523 -57.54 22.49 22.86
C VAL Q 523 -56.16 22.17 22.28
N SER Q 524 -55.12 22.59 22.97
CA SER Q 524 -53.76 22.31 22.52
C SER Q 524 -53.01 21.65 23.66
N GLN Q 525 -52.62 20.40 23.45
CA GLN Q 525 -51.86 19.64 24.45
C GLN Q 525 -50.44 19.64 23.91
N SER Q 526 -49.61 20.53 24.44
CA SER Q 526 -48.24 20.68 23.95
C SER Q 526 -47.19 20.91 25.02
N ILE Q 527 -45.94 20.95 24.60
CA ILE Q 527 -44.83 21.17 25.53
C ILE Q 527 -44.34 22.62 25.50
N TRP Q 528 -44.17 23.19 24.31
CA TRP Q 528 -43.70 24.57 24.19
C TRP Q 528 -44.75 25.51 23.59
N PHE Q 529 -44.73 26.76 24.04
CA PHE Q 529 -45.66 27.79 23.57
C PHE Q 529 -45.09 28.36 22.27
N GLU Q 530 -45.45 27.75 21.15
CA GLU Q 530 -44.94 28.18 19.85
C GLU Q 530 -45.86 27.73 18.73
N GLY Q 531 -45.50 28.10 17.51
CA GLY Q 531 -46.28 27.72 16.34
C GLY Q 531 -47.77 27.99 16.44
N GLU Q 532 -48.56 26.92 16.38
CA GLU Q 532 -50.02 27.00 16.44
C GLU Q 532 -50.61 27.11 17.83
N VAL Q 533 -49.81 26.84 18.86
CA VAL Q 533 -50.31 26.87 20.23
C VAL Q 533 -51.08 28.13 20.64
N PRO Q 534 -50.59 29.32 20.25
CA PRO Q 534 -51.27 30.58 20.60
C PRO Q 534 -52.63 30.83 19.93
N PHE Q 535 -53.20 29.81 19.28
CA PHE Q 535 -54.51 29.98 18.67
C PHE Q 535 -55.58 29.22 19.46
N ALA Q 536 -55.12 28.43 20.44
CA ALA Q 536 -56.02 27.61 21.23
C ALA Q 536 -56.83 28.33 22.31
N ASP Q 537 -57.92 27.70 22.73
CA ASP Q 537 -58.79 28.25 23.77
C ASP Q 537 -58.30 27.78 25.13
N ILE Q 538 -57.81 26.55 25.17
CA ILE Q 538 -57.28 25.94 26.39
C ILE Q 538 -55.95 25.27 26.06
N ILE Q 539 -54.92 25.51 26.88
CA ILE Q 539 -53.61 24.93 26.64
C ILE Q 539 -53.19 24.04 27.82
N LEU Q 540 -52.82 22.80 27.52
CA LEU Q 540 -52.41 21.84 28.54
C LEU Q 540 -50.92 21.53 28.38
N PRO Q 541 -50.12 21.74 29.44
CA PRO Q 541 -48.68 21.50 29.42
C PRO Q 541 -48.22 20.05 29.57
N ALA Q 542 -47.62 19.51 28.51
CA ALA Q 542 -47.09 18.15 28.54
C ALA Q 542 -45.59 18.29 28.82
N CYS Q 543 -44.94 17.21 29.26
CA CYS Q 543 -43.51 17.26 29.56
C CYS Q 543 -42.69 16.47 28.54
N THR Q 544 -41.36 16.62 28.60
CA THR Q 544 -40.47 15.91 27.70
C THR Q 544 -40.25 14.49 28.22
N ASN Q 545 -39.58 13.66 27.43
CA ASN Q 545 -39.32 12.28 27.84
C ASN Q 545 -38.28 12.18 28.95
N PHE Q 546 -37.66 13.30 29.29
CA PHE Q 546 -36.67 13.28 30.38
C PHE Q 546 -37.34 13.45 31.73
N GLU Q 547 -38.65 13.71 31.71
CA GLU Q 547 -39.41 13.93 32.93
C GLU Q 547 -40.46 12.82 33.18
N ARG Q 548 -40.28 11.69 32.51
CA ARG Q 548 -41.19 10.55 32.66
C ARG Q 548 -40.48 9.24 32.35
N TRP Q 549 -41.07 8.12 32.76
CA TRP Q 549 -40.47 6.81 32.52
C TRP Q 549 -40.92 6.21 31.18
N ASP Q 550 -39.99 5.61 30.45
CA ASP Q 550 -40.33 4.98 29.18
C ASP Q 550 -39.23 3.99 28.81
N ILE Q 551 -39.37 3.35 27.65
CA ILE Q 551 -38.40 2.39 27.17
C ILE Q 551 -38.37 2.46 25.65
N SER Q 552 -37.21 2.21 25.05
CA SER Q 552 -37.07 2.29 23.59
C SER Q 552 -35.77 1.69 23.08
N GLU Q 553 -35.65 1.62 21.75
CA GLU Q 553 -34.45 1.12 21.11
C GLU Q 553 -33.94 2.20 20.16
N PHE Q 554 -32.62 2.34 20.10
CA PHE Q 554 -31.96 3.33 19.25
C PHE Q 554 -32.52 3.28 17.82
N ALA Q 555 -33.13 4.38 17.39
CA ALA Q 555 -33.69 4.54 16.04
C ALA Q 555 -34.71 3.49 15.60
N ASN Q 556 -35.31 2.77 16.53
CA ASN Q 556 -36.27 1.73 16.16
C ASN Q 556 -37.70 2.22 15.96
N CYS Q 557 -38.10 2.38 14.70
CA CYS Q 557 -39.45 2.80 14.35
C CYS Q 557 -40.26 1.55 13.98
N SER Q 558 -39.70 0.75 13.09
CA SER Q 558 -40.35 -0.48 12.64
C SER Q 558 -41.63 -0.14 11.89
N GLY Q 559 -42.59 -1.08 11.85
CA GLY Q 559 -43.83 -0.81 11.15
C GLY Q 559 -43.61 -0.61 9.67
N TYR Q 560 -43.83 0.61 9.17
CA TYR Q 560 -43.62 0.92 7.76
C TYR Q 560 -42.15 1.05 7.38
N ILE Q 561 -41.26 0.78 8.34
CA ILE Q 561 -39.83 0.77 8.10
C ILE Q 561 -39.33 -0.40 8.93
N PRO Q 562 -39.66 -1.64 8.52
CA PRO Q 562 -39.26 -2.84 9.24
C PRO Q 562 -37.76 -2.92 9.52
N ASP Q 563 -37.43 -3.27 10.76
CA ASP Q 563 -36.05 -3.42 11.20
C ASP Q 563 -35.14 -2.25 10.85
N ASN Q 564 -35.64 -1.02 10.99
CA ASN Q 564 -34.81 0.12 10.65
C ASN Q 564 -33.73 0.41 11.68
N TYR Q 565 -33.65 -0.40 12.74
CA TYR Q 565 -32.60 -0.20 13.73
C TYR Q 565 -31.26 -0.49 13.05
N GLN Q 566 -31.31 -1.08 11.85
CA GLN Q 566 -30.10 -1.39 11.10
C GLN Q 566 -29.41 -0.11 10.63
N LEU Q 567 -29.97 1.03 11.04
CA LEU Q 567 -29.40 2.33 10.72
C LEU Q 567 -28.23 2.58 11.67
N CYS Q 568 -28.23 1.84 12.79
CA CYS Q 568 -27.21 2.00 13.83
C CYS Q 568 -26.11 0.94 13.81
N ASN Q 569 -24.98 1.26 14.43
CA ASN Q 569 -23.87 0.33 14.49
C ASN Q 569 -24.13 -0.79 15.49
N HIS Q 570 -25.04 -0.54 16.43
CA HIS Q 570 -25.40 -1.53 17.43
C HIS Q 570 -26.86 -1.35 17.78
N ARG Q 571 -27.50 -2.43 18.19
CA ARG Q 571 -28.88 -2.34 18.62
C ARG Q 571 -28.75 -2.01 20.11
N VAL Q 572 -29.24 -0.84 20.49
CA VAL Q 572 -29.15 -0.43 21.89
C VAL Q 572 -30.56 -0.23 22.44
N ILE Q 573 -30.91 -1.05 23.43
CA ILE Q 573 -32.22 -0.94 24.06
C ILE Q 573 -32.00 -0.23 25.38
N SER Q 574 -32.71 0.87 25.59
CA SER Q 574 -32.51 1.58 26.84
C SER Q 574 -33.74 1.99 27.61
N LEU Q 575 -33.55 2.09 28.91
CA LEU Q 575 -34.59 2.50 29.82
C LEU Q 575 -34.52 4.02 29.80
N GLN Q 576 -35.65 4.68 29.59
CA GLN Q 576 -35.65 6.12 29.61
C GLN Q 576 -36.08 6.47 31.03
N ALA Q 577 -35.10 6.76 31.87
CA ALA Q 577 -35.36 7.08 33.26
C ALA Q 577 -35.91 8.47 33.45
N LYS Q 578 -36.82 8.60 34.40
CA LYS Q 578 -37.38 9.91 34.71
C LYS Q 578 -36.21 10.59 35.41
N CYS Q 579 -35.44 11.36 34.65
CA CYS Q 579 -34.27 12.05 35.18
C CYS Q 579 -34.60 13.18 36.16
N ILE Q 580 -35.67 13.92 35.88
CA ILE Q 580 -36.07 15.02 36.75
C ILE Q 580 -37.60 15.05 36.86
N GLU Q 581 -38.10 15.86 37.80
CA GLU Q 581 -39.54 16.00 37.97
C GLU Q 581 -40.02 16.93 36.86
N PRO Q 582 -41.27 16.78 36.42
CA PRO Q 582 -41.81 17.63 35.35
C PRO Q 582 -41.57 19.11 35.62
N VAL Q 583 -41.15 19.83 34.58
CA VAL Q 583 -40.88 21.25 34.70
C VAL Q 583 -42.18 22.03 34.86
N GLY Q 584 -42.20 22.98 35.80
CA GLY Q 584 -43.39 23.77 36.03
C GLY Q 584 -44.54 22.87 36.45
N GLU Q 585 -45.73 23.12 35.91
CA GLU Q 585 -46.89 22.31 36.23
C GLU Q 585 -47.23 21.34 35.10
N SER Q 586 -46.22 20.97 34.31
CA SER Q 586 -46.47 20.05 33.21
C SER Q 586 -46.57 18.64 33.74
N MET Q 587 -47.10 17.74 32.90
CA MET Q 587 -47.21 16.33 33.26
C MET Q 587 -47.20 15.50 31.99
N SER Q 588 -46.84 14.23 32.13
CA SER Q 588 -46.77 13.34 30.98
C SER Q 588 -48.12 13.22 30.30
N ASP Q 589 -48.10 13.04 28.98
CA ASP Q 589 -49.33 12.89 28.23
C ASP Q 589 -50.14 11.74 28.82
N TYR Q 590 -49.45 10.70 29.28
CA TYR Q 590 -50.14 9.57 29.87
C TYR Q 590 -50.92 9.97 31.12
N GLU Q 591 -50.30 10.80 31.98
CA GLU Q 591 -50.98 11.24 33.19
C GLU Q 591 -52.09 12.24 32.88
N ILE Q 592 -51.95 12.97 31.78
CA ILE Q 592 -52.98 13.92 31.38
C ILE Q 592 -54.20 13.10 30.98
N TYR Q 593 -53.96 12.06 30.19
CA TYR Q 593 -55.04 11.19 29.72
C TYR Q 593 -55.65 10.40 30.87
N ARG Q 594 -54.83 10.03 31.86
CA ARG Q 594 -55.35 9.28 32.97
C ARG Q 594 -56.30 10.18 33.78
N LEU Q 595 -55.97 11.48 33.84
CA LEU Q 595 -56.81 12.44 34.56
C LEU Q 595 -58.14 12.60 33.82
N PHE Q 596 -58.07 12.76 32.49
CA PHE Q 596 -59.28 12.90 31.70
C PHE Q 596 -60.11 11.62 31.80
N ALA Q 597 -59.43 10.47 31.74
CA ALA Q 597 -60.11 9.19 31.81
C ALA Q 597 -60.93 9.09 33.09
N LYS Q 598 -60.41 9.66 34.17
CA LYS Q 598 -61.10 9.64 35.45
C LYS Q 598 -62.38 10.48 35.37
N LYS Q 599 -62.27 11.67 34.80
CA LYS Q 599 -63.42 12.55 34.69
C LYS Q 599 -64.42 12.10 33.61
N LEU Q 600 -63.98 11.21 32.73
CA LEU Q 600 -64.84 10.69 31.67
C LEU Q 600 -65.37 9.32 32.08
N ASN Q 601 -65.05 8.92 33.31
CA ASN Q 601 -65.51 7.65 33.88
C ASN Q 601 -64.99 6.40 33.17
N ILE Q 602 -63.78 6.47 32.62
CA ILE Q 602 -63.21 5.32 31.93
C ILE Q 602 -61.78 5.05 32.37
N GLU Q 603 -61.43 5.50 33.58
CA GLU Q 603 -60.08 5.30 34.10
C GLU Q 603 -59.65 3.85 34.14
N GLU Q 604 -60.51 2.99 34.70
CA GLU Q 604 -60.22 1.58 34.81
C GLU Q 604 -59.85 0.94 33.46
N MET Q 605 -60.66 1.24 32.44
CA MET Q 605 -60.44 0.70 31.10
C MET Q 605 -59.18 1.24 30.44
N PHE Q 606 -58.91 2.53 30.61
CA PHE Q 606 -57.73 3.14 30.02
C PHE Q 606 -56.41 2.76 30.68
N SER Q 607 -56.32 2.95 32.00
CA SER Q 607 -55.09 2.66 32.72
C SER Q 607 -54.87 1.22 33.20
N GLU Q 608 -55.97 0.47 33.35
CA GLU Q 608 -55.89 -0.89 33.85
C GLU Q 608 -55.13 -0.86 35.18
N GLY Q 609 -55.23 0.27 35.89
CA GLY Q 609 -54.57 0.43 37.18
C GLY Q 609 -53.05 0.55 37.12
N LYS Q 610 -52.52 0.85 35.94
CA LYS Q 610 -51.08 0.95 35.76
C LYS Q 610 -50.56 2.36 35.53
N ASP Q 611 -49.36 2.63 36.03
CA ASP Q 611 -48.73 3.92 35.79
C ASP Q 611 -47.78 3.62 34.63
N GLU Q 612 -47.09 4.62 34.11
CA GLU Q 612 -46.20 4.41 32.99
C GLU Q 612 -45.14 3.34 33.21
N LEU Q 613 -44.62 3.26 34.44
CA LEU Q 613 -43.59 2.29 34.75
C LEU Q 613 -44.13 0.86 34.73
N ALA Q 614 -45.37 0.69 35.17
CA ALA Q 614 -45.99 -0.62 35.17
C ALA Q 614 -46.18 -1.07 33.71
N TRP Q 615 -46.59 -0.14 32.85
CA TRP Q 615 -46.78 -0.46 31.43
C TRP Q 615 -45.43 -0.82 30.81
N CYS Q 616 -44.38 -0.12 31.20
CA CYS Q 616 -43.05 -0.39 30.66
C CYS Q 616 -42.60 -1.80 30.98
N GLU Q 617 -42.90 -2.28 32.18
CA GLU Q 617 -42.51 -3.63 32.57
C GLU Q 617 -43.29 -4.65 31.76
N GLN Q 618 -44.58 -4.42 31.59
CA GLN Q 618 -45.42 -5.32 30.80
C GLN Q 618 -44.89 -5.33 29.37
N TYR Q 619 -44.53 -4.14 28.89
CA TYR Q 619 -44.00 -3.96 27.54
C TYR Q 619 -42.71 -4.78 27.40
N PHE Q 620 -41.81 -4.61 28.36
CA PHE Q 620 -40.54 -5.31 28.38
C PHE Q 620 -40.73 -6.83 28.24
N ASN Q 621 -41.66 -7.39 29.01
CA ASN Q 621 -41.92 -8.82 28.98
C ASN Q 621 -42.53 -9.36 27.69
N ALA Q 622 -43.03 -8.47 26.84
CA ALA Q 622 -43.62 -8.89 25.58
C ALA Q 622 -42.58 -8.93 24.47
N THR Q 623 -41.36 -8.50 24.80
CA THR Q 623 -40.27 -8.47 23.83
C THR Q 623 -39.36 -9.69 24.07
N ASP Q 624 -38.24 -9.75 23.35
CA ASP Q 624 -37.30 -10.85 23.52
C ASP Q 624 -36.29 -10.56 24.63
N MET Q 625 -36.35 -9.37 25.22
CA MET Q 625 -35.41 -9.01 26.29
C MET Q 625 -35.28 -10.05 27.40
N PRO Q 626 -36.41 -10.61 27.87
CA PRO Q 626 -36.35 -11.61 28.94
C PRO Q 626 -35.39 -12.78 28.69
N LYS Q 627 -34.99 -12.96 27.43
CA LYS Q 627 -34.08 -14.03 27.09
C LYS Q 627 -32.68 -13.72 27.60
N TYR Q 628 -32.40 -12.44 27.82
CA TYR Q 628 -31.08 -12.02 28.30
C TYR Q 628 -31.09 -11.48 29.72
N MET Q 629 -32.19 -10.85 30.12
CA MET Q 629 -32.25 -10.32 31.48
C MET Q 629 -33.66 -10.01 31.95
N THR Q 630 -33.83 -10.04 33.26
CA THR Q 630 -35.13 -9.75 33.86
C THR Q 630 -35.35 -8.26 33.86
N TRP Q 631 -36.58 -7.83 34.12
CA TRP Q 631 -36.92 -6.42 34.15
C TRP Q 631 -36.11 -5.68 35.22
N ASP Q 632 -35.98 -6.28 36.39
CA ASP Q 632 -35.23 -5.67 37.48
C ASP Q 632 -33.78 -5.42 37.09
N GLU Q 633 -33.16 -6.42 36.47
CA GLU Q 633 -31.76 -6.30 36.05
C GLU Q 633 -31.62 -5.23 34.97
N PHE Q 634 -32.55 -5.21 34.03
CA PHE Q 634 -32.50 -4.22 32.95
C PHE Q 634 -32.69 -2.83 33.54
N PHE Q 635 -33.68 -2.69 34.40
CA PHE Q 635 -33.96 -1.41 35.04
C PHE Q 635 -32.71 -0.89 35.73
N LYS Q 636 -32.03 -1.79 36.45
CA LYS Q 636 -30.82 -1.44 37.17
C LYS Q 636 -29.68 -1.07 36.23
N LYS Q 637 -29.52 -1.81 35.13
CA LYS Q 637 -28.46 -1.51 34.17
C LYS Q 637 -28.73 -0.25 33.36
N GLY Q 638 -29.99 -0.05 32.97
CA GLY Q 638 -30.34 1.15 32.22
C GLY Q 638 -30.31 1.00 30.70
N TYR Q 639 -29.45 0.14 30.18
CA TYR Q 639 -29.37 -0.07 28.74
C TYR Q 639 -28.78 -1.44 28.43
N PHE Q 640 -29.05 -1.93 27.21
CA PHE Q 640 -28.56 -3.23 26.80
C PHE Q 640 -28.11 -3.21 25.35
N VAL Q 641 -26.93 -3.75 25.08
CA VAL Q 641 -26.40 -3.83 23.73
C VAL Q 641 -26.70 -5.25 23.25
N VAL Q 642 -27.56 -5.37 22.25
CA VAL Q 642 -27.92 -6.68 21.74
C VAL Q 642 -26.69 -7.37 21.15
N PRO Q 643 -26.45 -8.63 21.54
CA PRO Q 643 -25.30 -9.39 21.04
C PRO Q 643 -25.35 -9.55 19.53
N ASP Q 644 -24.20 -9.81 18.93
CA ASP Q 644 -24.09 -10.02 17.49
C ASP Q 644 -24.51 -11.47 17.20
N ASN Q 645 -24.93 -11.74 15.97
CA ASN Q 645 -25.33 -13.08 15.56
C ASN Q 645 -24.49 -13.43 14.32
N PRO Q 646 -23.22 -13.82 14.53
CA PRO Q 646 -22.28 -14.18 13.47
C PRO Q 646 -22.68 -15.36 12.58
N ASN Q 647 -23.66 -16.14 13.00
CA ASN Q 647 -24.06 -17.31 12.22
C ASN Q 647 -25.25 -17.19 11.28
N ARG Q 648 -26.21 -16.32 11.58
CA ARG Q 648 -27.37 -16.19 10.71
C ARG Q 648 -26.90 -15.99 9.28
N LYS Q 649 -27.67 -16.51 8.32
CA LYS Q 649 -27.27 -16.36 6.93
C LYS Q 649 -27.52 -14.93 6.48
N LYS Q 650 -26.72 -14.46 5.54
CA LYS Q 650 -26.85 -13.11 5.02
C LYS Q 650 -27.82 -13.11 3.86
N THR Q 651 -28.85 -12.27 3.95
CA THR Q 651 -29.85 -12.17 2.91
C THR Q 651 -29.90 -10.72 2.43
N VAL Q 652 -29.12 -10.43 1.38
CA VAL Q 652 -29.05 -9.09 0.83
C VAL Q 652 -30.34 -8.63 0.18
N ALA Q 653 -30.70 -7.38 0.42
CA ALA Q 653 -31.91 -6.81 -0.13
C ALA Q 653 -32.09 -7.11 -1.61
N LEU Q 654 -33.27 -7.61 -1.96
CA LEU Q 654 -33.63 -7.92 -3.34
C LEU Q 654 -32.80 -8.96 -4.10
N ARG Q 655 -31.86 -9.63 -3.46
CA ARG Q 655 -31.08 -10.63 -4.18
C ARG Q 655 -31.99 -11.77 -4.61
N TRP Q 656 -32.94 -12.13 -3.75
CA TRP Q 656 -33.87 -13.21 -4.07
C TRP Q 656 -34.62 -12.85 -5.36
N PHE Q 657 -34.99 -11.58 -5.49
CA PHE Q 657 -35.71 -11.11 -6.67
C PHE Q 657 -34.83 -11.17 -7.92
N ALA Q 658 -33.61 -10.66 -7.80
CA ALA Q 658 -32.67 -10.65 -8.92
C ALA Q 658 -32.37 -12.06 -9.41
N GLU Q 659 -32.39 -13.02 -8.50
CA GLU Q 659 -32.10 -14.41 -8.85
C GLU Q 659 -33.35 -15.25 -9.14
N GLY Q 660 -34.50 -14.60 -9.19
CA GLY Q 660 -35.75 -15.30 -9.49
C GLY Q 660 -36.14 -16.41 -8.53
N ARG Q 661 -35.87 -16.25 -7.24
CA ARG Q 661 -36.24 -17.28 -6.29
C ARG Q 661 -37.12 -16.72 -5.17
N GLU Q 662 -37.45 -17.57 -4.22
CA GLU Q 662 -38.30 -17.18 -3.10
C GLU Q 662 -37.72 -16.13 -2.17
N LYS Q 663 -38.55 -15.16 -1.80
CA LYS Q 663 -38.16 -14.10 -0.90
C LYS Q 663 -37.58 -14.76 0.35
N ASP Q 664 -36.39 -14.36 0.76
CA ASP Q 664 -35.73 -14.98 1.91
C ASP Q 664 -35.27 -14.01 3.00
N THR Q 665 -35.60 -12.74 2.86
CA THR Q 665 -35.22 -11.73 3.84
C THR Q 665 -36.23 -11.63 4.97
N PRO Q 666 -35.92 -10.84 6.01
CA PRO Q 666 -36.85 -10.68 7.13
C PRO Q 666 -37.94 -9.65 6.83
N ASP Q 667 -38.01 -9.19 5.59
CA ASP Q 667 -39.01 -8.16 5.24
C ASP Q 667 -40.44 -8.60 5.56
N TRP Q 668 -41.29 -7.61 5.81
CA TRP Q 668 -42.68 -7.85 6.16
C TRP Q 668 -43.58 -8.06 4.94
N GLY Q 669 -42.97 -8.19 3.78
CA GLY Q 669 -43.72 -8.42 2.57
C GLY Q 669 -42.81 -8.86 1.44
N PRO Q 670 -43.38 -9.17 0.26
CA PRO Q 670 -44.82 -9.08 0.04
C PRO Q 670 -45.61 -10.20 0.71
N ARG Q 671 -46.91 -9.97 0.88
CA ARG Q 671 -47.73 -11.00 1.49
C ARG Q 671 -47.88 -12.13 0.47
N LEU Q 672 -48.03 -13.35 0.98
CA LEU Q 672 -48.15 -14.54 0.14
C LEU Q 672 -49.17 -14.41 -0.98
N ASN Q 673 -50.30 -13.79 -0.70
CA ASN Q 673 -51.35 -13.64 -1.71
C ASN Q 673 -50.98 -12.66 -2.84
N ASN Q 674 -49.93 -11.87 -2.64
CA ASN Q 674 -49.50 -10.93 -3.67
C ASN Q 674 -48.31 -11.49 -4.45
N GLN Q 675 -48.10 -12.80 -4.33
CA GLN Q 675 -47.02 -13.49 -5.03
C GLN Q 675 -47.51 -14.83 -5.55
N VAL Q 676 -46.81 -15.36 -6.54
CA VAL Q 676 -47.13 -16.68 -7.07
C VAL Q 676 -45.97 -17.55 -6.57
N CYS Q 677 -46.28 -18.52 -5.72
CA CYS Q 677 -45.28 -19.42 -5.15
C CYS Q 677 -44.21 -18.63 -4.42
N ARG Q 678 -44.66 -17.56 -3.77
CA ARG Q 678 -43.84 -16.61 -3.02
C ARG Q 678 -42.57 -16.11 -3.69
N LYS Q 679 -42.69 -15.88 -4.99
CA LYS Q 679 -41.60 -15.33 -5.80
C LYS Q 679 -42.12 -14.05 -6.42
N GLY Q 680 -41.21 -13.15 -6.77
CA GLY Q 680 -41.60 -11.91 -7.41
C GLY Q 680 -42.04 -10.78 -6.49
N LEU Q 681 -42.20 -9.61 -7.09
CA LEU Q 681 -42.62 -8.42 -6.34
C LEU Q 681 -44.13 -8.46 -6.12
N GLN Q 682 -44.62 -7.56 -5.28
CA GLN Q 682 -46.04 -7.47 -4.94
C GLN Q 682 -46.94 -7.08 -6.12
N THR Q 683 -46.35 -6.53 -7.17
CA THR Q 683 -47.10 -6.14 -8.36
C THR Q 683 -47.77 -7.35 -9.00
N THR Q 684 -48.85 -7.10 -9.73
CA THR Q 684 -49.59 -8.16 -10.40
C THR Q 684 -48.69 -9.14 -11.17
N THR Q 685 -47.81 -8.59 -12.01
CA THR Q 685 -46.90 -9.42 -12.81
C THR Q 685 -45.74 -9.97 -11.98
N GLY Q 686 -45.53 -9.39 -10.81
CA GLY Q 686 -44.43 -9.81 -9.96
C GLY Q 686 -43.13 -9.18 -10.44
N LYS Q 687 -43.24 -8.29 -11.42
CA LYS Q 687 -42.07 -7.63 -11.99
C LYS Q 687 -42.15 -6.11 -11.80
N VAL Q 688 -41.06 -5.44 -12.16
CA VAL Q 688 -41.00 -3.97 -12.08
C VAL Q 688 -41.82 -3.50 -13.28
N GLU Q 689 -42.93 -2.83 -12.99
CA GLU Q 689 -43.83 -2.37 -14.04
C GLU Q 689 -43.62 -0.93 -14.52
N PHE Q 690 -42.95 -0.78 -15.66
CA PHE Q 690 -42.70 0.53 -16.23
C PHE Q 690 -44.04 1.13 -16.67
N ILE Q 691 -44.99 0.24 -16.93
CA ILE Q 691 -46.36 0.62 -17.25
C ILE Q 691 -47.09 -0.09 -16.11
N ALA Q 692 -47.45 0.68 -15.08
CA ALA Q 692 -48.13 0.14 -13.90
C ALA Q 692 -49.51 -0.40 -14.21
N THR Q 693 -49.72 -1.69 -13.90
CA THR Q 693 -51.01 -2.32 -14.15
C THR Q 693 -52.09 -1.77 -13.24
N SER Q 694 -51.72 -1.41 -12.01
CA SER Q 694 -52.67 -0.87 -11.06
C SER Q 694 -53.19 0.48 -11.58
N LEU Q 695 -52.27 1.31 -12.09
CA LEU Q 695 -52.66 2.61 -12.61
C LEU Q 695 -53.40 2.48 -13.93
N LYS Q 696 -53.07 1.45 -14.71
CA LYS Q 696 -53.75 1.27 -15.98
C LYS Q 696 -55.21 0.93 -15.66
N ASN Q 697 -55.42 0.09 -14.65
CA ASN Q 697 -56.78 -0.28 -14.22
C ASN Q 697 -57.51 0.98 -13.76
N PHE Q 698 -56.83 1.79 -12.96
CA PHE Q 698 -57.37 3.03 -12.41
C PHE Q 698 -57.82 4.00 -13.51
N GLU Q 699 -56.95 4.25 -14.49
CA GLU Q 699 -57.33 5.17 -15.56
C GLU Q 699 -58.41 4.61 -16.48
N GLU Q 700 -58.41 3.30 -16.69
CA GLU Q 700 -59.42 2.68 -17.55
C GLU Q 700 -60.77 2.63 -16.82
N GLN Q 701 -60.73 2.84 -15.52
CA GLN Q 701 -61.95 2.86 -14.71
C GLN Q 701 -62.55 4.26 -14.75
N GLY Q 702 -61.84 5.18 -15.42
CA GLY Q 702 -62.34 6.55 -15.53
C GLY Q 702 -61.62 7.60 -14.72
N TYR Q 703 -60.61 7.22 -13.96
CA TYR Q 703 -59.87 8.19 -13.15
C TYR Q 703 -58.66 8.73 -13.89
N ILE Q 704 -58.91 9.67 -14.80
CA ILE Q 704 -57.88 10.28 -15.62
C ILE Q 704 -57.02 11.26 -14.82
N ASP Q 705 -55.70 11.09 -14.88
CA ASP Q 705 -54.79 11.94 -14.14
C ASP Q 705 -53.48 12.14 -14.93
N GLU Q 706 -53.43 13.24 -15.66
CA GLU Q 706 -52.29 13.58 -16.49
C GLU Q 706 -50.95 13.60 -15.76
N HIS Q 707 -50.95 13.99 -14.50
CA HIS Q 707 -49.70 14.07 -13.75
C HIS Q 707 -49.30 12.78 -13.02
N ARG Q 708 -50.00 11.70 -13.33
CA ARG Q 708 -49.67 10.39 -12.78
C ARG Q 708 -50.03 9.34 -13.83
N PRO Q 709 -49.33 9.36 -14.97
CA PRO Q 709 -49.58 8.40 -16.05
C PRO Q 709 -49.20 6.99 -15.64
N SER Q 710 -49.86 5.99 -16.24
CA SER Q 710 -49.56 4.60 -15.92
C SER Q 710 -48.12 4.30 -16.30
N MET Q 711 -47.64 4.89 -17.39
CA MET Q 711 -46.26 4.67 -17.80
C MET Q 711 -45.35 5.79 -17.30
N HIS Q 712 -44.20 5.40 -16.76
CA HIS Q 712 -43.22 6.36 -16.25
C HIS Q 712 -42.74 7.18 -17.45
N THR Q 713 -43.06 8.47 -17.45
CA THR Q 713 -42.69 9.36 -18.55
C THR Q 713 -42.22 10.71 -18.02
N TYR Q 714 -41.68 11.55 -18.90
CA TYR Q 714 -41.23 12.86 -18.44
C TYR Q 714 -42.38 13.85 -18.34
N VAL Q 715 -43.03 13.86 -17.19
CA VAL Q 715 -44.13 14.78 -16.94
C VAL Q 715 -43.48 16.04 -16.36
N PRO Q 716 -43.56 17.17 -17.07
CA PRO Q 716 -42.95 18.42 -16.57
C PRO Q 716 -43.52 18.79 -15.20
N ALA Q 717 -42.66 19.09 -14.24
CA ALA Q 717 -43.11 19.46 -12.90
C ALA Q 717 -44.04 20.66 -13.02
N TRP Q 718 -45.24 20.60 -12.42
CA TRP Q 718 -46.16 21.72 -12.54
C TRP Q 718 -45.70 22.99 -11.83
N GLU Q 719 -44.70 22.88 -10.95
CA GLU Q 719 -44.16 24.09 -10.31
C GLU Q 719 -42.65 24.10 -10.52
N SER Q 720 -42.23 24.41 -11.74
CA SER Q 720 -40.83 24.46 -12.10
C SER Q 720 -40.59 25.77 -12.83
N GLN Q 721 -39.33 26.14 -13.00
CA GLN Q 721 -39.02 27.40 -13.66
C GLN Q 721 -39.39 27.52 -15.14
N LYS Q 722 -39.32 26.43 -15.89
CA LYS Q 722 -39.66 26.56 -17.31
C LYS Q 722 -41.03 26.03 -17.70
N HIS Q 723 -41.76 25.46 -16.75
CA HIS Q 723 -43.07 24.90 -17.07
C HIS Q 723 -44.24 25.52 -16.32
N SER Q 724 -43.97 26.55 -15.53
CA SER Q 724 -45.04 27.21 -14.78
C SER Q 724 -45.19 28.69 -15.10
N PRO Q 725 -46.42 29.14 -15.36
CA PRO Q 725 -46.67 30.56 -15.68
C PRO Q 725 -46.20 31.45 -14.53
N LEU Q 726 -46.19 30.88 -13.32
CA LEU Q 726 -45.75 31.62 -12.13
C LEU Q 726 -44.27 32.03 -12.20
N ALA Q 727 -43.51 31.38 -13.07
CA ALA Q 727 -42.09 31.68 -13.20
C ALA Q 727 -41.81 33.10 -13.64
N VAL Q 728 -42.76 33.70 -14.36
CA VAL Q 728 -42.60 35.07 -14.83
C VAL Q 728 -42.45 36.04 -13.66
N LYS Q 729 -43.31 35.87 -12.65
CA LYS Q 729 -43.28 36.72 -11.47
C LYS Q 729 -42.29 36.22 -10.42
N TYR Q 730 -42.18 34.90 -10.30
CA TYR Q 730 -41.32 34.29 -9.29
C TYR Q 730 -40.33 33.35 -10.00
N PRO Q 731 -39.25 33.92 -10.56
CA PRO Q 731 -38.21 33.19 -11.29
C PRO Q 731 -37.28 32.28 -10.50
N LEU Q 732 -37.26 32.41 -9.18
CA LEU Q 732 -36.36 31.59 -8.36
C LEU Q 732 -36.99 30.28 -7.90
N GLY Q 733 -36.26 29.18 -8.12
CA GLY Q 733 -36.73 27.88 -7.70
C GLY Q 733 -36.24 27.57 -6.29
N MET Q 734 -37.17 27.35 -5.37
CA MET Q 734 -36.81 27.07 -4.00
C MET Q 734 -37.09 25.64 -3.55
N LEU Q 735 -36.14 25.08 -2.82
CA LEU Q 735 -36.30 23.74 -2.25
C LEU Q 735 -36.16 24.00 -0.76
N SER Q 736 -36.91 23.26 0.05
CA SER Q 736 -36.89 23.46 1.50
C SER Q 736 -36.85 22.14 2.26
N PRO Q 737 -35.68 21.47 2.27
CA PRO Q 737 -35.38 20.19 2.92
C PRO Q 737 -35.46 20.27 4.45
N HIS Q 738 -35.19 19.14 5.11
CA HIS Q 738 -35.25 19.09 6.56
C HIS Q 738 -34.10 19.84 7.22
N PRO Q 739 -34.41 20.57 8.31
CA PRO Q 739 -33.41 21.34 9.03
C PRO Q 739 -32.23 20.52 9.54
N ARG Q 740 -31.04 21.04 9.28
CA ARG Q 740 -29.78 20.43 9.68
C ARG Q 740 -29.61 20.31 11.20
N PHE Q 741 -29.89 21.40 11.93
CA PHE Q 741 -29.72 21.40 13.38
C PHE Q 741 -30.97 21.25 14.23
N SER Q 742 -32.00 20.62 13.68
CA SER Q 742 -33.24 20.42 14.43
C SER Q 742 -33.98 19.21 13.89
N MET Q 743 -34.73 18.51 14.74
CA MET Q 743 -35.53 17.38 14.27
C MET Q 743 -36.85 18.08 14.02
N HIS Q 744 -36.99 18.59 12.79
CA HIS Q 744 -38.17 19.36 12.40
C HIS Q 744 -38.31 20.52 13.38
N THR Q 745 -39.47 20.70 14.01
CA THR Q 745 -39.61 21.83 14.93
C THR Q 745 -38.96 21.62 16.30
N MET Q 746 -38.60 20.38 16.61
CA MET Q 746 -37.99 20.06 17.89
C MET Q 746 -36.50 20.35 17.93
N GLY Q 747 -36.16 21.58 18.28
CA GLY Q 747 -34.78 22.00 18.35
C GLY Q 747 -34.72 23.49 18.08
N ASP Q 748 -35.45 23.91 17.06
CA ASP Q 748 -35.49 25.31 16.68
C ASP Q 748 -36.33 26.10 17.69
N GLY Q 749 -36.15 27.42 17.72
CA GLY Q 749 -36.89 28.27 18.64
C GLY Q 749 -36.69 27.86 20.09
N LYS Q 750 -37.71 28.08 20.91
CA LYS Q 750 -37.68 27.71 22.32
C LYS Q 750 -36.50 28.31 23.08
N ASN Q 751 -35.82 29.28 22.48
CA ASN Q 751 -34.66 29.89 23.10
C ASN Q 751 -33.61 28.80 23.38
N SER Q 752 -33.57 27.80 22.51
CA SER Q 752 -32.62 26.69 22.65
C SER Q 752 -31.23 27.12 22.20
N TYR Q 753 -30.23 26.33 22.56
CA TYR Q 753 -28.85 26.64 22.19
C TYR Q 753 -28.63 26.55 20.69
N MET Q 754 -29.39 25.70 20.02
CA MET Q 754 -29.23 25.55 18.58
C MET Q 754 -29.40 26.87 17.83
N ASN Q 755 -30.10 27.82 18.43
CA ASN Q 755 -30.31 29.10 17.76
C ASN Q 755 -29.03 29.91 17.62
N TYR Q 756 -27.98 29.53 18.36
CA TYR Q 756 -26.72 30.26 18.28
C TYR Q 756 -25.77 29.67 17.24
N ILE Q 757 -26.19 28.59 16.60
CA ILE Q 757 -25.37 27.96 15.56
C ILE Q 757 -25.34 28.88 14.35
N LYS Q 758 -24.15 29.14 13.83
CA LYS Q 758 -23.96 30.05 12.70
C LYS Q 758 -24.83 29.77 11.48
N ASP Q 759 -24.96 28.50 11.11
CA ASP Q 759 -25.74 28.14 9.93
C ASP Q 759 -27.18 27.73 10.22
N HIS Q 760 -27.72 28.17 11.36
CA HIS Q 760 -29.12 27.86 11.69
C HIS Q 760 -29.96 29.14 11.64
N ARG Q 761 -29.57 30.14 12.43
CA ARG Q 761 -30.25 31.43 12.46
C ARG Q 761 -29.19 32.54 12.53
N VAL Q 762 -29.51 33.71 12.00
CA VAL Q 762 -28.58 34.84 12.00
C VAL Q 762 -29.20 36.00 12.77
N GLU Q 763 -28.52 36.44 13.84
CA GLU Q 763 -29.03 37.55 14.63
C GLU Q 763 -28.80 38.90 13.98
N VAL Q 764 -29.89 39.64 13.79
CA VAL Q 764 -29.84 40.96 13.19
C VAL Q 764 -30.66 41.90 14.06
N ASP Q 765 -29.98 42.83 14.72
CA ASP Q 765 -30.63 43.81 15.58
C ASP Q 765 -31.47 43.17 16.68
N GLY Q 766 -30.89 42.17 17.35
CA GLY Q 766 -31.58 41.51 18.44
C GLY Q 766 -32.51 40.36 18.10
N TYR Q 767 -32.79 40.14 16.83
CA TYR Q 767 -33.69 39.05 16.44
C TYR Q 767 -32.92 38.03 15.59
N LYS Q 768 -33.11 36.75 15.88
CA LYS Q 768 -32.42 35.70 15.12
C LYS Q 768 -33.29 35.26 13.96
N TYR Q 769 -32.90 35.66 12.76
CA TYR Q 769 -33.65 35.33 11.56
C TYR Q 769 -33.28 34.01 10.92
N TRP Q 770 -34.27 33.37 10.31
CA TRP Q 770 -34.10 32.09 9.62
C TRP Q 770 -33.27 32.39 8.37
N ILE Q 771 -32.51 31.41 7.92
CA ILE Q 771 -31.63 31.57 6.77
C ILE Q 771 -32.15 31.09 5.42
N MET Q 772 -31.87 31.87 4.39
CA MET Q 772 -32.18 31.49 3.03
C MET Q 772 -30.86 31.62 2.29
N ARG Q 773 -30.47 30.55 1.60
CA ARG Q 773 -29.21 30.54 0.85
C ARG Q 773 -29.48 30.96 -0.59
N VAL Q 774 -28.66 31.88 -1.08
CA VAL Q 774 -28.78 32.43 -2.41
C VAL Q 774 -27.44 32.44 -3.12
N ASN Q 775 -27.43 32.05 -4.39
CA ASN Q 775 -26.19 32.05 -5.16
C ASN Q 775 -25.75 33.50 -5.37
N SER Q 776 -24.45 33.74 -5.33
CA SER Q 776 -23.87 35.07 -5.50
C SER Q 776 -24.40 35.89 -6.67
N ILE Q 777 -24.58 35.24 -7.82
CA ILE Q 777 -25.08 35.92 -9.01
C ILE Q 777 -26.49 36.47 -8.81
N ASP Q 778 -27.36 35.67 -8.22
CA ASP Q 778 -28.73 36.10 -7.96
C ASP Q 778 -28.76 37.20 -6.91
N ALA Q 779 -27.89 37.06 -5.91
CA ALA Q 779 -27.83 38.06 -4.84
C ALA Q 779 -27.37 39.40 -5.42
N GLU Q 780 -26.30 39.37 -6.20
CA GLU Q 780 -25.76 40.58 -6.81
C GLU Q 780 -26.80 41.28 -7.66
N ALA Q 781 -27.54 40.51 -8.45
CA ALA Q 781 -28.56 41.07 -9.32
C ALA Q 781 -29.66 41.81 -8.56
N ARG Q 782 -29.78 41.53 -7.26
CA ARG Q 782 -30.80 42.17 -6.44
C ARG Q 782 -30.20 43.08 -5.36
N GLY Q 783 -28.89 43.30 -5.42
CA GLY Q 783 -28.24 44.15 -4.44
C GLY Q 783 -28.30 43.54 -3.05
N ILE Q 784 -28.36 42.22 -2.99
CA ILE Q 784 -28.43 41.52 -1.71
C ILE Q 784 -27.03 41.11 -1.25
N LYS Q 785 -26.71 41.40 0.00
CA LYS Q 785 -25.41 41.03 0.55
C LYS Q 785 -25.56 40.05 1.70
N ASN Q 786 -24.50 39.31 1.97
CA ASN Q 786 -24.50 38.32 3.04
C ASN Q 786 -24.99 38.97 4.34
N GLY Q 787 -25.99 38.37 4.97
CA GLY Q 787 -26.51 38.91 6.21
C GLY Q 787 -27.68 39.88 6.08
N ASP Q 788 -27.95 40.36 4.87
CA ASP Q 788 -29.07 41.27 4.68
C ASP Q 788 -30.39 40.59 4.99
N LEU Q 789 -31.38 41.37 5.42
CA LEU Q 789 -32.69 40.82 5.70
C LEU Q 789 -33.44 40.90 4.38
N ILE Q 790 -33.93 39.77 3.91
CA ILE Q 790 -34.66 39.74 2.65
C ILE Q 790 -36.08 39.25 2.85
N ARG Q 791 -36.90 39.52 1.85
CA ARG Q 791 -38.29 39.13 1.84
C ARG Q 791 -38.46 38.13 0.71
N ALA Q 792 -38.83 36.90 1.05
CA ALA Q 792 -39.05 35.86 0.04
C ALA Q 792 -40.57 35.83 -0.09
N TYR Q 793 -41.07 35.83 -1.32
CA TYR Q 793 -42.52 35.87 -1.50
C TYR Q 793 -43.02 35.32 -2.83
N ASN Q 794 -44.33 35.08 -2.88
CA ASN Q 794 -45.04 34.63 -4.07
C ASN Q 794 -46.51 34.94 -3.79
N ASP Q 795 -47.45 34.28 -4.47
CA ASP Q 795 -48.86 34.57 -4.21
C ASP Q 795 -49.37 34.07 -2.87
N ARG Q 796 -48.66 33.14 -2.25
CA ARG Q 796 -49.10 32.55 -0.99
C ARG Q 796 -48.73 33.32 0.28
N GLY Q 797 -47.70 34.14 0.20
CA GLY Q 797 -47.31 34.90 1.38
C GLY Q 797 -45.94 35.51 1.26
N SER Q 798 -45.44 36.02 2.37
CA SER Q 798 -44.13 36.64 2.46
C SER Q 798 -43.45 36.14 3.73
N VAL Q 799 -42.14 35.97 3.66
CA VAL Q 799 -41.36 35.52 4.80
C VAL Q 799 -40.09 36.35 4.86
N ILE Q 800 -39.75 36.86 6.04
CA ILE Q 800 -38.54 37.66 6.21
C ILE Q 800 -37.43 36.72 6.66
N LEU Q 801 -36.28 36.81 5.99
CA LEU Q 801 -35.15 35.94 6.27
C LEU Q 801 -33.80 36.64 6.16
N ALA Q 802 -32.76 35.99 6.69
CA ALA Q 802 -31.41 36.52 6.61
C ALA Q 802 -30.77 35.82 5.42
N ALA Q 803 -30.13 36.59 4.54
CA ALA Q 803 -29.51 36.01 3.36
C ALA Q 803 -28.10 35.47 3.61
N GLN Q 804 -27.82 34.33 3.01
CA GLN Q 804 -26.49 33.71 3.11
C GLN Q 804 -26.09 33.50 1.65
N VAL Q 805 -25.19 34.35 1.17
CA VAL Q 805 -24.72 34.25 -0.22
C VAL Q 805 -23.74 33.08 -0.29
N THR Q 806 -23.95 32.20 -1.26
CA THR Q 806 -23.13 31.00 -1.38
C THR Q 806 -22.90 30.58 -2.84
N GLU Q 807 -22.07 29.56 -3.03
CA GLU Q 807 -21.81 29.02 -4.36
C GLU Q 807 -22.40 27.61 -4.41
N CYS Q 808 -22.97 27.19 -3.28
CA CYS Q 808 -23.55 25.85 -3.16
C CYS Q 808 -24.92 25.65 -3.80
N LEU Q 809 -25.25 26.51 -4.76
CA LEU Q 809 -26.52 26.44 -5.48
C LEU Q 809 -26.32 26.94 -6.90
N GLN Q 810 -26.98 26.29 -7.87
CA GLN Q 810 -26.87 26.74 -9.25
C GLN Q 810 -27.61 28.08 -9.31
N PRO Q 811 -27.07 29.08 -10.03
CA PRO Q 811 -27.76 30.37 -10.11
C PRO Q 811 -29.23 30.18 -10.49
N GLY Q 812 -30.11 30.88 -9.80
CA GLY Q 812 -31.53 30.75 -10.08
C GLY Q 812 -32.23 29.87 -9.06
N THR Q 813 -31.45 29.20 -8.23
CA THR Q 813 -31.99 28.31 -7.20
C THR Q 813 -31.71 28.88 -5.80
N VAL Q 814 -32.70 28.81 -4.91
CA VAL Q 814 -32.52 29.28 -3.53
C VAL Q 814 -32.87 28.13 -2.59
N HIS Q 815 -32.33 28.18 -1.38
CA HIS Q 815 -32.53 27.12 -0.42
C HIS Q 815 -32.77 27.61 1.01
N SER Q 816 -33.79 27.04 1.65
CA SER Q 816 -34.11 27.38 3.03
C SER Q 816 -34.81 26.17 3.63
N TYR Q 817 -34.31 25.71 4.77
CA TYR Q 817 -34.88 24.54 5.43
C TYR Q 817 -36.30 24.76 5.92
N GLU Q 818 -37.09 23.69 5.96
CA GLU Q 818 -38.47 23.78 6.45
C GLU Q 818 -38.45 23.52 7.94
N SER Q 819 -39.64 23.35 8.52
CA SER Q 819 -39.80 23.05 9.93
C SER Q 819 -39.48 24.13 10.94
N CYS Q 820 -39.53 25.39 10.53
CA CYS Q 820 -39.29 26.50 11.46
C CYS Q 820 -40.34 26.34 12.57
N ALA Q 821 -39.92 26.44 13.84
CA ALA Q 821 -40.85 26.29 14.96
C ALA Q 821 -41.50 27.60 15.41
N VAL Q 822 -41.01 28.71 14.88
CA VAL Q 822 -41.51 30.01 15.26
C VAL Q 822 -42.42 30.68 14.23
N TYR Q 823 -43.63 31.02 14.65
CA TYR Q 823 -44.56 31.72 13.76
C TYR Q 823 -44.67 33.11 14.39
N ASP Q 824 -44.10 34.10 13.72
CA ASP Q 824 -44.10 35.46 14.24
C ASP Q 824 -44.55 36.46 13.18
N PRO Q 825 -45.88 36.57 12.98
CA PRO Q 825 -46.49 37.47 12.00
C PRO Q 825 -46.15 38.91 12.34
N LEU Q 826 -45.88 39.72 11.32
CA LEU Q 826 -45.56 41.12 11.52
C LEU Q 826 -46.86 41.92 11.61
N GLY Q 827 -47.93 41.30 11.10
CA GLY Q 827 -49.23 41.92 11.13
C GLY Q 827 -50.24 40.90 11.60
N THR Q 828 -51.43 40.92 10.99
CA THR Q 828 -52.49 39.99 11.34
C THR Q 828 -52.08 38.56 11.01
N ALA Q 829 -52.35 37.64 11.93
CA ALA Q 829 -52.00 36.24 11.73
C ALA Q 829 -52.61 35.71 10.43
N GLY Q 830 -51.81 34.96 9.67
CA GLY Q 830 -52.27 34.39 8.43
C GLY Q 830 -52.53 35.36 7.29
N LYS Q 831 -52.26 36.65 7.52
CA LYS Q 831 -52.50 37.65 6.49
C LYS Q 831 -51.32 38.58 6.24
N SER Q 832 -50.23 38.38 6.96
CA SER Q 832 -49.07 39.24 6.80
C SER Q 832 -47.76 38.48 6.74
N ALA Q 833 -46.68 39.20 6.44
CA ALA Q 833 -45.36 38.59 6.35
C ALA Q 833 -44.95 38.00 7.69
N ASP Q 834 -44.29 36.86 7.64
CA ASP Q 834 -43.82 36.21 8.86
C ASP Q 834 -42.31 36.40 8.99
N ARG Q 835 -41.84 36.70 10.19
CA ARG Q 835 -40.40 36.86 10.36
C ARG Q 835 -39.85 35.73 11.21
N GLY Q 836 -40.73 34.79 11.57
CA GLY Q 836 -40.28 33.65 12.35
C GLY Q 836 -39.41 32.75 11.48
N GLY Q 837 -39.79 32.63 10.21
CA GLY Q 837 -39.02 31.81 9.28
C GLY Q 837 -39.78 30.62 8.69
N CYS Q 838 -41.11 30.71 8.67
CA CYS Q 838 -41.95 29.64 8.14
C CYS Q 838 -42.01 29.61 6.62
N ILE Q 839 -40.95 29.06 6.01
CA ILE Q 839 -40.85 28.95 4.57
C ILE Q 839 -42.02 28.19 3.95
N ASN Q 840 -42.64 27.29 4.70
CA ASN Q 840 -43.77 26.54 4.18
C ASN Q 840 -45.00 27.39 3.91
N ILE Q 841 -44.88 28.69 4.18
CA ILE Q 841 -45.95 29.63 3.91
C ILE Q 841 -45.96 29.79 2.39
N LEU Q 842 -44.80 29.58 1.79
CA LEU Q 842 -44.61 29.74 0.35
C LEU Q 842 -44.73 28.51 -0.54
N THR Q 843 -44.76 27.33 0.05
CA THR Q 843 -44.85 26.10 -0.72
C THR Q 843 -46.26 25.83 -1.23
N PRO Q 844 -46.38 25.17 -2.38
CA PRO Q 844 -47.69 24.86 -2.99
C PRO Q 844 -48.53 23.85 -2.23
N ASP Q 845 -49.83 24.14 -2.09
CA ASP Q 845 -50.74 23.23 -1.41
C ASP Q 845 -51.43 22.31 -2.42
N ARG Q 846 -51.16 22.50 -3.69
CA ARG Q 846 -51.75 21.65 -4.72
C ARG Q 846 -51.14 20.26 -4.54
N TYR Q 847 -51.98 19.23 -4.63
CA TYR Q 847 -51.54 17.84 -4.50
C TYR Q 847 -50.59 17.48 -5.65
N ILE Q 848 -49.69 16.54 -5.41
CA ILE Q 848 -48.74 16.09 -6.41
C ILE Q 848 -49.45 15.80 -7.74
N SER Q 849 -50.61 15.15 -7.70
CA SER Q 849 -51.38 14.88 -8.91
C SER Q 849 -52.85 14.95 -8.49
N LYS Q 850 -53.77 14.76 -9.43
CA LYS Q 850 -55.19 14.83 -9.10
C LYS Q 850 -55.58 13.81 -8.02
N TYR Q 851 -55.06 12.60 -8.12
CA TYR Q 851 -55.39 11.56 -7.15
C TYR Q 851 -54.24 11.18 -6.21
N ALA Q 852 -53.03 11.63 -6.51
CA ALA Q 852 -51.88 11.38 -5.64
C ALA Q 852 -51.96 12.51 -4.62
N CYS Q 853 -52.65 12.24 -3.53
CA CYS Q 853 -52.88 13.26 -2.50
C CYS Q 853 -51.76 13.45 -1.50
N GLY Q 854 -50.57 13.74 -2.01
CA GLY Q 854 -49.40 13.97 -1.18
C GLY Q 854 -48.88 15.39 -1.34
N MET Q 855 -47.95 15.80 -0.49
CA MET Q 855 -47.39 17.15 -0.55
C MET Q 855 -46.26 17.28 -1.58
N ALA Q 856 -46.22 18.41 -2.27
CA ALA Q 856 -45.22 18.68 -3.30
C ALA Q 856 -44.36 19.87 -2.93
N ASN Q 857 -44.08 20.01 -1.64
CA ASN Q 857 -43.31 21.13 -1.10
C ASN Q 857 -41.99 21.53 -1.74
N ASN Q 858 -41.10 20.57 -2.00
CA ASN Q 858 -39.78 20.90 -2.53
C ASN Q 858 -39.59 21.52 -3.91
N THR Q 859 -40.70 21.91 -4.54
CA THR Q 859 -40.67 22.64 -5.80
C THR Q 859 -41.59 23.83 -5.55
N ALA Q 860 -40.99 24.99 -5.34
CA ALA Q 860 -41.78 26.20 -5.09
C ALA Q 860 -41.09 27.38 -5.77
N LEU Q 861 -41.87 28.18 -6.48
CA LEU Q 861 -41.34 29.35 -7.17
C LEU Q 861 -41.53 30.58 -6.30
N VAL Q 862 -40.48 31.38 -6.18
CA VAL Q 862 -40.52 32.58 -5.38
C VAL Q 862 -39.67 33.67 -6.01
N GLU Q 863 -39.74 34.85 -5.39
CA GLU Q 863 -38.95 36.00 -5.80
C GLU Q 863 -38.42 36.53 -4.48
N ILE Q 864 -37.23 37.11 -4.48
CA ILE Q 864 -36.69 37.66 -3.25
C ILE Q 864 -36.21 39.07 -3.51
N GLU Q 865 -36.12 39.86 -2.44
CA GLU Q 865 -35.67 41.25 -2.53
C GLU Q 865 -35.28 41.69 -1.13
N LYS Q 866 -34.48 42.75 -1.04
CA LYS Q 866 -34.09 43.27 0.27
C LYS Q 866 -35.41 43.70 0.91
N TRP Q 867 -35.56 43.47 2.20
CA TRP Q 867 -36.78 43.85 2.89
C TRP Q 867 -36.81 45.34 3.18
N ASP Q 868 -37.90 45.99 2.78
CA ASP Q 868 -38.06 47.42 3.00
C ASP Q 868 -38.64 47.72 4.38
N GLY Q 869 -38.95 46.67 5.13
CA GLY Q 869 -39.50 46.85 6.46
C GLY Q 869 -41.01 46.80 6.62
N ASP Q 870 -41.73 46.71 5.50
CA ASP Q 870 -43.19 46.67 5.57
C ASP Q 870 -43.69 45.33 6.10
N LYS Q 871 -44.92 45.30 6.60
CA LYS Q 871 -45.48 44.07 7.15
C LYS Q 871 -46.23 43.23 6.12
N TYR Q 872 -46.43 43.82 4.95
CA TYR Q 872 -47.13 43.16 3.86
C TYR Q 872 -48.40 42.42 4.26
N GLU Q 873 -49.36 43.16 4.82
CA GLU Q 873 -50.62 42.55 5.20
C GLU Q 873 -51.50 42.55 3.97
N ILE Q 874 -51.26 41.59 3.08
CA ILE Q 874 -51.99 41.49 1.82
C ILE Q 874 -52.44 40.07 1.50
N TYR Q 875 -52.39 39.18 2.48
CA TYR Q 875 -52.78 37.80 2.23
C TYR Q 875 -54.08 37.40 2.93
N MET R 1 6.48 15.24 33.49
CA MET R 1 5.38 16.25 33.48
C MET R 1 4.65 16.21 32.14
N GLU R 2 3.61 15.39 32.07
CA GLU R 2 2.82 15.22 30.87
C GLU R 2 1.93 16.44 30.61
N GLN R 3 1.70 16.75 29.34
CA GLN R 3 0.87 17.89 28.95
C GLN R 3 -0.25 17.46 28.02
N TYR R 4 -1.32 18.24 27.99
CA TYR R 4 -2.45 17.95 27.12
C TYR R 4 -2.24 18.57 25.74
N TYR R 5 -2.73 17.87 24.73
CA TYR R 5 -2.63 18.36 23.35
C TYR R 5 -3.89 17.94 22.63
N MET R 6 -4.27 18.70 21.60
CA MET R 6 -5.45 18.38 20.82
C MET R 6 -5.15 18.51 19.34
N VAL R 7 -5.57 17.51 18.57
CA VAL R 7 -5.36 17.53 17.13
C VAL R 7 -6.72 17.53 16.44
N ILE R 8 -6.93 18.51 15.59
CA ILE R 8 -8.19 18.66 14.87
C ILE R 8 -8.02 18.44 13.38
N ASP R 9 -8.76 17.47 12.83
CA ASP R 9 -8.67 17.19 11.41
C ASP R 9 -9.73 17.97 10.62
N VAL R 10 -9.28 19.04 9.98
CA VAL R 10 -10.13 19.91 9.17
C VAL R 10 -10.92 19.14 8.10
N ALA R 11 -10.24 18.21 7.42
CA ALA R 11 -10.88 17.44 6.35
C ALA R 11 -12.07 16.64 6.85
N LYS R 12 -12.19 16.49 8.16
CA LYS R 12 -13.29 15.73 8.72
C LYS R 12 -14.41 16.55 9.36
N CYS R 13 -14.27 17.88 9.41
CA CYS R 13 -15.34 18.71 10.00
C CYS R 13 -16.48 18.82 9.04
N GLN R 14 -17.70 18.64 9.55
CA GLN R 14 -18.89 18.81 8.73
C GLN R 14 -19.78 19.93 9.32
N ASP R 15 -19.28 20.59 10.35
CA ASP R 15 -20.00 21.70 10.98
C ASP R 15 -21.39 21.29 11.54
N CYS R 16 -21.52 20.12 12.18
CA CYS R 16 -22.81 19.71 12.75
C CYS R 16 -23.01 20.44 14.05
N ASN R 17 -21.92 21.02 14.55
CA ASN R 17 -21.95 21.77 15.80
C ASN R 17 -22.18 20.95 17.08
N ASN R 18 -21.88 19.65 17.04
CA ASN R 18 -22.02 18.83 18.23
C ASN R 18 -21.08 19.39 19.34
N CYS R 19 -19.94 19.99 18.94
CA CYS R 19 -18.95 20.60 19.88
C CYS R 19 -19.60 21.65 20.71
N PHE R 20 -19.86 22.71 19.95
CA PHE R 20 -20.45 23.94 20.41
C PHE R 20 -21.59 23.61 21.32
N MET R 21 -22.48 22.75 20.86
CA MET R 21 -23.64 22.34 21.65
C MET R 21 -23.12 21.68 22.93
N GLY R 22 -21.97 21.04 22.82
CA GLY R 22 -21.37 20.40 23.98
C GLY R 22 -20.92 21.39 25.06
N CYS R 23 -20.29 22.51 24.71
CA CYS R 23 -19.87 23.49 25.74
C CYS R 23 -21.05 24.01 26.43
N MET R 24 -21.94 24.57 25.62
CA MET R 24 -23.14 25.17 26.14
C MET R 24 -23.77 24.22 27.13
N ASP R 25 -23.92 22.96 26.71
CA ASP R 25 -24.50 21.95 27.59
C ASP R 25 -23.70 21.89 28.88
N GLU R 26 -22.39 22.03 28.76
CA GLU R 26 -21.52 21.96 29.92
C GLU R 26 -21.42 23.26 30.73
N HIS R 27 -21.45 24.39 30.05
CA HIS R 27 -21.26 25.68 30.72
C HIS R 27 -22.38 26.71 30.82
N GLU R 28 -23.38 26.64 29.95
CA GLU R 28 -24.43 27.64 29.97
C GLU R 28 -25.30 27.66 31.22
N LEU R 29 -25.70 26.48 31.71
CA LEU R 29 -26.54 26.38 32.90
C LEU R 29 -25.76 25.95 34.14
N ASN R 30 -24.48 25.63 33.96
CA ASN R 30 -23.67 25.18 35.09
C ASN R 30 -22.59 26.19 35.44
N GLU R 31 -22.23 26.22 36.73
CA GLU R 31 -21.19 27.10 37.24
C GLU R 31 -20.14 26.15 37.79
N TRP R 32 -18.87 26.40 37.50
CA TRP R 32 -17.83 25.52 38.00
C TRP R 32 -16.80 26.28 38.85
N PRO R 33 -17.03 26.33 40.17
CA PRO R 33 -16.13 27.03 41.09
C PRO R 33 -14.66 26.69 40.86
N GLY R 34 -13.84 27.72 40.76
CA GLY R 34 -12.42 27.52 40.53
C GLY R 34 -12.07 27.46 39.05
N TYR R 35 -13.06 27.33 38.19
CA TYR R 35 -12.79 27.28 36.76
C TYR R 35 -13.52 28.35 35.97
N THR R 36 -14.83 28.45 36.14
CA THR R 36 -15.58 29.44 35.39
C THR R 36 -17.01 29.60 35.85
N ALA R 37 -17.57 30.79 35.63
CA ALA R 37 -18.96 31.04 35.97
C ALA R 37 -19.71 30.55 34.72
N SER R 38 -21.04 30.56 34.76
CA SER R 38 -21.77 30.09 33.60
C SER R 38 -21.47 30.92 32.35
N MET R 39 -21.52 30.25 31.20
CA MET R 39 -21.25 30.88 29.92
C MET R 39 -22.39 31.80 29.49
N GLN R 40 -22.06 32.83 28.72
CA GLN R 40 -23.08 33.74 28.22
C GLN R 40 -23.59 33.27 26.86
N ARG R 41 -24.90 33.28 26.69
CA ARG R 41 -25.51 32.87 25.42
C ARG R 41 -24.98 33.75 24.29
N GLY R 42 -24.47 33.11 23.25
CA GLY R 42 -23.93 33.86 22.13
C GLY R 42 -22.43 33.77 22.04
N HIS R 43 -21.79 33.44 23.16
CA HIS R 43 -20.33 33.29 23.19
C HIS R 43 -19.96 32.09 22.33
N ARG R 44 -18.72 32.08 21.85
CA ARG R 44 -18.24 30.98 21.04
C ARG R 44 -16.88 30.51 21.56
N TRP R 45 -16.85 29.96 22.78
CA TRP R 45 -15.59 29.46 23.34
C TRP R 45 -15.04 28.51 22.28
N MET R 46 -15.96 27.76 21.68
CA MET R 46 -15.63 26.85 20.59
C MET R 46 -16.21 27.60 19.39
N ASN R 47 -15.33 28.12 18.54
CA ASN R 47 -15.77 28.88 17.38
C ASN R 47 -15.48 28.09 16.10
N ILE R 48 -16.53 27.61 15.45
CA ILE R 48 -16.35 26.84 14.22
C ILE R 48 -16.35 27.78 13.02
N GLU R 49 -15.16 28.06 12.50
CA GLU R 49 -15.02 28.96 11.36
C GLU R 49 -15.41 28.25 10.07
N ARG R 50 -16.07 28.99 9.19
CA ARG R 50 -16.53 28.44 7.92
C ARG R 50 -15.88 29.18 6.76
N ARG R 51 -15.41 28.45 5.76
CA ARG R 51 -14.80 29.10 4.61
C ARG R 51 -15.10 28.42 3.28
N GLU R 52 -15.85 29.12 2.43
CA GLU R 52 -16.18 28.61 1.09
C GLU R 52 -15.05 29.02 0.15
N ARG R 53 -14.77 28.19 -0.83
CA ARG R 53 -13.72 28.48 -1.80
C ARG R 53 -14.23 28.22 -3.21
N GLY R 54 -13.71 28.97 -4.17
CA GLY R 54 -14.09 28.79 -5.55
C GLY R 54 -15.46 29.33 -5.93
N THR R 55 -15.91 28.96 -7.13
CA THR R 55 -17.19 29.41 -7.64
C THR R 55 -17.96 28.25 -8.26
N TYR R 56 -19.29 28.33 -8.18
CA TYR R 56 -20.14 27.30 -8.76
C TYR R 56 -19.66 27.10 -10.20
N PRO R 57 -19.61 25.85 -10.68
CA PRO R 57 -19.97 24.59 -10.01
C PRO R 57 -18.81 23.80 -9.39
N ARG R 58 -17.60 24.36 -9.39
CA ARG R 58 -16.45 23.65 -8.82
C ARG R 58 -15.95 24.30 -7.54
N ASN R 59 -16.89 24.65 -6.69
CA ASN R 59 -16.62 25.30 -5.41
C ASN R 59 -16.55 24.24 -4.32
N ASP R 60 -16.18 24.67 -3.11
CA ASP R 60 -16.14 23.76 -1.98
C ASP R 60 -16.17 24.56 -0.67
N ILE R 61 -16.16 23.86 0.45
CA ILE R 61 -16.20 24.53 1.74
C ILE R 61 -15.57 23.65 2.81
N ASN R 62 -14.87 24.29 3.74
CA ASN R 62 -14.22 23.56 4.81
C ASN R 62 -14.41 24.34 6.10
N TYR R 63 -14.28 23.64 7.22
CA TYR R 63 -14.47 24.26 8.51
C TYR R 63 -13.28 24.08 9.42
N ARG R 64 -13.14 24.97 10.39
CA ARG R 64 -12.04 24.92 11.33
C ARG R 64 -12.52 25.16 12.75
N PRO R 65 -12.75 24.09 13.52
CA PRO R 65 -13.20 24.24 14.91
C PRO R 65 -12.08 25.00 15.61
N THR R 66 -12.42 26.08 16.31
CA THR R 66 -11.39 26.88 16.97
C THR R 66 -11.65 27.16 18.45
N PRO R 67 -11.02 26.38 19.33
CA PRO R 67 -11.19 26.60 20.77
C PRO R 67 -10.03 27.48 21.21
N CYS R 68 -9.72 27.44 22.50
CA CYS R 68 -8.60 28.20 23.01
C CYS R 68 -7.39 27.45 22.50
N MET R 69 -6.30 28.14 22.19
CA MET R 69 -5.10 27.48 21.72
C MET R 69 -4.26 26.99 22.91
N HIS R 70 -4.54 27.54 24.10
CA HIS R 70 -3.80 27.20 25.32
C HIS R 70 -2.31 27.16 24.98
N CYS R 71 -1.85 28.18 24.26
CA CYS R 71 -0.46 28.24 23.83
C CYS R 71 0.58 28.19 24.96
N GLU R 72 1.72 27.59 24.64
CA GLU R 72 2.81 27.41 25.59
C GLU R 72 3.44 28.72 26.02
N ASN R 73 3.44 29.68 25.11
CA ASN R 73 3.99 31.01 25.36
C ASN R 73 2.79 31.93 25.21
N ALA R 74 1.89 31.86 26.19
CA ALA R 74 0.64 32.63 26.17
C ALA R 74 0.73 34.12 26.51
N PRO R 75 0.27 34.97 25.59
CA PRO R 75 0.28 36.41 25.78
C PRO R 75 -0.63 36.91 26.91
N CYS R 76 -1.74 36.21 27.19
CA CYS R 76 -2.60 36.70 28.29
C CYS R 76 -2.01 36.47 29.65
N VAL R 77 -1.27 35.39 29.82
CA VAL R 77 -0.66 35.15 31.10
C VAL R 77 0.37 36.25 31.29
N ALA R 78 1.17 36.47 30.26
CA ALA R 78 2.21 37.50 30.31
C ALA R 78 1.64 38.88 30.59
N LYS R 79 0.53 39.21 29.95
CA LYS R 79 -0.07 40.52 30.14
C LYS R 79 -1.39 40.51 30.90
N GLY R 80 -1.66 39.41 31.60
CA GLY R 80 -2.90 39.29 32.35
C GLY R 80 -2.82 39.81 33.78
N ASN R 81 -1.64 40.28 34.18
CA ASN R 81 -1.44 40.82 35.51
C ASN R 81 -1.89 39.84 36.59
N GLY R 82 -1.80 38.54 36.31
CA GLY R 82 -2.19 37.54 37.28
C GLY R 82 -3.63 37.07 37.18
N ALA R 83 -4.40 37.64 36.26
CA ALA R 83 -5.80 37.27 36.09
C ALA R 83 -5.90 35.97 35.28
N VAL R 84 -4.81 35.62 34.61
CA VAL R 84 -4.73 34.40 33.80
C VAL R 84 -3.48 33.64 34.20
N TYR R 85 -3.59 32.33 34.36
CA TYR R 85 -2.43 31.52 34.73
C TYR R 85 -2.30 30.26 33.86
N GLN R 86 -1.11 29.69 33.86
CA GLN R 86 -0.82 28.49 33.08
C GLN R 86 -0.51 27.34 34.02
N ARG R 87 -1.18 26.20 33.82
CA ARG R 87 -0.96 25.04 34.66
C ARG R 87 0.20 24.19 34.12
N GLU R 88 0.67 23.25 34.93
CA GLU R 88 1.77 22.37 34.54
C GLU R 88 1.39 21.46 33.38
N ASP R 89 0.13 21.08 33.30
CA ASP R 89 -0.32 20.21 32.21
C ASP R 89 -0.58 21.00 30.94
N GLY R 90 -0.28 22.30 30.96
CA GLY R 90 -0.44 23.12 29.78
C GLY R 90 -1.74 23.89 29.63
N ILE R 91 -2.75 23.55 30.43
CA ILE R 91 -4.02 24.25 30.34
C ILE R 91 -3.91 25.69 30.85
N VAL R 92 -4.34 26.64 30.02
CA VAL R 92 -4.31 28.06 30.37
C VAL R 92 -5.70 28.45 30.87
N LEU R 93 -5.78 29.00 32.09
CA LEU R 93 -7.06 29.37 32.66
C LEU R 93 -7.15 30.79 33.20
N ILE R 94 -8.31 31.41 32.98
CA ILE R 94 -8.59 32.74 33.47
C ILE R 94 -9.10 32.53 34.90
N ASP R 95 -8.58 33.30 35.85
CA ASP R 95 -9.06 33.18 37.23
C ASP R 95 -10.43 33.87 37.20
N PRO R 96 -11.51 33.12 37.44
CA PRO R 96 -12.89 33.61 37.46
C PRO R 96 -13.15 34.89 38.28
N GLU R 97 -12.53 34.97 39.44
CA GLU R 97 -12.73 36.13 40.31
C GLU R 97 -11.74 37.27 40.10
N LYS R 98 -10.47 36.94 39.92
CA LYS R 98 -9.46 37.98 39.69
C LYS R 98 -9.71 38.77 38.41
N ALA R 99 -10.24 38.09 37.38
CA ALA R 99 -10.49 38.75 36.10
C ALA R 99 -11.74 39.62 36.06
N LYS R 100 -12.57 39.55 37.09
CA LYS R 100 -13.80 40.36 37.11
C LYS R 100 -13.53 41.84 36.90
N GLY R 101 -14.37 42.47 36.08
CA GLY R 101 -14.24 43.89 35.80
C GLY R 101 -13.10 44.29 34.88
N LYS R 102 -12.44 43.33 34.25
CA LYS R 102 -11.32 43.65 33.37
C LYS R 102 -11.53 43.31 31.89
N LYS R 103 -12.25 44.17 31.19
CA LYS R 103 -12.52 43.98 29.76
C LYS R 103 -11.23 43.99 28.94
N GLU R 104 -10.19 44.61 29.48
CA GLU R 104 -8.90 44.71 28.80
C GLU R 104 -8.31 43.36 28.44
N LEU R 105 -8.65 42.33 29.22
CA LEU R 105 -8.11 40.99 28.97
C LEU R 105 -8.37 40.47 27.55
N LEU R 106 -9.54 40.77 27.00
CA LEU R 106 -9.86 40.31 25.66
C LEU R 106 -8.80 40.67 24.63
N ASP R 107 -8.28 41.88 24.73
CA ASP R 107 -7.27 42.40 23.81
C ASP R 107 -5.90 41.74 23.89
N THR R 108 -5.64 41.04 25.00
CA THR R 108 -4.35 40.37 25.17
C THR R 108 -4.33 39.11 24.33
N CYS R 109 -5.39 38.90 23.54
CA CYS R 109 -5.48 37.70 22.72
C CYS R 109 -5.30 37.89 21.24
N PRO R 110 -4.23 37.35 20.66
CA PRO R 110 -4.01 37.49 19.22
C PRO R 110 -5.05 36.67 18.46
N TYR R 111 -5.57 35.61 19.08
CA TYR R 111 -6.54 34.75 18.45
C TYR R 111 -8.00 35.16 18.64
N GLY R 112 -8.24 36.02 19.63
CA GLY R 112 -9.59 36.49 19.90
C GLY R 112 -10.55 35.42 20.37
N VAL R 113 -10.07 34.51 21.20
CA VAL R 113 -10.94 33.44 21.69
C VAL R 113 -11.62 33.80 23.02
N MET R 114 -11.35 35.00 23.53
CA MET R 114 -11.96 35.43 24.78
C MET R 114 -13.24 36.23 24.54
N TYR R 115 -14.24 36.00 25.38
CA TYR R 115 -15.52 36.70 25.26
C TYR R 115 -15.91 37.37 26.57
N TRP R 116 -16.52 38.55 26.47
CA TRP R 116 -16.95 39.29 27.65
C TRP R 116 -18.34 38.91 28.10
N ASN R 117 -18.44 38.41 29.33
CA ASN R 117 -19.74 38.04 29.90
C ASN R 117 -20.31 39.28 30.59
N GLU R 118 -21.39 39.82 30.04
CA GLU R 118 -22.05 41.01 30.56
C GLU R 118 -22.58 40.87 31.99
N GLU R 119 -23.24 39.75 32.27
CA GLU R 119 -23.81 39.52 33.59
C GLU R 119 -22.77 39.31 34.68
N GLU R 120 -21.75 38.51 34.38
CA GLU R 120 -20.69 38.24 35.35
C GLU R 120 -19.59 39.30 35.31
N ASN R 121 -19.64 40.15 34.29
CA ASN R 121 -18.64 41.21 34.14
C ASN R 121 -17.25 40.59 34.19
N VAL R 122 -16.99 39.64 33.30
CA VAL R 122 -15.68 38.98 33.27
C VAL R 122 -15.39 38.35 31.92
N ALA R 123 -14.11 38.26 31.58
CA ALA R 123 -13.71 37.64 30.34
C ALA R 123 -13.88 36.14 30.55
N GLN R 124 -14.29 35.43 29.52
CA GLN R 124 -14.46 33.98 29.61
C GLN R 124 -13.96 33.35 28.33
N LYS R 125 -13.64 32.06 28.41
CA LYS R 125 -13.18 31.34 27.23
C LYS R 125 -12.94 29.89 27.52
N CYS R 126 -12.43 29.20 26.51
CA CYS R 126 -12.08 27.80 26.58
C CYS R 126 -11.32 27.43 27.83
N THR R 127 -11.79 26.45 28.59
CA THR R 127 -11.08 26.02 29.78
C THR R 127 -10.54 24.61 29.56
N MET R 128 -10.85 24.06 28.37
CA MET R 128 -10.49 22.69 27.98
C MET R 128 -11.14 21.78 29.02
N CYS R 129 -12.38 22.11 29.41
CA CYS R 129 -13.13 21.42 30.49
C CYS R 129 -12.19 20.83 31.52
N ALA R 130 -11.33 21.70 32.04
CA ALA R 130 -10.36 21.31 33.05
C ALA R 130 -11.07 20.70 34.26
N HIS R 131 -12.30 21.15 34.53
CA HIS R 131 -13.04 20.62 35.67
C HIS R 131 -13.35 19.13 35.46
N LEU R 132 -13.49 18.73 34.21
CA LEU R 132 -13.77 17.33 33.90
C LEU R 132 -12.45 16.55 33.86
N LEU R 133 -11.42 17.15 33.28
CA LEU R 133 -10.14 16.47 33.21
C LEU R 133 -9.57 16.24 34.61
N ASP R 134 -9.91 17.12 35.55
CA ASP R 134 -9.43 16.99 36.92
C ASP R 134 -10.27 16.00 37.75
N ASP R 135 -11.35 15.50 37.16
CA ASP R 135 -12.23 14.57 37.87
C ASP R 135 -12.13 13.15 37.31
N GLU R 136 -11.66 12.21 38.13
CA GLU R 136 -11.53 10.82 37.72
C GLU R 136 -12.86 10.19 37.30
N SER R 137 -13.94 10.64 37.94
CA SER R 137 -15.27 10.12 37.64
C SER R 137 -15.68 10.33 36.19
N TRP R 138 -15.10 11.32 35.54
CA TRP R 138 -15.39 11.60 34.14
C TRP R 138 -14.61 10.55 33.34
N ALA R 139 -15.27 9.44 33.05
CA ALA R 139 -14.65 8.32 32.34
C ALA R 139 -14.03 8.62 30.98
N PRO R 140 -14.68 9.44 30.15
CA PRO R 140 -14.10 9.75 28.83
C PRO R 140 -12.70 10.39 28.89
N LYS R 141 -12.39 11.06 29.99
CA LYS R 141 -11.09 11.72 30.15
C LYS R 141 -10.73 12.60 28.95
N MET R 142 -11.71 13.30 28.43
CA MET R 142 -11.52 14.20 27.30
C MET R 142 -12.60 15.27 27.40
N PRO R 143 -12.38 16.42 26.74
CA PRO R 143 -13.33 17.54 26.76
C PRO R 143 -14.67 17.23 26.07
N ARG R 144 -15.67 18.04 26.33
CA ARG R 144 -16.98 17.80 25.73
C ARG R 144 -16.95 17.80 24.18
N CYS R 145 -16.14 18.68 23.58
CA CYS R 145 -16.01 18.73 22.10
C CYS R 145 -15.79 17.37 21.54
N ALA R 146 -14.56 16.96 21.82
CA ALA R 146 -13.99 15.71 21.38
C ALA R 146 -14.88 14.53 21.66
N HIS R 147 -15.57 14.56 22.79
CA HIS R 147 -16.45 13.45 23.14
C HIS R 147 -17.78 13.51 22.40
N ASN R 148 -18.22 14.71 22.06
CA ASN R 148 -19.47 14.90 21.35
C ASN R 148 -19.32 14.68 19.85
N CYS R 149 -18.11 14.76 19.31
CA CYS R 149 -17.91 14.53 17.85
C CYS R 149 -18.42 13.20 17.41
N GLY R 150 -19.09 13.19 16.27
CA GLY R 150 -19.56 11.94 15.70
C GLY R 150 -18.80 11.78 14.38
N SER R 151 -17.87 12.71 14.12
CA SER R 151 -17.11 12.69 12.87
C SER R 151 -15.62 12.42 12.96
N PHE R 152 -15.14 11.95 14.11
CA PHE R 152 -13.74 11.62 14.30
C PHE R 152 -12.77 12.74 13.94
N VAL R 153 -13.13 13.96 14.30
CA VAL R 153 -12.28 15.12 14.04
C VAL R 153 -11.20 15.30 15.10
N TYR R 154 -11.55 15.05 16.35
CA TYR R 154 -10.62 15.24 17.46
C TYR R 154 -9.77 14.06 17.90
N GLU R 155 -8.55 14.39 18.31
CA GLU R 155 -7.61 13.43 18.86
C GLU R 155 -7.10 14.17 20.10
N PHE R 156 -7.54 13.75 21.27
CA PHE R 156 -7.14 14.40 22.51
C PHE R 156 -6.12 13.52 23.23
N LEU R 157 -4.93 14.07 23.47
CA LEU R 157 -3.88 13.32 24.13
C LEU R 157 -3.23 14.01 25.32
N LYS R 158 -2.53 13.22 26.12
CA LYS R 158 -1.79 13.74 27.25
C LYS R 158 -0.48 12.98 27.12
N THR R 159 0.55 13.68 26.68
CA THR R 159 1.85 13.04 26.48
C THR R 159 3.00 13.99 26.73
N THR R 160 4.21 13.53 26.40
CA THR R 160 5.41 14.33 26.59
C THR R 160 5.62 15.22 25.38
N PRO R 161 6.29 16.37 25.57
CA PRO R 161 6.54 17.30 24.47
C PRO R 161 7.28 16.60 23.34
N GLU R 162 8.10 15.63 23.71
CA GLU R 162 8.88 14.85 22.75
C GLU R 162 7.97 14.02 21.84
N ALA R 163 7.02 13.33 22.45
CA ALA R 163 6.11 12.48 21.69
C ALA R 163 5.24 13.31 20.76
N MET R 164 4.75 14.45 21.25
CA MET R 164 3.91 15.32 20.44
C MET R 164 4.68 15.85 19.25
N ALA R 165 5.94 16.24 19.50
CA ALA R 165 6.79 16.77 18.43
C ALA R 165 6.94 15.72 17.33
N LYS R 166 7.10 14.46 17.73
CA LYS R 166 7.24 13.38 16.77
C LYS R 166 5.99 13.28 15.93
N LYS R 167 4.83 13.30 16.59
CA LYS R 167 3.55 13.23 15.92
C LYS R 167 3.39 14.39 14.94
N VAL R 168 3.73 15.59 15.40
CA VAL R 168 3.63 16.78 14.57
C VAL R 168 4.40 16.59 13.27
N GLU R 169 5.62 16.09 13.39
CA GLU R 169 6.48 15.87 12.23
C GLU R 169 5.98 14.76 11.30
N GLU R 170 5.49 13.68 11.88
CA GLU R 170 5.00 12.54 11.10
C GLU R 170 3.72 12.84 10.32
N GLU R 171 2.82 13.60 10.93
CA GLU R 171 1.54 13.92 10.29
C GLU R 171 1.47 15.31 9.68
N GLY R 172 2.58 16.04 9.72
CA GLY R 172 2.60 17.38 9.15
C GLY R 172 1.58 18.31 9.79
N LEU R 173 1.42 18.19 11.11
CA LEU R 173 0.46 19.02 11.82
C LEU R 173 0.88 20.48 11.86
N GLU R 174 -0.10 21.38 11.83
CA GLU R 174 0.17 22.81 11.85
C GLU R 174 -0.68 23.54 12.88
N VAL R 175 -0.27 24.76 13.20
CA VAL R 175 -1.00 25.59 14.15
C VAL R 175 -1.44 26.85 13.42
N ILE R 176 -2.34 27.60 14.03
CA ILE R 176 -2.83 28.86 13.46
C ILE R 176 -1.87 29.98 13.86
N LYS R 177 -1.55 30.85 12.91
CA LYS R 177 -0.66 31.99 13.15
C LYS R 177 0.65 31.61 13.85
N PRO R 178 1.43 30.71 13.24
CA PRO R 178 2.71 30.25 13.81
C PRO R 178 3.69 31.41 14.03
N GLU R 179 3.67 32.37 13.12
CA GLU R 179 4.56 33.52 13.16
C GLU R 179 4.52 34.33 14.47
N LEU R 180 3.45 34.21 15.23
CA LEU R 180 3.33 34.96 16.49
C LEU R 180 4.16 34.36 17.62
N GLY R 181 4.52 33.09 17.46
CA GLY R 181 5.33 32.42 18.47
C GLY R 181 4.68 32.11 19.81
N THR R 182 3.35 32.01 19.84
CA THR R 182 2.66 31.70 21.09
C THR R 182 2.75 30.20 21.37
N LYS R 183 2.98 29.42 20.32
CA LYS R 183 3.08 27.96 20.42
C LYS R 183 1.84 27.24 20.92
N PRO R 184 0.79 27.20 20.07
CA PRO R 184 -0.47 26.53 20.42
C PRO R 184 -0.27 25.04 20.71
N ARG R 185 -1.11 24.46 21.56
CA ARG R 185 -1.02 23.04 21.85
C ARG R 185 -2.22 22.37 21.17
N VAL R 186 -2.91 23.15 20.35
CA VAL R 186 -4.04 22.66 19.57
C VAL R 186 -3.50 22.65 18.15
N TYR R 187 -3.39 21.47 17.56
CA TYR R 187 -2.86 21.34 16.21
C TYR R 187 -3.93 20.99 15.19
N TYR R 188 -3.65 21.31 13.94
CA TYR R 188 -4.59 21.04 12.85
C TYR R 188 -4.01 20.14 11.79
N LYS R 189 -4.83 19.20 11.34
CA LYS R 189 -4.44 18.26 10.29
C LYS R 189 -5.18 18.73 9.04
N ASN R 190 -4.52 18.72 7.89
CA ASN R 190 -5.13 19.15 6.64
C ASN R 190 -5.60 20.59 6.67
N LEU R 191 -4.85 21.45 7.36
CA LEU R 191 -5.20 22.86 7.48
C LEU R 191 -5.19 23.61 6.15
N TYR R 192 -4.52 23.06 5.14
CA TYR R 192 -4.48 23.70 3.83
C TYR R 192 -5.89 23.86 3.26
N ARG R 193 -6.80 22.98 3.66
CA ARG R 193 -8.19 23.03 3.19
C ARG R 193 -8.82 24.36 3.57
N PHE R 194 -8.43 24.88 4.73
CA PHE R 194 -8.98 26.13 5.23
C PHE R 194 -8.13 27.36 4.87
N GLU R 195 -6.81 27.22 4.97
CA GLU R 195 -5.91 28.34 4.69
C GLU R 195 -5.37 28.50 3.27
N LYS R 196 -5.39 27.45 2.48
CA LYS R 196 -4.86 27.56 1.13
C LYS R 196 -5.94 27.56 0.06
N ASN R 197 -5.50 27.53 -1.19
CA ASN R 197 -6.42 27.56 -2.31
C ASN R 197 -6.07 26.56 -3.38
N TYR R 198 -6.96 26.42 -4.36
CA TYR R 198 -6.74 25.46 -5.44
C TYR R 198 -7.10 26.01 -6.80
N VAL R 199 -6.78 25.22 -7.82
CA VAL R 199 -7.14 25.56 -9.18
C VAL R 199 -7.75 24.25 -9.71
N THR R 200 -8.85 24.36 -10.45
CA THR R 200 -9.50 23.16 -10.95
C THR R 200 -10.07 23.45 -12.33
N ALA R 201 -10.51 22.40 -13.01
CA ALA R 201 -11.08 22.53 -14.35
C ALA R 201 -11.53 21.18 -14.86
N GLY R 202 -12.31 21.20 -15.94
CA GLY R 202 -12.79 19.97 -16.54
C GLY R 202 -12.32 19.92 -17.98
N ILE R 203 -11.68 18.83 -18.37
CA ILE R 203 -11.19 18.71 -19.74
C ILE R 203 -12.13 17.91 -20.65
N LEU R 204 -12.40 18.45 -21.83
CA LEU R 204 -13.27 17.80 -22.79
C LEU R 204 -12.53 17.54 -24.10
N VAL R 205 -12.75 16.36 -24.66
CA VAL R 205 -12.16 15.99 -25.93
C VAL R 205 -13.31 15.54 -26.81
N GLN R 206 -13.49 16.24 -27.93
CA GLN R 206 -14.56 15.94 -28.87
C GLN R 206 -15.94 15.98 -28.20
N GLY R 207 -16.10 16.90 -27.27
CA GLY R 207 -17.39 17.04 -26.61
C GLY R 207 -17.68 16.16 -25.41
N ASP R 208 -16.75 15.28 -25.04
CA ASP R 208 -16.96 14.43 -23.89
C ASP R 208 -15.86 14.53 -22.85
N CYS R 209 -16.22 14.30 -21.60
CA CYS R 209 -15.26 14.35 -20.49
C CYS R 209 -14.11 13.41 -20.80
N PHE R 210 -12.89 13.92 -20.74
CA PHE R 210 -11.74 13.09 -21.03
C PHE R 210 -10.98 12.62 -19.79
N GLU R 211 -10.91 11.31 -19.60
CA GLU R 211 -10.25 10.70 -18.46
C GLU R 211 -8.79 10.35 -18.81
N GLY R 212 -7.90 10.54 -17.85
CA GLY R 212 -6.49 10.20 -18.09
C GLY R 212 -5.63 11.28 -18.70
N ALA R 213 -6.19 12.47 -18.92
CA ALA R 213 -5.41 13.55 -19.49
C ALA R 213 -4.33 13.88 -18.47
N LYS R 214 -3.12 14.18 -18.93
CA LYS R 214 -2.02 14.51 -18.04
C LYS R 214 -1.97 16.01 -17.76
N VAL R 215 -2.07 16.37 -16.48
CA VAL R 215 -2.06 17.78 -16.08
C VAL R 215 -0.85 18.08 -15.21
N VAL R 216 -0.20 19.22 -15.49
CA VAL R 216 0.96 19.64 -14.74
C VAL R 216 0.82 21.10 -14.29
N LEU R 217 1.12 21.37 -13.03
CA LEU R 217 1.05 22.72 -12.50
C LEU R 217 2.47 23.22 -12.30
N LYS R 218 2.77 24.40 -12.84
CA LYS R 218 4.10 24.97 -12.71
C LYS R 218 4.10 26.37 -12.11
N SER R 219 5.18 26.70 -11.42
CA SER R 219 5.38 28.01 -10.83
C SER R 219 6.84 28.36 -11.04
N GLY R 220 7.10 29.38 -11.85
CA GLY R 220 8.47 29.77 -12.11
C GLY R 220 9.14 28.84 -13.12
N GLY R 221 8.32 28.16 -13.92
CA GLY R 221 8.87 27.25 -14.92
C GLY R 221 9.13 25.84 -14.43
N LYS R 222 9.00 25.61 -13.13
CA LYS R 222 9.24 24.28 -12.57
C LYS R 222 7.98 23.64 -12.00
N GLU R 223 7.83 22.34 -12.25
CA GLU R 223 6.68 21.57 -11.80
C GLU R 223 6.45 21.65 -10.30
N VAL R 224 5.20 21.89 -9.92
CA VAL R 224 4.80 22.00 -8.52
C VAL R 224 3.87 20.84 -8.16
N ALA R 225 3.14 20.35 -9.15
CA ALA R 225 2.22 19.25 -8.95
C ALA R 225 1.83 18.67 -10.29
N SER R 226 1.28 17.46 -10.26
CA SER R 226 0.85 16.78 -11.48
C SER R 226 -0.26 15.81 -11.14
N ALA R 227 -1.10 15.50 -12.12
CA ALA R 227 -2.20 14.57 -11.90
C ALA R 227 -2.84 14.20 -13.23
N GLU R 228 -3.71 13.20 -13.18
CA GLU R 228 -4.42 12.76 -14.38
C GLU R 228 -5.91 12.97 -14.10
N THR R 229 -6.65 13.46 -15.09
CA THR R 229 -8.07 13.71 -14.91
C THR R 229 -8.89 12.45 -14.63
N ASN R 230 -9.93 12.59 -13.82
CA ASN R 230 -10.82 11.46 -13.50
C ASN R 230 -11.83 11.31 -14.63
N PHE R 231 -12.85 10.46 -14.45
CA PHE R 231 -13.82 10.24 -15.52
C PHE R 231 -14.72 11.43 -15.83
N PHE R 232 -14.66 12.46 -15.00
CA PHE R 232 -15.45 13.67 -15.25
C PHE R 232 -14.51 14.66 -15.96
N GLY R 233 -13.29 14.21 -16.20
CA GLY R 233 -12.30 15.04 -16.87
C GLY R 233 -11.74 16.13 -15.97
N GLU R 234 -11.93 15.99 -14.67
CA GLU R 234 -11.47 17.00 -13.74
C GLU R 234 -10.18 16.71 -12.99
N PHE R 235 -9.54 17.79 -12.56
CA PHE R 235 -8.33 17.75 -11.78
C PHE R 235 -8.46 18.88 -10.77
N LYS R 236 -7.76 18.78 -9.66
CA LYS R 236 -7.83 19.81 -8.63
C LYS R 236 -6.50 19.84 -7.89
N PHE R 237 -5.78 20.96 -7.98
CA PHE R 237 -4.51 21.11 -7.28
C PHE R 237 -4.75 22.02 -6.09
N ASP R 238 -4.74 21.45 -4.89
CA ASP R 238 -4.99 22.20 -3.66
C ASP R 238 -3.69 22.58 -2.96
N ALA R 239 -3.83 23.19 -1.78
CA ALA R 239 -2.70 23.59 -0.96
C ALA R 239 -1.76 24.57 -1.66
N LEU R 240 -2.30 25.47 -2.48
CA LEU R 240 -1.48 26.43 -3.19
C LEU R 240 -1.37 27.77 -2.47
N ASP R 241 -0.15 28.30 -2.42
CA ASP R 241 0.09 29.59 -1.82
C ASP R 241 -0.26 30.62 -2.88
N ASN R 242 -0.42 31.87 -2.47
CA ASN R 242 -0.73 32.92 -3.43
C ASN R 242 0.41 33.11 -4.42
N GLY R 243 0.05 33.47 -5.65
CA GLY R 243 1.06 33.67 -6.68
C GLY R 243 0.53 33.33 -8.05
N GLU R 244 1.41 33.33 -9.04
CA GLU R 244 1.03 33.01 -10.40
C GLU R 244 1.50 31.61 -10.75
N TYR R 245 0.65 30.84 -11.43
CA TYR R 245 0.98 29.49 -11.84
C TYR R 245 0.62 29.28 -13.29
N THR R 246 1.10 28.17 -13.85
CA THR R 246 0.81 27.81 -15.22
C THR R 246 0.31 26.37 -15.23
N VAL R 247 -0.81 26.15 -15.89
CA VAL R 247 -1.40 24.82 -15.99
C VAL R 247 -1.16 24.31 -17.40
N GLU R 248 -0.53 23.15 -17.52
CA GLU R 248 -0.26 22.57 -18.82
C GLU R 248 -1.00 21.24 -18.94
N ILE R 249 -1.82 21.12 -19.98
CA ILE R 249 -2.60 19.92 -20.18
C ILE R 249 -2.25 19.24 -21.50
N ASP R 250 -2.16 17.92 -21.45
CA ASP R 250 -1.86 17.14 -22.64
C ASP R 250 -2.89 16.01 -22.72
N ALA R 251 -3.64 15.98 -23.81
CA ALA R 251 -4.66 14.95 -23.96
C ALA R 251 -4.99 14.66 -25.42
N ASP R 252 -5.07 13.37 -25.75
CA ASP R 252 -5.40 12.92 -27.10
C ASP R 252 -4.53 13.61 -28.15
N GLY R 253 -3.24 13.73 -27.88
CA GLY R 253 -2.33 14.37 -28.82
C GLY R 253 -2.43 15.87 -28.87
N LYS R 254 -3.35 16.44 -28.09
CA LYS R 254 -3.52 17.89 -28.05
C LYS R 254 -2.94 18.47 -26.77
N SER R 255 -2.50 19.72 -26.84
CA SER R 255 -1.92 20.38 -25.69
C SER R 255 -2.60 21.72 -25.41
N TYR R 256 -2.64 22.10 -24.14
CA TYR R 256 -3.26 23.34 -23.72
C TYR R 256 -2.51 23.87 -22.50
N SER R 257 -2.33 25.17 -22.44
CA SER R 257 -1.65 25.79 -21.30
C SER R 257 -2.24 27.17 -21.06
N ASP R 258 -2.29 27.55 -19.79
CA ASP R 258 -2.83 28.84 -19.40
C ASP R 258 -2.29 29.23 -18.03
N THR R 259 -2.33 30.52 -17.73
CA THR R 259 -1.83 31.00 -16.46
C THR R 259 -2.97 31.17 -15.48
N VAL R 260 -2.65 31.14 -14.19
CA VAL R 260 -3.66 31.33 -13.17
C VAL R 260 -3.07 32.10 -12.00
N VAL R 261 -3.82 33.08 -11.52
CA VAL R 261 -3.38 33.90 -10.40
C VAL R 261 -4.17 33.51 -9.15
N ILE R 262 -3.45 33.10 -8.13
CA ILE R 262 -4.07 32.71 -6.87
C ILE R 262 -3.83 33.81 -5.85
N ASP R 263 -4.90 34.49 -5.45
CA ASP R 263 -4.80 35.57 -4.47
C ASP R 263 -5.87 35.41 -3.39
N ASP R 264 -5.61 34.51 -2.46
CA ASP R 264 -6.55 34.21 -1.38
C ASP R 264 -7.90 33.75 -1.92
N LYS R 265 -7.88 33.21 -3.13
CA LYS R 265 -9.09 32.70 -3.77
C LYS R 265 -8.74 31.45 -4.57
N SER R 266 -9.71 30.57 -4.73
CA SER R 266 -9.49 29.36 -5.51
C SER R 266 -10.10 29.63 -6.88
N VAL R 267 -9.47 29.09 -7.93
CA VAL R 267 -9.93 29.33 -9.28
C VAL R 267 -10.43 28.13 -10.06
N ASP R 268 -11.51 28.33 -10.81
CA ASP R 268 -12.10 27.30 -11.67
C ASP R 268 -11.95 27.79 -13.10
N LEU R 269 -11.14 27.09 -13.89
CA LEU R 269 -10.90 27.45 -15.28
C LEU R 269 -12.04 27.02 -16.19
N GLY R 270 -13.05 26.38 -15.61
CA GLY R 270 -14.20 25.93 -16.38
C GLY R 270 -13.88 24.76 -17.30
N PHE R 271 -14.66 24.63 -18.37
CA PHE R 271 -14.44 23.56 -19.34
C PHE R 271 -13.37 23.90 -20.34
N ILE R 272 -12.34 23.08 -20.43
CA ILE R 272 -11.27 23.28 -21.38
C ILE R 272 -11.55 22.30 -22.51
N LYS R 273 -12.03 22.84 -23.62
CA LYS R 273 -12.40 22.02 -24.77
C LYS R 273 -11.27 21.78 -25.76
N LEU R 274 -10.90 20.51 -25.91
CA LEU R 274 -9.84 20.12 -26.82
C LEU R 274 -10.43 19.27 -27.96
N MET S 1 -52.20 -59.65 20.01
CA MET S 1 -53.03 -60.88 20.03
C MET S 1 -52.18 -62.12 20.33
N GLY S 2 -50.91 -61.92 20.66
CA GLY S 2 -50.04 -63.05 20.95
C GLY S 2 -48.88 -62.79 21.89
N GLU S 3 -47.99 -63.77 21.98
CA GLU S 3 -46.82 -63.70 22.85
C GLU S 3 -45.57 -63.25 22.08
N VAL S 4 -44.53 -62.90 22.83
CA VAL S 4 -43.27 -62.46 22.22
C VAL S 4 -42.44 -63.69 21.85
N VAL S 5 -41.91 -63.70 20.63
CA VAL S 5 -41.08 -64.81 20.17
C VAL S 5 -39.69 -64.33 19.81
N ARG S 6 -38.68 -65.13 20.15
CA ARG S 6 -37.31 -64.77 19.83
C ARG S 6 -36.87 -65.50 18.56
N LEU S 7 -36.64 -64.72 17.50
CA LEU S 7 -36.22 -65.29 16.23
C LEU S 7 -34.77 -64.88 15.96
N THR S 8 -34.21 -65.39 14.87
CA THR S 8 -32.85 -65.07 14.50
C THR S 8 -32.76 -64.43 13.13
N ASN S 9 -31.73 -63.60 12.97
CA ASN S 9 -31.45 -62.96 11.70
C ASN S 9 -30.05 -62.37 11.82
N SER S 10 -29.58 -61.73 10.76
CA SER S 10 -28.24 -61.16 10.82
C SER S 10 -28.16 -59.87 10.03
N SER S 11 -26.95 -59.37 9.85
CA SER S 11 -26.75 -58.12 9.12
C SER S 11 -25.28 -57.89 8.86
N THR S 12 -24.99 -56.79 8.17
CA THR S 12 -23.62 -56.39 7.86
C THR S 12 -22.95 -55.92 9.14
N GLY S 13 -23.72 -55.90 10.22
CA GLY S 13 -23.20 -55.49 11.52
C GLY S 13 -23.20 -56.63 12.53
N GLY S 14 -23.46 -57.84 12.06
CA GLY S 14 -23.47 -58.99 12.96
C GLY S 14 -24.82 -59.65 13.16
N PRO S 15 -24.85 -60.88 13.71
CA PRO S 15 -26.08 -61.64 13.96
C PRO S 15 -26.87 -61.07 15.14
N VAL S 16 -28.18 -61.21 15.09
CA VAL S 16 -29.02 -60.70 16.16
C VAL S 16 -30.20 -61.62 16.51
N PHE S 17 -30.70 -61.44 17.73
CA PHE S 17 -31.88 -62.16 18.20
C PHE S 17 -32.94 -61.09 17.97
N VAL S 18 -34.05 -61.46 17.34
CA VAL S 18 -35.11 -60.51 17.07
C VAL S 18 -36.38 -60.91 17.79
N TYR S 19 -36.83 -60.06 18.70
CA TYR S 19 -38.04 -60.32 19.46
C TYR S 19 -39.23 -59.72 18.72
N VAL S 20 -40.15 -60.58 18.31
CA VAL S 20 -41.33 -60.16 17.57
C VAL S 20 -42.62 -60.51 18.29
N LYS S 21 -43.60 -59.64 18.16
CA LYS S 21 -44.91 -59.85 18.78
C LYS S 21 -45.98 -59.28 17.88
N ASP S 22 -46.99 -60.09 17.58
CA ASP S 22 -48.09 -59.67 16.72
C ASP S 22 -47.61 -59.01 15.43
N GLY S 23 -46.68 -59.66 14.75
CA GLY S 23 -46.16 -59.16 13.49
C GLY S 23 -45.28 -57.92 13.54
N LYS S 24 -44.85 -57.51 14.73
CA LYS S 24 -44.02 -56.33 14.85
C LYS S 24 -42.73 -56.60 15.61
N ILE S 25 -41.63 -56.02 15.13
CA ILE S 25 -40.34 -56.20 15.79
C ILE S 25 -40.30 -55.30 17.02
N ILE S 26 -40.01 -55.90 18.17
CA ILE S 26 -39.94 -55.17 19.43
C ILE S 26 -38.52 -54.68 19.70
N ARG S 27 -37.54 -55.54 19.45
CA ARG S 27 -36.15 -55.19 19.65
C ARG S 27 -35.22 -56.17 18.95
N MET S 28 -33.97 -55.77 18.77
CA MET S 28 -32.95 -56.60 18.15
C MET S 28 -31.74 -56.50 19.07
N THR S 29 -31.12 -57.63 19.39
CA THR S 29 -30.00 -57.61 20.31
C THR S 29 -28.86 -58.55 19.90
N PRO S 30 -27.70 -58.42 20.57
CA PRO S 30 -26.55 -59.28 20.26
C PRO S 30 -26.97 -60.67 20.71
N MET S 31 -26.24 -61.70 20.31
CA MET S 31 -26.59 -63.07 20.69
C MET S 31 -25.78 -63.64 21.84
N ASP S 32 -26.48 -64.13 22.86
CA ASP S 32 -25.89 -64.83 23.95
C ASP S 32 -25.83 -66.32 23.68
N PHE S 33 -24.76 -66.99 24.00
CA PHE S 33 -24.67 -68.41 23.71
C PHE S 33 -25.26 -69.22 24.87
N ASP S 34 -25.88 -70.35 24.56
CA ASP S 34 -26.45 -71.25 25.56
C ASP S 34 -25.48 -72.42 25.64
N ASP S 35 -24.65 -72.47 26.68
CA ASP S 35 -23.66 -73.53 26.82
C ASP S 35 -24.21 -74.94 26.92
N ALA S 36 -25.53 -75.08 27.03
CA ALA S 36 -26.11 -76.42 27.11
C ALA S 36 -26.19 -77.01 25.71
N VAL S 37 -26.28 -76.13 24.70
CA VAL S 37 -26.38 -76.61 23.32
C VAL S 37 -25.36 -76.01 22.35
N ASP S 38 -24.67 -74.95 22.75
CA ASP S 38 -23.67 -74.33 21.88
C ASP S 38 -22.24 -74.75 22.24
N ALA S 39 -21.53 -75.30 21.27
CA ALA S 39 -20.17 -75.78 21.44
C ALA S 39 -19.22 -74.82 22.14
N PRO S 40 -18.26 -75.37 22.91
CA PRO S 40 -17.25 -74.60 23.66
C PRO S 40 -16.37 -73.80 22.70
N SER S 41 -15.84 -72.69 23.20
CA SER S 41 -14.99 -71.81 22.40
C SER S 41 -13.55 -72.26 22.37
N TRP S 42 -12.79 -71.74 21.42
CA TRP S 42 -11.37 -72.06 21.33
C TRP S 42 -10.66 -71.48 22.55
N LYS S 43 -9.40 -71.86 22.72
CA LYS S 43 -8.58 -71.38 23.83
C LYS S 43 -7.15 -71.22 23.32
N ILE S 44 -6.46 -70.19 23.78
CA ILE S 44 -5.09 -69.96 23.38
C ILE S 44 -4.22 -69.80 24.62
N GLU S 45 -3.15 -70.59 24.68
CA GLU S 45 -2.21 -70.50 25.81
C GLU S 45 -1.02 -69.70 25.32
N ALA S 46 -0.74 -68.59 26.00
CA ALA S 46 0.37 -67.73 25.61
C ALA S 46 0.91 -66.94 26.80
N ARG S 47 2.24 -66.92 26.92
CA ARG S 47 2.92 -66.20 27.99
C ARG S 47 2.32 -66.44 29.38
N GLY S 48 2.11 -67.70 29.72
CA GLY S 48 1.56 -68.04 31.02
C GLY S 48 0.12 -67.66 31.27
N LYS S 49 -0.61 -67.32 30.22
CA LYS S 49 -2.01 -66.95 30.36
C LYS S 49 -2.88 -67.74 29.39
N THR S 50 -4.15 -67.88 29.75
CA THR S 50 -5.10 -68.59 28.91
C THR S 50 -6.11 -67.58 28.38
N PHE S 51 -6.25 -67.53 27.06
CA PHE S 51 -7.16 -66.60 26.43
C PHE S 51 -8.32 -67.33 25.75
N THR S 52 -9.53 -66.93 26.09
CA THR S 52 -10.73 -67.52 25.52
C THR S 52 -11.73 -66.39 25.34
N PRO S 53 -12.46 -66.36 24.22
CA PRO S 53 -13.44 -65.30 23.93
C PRO S 53 -14.73 -65.35 24.74
N PRO S 54 -15.49 -64.25 24.71
CA PRO S 54 -16.77 -64.14 25.43
C PRO S 54 -17.78 -65.08 24.75
N ARG S 55 -18.68 -65.67 25.53
CA ARG S 55 -19.69 -66.57 24.99
C ARG S 55 -20.84 -65.71 24.48
N LYS S 56 -20.52 -64.82 23.53
CA LYS S 56 -21.52 -63.91 22.99
C LYS S 56 -20.98 -63.25 21.72
N THR S 57 -21.88 -62.74 20.89
CA THR S 57 -21.46 -62.05 19.68
C THR S 57 -21.61 -60.56 19.98
N SER S 58 -21.20 -59.72 19.04
CA SER S 58 -21.31 -58.28 19.22
C SER S 58 -21.90 -57.67 17.96
N ILE S 59 -22.46 -56.48 18.07
CA ILE S 59 -23.05 -55.82 16.92
C ILE S 59 -22.52 -54.41 16.72
N ALA S 60 -22.64 -53.92 15.49
CA ALA S 60 -22.19 -52.58 15.14
C ALA S 60 -23.33 -51.61 15.47
N PRO S 61 -23.03 -50.31 15.57
CA PRO S 61 -24.04 -49.28 15.89
C PRO S 61 -25.23 -49.26 14.94
N TYR S 62 -24.96 -49.34 13.64
CA TYR S 62 -26.01 -49.32 12.63
C TYR S 62 -26.94 -50.52 12.68
N THR S 63 -26.48 -51.59 13.33
CA THR S 63 -27.31 -52.78 13.47
C THR S 63 -28.17 -52.60 14.72
N ALA S 64 -27.59 -51.99 15.74
CA ALA S 64 -28.32 -51.76 16.98
C ALA S 64 -29.56 -50.90 16.75
N GLY S 65 -29.48 -49.97 15.81
CA GLY S 65 -30.62 -49.13 15.53
C GLY S 65 -31.24 -49.43 14.19
N PHE S 66 -30.99 -50.64 13.68
CA PHE S 66 -31.50 -51.03 12.37
C PHE S 66 -33.01 -51.04 12.26
N LYS S 67 -33.71 -51.25 13.37
CA LYS S 67 -35.17 -51.29 13.34
C LYS S 67 -35.73 -49.99 12.78
N SER S 68 -35.06 -48.87 13.05
CA SER S 68 -35.52 -47.57 12.56
C SER S 68 -35.36 -47.46 11.04
N MET S 69 -34.61 -48.38 10.45
CA MET S 69 -34.42 -48.40 9.01
C MET S 69 -35.50 -49.25 8.34
N ILE S 70 -35.87 -50.34 9.00
CA ILE S 70 -36.91 -51.23 8.50
C ILE S 70 -38.23 -50.47 8.42
N TYR S 71 -38.56 -49.76 9.49
CA TYR S 71 -39.79 -48.98 9.57
C TYR S 71 -39.60 -47.50 9.25
N SER S 72 -38.63 -47.21 8.39
CA SER S 72 -38.35 -45.83 8.00
C SER S 72 -39.46 -45.22 7.14
N ASP S 73 -39.73 -43.94 7.35
CA ASP S 73 -40.76 -43.27 6.56
C ASP S 73 -40.20 -42.95 5.17
N LEU S 74 -38.91 -43.22 4.96
CA LEU S 74 -38.31 -42.96 3.66
C LEU S 74 -38.22 -44.26 2.86
N ARG S 75 -38.83 -45.30 3.43
CA ARG S 75 -38.91 -46.61 2.82
C ARG S 75 -39.76 -46.40 1.55
N ILE S 76 -39.39 -47.00 0.43
CA ILE S 76 -40.21 -46.84 -0.78
C ILE S 76 -41.50 -47.59 -0.46
N PRO S 77 -42.64 -46.89 -0.46
CA PRO S 77 -43.99 -47.40 -0.17
C PRO S 77 -44.59 -48.42 -1.13
N TYR S 78 -44.42 -48.17 -2.42
CA TYR S 78 -45.01 -49.01 -3.45
C TYR S 78 -44.35 -48.63 -4.77
N PRO S 79 -44.70 -49.32 -5.87
CA PRO S 79 -44.11 -48.96 -7.17
C PRO S 79 -44.43 -47.51 -7.51
N MET S 80 -43.45 -46.80 -8.04
CA MET S 80 -43.64 -45.39 -8.41
C MET S 80 -43.20 -45.11 -9.84
N LYS S 81 -43.87 -44.15 -10.46
CA LYS S 81 -43.56 -43.75 -11.82
C LYS S 81 -43.37 -42.24 -11.90
N ARG S 82 -42.34 -41.80 -12.62
CA ARG S 82 -42.09 -40.37 -12.78
C ARG S 82 -43.25 -39.81 -13.60
N LYS S 83 -43.96 -38.83 -13.05
CA LYS S 83 -45.10 -38.24 -13.74
C LYS S 83 -44.83 -37.76 -15.15
N SER S 84 -43.70 -37.08 -15.33
CA SER S 84 -43.33 -36.53 -16.64
C SER S 84 -42.81 -37.55 -17.66
N PHE S 85 -42.75 -38.82 -17.25
CA PHE S 85 -42.27 -39.87 -18.15
C PHE S 85 -43.42 -40.65 -18.80
N ASP S 86 -43.49 -40.61 -20.12
CA ASP S 86 -44.51 -41.33 -20.86
C ASP S 86 -43.83 -42.25 -21.85
N PRO S 87 -43.84 -43.57 -21.58
CA PRO S 87 -43.22 -44.59 -22.42
C PRO S 87 -43.64 -44.50 -23.89
N ASN S 88 -44.88 -44.08 -24.12
CA ASN S 88 -45.39 -44.00 -25.48
C ASN S 88 -45.54 -42.57 -26.01
N GLY S 89 -44.93 -41.62 -25.31
CA GLY S 89 -45.02 -40.23 -25.72
C GLY S 89 -43.71 -39.54 -25.40
N GLU S 90 -43.79 -38.36 -24.80
CA GLU S 90 -42.60 -37.62 -24.42
C GLU S 90 -42.01 -38.23 -23.15
N ARG S 91 -40.77 -38.68 -23.24
CA ARG S 91 -40.12 -39.30 -22.10
C ARG S 91 -39.47 -38.26 -21.19
N ASN S 92 -39.26 -37.06 -21.73
CA ASN S 92 -38.67 -35.96 -20.98
C ASN S 92 -37.47 -36.36 -20.13
N PRO S 93 -36.40 -36.83 -20.78
CA PRO S 93 -35.18 -37.23 -20.08
C PRO S 93 -34.65 -36.08 -19.23
N GLN S 94 -34.78 -34.87 -19.77
CA GLN S 94 -34.29 -33.69 -19.07
C GLN S 94 -35.03 -33.34 -17.78
N LEU S 95 -36.13 -34.05 -17.49
CA LEU S 95 -36.87 -33.76 -16.27
C LEU S 95 -36.57 -34.72 -15.12
N ARG S 96 -35.70 -35.71 -15.37
CA ARG S 96 -35.34 -36.64 -14.30
C ARG S 96 -34.63 -35.82 -13.23
N GLY S 97 -35.01 -35.99 -11.98
CA GLY S 97 -34.39 -35.24 -10.91
C GLY S 97 -34.95 -33.84 -10.75
N ALA S 98 -35.95 -33.49 -11.55
CA ALA S 98 -36.55 -32.16 -11.48
C ALA S 98 -37.07 -31.86 -10.07
N GLY S 99 -37.72 -32.84 -9.45
CA GLY S 99 -38.25 -32.64 -8.11
C GLY S 99 -37.14 -32.34 -7.13
N LEU S 100 -35.99 -32.99 -7.33
CA LEU S 100 -34.83 -32.78 -6.48
C LEU S 100 -34.31 -31.36 -6.69
N SER S 101 -34.30 -30.92 -7.95
CA SER S 101 -33.82 -29.58 -8.30
C SER S 101 -34.68 -28.49 -7.67
N LYS S 102 -35.90 -28.84 -7.26
CA LYS S 102 -36.80 -27.88 -6.65
C LYS S 102 -37.07 -28.28 -5.20
N GLN S 103 -36.15 -29.06 -4.64
CA GLN S 103 -36.25 -29.51 -3.24
C GLN S 103 -37.51 -30.26 -2.84
N ASP S 104 -38.10 -31.03 -3.75
CA ASP S 104 -39.29 -31.83 -3.45
C ASP S 104 -39.30 -33.07 -4.34
N PRO S 105 -38.46 -34.07 -4.01
CA PRO S 105 -38.32 -35.33 -4.73
C PRO S 105 -39.61 -36.14 -4.93
N TRP S 106 -40.36 -36.32 -3.85
CA TRP S 106 -41.59 -37.11 -3.91
C TRP S 106 -42.63 -36.61 -4.91
N SER S 107 -42.72 -35.28 -5.09
CA SER S 107 -43.70 -34.68 -5.98
C SER S 107 -43.53 -35.08 -7.44
N ASP S 108 -42.36 -35.62 -7.79
CA ASP S 108 -42.08 -36.05 -9.15
C ASP S 108 -42.75 -37.38 -9.48
N TYR S 109 -43.18 -38.11 -8.46
CA TYR S 109 -43.76 -39.43 -8.66
C TYR S 109 -45.21 -39.68 -8.30
N GLU S 110 -45.79 -40.70 -8.94
CA GLU S 110 -47.16 -41.10 -8.69
C GLU S 110 -47.16 -42.61 -8.49
N ARG S 111 -48.09 -43.09 -7.67
CA ARG S 111 -48.21 -44.52 -7.39
C ARG S 111 -48.74 -45.30 -8.58
N ILE S 112 -48.21 -46.50 -8.76
CA ILE S 112 -48.67 -47.40 -9.83
C ILE S 112 -48.62 -48.81 -9.25
N SER S 113 -49.29 -49.75 -9.90
CA SER S 113 -49.32 -51.12 -9.41
C SER S 113 -48.08 -51.90 -9.81
N TRP S 114 -47.85 -53.02 -9.12
CA TRP S 114 -46.72 -53.87 -9.42
C TRP S 114 -46.90 -54.41 -10.85
N ASP S 115 -48.15 -54.70 -11.19
CA ASP S 115 -48.46 -55.23 -12.52
C ASP S 115 -48.15 -54.24 -13.63
N GLU S 116 -48.56 -52.99 -13.47
CA GLU S 116 -48.28 -51.99 -14.49
C GLU S 116 -46.81 -51.61 -14.54
N ALA S 117 -46.17 -51.55 -13.37
CA ALA S 117 -44.75 -51.19 -13.31
C ALA S 117 -43.91 -52.21 -14.07
N THR S 118 -44.14 -53.50 -13.80
CA THR S 118 -43.37 -54.54 -14.46
C THR S 118 -43.71 -54.64 -15.96
N ASP S 119 -44.96 -54.35 -16.32
CA ASP S 119 -45.33 -54.37 -17.74
C ASP S 119 -44.54 -53.30 -18.49
N ILE S 120 -44.41 -52.13 -17.87
CA ILE S 120 -43.68 -51.03 -18.48
C ILE S 120 -42.21 -51.40 -18.65
N VAL S 121 -41.62 -51.96 -17.60
CA VAL S 121 -40.21 -52.37 -17.64
C VAL S 121 -39.98 -53.45 -18.71
N VAL S 122 -40.84 -54.47 -18.71
CA VAL S 122 -40.71 -55.56 -19.69
C VAL S 122 -40.86 -55.05 -21.12
N ALA S 123 -41.79 -54.11 -21.33
CA ALA S 123 -41.98 -53.55 -22.66
C ALA S 123 -40.68 -52.88 -23.12
N GLU S 124 -40.03 -52.17 -22.22
CA GLU S 124 -38.78 -51.49 -22.54
C GLU S 124 -37.65 -52.49 -22.80
N ILE S 125 -37.55 -53.50 -21.94
CA ILE S 125 -36.51 -54.52 -22.10
C ILE S 125 -36.60 -55.18 -23.47
N ASN S 126 -37.79 -55.67 -23.83
CA ASN S 126 -37.97 -56.33 -25.11
C ASN S 126 -37.80 -55.44 -26.33
N ARG S 127 -38.25 -54.18 -26.24
CA ARG S 127 -38.09 -53.26 -27.36
C ARG S 127 -36.59 -53.05 -27.63
N ILE S 128 -35.85 -52.82 -26.55
CA ILE S 128 -34.42 -52.58 -26.65
C ILE S 128 -33.63 -53.81 -27.10
N LYS S 129 -33.99 -54.97 -26.58
CA LYS S 129 -33.29 -56.18 -26.98
C LYS S 129 -33.47 -56.46 -28.46
N HIS S 130 -34.67 -56.22 -29.00
CA HIS S 130 -34.88 -56.45 -30.43
C HIS S 130 -34.34 -55.37 -31.34
N ALA S 131 -34.15 -54.17 -30.80
CA ALA S 131 -33.64 -53.08 -31.61
C ALA S 131 -32.13 -52.90 -31.50
N TYR S 132 -31.57 -53.18 -30.33
CA TYR S 132 -30.14 -52.99 -30.11
C TYR S 132 -29.41 -54.19 -29.52
N GLY S 133 -30.16 -55.09 -28.89
CA GLY S 133 -29.54 -56.25 -28.29
C GLY S 133 -29.40 -56.09 -26.79
N PRO S 134 -29.18 -57.18 -26.07
CA PRO S 134 -29.03 -57.23 -24.61
C PRO S 134 -28.01 -56.26 -24.05
N SER S 135 -26.94 -56.02 -24.81
CA SER S 135 -25.88 -55.12 -24.37
C SER S 135 -26.33 -53.68 -24.17
N ALA S 136 -27.46 -53.30 -24.77
CA ALA S 136 -27.96 -51.93 -24.63
C ALA S 136 -28.60 -51.71 -23.25
N ILE S 137 -28.73 -52.78 -22.48
CA ILE S 137 -29.32 -52.70 -21.15
C ILE S 137 -28.22 -52.68 -20.09
N LEU S 138 -27.96 -51.49 -19.55
CA LEU S 138 -26.94 -51.32 -18.53
C LEU S 138 -27.54 -51.59 -17.16
N SER S 139 -26.76 -52.20 -16.29
CA SER S 139 -27.24 -52.47 -14.95
C SER S 139 -26.11 -52.62 -13.98
N THR S 140 -26.38 -52.22 -12.74
CA THR S 140 -25.38 -52.33 -11.70
C THR S 140 -25.96 -52.08 -10.31
N PRO S 141 -25.62 -52.95 -9.36
CA PRO S 141 -26.13 -52.74 -8.01
C PRO S 141 -24.96 -51.95 -7.46
N SER S 142 -24.52 -52.28 -6.26
CA SER S 142 -23.35 -51.60 -5.77
C SER S 142 -22.55 -52.55 -4.91
N SER S 143 -21.48 -52.06 -4.29
CA SER S 143 -20.63 -52.94 -3.51
C SER S 143 -21.30 -53.69 -2.39
N HIS S 144 -22.06 -53.01 -1.54
CA HIS S 144 -22.66 -53.73 -0.43
C HIS S 144 -24.14 -54.00 -0.48
N HIS S 145 -24.61 -54.85 0.41
CA HIS S 145 -25.98 -55.30 0.31
C HIS S 145 -26.49 -55.87 1.62
N MET S 146 -27.81 -55.94 1.77
CA MET S 146 -28.41 -56.51 2.96
C MET S 146 -27.81 -57.91 3.12
N TRP S 147 -27.52 -58.31 4.36
CA TRP S 147 -26.93 -59.61 4.62
C TRP S 147 -27.87 -60.75 4.23
N GLY S 148 -27.30 -61.82 3.69
CA GLY S 148 -28.10 -62.97 3.26
C GLY S 148 -27.49 -63.56 2.01
N ASN S 149 -26.93 -64.76 2.14
CA ASN S 149 -26.26 -65.41 1.02
C ASN S 149 -27.09 -65.67 -0.24
N VAL S 150 -28.29 -66.23 -0.08
CA VAL S 150 -29.11 -66.51 -1.25
C VAL S 150 -29.62 -65.25 -1.95
N GLY S 151 -30.01 -64.24 -1.17
CA GLY S 151 -30.52 -63.02 -1.77
C GLY S 151 -29.46 -62.00 -2.13
N TYR S 152 -28.21 -62.27 -1.79
CA TYR S 152 -27.12 -61.34 -2.08
C TYR S 152 -26.99 -61.08 -3.58
N ARG S 153 -26.42 -59.94 -3.93
CA ARG S 153 -26.27 -59.55 -5.32
C ARG S 153 -25.46 -60.54 -6.20
N HIS S 154 -24.53 -61.27 -5.60
CA HIS S 154 -23.75 -62.24 -6.38
C HIS S 154 -24.62 -63.46 -6.68
N SER S 155 -25.70 -63.61 -5.92
CA SER S 155 -26.60 -64.74 -6.05
C SER S 155 -27.87 -64.46 -6.87
N THR S 156 -28.87 -63.85 -6.24
CA THR S 156 -30.13 -63.56 -6.92
C THR S 156 -30.01 -62.60 -8.10
N TYR S 157 -29.41 -61.43 -7.87
CA TYR S 157 -29.22 -60.44 -8.93
C TYR S 157 -28.60 -61.05 -10.18
N PHE S 158 -27.46 -61.71 -10.02
CA PHE S 158 -26.78 -62.33 -11.17
C PHE S 158 -27.57 -63.44 -11.83
N ARG S 159 -28.19 -64.33 -11.06
CA ARG S 159 -28.95 -65.41 -11.67
C ARG S 159 -30.00 -64.85 -12.63
N PHE S 160 -30.64 -63.76 -12.23
CA PHE S 160 -31.65 -63.15 -13.09
C PHE S 160 -31.09 -62.34 -14.25
N MET S 161 -30.24 -61.37 -13.93
CA MET S 161 -29.66 -60.50 -14.97
C MET S 161 -28.98 -61.29 -16.08
N ASN S 162 -28.30 -62.37 -15.71
CA ASN S 162 -27.60 -63.22 -16.69
C ASN S 162 -28.56 -63.84 -17.70
N MET S 163 -29.81 -64.02 -17.29
CA MET S 163 -30.83 -64.60 -18.15
C MET S 163 -31.60 -63.54 -18.91
N MET S 164 -31.38 -62.28 -18.57
CA MET S 164 -32.10 -61.17 -19.18
C MET S 164 -31.28 -60.31 -20.16
N GLY S 165 -30.20 -59.71 -19.67
CA GLY S 165 -29.37 -58.87 -20.52
C GLY S 165 -27.94 -59.41 -20.63
N PHE S 166 -26.91 -58.58 -20.42
CA PHE S 166 -27.00 -57.16 -20.07
C PHE S 166 -25.57 -56.66 -20.04
N THR S 167 -25.38 -55.34 -20.04
CA THR S 167 -24.03 -54.77 -19.93
C THR S 167 -23.85 -54.41 -18.46
N TYR S 168 -22.90 -55.07 -17.81
CA TYR S 168 -22.65 -54.83 -16.40
C TYR S 168 -21.68 -53.69 -16.20
N ALA S 169 -21.97 -52.84 -15.21
CA ALA S 169 -21.06 -51.75 -14.87
C ALA S 169 -20.23 -52.41 -13.78
N ASP S 170 -19.20 -53.15 -14.19
CA ASP S 170 -18.36 -53.87 -13.23
C ASP S 170 -17.72 -52.93 -12.22
N HIS S 171 -17.67 -53.38 -10.98
CA HIS S 171 -17.11 -52.58 -9.89
C HIS S 171 -15.60 -52.54 -9.86
N ASN S 172 -15.07 -51.35 -9.59
CA ASN S 172 -13.63 -51.15 -9.45
C ASN S 172 -13.34 -51.78 -8.08
N PRO S 173 -12.11 -52.28 -7.87
CA PRO S 173 -11.82 -52.88 -6.56
C PRO S 173 -11.64 -51.79 -5.50
N ASP S 174 -12.71 -51.05 -5.23
CA ASP S 174 -12.69 -49.95 -4.26
C ASP S 174 -11.96 -50.21 -2.95
N SER S 175 -12.37 -51.27 -2.27
CA SER S 175 -11.79 -51.63 -0.98
C SER S 175 -10.26 -51.87 -1.07
N TRP S 176 -9.81 -52.44 -2.19
CA TRP S 176 -8.41 -52.81 -2.41
C TRP S 176 -7.52 -51.92 -3.29
N GLU S 177 -8.10 -50.97 -4.02
CA GLU S 177 -7.36 -50.14 -4.96
C GLU S 177 -5.83 -50.23 -4.97
N GLY S 178 -5.16 -49.59 -4.02
CA GLY S 178 -3.70 -49.63 -3.98
C GLY S 178 -3.06 -51.01 -3.98
N TRP S 179 -3.64 -51.93 -3.22
CA TRP S 179 -3.11 -53.29 -3.15
C TRP S 179 -3.37 -54.04 -4.45
N HIS S 180 -4.50 -53.74 -5.08
CA HIS S 180 -4.90 -54.39 -6.32
C HIS S 180 -4.11 -53.92 -7.55
N TRP S 181 -4.04 -52.61 -7.75
CA TRP S 181 -3.32 -52.07 -8.90
C TRP S 181 -1.84 -51.87 -8.63
N GLY S 182 -1.43 -52.02 -7.36
CA GLY S 182 -0.04 -51.83 -7.02
C GLY S 182 0.65 -52.99 -6.33
N GLY S 183 0.17 -53.32 -5.13
CA GLY S 183 0.75 -54.41 -4.36
C GLY S 183 0.78 -55.75 -5.06
N MET S 184 -0.25 -56.03 -5.87
CA MET S 184 -0.33 -57.30 -6.57
C MET S 184 0.91 -57.56 -7.44
N HIS S 185 1.44 -56.49 -8.04
CA HIS S 185 2.61 -56.60 -8.91
C HIS S 185 3.88 -56.86 -8.13
N MET S 186 3.86 -56.53 -6.84
CA MET S 186 5.01 -56.69 -5.98
C MET S 186 5.05 -58.02 -5.24
N TRP S 187 3.89 -58.54 -4.81
CA TRP S 187 3.91 -59.81 -4.10
C TRP S 187 2.80 -60.80 -4.48
N GLY S 188 2.04 -60.48 -5.52
CA GLY S 188 0.98 -61.38 -5.96
C GLY S 188 -0.32 -61.30 -5.17
N PHE S 189 -0.80 -62.46 -4.72
CA PHE S 189 -2.04 -62.55 -3.97
C PHE S 189 -3.18 -61.98 -4.81
N SER S 190 -3.14 -62.21 -6.12
CA SER S 190 -4.19 -61.69 -6.99
C SER S 190 -5.57 -62.18 -6.55
N TRP S 191 -5.65 -63.41 -6.04
CA TRP S 191 -6.92 -63.99 -5.59
C TRP S 191 -7.48 -63.26 -4.37
N ARG S 192 -6.65 -62.49 -3.70
CA ARG S 192 -7.09 -61.70 -2.54
C ARG S 192 -7.04 -60.24 -2.95
N LEU S 193 -6.90 -60.02 -4.25
CA LEU S 193 -6.83 -58.68 -4.85
C LEU S 193 -5.72 -57.83 -4.26
N GLY S 194 -4.64 -58.48 -3.85
CA GLY S 194 -3.50 -57.76 -3.30
C GLY S 194 -3.29 -57.83 -1.79
N ASN S 195 -4.31 -58.22 -1.03
CA ASN S 195 -4.18 -58.31 0.43
C ASN S 195 -3.48 -59.62 0.81
N PRO S 196 -2.83 -59.64 1.99
CA PRO S 196 -2.13 -60.83 2.48
C PRO S 196 -3.05 -61.80 3.19
N GLU S 197 -2.67 -63.08 3.26
CA GLU S 197 -3.46 -64.06 3.99
C GLU S 197 -3.20 -63.71 5.46
N GLN S 198 -4.05 -64.16 6.37
CA GLN S 198 -3.88 -63.83 7.80
C GLN S 198 -4.07 -64.99 8.77
N TYR S 199 -4.15 -66.21 8.24
CA TYR S 199 -4.37 -67.40 9.07
C TYR S 199 -3.53 -67.54 10.34
N ASP S 200 -4.21 -67.96 11.41
CA ASP S 200 -3.57 -68.24 12.70
C ASP S 200 -2.64 -67.20 13.30
N LEU S 201 -2.86 -65.92 13.00
CA LEU S 201 -2.00 -64.88 13.53
C LEU S 201 -2.26 -64.46 14.98
N LEU S 202 -3.50 -64.59 15.43
CA LEU S 202 -3.83 -64.21 16.80
C LEU S 202 -2.93 -64.89 17.83
N GLU S 203 -2.82 -66.22 17.76
CA GLU S 203 -1.96 -66.92 18.70
C GLU S 203 -0.50 -66.50 18.52
N ASP S 204 -0.08 -66.25 17.29
CA ASP S 204 1.29 -65.84 17.02
C ASP S 204 1.55 -64.51 17.72
N GLY S 205 0.60 -63.59 17.61
CA GLY S 205 0.74 -62.29 18.25
C GLY S 205 0.70 -62.34 19.76
N LEU S 206 -0.26 -63.08 20.31
CA LEU S 206 -0.36 -63.20 21.75
C LEU S 206 0.93 -63.75 22.35
N LYS S 207 1.58 -64.64 21.61
CA LYS S 207 2.83 -65.24 22.06
C LYS S 207 4.09 -64.41 21.80
N HIS S 208 4.12 -63.67 20.70
CA HIS S 208 5.33 -62.93 20.34
C HIS S 208 5.29 -61.42 20.15
N ALA S 209 4.11 -60.84 20.01
CA ALA S 209 4.02 -59.39 19.77
C ALA S 209 4.59 -58.51 20.87
N GLU S 210 5.34 -57.48 20.48
CA GLU S 210 5.92 -56.51 21.40
C GLU S 210 5.44 -55.12 20.98
N MET S 211 5.16 -54.97 19.69
CA MET S 211 4.65 -53.70 19.18
C MET S 211 3.81 -53.89 17.93
N ILE S 212 2.78 -53.07 17.79
CA ILE S 212 1.93 -53.12 16.62
C ILE S 212 1.78 -51.73 16.06
N VAL S 213 2.08 -51.59 14.77
CA VAL S 213 1.97 -50.31 14.11
C VAL S 213 0.70 -50.29 13.26
N PHE S 214 -0.30 -49.55 13.73
CA PHE S 214 -1.56 -49.43 13.02
C PHE S 214 -1.42 -48.29 12.02
N TRP S 215 -1.27 -48.65 10.75
CA TRP S 215 -1.10 -47.69 9.69
C TRP S 215 -2.36 -47.63 8.84
N SER S 216 -3.08 -46.51 8.90
CA SER S 216 -4.32 -46.34 8.14
C SER S 216 -5.26 -47.45 8.56
N SER S 217 -5.25 -47.75 9.86
CA SER S 217 -6.04 -48.83 10.43
C SER S 217 -6.86 -48.38 11.65
N ASP S 218 -8.18 -48.57 11.57
CA ASP S 218 -9.08 -48.23 12.67
C ASP S 218 -9.97 -49.45 12.90
N PRO S 219 -9.40 -50.50 13.51
CA PRO S 219 -10.08 -51.77 13.84
C PRO S 219 -11.44 -51.63 14.51
N GLU S 220 -11.54 -50.76 15.51
CA GLU S 220 -12.81 -50.57 16.20
C GLU S 220 -13.90 -50.09 15.24
N THR S 221 -13.59 -49.10 14.41
CA THR S 221 -14.58 -48.57 13.48
C THR S 221 -14.95 -49.54 12.35
N ASN S 222 -13.94 -50.01 11.62
CA ASN S 222 -14.16 -50.89 10.49
C ASN S 222 -14.34 -52.37 10.84
N SER S 223 -13.73 -52.80 11.95
CA SER S 223 -13.81 -54.20 12.40
C SER S 223 -13.34 -55.17 11.33
N GLY S 224 -12.61 -54.66 10.33
CA GLY S 224 -12.21 -55.49 9.22
C GLY S 224 -13.39 -55.23 8.30
N ILE S 225 -14.46 -55.96 8.55
CA ILE S 225 -15.73 -55.80 7.84
C ILE S 225 -16.76 -56.82 8.37
N TYR S 226 -17.99 -56.36 8.57
CA TYR S 226 -19.09 -57.21 9.04
C TYR S 226 -18.91 -57.86 10.42
N ALA S 227 -17.87 -57.51 11.16
CA ALA S 227 -17.64 -58.16 12.44
C ALA S 227 -17.92 -57.40 13.73
N GLY S 228 -18.86 -56.46 13.71
CA GLY S 228 -19.19 -55.71 14.92
C GLY S 228 -17.98 -55.23 15.72
N PHE S 229 -17.83 -55.75 16.93
CA PHE S 229 -16.71 -55.38 17.79
C PHE S 229 -16.03 -56.64 18.35
N GLU S 230 -16.04 -57.69 17.55
CA GLU S 230 -15.46 -58.97 17.92
C GLU S 230 -13.99 -58.90 18.37
N SER S 231 -13.21 -58.04 17.73
CA SER S 231 -11.77 -57.95 18.06
C SER S 231 -11.39 -57.06 19.24
N ASN S 232 -12.35 -56.32 19.79
CA ASN S 232 -12.06 -55.42 20.92
C ASN S 232 -11.33 -56.08 22.08
N ILE S 233 -11.76 -57.29 22.45
CA ILE S 233 -11.13 -57.98 23.57
C ILE S 233 -9.70 -58.44 23.26
N ARG S 234 -9.43 -58.71 21.99
CA ARG S 234 -8.10 -59.16 21.58
C ARG S 234 -7.05 -58.09 21.77
N ARG S 235 -7.36 -56.84 21.43
CA ARG S 235 -6.41 -55.75 21.61
C ARG S 235 -6.28 -55.44 23.11
N GLN S 236 -7.33 -55.75 23.86
CA GLN S 236 -7.29 -55.54 25.31
C GLN S 236 -6.27 -56.51 25.89
N TRP S 237 -6.27 -57.73 25.37
CA TRP S 237 -5.34 -58.76 25.83
C TRP S 237 -3.90 -58.34 25.50
N LEU S 238 -3.68 -57.91 24.27
CA LEU S 238 -2.35 -57.49 23.83
C LEU S 238 -1.87 -56.34 24.70
N LYS S 239 -2.77 -55.38 24.92
CA LYS S 239 -2.46 -54.21 25.74
C LYS S 239 -2.07 -54.62 27.15
N ASP S 240 -2.76 -55.62 27.70
CA ASP S 240 -2.47 -56.10 29.04
C ASP S 240 -1.15 -56.87 29.07
N LEU S 241 -0.71 -57.34 27.91
CA LEU S 241 0.55 -58.08 27.81
C LEU S 241 1.72 -57.12 27.63
N GLY S 242 1.43 -55.82 27.60
CA GLY S 242 2.46 -54.82 27.44
C GLY S 242 2.83 -54.45 26.02
N VAL S 243 1.97 -54.80 25.05
CA VAL S 243 2.24 -54.48 23.66
C VAL S 243 1.95 -53.00 23.37
N ASP S 244 2.92 -52.32 22.77
CA ASP S 244 2.76 -50.91 22.42
C ASP S 244 1.99 -50.76 21.12
N PHE S 245 1.13 -49.75 21.07
CA PHE S 245 0.31 -49.48 19.89
C PHE S 245 0.63 -48.11 19.31
N VAL S 246 1.15 -48.08 18.09
CA VAL S 246 1.47 -46.82 17.41
C VAL S 246 0.45 -46.65 16.29
N PHE S 247 -0.13 -45.47 16.18
CA PHE S 247 -1.11 -45.20 15.14
C PHE S 247 -0.64 -44.12 14.18
N ILE S 248 -0.71 -44.43 12.89
CA ILE S 248 -0.33 -43.48 11.85
C ILE S 248 -1.59 -43.26 11.03
N ASP S 249 -2.17 -42.07 11.17
CA ASP S 249 -3.42 -41.74 10.51
C ASP S 249 -3.61 -40.22 10.59
N PRO S 250 -3.94 -39.57 9.46
CA PRO S 250 -4.12 -38.11 9.49
C PRO S 250 -5.11 -37.75 10.62
N HIS S 251 -6.09 -38.62 10.82
CA HIS S 251 -7.09 -38.40 11.87
C HIS S 251 -6.85 -39.35 13.03
N MET S 252 -6.94 -38.84 14.25
CA MET S 252 -6.76 -39.69 15.41
C MET S 252 -8.05 -40.52 15.46
N ASN S 253 -8.04 -41.65 14.76
CA ASN S 253 -9.22 -42.51 14.66
C ASN S 253 -9.72 -43.06 15.99
N HIS S 254 -10.86 -43.73 15.94
CA HIS S 254 -11.48 -44.27 17.15
C HIS S 254 -10.71 -45.32 17.91
N THR S 255 -9.90 -46.11 17.21
CA THR S 255 -9.10 -47.12 17.90
C THR S 255 -7.98 -46.37 18.62
N ALA S 256 -7.41 -45.38 17.95
CA ALA S 256 -6.33 -44.58 18.52
C ALA S 256 -6.83 -43.85 19.78
N ARG S 257 -8.02 -43.30 19.70
CA ARG S 257 -8.62 -42.58 20.82
C ARG S 257 -8.77 -43.47 22.04
N LEU S 258 -8.96 -44.76 21.79
CA LEU S 258 -9.15 -45.70 22.89
C LEU S 258 -7.87 -46.32 23.45
N VAL S 259 -6.95 -46.71 22.57
CA VAL S 259 -5.74 -47.39 23.04
C VAL S 259 -4.37 -46.96 22.51
N ALA S 260 -4.28 -45.82 21.82
CA ALA S 260 -2.98 -45.40 21.29
C ALA S 260 -1.94 -45.06 22.34
N ASP S 261 -0.70 -45.47 22.08
CA ASP S 261 0.41 -45.15 22.96
C ASP S 261 1.09 -43.95 22.31
N LYS S 262 0.93 -43.85 20.99
CA LYS S 262 1.48 -42.74 20.22
C LYS S 262 0.74 -42.62 18.90
N TRP S 263 0.46 -41.38 18.51
CA TRP S 263 -0.26 -41.11 17.27
C TRP S 263 0.49 -40.13 16.36
N PHE S 264 0.61 -40.49 15.08
CA PHE S 264 1.26 -39.66 14.07
C PHE S 264 0.16 -39.23 13.11
N SER S 265 0.17 -37.97 12.69
CA SER S 265 -0.84 -37.44 11.75
C SER S 265 -0.18 -36.89 10.48
N PRO S 266 0.12 -37.76 9.52
CA PRO S 266 0.74 -37.32 8.27
C PRO S 266 -0.25 -36.57 7.38
N LYS S 267 0.26 -35.62 6.59
CA LYS S 267 -0.57 -34.86 5.67
C LYS S 267 -1.13 -35.83 4.64
N ILE S 268 -2.29 -35.52 4.04
CA ILE S 268 -2.86 -36.43 3.05
C ILE S 268 -1.86 -36.74 1.92
N GLY S 269 -1.83 -38.00 1.51
CA GLY S 269 -0.96 -38.44 0.44
C GLY S 269 0.54 -38.40 0.67
N THR S 270 0.98 -38.52 1.93
CA THR S 270 2.41 -38.47 2.22
C THR S 270 2.92 -39.67 3.02
N ASP S 271 2.08 -40.68 3.18
CA ASP S 271 2.48 -41.86 3.95
C ASP S 271 3.74 -42.55 3.43
N HIS S 272 3.85 -42.69 2.11
CA HIS S 272 4.99 -43.37 1.55
C HIS S 272 6.31 -42.63 1.82
N ALA S 273 6.22 -41.37 2.23
CA ALA S 273 7.43 -40.63 2.57
C ALA S 273 7.92 -41.23 3.89
N LEU S 274 6.99 -41.58 4.77
CA LEU S 274 7.35 -42.17 6.05
C LEU S 274 7.90 -43.58 5.87
N SER S 275 7.27 -44.34 4.98
CA SER S 275 7.75 -45.71 4.75
C SER S 275 9.18 -45.68 4.20
N PHE S 276 9.47 -44.74 3.30
CA PHE S 276 10.82 -44.63 2.75
C PHE S 276 11.85 -44.20 3.79
N ALA S 277 11.47 -43.29 4.68
CA ALA S 277 12.39 -42.81 5.71
C ALA S 277 12.68 -43.93 6.71
N ILE S 278 11.68 -44.75 6.99
CA ILE S 278 11.87 -45.87 7.90
C ILE S 278 12.84 -46.86 7.26
N ALA S 279 12.63 -47.13 5.97
CA ALA S 279 13.51 -48.05 5.25
C ALA S 279 14.92 -47.47 5.18
N TYR S 280 15.01 -46.15 4.95
CA TYR S 280 16.29 -45.46 4.88
C TYR S 280 17.06 -45.65 6.18
N THR S 281 16.34 -45.54 7.29
CA THR S 281 16.93 -45.70 8.61
C THR S 281 17.47 -47.12 8.79
N TRP S 282 16.69 -48.12 8.40
CA TRP S 282 17.10 -49.51 8.53
C TRP S 282 18.31 -49.84 7.66
N LEU S 283 18.37 -49.25 6.47
CA LEU S 283 19.48 -49.50 5.56
C LEU S 283 20.76 -48.88 6.11
N LYS S 284 20.64 -47.65 6.60
CA LYS S 284 21.77 -46.93 7.16
C LYS S 284 22.31 -47.59 8.41
N GLU S 285 21.42 -48.25 9.15
CA GLU S 285 21.83 -48.89 10.40
C GLU S 285 21.88 -50.41 10.32
N ASP S 286 21.68 -50.96 9.12
CA ASP S 286 21.70 -52.41 8.92
C ASP S 286 20.77 -53.10 9.91
N SER S 287 19.62 -52.49 10.18
CA SER S 287 18.69 -53.06 11.14
C SER S 287 17.47 -53.74 10.52
N TYR S 288 17.71 -54.77 9.72
CA TYR S 288 16.62 -55.53 9.11
C TYR S 288 17.09 -56.96 8.86
N ASP S 289 16.17 -57.83 8.43
CA ASP S 289 16.51 -59.23 8.18
C ASP S 289 17.20 -59.40 6.84
N LYS S 290 18.50 -59.21 6.80
CA LYS S 290 19.25 -59.34 5.55
C LYS S 290 19.16 -60.72 4.91
N GLU S 291 19.25 -61.78 5.72
CA GLU S 291 19.17 -63.13 5.17
C GLU S 291 17.83 -63.34 4.47
N TYR S 292 16.76 -62.87 5.10
CA TYR S 292 15.42 -62.99 4.54
C TYR S 292 15.31 -62.26 3.21
N VAL S 293 15.77 -61.02 3.18
CA VAL S 293 15.71 -60.21 1.97
C VAL S 293 16.52 -60.79 0.82
N ALA S 294 17.72 -61.27 1.10
CA ALA S 294 18.58 -61.85 0.07
C ALA S 294 17.93 -63.08 -0.55
N ALA S 295 17.14 -63.80 0.22
CA ALA S 295 16.50 -65.00 -0.28
C ALA S 295 15.09 -64.77 -0.84
N ASN S 296 14.35 -63.83 -0.25
CA ASN S 296 12.98 -63.62 -0.68
C ASN S 296 12.62 -62.34 -1.42
N ALA S 297 13.62 -61.53 -1.76
CA ALA S 297 13.36 -60.28 -2.48
C ALA S 297 14.06 -60.23 -3.83
N HIS S 298 13.44 -59.51 -4.77
CA HIS S 298 13.97 -59.33 -6.12
C HIS S 298 14.07 -57.84 -6.43
N GLY S 299 15.22 -57.42 -6.96
CA GLY S 299 15.42 -56.02 -7.30
C GLY S 299 15.72 -55.14 -6.09
N PHE S 300 16.02 -55.77 -4.96
CA PHE S 300 16.30 -55.03 -3.74
C PHE S 300 17.54 -54.14 -3.79
N GLU S 301 18.62 -54.63 -4.40
CA GLU S 301 19.84 -53.84 -4.50
C GLU S 301 19.55 -52.49 -5.14
N GLU S 302 18.89 -52.52 -6.30
CA GLU S 302 18.55 -51.31 -7.01
C GLU S 302 17.62 -50.42 -6.18
N TRP S 303 16.65 -51.03 -5.51
CA TRP S 303 15.71 -50.27 -4.70
C TRP S 303 16.43 -49.57 -3.56
N ALA S 304 17.34 -50.29 -2.91
CA ALA S 304 18.11 -49.73 -1.81
C ALA S 304 18.86 -48.47 -2.26
N ASP S 305 19.48 -48.53 -3.43
CA ASP S 305 20.21 -47.37 -3.95
C ASP S 305 19.27 -46.18 -4.15
N TYR S 306 18.04 -46.47 -4.56
CA TYR S 306 17.08 -45.41 -4.75
C TYR S 306 16.71 -44.78 -3.41
N VAL S 307 16.48 -45.61 -2.40
CA VAL S 307 16.14 -45.11 -1.07
C VAL S 307 17.28 -44.28 -0.52
N LEU S 308 18.51 -44.69 -0.81
CA LEU S 308 19.68 -43.98 -0.32
C LEU S 308 19.94 -42.67 -1.07
N GLY S 309 19.19 -42.44 -2.15
CA GLY S 309 19.35 -41.21 -2.91
C GLY S 309 20.38 -41.24 -4.02
N LYS S 310 20.91 -42.42 -4.32
CA LYS S 310 21.91 -42.54 -5.37
C LYS S 310 21.38 -42.35 -6.79
N THR S 311 20.09 -42.60 -6.99
CA THR S 311 19.51 -42.48 -8.33
C THR S 311 18.83 -41.15 -8.63
N ASP S 312 18.15 -40.57 -7.65
CA ASP S 312 17.45 -39.31 -7.88
C ASP S 312 18.06 -38.13 -7.13
N GLY S 313 19.19 -38.36 -6.46
CA GLY S 313 19.85 -37.29 -5.73
C GLY S 313 19.13 -36.84 -4.47
N THR S 314 18.14 -37.63 -4.04
CA THR S 314 17.37 -37.27 -2.85
C THR S 314 17.36 -38.37 -1.78
N PRO S 315 18.25 -38.29 -0.79
CA PRO S 315 18.25 -39.32 0.24
C PRO S 315 16.89 -39.24 0.95
N LYS S 316 16.24 -40.39 1.14
CA LYS S 316 14.93 -40.39 1.80
C LYS S 316 15.06 -40.38 3.33
N THR S 317 15.62 -39.29 3.85
CA THR S 317 15.83 -39.12 5.28
C THR S 317 14.55 -38.84 6.05
N CYS S 318 14.63 -38.93 7.38
CA CYS S 318 13.46 -38.65 8.21
C CYS S 318 13.16 -37.15 8.13
N GLU S 319 14.20 -36.35 7.91
CA GLU S 319 14.04 -34.90 7.78
C GLU S 319 13.27 -34.62 6.50
N TRP S 320 13.67 -35.29 5.43
CA TRP S 320 12.99 -35.13 4.15
C TRP S 320 11.51 -35.55 4.31
N ALA S 321 11.29 -36.64 5.05
CA ALA S 321 9.94 -37.15 5.29
C ALA S 321 9.11 -36.17 6.11
N GLU S 322 9.74 -35.48 7.04
CA GLU S 322 9.03 -34.50 7.87
C GLU S 322 8.58 -33.35 6.99
N GLU S 323 9.43 -32.95 6.05
CA GLU S 323 9.12 -31.85 5.16
C GLU S 323 7.92 -32.20 4.28
N GLU S 324 7.81 -33.48 3.92
CA GLU S 324 6.70 -33.95 3.10
C GLU S 324 5.40 -34.14 3.89
N SER S 325 5.51 -34.81 5.03
CA SER S 325 4.36 -35.18 5.86
C SER S 325 3.98 -34.32 7.06
N GLY S 326 4.93 -33.57 7.61
CA GLY S 326 4.61 -32.76 8.77
C GLY S 326 4.87 -33.50 10.08
N VAL S 327 5.20 -34.78 9.98
CA VAL S 327 5.48 -35.60 11.16
C VAL S 327 6.96 -35.38 11.51
N PRO S 328 7.26 -35.01 12.77
CA PRO S 328 8.63 -34.75 13.24
C PRO S 328 9.62 -35.87 12.90
N ALA S 329 10.76 -35.49 12.33
CA ALA S 329 11.79 -36.44 11.94
C ALA S 329 12.25 -37.30 13.11
N CYS S 330 12.44 -36.69 14.28
CA CYS S 330 12.89 -37.45 15.44
C CYS S 330 11.93 -38.58 15.80
N GLU S 331 10.63 -38.35 15.64
CA GLU S 331 9.63 -39.39 15.95
C GLU S 331 9.66 -40.50 14.90
N ILE S 332 9.82 -40.13 13.64
CA ILE S 332 9.89 -41.12 12.58
C ILE S 332 11.09 -42.03 12.84
N ARG S 333 12.23 -41.43 13.16
CA ARG S 333 13.43 -42.21 13.42
C ARG S 333 13.28 -43.11 14.64
N ALA S 334 12.65 -42.60 15.69
CA ALA S 334 12.45 -43.39 16.92
C ALA S 334 11.60 -44.63 16.61
N LEU S 335 10.54 -44.45 15.81
CA LEU S 335 9.67 -45.56 15.46
C LEU S 335 10.48 -46.62 14.69
N ALA S 336 11.19 -46.16 13.66
CA ALA S 336 12.01 -47.04 12.84
C ALA S 336 12.95 -47.88 13.68
N ARG S 337 13.66 -47.24 14.60
CA ARG S 337 14.60 -47.95 15.46
C ARG S 337 13.89 -48.95 16.35
N GLN S 338 12.76 -48.56 16.93
CA GLN S 338 12.03 -49.47 17.81
C GLN S 338 11.46 -50.64 17.01
N TRP S 339 10.94 -50.34 15.84
CA TRP S 339 10.35 -51.33 14.94
C TRP S 339 11.39 -52.42 14.63
N ALA S 340 12.61 -51.98 14.33
CA ALA S 340 13.68 -52.90 13.99
C ALA S 340 14.08 -53.87 15.12
N LYS S 341 14.12 -53.39 16.35
CA LYS S 341 14.53 -54.27 17.45
C LYS S 341 13.46 -55.06 18.20
N LYS S 342 12.20 -54.65 18.12
CA LYS S 342 11.12 -55.38 18.80
C LYS S 342 10.33 -56.24 17.83
N ASN S 343 9.64 -57.25 18.35
CA ASN S 343 8.80 -58.10 17.49
C ASN S 343 7.62 -57.19 17.15
N THR S 344 7.64 -56.67 15.94
CA THR S 344 6.61 -55.73 15.50
C THR S 344 5.73 -56.26 14.37
N TYR S 345 4.42 -56.10 14.54
CA TYR S 345 3.48 -56.52 13.50
C TYR S 345 2.99 -55.25 12.84
N LEU S 346 2.90 -55.27 11.52
CA LEU S 346 2.43 -54.11 10.79
C LEU S 346 0.94 -54.24 10.49
N ALA S 347 0.13 -53.44 11.17
CA ALA S 347 -1.31 -53.47 10.95
C ALA S 347 -1.64 -52.46 9.85
N ALA S 348 -1.38 -52.86 8.61
CA ALA S 348 -1.65 -51.98 7.49
C ALA S 348 -3.11 -52.24 7.10
N GLY S 349 -3.94 -51.21 7.23
CA GLY S 349 -5.34 -51.37 6.92
C GLY S 349 -6.09 -52.01 8.07
N GLY S 350 -7.41 -51.94 8.06
CA GLY S 350 -8.18 -52.52 9.14
C GLY S 350 -8.39 -54.01 9.05
N LEU S 351 -8.19 -54.58 7.86
CA LEU S 351 -8.40 -56.00 7.64
C LEU S 351 -7.09 -56.80 7.59
N GLY S 352 -6.00 -56.11 7.31
CA GLY S 352 -4.72 -56.77 7.13
C GLY S 352 -4.79 -56.62 5.62
N GLY S 353 -4.51 -55.40 5.18
CA GLY S 353 -4.64 -55.06 3.78
C GLY S 353 -5.73 -53.99 3.86
N TRP S 354 -6.18 -53.48 2.73
CA TRP S 354 -7.17 -52.40 2.72
C TRP S 354 -6.54 -51.19 3.39
N GLY S 355 -7.35 -50.30 3.95
CA GLY S 355 -6.80 -49.09 4.54
C GLY S 355 -7.18 -47.94 3.61
N GLY S 356 -7.64 -46.84 4.20
CA GLY S 356 -8.09 -45.67 3.46
C GLY S 356 -6.99 -45.14 2.60
N ALA S 357 -5.77 -45.33 3.07
CA ALA S 357 -4.60 -44.87 2.34
C ALA S 357 -4.47 -45.52 0.98
N CYS S 358 -5.03 -46.71 0.82
CA CYS S 358 -4.90 -47.42 -0.45
C CYS S 358 -5.79 -46.88 -1.57
N ARG S 359 -6.84 -46.14 -1.22
CA ARG S 359 -7.69 -45.58 -2.27
C ARG S 359 -7.57 -44.05 -2.23
N ALA S 360 -6.40 -43.59 -2.66
CA ALA S 360 -6.03 -42.18 -2.71
C ALA S 360 -4.95 -42.05 -3.79
N SER S 361 -4.61 -40.83 -4.19
CA SER S 361 -3.63 -40.65 -5.24
C SER S 361 -2.27 -41.31 -4.98
N HIS S 362 -1.95 -41.58 -3.71
CA HIS S 362 -0.67 -42.23 -3.39
C HIS S 362 -0.88 -43.68 -2.98
N GLY S 363 -2.11 -44.16 -3.15
CA GLY S 363 -2.46 -45.53 -2.76
C GLY S 363 -1.57 -46.65 -3.23
N ILE S 364 -1.07 -46.55 -4.45
CA ILE S 364 -0.19 -47.59 -4.98
C ILE S 364 1.12 -47.66 -4.21
N GLU S 365 1.77 -46.52 -4.01
CA GLU S 365 3.04 -46.52 -3.29
C GLU S 365 2.88 -46.80 -1.80
N TRP S 366 1.72 -46.48 -1.23
CA TRP S 366 1.53 -46.76 0.19
C TRP S 366 1.51 -48.27 0.42
N ALA S 367 0.76 -48.99 -0.42
CA ALA S 367 0.67 -50.43 -0.28
C ALA S 367 2.03 -51.09 -0.54
N ARG S 368 2.71 -50.66 -1.59
CA ARG S 368 4.02 -51.21 -1.89
C ARG S 368 5.01 -50.89 -0.77
N GLY S 369 4.81 -49.74 -0.12
CA GLY S 369 5.67 -49.36 0.99
C GLY S 369 5.41 -50.25 2.18
N MET S 370 4.13 -50.60 2.40
CA MET S 370 3.79 -51.46 3.52
C MET S 370 4.41 -52.84 3.30
N ILE S 371 4.36 -53.30 2.06
CA ILE S 371 4.94 -54.59 1.70
C ILE S 371 6.46 -54.54 1.87
N ALA S 372 7.06 -53.43 1.46
CA ALA S 372 8.51 -53.25 1.56
C ALA S 372 8.98 -53.36 3.01
N LEU S 373 8.30 -52.65 3.90
CA LEU S 373 8.66 -52.67 5.32
C LEU S 373 8.44 -54.03 5.98
N ALA S 374 7.32 -54.68 5.67
CA ALA S 374 7.03 -55.98 6.26
C ALA S 374 8.06 -57.01 5.75
N THR S 375 8.47 -56.85 4.50
CA THR S 375 9.44 -57.74 3.89
C THR S 375 10.83 -57.59 4.50
N MET S 376 11.26 -56.36 4.70
CA MET S 376 12.58 -56.09 5.28
C MET S 376 12.71 -56.62 6.70
N GLN S 377 11.59 -56.71 7.42
CA GLN S 377 11.62 -57.22 8.78
C GLN S 377 11.35 -58.72 8.87
N GLY S 378 11.27 -59.38 7.71
CA GLY S 378 11.06 -60.82 7.67
C GLY S 378 9.68 -61.38 7.96
N MET S 379 8.64 -60.80 7.36
CA MET S 379 7.27 -61.25 7.59
C MET S 379 7.08 -62.75 7.40
N GLY S 380 6.40 -63.37 8.34
CA GLY S 380 6.14 -64.80 8.26
C GLY S 380 6.81 -65.55 9.39
N LYS S 381 7.86 -64.96 9.95
CA LYS S 381 8.55 -65.60 11.06
C LYS S 381 7.88 -65.15 12.35
N PRO S 382 8.02 -65.95 13.43
CA PRO S 382 7.39 -65.60 14.71
C PRO S 382 7.78 -64.19 15.16
N GLY S 383 6.77 -63.40 15.54
CA GLY S 383 7.02 -62.06 16.01
C GLY S 383 7.19 -61.00 14.93
N SER S 384 6.97 -61.35 13.68
CA SER S 384 7.13 -60.38 12.60
C SER S 384 6.21 -60.70 11.43
N ASN S 385 5.22 -59.85 11.20
CA ASN S 385 4.28 -60.10 10.11
C ASN S 385 3.36 -58.91 9.91
N MET S 386 2.49 -59.01 8.92
CA MET S 386 1.51 -57.97 8.64
C MET S 386 0.27 -58.56 9.30
N TRP S 387 -0.24 -57.86 10.32
CA TRP S 387 -1.42 -58.31 11.05
C TRP S 387 -2.13 -57.11 11.67
N SER S 388 -3.41 -56.94 11.34
CA SER S 388 -4.19 -55.81 11.83
C SER S 388 -5.01 -56.10 13.09
N THR S 389 -4.77 -57.27 13.69
CA THR S 389 -5.44 -57.73 14.91
C THR S 389 -6.90 -58.09 14.74
N THR S 390 -7.42 -57.98 13.52
CA THR S 390 -8.81 -58.31 13.28
C THR S 390 -9.00 -59.76 12.81
N GLN S 391 -8.05 -60.28 12.04
CA GLN S 391 -8.15 -61.67 11.58
C GLN S 391 -7.19 -62.54 12.38
N GLY S 392 -6.98 -63.78 11.93
CA GLY S 392 -6.07 -64.67 12.62
C GLY S 392 -6.65 -65.52 13.74
N VAL S 393 -7.95 -65.41 13.98
CA VAL S 393 -8.61 -66.19 15.03
C VAL S 393 -8.51 -67.67 14.65
N PRO S 394 -8.17 -68.54 15.62
CA PRO S 394 -8.02 -69.99 15.40
C PRO S 394 -9.31 -70.80 15.22
N LEU S 395 -10.20 -70.33 14.35
CA LEU S 395 -11.45 -71.03 14.09
C LEU S 395 -11.17 -72.24 13.21
N ASP S 396 -12.15 -73.14 13.07
CA ASP S 396 -11.97 -74.34 12.26
C ASP S 396 -11.97 -74.07 10.76
N TYR S 397 -10.79 -73.80 10.21
CA TYR S 397 -10.64 -73.52 8.79
C TYR S 397 -11.02 -74.73 7.92
N GLU S 398 -11.11 -75.90 8.54
CA GLU S 398 -11.44 -77.11 7.78
C GLU S 398 -12.95 -77.29 7.55
N PHE S 399 -13.77 -76.61 8.34
CA PHE S 399 -15.22 -76.70 8.18
C PHE S 399 -15.61 -75.82 7.01
N TYR S 400 -16.39 -76.34 6.08
CA TYR S 400 -16.78 -75.54 4.92
C TYR S 400 -18.21 -75.00 4.91
N PHE S 401 -18.30 -73.69 4.75
CA PHE S 401 -19.57 -72.99 4.62
C PHE S 401 -19.23 -71.81 3.74
N PRO S 402 -19.92 -71.67 2.60
CA PRO S 402 -19.69 -70.59 1.63
C PRO S 402 -20.04 -69.19 2.10
N GLY S 403 -19.26 -68.21 1.62
CA GLY S 403 -19.51 -66.83 1.93
C GLY S 403 -20.40 -66.34 0.80
N TYR S 404 -20.99 -65.15 0.93
CA TYR S 404 -21.88 -64.65 -0.12
C TYR S 404 -21.18 -64.48 -1.46
N ALA S 405 -19.88 -64.20 -1.43
CA ALA S 405 -19.12 -63.99 -2.64
C ALA S 405 -18.97 -65.23 -3.51
N GLU S 406 -19.36 -66.39 -2.98
CA GLU S 406 -19.25 -67.62 -3.75
C GLU S 406 -20.43 -67.89 -4.69
N GLY S 407 -21.23 -66.85 -4.94
CA GLY S 407 -22.33 -66.96 -5.89
C GLY S 407 -23.71 -67.49 -5.54
N GLY S 408 -23.84 -68.22 -4.44
CA GLY S 408 -25.15 -68.74 -4.08
C GLY S 408 -25.84 -69.46 -5.22
N ILE S 409 -27.03 -69.00 -5.61
CA ILE S 409 -27.81 -69.65 -6.65
C ILE S 409 -27.51 -69.26 -8.10
N SER S 410 -26.53 -68.39 -8.33
CA SER S 410 -26.20 -67.99 -9.69
C SER S 410 -25.22 -68.96 -10.36
N GLY S 411 -24.26 -69.45 -9.58
CA GLY S 411 -23.28 -70.36 -10.14
C GLY S 411 -22.41 -69.66 -11.18
N ASP S 412 -22.47 -68.34 -11.21
CA ASP S 412 -21.69 -67.55 -12.15
C ASP S 412 -20.21 -67.67 -11.78
N CYS S 413 -19.47 -68.49 -12.52
CA CYS S 413 -18.06 -68.73 -12.24
C CYS S 413 -17.10 -67.63 -12.65
N GLU S 414 -17.57 -66.64 -13.40
CA GLU S 414 -16.71 -65.55 -13.83
C GLU S 414 -16.93 -64.25 -13.05
N ASN S 415 -18.09 -64.13 -12.42
CA ASN S 415 -18.38 -62.90 -11.67
C ASN S 415 -18.57 -63.13 -10.18
N SER S 416 -18.28 -64.34 -9.73
CA SER S 416 -18.36 -64.70 -8.32
C SER S 416 -17.24 -65.71 -8.11
N ALA S 417 -17.04 -66.15 -6.87
CA ALA S 417 -16.00 -67.12 -6.57
C ALA S 417 -16.58 -68.54 -6.52
N ALA S 418 -17.72 -68.73 -7.19
CA ALA S 418 -18.40 -70.02 -7.20
C ALA S 418 -17.56 -71.15 -7.81
N GLY S 419 -16.70 -70.79 -8.76
CA GLY S 419 -15.87 -71.78 -9.42
C GLY S 419 -14.81 -72.45 -8.56
N PHE S 420 -14.52 -71.89 -7.39
CA PHE S 420 -13.50 -72.47 -6.53
C PHE S 420 -13.95 -73.78 -5.91
N LYS S 421 -15.14 -73.78 -5.33
CA LYS S 421 -15.64 -74.98 -4.68
C LYS S 421 -17.16 -75.09 -4.60
N PHE S 422 -17.83 -73.99 -4.27
CA PHE S 422 -19.28 -74.02 -4.12
C PHE S 422 -20.11 -74.48 -5.31
N ALA S 423 -19.81 -73.95 -6.50
CA ALA S 423 -20.55 -74.32 -7.69
C ALA S 423 -20.63 -75.84 -7.87
N TRP S 424 -19.50 -76.51 -7.64
CA TRP S 424 -19.41 -77.96 -7.78
C TRP S 424 -20.23 -78.72 -6.75
N ARG S 425 -20.56 -78.04 -5.65
CA ARG S 425 -21.35 -78.66 -4.59
C ARG S 425 -22.83 -78.35 -4.76
N MET S 426 -23.13 -77.13 -5.16
CA MET S 426 -24.50 -76.65 -5.33
C MET S 426 -25.24 -77.20 -6.55
N PHE S 427 -24.54 -77.35 -7.67
CA PHE S 427 -25.18 -77.84 -8.88
C PHE S 427 -24.75 -79.27 -9.22
N ASP S 428 -25.65 -80.01 -9.85
CA ASP S 428 -25.37 -81.41 -10.19
C ASP S 428 -25.45 -81.78 -11.67
N GLY S 429 -25.71 -80.81 -12.53
CA GLY S 429 -25.80 -81.09 -13.95
C GLY S 429 -26.92 -82.07 -14.27
N LYS S 430 -27.90 -82.16 -13.38
CA LYS S 430 -29.03 -83.07 -13.56
C LYS S 430 -30.38 -82.40 -13.29
N THR S 431 -30.56 -81.90 -12.07
CA THR S 431 -31.82 -81.27 -11.68
C THR S 431 -31.78 -79.77 -11.45
N THR S 432 -30.63 -79.25 -11.05
CA THR S 432 -30.48 -77.82 -10.81
C THR S 432 -29.29 -77.30 -11.63
N PHE S 433 -29.46 -76.13 -12.25
CA PHE S 433 -28.42 -75.58 -13.11
C PHE S 433 -28.07 -74.12 -12.83
N PRO S 434 -26.81 -73.73 -13.10
CA PRO S 434 -26.32 -72.36 -12.90
C PRO S 434 -26.83 -71.42 -13.98
N SER S 435 -26.59 -70.13 -13.78
CA SER S 435 -27.01 -69.11 -14.74
C SER S 435 -25.80 -68.28 -15.19
N PRO S 436 -25.13 -68.70 -16.27
CA PRO S 436 -23.95 -68.02 -16.82
C PRO S 436 -24.31 -66.84 -17.72
N SER S 437 -23.36 -65.93 -17.90
CA SER S 437 -23.57 -64.77 -18.77
C SER S 437 -22.53 -64.76 -19.88
N ASN S 438 -22.98 -64.64 -21.12
CA ASN S 438 -22.06 -64.59 -22.24
C ASN S 438 -21.77 -63.13 -22.60
N LEU S 439 -22.29 -62.21 -21.79
CA LEU S 439 -22.06 -60.78 -22.02
C LEU S 439 -21.15 -60.17 -20.96
N ASN S 440 -21.32 -60.60 -19.71
CA ASN S 440 -20.49 -60.06 -18.64
C ASN S 440 -19.22 -60.90 -18.57
N THR S 441 -18.40 -60.77 -19.59
CA THR S 441 -17.15 -61.51 -19.70
C THR S 441 -16.19 -60.62 -20.48
N SER S 442 -14.90 -60.89 -20.40
CA SER S 442 -13.92 -60.07 -21.11
C SER S 442 -14.16 -59.89 -22.60
N ALA S 443 -14.65 -60.94 -23.27
CA ALA S 443 -14.90 -60.86 -24.70
C ALA S 443 -16.24 -60.20 -25.02
N GLY S 444 -17.03 -59.91 -23.99
CA GLY S 444 -18.32 -59.28 -24.21
C GLY S 444 -18.23 -57.78 -24.01
N GLN S 445 -19.13 -57.24 -23.19
CA GLN S 445 -19.13 -55.81 -22.93
C GLN S 445 -19.49 -55.48 -21.48
N HIS S 446 -18.72 -54.57 -20.90
CA HIS S 446 -18.95 -54.09 -19.56
C HIS S 446 -18.40 -52.68 -19.56
N ILE S 447 -18.72 -51.89 -18.55
CA ILE S 447 -18.15 -50.55 -18.44
C ILE S 447 -17.74 -50.38 -16.99
N PRO S 448 -16.79 -49.46 -16.72
CA PRO S 448 -16.32 -49.22 -15.36
C PRO S 448 -17.35 -48.45 -14.54
N ARG S 449 -17.62 -48.91 -13.32
CA ARG S 449 -18.57 -48.22 -12.47
C ARG S 449 -18.13 -46.77 -12.30
N LEU S 450 -16.82 -46.57 -12.13
CA LEU S 450 -16.26 -45.23 -11.95
C LEU S 450 -16.43 -44.31 -13.15
N LYS S 451 -16.75 -44.86 -14.32
CA LYS S 451 -16.89 -44.02 -15.50
C LYS S 451 -18.22 -44.15 -16.25
N ILE S 452 -19.26 -44.58 -15.54
CA ILE S 452 -20.58 -44.69 -16.16
C ILE S 452 -21.01 -43.33 -16.74
N PRO S 453 -20.79 -42.23 -15.99
CA PRO S 453 -21.19 -40.90 -16.50
C PRO S 453 -20.60 -40.55 -17.86
N GLU S 454 -19.30 -40.78 -18.03
CA GLU S 454 -18.63 -40.49 -19.28
C GLU S 454 -19.13 -41.40 -20.41
N CYS S 455 -19.41 -42.66 -20.07
CA CYS S 455 -19.89 -43.60 -21.08
C CYS S 455 -21.26 -43.16 -21.58
N ILE S 456 -22.13 -42.73 -20.67
CA ILE S 456 -23.47 -42.29 -21.06
C ILE S 456 -23.48 -40.94 -21.78
N MET S 457 -22.77 -39.96 -21.23
CA MET S 457 -22.74 -38.63 -21.84
C MET S 457 -21.76 -38.48 -23.01
N GLY S 458 -20.66 -39.22 -22.97
CA GLY S 458 -19.68 -39.14 -24.03
C GLY S 458 -19.86 -40.21 -25.09
N GLY S 459 -20.49 -41.32 -24.70
CA GLY S 459 -20.74 -42.41 -25.63
C GLY S 459 -19.51 -43.21 -26.02
N LYS S 460 -18.44 -43.07 -25.24
CA LYS S 460 -17.22 -43.80 -25.55
C LYS S 460 -16.22 -43.75 -24.40
N PHE S 461 -15.43 -44.80 -24.26
CA PHE S 461 -14.42 -44.83 -23.21
C PHE S 461 -13.45 -45.98 -23.46
N GLN S 462 -12.26 -45.88 -22.87
CA GLN S 462 -11.23 -46.89 -23.04
C GLN S 462 -10.53 -46.98 -21.70
N TRP S 463 -10.23 -48.20 -21.25
CA TRP S 463 -9.61 -48.37 -19.94
C TRP S 463 -8.86 -49.69 -19.81
N SER S 464 -8.30 -49.90 -18.61
CA SER S 464 -7.55 -51.10 -18.30
C SER S 464 -8.28 -51.96 -17.27
N GLY S 465 -8.28 -53.26 -17.49
CA GLY S 465 -8.89 -54.19 -16.56
C GLY S 465 -10.40 -54.28 -16.50
N LYS S 466 -10.89 -55.43 -16.06
CA LYS S 466 -12.33 -55.65 -15.92
C LYS S 466 -12.68 -55.94 -14.47
N GLY S 467 -13.32 -54.97 -13.82
CA GLY S 467 -13.73 -55.12 -12.43
C GLY S 467 -12.61 -55.62 -11.53
N PHE S 468 -12.90 -56.65 -10.74
CA PHE S 468 -11.92 -57.25 -9.83
C PHE S 468 -11.08 -58.19 -10.69
N ALA S 469 -9.86 -57.82 -11.00
CA ALA S 469 -9.01 -58.65 -11.84
C ALA S 469 -8.10 -59.55 -11.00
N GLY S 470 -8.71 -60.43 -10.20
CA GLY S 470 -7.94 -61.31 -9.35
C GLY S 470 -7.47 -62.63 -9.93
N GLY S 471 -7.74 -62.86 -11.21
CA GLY S 471 -7.34 -64.12 -11.83
C GLY S 471 -5.83 -64.32 -11.84
N ASP S 472 -5.11 -63.29 -12.23
CA ASP S 472 -3.66 -63.34 -12.27
C ASP S 472 -3.16 -61.91 -12.18
N ILE S 473 -1.89 -61.74 -11.84
CA ILE S 473 -1.32 -60.41 -11.71
C ILE S 473 -1.54 -59.49 -12.90
N SER S 474 -1.38 -60.01 -14.11
CA SER S 474 -1.53 -59.16 -15.30
C SER S 474 -2.91 -59.02 -15.93
N HIS S 475 -3.94 -59.64 -15.35
CA HIS S 475 -5.27 -59.51 -15.94
C HIS S 475 -5.76 -58.07 -15.96
N GLN S 476 -5.38 -57.29 -14.95
CA GLN S 476 -5.77 -55.89 -14.86
C GLN S 476 -5.17 -55.01 -15.94
N LEU S 477 -4.18 -55.53 -16.66
CA LEU S 477 -3.51 -54.77 -17.72
C LEU S 477 -4.21 -54.90 -19.07
N HIS S 478 -5.14 -55.83 -19.17
CA HIS S 478 -5.85 -56.04 -20.43
C HIS S 478 -6.64 -54.77 -20.77
N GLN S 479 -6.63 -54.41 -22.04
CA GLN S 479 -7.29 -53.21 -22.52
C GLN S 479 -8.72 -53.45 -23.00
N TYR S 480 -9.63 -52.57 -22.59
CA TYR S 480 -11.03 -52.67 -22.96
C TYR S 480 -11.55 -51.35 -23.53
N GLU S 481 -12.65 -51.41 -24.27
CA GLU S 481 -13.26 -50.23 -24.88
C GLU S 481 -14.77 -50.27 -24.82
N TYR S 482 -15.38 -49.08 -24.89
CA TYR S 482 -16.83 -48.93 -24.89
C TYR S 482 -17.18 -47.94 -25.99
N PRO S 483 -18.11 -48.31 -26.88
CA PRO S 483 -18.83 -49.60 -26.89
C PRO S 483 -17.86 -50.71 -27.33
N ALA S 484 -18.02 -51.91 -26.76
CA ALA S 484 -17.17 -53.03 -27.12
C ALA S 484 -17.43 -53.39 -28.58
N PRO S 485 -16.42 -53.94 -29.29
CA PRO S 485 -16.59 -54.31 -30.70
C PRO S 485 -17.83 -55.14 -31.00
N GLY S 486 -18.69 -54.62 -31.87
CA GLY S 486 -19.90 -55.32 -32.24
C GLY S 486 -21.10 -55.06 -31.34
N TYR S 487 -20.86 -54.59 -30.13
CA TYR S 487 -21.94 -54.32 -29.20
C TYR S 487 -22.53 -52.91 -29.28
N SER S 488 -23.68 -52.72 -28.63
CA SER S 488 -24.38 -51.45 -28.66
C SER S 488 -24.18 -50.58 -27.44
N LYS S 489 -24.32 -49.26 -27.64
CA LYS S 489 -24.20 -48.30 -26.55
C LYS S 489 -25.45 -48.46 -25.66
N ILE S 490 -25.34 -47.98 -24.43
CA ILE S 490 -26.43 -48.05 -23.45
C ILE S 490 -27.68 -47.25 -23.82
N LYS S 491 -28.84 -47.87 -23.68
CA LYS S 491 -30.11 -47.21 -23.98
C LYS S 491 -31.00 -47.19 -22.74
N MET S 492 -30.76 -48.13 -21.84
CA MET S 492 -31.55 -48.27 -20.63
C MET S 492 -30.64 -48.57 -19.44
N PHE S 493 -31.03 -48.06 -18.27
CA PHE S 493 -30.24 -48.26 -17.06
C PHE S 493 -31.10 -48.83 -15.95
N TRP S 494 -30.77 -50.04 -15.52
CA TRP S 494 -31.49 -50.70 -14.44
C TRP S 494 -30.63 -50.64 -13.18
N LYS S 495 -30.93 -49.69 -12.31
CA LYS S 495 -30.17 -49.54 -11.09
C LYS S 495 -30.74 -50.35 -9.94
N TYR S 496 -29.84 -50.91 -9.14
CA TYR S 496 -30.18 -51.71 -7.98
C TYR S 496 -29.55 -50.88 -6.86
N GLY S 497 -30.38 -50.16 -6.12
CA GLY S 497 -29.89 -49.27 -5.07
C GLY S 497 -29.52 -47.97 -5.76
N GLY S 498 -29.10 -46.95 -5.01
CA GLY S 498 -28.72 -45.68 -5.62
C GLY S 498 -27.83 -44.84 -4.71
N PRO S 499 -26.68 -45.36 -4.28
CA PRO S 499 -25.73 -44.68 -3.39
C PRO S 499 -24.59 -43.89 -4.04
N HIS S 500 -24.44 -44.00 -5.35
CA HIS S 500 -23.31 -43.36 -6.02
C HIS S 500 -22.99 -41.89 -5.81
N LEU S 501 -23.99 -41.07 -5.52
CA LEU S 501 -23.72 -39.66 -5.29
C LEU S 501 -22.88 -39.50 -4.02
N GLY S 502 -23.01 -40.45 -3.10
CA GLY S 502 -22.23 -40.35 -1.88
C GLY S 502 -21.05 -41.30 -1.80
N THR S 503 -20.97 -42.27 -2.71
CA THR S 503 -19.88 -43.24 -2.66
C THR S 503 -18.83 -43.24 -3.76
N MET S 504 -19.10 -42.61 -4.89
CA MET S 504 -18.10 -42.61 -5.96
C MET S 504 -17.20 -41.37 -5.94
N THR S 505 -16.79 -40.88 -7.12
CA THR S 505 -15.89 -39.73 -7.18
C THR S 505 -16.45 -38.53 -7.94
N ALA S 506 -16.07 -37.31 -7.53
CA ALA S 506 -16.57 -36.08 -8.16
C ALA S 506 -17.97 -36.36 -8.66
N THR S 507 -18.82 -36.79 -7.72
CA THR S 507 -20.18 -37.22 -7.99
C THR S 507 -21.23 -36.33 -8.65
N ASN S 508 -21.00 -35.03 -8.80
CA ASN S 508 -22.02 -34.23 -9.45
C ASN S 508 -22.25 -34.79 -10.84
N ARG S 509 -21.22 -35.43 -11.40
CA ARG S 509 -21.31 -36.00 -12.75
C ARG S 509 -22.32 -37.14 -12.82
N TYR S 510 -22.53 -37.84 -11.71
CA TYR S 510 -23.50 -38.93 -11.69
C TYR S 510 -24.92 -38.35 -11.74
N ALA S 511 -25.10 -37.16 -11.17
CA ALA S 511 -26.39 -36.50 -11.19
C ALA S 511 -26.69 -36.00 -12.60
N LYS S 512 -25.67 -35.44 -13.25
CA LYS S 512 -25.80 -34.90 -14.60
C LYS S 512 -26.11 -35.95 -15.65
N MET S 513 -25.56 -37.14 -15.50
CA MET S 513 -25.78 -38.19 -16.50
C MET S 513 -27.22 -38.62 -16.70
N TYR S 514 -28.03 -38.55 -15.65
CA TYR S 514 -29.41 -38.99 -15.75
C TYR S 514 -30.30 -38.24 -16.73
N THR S 515 -29.99 -36.98 -17.01
CA THR S 515 -30.80 -36.19 -17.93
C THR S 515 -30.32 -36.27 -19.38
N HIS S 516 -29.32 -37.09 -19.66
CA HIS S 516 -28.82 -37.20 -21.03
C HIS S 516 -29.87 -37.86 -21.92
N ASP S 517 -30.14 -37.26 -23.07
CA ASP S 517 -31.17 -37.80 -23.96
C ASP S 517 -30.88 -39.17 -24.54
N SER S 518 -29.69 -39.71 -24.31
CA SER S 518 -29.37 -41.04 -24.83
C SER S 518 -29.98 -42.11 -23.92
N LEU S 519 -30.22 -41.76 -22.66
CA LEU S 519 -30.83 -42.68 -21.71
C LEU S 519 -32.34 -42.65 -21.92
N GLU S 520 -32.86 -43.66 -22.61
CA GLU S 520 -34.29 -43.72 -22.89
C GLU S 520 -35.12 -44.19 -21.72
N PHE S 521 -34.50 -44.92 -20.79
CA PHE S 521 -35.26 -45.45 -19.67
C PHE S 521 -34.36 -45.75 -18.46
N VAL S 522 -34.87 -45.45 -17.28
CA VAL S 522 -34.14 -45.68 -16.04
C VAL S 522 -35.06 -46.33 -15.01
N VAL S 523 -34.66 -47.50 -14.52
CA VAL S 523 -35.43 -48.22 -13.50
C VAL S 523 -34.58 -48.35 -12.24
N SER S 524 -35.20 -48.12 -11.09
CA SER S 524 -34.49 -48.24 -9.83
C SER S 524 -35.19 -49.25 -8.94
N GLN S 525 -34.46 -50.29 -8.54
CA GLN S 525 -34.97 -51.33 -7.67
C GLN S 525 -34.23 -51.11 -6.36
N SER S 526 -34.88 -50.41 -5.43
CA SER S 526 -34.26 -50.08 -4.16
C SER S 526 -35.19 -50.27 -2.98
N ILE S 527 -34.64 -50.05 -1.80
CA ILE S 527 -35.37 -50.19 -0.55
C ILE S 527 -35.82 -48.83 -0.01
N TRP S 528 -34.92 -47.85 -0.03
CA TRP S 528 -35.23 -46.51 0.48
C TRP S 528 -35.23 -45.42 -0.59
N PHE S 529 -36.10 -44.43 -0.43
CA PHE S 529 -36.21 -43.32 -1.37
C PHE S 529 -35.14 -42.29 -0.95
N GLU S 530 -33.96 -42.40 -1.56
CA GLU S 530 -32.85 -41.52 -1.23
C GLU S 530 -31.78 -41.59 -2.31
N GLY S 531 -30.75 -40.76 -2.17
CA GLY S 531 -29.66 -40.75 -3.13
C GLY S 531 -30.06 -40.58 -4.58
N GLU S 532 -29.75 -41.58 -5.40
CA GLU S 532 -30.05 -41.55 -6.84
C GLU S 532 -31.48 -41.97 -7.22
N VAL S 533 -32.19 -42.60 -6.30
CA VAL S 533 -33.53 -43.07 -6.59
C VAL S 533 -34.48 -42.04 -7.23
N PRO S 534 -34.46 -40.78 -6.76
CA PRO S 534 -35.34 -39.75 -7.32
C PRO S 534 -35.05 -39.31 -8.77
N PHE S 535 -34.17 -40.01 -9.46
CA PHE S 535 -33.87 -39.68 -10.86
C PHE S 535 -34.51 -40.72 -11.79
N ALA S 536 -35.03 -41.79 -11.20
CA ALA S 536 -35.62 -42.87 -11.98
C ALA S 536 -36.99 -42.60 -12.61
N ASP S 537 -37.29 -43.35 -13.68
CA ASP S 537 -38.58 -43.24 -14.37
C ASP S 537 -39.56 -44.17 -13.66
N ILE S 538 -39.06 -45.34 -13.26
CA ILE S 538 -39.86 -46.34 -12.56
C ILE S 538 -39.06 -46.79 -11.33
N ILE S 539 -39.74 -46.87 -10.18
CA ILE S 539 -39.08 -47.29 -8.95
C ILE S 539 -39.80 -48.52 -8.38
N LEU S 540 -39.02 -49.57 -8.09
CA LEU S 540 -39.54 -50.82 -7.55
C LEU S 540 -39.04 -51.02 -6.12
N PRO S 541 -39.97 -51.15 -5.15
CA PRO S 541 -39.69 -51.35 -3.73
C PRO S 541 -39.21 -52.73 -3.29
N ALA S 542 -37.94 -52.83 -2.89
CA ALA S 542 -37.40 -54.10 -2.41
C ALA S 542 -37.50 -54.05 -0.88
N CYS S 543 -37.47 -55.20 -0.22
CA CYS S 543 -37.56 -55.24 1.24
C CYS S 543 -36.20 -55.55 1.86
N THR S 544 -36.11 -55.42 3.19
CA THR S 544 -34.86 -55.72 3.89
C THR S 544 -34.80 -57.23 4.14
N ASN S 545 -33.69 -57.70 4.71
CA ASN S 545 -33.54 -59.12 4.98
C ASN S 545 -34.40 -59.59 6.16
N PHE S 546 -34.96 -58.65 6.92
CA PHE S 546 -35.81 -59.03 8.04
C PHE S 546 -37.23 -59.34 7.58
N GLU S 547 -37.47 -59.17 6.28
CA GLU S 547 -38.79 -59.40 5.69
C GLU S 547 -38.77 -60.55 4.69
N ARG S 548 -37.72 -61.38 4.74
CA ARG S 548 -37.60 -62.50 3.83
C ARG S 548 -36.73 -63.59 4.44
N TRP S 549 -36.75 -64.78 3.83
CA TRP S 549 -35.96 -65.91 4.32
C TRP S 549 -34.58 -66.00 3.68
N ASP S 550 -33.57 -66.30 4.49
CA ASP S 550 -32.23 -66.46 3.97
C ASP S 550 -31.34 -67.21 4.97
N ILE S 551 -30.08 -67.39 4.61
CA ILE S 551 -29.13 -68.07 5.46
C ILE S 551 -27.78 -67.42 5.23
N SER S 552 -26.95 -67.36 6.26
CA SER S 552 -25.64 -66.74 6.15
C SER S 552 -24.76 -67.10 7.33
N GLU S 553 -23.51 -66.64 7.28
CA GLU S 553 -22.57 -66.87 8.36
C GLU S 553 -21.99 -65.54 8.78
N PHE S 554 -21.81 -65.37 10.09
CA PHE S 554 -21.26 -64.15 10.68
C PHE S 554 -20.01 -63.68 9.93
N ALA S 555 -20.11 -62.53 9.28
CA ALA S 555 -19.01 -61.91 8.55
C ALA S 555 -18.43 -62.71 7.38
N ASN S 556 -19.05 -63.81 7.01
CA ASN S 556 -18.50 -64.64 5.94
C ASN S 556 -18.72 -64.14 4.52
N CYS S 557 -17.68 -63.57 3.93
CA CYS S 557 -17.71 -63.08 2.56
C CYS S 557 -17.04 -64.09 1.65
N SER S 558 -15.89 -64.60 2.09
CA SER S 558 -15.13 -65.59 1.34
C SER S 558 -14.78 -65.03 -0.04
N GLY S 559 -14.57 -65.93 -1.01
CA GLY S 559 -14.23 -65.49 -2.35
C GLY S 559 -12.88 -64.79 -2.41
N TYR S 560 -12.90 -63.48 -2.69
CA TYR S 560 -11.66 -62.71 -2.77
C TYR S 560 -11.11 -62.41 -1.38
N ILE S 561 -11.81 -62.86 -0.34
CA ILE S 561 -11.35 -62.72 1.04
C ILE S 561 -11.59 -64.09 1.66
N PRO S 562 -10.84 -65.11 1.21
CA PRO S 562 -10.96 -66.48 1.71
C PRO S 562 -10.93 -66.61 3.23
N ASP S 563 -11.91 -67.35 3.76
CA ASP S 563 -11.99 -67.60 5.19
C ASP S 563 -11.95 -66.34 6.04
N ASN S 564 -12.64 -65.29 5.62
CA ASN S 564 -12.61 -64.05 6.40
C ASN S 564 -13.50 -64.12 7.64
N TYR S 565 -14.15 -65.25 7.85
CA TYR S 565 -14.97 -65.43 9.04
C TYR S 565 -14.04 -65.43 10.25
N GLN S 566 -12.73 -65.53 10.00
CA GLN S 566 -11.74 -65.53 11.07
C GLN S 566 -11.65 -64.16 11.74
N LEU S 567 -12.52 -63.24 11.33
CA LEU S 567 -12.60 -61.90 11.91
C LEU S 567 -13.38 -61.99 13.21
N CYS S 568 -14.17 -63.04 13.34
CA CYS S 568 -15.03 -63.24 14.51
C CYS S 568 -14.43 -64.17 15.56
N ASN S 569 -15.00 -64.13 16.76
CA ASN S 569 -14.52 -64.98 17.85
C ASN S 569 -15.09 -66.39 17.74
N HIS S 570 -16.17 -66.53 16.99
CA HIS S 570 -16.81 -67.82 16.78
C HIS S 570 -17.40 -67.83 15.38
N ARG S 571 -17.48 -69.00 14.77
CA ARG S 571 -18.10 -69.12 13.46
C ARG S 571 -19.57 -69.38 13.78
N VAL S 572 -20.43 -68.42 13.44
CA VAL S 572 -21.85 -68.57 13.71
C VAL S 572 -22.65 -68.58 12.41
N ILE S 573 -23.35 -69.69 12.21
CA ILE S 573 -24.18 -69.87 11.02
C ILE S 573 -25.62 -69.72 11.49
N SER S 574 -26.36 -68.82 10.86
CA SER S 574 -27.72 -68.62 11.29
C SER S 574 -28.76 -68.52 10.19
N LEU S 575 -29.97 -68.88 10.57
CA LEU S 575 -31.12 -68.83 9.68
C LEU S 575 -31.64 -67.41 9.77
N GLN S 576 -31.77 -66.75 8.63
CA GLN S 576 -32.32 -65.40 8.64
C GLN S 576 -33.81 -65.59 8.46
N ALA S 577 -34.52 -65.63 9.58
CA ALA S 577 -35.95 -65.83 9.58
C ALA S 577 -36.74 -64.61 9.14
N LYS S 578 -37.84 -64.86 8.44
CA LYS S 578 -38.72 -63.80 7.99
C LYS S 578 -39.43 -63.38 9.28
N CYS S 579 -38.93 -62.33 9.91
CA CYS S 579 -39.49 -61.86 11.17
C CYS S 579 -40.84 -61.16 11.04
N ILE S 580 -41.03 -60.42 9.96
CA ILE S 580 -42.28 -59.72 9.73
C ILE S 580 -42.61 -59.75 8.25
N GLU S 581 -43.83 -59.36 7.91
CA GLU S 581 -44.25 -59.31 6.51
C GLU S 581 -43.57 -58.09 5.90
N PRO S 582 -43.30 -58.12 4.58
CA PRO S 582 -42.65 -56.97 3.94
C PRO S 582 -43.41 -55.68 4.25
N VAL S 583 -42.67 -54.62 4.53
CA VAL S 583 -43.28 -53.33 4.83
C VAL S 583 -43.86 -52.71 3.55
N GLY S 584 -45.06 -52.17 3.66
CA GLY S 584 -45.70 -51.56 2.52
C GLY S 584 -45.93 -52.57 1.42
N GLU S 585 -45.79 -52.13 0.17
CA GLU S 585 -45.99 -52.99 -0.99
C GLU S 585 -44.66 -53.51 -1.52
N SER S 586 -43.65 -53.59 -0.67
CA SER S 586 -42.35 -54.06 -1.10
C SER S 586 -42.30 -55.58 -1.12
N MET S 587 -41.33 -56.13 -1.83
CA MET S 587 -41.15 -57.57 -1.90
C MET S 587 -39.68 -57.90 -2.06
N SER S 588 -39.30 -59.14 -1.78
CA SER S 588 -37.90 -59.54 -1.88
C SER S 588 -37.41 -59.36 -3.31
N ASP S 589 -36.11 -59.10 -3.47
CA ASP S 589 -35.58 -58.95 -4.80
C ASP S 589 -35.84 -60.23 -5.59
N TYR S 590 -35.75 -61.36 -4.90
CA TYR S 590 -35.99 -62.66 -5.55
C TYR S 590 -37.41 -62.74 -6.11
N GLU S 591 -38.40 -62.32 -5.32
CA GLU S 591 -39.78 -62.37 -5.77
C GLU S 591 -40.01 -61.37 -6.90
N ILE S 592 -39.25 -60.28 -6.89
CA ILE S 592 -39.37 -59.28 -7.94
C ILE S 592 -38.90 -59.90 -9.26
N TYR S 593 -37.76 -60.59 -9.21
CA TYR S 593 -37.19 -61.21 -10.40
C TYR S 593 -38.03 -62.40 -10.87
N ARG S 594 -38.65 -63.10 -9.92
CA ARG S 594 -39.48 -64.23 -10.27
C ARG S 594 -40.68 -63.71 -11.04
N LEU S 595 -41.13 -62.51 -10.68
CA LEU S 595 -42.26 -61.88 -11.35
C LEU S 595 -41.86 -61.47 -12.76
N PHE S 596 -40.66 -60.92 -12.89
CA PHE S 596 -40.15 -60.51 -14.20
C PHE S 596 -39.93 -61.73 -15.07
N ALA S 597 -39.37 -62.79 -14.46
CA ALA S 597 -39.08 -64.02 -15.17
C ALA S 597 -40.36 -64.57 -15.80
N LYS S 598 -41.44 -64.51 -15.03
CA LYS S 598 -42.73 -64.99 -15.51
C LYS S 598 -43.16 -64.19 -16.74
N LYS S 599 -43.05 -62.88 -16.66
CA LYS S 599 -43.43 -62.01 -17.78
C LYS S 599 -42.46 -62.06 -18.95
N LEU S 600 -41.25 -62.56 -18.70
CA LEU S 600 -40.24 -62.67 -19.74
C LEU S 600 -40.22 -64.09 -20.31
N ASN S 601 -41.13 -64.91 -19.81
CA ASN S 601 -41.28 -66.30 -20.26
C ASN S 601 -40.11 -67.21 -19.89
N ILE S 602 -39.44 -66.90 -18.78
CA ILE S 602 -38.30 -67.69 -18.33
C ILE S 602 -38.39 -68.07 -16.86
N GLU S 603 -39.60 -68.11 -16.32
CA GLU S 603 -39.78 -68.43 -14.90
C GLU S 603 -39.25 -69.80 -14.48
N GLU S 604 -39.50 -70.82 -15.30
CA GLU S 604 -39.06 -72.17 -14.98
C GLU S 604 -37.53 -72.23 -14.86
N MET S 605 -36.84 -71.64 -15.83
CA MET S 605 -35.38 -71.63 -15.83
C MET S 605 -34.80 -70.85 -14.67
N PHE S 606 -35.41 -69.71 -14.34
CA PHE S 606 -34.92 -68.88 -13.25
C PHE S 606 -35.19 -69.40 -11.85
N SER S 607 -36.45 -69.75 -11.57
CA SER S 607 -36.81 -70.22 -10.24
C SER S 607 -36.67 -71.72 -10.02
N GLU S 608 -36.72 -72.49 -11.09
CA GLU S 608 -36.64 -73.95 -10.99
C GLU S 608 -37.71 -74.41 -10.00
N GLY S 609 -38.84 -73.72 -10.02
CA GLY S 609 -39.95 -74.04 -9.14
C GLY S 609 -39.69 -73.92 -7.64
N LYS S 610 -38.73 -73.09 -7.27
CA LYS S 610 -38.39 -72.93 -5.85
C LYS S 610 -38.56 -71.51 -5.35
N ASP S 611 -38.90 -71.37 -4.07
CA ASP S 611 -39.01 -70.04 -3.48
C ASP S 611 -37.72 -69.87 -2.68
N GLU S 612 -37.56 -68.73 -2.02
CA GLU S 612 -36.35 -68.46 -1.26
C GLU S 612 -35.99 -69.54 -0.25
N LEU S 613 -36.97 -69.98 0.53
CA LEU S 613 -36.72 -71.00 1.54
C LEU S 613 -36.28 -72.34 0.94
N ALA S 614 -36.79 -72.65 -0.25
CA ALA S 614 -36.42 -73.89 -0.92
C ALA S 614 -34.95 -73.79 -1.35
N TRP S 615 -34.56 -72.64 -1.89
CA TRP S 615 -33.17 -72.46 -2.31
C TRP S 615 -32.24 -72.53 -1.11
N CYS S 616 -32.68 -72.04 0.03
CA CYS S 616 -31.87 -72.06 1.26
C CYS S 616 -31.58 -73.48 1.72
N GLU S 617 -32.58 -74.36 1.61
CA GLU S 617 -32.39 -75.74 2.03
C GLU S 617 -31.41 -76.42 1.09
N GLN S 618 -31.57 -76.19 -0.21
CA GLN S 618 -30.66 -76.78 -1.19
C GLN S 618 -29.26 -76.24 -0.89
N TYR S 619 -29.20 -74.94 -0.59
CA TYR S 619 -27.94 -74.25 -0.27
C TYR S 619 -27.31 -74.94 0.94
N PHE S 620 -28.09 -75.06 2.00
CA PHE S 620 -27.67 -75.70 3.25
C PHE S 620 -27.05 -77.08 2.99
N ASN S 621 -27.70 -77.88 2.15
CA ASN S 621 -27.20 -79.23 1.86
C ASN S 621 -25.93 -79.27 1.04
N ALA S 622 -25.56 -78.15 0.43
CA ALA S 622 -24.34 -78.09 -0.37
C ALA S 622 -23.16 -77.65 0.49
N THR S 623 -23.38 -77.57 1.80
CA THR S 623 -22.31 -77.17 2.73
C THR S 623 -21.97 -78.33 3.66
N ASP S 624 -21.09 -78.07 4.63
CA ASP S 624 -20.68 -79.10 5.59
C ASP S 624 -21.63 -79.18 6.77
N MET S 625 -22.63 -78.29 6.81
CA MET S 625 -23.60 -78.28 7.90
C MET S 625 -24.26 -79.63 8.18
N PRO S 626 -24.60 -80.40 7.13
CA PRO S 626 -25.24 -81.71 7.30
C PRO S 626 -24.46 -82.67 8.19
N LYS S 627 -23.16 -82.43 8.35
CA LYS S 627 -22.35 -83.30 9.21
C LYS S 627 -22.74 -83.08 10.66
N TYR S 628 -23.23 -81.88 10.97
CA TYR S 628 -23.63 -81.54 12.32
C TYR S 628 -25.11 -81.61 12.60
N MET S 629 -25.94 -81.21 11.64
CA MET S 629 -27.38 -81.28 11.84
C MET S 629 -28.16 -81.18 10.54
N THR S 630 -29.39 -81.66 10.57
CA THR S 630 -30.25 -81.65 9.39
C THR S 630 -30.83 -80.25 9.20
N TRP S 631 -31.42 -80.02 8.03
CA TRP S 631 -32.03 -78.73 7.74
C TRP S 631 -33.14 -78.46 8.76
N ASP S 632 -33.99 -79.45 8.99
CA ASP S 632 -35.10 -79.32 9.93
C ASP S 632 -34.62 -78.92 11.32
N GLU S 633 -33.55 -79.54 11.79
CA GLU S 633 -33.01 -79.22 13.11
C GLU S 633 -32.47 -77.79 13.13
N PHE S 634 -31.69 -77.45 12.10
CA PHE S 634 -31.10 -76.12 11.99
C PHE S 634 -32.19 -75.05 11.93
N PHE S 635 -33.17 -75.26 11.06
CA PHE S 635 -34.28 -74.32 10.91
C PHE S 635 -34.93 -74.05 12.25
N LYS S 636 -35.13 -75.12 13.02
CA LYS S 636 -35.75 -75.03 14.33
C LYS S 636 -34.88 -74.27 15.35
N LYS S 637 -33.58 -74.53 15.34
CA LYS S 637 -32.67 -73.88 16.28
C LYS S 637 -32.43 -72.41 15.93
N GLY S 638 -32.37 -72.10 14.63
CA GLY S 638 -32.16 -70.73 14.21
C GLY S 638 -30.71 -70.31 14.02
N TYR S 639 -29.80 -70.91 14.78
CA TYR S 639 -28.39 -70.58 14.67
C TYR S 639 -27.52 -71.73 15.17
N PHE S 640 -26.31 -71.81 14.62
CA PHE S 640 -25.39 -72.87 15.01
C PHE S 640 -23.97 -72.33 15.21
N VAL S 641 -23.39 -72.63 16.37
CA VAL S 641 -22.03 -72.22 16.67
C VAL S 641 -21.13 -73.38 16.27
N VAL S 642 -20.31 -73.19 15.24
CA VAL S 642 -19.42 -74.25 14.77
C VAL S 642 -18.42 -74.60 15.87
N PRO S 643 -18.18 -75.91 16.07
CA PRO S 643 -17.24 -76.37 17.09
C PRO S 643 -15.81 -75.97 16.81
N ASP S 644 -15.02 -75.86 17.87
CA ASP S 644 -13.61 -75.53 17.76
C ASP S 644 -12.94 -76.79 17.21
N ASN S 645 -11.79 -76.63 16.58
CA ASN S 645 -11.01 -77.75 16.06
C ASN S 645 -9.73 -77.61 16.86
N PRO S 646 -9.76 -78.02 18.14
CA PRO S 646 -8.67 -77.99 19.13
C PRO S 646 -7.29 -78.28 18.58
N ASN S 647 -7.22 -79.23 17.67
CA ASN S 647 -5.96 -79.57 17.07
C ASN S 647 -5.83 -78.93 15.69
N ARG S 648 -5.74 -79.72 14.64
CA ARG S 648 -5.57 -79.16 13.29
C ARG S 648 -4.29 -78.34 13.34
N LYS S 649 -3.38 -78.57 12.41
CA LYS S 649 -2.13 -77.83 12.47
C LYS S 649 -2.33 -76.35 12.24
N LYS S 650 -1.62 -75.54 13.00
CA LYS S 650 -1.70 -74.10 12.88
C LYS S 650 -0.72 -73.71 11.78
N THR S 651 -1.20 -72.94 10.81
CA THR S 651 -0.37 -72.52 9.70
C THR S 651 -0.39 -71.00 9.62
N VAL S 652 0.58 -70.37 10.27
CA VAL S 652 0.65 -68.91 10.28
C VAL S 652 0.87 -68.32 8.89
N ALA S 653 0.15 -67.25 8.60
CA ALA S 653 0.24 -66.58 7.31
C ALA S 653 1.69 -66.35 6.87
N LEU S 654 1.98 -66.75 5.64
CA LEU S 654 3.30 -66.58 5.04
C LEU S 654 4.51 -67.24 5.70
N ARG S 655 4.30 -68.02 6.77
CA ARG S 655 5.44 -68.66 7.40
C ARG S 655 6.11 -69.60 6.42
N TRP S 656 5.30 -70.26 5.59
CA TRP S 656 5.84 -71.17 4.57
C TRP S 656 6.78 -70.40 3.66
N PHE S 657 6.42 -69.18 3.31
CA PHE S 657 7.23 -68.35 2.44
C PHE S 657 8.52 -67.94 3.14
N ALA S 658 8.40 -67.51 4.39
CA ALA S 658 9.56 -67.11 5.18
C ALA S 658 10.54 -68.26 5.35
N GLU S 659 10.03 -69.48 5.46
CA GLU S 659 10.88 -70.66 5.64
C GLU S 659 11.24 -71.37 4.33
N GLY S 660 10.87 -70.76 3.21
CA GLY S 660 11.18 -71.32 1.91
C GLY S 660 10.65 -72.70 1.59
N ARG S 661 9.48 -73.05 2.13
CA ARG S 661 8.91 -74.36 1.85
C ARG S 661 7.57 -74.22 1.12
N GLU S 662 6.93 -75.35 0.84
CA GLU S 662 5.67 -75.34 0.12
C GLU S 662 4.54 -74.65 0.88
N LYS S 663 3.71 -73.93 0.13
CA LYS S 663 2.55 -73.24 0.71
C LYS S 663 1.74 -74.29 1.45
N ASP S 664 1.41 -74.04 2.72
CA ASP S 664 0.68 -75.01 3.51
C ASP S 664 -0.59 -74.49 4.20
N THR S 665 -1.00 -73.26 3.88
CA THR S 665 -2.19 -72.69 4.51
C THR S 665 -3.45 -73.01 3.71
N PRO S 666 -4.62 -72.63 4.26
CA PRO S 666 -5.89 -72.90 3.56
C PRO S 666 -6.15 -71.91 2.42
N ASP S 667 -5.19 -71.02 2.17
CA ASP S 667 -5.35 -69.99 1.13
C ASP S 667 -5.71 -70.55 -0.24
N TRP S 668 -6.43 -69.76 -1.02
CA TRP S 668 -6.90 -70.14 -2.34
C TRP S 668 -5.86 -69.87 -3.42
N GLY S 669 -4.64 -69.60 -3.00
CA GLY S 669 -3.58 -69.33 -3.94
C GLY S 669 -2.23 -69.44 -3.25
N PRO S 670 -1.13 -69.36 -4.01
CA PRO S 670 -1.18 -69.19 -5.46
C PRO S 670 -1.53 -70.47 -6.21
N ARG S 671 -1.93 -70.32 -7.47
CA ARG S 671 -2.25 -71.49 -8.28
C ARG S 671 -0.93 -72.17 -8.63
N LEU S 672 -0.98 -73.50 -8.77
CA LEU S 672 0.21 -74.28 -9.08
C LEU S 672 1.05 -73.77 -10.24
N ASN S 673 0.40 -73.30 -11.30
CA ASN S 673 1.15 -72.82 -12.46
C ASN S 673 1.90 -71.52 -12.19
N ASN S 674 1.56 -70.85 -11.09
CA ASN S 674 2.22 -69.59 -10.72
C ASN S 674 3.32 -69.80 -9.70
N GLN S 675 3.71 -71.06 -9.51
CA GLN S 675 4.77 -71.42 -8.58
C GLN S 675 5.68 -72.47 -9.19
N VAL S 676 6.85 -72.66 -8.57
CA VAL S 676 7.77 -73.68 -9.00
C VAL S 676 7.82 -74.65 -7.83
N CYS S 677 7.34 -75.87 -8.07
CA CYS S 677 7.29 -76.91 -7.05
C CYS S 677 6.51 -76.39 -5.85
N ARG S 678 5.48 -75.60 -6.17
CA ARG S 678 4.58 -74.96 -5.22
C ARG S 678 5.23 -74.26 -4.03
N LYS S 679 6.30 -73.54 -4.34
CA LYS S 679 7.03 -72.74 -3.37
C LYS S 679 7.06 -71.33 -3.93
N GLY S 680 7.18 -70.34 -3.05
CA GLY S 680 7.24 -68.96 -3.48
C GLY S 680 5.91 -68.29 -3.75
N LEU S 681 5.98 -66.99 -4.00
CA LEU S 681 4.80 -66.18 -4.28
C LEU S 681 4.38 -66.36 -5.73
N GLN S 682 3.23 -65.77 -6.05
CA GLN S 682 2.63 -65.82 -7.38
C GLN S 682 3.45 -65.07 -8.43
N THR S 683 4.27 -64.13 -7.98
CA THR S 683 5.11 -63.35 -8.88
C THR S 683 6.01 -64.25 -9.72
N THR S 684 6.47 -63.73 -10.86
CA THR S 684 7.34 -64.50 -11.74
C THR S 684 8.52 -65.14 -11.01
N THR S 685 9.25 -64.34 -10.24
CA THR S 685 10.42 -64.83 -9.51
C THR S 685 10.05 -65.63 -8.27
N GLY S 686 8.80 -65.51 -7.84
CA GLY S 686 8.36 -66.21 -6.65
C GLY S 686 8.75 -65.43 -5.40
N LYS S 687 9.32 -64.23 -5.62
CA LYS S 687 9.78 -63.35 -4.55
C LYS S 687 9.06 -62.00 -4.54
N VAL S 688 9.29 -61.22 -3.48
CA VAL S 688 8.71 -59.88 -3.37
C VAL S 688 9.51 -59.04 -4.36
N GLU S 689 8.84 -58.52 -5.38
CA GLU S 689 9.52 -57.75 -6.42
C GLU S 689 9.48 -56.23 -6.28
N PHE S 690 10.55 -55.68 -5.71
CA PHE S 690 10.68 -54.23 -5.52
C PHE S 690 10.68 -53.54 -6.88
N ILE S 691 11.01 -54.33 -7.90
CA ILE S 691 10.96 -53.88 -9.28
C ILE S 691 10.07 -54.97 -9.87
N ALA S 692 8.81 -54.63 -10.09
CA ALA S 692 7.83 -55.60 -10.59
C ALA S 692 8.08 -56.03 -12.04
N THR S 693 8.24 -57.34 -12.22
CA THR S 693 8.47 -57.89 -13.56
C THR S 693 7.27 -57.66 -14.48
N SER S 694 6.06 -57.80 -13.94
CA SER S 694 4.84 -57.60 -14.72
C SER S 694 4.79 -56.17 -15.26
N LEU S 695 5.04 -55.21 -14.39
CA LEU S 695 5.01 -53.81 -14.80
C LEU S 695 6.16 -53.47 -15.72
N LYS S 696 7.30 -54.15 -15.53
CA LYS S 696 8.43 -53.90 -16.40
C LYS S 696 8.07 -54.34 -17.82
N ASN S 697 7.36 -55.46 -17.93
CA ASN S 697 6.93 -55.94 -19.25
C ASN S 697 5.96 -54.93 -19.87
N PHE S 698 4.99 -54.49 -19.05
CA PHE S 698 3.97 -53.53 -19.47
C PHE S 698 4.60 -52.24 -20.02
N GLU S 699 5.57 -51.68 -19.31
CA GLU S 699 6.20 -50.46 -19.79
C GLU S 699 7.10 -50.71 -21.00
N GLU S 700 7.70 -51.89 -21.08
CA GLU S 700 8.56 -52.18 -22.23
C GLU S 700 7.67 -52.42 -23.45
N GLN S 701 6.42 -52.80 -23.20
CA GLN S 701 5.47 -53.03 -24.28
C GLN S 701 4.94 -51.69 -24.78
N GLY S 702 5.40 -50.61 -24.14
CA GLY S 702 5.00 -49.27 -24.57
C GLY S 702 3.98 -48.53 -23.72
N TYR S 703 3.52 -49.13 -22.62
CA TYR S 703 2.54 -48.48 -21.77
C TYR S 703 3.21 -47.67 -20.66
N ILE S 704 3.73 -46.50 -21.03
CA ILE S 704 4.40 -45.61 -20.09
C ILE S 704 3.39 -44.97 -19.14
N ASP S 705 3.62 -45.13 -17.84
CA ASP S 705 2.72 -44.59 -16.83
C ASP S 705 3.52 -44.06 -15.65
N GLU S 706 3.77 -42.76 -15.66
CA GLU S 706 4.54 -42.08 -14.63
C GLU S 706 4.07 -42.30 -13.19
N HIS S 707 2.77 -42.44 -12.97
CA HIS S 707 2.27 -42.64 -11.61
C HIS S 707 2.17 -44.08 -11.14
N ARG S 708 2.82 -44.98 -11.86
CA ARG S 708 2.86 -46.38 -11.50
C ARG S 708 4.11 -46.99 -12.12
N PRO S 709 5.29 -46.59 -11.61
CA PRO S 709 6.56 -47.11 -12.10
C PRO S 709 6.77 -48.57 -11.71
N SER S 710 7.54 -49.30 -12.50
CA SER S 710 7.81 -50.70 -12.19
C SER S 710 8.50 -50.81 -10.84
N MET S 711 9.37 -49.85 -10.52
CA MET S 711 10.05 -49.87 -9.23
C MET S 711 9.26 -49.03 -8.23
N HIS S 712 9.11 -49.55 -7.02
CA HIS S 712 8.41 -48.83 -5.95
C HIS S 712 9.25 -47.61 -5.60
N THR S 713 8.75 -46.42 -5.90
CA THR S 713 9.48 -45.18 -5.63
C THR S 713 8.59 -44.12 -5.01
N TYR S 714 9.18 -42.96 -4.72
CA TYR S 714 8.39 -41.88 -4.14
C TYR S 714 7.75 -41.07 -5.24
N VAL S 715 6.59 -41.50 -5.69
CA VAL S 715 5.87 -40.78 -6.72
C VAL S 715 5.04 -39.80 -5.92
N PRO S 716 5.28 -38.48 -6.11
CA PRO S 716 4.50 -37.50 -5.36
C PRO S 716 3.02 -37.70 -5.68
N ALA S 717 2.16 -37.67 -4.65
CA ALA S 717 0.73 -37.85 -4.85
C ALA S 717 0.19 -36.72 -5.72
N TRP S 718 -0.48 -37.05 -6.83
CA TRP S 718 -0.97 -35.98 -7.71
C TRP S 718 -2.01 -35.05 -7.10
N GLU S 719 -2.55 -35.41 -5.94
CA GLU S 719 -3.49 -34.52 -5.26
C GLU S 719 -3.02 -34.39 -3.80
N SER S 720 -1.86 -33.78 -3.63
CA SER S 720 -1.28 -33.58 -2.30
C SER S 720 -1.05 -32.08 -2.12
N GLN S 721 -0.86 -31.65 -0.88
CA GLN S 721 -0.69 -30.22 -0.62
C GLN S 721 0.59 -29.58 -1.14
N LYS S 722 1.68 -30.32 -1.25
CA LYS S 722 2.88 -29.65 -1.74
C LYS S 722 3.24 -29.92 -3.20
N HIS S 723 2.60 -30.90 -3.82
CA HIS S 723 2.90 -31.24 -5.21
C HIS S 723 1.81 -30.96 -6.22
N SER S 724 0.60 -30.64 -5.75
CA SER S 724 -0.51 -30.39 -6.64
C SER S 724 -0.74 -28.91 -6.98
N PRO S 725 -0.94 -28.59 -8.27
CA PRO S 725 -1.18 -27.20 -8.69
C PRO S 725 -2.46 -26.67 -8.03
N LEU S 726 -3.34 -27.58 -7.66
CA LEU S 726 -4.61 -27.23 -7.02
C LEU S 726 -4.45 -26.68 -5.60
N ALA S 727 -3.41 -27.14 -4.92
CA ALA S 727 -3.14 -26.72 -3.54
C ALA S 727 -3.04 -25.21 -3.33
N VAL S 728 -2.67 -24.49 -4.39
CA VAL S 728 -2.54 -23.03 -4.30
C VAL S 728 -3.89 -22.39 -3.99
N LYS S 729 -4.94 -22.90 -4.64
CA LYS S 729 -6.31 -22.39 -4.45
C LYS S 729 -7.01 -23.10 -3.30
N TYR S 730 -6.78 -24.40 -3.20
CA TYR S 730 -7.41 -25.22 -2.18
C TYR S 730 -6.32 -25.84 -1.30
N PRO S 731 -5.90 -25.11 -0.25
CA PRO S 731 -4.87 -25.49 0.71
C PRO S 731 -5.11 -26.61 1.72
N LEU S 732 -6.36 -26.93 2.00
CA LEU S 732 -6.65 -27.98 2.99
C LEU S 732 -6.74 -29.38 2.40
N GLY S 733 -6.08 -30.33 3.08
CA GLY S 733 -6.10 -31.70 2.63
C GLY S 733 -7.20 -32.45 3.33
N MET S 734 -8.11 -33.03 2.57
CA MET S 734 -9.23 -33.77 3.13
C MET S 734 -9.16 -35.27 2.88
N LEU S 735 -9.45 -36.05 3.90
CA LEU S 735 -9.51 -37.50 3.77
C LEU S 735 -10.97 -37.80 4.12
N SER S 736 -11.55 -38.83 3.51
CA SER S 736 -12.95 -39.15 3.76
C SER S 736 -13.20 -40.64 3.88
N PRO S 737 -12.78 -41.25 5.01
CA PRO S 737 -12.87 -42.66 5.39
C PRO S 737 -14.32 -43.15 5.52
N HIS S 738 -14.49 -44.43 5.85
CA HIS S 738 -15.82 -45.01 6.00
C HIS S 738 -16.56 -44.51 7.24
N PRO S 739 -17.88 -44.27 7.10
CA PRO S 739 -18.70 -43.78 8.22
C PRO S 739 -18.65 -44.66 9.46
N ARG S 740 -18.41 -44.03 10.59
CA ARG S 740 -18.33 -44.69 11.87
C ARG S 740 -19.66 -45.31 12.30
N PHE S 741 -20.75 -44.57 12.12
CA PHE S 741 -22.07 -45.05 12.55
C PHE S 741 -23.02 -45.54 11.46
N SER S 742 -22.47 -46.06 10.37
CA SER S 742 -23.29 -46.55 9.28
C SER S 742 -22.46 -47.48 8.40
N MET S 743 -23.11 -48.48 7.78
CA MET S 743 -22.40 -49.38 6.87
C MET S 743 -22.60 -48.64 5.56
N HIS S 744 -21.65 -47.76 5.24
CA HIS S 744 -21.73 -46.94 4.06
C HIS S 744 -23.07 -46.20 4.09
N THR S 745 -23.88 -46.26 3.04
CA THR S 745 -25.14 -45.53 3.09
C THR S 745 -26.21 -46.22 3.93
N MET S 746 -26.00 -47.48 4.26
CA MET S 746 -26.97 -48.23 5.05
C MET S 746 -26.89 -47.93 6.54
N GLY S 747 -27.58 -46.87 6.95
CA GLY S 747 -27.58 -46.46 8.35
C GLY S 747 -27.85 -44.97 8.44
N ASP S 748 -27.22 -44.22 7.56
CA ASP S 748 -27.38 -42.76 7.52
C ASP S 748 -28.72 -42.41 6.90
N GLY S 749 -29.21 -41.21 7.20
CA GLY S 749 -30.49 -40.76 6.65
C GLY S 749 -31.64 -41.67 7.02
N LYS S 750 -32.64 -41.74 6.14
CA LYS S 750 -33.82 -42.59 6.34
C LYS S 750 -34.53 -42.31 7.65
N ASN S 751 -34.27 -41.15 8.25
CA ASN S 751 -34.88 -40.79 9.52
C ASN S 751 -34.57 -41.90 10.53
N SER S 752 -33.37 -42.48 10.43
CA SER S 752 -32.95 -43.54 11.34
C SER S 752 -32.50 -42.97 12.68
N TYR S 753 -32.37 -43.82 13.69
CA TYR S 753 -31.94 -43.37 15.00
C TYR S 753 -30.49 -42.91 15.01
N MET S 754 -29.67 -43.43 14.10
CA MET S 754 -28.26 -43.05 14.04
C MET S 754 -28.06 -41.56 13.79
N ASN S 755 -29.05 -40.91 13.17
CA ASN S 755 -28.96 -39.49 12.90
C ASN S 755 -28.95 -38.63 14.17
N TYR S 756 -29.27 -39.23 15.32
CA TYR S 756 -29.28 -38.48 16.57
C TYR S 756 -27.95 -38.63 17.32
N ILE S 757 -27.07 -39.48 16.82
CA ILE S 757 -25.76 -39.68 17.43
C ILE S 757 -24.98 -38.37 17.28
N LYS S 758 -24.45 -37.87 18.40
CA LYS S 758 -23.72 -36.61 18.41
C LYS S 758 -22.60 -36.48 17.38
N ASP S 759 -21.79 -37.53 17.23
CA ASP S 759 -20.68 -37.47 16.30
C ASP S 759 -21.02 -37.99 14.89
N HIS S 760 -22.32 -38.01 14.56
CA HIS S 760 -22.74 -38.45 13.23
C HIS S 760 -23.28 -37.24 12.46
N ARG S 761 -24.33 -36.62 12.97
CA ARG S 761 -24.90 -35.43 12.35
C ARG S 761 -25.17 -34.39 13.44
N VAL S 762 -25.17 -33.12 13.06
CA VAL S 762 -25.40 -32.04 13.99
C VAL S 762 -26.63 -31.27 13.52
N GLU S 763 -27.63 -31.16 14.38
CA GLU S 763 -28.85 -30.46 14.02
C GLU S 763 -28.70 -28.95 14.19
N VAL S 764 -28.95 -28.21 13.11
CA VAL S 764 -28.87 -26.76 13.13
C VAL S 764 -30.13 -26.24 12.45
N ASP S 765 -30.96 -25.55 13.22
CA ASP S 765 -32.22 -24.99 12.71
C ASP S 765 -33.13 -26.05 12.10
N GLY S 766 -33.27 -27.18 12.79
CA GLY S 766 -34.14 -28.24 12.30
C GLY S 766 -33.59 -29.21 11.28
N TYR S 767 -32.40 -28.93 10.74
CA TYR S 767 -31.81 -29.82 9.75
C TYR S 767 -30.56 -30.48 10.35
N LYS S 768 -30.41 -31.79 10.14
CA LYS S 768 -29.25 -32.50 10.66
C LYS S 768 -28.15 -32.54 9.61
N TYR S 769 -27.11 -31.73 9.83
CA TYR S 769 -26.00 -31.64 8.89
C TYR S 769 -24.88 -32.64 9.12
N TRP S 770 -24.22 -33.03 8.02
CA TRP S 770 -23.11 -33.96 8.05
C TRP S 770 -21.93 -33.22 8.69
N ILE S 771 -21.05 -33.96 9.35
CA ILE S 771 -19.91 -33.36 10.04
C ILE S 771 -18.58 -33.32 9.30
N MET S 772 -17.86 -32.22 9.47
CA MET S 772 -16.52 -32.08 8.94
C MET S 772 -15.68 -31.65 10.15
N ARG S 773 -14.59 -32.39 10.40
CA ARG S 773 -13.72 -32.09 11.53
C ARG S 773 -12.60 -31.17 11.07
N VAL S 774 -12.35 -30.12 11.85
CA VAL S 774 -11.33 -29.13 11.52
C VAL S 774 -10.43 -28.84 12.71
N ASN S 775 -9.13 -28.68 12.46
CA ASN S 775 -8.21 -28.37 13.55
C ASN S 775 -8.47 -26.95 14.02
N SER S 776 -8.43 -26.76 15.34
CA SER S 776 -8.68 -25.45 15.94
C SER S 776 -7.94 -24.29 15.26
N ILE S 777 -6.69 -24.53 14.87
CA ILE S 777 -5.91 -23.48 14.22
C ILE S 777 -6.50 -23.06 12.88
N ASP S 778 -6.90 -24.04 12.07
CA ASP S 778 -7.49 -23.75 10.77
C ASP S 778 -8.86 -23.10 10.92
N ALA S 779 -9.60 -23.53 11.95
CA ALA S 779 -10.93 -22.99 12.19
C ALA S 779 -10.85 -21.52 12.60
N GLU S 780 -9.99 -21.25 13.58
CA GLU S 780 -9.80 -19.90 14.10
C GLU S 780 -9.43 -18.93 12.97
N ALA S 781 -8.51 -19.35 12.11
CA ALA S 781 -8.06 -18.52 11.00
C ALA S 781 -9.19 -18.17 10.04
N ARG S 782 -10.29 -18.92 10.11
CA ARG S 782 -11.42 -18.67 9.22
C ARG S 782 -12.65 -18.19 9.98
N GLY S 783 -12.50 -17.94 11.28
CA GLY S 783 -13.62 -17.49 12.07
C GLY S 783 -14.67 -18.56 12.25
N ILE S 784 -14.24 -19.82 12.15
CA ILE S 784 -15.14 -20.95 12.30
C ILE S 784 -15.16 -21.45 13.74
N LYS S 785 -16.36 -21.61 14.29
CA LYS S 785 -16.51 -22.09 15.66
C LYS S 785 -17.23 -23.44 15.65
N ASN S 786 -17.02 -24.22 16.70
CA ASN S 786 -17.64 -25.52 16.81
C ASN S 786 -19.15 -25.42 16.58
N GLY S 787 -19.66 -26.20 15.64
CA GLY S 787 -21.09 -26.18 15.37
C GLY S 787 -21.55 -25.27 14.25
N ASP S 788 -20.65 -24.40 13.76
CA ASP S 788 -21.00 -23.49 12.69
C ASP S 788 -21.20 -24.24 11.38
N LEU S 789 -22.08 -23.73 10.53
CA LEU S 789 -22.31 -24.36 9.24
C LEU S 789 -21.23 -23.80 8.31
N ILE S 790 -20.54 -24.69 7.62
CA ILE S 790 -19.47 -24.27 6.73
C ILE S 790 -19.70 -24.80 5.33
N ARG S 791 -18.95 -24.26 4.39
CA ARG S 791 -19.03 -24.66 3.01
C ARG S 791 -17.64 -25.20 2.62
N ALA S 792 -17.58 -26.48 2.24
CA ALA S 792 -16.33 -27.07 1.80
C ALA S 792 -16.42 -27.08 0.28
N TYR S 793 -15.37 -26.65 -0.41
CA TYR S 793 -15.45 -26.60 -1.86
C TYR S 793 -14.12 -26.67 -2.60
N ASN S 794 -14.24 -26.86 -3.91
CA ASN S 794 -13.12 -26.88 -4.86
C ASN S 794 -13.76 -26.78 -6.24
N ASP S 795 -13.02 -27.09 -7.30
CA ASP S 795 -13.59 -27.00 -8.65
C ASP S 795 -14.79 -27.90 -8.91
N ARG S 796 -14.82 -29.04 -8.25
CA ARG S 796 -15.87 -30.03 -8.45
C ARG S 796 -17.23 -29.74 -7.82
N GLY S 797 -17.26 -28.90 -6.78
CA GLY S 797 -18.54 -28.59 -6.16
C GLY S 797 -18.43 -28.00 -4.76
N SER S 798 -19.57 -27.90 -4.09
CA SER S 798 -19.65 -27.39 -2.73
C SER S 798 -20.56 -28.29 -1.90
N VAL S 799 -20.22 -28.45 -0.63
CA VAL S 799 -21.00 -29.25 0.29
C VAL S 799 -21.15 -28.47 1.60
N ILE S 800 -22.37 -28.34 2.10
CA ILE S 800 -22.61 -27.62 3.36
C ILE S 800 -22.51 -28.62 4.50
N LEU S 801 -21.71 -28.28 5.51
CA LEU S 801 -21.49 -29.16 6.64
C LEU S 801 -21.46 -28.43 7.98
N ALA S 802 -21.56 -29.20 9.06
CA ALA S 802 -21.49 -28.66 10.42
C ALA S 802 -20.05 -28.90 10.86
N ALA S 803 -19.39 -27.86 11.31
CA ALA S 803 -17.99 -27.97 11.72
C ALA S 803 -17.81 -28.52 13.12
N GLN S 804 -16.85 -29.44 13.26
CA GLN S 804 -16.51 -29.99 14.56
C GLN S 804 -15.05 -29.59 14.74
N VAL S 805 -14.80 -28.61 15.60
CA VAL S 805 -13.45 -28.13 15.85
C VAL S 805 -12.78 -29.14 16.78
N THR S 806 -11.64 -29.67 16.36
CA THR S 806 -10.96 -30.70 17.14
C THR S 806 -9.45 -30.54 17.12
N GLU S 807 -8.76 -31.39 17.89
CA GLU S 807 -7.31 -31.41 17.95
C GLU S 807 -6.84 -32.72 17.33
N CYS S 808 -7.79 -33.53 16.88
CA CYS S 808 -7.49 -34.84 16.29
C CYS S 808 -7.04 -34.84 14.83
N LEU S 809 -6.48 -33.72 14.40
CA LEU S 809 -6.00 -33.58 13.02
C LEU S 809 -4.85 -32.59 13.00
N GLN S 810 -3.83 -32.85 12.18
CA GLN S 810 -2.72 -31.91 12.07
C GLN S 810 -3.27 -30.66 11.38
N PRO S 811 -2.86 -29.47 11.82
CA PRO S 811 -3.35 -28.25 11.18
C PRO S 811 -3.19 -28.35 9.66
N GLY S 812 -4.22 -28.00 8.91
CA GLY S 812 -4.15 -28.06 7.46
C GLY S 812 -4.86 -29.26 6.88
N THR S 813 -5.29 -30.16 7.77
CA THR S 813 -5.99 -31.36 7.38
C THR S 813 -7.43 -31.33 7.91
N VAL S 814 -8.40 -31.67 7.07
CA VAL S 814 -9.79 -31.72 7.50
C VAL S 814 -10.28 -33.14 7.25
N HIS S 815 -11.33 -33.54 7.96
CA HIS S 815 -11.85 -34.90 7.85
C HIS S 815 -13.37 -34.94 7.86
N SER S 816 -13.92 -35.75 6.96
CA SER S 816 -15.36 -35.94 6.83
C SER S 816 -15.59 -37.30 6.20
N TYR S 817 -16.36 -38.14 6.87
CA TYR S 817 -16.63 -39.48 6.36
C TYR S 817 -17.40 -39.46 5.04
N GLU S 818 -17.21 -40.50 4.23
CA GLU S 818 -17.94 -40.59 2.96
C GLU S 818 -19.20 -41.40 3.20
N SER S 819 -19.84 -41.81 2.11
CA SER S 819 -21.04 -42.65 2.14
C SER S 819 -22.34 -42.01 2.62
N CYS S 820 -22.38 -40.68 2.64
CA CYS S 820 -23.59 -39.98 3.03
C CYS S 820 -24.72 -40.58 2.18
N ALA S 821 -25.86 -40.86 2.80
CA ALA S 821 -27.01 -41.45 2.10
C ALA S 821 -27.97 -40.42 1.53
N VAL S 822 -27.83 -39.19 1.99
CA VAL S 822 -28.71 -38.10 1.59
C VAL S 822 -28.15 -37.15 0.55
N TYR S 823 -28.82 -37.06 -0.60
CA TYR S 823 -28.41 -36.12 -1.61
C TYR S 823 -29.51 -35.06 -1.61
N ASP S 824 -29.17 -33.86 -1.13
CA ASP S 824 -30.14 -32.77 -1.01
C ASP S 824 -29.56 -31.46 -1.56
N PRO S 825 -29.64 -31.27 -2.89
CA PRO S 825 -29.14 -30.07 -3.57
C PRO S 825 -29.93 -28.83 -3.18
N LEU S 826 -29.23 -27.71 -3.04
CA LEU S 826 -29.90 -26.45 -2.67
C LEU S 826 -30.46 -25.79 -3.93
N GLY S 827 -29.95 -26.23 -5.07
CA GLY S 827 -30.41 -25.71 -6.35
C GLY S 827 -30.62 -26.87 -7.30
N THR S 828 -30.29 -26.65 -8.57
CA THR S 828 -30.44 -27.70 -9.57
C THR S 828 -29.54 -28.89 -9.25
N ALA S 829 -30.07 -30.10 -9.43
CA ALA S 829 -29.32 -31.31 -9.16
C ALA S 829 -28.05 -31.35 -10.00
N GLY S 830 -26.93 -31.70 -9.36
CA GLY S 830 -25.65 -31.78 -10.06
C GLY S 830 -25.02 -30.45 -10.44
N LYS S 831 -25.69 -29.34 -10.13
CA LYS S 831 -25.17 -28.02 -10.47
C LYS S 831 -25.08 -27.06 -9.30
N SER S 832 -25.40 -27.53 -8.10
CA SER S 832 -25.37 -26.65 -6.94
C SER S 832 -24.82 -27.31 -5.70
N ALA S 833 -24.71 -26.52 -4.62
CA ALA S 833 -24.19 -27.04 -3.37
C ALA S 833 -25.16 -28.06 -2.79
N ASP S 834 -24.61 -29.07 -2.14
CA ASP S 834 -25.42 -30.10 -1.51
C ASP S 834 -25.33 -29.93 0.01
N ARG S 835 -26.45 -30.07 0.70
CA ARG S 835 -26.41 -29.95 2.16
C ARG S 835 -26.68 -31.32 2.79
N GLY S 836 -26.87 -32.34 1.96
CA GLY S 836 -27.09 -33.67 2.48
C GLY S 836 -25.83 -34.16 3.16
N GLY S 837 -24.68 -33.81 2.59
CA GLY S 837 -23.40 -34.23 3.15
C GLY S 837 -22.56 -35.12 2.26
N CYS S 838 -22.86 -35.13 0.96
CA CYS S 838 -22.12 -35.95 0.02
C CYS S 838 -20.72 -35.40 -0.27
N ILE S 839 -19.80 -35.66 0.66
CA ILE S 839 -18.42 -35.21 0.55
C ILE S 839 -17.75 -35.68 -0.74
N ASN S 840 -18.20 -36.82 -1.28
CA ASN S 840 -17.61 -37.35 -2.51
C ASN S 840 -17.87 -36.47 -3.73
N ILE S 841 -18.61 -35.39 -3.52
CA ILE S 841 -18.86 -34.44 -4.61
C ILE S 841 -17.53 -33.75 -4.85
N LEU S 842 -16.72 -33.68 -3.81
CA LEU S 842 -15.44 -32.99 -3.84
C LEU S 842 -14.20 -33.84 -4.14
N THR S 843 -14.34 -35.17 -4.15
CA THR S 843 -13.19 -36.04 -4.41
C THR S 843 -12.83 -36.16 -5.89
N PRO S 844 -11.54 -36.35 -6.19
CA PRO S 844 -11.06 -36.48 -7.56
C PRO S 844 -11.52 -37.75 -8.27
N ASP S 845 -12.01 -37.58 -9.50
CA ASP S 845 -12.47 -38.73 -10.29
C ASP S 845 -11.35 -39.20 -11.22
N ARG S 846 -10.21 -38.53 -11.14
CA ARG S 846 -9.06 -38.92 -11.94
C ARG S 846 -8.55 -40.27 -11.42
N TYR S 847 -8.29 -41.20 -12.32
CA TYR S 847 -7.79 -42.53 -11.95
C TYR S 847 -6.47 -42.42 -11.19
N ILE S 848 -6.20 -43.38 -10.31
CA ILE S 848 -4.96 -43.40 -9.54
C ILE S 848 -3.75 -43.17 -10.44
N SER S 849 -3.73 -43.80 -11.60
CA SER S 849 -2.63 -43.61 -12.55
C SER S 849 -3.23 -43.78 -13.94
N LYS S 850 -2.44 -43.53 -14.98
CA LYS S 850 -2.97 -43.65 -16.33
C LYS S 850 -3.63 -45.02 -16.56
N TYR S 851 -2.99 -46.09 -16.08
CA TYR S 851 -3.54 -47.43 -16.27
C TYR S 851 -4.07 -48.12 -15.02
N ALA S 852 -3.86 -47.52 -13.85
CA ALA S 852 -4.38 -48.09 -12.61
C ALA S 852 -5.74 -47.43 -12.48
N CYS S 853 -6.75 -48.06 -13.07
CA CYS S 853 -8.09 -47.53 -13.11
C CYS S 853 -8.91 -47.71 -11.83
N GLY S 854 -8.37 -47.20 -10.73
CA GLY S 854 -9.03 -47.28 -9.44
C GLY S 854 -9.31 -45.89 -8.88
N MET S 855 -10.08 -45.81 -7.81
CA MET S 855 -10.44 -44.53 -7.20
C MET S 855 -9.38 -44.02 -6.22
N ALA S 856 -9.15 -42.70 -6.26
CA ALA S 856 -8.17 -42.03 -5.41
C ALA S 856 -8.84 -41.05 -4.44
N ASN S 857 -10.02 -41.41 -3.98
CA ASN S 857 -10.82 -40.56 -3.09
C ASN S 857 -10.19 -39.91 -1.86
N ASN S 858 -9.42 -40.67 -1.09
CA ASN S 858 -8.89 -40.13 0.15
C ASN S 858 -7.81 -39.05 0.12
N THR S 859 -7.56 -38.49 -1.06
CA THR S 859 -6.64 -37.36 -1.20
C THR S 859 -7.45 -36.34 -2.00
N ALA S 860 -7.96 -35.31 -1.32
CA ALA S 860 -8.74 -34.27 -1.98
C ALA S 860 -8.41 -32.92 -1.37
N LEU S 861 -8.14 -31.94 -2.21
CA LEU S 861 -7.82 -30.60 -1.76
C LEU S 861 -9.06 -29.74 -1.80
N VAL S 862 -9.31 -29.03 -0.71
CA VAL S 862 -10.49 -28.17 -0.62
C VAL S 862 -10.15 -26.91 0.16
N GLU S 863 -11.15 -26.03 0.22
CA GLU S 863 -11.05 -24.80 0.99
C GLU S 863 -12.36 -24.83 1.74
N ILE S 864 -12.38 -24.27 2.94
CA ILE S 864 -13.62 -24.22 3.70
C ILE S 864 -13.84 -22.81 4.22
N GLU S 865 -15.11 -22.46 4.42
CA GLU S 865 -15.45 -21.14 4.93
C GLU S 865 -16.83 -21.21 5.57
N LYS S 866 -17.13 -20.24 6.43
CA LYS S 866 -18.44 -20.22 7.05
C LYS S 866 -19.41 -20.07 5.87
N TRP S 867 -20.53 -20.79 5.94
CA TRP S 867 -21.53 -20.73 4.87
C TRP S 867 -22.41 -19.49 4.97
N ASP S 868 -22.41 -18.70 3.91
CA ASP S 868 -23.20 -17.46 3.87
C ASP S 868 -24.66 -17.70 3.53
N GLY S 869 -24.97 -18.92 3.08
CA GLY S 869 -26.34 -19.24 2.75
C GLY S 869 -26.65 -19.42 1.27
N ASP S 870 -25.74 -18.96 0.40
CA ASP S 870 -25.96 -19.08 -1.05
C ASP S 870 -26.08 -20.54 -1.47
N LYS S 871 -26.78 -20.79 -2.57
CA LYS S 871 -26.96 -22.15 -3.05
C LYS S 871 -25.86 -22.59 -4.00
N TYR S 872 -25.01 -21.64 -4.39
CA TYR S 872 -23.89 -21.87 -5.31
C TYR S 872 -24.21 -22.74 -6.52
N GLU S 873 -25.13 -22.27 -7.36
CA GLU S 873 -25.45 -23.02 -8.55
C GLU S 873 -24.46 -22.60 -9.63
N ILE S 874 -23.23 -23.09 -9.50
CA ILE S 874 -22.17 -22.75 -10.43
C ILE S 874 -21.41 -23.94 -10.97
N TYR S 875 -21.95 -25.14 -10.77
CA TYR S 875 -21.25 -26.33 -11.25
C TYR S 875 -21.91 -26.98 -12.46
N MET T 1 -33.16 -56.94 51.14
CA MET T 1 -33.43 -55.82 50.20
C MET T 1 -32.19 -55.55 49.34
N GLU T 2 -32.01 -56.37 48.31
CA GLU T 2 -30.87 -56.25 47.40
C GLU T 2 -31.16 -55.17 46.37
N GLN T 3 -30.19 -54.31 46.11
CA GLN T 3 -30.35 -53.21 45.16
C GLN T 3 -29.51 -53.32 43.90
N TYR T 4 -29.92 -52.61 42.86
CA TYR T 4 -29.20 -52.60 41.60
C TYR T 4 -28.14 -51.51 41.60
N TYR T 5 -27.01 -51.79 40.95
CA TYR T 5 -25.91 -50.85 40.83
C TYR T 5 -25.31 -51.01 39.45
N MET T 6 -24.73 -49.93 38.92
CA MET T 6 -24.11 -49.98 37.60
C MET T 6 -22.74 -49.35 37.67
N VAL T 7 -21.75 -50.01 37.09
CA VAL T 7 -20.39 -49.49 37.08
C VAL T 7 -19.95 -49.29 35.64
N ILE T 8 -19.55 -48.06 35.32
CA ILE T 8 -19.13 -47.69 33.98
C ILE T 8 -17.64 -47.34 33.94
N ASP T 9 -16.88 -48.03 33.09
CA ASP T 9 -15.45 -47.77 32.98
C ASP T 9 -15.21 -46.79 31.83
N VAL T 10 -14.89 -45.56 32.18
CA VAL T 10 -14.64 -44.51 31.19
C VAL T 10 -13.46 -44.82 30.25
N ALA T 11 -12.44 -45.50 30.78
CA ALA T 11 -11.27 -45.83 29.97
C ALA T 11 -11.61 -46.79 28.84
N LYS T 12 -12.78 -47.41 28.90
CA LYS T 12 -13.19 -48.34 27.86
C LYS T 12 -14.24 -47.82 26.88
N CYS T 13 -14.79 -46.61 27.13
CA CYS T 13 -15.78 -46.07 26.19
C CYS T 13 -15.11 -45.66 24.91
N GLN T 14 -15.73 -45.99 23.78
CA GLN T 14 -15.20 -45.59 22.48
C GLN T 14 -16.26 -44.77 21.72
N ASP T 15 -17.40 -44.52 22.38
CA ASP T 15 -18.48 -43.72 21.80
C ASP T 15 -19.08 -44.30 20.50
N CYS T 16 -19.20 -45.62 20.40
CA CYS T 16 -19.79 -46.24 19.20
C CYS T 16 -21.30 -46.04 19.26
N ASN T 17 -21.79 -45.64 20.43
CA ASN T 17 -23.20 -45.39 20.64
C ASN T 17 -24.13 -46.62 20.59
N ASN T 18 -23.60 -47.80 20.86
CA ASN T 18 -24.42 -49.01 20.88
C ASN T 18 -25.51 -48.88 21.99
N CYS T 19 -25.18 -48.23 23.11
CA CYS T 19 -26.12 -48.00 24.25
C CYS T 19 -27.34 -47.30 23.75
N PHE T 20 -27.05 -46.07 23.36
CA PHE T 20 -28.01 -45.11 22.86
C PHE T 20 -28.93 -45.75 21.86
N MET T 21 -28.36 -46.42 20.85
CA MET T 21 -29.17 -47.10 19.85
C MET T 21 -30.05 -48.08 20.59
N GLY T 22 -29.51 -48.61 21.69
CA GLY T 22 -30.26 -49.54 22.51
C GLY T 22 -31.53 -48.98 23.16
N CYS T 23 -31.51 -47.77 23.74
CA CYS T 23 -32.76 -47.24 24.31
C CYS T 23 -33.79 -47.02 23.28
N MET T 24 -33.37 -46.30 22.25
CA MET T 24 -34.25 -45.97 21.16
C MET T 24 -34.91 -47.23 20.64
N ASP T 25 -34.10 -48.27 20.45
CA ASP T 25 -34.62 -49.55 19.97
C ASP T 25 -35.67 -50.05 20.95
N GLU T 26 -35.38 -49.88 22.24
CA GLU T 26 -36.27 -50.33 23.31
C GLU T 26 -37.44 -49.39 23.63
N HIS T 27 -37.23 -48.09 23.50
CA HIS T 27 -38.27 -47.12 23.88
C HIS T 27 -38.90 -46.20 22.84
N GLU T 28 -38.25 -46.00 21.70
CA GLU T 28 -38.78 -45.09 20.70
C GLU T 28 -40.06 -45.54 20.01
N LEU T 29 -40.15 -46.83 19.71
CA LEU T 29 -41.32 -47.37 19.04
C LEU T 29 -42.19 -48.27 19.93
N ASN T 30 -41.76 -48.48 21.17
CA ASN T 30 -42.52 -49.33 22.08
C ASN T 30 -43.02 -48.54 23.28
N GLU T 31 -44.15 -48.99 23.83
CA GLU T 31 -44.73 -48.37 25.01
C GLU T 31 -44.71 -49.44 26.10
N TRP T 32 -44.36 -49.05 27.32
CA TRP T 32 -44.29 -50.01 28.41
C TRP T 32 -45.21 -49.59 29.56
N PRO T 33 -46.45 -50.10 29.56
CA PRO T 33 -47.48 -49.83 30.58
C PRO T 33 -46.96 -49.80 32.01
N GLY T 34 -47.15 -48.66 32.68
CA GLY T 34 -46.72 -48.55 34.06
C GLY T 34 -45.29 -48.09 34.23
N TYR T 35 -44.52 -48.09 33.14
CA TYR T 35 -43.12 -47.68 33.22
C TYR T 35 -42.87 -46.38 32.46
N THR T 36 -43.21 -46.36 31.18
CA THR T 36 -43.02 -45.17 30.37
C THR T 36 -43.72 -45.25 29.03
N ALA T 37 -44.09 -44.09 28.50
CA ALA T 37 -44.72 -44.03 27.19
C ALA T 37 -43.52 -44.07 26.25
N SER T 38 -43.76 -44.08 24.94
CA SER T 38 -42.66 -44.13 23.99
C SER T 38 -41.78 -42.87 24.07
N MET T 39 -40.49 -43.09 23.88
CA MET T 39 -39.49 -42.03 23.91
C MET T 39 -39.65 -41.06 22.74
N GLN T 40 -39.25 -39.80 22.96
CA GLN T 40 -39.32 -38.77 21.93
C GLN T 40 -37.97 -38.68 21.22
N ARG T 41 -37.99 -38.65 19.89
CA ARG T 41 -36.76 -38.55 19.10
C ARG T 41 -36.01 -37.27 19.49
N GLY T 42 -34.73 -37.41 19.78
CA GLY T 42 -33.94 -36.25 20.16
C GLY T 42 -33.53 -36.31 21.62
N HIS T 43 -34.33 -37.00 22.42
CA HIS T 43 -34.04 -37.14 23.84
C HIS T 43 -32.80 -37.99 24.00
N ARG T 44 -32.14 -37.86 25.14
CA ARG T 44 -30.95 -38.64 25.43
C ARG T 44 -30.99 -39.20 26.86
N TRP T 45 -31.89 -40.14 27.11
CA TRP T 45 -32.00 -40.75 28.44
C TRP T 45 -30.61 -41.25 28.78
N MET T 46 -29.90 -41.70 27.75
CA MET T 46 -28.53 -42.15 27.85
C MET T 46 -27.79 -41.05 27.11
N ASN T 47 -27.02 -40.25 27.85
CA ASN T 47 -26.29 -39.14 27.26
C ASN T 47 -24.79 -39.39 27.34
N ILE T 48 -24.18 -39.68 26.20
CA ILE T 48 -22.75 -39.95 26.14
C ILE T 48 -21.99 -38.64 25.95
N GLU T 49 -21.42 -38.13 27.05
CA GLU T 49 -20.67 -36.88 27.02
C GLU T 49 -19.29 -37.15 26.43
N ARG T 50 -18.76 -36.16 25.72
CA ARG T 50 -17.47 -36.27 25.04
C ARG T 50 -16.56 -35.14 25.50
N ARG T 51 -15.30 -35.44 25.81
CA ARG T 51 -14.39 -34.39 26.21
C ARG T 51 -12.97 -34.56 25.67
N GLU T 52 -12.53 -33.59 24.88
CA GLU T 52 -11.19 -33.61 24.32
C GLU T 52 -10.27 -32.87 25.29
N ARG T 53 -9.03 -33.32 25.42
CA ARG T 53 -8.07 -32.67 26.31
C ARG T 53 -6.77 -32.39 25.57
N GLY T 54 -6.01 -31.43 26.09
CA GLY T 54 -4.74 -31.08 25.49
C GLY T 54 -4.84 -30.44 24.12
N THR T 55 -3.71 -30.39 23.42
CA THR T 55 -3.65 -29.79 22.10
C THR T 55 -2.80 -30.64 21.17
N TYR T 56 -3.10 -30.59 19.87
CA TYR T 56 -2.33 -31.35 18.90
C TYR T 56 -0.85 -30.99 19.09
N PRO T 57 0.05 -31.99 19.01
CA PRO T 57 -0.20 -33.41 18.75
C PRO T 57 -0.28 -34.33 19.96
N ARG T 58 -0.31 -33.79 21.17
CA ARG T 58 -0.38 -34.64 22.36
C ARG T 58 -1.72 -34.52 23.06
N ASN T 59 -2.79 -34.50 22.26
CA ASN T 59 -4.15 -34.39 22.75
C ASN T 59 -4.75 -35.78 22.93
N ASP T 60 -5.92 -35.84 23.56
CA ASP T 60 -6.61 -37.11 23.73
C ASP T 60 -8.09 -36.82 23.94
N ILE T 61 -8.89 -37.87 24.07
CA ILE T 61 -10.32 -37.70 24.28
C ILE T 61 -10.91 -38.89 25.01
N ASN T 62 -11.90 -38.63 25.85
CA ASN T 62 -12.56 -39.69 26.61
C ASN T 62 -14.06 -39.40 26.66
N TYR T 63 -14.85 -40.45 26.86
CA TYR T 63 -16.29 -40.30 26.91
C TYR T 63 -16.88 -40.82 28.21
N ARG T 64 -18.02 -40.25 28.60
CA ARG T 64 -18.67 -40.65 29.83
C ARG T 64 -20.15 -40.94 29.59
N PRO T 65 -20.50 -42.22 29.43
CA PRO T 65 -21.92 -42.54 29.22
C PRO T 65 -22.66 -42.06 30.46
N THR T 66 -23.73 -41.30 30.28
CA THR T 66 -24.48 -40.77 31.41
C THR T 66 -25.97 -41.06 31.38
N PRO T 67 -26.40 -42.10 32.11
CA PRO T 67 -27.83 -42.44 32.16
C PRO T 67 -28.38 -41.75 33.39
N CYS T 68 -29.50 -42.24 33.92
CA CYS T 68 -30.02 -41.64 35.13
C CYS T 68 -29.10 -42.13 36.24
N MET T 69 -28.87 -41.31 37.25
CA MET T 69 -28.01 -41.72 38.35
C MET T 69 -28.78 -42.57 39.36
N HIS T 70 -30.12 -42.50 39.28
CA HIS T 70 -30.99 -43.23 40.20
C HIS T 70 -30.42 -43.10 41.61
N CYS T 71 -29.96 -41.90 41.95
CA CYS T 71 -29.35 -41.65 43.25
C CYS T 71 -30.25 -42.00 44.45
N GLU T 72 -29.62 -42.48 45.52
CA GLU T 72 -30.30 -42.91 46.73
C GLU T 72 -31.09 -41.80 47.43
N ASN T 73 -30.57 -40.59 47.39
CA ASN T 73 -31.24 -39.46 48.02
C ASN T 73 -31.66 -38.56 46.87
N ALA T 74 -32.56 -39.08 46.04
CA ALA T 74 -33.04 -38.38 44.85
C ALA T 74 -33.83 -37.11 45.06
N PRO T 75 -33.33 -35.98 44.52
CA PRO T 75 -33.96 -34.68 44.62
C PRO T 75 -35.35 -34.63 43.99
N CYS T 76 -35.52 -35.20 42.80
CA CYS T 76 -36.85 -35.14 42.21
C CYS T 76 -37.91 -35.99 42.89
N VAL T 77 -37.49 -36.95 43.70
CA VAL T 77 -38.47 -37.76 44.42
C VAL T 77 -38.92 -36.83 45.55
N ALA T 78 -37.94 -36.20 46.19
CA ALA T 78 -38.20 -35.28 47.30
C ALA T 78 -38.96 -34.02 46.88
N LYS T 79 -38.94 -33.71 45.59
CA LYS T 79 -39.63 -32.52 45.11
C LYS T 79 -40.69 -32.82 44.05
N GLY T 80 -40.83 -34.10 43.70
CA GLY T 80 -41.79 -34.48 42.69
C GLY T 80 -43.23 -34.54 43.17
N ASN T 81 -43.41 -34.32 44.48
CA ASN T 81 -44.73 -34.34 45.08
C ASN T 81 -45.53 -35.58 44.66
N GLY T 82 -44.85 -36.74 44.63
CA GLY T 82 -45.53 -37.96 44.26
C GLY T 82 -45.51 -38.33 42.78
N ALA T 83 -44.90 -37.48 41.95
CA ALA T 83 -44.83 -37.75 40.52
C ALA T 83 -43.64 -38.64 40.19
N VAL T 84 -42.70 -38.74 41.12
CA VAL T 84 -41.50 -39.54 40.96
C VAL T 84 -41.35 -40.40 42.22
N TYR T 85 -41.08 -41.69 42.05
CA TYR T 85 -40.92 -42.57 43.21
C TYR T 85 -39.69 -43.45 43.14
N GLN T 86 -39.25 -43.90 44.31
CA GLN T 86 -38.08 -44.75 44.45
C GLN T 86 -38.50 -46.15 44.89
N ARG T 87 -38.07 -47.17 44.15
CA ARG T 87 -38.42 -48.54 44.49
C ARG T 87 -37.45 -49.12 45.49
N GLU T 88 -37.79 -50.28 46.05
CA GLU T 88 -36.96 -50.95 47.04
C GLU T 88 -35.60 -51.37 46.48
N ASP T 89 -35.57 -51.71 45.20
CA ASP T 89 -34.33 -52.13 44.58
C ASP T 89 -33.46 -50.95 44.13
N GLY T 90 -33.85 -49.74 44.56
CA GLY T 90 -33.07 -48.55 44.22
C GLY T 90 -33.48 -47.78 42.98
N ILE T 91 -34.16 -48.44 42.04
CA ILE T 91 -34.58 -47.78 40.81
C ILE T 91 -35.54 -46.62 41.06
N VAL T 92 -35.23 -45.47 40.47
CA VAL T 92 -36.07 -44.27 40.59
C VAL T 92 -36.88 -44.14 39.32
N LEU T 93 -38.21 -44.12 39.45
CA LEU T 93 -39.08 -44.00 38.29
C LEU T 93 -40.08 -42.88 38.34
N ILE T 94 -40.32 -42.26 37.19
CA ILE T 94 -41.30 -41.20 37.06
C ILE T 94 -42.63 -41.92 36.85
N ASP T 95 -43.68 -41.47 37.50
CA ASP T 95 -44.99 -42.09 37.30
C ASP T 95 -45.56 -41.46 36.03
N PRO T 96 -45.61 -42.23 34.93
CA PRO T 96 -46.12 -41.81 33.62
C PRO T 96 -47.48 -41.12 33.65
N GLU T 97 -48.27 -41.41 34.68
CA GLU T 97 -49.60 -40.82 34.83
C GLU T 97 -49.57 -39.57 35.71
N LYS T 98 -49.09 -39.73 36.94
CA LYS T 98 -49.03 -38.64 37.89
C LYS T 98 -48.15 -37.48 37.43
N ALA T 99 -47.17 -37.75 36.58
CA ALA T 99 -46.26 -36.71 36.11
C ALA T 99 -46.79 -35.88 34.94
N LYS T 100 -47.89 -36.32 34.33
CA LYS T 100 -48.45 -35.60 33.19
C LYS T 100 -48.69 -34.12 33.44
N GLY T 101 -48.24 -33.30 32.49
CA GLY T 101 -48.41 -31.86 32.58
C GLY T 101 -47.53 -31.12 33.58
N LYS T 102 -46.48 -31.77 34.06
CA LYS T 102 -45.60 -31.14 35.03
C LYS T 102 -44.17 -30.93 34.52
N LYS T 103 -43.97 -29.85 33.77
CA LYS T 103 -42.67 -29.53 33.21
C LYS T 103 -41.65 -29.13 34.28
N GLU T 104 -42.14 -28.68 35.43
CA GLU T 104 -41.26 -28.26 36.53
C GLU T 104 -40.32 -29.39 36.96
N LEU T 105 -40.79 -30.63 36.83
CA LEU T 105 -40.01 -31.79 37.22
C LEU T 105 -38.58 -31.78 36.66
N LEU T 106 -38.43 -31.33 35.41
CA LEU T 106 -37.12 -31.28 34.79
C LEU T 106 -36.13 -30.49 35.63
N ASP T 107 -36.62 -29.42 36.25
CA ASP T 107 -35.80 -28.54 37.09
C ASP T 107 -35.37 -29.14 38.42
N THR T 108 -36.04 -30.21 38.85
CA THR T 108 -35.69 -30.84 40.12
C THR T 108 -34.46 -31.71 39.95
N CYS T 109 -33.91 -31.73 38.74
CA CYS T 109 -32.74 -32.57 38.46
C CYS T 109 -31.39 -31.87 38.39
N PRO T 110 -30.51 -32.17 39.34
CA PRO T 110 -29.18 -31.56 39.35
C PRO T 110 -28.33 -32.07 38.19
N TYR T 111 -28.66 -33.25 37.69
CA TYR T 111 -27.93 -33.87 36.59
C TYR T 111 -28.53 -33.60 35.22
N GLY T 112 -29.74 -33.04 35.21
CA GLY T 112 -30.41 -32.72 33.97
C GLY T 112 -30.63 -33.92 33.06
N VAL T 113 -30.94 -35.07 33.65
CA VAL T 113 -31.15 -36.28 32.85
C VAL T 113 -32.56 -36.49 32.31
N MET T 114 -33.53 -35.70 32.76
CA MET T 114 -34.87 -35.89 32.23
C MET T 114 -35.21 -34.91 31.11
N TYR T 115 -36.05 -35.38 30.19
CA TYR T 115 -36.45 -34.59 29.06
C TYR T 115 -37.97 -34.49 28.95
N TRP T 116 -38.44 -33.42 28.33
CA TRP T 116 -39.87 -33.21 28.18
C TRP T 116 -40.38 -33.79 26.87
N ASN T 117 -41.36 -34.68 26.97
CA ASN T 117 -41.96 -35.29 25.79
C ASN T 117 -43.23 -34.50 25.45
N GLU T 118 -43.13 -33.68 24.40
CA GLU T 118 -44.24 -32.85 23.94
C GLU T 118 -45.54 -33.61 23.68
N GLU T 119 -45.47 -34.63 22.84
CA GLU T 119 -46.65 -35.41 22.48
C GLU T 119 -47.33 -36.07 23.67
N GLU T 120 -46.53 -36.63 24.59
CA GLU T 120 -47.06 -37.30 25.75
C GLU T 120 -47.33 -36.33 26.91
N ASN T 121 -46.91 -35.09 26.75
CA ASN T 121 -47.11 -34.08 27.80
C ASN T 121 -46.62 -34.57 29.16
N VAL T 122 -45.38 -35.09 29.19
CA VAL T 122 -44.82 -35.58 30.44
C VAL T 122 -43.31 -35.68 30.38
N ALA T 123 -42.68 -35.63 31.55
CA ALA T 123 -41.24 -35.73 31.66
C ALA T 123 -40.87 -37.21 31.54
N GLN T 124 -39.76 -37.48 30.88
CA GLN T 124 -39.31 -38.87 30.72
C GLN T 124 -37.81 -38.94 30.98
N LYS T 125 -37.33 -40.15 31.25
CA LYS T 125 -35.92 -40.35 31.50
C LYS T 125 -35.60 -41.80 31.78
N CYS T 126 -34.34 -42.05 32.08
CA CYS T 126 -33.87 -43.38 32.39
C CYS T 126 -34.76 -44.19 33.31
N THR T 127 -35.15 -45.39 32.89
CA THR T 127 -35.96 -46.24 33.75
C THR T 127 -35.13 -47.43 34.20
N MET T 128 -33.94 -47.55 33.59
CA MET T 128 -33.02 -48.66 33.85
C MET T 128 -33.73 -49.93 33.36
N CYS T 129 -34.49 -49.78 32.26
CA CYS T 129 -35.32 -50.85 31.68
C CYS T 129 -35.88 -51.73 32.76
N ALA T 130 -36.53 -51.07 33.71
CA ALA T 130 -37.17 -51.72 34.84
C ALA T 130 -38.14 -52.77 34.32
N HIS T 131 -38.74 -52.50 33.17
CA HIS T 131 -39.69 -53.45 32.61
C HIS T 131 -38.98 -54.74 32.20
N LEU T 132 -37.70 -54.64 31.82
CA LEU T 132 -36.92 -55.81 31.44
C LEU T 132 -36.38 -56.51 32.69
N LEU T 133 -35.95 -55.72 33.67
CA LEU T 133 -35.43 -56.28 34.90
C LEU T 133 -36.53 -57.00 35.68
N ASP T 134 -37.77 -56.55 35.51
CA ASP T 134 -38.89 -57.16 36.20
C ASP T 134 -39.44 -58.39 35.45
N ASP T 135 -38.88 -58.67 34.28
CA ASP T 135 -39.33 -59.81 33.49
C ASP T 135 -38.29 -60.92 33.44
N GLU T 136 -38.63 -62.07 34.01
CA GLU T 136 -37.75 -63.22 34.04
C GLU T 136 -37.34 -63.71 32.65
N SER T 137 -38.24 -63.56 31.69
CA SER T 137 -38.00 -63.99 30.31
C SER T 137 -36.77 -63.30 29.73
N TRP T 138 -36.50 -62.08 30.19
CA TRP T 138 -35.34 -61.33 29.71
C TRP T 138 -34.09 -61.97 30.29
N ALA T 139 -33.57 -62.98 29.60
CA ALA T 139 -32.38 -63.73 30.04
C ALA T 139 -31.16 -62.89 30.46
N PRO T 140 -30.77 -61.89 29.64
CA PRO T 140 -29.62 -61.06 29.97
C PRO T 140 -29.66 -60.49 31.39
N LYS T 141 -30.87 -60.24 31.89
CA LYS T 141 -31.06 -59.70 33.23
C LYS T 141 -30.25 -58.41 33.46
N MET T 142 -30.18 -57.58 32.42
CA MET T 142 -29.46 -56.31 32.48
C MET T 142 -30.09 -55.35 31.47
N PRO T 143 -29.87 -54.03 31.65
CA PRO T 143 -30.43 -53.02 30.74
C PRO T 143 -29.90 -53.16 29.32
N ARG T 144 -30.54 -52.47 28.37
CA ARG T 144 -30.10 -52.54 26.98
C ARG T 144 -28.68 -51.98 26.78
N CYS T 145 -28.32 -50.93 27.51
CA CYS T 145 -26.97 -50.33 27.44
C CYS T 145 -25.93 -51.41 27.48
N ALA T 146 -25.76 -51.85 28.73
CA ALA T 146 -24.82 -52.86 29.16
C ALA T 146 -24.84 -54.05 28.23
N HIS T 147 -26.04 -54.51 27.89
CA HIS T 147 -26.14 -55.66 27.02
C HIS T 147 -25.68 -55.37 25.60
N ASN T 148 -25.89 -54.14 25.14
CA ASN T 148 -25.47 -53.77 23.79
C ASN T 148 -23.99 -53.44 23.69
N CYS T 149 -23.31 -53.21 24.81
CA CYS T 149 -21.86 -52.90 24.76
C CYS T 149 -21.05 -53.97 24.11
N GLY T 150 -20.13 -53.54 23.26
CA GLY T 150 -19.23 -54.46 22.62
C GLY T 150 -17.83 -54.12 23.12
N SER T 151 -17.75 -53.17 24.06
CA SER T 151 -16.47 -52.74 24.59
C SER T 151 -16.22 -53.02 26.07
N PHE T 152 -17.08 -53.83 26.68
CA PHE T 152 -16.96 -54.21 28.08
C PHE T 152 -16.85 -53.02 29.05
N VAL T 153 -17.68 -52.01 28.82
CA VAL T 153 -17.69 -50.83 29.66
C VAL T 153 -18.53 -51.01 30.92
N TYR T 154 -19.66 -51.70 30.78
CA TYR T 154 -20.58 -51.90 31.89
C TYR T 154 -20.44 -53.14 32.76
N GLU T 155 -20.80 -52.97 34.01
CA GLU T 155 -20.82 -54.02 34.99
C GLU T 155 -22.10 -53.77 35.78
N PHE T 156 -23.17 -54.50 35.44
CA PHE T 156 -24.46 -54.34 36.09
C PHE T 156 -24.64 -55.42 37.15
N LEU T 157 -24.85 -55.02 38.40
CA LEU T 157 -25.04 -55.99 39.44
C LEU T 157 -26.11 -55.65 40.46
N LYS T 158 -26.57 -56.66 41.17
CA LYS T 158 -27.59 -56.50 42.18
C LYS T 158 -27.04 -57.14 43.45
N THR T 159 -26.72 -56.31 44.44
CA THR T 159 -26.15 -56.82 45.68
C THR T 159 -26.57 -55.94 46.85
N THR T 160 -25.91 -56.13 47.99
CA THR T 160 -26.21 -55.35 49.18
C THR T 160 -25.36 -54.09 49.18
N PRO T 161 -25.82 -53.05 49.91
CA PRO T 161 -25.07 -51.80 49.97
C PRO T 161 -23.66 -52.02 50.51
N GLU T 162 -23.53 -53.00 51.40
CA GLU T 162 -22.24 -53.33 51.99
C GLU T 162 -21.28 -53.86 50.93
N ALA T 163 -21.75 -54.81 50.14
CA ALA T 163 -20.94 -55.40 49.07
C ALA T 163 -20.51 -54.33 48.07
N MET T 164 -21.42 -53.43 47.75
CA MET T 164 -21.12 -52.36 46.80
C MET T 164 -20.11 -51.39 47.38
N ALA T 165 -20.34 -50.96 48.62
CA ALA T 165 -19.44 -50.03 49.28
C ALA T 165 -18.02 -50.59 49.30
N LYS T 166 -17.92 -51.91 49.38
CA LYS T 166 -16.62 -52.56 49.39
C LYS T 166 -15.99 -52.50 48.00
N LYS T 167 -16.80 -52.75 46.98
CA LYS T 167 -16.33 -52.72 45.60
C LYS T 167 -15.84 -51.31 45.27
N VAL T 168 -16.59 -50.31 45.74
CA VAL T 168 -16.24 -48.92 45.49
C VAL T 168 -14.88 -48.58 46.08
N GLU T 169 -14.61 -49.08 47.28
CA GLU T 169 -13.34 -48.81 47.95
C GLU T 169 -12.17 -49.53 47.29
N GLU T 170 -12.40 -50.77 46.85
CA GLU T 170 -11.34 -51.56 46.22
C GLU T 170 -10.99 -51.10 44.81
N GLU T 171 -12.01 -50.82 44.01
CA GLU T 171 -11.80 -50.38 42.64
C GLU T 171 -11.76 -48.87 42.49
N GLY T 172 -11.76 -48.17 43.62
CA GLY T 172 -11.72 -46.72 43.61
C GLY T 172 -12.75 -46.11 42.68
N LEU T 173 -13.99 -46.54 42.82
CA LEU T 173 -15.07 -46.04 41.98
C LEU T 173 -15.50 -44.64 42.42
N GLU T 174 -16.01 -43.85 41.48
CA GLU T 174 -16.43 -42.49 41.77
C GLU T 174 -17.80 -42.18 41.17
N VAL T 175 -18.44 -41.14 41.68
CA VAL T 175 -19.75 -40.71 41.16
C VAL T 175 -19.64 -39.29 40.66
N ILE T 176 -20.58 -38.89 39.81
CA ILE T 176 -20.60 -37.55 39.26
C ILE T 176 -21.17 -36.59 40.30
N LYS T 177 -20.56 -35.42 40.41
CA LYS T 177 -21.01 -34.39 41.35
C LYS T 177 -21.28 -34.95 42.74
N PRO T 178 -20.24 -35.46 43.42
CA PRO T 178 -20.36 -36.02 44.77
C PRO T 178 -20.85 -34.97 45.77
N GLU T 179 -20.39 -33.74 45.57
CA GLU T 179 -20.74 -32.61 46.43
C GLU T 179 -22.24 -32.43 46.65
N LEU T 180 -23.05 -32.86 45.70
CA LEU T 180 -24.50 -32.71 45.81
C LEU T 180 -25.09 -33.63 46.88
N GLY T 181 -24.40 -34.73 47.17
CA GLY T 181 -24.88 -35.65 48.18
C GLY T 181 -26.13 -36.44 47.82
N THR T 182 -26.36 -36.67 46.52
CA THR T 182 -27.53 -37.42 46.09
C THR T 182 -27.27 -38.93 46.11
N LYS T 183 -26.00 -39.29 46.22
CA LYS T 183 -25.58 -40.69 46.27
C LYS T 183 -26.02 -41.55 45.08
N PRO T 184 -25.51 -41.24 43.88
CA PRO T 184 -25.86 -42.01 42.68
C PRO T 184 -25.55 -43.50 42.87
N ARG T 185 -26.27 -44.37 42.17
CA ARG T 185 -26.02 -45.79 42.26
C ARG T 185 -25.32 -46.23 40.97
N VAL T 186 -24.95 -45.23 40.16
CA VAL T 186 -24.22 -45.48 38.93
C VAL T 186 -22.82 -44.95 39.19
N TYR T 187 -21.86 -45.86 39.26
CA TYR T 187 -20.48 -45.47 39.54
C TYR T 187 -19.61 -45.47 38.30
N TYR T 188 -18.50 -44.75 38.37
CA TYR T 188 -17.57 -44.66 37.25
C TYR T 188 -16.16 -45.10 37.64
N LYS T 189 -15.55 -45.88 36.76
CA LYS T 189 -14.21 -46.37 36.96
C LYS T 189 -13.32 -45.53 36.05
N ASN T 190 -12.17 -45.10 36.56
CA ASN T 190 -11.23 -44.27 35.80
C ASN T 190 -11.86 -42.95 35.39
N LEU T 191 -12.66 -42.38 36.27
CA LEU T 191 -13.34 -41.12 35.98
C LEU T 191 -12.34 -39.96 35.76
N TYR T 192 -11.11 -40.14 36.22
CA TYR T 192 -10.11 -39.08 36.06
C TYR T 192 -9.90 -38.72 34.57
N ARG T 193 -10.10 -39.69 33.69
CA ARG T 193 -9.94 -39.47 32.25
C ARG T 193 -10.86 -38.35 31.78
N PHE T 194 -12.02 -38.25 32.41
CA PHE T 194 -13.00 -37.25 32.03
C PHE T 194 -12.94 -35.95 32.84
N GLU T 195 -12.80 -36.06 34.15
CA GLU T 195 -12.79 -34.90 35.02
C GLU T 195 -11.44 -34.24 35.34
N LYS T 196 -10.34 -34.98 35.21
CA LYS T 196 -9.05 -34.41 35.53
C LYS T 196 -8.24 -34.00 34.30
N ASN T 197 -6.99 -33.63 34.53
CA ASN T 197 -6.12 -33.20 33.44
C ASN T 197 -4.72 -33.79 33.56
N TYR T 198 -3.91 -33.59 32.53
CA TYR T 198 -2.55 -34.12 32.51
C TYR T 198 -1.56 -33.13 31.94
N VAL T 199 -0.28 -33.44 32.12
CA VAL T 199 0.79 -32.64 31.57
C VAL T 199 1.64 -33.67 30.82
N THR T 200 2.09 -33.30 29.63
CA THR T 200 2.86 -34.21 28.82
C THR T 200 3.92 -33.45 28.03
N ALA T 201 4.85 -34.17 27.43
CA ALA T 201 5.90 -33.56 26.64
C ALA T 201 6.79 -34.64 26.03
N GLY T 202 7.71 -34.21 25.15
CA GLY T 202 8.61 -35.14 24.53
C GLY T 202 10.04 -34.67 24.72
N ILE T 203 10.86 -35.46 25.42
CA ILE T 203 12.25 -35.10 25.68
C ILE T 203 13.19 -35.53 24.57
N LEU T 204 13.99 -34.58 24.10
CA LEU T 204 14.96 -34.84 23.04
C LEU T 204 16.37 -34.55 23.52
N VAL T 205 17.29 -35.45 23.18
CA VAL T 205 18.69 -35.28 23.53
C VAL T 205 19.46 -35.31 22.23
N GLN T 206 20.04 -34.18 21.87
CA GLN T 206 20.80 -34.05 20.63
C GLN T 206 19.93 -34.33 19.41
N GLY T 207 18.70 -33.82 19.43
CA GLY T 207 17.80 -33.99 18.31
C GLY T 207 17.01 -35.27 18.22
N ASP T 208 17.26 -36.24 19.10
CA ASP T 208 16.52 -37.49 19.05
C ASP T 208 15.76 -37.85 20.31
N CYS T 209 14.63 -38.52 20.13
CA CYS T 209 13.79 -38.95 21.25
C CYS T 209 14.65 -39.74 22.21
N PHE T 210 14.69 -39.31 23.47
CA PHE T 210 15.49 -39.96 24.48
C PHE T 210 14.65 -40.81 25.43
N GLU T 211 14.96 -42.10 25.48
CA GLU T 211 14.26 -43.06 26.33
C GLU T 211 15.00 -43.25 27.65
N GLY T 212 14.26 -43.34 28.75
CA GLY T 212 14.89 -43.54 30.05
C GLY T 212 15.12 -42.29 30.87
N ALA T 213 14.67 -41.15 30.38
CA ALA T 213 14.84 -39.90 31.12
C ALA T 213 13.95 -39.95 32.36
N LYS T 214 14.51 -39.55 33.50
CA LYS T 214 13.74 -39.55 34.74
C LYS T 214 13.00 -38.25 34.89
N VAL T 215 11.69 -38.36 35.05
CA VAL T 215 10.84 -37.18 35.18
C VAL T 215 10.08 -37.22 36.50
N VAL T 216 10.06 -36.09 37.19
CA VAL T 216 9.36 -36.01 38.48
C VAL T 216 8.42 -34.81 38.49
N LEU T 217 7.20 -35.03 38.98
CA LEU T 217 6.22 -33.98 39.07
C LEU T 217 6.07 -33.62 40.54
N LYS T 218 6.13 -32.32 40.83
CA LYS T 218 6.01 -31.85 42.20
C LYS T 218 5.01 -30.72 42.34
N SER T 219 4.48 -30.57 43.55
CA SER T 219 3.53 -29.52 43.88
C SER T 219 3.89 -29.10 45.30
N GLY T 220 4.32 -27.85 45.47
CA GLY T 220 4.70 -27.39 46.78
C GLY T 220 6.01 -28.01 47.23
N GLY T 221 6.83 -28.44 46.27
CA GLY T 221 8.11 -29.03 46.60
C GLY T 221 8.10 -30.54 46.82
N LYS T 222 6.93 -31.13 46.97
CA LYS T 222 6.84 -32.58 47.19
C LYS T 222 6.39 -33.31 45.93
N GLU T 223 7.01 -34.45 45.67
CA GLU T 223 6.70 -35.25 44.49
C GLU T 223 5.27 -35.77 44.48
N VAL T 224 4.59 -35.58 43.36
CA VAL T 224 3.21 -36.03 43.19
C VAL T 224 3.20 -37.24 42.25
N ALA T 225 4.21 -37.33 41.41
CA ALA T 225 4.32 -38.44 40.47
C ALA T 225 5.71 -38.45 39.84
N SER T 226 6.11 -39.64 39.38
CA SER T 226 7.40 -39.80 38.74
C SER T 226 7.27 -40.84 37.65
N ALA T 227 8.12 -40.75 36.64
CA ALA T 227 8.08 -41.70 35.54
C ALA T 227 9.35 -41.56 34.70
N GLU T 228 9.56 -42.53 33.81
CA GLU T 228 10.69 -42.53 32.91
C GLU T 228 10.13 -42.50 31.50
N THR T 229 10.71 -41.66 30.65
CA THR T 229 10.25 -41.52 29.26
C THR T 229 10.34 -42.81 28.45
N ASN T 230 9.41 -42.98 27.51
CA ASN T 230 9.38 -44.15 26.64
C ASN T 230 10.26 -43.90 25.42
N PHE T 231 10.24 -44.81 24.44
CA PHE T 231 11.11 -44.63 23.27
C PHE T 231 10.81 -43.42 22.39
N PHE T 232 9.71 -42.72 22.67
CA PHE T 232 9.37 -41.51 21.92
C PHE T 232 9.76 -40.33 22.82
N GLY T 233 10.43 -40.64 23.93
CA GLY T 233 10.86 -39.62 24.87
C GLY T 233 9.71 -38.93 25.60
N GLU T 234 8.53 -39.54 25.57
CA GLU T 234 7.36 -38.94 26.19
C GLU T 234 6.99 -39.49 27.57
N PHE T 235 6.31 -38.64 28.33
CA PHE T 235 5.83 -38.98 29.66
C PHE T 235 4.46 -38.29 29.74
N LYS T 236 3.59 -38.80 30.59
CA LYS T 236 2.27 -38.21 30.74
C LYS T 236 1.76 -38.42 32.15
N PHE T 237 1.58 -37.33 32.89
CA PHE T 237 1.09 -37.39 34.25
C PHE T 237 -0.40 -37.01 34.21
N ASP T 238 -1.27 -38.00 34.39
CA ASP T 238 -2.71 -37.76 34.33
C ASP T 238 -3.32 -37.72 35.72
N ALA T 239 -4.63 -37.52 35.78
CA ALA T 239 -5.39 -37.46 37.02
C ALA T 239 -4.92 -36.32 37.92
N LEU T 240 -4.54 -35.20 37.32
CA LEU T 240 -4.07 -34.04 38.06
C LEU T 240 -5.18 -33.05 38.38
N ASP T 241 -5.24 -32.63 39.65
CA ASP T 241 -6.24 -31.65 40.07
C ASP T 241 -5.69 -30.30 39.64
N ASN T 242 -6.53 -29.27 39.64
CA ASN T 242 -6.06 -27.94 39.26
C ASN T 242 -5.08 -27.41 40.29
N GLY T 243 -4.14 -26.60 39.82
CA GLY T 243 -3.13 -26.03 40.70
C GLY T 243 -1.85 -25.79 39.93
N GLU T 244 -0.77 -25.50 40.63
CA GLU T 244 0.51 -25.25 40.00
C GLU T 244 1.50 -26.35 40.34
N TYR T 245 2.18 -26.87 39.32
CA TYR T 245 3.16 -27.93 39.51
C TYR T 245 4.52 -27.56 38.94
N THR T 246 5.51 -28.37 39.26
CA THR T 246 6.86 -28.19 38.76
C THR T 246 7.28 -29.50 38.14
N VAL T 247 7.85 -29.44 36.94
CA VAL T 247 8.31 -30.64 36.26
C VAL T 247 9.82 -30.65 36.23
N GLU T 248 10.40 -31.73 36.74
CA GLU T 248 11.85 -31.86 36.78
C GLU T 248 12.29 -33.08 35.98
N ILE T 249 13.17 -32.84 35.02
CA ILE T 249 13.67 -33.90 34.14
C ILE T 249 15.17 -34.08 34.30
N ASP T 250 15.63 -35.32 34.14
CA ASP T 250 17.04 -35.63 34.26
C ASP T 250 17.41 -36.68 33.22
N ALA T 251 18.11 -36.26 32.18
CA ALA T 251 18.53 -37.16 31.10
C ALA T 251 20.03 -36.99 30.82
N ASP T 252 20.77 -38.10 30.88
CA ASP T 252 22.22 -38.07 30.64
C ASP T 252 22.90 -37.10 31.58
N GLY T 253 22.34 -36.92 32.77
CA GLY T 253 22.92 -36.01 33.72
C GLY T 253 22.39 -34.60 33.49
N LYS T 254 22.03 -34.32 32.25
CA LYS T 254 21.48 -33.03 31.87
C LYS T 254 20.08 -32.90 32.46
N SER T 255 19.84 -31.81 33.19
CA SER T 255 18.54 -31.60 33.81
C SER T 255 17.74 -30.44 33.22
N TYR T 256 16.44 -30.48 33.48
CA TYR T 256 15.52 -29.45 32.99
C TYR T 256 14.41 -29.29 34.02
N SER T 257 13.94 -28.07 34.21
CA SER T 257 12.88 -27.82 35.16
C SER T 257 12.00 -26.68 34.66
N ASP T 258 10.72 -26.76 34.99
CA ASP T 258 9.77 -25.73 34.57
C ASP T 258 8.50 -25.90 35.37
N THR T 259 7.72 -24.84 35.47
CA THR T 259 6.47 -24.88 36.21
C THR T 259 5.32 -24.98 35.23
N VAL T 260 4.27 -25.68 35.64
CA VAL T 260 3.10 -25.85 34.79
C VAL T 260 1.84 -25.62 35.61
N VAL T 261 0.88 -24.93 35.02
CA VAL T 261 -0.37 -24.66 35.72
C VAL T 261 -1.52 -25.44 35.10
N ILE T 262 -2.18 -26.24 35.93
CA ILE T 262 -3.31 -27.02 35.47
C ILE T 262 -4.56 -26.27 35.88
N ASP T 263 -5.33 -25.82 34.89
CA ASP T 263 -6.56 -25.07 35.17
C ASP T 263 -7.68 -25.51 34.25
N ASP T 264 -8.24 -26.68 34.56
CA ASP T 264 -9.33 -27.26 33.78
C ASP T 264 -8.88 -27.59 32.36
N LYS T 265 -7.57 -27.66 32.17
CA LYS T 265 -7.01 -27.97 30.86
C LYS T 265 -5.75 -28.80 31.02
N SER T 266 -5.47 -29.63 30.02
CA SER T 266 -4.28 -30.46 30.03
C SER T 266 -3.23 -29.71 29.21
N VAL T 267 -1.96 -29.87 29.58
CA VAL T 267 -0.89 -29.15 28.92
C VAL T 267 0.17 -29.99 28.23
N ASP T 268 0.53 -29.56 27.03
CA ASP T 268 1.58 -30.22 26.25
C ASP T 268 2.73 -29.22 26.23
N LEU T 269 3.80 -29.54 26.95
CA LEU T 269 4.96 -28.66 27.01
C LEU T 269 5.77 -28.69 25.72
N GLY T 270 5.32 -29.50 24.76
CA GLY T 270 6.02 -29.62 23.50
C GLY T 270 7.31 -30.40 23.61
N PHE T 271 8.23 -30.16 22.67
CA PHE T 271 9.52 -30.83 22.66
C PHE T 271 10.49 -30.14 23.60
N ILE T 272 11.02 -30.87 24.57
CA ILE T 272 11.98 -30.32 25.50
C ILE T 272 13.37 -30.78 25.04
N LYS T 273 14.13 -29.86 24.47
CA LYS T 273 15.45 -30.18 23.95
C LYS T 273 16.59 -30.09 24.97
N LEU T 274 17.36 -31.17 25.07
CA LEU T 274 18.49 -31.26 25.98
C LEU T 274 19.72 -31.79 25.23
N MET U 1 -43.20 9.01 -89.54
CA MET U 1 -44.41 8.98 -90.43
C MET U 1 -45.03 10.36 -90.56
N GLY U 2 -45.06 11.11 -89.46
CA GLY U 2 -45.64 12.44 -89.48
C GLY U 2 -44.66 13.58 -89.32
N GLU U 3 -45.20 14.79 -89.26
CA GLU U 3 -44.41 16.00 -89.13
C GLU U 3 -44.26 16.46 -87.67
N VAL U 4 -43.32 17.36 -87.44
CA VAL U 4 -43.08 17.89 -86.11
C VAL U 4 -44.14 18.94 -85.84
N VAL U 5 -44.66 18.96 -84.61
CA VAL U 5 -45.68 19.93 -84.23
C VAL U 5 -45.25 20.64 -82.94
N ARG U 6 -45.37 21.96 -82.93
CA ARG U 6 -45.02 22.75 -81.77
C ARG U 6 -46.25 22.91 -80.88
N LEU U 7 -46.19 22.37 -79.68
CA LEU U 7 -47.31 22.46 -78.74
C LEU U 7 -46.92 23.32 -77.54
N THR U 8 -47.86 23.51 -76.63
CA THR U 8 -47.61 24.31 -75.43
C THR U 8 -47.91 23.52 -74.17
N ASN U 9 -47.15 23.82 -73.12
CA ASN U 9 -47.34 23.23 -71.81
C ASN U 9 -46.56 24.10 -70.84
N SER U 10 -46.56 23.76 -69.56
CA SER U 10 -45.84 24.57 -68.60
C SER U 10 -45.26 23.71 -67.49
N SER U 11 -44.74 24.35 -66.46
CA SER U 11 -44.14 23.62 -65.35
C SER U 11 -43.82 24.57 -64.21
N THR U 12 -43.32 24.02 -63.12
CA THR U 12 -42.93 24.82 -61.96
C THR U 12 -41.69 25.62 -62.32
N GLY U 13 -41.19 25.43 -63.53
CA GLY U 13 -40.01 26.14 -63.98
C GLY U 13 -40.30 27.08 -65.13
N GLY U 14 -41.58 27.29 -65.40
CA GLY U 14 -41.97 28.19 -66.48
C GLY U 14 -42.61 27.52 -67.68
N PRO U 15 -43.33 28.28 -68.53
CA PRO U 15 -44.00 27.78 -69.72
C PRO U 15 -42.99 27.32 -70.77
N VAL U 16 -43.39 26.38 -71.62
CA VAL U 16 -42.52 25.87 -72.66
C VAL U 16 -43.24 25.53 -73.96
N PHE U 17 -42.48 25.50 -75.05
CA PHE U 17 -42.97 25.11 -76.36
C PHE U 17 -42.47 23.68 -76.43
N VAL U 18 -43.36 22.73 -76.73
CA VAL U 18 -42.97 21.34 -76.82
C VAL U 18 -43.11 20.83 -78.26
N TYR U 19 -42.00 20.41 -78.84
CA TYR U 19 -42.01 19.89 -80.20
C TYR U 19 -42.17 18.38 -80.16
N VAL U 20 -43.25 17.90 -80.77
CA VAL U 20 -43.57 16.48 -80.79
C VAL U 20 -43.64 15.91 -82.20
N LYS U 21 -43.22 14.66 -82.35
CA LYS U 21 -43.26 13.97 -83.63
C LYS U 21 -43.55 12.51 -83.36
N ASP U 22 -44.46 11.94 -84.14
CA ASP U 22 -44.84 10.54 -84.00
C ASP U 22 -45.10 10.14 -82.54
N GLY U 23 -45.79 11.01 -81.81
CA GLY U 23 -46.11 10.74 -80.42
C GLY U 23 -44.96 10.82 -79.43
N LYS U 24 -43.84 11.41 -79.84
CA LYS U 24 -42.69 11.52 -78.96
C LYS U 24 -42.21 12.96 -78.82
N ILE U 25 -41.78 13.33 -77.61
CA ILE U 25 -41.28 14.68 -77.37
C ILE U 25 -39.85 14.77 -77.88
N ILE U 26 -39.60 15.76 -78.73
CA ILE U 26 -38.28 15.97 -79.30
C ILE U 26 -37.46 16.97 -78.49
N ARG U 27 -38.10 18.06 -78.07
CA ARG U 27 -37.43 19.09 -77.28
C ARG U 27 -38.45 20.01 -76.60
N MET U 28 -37.98 20.71 -75.57
CA MET U 28 -38.79 21.66 -74.82
C MET U 28 -37.95 22.93 -74.77
N THR U 29 -38.57 24.07 -75.07
CA THR U 29 -37.81 25.31 -75.08
C THR U 29 -38.58 26.46 -74.46
N PRO U 30 -37.88 27.59 -74.20
CA PRO U 30 -38.53 28.76 -73.62
C PRO U 30 -39.44 29.30 -74.73
N MET U 31 -40.30 30.26 -74.41
CA MET U 31 -41.21 30.79 -75.42
C MET U 31 -40.88 32.17 -75.96
N ASP U 32 -40.76 32.29 -77.28
CA ASP U 32 -40.61 33.57 -77.92
C ASP U 32 -41.95 34.16 -78.31
N PHE U 33 -42.18 35.41 -78.10
CA PHE U 33 -43.47 35.99 -78.42
C PHE U 33 -43.55 36.40 -79.89
N ASP U 34 -44.71 36.22 -80.49
CA ASP U 34 -44.96 36.59 -81.87
C ASP U 34 -45.61 37.97 -81.77
N ASP U 35 -44.86 39.00 -82.13
CA ASP U 35 -45.37 40.36 -82.04
C ASP U 35 -46.56 40.70 -82.93
N ALA U 36 -46.89 39.81 -83.85
CA ALA U 36 -48.02 40.04 -84.74
C ALA U 36 -49.32 39.62 -84.07
N VAL U 37 -49.21 38.76 -83.05
CA VAL U 37 -50.38 38.28 -82.32
C VAL U 37 -50.32 38.48 -80.81
N ASP U 38 -49.12 38.67 -80.26
CA ASP U 38 -48.97 38.86 -78.82
C ASP U 38 -48.84 40.33 -78.41
N ALA U 39 -49.72 40.75 -77.51
CA ALA U 39 -49.76 42.12 -77.01
C ALA U 39 -48.40 42.70 -76.61
N PRO U 40 -48.22 44.01 -76.81
CA PRO U 40 -46.98 44.73 -76.49
C PRO U 40 -46.70 44.67 -74.99
N SER U 41 -45.44 44.84 -74.61
CA SER U 41 -45.04 44.78 -73.21
C SER U 41 -45.16 46.13 -72.52
N TRP U 42 -44.99 46.11 -71.20
CA TRP U 42 -45.03 47.33 -70.41
C TRP U 42 -43.71 48.07 -70.55
N LYS U 43 -43.70 49.34 -70.15
CA LYS U 43 -42.49 50.16 -70.22
C LYS U 43 -42.44 51.02 -68.97
N ILE U 44 -41.23 51.23 -68.46
CA ILE U 44 -41.05 52.06 -67.28
C ILE U 44 -40.02 53.14 -67.58
N GLU U 45 -40.41 54.39 -67.34
CA GLU U 45 -39.49 55.50 -67.56
C GLU U 45 -38.88 55.85 -66.21
N ALA U 46 -37.57 55.67 -66.09
CA ALA U 46 -36.89 55.95 -64.83
C ALA U 46 -35.48 56.51 -65.03
N ARG U 47 -35.19 57.59 -64.32
CA ARG U 47 -33.89 58.23 -64.37
C ARG U 47 -33.34 58.45 -65.78
N GLY U 48 -34.17 59.01 -66.65
CA GLY U 48 -33.75 59.27 -68.01
C GLY U 48 -33.72 58.09 -68.96
N LYS U 49 -34.02 56.90 -68.45
CA LYS U 49 -34.03 55.70 -69.28
C LYS U 49 -35.43 55.11 -69.42
N THR U 50 -35.58 54.21 -70.40
CA THR U 50 -36.84 53.54 -70.65
C THR U 50 -36.58 52.05 -70.53
N PHE U 51 -37.24 51.39 -69.60
CA PHE U 51 -37.04 49.97 -69.40
C PHE U 51 -38.21 49.14 -69.88
N THR U 52 -37.90 48.08 -70.64
CA THR U 52 -38.91 47.19 -71.17
C THR U 52 -38.31 45.78 -71.21
N PRO U 53 -39.10 44.77 -70.82
CA PRO U 53 -38.63 43.37 -70.79
C PRO U 53 -38.47 42.70 -72.15
N PRO U 54 -37.74 41.57 -72.18
CA PRO U 54 -37.51 40.82 -73.43
C PRO U 54 -38.83 40.21 -73.89
N ARG U 55 -38.99 40.06 -75.21
CA ARG U 55 -40.21 39.47 -75.76
C ARG U 55 -40.06 37.96 -75.74
N LYS U 56 -39.84 37.41 -74.55
CA LYS U 56 -39.64 35.98 -74.39
C LYS U 56 -39.75 35.58 -72.91
N THR U 57 -39.98 34.30 -72.66
CA THR U 57 -40.06 33.82 -71.29
C THR U 57 -38.75 33.10 -71.01
N SER U 58 -38.55 32.69 -69.77
CA SER U 58 -37.32 31.99 -69.39
C SER U 58 -37.73 30.77 -68.59
N ILE U 59 -36.84 29.78 -68.51
CA ILE U 59 -37.13 28.56 -67.76
C ILE U 59 -36.01 28.20 -66.81
N ALA U 60 -36.34 27.37 -65.82
CA ALA U 60 -35.37 26.92 -64.84
C ALA U 60 -34.66 25.69 -65.39
N PRO U 61 -33.51 25.33 -64.81
CA PRO U 61 -32.72 24.17 -65.24
C PRO U 61 -33.50 22.87 -65.26
N TYR U 62 -34.22 22.59 -64.16
CA TYR U 62 -35.00 21.35 -64.05
C TYR U 62 -36.10 21.25 -65.09
N THR U 63 -36.54 22.39 -65.64
CA THR U 63 -37.55 22.38 -66.68
C THR U 63 -36.85 22.12 -68.02
N ALA U 64 -35.67 22.68 -68.18
CA ALA U 64 -34.89 22.49 -69.41
C ALA U 64 -34.59 21.01 -69.64
N GLY U 65 -34.36 20.25 -68.57
CA GLY U 65 -34.06 18.83 -68.72
C GLY U 65 -35.20 17.94 -68.27
N PHE U 66 -36.41 18.50 -68.20
CA PHE U 66 -37.58 17.77 -67.73
C PHE U 66 -37.94 16.55 -68.57
N LYS U 67 -37.56 16.55 -69.84
CA LYS U 67 -37.88 15.42 -70.71
C LYS U 67 -37.30 14.12 -70.15
N SER U 68 -36.13 14.22 -69.53
CA SER U 68 -35.47 13.05 -68.96
C SER U 68 -36.24 12.51 -67.76
N MET U 69 -37.14 13.33 -67.21
CA MET U 69 -37.95 12.92 -66.07
C MET U 69 -39.20 12.21 -66.57
N ILE U 70 -39.73 12.69 -67.68
CA ILE U 70 -40.92 12.11 -68.28
C ILE U 70 -40.62 10.69 -68.73
N TYR U 71 -39.50 10.52 -69.43
CA TYR U 71 -39.09 9.21 -69.93
C TYR U 71 -38.08 8.52 -69.00
N SER U 72 -38.17 8.82 -67.72
CA SER U 72 -37.27 8.23 -66.73
C SER U 72 -37.50 6.73 -66.53
N ASP U 73 -36.41 6.00 -66.28
CA ASP U 73 -36.51 4.56 -66.05
C ASP U 73 -36.97 4.26 -64.62
N LEU U 74 -37.06 5.30 -63.78
CA LEU U 74 -37.51 5.11 -62.41
C LEU U 74 -38.99 5.48 -62.33
N ARG U 75 -39.56 5.73 -63.49
CA ARG U 75 -40.97 6.07 -63.61
C ARG U 75 -41.74 4.81 -63.17
N ILE U 76 -42.79 4.96 -62.37
CA ILE U 76 -43.57 3.79 -61.96
C ILE U 76 -44.23 3.29 -63.25
N PRO U 77 -43.92 2.06 -63.68
CA PRO U 77 -44.44 1.45 -64.91
C PRO U 77 -45.88 0.94 -64.95
N TYR U 78 -46.38 0.44 -63.82
CA TYR U 78 -47.73 -0.10 -63.73
C TYR U 78 -48.03 -0.29 -62.25
N PRO U 79 -49.30 -0.55 -61.90
CA PRO U 79 -49.65 -0.76 -60.50
C PRO U 79 -48.78 -1.86 -59.89
N MET U 80 -48.38 -1.67 -58.64
CA MET U 80 -47.53 -2.63 -57.97
C MET U 80 -48.03 -2.98 -56.58
N LYS U 81 -47.78 -4.22 -56.17
CA LYS U 81 -48.19 -4.72 -54.87
C LYS U 81 -47.01 -5.31 -54.13
N ARG U 82 -46.91 -5.02 -52.83
CA ARG U 82 -45.83 -5.56 -52.02
C ARG U 82 -46.12 -7.05 -51.89
N LYS U 83 -45.16 -7.88 -52.29
CA LYS U 83 -45.32 -9.33 -52.24
C LYS U 83 -45.66 -9.87 -50.86
N SER U 84 -45.01 -9.35 -49.83
CA SER U 84 -45.24 -9.80 -48.46
C SER U 84 -46.53 -9.31 -47.84
N PHE U 85 -47.32 -8.54 -48.59
CA PHE U 85 -48.59 -8.01 -48.10
C PHE U 85 -49.78 -8.83 -48.59
N ASP U 86 -50.50 -9.43 -47.66
CA ASP U 86 -51.68 -10.22 -48.00
C ASP U 86 -52.88 -9.61 -47.27
N PRO U 87 -53.77 -8.92 -48.01
CA PRO U 87 -54.97 -8.29 -47.44
C PRO U 87 -55.83 -9.23 -46.60
N ASN U 88 -55.91 -10.49 -47.03
CA ASN U 88 -56.74 -11.46 -46.33
C ASN U 88 -55.93 -12.37 -45.40
N GLY U 89 -54.62 -12.17 -45.36
CA GLY U 89 -53.77 -13.00 -44.52
C GLY U 89 -52.81 -12.14 -43.72
N GLU U 90 -51.53 -12.52 -43.74
CA GLU U 90 -50.50 -11.77 -43.02
C GLU U 90 -50.16 -10.52 -43.81
N ARG U 91 -50.35 -9.35 -43.19
CA ARG U 91 -50.07 -8.09 -43.84
C ARG U 91 -48.60 -7.72 -43.70
N ASN U 92 -47.92 -8.40 -42.77
CA ASN U 92 -46.51 -8.17 -42.51
C ASN U 92 -46.07 -6.71 -42.52
N PRO U 93 -46.64 -5.91 -41.61
CA PRO U 93 -46.31 -4.48 -41.51
C PRO U 93 -44.80 -4.28 -41.37
N GLN U 94 -44.16 -5.18 -40.63
CA GLN U 94 -42.72 -5.09 -40.38
C GLN U 94 -41.84 -5.28 -41.61
N LEU U 95 -42.42 -5.74 -42.70
CA LEU U 95 -41.63 -5.95 -43.92
C LEU U 95 -41.71 -4.80 -44.92
N ARG U 96 -42.41 -3.72 -44.55
CA ARG U 96 -42.49 -2.57 -45.45
C ARG U 96 -41.10 -1.97 -45.53
N GLY U 97 -40.61 -1.76 -46.74
CA GLY U 97 -39.29 -1.19 -46.92
C GLY U 97 -38.17 -2.21 -46.75
N ALA U 98 -38.52 -3.48 -46.63
CA ALA U 98 -37.53 -4.55 -46.48
C ALA U 98 -36.57 -4.56 -47.66
N GLY U 99 -37.09 -4.33 -48.86
CA GLY U 99 -36.24 -4.32 -50.04
C GLY U 99 -35.21 -3.22 -49.96
N LEU U 100 -35.64 -2.08 -49.46
CA LEU U 100 -34.78 -0.92 -49.31
C LEU U 100 -33.67 -1.29 -48.31
N SER U 101 -34.06 -2.02 -47.27
CA SER U 101 -33.13 -2.45 -46.23
C SER U 101 -32.06 -3.42 -46.73
N LYS U 102 -32.27 -3.98 -47.91
CA LYS U 102 -31.30 -4.90 -48.48
C LYS U 102 -30.79 -4.33 -49.80
N GLN U 103 -31.00 -3.03 -49.98
CA GLN U 103 -30.56 -2.30 -51.17
C GLN U 103 -31.16 -2.77 -52.51
N ASP U 104 -32.40 -3.22 -52.48
CA ASP U 104 -33.07 -3.67 -53.70
C ASP U 104 -34.60 -3.46 -53.57
N PRO U 105 -35.04 -2.19 -53.65
CA PRO U 105 -36.44 -1.77 -53.55
C PRO U 105 -37.42 -2.48 -54.48
N TRP U 106 -37.08 -2.53 -55.77
CA TRP U 106 -37.96 -3.15 -56.75
C TRP U 106 -38.34 -4.61 -56.43
N SER U 107 -37.40 -5.36 -55.86
CA SER U 107 -37.64 -6.78 -55.54
C SER U 107 -38.81 -7.02 -54.60
N ASP U 108 -39.20 -6.00 -53.85
CA ASP U 108 -40.31 -6.10 -52.91
C ASP U 108 -41.68 -6.13 -53.59
N TYR U 109 -41.71 -5.75 -54.86
CA TYR U 109 -42.98 -5.67 -55.56
C TYR U 109 -43.20 -6.55 -56.78
N GLU U 110 -44.47 -6.80 -57.05
CA GLU U 110 -44.90 -7.59 -58.19
C GLU U 110 -45.95 -6.75 -58.92
N ARG U 111 -46.09 -6.98 -60.21
CA ARG U 111 -47.04 -6.24 -61.03
C ARG U 111 -48.47 -6.72 -60.81
N ILE U 112 -49.43 -5.79 -60.86
CA ILE U 112 -50.84 -6.12 -60.73
C ILE U 112 -51.62 -5.19 -61.66
N SER U 113 -52.86 -5.56 -61.97
CA SER U 113 -53.69 -4.76 -62.85
C SER U 113 -54.32 -3.58 -62.11
N TRP U 114 -54.76 -2.57 -62.86
CA TRP U 114 -55.40 -1.42 -62.25
C TRP U 114 -56.68 -1.88 -61.56
N ASP U 115 -57.38 -2.80 -62.20
CA ASP U 115 -58.63 -3.32 -61.65
C ASP U 115 -58.43 -3.99 -60.29
N GLU U 116 -57.38 -4.81 -60.18
CA GLU U 116 -57.14 -5.50 -58.91
C GLU U 116 -56.58 -4.51 -57.87
N ALA U 117 -55.72 -3.61 -58.32
CA ALA U 117 -55.12 -2.62 -57.43
C ALA U 117 -56.20 -1.77 -56.77
N THR U 118 -57.13 -1.25 -57.56
CA THR U 118 -58.20 -0.42 -57.03
C THR U 118 -59.19 -1.22 -56.16
N ASP U 119 -59.44 -2.48 -56.52
CA ASP U 119 -60.35 -3.30 -55.73
C ASP U 119 -59.79 -3.48 -54.32
N ILE U 120 -58.48 -3.73 -54.24
CA ILE U 120 -57.82 -3.91 -52.95
C ILE U 120 -57.94 -2.63 -52.12
N VAL U 121 -57.66 -1.50 -52.74
CA VAL U 121 -57.73 -0.22 -52.05
C VAL U 121 -59.15 0.03 -51.56
N VAL U 122 -60.14 -0.15 -52.44
CA VAL U 122 -61.54 0.07 -52.09
C VAL U 122 -62.03 -0.86 -50.98
N ALA U 123 -61.61 -2.12 -51.02
CA ALA U 123 -62.00 -3.06 -49.98
C ALA U 123 -61.49 -2.52 -48.64
N GLU U 124 -60.28 -1.97 -48.63
CA GLU U 124 -59.68 -1.41 -47.42
C GLU U 124 -60.42 -0.17 -46.94
N ILE U 125 -60.73 0.72 -47.88
CA ILE U 125 -61.43 1.96 -47.56
C ILE U 125 -62.78 1.67 -46.89
N ASN U 126 -63.57 0.80 -47.51
CA ASN U 126 -64.89 0.47 -46.96
C ASN U 126 -64.85 -0.30 -45.65
N ARG U 127 -63.89 -1.20 -45.49
CA ARG U 127 -63.78 -1.95 -44.24
C ARG U 127 -63.49 -0.98 -43.10
N ILE U 128 -62.54 -0.10 -43.35
CA ILE U 128 -62.13 0.89 -42.34
C ILE U 128 -63.23 1.90 -42.02
N LYS U 129 -63.92 2.40 -43.05
CA LYS U 129 -64.98 3.37 -42.82
C LYS U 129 -66.11 2.81 -41.94
N HIS U 130 -66.47 1.54 -42.15
CA HIS U 130 -67.54 0.93 -41.36
C HIS U 130 -67.10 0.42 -39.99
N ALA U 131 -65.80 0.25 -39.79
CA ALA U 131 -65.31 -0.23 -38.51
C ALA U 131 -64.82 0.92 -37.62
N TYR U 132 -64.23 1.93 -38.25
CA TYR U 132 -63.65 3.05 -37.52
C TYR U 132 -64.12 4.43 -37.96
N GLY U 133 -64.58 4.54 -39.20
CA GLY U 133 -65.03 5.83 -39.69
C GLY U 133 -64.02 6.48 -40.64
N PRO U 134 -64.46 7.46 -41.45
CA PRO U 134 -63.62 8.17 -42.43
C PRO U 134 -62.32 8.73 -41.84
N SER U 135 -62.36 9.19 -40.59
CA SER U 135 -61.17 9.77 -39.96
C SER U 135 -60.01 8.80 -39.82
N ALA U 136 -60.28 7.50 -39.88
CA ALA U 136 -59.23 6.50 -39.75
C ALA U 136 -58.37 6.40 -41.01
N ILE U 137 -58.78 7.09 -42.07
CA ILE U 137 -58.02 7.08 -43.31
C ILE U 137 -57.18 8.35 -43.40
N LEU U 138 -55.88 8.21 -43.18
CA LEU U 138 -54.96 9.34 -43.24
C LEU U 138 -54.49 9.56 -44.66
N SER U 139 -54.29 10.82 -45.03
CA SER U 139 -53.83 11.10 -46.37
C SER U 139 -53.16 12.46 -46.44
N THR U 140 -52.18 12.57 -47.34
CA THR U 140 -51.50 13.82 -47.54
C THR U 140 -50.59 13.80 -48.75
N PRO U 141 -50.70 14.84 -49.59
CA PRO U 141 -49.84 14.89 -50.76
C PRO U 141 -48.64 15.60 -50.14
N SER U 142 -48.10 16.57 -50.83
CA SER U 142 -47.03 17.32 -50.22
C SER U 142 -47.15 18.75 -50.74
N SER U 143 -46.23 19.62 -50.36
CA SER U 143 -46.32 21.02 -50.77
C SER U 143 -46.37 21.30 -52.26
N HIS U 144 -45.50 20.69 -53.05
CA HIS U 144 -45.55 21.00 -54.47
C HIS U 144 -46.07 19.94 -55.39
N HIS U 145 -46.29 20.32 -56.65
CA HIS U 145 -46.94 19.41 -57.58
C HIS U 145 -46.68 19.78 -59.04
N MET U 146 -46.93 18.84 -59.95
CA MET U 146 -46.75 19.11 -61.37
C MET U 146 -47.65 20.32 -61.68
N TRP U 147 -47.16 21.23 -62.51
CA TRP U 147 -47.94 22.43 -62.86
C TRP U 147 -49.23 22.08 -63.58
N GLY U 148 -50.29 22.84 -63.31
CA GLY U 148 -51.58 22.61 -63.92
C GLY U 148 -52.67 22.88 -62.89
N ASN U 149 -53.44 23.95 -63.10
CA ASN U 149 -54.48 24.34 -62.15
C ASN U 149 -55.57 23.32 -61.86
N VAL U 150 -56.11 22.68 -62.90
CA VAL U 150 -57.17 21.71 -62.67
C VAL U 150 -56.73 20.41 -61.99
N GLY U 151 -55.58 19.89 -62.37
CA GLY U 151 -55.09 18.67 -61.77
C GLY U 151 -54.29 18.87 -60.50
N TYR U 152 -54.12 20.12 -60.08
CA TYR U 152 -53.35 20.44 -58.89
C TYR U 152 -53.99 19.83 -57.64
N ARG U 153 -53.18 19.60 -56.61
CA ARG U 153 -53.68 19.01 -55.37
C ARG U 153 -54.80 19.79 -54.68
N HIS U 154 -54.84 21.11 -54.85
CA HIS U 154 -55.89 21.90 -54.22
C HIS U 154 -57.20 21.71 -54.98
N SER U 155 -57.09 21.15 -56.18
CA SER U 155 -58.25 20.93 -57.05
C SER U 155 -58.73 19.47 -57.11
N THR U 156 -58.05 18.66 -57.91
CA THR U 156 -58.43 17.26 -58.09
C THR U 156 -58.33 16.41 -56.82
N TYR U 157 -57.16 16.43 -56.17
CA TYR U 157 -56.96 15.66 -54.95
C TYR U 157 -58.05 15.97 -53.93
N PHE U 158 -58.25 17.25 -53.63
CA PHE U 158 -59.27 17.65 -52.67
C PHE U 158 -60.69 17.29 -53.08
N ARG U 159 -61.04 17.50 -54.35
CA ARG U 159 -62.40 17.18 -54.75
C ARG U 159 -62.74 15.72 -54.48
N PHE U 160 -61.79 14.82 -54.70
CA PHE U 160 -62.03 13.40 -54.46
C PHE U 160 -61.97 13.02 -52.98
N MET U 161 -60.84 13.31 -52.33
CA MET U 161 -60.67 12.97 -50.92
C MET U 161 -61.80 13.47 -50.03
N ASN U 162 -62.28 14.69 -50.28
CA ASN U 162 -63.37 15.26 -49.48
C ASN U 162 -64.62 14.39 -49.56
N MET U 163 -64.78 13.69 -50.69
CA MET U 163 -65.94 12.82 -50.91
C MET U 163 -65.68 11.41 -50.42
N MET U 164 -64.44 11.13 -50.03
CA MET U 164 -64.08 9.78 -49.60
C MET U 164 -63.80 9.62 -48.11
N GLY U 165 -62.90 10.43 -47.57
CA GLY U 165 -62.55 10.33 -46.16
C GLY U 165 -62.79 11.64 -45.41
N PHE U 166 -61.81 12.14 -44.64
CA PHE U 166 -60.50 11.53 -44.42
C PHE U 166 -59.80 12.43 -43.41
N THR U 167 -58.70 11.96 -42.83
CA THR U 167 -57.95 12.79 -41.90
C THR U 167 -56.77 13.33 -42.70
N TYR U 168 -56.73 14.64 -42.85
CA TYR U 168 -55.66 15.29 -43.60
C TYR U 168 -54.45 15.60 -42.72
N ALA U 169 -53.27 15.35 -43.25
CA ALA U 169 -52.05 15.69 -42.51
C ALA U 169 -51.78 17.09 -43.06
N ASP U 170 -52.43 18.08 -42.48
CA ASP U 170 -52.29 19.47 -42.93
C ASP U 170 -50.84 19.92 -42.91
N HIS U 171 -50.45 20.65 -43.94
CA HIS U 171 -49.09 21.13 -44.07
C HIS U 171 -48.77 22.33 -43.18
N ASN U 172 -47.58 22.28 -42.59
CA ASN U 172 -47.09 23.39 -41.78
C ASN U 172 -46.73 24.42 -42.83
N PRO U 173 -46.75 25.71 -42.48
CA PRO U 173 -46.40 26.74 -43.47
C PRO U 173 -44.88 26.80 -43.69
N ASP U 174 -44.33 25.69 -44.20
CA ASP U 174 -42.89 25.54 -44.45
C ASP U 174 -42.18 26.74 -45.04
N SER U 175 -42.68 27.22 -46.17
CA SER U 175 -42.13 28.35 -46.89
C SER U 175 -42.07 29.64 -46.02
N TRP U 176 -43.09 29.83 -45.18
CA TRP U 176 -43.24 31.03 -44.34
C TRP U 176 -42.84 30.98 -42.86
N GLU U 177 -42.70 29.77 -42.30
CA GLU U 177 -42.42 29.59 -40.88
C GLU U 177 -42.19 30.85 -40.03
N GLY U 178 -41.01 31.45 -40.11
CA GLY U 178 -40.72 32.63 -39.32
C GLY U 178 -41.71 33.77 -39.45
N TRP U 179 -42.10 34.07 -40.68
CA TRP U 179 -43.05 35.15 -40.93
C TRP U 179 -44.44 34.78 -40.42
N HIS U 180 -44.77 33.51 -40.54
CA HIS U 180 -46.06 32.99 -40.11
C HIS U 180 -46.26 32.94 -38.60
N TRP U 181 -45.36 32.27 -37.89
CA TRP U 181 -45.49 32.16 -36.44
C TRP U 181 -44.89 33.34 -35.68
N GLY U 182 -44.16 34.20 -36.37
CA GLY U 182 -43.55 35.35 -35.71
C GLY U 182 -43.94 36.71 -36.23
N GLY U 183 -43.58 37.01 -37.47
CA GLY U 183 -43.90 38.30 -38.07
C GLY U 183 -45.37 38.65 -38.09
N MET U 184 -46.23 37.65 -38.26
CA MET U 184 -47.66 37.89 -38.32
C MET U 184 -48.15 38.65 -37.08
N HIS U 185 -47.57 38.33 -35.93
CA HIS U 185 -47.94 38.96 -34.67
C HIS U 185 -47.44 40.40 -34.58
N MET U 186 -46.43 40.71 -35.38
CA MET U 186 -45.84 42.03 -35.39
C MET U 186 -46.51 43.00 -36.37
N TRP U 187 -46.84 42.54 -37.57
CA TRP U 187 -47.47 43.44 -38.54
C TRP U 187 -48.67 42.90 -39.30
N GLY U 188 -49.16 41.74 -38.89
CA GLY U 188 -50.33 41.18 -39.57
C GLY U 188 -50.03 40.40 -40.84
N PHE U 189 -50.70 40.78 -41.93
CA PHE U 189 -50.56 40.09 -43.22
C PHE U 189 -50.83 38.59 -43.06
N SER U 190 -51.81 38.23 -42.24
CA SER U 190 -52.12 36.82 -42.05
C SER U 190 -52.52 36.12 -43.35
N TRP U 191 -53.19 36.86 -44.24
CA TRP U 191 -53.63 36.30 -45.52
C TRP U 191 -52.45 36.00 -46.45
N ARG U 192 -51.27 36.53 -46.11
CA ARG U 192 -50.06 36.27 -46.90
C ARG U 192 -49.12 35.46 -46.00
N LEU U 193 -49.70 34.93 -44.92
CA LEU U 193 -48.97 34.12 -43.95
C LEU U 193 -47.74 34.83 -43.40
N GLY U 194 -47.82 36.15 -43.26
CA GLY U 194 -46.70 36.90 -42.72
C GLY U 194 -45.86 37.68 -43.71
N ASN U 195 -45.95 37.37 -45.01
CA ASN U 195 -45.18 38.08 -46.02
C ASN U 195 -45.85 39.41 -46.38
N PRO U 196 -45.06 40.38 -46.85
CA PRO U 196 -45.61 41.69 -47.22
C PRO U 196 -46.10 41.72 -48.67
N GLU U 197 -46.99 42.66 -48.96
CA GLU U 197 -47.48 42.83 -50.32
C GLU U 197 -46.30 43.45 -51.08
N GLN U 198 -46.30 43.37 -52.40
CA GLN U 198 -45.19 43.89 -53.20
C GLN U 198 -45.59 44.69 -54.44
N TYR U 199 -46.86 45.03 -54.56
CA TYR U 199 -47.37 45.75 -55.72
C TYR U 199 -46.60 46.98 -56.19
N ASP U 200 -46.41 47.06 -57.50
CA ASP U 200 -45.76 48.18 -58.18
C ASP U 200 -44.39 48.64 -57.67
N LEU U 201 -43.65 47.74 -57.02
CA LEU U 201 -42.34 48.11 -56.49
C LEU U 201 -41.22 48.24 -57.52
N LEU U 202 -41.32 47.55 -58.65
CA LEU U 202 -40.26 47.63 -59.67
C LEU U 202 -40.02 49.06 -60.13
N GLU U 203 -41.07 49.75 -60.57
CA GLU U 203 -40.90 51.13 -61.01
C GLU U 203 -40.38 51.99 -59.88
N ASP U 204 -40.88 51.75 -58.67
CA ASP U 204 -40.46 52.50 -57.50
C ASP U 204 -38.95 52.35 -57.31
N GLY U 205 -38.47 51.11 -57.41
CA GLY U 205 -37.05 50.84 -57.24
C GLY U 205 -36.17 51.42 -58.32
N LEU U 206 -36.59 51.31 -59.57
CA LEU U 206 -35.81 51.83 -60.70
C LEU U 206 -35.64 53.35 -60.60
N LYS U 207 -36.64 54.01 -60.03
CA LYS U 207 -36.61 55.46 -59.88
C LYS U 207 -35.87 55.95 -58.63
N HIS U 208 -35.94 55.19 -57.54
CA HIS U 208 -35.32 55.64 -56.29
C HIS U 208 -34.26 54.79 -55.59
N ALA U 209 -34.11 53.53 -55.96
CA ALA U 209 -33.13 52.66 -55.29
C ALA U 209 -31.68 53.11 -55.41
N GLU U 210 -30.97 53.10 -54.29
CA GLU U 210 -29.54 53.45 -54.26
C GLU U 210 -28.79 52.23 -53.74
N MET U 211 -29.47 51.40 -52.96
CA MET U 211 -28.88 50.20 -52.41
C MET U 211 -29.93 49.16 -52.07
N ILE U 212 -29.57 47.89 -52.26
CA ILE U 212 -30.46 46.79 -51.96
C ILE U 212 -29.70 45.80 -51.10
N VAL U 213 -30.31 45.43 -49.97
CA VAL U 213 -29.70 44.48 -49.05
C VAL U 213 -30.42 43.14 -49.16
N PHE U 214 -29.77 42.19 -49.83
CA PHE U 214 -30.33 40.86 -50.00
C PHE U 214 -29.99 40.03 -48.77
N TRP U 215 -30.98 39.85 -47.91
CA TRP U 215 -30.77 39.11 -46.69
C TRP U 215 -31.47 37.75 -46.81
N SER U 216 -30.68 36.67 -46.79
CA SER U 216 -31.22 35.32 -46.92
C SER U 216 -32.03 35.27 -48.21
N SER U 217 -31.48 35.91 -49.24
CA SER U 217 -32.15 36.01 -50.53
C SER U 217 -31.25 35.65 -51.71
N ASP U 218 -31.68 34.66 -52.49
CA ASP U 218 -30.94 34.23 -53.67
C ASP U 218 -31.96 34.20 -54.82
N PRO U 219 -32.33 35.37 -55.35
CA PRO U 219 -33.29 35.55 -56.44
C PRO U 219 -33.03 34.68 -57.67
N GLU U 220 -31.76 34.56 -58.06
CA GLU U 220 -31.40 33.76 -59.22
C GLU U 220 -31.76 32.30 -59.04
N THR U 221 -31.50 31.76 -57.85
CA THR U 221 -31.80 30.36 -57.59
C THR U 221 -33.29 30.09 -57.40
N ASN U 222 -33.91 30.83 -56.50
CA ASN U 222 -35.31 30.63 -56.17
C ASN U 222 -36.32 31.32 -57.09
N SER U 223 -35.91 32.42 -57.71
CA SER U 223 -36.76 33.20 -58.62
C SER U 223 -38.06 33.61 -57.92
N GLY U 224 -38.06 33.57 -56.60
CA GLY U 224 -39.27 33.85 -55.86
C GLY U 224 -39.82 32.44 -55.84
N ILE U 225 -40.49 32.06 -56.93
CA ILE U 225 -41.02 30.72 -57.11
C ILE U 225 -41.71 30.59 -58.47
N TYR U 226 -41.45 29.48 -59.15
CA TYR U 226 -42.05 29.19 -60.45
C TYR U 226 -41.72 30.15 -61.59
N ALA U 227 -40.82 31.11 -61.38
CA ALA U 227 -40.54 32.11 -62.42
C ALA U 227 -39.23 32.02 -63.21
N GLY U 228 -38.70 30.82 -63.40
CA GLY U 228 -37.46 30.68 -64.16
C GLY U 228 -36.42 31.71 -63.82
N PHE U 229 -36.07 32.57 -64.78
CA PHE U 229 -35.08 33.62 -64.55
C PHE U 229 -35.63 34.96 -65.02
N GLU U 230 -36.93 35.17 -64.84
CA GLU U 230 -37.57 36.40 -65.28
C GLU U 230 -36.95 37.68 -64.74
N SER U 231 -36.55 37.68 -63.46
CA SER U 231 -36.01 38.90 -62.85
C SER U 231 -34.53 39.20 -63.08
N ASN U 232 -33.83 38.35 -63.82
CA ASN U 232 -32.40 38.59 -64.07
C ASN U 232 -32.10 39.95 -64.69
N ILE U 233 -32.87 40.33 -65.70
CA ILE U 233 -32.63 41.61 -66.37
C ILE U 233 -32.94 42.83 -65.50
N ARG U 234 -33.84 42.67 -64.52
CA ARG U 234 -34.19 43.79 -63.64
C ARG U 234 -33.03 44.16 -62.74
N ARG U 235 -32.32 43.16 -62.22
CA ARG U 235 -31.18 43.44 -61.36
C ARG U 235 -30.04 43.99 -62.21
N GLN U 236 -30.06 43.66 -63.50
CA GLN U 236 -29.04 44.15 -64.43
C GLN U 236 -29.28 45.65 -64.60
N TRP U 237 -30.54 46.05 -64.73
CA TRP U 237 -30.89 47.44 -64.88
C TRP U 237 -30.50 48.23 -63.64
N LEU U 238 -30.85 47.70 -62.47
CA LEU U 238 -30.52 48.37 -61.21
C LEU U 238 -29.01 48.51 -61.09
N LYS U 239 -28.30 47.43 -61.40
CA LYS U 239 -26.85 47.43 -61.34
C LYS U 239 -26.26 48.51 -62.25
N ASP U 240 -26.82 48.63 -63.45
CA ASP U 240 -26.34 49.63 -64.41
C ASP U 240 -26.71 51.06 -64.01
N LEU U 241 -27.68 51.18 -63.11
CA LEU U 241 -28.10 52.50 -62.62
C LEU U 241 -27.22 52.88 -61.43
N GLY U 242 -26.29 52.00 -61.08
CA GLY U 242 -25.37 52.27 -59.98
C GLY U 242 -25.81 51.83 -58.59
N VAL U 243 -26.83 50.98 -58.52
CA VAL U 243 -27.32 50.51 -57.23
C VAL U 243 -26.37 49.48 -56.61
N ASP U 244 -26.07 49.64 -55.32
CA ASP U 244 -25.20 48.70 -54.63
C ASP U 244 -25.98 47.49 -54.12
N PHE U 245 -25.36 46.32 -54.20
CA PHE U 245 -25.98 45.07 -53.76
C PHE U 245 -25.17 44.45 -52.62
N VAL U 246 -25.79 44.30 -51.45
CA VAL U 246 -25.11 43.69 -50.31
C VAL U 246 -25.82 42.38 -49.98
N PHE U 247 -25.06 41.32 -49.81
CA PHE U 247 -25.64 40.02 -49.50
C PHE U 247 -25.26 39.49 -48.13
N ILE U 248 -26.28 39.10 -47.37
CA ILE U 248 -26.08 38.54 -46.04
C ILE U 248 -26.63 37.12 -46.12
N ASP U 249 -25.70 36.16 -46.16
CA ASP U 249 -26.06 34.76 -46.32
C ASP U 249 -24.84 33.94 -45.91
N PRO U 250 -25.02 32.92 -45.04
CA PRO U 250 -23.91 32.08 -44.60
C PRO U 250 -23.17 31.56 -45.84
N HIS U 251 -23.94 31.28 -46.88
CA HIS U 251 -23.38 30.79 -48.15
C HIS U 251 -23.40 31.89 -49.20
N MET U 252 -22.27 32.10 -49.88
CA MET U 252 -22.23 33.11 -50.94
C MET U 252 -23.07 32.47 -52.03
N ASN U 253 -24.38 32.76 -52.02
CA ASN U 253 -25.31 32.19 -52.98
C ASN U 253 -25.07 32.56 -54.44
N HIS U 254 -25.84 31.94 -55.32
CA HIS U 254 -25.67 32.16 -56.74
C HIS U 254 -25.93 33.59 -57.22
N THR U 255 -26.83 34.31 -56.57
CA THR U 255 -27.07 35.67 -56.98
C THR U 255 -25.85 36.50 -56.55
N ALA U 256 -25.35 36.21 -55.35
CA ALA U 256 -24.19 36.92 -54.81
C ALA U 256 -22.95 36.66 -55.67
N ARG U 257 -22.79 35.43 -56.13
CA ARG U 257 -21.65 35.08 -56.97
C ARG U 257 -21.69 35.87 -58.27
N LEU U 258 -22.89 36.26 -58.67
CA LEU U 258 -23.06 37.00 -59.91
C LEU U 258 -22.96 38.52 -59.81
N VAL U 259 -23.67 39.13 -58.85
CA VAL U 259 -23.68 40.58 -58.72
C VAL U 259 -23.40 41.21 -57.35
N ALA U 260 -22.91 40.44 -56.39
CA ALA U 260 -22.64 41.01 -55.06
C ALA U 260 -21.58 42.10 -55.08
N ASP U 261 -21.81 43.16 -54.30
CA ASP U 261 -20.85 44.25 -54.18
C ASP U 261 -20.12 43.98 -52.86
N LYS U 262 -20.78 43.22 -52.00
CA LYS U 262 -20.23 42.85 -50.71
C LYS U 262 -21.01 41.65 -50.18
N TRP U 263 -20.32 40.71 -49.55
CA TRP U 263 -20.96 39.51 -49.00
C TRP U 263 -20.62 39.28 -47.53
N PHE U 264 -21.66 39.09 -46.71
CA PHE U 264 -21.53 38.84 -45.28
C PHE U 264 -21.88 37.37 -45.04
N SER U 265 -21.11 36.68 -44.21
CA SER U 265 -21.38 35.27 -43.91
C SER U 265 -21.57 35.01 -42.42
N PRO U 266 -22.77 35.28 -41.89
CA PRO U 266 -23.02 35.04 -40.48
C PRO U 266 -23.15 33.56 -40.18
N LYS U 267 -22.77 33.17 -38.96
CA LYS U 267 -22.89 31.77 -38.55
C LYS U 267 -24.38 31.42 -38.52
N ILE U 268 -24.70 30.14 -38.59
CA ILE U 268 -26.10 29.73 -38.58
C ILE U 268 -26.83 30.23 -37.34
N GLY U 269 -28.07 30.65 -37.54
CA GLY U 269 -28.90 31.13 -36.44
C GLY U 269 -28.48 32.40 -35.74
N THR U 270 -27.71 33.27 -36.41
CA THR U 270 -27.26 34.51 -35.78
C THR U 270 -27.64 35.82 -36.49
N ASP U 271 -28.46 35.73 -37.53
CA ASP U 271 -28.87 36.93 -38.26
C ASP U 271 -29.47 38.04 -37.42
N HIS U 272 -30.35 37.68 -36.48
CA HIS U 272 -30.99 38.70 -35.66
C HIS U 272 -30.01 39.45 -34.80
N ALA U 273 -28.80 38.91 -34.67
CA ALA U 273 -27.77 39.59 -33.90
C ALA U 273 -27.35 40.79 -34.76
N LEU U 274 -27.35 40.58 -36.07
CA LEU U 274 -26.98 41.64 -37.00
C LEU U 274 -28.07 42.72 -37.11
N SER U 275 -29.34 42.31 -37.07
CA SER U 275 -30.42 43.29 -37.15
C SER U 275 -30.45 44.14 -35.89
N PHE U 276 -30.22 43.52 -34.73
CA PHE U 276 -30.21 44.27 -33.48
C PHE U 276 -29.06 45.26 -33.43
N ALA U 277 -27.91 44.88 -33.99
CA ALA U 277 -26.74 45.75 -34.02
C ALA U 277 -26.97 46.93 -34.97
N ILE U 278 -27.64 46.67 -36.09
CA ILE U 278 -27.93 47.75 -37.03
C ILE U 278 -28.90 48.72 -36.40
N ALA U 279 -29.94 48.20 -35.75
CA ALA U 279 -30.93 49.04 -35.09
C ALA U 279 -30.24 49.85 -34.00
N TYR U 280 -29.34 49.20 -33.26
CA TYR U 280 -28.58 49.84 -32.19
C TYR U 280 -27.86 51.07 -32.75
N THR U 281 -27.14 50.87 -33.86
CA THR U 281 -26.40 51.94 -34.52
C THR U 281 -27.33 53.10 -34.88
N TRP U 282 -28.50 52.78 -35.41
CA TRP U 282 -29.48 53.80 -35.79
C TRP U 282 -30.01 54.58 -34.59
N LEU U 283 -30.24 53.87 -33.49
CA LEU U 283 -30.74 54.52 -32.28
C LEU U 283 -29.68 55.42 -31.69
N LYS U 284 -28.44 54.91 -31.64
CA LYS U 284 -27.33 55.67 -31.10
C LYS U 284 -27.02 56.91 -31.91
N GLU U 285 -27.26 56.86 -33.22
CA GLU U 285 -26.97 57.99 -34.09
C GLU U 285 -28.20 58.69 -34.63
N ASP U 286 -29.37 58.37 -34.08
CA ASP U 286 -30.63 58.97 -34.50
C ASP U 286 -30.80 58.94 -36.02
N SER U 287 -30.30 57.90 -36.66
CA SER U 287 -30.39 57.80 -38.10
C SER U 287 -31.51 56.91 -38.60
N TYR U 288 -32.74 57.31 -38.33
CA TYR U 288 -33.91 56.57 -38.79
C TYR U 288 -35.10 57.52 -38.85
N ASP U 289 -36.19 57.06 -39.45
CA ASP U 289 -37.39 57.88 -39.59
C ASP U 289 -38.19 57.96 -38.30
N LYS U 290 -37.83 58.92 -37.44
CA LYS U 290 -38.51 59.09 -36.16
C LYS U 290 -40.00 59.44 -36.28
N GLU U 291 -40.35 60.26 -37.26
CA GLU U 291 -41.74 60.66 -37.46
C GLU U 291 -42.57 59.43 -37.81
N TYR U 292 -42.08 58.64 -38.76
CA TYR U 292 -42.75 57.43 -39.21
C TYR U 292 -42.94 56.49 -38.01
N VAL U 293 -41.86 56.23 -37.29
CA VAL U 293 -41.90 55.33 -36.14
C VAL U 293 -42.90 55.79 -35.07
N ALA U 294 -42.85 57.09 -34.75
CA ALA U 294 -43.75 57.64 -33.74
C ALA U 294 -45.21 57.45 -34.13
N ALA U 295 -45.48 57.42 -35.43
CA ALA U 295 -46.83 57.26 -35.91
C ALA U 295 -47.25 55.83 -36.24
N ASN U 296 -46.31 55.01 -36.71
CA ASN U 296 -46.64 53.66 -37.13
C ASN U 296 -46.11 52.48 -36.33
N ALA U 297 -45.60 52.73 -35.14
CA ALA U 297 -45.07 51.65 -34.33
C ALA U 297 -45.70 51.62 -32.94
N HIS U 298 -45.71 50.45 -32.33
CA HIS U 298 -46.26 50.26 -30.99
C HIS U 298 -45.23 49.50 -30.16
N GLY U 299 -44.99 49.98 -28.93
CA GLY U 299 -44.04 49.35 -28.04
C GLY U 299 -42.60 49.66 -28.39
N PHE U 300 -42.39 50.63 -29.28
CA PHE U 300 -41.04 50.98 -29.72
C PHE U 300 -40.16 51.53 -28.60
N GLU U 301 -40.74 52.34 -27.71
CA GLU U 301 -39.98 52.91 -26.62
C GLU U 301 -39.34 51.79 -25.79
N GLU U 302 -40.16 50.84 -25.36
CA GLU U 302 -39.67 49.74 -24.55
C GLU U 302 -38.65 48.91 -25.33
N TRP U 303 -38.94 48.66 -26.60
CA TRP U 303 -38.05 47.87 -27.44
C TRP U 303 -36.69 48.55 -27.57
N ALA U 304 -36.70 49.87 -27.80
CA ALA U 304 -35.46 50.63 -27.93
C ALA U 304 -34.59 50.48 -26.68
N ASP U 305 -35.22 50.49 -25.51
CA ASP U 305 -34.47 50.32 -24.26
C ASP U 305 -33.82 48.96 -24.25
N TYR U 306 -34.54 47.95 -24.77
CA TYR U 306 -34.00 46.60 -24.81
C TYR U 306 -32.76 46.56 -25.72
N VAL U 307 -32.86 47.15 -26.90
CA VAL U 307 -31.75 47.18 -27.84
C VAL U 307 -30.54 47.89 -27.24
N LEU U 308 -30.80 48.95 -26.48
CA LEU U 308 -29.73 49.72 -25.86
C LEU U 308 -29.13 49.01 -24.65
N GLY U 309 -29.70 47.86 -24.29
CA GLY U 309 -29.18 47.09 -23.17
C GLY U 309 -29.66 47.52 -21.79
N LYS U 310 -30.70 48.33 -21.72
CA LYS U 310 -31.21 48.79 -20.43
C LYS U 310 -31.99 47.74 -19.65
N THR U 311 -32.50 46.72 -20.34
CA THR U 311 -33.29 45.71 -19.65
C THR U 311 -32.53 44.42 -19.32
N ASP U 312 -31.62 44.00 -20.19
CA ASP U 312 -30.87 42.78 -19.94
C ASP U 312 -29.37 43.02 -19.68
N GLY U 313 -28.97 44.28 -19.60
CA GLY U 313 -27.57 44.59 -19.36
C GLY U 313 -26.65 44.25 -20.51
N THR U 314 -27.21 43.99 -21.68
CA THR U 314 -26.41 43.65 -22.85
C THR U 314 -26.69 44.56 -24.05
N PRO U 315 -25.90 45.64 -24.21
CA PRO U 315 -26.10 46.54 -25.34
C PRO U 315 -25.86 45.73 -26.62
N LYS U 316 -26.77 45.82 -27.58
CA LYS U 316 -26.63 45.07 -28.82
C LYS U 316 -25.71 45.79 -29.81
N THR U 317 -24.45 45.93 -29.40
CA THR U 317 -23.44 46.62 -30.20
C THR U 317 -22.99 45.78 -31.40
N CYS U 318 -22.27 46.40 -32.32
CA CYS U 318 -21.76 45.69 -33.49
C CYS U 318 -20.68 44.69 -33.03
N GLU U 319 -19.99 45.01 -31.93
CA GLU U 319 -18.95 44.12 -31.41
C GLU U 319 -19.65 42.88 -30.84
N TRP U 320 -20.78 43.09 -30.18
CA TRP U 320 -21.54 41.99 -29.61
C TRP U 320 -22.04 41.10 -30.77
N ALA U 321 -22.52 41.72 -31.83
CA ALA U 321 -23.03 41.00 -33.00
C ALA U 321 -21.90 40.22 -33.67
N GLU U 322 -20.70 40.79 -33.68
CA GLU U 322 -19.56 40.11 -34.30
C GLU U 322 -19.24 38.85 -33.51
N GLU U 323 -19.34 38.93 -32.19
CA GLU U 323 -19.05 37.78 -31.33
C GLU U 323 -20.06 36.67 -31.57
N GLU U 324 -21.30 37.05 -31.88
CA GLU U 324 -22.37 36.09 -32.12
C GLU U 324 -22.29 35.47 -33.52
N SER U 325 -22.17 36.32 -34.53
CA SER U 325 -22.17 35.91 -35.92
C SER U 325 -20.84 35.67 -36.62
N GLY U 326 -19.77 36.31 -36.16
CA GLY U 326 -18.49 36.14 -36.82
C GLY U 326 -18.28 37.17 -37.90
N VAL U 327 -19.27 38.04 -38.11
CA VAL U 327 -19.16 39.10 -39.12
C VAL U 327 -18.50 40.30 -38.43
N PRO U 328 -17.43 40.85 -39.02
CA PRO U 328 -16.68 42.00 -38.47
C PRO U 328 -17.58 43.17 -38.07
N ALA U 329 -17.40 43.65 -36.85
CA ALA U 329 -18.19 44.77 -36.33
C ALA U 329 -18.13 46.01 -37.22
N CYS U 330 -16.94 46.34 -37.70
CA CYS U 330 -16.78 47.50 -38.57
C CYS U 330 -17.65 47.43 -39.81
N GLU U 331 -17.75 46.25 -40.42
CA GLU U 331 -18.58 46.10 -41.62
C GLU U 331 -20.06 46.19 -41.26
N ILE U 332 -20.43 45.70 -40.08
CA ILE U 332 -21.82 45.78 -39.66
C ILE U 332 -22.19 47.25 -39.52
N ARG U 333 -21.35 47.99 -38.81
CA ARG U 333 -21.58 49.42 -38.59
C ARG U 333 -21.57 50.19 -39.91
N ALA U 334 -20.70 49.81 -40.84
CA ALA U 334 -20.61 50.50 -42.12
C ALA U 334 -21.89 50.33 -42.92
N LEU U 335 -22.44 49.11 -42.88
CA LEU U 335 -23.69 48.84 -43.58
C LEU U 335 -24.82 49.63 -42.95
N ALA U 336 -24.88 49.63 -41.62
CA ALA U 336 -25.91 50.34 -40.88
C ALA U 336 -25.94 51.83 -41.26
N ARG U 337 -24.77 52.46 -41.30
CA ARG U 337 -24.68 53.87 -41.64
C ARG U 337 -25.09 54.13 -43.08
N GLN U 338 -24.61 53.29 -43.99
CA GLN U 338 -24.93 53.43 -45.41
C GLN U 338 -26.43 53.24 -45.65
N TRP U 339 -26.98 52.23 -44.99
CA TRP U 339 -28.40 51.90 -45.09
C TRP U 339 -29.25 53.10 -44.66
N ALA U 340 -28.84 53.74 -43.57
CA ALA U 340 -29.55 54.89 -43.05
C ALA U 340 -29.57 56.09 -44.01
N LYS U 341 -28.44 56.41 -44.61
CA LYS U 341 -28.37 57.56 -45.50
C LYS U 341 -28.75 57.38 -46.97
N LYS U 342 -28.85 56.14 -47.45
CA LYS U 342 -29.21 55.93 -48.85
C LYS U 342 -30.62 55.35 -48.97
N ASN U 343 -31.22 55.49 -50.14
CA ASN U 343 -32.55 54.91 -50.37
C ASN U 343 -32.28 53.42 -50.45
N THR U 344 -32.55 52.72 -49.37
CA THR U 344 -32.30 51.30 -49.29
C THR U 344 -33.54 50.42 -49.23
N TYR U 345 -33.57 49.39 -50.06
CA TYR U 345 -34.68 48.44 -50.07
C TYR U 345 -34.16 47.16 -49.43
N LEU U 346 -34.96 46.57 -48.55
CA LEU U 346 -34.56 45.34 -47.87
C LEU U 346 -35.10 44.13 -48.61
N ALA U 347 -34.21 43.38 -49.23
CA ALA U 347 -34.59 42.18 -49.95
C ALA U 347 -34.53 41.01 -48.96
N ALA U 348 -35.52 40.93 -48.08
CA ALA U 348 -35.57 39.85 -47.11
C ALA U 348 -36.24 38.66 -47.77
N GLY U 349 -35.48 37.60 -48.00
CA GLY U 349 -36.03 36.42 -48.65
C GLY U 349 -36.00 36.62 -50.15
N GLY U 350 -36.25 35.55 -50.90
CA GLY U 350 -36.23 35.65 -52.35
C GLY U 350 -37.51 36.13 -52.99
N LEU U 351 -38.60 36.10 -52.23
CA LEU U 351 -39.91 36.50 -52.75
C LEU U 351 -40.35 37.88 -52.27
N GLY U 352 -39.74 38.34 -51.19
CA GLY U 352 -40.16 39.59 -50.58
C GLY U 352 -40.92 38.89 -49.47
N GLY U 353 -40.14 38.33 -48.55
CA GLY U 353 -40.70 37.55 -47.48
C GLY U 353 -40.03 36.21 -47.76
N TRP U 354 -40.32 35.19 -46.97
CA TRP U 354 -39.67 33.89 -47.14
C TRP U 354 -38.19 34.07 -46.76
N GLY U 355 -37.35 33.17 -47.25
CA GLY U 355 -35.94 33.22 -46.92
C GLY U 355 -35.60 32.00 -46.07
N GLY U 356 -34.47 31.33 -46.36
CA GLY U 356 -34.08 30.17 -45.58
C GLY U 356 -33.97 30.45 -44.10
N ALA U 357 -33.64 31.69 -43.75
CA ALA U 357 -33.51 32.09 -42.37
C ALA U 357 -34.81 31.98 -41.60
N CYS U 358 -35.94 32.07 -42.29
CA CYS U 358 -37.22 32.00 -41.61
C CYS U 358 -37.61 30.60 -41.14
N ARG U 359 -37.00 29.56 -41.71
CA ARG U 359 -37.33 28.21 -41.26
C ARG U 359 -36.07 27.61 -40.64
N ALA U 360 -35.76 28.14 -39.46
CA ALA U 360 -34.59 27.77 -38.67
C ALA U 360 -34.95 28.11 -37.22
N SER U 361 -34.14 27.67 -36.27
CA SER U 361 -34.44 27.92 -34.87
C SER U 361 -34.53 29.41 -34.48
N HIS U 362 -34.00 30.29 -35.31
CA HIS U 362 -34.05 31.73 -35.01
C HIS U 362 -34.98 32.44 -36.00
N GLY U 363 -35.70 31.64 -36.79
CA GLY U 363 -36.61 32.16 -37.80
C GLY U 363 -37.58 33.24 -37.36
N ILE U 364 -38.18 33.07 -36.19
CA ILE U 364 -39.13 34.05 -35.69
C ILE U 364 -38.48 35.42 -35.48
N GLU U 365 -37.32 35.43 -34.83
CA GLU U 365 -36.64 36.70 -34.57
C GLU U 365 -36.01 37.30 -35.81
N TRP U 366 -35.64 36.47 -36.78
CA TRP U 366 -35.06 37.02 -37.99
C TRP U 366 -36.16 37.79 -38.73
N ALA U 367 -37.32 37.18 -38.88
CA ALA U 367 -38.43 37.83 -39.56
C ALA U 367 -38.82 39.12 -38.84
N ARG U 368 -38.98 39.05 -37.51
CA ARG U 368 -39.33 40.23 -36.76
C ARG U 368 -38.23 41.28 -36.88
N GLY U 369 -36.99 40.82 -36.99
CA GLY U 369 -35.87 41.73 -37.14
C GLY U 369 -35.92 42.45 -38.49
N MET U 370 -36.32 41.74 -39.53
CA MET U 370 -36.42 42.36 -40.86
C MET U 370 -37.53 43.43 -40.83
N ILE U 371 -38.65 43.08 -40.21
CA ILE U 371 -39.76 44.02 -40.10
C ILE U 371 -39.30 45.26 -39.31
N ALA U 372 -38.59 45.03 -38.21
CA ALA U 372 -38.09 46.11 -37.37
C ALA U 372 -37.26 47.11 -38.17
N LEU U 373 -36.28 46.60 -38.92
CA LEU U 373 -35.40 47.45 -39.73
C LEU U 373 -36.13 48.23 -40.81
N ALA U 374 -36.97 47.54 -41.59
CA ALA U 374 -37.72 48.20 -42.65
C ALA U 374 -38.66 49.24 -42.06
N THR U 375 -39.15 48.98 -40.87
CA THR U 375 -40.05 49.92 -40.21
C THR U 375 -39.31 51.20 -39.80
N MET U 376 -38.17 51.02 -39.13
CA MET U 376 -37.38 52.17 -38.69
C MET U 376 -36.97 53.07 -39.85
N GLN U 377 -36.79 52.49 -41.03
CA GLN U 377 -36.42 53.28 -42.20
C GLN U 377 -37.61 53.79 -42.99
N GLY U 378 -38.82 53.60 -42.45
CA GLY U 378 -40.04 54.08 -43.08
C GLY U 378 -40.56 53.40 -44.33
N MET U 379 -40.61 52.07 -44.31
CA MET U 379 -41.09 51.31 -45.47
C MET U 379 -42.42 51.83 -46.01
N GLY U 380 -42.49 51.95 -47.34
CA GLY U 380 -43.71 52.44 -47.97
C GLY U 380 -43.50 53.75 -48.70
N LYS U 381 -42.59 54.57 -48.20
CA LYS U 381 -42.31 55.86 -48.82
C LYS U 381 -41.35 55.62 -49.98
N PRO U 382 -41.27 56.58 -50.93
CA PRO U 382 -40.37 56.43 -52.07
C PRO U 382 -38.92 56.16 -51.67
N GLY U 383 -38.34 55.11 -52.24
CA GLY U 383 -36.95 54.79 -51.96
C GLY U 383 -36.66 54.03 -50.66
N SER U 384 -37.70 53.50 -50.03
CA SER U 384 -37.52 52.76 -48.79
C SER U 384 -38.64 51.76 -48.63
N ASN U 385 -38.31 50.47 -48.67
CA ASN U 385 -39.33 49.45 -48.55
C ASN U 385 -38.70 48.07 -48.48
N MET U 386 -39.53 47.05 -48.29
CA MET U 386 -39.05 45.68 -48.28
C MET U 386 -39.35 45.24 -49.72
N TRP U 387 -38.31 44.94 -50.47
CA TRP U 387 -38.47 44.52 -51.86
C TRP U 387 -37.30 43.61 -52.22
N SER U 388 -37.61 42.44 -52.77
CA SER U 388 -36.56 41.48 -53.12
C SER U 388 -36.21 41.45 -54.61
N THR U 389 -36.74 42.42 -55.36
CA THR U 389 -36.49 42.56 -56.79
C THR U 389 -37.13 41.49 -57.68
N THR U 390 -37.88 40.57 -57.08
CA THR U 390 -38.53 39.52 -57.85
C THR U 390 -39.99 39.88 -58.21
N GLN U 391 -40.68 40.57 -57.31
CA GLN U 391 -42.06 40.97 -57.59
C GLN U 391 -42.11 42.48 -57.87
N GLY U 392 -43.31 43.01 -58.03
CA GLY U 392 -43.44 44.44 -58.28
C GLY U 392 -43.59 44.84 -59.74
N VAL U 393 -43.53 43.87 -60.65
CA VAL U 393 -43.68 44.15 -62.08
C VAL U 393 -45.05 44.80 -62.31
N PRO U 394 -45.10 45.84 -63.17
CA PRO U 394 -46.31 46.60 -63.52
C PRO U 394 -47.32 45.88 -64.40
N LEU U 395 -47.66 44.64 -64.06
CA LEU U 395 -48.63 43.89 -64.86
C LEU U 395 -50.05 44.37 -64.57
N ASP U 396 -51.02 43.93 -65.38
CA ASP U 396 -52.40 44.36 -65.16
C ASP U 396 -53.04 43.62 -64.00
N TYR U 397 -52.91 44.20 -62.80
CA TYR U 397 -53.46 43.61 -61.59
C TYR U 397 -54.99 43.52 -61.66
N GLU U 398 -55.58 44.26 -62.59
CA GLU U 398 -57.04 44.29 -62.76
C GLU U 398 -57.61 43.09 -63.50
N PHE U 399 -56.79 42.43 -64.32
CA PHE U 399 -57.24 41.26 -65.07
C PHE U 399 -57.25 40.07 -64.13
N TYR U 400 -58.34 39.30 -64.12
CA TYR U 400 -58.43 38.15 -63.23
C TYR U 400 -58.31 36.75 -63.84
N PHE U 401 -57.34 36.00 -63.33
CA PHE U 401 -57.14 34.62 -63.73
C PHE U 401 -56.69 33.97 -62.42
N PRO U 402 -57.37 32.90 -62.00
CA PRO U 402 -57.06 32.17 -60.76
C PRO U 402 -55.73 31.43 -60.72
N GLY U 403 -55.14 31.39 -59.53
CA GLY U 403 -53.90 30.66 -59.35
C GLY U 403 -54.33 29.28 -58.89
N TYR U 404 -53.41 28.31 -58.86
CA TYR U 404 -53.78 26.96 -58.43
C TYR U 404 -54.30 26.91 -57.00
N ALA U 405 -53.83 27.80 -56.15
CA ALA U 405 -54.23 27.81 -54.76
C ALA U 405 -55.70 28.17 -54.56
N GLU U 406 -56.35 28.65 -55.61
CA GLU U 406 -57.75 29.03 -55.51
C GLU U 406 -58.74 27.87 -55.63
N GLY U 407 -58.21 26.65 -55.52
CA GLY U 407 -59.07 25.47 -55.53
C GLY U 407 -59.50 24.75 -56.80
N GLY U 408 -59.40 25.40 -57.96
CA GLY U 408 -59.82 24.73 -59.18
C GLY U 408 -61.20 24.10 -59.08
N ILE U 409 -61.29 22.80 -59.33
CA ILE U 409 -62.59 22.12 -59.30
C ILE U 409 -63.10 21.63 -57.95
N SER U 410 -62.38 21.90 -56.86
CA SER U 410 -62.85 21.45 -55.55
C SER U 410 -63.81 22.43 -54.89
N GLY U 411 -63.54 23.72 -55.04
CA GLY U 411 -64.41 24.72 -54.42
C GLY U 411 -64.35 24.60 -52.91
N ASP U 412 -63.28 23.99 -52.40
CA ASP U 412 -63.10 23.82 -50.97
C ASP U 412 -62.69 25.18 -50.42
N CYS U 413 -63.64 25.89 -49.82
CA CYS U 413 -63.38 27.22 -49.29
C CYS U 413 -62.63 27.24 -47.96
N GLU U 414 -62.38 26.06 -47.42
CA GLU U 414 -61.66 25.94 -46.15
C GLU U 414 -60.19 25.61 -46.34
N ASN U 415 -59.89 24.79 -47.34
CA ASN U 415 -58.52 24.37 -47.57
C ASN U 415 -57.88 24.90 -48.85
N SER U 416 -58.49 25.95 -49.40
CA SER U 416 -57.97 26.61 -50.60
C SER U 416 -58.46 28.05 -50.50
N ALA U 417 -58.03 28.90 -51.42
CA ALA U 417 -58.43 30.30 -51.42
C ALA U 417 -59.63 30.52 -52.33
N ALA U 418 -60.33 29.43 -52.65
CA ALA U 418 -61.51 29.49 -53.51
C ALA U 418 -62.58 30.45 -53.01
N GLY U 419 -62.74 30.51 -51.69
CA GLY U 419 -63.75 31.37 -51.10
C GLY U 419 -63.57 32.86 -51.30
N PHE U 420 -62.42 33.27 -51.82
CA PHE U 420 -62.17 34.69 -52.04
C PHE U 420 -62.88 35.22 -53.27
N LYS U 421 -62.83 34.47 -54.37
CA LYS U 421 -63.47 34.92 -55.59
C LYS U 421 -63.75 33.81 -56.60
N PHE U 422 -62.79 32.90 -56.78
CA PHE U 422 -62.97 31.85 -57.77
C PHE U 422 -64.16 30.92 -57.55
N ALA U 423 -64.37 30.48 -56.32
CA ALA U 423 -65.49 29.59 -56.03
C ALA U 423 -66.80 30.21 -56.54
N TRP U 424 -66.95 31.51 -56.29
CA TRP U 424 -68.14 32.26 -56.69
C TRP U 424 -68.32 32.38 -58.21
N ARG U 425 -67.22 32.23 -58.94
CA ARG U 425 -67.29 32.31 -60.39
C ARG U 425 -67.45 30.92 -61.00
N MET U 426 -66.76 29.95 -60.42
CA MET U 426 -66.76 28.58 -60.92
C MET U 426 -68.05 27.79 -60.70
N PHE U 427 -68.71 28.00 -59.57
CA PHE U 427 -69.93 27.26 -59.29
C PHE U 427 -71.17 28.13 -59.31
N ASP U 428 -72.27 27.57 -59.80
CA ASP U 428 -73.53 28.29 -59.93
C ASP U 428 -74.67 27.80 -59.04
N GLY U 429 -74.41 26.80 -58.21
CA GLY U 429 -75.45 26.28 -57.34
C GLY U 429 -76.65 25.77 -58.11
N LYS U 430 -76.42 25.30 -59.33
CA LYS U 430 -77.49 24.78 -60.18
C LYS U 430 -77.11 23.53 -60.97
N THR U 431 -75.99 23.59 -61.69
CA THR U 431 -75.54 22.49 -62.52
C THR U 431 -74.18 21.88 -62.13
N THR U 432 -73.35 22.67 -61.47
CA THR U 432 -72.04 22.19 -61.06
C THR U 432 -71.87 22.54 -59.58
N PHE U 433 -71.36 21.61 -58.79
CA PHE U 433 -71.21 21.84 -57.35
C PHE U 433 -69.83 21.53 -56.78
N PRO U 434 -69.48 22.22 -55.68
CA PRO U 434 -68.19 22.07 -54.98
C PRO U 434 -68.17 20.79 -54.15
N SER U 435 -67.00 20.44 -53.65
CA SER U 435 -66.82 19.25 -52.83
C SER U 435 -66.19 19.65 -51.49
N PRO U 436 -67.04 19.95 -50.49
CA PRO U 436 -66.60 20.36 -49.15
C PRO U 436 -66.23 19.17 -48.27
N SER U 437 -65.54 19.44 -47.17
CA SER U 437 -65.14 18.39 -46.24
C SER U 437 -65.55 18.77 -44.83
N ASN U 438 -66.28 17.87 -44.17
CA ASN U 438 -66.71 18.11 -42.80
C ASN U 438 -65.71 17.49 -41.82
N LEU U 439 -64.58 17.02 -42.34
CA LEU U 439 -63.54 16.43 -41.49
C LEU U 439 -62.27 17.28 -41.51
N ASN U 440 -61.90 17.79 -42.68
CA ASN U 440 -60.71 18.61 -42.78
C ASN U 440 -61.11 20.04 -42.39
N THR U 441 -61.44 20.19 -41.11
CA THR U 441 -61.86 21.49 -40.57
C THR U 441 -61.39 21.53 -39.11
N SER U 442 -61.41 22.70 -38.50
CA SER U 442 -60.95 22.80 -37.11
C SER U 442 -61.71 21.93 -36.12
N ALA U 443 -63.02 21.82 -36.30
CA ALA U 443 -63.83 21.00 -35.41
C ALA U 443 -63.78 19.52 -35.76
N GLY U 444 -63.08 19.18 -36.85
CA GLY U 444 -62.96 17.80 -37.26
C GLY U 444 -61.66 17.21 -36.76
N GLN U 445 -60.93 16.53 -37.64
CA GLN U 445 -59.65 15.96 -37.26
C GLN U 445 -58.60 16.06 -38.35
N HIS U 446 -57.40 16.47 -37.95
CA HIS U 446 -56.27 16.58 -38.86
C HIS U 446 -55.05 16.38 -37.95
N ILE U 447 -53.89 16.14 -38.55
CA ILE U 447 -52.66 16.01 -37.77
C ILE U 447 -51.60 16.81 -38.51
N PRO U 448 -50.54 17.25 -37.81
CA PRO U 448 -49.48 18.04 -38.43
C PRO U 448 -48.59 17.19 -39.33
N ARG U 449 -48.30 17.67 -40.53
CA ARG U 449 -47.43 16.93 -41.43
C ARG U 449 -46.09 16.63 -40.74
N LEU U 450 -45.59 17.60 -39.98
CA LEU U 450 -44.31 17.45 -39.27
C LEU U 450 -44.34 16.42 -38.15
N LYS U 451 -45.52 15.97 -37.74
CA LYS U 451 -45.58 15.00 -36.65
C LYS U 451 -46.36 13.72 -36.94
N ILE U 452 -46.50 13.39 -38.21
CA ILE U 452 -47.19 12.17 -38.60
C ILE U 452 -46.54 10.96 -37.93
N PRO U 453 -45.20 10.88 -37.93
CA PRO U 453 -44.52 9.73 -37.31
C PRO U 453 -44.93 9.51 -35.86
N GLU U 454 -44.99 10.60 -35.09
CA GLU U 454 -45.36 10.53 -33.69
C GLU U 454 -46.82 10.12 -33.53
N CYS U 455 -47.68 10.64 -34.40
CA CYS U 455 -49.09 10.29 -34.31
C CYS U 455 -49.27 8.80 -34.59
N ILE U 456 -48.56 8.28 -35.59
CA ILE U 456 -48.66 6.88 -35.95
C ILE U 456 -48.07 5.94 -34.90
N MET U 457 -46.83 6.19 -34.49
CA MET U 457 -46.17 5.32 -33.53
C MET U 457 -46.55 5.58 -32.07
N GLY U 458 -46.91 6.81 -31.76
CA GLY U 458 -47.29 7.15 -30.39
C GLY U 458 -48.79 7.11 -30.15
N GLY U 459 -49.57 7.28 -31.22
CA GLY U 459 -51.01 7.24 -31.09
C GLY U 459 -51.64 8.45 -30.43
N LYS U 460 -50.85 9.50 -30.22
CA LYS U 460 -51.36 10.69 -29.57
C LYS U 460 -50.46 11.91 -29.82
N PHE U 461 -51.05 13.09 -29.79
CA PHE U 461 -50.29 14.32 -29.96
C PHE U 461 -51.17 15.53 -29.67
N GLN U 462 -50.54 16.65 -29.35
CA GLN U 462 -51.24 17.88 -29.03
C GLN U 462 -50.39 19.00 -29.62
N TRP U 463 -51.02 19.99 -30.25
CA TRP U 463 -50.26 21.06 -30.88
C TRP U 463 -51.07 22.33 -31.07
N SER U 464 -50.42 23.34 -31.66
CA SER U 464 -51.05 24.63 -31.92
C SER U 464 -51.27 24.90 -33.41
N GLY U 465 -52.46 25.39 -33.76
CA GLY U 465 -52.77 25.73 -35.15
C GLY U 465 -53.08 24.60 -36.11
N LYS U 466 -53.78 24.94 -37.19
CA LYS U 466 -54.12 23.95 -38.22
C LYS U 466 -53.55 24.39 -39.57
N GLY U 467 -52.53 23.68 -40.05
CA GLY U 467 -51.92 24.01 -41.32
C GLY U 467 -51.57 25.48 -41.47
N PHE U 468 -51.94 26.07 -42.60
CA PHE U 468 -51.69 27.49 -42.87
C PHE U 468 -52.79 28.27 -42.14
N ALA U 469 -52.44 28.92 -41.04
CA ALA U 469 -53.43 29.68 -40.27
C ALA U 469 -53.46 31.14 -40.71
N GLY U 470 -53.88 31.38 -41.94
CA GLY U 470 -53.91 32.75 -42.45
C GLY U 470 -55.20 33.54 -42.28
N GLY U 471 -56.20 32.96 -41.62
CA GLY U 471 -57.45 33.66 -41.43
C GLY U 471 -57.31 34.92 -40.59
N ASP U 472 -56.58 34.81 -39.50
CA ASP U 472 -56.35 35.94 -38.61
C ASP U 472 -55.08 35.66 -37.83
N ILE U 473 -54.48 36.70 -37.26
CA ILE U 473 -53.24 36.54 -36.51
C ILE U 473 -53.29 35.46 -35.43
N SER U 474 -54.38 35.38 -34.68
CA SER U 474 -54.44 34.40 -33.61
C SER U 474 -54.93 32.98 -33.91
N HIS U 475 -55.36 32.71 -35.14
CA HIS U 475 -55.83 31.36 -35.46
C HIS U 475 -54.79 30.27 -35.17
N GLN U 476 -53.52 30.61 -35.37
CA GLN U 476 -52.41 29.67 -35.14
C GLN U 476 -52.25 29.31 -33.66
N LEU U 477 -52.89 30.07 -32.78
CA LEU U 477 -52.78 29.82 -31.35
C LEU U 477 -53.80 28.81 -30.83
N HIS U 478 -54.80 28.50 -31.67
CA HIS U 478 -55.83 27.55 -31.27
C HIS U 478 -55.18 26.20 -31.00
N GLN U 479 -55.68 25.50 -29.98
CA GLN U 479 -55.12 24.21 -29.59
C GLN U 479 -55.87 23.01 -30.17
N TYR U 480 -55.11 22.03 -30.63
CA TYR U 480 -55.66 20.81 -31.22
C TYR U 480 -55.02 19.57 -30.60
N GLU U 481 -55.71 18.43 -30.75
CA GLU U 481 -55.24 17.17 -30.21
C GLU U 481 -55.53 16.02 -31.19
N TYR U 482 -54.79 14.93 -31.01
CA TYR U 482 -54.96 13.73 -31.82
C TYR U 482 -54.87 12.54 -30.88
N PRO U 483 -55.85 11.62 -30.94
CA PRO U 483 -56.99 11.72 -31.87
C PRO U 483 -57.91 12.84 -31.42
N ALA U 484 -58.57 13.50 -32.38
CA ALA U 484 -59.50 14.57 -32.05
C ALA U 484 -60.68 13.96 -31.30
N PRO U 485 -61.29 14.70 -30.38
CA PRO U 485 -62.43 14.20 -29.60
C PRO U 485 -63.51 13.54 -30.45
N GLY U 486 -63.77 12.26 -30.17
CA GLY U 486 -64.79 11.53 -30.89
C GLY U 486 -64.30 10.79 -32.12
N TYR U 487 -63.18 11.23 -32.67
CA TYR U 487 -62.62 10.60 -33.87
C TYR U 487 -61.71 9.41 -33.62
N SER U 488 -61.46 8.65 -34.68
CA SER U 488 -60.63 7.45 -34.59
C SER U 488 -59.17 7.67 -34.97
N LYS U 489 -58.29 6.83 -34.41
CA LYS U 489 -56.88 6.89 -34.73
C LYS U 489 -56.71 6.37 -36.16
N ILE U 490 -55.55 6.65 -36.76
CA ILE U 490 -55.25 6.23 -38.13
C ILE U 490 -55.05 4.72 -38.28
N LYS U 491 -55.61 4.16 -39.35
CA LYS U 491 -55.48 2.72 -39.63
C LYS U 491 -54.89 2.51 -41.03
N MET U 492 -55.09 3.51 -41.89
CA MET U 492 -54.66 3.46 -43.28
C MET U 492 -53.99 4.77 -43.68
N PHE U 493 -53.03 4.70 -44.59
CA PHE U 493 -52.33 5.90 -45.04
C PHE U 493 -52.31 5.96 -46.57
N TRP U 494 -52.98 6.96 -47.13
CA TRP U 494 -53.01 7.13 -48.58
C TRP U 494 -52.05 8.26 -48.93
N LYS U 495 -50.85 7.89 -49.37
CA LYS U 495 -49.85 8.88 -49.73
C LYS U 495 -49.90 9.30 -51.19
N TYR U 496 -49.72 10.59 -51.41
CA TYR U 496 -49.71 11.18 -52.73
C TYR U 496 -48.28 11.72 -52.82
N GLY U 497 -47.43 11.02 -53.58
CA GLY U 497 -46.03 11.42 -53.67
C GLY U 497 -45.33 10.74 -52.50
N GLY U 498 -44.01 10.91 -52.40
CA GLY U 498 -43.27 10.31 -51.29
C GLY U 498 -41.90 10.97 -51.11
N PRO U 499 -41.87 12.28 -50.86
CA PRO U 499 -40.61 13.03 -50.68
C PRO U 499 -40.18 13.36 -49.26
N HIS U 500 -41.00 13.04 -48.27
CA HIS U 500 -40.69 13.41 -46.89
C HIS U 500 -39.35 13.00 -46.28
N LEU U 501 -38.72 11.95 -46.80
CA LEU U 501 -37.42 11.55 -46.27
C LEU U 501 -36.40 12.62 -46.63
N GLY U 502 -36.65 13.36 -47.71
CA GLY U 502 -35.72 14.39 -48.10
C GLY U 502 -36.20 15.82 -47.82
N THR U 503 -37.46 15.98 -47.43
CA THR U 503 -37.98 17.34 -47.20
C THR U 503 -38.45 17.72 -45.79
N MET U 504 -38.73 16.74 -44.93
CA MET U 504 -39.18 17.07 -43.59
C MET U 504 -38.01 17.20 -42.59
N THR U 505 -38.23 16.88 -41.33
CA THR U 505 -37.16 17.01 -40.34
C THR U 505 -36.77 15.70 -39.64
N ALA U 506 -35.49 15.57 -39.28
CA ALA U 506 -34.96 14.35 -38.63
C ALA U 506 -35.72 13.16 -39.21
N THR U 507 -35.71 13.11 -40.53
CA THR U 507 -36.45 12.12 -41.31
C THR U 507 -36.33 10.61 -41.11
N ASN U 508 -35.32 10.12 -40.39
CA ASN U 508 -35.26 8.68 -40.18
C ASN U 508 -36.57 8.22 -39.54
N ARG U 509 -37.21 9.11 -38.78
CA ARG U 509 -38.47 8.75 -38.12
C ARG U 509 -39.61 8.49 -39.13
N TYR U 510 -39.56 9.12 -40.30
CA TYR U 510 -40.61 8.89 -41.29
C TYR U 510 -40.46 7.48 -41.87
N ALA U 511 -39.22 7.00 -41.93
CA ALA U 511 -38.95 5.65 -42.44
C ALA U 511 -39.42 4.61 -41.43
N LYS U 512 -39.14 4.88 -40.16
CA LYS U 512 -39.51 4.00 -39.06
C LYS U 512 -41.01 3.81 -38.87
N MET U 513 -41.78 4.87 -39.12
CA MET U 513 -43.23 4.81 -38.91
C MET U 513 -43.95 3.81 -39.79
N TYR U 514 -43.41 3.52 -40.96
CA TYR U 514 -44.06 2.60 -41.89
C TYR U 514 -44.23 1.18 -41.41
N THR U 515 -43.33 0.73 -40.54
CA THR U 515 -43.39 -0.63 -40.03
C THR U 515 -44.23 -0.81 -38.76
N HIS U 516 -44.82 0.28 -38.27
CA HIS U 516 -45.63 0.18 -37.06
C HIS U 516 -46.87 -0.68 -37.35
N ASP U 517 -47.18 -1.63 -36.48
CA ASP U 517 -48.32 -2.50 -36.74
C ASP U 517 -49.69 -1.84 -36.66
N SER U 518 -49.74 -0.57 -36.26
CA SER U 518 -51.02 0.14 -36.19
C SER U 518 -51.46 0.46 -37.61
N LEU U 519 -50.48 0.61 -38.51
CA LEU U 519 -50.74 0.91 -39.92
C LEU U 519 -51.13 -0.36 -40.66
N GLU U 520 -52.42 -0.55 -40.86
CA GLU U 520 -52.93 -1.73 -41.54
C GLU U 520 -52.76 -1.70 -43.06
N PHE U 521 -52.71 -0.50 -43.63
CA PHE U 521 -52.60 -0.39 -45.08
C PHE U 521 -51.97 0.93 -45.53
N VAL U 522 -51.08 0.83 -46.51
CA VAL U 522 -50.40 2.00 -47.06
C VAL U 522 -50.48 1.99 -48.58
N VAL U 523 -51.02 3.07 -49.15
CA VAL U 523 -51.13 3.20 -50.60
C VAL U 523 -50.33 4.41 -51.02
N SER U 524 -49.60 4.28 -52.11
CA SER U 524 -48.82 5.38 -52.62
C SER U 524 -49.23 5.68 -54.06
N GLN U 525 -49.72 6.89 -54.28
CA GLN U 525 -50.14 7.33 -55.61
C GLN U 525 -49.05 8.33 -56.03
N SER U 526 -48.10 7.86 -56.82
CA SER U 526 -46.99 8.71 -57.22
C SER U 526 -46.58 8.54 -58.69
N ILE U 527 -45.61 9.34 -59.11
CA ILE U 527 -45.12 9.30 -60.49
C ILE U 527 -43.84 8.48 -60.63
N TRP U 528 -42.89 8.70 -59.73
CA TRP U 528 -41.60 8.00 -59.78
C TRP U 528 -41.40 7.04 -58.62
N PHE U 529 -40.67 5.96 -58.86
CA PHE U 529 -40.38 4.98 -57.82
C PHE U 529 -39.16 5.47 -57.06
N GLU U 530 -39.40 6.28 -56.02
CA GLU U 530 -38.32 6.87 -55.23
C GLU U 530 -38.81 7.27 -53.84
N GLY U 531 -37.89 7.75 -53.02
CA GLY U 531 -38.22 8.21 -51.68
C GLY U 531 -38.95 7.23 -50.78
N GLU U 532 -40.18 7.59 -50.43
CA GLU U 532 -41.04 6.79 -49.55
C GLU U 532 -41.85 5.72 -50.29
N VAL U 533 -41.96 5.84 -51.61
CA VAL U 533 -42.75 4.90 -52.38
C VAL U 533 -42.47 3.42 -52.09
N PRO U 534 -41.19 3.03 -51.89
CA PRO U 534 -40.87 1.63 -51.62
C PRO U 534 -41.29 1.08 -50.26
N PHE U 535 -42.12 1.83 -49.53
CA PHE U 535 -42.60 1.37 -48.23
C PHE U 535 -44.08 0.99 -48.33
N ALA U 536 -44.71 1.37 -49.45
CA ALA U 536 -46.13 1.12 -49.67
C ALA U 536 -46.54 -0.32 -49.97
N ASP U 537 -47.80 -0.64 -49.66
CA ASP U 537 -48.34 -1.97 -49.93
C ASP U 537 -48.86 -2.03 -51.35
N ILE U 538 -49.42 -0.91 -51.81
CA ILE U 538 -49.96 -0.79 -53.15
C ILE U 538 -49.48 0.53 -53.74
N ILE U 539 -48.94 0.48 -54.96
CA ILE U 539 -48.43 1.67 -55.63
C ILE U 539 -49.24 1.91 -56.91
N LEU U 540 -49.72 3.13 -57.08
CA LEU U 540 -50.51 3.51 -58.26
C LEU U 540 -49.75 4.56 -59.05
N PRO U 541 -49.48 4.30 -60.34
CA PRO U 541 -48.75 5.19 -61.26
C PRO U 541 -49.52 6.38 -61.83
N ALA U 542 -49.14 7.59 -61.44
CA ALA U 542 -49.76 8.80 -61.97
C ALA U 542 -48.82 9.29 -63.08
N CYS U 543 -49.30 10.18 -63.94
CA CYS U 543 -48.48 10.71 -65.02
C CYS U 543 -48.11 12.18 -64.79
N THR U 544 -47.23 12.71 -65.64
CA THR U 544 -46.82 14.10 -65.55
C THR U 544 -47.85 14.96 -66.27
N ASN U 545 -47.72 16.28 -66.15
CA ASN U 545 -48.65 17.20 -66.79
C ASN U 545 -48.50 17.21 -68.32
N PHE U 546 -47.43 16.62 -68.82
CA PHE U 546 -47.23 16.57 -70.27
C PHE U 546 -48.01 15.42 -70.90
N GLU U 547 -48.58 14.58 -70.05
CA GLU U 547 -49.35 13.42 -70.51
C GLU U 547 -50.84 13.58 -70.20
N ARG U 548 -51.28 14.81 -70.00
CA ARG U 548 -52.68 15.09 -69.72
C ARG U 548 -52.99 16.55 -70.05
N TRP U 549 -54.29 16.88 -70.09
CA TRP U 549 -54.71 18.23 -70.40
C TRP U 549 -54.89 19.10 -69.17
N ASP U 550 -54.52 20.37 -69.28
CA ASP U 550 -54.69 21.29 -68.17
C ASP U 550 -54.53 22.72 -68.64
N ILE U 551 -54.62 23.65 -67.70
CA ILE U 551 -54.48 25.06 -68.01
C ILE U 551 -53.87 25.74 -66.79
N SER U 552 -53.07 26.76 -67.03
CA SER U 552 -52.42 27.48 -65.93
C SER U 552 -51.87 28.80 -66.42
N GLU U 553 -51.37 29.59 -65.48
CA GLU U 553 -50.75 30.88 -65.79
C GLU U 553 -49.34 30.86 -65.22
N PHE U 554 -48.41 31.44 -65.96
CA PHE U 554 -47.01 31.52 -65.56
C PHE U 554 -46.82 31.93 -64.10
N ALA U 555 -46.36 31.00 -63.27
CA ALA U 555 -46.08 31.24 -61.85
C ALA U 555 -47.26 31.68 -60.98
N ASN U 556 -48.47 31.58 -61.50
CA ASN U 556 -49.64 32.02 -60.73
C ASN U 556 -50.11 31.03 -59.67
N CYS U 557 -49.80 31.35 -58.41
CA CYS U 557 -50.20 30.52 -57.27
C CYS U 557 -51.43 31.19 -56.64
N SER U 558 -51.33 32.50 -56.45
CA SER U 558 -52.40 33.30 -55.85
C SER U 558 -52.69 32.79 -54.44
N GLY U 559 -53.92 32.97 -53.98
CA GLY U 559 -54.28 32.51 -52.65
C GLY U 559 -53.46 33.21 -51.57
N TYR U 560 -52.61 32.45 -50.87
CA TYR U 560 -51.78 33.02 -49.82
C TYR U 560 -50.64 33.86 -50.39
N ILE U 561 -50.60 33.99 -51.71
CA ILE U 561 -49.60 34.85 -52.37
C ILE U 561 -50.38 35.54 -53.47
N PRO U 562 -51.32 36.43 -53.09
CA PRO U 562 -52.14 37.17 -54.06
C PRO U 562 -51.33 37.86 -55.15
N ASP U 563 -51.77 37.66 -56.39
CA ASP U 563 -51.14 38.28 -57.56
C ASP U 563 -49.64 38.06 -57.66
N ASN U 564 -49.19 36.84 -57.37
CA ASN U 564 -47.76 36.58 -57.44
C ASN U 564 -47.27 36.36 -58.86
N TYR U 565 -48.18 36.50 -59.83
CA TYR U 565 -47.76 36.37 -61.23
C TYR U 565 -46.89 37.59 -61.55
N GLN U 566 -46.88 38.58 -60.64
CA GLN U 566 -46.08 39.79 -60.82
C GLN U 566 -44.59 39.49 -60.70
N LEU U 567 -44.27 38.20 -60.57
CA LEU U 567 -42.89 37.74 -60.49
C LEU U 567 -42.33 37.66 -61.91
N CYS U 568 -43.25 37.58 -62.88
CA CYS U 568 -42.88 37.46 -64.29
C CYS U 568 -42.92 38.79 -65.05
N ASN U 569 -42.24 38.81 -66.19
CA ASN U 569 -42.20 40.00 -67.03
C ASN U 569 -43.50 40.17 -67.82
N HIS U 570 -44.28 39.09 -67.92
CA HIS U 570 -45.56 39.12 -68.62
C HIS U 570 -46.50 38.11 -67.99
N ARG U 571 -47.80 38.36 -68.11
CA ARG U 571 -48.76 37.41 -67.61
C ARG U 571 -49.02 36.51 -68.80
N VAL U 572 -48.62 35.25 -68.67
CA VAL U 572 -48.79 34.31 -69.76
C VAL U 572 -49.68 33.17 -69.32
N ILE U 573 -50.82 33.07 -69.98
CA ILE U 573 -51.78 32.02 -69.68
C ILE U 573 -51.62 31.02 -70.80
N SER U 574 -51.42 29.76 -70.46
CA SER U 574 -51.24 28.77 -71.50
C SER U 574 -52.02 27.49 -71.30
N LEU U 575 -52.32 26.85 -72.42
CA LEU U 575 -53.01 25.58 -72.42
C LEU U 575 -51.93 24.54 -72.26
N GLN U 576 -52.09 23.65 -71.28
CA GLN U 576 -51.12 22.58 -71.11
C GLN U 576 -51.65 21.43 -71.93
N ALA U 577 -51.19 21.34 -73.17
CA ALA U 577 -51.63 20.32 -74.10
C ALA U 577 -51.08 18.93 -73.78
N LYS U 578 -51.92 17.92 -74.00
CA LYS U 578 -51.51 16.55 -73.78
C LYS U 578 -50.58 16.26 -74.94
N CYS U 579 -49.28 16.44 -74.71
CA CYS U 579 -48.27 16.23 -75.73
C CYS U 579 -48.08 14.78 -76.15
N ILE U 580 -48.17 13.87 -75.20
CA ILE U 580 -47.99 12.44 -75.47
C ILE U 580 -48.93 11.59 -74.63
N GLU U 581 -49.07 10.34 -75.00
CA GLU U 581 -49.92 9.41 -74.25
C GLU U 581 -49.18 9.07 -72.96
N PRO U 582 -49.91 8.85 -71.86
CA PRO U 582 -49.26 8.51 -70.59
C PRO U 582 -48.23 7.39 -70.76
N VAL U 583 -47.05 7.60 -70.16
CA VAL U 583 -45.97 6.61 -70.23
C VAL U 583 -46.30 5.36 -69.42
N GLY U 584 -46.00 4.20 -69.98
CA GLY U 584 -46.29 2.96 -69.29
C GLY U 584 -47.79 2.79 -69.07
N GLU U 585 -48.16 2.26 -67.92
CA GLU U 585 -49.57 2.05 -67.59
C GLU U 585 -50.03 3.14 -66.61
N SER U 586 -49.42 4.32 -66.69
CA SER U 586 -49.78 5.39 -65.78
C SER U 586 -51.01 6.14 -66.28
N MET U 587 -51.63 6.91 -65.38
CA MET U 587 -52.80 7.69 -65.76
C MET U 587 -52.90 8.94 -64.90
N SER U 588 -53.61 9.95 -65.39
CA SER U 588 -53.77 11.20 -64.67
C SER U 588 -54.41 10.94 -63.32
N ASP U 589 -54.07 11.78 -62.34
CA ASP U 589 -54.63 11.61 -61.01
C ASP U 589 -56.17 11.71 -61.10
N TYR U 590 -56.66 12.58 -61.97
CA TYR U 590 -58.11 12.74 -62.13
C TYR U 590 -58.77 11.46 -62.59
N GLU U 591 -58.16 10.77 -63.56
CA GLU U 591 -58.73 9.52 -64.06
C GLU U 591 -58.63 8.43 -63.01
N ILE U 592 -57.59 8.48 -62.18
CA ILE U 592 -57.42 7.49 -61.12
C ILE U 592 -58.57 7.65 -60.13
N TYR U 593 -58.86 8.90 -59.77
CA TYR U 593 -59.94 9.18 -58.83
C TYR U 593 -61.31 8.90 -59.45
N ARG U 594 -61.41 9.06 -60.76
CA ARG U 594 -62.67 8.80 -61.43
C ARG U 594 -62.95 7.31 -61.37
N LEU U 595 -61.88 6.52 -61.50
CA LEU U 595 -61.99 5.07 -61.43
C LEU U 595 -62.42 4.68 -60.03
N PHE U 596 -61.78 5.28 -59.03
CA PHE U 596 -62.13 5.01 -57.64
C PHE U 596 -63.57 5.45 -57.35
N ALA U 597 -63.94 6.63 -57.86
CA ALA U 597 -65.28 7.17 -57.65
C ALA U 597 -66.31 6.16 -58.12
N LYS U 598 -66.06 5.58 -59.29
CA LYS U 598 -66.96 4.60 -59.86
C LYS U 598 -67.10 3.40 -58.93
N LYS U 599 -66.00 2.88 -58.44
CA LYS U 599 -66.06 1.72 -57.54
C LYS U 599 -66.59 2.06 -56.15
N LEU U 600 -66.62 3.35 -55.84
CA LEU U 600 -67.12 3.80 -54.54
C LEU U 600 -68.57 4.29 -54.68
N ASN U 601 -69.11 4.15 -55.89
CA ASN U 601 -70.48 4.53 -56.21
C ASN U 601 -70.76 6.03 -56.07
N ILE U 602 -69.79 6.85 -56.46
CA ILE U 602 -69.94 8.30 -56.37
C ILE U 602 -69.37 8.99 -57.62
N GLU U 603 -69.25 8.23 -58.71
CA GLU U 603 -68.70 8.78 -59.94
C GLU U 603 -69.41 10.02 -60.46
N GLU U 604 -70.74 10.01 -60.41
CA GLU U 604 -71.53 11.15 -60.89
C GLU U 604 -71.25 12.41 -60.08
N MET U 605 -71.22 12.29 -58.76
CA MET U 605 -70.97 13.44 -57.90
C MET U 605 -69.55 13.99 -58.10
N PHE U 606 -68.59 13.09 -58.29
CA PHE U 606 -67.20 13.51 -58.48
C PHE U 606 -66.88 14.11 -59.84
N SER U 607 -67.19 13.37 -60.91
CA SER U 607 -66.89 13.81 -62.25
C SER U 607 -67.90 14.77 -62.86
N GLU U 608 -69.17 14.61 -62.51
CA GLU U 608 -70.25 15.42 -63.08
C GLU U 608 -70.27 15.14 -64.58
N GLY U 609 -69.82 13.93 -64.94
CA GLY U 609 -69.78 13.52 -66.34
C GLY U 609 -68.71 14.18 -67.18
N LYS U 610 -67.78 14.87 -66.54
CA LYS U 610 -66.73 15.58 -67.27
C LYS U 610 -65.34 14.96 -67.18
N ASP U 611 -64.58 15.07 -68.27
CA ASP U 611 -63.21 14.60 -68.26
C ASP U 611 -62.38 15.85 -68.04
N GLU U 612 -61.07 15.71 -67.93
CA GLU U 612 -60.21 16.85 -67.68
C GLU U 612 -60.42 18.06 -68.60
N LEU U 613 -60.47 17.83 -69.90
CA LEU U 613 -60.65 18.93 -70.85
C LEU U 613 -61.99 19.66 -70.66
N ALA U 614 -63.01 18.92 -70.21
CA ALA U 614 -64.33 19.52 -69.97
C ALA U 614 -64.24 20.47 -68.76
N TRP U 615 -63.53 20.03 -67.73
CA TRP U 615 -63.38 20.87 -66.55
C TRP U 615 -62.55 22.10 -66.94
N CYS U 616 -61.54 21.89 -67.78
CA CYS U 616 -60.69 23.00 -68.22
C CYS U 616 -61.48 24.09 -68.93
N GLU U 617 -62.45 23.71 -69.74
CA GLU U 617 -63.25 24.70 -70.45
C GLU U 617 -64.12 25.48 -69.47
N GLN U 618 -64.70 24.76 -68.51
CA GLN U 618 -65.55 25.39 -67.51
C GLN U 618 -64.70 26.34 -66.65
N TYR U 619 -63.47 25.92 -66.38
CA TYR U 619 -62.52 26.72 -65.59
C TYR U 619 -62.24 28.02 -66.36
N PHE U 620 -61.86 27.86 -67.62
CA PHE U 620 -61.57 28.98 -68.52
C PHE U 620 -62.70 30.02 -68.50
N ASN U 621 -63.94 29.56 -68.63
CA ASN U 621 -65.08 30.46 -68.64
C ASN U 621 -65.37 31.16 -67.31
N ALA U 622 -64.73 30.70 -66.24
CA ALA U 622 -64.92 31.31 -64.93
C ALA U 622 -63.88 32.40 -64.68
N THR U 623 -63.02 32.63 -65.67
CA THR U 623 -61.98 33.64 -65.55
C THR U 623 -62.32 34.84 -66.43
N ASP U 624 -61.38 35.77 -66.56
CA ASP U 624 -61.60 36.96 -67.39
C ASP U 624 -61.18 36.74 -68.84
N MET U 625 -60.60 35.58 -69.13
CA MET U 625 -60.16 35.26 -70.48
C MET U 625 -61.23 35.47 -71.55
N PRO U 626 -62.48 35.07 -71.27
CA PRO U 626 -63.54 35.23 -72.26
C PRO U 626 -63.64 36.65 -72.84
N LYS U 627 -63.05 37.61 -72.14
CA LYS U 627 -63.07 38.99 -72.60
C LYS U 627 -62.15 39.20 -73.79
N TYR U 628 -61.14 38.35 -73.92
CA TYR U 628 -60.19 38.48 -75.03
C TYR U 628 -60.36 37.42 -76.10
N MET U 629 -60.72 36.21 -75.70
CA MET U 629 -60.93 35.15 -76.67
C MET U 629 -61.79 34.03 -76.12
N THR U 630 -62.34 33.23 -77.02
CA THR U 630 -63.19 32.11 -76.63
C THR U 630 -62.31 30.91 -76.28
N TRP U 631 -62.91 29.89 -75.70
CA TRP U 631 -62.17 28.69 -75.34
C TRP U 631 -61.57 28.05 -76.58
N ASP U 632 -62.35 27.97 -77.64
CA ASP U 632 -61.89 27.37 -78.88
C ASP U 632 -60.71 28.13 -79.50
N GLU U 633 -60.76 29.46 -79.45
CA GLU U 633 -59.67 30.27 -79.98
C GLU U 633 -58.42 30.06 -79.12
N PHE U 634 -58.61 30.02 -77.81
CA PHE U 634 -57.50 29.83 -76.88
C PHE U 634 -56.88 28.45 -77.07
N PHE U 635 -57.74 27.45 -77.22
CA PHE U 635 -57.29 26.08 -77.40
C PHE U 635 -56.39 25.97 -78.64
N LYS U 636 -56.79 26.68 -79.70
CA LYS U 636 -56.06 26.68 -80.95
C LYS U 636 -54.73 27.42 -80.87
N LYS U 637 -54.72 28.56 -80.18
CA LYS U 637 -53.48 29.33 -80.06
C LYS U 637 -52.52 28.66 -79.08
N GLY U 638 -53.05 28.16 -77.97
CA GLY U 638 -52.20 27.49 -77.00
C GLY U 638 -51.72 28.34 -75.83
N TYR U 639 -51.54 29.63 -76.07
CA TYR U 639 -51.08 30.53 -75.02
C TYR U 639 -51.54 31.94 -75.34
N PHE U 640 -51.67 32.76 -74.28
CA PHE U 640 -52.11 34.14 -74.43
C PHE U 640 -51.31 35.08 -73.53
N VAL U 641 -50.80 36.15 -74.12
CA VAL U 641 -50.04 37.15 -73.37
C VAL U 641 -51.00 38.27 -72.98
N VAL U 642 -51.26 38.41 -71.68
CA VAL U 642 -52.19 39.44 -71.22
C VAL U 642 -51.65 40.84 -71.56
N PRO U 643 -52.51 41.70 -72.10
CA PRO U 643 -52.13 43.07 -72.48
C PRO U 643 -51.71 43.92 -71.29
N ASP U 644 -50.96 44.97 -71.59
CA ASP U 644 -50.50 45.90 -70.56
C ASP U 644 -51.68 46.81 -70.22
N ASN U 645 -51.66 47.42 -69.03
CA ASN U 645 -52.72 48.33 -68.61
C ASN U 645 -51.99 49.60 -68.17
N PRO U 646 -51.42 50.34 -69.14
CA PRO U 646 -50.67 51.58 -68.95
C PRO U 646 -51.29 52.66 -68.07
N ASN U 647 -52.61 52.83 -68.17
CA ASN U 647 -53.29 53.88 -67.42
C ASN U 647 -53.74 53.63 -65.98
N ARG U 648 -53.75 52.38 -65.53
CA ARG U 648 -54.19 52.12 -64.16
C ARG U 648 -53.26 52.87 -63.20
N LYS U 649 -53.82 53.43 -62.13
CA LYS U 649 -53.02 54.15 -61.15
C LYS U 649 -52.10 53.18 -60.41
N LYS U 650 -50.86 53.61 -60.19
CA LYS U 650 -49.89 52.76 -59.50
C LYS U 650 -50.03 52.88 -57.98
N THR U 651 -50.13 51.74 -57.32
CA THR U 651 -50.26 51.70 -55.87
C THR U 651 -49.12 50.86 -55.28
N VAL U 652 -48.09 51.54 -54.81
CA VAL U 652 -46.92 50.88 -54.24
C VAL U 652 -47.20 50.23 -52.88
N ALA U 653 -46.69 49.02 -52.72
CA ALA U 653 -46.85 48.26 -51.47
C ALA U 653 -46.59 49.12 -50.24
N LEU U 654 -47.53 49.07 -49.30
CA LEU U 654 -47.45 49.78 -48.04
C LEU U 654 -47.36 51.31 -48.07
N ARG U 655 -47.53 51.94 -49.23
CA ARG U 655 -47.45 53.39 -49.25
C ARG U 655 -48.66 54.00 -48.55
N TRP U 656 -49.81 53.35 -48.68
CA TRP U 656 -51.02 53.83 -48.00
C TRP U 656 -50.78 53.86 -46.50
N PHE U 657 -50.06 52.85 -46.01
CA PHE U 657 -49.73 52.74 -44.59
C PHE U 657 -48.73 53.83 -44.20
N ALA U 658 -47.72 54.02 -45.04
CA ALA U 658 -46.70 55.03 -44.77
C ALA U 658 -47.34 56.42 -44.72
N GLU U 659 -48.34 56.65 -45.56
CA GLU U 659 -49.00 57.95 -45.61
C GLU U 659 -50.24 58.04 -44.72
N GLY U 660 -50.45 57.00 -43.91
CA GLY U 660 -51.59 57.00 -43.01
C GLY U 660 -52.97 57.17 -43.63
N ARG U 661 -53.17 56.65 -44.84
CA ARG U 661 -54.48 56.73 -45.48
C ARG U 661 -55.05 55.33 -45.70
N GLU U 662 -56.22 55.25 -46.32
CA GLU U 662 -56.87 53.96 -46.55
C GLU U 662 -56.10 53.05 -47.48
N LYS U 663 -56.13 51.75 -47.16
CA LYS U 663 -55.46 50.74 -47.96
C LYS U 663 -56.01 50.89 -49.39
N ASP U 664 -55.13 50.99 -50.38
CA ASP U 664 -55.56 51.17 -51.76
C ASP U 664 -54.99 50.20 -52.78
N THR U 665 -54.31 49.16 -52.30
CA THR U 665 -53.71 48.17 -53.20
C THR U 665 -54.69 47.05 -53.51
N PRO U 666 -54.30 46.11 -54.40
CA PRO U 666 -55.17 44.99 -54.73
C PRO U 666 -55.03 43.84 -53.73
N ASP U 667 -54.29 44.07 -52.65
CA ASP U 667 -54.07 43.03 -51.65
C ASP U 667 -55.38 42.47 -51.11
N TRP U 668 -55.35 41.21 -50.68
CA TRP U 668 -56.54 40.53 -50.15
C TRP U 668 -56.79 40.82 -48.69
N GLY U 669 -56.07 41.79 -48.14
CA GLY U 669 -56.26 42.14 -46.75
C GLY U 669 -55.66 43.51 -46.48
N PRO U 670 -55.82 44.04 -45.26
CA PRO U 670 -56.53 43.35 -44.18
C PRO U 670 -58.04 43.44 -44.34
N ARG U 671 -58.76 42.51 -43.71
CA ARG U 671 -60.21 42.53 -43.77
C ARG U 671 -60.70 43.76 -43.02
N LEU U 672 -61.82 44.31 -43.45
CA LEU U 672 -62.39 45.51 -42.84
C LEU U 672 -62.52 45.47 -41.31
N ASN U 673 -62.87 44.31 -40.77
CA ASN U 673 -63.04 44.21 -39.32
C ASN U 673 -61.70 44.27 -38.57
N ASN U 674 -60.60 44.12 -39.29
CA ASN U 674 -59.28 44.17 -38.66
C ASN U 674 -58.64 45.54 -38.83
N GLN U 675 -59.48 46.52 -39.16
CA GLN U 675 -59.02 47.90 -39.33
C GLN U 675 -60.05 48.89 -38.78
N VAL U 676 -59.61 50.13 -38.59
CA VAL U 676 -60.50 51.19 -38.15
C VAL U 676 -60.52 52.14 -39.33
N CYS U 677 -61.69 52.30 -39.95
CA CYS U 677 -61.87 53.17 -41.11
C CYS U 677 -60.92 52.76 -42.23
N ARG U 678 -60.71 51.46 -42.34
CA ARG U 678 -59.83 50.83 -43.31
C ARG U 678 -58.45 51.46 -43.46
N LYS U 679 -57.88 51.84 -42.32
CA LYS U 679 -56.55 52.41 -42.24
C LYS U 679 -55.79 51.52 -41.27
N GLY U 680 -54.47 51.43 -41.46
CA GLY U 680 -53.65 50.63 -40.56
C GLY U 680 -53.51 49.16 -40.91
N LEU U 681 -52.59 48.51 -40.19
CA LEU U 681 -52.33 47.09 -40.38
C LEU U 681 -53.40 46.27 -39.67
N GLN U 682 -53.35 44.95 -39.90
CA GLN U 682 -54.30 44.02 -39.31
C GLN U 682 -54.16 43.88 -37.79
N THR U 683 -53.00 44.26 -37.27
CA THR U 683 -52.76 44.19 -35.83
C THR U 683 -53.83 44.99 -35.08
N THR U 684 -53.98 44.71 -33.79
CA THR U 684 -54.95 45.41 -32.97
C THR U 684 -54.79 46.94 -33.07
N THR U 685 -53.57 47.41 -32.80
CA THR U 685 -53.30 48.85 -32.84
C THR U 685 -53.25 49.43 -34.25
N GLY U 686 -53.15 48.57 -35.25
CA GLY U 686 -53.06 49.02 -36.63
C GLY U 686 -51.64 49.44 -36.95
N LYS U 687 -50.73 49.24 -36.00
CA LYS U 687 -49.33 49.60 -36.18
C LYS U 687 -48.41 48.38 -36.11
N VAL U 688 -47.13 48.61 -36.39
CA VAL U 688 -46.12 47.56 -36.31
C VAL U 688 -45.89 47.39 -34.81
N GLU U 689 -46.19 46.20 -34.29
CA GLU U 689 -46.07 45.94 -32.86
C GLU U 689 -44.81 45.24 -32.40
N PHE U 690 -43.86 46.03 -31.89
CA PHE U 690 -42.59 45.51 -31.40
C PHE U 690 -42.81 44.67 -30.14
N ILE U 691 -43.97 44.87 -29.53
CA ILE U 691 -44.42 44.09 -28.38
C ILE U 691 -45.79 43.67 -28.91
N ALA U 692 -45.88 42.44 -29.40
CA ALA U 692 -47.11 41.92 -30.00
C ALA U 692 -48.27 41.77 -29.02
N THR U 693 -49.36 42.47 -29.31
CA THR U 693 -50.53 42.40 -28.46
C THR U 693 -51.13 41.00 -28.45
N SER U 694 -51.12 40.32 -29.60
CA SER U 694 -51.67 38.97 -29.68
C SER U 694 -50.89 38.02 -28.76
N LEU U 695 -49.56 38.05 -28.87
CA LEU U 695 -48.72 37.18 -28.05
C LEU U 695 -48.79 37.56 -26.58
N LYS U 696 -49.00 38.83 -26.29
CA LYS U 696 -49.09 39.27 -24.90
C LYS U 696 -50.34 38.66 -24.27
N ASN U 697 -51.45 38.64 -25.02
CA ASN U 697 -52.69 38.04 -24.52
C ASN U 697 -52.41 36.56 -24.24
N PHE U 698 -51.78 35.91 -25.22
CA PHE U 698 -51.43 34.49 -25.17
C PHE U 698 -50.62 34.14 -23.92
N GLU U 699 -49.59 34.92 -23.62
CA GLU U 699 -48.79 34.64 -22.43
C GLU U 699 -49.56 34.95 -21.14
N GLU U 700 -50.36 36.01 -21.14
CA GLU U 700 -51.13 36.36 -19.95
C GLU U 700 -52.21 35.29 -19.73
N GLN U 701 -52.54 34.55 -20.78
CA GLN U 701 -53.53 33.48 -20.71
C GLN U 701 -52.86 32.22 -20.15
N GLY U 702 -51.56 32.32 -19.90
CA GLY U 702 -50.83 31.19 -19.32
C GLY U 702 -49.95 30.39 -20.26
N TYR U 703 -49.89 30.78 -21.53
CA TYR U 703 -49.07 30.06 -22.50
C TYR U 703 -47.67 30.64 -22.61
N ILE U 704 -46.85 30.40 -21.59
CA ILE U 704 -45.49 30.91 -21.57
C ILE U 704 -44.62 30.16 -22.58
N ASP U 705 -43.99 30.91 -23.48
CA ASP U 705 -43.12 30.34 -24.52
C ASP U 705 -41.81 31.13 -24.58
N GLU U 706 -40.78 30.62 -23.93
CA GLU U 706 -39.50 31.29 -23.89
C GLU U 706 -38.92 31.63 -25.26
N HIS U 707 -39.11 30.74 -26.23
CA HIS U 707 -38.56 30.98 -27.56
C HIS U 707 -39.46 31.78 -28.49
N ARG U 708 -40.54 32.34 -27.94
CA ARG U 708 -41.43 33.18 -28.72
C ARG U 708 -42.00 34.25 -27.80
N PRO U 709 -41.14 35.18 -27.36
CA PRO U 709 -41.55 36.28 -26.48
C PRO U 709 -42.44 37.30 -27.17
N SER U 710 -43.32 37.94 -26.41
CA SER U 710 -44.22 38.94 -26.97
C SER U 710 -43.43 40.10 -27.58
N MET U 711 -42.26 40.40 -27.02
CA MET U 711 -41.42 41.48 -27.54
C MET U 711 -40.29 40.89 -28.37
N HIS U 712 -40.05 41.46 -29.56
CA HIS U 712 -38.96 41.01 -30.43
C HIS U 712 -37.65 41.24 -29.68
N THR U 713 -36.98 40.16 -29.32
CA THR U 713 -35.73 40.25 -28.58
C THR U 713 -34.71 39.27 -29.13
N TYR U 714 -33.51 39.28 -28.57
CA TYR U 714 -32.49 38.35 -29.04
C TYR U 714 -32.60 37.02 -28.31
N VAL U 715 -33.42 36.13 -28.84
CA VAL U 715 -33.55 34.82 -28.25
C VAL U 715 -32.47 33.99 -28.95
N PRO U 716 -31.50 33.47 -28.19
CA PRO U 716 -30.44 32.68 -28.82
C PRO U 716 -31.06 31.47 -29.53
N ALA U 717 -30.65 31.21 -30.76
CA ALA U 717 -31.19 30.07 -31.52
C ALA U 717 -30.88 28.78 -30.76
N TRP U 718 -31.90 27.96 -30.48
CA TRP U 718 -31.65 26.73 -29.73
C TRP U 718 -30.76 25.69 -30.41
N GLU U 719 -30.46 25.90 -31.69
CA GLU U 719 -29.54 25.00 -32.38
C GLU U 719 -28.54 25.89 -33.11
N SER U 720 -27.68 26.53 -32.33
CA SER U 720 -26.64 27.42 -32.85
C SER U 720 -25.32 26.95 -32.23
N GLN U 721 -24.21 27.41 -32.80
CA GLN U 721 -22.91 26.98 -32.30
C GLN U 721 -22.45 27.49 -30.94
N LYS U 722 -22.94 28.63 -30.48
CA LYS U 722 -22.47 29.09 -29.18
C LYS U 722 -23.46 28.96 -28.04
N HIS U 723 -24.70 28.58 -28.35
CA HIS U 723 -25.72 28.46 -27.30
C HIS U 723 -26.27 27.05 -27.09
N SER U 724 -26.10 26.17 -28.07
CA SER U 724 -26.61 24.81 -27.97
C SER U 724 -25.64 23.82 -27.32
N PRO U 725 -26.14 22.97 -26.41
CA PRO U 725 -25.33 21.96 -25.73
C PRO U 725 -24.79 20.94 -26.74
N LEU U 726 -25.49 20.84 -27.86
CA LEU U 726 -25.12 19.90 -28.94
C LEU U 726 -23.85 20.35 -29.67
N ALA U 727 -23.58 21.64 -29.65
CA ALA U 727 -22.41 22.19 -30.33
C ALA U 727 -21.09 21.64 -29.81
N VAL U 728 -21.09 21.19 -28.57
CA VAL U 728 -19.91 20.62 -27.95
C VAL U 728 -19.47 19.38 -28.73
N LYS U 729 -20.44 18.58 -29.14
CA LYS U 729 -20.17 17.34 -29.90
C LYS U 729 -20.18 17.57 -31.41
N TYR U 730 -21.07 18.44 -31.87
CA TYR U 730 -21.22 18.74 -33.28
C TYR U 730 -21.00 20.24 -33.51
N PRO U 731 -19.73 20.62 -33.73
CA PRO U 731 -19.26 22.00 -33.96
C PRO U 731 -19.58 22.72 -35.27
N LEU U 732 -19.90 21.97 -36.33
CA LEU U 732 -20.20 22.62 -37.61
C LEU U 732 -21.66 23.01 -37.75
N GLY U 733 -21.88 24.23 -38.22
CA GLY U 733 -23.24 24.71 -38.41
C GLY U 733 -23.64 24.45 -39.85
N MET U 734 -24.76 23.76 -40.05
CA MET U 734 -25.21 23.46 -41.39
C MET U 734 -26.53 24.12 -41.75
N LEU U 735 -26.59 24.67 -42.97
CA LEU U 735 -27.81 25.26 -43.49
C LEU U 735 -28.09 24.39 -44.72
N SER U 736 -29.35 24.16 -45.03
CA SER U 736 -29.72 23.31 -46.15
C SER U 736 -30.88 23.88 -46.95
N PRO U 737 -30.62 24.95 -47.73
CA PRO U 737 -31.56 25.68 -48.59
C PRO U 737 -32.14 24.83 -49.72
N HIS U 738 -32.98 25.46 -50.54
CA HIS U 738 -33.62 24.76 -51.66
C HIS U 738 -32.64 24.44 -52.78
N PRO U 739 -32.75 23.22 -53.36
CA PRO U 739 -31.86 22.79 -54.44
C PRO U 739 -31.80 23.75 -55.61
N ARG U 740 -30.58 24.01 -56.05
CA ARG U 740 -30.32 24.90 -57.17
C ARG U 740 -30.83 24.32 -58.50
N PHE U 741 -30.53 23.05 -58.75
CA PHE U 741 -30.92 22.44 -60.01
C PHE U 741 -32.14 21.52 -59.97
N SER U 742 -33.05 21.79 -59.04
CA SER U 742 -34.25 20.97 -58.92
C SER U 742 -35.35 21.73 -58.18
N MET U 743 -36.61 21.41 -58.48
CA MET U 743 -37.73 22.03 -57.78
C MET U 743 -38.01 21.01 -56.69
N HIS U 744 -37.32 21.17 -55.58
CA HIS U 744 -37.39 20.23 -54.47
C HIS U 744 -37.03 18.86 -55.02
N THR U 745 -37.83 17.83 -54.80
CA THR U 745 -37.47 16.50 -55.30
C THR U 745 -37.69 16.32 -56.80
N MET U 746 -38.44 17.23 -57.41
CA MET U 746 -38.75 17.13 -58.83
C MET U 746 -37.64 17.67 -59.72
N GLY U 747 -36.71 16.77 -60.05
CA GLY U 747 -35.57 17.13 -60.88
C GLY U 747 -34.40 16.24 -60.52
N ASP U 748 -34.22 15.99 -59.23
CA ASP U 748 -33.13 15.13 -58.75
C ASP U 748 -33.46 13.66 -58.91
N GLY U 749 -32.42 12.83 -58.99
CA GLY U 749 -32.61 11.40 -59.14
C GLY U 749 -33.33 11.07 -60.43
N LYS U 750 -34.12 10.00 -60.40
CA LYS U 750 -34.89 9.57 -61.56
C LYS U 750 -34.02 9.37 -62.80
N ASN U 751 -32.70 9.26 -62.60
CA ASN U 751 -31.78 9.10 -63.71
C ASN U 751 -31.93 10.27 -64.70
N SER U 752 -32.33 11.44 -64.17
CA SER U 752 -32.53 12.62 -65.00
C SER U 752 -31.21 13.24 -65.43
N TYR U 753 -31.27 14.14 -66.42
CA TYR U 753 -30.08 14.80 -66.93
C TYR U 753 -29.44 15.74 -65.91
N MET U 754 -30.24 16.27 -64.97
CA MET U 754 -29.71 17.19 -63.98
C MET U 754 -28.64 16.54 -63.10
N ASN U 755 -28.64 15.22 -63.05
CA ASN U 755 -27.65 14.51 -62.24
C ASN U 755 -26.25 14.62 -62.82
N TYR U 756 -26.13 15.11 -64.06
CA TYR U 756 -24.82 15.26 -64.68
C TYR U 756 -24.25 16.66 -64.46
N ILE U 757 -25.03 17.52 -63.83
CA ILE U 757 -24.58 18.89 -63.55
C ILE U 757 -23.51 18.83 -62.47
N LYS U 758 -22.34 19.39 -62.76
CA LYS U 758 -21.20 19.39 -61.85
C LYS U 758 -21.51 19.80 -60.41
N ASP U 759 -22.28 20.86 -60.24
CA ASP U 759 -22.60 21.34 -58.89
C ASP U 759 -23.89 20.78 -58.32
N HIS U 760 -24.35 19.65 -58.86
CA HIS U 760 -25.55 19.00 -58.33
C HIS U 760 -25.15 17.70 -57.62
N ARG U 761 -24.51 16.80 -58.36
CA ARG U 761 -24.04 15.53 -57.82
C ARG U 761 -22.66 15.25 -58.39
N VAL U 762 -21.85 14.53 -57.62
CA VAL U 762 -20.49 14.18 -58.02
C VAL U 762 -20.38 12.66 -58.07
N GLU U 763 -19.98 12.14 -59.22
CA GLU U 763 -19.86 10.70 -59.37
C GLU U 763 -18.56 10.18 -58.79
N VAL U 764 -18.67 9.15 -57.96
CA VAL U 764 -17.52 8.53 -57.32
C VAL U 764 -17.74 7.02 -57.38
N ASP U 765 -16.84 6.30 -58.05
CA ASP U 765 -16.95 4.85 -58.18
C ASP U 765 -18.27 4.40 -58.78
N GLY U 766 -18.79 5.15 -59.75
CA GLY U 766 -20.03 4.78 -60.39
C GLY U 766 -21.31 5.28 -59.73
N TYR U 767 -21.20 5.89 -58.55
CA TYR U 767 -22.38 6.41 -57.87
C TYR U 767 -22.31 7.94 -57.82
N LYS U 768 -23.45 8.59 -58.08
CA LYS U 768 -23.50 10.04 -58.07
C LYS U 768 -23.95 10.54 -56.71
N TYR U 769 -23.00 11.03 -55.93
CA TYR U 769 -23.28 11.50 -54.57
C TYR U 769 -23.71 12.96 -54.46
N TRP U 770 -24.56 13.22 -53.47
CA TRP U 770 -25.06 14.55 -53.17
C TRP U 770 -23.87 15.35 -52.66
N ILE U 771 -23.91 16.66 -52.84
CA ILE U 771 -22.82 17.54 -52.45
C ILE U 771 -22.96 18.31 -51.14
N MET U 772 -21.84 18.44 -50.42
CA MET U 772 -21.80 19.23 -49.20
C MET U 772 -20.60 20.16 -49.36
N ARG U 773 -20.85 21.45 -49.20
CA ARG U 773 -19.81 22.46 -49.34
C ARG U 773 -19.14 22.70 -47.98
N VAL U 774 -17.82 22.71 -47.99
CA VAL U 774 -17.03 22.88 -46.78
C VAL U 774 -15.93 23.91 -47.00
N ASN U 775 -15.70 24.77 -46.02
CA ASN U 775 -14.64 25.78 -46.13
C ASN U 775 -13.30 25.07 -46.06
N SER U 776 -12.37 25.54 -46.87
CA SER U 776 -11.02 24.95 -46.94
C SER U 776 -10.36 24.72 -45.58
N ILE U 777 -10.59 25.61 -44.63
CA ILE U 777 -9.99 25.48 -43.31
C ILE U 777 -10.53 24.29 -42.53
N ASP U 778 -11.85 24.09 -42.58
CA ASP U 778 -12.47 22.98 -41.88
C ASP U 778 -12.17 21.65 -42.57
N ALA U 779 -12.04 21.70 -43.90
CA ALA U 779 -11.73 20.50 -44.67
C ALA U 779 -10.31 20.05 -44.37
N GLU U 780 -9.38 20.99 -44.40
CA GLU U 780 -7.97 20.69 -44.12
C GLU U 780 -7.80 20.13 -42.70
N ALA U 781 -8.54 20.69 -41.74
CA ALA U 781 -8.46 20.23 -40.36
C ALA U 781 -8.93 18.78 -40.18
N ARG U 782 -9.66 18.26 -41.17
CA ARG U 782 -10.16 16.90 -41.09
C ARG U 782 -9.55 16.01 -42.18
N GLY U 783 -8.53 16.51 -42.87
CA GLY U 783 -7.90 15.74 -43.92
C GLY U 783 -8.84 15.45 -45.07
N ILE U 784 -9.83 16.33 -45.26
CA ILE U 784 -10.81 16.17 -46.33
C ILE U 784 -10.42 16.97 -47.57
N LYS U 785 -10.41 16.31 -48.72
CA LYS U 785 -10.06 16.99 -49.95
C LYS U 785 -11.23 17.04 -50.92
N ASN U 786 -11.18 17.99 -51.84
CA ASN U 786 -12.25 18.14 -52.82
C ASN U 786 -12.51 16.82 -53.55
N GLY U 787 -13.76 16.37 -53.53
CA GLY U 787 -14.11 15.14 -54.20
C GLY U 787 -14.20 13.92 -53.30
N ASP U 788 -13.63 14.01 -52.09
CA ASP U 788 -13.67 12.88 -51.17
C ASP U 788 -15.07 12.62 -50.65
N LEU U 789 -15.35 11.36 -50.33
CA LEU U 789 -16.65 10.99 -49.77
C LEU U 789 -16.55 11.22 -48.28
N ILE U 790 -17.52 11.95 -47.74
CA ILE U 790 -17.52 12.24 -46.31
C ILE U 790 -18.81 11.79 -45.67
N ARG U 791 -18.80 11.73 -44.35
CA ARG U 791 -19.96 11.32 -43.57
C ARG U 791 -20.34 12.49 -42.66
N ALA U 792 -21.51 13.07 -42.89
CA ALA U 792 -22.01 14.17 -42.06
C ALA U 792 -22.94 13.50 -41.05
N TYR U 793 -22.79 13.83 -39.77
CA TYR U 793 -23.62 13.17 -38.77
C TYR U 793 -23.85 13.92 -37.47
N ASN U 794 -24.81 13.40 -36.70
CA ASN U 794 -25.17 13.90 -35.38
C ASN U 794 -26.03 12.79 -34.75
N ASP U 795 -26.76 13.10 -33.69
CA ASP U 795 -27.57 12.08 -33.04
C ASP U 795 -28.69 11.51 -33.91
N ARG U 796 -29.12 12.29 -34.89
CA ARG U 796 -30.24 11.90 -35.76
C ARG U 796 -29.93 10.92 -36.90
N GLY U 797 -28.68 10.90 -37.34
CA GLY U 797 -28.31 9.99 -38.41
C GLY U 797 -26.99 10.31 -39.08
N SER U 798 -26.74 9.62 -40.19
CA SER U 798 -25.52 9.82 -40.96
C SER U 798 -25.88 9.89 -42.44
N VAL U 799 -25.22 10.79 -43.15
CA VAL U 799 -25.45 10.94 -44.58
C VAL U 799 -24.10 10.96 -45.28
N ILE U 800 -23.97 10.18 -46.35
CA ILE U 800 -22.73 10.12 -47.11
C ILE U 800 -22.84 11.13 -48.25
N LEU U 801 -21.84 11.99 -48.35
CA LEU U 801 -21.84 13.04 -49.35
C LEU U 801 -20.47 13.23 -49.99
N ALA U 802 -20.46 13.95 -51.11
CA ALA U 802 -19.22 14.26 -51.82
C ALA U 802 -18.86 15.67 -51.38
N ALA U 803 -17.63 15.84 -50.91
CA ALA U 803 -17.18 17.14 -50.43
C ALA U 803 -16.76 18.09 -51.53
N GLN U 804 -17.16 19.35 -51.38
CA GLN U 804 -16.78 20.40 -52.33
C GLN U 804 -16.11 21.45 -51.46
N VAL U 805 -14.78 21.49 -51.49
CA VAL U 805 -14.03 22.45 -50.69
C VAL U 805 -14.18 23.81 -51.38
N THR U 806 -14.68 24.79 -50.63
CA THR U 806 -14.94 26.12 -51.16
C THR U 806 -14.52 27.25 -50.21
N GLU U 807 -14.62 28.48 -50.71
CA GLU U 807 -14.31 29.67 -49.92
C GLU U 807 -15.63 30.40 -49.66
N CYS U 808 -16.70 29.91 -50.28
CA CYS U 808 -18.02 30.52 -50.17
C CYS U 808 -18.78 30.28 -48.87
N LEU U 809 -18.04 30.01 -47.79
CA LEU U 809 -18.64 29.77 -46.47
C LEU U 809 -17.67 30.21 -45.38
N GLN U 810 -18.18 30.79 -44.30
CA GLN U 810 -17.29 31.17 -43.20
C GLN U 810 -16.84 29.87 -42.54
N PRO U 811 -15.56 29.78 -42.17
CA PRO U 811 -15.06 28.56 -41.53
C PRO U 811 -15.97 28.17 -40.37
N GLY U 812 -16.32 26.88 -40.30
CA GLY U 812 -17.20 26.41 -39.25
C GLY U 812 -18.63 26.23 -39.72
N THR U 813 -18.89 26.62 -40.97
CA THR U 813 -20.23 26.50 -41.55
C THR U 813 -20.19 25.59 -42.77
N VAL U 814 -21.13 24.64 -42.86
CA VAL U 814 -21.19 23.76 -44.02
C VAL U 814 -22.54 23.97 -44.71
N HIS U 815 -22.61 23.61 -45.99
CA HIS U 815 -23.83 23.81 -46.76
C HIS U 815 -24.14 22.60 -47.64
N SER U 816 -25.41 22.20 -47.66
CA SER U 816 -25.86 21.08 -48.48
C SER U 816 -27.36 21.27 -48.72
N TYR U 817 -27.75 21.35 -49.98
CA TYR U 817 -29.15 21.56 -50.31
C TYR U 817 -30.05 20.43 -49.80
N GLU U 818 -31.32 20.76 -49.54
CA GLU U 818 -32.28 19.77 -49.08
C GLU U 818 -33.02 19.27 -50.31
N SER U 819 -34.09 18.51 -50.07
CA SER U 819 -34.94 18.00 -51.15
C SER U 819 -34.39 16.86 -51.98
N CYS U 820 -33.35 16.19 -51.48
CA CYS U 820 -32.80 15.05 -52.21
C CYS U 820 -33.97 14.10 -52.46
N ALA U 821 -34.11 13.63 -53.70
CA ALA U 821 -35.20 12.73 -54.07
C ALA U 821 -34.85 11.26 -53.88
N VAL U 822 -33.58 10.98 -53.64
CA VAL U 822 -33.12 9.61 -53.48
C VAL U 822 -32.83 9.17 -52.06
N TYR U 823 -33.57 8.17 -51.58
CA TYR U 823 -33.34 7.62 -50.26
C TYR U 823 -32.71 6.25 -50.50
N ASP U 824 -31.44 6.11 -50.15
CA ASP U 824 -30.69 4.87 -50.36
C ASP U 824 -29.88 4.48 -49.14
N PRO U 825 -30.51 3.82 -48.15
CA PRO U 825 -29.86 3.37 -46.92
C PRO U 825 -28.80 2.33 -47.22
N LEU U 826 -27.71 2.35 -46.48
CA LEU U 826 -26.64 1.38 -46.67
C LEU U 826 -26.97 0.13 -45.86
N GLY U 827 -27.90 0.27 -44.94
CA GLY U 827 -28.31 -0.85 -44.11
C GLY U 827 -29.81 -0.83 -43.96
N THR U 828 -30.30 -1.15 -42.78
CA THR U 828 -31.73 -1.16 -42.51
C THR U 828 -32.33 0.24 -42.68
N ALA U 829 -33.45 0.31 -43.39
CA ALA U 829 -34.13 1.59 -43.61
C ALA U 829 -34.44 2.27 -42.28
N GLY U 830 -34.18 3.58 -42.22
CA GLY U 830 -34.45 4.33 -41.00
C GLY U 830 -33.48 4.10 -39.85
N LYS U 831 -32.53 3.18 -40.01
CA LYS U 831 -31.58 2.89 -38.94
C LYS U 831 -30.11 2.90 -39.37
N SER U 832 -29.84 3.27 -40.61
CA SER U 832 -28.47 3.29 -41.10
C SER U 832 -28.17 4.56 -41.89
N ALA U 833 -26.89 4.73 -42.24
CA ALA U 833 -26.48 5.89 -43.01
C ALA U 833 -27.11 5.85 -44.38
N ASP U 834 -27.47 7.02 -44.91
CA ASP U 834 -28.06 7.12 -46.24
C ASP U 834 -27.01 7.68 -47.20
N ARG U 835 -26.92 7.14 -48.41
CA ARG U 835 -25.97 7.68 -49.38
C ARG U 835 -26.71 8.36 -50.50
N GLY U 836 -28.04 8.40 -50.40
CA GLY U 836 -28.82 9.06 -51.43
C GLY U 836 -28.58 10.57 -51.38
N GLY U 837 -28.46 11.10 -50.17
CA GLY U 837 -28.21 12.53 -50.02
C GLY U 837 -29.26 13.27 -49.20
N CYS U 838 -30.07 12.53 -48.44
CA CYS U 838 -31.11 13.15 -47.63
C CYS U 838 -30.58 13.86 -46.39
N ILE U 839 -30.12 15.09 -46.60
CA ILE U 839 -29.58 15.91 -45.53
C ILE U 839 -30.60 16.14 -44.41
N ASN U 840 -31.88 16.12 -44.74
CA ASN U 840 -32.90 16.34 -43.73
C ASN U 840 -32.97 15.26 -42.66
N ILE U 841 -32.15 14.23 -42.82
CA ILE U 841 -32.07 13.16 -41.83
C ILE U 841 -31.40 13.78 -40.60
N LEU U 842 -30.56 14.80 -40.85
CA LEU U 842 -29.80 15.47 -39.80
C LEU U 842 -30.40 16.72 -39.16
N THR U 843 -31.42 17.28 -39.79
CA THR U 843 -32.04 18.50 -39.27
C THR U 843 -32.95 18.25 -38.05
N PRO U 844 -33.03 19.22 -37.14
CA PRO U 844 -33.85 19.10 -35.93
C PRO U 844 -35.34 19.03 -36.22
N ASP U 845 -36.03 18.14 -35.52
CA ASP U 845 -37.48 17.99 -35.69
C ASP U 845 -38.21 18.73 -34.57
N ARG U 846 -37.43 19.36 -33.69
CA ARG U 846 -38.01 20.14 -32.60
C ARG U 846 -38.66 21.37 -33.24
N TYR U 847 -39.87 21.71 -32.78
CA TYR U 847 -40.59 22.86 -33.31
C TYR U 847 -39.82 24.16 -33.02
N ILE U 848 -40.02 25.17 -33.86
CA ILE U 848 -39.35 26.45 -33.69
C ILE U 848 -39.47 26.96 -32.25
N SER U 849 -40.66 26.79 -31.66
CA SER U 849 -40.85 27.19 -30.27
C SER U 849 -41.89 26.25 -29.69
N LYS U 850 -42.20 26.39 -28.40
CA LYS U 850 -43.16 25.52 -27.77
C LYS U 850 -44.51 25.53 -28.48
N TYR U 851 -44.94 26.71 -28.93
CA TYR U 851 -46.24 26.82 -29.59
C TYR U 851 -46.15 27.22 -31.07
N ALA U 852 -44.96 27.59 -31.52
CA ALA U 852 -44.76 27.93 -32.92
C ALA U 852 -44.43 26.58 -33.54
N CYS U 853 -45.47 25.88 -33.97
CA CYS U 853 -45.30 24.54 -34.52
C CYS U 853 -44.85 24.49 -35.96
N GLY U 854 -43.68 25.08 -36.21
CA GLY U 854 -43.10 25.11 -37.55
C GLY U 854 -41.74 24.44 -37.58
N MET U 855 -41.22 24.23 -38.78
CA MET U 855 -39.92 23.57 -38.96
C MET U 855 -38.73 24.52 -38.84
N ALA U 856 -37.67 24.07 -38.16
CA ALA U 856 -36.48 24.88 -37.94
C ALA U 856 -35.24 24.27 -38.61
N ASN U 857 -35.45 23.68 -39.77
CA ASN U 857 -34.40 23.00 -40.52
C ASN U 857 -33.05 23.68 -40.77
N ASN U 858 -33.06 24.93 -41.22
CA ASN U 858 -31.81 25.59 -41.57
C ASN U 858 -30.77 25.93 -40.50
N THR U 859 -30.96 25.42 -39.29
CA THR U 859 -29.98 25.57 -38.22
C THR U 859 -29.82 24.13 -37.74
N ALA U 860 -28.75 23.48 -38.18
CA ALA U 860 -28.49 22.10 -37.77
C ALA U 860 -27.02 21.95 -37.44
N LEU U 861 -26.74 21.37 -36.28
CA LEU U 861 -25.36 21.15 -35.87
C LEU U 861 -24.93 19.76 -36.26
N VAL U 862 -23.78 19.66 -36.92
CA VAL U 862 -23.26 18.36 -37.32
C VAL U 862 -21.74 18.32 -37.15
N GLU U 863 -21.18 17.17 -37.47
CA GLU U 863 -19.75 16.95 -37.46
C GLU U 863 -19.55 16.20 -38.77
N ILE U 864 -18.41 16.37 -39.40
CA ILE U 864 -18.14 15.65 -40.66
C ILE U 864 -16.75 15.04 -40.57
N GLU U 865 -16.55 13.97 -41.34
CA GLU U 865 -15.26 13.28 -41.39
C GLU U 865 -15.23 12.50 -42.69
N LYS U 866 -14.04 12.08 -43.12
CA LYS U 866 -13.95 11.29 -44.34
C LYS U 866 -14.68 10.00 -44.02
N TRP U 867 -15.45 9.50 -44.99
CA TRP U 867 -16.22 8.27 -44.78
C TRP U 867 -15.33 7.03 -44.81
N ASP U 868 -15.44 6.21 -43.76
CA ASP U 868 -14.64 4.99 -43.67
C ASP U 868 -15.24 3.81 -44.45
N GLY U 869 -16.50 3.94 -44.87
CA GLY U 869 -17.13 2.87 -45.62
C GLY U 869 -18.15 2.07 -44.82
N ASP U 870 -18.25 2.33 -43.51
CA ASP U 870 -19.19 1.61 -42.67
C ASP U 870 -20.62 2.07 -43.01
N LYS U 871 -21.61 1.23 -42.67
CA LYS U 871 -23.00 1.56 -42.96
C LYS U 871 -23.68 2.27 -41.79
N TYR U 872 -23.01 2.27 -40.64
CA TYR U 872 -23.54 2.92 -39.44
C TYR U 872 -24.99 2.59 -39.10
N GLU U 873 -25.26 1.33 -38.80
CA GLU U 873 -26.62 0.96 -38.46
C GLU U 873 -26.74 1.12 -36.94
N ILE U 874 -26.87 2.37 -36.51
CA ILE U 874 -26.97 2.69 -35.09
C ILE U 874 -28.09 3.66 -34.78
N TYR U 875 -29.02 3.84 -35.72
CA TYR U 875 -30.12 4.77 -35.49
C TYR U 875 -31.48 4.10 -35.37
N MET V 1 -20.07 34.98 -98.56
CA MET V 1 -19.72 33.84 -97.67
C MET V 1 -19.74 34.30 -96.21
N GLU V 2 -20.94 34.33 -95.64
CA GLU V 2 -21.16 34.76 -94.26
C GLU V 2 -20.90 33.58 -93.33
N GLN V 3 -20.36 33.85 -92.14
CA GLN V 3 -20.06 32.78 -91.18
C GLN V 3 -20.68 32.97 -89.80
N TYR V 4 -20.76 31.86 -89.06
CA TYR V 4 -21.31 31.88 -87.71
C TYR V 4 -20.26 32.19 -86.65
N TYR V 5 -20.70 32.90 -85.61
CA TYR V 5 -19.83 33.26 -84.50
C TYR V 5 -20.67 33.29 -83.23
N MET V 6 -20.02 33.04 -82.10
CA MET V 6 -20.70 33.03 -80.81
C MET V 6 -19.87 33.83 -79.83
N VAL V 7 -20.53 34.67 -79.03
CA VAL V 7 -19.84 35.47 -78.03
C VAL V 7 -20.44 35.15 -76.67
N ILE V 8 -19.59 34.75 -75.75
CA ILE V 8 -20.01 34.38 -74.40
C ILE V 8 -19.47 35.38 -73.37
N ASP V 9 -20.38 35.98 -72.59
CA ASP V 9 -19.98 36.95 -71.57
C ASP V 9 -19.81 36.25 -70.22
N VAL V 10 -18.56 36.02 -69.83
CA VAL V 10 -18.25 35.35 -68.57
C VAL V 10 -18.84 36.06 -67.36
N ALA V 11 -18.88 37.38 -67.39
CA ALA V 11 -19.41 38.16 -66.28
C ALA V 11 -20.89 37.91 -66.03
N LYS V 12 -21.56 37.31 -66.99
CA LYS V 12 -22.98 37.03 -66.86
C LYS V 12 -23.34 35.58 -66.56
N CYS V 13 -22.36 34.66 -66.59
CA CYS V 13 -22.65 33.25 -66.28
C CYS V 13 -22.95 33.07 -64.82
N GLN V 14 -24.01 32.31 -64.52
CA GLN V 14 -24.36 32.00 -63.14
C GLN V 14 -24.34 30.48 -62.94
N ASP V 15 -23.96 29.75 -63.99
CA ASP V 15 -23.85 28.29 -63.93
C ASP V 15 -25.17 27.55 -63.61
N CYS V 16 -26.30 28.04 -64.11
CA CYS V 16 -27.59 27.36 -63.86
C CYS V 16 -27.67 26.11 -64.70
N ASN V 17 -26.78 26.02 -65.69
CA ASN V 17 -26.72 24.87 -66.59
C ASN V 17 -27.89 24.72 -67.57
N ASN V 18 -28.62 25.80 -67.84
CA ASN V 18 -29.71 25.75 -68.81
C ASN V 18 -29.17 25.25 -70.18
N CYS V 19 -27.90 25.59 -70.50
CA CYS V 19 -27.22 25.19 -71.77
C CYS V 19 -27.25 23.70 -71.93
N PHE V 20 -26.40 23.14 -71.08
CA PHE V 20 -26.11 21.72 -70.96
C PHE V 20 -27.41 20.94 -70.99
N MET V 21 -28.37 21.30 -70.16
CA MET V 21 -29.65 20.60 -70.16
C MET V 21 -30.20 20.71 -71.59
N GLY V 22 -29.88 21.83 -72.24
CA GLY V 22 -30.31 22.06 -73.61
C GLY V 22 -29.72 21.08 -74.62
N CYS V 23 -28.43 20.75 -74.51
CA CYS V 23 -27.84 19.78 -75.46
C CYS V 23 -28.46 18.45 -75.30
N MET V 24 -28.42 17.97 -74.05
CA MET V 24 -28.95 16.67 -73.73
C MET V 24 -30.38 16.55 -74.21
N ASP V 25 -31.17 17.60 -73.99
CA ASP V 25 -32.55 17.61 -74.43
C ASP V 25 -32.59 17.43 -75.94
N GLU V 26 -31.63 18.05 -76.62
CA GLU V 26 -31.56 17.99 -78.07
C GLU V 26 -30.86 16.76 -78.64
N HIS V 27 -29.83 16.26 -77.96
CA HIS V 27 -29.04 15.14 -78.47
C HIS V 27 -29.05 13.79 -77.72
N GLU V 28 -29.46 13.77 -76.47
CA GLU V 28 -29.44 12.51 -75.72
C GLU V 28 -30.47 11.48 -76.18
N LEU V 29 -31.68 11.91 -76.52
CA LEU V 29 -32.71 10.97 -76.97
C LEU V 29 -33.02 11.07 -78.46
N ASN V 30 -32.36 11.99 -79.16
CA ASN V 30 -32.60 12.18 -80.57
C ASN V 30 -31.38 11.87 -81.41
N GLU V 31 -31.61 11.46 -82.65
CA GLU V 31 -30.56 11.15 -83.61
C GLU V 31 -30.80 12.08 -84.79
N TRP V 32 -29.73 12.69 -85.30
CA TRP V 32 -29.89 13.60 -86.42
C TRP V 32 -29.04 13.15 -87.60
N PRO V 33 -29.67 12.43 -88.55
CA PRO V 33 -29.05 11.89 -89.77
C PRO V 33 -28.08 12.84 -90.45
N GLY V 34 -26.83 12.40 -90.60
CA GLY V 34 -25.83 13.22 -91.26
C GLY V 34 -25.05 14.11 -90.31
N TYR V 35 -25.63 14.42 -89.16
CA TYR V 35 -24.96 15.29 -88.19
C TYR V 35 -24.37 14.54 -87.01
N THR V 36 -25.20 13.80 -86.28
CA THR V 36 -24.71 13.05 -85.14
C THR V 36 -25.70 12.02 -84.60
N ALA V 37 -25.16 10.95 -84.01
CA ALA V 37 -25.99 9.92 -83.41
C ALA V 37 -26.34 10.51 -82.04
N SER V 38 -27.19 9.83 -81.27
CA SER V 38 -27.55 10.34 -79.97
C SER V 38 -26.33 10.47 -79.06
N MET V 39 -26.38 11.48 -78.20
CA MET V 39 -25.31 11.77 -77.25
C MET V 39 -25.26 10.70 -76.16
N GLN V 40 -24.09 10.50 -75.57
CA GLN V 40 -23.92 9.52 -74.50
C GLN V 40 -23.97 10.24 -73.14
N ARG V 41 -24.75 9.69 -72.22
CA ARG V 41 -24.85 10.28 -70.88
C ARG V 41 -23.47 10.38 -70.26
N GLY V 42 -23.15 11.55 -69.71
CA GLY V 42 -21.84 11.75 -69.11
C GLY V 42 -20.98 12.69 -69.94
N HIS V 43 -21.21 12.71 -71.24
CA HIS V 43 -20.46 13.59 -72.14
C HIS V 43 -20.79 15.04 -71.87
N ARG V 44 -19.84 15.93 -72.18
CA ARG V 44 -20.05 17.36 -71.99
C ARG V 44 -19.68 18.17 -73.23
N TRP V 45 -20.46 18.04 -74.29
CA TRP V 45 -20.19 18.80 -75.51
C TRP V 45 -20.12 20.26 -75.09
N MET V 46 -20.98 20.61 -74.14
CA MET V 46 -21.02 21.95 -73.56
C MET V 46 -20.45 21.73 -72.16
N ASN V 47 -19.22 22.19 -71.96
CA ASN V 47 -18.55 22.01 -70.68
C ASN V 47 -18.42 23.34 -69.96
N ILE V 48 -19.16 23.49 -68.87
CA ILE V 48 -19.13 24.73 -68.10
C ILE V 48 -18.05 24.66 -67.03
N GLU V 49 -16.95 25.36 -67.26
CA GLU V 49 -15.84 25.37 -66.30
C GLU V 49 -16.11 26.34 -65.15
N ARG V 50 -15.69 25.95 -63.96
CA ARG V 50 -15.89 26.75 -62.75
C ARG V 50 -14.55 27.07 -62.11
N ARG V 51 -14.37 28.31 -61.67
CA ARG V 51 -13.12 28.68 -61.02
C ARG V 51 -13.30 29.68 -59.89
N GLU V 52 -12.97 29.25 -58.68
CA GLU V 52 -13.05 30.12 -57.52
C GLU V 52 -11.72 30.86 -57.40
N ARG V 53 -11.76 32.10 -56.91
CA ARG V 53 -10.55 32.89 -56.75
C ARG V 53 -10.52 33.52 -55.36
N GLY V 54 -9.31 33.81 -54.88
CA GLY V 54 -9.16 34.43 -53.58
C GLY V 54 -9.46 33.51 -52.42
N THR V 55 -9.60 34.11 -51.25
CA THR V 55 -9.88 33.36 -50.04
C THR V 55 -10.94 34.07 -49.20
N TYR V 56 -11.69 33.31 -48.42
CA TYR V 56 -12.74 33.89 -47.59
C TYR V 56 -12.10 34.99 -46.76
N PRO V 57 -12.80 36.14 -46.59
CA PRO V 57 -14.12 36.45 -47.13
C PRO V 57 -14.17 37.33 -48.37
N ARG V 58 -13.02 37.54 -49.03
CA ARG V 58 -12.99 38.38 -50.22
C ARG V 58 -12.73 37.55 -51.47
N ASN V 59 -13.38 36.41 -51.52
CA ASN V 59 -13.26 35.47 -52.63
C ASN V 59 -14.37 35.74 -53.63
N ASP V 60 -14.29 35.08 -54.78
CA ASP V 60 -15.32 35.19 -55.80
C ASP V 60 -15.25 33.97 -56.68
N ILE V 61 -16.11 33.89 -57.67
CA ILE V 61 -16.13 32.75 -58.57
C ILE V 61 -16.73 33.14 -59.90
N ASN V 62 -16.22 32.56 -60.98
CA ASN V 62 -16.72 32.85 -62.31
C ASN V 62 -16.78 31.56 -63.13
N TYR V 63 -17.63 31.54 -64.16
CA TYR V 63 -17.78 30.35 -64.96
C TYR V 63 -17.49 30.60 -66.42
N ARG V 64 -17.13 29.55 -67.14
CA ARG V 64 -16.82 29.69 -68.55
C ARG V 64 -17.48 28.60 -69.37
N PRO V 65 -18.64 28.90 -69.96
CA PRO V 65 -19.33 27.90 -70.77
C PRO V 65 -18.37 27.58 -71.91
N THR V 66 -18.07 26.30 -72.11
CA THR V 66 -17.14 25.90 -73.14
C THR V 66 -17.64 24.83 -74.12
N PRO V 67 -18.13 25.26 -75.29
CA PRO V 67 -18.62 24.32 -76.29
C PRO V 67 -17.44 24.03 -77.21
N CYS V 68 -17.73 23.63 -78.43
CA CYS V 68 -16.65 23.40 -79.38
C CYS V 68 -16.24 24.77 -79.86
N MET V 69 -14.96 24.96 -80.12
CA MET V 69 -14.48 26.26 -80.58
C MET V 69 -14.71 26.46 -82.08
N HIS V 70 -14.94 25.37 -82.80
CA HIS V 70 -15.14 25.42 -84.25
C HIS V 70 -14.12 26.38 -84.83
N CYS V 71 -12.89 26.29 -84.32
CA CYS V 71 -11.80 27.17 -84.76
C CYS V 71 -11.52 27.12 -86.28
N GLU V 72 -11.22 28.28 -86.84
CA GLU V 72 -10.96 28.44 -88.28
C GLU V 72 -9.81 27.58 -88.80
N ASN V 73 -8.86 27.29 -87.92
CA ASN V 73 -7.70 26.47 -88.30
C ASN V 73 -7.74 25.22 -87.42
N ALA V 74 -8.82 24.47 -87.57
CA ALA V 74 -9.08 23.26 -86.79
C ALA V 74 -8.06 22.14 -86.93
N PRO V 75 -7.34 21.84 -85.84
CA PRO V 75 -6.33 20.80 -85.82
C PRO V 75 -6.91 19.43 -86.17
N CYS V 76 -8.10 19.11 -85.68
CA CYS V 76 -8.63 17.79 -86.03
C CYS V 76 -9.15 17.65 -87.46
N VAL V 77 -9.26 18.75 -88.19
CA VAL V 77 -9.69 18.68 -89.58
C VAL V 77 -8.42 18.30 -90.33
N ALA V 78 -7.30 18.88 -89.89
CA ALA V 78 -6.00 18.62 -90.48
C ALA V 78 -5.49 17.21 -90.17
N LYS V 79 -5.69 16.79 -88.92
CA LYS V 79 -5.25 15.45 -88.52
C LYS V 79 -6.36 14.41 -88.71
N GLY V 80 -7.57 14.87 -89.01
CA GLY V 80 -8.70 13.97 -89.18
C GLY V 80 -8.72 13.05 -90.37
N ASN V 81 -7.96 13.39 -91.42
CA ASN V 81 -7.90 12.59 -92.63
C ASN V 81 -9.29 12.39 -93.26
N GLY V 82 -10.11 13.44 -93.19
CA GLY V 82 -11.45 13.36 -93.75
C GLY V 82 -12.55 12.97 -92.79
N ALA V 83 -12.18 12.47 -91.61
CA ALA V 83 -13.17 12.08 -90.61
C ALA V 83 -13.86 13.30 -90.03
N VAL V 84 -13.24 14.47 -90.23
CA VAL V 84 -13.77 15.73 -89.74
C VAL V 84 -13.68 16.77 -90.85
N TYR V 85 -14.73 17.56 -91.04
CA TYR V 85 -14.69 18.59 -92.08
C TYR V 85 -15.15 19.95 -91.60
N GLN V 86 -14.87 20.96 -92.42
CA GLN V 86 -15.21 22.34 -92.09
C GLN V 86 -16.15 22.91 -93.17
N ARG V 87 -17.29 23.43 -92.73
CA ARG V 87 -18.25 24.01 -93.66
C ARG V 87 -17.89 25.45 -93.98
N GLU V 88 -18.39 25.98 -95.09
CA GLU V 88 -18.09 27.34 -95.49
C GLU V 88 -18.58 28.37 -94.48
N ASP V 89 -19.57 28.00 -93.68
CA ASP V 89 -20.12 28.92 -92.69
C ASP V 89 -19.34 28.86 -91.37
N GLY V 90 -18.23 28.13 -91.37
CA GLY V 90 -17.40 28.03 -90.18
C GLY V 90 -17.62 26.82 -89.29
N ILE V 91 -18.81 26.23 -89.36
CA ILE V 91 -19.10 25.06 -88.53
C ILE V 91 -18.21 23.87 -88.86
N VAL V 92 -17.61 23.29 -87.82
CA VAL V 92 -16.73 22.13 -87.96
C VAL V 92 -17.48 20.90 -87.50
N LEU V 93 -17.65 19.92 -88.39
CA LEU V 93 -18.39 18.72 -88.06
C LEU V 93 -17.66 17.41 -88.26
N ILE V 94 -17.87 16.48 -87.34
CA ILE V 94 -17.28 15.15 -87.43
C ILE V 94 -18.22 14.40 -88.38
N ASP V 95 -17.67 13.56 -89.25
CA ASP V 95 -18.53 12.79 -90.15
C ASP V 95 -18.89 11.51 -89.41
N PRO V 96 -20.14 11.40 -88.94
CA PRO V 96 -20.65 10.24 -88.19
C PRO V 96 -20.27 8.88 -88.77
N GLU V 97 -20.14 8.82 -90.10
CA GLU V 97 -19.79 7.56 -90.77
C GLU V 97 -18.28 7.35 -90.82
N LYS V 98 -17.58 8.25 -91.52
CA LYS V 98 -16.13 8.16 -91.67
C LYS V 98 -15.37 8.09 -90.34
N ALA V 99 -15.96 8.66 -89.30
CA ALA V 99 -15.31 8.68 -87.99
C ALA V 99 -15.51 7.41 -87.16
N LYS V 100 -16.48 6.59 -87.53
CA LYS V 100 -16.74 5.36 -86.79
C LYS V 100 -15.53 4.48 -86.58
N GLY V 101 -15.29 4.11 -85.32
CA GLY V 101 -14.18 3.26 -84.96
C GLY V 101 -12.81 3.92 -84.95
N LYS V 102 -12.76 5.22 -84.67
CA LYS V 102 -11.48 5.93 -84.63
C LYS V 102 -11.31 6.77 -83.36
N LYS V 103 -10.91 6.12 -82.28
CA LYS V 103 -10.71 6.78 -80.99
C LYS V 103 -9.58 7.83 -81.02
N GLU V 104 -8.67 7.69 -81.96
CA GLU V 104 -7.54 8.62 -82.08
C GLU V 104 -7.98 10.07 -82.27
N LEU V 105 -9.14 10.26 -82.90
CA LEU V 105 -9.66 11.61 -83.15
C LEU V 105 -9.68 12.52 -81.92
N LEU V 106 -9.96 11.94 -80.75
CA LEU V 106 -10.01 12.73 -79.53
C LEU V 106 -8.71 13.47 -79.25
N ASP V 107 -7.60 12.79 -79.52
CA ASP V 107 -6.27 13.34 -79.28
C ASP V 107 -5.87 14.46 -80.23
N THR V 108 -6.63 14.66 -81.31
CA THR V 108 -6.32 15.71 -82.25
C THR V 108 -6.84 17.04 -81.74
N CYS V 109 -7.45 17.00 -80.56
CA CYS V 109 -8.04 18.20 -79.96
C CYS V 109 -7.29 18.87 -78.81
N PRO V 110 -6.73 20.06 -79.07
CA PRO V 110 -6.00 20.80 -78.04
C PRO V 110 -6.95 21.24 -76.91
N TYR V 111 -8.23 21.40 -77.24
CA TYR V 111 -9.22 21.82 -76.26
C TYR V 111 -9.92 20.65 -75.57
N GLY V 112 -9.81 19.48 -76.16
CA GLY V 112 -10.42 18.28 -75.59
C GLY V 112 -11.94 18.37 -75.48
N VAL V 113 -12.59 18.95 -76.49
CA VAL V 113 -14.03 19.08 -76.47
C VAL V 113 -14.78 17.87 -77.05
N MET V 114 -14.06 16.90 -77.61
CA MET V 114 -14.76 15.74 -78.14
C MET V 114 -14.70 14.53 -77.23
N TYR V 115 -15.77 13.75 -77.25
CA TYR V 115 -15.90 12.59 -76.40
C TYR V 115 -16.13 11.30 -77.18
N TRP V 116 -15.70 10.19 -76.58
CA TRP V 116 -15.87 8.89 -77.22
C TRP V 116 -17.21 8.26 -76.81
N ASN V 117 -18.03 7.93 -77.81
CA ASN V 117 -19.31 7.31 -77.54
C ASN V 117 -19.14 5.80 -77.72
N GLU V 118 -19.09 5.08 -76.59
CA GLU V 118 -18.91 3.63 -76.61
C GLU V 118 -19.94 2.88 -77.44
N GLU V 119 -21.22 3.06 -77.12
CA GLU V 119 -22.28 2.37 -77.84
C GLU V 119 -22.26 2.65 -79.34
N GLU V 120 -22.06 3.91 -79.71
CA GLU V 120 -22.03 4.27 -81.13
C GLU V 120 -20.65 4.03 -81.74
N ASN V 121 -19.67 3.69 -80.90
CA ASN V 121 -18.32 3.45 -81.36
C ASN V 121 -17.84 4.58 -82.28
N VAL V 122 -17.89 5.79 -81.77
CA VAL V 122 -17.44 6.95 -82.53
C VAL V 122 -17.29 8.17 -81.65
N ALA V 123 -16.43 9.09 -82.09
CA ALA V 123 -16.20 10.33 -81.35
C ALA V 123 -17.35 11.28 -81.66
N GLN V 124 -17.74 12.07 -80.67
CA GLN V 124 -18.81 13.02 -80.86
C GLN V 124 -18.43 14.32 -80.18
N LYS V 125 -19.11 15.38 -80.55
CA LYS V 125 -18.87 16.66 -79.93
C LYS V 125 -19.81 17.72 -80.47
N CYS V 126 -19.60 18.94 -80.01
CA CYS V 126 -20.38 20.09 -80.42
C CYS V 126 -20.63 20.18 -81.92
N THR V 127 -21.88 20.38 -82.31
CA THR V 127 -22.21 20.50 -83.73
C THR V 127 -22.77 21.89 -83.99
N MET V 128 -22.92 22.68 -82.91
CA MET V 128 -23.50 24.01 -82.97
C MET V 128 -24.91 23.84 -83.53
N CYS V 129 -25.55 22.72 -83.19
CA CYS V 129 -26.88 22.31 -83.68
C CYS V 129 -27.07 22.76 -85.10
N ALA V 130 -26.12 22.36 -85.94
CA ALA V 130 -26.13 22.69 -87.36
C ALA V 130 -27.42 22.17 -87.97
N HIS V 131 -27.98 21.10 -87.39
CA HIS V 131 -29.22 20.55 -87.90
C HIS V 131 -30.35 21.54 -87.69
N LEU V 132 -30.26 22.33 -86.62
CA LEU V 132 -31.27 23.34 -86.33
C LEU V 132 -31.01 24.57 -87.20
N LEU V 133 -29.76 24.97 -87.29
CA LEU V 133 -29.39 26.12 -88.11
C LEU V 133 -29.70 25.87 -89.58
N ASP V 134 -29.67 24.62 -90.00
CA ASP V 134 -29.95 24.30 -91.40
C ASP V 134 -31.43 24.16 -91.69
N ASP V 135 -32.27 24.38 -90.68
CA ASP V 135 -33.72 24.26 -90.85
C ASP V 135 -34.45 25.59 -90.63
N GLU V 136 -35.19 26.03 -91.64
CA GLU V 136 -35.95 27.28 -91.56
C GLU V 136 -37.00 27.20 -90.46
N SER V 137 -37.52 26.00 -90.23
CA SER V 137 -38.55 25.78 -89.21
C SER V 137 -38.13 26.26 -87.83
N TRP V 138 -36.83 26.16 -87.53
CA TRP V 138 -36.31 26.60 -86.24
C TRP V 138 -36.25 28.11 -86.22
N ALA V 139 -37.37 28.74 -85.83
CA ALA V 139 -37.49 30.18 -85.78
C ALA V 139 -36.38 30.89 -85.00
N PRO V 140 -36.00 30.37 -83.82
CA PRO V 140 -34.94 31.01 -83.03
C PRO V 140 -33.67 31.25 -83.84
N LYS V 141 -33.35 30.32 -84.74
CA LYS V 141 -32.16 30.43 -85.58
C LYS V 141 -30.86 30.58 -84.78
N MET V 142 -30.79 29.88 -83.66
CA MET V 142 -29.61 29.91 -82.80
C MET V 142 -29.54 28.54 -82.10
N PRO V 143 -28.35 28.16 -81.60
CA PRO V 143 -28.20 26.88 -80.92
C PRO V 143 -29.04 26.77 -79.66
N ARG V 144 -29.19 25.55 -79.14
CA ARG V 144 -29.98 25.35 -77.95
C ARG V 144 -29.46 26.03 -76.68
N CYS V 145 -28.14 26.07 -76.44
CA CYS V 145 -27.70 26.76 -75.21
C CYS V 145 -27.97 28.23 -75.26
N ALA V 146 -27.60 28.86 -76.36
CA ALA V 146 -27.79 30.29 -76.53
C ALA V 146 -29.26 30.62 -76.36
N HIS V 147 -30.12 29.74 -76.85
CA HIS V 147 -31.56 29.97 -76.75
C HIS V 147 -32.11 29.64 -75.36
N ASN V 148 -31.46 28.71 -74.67
CA ASN V 148 -31.90 28.34 -73.32
C ASN V 148 -31.48 29.32 -72.22
N CYS V 149 -30.54 30.25 -72.52
CA CYS V 149 -30.13 31.23 -71.49
C CYS V 149 -31.24 32.08 -70.97
N GLY V 150 -31.14 32.41 -69.69
CA GLY V 150 -32.10 33.30 -69.06
C GLY V 150 -31.24 34.41 -68.47
N SER V 151 -29.93 34.31 -68.68
CA SER V 151 -29.00 35.30 -68.15
C SER V 151 -28.32 36.21 -69.16
N PHE V 152 -28.75 36.13 -70.43
CA PHE V 152 -28.21 36.96 -71.51
C PHE V 152 -26.70 36.83 -71.71
N VAL V 153 -26.20 35.61 -71.59
CA VAL V 153 -24.78 35.37 -71.76
C VAL V 153 -24.34 35.28 -73.22
N TYR V 154 -25.15 34.64 -74.05
CA TYR V 154 -24.79 34.46 -75.45
C TYR V 154 -25.25 35.50 -76.44
N GLU V 155 -24.44 35.66 -77.48
CA GLU V 155 -24.74 36.55 -78.57
C GLU V 155 -24.34 35.72 -79.78
N PHE V 156 -25.33 35.12 -80.43
CA PHE V 156 -25.08 34.28 -81.59
C PHE V 156 -25.33 35.11 -82.85
N LEU V 157 -24.39 35.07 -83.78
CA LEU V 157 -24.56 35.84 -85.00
C LEU V 157 -23.93 35.22 -86.23
N LYS V 158 -24.31 35.74 -87.38
CA LYS V 158 -23.81 35.27 -88.66
C LYS V 158 -23.45 36.51 -89.45
N THR V 159 -22.15 36.74 -89.61
CA THR V 159 -21.68 37.91 -90.33
C THR V 159 -20.37 37.60 -91.04
N THR V 160 -19.82 38.58 -91.74
CA THR V 160 -18.56 38.39 -92.44
C THR V 160 -17.42 38.47 -91.44
N PRO V 161 -16.26 37.92 -91.80
CA PRO V 161 -15.11 37.95 -90.89
C PRO V 161 -14.76 39.39 -90.49
N GLU V 162 -14.84 40.30 -91.47
CA GLU V 162 -14.54 41.70 -91.24
C GLU V 162 -15.38 42.28 -90.11
N ALA V 163 -16.70 42.13 -90.22
CA ALA V 163 -17.61 42.63 -89.20
C ALA V 163 -17.27 42.08 -87.82
N MET V 164 -16.96 40.78 -87.76
CA MET V 164 -16.62 40.14 -86.50
C MET V 164 -15.32 40.69 -85.94
N ALA V 165 -14.32 40.85 -86.81
CA ALA V 165 -13.01 41.35 -86.41
C ALA V 165 -13.13 42.72 -85.77
N LYS V 166 -14.10 43.51 -86.22
CA LYS V 166 -14.31 44.85 -85.68
C LYS V 166 -14.96 44.74 -84.30
N LYS V 167 -15.92 43.82 -84.17
CA LYS V 167 -16.61 43.60 -82.91
C LYS V 167 -15.63 43.14 -81.84
N VAL V 168 -14.74 42.22 -82.22
CA VAL V 168 -13.74 41.70 -81.31
C VAL V 168 -12.86 42.82 -80.77
N GLU V 169 -12.52 43.76 -81.65
CA GLU V 169 -11.68 44.89 -81.28
C GLU V 169 -12.38 45.93 -80.41
N GLU V 170 -13.62 46.25 -80.74
CA GLU V 170 -14.38 47.24 -79.97
C GLU V 170 -14.82 46.74 -78.60
N GLU V 171 -15.14 45.45 -78.50
CA GLU V 171 -15.59 44.87 -77.25
C GLU V 171 -14.51 44.12 -76.48
N GLY V 172 -13.28 44.16 -76.98
CA GLY V 172 -12.20 43.47 -76.31
C GLY V 172 -12.48 41.99 -76.10
N LEU V 173 -12.97 41.33 -77.15
CA LEU V 173 -13.27 39.90 -77.08
C LEU V 173 -11.98 39.10 -77.17
N GLU V 174 -11.96 37.93 -76.53
CA GLU V 174 -10.79 37.06 -76.54
C GLU V 174 -11.19 35.61 -76.74
N VAL V 175 -10.20 34.76 -76.97
CA VAL V 175 -10.45 33.33 -77.16
C VAL V 175 -9.61 32.53 -76.17
N ILE V 176 -9.98 31.27 -75.99
CA ILE V 176 -9.26 30.38 -75.08
C ILE V 176 -8.00 29.84 -75.77
N LYS V 177 -6.89 29.78 -75.03
CA LYS V 177 -5.63 29.28 -75.56
C LYS V 177 -5.27 29.90 -76.90
N PRO V 178 -5.08 31.23 -76.94
CA PRO V 178 -4.72 31.96 -78.17
C PRO V 178 -3.40 31.52 -78.77
N GLU V 179 -2.48 31.07 -77.92
CA GLU V 179 -1.16 30.64 -78.37
C GLU V 179 -1.21 29.48 -79.37
N LEU V 180 -2.30 28.73 -79.36
CA LEU V 180 -2.43 27.60 -80.29
C LEU V 180 -2.72 28.07 -81.71
N GLY V 181 -3.20 29.30 -81.84
CA GLY V 181 -3.49 29.86 -83.15
C GLY V 181 -4.52 29.13 -83.99
N THR V 182 -5.44 28.40 -83.34
CA THR V 182 -6.47 27.68 -84.08
C THR V 182 -7.58 28.63 -84.51
N LYS V 183 -7.61 29.81 -83.90
CA LYS V 183 -8.58 30.84 -84.22
C LYS V 183 -10.05 30.42 -84.04
N PRO V 184 -10.47 30.20 -82.78
CA PRO V 184 -11.84 29.80 -82.47
C PRO V 184 -12.83 30.86 -82.97
N ARG V 185 -14.05 30.44 -83.27
CA ARG V 185 -15.05 31.41 -83.71
C ARG V 185 -16.00 31.64 -82.53
N VAL V 186 -15.60 31.09 -81.38
CA VAL V 186 -16.34 31.23 -80.13
C VAL V 186 -15.51 32.20 -79.29
N TYR V 187 -15.99 33.42 -79.14
CA TYR V 187 -15.28 34.44 -78.37
C TYR V 187 -15.85 34.68 -76.98
N TYR V 188 -15.00 35.18 -76.10
CA TYR V 188 -15.38 35.45 -74.72
C TYR V 188 -15.23 36.91 -74.34
N LYS V 189 -16.24 37.42 -73.64
CA LYS V 189 -16.27 38.78 -73.16
C LYS V 189 -15.94 38.67 -71.67
N ASN V 190 -15.18 39.64 -71.15
CA ASN V 190 -14.79 39.65 -69.74
C ASN V 190 -14.12 38.35 -69.31
N LEU V 191 -13.28 37.82 -70.19
CA LEU V 191 -12.57 36.57 -69.92
C LEU V 191 -11.60 36.69 -68.75
N TYR V 192 -11.15 37.91 -68.46
CA TYR V 192 -10.22 38.12 -67.36
C TYR V 192 -10.78 37.57 -66.04
N ARG V 193 -12.10 37.56 -65.91
CA ARG V 193 -12.76 37.04 -64.70
C ARG V 193 -12.33 35.59 -64.45
N PHE V 194 -12.16 34.85 -65.54
CA PHE V 194 -11.79 33.46 -65.44
C PHE V 194 -10.30 33.19 -65.49
N GLU V 195 -9.60 33.88 -66.39
CA GLU V 195 -8.16 33.67 -66.56
C GLU V 195 -7.22 34.53 -65.71
N LYS V 196 -7.66 35.71 -65.32
CA LYS V 196 -6.80 36.59 -64.53
C LYS V 196 -7.03 36.54 -63.03
N ASN V 197 -6.35 37.42 -62.31
CA ASN V 197 -6.44 37.48 -60.86
C ASN V 197 -6.56 38.90 -60.34
N TYR V 198 -6.81 39.03 -59.04
CA TYR V 198 -6.96 40.35 -58.44
C TYR V 198 -6.34 40.43 -57.06
N VAL V 199 -6.31 41.64 -56.53
CA VAL V 199 -5.81 41.91 -55.20
C VAL V 199 -6.89 42.80 -54.57
N THR V 200 -7.24 42.51 -53.32
CA THR V 200 -8.27 43.29 -52.65
C THR V 200 -7.95 43.42 -51.18
N ALA V 201 -8.63 44.34 -50.50
CA ALA V 201 -8.40 44.56 -49.08
C ALA V 201 -9.46 45.48 -48.49
N GLY V 202 -9.43 45.63 -47.17
CA GLY V 202 -10.38 46.50 -46.49
C GLY V 202 -9.61 47.50 -45.65
N ILE V 203 -9.75 48.79 -45.98
CA ILE V 203 -9.04 49.82 -45.25
C ILE V 203 -9.85 50.38 -44.08
N LEU V 204 -9.26 50.31 -42.89
CA LEU V 204 -9.90 50.81 -41.69
C LEU V 204 -9.11 51.98 -41.13
N VAL V 205 -9.82 52.97 -40.61
CA VAL V 205 -9.20 54.12 -40.00
C VAL V 205 -9.83 54.21 -38.62
N GLN V 206 -9.00 54.03 -37.59
CA GLN V 206 -9.48 54.05 -36.22
C GLN V 206 -10.61 53.05 -36.01
N GLY V 207 -10.42 51.84 -36.51
CA GLY V 207 -11.41 50.79 -36.34
C GLY V 207 -12.61 50.74 -37.27
N ASP V 208 -12.85 51.80 -38.04
CA ASP V 208 -13.99 51.80 -38.95
C ASP V 208 -13.61 51.86 -40.43
N CYS V 209 -14.44 51.22 -41.25
CA CYS V 209 -14.21 51.19 -42.69
C CYS V 209 -14.08 52.62 -43.21
N PHE V 210 -13.01 52.89 -43.94
CA PHE V 210 -12.80 54.22 -44.48
C PHE V 210 -13.11 54.33 -45.95
N GLU V 211 -14.06 55.20 -46.28
CA GLU V 211 -14.48 55.42 -47.65
C GLU V 211 -13.76 56.62 -48.26
N GLY V 212 -13.37 56.50 -49.53
CA GLY V 212 -12.69 57.59 -50.20
C GLY V 212 -11.17 57.53 -50.18
N ALA V 213 -10.61 56.50 -49.54
CA ALA V 213 -9.16 56.36 -49.49
C ALA V 213 -8.66 56.16 -50.92
N LYS V 214 -7.52 56.77 -51.24
CA LYS V 214 -6.96 56.63 -52.58
C LYS V 214 -5.95 55.49 -52.63
N VAL V 215 -6.21 54.52 -53.49
CA VAL V 215 -5.34 53.37 -53.65
C VAL V 215 -4.78 53.33 -55.07
N VAL V 216 -3.48 53.03 -55.17
CA VAL V 216 -2.82 52.96 -56.47
C VAL V 216 -2.02 51.67 -56.59
N LEU V 217 -2.21 50.98 -57.72
CA LEU V 217 -1.49 49.74 -57.96
C LEU V 217 -0.38 50.02 -58.95
N LYS V 218 0.84 49.66 -58.57
CA LYS V 218 2.01 49.89 -59.43
C LYS V 218 2.81 48.62 -59.64
N SER V 219 3.46 48.55 -60.79
CA SER V 219 4.30 47.41 -61.13
C SER V 219 5.55 47.98 -61.78
N GLY V 220 6.72 47.60 -61.26
CA GLY V 220 7.96 48.10 -61.81
C GLY V 220 8.20 49.55 -61.38
N GLY V 221 7.14 50.20 -60.91
CA GLY V 221 7.27 51.58 -60.47
C GLY V 221 6.21 52.53 -60.98
N LYS V 222 5.46 52.11 -62.00
CA LYS V 222 4.41 52.96 -62.55
C LYS V 222 3.02 52.42 -62.30
N GLU V 223 2.05 53.32 -62.23
CA GLU V 223 0.66 52.94 -61.98
C GLU V 223 0.07 52.01 -63.03
N VAL V 224 -0.68 51.03 -62.56
CA VAL V 224 -1.34 50.04 -63.40
C VAL V 224 -2.84 50.24 -63.23
N ALA V 225 -3.22 50.67 -62.03
CA ALA V 225 -4.62 50.90 -61.70
C ALA V 225 -4.72 51.81 -60.47
N SER V 226 -5.87 52.44 -60.31
CA SER V 226 -6.11 53.32 -59.18
C SER V 226 -7.60 53.30 -58.86
N ALA V 227 -7.94 53.56 -57.60
CA ALA V 227 -9.33 53.57 -57.20
C ALA V 227 -9.49 54.17 -55.82
N GLU V 228 -10.75 54.37 -55.43
CA GLU V 228 -11.06 54.90 -54.12
C GLU V 228 -11.91 53.85 -53.42
N THR V 229 -11.66 53.64 -52.14
CA THR V 229 -12.39 52.65 -51.36
C THR V 229 -13.88 52.99 -51.26
N ASN V 230 -14.73 51.97 -51.27
CA ASN V 230 -16.17 52.18 -51.15
C ASN V 230 -16.50 52.34 -49.67
N PHE V 231 -17.78 52.34 -49.31
CA PHE V 231 -18.14 52.53 -47.91
C PHE V 231 -17.75 51.39 -46.98
N PHE V 232 -17.29 50.27 -47.54
CA PHE V 232 -16.85 49.16 -46.71
C PHE V 232 -15.31 49.25 -46.61
N GLY V 233 -14.76 50.32 -47.17
CA GLY V 233 -13.32 50.54 -47.16
C GLY V 233 -12.56 49.61 -48.10
N GLU V 234 -13.27 49.01 -49.06
CA GLU V 234 -12.63 48.08 -49.97
C GLU V 234 -12.31 48.59 -51.36
N PHE V 235 -11.36 47.91 -51.98
CA PHE V 235 -10.93 48.20 -53.34
C PHE V 235 -10.60 46.84 -53.90
N LYS V 236 -10.68 46.70 -55.22
CA LYS V 236 -10.37 45.43 -55.87
C LYS V 236 -9.81 45.71 -57.27
N PHE V 237 -8.57 45.28 -57.51
CA PHE V 237 -7.92 45.47 -58.80
C PHE V 237 -7.90 44.13 -59.52
N ASP V 238 -8.76 43.98 -60.53
CA ASP V 238 -8.86 42.72 -61.26
C ASP V 238 -8.09 42.77 -62.59
N ALA V 239 -8.18 41.68 -63.35
CA ALA V 239 -7.52 41.56 -64.65
C ALA V 239 -6.01 41.72 -64.55
N LEU V 240 -5.42 41.19 -63.48
CA LEU V 240 -3.99 41.29 -63.28
C LEU V 240 -3.24 40.05 -63.74
N ASP V 241 -2.18 40.26 -64.52
CA ASP V 241 -1.35 39.16 -64.99
C ASP V 241 -0.42 38.81 -63.85
N ASN V 242 0.22 37.65 -63.92
CA ASN V 242 1.14 37.25 -62.85
C ASN V 242 2.31 38.23 -62.82
N GLY V 243 2.86 38.44 -61.63
CA GLY V 243 3.97 39.35 -61.48
C GLY V 243 3.98 39.94 -60.08
N GLU V 244 4.90 40.86 -59.84
CA GLU V 244 5.01 41.50 -58.54
C GLU V 244 4.51 42.94 -58.63
N TYR V 245 3.60 43.30 -57.73
CA TYR V 245 3.04 44.65 -57.71
C TYR V 245 3.26 45.33 -56.38
N THR V 246 2.94 46.62 -56.34
CA THR V 246 3.05 47.41 -55.12
C THR V 246 1.75 48.17 -54.96
N VAL V 247 1.17 48.11 -53.76
CA VAL V 247 -0.07 48.82 -53.49
C VAL V 247 0.22 49.98 -52.57
N GLU V 248 -0.26 51.16 -52.95
CA GLU V 248 -0.06 52.36 -52.15
C GLU V 248 -1.41 52.94 -51.77
N ILE V 249 -1.59 53.15 -50.46
CA ILE V 249 -2.84 53.68 -49.95
C ILE V 249 -2.64 54.99 -49.20
N ASP V 250 -3.60 55.90 -49.36
CA ASP V 250 -3.54 57.19 -48.68
C ASP V 250 -4.92 57.57 -48.21
N ALA V 251 -5.12 57.54 -46.89
CA ALA V 251 -6.39 57.88 -46.28
C ALA V 251 -6.18 58.89 -45.14
N ASP V 252 -6.78 60.07 -45.28
CA ASP V 252 -6.64 61.10 -44.26
C ASP V 252 -5.18 61.42 -43.97
N GLY V 253 -4.41 61.64 -45.02
CA GLY V 253 -3.00 61.96 -44.85
C GLY V 253 -2.17 60.78 -44.36
N LYS V 254 -2.83 59.69 -43.99
CA LYS V 254 -2.13 58.50 -43.52
C LYS V 254 -1.90 57.55 -44.70
N SER V 255 -0.63 57.21 -44.93
CA SER V 255 -0.28 56.34 -46.03
C SER V 255 0.10 54.93 -45.60
N TYR V 256 0.06 54.01 -46.55
CA TYR V 256 0.38 52.61 -46.32
C TYR V 256 0.81 52.00 -47.65
N SER V 257 1.89 51.22 -47.64
CA SER V 257 2.38 50.61 -48.86
C SER V 257 2.83 49.18 -48.58
N ASP V 258 2.73 48.33 -49.60
CA ASP V 258 3.13 46.95 -49.48
C ASP V 258 3.23 46.32 -50.86
N THR V 259 3.98 45.24 -50.95
CA THR V 259 4.16 44.54 -52.22
C THR V 259 3.30 43.29 -52.24
N VAL V 260 2.72 43.00 -53.40
CA VAL V 260 1.88 41.83 -53.55
C VAL V 260 2.32 41.02 -54.78
N VAL V 261 2.36 39.70 -54.62
CA VAL V 261 2.77 38.81 -55.70
C VAL V 261 1.59 38.02 -56.26
N ILE V 262 1.38 38.14 -57.56
CA ILE V 262 0.30 37.42 -58.23
C ILE V 262 0.91 36.25 -59.00
N ASP V 263 0.57 35.04 -58.58
CA ASP V 263 1.06 33.83 -59.24
C ASP V 263 -0.09 32.85 -59.46
N ASP V 264 -0.97 33.20 -60.38
CA ASP V 264 -2.14 32.38 -60.71
C ASP V 264 -3.09 32.26 -59.53
N LYS V 265 -3.05 33.25 -58.64
CA LYS V 265 -3.91 33.29 -57.48
C LYS V 265 -4.29 34.73 -57.17
N SER V 266 -5.50 34.93 -56.64
CA SER V 266 -5.97 36.26 -56.29
C SER V 266 -5.68 36.44 -54.80
N VAL V 267 -5.25 37.64 -54.42
CA VAL V 267 -4.88 37.90 -53.04
C VAL V 267 -5.75 38.86 -52.23
N ASP V 268 -6.04 38.45 -51.00
CA ASP V 268 -6.82 39.28 -50.08
C ASP V 268 -5.82 39.74 -49.03
N LEU V 269 -5.52 41.04 -49.02
CA LEU V 269 -4.57 41.58 -48.06
C LEU V 269 -5.18 41.69 -46.67
N GLY V 270 -6.48 41.42 -46.57
CA GLY V 270 -7.16 41.50 -45.29
C GLY V 270 -7.44 42.93 -44.87
N PHE V 271 -7.62 43.14 -43.57
CA PHE V 271 -7.89 44.47 -43.02
C PHE V 271 -6.59 45.25 -42.84
N ILE V 272 -6.50 46.39 -43.50
CA ILE V 272 -5.33 47.26 -43.37
C ILE V 272 -5.74 48.37 -42.41
N LYS V 273 -5.21 48.31 -41.20
CA LYS V 273 -5.56 49.29 -40.17
C LYS V 273 -4.68 50.53 -40.13
N LEU V 274 -5.33 51.68 -40.34
CA LEU V 274 -4.66 52.97 -40.32
C LEU V 274 -5.29 53.88 -39.26
N MET W 1 31.96 74.22 -58.35
CA MET W 1 33.31 73.82 -57.89
C MET W 1 33.57 74.26 -56.45
N GLY W 2 32.55 74.80 -55.79
CA GLY W 2 32.73 75.25 -54.42
C GLY W 2 31.47 75.63 -53.65
N GLU W 3 31.66 76.37 -52.56
CA GLU W 3 30.57 76.80 -51.71
C GLU W 3 30.07 78.21 -52.05
N VAL W 4 29.00 78.62 -51.39
CA VAL W 4 28.43 79.95 -51.62
C VAL W 4 29.04 80.93 -50.63
N VAL W 5 29.45 82.09 -51.14
CA VAL W 5 30.06 83.12 -50.31
C VAL W 5 29.20 84.39 -50.34
N ARG W 6 29.07 85.05 -49.19
CA ARG W 6 28.29 86.28 -49.10
C ARG W 6 29.23 87.47 -49.17
N LEU W 7 29.15 88.25 -50.25
CA LEU W 7 29.99 89.42 -50.43
C LEU W 7 29.19 90.70 -50.30
N THR W 8 29.87 91.84 -50.44
CA THR W 8 29.21 93.12 -50.36
C THR W 8 29.48 93.97 -51.59
N ASN W 9 28.52 94.83 -51.92
CA ASN W 9 28.64 95.76 -53.03
C ASN W 9 27.50 96.74 -52.88
N SER W 10 27.38 97.67 -53.82
CA SER W 10 26.31 98.65 -53.72
C SER W 10 25.83 99.07 -55.09
N SER W 11 24.93 100.05 -55.13
CA SER W 11 24.39 100.53 -56.38
C SER W 11 23.65 101.84 -56.16
N THR W 12 23.16 102.41 -57.25
CA THR W 12 22.41 103.65 -57.18
C THR W 12 21.06 103.37 -56.52
N GLY W 13 20.84 102.11 -56.16
CA GLY W 13 19.58 101.72 -55.52
C GLY W 13 19.78 101.20 -54.11
N GLY W 14 20.97 101.39 -53.55
CA GLY W 14 21.23 100.93 -52.20
C GLY W 14 22.25 99.81 -52.12
N PRO W 15 22.87 99.62 -50.94
CA PRO W 15 23.88 98.57 -50.69
C PRO W 15 23.24 97.19 -50.75
N VAL W 16 24.03 96.17 -51.05
CA VAL W 16 23.50 94.81 -51.13
C VAL W 16 24.51 93.75 -50.72
N PHE W 17 23.98 92.59 -50.30
CA PHE W 17 24.80 91.43 -49.95
C PHE W 17 24.72 90.63 -51.25
N VAL W 18 25.86 90.18 -51.74
CA VAL W 18 25.87 89.41 -52.98
C VAL W 18 26.37 87.99 -52.71
N TYR W 19 25.53 87.02 -52.98
CA TYR W 19 25.89 85.62 -52.79
C TYR W 19 26.44 85.08 -54.10
N VAL W 20 27.69 84.61 -54.05
CA VAL W 20 28.36 84.09 -55.21
C VAL W 20 28.79 82.64 -55.01
N LYS W 21 28.72 81.87 -56.10
CA LYS W 21 29.11 80.47 -56.06
C LYS W 21 29.76 80.12 -57.38
N ASP W 22 31.02 79.73 -57.31
CA ASP W 22 31.78 79.34 -58.49
C ASP W 22 31.80 80.44 -59.56
N GLY W 23 32.19 81.64 -59.14
CA GLY W 23 32.28 82.76 -60.06
C GLY W 23 30.96 83.23 -60.67
N LYS W 24 29.85 82.85 -60.08
CA LYS W 24 28.54 83.27 -60.58
C LYS W 24 27.69 83.87 -59.47
N ILE W 25 27.01 84.96 -59.77
CA ILE W 25 26.14 85.62 -58.80
C ILE W 25 24.84 84.85 -58.69
N ILE W 26 24.50 84.43 -57.48
CA ILE W 26 23.27 83.68 -57.24
C ILE W 26 22.11 84.62 -56.92
N ARG W 27 22.33 85.58 -56.03
CA ARG W 27 21.30 86.53 -55.67
C ARG W 27 21.88 87.80 -55.04
N MET W 28 21.06 88.84 -54.98
CA MET W 28 21.46 90.12 -54.38
C MET W 28 20.31 90.47 -53.45
N THR W 29 20.64 90.94 -52.25
CA THR W 29 19.60 91.27 -51.29
C THR W 29 19.94 92.49 -50.44
N PRO W 30 18.95 93.01 -49.71
CA PRO W 30 19.16 94.18 -48.85
C PRO W 30 20.05 93.65 -47.72
N MET W 31 20.59 94.53 -46.89
CA MET W 31 21.48 94.09 -45.82
C MET W 31 20.88 94.15 -44.43
N ASP W 32 20.92 93.04 -43.72
CA ASP W 32 20.55 93.00 -42.35
C ASP W 32 21.71 93.30 -41.44
N PHE W 33 21.55 94.07 -40.43
CA PHE W 33 22.66 94.41 -39.56
C PHE W 33 22.83 93.31 -38.51
N ASP W 34 24.06 93.12 -38.05
CA ASP W 34 24.35 92.13 -37.03
C ASP W 34 24.64 92.92 -35.75
N ASP W 35 23.66 92.95 -34.86
CA ASP W 35 23.76 93.70 -33.62
C ASP W 35 24.97 93.37 -32.74
N ALA W 36 25.67 92.29 -33.06
CA ALA W 36 26.84 91.92 -32.28
C ALA W 36 28.06 92.69 -32.78
N VAL W 37 28.02 93.15 -34.03
CA VAL W 37 29.15 93.89 -34.59
C VAL W 37 28.81 95.25 -35.21
N ASP W 38 27.53 95.50 -35.46
CA ASP W 38 27.12 96.78 -36.04
C ASP W 38 26.54 97.73 -35.00
N ALA W 39 27.08 98.94 -34.96
CA ALA W 39 26.66 99.98 -34.01
C ALA W 39 25.15 100.23 -33.93
N PRO W 40 24.64 100.52 -32.71
CA PRO W 40 23.22 100.78 -32.46
C PRO W 40 22.73 101.99 -33.26
N SER W 41 21.44 102.02 -33.53
CA SER W 41 20.83 103.11 -34.30
C SER W 41 20.45 104.31 -33.45
N TRP W 42 20.12 105.40 -34.13
CA TRP W 42 19.71 106.62 -33.44
C TRP W 42 18.29 106.42 -32.94
N LYS W 43 17.85 107.30 -32.05
CA LYS W 43 16.51 107.26 -31.51
C LYS W 43 16.01 108.70 -31.44
N ILE W 44 14.72 108.88 -31.64
CA ILE W 44 14.13 110.20 -31.55
C ILE W 44 12.90 110.13 -30.65
N GLU W 45 12.87 110.97 -29.63
CA GLU W 45 11.75 111.01 -28.72
C GLU W 45 10.91 112.21 -29.11
N ALA W 46 9.66 111.94 -29.48
CA ALA W 46 8.77 113.01 -29.90
C ALA W 46 7.32 112.65 -29.56
N ARG W 47 6.62 113.62 -28.98
CA ARG W 47 5.22 113.45 -28.61
C ARG W 47 4.92 112.15 -27.88
N GLY W 48 5.67 111.88 -26.82
CA GLY W 48 5.46 110.68 -26.03
C GLY W 48 5.78 109.35 -26.68
N LYS W 49 6.50 109.37 -27.80
CA LYS W 49 6.85 108.13 -28.47
C LYS W 49 8.34 108.07 -28.78
N THR W 50 8.84 106.85 -28.97
CA THR W 50 10.24 106.64 -29.29
C THR W 50 10.34 106.10 -30.70
N PHE W 51 11.00 106.84 -31.57
CA PHE W 51 11.15 106.42 -32.96
C PHE W 51 12.58 105.99 -33.27
N THR W 52 12.70 104.78 -33.82
CA THR W 52 14.01 104.24 -34.18
C THR W 52 13.81 103.45 -35.47
N PRO W 53 14.78 103.52 -36.40
CA PRO W 53 14.70 102.81 -37.68
C PRO W 53 14.98 101.31 -37.61
N PRO W 54 14.61 100.58 -38.69
CA PRO W 54 14.82 99.14 -38.76
C PRO W 54 16.32 98.85 -38.86
N ARG W 55 16.76 97.74 -38.27
CA ARG W 55 18.16 97.33 -38.30
C ARG W 55 18.43 96.71 -39.66
N LYS W 56 18.14 97.47 -40.71
CA LYS W 56 18.32 96.94 -42.06
C LYS W 56 18.26 98.05 -43.11
N THR W 57 18.86 97.81 -44.27
CA THR W 57 18.83 98.77 -45.35
C THR W 57 17.74 98.33 -46.32
N SER W 58 17.48 99.12 -47.35
CA SER W 58 16.47 98.78 -48.34
C SER W 58 17.05 99.04 -49.73
N ILE W 59 16.36 98.54 -50.74
CA ILE W 59 16.83 98.72 -52.11
C ILE W 59 15.70 99.08 -53.05
N ALA W 60 16.04 99.70 -54.17
CA ALA W 60 15.05 100.10 -55.16
C ALA W 60 14.81 98.93 -56.12
N PRO W 61 13.71 98.97 -56.89
CA PRO W 61 13.34 97.92 -57.86
C PRO W 61 14.46 97.55 -58.83
N TYR W 62 15.09 98.55 -59.43
CA TYR W 62 16.16 98.32 -60.41
C TYR W 62 17.39 97.64 -59.83
N THR W 63 17.58 97.73 -58.51
CA THR W 63 18.70 97.08 -57.87
C THR W 63 18.32 95.62 -57.59
N ALA W 64 17.06 95.40 -57.23
CA ALA W 64 16.57 94.05 -56.94
C ALA W 64 16.76 93.13 -58.14
N GLY W 65 16.54 93.65 -59.35
CA GLY W 65 16.71 92.83 -60.54
C GLY W 65 17.95 93.20 -61.32
N PHE W 66 18.93 93.79 -60.66
CA PHE W 66 20.17 94.21 -61.31
C PHE W 66 20.98 93.08 -61.93
N LYS W 67 20.86 91.87 -61.37
CA LYS W 67 21.60 90.72 -61.90
C LYS W 67 21.30 90.49 -63.38
N SER W 68 20.06 90.75 -63.78
CA SER W 68 19.66 90.57 -65.19
C SER W 68 20.34 91.60 -66.09
N MET W 69 20.89 92.65 -65.49
CA MET W 69 21.58 93.67 -66.26
C MET W 69 23.03 93.26 -66.42
N ILE W 70 23.61 92.72 -65.35
CA ILE W 70 25.00 92.26 -65.36
C ILE W 70 25.14 91.20 -66.45
N TYR W 71 24.24 90.23 -66.43
CA TYR W 71 24.25 89.14 -67.40
C TYR W 71 23.32 89.37 -68.59
N SER W 72 23.16 90.63 -68.99
CA SER W 72 22.29 90.98 -70.12
C SER W 72 22.86 90.55 -71.47
N ASP W 73 22.00 90.11 -72.37
CA ASP W 73 22.46 89.70 -73.69
C ASP W 73 22.75 90.93 -74.56
N LEU W 74 22.39 92.12 -74.05
CA LEU W 74 22.66 93.36 -74.78
C LEU W 74 23.96 93.97 -74.29
N ARG W 75 24.62 93.23 -73.42
CA ARG W 75 25.90 93.65 -72.87
C ARG W 75 26.89 93.69 -74.04
N ILE W 76 27.66 94.77 -74.16
CA ILE W 76 28.64 94.84 -75.24
C ILE W 76 29.63 93.72 -74.93
N PRO W 77 29.70 92.69 -75.81
CA PRO W 77 30.56 91.51 -75.70
C PRO W 77 32.07 91.68 -75.83
N TYR W 78 32.48 92.61 -76.69
CA TYR W 78 33.90 92.84 -76.94
C TYR W 78 34.06 94.11 -77.77
N PRO W 79 35.30 94.58 -77.97
CA PRO W 79 35.52 95.79 -78.77
C PRO W 79 34.91 95.62 -80.16
N MET W 80 34.18 96.63 -80.62
CA MET W 80 33.54 96.58 -81.92
C MET W 80 33.93 97.75 -82.81
N LYS W 81 33.88 97.53 -84.11
CA LYS W 81 34.21 98.56 -85.09
C LYS W 81 33.14 98.61 -86.17
N ARG W 82 32.75 99.81 -86.56
CA ARG W 82 31.76 100.00 -87.61
C ARG W 82 32.41 99.54 -88.90
N LYS W 83 31.78 98.57 -89.57
CA LYS W 83 32.31 98.03 -90.81
C LYS W 83 32.58 99.08 -91.88
N SER W 84 31.62 100.00 -92.06
CA SER W 84 31.73 101.04 -93.07
C SER W 84 32.69 102.18 -92.72
N PHE W 85 33.43 102.04 -91.62
CA PHE W 85 34.38 103.07 -91.20
C PHE W 85 35.82 102.64 -91.39
N ASP W 86 36.54 103.34 -92.25
CA ASP W 86 37.94 103.05 -92.50
C ASP W 86 38.76 104.30 -92.20
N PRO W 87 39.55 104.27 -91.10
CA PRO W 87 40.39 105.40 -90.68
C PRO W 87 41.34 105.89 -91.77
N ASN W 88 41.83 104.98 -92.60
CA ASN W 88 42.76 105.36 -93.66
C ASN W 88 42.12 105.44 -95.04
N GLY W 89 40.81 105.62 -95.07
CA GLY W 89 40.11 105.73 -96.34
C GLY W 89 38.78 106.43 -96.17
N GLU W 90 37.72 105.83 -96.71
CA GLU W 90 36.38 106.40 -96.60
C GLU W 90 35.88 106.21 -95.17
N ARG W 91 35.60 107.31 -94.50
CA ARG W 91 35.12 107.24 -93.13
C ARG W 91 33.60 107.07 -93.10
N ASN W 92 32.95 107.43 -94.20
CA ASN W 92 31.51 107.31 -94.34
C ASN W 92 30.71 107.78 -93.11
N PRO W 93 30.82 109.06 -92.76
CA PRO W 93 30.11 109.61 -91.60
C PRO W 93 28.61 109.45 -91.76
N GLN W 94 28.14 109.54 -93.01
CA GLN W 94 26.71 109.44 -93.29
C GLN W 94 26.13 108.06 -93.01
N LEU W 95 26.99 107.07 -92.79
CA LEU W 95 26.51 105.73 -92.51
C LEU W 95 26.42 105.40 -91.03
N ARG W 96 26.74 106.36 -90.17
CA ARG W 96 26.65 106.11 -88.73
C ARG W 96 25.16 105.91 -88.42
N GLY W 97 24.85 104.84 -87.71
CA GLY W 97 23.47 104.56 -87.38
C GLY W 97 22.70 103.92 -88.52
N ALA W 98 23.41 103.56 -89.59
CA ALA W 98 22.75 102.95 -90.75
C ALA W 98 22.03 101.65 -90.39
N GLY W 99 22.64 100.85 -89.52
CA GLY W 99 22.03 99.60 -89.10
C GLY W 99 20.75 99.86 -88.34
N LEU W 100 20.79 100.89 -87.50
CA LEU W 100 19.64 101.28 -86.71
C LEU W 100 18.52 101.75 -87.64
N SER W 101 18.90 102.37 -88.75
CA SER W 101 17.93 102.86 -89.73
C SER W 101 17.21 101.74 -90.47
N LYS W 102 17.77 100.54 -90.43
CA LYS W 102 17.14 99.40 -91.10
C LYS W 102 16.74 98.37 -90.06
N GLN W 103 16.56 98.84 -88.83
CA GLN W 103 16.15 98.03 -87.69
C GLN W 103 17.06 96.83 -87.43
N ASP W 104 18.37 97.02 -87.62
CA ASP W 104 19.33 95.95 -87.38
C ASP W 104 20.67 96.55 -86.97
N PRO W 105 20.74 97.08 -85.74
CA PRO W 105 21.92 97.72 -85.15
C PRO W 105 23.22 96.91 -85.15
N TRP W 106 23.18 95.66 -84.69
CA TRP W 106 24.39 94.85 -84.63
C TRP W 106 25.09 94.60 -85.97
N SER W 107 24.32 94.51 -87.04
CA SER W 107 24.87 94.26 -88.38
C SER W 107 25.92 95.29 -88.82
N ASP W 108 25.89 96.46 -88.20
CA ASP W 108 26.82 97.54 -88.54
C ASP W 108 28.22 97.33 -87.99
N TYR W 109 28.36 96.41 -87.04
CA TYR W 109 29.65 96.20 -86.40
C TYR W 109 30.33 94.85 -86.53
N GLU W 110 31.66 94.90 -86.48
CA GLU W 110 32.50 93.71 -86.57
C GLU W 110 33.39 93.70 -85.32
N ARG W 111 33.81 92.51 -84.91
CA ARG W 111 34.65 92.37 -83.72
C ARG W 111 36.12 92.67 -83.98
N ILE W 112 36.77 93.33 -83.01
CA ILE W 112 38.19 93.66 -83.10
C ILE W 112 38.79 93.50 -81.71
N SER W 113 40.11 93.32 -81.64
CA SER W 113 40.78 93.14 -80.36
C SER W 113 40.93 94.45 -79.60
N TRP W 114 41.26 94.37 -78.33
CA TRP W 114 41.47 95.55 -77.51
C TRP W 114 42.69 96.28 -78.03
N ASP W 115 43.69 95.52 -78.44
CA ASP W 115 44.93 96.10 -78.95
C ASP W 115 44.71 96.92 -80.22
N GLU W 116 43.92 96.40 -81.15
CA GLU W 116 43.64 97.11 -82.40
C GLU W 116 42.71 98.31 -82.18
N ALA W 117 41.69 98.12 -81.36
CA ALA W 117 40.73 99.17 -81.07
C ALA W 117 41.39 100.38 -80.42
N THR W 118 42.27 100.13 -79.44
CA THR W 118 42.93 101.24 -78.77
C THR W 118 43.97 101.89 -79.68
N ASP W 119 44.56 101.13 -80.60
CA ASP W 119 45.52 101.69 -81.53
C ASP W 119 44.82 102.69 -82.45
N ILE W 120 43.62 102.33 -82.89
CA ILE W 120 42.83 103.18 -83.77
C ILE W 120 42.43 104.50 -83.08
N VAL W 121 42.01 104.39 -81.82
CA VAL W 121 41.60 105.57 -81.06
C VAL W 121 42.80 106.48 -80.82
N VAL W 122 43.92 105.88 -80.41
CA VAL W 122 45.14 106.64 -80.16
C VAL W 122 45.63 107.37 -81.41
N ALA W 123 45.59 106.70 -82.55
CA ALA W 123 46.03 107.32 -83.80
C ALA W 123 45.19 108.55 -84.11
N GLU W 124 43.88 108.47 -83.83
CA GLU W 124 42.97 109.58 -84.08
C GLU W 124 43.26 110.71 -83.10
N ILE W 125 43.43 110.36 -81.82
CA ILE W 125 43.71 111.33 -80.78
C ILE W 125 44.96 112.15 -81.11
N ASN W 126 46.04 111.45 -81.45
CA ASN W 126 47.29 112.13 -81.78
C ASN W 126 47.23 112.91 -83.07
N ARG W 127 46.52 112.39 -84.06
CA ARG W 127 46.41 113.09 -85.33
C ARG W 127 45.71 114.43 -85.10
N ILE W 128 44.60 114.37 -84.36
CA ILE W 128 43.81 115.56 -84.08
C ILE W 128 44.51 116.58 -83.18
N LYS W 129 45.17 116.10 -82.13
CA LYS W 129 45.86 117.02 -81.22
C LYS W 129 46.95 117.81 -81.93
N HIS W 130 47.68 117.17 -82.84
CA HIS W 130 48.75 117.84 -83.56
C HIS W 130 48.26 118.72 -84.71
N ALA W 131 47.04 118.50 -85.17
CA ALA W 131 46.50 119.29 -86.26
C ALA W 131 45.55 120.40 -85.82
N TYR W 132 44.80 120.13 -84.74
CA TYR W 132 43.83 121.09 -84.25
C TYR W 132 43.96 121.41 -82.76
N GLY W 133 44.61 120.52 -82.02
CA GLY W 133 44.79 120.73 -80.59
C GLY W 133 43.80 119.92 -79.77
N PRO W 134 44.03 119.77 -78.46
CA PRO W 134 43.18 119.01 -77.53
C PRO W 134 41.71 119.44 -77.49
N SER W 135 41.43 120.70 -77.79
CA SER W 135 40.05 121.18 -77.75
C SER W 135 39.18 120.57 -78.85
N ALA W 136 39.81 120.03 -79.88
CA ALA W 136 39.07 119.42 -80.98
C ALA W 136 38.48 118.07 -80.59
N ILE W 137 38.88 117.57 -79.41
CA ILE W 137 38.38 116.29 -78.92
C ILE W 137 37.26 116.51 -77.91
N LEU W 138 36.02 116.32 -78.35
CA LEU W 138 34.87 116.50 -77.48
C LEU W 138 34.60 115.21 -76.71
N SER W 139 34.13 115.35 -75.49
CA SER W 139 33.82 114.19 -74.68
C SER W 139 32.83 114.54 -73.60
N THR W 140 32.01 113.56 -73.24
CA THR W 140 31.04 113.75 -72.19
C THR W 140 30.43 112.45 -71.74
N PRO W 141 30.37 112.23 -70.43
CA PRO W 141 29.78 111.00 -69.92
C PRO W 141 28.36 111.48 -69.79
N SER W 142 27.68 111.07 -68.73
CA SER W 142 26.33 111.54 -68.53
C SER W 142 26.18 111.82 -67.06
N SER W 143 25.00 112.28 -66.63
CA SER W 143 24.79 112.62 -65.23
C SER W 143 24.98 111.48 -64.24
N HIS W 144 24.47 110.30 -64.56
CA HIS W 144 24.62 109.21 -63.61
C HIS W 144 25.56 108.11 -64.02
N HIS W 145 25.92 107.26 -63.07
CA HIS W 145 26.95 106.27 -63.31
C HIS W 145 26.84 105.12 -62.30
N MET W 146 27.46 104.00 -62.62
CA MET W 146 27.48 102.85 -61.72
C MET W 146 28.05 103.35 -60.40
N TRP W 147 27.54 102.83 -59.29
CA TRP W 147 27.99 103.24 -57.97
C TRP W 147 29.43 102.79 -57.70
N GLY W 148 30.17 103.64 -56.99
CA GLY W 148 31.56 103.38 -56.66
C GLY W 148 32.33 104.68 -56.79
N ASN W 149 32.84 105.19 -55.67
CA ASN W 149 33.55 106.48 -55.67
C ASN W 149 34.83 106.56 -56.48
N VAL W 150 35.67 105.55 -56.41
CA VAL W 150 36.93 105.57 -57.16
C VAL W 150 36.70 105.50 -58.66
N GLY W 151 35.76 104.67 -59.09
CA GLY W 151 35.48 104.53 -60.51
C GLY W 151 34.48 105.51 -61.08
N TYR W 152 33.88 106.34 -60.23
CA TYR W 152 32.87 107.31 -60.68
C TYR W 152 33.45 108.29 -61.71
N ARG W 153 32.58 108.89 -62.52
CA ARG W 153 33.01 109.82 -63.56
C ARG W 153 33.76 111.05 -63.05
N HIS W 154 33.48 111.50 -61.83
CA HIS W 154 34.19 112.66 -61.28
C HIS W 154 35.60 112.26 -60.88
N SER W 155 35.84 110.96 -60.79
CA SER W 155 37.13 110.42 -60.37
C SER W 155 38.01 109.88 -61.51
N THR W 156 37.72 108.66 -61.94
CA THR W 156 38.49 108.00 -63.00
C THR W 156 38.43 108.72 -64.37
N TYR W 157 37.22 108.99 -64.84
CA TYR W 157 37.03 109.67 -66.13
C TYR W 157 37.81 110.98 -66.20
N PHE W 158 37.63 111.84 -65.20
CA PHE W 158 38.33 113.13 -65.19
C PHE W 158 39.84 112.99 -65.05
N ARG W 159 40.30 112.10 -64.18
CA ARG W 159 41.74 111.95 -64.00
C ARG W 159 42.41 111.68 -65.35
N PHE W 160 41.81 110.80 -66.13
CA PHE W 160 42.37 110.45 -67.44
C PHE W 160 42.12 111.52 -68.51
N MET W 161 40.86 111.93 -68.68
CA MET W 161 40.52 112.91 -69.69
C MET W 161 41.31 114.21 -69.55
N ASN W 162 41.53 114.65 -68.31
CA ASN W 162 42.28 115.87 -68.07
C ASN W 162 43.71 115.78 -68.57
N MET W 163 44.24 114.57 -68.61
CA MET W 163 45.62 114.32 -69.06
C MET W 163 45.70 114.06 -70.56
N MET W 164 44.54 113.95 -71.22
CA MET W 164 44.50 113.64 -72.64
C MET W 164 44.00 114.80 -73.52
N GLY W 165 42.81 115.31 -73.22
CA GLY W 165 42.26 116.40 -74.02
C GLY W 165 42.02 117.65 -73.19
N PHE W 166 40.85 118.27 -73.29
CA PHE W 166 39.74 117.86 -74.14
C PHE W 166 38.65 118.91 -73.95
N THR W 167 37.65 118.92 -74.84
CA THR W 167 36.54 119.85 -74.69
C THR W 167 35.41 119.08 -74.04
N TYR W 168 34.98 119.56 -72.88
CA TYR W 168 33.92 118.92 -72.13
C TYR W 168 32.56 119.46 -72.50
N ALA W 169 31.58 118.58 -72.64
CA ALA W 169 30.21 119.02 -72.89
C ALA W 169 29.68 119.08 -71.46
N ASP W 170 29.97 120.18 -70.76
CA ASP W 170 29.55 120.33 -69.38
C ASP W 170 28.05 120.15 -69.24
N HIS W 171 27.64 119.54 -68.13
CA HIS W 171 26.23 119.27 -67.89
C HIS W 171 25.43 120.44 -67.35
N ASN W 172 24.24 120.62 -67.92
CA ASN W 172 23.32 121.65 -67.45
C ASN W 172 22.87 121.08 -66.12
N PRO W 173 22.50 121.95 -65.16
CA PRO W 173 22.06 121.43 -63.87
C PRO W 173 20.65 120.83 -63.94
N ASP W 174 20.52 119.77 -64.71
CA ASP W 174 19.24 119.08 -64.94
C ASP W 174 18.34 118.88 -63.73
N SER W 175 18.88 118.29 -62.67
CA SER W 175 18.12 118.00 -61.46
C SER W 175 17.57 119.29 -60.79
N TRP W 176 18.35 120.37 -60.87
CA TRP W 176 18.02 121.64 -60.23
C TRP W 176 17.44 122.79 -61.07
N GLU W 177 17.46 122.68 -62.40
CA GLU W 177 17.04 123.77 -63.28
C GLU W 177 16.35 124.99 -62.68
N GLY W 178 15.10 124.88 -62.27
CA GLY W 178 14.39 126.03 -61.71
C GLY W 178 15.05 126.67 -60.49
N TRP W 179 15.55 125.83 -59.60
CA TRP W 179 16.22 126.30 -58.39
C TRP W 179 17.56 126.96 -58.71
N HIS W 180 18.24 126.40 -59.70
CA HIS W 180 19.55 126.89 -60.12
C HIS W 180 19.49 128.21 -60.88
N TRP W 181 18.69 128.26 -61.96
CA TRP W 181 18.59 129.48 -62.76
C TRP W 181 17.58 130.48 -62.19
N GLY W 182 16.77 130.05 -61.23
CA GLY W 182 15.78 130.96 -60.67
C GLY W 182 15.85 131.15 -59.18
N GLY W 183 15.65 130.09 -58.42
CA GLY W 183 15.66 130.19 -56.98
C GLY W 183 16.94 130.78 -56.40
N MET W 184 18.06 130.48 -57.04
CA MET W 184 19.36 130.97 -56.59
C MET W 184 19.41 132.49 -56.41
N HIS W 185 18.77 133.22 -57.32
CA HIS W 185 18.77 134.68 -57.27
C HIS W 185 17.90 135.22 -56.16
N MET W 186 16.99 134.38 -55.68
CA MET W 186 16.07 134.77 -54.63
C MET W 186 16.58 134.50 -53.21
N TRP W 187 17.24 133.37 -53.01
CA TRP W 187 17.76 133.07 -51.67
C TRP W 187 19.18 132.52 -51.60
N GLY W 188 19.88 132.53 -52.73
CA GLY W 188 21.24 132.04 -52.75
C GLY W 188 21.40 130.53 -52.83
N PHE W 189 22.11 129.96 -51.85
CA PHE W 189 22.37 128.52 -51.82
C PHE W 189 23.02 128.07 -53.12
N SER W 190 23.88 128.90 -53.70
CA SER W 190 24.54 128.56 -54.94
C SER W 190 25.30 127.23 -54.85
N TRP W 191 25.92 126.97 -53.70
CA TRP W 191 26.69 125.74 -53.49
C TRP W 191 25.82 124.47 -53.47
N ARG W 192 24.51 124.65 -53.41
CA ARG W 192 23.57 123.53 -53.44
C ARG W 192 22.75 123.70 -54.72
N LEU W 193 23.22 124.59 -55.59
CA LEU W 193 22.58 124.88 -56.86
C LEU W 193 21.12 125.31 -56.70
N GLY W 194 20.84 126.03 -55.61
CA GLY W 194 19.48 126.51 -55.39
C GLY W 194 18.63 125.78 -54.36
N ASN W 195 19.00 124.54 -54.01
CA ASN W 195 18.24 123.77 -53.02
C ASN W 195 18.59 124.18 -51.60
N PRO W 196 17.65 124.02 -50.66
CA PRO W 196 17.89 124.38 -49.26
C PRO W 196 18.62 123.28 -48.49
N GLU W 197 19.25 123.66 -47.38
CA GLU W 197 19.91 122.68 -46.51
C GLU W 197 18.75 121.97 -45.82
N GLN W 198 18.99 120.80 -45.26
CA GLN W 198 17.92 120.02 -44.61
C GLN W 198 18.28 119.39 -43.27
N TYR W 199 19.42 119.78 -42.71
CA TYR W 199 19.88 119.21 -41.45
C TYR W 199 18.89 119.14 -40.29
N ASP W 200 18.92 118.01 -39.59
CA ASP W 200 18.09 117.78 -38.40
C ASP W 200 16.59 118.05 -38.49
N LEU W 201 16.02 117.96 -39.69
CA LEU W 201 14.58 118.22 -39.83
C LEU W 201 13.65 117.08 -39.41
N LEU W 202 14.13 115.84 -39.41
CA LEU W 202 13.28 114.71 -39.04
C LEU W 202 12.73 114.84 -37.62
N GLU W 203 13.61 115.13 -36.66
CA GLU W 203 13.15 115.27 -35.28
C GLU W 203 12.22 116.48 -35.17
N ASP W 204 12.52 117.53 -35.92
CA ASP W 204 11.71 118.74 -35.90
C ASP W 204 10.29 118.42 -36.38
N GLY W 205 10.21 117.66 -37.47
CA GLY W 205 8.91 117.29 -38.02
C GLY W 205 8.12 116.34 -37.12
N LEU W 206 8.80 115.35 -36.56
CA LEU W 206 8.13 114.40 -35.68
C LEU W 206 7.57 115.11 -34.46
N LYS W 207 8.24 116.18 -34.03
CA LYS W 207 7.80 116.93 -32.87
C LYS W 207 6.80 118.04 -33.15
N HIS W 208 6.86 118.64 -34.34
CA HIS W 208 5.97 119.76 -34.65
C HIS W 208 5.04 119.72 -35.85
N ALA W 209 5.26 118.80 -36.78
CA ALA W 209 4.43 118.74 -37.98
C ALA W 209 2.94 118.46 -37.75
N GLU W 210 2.09 119.19 -38.46
CA GLU W 210 0.65 119.01 -38.38
C GLU W 210 0.16 118.72 -39.80
N MET W 211 0.90 119.20 -40.78
CA MET W 211 0.57 118.99 -42.19
C MET W 211 1.81 119.11 -43.08
N ILE W 212 1.83 118.32 -44.15
CA ILE W 212 2.93 118.36 -45.09
C ILE W 212 2.36 118.46 -46.49
N VAL W 213 2.84 119.45 -47.24
CA VAL W 213 2.38 119.67 -48.60
C VAL W 213 3.44 119.21 -49.60
N PHE W 214 3.19 118.04 -50.19
CA PHE W 214 4.09 117.46 -51.18
C PHE W 214 3.79 118.08 -52.53
N TRP W 215 4.63 119.03 -52.94
CA TRP W 215 4.44 119.71 -54.22
C TRP W 215 5.51 119.22 -55.19
N SER W 216 5.06 118.54 -56.25
CA SER W 216 5.97 117.98 -57.26
C SER W 216 6.95 117.08 -56.54
N SER W 217 6.44 116.32 -55.58
CA SER W 217 7.26 115.42 -54.78
C SER W 217 6.68 114.02 -54.66
N ASP W 218 7.48 113.03 -55.05
CA ASP W 218 7.09 111.62 -54.98
C ASP W 218 8.25 110.85 -54.32
N PRO W 219 8.43 111.06 -53.00
CA PRO W 219 9.48 110.41 -52.18
C PRO W 219 9.62 108.90 -52.40
N GLU W 220 8.51 108.18 -52.38
CA GLU W 220 8.56 106.73 -52.57
C GLU W 220 9.28 106.36 -53.88
N THR W 221 8.98 107.08 -54.95
CA THR W 221 9.60 106.80 -56.24
C THR W 221 11.07 107.25 -56.33
N ASN W 222 11.29 108.53 -56.06
CA ASN W 222 12.64 109.10 -56.17
C ASN W 222 13.53 108.88 -54.95
N SER W 223 12.94 108.75 -53.76
CA SER W 223 13.67 108.53 -52.51
C SER W 223 14.68 109.64 -52.26
N GLY W 224 14.52 110.75 -52.97
CA GLY W 224 15.50 111.83 -52.87
C GLY W 224 16.40 111.39 -54.00
N ILE W 225 17.30 110.47 -53.68
CA ILE W 225 18.19 109.89 -54.67
C ILE W 225 19.09 108.84 -54.01
N TYR W 226 19.27 107.72 -54.70
CA TYR W 226 20.12 106.63 -54.23
C TYR W 226 19.72 105.98 -52.89
N ALA W 227 18.58 106.36 -52.33
CA ALA W 227 18.21 105.84 -51.03
C ALA W 227 17.11 104.77 -50.93
N GLY W 228 16.98 103.93 -51.96
CA GLY W 228 15.97 102.88 -51.95
C GLY W 228 14.64 103.33 -51.36
N PHE W 229 14.26 102.72 -50.25
CA PHE W 229 12.99 103.05 -49.58
C PHE W 229 13.24 103.38 -48.11
N GLU W 230 14.37 104.00 -47.84
CA GLU W 230 14.74 104.35 -46.46
C GLU W 230 13.74 105.22 -45.72
N SER W 231 13.08 106.14 -46.41
CA SER W 231 12.14 107.05 -45.75
C SER W 231 10.70 106.56 -45.58
N ASN W 232 10.39 105.38 -46.10
CA ASN W 232 9.03 104.86 -46.00
C ASN W 232 8.49 104.87 -44.57
N ILE W 233 9.27 104.32 -43.64
CA ILE W 233 8.85 104.26 -42.24
C ILE W 233 8.62 105.63 -41.59
N ARG W 234 9.35 106.65 -42.04
CA ARG W 234 9.22 107.99 -41.47
C ARG W 234 7.86 108.61 -41.77
N ARG W 235 7.37 108.45 -43.00
CA ARG W 235 6.07 109.00 -43.33
C ARG W 235 5.01 108.18 -42.60
N GLN W 236 5.32 106.92 -42.32
CA GLN W 236 4.40 106.06 -41.60
C GLN W 236 4.24 106.63 -40.19
N TRP W 237 5.36 107.02 -39.58
CA TRP W 237 5.32 107.60 -38.23
C TRP W 237 4.52 108.89 -38.23
N LEU W 238 4.80 109.76 -39.20
CA LEU W 238 4.09 111.04 -39.30
C LEU W 238 2.60 110.79 -39.48
N LYS W 239 2.27 109.86 -40.37
CA LYS W 239 0.88 109.53 -40.63
C LYS W 239 0.19 109.03 -39.36
N ASP W 240 0.89 108.18 -38.60
CA ASP W 240 0.33 107.64 -37.37
C ASP W 240 0.24 108.72 -36.29
N LEU W 241 0.97 109.82 -36.48
CA LEU W 241 0.94 110.92 -35.52
C LEU W 241 -0.21 111.86 -35.83
N GLY W 242 -0.91 111.61 -36.95
CA GLY W 242 -2.02 112.45 -37.32
C GLY W 242 -1.69 113.57 -38.28
N VAL W 243 -0.52 113.50 -38.91
CA VAL W 243 -0.11 114.53 -39.86
C VAL W 243 -0.83 114.34 -41.20
N ASP W 244 -1.43 115.40 -41.71
CA ASP W 244 -2.13 115.31 -43.00
C ASP W 244 -1.16 115.52 -44.14
N PHE W 245 -1.33 114.72 -45.20
CA PHE W 245 -0.49 114.79 -46.39
C PHE W 245 -1.29 115.25 -47.59
N VAL W 246 -0.89 116.37 -48.17
CA VAL W 246 -1.57 116.92 -49.36
C VAL W 246 -0.61 116.85 -50.53
N PHE W 247 -1.07 116.30 -51.66
CA PHE W 247 -0.23 116.19 -52.84
C PHE W 247 -0.69 117.05 -54.02
N ILE W 248 0.25 117.79 -54.59
CA ILE W 248 -0.04 118.63 -55.75
C ILE W 248 0.90 118.12 -56.84
N ASP W 249 0.30 117.46 -57.81
CA ASP W 249 1.04 116.81 -58.87
C ASP W 249 0.05 116.50 -60.01
N PRO W 250 0.40 116.84 -61.26
CA PRO W 250 -0.53 116.55 -62.37
C PRO W 250 -0.90 115.07 -62.35
N HIS W 251 0.05 114.24 -61.93
CA HIS W 251 -0.14 112.80 -61.84
C HIS W 251 -0.23 112.36 -60.38
N MET W 252 -1.19 111.49 -60.08
CA MET W 252 -1.33 111.00 -58.72
C MET W 252 -0.16 110.03 -58.56
N ASN W 253 0.98 110.55 -58.12
CA ASN W 253 2.18 109.75 -57.97
C ASN W 253 2.08 108.61 -56.97
N HIS W 254 3.14 107.79 -56.92
CA HIS W 254 3.16 106.62 -56.06
C HIS W 254 3.12 106.88 -54.56
N THR W 255 3.64 108.02 -54.11
CA THR W 255 3.58 108.32 -52.69
C THR W 255 2.12 108.71 -52.38
N ALA W 256 1.50 109.46 -53.30
CA ALA W 256 0.12 109.90 -53.12
C ALA W 256 -0.84 108.72 -53.13
N ARG W 257 -0.60 107.77 -54.03
CA ARG W 257 -1.45 106.58 -54.13
C ARG W 257 -1.41 105.79 -52.83
N LEU W 258 -0.32 105.93 -52.09
CA LEU W 258 -0.10 105.21 -50.85
C LEU W 258 -0.62 105.91 -49.60
N VAL W 259 -0.28 107.19 -49.44
CA VAL W 259 -0.67 107.93 -48.25
C VAL W 259 -1.36 109.29 -48.41
N ALA W 260 -1.77 109.65 -49.62
CA ALA W 260 -2.42 110.94 -49.81
C ALA W 260 -3.74 111.13 -49.08
N ASP W 261 -3.90 112.30 -48.45
CA ASP W 261 -5.14 112.63 -47.76
C ASP W 261 -5.95 113.47 -48.74
N LYS W 262 -5.24 114.08 -49.70
CA LYS W 262 -5.85 114.90 -50.74
C LYS W 262 -4.86 115.10 -51.88
N TRP W 263 -5.37 115.06 -53.10
CA TRP W 263 -4.54 115.21 -54.28
C TRP W 263 -5.08 116.28 -55.24
N PHE W 264 -4.20 117.19 -55.65
CA PHE W 264 -4.53 118.27 -56.59
C PHE W 264 -3.79 117.92 -57.88
N SER W 265 -4.45 118.08 -59.03
CA SER W 265 -3.82 117.78 -60.31
C SER W 265 -3.82 119.00 -61.22
N PRO W 266 -2.84 119.89 -61.04
CA PRO W 266 -2.79 121.09 -61.89
C PRO W 266 -2.32 120.77 -63.31
N LYS W 267 -2.78 121.58 -64.26
CA LYS W 267 -2.39 121.42 -65.66
C LYS W 267 -0.89 121.73 -65.73
N ILE W 268 -0.20 121.16 -66.71
CA ILE W 268 1.23 121.40 -66.83
C ILE W 268 1.54 122.90 -66.92
N GLY W 269 2.66 123.30 -66.32
CA GLY W 269 3.09 124.68 -66.35
C GLY W 269 2.24 125.71 -65.62
N THR W 270 1.37 125.27 -64.71
CA THR W 270 0.50 126.20 -63.98
C THR W 270 0.65 126.21 -62.45
N ASP W 271 1.67 125.55 -61.92
CA ASP W 271 1.84 125.51 -60.47
C ASP W 271 1.95 126.88 -59.80
N HIS W 272 2.72 127.77 -60.39
CA HIS W 272 2.90 129.09 -59.79
C HIS W 272 1.59 129.86 -59.69
N ALA W 273 0.58 129.46 -60.45
CA ALA W 273 -0.72 130.12 -60.35
C ALA W 273 -1.27 129.79 -58.96
N LEU W 274 -1.08 128.55 -58.53
CA LEU W 274 -1.55 128.13 -57.21
C LEU W 274 -0.79 128.80 -56.08
N SER W 275 0.54 128.89 -56.21
CA SER W 275 1.33 129.53 -55.17
C SER W 275 0.99 131.01 -55.06
N PHE W 276 0.74 131.65 -56.20
CA PHE W 276 0.38 133.06 -56.18
C PHE W 276 -0.99 133.26 -55.52
N ALA W 277 -1.89 132.30 -55.73
CA ALA W 277 -3.23 132.35 -55.17
C ALA W 277 -3.19 132.08 -53.66
N ILE W 278 -2.27 131.22 -53.24
CA ILE W 278 -2.14 130.91 -51.82
C ILE W 278 -1.60 132.15 -51.13
N ALA W 279 -0.60 132.78 -51.75
CA ALA W 279 -0.02 134.01 -51.22
C ALA W 279 -1.06 135.12 -51.18
N TYR W 280 -1.90 135.17 -52.21
CA TYR W 280 -2.96 136.18 -52.29
C TYR W 280 -3.89 136.05 -51.08
N THR W 281 -4.27 134.80 -50.78
CA THR W 281 -5.15 134.53 -49.67
C THR W 281 -4.53 135.00 -48.35
N TRP W 282 -3.26 134.68 -48.15
CA TRP W 282 -2.58 135.06 -46.93
C TRP W 282 -2.49 136.58 -46.78
N LEU W 283 -2.23 137.28 -47.88
CA LEU W 283 -2.14 138.73 -47.85
C LEU W 283 -3.49 139.36 -47.51
N LYS W 284 -4.54 138.86 -48.14
CA LYS W 284 -5.89 139.35 -47.92
C LYS W 284 -6.37 139.08 -46.50
N GLU W 285 -5.96 137.96 -45.93
CA GLU W 285 -6.38 137.57 -44.59
C GLU W 285 -5.32 137.80 -43.51
N ASP W 286 -4.22 138.46 -43.88
CA ASP W 286 -3.13 138.73 -42.95
C ASP W 286 -2.71 137.48 -42.20
N SER W 287 -2.73 136.34 -42.87
CA SER W 287 -2.37 135.07 -42.25
C SER W 287 -0.99 134.56 -42.64
N TYR W 288 0.05 135.24 -42.14
CA TYR W 288 1.42 134.84 -42.39
C TYR W 288 2.32 135.49 -41.35
N ASP W 289 3.59 135.11 -41.32
CA ASP W 289 4.52 135.66 -40.32
C ASP W 289 5.05 137.02 -40.73
N LYS W 290 4.29 138.06 -40.42
CA LYS W 290 4.66 139.43 -40.76
C LYS W 290 5.99 139.88 -40.16
N GLU W 291 6.24 139.54 -38.90
CA GLU W 291 7.49 139.91 -38.24
C GLU W 291 8.68 139.32 -38.99
N TYR W 292 8.57 138.05 -39.33
CA TYR W 292 9.62 137.33 -40.05
C TYR W 292 9.88 138.01 -41.39
N VAL W 293 8.81 138.25 -42.14
CA VAL W 293 8.93 138.88 -43.45
C VAL W 293 9.53 140.28 -43.41
N ALA W 294 9.10 141.08 -42.43
CA ALA W 294 9.62 142.44 -42.31
C ALA W 294 11.12 142.43 -42.08
N ALA W 295 11.63 141.39 -41.44
CA ALA W 295 13.06 141.30 -41.16
C ALA W 295 13.87 140.49 -42.15
N ASN W 296 13.27 139.47 -42.76
CA ASN W 296 14.03 138.61 -43.67
C ASN W 296 13.70 138.65 -45.15
N ALA W 297 12.87 139.60 -45.57
CA ALA W 297 12.51 139.68 -46.98
C ALA W 297 12.86 141.04 -47.60
N HIS W 298 13.23 141.02 -48.88
CA HIS W 298 13.58 142.23 -49.61
C HIS W 298 12.66 142.40 -50.81
N GLY W 299 12.08 143.59 -50.96
CA GLY W 299 11.19 143.88 -52.06
C GLY W 299 9.82 143.26 -51.90
N PHE W 300 9.48 142.88 -50.67
CA PHE W 300 8.18 142.25 -50.42
C PHE W 300 7.00 143.19 -50.65
N GLU W 301 7.17 144.47 -50.34
CA GLU W 301 6.09 145.43 -50.51
C GLU W 301 5.66 145.53 -51.98
N GLU W 302 6.63 145.64 -52.87
CA GLU W 302 6.34 145.72 -54.30
C GLU W 302 5.74 144.42 -54.78
N TRP W 303 6.26 143.31 -54.28
CA TRP W 303 5.76 142.00 -54.67
C TRP W 303 4.32 141.82 -54.23
N ALA W 304 4.03 142.25 -53.01
CA ALA W 304 2.68 142.14 -52.48
C ALA W 304 1.70 142.88 -53.38
N ASP W 305 2.08 144.08 -53.83
CA ASP W 305 1.21 144.85 -54.71
C ASP W 305 0.98 144.10 -56.02
N TYR W 306 2.00 143.38 -56.47
CA TYR W 306 1.88 142.62 -57.69
C TYR W 306 0.84 141.50 -57.49
N VAL W 307 0.98 140.77 -56.40
CA VAL W 307 0.06 139.67 -56.09
C VAL W 307 -1.38 140.17 -55.94
N LEU W 308 -1.54 141.36 -55.37
CA LEU W 308 -2.85 141.96 -55.17
C LEU W 308 -3.44 142.51 -56.47
N GLY W 309 -2.66 142.46 -57.54
CA GLY W 309 -3.14 142.93 -58.84
C GLY W 309 -3.03 144.43 -59.09
N LYS W 310 -2.34 145.15 -58.21
CA LYS W 310 -2.19 146.59 -58.38
C LYS W 310 -1.30 147.01 -59.54
N THR W 311 -0.31 146.19 -59.88
CA THR W 311 0.61 146.55 -60.96
C THR W 311 0.20 146.06 -62.35
N ASP W 312 -0.44 144.90 -62.43
CA ASP W 312 -0.83 144.37 -63.73
C ASP W 312 -2.35 144.29 -63.94
N GLY W 313 -3.10 144.83 -63.00
CA GLY W 313 -4.56 144.81 -63.11
C GLY W 313 -5.17 143.44 -62.95
N THR W 314 -4.38 142.47 -62.51
CA THR W 314 -4.88 141.12 -62.34
C THR W 314 -4.67 140.54 -60.95
N PRO W 315 -5.70 140.61 -60.10
CA PRO W 315 -5.57 140.06 -58.73
C PRO W 315 -5.35 138.54 -58.86
N LYS W 316 -4.37 138.00 -58.14
CA LYS W 316 -4.09 136.57 -58.22
C LYS W 316 -4.99 135.76 -57.29
N THR W 317 -6.28 135.77 -57.58
CA THR W 317 -7.29 135.06 -56.79
C THR W 317 -7.29 133.55 -57.02
N CYS W 318 -7.99 132.84 -56.15
CA CYS W 318 -8.10 131.39 -56.28
C CYS W 318 -8.92 131.06 -57.52
N GLU W 319 -9.84 131.96 -57.90
CA GLU W 319 -10.66 131.76 -59.08
C GLU W 319 -9.77 131.91 -60.31
N TRP W 320 -8.88 132.90 -60.27
CA TRP W 320 -7.94 133.12 -61.36
C TRP W 320 -7.04 131.89 -61.49
N ALA W 321 -6.55 131.40 -60.35
CA ALA W 321 -5.67 130.23 -60.33
C ALA W 321 -6.39 129.01 -60.90
N GLU W 322 -7.67 128.88 -60.60
CA GLU W 322 -8.47 127.76 -61.09
C GLU W 322 -8.55 127.82 -62.61
N GLU W 323 -8.74 129.02 -63.14
CA GLU W 323 -8.84 129.21 -64.58
C GLU W 323 -7.56 128.77 -65.28
N GLU W 324 -6.43 129.00 -64.62
CA GLU W 324 -5.13 128.62 -65.19
C GLU W 324 -4.82 127.12 -65.05
N SER W 325 -4.98 126.61 -63.82
CA SER W 325 -4.65 125.22 -63.50
C SER W 325 -5.72 124.12 -63.57
N GLY W 326 -6.98 124.48 -63.42
CA GLY W 326 -8.02 123.48 -63.46
C GLY W 326 -8.33 122.93 -62.07
N VAL W 327 -7.60 123.41 -61.06
CA VAL W 327 -7.82 122.99 -59.67
C VAL W 327 -8.89 123.92 -59.10
N PRO W 328 -9.96 123.36 -58.51
CA PRO W 328 -11.07 124.13 -57.92
C PRO W 328 -10.62 125.24 -56.97
N ALA W 329 -11.17 126.43 -57.16
CA ALA W 329 -10.83 127.60 -56.34
C ALA W 329 -11.06 127.37 -54.85
N CYS W 330 -12.15 126.68 -54.51
CA CYS W 330 -12.47 126.42 -53.11
C CYS W 330 -11.40 125.57 -52.41
N GLU W 331 -10.86 124.58 -53.12
CA GLU W 331 -9.83 123.72 -52.52
C GLU W 331 -8.50 124.45 -52.37
N ILE W 332 -8.19 125.34 -53.31
CA ILE W 332 -6.96 126.10 -53.24
C ILE W 332 -7.03 126.97 -51.98
N ARG W 333 -8.15 127.67 -51.83
CA ARG W 333 -8.35 128.53 -50.67
C ARG W 333 -8.36 127.74 -49.38
N ALA W 334 -8.97 126.56 -49.40
CA ALA W 334 -9.03 125.73 -48.20
C ALA W 334 -7.63 125.33 -47.79
N LEU W 335 -6.79 125.00 -48.77
CA LEU W 335 -5.42 124.61 -48.49
C LEU W 335 -4.68 125.80 -47.89
N ALA W 336 -4.83 126.95 -48.53
CA ALA W 336 -4.17 128.17 -48.06
C ALA W 336 -4.48 128.45 -46.59
N ARG W 337 -5.76 128.45 -46.25
CA ARG W 337 -6.17 128.70 -44.88
C ARG W 337 -5.65 127.68 -43.89
N GLN W 338 -5.66 126.41 -44.28
CA GLN W 338 -5.16 125.34 -43.39
C GLN W 338 -3.65 125.46 -43.24
N TRP W 339 -2.98 125.78 -44.34
CA TRP W 339 -1.53 125.93 -44.36
C TRP W 339 -1.12 127.01 -43.37
N ALA W 340 -1.86 128.12 -43.39
CA ALA W 340 -1.56 129.24 -42.52
C ALA W 340 -1.76 128.97 -41.02
N LYS W 341 -2.79 128.22 -40.66
CA LYS W 341 -3.04 127.96 -39.25
C LYS W 341 -2.37 126.75 -38.62
N LYS W 342 -1.89 125.82 -39.43
CA LYS W 342 -1.22 124.62 -38.91
C LYS W 342 0.29 124.66 -39.13
N ASN W 343 1.03 123.88 -38.33
CA ASN W 343 2.48 123.81 -38.51
C ASN W 343 2.64 123.00 -39.78
N THR W 344 2.94 123.69 -40.87
CA THR W 344 3.04 123.04 -42.17
C THR W 344 4.43 123.04 -42.80
N TYR W 345 4.87 121.88 -43.26
CA TYR W 345 6.16 121.78 -43.93
C TYR W 345 5.89 121.67 -45.42
N LEU W 346 6.69 122.37 -46.21
CA LEU W 346 6.54 122.34 -47.65
C LEU W 346 7.53 121.34 -48.23
N ALA W 347 7.00 120.23 -48.73
CA ALA W 347 7.84 119.21 -49.33
C ALA W 347 7.91 119.49 -50.82
N ALA W 348 8.68 120.51 -51.19
CA ALA W 348 8.84 120.88 -52.59
C ALA W 348 9.93 119.99 -53.17
N GLY W 349 9.54 119.14 -54.12
CA GLY W 349 10.51 118.23 -54.71
C GLY W 349 10.71 117.03 -53.80
N GLY W 350 11.30 115.98 -54.33
CA GLY W 350 11.50 114.78 -53.52
C GLY W 350 12.68 114.81 -52.57
N LEU W 351 13.62 115.71 -52.83
CA LEU W 351 14.82 115.83 -52.01
C LEU W 351 14.77 116.92 -50.96
N GLY W 352 13.97 117.94 -51.24
CA GLY W 352 13.90 119.10 -50.38
C GLY W 352 14.60 119.97 -51.41
N GLY W 353 13.83 120.33 -52.43
CA GLY W 353 14.38 121.06 -53.54
C GLY W 353 14.16 120.07 -54.67
N TRP W 354 14.61 120.40 -55.87
CA TRP W 354 14.39 119.53 -57.03
C TRP W 354 12.88 119.55 -57.33
N GLY W 355 12.38 118.50 -57.96
CA GLY W 355 10.97 118.46 -58.32
C GLY W 355 10.87 118.55 -59.84
N GLY W 356 10.02 117.71 -60.43
CA GLY W 356 9.85 117.69 -61.89
C GLY W 356 9.45 119.06 -62.40
N ALA W 357 8.71 119.77 -61.57
CA ALA W 357 8.24 121.10 -61.89
C ALA W 357 9.38 122.10 -62.12
N CYS W 358 10.53 121.84 -61.51
CA CYS W 358 11.65 122.76 -61.67
C CYS W 358 12.32 122.69 -63.04
N ARG W 359 12.14 121.58 -63.76
CA ARG W 359 12.72 121.48 -65.09
C ARG W 359 11.60 121.44 -66.13
N ALA W 360 10.93 122.58 -66.23
CA ALA W 360 9.79 122.79 -67.13
C ALA W 360 9.80 124.26 -67.54
N SER W 361 8.96 124.65 -68.48
CA SER W 361 8.95 126.03 -68.93
C SER W 361 8.61 127.03 -67.80
N HIS W 362 7.97 126.56 -66.75
CA HIS W 362 7.61 127.43 -65.63
C HIS W 362 8.49 127.13 -64.41
N GLY W 363 9.56 126.37 -64.62
CA GLY W 363 10.44 126.00 -63.52
C GLY W 363 10.97 127.11 -62.63
N ILE W 364 11.36 128.23 -63.22
CA ILE W 364 11.89 129.36 -62.46
C ILE W 364 10.87 129.96 -61.49
N GLU W 365 9.65 130.15 -61.96
CA GLU W 365 8.62 130.72 -61.10
C GLU W 365 8.07 129.71 -60.10
N TRP W 366 8.11 128.42 -60.44
CA TRP W 366 7.63 127.44 -59.49
C TRP W 366 8.57 127.43 -58.28
N ALA W 367 9.87 127.38 -58.56
CA ALA W 367 10.89 127.38 -57.51
C ALA W 367 10.80 128.64 -56.66
N ARG W 368 10.68 129.81 -57.31
CA ARG W 368 10.58 131.05 -56.55
C ARG W 368 9.27 131.11 -55.77
N GLY W 369 8.23 130.47 -56.29
CA GLY W 369 6.96 130.44 -55.59
C GLY W 369 7.06 129.58 -54.34
N MET W 370 7.78 128.47 -54.42
CA MET W 370 7.94 127.61 -53.25
C MET W 370 8.70 128.37 -52.17
N ILE W 371 9.68 129.16 -52.60
CA ILE W 371 10.48 129.95 -51.68
C ILE W 371 9.62 131.07 -51.08
N ALA W 372 8.79 131.68 -51.92
CA ALA W 372 7.92 132.76 -51.46
C ALA W 372 6.98 132.27 -50.36
N LEU W 373 6.37 131.11 -50.60
CA LEU W 373 5.43 130.52 -49.64
C LEU W 373 6.11 130.11 -48.34
N ALA W 374 7.25 129.42 -48.44
CA ALA W 374 7.97 128.97 -47.24
C ALA W 374 8.44 130.17 -46.43
N THR W 375 8.80 131.24 -47.13
CA THR W 375 9.27 132.46 -46.48
C THR W 375 8.14 133.18 -45.73
N MET W 376 6.98 133.29 -46.36
CA MET W 376 5.85 133.96 -45.73
C MET W 376 5.40 133.25 -44.46
N GLN W 377 5.64 131.95 -44.39
CA GLN W 377 5.26 131.18 -43.22
C GLN W 377 6.38 131.04 -42.19
N GLY W 378 7.49 131.75 -42.43
CA GLY W 378 8.61 131.74 -41.51
C GLY W 378 9.48 130.50 -41.44
N MET W 379 9.94 130.02 -42.60
CA MET W 379 10.78 128.83 -42.63
C MET W 379 11.96 128.95 -41.68
N GLY W 380 12.26 127.86 -40.97
CA GLY W 380 13.36 127.87 -40.03
C GLY W 380 12.90 127.79 -38.58
N LYS W 381 11.70 128.29 -38.31
CA LYS W 381 11.18 128.25 -36.95
C LYS W 381 10.51 126.90 -36.72
N PRO W 382 10.40 126.46 -35.46
CA PRO W 382 9.78 125.17 -35.16
C PRO W 382 8.39 125.02 -35.77
N GLY W 383 8.19 123.95 -36.53
CA GLY W 383 6.89 123.71 -37.14
C GLY W 383 6.66 124.34 -38.49
N SER W 384 7.67 125.00 -39.04
CA SER W 384 7.52 125.64 -40.34
C SER W 384 8.84 125.66 -41.09
N ASN W 385 8.90 124.96 -42.22
CA ASN W 385 10.13 124.90 -42.99
C ASN W 385 9.87 124.16 -44.29
N MET W 386 10.87 124.13 -45.14
CA MET W 386 10.76 123.39 -46.39
C MET W 386 11.41 122.06 -46.04
N TRP W 387 10.62 120.98 -46.12
CA TRP W 387 11.11 119.64 -45.80
C TRP W 387 10.30 118.61 -46.60
N SER W 388 11.00 117.74 -47.33
CA SER W 388 10.34 116.73 -48.15
C SER W 388 10.27 115.35 -47.51
N THR W 389 10.63 115.28 -46.23
CA THR W 389 10.65 114.05 -45.43
C THR W 389 11.69 113.00 -45.83
N THR W 390 12.52 113.31 -46.83
CA THR W 390 13.55 112.35 -47.24
C THR W 390 14.88 112.58 -46.53
N GLN W 391 15.18 113.85 -46.20
CA GLN W 391 16.43 114.15 -45.51
C GLN W 391 16.15 114.58 -44.07
N GLY W 392 17.19 115.05 -43.39
CA GLY W 392 17.02 115.48 -42.02
C GLY W 392 17.22 114.42 -40.96
N VAL W 393 17.66 113.23 -41.35
CA VAL W 393 17.90 112.16 -40.38
C VAL W 393 19.09 112.59 -39.52
N PRO W 394 18.99 112.41 -38.19
CA PRO W 394 20.06 112.78 -37.26
C PRO W 394 21.30 111.89 -37.21
N LEU W 395 21.94 111.72 -38.35
CA LEU W 395 23.15 110.91 -38.44
C LEU W 395 24.31 111.78 -37.97
N ASP W 396 25.48 111.16 -37.78
CA ASP W 396 26.64 111.93 -37.32
C ASP W 396 27.22 112.77 -38.45
N TYR W 397 26.77 114.03 -38.52
CA TYR W 397 27.22 114.96 -39.56
C TYR W 397 28.70 115.30 -39.42
N GLU W 398 29.27 115.01 -38.26
CA GLU W 398 30.67 115.33 -38.02
C GLU W 398 31.64 114.25 -38.52
N PHE W 399 31.15 113.02 -38.65
CA PHE W 399 31.99 111.94 -39.16
C PHE W 399 32.19 112.24 -40.64
N TYR W 400 33.44 112.15 -41.11
CA TYR W 400 33.69 112.45 -42.50
C TYR W 400 34.04 111.30 -43.44
N PHE W 401 33.22 111.15 -44.48
CA PHE W 401 33.45 110.15 -45.51
C PHE W 401 32.98 110.86 -46.77
N PRO W 402 33.85 110.99 -47.77
CA PRO W 402 33.58 111.65 -49.05
C PRO W 402 32.50 111.04 -49.92
N GLY W 403 31.79 111.90 -50.64
CA GLY W 403 30.76 111.45 -51.56
C GLY W 403 31.47 111.37 -52.90
N TYR W 404 30.85 110.74 -53.90
CA TYR W 404 31.50 110.62 -55.21
C TYR W 404 31.79 111.96 -55.87
N ALA W 405 30.96 112.96 -55.57
CA ALA W 405 31.13 114.27 -56.17
C ALA W 405 32.38 115.02 -55.69
N GLU W 406 33.08 114.47 -54.70
CA GLU W 406 34.28 115.13 -54.19
C GLU W 406 35.56 114.81 -54.99
N GLY W 407 35.39 114.16 -56.15
CA GLY W 407 36.51 113.89 -57.02
C GLY W 407 37.31 112.61 -56.98
N GLY W 408 37.24 111.86 -55.87
CA GLY W 408 38.00 110.62 -55.81
C GLY W 408 39.47 110.80 -56.16
N ILE W 409 39.92 110.12 -57.21
CA ILE W 409 41.33 110.20 -57.59
C ILE W 409 41.74 111.29 -58.59
N SER W 410 40.79 112.09 -59.05
CA SER W 410 41.13 113.14 -60.01
C SER W 410 41.66 114.38 -59.30
N GLY W 411 41.07 114.71 -58.17
CA GLY W 411 41.49 115.89 -57.43
C GLY W 411 41.21 117.17 -58.21
N ASP W 412 40.31 117.06 -59.19
CA ASP W 412 39.93 118.19 -60.03
C ASP W 412 39.13 119.18 -59.17
N CYS W 413 39.77 120.25 -58.74
CA CYS W 413 39.11 121.23 -57.87
C CYS W 413 38.12 122.16 -58.55
N GLU W 414 38.05 122.12 -59.89
CA GLU W 414 37.12 122.97 -60.61
C GLU W 414 35.91 122.22 -61.17
N ASN W 415 36.06 120.93 -61.39
CA ASN W 415 34.96 120.14 -61.94
C ASN W 415 34.37 119.12 -60.96
N SER W 416 34.87 119.13 -59.74
CA SER W 416 34.37 118.24 -58.70
C SER W 416 34.40 119.08 -57.43
N ALA W 417 33.95 118.51 -56.32
CA ALA W 417 33.94 119.22 -55.05
C ALA W 417 35.18 118.91 -54.22
N ALA W 418 36.23 118.42 -54.88
CA ALA W 418 37.48 118.07 -54.21
C ALA W 418 38.09 119.22 -53.41
N GLY W 419 37.97 120.43 -53.94
CA GLY W 419 38.54 121.59 -53.29
C GLY W 419 38.05 121.88 -51.87
N PHE W 420 36.85 121.45 -51.55
CA PHE W 420 36.31 121.72 -50.22
C PHE W 420 37.10 121.06 -49.09
N LYS W 421 37.29 119.75 -49.18
CA LYS W 421 38.00 119.04 -48.13
C LYS W 421 38.78 117.81 -48.57
N PHE W 422 38.19 116.98 -49.42
CA PHE W 422 38.84 115.74 -49.83
C PHE W 422 40.21 115.86 -50.50
N ALA W 423 40.34 116.74 -51.47
CA ALA W 423 41.61 116.90 -52.17
C ALA W 423 42.75 117.12 -51.18
N TRP W 424 42.48 117.91 -50.15
CA TRP W 424 43.46 118.23 -49.12
C TRP W 424 43.84 117.02 -48.27
N ARG W 425 42.97 116.01 -48.26
CA ARG W 425 43.24 114.80 -47.50
C ARG W 425 43.85 113.71 -48.38
N MET W 426 43.35 113.61 -49.61
CA MET W 426 43.79 112.59 -50.56
C MET W 426 45.19 112.78 -51.14
N PHE W 427 45.58 114.01 -51.41
CA PHE W 427 46.89 114.26 -52.00
C PHE W 427 47.82 114.98 -51.03
N ASP W 428 49.11 114.67 -51.13
CA ASP W 428 50.11 115.23 -50.22
C ASP W 428 51.15 116.13 -50.87
N GLY W 429 51.08 116.29 -52.18
CA GLY W 429 52.06 117.13 -52.85
C GLY W 429 53.46 116.57 -52.69
N LYS W 430 53.55 115.26 -52.50
CA LYS W 430 54.83 114.59 -52.32
C LYS W 430 54.95 113.27 -53.10
N THR W 431 54.02 112.36 -52.87
CA THR W 431 54.03 111.05 -53.52
C THR W 431 52.86 110.76 -54.46
N THR W 432 51.75 111.46 -54.27
CA THR W 432 50.57 111.25 -55.10
C THR W 432 50.04 112.62 -55.54
N PHE W 433 49.71 112.75 -56.82
CA PHE W 433 49.25 114.03 -57.33
C PHE W 433 47.92 114.04 -58.10
N PRO W 434 47.22 115.19 -58.09
CA PRO W 434 45.93 115.44 -58.74
C PRO W 434 46.08 115.55 -60.25
N SER W 435 44.95 115.55 -60.96
CA SER W 435 44.95 115.66 -62.42
C SER W 435 44.07 116.83 -62.86
N PRO W 436 44.65 118.05 -62.91
CA PRO W 436 43.96 119.28 -63.30
C PRO W 436 43.76 119.40 -64.82
N SER W 437 42.79 120.20 -65.22
CA SER W 437 42.51 120.43 -66.63
C SER W 437 42.60 121.93 -66.94
N ASN W 438 43.43 122.31 -67.89
CA ASN W 438 43.55 123.72 -68.26
C ASN W 438 42.62 124.04 -69.44
N LEU W 439 41.77 123.09 -69.79
CA LEU W 439 40.81 123.27 -70.88
C LEU W 439 39.38 123.32 -70.35
N ASN W 440 39.06 122.44 -69.41
CA ASN W 440 37.72 122.42 -68.85
C ASN W 440 37.66 123.46 -67.74
N THR W 441 37.69 124.72 -68.16
CA THR W 441 37.65 125.85 -67.24
C THR W 441 36.99 127.00 -68.00
N SER W 442 36.50 128.00 -67.27
CA SER W 442 35.83 129.13 -67.91
C SER W 442 36.63 129.82 -69.00
N ALA W 443 37.94 129.95 -68.79
CA ALA W 443 38.79 130.61 -69.77
C ALA W 443 39.21 129.66 -70.90
N GLY W 444 38.81 128.40 -70.79
CA GLY W 444 39.16 127.43 -71.82
C GLY W 444 38.00 127.24 -72.79
N GLN W 445 37.65 125.99 -73.06
CA GLN W 445 36.53 125.72 -73.96
C GLN W 445 35.70 124.53 -73.49
N HIS W 446 34.38 124.72 -73.50
CA HIS W 446 33.44 123.67 -73.14
C HIS W 446 32.19 124.00 -73.94
N ILE W 447 31.26 123.07 -74.05
CA ILE W 447 30.01 123.34 -74.75
C ILE W 447 28.89 122.79 -73.89
N PRO W 448 27.67 123.33 -74.02
CA PRO W 448 26.56 122.84 -73.21
C PRO W 448 26.08 121.47 -73.69
N ARG W 449 25.87 120.55 -72.75
CA ARG W 449 25.40 119.21 -73.11
C ARG W 449 24.09 119.33 -73.91
N LEU W 450 23.25 120.27 -73.51
CA LEU W 450 21.96 120.49 -74.16
C LEU W 450 22.06 121.02 -75.58
N LYS W 451 23.23 121.51 -75.97
CA LYS W 451 23.39 122.06 -77.32
C LYS W 451 24.52 121.44 -78.14
N ILE W 452 24.94 120.23 -77.78
CA ILE W 452 25.97 119.54 -78.53
C ILE W 452 25.58 119.43 -80.02
N PRO W 453 24.31 119.07 -80.30
CA PRO W 453 23.88 118.94 -81.69
C PRO W 453 24.10 120.21 -82.51
N GLU W 454 23.74 121.36 -81.94
CA GLU W 454 23.90 122.63 -82.63
C GLU W 454 25.36 122.99 -82.84
N CYS W 455 26.20 122.68 -81.86
CA CYS W 455 27.62 122.98 -81.99
C CYS W 455 28.23 122.16 -83.12
N ILE W 456 27.89 120.88 -83.16
CA ILE W 456 28.41 119.99 -84.19
C ILE W 456 27.90 120.33 -85.58
N MET W 457 26.58 120.45 -85.73
CA MET W 457 26.00 120.74 -87.04
C MET W 457 26.07 122.20 -87.45
N GLY W 458 25.99 123.11 -86.47
CA GLY W 458 26.04 124.52 -86.79
C GLY W 458 27.43 125.12 -86.72
N GLY W 459 28.32 124.47 -85.97
CA GLY W 459 29.68 124.95 -85.84
C GLY W 459 29.85 126.21 -85.01
N LYS W 460 28.77 126.61 -84.32
CA LYS W 460 28.84 127.82 -83.51
C LYS W 460 27.69 127.88 -82.52
N PHE W 461 27.88 128.63 -81.44
CA PHE W 461 26.85 128.80 -80.43
C PHE W 461 27.32 129.77 -79.35
N GLN W 462 26.36 130.39 -78.66
CA GLN W 462 26.68 131.35 -77.62
C GLN W 462 25.67 131.12 -76.50
N TRP W 463 26.12 131.13 -75.25
CA TRP W 463 25.23 130.88 -74.14
C TRP W 463 25.71 131.48 -72.82
N SER W 464 24.92 131.25 -71.78
CA SER W 464 25.22 131.77 -70.45
C SER W 464 25.57 130.64 -69.49
N GLY W 465 26.57 130.87 -68.65
CA GLY W 465 26.98 129.88 -67.66
C GLY W 465 27.75 128.67 -68.14
N LYS W 466 28.51 128.07 -67.22
CA LYS W 466 29.28 126.87 -67.53
C LYS W 466 28.83 125.74 -66.61
N GLY W 467 28.12 124.76 -67.17
CA GLY W 467 27.65 123.63 -66.37
C GLY W 467 26.95 124.03 -65.09
N PHE W 468 27.36 123.41 -63.98
CA PHE W 468 26.80 123.69 -62.64
C PHE W 468 27.50 124.95 -62.14
N ALA W 469 26.82 126.09 -62.17
CA ALA W 469 27.44 127.35 -61.71
C ALA W 469 27.16 127.59 -60.23
N GLY W 470 27.69 126.73 -59.38
CA GLY W 470 27.47 126.85 -57.95
C GLY W 470 28.41 127.72 -57.14
N GLY W 471 29.39 128.32 -57.80
CA GLY W 471 30.35 129.17 -57.09
C GLY W 471 29.76 130.41 -56.44
N ASP W 472 28.86 131.08 -57.15
CA ASP W 472 28.22 132.29 -56.64
C ASP W 472 26.95 132.52 -57.46
N ILE W 473 26.04 133.32 -56.93
CA ILE W 473 24.77 133.59 -57.62
C ILE W 473 24.92 134.03 -59.07
N SER W 474 25.83 134.96 -59.34
CA SER W 474 25.98 135.46 -60.70
C SER W 474 26.91 134.73 -61.66
N HIS W 475 27.50 133.61 -61.23
CA HIS W 475 28.40 132.89 -62.12
C HIS W 475 27.67 132.38 -63.37
N GLN W 476 26.40 132.02 -63.22
CA GLN W 476 25.60 131.51 -64.33
C GLN W 476 25.30 132.58 -65.37
N LEU W 477 25.61 133.83 -65.04
CA LEU W 477 25.36 134.95 -65.95
C LEU W 477 26.51 135.24 -66.90
N HIS W 478 27.67 134.67 -66.61
CA HIS W 478 28.84 134.88 -67.44
C HIS W 478 28.54 134.36 -68.85
N GLN W 479 29.00 135.08 -69.86
CA GLN W 479 28.75 134.70 -71.25
C GLN W 479 29.88 133.88 -71.89
N TYR W 480 29.48 132.85 -72.63
CA TYR W 480 30.43 131.96 -73.30
C TYR W 480 30.06 131.77 -74.77
N GLU W 481 31.04 131.35 -75.56
CA GLU W 481 30.83 131.14 -76.99
C GLU W 481 31.57 129.90 -77.48
N TYR W 482 31.12 129.36 -78.61
CA TYR W 482 31.75 128.20 -79.23
C TYR W 482 31.84 128.48 -80.72
N PRO W 483 33.03 128.29 -81.31
CA PRO W 483 34.23 127.83 -80.62
C PRO W 483 34.76 128.95 -79.72
N ALA W 484 35.34 128.59 -78.58
CA ALA W 484 35.89 129.61 -77.69
C ALA W 484 37.06 130.29 -78.39
N PRO W 485 37.30 131.57 -78.08
CA PRO W 485 38.41 132.33 -78.70
C PRO W 485 39.74 131.58 -78.73
N GLY W 486 40.28 131.42 -79.94
CA GLY W 486 41.55 130.74 -80.09
C GLY W 486 41.50 129.23 -80.18
N TYR W 487 40.42 128.63 -79.70
CA TYR W 487 40.28 127.17 -79.73
C TYR W 487 39.67 126.61 -81.02
N SER W 488 39.80 125.30 -81.19
CA SER W 488 39.30 124.64 -82.38
C SER W 488 37.92 124.01 -82.23
N LYS W 489 37.21 123.89 -83.35
CA LYS W 489 35.90 123.27 -83.37
C LYS W 489 36.13 121.77 -83.16
N ILE W 490 35.07 121.06 -82.78
CA ILE W 490 35.13 119.62 -82.52
C ILE W 490 35.37 118.80 -83.78
N LYS W 491 36.24 117.79 -83.67
CA LYS W 491 36.55 116.90 -84.80
C LYS W 491 36.29 115.45 -84.39
N MET W 492 36.42 115.20 -83.10
CA MET W 492 36.25 113.86 -82.53
C MET W 492 35.28 113.89 -81.36
N PHE W 493 34.55 112.81 -81.17
CA PHE W 493 33.61 112.73 -80.06
C PHE W 493 33.83 111.43 -79.29
N TRP W 494 34.22 111.56 -78.02
CA TRP W 494 34.45 110.39 -77.18
C TRP W 494 33.28 110.30 -76.21
N LYS W 495 32.33 109.42 -76.50
CA LYS W 495 31.19 109.27 -75.63
C LYS W 495 31.35 108.19 -74.57
N TYR W 496 30.91 108.53 -73.37
CA TYR W 496 30.97 107.64 -72.21
C TYR W 496 29.49 107.40 -71.93
N GLY W 497 29.00 106.23 -72.32
CA GLY W 497 27.59 105.92 -72.16
C GLY W 497 26.89 106.48 -73.39
N GLY W 498 25.57 106.26 -73.51
CA GLY W 498 24.85 106.78 -74.66
C GLY W 498 23.35 106.85 -74.44
N PRO W 499 22.89 107.57 -73.41
CA PRO W 499 21.47 107.70 -73.07
C PRO W 499 20.78 108.97 -73.54
N HIS W 500 21.49 109.87 -74.19
CA HIS W 500 20.91 111.14 -74.59
C HIS W 500 19.63 111.14 -75.42
N LEU W 501 19.41 110.11 -76.22
CA LEU W 501 18.20 110.05 -77.01
C LEU W 501 17.00 109.91 -76.08
N GLY W 502 17.22 109.36 -74.89
CA GLY W 502 16.12 109.21 -73.96
C GLY W 502 16.12 110.18 -72.79
N THR W 503 17.19 110.93 -72.62
CA THR W 503 17.26 111.84 -71.48
C THR W 503 17.35 113.34 -71.74
N MET W 504 17.69 113.76 -72.95
CA MET W 504 17.80 115.19 -73.23
C MET W 504 16.50 115.81 -73.78
N THR W 505 16.59 116.79 -74.66
CA THR W 505 15.39 117.45 -75.19
C THR W 505 15.26 117.37 -76.72
N ALA W 506 14.03 117.25 -77.23
CA ALA W 506 13.78 117.15 -78.69
C ALA W 506 14.92 116.35 -79.29
N THR W 507 15.11 115.16 -78.74
CA THR W 507 16.22 114.28 -79.08
C THR W 507 16.50 113.75 -80.49
N ASN W 508 15.60 113.94 -81.45
CA ASN W 508 15.92 113.46 -82.79
C ASN W 508 17.16 114.22 -83.29
N ARG W 509 17.41 115.40 -82.73
CA ARG W 509 18.57 116.20 -83.13
C ARG W 509 19.89 115.53 -82.71
N TYR W 510 19.85 114.74 -81.65
CA TYR W 510 21.06 114.03 -81.21
C TYR W 510 21.38 112.91 -82.19
N ALA W 511 20.34 112.28 -82.74
CA ALA W 511 20.54 111.20 -83.71
C ALA W 511 21.12 111.77 -85.01
N LYS W 512 20.62 112.94 -85.41
CA LYS W 512 21.05 113.58 -86.66
C LYS W 512 22.51 114.02 -86.68
N MET W 513 22.99 114.55 -85.55
CA MET W 513 24.36 115.07 -85.46
C MET W 513 25.46 114.05 -85.76
N TYR W 514 25.19 112.78 -85.48
CA TYR W 514 26.19 111.74 -85.71
C TYR W 514 26.66 111.60 -87.14
N THR W 515 25.78 111.86 -88.09
CA THR W 515 26.14 111.74 -89.50
C THR W 515 26.72 113.00 -90.11
N HIS W 516 26.92 114.05 -89.31
CA HIS W 516 27.49 115.28 -89.84
C HIS W 516 28.93 115.05 -90.26
N ASP W 517 29.30 115.53 -91.44
CA ASP W 517 30.65 115.32 -91.96
C ASP W 517 31.78 115.98 -91.18
N SER W 518 31.47 116.88 -90.25
CA SER W 518 32.52 117.53 -89.47
C SER W 518 33.06 116.56 -88.41
N LEU W 519 32.23 115.57 -88.05
CA LEU W 519 32.62 114.57 -87.07
C LEU W 519 33.45 113.49 -87.75
N GLU W 520 34.77 113.59 -87.61
CA GLU W 520 35.68 112.64 -88.23
C GLU W 520 35.76 111.30 -87.50
N PHE W 521 35.49 111.31 -86.21
CA PHE W 521 35.61 110.08 -85.43
C PHE W 521 34.73 110.07 -84.18
N VAL W 522 34.05 108.95 -83.96
CA VAL W 522 33.19 108.80 -82.80
C VAL W 522 33.50 107.51 -82.05
N VAL W 523 33.80 107.63 -80.76
CA VAL W 523 34.10 106.48 -79.91
C VAL W 523 33.10 106.41 -78.77
N SER W 524 32.66 105.21 -78.45
CA SER W 524 31.71 105.02 -77.36
C SER W 524 32.24 104.01 -76.35
N GLN W 525 32.46 104.46 -75.13
CA GLN W 525 32.93 103.61 -74.05
C GLN W 525 31.68 103.41 -73.21
N SER W 526 31.05 102.24 -73.34
CA SER W 526 29.80 101.96 -72.63
C SER W 526 29.71 100.52 -72.13
N ILE W 527 28.62 100.22 -71.42
CA ILE W 527 28.41 98.90 -70.87
C ILE W 527 27.43 98.07 -71.70
N TRP W 528 26.33 98.68 -72.13
CA TRP W 528 25.31 97.99 -72.92
C TRP W 528 25.17 98.57 -74.32
N PHE W 529 24.82 97.70 -75.27
CA PHE W 529 24.63 98.09 -76.66
C PHE W 529 23.19 98.58 -76.76
N GLU W 530 23.02 99.89 -76.66
CA GLU W 530 21.69 100.50 -76.69
C GLU W 530 21.82 102.00 -76.90
N GLY W 531 20.69 102.68 -77.03
CA GLY W 531 20.68 104.12 -77.21
C GLY W 531 21.57 104.64 -78.33
N GLU W 532 22.51 105.51 -77.96
CA GLU W 532 23.44 106.13 -78.91
C GLU W 532 24.63 105.28 -79.31
N VAL W 533 24.85 104.17 -78.60
CA VAL W 533 26.00 103.33 -78.91
C VAL W 533 26.09 102.88 -80.37
N PRO W 534 24.95 102.52 -81.00
CA PRO W 534 24.99 102.08 -82.40
C PRO W 534 25.34 103.13 -83.45
N PHE W 535 25.74 104.33 -83.02
CA PHE W 535 26.13 105.38 -83.96
C PHE W 535 27.65 105.54 -83.96
N ALA W 536 28.33 104.82 -83.09
CA ALA W 536 29.80 104.94 -82.96
C ALA W 536 30.64 104.20 -83.99
N ASP W 537 31.86 104.71 -84.20
CA ASP W 537 32.82 104.10 -85.14
C ASP W 537 33.57 102.98 -84.41
N ILE W 538 33.89 103.21 -83.13
CA ILE W 538 34.58 102.24 -82.28
C ILE W 538 33.85 102.17 -80.94
N ILE W 539 33.55 100.96 -80.49
CA ILE W 539 32.85 100.75 -79.22
C ILE W 539 33.75 99.96 -78.26
N LEU W 540 33.91 100.48 -77.03
CA LEU W 540 34.75 99.83 -76.03
C LEU W 540 33.89 99.34 -74.86
N PRO W 541 33.94 98.04 -74.55
CA PRO W 541 33.18 97.40 -73.47
C PRO W 541 33.67 97.67 -72.05
N ALA W 542 32.87 98.36 -71.25
CA ALA W 542 33.19 98.63 -69.85
C ALA W 542 32.35 97.65 -69.04
N CYS W 543 32.70 97.43 -67.77
CA CYS W 543 31.93 96.49 -66.95
C CYS W 543 31.18 97.22 -65.84
N THR W 544 30.27 96.49 -65.17
CA THR W 544 29.49 97.06 -64.08
C THR W 544 30.35 97.04 -62.82
N ASN W 545 29.87 97.69 -61.76
CA ASN W 545 30.61 97.75 -60.51
C ASN W 545 30.73 96.41 -59.77
N PHE W 546 30.03 95.38 -60.25
CA PHE W 546 30.12 94.07 -59.61
C PHE W 546 31.29 93.29 -60.18
N GLU W 547 31.91 93.84 -61.23
CA GLU W 547 33.03 93.18 -61.88
C GLU W 547 34.35 93.93 -61.63
N ARG W 548 34.39 94.74 -60.58
CA ARG W 548 35.58 95.50 -60.23
C ARG W 548 35.55 95.91 -58.77
N TRP W 549 36.69 96.36 -58.25
CA TRP W 549 36.79 96.79 -56.85
C TRP W 549 36.52 98.28 -56.70
N ASP W 550 35.83 98.64 -55.63
CA ASP W 550 35.56 100.04 -55.36
C ASP W 550 35.12 100.20 -53.91
N ILE W 551 34.85 101.44 -53.52
CA ILE W 551 34.41 101.77 -52.17
C ILE W 551 33.40 102.90 -52.27
N SER W 552 32.42 102.93 -51.36
CA SER W 552 31.40 103.97 -51.39
C SER W 552 30.54 103.96 -50.14
N GLU W 553 29.69 104.98 -50.02
CA GLU W 553 28.78 105.07 -48.89
C GLU W 553 27.35 105.19 -49.41
N PHE W 554 26.43 104.57 -48.69
CA PHE W 554 25.02 104.57 -49.02
C PHE W 554 24.48 105.96 -49.40
N ALA W 555 24.17 106.15 -50.68
CA ALA W 555 23.63 107.40 -51.20
C ALA W 555 24.46 108.67 -51.02
N ASN W 556 25.75 108.53 -50.70
CA ASN W 556 26.58 109.70 -50.48
C ASN W 556 27.15 110.34 -51.74
N CYS W 557 26.56 111.46 -52.16
CA CYS W 557 26.99 112.22 -53.33
C CYS W 557 27.88 113.37 -52.86
N SER W 558 27.41 114.09 -51.84
CA SER W 558 28.12 115.23 -51.29
C SER W 558 28.31 116.30 -52.37
N GLY W 559 29.32 117.14 -52.22
CA GLY W 559 29.56 118.19 -53.20
C GLY W 559 28.43 119.19 -53.25
N TYR W 560 27.66 119.17 -54.34
CA TYR W 560 26.54 120.10 -54.50
C TYR W 560 25.33 119.68 -53.67
N ILE W 561 25.47 118.57 -52.95
CA ILE W 561 24.42 118.10 -52.06
C ILE W 561 25.14 117.69 -50.79
N PRO W 562 25.76 118.67 -50.09
CA PRO W 562 26.48 118.40 -48.86
C PRO W 562 25.73 117.51 -47.89
N ASP W 563 26.41 116.47 -47.42
CA ASP W 563 25.86 115.52 -46.46
C ASP W 563 24.51 114.91 -46.81
N ASN W 564 24.31 114.53 -48.07
CA ASN W 564 23.02 113.96 -48.45
C ASN W 564 22.85 112.51 -48.00
N TYR W 565 23.85 111.96 -47.31
CA TYR W 565 23.74 110.60 -46.80
C TYR W 565 22.63 110.62 -45.76
N GLN W 566 22.22 111.83 -45.35
CA GLN W 566 21.14 111.96 -44.37
C GLN W 566 19.81 111.56 -44.96
N LEU W 567 19.84 111.01 -46.17
CA LEU W 567 18.63 110.51 -46.82
C LEU W 567 18.35 109.12 -46.27
N CYS W 568 19.39 108.49 -45.74
CA CYS W 568 19.31 107.13 -45.21
C CYS W 568 19.09 107.02 -43.70
N ASN W 569 18.65 105.85 -43.26
CA ASN W 569 18.42 105.62 -41.84
C ASN W 569 19.73 105.34 -41.10
N HIS W 570 20.75 104.97 -41.86
CA HIS W 570 22.07 104.69 -41.30
C HIS W 570 23.14 105.06 -42.31
N ARG W 571 24.29 105.51 -41.82
CA ARG W 571 25.39 105.81 -42.72
C ARG W 571 26.09 104.46 -42.86
N VAL W 572 26.11 103.94 -44.07
CA VAL W 572 26.72 102.64 -44.32
C VAL W 572 27.81 102.76 -45.36
N ILE W 573 29.03 102.47 -44.96
CA ILE W 573 30.19 102.54 -45.84
C ILE W 573 30.49 101.10 -46.19
N SER W 574 30.51 100.78 -47.47
CA SER W 574 30.77 99.42 -47.86
C SER W 574 31.83 99.22 -48.91
N LEU W 575 32.46 98.05 -48.85
CA LEU W 575 33.47 97.67 -49.81
C LEU W 575 32.71 97.09 -50.98
N GLN W 576 32.99 97.58 -52.17
CA GLN W 576 32.33 97.05 -53.35
C GLN W 576 33.26 95.98 -53.89
N ALA W 577 33.04 94.75 -53.43
CA ALA W 577 33.87 93.62 -53.81
C ALA W 577 33.64 93.19 -55.25
N LYS W 578 34.73 92.82 -55.92
CA LYS W 578 34.65 92.33 -57.29
C LYS W 578 34.08 90.93 -57.14
N CYS W 579 32.76 90.83 -57.26
CA CYS W 579 32.07 89.55 -57.10
C CYS W 579 32.38 88.51 -58.17
N ILE W 580 32.45 88.95 -59.42
CA ILE W 580 32.74 88.05 -60.53
C ILE W 580 33.74 88.67 -61.49
N GLU W 581 34.23 87.86 -62.42
CA GLU W 581 35.17 88.34 -63.42
C GLU W 581 34.38 89.12 -64.46
N PRO W 582 35.00 90.14 -65.08
CA PRO W 582 34.29 90.93 -66.09
C PRO W 582 33.60 90.02 -67.10
N VAL W 583 32.36 90.36 -67.43
CA VAL W 583 31.59 89.58 -68.40
C VAL W 583 32.11 89.84 -69.81
N GLY W 584 32.25 88.76 -70.58
CA GLY W 584 32.76 88.90 -71.93
C GLY W 584 34.17 89.48 -71.92
N GLU W 585 34.46 90.35 -72.88
CA GLU W 585 35.77 90.98 -72.96
C GLU W 585 35.76 92.40 -72.41
N SER W 586 34.82 92.68 -71.52
CA SER W 586 34.72 94.00 -70.93
C SER W 586 35.75 94.18 -69.83
N MET W 587 36.01 95.42 -69.48
CA MET W 587 36.96 95.72 -68.41
C MET W 587 36.56 97.02 -67.73
N SER W 588 37.09 97.25 -66.54
CA SER W 588 36.75 98.46 -65.80
C SER W 588 37.19 99.68 -66.59
N ASP W 589 36.51 100.80 -66.37
CA ASP W 589 36.87 102.01 -67.08
C ASP W 589 38.30 102.40 -66.73
N TYR W 590 38.69 102.15 -65.48
CA TYR W 590 40.04 102.49 -65.04
C TYR W 590 41.08 101.70 -65.82
N GLU W 591 40.84 100.40 -66.00
CA GLU W 591 41.77 99.55 -66.75
C GLU W 591 41.81 99.95 -68.22
N ILE W 592 40.71 100.47 -68.72
CA ILE W 592 40.66 100.90 -70.12
C ILE W 592 41.56 102.13 -70.26
N TYR W 593 41.41 103.08 -69.33
CA TYR W 593 42.21 104.29 -69.37
C TYR W 593 43.68 103.99 -69.10
N ARG W 594 43.95 102.98 -68.28
CA ARG W 594 45.33 102.63 -67.99
C ARG W 594 45.99 102.09 -69.25
N LEU W 595 45.21 101.39 -70.07
CA LEU W 595 45.73 100.85 -71.33
C LEU W 595 46.01 102.01 -72.28
N PHE W 596 45.07 102.95 -72.36
CA PHE W 596 45.24 104.12 -73.21
C PHE W 596 46.42 104.95 -72.70
N ALA W 597 46.53 105.09 -71.39
CA ALA W 597 47.61 105.86 -70.78
C ALA W 597 48.95 105.28 -71.21
N LYS W 598 49.04 103.96 -71.22
CA LYS W 598 50.27 103.30 -71.63
C LYS W 598 50.59 103.64 -73.08
N LYS W 599 49.60 103.56 -73.95
CA LYS W 599 49.82 103.88 -75.36
C LYS W 599 49.98 105.37 -75.65
N LEU W 600 49.61 106.20 -74.68
CA LEU W 600 49.75 107.65 -74.83
C LEU W 600 51.04 108.11 -74.14
N ASN W 601 51.78 107.14 -73.61
CA ASN W 601 53.04 107.39 -72.93
C ASN W 601 52.88 108.21 -71.65
N ILE W 602 51.76 108.04 -70.96
CA ILE W 602 51.50 108.77 -69.73
C ILE W 602 51.03 107.84 -68.61
N GLU W 603 51.33 106.55 -68.74
CA GLU W 603 50.89 105.57 -67.74
C GLU W 603 51.32 105.85 -66.30
N GLU W 604 52.57 106.25 -66.11
CA GLU W 604 53.08 106.54 -64.77
C GLU W 604 52.30 107.68 -64.12
N MET W 605 52.10 108.76 -64.86
CA MET W 605 51.38 109.91 -64.33
C MET W 605 49.94 109.58 -63.99
N PHE W 606 49.29 108.81 -64.87
CA PHE W 606 47.90 108.44 -64.64
C PHE W 606 47.66 107.45 -63.51
N SER W 607 48.33 106.29 -63.58
CA SER W 607 48.13 105.26 -62.57
C SER W 607 48.94 105.39 -61.30
N GLU W 608 50.13 106.00 -61.42
CA GLU W 608 51.02 106.15 -60.28
C GLU W 608 51.36 104.74 -59.80
N GLY W 609 51.26 103.78 -60.72
CA GLY W 609 51.56 102.39 -60.43
C GLY W 609 50.53 101.65 -59.60
N LYS W 610 49.34 102.21 -59.47
CA LYS W 610 48.30 101.58 -58.66
C LYS W 610 47.12 101.01 -59.46
N ASP W 611 46.59 99.90 -58.98
CA ASP W 611 45.42 99.32 -59.61
C ASP W 611 44.26 99.87 -58.81
N GLU W 612 43.04 99.52 -59.17
CA GLU W 612 41.87 100.03 -58.46
C GLU W 612 41.90 99.79 -56.96
N LEU W 613 42.25 98.58 -56.55
CA LEU W 613 42.28 98.26 -55.12
C LEU W 613 43.29 99.11 -54.36
N ALA W 614 44.41 99.42 -55.00
CA ALA W 614 45.44 100.25 -54.39
C ALA W 614 44.90 101.67 -54.17
N TRP W 615 44.17 102.18 -55.16
CA TRP W 615 43.59 103.51 -55.05
C TRP W 615 42.55 103.53 -53.92
N CYS W 616 41.78 102.44 -53.81
CA CYS W 616 40.75 102.34 -52.78
C CYS W 616 41.33 102.42 -51.37
N GLU W 617 42.47 101.77 -51.16
CA GLU W 617 43.12 101.78 -49.86
C GLU W 617 43.61 103.19 -49.54
N GLN W 618 44.16 103.86 -50.54
CA GLN W 618 44.64 105.23 -50.35
C GLN W 618 43.44 106.10 -50.04
N TYR W 619 42.36 105.90 -50.78
CA TYR W 619 41.11 106.64 -50.60
C TYR W 619 40.59 106.44 -49.18
N PHE W 620 40.54 105.18 -48.76
CA PHE W 620 40.07 104.81 -47.43
C PHE W 620 40.82 105.55 -46.33
N ASN W 621 42.15 105.61 -46.45
CA ASN W 621 42.98 106.28 -45.46
C ASN W 621 42.84 107.80 -45.46
N ALA W 622 42.22 108.35 -46.49
CA ALA W 622 42.02 109.79 -46.57
C ALA W 622 40.70 110.19 -45.91
N THR W 623 39.98 109.22 -45.37
CA THR W 623 38.70 109.48 -44.72
C THR W 623 38.83 109.33 -43.22
N ASP W 624 37.71 109.38 -42.50
CA ASP W 624 37.74 109.24 -41.04
C ASP W 624 37.66 107.76 -40.62
N MET W 625 37.45 106.88 -41.59
CA MET W 625 37.34 105.44 -41.32
C MET W 625 38.47 104.86 -40.47
N PRO W 626 39.73 105.24 -40.77
CA PRO W 626 40.87 104.72 -39.99
C PRO W 626 40.70 104.90 -38.48
N LYS W 627 39.73 105.70 -38.08
CA LYS W 627 39.49 105.94 -36.66
C LYS W 627 38.73 104.79 -36.01
N TYR W 628 38.15 103.93 -36.83
CA TYR W 628 37.40 102.79 -36.31
C TYR W 628 38.05 101.46 -36.68
N MET W 629 38.63 101.37 -37.87
CA MET W 629 39.29 100.14 -38.30
C MET W 629 40.29 100.36 -39.42
N THR W 630 41.25 99.45 -39.54
CA THR W 630 42.26 99.55 -40.58
C THR W 630 41.65 99.10 -41.89
N TRP W 631 42.38 99.31 -42.98
CA TRP W 631 41.91 98.91 -44.30
C TRP W 631 41.68 97.40 -44.34
N ASP W 632 42.65 96.64 -43.82
CA ASP W 632 42.55 95.19 -43.82
C ASP W 632 41.26 94.71 -43.13
N GLU W 633 40.98 95.27 -41.97
CA GLU W 633 39.78 94.90 -41.21
C GLU W 633 38.50 95.26 -41.96
N PHE W 634 38.48 96.45 -42.56
CA PHE W 634 37.31 96.90 -43.31
C PHE W 634 37.13 96.00 -44.53
N PHE W 635 38.22 95.72 -45.22
CA PHE W 635 38.18 94.86 -46.40
C PHE W 635 37.56 93.52 -46.03
N LYS W 636 38.00 92.98 -44.90
CA LYS W 636 37.52 91.69 -44.42
C LYS W 636 36.04 91.72 -44.02
N LYS W 637 35.61 92.80 -43.37
CA LYS W 637 34.21 92.92 -42.96
C LYS W 637 33.28 93.21 -44.13
N GLY W 638 33.72 94.09 -45.04
CA GLY W 638 32.91 94.40 -46.20
C GLY W 638 32.02 95.63 -46.08
N TYR W 639 31.56 95.92 -44.86
CA TYR W 639 30.71 97.09 -44.65
C TYR W 639 30.82 97.56 -43.21
N PHE W 640 30.57 98.86 -43.00
CA PHE W 640 30.65 99.44 -41.66
C PHE W 640 29.47 100.37 -41.43
N VAL W 641 28.83 100.24 -40.27
CA VAL W 641 27.70 101.11 -39.93
C VAL W 641 28.22 102.18 -38.99
N VAL W 642 28.26 103.42 -39.45
CA VAL W 642 28.76 104.51 -38.62
C VAL W 642 27.94 104.63 -37.34
N PRO W 643 28.63 104.78 -36.20
CA PRO W 643 27.94 104.91 -34.91
C PRO W 643 27.10 106.18 -34.81
N ASP W 644 26.14 106.16 -33.91
CA ASP W 644 25.29 107.30 -33.66
C ASP W 644 26.11 108.28 -32.82
N ASN W 645 25.82 109.57 -32.94
CA ASN W 645 26.52 110.60 -32.17
C ASN W 645 25.38 111.38 -31.49
N PRO W 646 24.73 110.75 -30.50
CA PRO W 646 23.60 111.29 -29.72
C PRO W 646 23.82 112.63 -29.05
N ASN W 647 25.07 113.08 -28.98
CA ASN W 647 25.39 114.32 -28.29
C ASN W 647 25.60 115.58 -29.12
N ARG W 648 26.03 115.45 -30.37
CA ARG W 648 26.27 116.62 -31.21
C ARG W 648 25.06 117.55 -31.15
N LYS W 649 25.30 118.86 -31.21
CA LYS W 649 24.19 119.80 -31.14
C LYS W 649 23.35 119.76 -32.41
N LYS W 650 22.04 119.79 -32.24
CA LYS W 650 21.11 119.76 -33.35
C LYS W 650 21.00 121.18 -33.91
N THR W 651 21.14 121.29 -35.23
CA THR W 651 21.04 122.58 -35.89
C THR W 651 20.08 122.44 -37.07
N VAL W 652 18.81 122.72 -36.81
CA VAL W 652 17.79 122.61 -37.83
C VAL W 652 18.02 123.59 -38.98
N ALA W 653 17.80 123.10 -40.19
CA ALA W 653 17.98 123.89 -41.39
C ALA W 653 17.31 125.26 -41.28
N LEU W 654 18.08 126.30 -41.62
CA LEU W 654 17.62 127.69 -41.60
C LEU W 654 17.13 128.30 -40.28
N ARG W 655 17.22 127.58 -39.17
CA ARG W 655 16.76 128.18 -37.92
C ARG W 655 17.61 129.38 -37.56
N TRP W 656 18.90 129.32 -37.92
CA TRP W 656 19.81 130.44 -37.64
C TRP W 656 19.31 131.68 -38.37
N PHE W 657 18.83 131.47 -39.60
CA PHE W 657 18.33 132.56 -40.43
C PHE W 657 17.02 133.11 -39.87
N ALA W 658 16.15 132.21 -39.43
CA ALA W 658 14.85 132.59 -38.87
C ALA W 658 15.04 133.36 -37.57
N GLU W 659 16.12 133.07 -36.84
CA GLU W 659 16.38 133.73 -35.57
C GLU W 659 17.37 134.89 -35.71
N GLY W 660 17.78 135.18 -36.94
CA GLY W 660 18.71 136.27 -37.18
C GLY W 660 20.07 136.16 -36.51
N ARG W 661 20.63 134.96 -36.44
CA ARG W 661 21.94 134.79 -35.84
C ARG W 661 22.90 134.12 -36.82
N GLU W 662 24.15 133.90 -36.39
CA GLU W 662 25.14 133.29 -37.26
C GLU W 662 24.82 131.88 -37.72
N LYS W 663 25.13 131.60 -38.98
CA LYS W 663 24.91 130.27 -39.56
C LYS W 663 25.62 129.28 -38.66
N ASP W 664 24.93 128.21 -38.26
CA ASP W 664 25.52 127.23 -37.35
C ASP W 664 25.41 125.78 -37.79
N THR W 665 24.94 125.55 -39.01
CA THR W 665 24.80 124.19 -39.52
C THR W 665 26.08 123.74 -40.21
N PRO W 666 26.15 122.45 -40.59
CA PRO W 666 27.34 121.92 -41.26
C PRO W 666 27.38 122.29 -42.75
N ASP W 667 26.42 123.12 -43.19
CA ASP W 667 26.35 123.48 -44.61
C ASP W 667 27.66 124.08 -45.15
N TRP W 668 27.88 123.86 -46.43
CA TRP W 668 29.08 124.34 -47.11
C TRP W 668 28.98 125.80 -47.53
N GLY W 669 27.93 126.46 -47.08
CA GLY W 669 27.75 127.86 -47.42
C GLY W 669 26.77 128.53 -46.46
N PRO W 670 26.59 129.85 -46.58
CA PRO W 670 27.28 130.68 -47.57
C PRO W 670 28.72 130.98 -47.19
N ARG W 671 29.52 131.38 -48.18
CA ARG W 671 30.90 131.73 -47.94
C ARG W 671 30.90 133.02 -47.14
N LEU W 672 31.92 133.18 -46.30
CA LEU W 672 32.03 134.36 -45.44
C LEU W 672 31.95 135.71 -46.17
N ASN W 673 32.49 135.78 -47.39
CA ASN W 673 32.46 137.03 -48.13
C ASN W 673 31.06 137.38 -48.64
N ASN W 674 30.15 136.42 -48.61
CA ASN W 674 28.77 136.62 -49.06
C ASN W 674 27.82 136.91 -47.91
N GLN W 675 28.39 137.21 -46.74
CA GLN W 675 27.59 137.53 -45.57
C GLN W 675 28.22 138.69 -44.82
N VAL W 676 27.43 139.31 -43.95
CA VAL W 676 27.91 140.39 -43.11
C VAL W 676 27.87 139.78 -41.71
N CYS W 677 29.04 139.66 -41.09
CA CYS W 677 29.16 139.08 -39.75
C CYS W 677 28.55 137.68 -39.72
N ARG W 678 28.77 136.96 -40.82
CA ARG W 678 28.26 135.60 -41.02
C ARG W 678 26.80 135.37 -40.61
N LYS W 679 25.98 136.35 -40.97
CA LYS W 679 24.54 136.29 -40.72
C LYS W 679 23.90 136.53 -42.08
N GLY W 680 22.68 136.04 -42.26
CA GLY W 680 21.98 136.24 -43.50
C GLY W 680 22.31 135.26 -44.61
N LEU W 681 21.53 135.35 -45.69
CA LEU W 681 21.71 134.50 -46.85
C LEU W 681 22.82 135.04 -47.74
N GLN W 682 23.16 134.28 -48.78
CA GLN W 682 24.22 134.63 -49.72
C GLN W 682 23.86 135.82 -50.62
N THR W 683 22.58 136.14 -50.69
CA THR W 683 22.14 137.28 -51.51
C THR W 683 22.77 138.56 -50.97
N THR W 684 22.84 139.57 -51.82
CA THR W 684 23.41 140.86 -51.44
C THR W 684 22.87 141.39 -50.11
N THR W 685 21.54 141.43 -49.99
CA THR W 685 20.90 141.92 -48.77
C THR W 685 20.94 140.94 -47.61
N GLY W 686 21.22 139.67 -47.91
CA GLY W 686 21.24 138.64 -46.88
C GLY W 686 19.83 138.16 -46.58
N LYS W 687 18.86 138.65 -47.36
CA LYS W 687 17.46 138.30 -47.18
C LYS W 687 16.89 137.60 -48.42
N VAL W 688 15.66 137.12 -48.29
CA VAL W 688 14.98 136.48 -49.41
C VAL W 688 14.57 137.65 -50.30
N GLU W 689 15.09 137.67 -51.53
CA GLU W 689 14.81 138.77 -52.44
C GLU W 689 13.73 138.50 -53.48
N PHE W 690 12.53 139.02 -53.21
CA PHE W 690 11.40 138.86 -54.13
C PHE W 690 11.70 139.62 -55.41
N ILE W 691 12.55 140.64 -55.28
CA ILE W 691 13.03 141.39 -56.43
C ILE W 691 14.52 141.11 -56.32
N ALA W 692 15.01 140.18 -57.14
CA ALA W 692 16.41 139.76 -57.11
C ALA W 692 17.40 140.85 -57.53
N THR W 693 18.31 141.21 -56.63
CA THR W 693 19.31 142.23 -56.94
C THR W 693 20.24 141.80 -58.05
N SER W 694 20.60 140.52 -58.07
CA SER W 694 21.50 140.02 -59.10
C SER W 694 20.86 140.17 -60.48
N LEU W 695 19.61 139.75 -60.61
CA LEU W 695 18.91 139.86 -61.89
C LEU W 695 18.61 141.31 -62.26
N LYS W 696 18.39 142.16 -61.26
CA LYS W 696 18.12 143.57 -61.54
C LYS W 696 19.37 144.18 -62.17
N ASN W 697 20.54 143.81 -61.62
CA ASN W 697 21.81 144.28 -62.16
C ASN W 697 21.93 143.80 -63.59
N PHE W 698 21.64 142.52 -63.78
CA PHE W 698 21.71 141.86 -65.09
C PHE W 698 20.84 142.58 -66.13
N GLU W 699 19.58 142.84 -65.79
CA GLU W 699 18.70 143.51 -66.75
C GLU W 699 19.12 144.97 -67.00
N GLU W 700 19.67 145.63 -65.99
CA GLU W 700 20.10 147.01 -66.15
C GLU W 700 21.38 147.07 -67.00
N GLN W 701 22.09 145.96 -67.08
CA GLN W 701 23.30 145.89 -67.89
C GLN W 701 22.92 145.62 -69.34
N GLY W 702 21.61 145.58 -69.60
CA GLY W 702 21.13 145.36 -70.95
C GLY W 702 20.67 143.95 -71.31
N TYR W 703 20.75 143.02 -70.37
CA TYR W 703 20.33 141.65 -70.65
C TYR W 703 18.85 141.44 -70.33
N ILE W 704 17.99 141.95 -71.21
CA ILE W 704 16.54 141.83 -71.02
C ILE W 704 16.08 140.40 -71.32
N ASP W 705 15.31 139.83 -70.39
CA ASP W 705 14.82 138.47 -70.52
C ASP W 705 13.40 138.37 -69.97
N GLU W 706 12.43 138.39 -70.86
CA GLU W 706 11.02 138.33 -70.49
C GLU W 706 10.65 137.12 -69.62
N HIS W 707 11.26 135.96 -69.87
CA HIS W 707 10.92 134.79 -69.09
C HIS W 707 11.73 134.55 -67.83
N ARG W 708 12.41 135.60 -67.38
CA ARG W 708 13.18 135.54 -66.15
C ARG W 708 13.30 136.96 -65.62
N PRO W 709 12.18 137.54 -65.19
CA PRO W 709 12.13 138.91 -64.65
C PRO W 709 12.81 138.97 -63.27
N SER W 710 13.34 140.12 -62.90
CA SER W 710 14.00 140.28 -61.60
C SER W 710 13.02 140.02 -60.46
N MET W 711 11.76 140.43 -60.66
CA MET W 711 10.75 140.19 -59.62
C MET W 711 9.99 138.91 -59.90
N HIS W 712 9.73 138.13 -58.86
CA HIS W 712 8.97 136.89 -58.99
C HIS W 712 7.53 137.23 -59.37
N THR W 713 7.14 136.86 -60.59
CA THR W 713 5.81 137.17 -61.09
C THR W 713 5.22 135.98 -61.83
N TYR W 714 3.97 136.12 -62.27
CA TYR W 714 3.34 135.04 -63.01
C TYR W 714 3.69 135.13 -64.47
N VAL W 715 4.81 134.52 -64.85
CA VAL W 715 5.21 134.50 -66.25
C VAL W 715 4.52 133.27 -66.81
N PRO W 716 3.61 133.45 -67.78
CA PRO W 716 2.93 132.28 -68.35
C PRO W 716 3.97 131.32 -68.94
N ALA W 717 3.82 130.03 -68.67
CA ALA W 717 4.76 129.04 -69.20
C ALA W 717 4.68 129.04 -70.71
N TRP W 718 5.82 129.20 -71.39
CA TRP W 718 5.80 129.24 -72.85
C TRP W 718 5.37 127.95 -73.54
N GLU W 719 5.23 126.88 -72.77
CA GLU W 719 4.74 125.62 -73.34
C GLU W 719 3.65 125.10 -72.42
N SER W 720 2.51 125.79 -72.43
CA SER W 720 1.36 125.41 -71.61
C SER W 720 0.14 125.40 -72.53
N GLN W 721 -0.93 124.75 -72.09
CA GLN W 721 -2.13 124.63 -72.90
C GLN W 721 -2.91 125.91 -73.19
N LYS W 722 -2.87 126.89 -72.29
CA LYS W 722 -3.62 128.12 -72.56
C LYS W 722 -2.81 129.34 -72.99
N HIS W 723 -1.49 129.24 -72.96
CA HIS W 723 -0.66 130.38 -73.33
C HIS W 723 0.24 130.14 -74.54
N SER W 724 0.41 128.87 -74.90
CA SER W 724 1.27 128.52 -76.03
C SER W 724 0.52 128.44 -77.36
N PRO W 725 1.09 129.04 -78.43
CA PRO W 725 0.48 129.02 -79.75
C PRO W 725 0.35 127.58 -80.27
N LEU W 726 1.22 126.71 -79.76
CA LEU W 726 1.28 125.31 -80.14
C LEU W 726 0.09 124.50 -79.62
N ALA W 727 -0.54 125.00 -78.56
CA ALA W 727 -1.67 124.34 -77.93
C ALA W 727 -2.91 124.10 -78.80
N VAL W 728 -3.08 124.87 -79.87
CA VAL W 728 -4.24 124.69 -80.73
C VAL W 728 -4.13 123.43 -81.59
N LYS W 729 -2.90 123.03 -81.88
CA LYS W 729 -2.64 121.82 -82.68
C LYS W 729 -2.36 120.64 -81.75
N TYR W 730 -1.69 120.90 -80.64
CA TYR W 730 -1.35 119.87 -79.68
C TYR W 730 -1.93 120.28 -78.32
N PRO W 731 -3.21 119.93 -78.07
CA PRO W 731 -3.98 120.21 -76.86
C PRO W 731 -3.64 119.49 -75.57
N LEU W 732 -2.98 118.35 -75.67
CA LEU W 732 -2.64 117.58 -74.48
C LEU W 732 -1.33 117.99 -73.84
N GLY W 733 -1.36 118.23 -72.53
CA GLY W 733 -0.18 118.61 -71.81
C GLY W 733 0.49 117.37 -71.25
N MET W 734 1.76 117.17 -71.59
CA MET W 734 2.48 116.00 -71.11
C MET W 734 3.62 116.32 -70.15
N LEU W 735 3.73 115.51 -69.10
CA LEU W 735 4.82 115.65 -68.14
C LEU W 735 5.54 114.29 -68.21
N SER W 736 6.87 114.30 -68.11
CA SER W 736 7.63 113.05 -68.22
C SER W 736 8.71 112.96 -67.16
N PRO W 737 8.32 112.66 -65.91
CA PRO W 737 9.18 112.53 -64.73
C PRO W 737 10.12 111.33 -64.79
N HIS W 738 10.84 111.09 -63.69
CA HIS W 738 11.79 110.00 -63.62
C HIS W 738 11.14 108.62 -63.51
N PRO W 739 11.66 107.64 -64.28
CA PRO W 739 11.15 106.27 -64.29
C PRO W 739 11.06 105.61 -62.93
N ARG W 740 9.88 105.07 -62.64
CA ARG W 740 9.58 104.40 -61.40
C ARG W 740 10.44 103.14 -61.16
N PHE W 741 10.62 102.33 -62.19
CA PHE W 741 11.36 101.09 -62.06
C PHE W 741 12.74 101.06 -62.69
N SER W 742 13.41 102.21 -62.75
CA SER W 742 14.73 102.27 -63.34
C SER W 742 15.42 103.54 -62.88
N MET W 743 16.75 103.51 -62.80
CA MET W 743 17.52 104.70 -62.41
C MET W 743 17.85 105.25 -63.78
N HIS W 744 16.95 106.10 -64.27
CA HIS W 744 17.10 106.66 -65.60
C HIS W 744 17.24 105.49 -66.58
N THR W 745 18.22 105.49 -67.47
CA THR W 745 18.32 104.37 -68.41
C THR W 745 18.86 103.08 -67.78
N MET W 746 19.41 103.17 -66.58
CA MET W 746 19.97 101.99 -65.93
C MET W 746 18.93 101.12 -65.23
N GLY W 747 18.25 100.30 -66.04
CA GLY W 747 17.24 99.41 -65.52
C GLY W 747 16.31 98.98 -66.64
N ASP W 748 15.93 99.92 -67.48
CA ASP W 748 15.04 99.66 -68.61
C ASP W 748 15.79 98.95 -69.72
N GLY W 749 15.04 98.23 -70.56
CA GLY W 749 15.65 97.52 -71.67
C GLY W 749 16.68 96.48 -71.23
N LYS W 750 17.67 96.24 -72.09
CA LYS W 750 18.74 95.29 -71.80
C LYS W 750 18.20 93.88 -71.52
N ASN W 751 16.93 93.66 -71.83
CA ASN W 751 16.27 92.38 -71.59
C ASN W 751 16.32 92.05 -70.10
N SER W 752 16.26 93.08 -69.27
CA SER W 752 16.30 92.90 -67.82
C SER W 752 14.94 92.44 -67.30
N TYR W 753 14.89 92.06 -66.03
CA TYR W 753 13.66 91.58 -65.40
C TYR W 753 12.63 92.69 -65.20
N MET W 754 13.11 93.94 -65.11
CA MET W 754 12.21 95.05 -64.89
C MET W 754 11.23 95.23 -66.03
N ASN W 755 11.58 94.73 -67.21
CA ASN W 755 10.72 94.84 -68.37
C ASN W 755 9.46 94.00 -68.26
N TYR W 756 9.41 93.09 -67.28
CA TYR W 756 8.25 92.26 -67.09
C TYR W 756 7.30 92.87 -66.06
N ILE W 757 7.70 94.01 -65.50
CA ILE W 757 6.87 94.69 -64.51
C ILE W 757 5.66 95.32 -65.22
N LYS W 758 4.47 95.01 -64.72
CA LYS W 758 3.22 95.50 -65.29
C LYS W 758 3.18 96.98 -65.62
N ASP W 759 3.59 97.82 -64.67
CA ASP W 759 3.54 99.26 -64.88
C ASP W 759 4.81 99.89 -65.45
N HIS W 760 5.64 99.07 -66.10
CA HIS W 760 6.86 99.58 -66.71
C HIS W 760 6.71 99.51 -68.23
N ARG W 761 6.45 98.32 -68.75
CA ARG W 761 6.26 98.12 -70.18
C ARG W 761 5.13 97.13 -70.41
N VAL W 762 4.48 97.22 -71.57
CA VAL W 762 3.39 96.33 -71.92
C VAL W 762 3.71 95.58 -73.20
N GLU W 763 3.65 94.26 -73.14
CA GLU W 763 3.94 93.46 -74.31
C GLU W 763 2.72 93.36 -75.23
N VAL W 764 2.95 93.65 -76.50
CA VAL W 764 1.91 93.60 -77.52
C VAL W 764 2.55 93.01 -78.78
N ASP W 765 2.08 91.84 -79.20
CA ASP W 765 2.61 91.18 -80.37
C ASP W 765 4.09 90.82 -80.25
N GLY W 766 4.52 90.46 -79.05
CA GLY W 766 5.90 90.08 -78.85
C GLY W 766 6.87 91.23 -78.64
N TYR W 767 6.36 92.44 -78.46
CA TYR W 767 7.22 93.60 -78.22
C TYR W 767 6.71 94.31 -76.97
N LYS W 768 7.63 94.72 -76.10
CA LYS W 768 7.26 95.40 -74.87
C LYS W 768 7.36 96.91 -75.07
N TYR W 769 6.20 97.56 -75.13
CA TYR W 769 6.13 98.99 -75.35
C TYR W 769 6.14 99.84 -74.09
N TRP W 770 6.70 101.03 -74.22
CA TRP W 770 6.77 101.99 -73.12
C TRP W 770 5.33 102.44 -72.87
N ILE W 771 5.05 102.86 -71.66
CA ILE W 771 3.70 103.27 -71.28
C ILE W 771 3.41 104.77 -71.23
N MET W 772 2.20 105.14 -71.61
CA MET W 772 1.72 106.51 -71.51
C MET W 772 0.35 106.41 -70.86
N ARG W 773 0.19 107.13 -69.76
CA ARG W 773 -1.05 107.13 -69.01
C ARG W 773 -1.95 108.23 -69.54
N VAL W 774 -3.20 107.86 -69.81
CA VAL W 774 -4.19 108.79 -70.35
C VAL W 774 -5.47 108.74 -69.54
N ASN W 775 -6.05 109.91 -69.27
CA ASN W 775 -7.30 109.97 -68.53
C ASN W 775 -8.40 109.34 -69.37
N SER W 776 -9.26 108.57 -68.73
CA SER W 776 -10.36 107.90 -69.42
C SER W 776 -11.13 108.78 -70.40
N ILE W 777 -11.44 110.01 -69.99
CA ILE W 777 -12.17 110.94 -70.84
C ILE W 777 -11.44 111.30 -72.14
N ASP W 778 -10.14 111.53 -72.04
CA ASP W 778 -9.35 111.87 -73.23
C ASP W 778 -9.18 110.65 -74.12
N ALA W 779 -9.06 109.49 -73.49
CA ALA W 779 -8.89 108.22 -74.22
C ALA W 779 -10.15 107.89 -75.01
N GLU W 780 -11.30 108.00 -74.34
CA GLU W 780 -12.59 107.70 -74.95
C GLU W 780 -12.83 108.61 -76.15
N ALA W 781 -12.62 109.91 -75.95
CA ALA W 781 -12.81 110.88 -77.02
C ALA W 781 -11.97 110.54 -78.25
N ARG W 782 -10.96 109.71 -78.07
CA ARG W 782 -10.09 109.33 -79.18
C ARG W 782 -10.19 107.85 -79.55
N GLY W 783 -11.12 107.14 -78.91
CA GLY W 783 -11.30 105.73 -79.20
C GLY W 783 -10.17 104.85 -78.71
N ILE W 784 -9.43 105.35 -77.72
CA ILE W 784 -8.30 104.61 -77.17
C ILE W 784 -8.74 103.75 -75.99
N LYS W 785 -8.40 102.46 -76.05
CA LYS W 785 -8.73 101.52 -74.99
C LYS W 785 -7.46 101.07 -74.27
N ASN W 786 -7.60 100.68 -73.02
CA ASN W 786 -6.47 100.22 -72.23
C ASN W 786 -5.69 99.16 -72.99
N GLY W 787 -4.39 99.39 -73.18
CA GLY W 787 -3.55 98.43 -73.88
C GLY W 787 -3.32 98.71 -75.37
N ASP W 788 -4.06 99.65 -75.94
CA ASP W 788 -3.90 99.97 -77.36
C ASP W 788 -2.57 100.66 -77.61
N LEU W 789 -2.02 100.44 -78.81
CA LEU W 789 -0.78 101.09 -79.19
C LEU W 789 -1.20 102.45 -79.73
N ILE W 790 -0.62 103.51 -79.17
CA ILE W 790 -0.95 104.85 -79.61
C ILE W 790 0.28 105.56 -80.13
N ARG W 791 0.04 106.67 -80.80
CA ARG W 791 1.11 107.48 -81.34
C ARG W 791 1.01 108.86 -80.70
N ALA W 792 2.05 109.25 -79.97
CA ALA W 792 2.09 110.56 -79.34
C ALA W 792 3.00 111.36 -80.26
N TYR W 793 2.61 112.58 -80.59
CA TYR W 793 3.42 113.38 -81.49
C TYR W 793 3.18 114.88 -81.41
N ASN W 794 4.08 115.62 -82.05
CA ASN W 794 4.04 117.06 -82.17
C ASN W 794 5.05 117.40 -83.26
N ASP W 795 5.45 118.66 -83.40
CA ASP W 795 6.40 119.01 -84.45
C ASP W 795 7.76 118.31 -84.36
N ARG W 796 8.17 117.95 -83.15
CA ARG W 796 9.47 117.32 -82.93
C ARG W 796 9.62 115.85 -83.30
N GLY W 797 8.52 115.10 -83.32
CA GLY W 797 8.60 113.69 -83.67
C GLY W 797 7.39 112.88 -83.25
N SER W 798 7.49 111.56 -83.38
CA SER W 798 6.43 110.64 -82.99
C SER W 798 7.01 109.51 -82.17
N VAL W 799 6.25 109.04 -81.19
CA VAL W 799 6.68 107.93 -80.35
C VAL W 799 5.51 106.97 -80.18
N ILE W 800 5.74 105.69 -80.43
CA ILE W 800 4.69 104.68 -80.29
C ILE W 800 4.73 104.13 -78.87
N LEU W 801 3.57 104.15 -78.20
CA LEU W 801 3.47 103.70 -76.82
C LEU W 801 2.23 102.85 -76.56
N ALA W 802 2.22 102.17 -75.42
CA ALA W 802 1.07 101.37 -75.01
C ALA W 802 0.26 102.27 -74.08
N ALA W 803 -1.02 102.42 -74.38
CA ALA W 803 -1.88 103.28 -73.56
C ALA W 803 -2.36 102.65 -72.28
N GLN W 804 -2.30 103.41 -71.18
CA GLN W 804 -2.79 102.94 -69.89
C GLN W 804 -3.84 103.93 -69.44
N VAL W 805 -5.11 103.57 -69.62
CA VAL W 805 -6.20 104.46 -69.23
C VAL W 805 -6.28 104.50 -67.70
N THR W 806 -6.36 105.70 -67.16
CA THR W 806 -6.38 105.87 -65.71
C THR W 806 -7.19 107.08 -65.26
N GLU W 807 -7.37 107.21 -63.96
CA GLU W 807 -8.10 108.35 -63.39
C GLU W 807 -7.09 109.21 -62.65
N CYS W 808 -5.83 108.79 -62.69
CA CYS W 808 -4.74 109.48 -62.00
C CYS W 808 -4.18 110.74 -62.68
N LEU W 809 -4.97 111.34 -63.56
CA LEU W 809 -4.56 112.56 -64.27
C LEU W 809 -5.77 113.40 -64.59
N GLN W 810 -5.64 114.72 -64.50
CA GLN W 810 -6.76 115.59 -64.86
C GLN W 810 -6.97 115.44 -66.37
N PRO W 811 -8.23 115.38 -66.82
CA PRO W 811 -8.47 115.25 -68.26
C PRO W 811 -7.68 116.32 -69.03
N GLY W 812 -7.02 115.91 -70.11
CA GLY W 812 -6.23 116.86 -70.88
C GLY W 812 -4.75 116.73 -70.60
N THR W 813 -4.42 115.98 -69.55
CA THR W 813 -3.02 115.76 -69.17
C THR W 813 -2.61 114.31 -69.40
N VAL W 814 -1.44 114.11 -69.98
CA VAL W 814 -0.94 112.76 -70.22
C VAL W 814 0.40 112.60 -69.50
N HIS W 815 0.74 111.37 -69.15
CA HIS W 815 1.96 111.10 -68.41
C HIS W 815 2.74 109.91 -68.95
N SER W 816 4.04 110.12 -69.15
CA SER W 816 4.93 109.07 -69.63
C SER W 816 6.33 109.36 -69.11
N TYR W 817 6.90 108.42 -68.36
CA TYR W 817 8.23 108.59 -67.79
C TYR W 817 9.34 108.77 -68.83
N GLU W 818 10.36 109.55 -68.49
CA GLU W 818 11.48 109.77 -69.40
C GLU W 818 12.52 108.68 -69.13
N SER W 819 13.69 108.84 -69.73
CA SER W 819 14.82 107.92 -69.54
C SER W 819 14.73 106.55 -70.19
N CYS W 820 13.89 106.39 -71.20
CA CYS W 820 13.78 105.12 -71.90
C CYS W 820 15.20 104.81 -72.40
N ALA W 821 15.65 103.57 -72.20
CA ALA W 821 16.99 103.16 -72.61
C ALA W 821 17.05 102.65 -74.05
N VAL W 822 15.89 102.32 -74.61
CA VAL W 822 15.81 101.78 -75.95
C VAL W 822 15.42 102.77 -77.04
N TYR W 823 16.29 102.94 -78.03
CA TYR W 823 15.99 103.81 -79.16
C TYR W 823 15.83 102.85 -80.33
N ASP W 824 14.61 102.72 -80.81
CA ASP W 824 14.31 101.80 -81.89
C ASP W 824 13.42 102.45 -82.95
N PRO W 825 14.03 103.25 -83.85
CA PRO W 825 13.28 103.95 -84.89
C PRO W 825 12.69 102.95 -85.89
N LEU W 826 11.49 103.26 -86.37
CA LEU W 826 10.79 102.40 -87.32
C LEU W 826 11.29 102.66 -88.75
N GLY W 827 11.92 103.82 -88.93
CA GLY W 827 12.46 104.19 -90.22
C GLY W 827 13.88 104.71 -90.02
N THR W 828 14.26 105.73 -90.79
CA THR W 828 15.61 106.30 -90.68
C THR W 828 15.82 106.91 -89.28
N ALA W 829 16.98 106.64 -88.70
CA ALA W 829 17.28 107.16 -87.36
C ALA W 829 17.19 108.69 -87.36
N GLY W 830 16.58 109.22 -86.31
CA GLY W 830 16.42 110.66 -86.18
C GLY W 830 15.43 111.31 -87.12
N LYS W 831 14.80 110.52 -87.98
CA LYS W 831 13.84 111.05 -88.95
C LYS W 831 12.47 110.38 -88.92
N SER W 832 12.29 109.41 -88.05
CA SER W 832 11.02 108.69 -87.99
C SER W 832 10.54 108.40 -86.58
N ALA W 833 9.37 107.78 -86.50
CA ALA W 833 8.78 107.43 -85.20
C ALA W 833 9.62 106.36 -84.52
N ASP W 834 9.68 106.43 -83.19
CA ASP W 834 10.42 105.47 -82.40
C ASP W 834 9.43 104.63 -81.61
N ARG W 835 9.70 103.34 -81.47
CA ARG W 835 8.80 102.50 -80.68
C ARG W 835 9.51 102.04 -79.42
N GLY W 836 10.73 102.52 -79.23
CA GLY W 836 11.47 102.17 -78.04
C GLY W 836 10.80 102.79 -76.82
N GLY W 837 10.31 104.03 -77.01
CA GLY W 837 9.64 104.73 -75.93
C GLY W 837 10.35 105.99 -75.50
N CYS W 838 11.18 106.55 -76.37
CA CYS W 838 11.91 107.77 -76.06
C CYS W 838 11.04 109.01 -76.09
N ILE W 839 10.31 109.22 -75.00
CA ILE W 839 9.42 110.35 -74.85
C ILE W 839 10.12 111.70 -75.02
N ASN W 840 11.40 111.78 -74.66
CA ASN W 840 12.11 113.05 -74.79
C ASN W 840 12.28 113.52 -76.23
N ILE W 841 11.82 112.71 -77.17
CA ILE W 841 11.85 113.07 -78.57
C ILE W 841 10.86 114.22 -78.74
N LEU W 842 9.84 114.21 -77.89
CA LEU W 842 8.76 115.19 -77.93
C LEU W 842 8.90 116.45 -77.06
N THR W 843 9.84 116.44 -76.11
CA THR W 843 10.03 117.58 -75.23
C THR W 843 10.75 118.75 -75.91
N PRO W 844 10.43 119.99 -75.51
CA PRO W 844 11.03 121.19 -76.08
C PRO W 844 12.51 121.38 -75.75
N ASP W 845 13.31 121.69 -76.76
CA ASP W 845 14.74 121.92 -76.56
C ASP W 845 15.01 123.41 -76.32
N ARG W 846 13.96 124.22 -76.36
CA ARG W 846 14.09 125.65 -76.10
C ARG W 846 14.48 125.81 -74.64
N TYR W 847 15.43 126.70 -74.37
CA TYR W 847 15.88 126.96 -73.02
C TYR W 847 14.76 127.55 -72.17
N ILE W 848 14.79 127.29 -70.87
CA ILE W 848 13.76 127.81 -69.96
C ILE W 848 13.54 129.31 -70.19
N SER W 849 14.61 130.05 -70.44
CA SER W 849 14.50 131.47 -70.72
C SER W 849 15.66 131.84 -71.64
N LYS W 850 15.68 133.09 -72.09
CA LYS W 850 16.74 133.51 -72.99
C LYS W 850 18.13 133.29 -72.42
N TYR W 851 18.31 133.55 -71.12
CA TYR W 851 19.63 133.39 -70.50
C TYR W 851 19.68 132.27 -69.46
N ALA W 852 18.52 131.74 -69.08
CA ALA W 852 18.46 130.63 -68.13
C ALA W 852 18.56 129.41 -69.04
N CYS W 853 19.80 129.01 -69.33
CA CYS W 853 20.08 127.91 -70.23
C CYS W 853 19.91 126.52 -69.63
N GLY W 854 18.71 126.23 -69.15
CA GLY W 854 18.40 124.94 -68.57
C GLY W 854 17.31 124.24 -69.38
N MET W 855 17.07 122.96 -69.08
CA MET W 855 16.06 122.19 -69.80
C MET W 855 14.65 122.41 -69.23
N ALA W 856 13.65 122.47 -70.11
CA ALA W 856 12.26 122.70 -69.73
C ALA W 856 11.36 121.52 -70.12
N ASN W 857 11.92 120.32 -70.03
CA ASN W 857 11.25 119.07 -70.40
C ASN W 857 9.83 118.76 -69.91
N ASN W 858 9.56 118.98 -68.63
CA ASN W 858 8.26 118.59 -68.11
C ASN W 858 7.01 119.37 -68.49
N THR W 859 7.13 120.24 -69.50
CA THR W 859 5.99 120.96 -70.06
C THR W 859 6.14 120.73 -71.55
N ALA W 860 5.38 119.78 -72.07
CA ALA W 860 5.42 119.47 -73.49
C ALA W 860 4.00 119.26 -74.00
N LEU W 861 3.67 119.94 -75.10
CA LEU W 861 2.35 119.82 -75.69
C LEU W 861 2.38 118.77 -76.79
N VAL W 862 1.42 117.84 -76.73
CA VAL W 862 1.36 116.78 -77.73
C VAL W 862 -0.08 116.45 -78.11
N GLU W 863 -0.21 115.52 -79.04
CA GLU W 863 -1.50 115.03 -79.49
C GLU W 863 -1.26 113.52 -79.58
N ILE W 864 -2.28 112.73 -79.23
CA ILE W 864 -2.14 111.29 -79.31
C ILE W 864 -3.31 110.71 -80.09
N GLU W 865 -3.07 109.56 -80.71
CA GLU W 865 -4.08 108.87 -81.50
C GLU W 865 -3.68 107.42 -81.60
N LYS W 866 -4.63 106.55 -81.93
CA LYS W 866 -4.30 105.14 -82.09
C LYS W 866 -3.32 105.08 -83.25
N TRP W 867 -2.30 104.24 -83.12
CA TRP W 867 -1.29 104.10 -84.17
C TRP W 867 -1.83 103.29 -85.33
N ASP W 868 -1.65 103.81 -86.55
CA ASP W 868 -2.13 103.16 -87.76
C ASP W 868 -1.07 102.22 -88.34
N GLY W 869 0.10 102.20 -87.73
CA GLY W 869 1.15 101.33 -88.21
C GLY W 869 2.21 101.96 -89.10
N ASP W 870 2.00 103.22 -89.48
CA ASP W 870 2.97 103.89 -90.34
C ASP W 870 4.22 104.27 -89.53
N LYS W 871 5.36 104.39 -90.22
CA LYS W 871 6.62 104.73 -89.56
C LYS W 871 6.82 106.23 -89.41
N TYR W 872 6.00 107.02 -90.09
CA TYR W 872 6.07 108.47 -90.04
C TYR W 872 7.48 109.04 -90.20
N GLU W 873 8.07 108.86 -91.37
CA GLU W 873 9.40 109.38 -91.61
C GLU W 873 9.24 110.78 -92.18
N ILE W 874 8.95 111.73 -91.29
CA ILE W 874 8.73 113.11 -91.67
C ILE W 874 9.45 114.10 -90.77
N TYR W 875 10.50 113.66 -90.09
CA TYR W 875 11.23 114.57 -89.20
C TYR W 875 12.69 114.78 -89.61
N MET X 1 3.67 70.08 -35.03
CA MET X 1 3.77 70.44 -36.46
C MET X 1 3.56 71.94 -36.66
N GLU X 2 4.61 72.72 -36.42
CA GLU X 2 4.56 74.17 -36.58
C GLU X 2 4.56 74.49 -38.07
N GLN X 3 3.60 75.30 -38.50
CA GLN X 3 3.48 75.66 -39.91
C GLN X 3 3.84 77.10 -40.25
N TYR X 4 4.09 77.34 -41.54
CA TYR X 4 4.43 78.68 -42.01
C TYR X 4 3.19 79.44 -42.40
N TYR X 5 3.24 80.76 -42.25
CA TYR X 5 2.12 81.62 -42.61
C TYR X 5 2.67 82.97 -43.08
N MET X 6 1.90 83.63 -43.94
CA MET X 6 2.29 84.92 -44.46
C MET X 6 1.11 85.87 -44.44
N VAL X 7 1.32 87.06 -43.88
CA VAL X 7 0.27 88.07 -43.81
C VAL X 7 0.69 89.27 -44.66
N ILE X 8 -0.18 89.66 -45.58
CA ILE X 8 0.09 90.78 -46.48
C ILE X 8 -0.84 91.97 -46.23
N ASP X 9 -0.26 93.13 -45.96
CA ASP X 9 -1.05 94.33 -45.71
C ASP X 9 -1.22 95.13 -47.00
N VAL X 10 -2.42 95.07 -47.56
CA VAL X 10 -2.74 95.78 -48.79
C VAL X 10 -2.56 97.29 -48.69
N ALA X 11 -2.94 97.86 -47.54
CA ALA X 11 -2.82 99.30 -47.33
C ALA X 11 -1.39 99.80 -47.44
N LYS X 12 -0.43 98.88 -47.43
CA LYS X 12 0.97 99.26 -47.53
C LYS X 12 1.64 98.96 -48.85
N CYS X 13 0.95 98.27 -49.77
CA CYS X 13 1.57 97.99 -51.06
C CYS X 13 1.66 99.26 -51.88
N GLN X 14 2.80 99.47 -52.53
CA GLN X 14 2.98 100.64 -53.39
C GLN X 14 3.32 100.18 -54.80
N ASP X 15 3.36 98.86 -54.99
CA ASP X 15 3.65 98.28 -56.30
C ASP X 15 5.04 98.60 -56.86
N CYS X 16 6.07 98.67 -56.00
CA CYS X 16 7.43 98.97 -56.48
C CYS X 16 7.98 97.73 -57.14
N ASN X 17 7.34 96.60 -56.90
CA ASN X 17 7.74 95.32 -57.46
C ASN X 17 9.05 94.73 -56.94
N ASN X 18 9.42 95.09 -55.71
CA ASN X 18 10.64 94.54 -55.13
C ASN X 18 10.47 93.02 -54.95
N CYS X 19 9.23 92.54 -54.73
CA CYS X 19 8.91 91.08 -54.56
C CYS X 19 9.34 90.34 -55.78
N PHE X 20 8.58 90.67 -56.82
CA PHE X 20 8.68 90.12 -58.15
C PHE X 20 10.12 90.06 -58.60
N MET X 21 10.82 91.19 -58.52
CA MET X 21 12.22 91.22 -58.91
C MET X 21 12.91 90.16 -58.03
N GLY X 22 12.39 90.00 -56.83
CA GLY X 22 12.94 89.02 -55.90
C GLY X 22 12.94 87.59 -56.42
N CYS X 23 11.79 87.09 -56.91
CA CYS X 23 11.76 85.71 -57.44
C CYS X 23 12.71 85.53 -58.57
N MET X 24 12.50 86.34 -59.60
CA MET X 24 13.31 86.25 -60.79
C MET X 24 14.78 86.20 -60.42
N ASP X 25 15.17 87.06 -59.48
CA ASP X 25 16.56 87.08 -59.02
C ASP X 25 16.90 85.71 -58.44
N GLU X 26 15.94 85.12 -57.74
CA GLU X 26 16.12 83.83 -57.08
C GLU X 26 15.89 82.61 -57.98
N HIS X 27 14.96 82.72 -58.93
CA HIS X 27 14.60 81.59 -59.77
C HIS X 27 14.85 81.63 -61.27
N GLU X 28 14.94 82.81 -61.86
CA GLU X 28 15.13 82.89 -63.30
C GLU X 28 16.45 82.28 -63.80
N LEU X 29 17.54 82.53 -63.09
CA LEU X 29 18.85 81.99 -63.48
C LEU X 29 19.32 80.81 -62.64
N ASN X 30 18.59 80.50 -61.58
CA ASN X 30 18.99 79.39 -60.71
C ASN X 30 18.03 78.20 -60.80
N GLU X 31 18.57 77.02 -60.54
CA GLU X 31 17.81 75.78 -60.52
C GLU X 31 17.98 75.22 -59.13
N TRP X 32 16.90 74.79 -58.51
CA TRP X 32 16.97 74.24 -57.16
C TRP X 32 16.46 72.81 -57.12
N PRO X 33 17.37 71.84 -57.28
CA PRO X 33 17.07 70.41 -57.27
C PRO X 33 16.13 69.99 -56.15
N GLY X 34 15.05 69.31 -56.52
CA GLY X 34 14.08 68.85 -55.54
C GLY X 34 12.96 69.84 -55.32
N TYR X 35 13.16 71.10 -55.71
CA TYR X 35 12.13 72.12 -55.53
C TYR X 35 11.58 72.65 -56.84
N THR X 36 12.46 73.08 -57.75
CA THR X 36 12.02 73.63 -59.02
C THR X 36 13.14 73.91 -60.01
N ALA X 37 12.82 73.83 -61.29
CA ALA X 37 13.78 74.13 -62.35
C ALA X 37 13.76 75.65 -62.46
N SER X 38 14.59 76.22 -63.33
CA SER X 38 14.61 77.67 -63.47
C SER X 38 13.28 78.21 -63.96
N MET X 39 12.91 79.38 -63.45
CA MET X 39 11.67 80.05 -63.80
C MET X 39 11.68 80.54 -65.24
N GLN X 40 10.50 80.66 -65.84
CA GLN X 40 10.38 81.15 -67.21
C GLN X 40 10.06 82.64 -67.22
N ARG X 41 10.81 83.39 -68.03
CA ARG X 41 10.58 84.83 -68.14
C ARG X 41 9.14 85.08 -68.56
N GLY X 42 8.46 85.95 -67.82
CA GLY X 42 7.07 86.24 -68.16
C GLY X 42 6.10 85.69 -67.14
N HIS X 43 6.49 84.62 -66.46
CA HIS X 43 5.64 84.01 -65.44
C HIS X 43 5.59 84.92 -64.22
N ARG X 44 4.51 84.81 -63.46
CA ARG X 44 4.34 85.64 -62.28
C ARG X 44 3.98 84.83 -61.04
N TRP X 45 4.92 84.02 -60.55
CA TRP X 45 4.67 83.23 -59.35
C TRP X 45 4.13 84.19 -58.31
N MET X 46 4.71 85.39 -58.30
CA MET X 46 4.28 86.46 -57.42
C MET X 46 3.58 87.42 -58.37
N ASN X 47 2.26 87.46 -58.27
CA ASN X 47 1.47 88.32 -59.15
C ASN X 47 0.88 89.49 -58.37
N ILE X 48 1.35 90.69 -58.67
CA ILE X 48 0.88 91.89 -57.99
C ILE X 48 -0.30 92.50 -58.75
N GLU X 49 -1.51 92.24 -58.26
CA GLU X 49 -2.72 92.76 -58.90
C GLU X 49 -2.92 94.24 -58.59
N ARG X 50 -3.44 94.97 -59.58
CA ARG X 50 -3.65 96.41 -59.44
C ARG X 50 -5.13 96.73 -59.67
N ARG X 51 -5.69 97.60 -58.84
CA ARG X 51 -7.08 97.99 -59.00
C ARG X 51 -7.36 99.44 -58.67
N GLU X 52 -7.81 100.19 -59.68
CA GLU X 52 -8.15 101.60 -59.50
C GLU X 52 -9.63 101.68 -59.15
N ARG X 53 -9.97 102.59 -58.24
CA ARG X 53 -11.37 102.77 -57.83
C ARG X 53 -11.80 104.22 -57.99
N GLY X 54 -13.10 104.43 -58.13
CA GLY X 54 -13.64 105.78 -58.27
C GLY X 54 -13.27 106.47 -59.56
N THR X 55 -13.48 107.78 -59.60
CA THR X 55 -13.20 108.58 -60.79
C THR X 55 -12.55 109.91 -60.42
N TYR X 56 -11.76 110.46 -61.34
CA TYR X 56 -11.09 111.73 -61.11
C TYR X 56 -12.14 112.74 -60.64
N PRO X 57 -11.79 113.57 -59.63
CA PRO X 57 -10.52 113.65 -58.89
C PRO X 57 -10.50 112.92 -57.54
N ARG X 58 -11.57 112.20 -57.23
CA ARG X 58 -11.62 111.48 -55.95
C ARG X 58 -11.50 109.97 -56.14
N ASN X 59 -10.48 109.58 -56.90
CA ASN X 59 -10.20 108.19 -57.21
C ASN X 59 -9.04 107.69 -56.35
N ASP X 60 -8.78 106.39 -56.40
CA ASP X 60 -7.67 105.81 -55.68
C ASP X 60 -7.28 104.48 -56.31
N ILE X 61 -6.22 103.88 -55.77
CA ILE X 61 -5.74 102.63 -56.31
C ILE X 61 -5.05 101.82 -55.21
N ASN X 62 -5.18 100.51 -55.27
CA ASN X 62 -4.56 99.62 -54.29
C ASN X 62 -4.02 98.38 -54.99
N TYR X 63 -3.03 97.75 -54.37
CA TYR X 63 -2.43 96.57 -54.97
C TYR X 63 -2.51 95.37 -54.03
N ARG X 64 -2.55 94.18 -54.63
CA ARG X 64 -2.63 92.96 -53.84
C ARG X 64 -1.57 91.96 -54.28
N PRO X 65 -0.45 91.89 -53.54
CA PRO X 65 0.58 90.92 -53.92
C PRO X 65 -0.09 89.55 -53.81
N THR X 66 0.01 88.75 -54.86
CA THR X 66 -0.64 87.44 -54.84
C THR X 66 0.29 86.29 -55.17
N PRO X 67 0.91 85.69 -54.14
CA PRO X 67 1.80 84.56 -54.40
C PRO X 67 0.92 83.32 -54.44
N CYS X 68 1.49 82.18 -54.09
CA CYS X 68 0.69 80.97 -54.04
C CYS X 68 0.05 80.94 -52.68
N MET X 69 -1.20 80.51 -52.62
CA MET X 69 -1.92 80.46 -51.36
C MET X 69 -1.50 79.31 -50.44
N HIS X 70 -0.82 78.30 -50.99
CA HIS X 70 -0.41 77.13 -50.21
C HIS X 70 -1.56 76.79 -49.27
N CYS X 71 -2.78 76.90 -49.79
CA CYS X 71 -3.99 76.63 -49.00
C CYS X 71 -4.02 75.21 -48.41
N GLU X 72 -4.41 75.12 -47.14
CA GLU X 72 -4.48 73.86 -46.40
C GLU X 72 -5.17 72.73 -47.14
N ASN X 73 -6.26 73.06 -47.82
CA ASN X 73 -7.01 72.08 -48.61
C ASN X 73 -6.70 72.35 -50.07
N ALA X 74 -5.46 72.06 -50.47
CA ALA X 74 -4.99 72.29 -51.84
C ALA X 74 -5.66 71.41 -52.89
N PRO X 75 -6.51 72.00 -53.74
CA PRO X 75 -7.22 71.30 -54.81
C PRO X 75 -6.28 70.59 -55.77
N CYS X 76 -5.10 71.18 -56.02
CA CYS X 76 -4.18 70.53 -56.94
C CYS X 76 -3.28 69.47 -56.31
N VAL X 77 -3.44 69.22 -55.01
CA VAL X 77 -2.69 68.19 -54.31
C VAL X 77 -3.62 66.98 -54.41
N ALA X 78 -4.93 67.27 -54.38
CA ALA X 78 -5.98 66.25 -54.48
C ALA X 78 -6.07 65.78 -55.92
N LYS X 79 -6.31 66.71 -56.84
CA LYS X 79 -6.40 66.39 -58.25
C LYS X 79 -5.02 66.18 -58.85
N GLY X 80 -3.99 66.42 -58.04
CA GLY X 80 -2.62 66.27 -58.52
C GLY X 80 -2.22 64.84 -58.84
N ASN X 81 -2.84 63.88 -58.18
CA ASN X 81 -2.54 62.46 -58.40
C ASN X 81 -1.17 62.11 -57.86
N GLY X 82 -0.40 63.11 -57.45
CA GLY X 82 0.93 62.86 -56.92
C GLY X 82 1.97 63.85 -57.38
N ALA X 83 1.68 64.58 -58.46
CA ALA X 83 2.61 65.57 -58.98
C ALA X 83 2.77 66.73 -58.00
N VAL X 84 1.78 66.92 -57.15
CA VAL X 84 1.80 67.99 -56.18
C VAL X 84 1.61 67.42 -54.77
N TYR X 85 2.51 67.74 -53.86
CA TYR X 85 2.40 67.24 -52.50
C TYR X 85 2.44 68.36 -51.45
N GLN X 86 1.98 68.03 -50.25
CA GLN X 86 1.95 68.98 -49.15
C GLN X 86 2.92 68.57 -48.05
N ARG X 87 3.61 69.54 -47.46
CA ARG X 87 4.56 69.26 -46.40
C ARG X 87 3.91 69.51 -45.05
N GLU X 88 4.52 68.98 -43.99
CA GLU X 88 3.98 69.14 -42.65
C GLU X 88 3.94 70.60 -42.21
N ASP X 89 4.94 71.37 -42.63
CA ASP X 89 5.00 72.78 -42.27
C ASP X 89 3.95 73.58 -43.04
N GLY X 90 3.27 72.90 -43.97
CA GLY X 90 2.22 73.55 -44.74
C GLY X 90 2.55 73.95 -46.16
N ILE X 91 3.83 74.03 -46.50
CA ILE X 91 4.24 74.41 -47.85
C ILE X 91 3.80 73.40 -48.90
N VAL X 92 3.11 73.87 -49.93
CA VAL X 92 2.64 73.02 -51.02
C VAL X 92 3.65 73.10 -52.17
N LEU X 93 4.15 71.95 -52.61
CA LEU X 93 5.13 71.92 -53.69
C LEU X 93 4.77 70.98 -54.83
N ILE X 94 5.26 71.32 -56.02
CA ILE X 94 5.04 70.50 -57.20
C ILE X 94 6.32 69.70 -57.38
N ASP X 95 6.18 68.41 -57.69
CA ASP X 95 7.36 67.58 -57.89
C ASP X 95 7.91 67.92 -59.28
N PRO X 96 9.07 68.60 -59.33
CA PRO X 96 9.75 69.03 -60.55
C PRO X 96 9.77 68.02 -61.70
N GLU X 97 9.78 66.73 -61.36
CA GLU X 97 9.81 65.70 -62.40
C GLU X 97 8.53 64.89 -62.56
N LYS X 98 7.82 64.65 -61.46
CA LYS X 98 6.58 63.89 -61.52
C LYS X 98 5.46 64.64 -62.22
N ALA X 99 5.76 65.85 -62.69
CA ALA X 99 4.77 66.66 -63.37
C ALA X 99 5.11 66.97 -64.83
N LYS X 100 6.36 66.73 -65.23
CA LYS X 100 6.77 67.00 -66.60
C LYS X 100 5.77 66.51 -67.63
N GLY X 101 5.48 67.35 -68.62
CA GLY X 101 4.54 67.00 -69.66
C GLY X 101 3.12 66.81 -69.12
N LYS X 102 2.64 67.80 -68.37
CA LYS X 102 1.30 67.75 -67.79
C LYS X 102 0.65 69.11 -67.65
N LYS X 103 0.29 69.72 -68.77
CA LYS X 103 -0.35 71.03 -68.78
C LYS X 103 -1.66 71.03 -68.01
N GLU X 104 -2.21 69.83 -67.77
CA GLU X 104 -3.48 69.70 -67.05
C GLU X 104 -3.43 70.27 -65.64
N LEU X 105 -2.28 70.16 -65.00
CA LEU X 105 -2.11 70.66 -63.63
C LEU X 105 -2.55 72.11 -63.45
N LEU X 106 -2.20 72.95 -64.41
CA LEU X 106 -2.55 74.37 -64.35
C LEU X 106 -4.03 74.62 -64.09
N ASP X 107 -4.88 73.75 -64.62
CA ASP X 107 -6.33 73.90 -64.47
C ASP X 107 -6.87 73.40 -63.14
N THR X 108 -6.05 72.73 -62.35
CA THR X 108 -6.48 72.21 -61.06
C THR X 108 -6.33 73.29 -60.01
N CYS X 109 -6.12 74.54 -60.45
CA CYS X 109 -5.92 75.65 -59.53
C CYS X 109 -7.00 76.73 -59.58
N PRO X 110 -7.72 76.92 -58.46
CA PRO X 110 -8.79 77.93 -58.36
C PRO X 110 -8.24 79.36 -58.46
N TYR X 111 -6.98 79.53 -58.08
CA TYR X 111 -6.36 80.85 -58.12
C TYR X 111 -5.50 81.09 -59.36
N GLY X 112 -5.18 80.03 -60.09
CA GLY X 112 -4.36 80.17 -61.29
C GLY X 112 -2.99 80.75 -61.02
N VAL X 113 -2.36 80.32 -59.93
CA VAL X 113 -1.05 80.81 -59.56
C VAL X 113 0.10 80.01 -60.20
N MET X 114 -0.22 78.92 -60.88
CA MET X 114 0.83 78.14 -61.51
C MET X 114 0.89 78.40 -63.01
N TYR X 115 2.11 78.36 -63.54
CA TYR X 115 2.34 78.61 -64.96
C TYR X 115 3.04 77.46 -65.63
N TRP X 116 2.87 77.37 -66.94
CA TRP X 116 3.49 76.30 -67.72
C TRP X 116 4.82 76.77 -68.29
N ASN X 117 5.87 76.04 -67.98
CA ASN X 117 7.21 76.35 -68.47
C ASN X 117 7.47 75.52 -69.72
N GLU X 118 7.31 76.14 -70.88
CA GLU X 118 7.53 75.47 -72.17
C GLU X 118 8.83 74.68 -72.22
N GLU X 119 9.95 75.39 -72.13
CA GLU X 119 11.27 74.77 -72.19
C GLU X 119 11.45 73.60 -71.24
N GLU X 120 10.96 73.73 -70.02
CA GLU X 120 11.06 72.67 -69.02
C GLU X 120 9.90 71.69 -69.14
N ASN X 121 8.94 72.01 -70.00
CA ASN X 121 7.76 71.17 -70.19
C ASN X 121 7.24 70.64 -68.85
N VAL X 122 6.87 71.56 -67.98
CA VAL X 122 6.35 71.20 -66.66
C VAL X 122 5.72 72.43 -66.03
N ALA X 123 4.80 72.21 -65.10
CA ALA X 123 4.13 73.31 -64.42
C ALA X 123 5.00 73.81 -63.28
N GLN X 124 5.06 75.12 -63.14
CA GLN X 124 5.85 75.73 -62.09
C GLN X 124 4.99 76.74 -61.36
N LYS X 125 5.39 77.06 -60.14
CA LYS X 125 4.66 78.03 -59.36
C LYS X 125 5.38 78.31 -58.07
N CYS X 126 4.74 79.11 -57.24
CA CYS X 126 5.28 79.48 -55.96
C CYS X 126 5.75 78.30 -55.11
N THR X 127 6.93 78.43 -54.53
CA THR X 127 7.47 77.37 -53.69
C THR X 127 7.72 77.90 -52.28
N MET X 128 7.58 79.21 -52.11
CA MET X 128 7.81 79.88 -50.85
C MET X 128 9.29 79.69 -50.51
N CYS X 129 10.13 79.70 -51.54
CA CYS X 129 11.58 79.46 -51.43
C CYS X 129 11.89 78.49 -50.31
N ALA X 130 11.21 77.35 -50.36
CA ALA X 130 11.37 76.31 -49.36
C ALA X 130 12.84 75.92 -49.34
N HIS X 131 13.53 76.14 -50.46
CA HIS X 131 14.95 75.81 -50.53
C HIS X 131 15.73 76.74 -49.60
N LEU X 132 15.22 77.96 -49.43
CA LEU X 132 15.87 78.93 -48.55
C LEU X 132 15.43 78.67 -47.11
N LEU X 133 14.15 78.35 -46.94
CA LEU X 133 13.62 78.06 -45.62
C LEU X 133 14.20 76.77 -45.05
N ASP X 134 14.60 75.85 -45.93
CA ASP X 134 15.17 74.58 -45.48
C ASP X 134 16.68 74.68 -45.28
N ASP X 135 17.24 75.87 -45.51
CA ASP X 135 18.68 76.07 -45.35
C ASP X 135 18.99 77.08 -44.24
N GLU X 136 19.53 76.58 -43.13
CA GLU X 136 19.86 77.45 -42.01
C GLU X 136 20.78 78.62 -42.37
N SER X 137 21.65 78.39 -43.36
CA SER X 137 22.58 79.44 -43.79
C SER X 137 21.84 80.72 -44.17
N TRP X 138 20.65 80.57 -44.74
CA TRP X 138 19.85 81.73 -45.13
C TRP X 138 19.38 82.41 -43.84
N ALA X 139 20.18 83.36 -43.36
CA ALA X 139 19.90 84.08 -42.13
C ALA X 139 18.51 84.72 -41.98
N PRO X 140 18.01 85.38 -43.05
CA PRO X 140 16.68 86.01 -42.97
C PRO X 140 15.55 85.07 -42.56
N LYS X 141 15.65 83.80 -42.98
CA LYS X 141 14.64 82.81 -42.64
C LYS X 141 13.23 83.22 -43.10
N MET X 142 13.16 83.87 -44.26
CA MET X 142 11.89 84.30 -44.82
C MET X 142 12.04 84.32 -46.33
N PRO X 143 10.91 84.26 -47.06
CA PRO X 143 10.96 84.27 -48.54
C PRO X 143 11.58 85.55 -49.09
N ARG X 144 11.95 85.50 -50.37
CA ARG X 144 12.56 86.66 -51.02
C ARG X 144 11.68 87.91 -51.08
N CYS X 145 10.37 87.78 -51.34
CA CYS X 145 9.53 88.97 -51.39
C CYS X 145 9.50 89.68 -50.05
N ALA X 146 9.16 88.90 -49.02
CA ALA X 146 9.06 89.41 -47.66
C ALA X 146 10.34 90.11 -47.25
N HIS X 147 11.48 89.58 -47.69
CA HIS X 147 12.77 90.16 -47.35
C HIS X 147 13.11 91.37 -48.20
N ASN X 148 12.73 91.33 -49.47
CA ASN X 148 12.99 92.44 -50.39
C ASN X 148 12.10 93.66 -50.15
N CYS X 149 11.01 93.49 -49.39
CA CYS X 149 10.12 94.61 -49.09
C CYS X 149 10.77 95.75 -48.36
N GLY X 150 10.45 96.95 -48.79
CA GLY X 150 10.96 98.14 -48.12
C GLY X 150 9.74 98.92 -47.65
N SER X 151 8.57 98.32 -47.80
CA SER X 151 7.32 98.98 -47.40
C SER X 151 6.57 98.35 -46.24
N PHE X 152 7.20 97.37 -45.59
CA PHE X 152 6.62 96.69 -44.43
C PHE X 152 5.26 96.07 -44.71
N VAL X 153 5.13 95.45 -45.88
CA VAL X 153 3.89 94.82 -46.26
C VAL X 153 3.80 93.39 -45.71
N TYR X 154 4.92 92.70 -45.68
CA TYR X 154 4.95 91.32 -45.24
C TYR X 154 5.19 91.06 -43.76
N GLU X 155 4.63 89.95 -43.31
CA GLU X 155 4.75 89.49 -41.94
C GLU X 155 4.77 87.97 -42.08
N PHE X 156 5.98 87.42 -42.18
CA PHE X 156 6.17 85.98 -42.34
C PHE X 156 6.40 85.35 -40.97
N LEU X 157 5.69 84.25 -40.69
CA LEU X 157 5.83 83.60 -39.41
C LEU X 157 5.58 82.10 -39.43
N LYS X 158 6.27 81.40 -38.53
CA LYS X 158 6.12 79.95 -38.39
C LYS X 158 5.60 79.71 -36.99
N THR X 159 4.32 79.36 -36.88
CA THR X 159 3.71 79.13 -35.58
C THR X 159 2.68 78.00 -35.64
N THR X 160 1.86 77.92 -34.60
CA THR X 160 0.82 76.90 -34.51
C THR X 160 -0.50 77.49 -34.98
N PRO X 161 -1.41 76.65 -35.49
CA PRO X 161 -2.71 77.10 -35.98
C PRO X 161 -3.48 77.91 -34.93
N GLU X 162 -3.28 77.58 -33.65
CA GLU X 162 -3.96 78.29 -32.58
C GLU X 162 -3.52 79.74 -32.53
N ALA X 163 -2.21 79.97 -32.54
CA ALA X 163 -1.66 81.32 -32.50
C ALA X 163 -2.09 82.10 -33.74
N MET X 164 -1.96 81.47 -34.90
CA MET X 164 -2.34 82.11 -36.16
C MET X 164 -3.82 82.46 -36.15
N ALA X 165 -4.66 81.49 -35.75
CA ALA X 165 -6.09 81.70 -35.68
C ALA X 165 -6.43 82.89 -34.79
N LYS X 166 -5.70 83.04 -33.69
CA LYS X 166 -5.94 84.14 -32.78
C LYS X 166 -5.55 85.48 -33.41
N LYS X 167 -4.48 85.45 -34.21
CA LYS X 167 -4.01 86.64 -34.90
C LYS X 167 -5.03 87.04 -35.96
N VAL X 168 -5.53 86.05 -36.67
CA VAL X 168 -6.53 86.29 -37.73
C VAL X 168 -7.72 87.04 -37.16
N GLU X 169 -8.19 86.61 -35.99
CA GLU X 169 -9.34 87.24 -35.34
C GLU X 169 -9.06 88.66 -34.86
N GLU X 170 -7.92 88.85 -34.21
CA GLU X 170 -7.55 90.16 -33.69
C GLU X 170 -7.37 91.22 -34.78
N GLU X 171 -6.57 90.91 -35.79
CA GLU X 171 -6.31 91.84 -36.88
C GLU X 171 -7.37 91.80 -37.97
N GLY X 172 -8.31 90.87 -37.86
CA GLY X 172 -9.35 90.76 -38.86
C GLY X 172 -8.75 90.42 -40.22
N LEU X 173 -7.86 89.44 -40.23
CA LEU X 173 -7.21 89.01 -41.46
C LEU X 173 -8.20 88.24 -42.32
N GLU X 174 -7.99 88.27 -43.64
CA GLU X 174 -8.89 87.57 -44.57
C GLU X 174 -8.11 86.89 -45.68
N VAL X 175 -8.79 86.03 -46.43
CA VAL X 175 -8.15 85.32 -47.53
C VAL X 175 -8.89 85.61 -48.84
N ILE X 176 -8.28 85.23 -49.96
CA ILE X 176 -8.89 85.43 -51.26
C ILE X 176 -9.85 84.27 -51.56
N LYS X 177 -11.08 84.60 -51.95
CA LYS X 177 -12.10 83.61 -52.29
C LYS X 177 -12.30 82.56 -51.19
N PRO X 178 -12.79 82.98 -50.02
CA PRO X 178 -13.03 82.08 -48.88
C PRO X 178 -14.01 80.95 -49.22
N GLU X 179 -14.99 81.24 -50.06
CA GLU X 179 -16.01 80.28 -50.47
C GLU X 179 -15.43 78.95 -50.96
N LEU X 180 -14.31 79.00 -51.66
CA LEU X 180 -13.69 77.77 -52.16
C LEU X 180 -13.31 76.83 -51.04
N GLY X 181 -13.15 77.38 -49.83
CA GLY X 181 -12.79 76.58 -48.68
C GLY X 181 -11.46 75.85 -48.76
N THR X 182 -10.51 76.39 -49.51
CA THR X 182 -9.21 75.75 -49.62
C THR X 182 -8.36 76.12 -48.42
N LYS X 183 -8.76 77.17 -47.71
CA LYS X 183 -8.07 77.64 -46.51
C LYS X 183 -6.61 78.00 -46.73
N PRO X 184 -6.34 79.12 -47.42
CA PRO X 184 -4.98 79.59 -47.71
C PRO X 184 -4.21 79.94 -46.44
N ARG X 185 -2.90 79.78 -46.46
CA ARG X 185 -2.09 80.14 -45.29
C ARG X 185 -1.47 81.51 -45.55
N VAL X 186 -1.99 82.17 -46.57
CA VAL X 186 -1.55 83.52 -46.93
C VAL X 186 -2.73 84.43 -46.64
N TYR X 187 -2.64 85.21 -45.57
CA TYR X 187 -3.72 86.11 -45.19
C TYR X 187 -3.46 87.54 -45.61
N TYR X 188 -4.54 88.32 -45.71
CA TYR X 188 -4.45 89.72 -46.11
C TYR X 188 -5.07 90.62 -45.07
N LYS X 189 -4.41 91.74 -44.84
CA LYS X 189 -4.86 92.75 -43.89
C LYS X 189 -5.36 93.92 -44.75
N ASN X 190 -6.43 94.56 -44.31
CA ASN X 190 -6.99 95.69 -45.06
C ASN X 190 -7.37 95.29 -46.48
N LEU X 191 -7.83 94.06 -46.64
CA LEU X 191 -8.22 93.55 -47.95
C LEU X 191 -9.38 94.32 -48.57
N TYR X 192 -10.13 95.04 -47.75
CA TYR X 192 -11.27 95.83 -48.23
C TYR X 192 -10.83 96.87 -49.26
N ARG X 193 -9.59 97.32 -49.14
CA ARG X 193 -9.03 98.33 -50.06
C ARG X 193 -9.11 97.83 -51.50
N PHE X 194 -8.93 96.53 -51.67
CA PHE X 194 -8.91 95.91 -52.98
C PHE X 194 -10.25 95.30 -53.42
N GLU X 195 -10.95 94.65 -52.49
CA GLU X 195 -12.22 94.00 -52.81
C GLU X 195 -13.48 94.82 -52.66
N LYS X 196 -13.49 95.77 -51.73
CA LYS X 196 -14.68 96.57 -51.51
C LYS X 196 -14.69 97.91 -52.26
N ASN X 197 -15.69 98.73 -51.96
CA ASN X 197 -15.83 100.02 -52.60
C ASN X 197 -16.18 101.11 -51.60
N TYR X 198 -16.22 102.35 -52.08
CA TYR X 198 -16.52 103.48 -51.21
C TYR X 198 -17.37 104.53 -51.89
N VAL X 199 -17.77 105.52 -51.10
CA VAL X 199 -18.55 106.64 -51.58
C VAL X 199 -17.89 107.86 -50.92
N THR X 200 -17.71 108.93 -51.69
CA THR X 200 -17.07 110.12 -51.17
C THR X 200 -17.64 111.37 -51.83
N ALA X 201 -17.32 112.52 -51.28
CA ALA X 201 -17.81 113.79 -51.82
C ALA X 201 -17.18 114.97 -51.11
N GLY X 202 -17.44 116.17 -51.65
CA GLY X 202 -16.92 117.38 -51.06
C GLY X 202 -18.07 118.33 -50.77
N ILE X 203 -18.22 118.71 -49.50
CA ILE X 203 -19.30 119.60 -49.11
C ILE X 203 -18.87 121.07 -49.09
N LEU X 204 -19.66 121.91 -49.74
CA LEU X 204 -19.38 123.33 -49.79
C LEU X 204 -20.55 124.11 -49.20
N VAL X 205 -20.22 125.16 -48.46
CA VAL X 205 -21.24 126.01 -47.87
C VAL X 205 -20.92 127.41 -48.38
N GLN X 206 -21.72 127.87 -49.33
CA GLN X 206 -21.54 129.18 -49.93
C GLN X 206 -20.21 129.29 -50.68
N GLY X 207 -19.88 128.27 -51.45
CA GLY X 207 -18.66 128.29 -52.24
C GLY X 207 -17.35 127.85 -51.60
N ASP X 208 -17.34 127.59 -50.30
CA ASP X 208 -16.11 127.17 -49.65
C ASP X 208 -16.23 125.82 -48.95
N CYS X 209 -15.14 125.05 -48.98
CA CYS X 209 -15.11 123.74 -48.35
C CYS X 209 -15.53 123.89 -46.90
N PHE X 210 -16.49 123.08 -46.47
CA PHE X 210 -16.98 123.15 -45.10
C PHE X 210 -16.47 122.02 -44.23
N GLU X 211 -15.82 122.38 -43.12
CA GLU X 211 -15.27 121.42 -42.18
C GLU X 211 -16.18 121.23 -40.98
N GLY X 212 -16.37 119.97 -40.58
CA GLY X 212 -17.22 119.69 -39.43
C GLY X 212 -18.64 119.27 -39.73
N ALA X 213 -18.99 119.13 -41.00
CA ALA X 213 -20.33 118.71 -41.37
C ALA X 213 -20.53 117.24 -41.01
N LYS X 214 -21.64 116.93 -40.36
CA LYS X 214 -21.94 115.56 -39.96
C LYS X 214 -22.52 114.78 -41.13
N VAL X 215 -21.91 113.65 -41.46
CA VAL X 215 -22.37 112.82 -42.56
C VAL X 215 -22.69 111.42 -42.03
N VAL X 216 -23.77 110.83 -42.54
CA VAL X 216 -24.16 109.50 -42.10
C VAL X 216 -24.53 108.62 -43.29
N LEU X 217 -24.09 107.37 -43.26
CA LEU X 217 -24.38 106.42 -44.33
C LEU X 217 -25.41 105.44 -43.80
N LYS X 218 -26.53 105.31 -44.52
CA LYS X 218 -27.59 104.40 -44.12
C LYS X 218 -27.93 103.39 -45.21
N SER X 219 -28.11 102.14 -44.82
CA SER X 219 -28.45 101.09 -45.77
C SER X 219 -29.97 100.96 -45.84
N GLY X 220 -30.56 101.59 -46.86
CA GLY X 220 -32.00 101.53 -47.01
C GLY X 220 -32.74 102.39 -46.00
N GLY X 221 -32.29 102.34 -44.74
CA GLY X 221 -32.93 103.13 -43.71
C GLY X 221 -32.18 103.20 -42.38
N LYS X 222 -31.26 102.28 -42.16
CA LYS X 222 -30.49 102.26 -40.90
C LYS X 222 -29.02 102.64 -41.10
N GLU X 223 -28.46 103.33 -40.11
CA GLU X 223 -27.07 103.78 -40.16
C GLU X 223 -26.04 102.66 -40.25
N VAL X 224 -25.08 102.85 -41.15
CA VAL X 224 -24.00 101.88 -41.37
C VAL X 224 -22.65 102.50 -40.98
N ALA X 225 -22.56 103.82 -41.08
CA ALA X 225 -21.32 104.53 -40.74
C ALA X 225 -21.57 106.03 -40.72
N SER X 226 -20.66 106.76 -40.08
CA SER X 226 -20.77 108.21 -39.99
C SER X 226 -19.39 108.84 -39.90
N ALA X 227 -19.34 110.15 -40.10
CA ALA X 227 -18.08 110.88 -40.02
C ALA X 227 -18.31 112.37 -40.21
N GLU X 228 -17.28 113.14 -39.92
CA GLU X 228 -17.35 114.59 -40.08
C GLU X 228 -16.35 114.95 -41.17
N THR X 229 -16.70 115.91 -41.99
CA THR X 229 -15.84 116.33 -43.10
C THR X 229 -14.56 117.03 -42.63
N ASN X 230 -13.47 116.84 -43.39
CA ASN X 230 -12.20 117.47 -43.06
C ASN X 230 -12.18 118.90 -43.60
N PHE X 231 -11.02 119.55 -43.58
CA PHE X 231 -10.95 120.94 -44.05
C PHE X 231 -11.16 121.10 -45.55
N PHE X 232 -11.19 120.00 -46.29
CA PHE X 232 -11.46 120.06 -47.72
C PHE X 232 -12.94 119.71 -47.91
N GLY X 233 -13.65 119.66 -46.79
CA GLY X 233 -15.07 119.34 -46.81
C GLY X 233 -15.39 117.95 -47.32
N GLU X 234 -14.41 117.06 -47.24
CA GLU X 234 -14.59 115.70 -47.73
C GLU X 234 -14.80 114.63 -46.67
N PHE X 235 -15.43 113.55 -47.09
CA PHE X 235 -15.68 112.39 -46.24
C PHE X 235 -15.54 111.19 -47.17
N LYS X 236 -15.26 110.02 -46.62
CA LYS X 236 -15.09 108.83 -47.43
C LYS X 236 -15.46 107.56 -46.66
N PHE X 237 -16.50 106.87 -47.11
CA PHE X 237 -16.94 105.62 -46.48
C PHE X 237 -16.45 104.47 -47.35
N ASP X 238 -15.49 103.70 -46.82
CA ASP X 238 -14.93 102.58 -47.57
C ASP X 238 -15.41 101.24 -47.01
N ALA X 239 -14.89 100.16 -47.58
CA ALA X 239 -15.24 98.80 -47.14
C ALA X 239 -16.73 98.50 -47.34
N LEU X 240 -17.34 99.15 -48.33
CA LEU X 240 -18.76 98.96 -48.60
C LEU X 240 -19.07 97.77 -49.52
N ASP X 241 -19.97 96.91 -49.06
CA ASP X 241 -20.39 95.77 -49.85
C ASP X 241 -21.36 96.32 -50.88
N ASN X 242 -21.57 95.59 -51.97
CA ASN X 242 -22.50 96.04 -52.99
C ASN X 242 -23.86 96.25 -52.35
N GLY X 243 -24.61 97.22 -52.86
CA GLY X 243 -25.93 97.48 -52.32
C GLY X 243 -26.32 98.93 -52.51
N GLU X 244 -27.48 99.31 -51.99
CA GLU X 244 -27.94 100.68 -52.12
C GLU X 244 -27.94 101.35 -50.75
N TYR X 245 -27.28 102.49 -50.66
CA TYR X 245 -27.20 103.22 -49.39
C TYR X 245 -27.82 104.60 -49.52
N THR X 246 -27.88 105.30 -48.40
CA THR X 246 -28.44 106.65 -48.35
C THR X 246 -27.48 107.53 -47.56
N VAL X 247 -27.08 108.65 -48.15
CA VAL X 247 -26.17 109.56 -47.48
C VAL X 247 -26.92 110.80 -47.00
N GLU X 248 -26.79 111.10 -45.72
CA GLU X 248 -27.45 112.26 -45.14
C GLU X 248 -26.39 113.19 -44.58
N ILE X 249 -26.47 114.46 -44.97
CA ILE X 249 -25.52 115.46 -44.53
C ILE X 249 -26.23 116.61 -43.84
N ASP X 250 -25.54 117.21 -42.87
CA ASP X 250 -26.10 118.34 -42.14
C ASP X 250 -24.99 119.32 -41.74
N ALA X 251 -25.07 120.53 -42.28
CA ALA X 251 -24.11 121.59 -42.00
C ALA X 251 -24.85 122.92 -42.01
N ASP X 252 -24.57 123.77 -41.03
CA ASP X 252 -25.24 125.06 -40.93
C ASP X 252 -26.74 124.83 -40.80
N GLY X 253 -27.11 123.78 -40.08
CA GLY X 253 -28.52 123.46 -39.92
C GLY X 253 -29.10 122.97 -41.22
N LYS X 254 -28.43 123.29 -42.32
CA LYS X 254 -28.86 122.87 -43.65
C LYS X 254 -28.63 121.38 -43.79
N SER X 255 -29.56 120.69 -44.44
CA SER X 255 -29.44 119.25 -44.62
C SER X 255 -29.38 118.86 -46.08
N TYR X 256 -29.02 117.61 -46.32
CA TYR X 256 -28.92 117.06 -47.67
C TYR X 256 -29.03 115.56 -47.57
N SER X 257 -29.62 114.94 -48.60
CA SER X 257 -29.77 113.50 -48.61
C SER X 257 -29.84 113.03 -50.06
N ASP X 258 -29.35 111.83 -50.31
CA ASP X 258 -29.36 111.26 -51.65
C ASP X 258 -29.01 109.79 -51.54
N THR X 259 -29.49 109.00 -52.49
CA THR X 259 -29.23 107.57 -52.47
C THR X 259 -28.05 107.23 -53.37
N VAL X 260 -27.25 106.26 -52.93
CA VAL X 260 -26.08 105.84 -53.68
C VAL X 260 -26.09 104.33 -53.89
N VAL X 261 -25.79 103.91 -55.12
CA VAL X 261 -25.76 102.50 -55.44
C VAL X 261 -24.33 102.01 -55.65
N ILE X 262 -23.91 101.04 -54.84
CA ILE X 262 -22.58 100.47 -54.95
C ILE X 262 -22.69 99.15 -55.70
N ASP X 263 -22.04 99.08 -56.85
CA ASP X 263 -22.06 97.87 -57.67
C ASP X 263 -20.69 97.63 -58.28
N ASP X 264 -19.79 97.06 -57.48
CA ASP X 264 -18.44 96.77 -57.92
C ASP X 264 -17.69 98.03 -58.34
N LYS X 265 -18.19 99.18 -57.90
CA LYS X 265 -17.59 100.47 -58.21
C LYS X 265 -17.71 101.46 -57.06
N SER X 266 -16.73 102.35 -56.94
CA SER X 266 -16.75 103.38 -55.92
C SER X 266 -17.31 104.64 -56.54
N VAL X 267 -18.08 105.40 -55.77
CA VAL X 267 -18.73 106.59 -56.28
C VAL X 267 -18.30 107.93 -55.69
N ASP X 268 -18.11 108.90 -56.58
CA ASP X 268 -17.74 110.26 -56.20
C ASP X 268 -18.97 111.11 -56.48
N LEU X 269 -19.66 111.54 -55.44
CA LEU X 269 -20.87 112.34 -55.59
C LEU X 269 -20.53 113.76 -56.02
N GLY X 270 -19.25 114.04 -56.17
CA GLY X 270 -18.80 115.37 -56.58
C GLY X 270 -18.98 116.39 -55.49
N PHE X 271 -19.08 117.66 -55.89
CA PHE X 271 -19.26 118.76 -54.94
C PHE X 271 -20.74 118.87 -54.55
N ILE X 272 -21.00 118.80 -53.26
CA ILE X 272 -22.36 118.93 -52.73
C ILE X 272 -22.50 120.34 -52.18
N LYS X 273 -23.17 121.21 -52.95
CA LYS X 273 -23.34 122.60 -52.56
C LYS X 273 -24.49 122.86 -51.59
N LEU X 274 -24.18 123.62 -50.55
CA LEU X 274 -25.15 123.97 -49.51
C LEU X 274 -24.94 125.41 -49.06
CA CA Y . 11.34 79.80 24.22
PB MGD Z . -21.85 79.91 4.18
O1B MGD Z . -20.60 80.59 3.75
O2B MGD Z . -21.94 78.42 3.94
O3B MGD Z . -22.17 80.03 5.73
O3A MGD Z . -21.19 81.23 8.05
PA MGD Z . -21.90 81.30 6.65
O1A MGD Z . -22.72 82.54 6.45
O2A MGD Z . -23.02 80.66 7.38
O5' MGD Z . -23.18 80.55 3.47
C5' MGD Z . -23.13 81.61 2.44
C4' MGD Z . -24.48 81.42 1.75
O4' MGD Z . -24.43 82.37 0.66
C3' MGD Z . -24.64 79.99 1.14
O3' MGD Z . -25.87 79.35 1.57
C2' MGD Z . -24.54 80.23 -0.40
O2' MGD Z . -25.26 79.33 -1.24
C1' MGD Z . -24.87 81.74 -0.57
N9 MGD Z . -24.12 82.37 -1.61
C8 MGD Z . -22.73 82.26 -1.85
N7 MGD Z . -22.34 82.97 -2.89
C5 MGD Z . -23.51 83.56 -3.38
C6 MGD Z . -23.74 84.45 -4.49
O6 MGD Z . -22.87 84.89 -5.30
N1 MGD Z . -25.10 84.85 -4.65
C2 MGD Z . -26.14 84.43 -3.80
N2 MGD Z . -27.41 84.90 -4.07
N3 MGD Z . -25.95 83.58 -2.73
C4 MGD Z . -24.62 83.22 -2.60
C10 MGD Z . -20.31 80.14 8.43
C11 MGD Z . -20.06 80.49 9.88
O11 MGD Z . -20.26 79.22 10.63
C12 MGD Z . -18.62 80.93 10.17
S12 MGD Z . -17.62 81.97 9.12
C13 MGD Z . -17.91 80.53 11.32
S13 MGD Z . -16.29 81.08 11.34
C14 MGD Z . -18.54 79.63 12.38
N15 MGD Z . -17.79 78.32 12.42
C16 MGD Z . -18.44 77.42 13.37
C17 MGD Z . -17.68 76.46 14.06
O17 MGD Z . -16.42 76.43 14.14
N18 MGD Z . -18.44 75.42 14.71
C19 MGD Z . -19.84 75.39 14.67
N19 MGD Z . -20.49 74.37 15.30
N20 MGD Z . -20.58 76.32 14.03
C21 MGD Z . -19.86 77.34 13.40
N22 MGD Z . -20.64 78.29 12.76
C23 MGD Z . -20.07 79.44 12.05
PB MGD AA . -9.37 75.18 13.30
O1B MGD AA . -8.91 73.87 12.80
O2B MGD AA . -8.18 76.05 13.66
O3B MGD AA . -10.24 76.20 12.29
O3A MGD AA . -9.99 78.37 10.81
PA MGD AA . -9.79 77.78 12.28
O1A MGD AA . -8.28 77.83 12.41
O2A MGD AA . -10.65 78.51 13.28
O5' MGD AA . -10.02 75.27 14.76
C5' MGD AA . -10.00 74.25 15.79
C4' MGD AA . -9.32 73.00 15.41
O4' MGD AA . -9.36 72.57 16.73
C3' MGD AA . -10.22 72.00 14.63
O3' MGD AA . -9.36 71.27 13.70
C2' MGD AA . -10.87 71.09 15.73
O2' MGD AA . -10.73 69.70 15.56
C1' MGD AA . -10.28 71.62 17.03
N9 MGD AA . -11.06 72.31 18.05
C8 MGD AA . -12.42 72.71 18.09
N7 MGD AA . -12.71 73.27 19.24
C5 MGD AA . -11.52 73.26 19.98
C6 MGD AA . -11.19 73.69 21.32
O6 MGD AA . -11.93 74.22 22.18
N1 MGD AA . -9.80 73.48 21.65
C2 MGD AA . -8.86 72.90 20.79
N2 MGD AA . -7.57 72.78 21.25
N3 MGD AA . -9.16 72.48 19.56
C4 MGD AA . -10.50 72.68 19.25
C10 MGD AA . -11.31 78.60 10.31
C11 MGD AA . -11.17 79.33 8.97
O11 MGD AA . -11.20 78.20 8.02
C12 MGD AA . -12.38 80.19 8.66
S12 MGD AA . -13.03 81.37 9.81
C13 MGD AA . -13.13 80.09 7.47
S13 MGD AA . -14.49 81.12 7.47
C14 MGD AA . -12.70 79.05 6.39
N15 MGD AA . -13.61 77.85 6.74
C16 MGD AA . -13.27 76.69 5.91
C17 MGD AA . -14.24 75.71 5.57
O17 MGD AA . -15.48 75.78 5.84
N18 MGD AA . -13.73 74.56 4.87
C19 MGD AA . -12.38 74.40 4.55
N19 MGD AA . -11.99 73.27 3.88
N20 MGD AA . -11.44 75.32 4.86
C21 MGD AA . -11.90 76.47 5.54
N22 MGD AA . -10.89 77.40 5.86
C23 MGD AA . -11.21 78.63 6.61
MO 4MO BA . -15.24 82.17 9.51
C1 BTT CA . -13.59 86.34 6.52
C2 BTT CA . -14.77 87.36 6.21
C3 BTT CA . -16.14 87.23 7.05
C4 BTT CA . -16.27 86.24 8.02
C5 BTT CA . -15.12 85.26 8.31
C6 BTT CA . -13.76 85.38 7.49
O1 BTT CA . -12.40 86.33 5.92
O2 BTT CA . -14.58 88.17 5.38
O4 BTT CA . -17.37 86.06 8.77
O5 BTT CA . -15.49 84.03 8.13
CA CA DA . -0.19 60.01 7.75
FE1 SF4 EA . -3.57 62.36 -1.21
FE2 SF4 EA . -4.92 62.55 -3.40
FE3 SF4 EA . -2.61 64.15 -2.92
FE4 SF4 EA . -4.83 64.60 -1.58
S1 SF4 EA . -4.61 64.82 -3.76
S2 SF4 EA . -2.78 64.38 -0.64
S3 SF4 EA . -5.77 62.58 -1.24
S4 SF4 EA . -2.67 61.89 -3.19
FE1 SF4 FA . -8.26 59.02 -12.69
FE2 SF4 FA . -6.63 59.76 -14.57
FE3 SF4 FA . -6.38 57.25 -13.32
FE4 SF4 FA . -5.76 59.45 -11.98
S1 SF4 FA . -4.72 58.69 -13.79
S2 SF4 FA . -7.09 57.81 -11.18
S3 SF4 FA . -7.22 60.99 -12.68
S4 SF4 FA . -8.09 57.93 -14.63
FE1 SF4 GA . -6.20 45.30 -12.49
FE2 SF4 GA . -5.69 45.04 -15.03
FE3 SF4 GA . -3.61 45.38 -13.16
FE4 SF4 GA . -5.26 47.42 -13.67
S1 SF4 GA . -3.89 46.47 -15.13
S2 SF4 GA . -4.69 46.71 -11.60
S3 SF4 GA . -7.23 46.49 -14.03
S4 SF4 GA . -5.01 43.59 -13.33
CA CA HA . -90.98 -106.63 -35.80
PB MGD IA . -72.92 -72.88 -29.25
O1B MGD IA . -74.02 -73.41 -28.39
O2B MGD IA . -71.53 -73.46 -29.06
O3B MGD IA . -73.20 -73.04 -30.81
O3A MGD IA . -75.21 -74.01 -32.51
PA MGD IA . -74.65 -72.96 -31.47
O1A MGD IA . -75.41 -71.67 -31.44
O2A MGD IA . -73.83 -72.49 -32.62
O5' MGD IA . -72.70 -71.27 -29.08
C5' MGD IA . -73.46 -70.43 -28.11
C4' MGD IA . -72.57 -69.18 -28.04
O4' MGD IA . -73.23 -68.42 -27.00
C3' MGD IA . -71.12 -69.51 -27.56
O3' MGD IA . -70.12 -68.92 -28.44
C2' MGD IA . -71.08 -68.99 -26.09
O2' MGD IA . -69.83 -68.53 -25.59
C1' MGD IA . -72.26 -67.98 -26.00
N9 MGD IA . -72.96 -68.01 -24.71
C8 MGD IA . -73.45 -69.14 -24.00
N7 MGD IA . -74.04 -68.81 -22.86
C5 MGD IA . -73.95 -67.41 -22.80
C6 MGD IA . -74.40 -66.47 -21.80
O6 MGD IA . -75.01 -66.73 -20.73
N1 MGD IA . -74.10 -65.11 -22.12
C2 MGD IA . -73.43 -64.71 -23.29
N2 MGD IA . -73.21 -63.36 -23.47
N3 MGD IA . -72.99 -65.58 -24.24
C4 MGD IA . -73.29 -66.89 -23.92
C10 MGD IA . -74.64 -75.34 -32.68
C11 MGD IA . -75.37 -75.82 -33.94
O11 MGD IA . -74.31 -76.49 -34.74
C12 MGD IA . -76.44 -76.91 -33.63
S12 MGD IA . -77.58 -76.92 -32.25
C13 MGD IA . -76.58 -78.05 -34.43
S13 MGD IA . -77.77 -79.15 -33.85
C14 MGD IA . -75.73 -78.29 -35.68
N15 MGD IA . -74.91 -79.52 -35.45
C16 MGD IA . -74.04 -79.73 -36.61
C17 MGD IA . -73.65 -81.05 -36.97
O17 MGD IA . -74.16 -82.11 -36.55
N18 MGD IA . -72.57 -81.12 -37.91
C19 MGD IA . -71.94 -79.99 -38.43
N19 MGD IA . -70.91 -80.15 -39.30
N20 MGD IA . -72.31 -78.72 -38.10
C21 MGD IA . -73.37 -78.62 -37.19
N22 MGD IA . -73.75 -77.31 -36.88
C23 MGD IA . -74.86 -77.01 -35.97
PB MGD JA . -76.14 -86.47 -33.96
O1B MGD JA . -77.18 -87.36 -34.68
O2B MGD JA . -76.02 -85.00 -34.40
O3B MGD JA . -76.50 -86.47 -32.47
O3A MGD JA . -78.12 -85.55 -30.84
PA MGD JA . -78.05 -86.51 -32.10
O1A MGD JA . -78.42 -87.88 -31.59
O2A MGD JA . -78.78 -85.91 -33.28
O5' MGD JA . -74.75 -87.20 -34.17
C5' MGD JA . -74.89 -88.32 -35.08
C4' MGD JA . -74.33 -89.61 -34.65
O4' MGD JA . -74.74 -90.14 -35.93
C3' MGD JA . -72.82 -89.53 -34.63
O3' MGD JA . -72.39 -90.46 -33.61
C2' MGD JA . -72.34 -89.93 -36.07
O2' MGD JA . -71.23 -90.78 -36.14
C1' MGD JA . -73.61 -90.47 -36.78
N9 MGD JA . -73.94 -89.88 -38.07
C8 MGD JA . -73.65 -88.57 -38.56
N7 MGD JA . -74.12 -88.40 -39.78
C5 MGD JA . -74.72 -89.61 -40.11
C6 MGD JA . -75.40 -90.03 -41.30
O6 MGD JA . -75.60 -89.37 -42.37
N1 MGD JA . -75.87 -91.38 -41.22
C2 MGD JA . -75.70 -92.21 -40.08
N2 MGD JA . -76.21 -93.48 -40.13
N3 MGD JA . -75.07 -91.82 -38.95
C4 MGD JA . -74.62 -90.53 -39.06
C10 MGD JA . -77.85 -84.15 -31.03
C11 MGD JA . -78.07 -83.48 -29.69
O11 MGD JA . -76.82 -83.74 -28.90
C12 MGD JA . -78.18 -81.99 -29.86
S12 MGD JA . -79.16 -81.24 -31.13
C13 MGD JA . -77.48 -81.07 -29.09
S13 MGD JA . -77.78 -79.46 -29.62
C14 MGD JA . -76.51 -81.55 -27.97
N15 MGD JA . -75.15 -81.48 -28.68
C16 MGD JA . -74.10 -82.03 -27.81
C17 MGD JA . -72.74 -81.57 -27.91
O17 MGD JA . -72.35 -80.59 -28.62
N18 MGD JA . -71.79 -82.31 -27.15
C19 MGD JA . -72.14 -83.41 -26.35
N19 MGD JA . -71.17 -84.06 -25.66
N20 MGD JA . -73.42 -83.86 -26.23
C21 MGD JA . -74.38 -83.15 -26.97
N22 MGD JA . -75.69 -83.65 -26.84
C23 MGD JA . -76.82 -83.04 -27.60
MO 4MO KA . -78.83 -78.93 -31.72
C1 BTT LA . -82.59 -77.38 -28.23
C2 BTT LA . -82.97 -75.85 -28.32
C3 BTT LA . -82.48 -75.01 -29.60
C4 BTT LA . -81.73 -75.64 -30.59
C5 BTT LA . -81.36 -77.13 -30.49
C6 BTT LA . -81.86 -77.96 -29.22
O1 BTT LA . -82.94 -78.21 -27.23
O2 BTT LA . -83.61 -75.38 -27.45
O4 BTT LA . -81.27 -75.02 -31.68
O5 BTT LA . -80.08 -77.30 -30.48
CA CA MA . -65.37 -101.18 -25.18
FE1 SF4 NA . -64.25 -94.51 -18.03
FE2 SF4 NA . -63.35 -92.65 -16.50
FE3 SF4 NA . -65.86 -93.90 -16.02
FE4 SF4 NA . -65.60 -92.28 -18.09
S1 SF4 NA . -65.40 -91.67 -16.00
S2 SF4 NA . -66.48 -94.37 -18.19
S3 SF4 NA . -63.49 -92.58 -18.81
S4 SF4 NA . -63.80 -94.87 -15.88
FE1 SF4 OA . -56.92 -88.74 -9.21
FE2 SF4 OA . -57.90 -89.06 -6.82
FE3 SF4 OA . -56.04 -90.90 -7.91
FE4 SF4 OA . -58.49 -90.81 -8.91
S1 SF4 OA . -57.93 -91.40 -6.85
S2 SF4 OA . -56.63 -90.77 -10.15
S3 SF4 OA . -59.09 -88.66 -8.78
S4 SF4 OA . -55.67 -88.73 -7.36
FE1 SF4 PA . -45.79 -96.79 -9.06
FE2 SF4 PA . -45.14 -96.64 -6.52
FE3 SF4 PA . -46.77 -98.76 -7.51
FE4 SF4 PA . -47.77 -96.29 -7.42
S1 SF4 PA . -47.11 -97.47 -5.67
S2 SF4 PA . -47.86 -97.66 -9.23
S3 SF4 PA . -46.07 -94.95 -7.83
S4 SF4 PA . -44.59 -98.34 -7.97
CA CA QA . 89.31 12.76 -0.20
PB MGD RA . 98.46 49.97 6.19
O1B MGD RA . 98.44 49.37 4.81
O2B MGD RA . 97.14 50.28 6.83
O3B MGD RA . 99.25 49.08 7.25
O3A MGD RA . 100.55 46.59 7.30
PA MGD RA . 100.45 48.08 6.85
O1A MGD RA . 101.72 48.67 6.28
O2A MGD RA . 100.87 48.42 8.23
O5' MGD RA . 99.26 51.38 6.18
C5' MGD RA . 99.78 52.02 4.95
C4' MGD RA . 100.07 53.42 5.45
O4' MGD RA . 100.42 54.10 4.23
C3' MGD RA . 98.82 54.11 6.05
O3' MGD RA . 99.11 54.69 7.33
C2' MGD RA . 98.39 55.14 4.96
O2' MGD RA . 97.75 56.31 5.44
C1' MGD RA . 99.67 55.35 4.11
N9 MGD RA . 99.40 55.52 2.68
C8 MGD RA . 98.54 54.77 1.86
N7 MGD RA . 98.52 55.19 0.60
C5 MGD RA . 99.40 56.30 0.59
C6 MGD RA . 99.81 57.17 -0.48
O6 MGD RA . 99.43 57.14 -1.70
N1 MGD RA . 100.74 58.18 -0.08
C2 MGD RA . 101.22 58.30 1.24
N2 MGD RA . 102.12 59.31 1.50
N3 MGD RA . 100.86 57.48 2.26
C4 MGD RA . 99.96 56.51 1.86
C10 MGD RA . 99.44 45.82 7.83
C11 MGD RA . 100.13 44.53 8.29
O11 MGD RA . 99.50 44.22 9.61
C12 MGD RA . 99.84 43.30 7.37
S12 MGD RA . 99.78 43.31 5.56
C13 MGD RA . 99.59 42.02 7.89
S13 MGD RA . 99.24 40.86 6.67
C14 MGD RA . 99.58 41.73 9.38
N15 MGD RA . 98.19 41.32 9.77
C16 MGD RA . 98.12 41.12 11.20
C17 MGD RA . 97.20 40.20 11.75
O17 MGD RA . 96.56 39.32 11.09
N18 MGD RA . 97.01 40.29 13.17
C19 MGD RA . 97.69 41.21 13.96
N19 MGD RA . 97.44 41.24 15.30
N20 MGD RA . 98.57 42.10 13.45
C21 MGD RA . 98.78 42.03 12.08
N22 MGD RA . 99.71 42.94 11.58
C23 MGD RA . 100.08 43.00 10.16
PB MGD SA . 91.83 35.15 7.36
O1B MGD SA . 90.48 35.54 7.79
O2B MGD SA . 91.81 34.12 6.25
O3B MGD SA . 92.83 36.35 6.75
O3A MGD SA . 93.86 37.20 4.50
PA MGD SA . 93.89 36.02 5.57
O1A MGD SA . 93.30 34.89 4.77
O2A MGD SA . 95.28 35.86 6.19
O5' MGD SA . 92.71 34.28 8.42
C5' MGD SA . 92.30 33.65 9.69
C4' MGD SA . 90.83 33.70 9.96
O4' MGD SA . 90.98 32.83 11.07
C3' MGD SA . 90.32 35.04 10.56
O3' MGD SA . 88.98 35.24 10.04
C2' MGD SA . 90.34 34.83 12.13
O2' MGD SA . 89.12 35.07 12.80
C1' MGD SA . 90.85 33.42 12.31
N9 MGD SA . 92.14 33.14 12.92
C8 MGD SA . 93.12 34.01 13.45
N7 MGD SA . 94.14 33.34 13.94
C5 MGD SA . 93.83 31.98 13.75
C6 MGD SA . 94.52 30.77 14.09
O6 MGD SA . 95.61 30.63 14.69
N1 MGD SA . 93.82 29.59 13.65
C2 MGD SA . 92.58 29.61 12.97
N2 MGD SA . 92.02 28.40 12.61
N3 MGD SA . 91.92 30.73 12.66
C4 MGD SA . 92.61 31.85 13.08
C10 MGD SA . 94.42 38.47 4.82
C11 MGD SA . 94.47 39.27 3.50
O11 MGD SA . 93.26 40.08 3.65
C12 MGD SA . 95.65 40.24 3.48
S12 MGD SA . 97.32 39.72 3.79
C13 MGD SA . 95.51 41.61 3.25
S13 MGD SA . 97.02 42.43 3.37
C14 MGD SA . 94.08 42.20 3.01
N15 MGD SA . 93.72 42.64 4.44
C16 MGD SA . 92.35 43.12 4.50
C17 MGD SA . 91.96 44.10 5.45
O17 MGD SA . 92.75 44.73 6.23
N18 MGD SA . 90.55 44.36 5.50
C19 MGD SA . 89.62 43.72 4.69
N19 MGD SA . 88.30 44.03 4.81
N20 MGD SA . 89.97 42.78 3.76
C21 MGD SA . 91.34 42.50 3.69
N22 MGD SA . 91.69 41.51 2.75
C23 MGD SA . 93.08 41.08 2.58
MO 4MO TA . 98.94 41.37 4.37
C1 BTT UA . 100.34 42.06 -0.64
C2 BTT UA . 101.62 42.96 -0.83
C3 BTT UA . 102.49 43.32 0.47
C4 BTT UA . 102.13 42.85 1.72
C5 BTT UA . 100.88 41.96 1.89
C6 BTT UA . 100.00 41.59 0.61
O1 BTT UA . 99.50 41.67 -1.63
O2 BTT UA . 101.87 43.33 -1.92
O4 BTT UA . 102.79 43.10 2.85
O5 BTT UA . 100.04 42.49 2.72
CA CA VA . 73.34 34.41 8.51
FE1 SF4 WA . 73.64 43.00 3.71
FE2 SF4 WA . 73.64 45.48 3.05
FE3 SF4 WA . 73.98 43.47 1.11
FE4 SF4 WA . 75.91 43.94 2.85
S1 SF4 WA . 75.19 45.37 1.33
S2 SF4 WA . 75.08 41.88 2.39
S3 SF4 WA . 74.88 44.50 4.76
S4 SF4 WA . 72.12 43.87 2.33
FE1 SF4 XA . 69.18 54.89 1.66
FE2 SF4 XA . 68.30 55.12 -0.76
FE3 SF4 XA . 66.61 54.29 1.34
FE4 SF4 XA . 68.49 52.67 0.47
S1 SF4 XA . 66.78 53.38 -0.70
S2 SF4 XA . 68.15 53.13 2.65
S3 SF4 XA . 70.22 53.99 -0.09
S4 SF4 XA . 67.58 56.34 1.08
FE1 SF4 YA . 57.42 54.65 8.99
FE2 SF4 YA . 56.03 56.22 7.43
FE3 SF4 YA . 55.94 53.38 7.12
FE4 SF4 YA . 58.20 54.70 6.49
S1 SF4 YA . 56.22 54.96 5.51
S2 SF4 YA . 58.10 52.87 7.80
S3 SF4 YA . 58.30 56.40 7.91
S4 SF4 YA . 55.18 54.63 8.87
CA CA ZA . 28.74 70.82 45.70
PB MGD AB . 63.35 62.73 60.96
O1B MGD AB . 62.06 62.46 61.66
O2B MGD AB . 63.73 61.83 59.82
O3B MGD AB . 63.46 64.18 60.31
O3A MGD AB . 61.88 66.45 59.98
PA MGD AB . 62.74 65.49 60.84
O1A MGD AB . 63.18 66.09 62.16
O2A MGD AB . 63.89 66.10 60.14
O5' MGD AB . 64.62 62.67 61.97
C5' MGD AB . 64.50 62.28 63.39
C4' MGD AB . 65.95 62.08 63.79
O4' MGD AB . 65.78 61.56 65.11
C3' MGD AB . 66.66 61.00 62.93
O3' MGD AB . 67.99 61.43 62.52
C2' MGD AB . 66.69 59.76 63.85
O2' MGD AB . 67.74 58.84 63.65
C1' MGD AB . 66.56 60.36 65.29
N9 MGD AB . 65.84 59.48 66.20
C8 MGD AB . 64.58 58.85 66.00
N7 MGD AB . 64.21 58.11 67.04
C5 MGD AB . 65.25 58.24 67.97
C6 MGD AB . 65.43 57.69 69.29
O6 MGD AB . 64.64 56.92 69.92
N1 MGD AB . 66.64 58.08 69.93
C2 MGD AB . 67.59 58.93 69.32
N2 MGD AB . 68.72 59.23 70.04
N3 MGD AB . 67.44 59.47 68.09
C4 MGD AB . 66.26 59.09 67.48
C10 MGD AB . 61.28 66.10 58.70
C11 MGD AB . 60.68 67.44 58.30
O11 MGD AB . 61.09 67.63 56.87
C12 MGD AB . 59.12 67.47 58.32
S12 MGD AB . 58.07 66.73 59.60
C13 MGD AB . 58.37 68.08 57.31
S13 MGD AB . 56.68 67.89 57.54
C14 MGD AB . 59.02 68.79 56.12
N15 MGD AB . 58.66 68.02 54.87
C16 MGD AB . 59.35 68.62 53.72
C17 MGD AB . 58.77 68.55 52.42
O17 MGD AB . 57.60 68.20 52.16
N18 MGD AB . 59.65 68.90 51.35
C19 MGD AB . 60.98 69.30 51.55
N19 MGD AB . 61.75 69.62 50.47
N20 MGD AB . 61.53 69.39 52.78
C21 MGD AB . 60.70 69.05 53.84
N22 MGD AB . 61.30 69.17 55.12
C23 MGD AB . 60.57 68.89 56.36
PB MGD BB . 51.56 65.60 50.75
O1B MGD BB . 50.42 65.03 49.98
O2B MGD BB . 51.07 66.87 51.39
O3B MGD BB . 52.09 64.87 52.07
O3A MGD BB . 51.47 64.42 54.54
PA MGD BB . 51.18 65.38 53.34
O1A MGD BB . 49.76 65.09 52.93
O2A MGD BB . 51.56 66.83 53.66
O5' MGD BB . 52.73 66.27 49.96
C5' MGD BB . 52.32 66.60 48.65
C4' MGD BB . 51.85 65.60 47.72
O4' MGD BB . 51.52 66.70 46.89
C3' MGD BB . 53.00 64.88 47.07
O3' MGD BB . 52.47 63.56 46.69
C2' MGD BB . 53.42 65.79 45.85
O2' MGD BB . 53.59 65.13 44.63
C1' MGD BB . 52.35 66.91 45.82
N9 MGD BB . 52.75 68.31 46.00
C8 MGD BB . 53.94 68.87 46.55
N7 MGD BB . 53.94 70.17 46.50
C5 MGD BB . 52.72 70.52 45.92
C6 MGD BB . 52.13 71.80 45.57
O6 MGD BB . 52.63 72.95 45.75
N1 MGD BB . 50.83 71.68 44.98
C2 MGD BB . 50.19 70.44 44.73
N2 MGD BB . 48.93 70.48 44.14
N3 MGD BB . 50.71 69.25 45.03
C4 MGD BB . 51.97 69.38 45.60
C10 MGD BB . 52.75 64.51 55.20
C11 MGD BB . 52.67 63.63 56.44
O11 MGD BB . 53.17 62.34 55.91
C12 MGD BB . 53.66 64.08 57.49
S12 MGD BB . 53.75 65.75 58.04
C13 MGD BB . 54.59 63.22 58.08
S13 MGD BB . 55.62 64.08 59.17
C14 MGD BB . 54.66 61.73 57.63
N15 MGD BB . 55.78 61.77 56.58
C16 MGD BB . 55.90 60.46 55.93
C17 MGD BB . 57.15 60.02 55.40
O17 MGD BB . 58.27 60.62 55.53
N18 MGD BB . 57.09 58.80 54.64
C19 MGD BB . 55.90 58.09 54.45
N19 MGD BB . 55.93 56.94 53.71
N20 MGD BB . 54.70 58.49 54.95
C21 MGD BB . 54.73 59.67 55.69
N22 MGD BB . 53.48 60.06 56.18
C23 MGD BB . 53.32 61.31 56.95
MO 4MO CB . 55.67 66.51 59.20
C1 BTT DB . 53.52 65.33 63.94
C2 BTT DB . 54.39 65.85 65.17
C3 BTT DB . 55.56 66.89 64.87
C4 BTT DB . 55.80 67.33 63.58
C5 BTT DB . 54.96 66.82 62.40
C6 BTT DB . 53.78 65.78 62.67
O1 BTT DB . 52.50 64.45 64.03
O2 BTT DB . 54.12 65.43 66.24
O4 BTT DB . 56.77 68.20 63.24
O5 BTT DB . 55.69 66.25 61.49
CA CA EB . 47.70 51.20 38.59
FE1 SF4 FB . 51.74 45.47 45.50
FE2 SF4 FB . 53.31 44.02 46.93
FE3 SF4 FB . 50.64 44.53 47.76
FE4 SF4 FB . 52.43 46.48 47.82
S1 SF4 FB . 52.52 44.63 49.03
S2 SF4 FB . 50.37 46.64 46.86
S3 SF4 FB . 53.79 46.12 46.06
S4 SF4 FB . 51.31 43.34 45.94
FE1 SF4 GB . 58.93 35.41 49.01
FE2 SF4 GB . 57.51 33.68 50.28
FE3 SF4 GB . 57.78 33.56 47.47
FE4 SF4 GB . 56.37 35.50 48.58
S1 SF4 GB . 55.88 33.34 48.67
S2 SF4 GB . 57.94 35.83 47.02
S3 SF4 GB . 57.41 36.00 50.49
S4 SF4 GB . 59.40 33.23 49.01
FE1 SF4 HB . 60.72 29.04 36.76
FE2 SF4 HB . 60.74 26.58 37.68
FE3 SF4 HB . 58.33 27.78 36.76
FE4 SF4 HB . 59.45 28.67 39.02
S1 SF4 HB . 58.68 26.63 38.69
S2 SF4 HB . 58.76 30.00 37.33
S3 SF4 HB . 61.64 28.48 38.71
S4 SF4 HB . 60.16 27.24 35.53
CA CA IB . 80.93 -7.16 -0.08
PB MGD JB . 62.56 -41.02 -5.33
O1B MGD JB . 63.18 -40.64 -4.03
O2B MGD JB . 61.22 -40.37 -5.68
O3B MGD JB . 63.48 -40.75 -6.59
O3A MGD JB . 66.00 -39.57 -7.08
PA MGD JB . 65.08 -40.69 -6.47
O1A MGD JB . 65.83 -41.93 -6.07
O2A MGD JB . 64.92 -41.14 -7.90
O5' MGD JB . 62.25 -42.62 -5.40
C5' MGD JB . 62.50 -43.55 -4.27
C4' MGD JB . 61.74 -44.80 -4.72
O4' MGD JB . 61.88 -45.62 -3.53
C3' MGD JB . 60.24 -44.51 -4.94
O3' MGD JB . 59.76 -45.12 -6.17
C2' MGD JB . 59.57 -45.10 -3.66
O2' MGD JB . 58.23 -45.55 -3.81
C1' MGD JB . 60.59 -46.14 -3.12
N9 MGD JB . 60.63 -46.23 -1.67
C8 MGD JB . 60.69 -45.19 -0.71
N7 MGD JB . 60.70 -45.63 0.54
C5 MGD JB . 60.64 -47.03 0.42
C6 MGD JB . 60.61 -48.08 1.42
O6 MGD JB . 60.65 -47.94 2.68
N1 MGD JB . 60.53 -49.39 0.88
C2 MGD JB . 60.49 -49.67 -0.50
N2 MGD JB . 60.43 -50.99 -0.89
N3 MGD JB . 60.52 -48.70 -1.46
C4 MGD JB . 60.58 -47.42 -0.92
C10 MGD JB . 65.53 -38.27 -7.50
C11 MGD JB . 66.75 -37.70 -8.22
O11 MGD JB . 66.18 -36.94 -9.36
C12 MGD JB . 67.54 -36.65 -7.36
S12 MGD JB . 67.92 -36.77 -5.60
C13 MGD JB . 68.02 -35.45 -7.91
S13 MGD JB . 68.77 -34.43 -6.76
C14 MGD JB . 67.83 -35.09 -9.39
N15 MGD JB . 66.96 -33.88 -9.44
C16 MGD JB . 66.67 -33.54 -10.83
C17 MGD JB . 66.43 -32.20 -11.21
O17 MGD JB . 66.66 -31.18 -10.50
N18 MGD JB . 65.89 -32.02 -12.53
C19 MGD JB . 65.62 -33.10 -13.38
N19 MGD JB . 65.09 -32.85 -14.61
N20 MGD JB . 65.85 -34.39 -13.03
C21 MGD JB . 66.38 -34.58 -11.75
N22 MGD JB . 66.63 -35.91 -11.43
C23 MGD JB . 67.22 -36.32 -10.15
PB MGD KB . 66.93 -27.27 -7.14
O1B MGD KB . 68.28 -26.52 -7.34
O2B MGD KB . 66.77 -28.68 -7.78
O3B MGD KB . 66.73 -27.39 -5.60
O3A MGD KB . 67.67 -28.34 -3.49
PA MGD KB . 68.04 -27.34 -4.65
O1A MGD KB . 68.15 -25.95 -4.02
O2A MGD KB . 69.17 -27.89 -5.49
O5' MGD KB . 65.85 -26.30 -7.74
C5' MGD KB . 66.49 -25.16 -8.37
C4' MGD KB . 65.84 -23.86 -8.12
O4' MGD KB . 66.82 -23.27 -9.02
C3' MGD KB . 64.50 -23.88 -8.80
O3' MGD KB . 63.64 -23.01 -8.02
C2' MGD KB . 64.77 -23.41 -10.27
O2' MGD KB . 63.79 -22.56 -10.82
C1' MGD KB . 66.21 -22.84 -10.25
N9 MGD KB . 67.10 -23.32 -11.30
C8 MGD KB . 67.11 -24.58 -11.97
N7 MGD KB . 68.05 -24.66 -12.86
C5 MGD KB . 68.71 -23.43 -12.81
C6 MGD KB . 69.81 -22.91 -13.56
O6 MGD KB . 70.48 -23.48 -14.47
N1 MGD KB . 70.17 -21.58 -13.17
C2 MGD KB . 69.48 -20.84 -12.17
N2 MGD KB . 69.93 -19.56 -11.91
N3 MGD KB . 68.44 -21.31 -11.47
C4 MGD KB . 68.12 -22.59 -11.85
C10 MGD KB . 67.52 -29.73 -3.80
C11 MGD KB . 67.12 -30.50 -2.55
O11 MGD KB . 65.66 -30.28 -2.40
C12 MGD KB . 67.31 -31.96 -2.77
S12 MGD KB . 68.78 -32.63 -3.51
C13 MGD KB . 66.35 -32.92 -2.48
S13 MGD KB . 66.87 -34.47 -2.94
C14 MGD KB . 64.98 -32.51 -1.88
N15 MGD KB . 64.06 -32.51 -3.12
C16 MGD KB . 62.73 -32.00 -2.77
C17 MGD KB . 61.57 -32.42 -3.49
O17 MGD KB . 61.51 -33.33 -4.37
N18 MGD KB . 60.37 -31.71 -3.15
C19 MGD KB . 60.34 -30.68 -2.20
N19 MGD KB . 59.15 -30.06 -1.94
N20 MGD KB . 61.43 -30.29 -1.50
C21 MGD KB . 62.61 -30.96 -1.81
N22 MGD KB . 63.72 -30.50 -1.07
C23 MGD KB . 65.07 -31.07 -1.29
MO 4MO LB . 68.78 -34.84 -4.40
C1 BTT MB . 70.63 -36.77 0.27
C2 BTT MB . 70.96 -38.33 0.20
C3 BTT MB . 71.04 -39.02 -1.24
C4 BTT MB . 70.83 -38.28 -2.39
C5 BTT MB . 70.51 -36.76 -2.30
C6 BTT MB . 70.44 -36.07 -0.88
O1 BTT MB . 70.53 -36.06 1.39
O2 BTT MB . 71.12 -38.90 1.21
O4 BTT MB . 70.88 -38.76 -3.63
O5 BTT MB . 69.37 -36.48 -2.85
CA CA NB . 53.40 -12.84 -2.81
FE1 SF4 OB . 49.27 -20.15 2.49
FE2 SF4 OB . 47.86 -22.12 3.30
FE3 SF4 OB . 49.85 -20.95 4.95
FE4 SF4 OB . 50.55 -22.39 2.85
S1 SF4 OB . 49.47 -23.17 4.60
S2 SF4 OB . 51.36 -20.33 3.33
S3 SF4 OB . 49.00 -21.98 1.27
S4 SF4 OB . 47.92 -20.00 4.24
FE1 SF4 PB . 38.96 -26.60 6.57
FE2 SF4 PB . 38.72 -26.45 9.16
FE3 SF4 PB . 37.54 -24.53 7.48
FE4 SF4 PB . 40.18 -24.57 7.75
S1 SF4 PB . 38.72 -24.13 9.35
S2 SF4 PB . 39.11 -24.49 5.78
S3 SF4 PB . 40.69 -26.74 7.96
S4 SF4 PB . 37.00 -26.73 7.64
FE1 SF4 QB . 28.77 -18.23 2.33
FE2 SF4 QB . 27.14 -18.68 4.29
FE3 SF4 QB . 28.90 -16.48 4.36
FE4 SF4 QB . 29.88 -18.97 4.56
S1 SF4 QB . 28.51 -17.99 6.01
S2 SF4 QB . 30.68 -17.38 3.15
S3 SF4 QB . 28.58 -20.22 3.28
S4 SF4 QB . 27.16 -16.79 2.93
CA CA RB . -32.23 -34.97 69.07
PB MGD SB . -59.85 -19.63 91.95
O1B MGD SB . -59.38 -18.68 90.90
O2B MGD SB . -61.20 -20.28 91.69
O3B MGD SB . -58.88 -20.89 92.21
O3A MGD SB . -56.59 -22.26 92.93
PA MGD SB . -57.51 -21.00 93.06
O1A MGD SB . -57.25 -20.14 94.26
O2A MGD SB . -58.39 -21.90 93.86
O5' MGD SB . -60.02 -18.92 93.42
C5' MGD SB . -59.80 -17.46 93.63
C4' MGD SB . -61.03 -17.02 94.48
O4' MGD SB . -60.81 -15.58 94.57
C3' MGD SB . -62.40 -17.23 93.76
O3' MGD SB . -63.38 -17.88 94.64
C2' MGD SB . -62.83 -15.77 93.33
O2' MGD SB . -64.23 -15.52 93.22
C1' MGD SB . -62.05 -14.86 94.33
N9 MGD SB . -61.65 -13.54 93.81
C8 MGD SB . -61.06 -13.23 92.57
N7 MGD SB . -60.82 -11.93 92.43
C5 MGD SB . -61.27 -11.34 93.62
C6 MGD SB . -61.28 -9.96 94.06
O6 MGD SB . -60.85 -8.95 93.42
N1 MGD SB . -61.84 -9.77 95.36
C2 MGD SB . -62.34 -10.83 96.14
N2 MGD SB . -62.85 -10.50 97.38
N3 MGD SB . -62.33 -12.13 95.75
C4 MGD SB . -61.80 -12.30 94.49
C10 MGD SB . -56.72 -23.14 91.79
C11 MGD SB . -55.73 -24.25 92.08
O11 MGD SB . -56.44 -25.51 91.71
C12 MGD SB . -54.49 -24.17 91.16
S12 MGD SB . -53.65 -22.64 90.67
C13 MGD SB . -53.91 -25.31 90.59
S13 MGD SB . -52.61 -24.97 89.55
C14 MGD SB . -54.45 -26.72 90.86
N15 MGD SB . -54.93 -27.27 89.56
C16 MGD SB . -55.53 -28.58 89.79
C17 MGD SB . -55.50 -29.56 88.79
O17 MGD SB . -54.79 -29.50 87.74
N18 MGD SB . -56.36 -30.69 89.00
C19 MGD SB . -57.16 -30.82 90.13
N19 MGD SB . -57.95 -31.92 90.27
N20 MGD SB . -57.18 -29.89 91.12
C21 MGD SB . -56.36 -28.78 90.93
N22 MGD SB . -56.41 -27.85 91.98
C23 MGD SB . -55.58 -26.64 91.97
PB MGD TB . -52.05 -28.79 81.14
O1B MGD TB . -53.06 -28.94 80.07
O2B MGD TB . -50.67 -28.53 80.53
O3B MGD TB . -52.18 -27.55 82.26
O3A MGD TB . -51.13 -25.22 82.86
PA MGD TB . -50.80 -26.78 82.70
O1A MGD TB . -49.89 -26.75 81.52
O2A MGD TB . -50.34 -27.38 84.02
O5' MGD TB . -51.59 -30.08 81.97
C5' MGD TB . -51.87 -31.48 81.67
C4' MGD TB . -52.55 -31.73 80.38
O4' MGD TB . -52.29 -33.10 80.53
C3' MGD TB . -54.12 -31.60 80.46
O3' MGD TB . -54.60 -31.07 79.19
C2' MGD TB . -54.63 -33.05 80.78
O2' MGD TB . -55.62 -33.56 79.91
C1' MGD TB . -53.34 -33.89 80.81
N9 MGD TB . -52.89 -34.53 82.03
C8 MGD TB . -53.40 -34.47 83.36
N7 MGD TB . -52.72 -35.25 84.16
C5 MGD TB . -51.73 -35.85 83.35
C6 MGD TB . -50.70 -36.79 83.63
O6 MGD TB . -50.45 -37.37 84.72
N1 MGD TB . -49.89 -37.12 82.48
C2 MGD TB . -50.07 -36.54 81.20
N2 MGD TB . -49.21 -36.92 80.19
N3 MGD TB . -51.04 -35.67 80.93
C4 MGD TB . -51.80 -35.37 82.05
C10 MGD TB . -51.90 -24.77 83.98
C11 MGD TB . -51.89 -23.25 83.95
O11 MGD TB . -53.11 -22.96 83.17
C12 MGD TB . -52.12 -22.67 85.35
S12 MGD TB . -51.19 -23.20 86.74
C13 MGD TB . -53.13 -21.74 85.64
S13 MGD TB . -53.17 -21.38 87.31
C14 MGD TB . -54.06 -21.25 84.50
N15 MGD TB . -55.27 -22.17 84.67
C16 MGD TB . -56.23 -21.96 83.59
C17 MGD TB . -57.62 -22.19 83.78
O17 MGD TB . -58.18 -22.47 84.89
N18 MGD TB . -58.42 -22.08 82.60
C19 MGD TB . -57.90 -21.78 81.35
N19 MGD TB . -58.74 -21.70 80.28
N20 MGD TB . -56.58 -21.55 81.14
C21 MGD TB . -55.76 -21.65 82.28
N22 MGD TB . -54.40 -21.43 82.01
C23 MGD TB . -53.41 -21.52 83.10
MO 4MO UB . -51.99 -22.75 88.91
C1 BTT VB . -49.42 -18.09 89.19
C2 BTT VB . -49.50 -17.38 90.60
C3 BTT VB . -49.98 -18.24 91.87
C4 BTT VB . -50.33 -19.58 91.71
C5 BTT VB . -50.25 -20.26 90.33
C6 BTT VB . -49.77 -19.41 89.07
O1 BTT VB . -49.03 -17.51 88.03
O2 BTT VB . -49.18 -16.25 90.66
O4 BTT VB . -50.75 -20.37 92.70
O5 BTT VB . -51.41 -20.70 89.96
CA CA WB . -59.68 -30.43 64.41
FE1 SF4 XB . -63.78 -21.74 66.47
FE2 SF4 XB . -65.32 -19.81 67.20
FE3 SF4 XB . -62.70 -19.30 66.30
FE4 SF4 XB . -63.08 -20.45 68.63
S1 SF4 XB . -63.71 -18.41 68.12
S2 SF4 XB . -61.65 -21.23 67.05
S3 SF4 XB . -64.90 -21.76 68.38
S4 SF4 XB . -64.42 -20.14 65.07
FE1 SF4 YB . -73.70 -13.54 65.95
FE2 SF4 YB . -73.04 -11.40 64.64
FE3 SF4 YB . -74.16 -13.66 63.35
FE4 SF4 YB . -71.71 -13.78 64.29
S1 SF4 YB . -72.40 -12.45 62.66
S2 SF4 YB . -73.27 -15.34 64.67
S3 SF4 YB . -71.72 -12.58 66.17
S4 SF4 YB . -75.18 -12.30 64.86
FE1 SF4 ZB . -82.04 -20.10 57.06
FE2 SF4 ZB . -83.06 -17.97 55.95
FE3 SF4 ZB . -80.82 -19.27 54.81
FE4 SF4 ZB . -80.53 -17.97 57.12
S1 SF4 ZB . -81.10 -17.05 55.18
S2 SF4 ZB . -79.82 -20.08 56.75
S3 SF4 ZB . -82.45 -18.24 58.18
S4 SF4 ZB . -82.93 -20.08 54.99
CA CA AC . -11.46 -9.49 -25.21
PB MGD BC . 15.94 -23.81 -48.66
O1B MGD BC . 15.03 -22.68 -48.98
O2B MGD BC . 17.12 -23.50 -47.75
O3B MGD BC . 15.23 -25.03 -47.95
O3A MGD BC . 12.60 -25.61 -47.11
PA MGD BC . 13.72 -25.38 -48.22
O1A MGD BC . 13.32 -25.89 -49.59
O2A MGD BC . 14.20 -26.72 -47.81
O5' MGD BC . 16.60 -24.46 -49.99
C5' MGD BC . 16.40 -23.93 -51.36
C4' MGD BC . 17.55 -24.62 -52.07
O4' MGD BC . 17.51 -24.03 -53.38
C3' MGD BC . 18.92 -24.30 -51.42
O3' MGD BC . 19.67 -25.52 -51.21
C2' MGD BC . 19.57 -23.32 -52.41
O2' MGD BC . 20.99 -23.33 -52.46
C1' MGD BC . 18.83 -23.57 -53.75
N9 MGD BC . 18.61 -22.37 -54.53
C8 MGD BC . 18.13 -21.10 -54.10
N7 MGD BC . 18.05 -20.24 -55.09
C5 MGD BC . 18.50 -20.94 -56.22
C6 MGD BC . 18.65 -20.55 -57.61
O6 MGD BC . 18.39 -19.41 -58.09
N1 MGD BC . 19.14 -21.59 -58.47
C2 MGD BC . 19.45 -22.87 -57.98
N2 MGD BC . 19.91 -23.81 -58.91
N3 MGD BC . 19.31 -23.26 -56.71
C4 MGD BC . 18.84 -22.26 -55.90
C10 MGD BC . 12.73 -25.18 -45.73
C11 MGD BC . 11.53 -25.89 -45.07
O11 MGD BC . 12.07 -26.38 -43.77
C12 MGD BC . 10.35 -24.94 -44.73
S12 MGD BC . 9.74 -23.60 -45.77
C13 MGD BC . 9.65 -25.03 -43.51
S13 MGD BC . 8.44 -23.80 -43.31
C14 MGD BC . 9.98 -26.08 -42.45
N15 MGD BC . 10.47 -25.36 -41.23
C16 MGD BC . 10.88 -26.33 -40.22
C17 MGD BC . 10.79 -26.02 -38.85
O17 MGD BC . 10.17 -25.04 -38.36
N18 MGD BC . 11.49 -26.93 -37.98
C19 MGD BC . 12.20 -28.03 -38.45
N19 MGD BC . 12.85 -28.84 -37.56
N20 MGD BC . 12.27 -28.34 -39.76
C21 MGD BC . 11.60 -27.49 -40.63
N22 MGD BC . 11.70 -27.86 -41.97
C23 MGD BC . 11.03 -27.09 -43.03
PB MGD CC . 7.81 -20.14 -36.42
O1B MGD CC . 6.54 -19.81 -35.59
O2B MGD CC . 7.66 -21.37 -37.35
O3B MGD CC . 8.12 -19.01 -37.43
O3A MGD CC . 7.43 -17.93 -39.58
PA MGD CC . 6.85 -18.60 -38.27
O1A MGD CC . 6.14 -17.51 -37.51
O2A MGD CC . 6.14 -19.90 -38.59
O5' MGD CC . 9.00 -20.45 -35.44
C5' MGD CC . 8.40 -20.56 -34.16
C4' MGD CC . 8.71 -19.60 -33.12
O4' MGD CC . 7.78 -20.37 -32.30
C3' MGD CC . 10.11 -19.86 -32.62
O3' MGD CC . 10.59 -18.59 -32.14
C2' MGD CC . 9.97 -20.96 -31.51
O2' MGD CC . 10.74 -20.74 -30.36
C1' MGD CC . 8.43 -21.08 -31.25
N9 MGD CC . 7.88 -22.43 -31.31
C8 MGD CC . 8.31 -23.58 -32.05
N7 MGD CC . 7.56 -24.64 -31.83
C5 MGD CC . 6.59 -24.21 -30.92
C6 MGD CC . 5.50 -24.90 -30.30
O6 MGD CC . 5.15 -26.10 -30.42
N1 MGD CC . 4.74 -24.05 -29.40
C2 MGD CC . 5.04 -22.69 -29.18
N2 MGD CC . 4.23 -21.99 -28.30
N3 MGD CC . 6.06 -22.03 -29.75
C4 MGD CC . 6.77 -22.86 -30.59
C10 MGD CC . 8.11 -18.80 -40.50
C11 MGD CC . 8.39 -17.99 -41.74
O11 MGD CC . 9.69 -17.36 -41.44
C12 MGD CC . 8.61 -18.91 -42.93
S12 MGD CC . 7.51 -20.24 -43.32
C13 MGD CC . 9.72 -18.82 -43.77
S13 MGD CC . 9.72 -20.06 -44.97
C14 MGD CC . 10.81 -17.74 -43.50
N15 MGD CC . 11.85 -18.54 -42.71
C16 MGD CC . 12.92 -17.65 -42.22
C17 MGD CC . 14.24 -18.13 -42.01
O17 MGD CC . 14.68 -19.27 -42.35
N18 MGD CC . 15.11 -17.21 -41.35
C19 MGD CC . 14.72 -15.93 -40.94
N19 MGD CC . 15.62 -15.12 -40.31
N20 MGD CC . 13.48 -15.45 -41.14
C21 MGD CC . 12.59 -16.32 -41.79
N22 MGD CC . 11.30 -15.80 -41.96
C23 MGD CC . 10.24 -16.60 -42.57
MO 4MO DC . 8.22 -21.96 -44.82
C1 BTT EC . 6.27 -19.30 -49.03
C2 BTT EC . 6.31 -20.14 -50.37
C3 BTT EC . 6.61 -21.72 -50.26
C4 BTT EC . 6.81 -22.32 -49.04
C5 BTT EC . 6.76 -21.49 -47.73
C6 BTT EC . 6.48 -19.93 -47.82
O1 BTT EC . 6.04 -17.99 -48.94
O2 BTT EC . 6.13 -19.57 -51.37
O4 BTT EC . 7.05 -23.62 -48.87
O5 BTT EC . 7.88 -21.58 -47.08
CA CA FC . 16.68 -6.87 -24.38
FE1 SF4 GC . 21.67 -4.36 -32.43
FE2 SF4 GC . 23.39 -4.13 -34.33
FE3 SF4 GC . 20.92 -2.76 -34.40
FE4 SF4 GC . 20.95 -5.36 -34.74
S1 SF4 GC . 21.91 -3.90 -36.09
S2 SF4 GC . 19.60 -4.27 -33.28
S3 SF4 GC . 22.62 -6.11 -33.41
S4 SF4 GC . 22.63 -2.42 -32.93
FE1 SF4 HC . 32.55 -0.89 -38.30
FE2 SF4 HC . 32.30 1.44 -39.40
FE3 SF4 HC . 33.21 1.17 -36.75
FE4 SF4 HC . 30.68 0.66 -37.30
S1 SF4 HC . 31.67 2.62 -37.49
S2 SF4 HC . 32.01 -0.72 -36.12
S3 SF4 HC . 30.71 -0.26 -39.34
S4 SF4 HC . 34.27 0.49 -38.65
FE1 SF4 IC . 40.74 1.82 -27.46
FE2 SF4 IC . 42.10 3.78 -28.54
FE3 SF4 IC . 39.78 4.29 -27.01
FE4 SF4 IC . 39.51 3.09 -29.38
S1 SF4 IC . 40.31 5.14 -29.04
S2 SF4 IC . 38.57 2.36 -27.46
S3 SF4 IC . 41.34 1.85 -29.61
S4 SF4 IC . 41.76 3.44 -26.27
CA CA JC . -33.40 -130.81 7.57
PB MGD KC . 0.36 -130.66 26.75
O1B MGD KC . 0.20 -130.98 25.30
O2B MGD KC . 0.33 -129.19 27.12
O3B MGD KC . -0.72 -131.41 27.67
O3A MGD KC . -2.91 -133.12 27.13
PA MGD KC . -1.38 -132.79 27.16
O1A MGD KC . -0.51 -134.01 26.96
O2A MGD KC . -1.48 -133.02 28.63
O5' MGD KC . 1.77 -131.18 27.34
C5' MGD KC . 2.80 -131.80 26.51
C4' MGD KC . 4.01 -131.72 27.41
O4' MGD KC . 5.06 -132.17 26.56
C3' MGD KC . 4.31 -130.25 27.85
O3' MGD KC . 4.54 -130.19 29.29
C2' MGD KC . 5.55 -129.88 27.00
O2' MGD KC . 6.44 -128.93 27.56
C1' MGD KC . 6.17 -131.25 26.61
N9 MGD KC . 6.79 -131.25 25.28
C8 MGD KC . 6.26 -130.78 24.06
N7 MGD KC . 7.11 -130.96 23.04
C5 MGD KC . 8.24 -131.56 23.61
C6 MGD KC . 9.48 -131.99 23.02
O6 MGD KC . 9.81 -131.91 21.80
N1 MGD KC . 10.40 -132.56 23.94
C2 MGD KC . 10.13 -132.71 25.32
N2 MGD KC . 11.10 -133.29 26.10
N3 MGD KC . 8.97 -132.32 25.90
C4 MGD KC . 8.08 -131.76 24.98
C10 MGD KC . -3.97 -132.13 27.24
C11 MGD KC . -5.22 -133.00 27.46
O11 MGD KC . -6.04 -132.17 28.39
C12 MGD KC . -6.09 -133.15 26.17
S12 MGD KC . -5.47 -133.46 24.49
C13 MGD KC . -7.49 -133.03 26.20
S13 MGD KC . -8.21 -133.17 24.64
C14 MGD KC . -8.27 -132.76 27.49
N15 MGD KC . -8.94 -131.42 27.33
C16 MGD KC . -9.61 -131.07 28.59
C17 MGD KC . -10.77 -130.25 28.56
O17 MGD KC . -11.44 -129.97 27.53
N18 MGD KC . -11.16 -129.72 29.83
C19 MGD KC . -10.46 -129.97 31.01
N19 MGD KC . -10.89 -129.43 32.17
N20 MGD KC . -9.37 -130.77 31.04
C21 MGD KC . -8.96 -131.31 29.82
N22 MGD KC . -7.83 -132.14 29.90
C23 MGD KC . -7.28 -132.82 28.72
PB MGD LC . -14.57 -127.23 21.86
O1B MGD LC . -14.92 -125.87 21.39
O2B MGD LC . -15.32 -128.27 21.00
O3B MGD LC . -13.04 -127.84 21.75
O3A MGD LC . -11.48 -129.19 20.11
PA MGD LC . -12.94 -129.14 20.73
O1A MGD LC . -13.77 -128.83 19.52
O2A MGD LC . -13.23 -130.40 21.54
O5' MGD LC . -15.22 -127.78 23.19
C5' MGD LC . -16.38 -127.16 23.77
C4' MGD LC . -16.69 -125.78 23.39
O4' MGD LC . -17.92 -125.98 24.06
C3' MGD LC . -15.89 -124.75 24.22
O3' MGD LC . -15.75 -123.56 23.40
C2' MGD LC . -16.76 -124.53 25.52
O2' MGD LC . -17.02 -123.20 25.85
C1' MGD LC . -18.03 -125.38 25.27
N9 MGD LC . -18.35 -126.53 26.11
C8 MGD LC . -17.60 -127.18 27.10
N7 MGD LC . -18.24 -128.17 27.64
C5 MGD LC . -19.48 -128.19 26.99
C6 MGD LC . -20.65 -129.03 27.16
O6 MGD LC . -20.81 -129.96 27.97
N1 MGD LC . -21.71 -128.69 26.25
C2 MGD LC . -21.64 -127.65 25.29
N2 MGD LC . -22.74 -127.45 24.48
N3 MGD LC . -20.57 -126.85 25.13
C4 MGD LC . -19.55 -127.19 26.02
C10 MGD LC . -10.38 -129.56 20.91
C11 MGD LC . -9.17 -129.66 19.98
O11 MGD LC . -8.64 -128.29 20.04
C12 MGD LC . -8.12 -130.57 20.57
S12 MGD LC . -8.50 -132.20 21.15
C13 MGD LC . -6.80 -130.18 20.75
S13 MGD LC . -5.89 -131.42 21.53
C14 MGD LC . -6.34 -128.75 20.34
N15 MGD LC . -6.46 -127.99 21.67
C16 MGD LC . -6.20 -126.56 21.44
C17 MGD LC . -5.65 -125.76 22.46
O17 MGD LC . -5.21 -126.17 23.58
N18 MGD LC . -5.60 -124.35 22.16
C19 MGD LC . -6.06 -123.80 20.97
N19 MGD LC . -5.97 -122.45 20.77
N20 MGD LC . -6.59 -124.57 19.97
C21 MGD LC . -6.66 -125.93 20.24
N22 MGD LC . -7.22 -126.69 19.19
C23 MGD LC . -7.38 -128.14 19.33
MO 4MO MC . -6.98 -133.28 22.60
C1 BTT NC . -4.45 -135.62 18.45
C2 BTT NC . -3.38 -136.71 18.90
C3 BTT NC . -3.41 -137.22 20.42
C4 BTT NC . -4.34 -136.73 21.32
C5 BTT NC . -5.38 -135.66 20.86
C6 BTT NC . -5.36 -135.15 19.36
O1 BTT NC . -4.55 -135.10 17.22
O2 BTT NC . -2.61 -137.10 18.10
O4 BTT NC . -4.44 -137.09 22.60
O5 BTT NC . -5.25 -134.58 21.55
CA CA OC . -17.87 -109.30 17.40
FE1 SF4 PC . -8.23 -108.86 15.61
FE2 SF4 PC . -5.67 -108.56 15.77
FE3 SF4 PC . -6.88 -109.66 13.46
FE4 SF4 PC . -6.80 -111.06 15.69
S1 SF4 PC . -5.04 -110.42 14.54
S2 SF4 PC . -8.67 -110.73 14.46
S3 SF4 PC . -7.04 -109.56 17.34
S4 SF4 PC . -7.11 -107.54 14.24
FE1 SF4 QC . 3.02 -102.65 15.98
FE2 SF4 QC . 3.94 -102.31 13.55
FE3 SF4 QC . 2.23 -100.39 14.79
FE4 SF4 QC . 1.25 -102.74 14.01
S1 SF4 QC . 2.08 -101.18 12.70
S2 SF4 QC . 0.92 -101.82 16.05
S3 SF4 QC . 2.90 -104.21 14.40
S4 SF4 QC . 4.35 -100.95 15.41
FE1 SF4 RC . -1.09 -89.95 19.47
FE2 SF4 RC . 0.74 -88.64 18.13
FE3 SF4 RC . -1.83 -89.19 16.99
FE4 SF4 RC . -0.11 -91.21 17.40
S1 SF4 RC . 0.22 -89.47 16.03
S2 SF4 RC . -2.28 -91.22 18.05
S3 SF4 RC . 1.01 -90.67 19.23
S4 SF4 RC . -1.35 -87.83 18.75
CA CA SC . -23.07 -1.14 -13.31
PB MGD TC . -42.81 17.90 14.09
O1B MGD TC . -42.37 16.48 14.21
O2B MGD TC . -41.76 18.96 14.34
O3B MGD TC . -43.42 18.33 12.67
O3A MGD TC . -44.16 17.19 10.21
PA MGD TC . -44.46 17.55 11.73
O1A MGD TC . -45.93 17.59 12.05
O2A MGD TC . -44.57 18.90 11.19
O5' MGD TC . -43.98 18.28 15.15
C5' MGD TC . -44.45 17.36 16.20
C4' MGD TC . -45.18 18.30 17.13
O4' MGD TC . -45.49 17.43 18.23
C3' MGD TC . -44.29 19.46 17.66
O3' MGD TC . -44.97 20.74 17.57
C2' MGD TC . -43.97 19.05 19.12
O2' MGD TC . -43.76 20.11 20.06
C1' MGD TC . -45.09 18.04 19.48
N9 MGD TC . -44.63 16.97 20.36
C8 MGD TC . -43.47 16.16 20.23
N7 MGD TC . -43.35 15.28 21.22
C5 MGD TC . -44.48 15.50 22.03
C6 MGD TC . -44.92 14.88 23.25
O6 MGD TC . -44.35 13.92 23.88
N1 MGD TC . -46.14 15.41 23.77
C2 MGD TC . -46.85 16.45 23.15
N2 MGD TC . -48.02 16.86 23.75
N3 MGD TC . -46.45 17.05 22.00
C4 MGD TC . -45.28 16.53 21.52
C10 MGD TC . -42.83 17.09 9.62
C11 MGD TC . -43.19 16.85 8.15
O11 MGD TC . -42.71 18.04 7.37
C12 MGD TC . -42.47 15.62 7.54
S12 MGD TC . -42.15 14.09 8.43
C13 MGD TC . -41.96 15.61 6.23
S13 MGD TC . -41.13 14.16 5.84
C14 MGD TC . -42.10 16.81 5.29
N15 MGD TC . -40.72 17.32 4.98
C16 MGD TC . -40.84 18.52 4.14
C17 MGD TC . -39.81 18.86 3.23
O17 MGD TC . -38.85 18.09 2.90
N18 MGD TC . -39.90 20.17 2.66
C19 MGD TC . -40.93 21.06 2.97
N19 MGD TC . -40.94 22.29 2.39
N20 MGD TC . -41.92 20.75 3.83
C21 MGD TC . -41.86 19.48 4.40
N22 MGD TC . -42.92 19.19 5.28
C23 MGD TC . -43.04 17.88 5.95
PB MGD UC . -33.32 14.55 1.86
O1B MGD UC . -31.87 14.32 1.57
O2B MGD UC . -34.07 13.53 1.05
O3B MGD UC . -33.89 14.18 3.31
O3A MGD UC . -34.62 12.15 4.75
PA MGD UC . -34.47 12.64 3.26
O1A MGD UC . -33.37 11.79 2.69
O2A MGD UC . -35.82 12.67 2.54
O5' MGD UC . -34.04 15.74 1.20
C5' MGD UC . -33.37 16.21 0.02
C4' MGD UC . -31.92 16.45 0.03
O4' MGD UC . -32.04 16.62 -1.36
C3' MGD UC . -31.62 17.80 0.64
O3' MGD UC . -30.27 17.71 1.18
C2' MGD UC . -31.78 18.80 -0.55
O2' MGD UC . -30.76 19.74 -0.69
C1' MGD UC . -31.98 17.91 -1.81
N9 MGD UC . -33.21 18.02 -2.59
C8 MGD UC . -34.47 18.58 -2.27
N7 MGD UC . -35.31 18.51 -3.27
C5 MGD UC . -34.62 17.87 -4.30
C6 MGD UC . -34.99 17.53 -5.63
O6 MGD UC . -36.10 17.73 -6.21
N1 MGD UC . -33.95 16.86 -6.36
C2 MGD UC . -32.67 16.57 -5.82
N2 MGD UC . -31.78 15.94 -6.63
N3 MGD UC . -32.29 16.90 -4.57
C4 MGD UC . -33.32 17.55 -3.90
C10 MGD UC . -35.65 12.73 5.53
C11 MGD UC . -35.68 12.01 6.86
O11 MGD UC . -34.77 12.86 7.65
C12 MGD UC . -37.05 12.13 7.50
S12 MGD UC . -38.53 11.71 6.63
C13 MGD UC . -37.25 12.62 8.79
S13 MGD UC . -38.93 12.70 9.19
C14 MGD UC . -36.03 13.07 9.64
N15 MGD UC . -36.01 14.60 9.42
C16 MGD UC . -34.83 15.19 10.05
C17 MGD UC . -34.84 16.54 10.53
O17 MGD UC . -35.85 17.29 10.61
N18 MGD UC . -33.55 17.04 10.93
C19 MGD UC . -32.39 16.29 10.88
N19 MGD UC . -31.22 16.85 11.28
N20 MGD UC . -32.35 15.01 10.43
C21 MGD UC . -33.58 14.48 10.03
N22 MGD UC . -33.51 13.15 9.56
C23 MGD UC . -34.71 12.46 9.06
MO 4MO VC . -40.62 12.49 7.46
C1 BTT WC . -41.32 8.04 10.35
C2 BTT WC . -42.76 7.95 11.01
C3 BTT WC . -43.90 8.96 10.49
C4 BTT WC . -43.62 9.87 9.47
C5 BTT WC . -42.21 9.94 8.85
C6 BTT WC . -41.08 8.96 9.35
O1 BTT WC . -40.26 7.27 10.68
O2 BTT WC . -42.93 7.15 11.86
O4 BTT WC . -44.50 10.74 8.98
O5 BTT WC . -41.69 11.12 8.99
CA CA XC . -15.11 19.92 3.75
FE1 SF4 YC . -16.95 19.47 13.39
FE2 SF4 YC . -17.55 19.96 15.82
FE3 SF4 YC . -16.97 17.33 14.96
FE4 SF4 YC . -19.22 18.48 14.21
S1 SF4 YC . -18.68 17.98 16.29
S2 SF4 YC . -17.76 17.43 12.81
S3 SF4 YC . -18.72 20.65 13.94
S4 SF4 YC . -15.53 19.09 15.04
FE1 SF4 ZC . -15.60 24.00 25.32
FE2 SF4 ZC . -14.47 22.24 26.84
FE3 SF4 ZC . -12.95 24.13 25.39
FE4 SF4 ZC . -14.18 22.17 24.09
S1 SF4 ZC . -12.55 21.93 25.57
S2 SF4 ZC . -14.29 24.34 23.52
S3 SF4 ZC . -16.09 21.84 25.21
S4 SF4 ZC . -14.37 24.55 27.11
FE1 SF4 AD . -5.53 33.38 23.50
FE2 SF4 AD . -4.39 33.02 25.84
FE3 SF4 AD . -3.53 31.58 23.55
FE4 SF4 AD . -5.93 31.04 24.57
S1 SF4 AD . -3.97 30.77 25.62
S2 SF4 AD . -5.53 31.43 22.38
S3 SF4 AD . -6.67 32.98 25.36
S4 SF4 AD . -3.36 33.83 23.93
CA CA BD . 11.70 -56.25 14.25
PB MGD CD . -23.47 -48.96 -0.33
O1B MGD CD . -22.99 -50.29 0.13
O2B MGD CD . -23.90 -47.97 0.74
O3B MGD CD . -22.41 -48.15 -1.20
O3A MGD CD . -19.82 -48.51 -2.21
PA MGD CD . -21.36 -48.84 -2.17
O1A MGD CD . -21.88 -49.52 -3.41
O2A MGD CD . -21.49 -47.52 -2.84
O5' MGD CD . -24.78 -49.07 -1.31
C5' MGD CD . -25.48 -50.33 -1.63
C4' MGD CD . -26.78 -49.78 -2.21
O4' MGD CD . -27.53 -50.99 -2.38
C3' MGD CD . -27.53 -48.86 -1.21
O3' MGD CD . -27.98 -47.63 -1.86
C2' MGD CD . -28.69 -49.76 -0.69
O2' MGD CD . -29.88 -49.08 -0.30
C1' MGD CD . -28.86 -50.84 -1.78
N9 MGD CD . -29.21 -52.15 -1.25
C8 MGD CD . -28.64 -52.83 -0.15
N7 MGD CD . -29.21 -54.00 0.06
C5 MGD CD . -30.21 -54.11 -0.93
C6 MGD CD . -31.16 -55.15 -1.22
O6 MGD CD . -31.31 -56.25 -0.61
N1 MGD CD . -32.01 -54.87 -2.33
C2 MGD CD . -31.93 -53.68 -3.08
N2 MGD CD . -32.80 -53.53 -4.13
N3 MGD CD . -31.03 -52.69 -2.82
C4 MGD CD . -30.22 -52.98 -1.75
C10 MGD CD . -19.06 -47.90 -1.12
C11 MGD CD . -17.66 -47.75 -1.76
O11 MGD CD . -17.25 -46.37 -1.38
C12 MGD CD . -16.58 -48.70 -1.16
S12 MGD CD . -16.80 -50.46 -0.76
C13 MGD CD . -15.28 -48.24 -0.84
S13 MGD CD . -14.31 -49.44 -0.13
C14 MGD CD . -14.83 -46.80 -1.10
N15 MGD CD . -14.56 -46.16 0.25
C16 MGD CD . -14.21 -44.75 0.05
C17 MGD CD . -13.36 -44.09 0.96
O17 MGD CD . -12.66 -44.65 1.85
N18 MGD CD . -13.32 -42.66 0.85
C19 MGD CD . -14.05 -41.96 -0.09
N19 MGD CD . -13.96 -40.61 -0.14
N20 MGD CD . -14.87 -42.58 -0.99
C21 MGD CD . -14.93 -43.97 -0.91
N22 MGD CD . -15.77 -44.58 -1.85
C23 MGD CD . -15.93 -46.05 -1.91
PB MGD DD . -10.46 -47.16 5.92
O1B MGD DD . -9.03 -47.45 5.40
O2B MGD DD . -11.49 -46.66 4.89
O3B MGD DD . -10.95 -48.51 6.52
O3A MGD DD . -11.44 -50.90 6.12
PA MGD DD . -10.22 -49.91 6.08
O1A MGD DD . -9.26 -50.34 7.16
O2A MGD DD . -9.73 -49.73 4.65
O5' MGD DD . -10.27 -46.06 7.03
C5' MGD DD . -8.90 -45.62 7.10
C4' MGD DD . -8.49 -45.22 8.43
O4' MGD DD . -7.23 -44.78 7.88
C3' MGD DD . -9.34 -44.05 8.85
O3' MGD DD . -9.55 -44.15 10.28
C2' MGD DD . -8.54 -42.78 8.40
O2' MGD DD . -8.51 -41.72 9.33
C1' MGD DD . -7.14 -43.33 7.96
N9 MGD DD . -6.69 -42.90 6.65
C8 MGD DD . -7.45 -42.53 5.50
N7 MGD DD . -6.71 -42.18 4.49
C5 MGD DD . -5.39 -42.33 4.94
C6 MGD DD . -4.14 -42.10 4.28
O6 MGD DD . -3.92 -41.71 3.09
N1 MGD DD . -3.02 -42.38 5.13
C2 MGD DD . -3.14 -42.83 6.47
N2 MGD DD . -1.98 -43.06 7.19
N3 MGD DD . -4.31 -43.04 7.10
C4 MGD DD . -5.37 -42.76 6.27
C10 MGD DD . -12.49 -50.70 5.14
C11 MGD DD . -13.54 -51.75 5.34
O11 MGD DD . -14.42 -51.21 6.42
C12 MGD DD . -14.41 -51.86 4.11
S12 MGD DD . -13.74 -51.92 2.47
C13 MGD DD . -15.80 -51.86 4.15
S13 MGD DD . -16.47 -51.93 2.56
C14 MGD DD . -16.56 -51.74 5.50
N15 MGD DD . -16.90 -50.24 5.51
C16 MGD DD . -17.50 -49.87 6.80
C17 MGD DD . -18.41 -48.79 6.90
O17 MGD DD . -18.93 -48.14 5.93
N18 MGD DD . -18.75 -48.42 8.24
C19 MGD DD . -18.24 -49.07 9.37
N19 MGD DD . -18.61 -48.65 10.61
N20 MGD DD . -17.38 -50.10 9.28
C21 MGD DD . -17.03 -50.48 8.01
N22 MGD DD . -16.11 -51.55 7.97
C23 MGD DD . -15.59 -52.06 6.69
MO 4MO ED . -15.13 -51.57 0.58
C1 BTT FD . -16.17 -56.87 0.13
C2 BTT FD . -17.00 -57.23 -1.16
C3 BTT FD . -17.15 -56.11 -2.30
C4 BTT FD . -16.56 -54.86 -2.15
C5 BTT FD . -15.75 -54.53 -0.86
C6 BTT FD . -15.61 -55.64 0.27
O1 BTT FD . -15.95 -57.70 1.18
O2 BTT FD . -17.47 -58.32 -1.24
O4 BTT FD . -16.65 -53.87 -3.04
O5 BTT FD . -16.26 -53.52 -0.24
CA CA GD . -10.41 -42.69 25.45
FE1 SF4 HD . -19.40 -46.62 25.12
FE2 SF4 HD . -21.93 -47.04 24.95
FE3 SF4 HD . -20.12 -49.18 25.26
FE4 SF4 HD . -20.20 -47.88 22.98
S1 SF4 HD . -21.87 -49.07 23.82
S2 SF4 HD . -18.30 -48.32 24.13
S3 SF4 HD . -20.63 -45.73 23.54
S4 SF4 HD . -20.57 -47.54 26.77
FE1 SF4 ID . -31.78 -46.56 28.55
FE2 SF4 ID . -32.43 -48.71 29.81
FE3 SF4 ID . -31.52 -46.40 31.17
FE4 SF4 ID . -29.84 -47.82 29.71
S1 SF4 ID . -30.88 -48.52 31.53
S2 SF4 ID . -30.04 -45.57 29.57
S3 SF4 ID . -31.01 -48.54 27.97
S4 SF4 ID . -33.46 -46.62 30.01
FE1 SF4 JD . -31.88 -36.89 38.40
FE2 SF4 JD . -33.74 -37.94 39.93
FE3 SF4 JD . -30.96 -38.47 40.39
FE4 SF4 JD . -32.14 -39.49 38.22
S1 SF4 JD . -32.68 -39.96 40.32
S2 SF4 JD . -30.19 -38.35 38.20
S3 SF4 JD . -33.65 -37.98 37.60
S4 SF4 JD . -32.07 -36.50 40.61
CA CA KD . -32.45 55.09 -45.62
PB MGD LD . -41.87 18.16 -53.18
O1B MGD LD . -42.60 19.32 -53.77
O2B MGD LD . -40.51 17.81 -53.79
O3B MGD LD . -41.57 18.28 -51.63
O3A MGD LD . -41.97 20.15 -49.57
PA MGD LD . -42.49 19.09 -50.62
O1A MGD LD . -43.88 18.59 -50.33
O2A MGD LD . -41.91 18.08 -49.70
O5' MGD LD . -42.73 16.79 -53.29
C5' MGD LD . -44.04 16.70 -53.98
C4' MGD LD . -44.19 15.19 -54.13
O4' MGD LD . -45.38 15.12 -54.94
C3' MGD LD . -43.01 14.58 -54.94
O3' MGD LD . -42.49 13.38 -54.30
C2' MGD LD . -43.62 14.32 -56.33
O2' MGD LD . -43.06 13.25 -57.08
C1' MGD LD . -45.15 14.26 -56.08
N9 MGD LD . -45.94 14.79 -57.19
C8 MGD LD . -45.72 15.98 -57.94
N7 MGD LD . -46.64 16.14 -58.89
C5 MGD LD . -47.49 15.03 -58.76
C6 MGD LD . -48.66 14.64 -59.52
O6 MGD LD . -49.19 15.26 -60.48
N1 MGD LD . -49.25 13.42 -59.08
C2 MGD LD . -48.73 12.64 -58.01
N2 MGD LD . -49.40 11.48 -57.69
N3 MGD LD . -47.62 12.99 -57.29
C4 MGD LD . -47.08 14.17 -57.73
C10 MGD LD . -40.68 20.82 -49.66
C11 MGD LD . -40.63 21.55 -48.32
O11 MGD LD . -39.24 21.35 -47.83
C12 MGD LD . -40.83 23.09 -48.46
S12 MGD LD . -42.01 23.92 -49.55
C13 MGD LD . -40.04 24.01 -47.74
S13 MGD LD . -40.38 25.64 -48.13
C14 MGD LD . -38.95 23.58 -46.75
N15 MGD LD . -37.64 24.03 -47.30
C16 MGD LD . -36.56 23.56 -46.42
C17 MGD LD . -35.36 24.30 -46.30
O17 MGD LD . -35.16 25.49 -46.72
N18 MGD LD . -34.28 23.60 -45.64
C19 MGD LD . -34.41 22.31 -45.16
N19 MGD LD . -33.34 21.72 -44.54
N20 MGD LD . -35.57 21.60 -45.25
C21 MGD LD . -36.62 22.25 -45.88
N22 MGD LD . -37.80 21.49 -45.95
C23 MGD LD . -39.04 22.01 -46.55
PB MGD MD . -34.32 30.50 -49.09
O1B MGD MD . -34.20 31.90 -48.40
O2B MGD MD . -35.17 29.45 -48.31
O3B MGD MD . -35.06 30.63 -50.46
O3A MGD MD . -37.29 31.00 -51.57
PA MGD MD . -36.34 31.57 -50.43
O1A MGD MD . -35.91 32.95 -50.88
O2A MGD MD . -36.93 31.36 -49.05
O5' MGD MD . -32.86 29.89 -49.26
C5' MGD MD . -31.97 30.75 -48.51
C4' MGD MD . -30.82 31.39 -49.15
O4' MGD MD . -30.49 31.97 -47.86
C3' MGD MD . -29.79 30.35 -49.48
O3' MGD MD . -29.10 30.80 -50.66
C2' MGD MD . -28.87 30.24 -48.20
O2' MGD MD . -27.48 30.17 -48.47
C1' MGD MD . -29.31 31.41 -47.27
N9 MGD MD . -29.69 31.06 -45.89
C8 MGD MD . -30.20 29.84 -45.35
N7 MGD MD . -30.40 29.92 -44.05
C5 MGD MD . -30.05 31.23 -43.69
C6 MGD MD . -30.04 31.91 -42.44
O6 MGD MD . -30.39 31.47 -41.31
N1 MGD MD . -29.59 33.26 -42.53
C2 MGD MD . -29.19 33.88 -43.74
N2 MGD MD . -28.77 35.18 -43.68
N3 MGD MD . -29.17 33.25 -44.93
C4 MGD MD . -29.61 31.95 -44.82
C10 MGD MD . -37.91 29.72 -51.37
C11 MGD MD . -38.87 29.48 -52.52
O11 MGD MD . -38.00 28.96 -53.59
C12 MGD MD . -39.85 28.38 -52.18
S12 MGD MD . -40.75 28.30 -50.65
C13 MGD MD . -40.09 27.30 -53.01
S13 MGD MD . -41.19 26.18 -52.28
C14 MGD MD . -39.35 27.16 -54.36
N15 MGD MD . -38.21 26.19 -53.99
C16 MGD MD . -37.29 26.04 -55.11
C17 MGD MD . -36.54 24.84 -55.29
O17 MGD MD . -36.67 23.76 -54.63
N18 MGD MD . -35.54 24.92 -56.31
C19 MGD MD . -35.31 26.05 -57.08
N19 MGD MD . -34.33 26.03 -58.03
N20 MGD MD . -36.01 27.19 -56.93
C21 MGD MD . -36.99 27.16 -55.94
N22 MGD MD . -37.69 28.37 -55.81
C23 MGD MD . -38.74 28.53 -54.78
MO 4MO ND . -41.79 26.30 -49.93
C1 BTT OD . -46.47 27.84 -52.32
C2 BTT OD . -47.64 26.81 -52.05
C3 BTT OD . -47.44 25.73 -50.88
C4 BTT OD . -46.28 25.71 -50.13
C5 BTT OD . -45.14 26.73 -50.41
C6 BTT OD . -45.32 27.80 -51.57
O1 BTT OD . -46.48 28.81 -53.26
O2 BTT OD . -48.61 26.88 -52.72
O4 BTT OD . -46.03 24.84 -49.14
O5 BTT OD . -44.04 26.12 -50.75
CA CA PD . -19.36 35.52 -61.33
FE1 SF4 QD . -24.38 30.22 -67.98
FE2 SF4 QD . -25.29 28.36 -69.50
FE3 SF4 QD . -26.48 30.93 -69.44
FE4 SF4 QD . -26.75 29.32 -67.36
S1 SF4 QD . -27.54 28.91 -69.38
S2 SF4 QD . -26.08 31.48 -67.23
S3 SF4 QD . -24.81 28.18 -67.22
S4 SF4 QD . -24.40 30.39 -70.18
FE1 SF4 RD . -24.72 21.84 -77.66
FE2 SF4 RD . -25.78 22.86 -79.79
FE3 SF4 RD . -22.99 23.02 -79.31
FE4 SF4 RD . -24.64 24.44 -77.81
S1 SF4 RD . -24.33 24.69 -79.98
S2 SF4 RD . -23.00 23.16 -77.00
S3 SF4 RD . -26.48 23.16 -77.59
S4 SF4 RD . -24.21 21.15 -79.71
FE1 SF4 SD . -11.37 20.95 -81.06
FE2 SF4 SD . -11.67 20.61 -83.66
FE3 SF4 SD . -11.29 23.22 -82.53
FE4 SF4 SD . -13.57 21.91 -82.08
S1 SF4 SD . -12.84 22.55 -84.08
S2 SF4 SD . -12.32 22.90 -80.48
S3 SF4 SD . -13.02 19.77 -81.96
S4 SF4 SD . -9.81 21.49 -82.60
CA CA TD . 1.59 127.87 -40.70
PB MGD UD . 21.67 107.98 -67.34
O1B MGD UD . 22.09 107.99 -65.88
O2B MGD UD . 20.69 106.87 -67.74
O3B MGD UD . 21.07 109.37 -67.87
O3A MGD UD . 20.78 112.11 -67.10
PA MGD UD . 21.63 110.81 -67.40
O1A MGD UD . 23.11 111.11 -67.58
O2A MGD UD . 21.33 111.10 -68.85
O5' MGD UD . 22.93 107.77 -68.36
C5' MGD UD . 24.29 107.50 -67.87
C4' MGD UD . 24.88 106.70 -69.03
O4' MGD UD . 26.16 106.27 -68.51
C3' MGD UD . 24.02 105.44 -69.34
O3' MGD UD . 23.71 105.36 -70.75
C2' MGD UD . 24.89 104.25 -68.80
O2' MGD UD . 24.75 103.01 -69.50
C1' MGD UD . 26.33 104.83 -68.72
N9 MGD UD . 27.11 104.32 -67.58
C8 MGD UD . 26.71 104.16 -66.22
N7 MGD UD . 27.69 103.67 -65.47
C5 MGD UD . 28.77 103.48 -66.34
C6 MGD UD . 30.10 102.99 -66.12
O6 MGD UD . 30.59 102.58 -65.02
N1 MGD UD . 30.92 102.96 -67.28
C2 MGD UD . 30.46 103.39 -68.56
N2 MGD UD . 31.35 103.31 -69.61
N3 MGD UD . 29.21 103.86 -68.79
C4 MGD UD . 28.44 103.88 -67.65
C10 MGD UD . 19.35 112.02 -66.87
C11 MGD UD . 18.87 113.47 -66.88
O11 MGD UD . 17.52 113.38 -67.52
C12 MGD UD . 18.63 114.03 -65.46
S12 MGD UD . 19.68 113.77 -64.03
C13 MGD UD . 17.50 114.80 -65.15
S13 MGD UD . 17.40 115.22 -63.51
C14 MGD UD . 16.44 115.17 -66.18
N15 MGD UD . 15.15 114.54 -65.74
C16 MGD UD . 14.12 114.79 -66.75
C17 MGD UD . 12.76 114.90 -66.37
O17 MGD UD . 12.33 115.00 -65.18
N18 MGD UD . 11.82 114.89 -67.45
C19 MGD UD . 12.20 114.79 -68.78
N19 MGD UD . 11.24 114.78 -69.74
N20 MGD UD . 13.50 114.69 -69.16
C21 MGD UD . 14.44 114.71 -68.12
N22 MGD UD . 15.78 114.63 -68.55
C23 MGD UD . 16.91 114.69 -67.61
PB MGD VD . 10.31 114.95 -59.56
O1B MGD VD . 9.57 115.76 -58.50
O2B MGD VD . 11.23 115.81 -60.42
O3B MGD VD . 11.34 113.96 -58.95
O3A MGD VD . 13.57 113.79 -57.76
PA MGD VD . 12.34 114.75 -57.97
O1A MGD VD . 11.65 114.86 -56.64
O2A MGD VD . 12.77 116.04 -58.68
O5' MGD VD . 9.30 114.34 -60.59
C5' MGD VD . 8.06 115.02 -60.36
C4' MGD VD . 6.98 114.35 -59.67
O4' MGD VD . 6.21 115.57 -59.81
C3' MGD VD . 6.43 113.29 -60.57
O3' MGD VD . 5.98 112.22 -59.70
C2' MGD VD . 5.28 114.03 -61.40
O2' MGD VD . 4.06 113.33 -61.47
C1' MGD VD . 5.19 115.47 -60.80
N9 MGD VD . 5.44 116.63 -61.68
C8 MGD VD . 6.18 116.72 -62.90
N7 MGD VD . 6.17 117.93 -63.42
C5 MGD VD . 5.40 118.69 -62.51
C6 MGD VD . 5.02 120.08 -62.53
O6 MGD VD . 5.30 120.97 -63.38
N1 MGD VD . 4.23 120.45 -61.39
C2 MGD VD . 3.87 119.55 -60.36
N2 MGD VD . 3.10 120.04 -59.33
N3 MGD VD . 4.21 118.25 -60.34
C4 MGD VD . 4.96 117.92 -61.44
C10 MGD VD . 14.44 113.57 -58.88
C11 MGD VD . 15.62 112.77 -58.34
O11 MGD VD . 15.12 111.38 -58.41
C12 MGD VD . 16.79 112.85 -59.29
S12 MGD VD . 17.41 114.39 -59.95
C13 MGD VD . 17.46 111.74 -59.76
S13 MGD VD . 18.70 112.18 -60.87
C14 MGD VD . 17.02 110.31 -59.34
N15 MGD VD . 16.14 109.89 -60.53
C16 MGD VD . 15.51 108.59 -60.27
C17 MGD VD . 15.20 107.71 -61.34
O17 MGD VD . 15.53 107.87 -62.56
N18 MGD VD . 14.43 106.56 -60.95
C19 MGD VD . 14.03 106.30 -59.65
N19 MGD VD . 13.30 105.17 -59.38
N20 MGD VD . 14.33 107.14 -58.61
C21 MGD VD . 15.07 108.28 -58.95
N22 MGD VD . 15.36 109.13 -57.86
C23 MGD VD . 16.12 110.38 -58.05
MO 4MO WD . 18.88 114.38 -61.84
C1 BTT XD . 23.30 114.23 -58.73
C2 BTT XD . 24.64 114.40 -59.56
C3 BTT XD . 24.54 114.91 -61.08
C4 BTT XD . 23.30 115.19 -61.64
C5 BTT XD . 22.00 115.02 -60.82
C6 BTT XD . 22.10 114.52 -59.32
O1 BTT XD . 23.23 113.83 -57.45
O2 BTT XD . 25.66 114.14 -59.01
O4 BTT XD . 23.14 115.62 -62.89
O5 BTT XD . 21.22 114.17 -61.37
CA CA YD . -2.95 102.41 -52.05
FE1 SF4 ZD . 4.34 95.75 -52.58
FE2 SF4 ZD . 5.91 93.91 -53.31
FE3 SF4 ZD . 6.39 95.34 -50.93
FE4 SF4 ZD . 6.73 96.55 -53.23
S1 SF4 ZD . 7.90 94.84 -52.53
S2 SF4 ZD . 5.50 97.38 -51.52
S3 SF4 ZD . 5.15 95.69 -54.62
S4 SF4 ZD . 4.64 93.94 -51.37
FE1 SF4 AE . 8.49 83.89 -55.04
FE2 SF4 AE . 9.66 82.78 -52.98
FE3 SF4 AE . 6.87 82.51 -53.45
FE4 SF4 AE . 7.84 84.86 -52.72
S1 SF4 AE . 7.87 83.02 -51.51
S2 SF4 AE . 6.45 84.57 -54.44
S3 SF4 AE . 9.85 85.00 -53.67
S4 SF4 AE . 8.55 81.68 -54.71
FE1 SF4 BE . -3.22 76.86 -56.09
FE2 SF4 BE . -2.40 74.52 -55.14
FE3 SF4 BE . -3.68 76.48 -53.46
FE4 SF4 BE . -1.23 76.98 -54.37
S1 SF4 BE . -1.78 75.29 -53.04
S2 SF4 BE . -2.97 78.42 -54.48
S3 SF4 BE . -1.16 76.05 -56.38
S4 SF4 BE . -4.58 75.32 -55.19
#